data_8PHS
#
_entry.id   8PHS
#
_cell.length_a   1.00
_cell.length_b   1.00
_cell.length_c   1.00
_cell.angle_alpha   90.00
_cell.angle_beta   90.00
_cell.angle_gamma   90.00
#
_symmetry.space_group_name_H-M   'P 1'
#
loop_
_entity.id
_entity.type
_entity.pdbx_description
1 polymer 'Major capsid protein'
2 polymer 'Decorator protein P03'
3 polymer 'Decorator protein P05'
4 polymer 'Scaffold protein'
5 polymer 'Decorator protein P04'
#
loop_
_entity_poly.entity_id
_entity_poly.type
_entity_poly.pdbx_seq_one_letter_code
_entity_poly.pdbx_strand_id
1 'polypeptide(L)'
;MELFDENYYAKAVANIIGEVKDPIMYKWFSPDQIEDVDLQMGYQKTVKWDAFLNANPTTIANEVNTISTIGFSSEVVRLN
YLKLQYKFRHLKQTSEKFYTSDSYIGDINNNLLPFAQAYKLASSEIIKLINHFVLTGTVSIQKDGKNQKRLLPNMYGLLN
MPEQIKEEVASGDKDKMDKIFEKIEAGLSKLELGDEFSTPMMVIVDPATSLKLVKPYAAAQGAASSCEKWEDVLIQTIKA
INNREDVYIETSNLLKHKILIYPLNSELIKFKPSKYMLPTPNEQVDKDSTDVAHSYIDFVLGGLLATRKTILQVNIKQS
;
AB,AC,AJ,AK,AL,AS,AT,AU,BB,BC,BD,BK,BL,BM,BT,BU,BV,CC,CD,CE,CL,CM,CN,CU,CV,CW
2 'polypeptide(L)'
;MSDITKIKQEFDKKVAEIQALMKNPQQDSGLLSNSIDFRDQNLIFSNSGGVCTSSKDKIENYPAKGYPYKRGVKLSFGDG
TTELEVEAGGGDDLYGVCSDIDEFSGMATVIPITNNFTGYLTLKKDGQNGVNPGDKLNFNQHGELEKVTGAQKSVNAIAL
SKAHKLTEDLFIVLASVFGNRAIKG
;
AD,AO,AW,AX,BF,BG,BN,BO,BW,BX,CF,CG,CH,CP,CQ
3 'polypeptide(L)'
;MGDTTQLVKEYQEKRSKLEKFMKNPQHDASLLSNSNEFRDKNVEFFASGGTRTSKFDKLENHPFLGYPYKRGVKRVIQEA
QDNQSHYEPHVEAGGGEDLYGICIDIDEFSKTATIVPITNNFEGYLVAKDSTVKVKDKLIFNKDGALEKVTGAPNKATIN
ATALTDAKQISNEVYLVKVAVFGNKAMSRN
;
AF,AN,AV,BE,BP,BY,CO
4 'polypeptide(L)'
;MTEKEEKEDLQAQDKEEQQIKADTKVISVQEFEEYMRFKEQANSKSKETSRDLSINERITKELAEVEERERIEKQLLLEA
ERINEIDTLAKAHLSNHFNKEVLLAKGYTLKDIMQAQRRELVRKFVPIEQIKAIAKVSDISHIDGEILEQLVSLAKVNIK
LRKNASSSSSSVDSIKGNIAIKSEERASLLDSNFVPINFTEFVQAISNTYKQRRIQFYENLKRHKRTSIA
;
AH,AI,AP,AQ,AR,AY,AZ,BA,BH,BI,BJ,BQ,BR,BS,BZ,CA,CB,CI,CJ,CK,CR,CS,CT,CX,CY,CZ
5 'polypeptide(L)'
;MALKGNMQVENLEAVEDPQVDLGAQVSAAPRAKRQARQAEDVQGEDPYLESISELDDVLLKFKKYSKSMSSIENKVFSSS
SGCFKSKNERVDAYSFACSSYTDKIEEYLYDPANSFPYKRGVKLVPKENSIYVEVGADTDMYGICVDVCEFSCTAYVLPI
TNNFEGYLVTRNPSIKIGEILDINNNGVIIKAGGGPPTAINIYALSDSFTINFAPEDGNQDQNRYPRQEYSINLIKVAIF
GNRGLEKTVNPDGG
;
AM
#
# COMPACT_ATOMS: atom_id res chain seq x y z
N LEU A 3 53.16 -139.38 -6.56
CA LEU A 3 54.42 -139.16 -7.26
C LEU A 3 54.60 -137.66 -7.50
N PHE A 4 53.53 -136.89 -7.29
CA PHE A 4 53.57 -135.46 -7.57
C PHE A 4 54.50 -134.70 -6.63
N ASP A 5 54.56 -135.10 -5.35
CA ASP A 5 55.40 -134.40 -4.39
C ASP A 5 56.88 -134.54 -4.71
N GLU A 6 57.27 -135.67 -5.30
CA GLU A 6 58.66 -135.92 -5.64
C GLU A 6 59.00 -135.58 -7.09
N ASN A 7 58.08 -135.82 -8.02
CA ASN A 7 58.33 -135.58 -9.44
C ASN A 7 57.57 -134.34 -9.89
N TYR A 8 58.26 -133.19 -9.84
CA TYR A 8 57.66 -131.95 -10.32
C TYR A 8 57.35 -132.04 -11.81
N TYR A 9 58.22 -132.70 -12.56
CA TYR A 9 57.99 -132.84 -14.00
C TYR A 9 56.70 -133.62 -14.28
N ALA A 10 56.48 -134.71 -13.54
CA ALA A 10 55.24 -135.45 -13.69
C ALA A 10 54.04 -134.61 -13.26
N LYS A 11 54.17 -133.86 -12.17
CA LYS A 11 53.06 -133.02 -11.73
C LYS A 11 52.72 -131.96 -12.77
N ALA A 12 53.74 -131.32 -13.35
CA ALA A 12 53.50 -130.29 -14.36
C ALA A 12 52.92 -130.90 -15.63
N VAL A 13 53.37 -132.09 -16.01
CA VAL A 13 52.79 -132.76 -17.18
C VAL A 13 51.32 -133.02 -16.95
N ALA A 14 50.96 -133.50 -15.76
CA ALA A 14 49.56 -133.75 -15.46
C ALA A 14 48.76 -132.45 -15.46
N ASN A 15 49.34 -131.37 -14.93
CA ASN A 15 48.63 -130.09 -14.87
C ASN A 15 48.41 -129.49 -16.26
N ILE A 16 49.34 -129.69 -17.18
CA ILE A 16 49.25 -129.06 -18.50
C ILE A 16 48.73 -130.01 -19.57
N ILE A 17 48.46 -131.27 -19.22
CA ILE A 17 48.01 -132.23 -20.22
C ILE A 17 46.64 -131.88 -20.79
N GLY A 18 45.85 -131.08 -20.07
CA GLY A 18 44.54 -130.70 -20.57
C GLY A 18 44.61 -129.68 -21.69
N GLU A 19 45.68 -128.91 -21.76
CA GLU A 19 45.82 -127.86 -22.77
C GLU A 19 46.12 -128.41 -24.16
N VAL A 20 46.47 -129.69 -24.27
CA VAL A 20 46.78 -130.28 -25.57
C VAL A 20 45.48 -130.64 -26.28
N LYS A 21 45.35 -130.19 -27.53
CA LYS A 21 44.13 -130.41 -28.29
C LYS A 21 44.07 -131.83 -28.84
N ASP A 22 42.86 -132.32 -29.06
CA ASP A 22 42.67 -133.68 -29.53
C ASP A 22 43.14 -133.82 -30.98
N PRO A 23 43.66 -134.99 -31.35
CA PRO A 23 44.09 -135.20 -32.73
C PRO A 23 42.92 -135.05 -33.70
N ILE A 24 43.23 -134.51 -34.89
CA ILE A 24 42.20 -134.36 -35.92
C ILE A 24 41.84 -135.65 -36.61
N MET A 25 42.63 -136.71 -36.41
CA MET A 25 42.33 -138.00 -37.04
C MET A 25 41.07 -138.64 -36.51
N TYR A 26 40.57 -138.18 -35.36
CA TYR A 26 39.36 -138.76 -34.79
C TYR A 26 38.16 -138.57 -35.70
N LYS A 27 38.12 -137.46 -36.44
CA LYS A 27 37.00 -137.18 -37.35
C LYS A 27 36.99 -138.09 -38.56
N TRP A 28 38.05 -138.84 -38.81
CA TRP A 28 38.13 -139.73 -39.96
C TRP A 28 37.57 -141.11 -39.69
N PHE A 29 37.15 -141.40 -38.47
CA PHE A 29 36.70 -142.74 -38.11
C PHE A 29 35.46 -142.65 -37.23
N SER A 30 34.61 -143.67 -37.34
CA SER A 30 33.45 -143.79 -36.47
C SER A 30 33.89 -144.26 -35.09
N PRO A 31 33.09 -144.00 -34.06
CA PRO A 31 33.50 -144.42 -32.69
C PRO A 31 33.70 -145.91 -32.56
N ASP A 32 32.95 -146.72 -33.31
CA ASP A 32 33.08 -148.18 -33.23
C ASP A 32 34.28 -148.70 -34.01
N GLN A 33 34.88 -147.90 -34.88
CA GLN A 33 35.99 -148.37 -35.69
C GLN A 33 37.31 -148.39 -34.93
N ILE A 34 37.42 -147.65 -33.83
CA ILE A 34 38.67 -147.52 -33.08
C ILE A 34 38.57 -148.35 -31.81
N GLU A 35 39.54 -149.25 -31.62
CA GLU A 35 39.59 -150.11 -30.44
C GLU A 35 41.03 -150.26 -29.99
N ASP A 36 41.32 -149.85 -28.76
CA ASP A 36 42.70 -149.83 -28.29
C ASP A 36 43.22 -151.25 -28.03
N VAL A 37 44.54 -151.38 -28.08
CA VAL A 37 45.24 -152.62 -27.75
C VAL A 37 46.34 -152.30 -26.77
N ASP A 38 46.79 -153.34 -26.07
CA ASP A 38 47.82 -153.22 -25.03
C ASP A 38 49.13 -153.77 -25.59
N LEU A 39 49.96 -152.88 -26.14
CA LEU A 39 51.24 -153.25 -26.70
C LEU A 39 52.07 -151.99 -26.89
N GLN A 40 53.39 -152.13 -26.77
CA GLN A 40 54.31 -151.04 -27.02
C GLN A 40 55.13 -151.26 -28.28
N MET A 41 55.82 -152.38 -28.39
CA MET A 41 56.54 -152.77 -29.59
C MET A 41 56.37 -154.26 -29.80
N GLY A 42 56.16 -154.66 -31.05
CA GLY A 42 55.94 -156.06 -31.37
C GLY A 42 54.83 -156.24 -32.39
N TYR A 43 54.57 -157.49 -32.76
CA TYR A 43 53.53 -157.80 -33.73
C TYR A 43 52.38 -158.54 -33.05
N GLN A 44 51.16 -158.24 -33.49
CA GLN A 44 49.97 -158.87 -32.97
C GLN A 44 49.19 -159.48 -34.12
N LYS A 45 48.68 -160.69 -33.91
CA LYS A 45 47.99 -161.45 -34.96
C LYS A 45 46.50 -161.47 -34.67
N THR A 46 45.71 -161.12 -35.68
CA THR A 46 44.26 -161.14 -35.61
C THR A 46 43.72 -162.29 -36.45
N VAL A 47 42.81 -163.07 -35.89
CA VAL A 47 42.25 -164.25 -36.54
C VAL A 47 40.78 -163.97 -36.84
N LYS A 48 40.40 -164.10 -38.12
CA LYS A 48 39.02 -163.94 -38.55
C LYS A 48 38.48 -165.28 -39.00
N TRP A 49 37.33 -165.67 -38.46
CA TRP A 49 36.72 -166.97 -38.73
C TRP A 49 35.55 -166.80 -39.68
N ASP A 50 35.47 -167.69 -40.66
CA ASP A 50 34.39 -167.71 -41.64
C ASP A 50 33.79 -169.11 -41.70
N ALA A 51 32.54 -169.18 -42.16
CA ALA A 51 31.82 -170.43 -42.30
C ALA A 51 31.31 -170.57 -43.72
N PHE A 52 31.10 -171.81 -44.15
CA PHE A 52 30.61 -172.08 -45.49
C PHE A 52 29.78 -173.36 -45.46
N LEU A 53 28.92 -173.50 -46.48
CA LEU A 53 28.06 -174.67 -46.62
C LEU A 53 28.70 -175.65 -47.60
N ASN A 54 28.73 -176.92 -47.21
CA ASN A 54 29.35 -177.95 -48.04
C ASN A 54 28.40 -178.52 -49.08
N ALA A 55 27.09 -178.54 -48.81
CA ALA A 55 26.12 -179.12 -49.72
C ALA A 55 24.74 -178.56 -49.40
N ASN A 56 23.75 -179.01 -50.16
CA ASN A 56 22.38 -178.59 -49.94
C ASN A 56 21.85 -179.16 -48.63
N PRO A 57 20.83 -178.53 -48.04
CA PRO A 57 20.33 -179.00 -46.74
C PRO A 57 19.71 -180.38 -46.83
N THR A 58 19.71 -181.07 -45.70
CA THR A 58 19.16 -182.42 -45.59
C THR A 58 17.72 -182.33 -45.09
N THR A 59 16.80 -182.99 -45.79
CA THR A 59 15.41 -183.01 -45.39
C THR A 59 15.20 -184.04 -44.29
N ILE A 60 14.68 -183.58 -43.15
CA ILE A 60 14.46 -184.45 -41.99
C ILE A 60 13.10 -185.12 -42.19
N ALA A 61 13.13 -186.37 -42.63
CA ALA A 61 11.93 -187.16 -42.81
C ALA A 61 12.22 -188.61 -42.46
N ASN A 62 11.40 -189.19 -41.61
CA ASN A 62 11.53 -190.59 -41.15
C ASN A 62 12.88 -190.72 -40.45
N GLU A 63 13.73 -191.66 -40.84
CA GLU A 63 15.00 -191.91 -40.17
C GLU A 63 16.14 -191.53 -41.11
N VAL A 64 17.01 -190.64 -40.66
CA VAL A 64 18.16 -190.18 -41.44
C VAL A 64 19.39 -190.17 -40.55
N ASN A 65 20.50 -190.66 -41.09
CA ASN A 65 21.78 -190.64 -40.39
C ASN A 65 22.83 -189.74 -41.03
N THR A 66 22.79 -189.57 -42.35
CA THR A 66 23.74 -188.71 -43.05
C THR A 66 23.16 -187.31 -43.16
N ILE A 67 23.89 -186.32 -42.64
CA ILE A 67 23.44 -184.93 -42.58
C ILE A 67 24.48 -184.05 -43.26
N SER A 68 24.02 -183.05 -43.99
CA SER A 68 24.93 -182.12 -44.65
C SER A 68 25.74 -181.36 -43.60
N THR A 69 26.95 -180.95 -44.00
CA THR A 69 27.93 -180.41 -43.08
C THR A 69 28.24 -178.94 -43.39
N ILE A 70 28.65 -178.23 -42.34
CA ILE A 70 29.10 -176.84 -42.45
C ILE A 70 30.57 -176.80 -42.08
N GLY A 71 31.39 -176.24 -42.97
CA GLY A 71 32.81 -176.10 -42.73
C GLY A 71 33.17 -174.74 -42.16
N PHE A 72 34.45 -174.60 -41.80
CA PHE A 72 34.98 -173.37 -41.26
C PHE A 72 36.36 -173.10 -41.85
N SER A 73 36.75 -171.83 -41.82
CA SER A 73 38.07 -171.42 -42.32
C SER A 73 38.48 -170.16 -41.56
N SER A 74 39.78 -169.86 -41.62
CA SER A 74 40.33 -168.74 -40.89
C SER A 74 41.36 -168.01 -41.74
N GLU A 75 41.54 -166.73 -41.43
CA GLU A 75 42.60 -165.92 -42.01
C GLU A 75 43.31 -165.18 -40.88
N VAL A 76 44.63 -165.04 -41.01
CA VAL A 76 45.47 -164.42 -39.99
C VAL A 76 46.12 -163.19 -40.58
N VAL A 77 45.98 -162.06 -39.88
CA VAL A 77 46.57 -160.80 -40.30
C VAL A 77 47.56 -160.36 -39.21
N ARG A 78 48.75 -159.96 -39.63
CA ARG A 78 49.80 -159.54 -38.72
C ARG A 78 49.90 -158.01 -38.74
N LEU A 79 49.91 -157.41 -37.56
CA LEU A 79 50.01 -155.96 -37.41
C LEU A 79 51.25 -155.64 -36.58
N ASN A 80 52.13 -154.81 -37.13
CA ASN A 80 53.37 -154.44 -36.47
C ASN A 80 53.23 -153.07 -35.80
N TYR A 81 53.81 -152.95 -34.61
CA TYR A 81 53.81 -151.71 -33.85
C TYR A 81 55.25 -151.27 -33.60
N LEU A 82 55.50 -149.97 -33.67
CA LEU A 82 56.84 -149.43 -33.55
C LEU A 82 56.87 -148.31 -32.53
N LYS A 83 57.87 -148.33 -31.65
CA LYS A 83 58.02 -147.32 -30.61
C LYS A 83 59.06 -146.29 -31.04
N LEU A 84 58.72 -145.01 -30.88
CA LEU A 84 59.57 -143.92 -31.31
C LEU A 84 59.71 -142.92 -30.16
N GLN A 85 60.84 -142.23 -30.12
CA GLN A 85 61.16 -141.34 -29.03
C GLN A 85 61.80 -140.05 -29.54
N TYR A 86 61.49 -138.95 -28.86
CA TYR A 86 62.10 -137.66 -29.13
C TYR A 86 62.66 -137.09 -27.85
N LYS A 87 63.65 -136.21 -27.98
CA LYS A 87 64.29 -135.56 -26.84
C LYS A 87 64.23 -134.05 -27.02
N PHE A 88 64.13 -133.34 -25.89
CA PHE A 88 64.10 -131.88 -25.95
C PHE A 88 64.73 -131.30 -24.69
N ARG A 89 65.41 -130.16 -24.86
CA ARG A 89 66.03 -129.45 -23.77
C ARG A 89 65.06 -128.44 -23.15
N HIS A 90 65.30 -128.11 -21.89
CA HIS A 90 64.47 -127.14 -21.18
C HIS A 90 65.25 -126.64 -19.97
N LEU A 91 64.62 -125.73 -19.23
CA LEU A 91 65.24 -125.16 -18.04
C LEU A 91 65.05 -126.06 -16.83
N LYS A 92 66.06 -126.13 -15.99
CA LYS A 92 65.96 -126.86 -14.73
C LYS A 92 64.90 -126.22 -13.84
N GLN A 93 64.23 -127.05 -13.05
CA GLN A 93 63.13 -126.56 -12.23
C GLN A 93 63.57 -125.49 -11.24
N THR A 94 64.72 -125.69 -10.60
CA THR A 94 65.19 -124.76 -9.58
C THR A 94 65.79 -123.49 -10.16
N SER A 95 65.91 -123.39 -11.49
CA SER A 95 66.54 -122.25 -12.13
C SER A 95 65.55 -121.28 -12.77
N GLU A 96 64.24 -121.54 -12.65
CA GLU A 96 63.27 -120.69 -13.31
C GLU A 96 63.23 -119.28 -12.72
N LYS A 97 63.50 -119.16 -11.42
CA LYS A 97 63.43 -117.85 -10.77
C LYS A 97 64.48 -116.89 -11.32
N PHE A 98 65.59 -117.41 -11.82
CA PHE A 98 66.64 -116.57 -12.38
C PHE A 98 66.38 -116.19 -13.83
N TYR A 99 65.30 -116.69 -14.43
CA TYR A 99 64.90 -116.32 -15.77
C TYR A 99 63.51 -115.72 -15.85
N THR A 100 62.76 -115.70 -14.75
CA THR A 100 61.45 -115.06 -14.74
C THR A 100 61.57 -113.59 -15.12
N SER A 101 60.64 -113.12 -15.95
CA SER A 101 60.65 -111.74 -16.43
C SER A 101 59.31 -111.07 -16.16
N ASP A 102 59.10 -109.89 -16.73
CA ASP A 102 57.91 -109.10 -16.44
C ASP A 102 56.63 -109.84 -16.86
N SER A 103 56.61 -110.35 -18.09
CA SER A 103 55.40 -110.97 -18.63
C SER A 103 55.71 -112.30 -19.32
N TYR A 104 56.81 -112.94 -18.94
CA TYR A 104 57.19 -114.22 -19.54
C TYR A 104 58.30 -114.83 -18.68
N ILE A 105 58.50 -116.13 -18.86
CA ILE A 105 59.56 -116.87 -18.18
C ILE A 105 60.37 -117.60 -19.23
N GLY A 106 61.69 -117.46 -19.17
CA GLY A 106 62.56 -118.14 -20.11
C GLY A 106 63.68 -117.26 -20.61
N ASP A 107 64.65 -117.86 -21.30
CA ASP A 107 65.79 -117.14 -21.86
C ASP A 107 65.56 -117.00 -23.37
N ILE A 108 65.11 -115.81 -23.78
CA ILE A 108 64.80 -115.58 -25.19
C ILE A 108 66.06 -115.68 -26.04
N ASN A 109 67.17 -115.11 -25.55
CA ASN A 109 68.40 -115.11 -26.33
C ASN A 109 68.93 -116.53 -26.55
N ASN A 110 68.73 -117.42 -25.59
CA ASN A 110 69.25 -118.78 -25.66
C ASN A 110 68.18 -119.80 -26.04
N ASN A 111 66.98 -119.35 -26.38
CA ASN A 111 65.88 -120.23 -26.81
C ASN A 111 65.61 -121.32 -25.77
N LEU A 112 65.37 -120.89 -24.54
CA LEU A 112 65.12 -121.80 -23.43
C LEU A 112 63.76 -121.51 -22.83
N LEU A 113 62.96 -122.55 -22.63
CA LEU A 113 61.62 -122.44 -22.09
C LEU A 113 61.48 -123.26 -20.82
N PRO A 114 60.49 -122.95 -19.98
CA PRO A 114 60.16 -123.85 -18.88
C PRO A 114 59.66 -125.20 -19.39
N PHE A 115 59.70 -126.18 -18.48
CA PHE A 115 59.38 -127.55 -18.85
C PHE A 115 57.96 -127.67 -19.36
N ALA A 116 57.02 -126.96 -18.75
CA ALA A 116 55.61 -127.09 -19.14
C ALA A 116 55.40 -126.64 -20.58
N GLN A 117 55.88 -125.45 -20.92
CA GLN A 117 55.72 -124.94 -22.28
C GLN A 117 56.47 -125.80 -23.29
N ALA A 118 57.70 -126.20 -22.94
CA ALA A 118 58.47 -127.05 -23.85
C ALA A 118 57.73 -128.36 -24.13
N TYR A 119 57.20 -128.99 -23.08
CA TYR A 119 56.47 -130.24 -23.25
C TYR A 119 55.21 -130.04 -24.08
N LYS A 120 54.48 -128.94 -23.85
CA LYS A 120 53.26 -128.70 -24.62
C LYS A 120 53.57 -128.55 -26.10
N LEU A 121 54.60 -127.76 -26.43
CA LEU A 121 54.94 -127.57 -27.84
C LEU A 121 55.42 -128.86 -28.48
N ALA A 122 56.27 -129.62 -27.77
CA ALA A 122 56.76 -130.87 -28.31
C ALA A 122 55.63 -131.86 -28.54
N SER A 123 54.69 -131.94 -27.59
CA SER A 123 53.54 -132.83 -27.75
C SER A 123 52.69 -132.43 -28.95
N SER A 124 52.48 -131.12 -29.15
CA SER A 124 51.73 -130.68 -30.32
C SER A 124 52.40 -131.09 -31.61
N GLU A 125 53.72 -130.91 -31.69
CA GLU A 125 54.44 -131.31 -32.91
C GLU A 125 54.36 -132.82 -33.13
N ILE A 126 54.51 -133.61 -32.07
CA ILE A 126 54.47 -135.05 -32.22
C ILE A 126 53.08 -135.51 -32.63
N ILE A 127 52.04 -134.86 -32.12
CA ILE A 127 50.68 -135.21 -32.51
C ILE A 127 50.44 -134.88 -33.98
N LYS A 128 50.97 -133.75 -34.45
CA LYS A 128 50.87 -133.44 -35.87
C LYS A 128 51.55 -134.51 -36.72
N LEU A 129 52.74 -134.94 -36.31
CA LEU A 129 53.43 -135.99 -37.06
C LEU A 129 52.64 -137.30 -37.04
N ILE A 130 52.04 -137.63 -35.90
CA ILE A 130 51.25 -138.86 -35.80
C ILE A 130 50.04 -138.81 -36.72
N ASN A 131 49.36 -137.66 -36.77
CA ASN A 131 48.23 -137.51 -37.68
C ASN A 131 48.67 -137.67 -39.14
N HIS A 132 49.81 -137.06 -39.49
CA HIS A 132 50.32 -137.22 -40.84
C HIS A 132 50.60 -138.68 -41.15
N PHE A 133 51.20 -139.41 -40.21
CA PHE A 133 51.47 -140.83 -40.45
C PHE A 133 50.19 -141.62 -40.61
N VAL A 134 49.19 -141.36 -39.76
CA VAL A 134 47.94 -142.11 -39.84
C VAL A 134 47.29 -141.89 -41.20
N LEU A 135 47.34 -140.65 -41.70
CA LEU A 135 46.70 -140.38 -42.99
C LEU A 135 47.48 -140.96 -44.15
N THR A 136 48.81 -140.80 -44.17
CA THR A 136 49.59 -141.06 -45.38
C THR A 136 50.36 -142.37 -45.39
N GLY A 137 50.56 -143.00 -44.24
CA GLY A 137 51.36 -144.21 -44.17
C GLY A 137 52.84 -144.00 -44.25
N THR A 138 53.32 -142.76 -44.05
CA THR A 138 54.74 -142.46 -44.11
C THR A 138 55.11 -141.53 -42.96
N VAL A 139 56.38 -141.56 -42.58
CA VAL A 139 56.93 -140.67 -41.57
C VAL A 139 58.04 -139.86 -42.21
N SER A 140 57.85 -138.54 -42.27
CA SER A 140 58.84 -137.66 -42.86
C SER A 140 58.59 -136.24 -42.36
N ILE A 141 59.65 -135.44 -42.33
CA ILE A 141 59.58 -134.06 -41.90
C ILE A 141 59.85 -133.10 -43.04
N GLN A 142 59.85 -133.59 -44.28
CA GLN A 142 60.07 -132.76 -45.46
C GLN A 142 58.78 -132.64 -46.26
N LYS A 143 58.52 -131.46 -46.80
CA LYS A 143 57.36 -131.26 -47.66
C LYS A 143 57.51 -132.01 -48.98
N ASP A 144 58.73 -132.31 -49.40
CA ASP A 144 58.96 -133.06 -50.63
C ASP A 144 58.65 -134.55 -50.47
N GLY A 145 58.49 -135.03 -49.25
CA GLY A 145 58.20 -136.44 -49.03
C GLY A 145 59.39 -137.36 -49.15
N LYS A 146 60.61 -136.83 -49.08
CA LYS A 146 61.81 -137.64 -49.18
C LYS A 146 62.42 -137.85 -47.79
N ASN A 147 63.52 -138.60 -47.76
CA ASN A 147 64.20 -138.97 -46.51
C ASN A 147 63.23 -139.62 -45.54
N GLN A 148 62.35 -140.47 -46.06
CA GLN A 148 61.36 -141.12 -45.22
C GLN A 148 62.01 -142.16 -44.32
N LYS A 149 61.53 -142.22 -43.08
CA LYS A 149 61.99 -143.24 -42.14
C LYS A 149 61.57 -144.62 -42.63
N ARG A 150 62.50 -145.56 -42.63
CA ARG A 150 62.19 -146.92 -43.05
C ARG A 150 61.37 -147.61 -41.97
N LEU A 151 60.20 -148.12 -42.35
CA LEU A 151 59.26 -148.71 -41.42
C LEU A 151 59.20 -150.23 -41.63
N LEU A 152 58.65 -150.90 -40.62
CA LEU A 152 58.45 -152.34 -40.69
C LEU A 152 57.31 -152.67 -41.64
N PRO A 153 57.30 -153.89 -42.19
CA PRO A 153 56.15 -154.32 -42.99
C PRO A 153 54.91 -154.44 -42.13
N ASN A 154 53.75 -154.49 -42.79
CA ASN A 154 52.44 -154.51 -42.14
C ASN A 154 52.20 -153.25 -41.31
N MET A 155 52.75 -152.13 -41.76
CA MET A 155 52.51 -150.82 -41.16
C MET A 155 52.10 -149.88 -42.28
N TYR A 156 50.82 -149.55 -42.35
CA TYR A 156 50.27 -148.84 -43.49
C TYR A 156 49.34 -147.74 -43.01
N GLY A 157 48.99 -146.85 -43.94
CA GLY A 157 47.98 -145.84 -43.73
C GLY A 157 46.87 -145.97 -44.74
N LEU A 158 45.91 -145.04 -44.65
CA LEU A 158 44.77 -145.07 -45.55
C LEU A 158 45.16 -144.80 -46.99
N LEU A 159 46.32 -144.19 -47.23
CA LEU A 159 46.72 -143.82 -48.58
C LEU A 159 47.69 -144.81 -49.21
N ASN A 160 48.32 -145.68 -48.43
CA ASN A 160 49.28 -146.65 -48.96
C ASN A 160 48.89 -148.09 -48.64
N MET A 161 47.67 -148.34 -48.20
CA MET A 161 47.25 -149.70 -47.93
C MET A 161 47.20 -150.49 -49.23
N PRO A 162 47.80 -151.67 -49.28
CA PRO A 162 47.84 -152.43 -50.54
C PRO A 162 46.49 -153.05 -50.86
N GLU A 163 46.35 -153.44 -52.13
CA GLU A 163 45.15 -154.13 -52.63
C GLU A 163 43.90 -153.28 -52.49
N GLN A 164 44.04 -151.99 -52.72
CA GLN A 164 42.92 -151.06 -52.81
C GLN A 164 42.74 -150.62 -54.25
N ILE A 165 41.75 -149.77 -54.50
CA ILE A 165 41.46 -149.30 -55.85
C ILE A 165 42.14 -147.94 -56.04
N LYS A 166 42.87 -147.84 -57.14
CA LYS A 166 43.71 -146.69 -57.47
C LYS A 166 43.28 -146.16 -58.83
N GLU A 167 42.79 -144.93 -58.87
CA GLU A 167 42.46 -144.27 -60.12
C GLU A 167 43.32 -143.02 -60.28
N GLU A 168 43.65 -142.72 -61.53
CA GLU A 168 44.52 -141.59 -61.86
C GLU A 168 43.85 -140.75 -62.93
N VAL A 169 43.81 -139.43 -62.69
CA VAL A 169 43.29 -138.47 -63.65
C VAL A 169 44.48 -137.85 -64.37
N ALA A 170 44.41 -137.81 -65.70
CA ALA A 170 45.53 -137.36 -66.51
C ALA A 170 45.79 -135.86 -66.31
N SER A 171 47.02 -135.45 -66.63
CA SER A 171 47.41 -134.06 -66.45
C SER A 171 46.59 -133.14 -67.35
N GLY A 172 46.32 -133.56 -68.59
CA GLY A 172 45.51 -132.76 -69.49
C GLY A 172 44.10 -132.54 -69.01
N ASP A 173 43.62 -133.38 -68.10
CA ASP A 173 42.29 -133.25 -67.51
C ASP A 173 42.35 -132.78 -66.06
N LYS A 174 43.43 -132.10 -65.67
CA LYS A 174 43.59 -131.65 -64.30
C LYS A 174 42.53 -130.63 -63.89
N ASP A 175 41.93 -129.93 -64.86
CA ASP A 175 40.91 -128.93 -64.59
C ASP A 175 39.59 -129.30 -65.26
N LYS A 176 39.29 -130.60 -65.35
CA LYS A 176 38.05 -131.09 -65.96
C LYS A 176 37.36 -131.99 -64.93
N MET A 177 36.45 -131.37 -64.17
CA MET A 177 35.73 -132.11 -63.15
C MET A 177 34.86 -133.21 -63.74
N ASP A 178 34.46 -133.09 -65.00
CA ASP A 178 33.76 -134.19 -65.66
C ASP A 178 34.65 -135.41 -65.77
N LYS A 179 35.91 -135.23 -66.18
CA LYS A 179 36.85 -136.34 -66.23
C LYS A 179 37.13 -136.89 -64.83
N ILE A 180 37.29 -135.98 -63.85
CA ILE A 180 37.53 -136.42 -62.48
C ILE A 180 36.38 -137.29 -61.99
N PHE A 181 35.14 -136.87 -62.26
CA PHE A 181 33.98 -137.64 -61.84
C PHE A 181 33.85 -138.95 -62.61
N GLU A 182 34.27 -138.97 -63.88
CA GLU A 182 34.29 -140.23 -64.61
C GLU A 182 35.22 -141.24 -63.94
N LYS A 183 36.42 -140.77 -63.56
CA LYS A 183 37.35 -141.65 -62.85
C LYS A 183 36.78 -142.08 -61.50
N ILE A 184 36.14 -141.15 -60.79
CA ILE A 184 35.55 -141.47 -59.49
C ILE A 184 34.47 -142.53 -59.65
N GLU A 185 33.62 -142.40 -60.66
CA GLU A 185 32.57 -143.38 -60.89
C GLU A 185 33.15 -144.74 -61.25
N ALA A 186 34.20 -144.77 -62.06
CA ALA A 186 34.85 -146.04 -62.38
C ALA A 186 35.39 -146.71 -61.13
N GLY A 187 36.06 -145.93 -60.27
CA GLY A 187 36.56 -146.49 -59.02
C GLY A 187 35.45 -146.97 -58.10
N LEU A 188 34.37 -146.21 -58.02
CA LEU A 188 33.24 -146.60 -57.18
C LEU A 188 32.62 -147.90 -57.67
N SER A 189 32.52 -148.06 -59.00
CA SER A 189 32.05 -149.32 -59.56
C SER A 189 32.99 -150.46 -59.21
N LYS A 190 34.30 -150.22 -59.28
CA LYS A 190 35.26 -151.27 -58.94
C LYS A 190 35.33 -151.55 -57.44
N LEU A 191 34.75 -150.69 -56.60
CA LEU A 191 34.70 -150.98 -55.17
C LEU A 191 33.91 -152.26 -54.90
N GLU A 192 34.36 -153.01 -53.89
CA GLU A 192 33.74 -154.30 -53.54
C GLU A 192 33.50 -154.31 -52.03
N LEU A 193 32.31 -153.88 -51.63
CA LEU A 193 31.94 -153.85 -50.22
C LEU A 193 31.31 -155.15 -49.73
N GLY A 194 31.00 -156.07 -50.63
CA GLY A 194 30.43 -157.34 -50.23
C GLY A 194 29.04 -157.17 -49.64
N ASP A 195 28.82 -157.79 -48.48
CA ASP A 195 27.52 -157.78 -47.82
C ASP A 195 27.38 -156.67 -46.79
N GLU A 196 28.38 -155.80 -46.67
CA GLU A 196 28.35 -154.69 -45.72
C GLU A 196 28.24 -153.35 -46.43
N PHE A 197 27.59 -153.33 -47.60
CA PHE A 197 27.52 -152.11 -48.40
C PHE A 197 26.65 -151.05 -47.73
N SER A 198 25.64 -151.45 -46.96
CA SER A 198 24.74 -150.50 -46.32
C SER A 198 25.43 -149.90 -45.10
N THR A 199 26.26 -148.89 -45.36
CA THR A 199 27.04 -148.25 -44.31
C THR A 199 27.37 -146.83 -44.75
N PRO A 200 27.57 -145.91 -43.81
CA PRO A 200 28.00 -144.56 -44.19
C PRO A 200 29.38 -144.55 -44.80
N MET A 201 29.63 -143.56 -45.65
CA MET A 201 30.89 -143.43 -46.37
C MET A 201 31.55 -142.10 -46.04
N MET A 202 32.87 -142.06 -46.16
CA MET A 202 33.66 -140.89 -45.84
C MET A 202 34.58 -140.55 -47.02
N VAL A 203 34.66 -139.26 -47.34
CA VAL A 203 35.49 -138.74 -48.40
C VAL A 203 36.40 -137.68 -47.80
N ILE A 204 37.68 -137.73 -48.19
CA ILE A 204 38.67 -136.75 -47.79
C ILE A 204 39.27 -136.14 -49.04
N VAL A 205 39.29 -134.81 -49.10
CA VAL A 205 39.79 -134.08 -50.27
C VAL A 205 40.74 -132.99 -49.81
N ASP A 206 41.57 -132.54 -50.74
CA ASP A 206 42.44 -131.40 -50.52
C ASP A 206 41.68 -130.09 -50.75
N PRO A 207 42.18 -128.97 -50.23
CA PRO A 207 41.45 -127.70 -50.37
C PRO A 207 41.20 -127.29 -51.81
N ALA A 208 42.14 -127.53 -52.72
CA ALA A 208 41.91 -127.20 -54.12
C ALA A 208 40.76 -128.02 -54.70
N THR A 209 40.71 -129.31 -54.37
CA THR A 209 39.61 -130.14 -54.84
C THR A 209 38.29 -129.70 -54.23
N SER A 210 38.30 -129.26 -52.97
CA SER A 210 37.08 -128.75 -52.35
C SER A 210 36.59 -127.48 -53.06
N LEU A 211 37.51 -126.57 -53.39
CA LEU A 211 37.14 -125.37 -54.12
C LEU A 211 36.61 -125.70 -55.50
N LYS A 212 37.15 -126.74 -56.15
CA LYS A 212 36.59 -127.18 -57.42
C LYS A 212 35.20 -127.79 -57.23
N LEU A 213 35.00 -128.49 -56.11
CA LEU A 213 33.71 -129.15 -55.86
C LEU A 213 32.60 -128.14 -55.63
N VAL A 214 32.92 -127.02 -54.97
CA VAL A 214 31.86 -126.07 -54.61
C VAL A 214 31.38 -125.30 -55.84
N LYS A 215 31.94 -125.60 -57.01
CA LYS A 215 31.49 -124.98 -58.24
C LYS A 215 30.10 -125.48 -58.62
N PRO A 216 29.33 -124.68 -59.35
CA PRO A 216 28.05 -125.17 -59.88
C PRO A 216 28.26 -126.31 -60.87
N TYR A 217 27.33 -127.26 -60.87
CA TYR A 217 27.43 -128.41 -61.75
C TYR A 217 27.21 -128.00 -63.20
N ALA A 218 27.93 -128.65 -64.09
CA ALA A 218 27.82 -128.38 -65.52
C ALA A 218 27.43 -129.66 -66.27
N ALA A 223 26.44 -126.26 -70.98
CA ALA A 223 26.23 -125.03 -70.22
C ALA A 223 26.12 -125.31 -68.72
N ALA A 224 26.44 -124.31 -67.91
CA ALA A 224 26.35 -124.45 -66.47
C ALA A 224 24.90 -124.63 -66.03
N SER A 225 24.70 -125.47 -65.02
CA SER A 225 23.38 -125.75 -64.49
C SER A 225 23.13 -124.91 -63.24
N SER A 226 21.98 -125.13 -62.62
CA SER A 226 21.59 -124.39 -61.43
C SER A 226 20.97 -125.36 -60.41
N CYS A 227 20.93 -124.91 -59.16
CA CYS A 227 20.32 -125.64 -58.06
C CYS A 227 20.99 -126.98 -57.78
N GLU A 228 22.20 -127.18 -58.28
CA GLU A 228 22.94 -128.41 -58.03
C GLU A 228 24.43 -128.15 -58.20
N LYS A 229 25.23 -128.75 -57.31
CA LYS A 229 26.67 -128.58 -57.32
C LYS A 229 27.36 -129.93 -57.51
N TRP A 230 28.66 -129.85 -57.83
CA TRP A 230 29.45 -131.06 -58.00
C TRP A 230 29.50 -131.87 -56.71
N GLU A 231 29.48 -131.20 -55.56
CA GLU A 231 29.42 -131.91 -54.29
C GLU A 231 28.14 -132.71 -54.17
N ASP A 232 27.01 -132.12 -54.57
CA ASP A 232 25.74 -132.85 -54.55
C ASP A 232 25.77 -134.03 -55.50
N VAL A 233 26.35 -133.85 -56.70
CA VAL A 233 26.47 -134.97 -57.63
C VAL A 233 27.30 -136.09 -57.04
N LEU A 234 28.41 -135.75 -56.38
CA LEU A 234 29.26 -136.75 -55.75
C LEU A 234 28.52 -137.48 -54.65
N ILE A 235 27.76 -136.76 -53.83
CA ILE A 235 27.01 -137.38 -52.74
C ILE A 235 25.98 -138.35 -53.30
N GLN A 236 25.27 -137.96 -54.35
CA GLN A 236 24.30 -138.85 -54.97
C GLN A 236 24.97 -140.10 -55.53
N THR A 237 26.11 -139.93 -56.20
CA THR A 237 26.81 -141.07 -56.79
C THR A 237 27.28 -142.04 -55.71
N ILE A 238 27.80 -141.52 -54.60
CA ILE A 238 28.26 -142.39 -53.52
C ILE A 238 27.09 -143.07 -52.83
N LYS A 239 25.96 -142.36 -52.68
CA LYS A 239 24.77 -142.97 -52.11
C LYS A 239 24.27 -144.12 -52.99
N ALA A 240 24.43 -143.99 -54.31
CA ALA A 240 24.01 -145.05 -55.22
C ALA A 240 24.64 -146.39 -54.86
N ILE A 241 25.88 -146.38 -54.37
CA ILE A 241 26.55 -147.62 -53.99
C ILE A 241 26.46 -147.92 -52.50
N ASN A 242 26.25 -146.92 -51.65
CA ASN A 242 26.14 -147.17 -50.22
C ASN A 242 24.70 -147.41 -49.77
N ASN A 243 23.76 -147.50 -50.72
CA ASN A 243 22.35 -147.78 -50.43
C ASN A 243 21.70 -146.61 -49.70
N ARG A 244 21.91 -145.40 -50.23
CA ARG A 244 21.28 -144.19 -49.72
C ARG A 244 21.62 -143.95 -48.25
N GLU A 245 22.87 -144.18 -47.89
CA GLU A 245 23.34 -143.95 -46.54
C GLU A 245 24.08 -142.61 -46.47
N ASP A 246 24.49 -142.25 -45.25
CA ASP A 246 25.14 -140.97 -45.03
C ASP A 246 26.50 -140.91 -45.72
N VAL A 247 26.81 -139.76 -46.30
CA VAL A 247 28.11 -139.50 -46.91
C VAL A 247 28.69 -138.25 -46.27
N TYR A 248 29.88 -138.37 -45.69
CA TYR A 248 30.55 -137.25 -45.04
C TYR A 248 31.75 -136.82 -45.87
N ILE A 249 32.02 -135.52 -45.88
CA ILE A 249 33.11 -134.95 -46.66
C ILE A 249 33.99 -134.13 -45.73
N GLU A 250 35.30 -134.33 -45.83
CA GLU A 250 36.27 -133.63 -45.01
C GLU A 250 37.40 -133.10 -45.87
N THR A 251 38.02 -132.02 -45.40
CA THR A 251 39.12 -131.37 -46.10
C THR A 251 40.37 -131.47 -45.23
N SER A 252 41.48 -131.84 -45.84
CA SER A 252 42.75 -131.97 -45.13
C SER A 252 43.87 -131.42 -46.01
N ASN A 253 44.67 -130.51 -45.46
CA ASN A 253 45.81 -129.97 -46.17
C ASN A 253 46.95 -130.97 -46.31
N LEU A 254 46.93 -132.07 -45.55
CA LEU A 254 47.95 -133.09 -45.69
C LEU A 254 47.90 -133.75 -47.06
N LEU A 255 46.72 -133.85 -47.66
CA LEU A 255 46.56 -134.42 -48.98
C LEU A 255 47.06 -133.44 -50.04
N LYS A 256 47.27 -133.95 -51.25
CA LYS A 256 47.76 -133.15 -52.36
C LYS A 256 47.27 -133.77 -53.66
N HIS A 257 46.22 -133.17 -54.24
CA HIS A 257 45.60 -133.66 -55.47
C HIS A 257 45.13 -135.11 -55.31
N LYS A 258 44.57 -135.42 -54.15
CA LYS A 258 44.10 -136.76 -53.84
C LYS A 258 42.66 -136.71 -53.33
N ILE A 259 41.87 -137.71 -53.71
CA ILE A 259 40.53 -137.91 -53.20
C ILE A 259 40.47 -139.31 -52.62
N LEU A 260 40.05 -139.43 -51.36
CA LEU A 260 40.03 -140.71 -50.65
C LEU A 260 38.60 -141.01 -50.24
N ILE A 261 38.09 -142.18 -50.63
CA ILE A 261 36.74 -142.61 -50.30
C ILE A 261 36.82 -143.97 -49.64
N TYR A 262 36.16 -144.11 -48.48
CA TYR A 262 36.18 -145.38 -47.77
C TYR A 262 34.98 -145.45 -46.83
N PRO A 263 34.43 -146.64 -46.58
CA PRO A 263 33.30 -146.75 -45.67
C PRO A 263 33.72 -146.63 -44.22
N LEU A 264 32.79 -146.13 -43.40
CA LEU A 264 33.00 -146.01 -41.96
C LEU A 264 32.37 -147.19 -41.23
N ASN A 265 32.81 -148.39 -41.60
CA ASN A 265 32.28 -149.63 -41.04
C ASN A 265 33.40 -150.38 -40.33
N SER A 266 33.12 -150.79 -39.09
CA SER A 266 34.12 -151.52 -38.31
C SER A 266 34.37 -152.93 -38.83
N GLU A 267 33.49 -153.46 -39.70
CA GLU A 267 33.68 -154.78 -40.26
C GLU A 267 34.56 -154.78 -41.50
N LEU A 268 34.94 -153.61 -42.00
CA LEU A 268 35.77 -153.50 -43.20
C LEU A 268 37.10 -152.81 -42.91
N ILE A 269 37.07 -151.70 -42.18
CA ILE A 269 38.28 -150.96 -41.81
C ILE A 269 38.24 -150.73 -40.32
N LYS A 270 39.31 -151.13 -39.62
CA LYS A 270 39.38 -151.00 -38.17
C LYS A 270 40.74 -150.42 -37.77
N PHE A 271 40.70 -149.53 -36.78
CA PHE A 271 41.91 -148.91 -36.23
C PHE A 271 42.10 -149.47 -34.83
N LYS A 272 43.09 -150.33 -34.67
CA LYS A 272 43.46 -150.87 -33.36
C LYS A 272 44.80 -150.30 -32.94
N PRO A 273 44.84 -149.08 -32.42
CA PRO A 273 46.12 -148.48 -32.03
C PRO A 273 46.52 -148.90 -30.62
N SER A 274 47.81 -148.74 -30.33
CA SER A 274 48.29 -148.98 -28.99
C SER A 274 47.72 -147.95 -28.03
N LYS A 275 47.53 -148.38 -26.78
CA LYS A 275 47.04 -147.46 -25.75
C LYS A 275 48.04 -146.36 -25.43
N TYR A 276 49.29 -146.49 -25.87
CA TYR A 276 50.32 -145.46 -25.69
C TYR A 276 50.67 -144.78 -27.01
N MET A 277 49.72 -144.73 -27.95
CA MET A 277 49.99 -144.11 -29.24
C MET A 277 50.28 -142.62 -29.09
N LEU A 278 49.52 -141.93 -28.26
CA LEU A 278 49.69 -140.50 -28.06
C LEU A 278 50.93 -140.23 -27.21
N PRO A 279 51.53 -139.05 -27.33
CA PRO A 279 52.79 -138.77 -26.65
C PRO A 279 52.70 -138.96 -25.14
N THR A 280 53.75 -139.56 -24.57
CA THR A 280 53.81 -139.82 -23.14
C THR A 280 55.22 -139.48 -22.64
N PRO A 281 55.34 -138.78 -21.53
CA PRO A 281 56.66 -138.45 -20.99
C PRO A 281 57.42 -139.69 -20.54
N ASN A 282 58.75 -139.57 -20.53
CA ASN A 282 59.62 -140.62 -20.03
C ASN A 282 60.11 -140.25 -18.64
N GLU A 283 60.33 -141.27 -17.81
CA GLU A 283 60.82 -141.04 -16.46
C GLU A 283 62.25 -140.50 -16.46
N GLN A 284 63.04 -140.89 -17.45
CA GLN A 284 64.44 -140.44 -17.52
C GLN A 284 64.50 -138.94 -17.80
N VAL A 285 65.25 -138.22 -16.97
CA VAL A 285 65.46 -136.78 -17.13
C VAL A 285 66.94 -136.53 -16.94
N ASP A 286 67.63 -136.14 -18.03
CA ASP A 286 69.06 -135.90 -17.96
C ASP A 286 69.33 -134.61 -17.20
N LYS A 287 70.14 -134.69 -16.15
CA LYS A 287 70.51 -133.55 -15.33
C LYS A 287 72.01 -133.35 -15.38
N ASP A 288 72.44 -132.14 -14.99
CA ASP A 288 73.84 -131.77 -15.06
C ASP A 288 74.10 -130.68 -14.02
N SER A 289 75.32 -130.15 -14.03
CA SER A 289 75.69 -129.08 -13.12
C SER A 289 75.26 -127.71 -13.61
N THR A 290 74.75 -127.62 -14.84
CA THR A 290 74.27 -126.37 -15.41
C THR A 290 72.77 -126.24 -15.20
N ASP A 291 72.17 -125.24 -15.82
CA ASP A 291 70.74 -124.98 -15.70
C ASP A 291 69.92 -125.65 -16.79
N VAL A 292 70.54 -126.42 -17.68
CA VAL A 292 69.85 -127.04 -18.82
C VAL A 292 69.63 -128.51 -18.50
N ALA A 293 68.40 -128.97 -18.67
CA ALA A 293 68.03 -130.36 -18.51
C ALA A 293 67.41 -130.87 -19.81
N HIS A 294 67.23 -132.18 -19.88
CA HIS A 294 66.67 -132.82 -21.06
C HIS A 294 65.56 -133.78 -20.66
N SER A 295 64.59 -133.94 -21.57
CA SER A 295 63.47 -134.83 -21.34
C SER A 295 63.15 -135.59 -22.62
N TYR A 296 62.40 -136.67 -22.47
CA TYR A 296 62.08 -137.57 -23.56
C TYR A 296 60.58 -137.83 -23.63
N ILE A 297 60.08 -137.96 -24.86
CA ILE A 297 58.67 -138.26 -25.13
C ILE A 297 58.61 -139.48 -26.03
N ASP A 298 57.74 -140.43 -25.68
CA ASP A 298 57.59 -141.68 -26.40
C ASP A 298 56.20 -141.74 -27.04
N PHE A 299 56.12 -142.37 -28.21
CA PHE A 299 54.86 -142.59 -28.89
C PHE A 299 54.95 -143.84 -29.77
N VAL A 300 53.81 -144.49 -29.96
CA VAL A 300 53.75 -145.77 -30.67
C VAL A 300 52.95 -145.59 -31.94
N LEU A 301 53.45 -146.18 -33.04
CA LEU A 301 52.84 -146.10 -34.35
C LEU A 301 52.45 -147.48 -34.84
N GLY A 302 51.35 -147.55 -35.60
CA GLY A 302 50.90 -148.79 -36.20
C GLY A 302 49.51 -149.20 -35.75
N GLY A 303 48.85 -150.07 -36.53
CA GLY A 303 47.57 -150.59 -36.12
C GLY A 303 46.38 -150.27 -37.00
N LEU A 304 46.56 -150.18 -38.31
CA LEU A 304 45.46 -149.96 -39.23
C LEU A 304 45.21 -151.22 -40.04
N LEU A 305 43.98 -151.71 -40.04
CA LEU A 305 43.60 -152.92 -40.74
C LEU A 305 42.43 -152.63 -41.68
N ALA A 306 42.50 -153.18 -42.89
CA ALA A 306 41.44 -152.98 -43.86
C ALA A 306 41.31 -154.22 -44.73
N THR A 307 40.09 -154.47 -45.20
CA THR A 307 39.87 -155.56 -46.14
C THR A 307 40.19 -155.10 -47.56
N ARG A 308 40.52 -156.06 -48.41
CA ARG A 308 41.02 -155.74 -49.75
C ARG A 308 39.93 -155.09 -50.59
N LYS A 309 40.35 -154.13 -51.42
CA LYS A 309 39.48 -153.46 -52.40
C LYS A 309 38.25 -152.84 -51.72
N THR A 310 38.49 -152.05 -50.69
CA THR A 310 37.43 -151.26 -50.06
C THR A 310 37.79 -149.80 -49.89
N ILE A 311 38.97 -149.38 -50.33
CA ILE A 311 39.39 -147.99 -50.28
C ILE A 311 39.68 -147.53 -51.71
N LEU A 312 38.98 -146.48 -52.15
CA LEU A 312 39.20 -145.88 -53.46
C LEU A 312 40.01 -144.61 -53.28
N GLN A 313 41.14 -144.50 -53.98
CA GLN A 313 41.91 -143.28 -53.98
C GLN A 313 42.19 -142.83 -55.40
N VAL A 314 41.83 -141.59 -55.70
CA VAL A 314 41.97 -141.00 -57.01
C VAL A 314 43.03 -139.89 -56.92
N ASN A 315 44.05 -139.98 -57.76
CA ASN A 315 45.16 -139.04 -57.79
C ASN A 315 45.10 -138.24 -59.08
N ILE A 316 45.11 -136.92 -58.96
CA ILE A 316 45.11 -136.04 -60.12
C ILE A 316 46.56 -135.71 -60.47
N LYS A 317 46.95 -135.99 -61.71
CA LYS A 317 48.33 -135.79 -62.14
C LYS A 317 48.54 -134.35 -62.58
N GLN A 318 49.76 -133.86 -62.39
CA GLN A 318 50.10 -132.48 -62.69
C GLN A 318 51.04 -132.35 -63.88
N SER A 319 52.12 -133.12 -63.91
CA SER A 319 53.10 -133.02 -64.99
C SER A 319 52.57 -133.58 -66.30
N LEU B 3 64.61 -132.80 3.59
CA LEU B 3 65.79 -132.73 2.73
C LEU B 3 67.01 -133.30 3.44
N PHE B 4 67.17 -132.96 4.72
CA PHE B 4 68.31 -133.45 5.48
C PHE B 4 68.21 -134.94 5.78
N ASP B 5 67.02 -135.53 5.66
CA ASP B 5 66.87 -136.96 5.80
C ASP B 5 67.17 -137.71 4.51
N GLU B 6 67.41 -137.00 3.42
CA GLU B 6 67.68 -137.61 2.12
C GLU B 6 68.98 -137.15 1.47
N ASN B 7 69.53 -136.00 1.84
CA ASN B 7 70.72 -135.45 1.22
C ASN B 7 71.83 -135.35 2.26
N TYR B 8 72.63 -136.42 2.36
CA TYR B 8 73.77 -136.42 3.27
C TYR B 8 74.76 -135.31 2.91
N TYR B 9 74.93 -135.04 1.62
CA TYR B 9 75.85 -133.98 1.22
C TYR B 9 75.37 -132.62 1.71
N ALA B 10 74.07 -132.34 1.59
CA ALA B 10 73.51 -131.10 2.10
C ALA B 10 73.66 -131.02 3.62
N LYS B 11 73.39 -132.13 4.32
CA LYS B 11 73.54 -132.14 5.77
C LYS B 11 74.98 -131.85 6.18
N ALA B 12 75.94 -132.48 5.50
CA ALA B 12 77.35 -132.26 5.81
C ALA B 12 77.76 -130.83 5.52
N VAL B 13 77.27 -130.25 4.41
CA VAL B 13 77.58 -128.85 4.10
C VAL B 13 77.04 -127.95 5.19
N ALA B 14 75.80 -128.19 5.63
CA ALA B 14 75.22 -127.38 6.69
C ALA B 14 76.01 -127.50 7.98
N ASN B 15 76.45 -128.71 8.33
CA ASN B 15 77.20 -128.91 9.56
C ASN B 15 78.63 -128.39 9.48
N ILE B 16 79.19 -128.24 8.28
CA ILE B 16 80.58 -127.82 8.13
C ILE B 16 80.72 -126.36 7.72
N ILE B 17 79.63 -125.67 7.38
CA ILE B 17 79.73 -124.29 6.90
C ILE B 17 80.29 -123.37 7.98
N GLY B 18 80.14 -123.75 9.25
CA GLY B 18 80.61 -122.90 10.33
C GLY B 18 82.12 -122.82 10.45
N GLU B 19 82.84 -123.80 9.93
CA GLU B 19 84.29 -123.81 10.04
C GLU B 19 85.00 -122.96 9.00
N VAL B 20 84.29 -122.51 7.96
CA VAL B 20 84.92 -121.69 6.93
C VAL B 20 85.12 -120.27 7.47
N LYS B 21 86.35 -119.78 7.37
CA LYS B 21 86.66 -118.45 7.89
C LYS B 21 86.03 -117.37 7.02
N ASP B 22 85.76 -116.22 7.64
CA ASP B 22 85.20 -115.10 6.91
C ASP B 22 86.22 -114.53 5.94
N PRO B 23 85.76 -114.03 4.79
CA PRO B 23 86.71 -113.40 3.85
C PRO B 23 87.40 -112.20 4.47
N ILE B 24 88.68 -112.05 4.13
CA ILE B 24 89.46 -110.92 4.66
C ILE B 24 89.23 -109.64 3.88
N MET B 25 88.52 -109.69 2.76
CA MET B 25 88.20 -108.48 2.02
C MET B 25 87.22 -107.59 2.77
N TYR B 26 86.52 -108.12 3.78
CA TYR B 26 85.59 -107.31 4.56
C TYR B 26 86.31 -106.19 5.29
N LYS B 27 87.57 -106.40 5.68
CA LYS B 27 88.34 -105.39 6.38
C LYS B 27 88.73 -104.22 5.49
N TRP B 28 88.55 -104.33 4.18
CA TRP B 28 88.87 -103.26 3.25
C TRP B 28 87.67 -102.36 2.94
N PHE B 29 86.53 -102.57 3.59
CA PHE B 29 85.33 -101.80 3.31
C PHE B 29 84.60 -101.53 4.61
N SER B 30 83.77 -100.48 4.59
CA SER B 30 82.88 -100.18 5.70
C SER B 30 81.59 -100.96 5.57
N PRO B 31 80.88 -101.18 6.69
CA PRO B 31 79.62 -101.94 6.61
C PRO B 31 78.60 -101.32 5.68
N ASP B 32 78.59 -100.00 5.54
CA ASP B 32 77.63 -99.32 4.67
C ASP B 32 78.06 -99.40 3.20
N GLN B 33 79.29 -99.83 2.92
CA GLN B 33 79.81 -99.84 1.57
C GLN B 33 79.52 -101.13 0.80
N ILE B 34 78.79 -102.07 1.39
CA ILE B 34 78.52 -103.36 0.77
C ILE B 34 77.01 -103.60 0.76
N GLU B 35 76.47 -103.88 -0.42
CA GLU B 35 75.04 -104.15 -0.57
C GLU B 35 74.84 -105.34 -1.51
N ASP B 36 74.13 -106.36 -1.05
CA ASP B 36 73.89 -107.53 -1.88
C ASP B 36 72.87 -107.22 -2.97
N VAL B 37 73.06 -107.88 -4.13
CA VAL B 37 72.13 -107.77 -5.25
C VAL B 37 71.69 -109.17 -5.64
N ASP B 38 70.39 -109.33 -5.92
CA ASP B 38 69.82 -110.64 -6.25
C ASP B 38 69.97 -110.88 -7.75
N LEU B 39 71.10 -111.47 -8.11
CA LEU B 39 71.41 -111.75 -9.52
C LEU B 39 72.58 -112.73 -9.56
N GLN B 40 72.47 -113.74 -10.42
CA GLN B 40 73.56 -114.71 -10.58
C GLN B 40 74.50 -114.32 -11.71
N MET B 41 73.99 -114.23 -12.92
CA MET B 41 74.77 -113.81 -14.08
C MET B 41 73.96 -112.78 -14.84
N GLY B 42 74.60 -111.71 -15.25
CA GLY B 42 73.90 -110.68 -15.99
C GLY B 42 74.55 -109.32 -15.76
N TYR B 43 73.74 -108.27 -15.83
CA TYR B 43 74.26 -106.93 -15.68
C TYR B 43 73.25 -106.06 -14.94
N GLN B 44 73.78 -105.07 -14.24
CA GLN B 44 73.00 -104.02 -13.62
C GLN B 44 73.38 -102.69 -14.26
N LYS B 45 72.41 -101.77 -14.35
CA LYS B 45 72.62 -100.51 -15.04
C LYS B 45 72.22 -99.34 -14.15
N THR B 46 72.92 -98.23 -14.35
CA THR B 46 72.64 -96.98 -13.66
C THR B 46 72.83 -95.84 -14.67
N VAL B 47 72.08 -94.76 -14.48
CA VAL B 47 72.15 -93.61 -15.36
C VAL B 47 72.56 -92.38 -14.54
N LYS B 48 73.55 -91.64 -15.03
CA LYS B 48 73.97 -90.41 -14.40
C LYS B 48 73.96 -89.29 -15.42
N TRP B 49 73.57 -88.09 -14.96
CA TRP B 49 73.47 -86.93 -15.83
C TRP B 49 74.51 -85.89 -15.44
N ASP B 50 75.07 -85.21 -16.43
CA ASP B 50 76.10 -84.20 -16.20
C ASP B 50 75.83 -83.00 -17.10
N ALA B 51 76.31 -81.84 -16.67
CA ALA B 51 76.15 -80.60 -17.41
C ALA B 51 77.50 -79.94 -17.60
N PHE B 52 77.61 -79.16 -18.67
CA PHE B 52 78.86 -78.49 -19.00
C PHE B 52 78.58 -77.17 -19.71
N LEU B 53 79.56 -76.28 -19.65
CA LEU B 53 79.47 -74.97 -20.28
C LEU B 53 80.13 -75.02 -21.65
N ASN B 54 79.39 -74.61 -22.68
CA ASN B 54 79.91 -74.68 -24.05
C ASN B 54 80.73 -73.46 -24.46
N ALA B 55 80.58 -72.34 -23.77
CA ALA B 55 81.30 -71.12 -24.12
C ALA B 55 81.23 -70.15 -22.95
N ASN B 56 81.90 -69.02 -23.10
CA ASN B 56 81.83 -67.97 -22.09
C ASN B 56 80.41 -67.39 -22.05
N PRO B 57 79.98 -66.88 -20.90
CA PRO B 57 78.63 -66.32 -20.80
C PRO B 57 78.47 -65.09 -21.69
N THR B 58 77.21 -64.76 -21.96
CA THR B 58 76.86 -63.65 -22.85
C THR B 58 76.50 -62.42 -22.03
N THR B 59 77.09 -61.28 -22.39
CA THR B 59 76.83 -60.02 -21.69
C THR B 59 75.54 -59.42 -22.22
N ILE B 60 74.51 -59.34 -21.37
CA ILE B 60 73.19 -58.87 -21.80
C ILE B 60 73.20 -57.35 -21.76
N ALA B 61 73.42 -56.73 -22.93
CA ALA B 61 73.29 -55.29 -23.09
C ALA B 61 72.70 -55.03 -24.46
N ASN B 62 71.78 -54.07 -24.53
CA ASN B 62 71.06 -53.72 -25.78
C ASN B 62 70.34 -54.98 -26.26
N GLU B 63 70.30 -55.23 -27.57
CA GLU B 63 69.55 -56.33 -28.15
C GLU B 63 70.48 -57.44 -28.62
N VAL B 64 70.15 -58.68 -28.28
CA VAL B 64 70.90 -59.84 -28.74
C VAL B 64 70.02 -61.07 -28.57
N ASN B 65 70.07 -61.96 -29.55
CA ASN B 65 69.36 -63.22 -29.48
C ASN B 65 70.26 -64.43 -29.66
N THR B 66 71.55 -64.23 -29.89
CA THR B 66 72.51 -65.32 -30.06
C THR B 66 73.30 -65.45 -28.76
N ILE B 67 73.02 -66.51 -28.00
CA ILE B 67 73.47 -66.62 -26.62
C ILE B 67 74.19 -67.95 -26.43
N SER B 68 75.26 -67.93 -25.62
CA SER B 68 76.00 -69.15 -25.32
C SER B 68 75.10 -70.15 -24.60
N THR B 69 75.37 -71.43 -24.83
CA THR B 69 74.50 -72.50 -24.37
C THR B 69 75.21 -73.36 -23.34
N ILE B 70 74.41 -74.11 -22.59
CA ILE B 70 74.89 -75.09 -21.61
C ILE B 70 74.43 -76.47 -22.09
N GLY B 71 75.38 -77.39 -22.22
CA GLY B 71 75.09 -78.71 -22.73
C GLY B 71 74.93 -79.73 -21.62
N PHE B 72 74.26 -80.84 -21.96
CA PHE B 72 74.02 -81.93 -21.03
C PHE B 72 74.44 -83.25 -21.65
N SER B 73 74.79 -84.20 -20.80
CA SER B 73 75.19 -85.53 -21.25
C SER B 73 74.71 -86.57 -20.25
N SER B 74 74.53 -87.79 -20.73
CA SER B 74 74.07 -88.91 -19.93
C SER B 74 75.06 -90.05 -20.06
N GLU B 75 75.60 -90.52 -18.94
CA GLU B 75 76.46 -91.70 -18.91
C GLU B 75 75.69 -92.88 -18.35
N VAL B 76 75.92 -94.05 -18.93
CA VAL B 76 75.28 -95.29 -18.51
C VAL B 76 76.36 -96.18 -17.92
N VAL B 77 76.25 -96.45 -16.64
CA VAL B 77 77.20 -97.30 -15.93
C VAL B 77 76.65 -98.71 -15.88
N ARG B 78 77.49 -99.69 -16.24
CA ARG B 78 77.07 -101.08 -16.33
C ARG B 78 78.00 -101.94 -15.48
N LEU B 79 77.41 -102.80 -14.64
CA LEU B 79 78.15 -103.73 -13.81
C LEU B 79 77.82 -105.16 -14.24
N ASN B 80 78.85 -105.94 -14.55
CA ASN B 80 78.68 -107.29 -15.04
C ASN B 80 78.94 -108.30 -13.92
N TYR B 81 78.08 -109.32 -13.84
CA TYR B 81 78.20 -110.39 -12.86
C TYR B 81 78.28 -111.72 -13.59
N LEU B 82 79.30 -112.50 -13.27
CA LEU B 82 79.63 -113.73 -13.98
C LEU B 82 79.60 -114.92 -13.03
N LYS B 83 79.15 -116.06 -13.55
CA LYS B 83 79.02 -117.30 -12.78
C LYS B 83 80.16 -118.25 -13.13
N LEU B 84 80.74 -118.87 -12.10
CA LEU B 84 81.88 -119.76 -12.27
C LEU B 84 81.69 -120.99 -11.39
N GLN B 85 82.33 -122.09 -11.78
CA GLN B 85 82.12 -123.37 -11.10
C GLN B 85 83.41 -124.17 -11.04
N TYR B 86 83.57 -124.90 -9.95
CA TYR B 86 84.62 -125.90 -9.76
C TYR B 86 84.03 -127.27 -9.49
N LYS B 87 84.79 -128.30 -9.88
CA LYS B 87 84.46 -129.69 -9.62
C LYS B 87 85.60 -130.31 -8.82
N PHE B 88 85.25 -131.05 -7.77
CA PHE B 88 86.25 -131.72 -6.96
C PHE B 88 85.81 -133.14 -6.63
N ARG B 89 86.79 -134.02 -6.52
CA ARG B 89 86.56 -135.43 -6.24
C ARG B 89 86.66 -135.71 -4.75
N HIS B 90 85.88 -136.68 -4.29
CA HIS B 90 85.85 -137.06 -2.89
C HIS B 90 85.40 -138.52 -2.79
N LEU B 91 85.35 -139.02 -1.56
CA LEU B 91 84.90 -140.37 -1.29
C LEU B 91 83.39 -140.41 -1.11
N LYS B 92 82.75 -141.42 -1.70
CA LYS B 92 81.32 -141.59 -1.53
C LYS B 92 80.99 -141.91 -0.08
N GLN B 93 79.80 -141.51 0.36
CA GLN B 93 79.34 -141.76 1.71
C GLN B 93 79.34 -143.25 2.05
N ASP B 107 92.31 -141.92 2.24
CA ASP B 107 93.34 -142.52 1.41
C ASP B 107 94.48 -141.53 1.17
N ILE B 108 95.52 -141.63 2.01
CA ILE B 108 96.67 -140.73 1.88
C ILE B 108 97.41 -141.00 0.58
N ASN B 109 97.49 -142.26 0.16
CA ASN B 109 98.26 -142.61 -1.02
C ASN B 109 97.67 -141.96 -2.29
N ASN B 110 96.35 -141.99 -2.43
CA ASN B 110 95.69 -141.44 -3.60
C ASN B 110 95.08 -140.06 -3.37
N ASN B 111 95.26 -139.49 -2.18
CA ASN B 111 94.72 -138.17 -1.84
C ASN B 111 93.21 -138.12 -2.01
N LEU B 112 92.53 -139.01 -1.31
CA LEU B 112 91.07 -139.07 -1.29
C LEU B 112 90.58 -138.67 0.09
N LEU B 113 89.60 -137.77 0.14
CA LEU B 113 89.18 -137.12 1.36
C LEU B 113 87.69 -137.31 1.56
N PRO B 114 87.22 -137.21 2.81
CA PRO B 114 85.78 -137.15 3.05
C PRO B 114 85.18 -135.89 2.46
N PHE B 115 83.86 -135.96 2.20
CA PHE B 115 83.18 -134.87 1.51
C PHE B 115 83.28 -133.57 2.30
N ALA B 116 83.11 -133.63 3.62
CA ALA B 116 83.13 -132.41 4.43
C ALA B 116 84.47 -131.71 4.35
N GLN B 117 85.56 -132.45 4.57
CA GLN B 117 86.88 -131.84 4.53
C GLN B 117 87.22 -131.34 3.13
N ALA B 118 86.87 -132.12 2.10
CA ALA B 118 87.13 -131.69 0.73
C ALA B 118 86.38 -130.41 0.40
N TYR B 119 85.11 -130.32 0.81
CA TYR B 119 84.32 -129.12 0.57
C TYR B 119 84.90 -127.93 1.32
N LYS B 120 85.34 -128.14 2.56
CA LYS B 120 85.92 -127.05 3.34
C LYS B 120 87.17 -126.51 2.67
N LEU B 121 88.07 -127.40 2.24
CA LEU B 121 89.29 -126.95 1.59
C LEU B 121 89.00 -126.25 0.26
N ALA B 122 88.05 -126.80 -0.52
CA ALA B 122 87.71 -126.17 -1.79
C ALA B 122 87.12 -124.79 -1.57
N SER B 123 86.25 -124.65 -0.57
CA SER B 123 85.67 -123.34 -0.27
C SER B 123 86.76 -122.36 0.17
N SER B 124 87.72 -122.83 0.96
CA SER B 124 88.82 -121.95 1.36
C SER B 124 89.60 -121.45 0.14
N GLU B 125 89.91 -122.37 -0.79
CA GLU B 125 90.64 -121.96 -2.00
C GLU B 125 89.83 -120.96 -2.82
N ILE B 126 88.52 -121.21 -2.97
CA ILE B 126 87.69 -120.31 -3.76
C ILE B 126 87.61 -118.94 -3.10
N ILE B 127 87.52 -118.90 -1.76
CA ILE B 127 87.47 -117.61 -1.07
C ILE B 127 88.78 -116.86 -1.22
N LYS B 128 89.91 -117.58 -1.20
CA LYS B 128 91.19 -116.93 -1.47
C LYS B 128 91.20 -116.33 -2.87
N LEU B 129 90.72 -117.08 -3.86
CA LEU B 129 90.69 -116.56 -5.23
C LEU B 129 89.79 -115.34 -5.34
N ILE B 130 88.64 -115.37 -4.67
CA ILE B 130 87.71 -114.23 -4.69
C ILE B 130 88.36 -113.00 -4.07
N ASN B 131 89.05 -113.18 -2.94
CA ASN B 131 89.74 -112.05 -2.31
C ASN B 131 90.80 -111.47 -3.24
N HIS B 132 91.57 -112.34 -3.89
CA HIS B 132 92.59 -111.85 -4.82
C HIS B 132 91.96 -111.09 -5.98
N PHE B 133 90.84 -111.59 -6.51
CA PHE B 133 90.16 -110.89 -7.60
C PHE B 133 89.66 -109.52 -7.15
N VAL B 134 89.04 -109.46 -5.97
CA VAL B 134 88.50 -108.19 -5.50
C VAL B 134 89.63 -107.19 -5.28
N LEU B 135 90.78 -107.65 -4.79
CA LEU B 135 91.88 -106.73 -4.55
C LEU B 135 92.53 -106.27 -5.85
N THR B 136 92.77 -107.19 -6.79
CA THR B 136 93.58 -106.89 -7.97
C THR B 136 92.80 -106.86 -9.27
N GLY B 137 91.61 -107.44 -9.32
CA GLY B 137 90.83 -107.44 -10.54
C GLY B 137 91.23 -108.48 -11.56
N THR B 138 92.15 -109.39 -11.23
CA THR B 138 92.62 -110.41 -12.16
C THR B 138 92.46 -111.78 -11.53
N VAL B 139 92.21 -112.78 -12.38
CA VAL B 139 92.04 -114.16 -11.95
C VAL B 139 93.13 -115.00 -12.62
N SER B 140 93.95 -115.65 -11.82
CA SER B 140 95.00 -116.53 -12.32
C SER B 140 95.44 -117.46 -11.22
N ILE B 141 96.11 -118.55 -11.61
CA ILE B 141 96.62 -119.53 -10.67
C ILE B 141 98.14 -119.65 -10.75
N GLN B 142 98.79 -118.77 -11.52
CA GLN B 142 100.24 -118.78 -11.68
C GLN B 142 100.85 -117.62 -10.92
N LYS B 143 101.98 -117.89 -10.25
CA LYS B 143 102.67 -116.82 -9.53
C LYS B 143 103.24 -115.77 -10.48
N ASP B 144 103.53 -116.16 -11.72
CA ASP B 144 103.94 -115.19 -12.73
C ASP B 144 102.83 -114.22 -13.09
N GLY B 145 101.57 -114.58 -12.83
CA GLY B 145 100.45 -113.75 -13.20
C GLY B 145 100.01 -113.87 -14.64
N LYS B 146 100.61 -114.79 -15.42
CA LYS B 146 100.25 -114.98 -16.80
C LYS B 146 99.14 -116.01 -16.92
N ASN B 147 98.71 -116.26 -18.16
CA ASN B 147 97.62 -117.20 -18.46
C ASN B 147 96.36 -116.81 -17.69
N GLN B 148 96.00 -115.53 -17.78
CA GLN B 148 94.85 -115.01 -17.07
C GLN B 148 93.55 -115.42 -17.75
N LYS B 149 92.49 -115.53 -16.97
CA LYS B 149 91.17 -115.81 -17.50
C LYS B 149 90.58 -114.54 -18.10
N ARG B 150 90.08 -114.63 -19.33
CA ARG B 150 89.48 -113.48 -19.99
C ARG B 150 88.11 -113.22 -19.40
N LEU B 151 87.98 -112.10 -18.70
CA LEU B 151 86.72 -111.73 -18.05
C LEU B 151 85.97 -110.72 -18.90
N LEU B 152 84.70 -110.52 -18.56
CA LEU B 152 83.86 -109.58 -19.28
C LEU B 152 84.30 -108.14 -18.99
N PRO B 153 84.00 -107.21 -19.88
CA PRO B 153 84.28 -105.80 -19.60
C PRO B 153 83.45 -105.29 -18.44
N ASN B 154 83.86 -104.15 -17.90
CA ASN B 154 83.21 -103.54 -16.74
C ASN B 154 83.29 -104.43 -15.51
N MET B 155 84.36 -105.22 -15.41
CA MET B 155 84.61 -106.08 -14.25
C MET B 155 86.02 -105.72 -13.74
N TYR B 156 86.07 -104.94 -12.66
CA TYR B 156 87.31 -104.36 -12.21
C TYR B 156 87.49 -104.61 -10.71
N GLY B 157 88.75 -104.49 -10.28
CA GLY B 157 89.10 -104.50 -8.87
C GLY B 157 89.59 -103.14 -8.40
N LEU B 158 90.09 -103.13 -7.16
CA LEU B 158 90.59 -101.89 -6.60
C LEU B 158 91.89 -101.43 -7.28
N LEU B 159 92.69 -102.38 -7.75
CA LEU B 159 94.01 -102.05 -8.28
C LEU B 159 94.00 -101.70 -9.76
N ASN B 160 93.09 -102.27 -10.54
CA ASN B 160 93.03 -102.03 -11.98
C ASN B 160 91.88 -101.13 -12.39
N MET B 161 91.23 -100.47 -11.44
CA MET B 161 90.14 -99.56 -11.77
C MET B 161 90.68 -98.44 -12.65
N PRO B 162 90.09 -98.19 -13.80
CA PRO B 162 90.60 -97.15 -14.71
C PRO B 162 90.22 -95.75 -14.23
N GLU B 163 90.88 -94.77 -14.84
CA GLU B 163 90.65 -93.35 -14.56
C GLU B 163 90.83 -93.05 -13.07
N GLN B 164 91.89 -93.59 -12.50
CA GLN B 164 92.27 -93.32 -11.12
C GLN B 164 93.70 -92.78 -11.10
N ILE B 165 94.13 -92.30 -9.94
CA ILE B 165 95.45 -91.70 -9.81
C ILE B 165 96.48 -92.81 -9.67
N LYS B 166 97.46 -92.83 -10.57
CA LYS B 166 98.53 -93.82 -10.57
C LYS B 166 99.87 -93.12 -10.54
N GLU B 167 100.69 -93.44 -9.54
CA GLU B 167 102.03 -92.90 -9.42
C GLU B 167 103.03 -94.05 -9.42
N GLU B 168 104.21 -93.79 -9.99
CA GLU B 168 105.25 -94.80 -10.11
C GLU B 168 106.55 -94.27 -9.53
N VAL B 169 107.07 -94.97 -8.54
CA VAL B 169 108.38 -94.65 -7.96
C VAL B 169 109.44 -95.37 -8.78
N ALA B 170 110.48 -94.62 -9.17
CA ALA B 170 111.49 -95.14 -10.07
C ALA B 170 112.23 -96.32 -9.45
N SER B 171 112.86 -97.12 -10.32
CA SER B 171 113.57 -98.31 -9.86
C SER B 171 114.74 -97.96 -8.95
N GLY B 172 115.47 -96.91 -9.29
CA GLY B 172 116.61 -96.50 -8.47
C GLY B 172 116.23 -95.85 -7.16
N ASP B 173 114.96 -95.45 -7.00
CA ASP B 173 114.48 -94.84 -5.78
C ASP B 173 113.63 -95.78 -4.93
N LYS B 174 113.66 -97.08 -5.23
CA LYS B 174 112.83 -98.03 -4.48
C LYS B 174 113.24 -98.13 -3.01
N ASP B 175 114.49 -97.77 -2.69
CA ASP B 175 114.97 -97.82 -1.32
C ASP B 175 114.86 -96.48 -0.61
N LYS B 176 114.44 -95.42 -1.30
CA LYS B 176 114.37 -94.08 -0.73
C LYS B 176 112.95 -93.79 -0.29
N MET B 177 112.71 -93.90 1.01
CA MET B 177 111.38 -93.66 1.56
C MET B 177 110.95 -92.21 1.36
N ASP B 178 111.90 -91.28 1.33
CA ASP B 178 111.55 -89.90 1.05
C ASP B 178 110.99 -89.74 -0.37
N LYS B 179 111.60 -90.42 -1.34
CA LYS B 179 111.08 -90.39 -2.71
C LYS B 179 109.72 -91.06 -2.79
N ILE B 180 109.54 -92.19 -2.09
CA ILE B 180 108.25 -92.85 -2.07
C ILE B 180 107.18 -91.92 -1.50
N PHE B 181 107.51 -91.24 -0.40
CA PHE B 181 106.57 -90.32 0.21
C PHE B 181 106.29 -89.12 -0.68
N GLU B 182 107.28 -88.65 -1.43
CA GLU B 182 107.04 -87.56 -2.38
C GLU B 182 106.02 -87.98 -3.44
N LYS B 183 106.17 -89.20 -3.97
CA LYS B 183 105.20 -89.69 -4.94
C LYS B 183 103.81 -89.83 -4.31
N ILE B 184 103.75 -90.35 -3.08
CA ILE B 184 102.47 -90.49 -2.41
C ILE B 184 101.81 -89.13 -2.20
N GLU B 185 102.61 -88.12 -1.81
CA GLU B 185 102.08 -86.79 -1.59
C GLU B 185 101.57 -86.17 -2.88
N ALA B 186 102.29 -86.37 -3.98
CA ALA B 186 101.80 -85.88 -5.27
C ALA B 186 100.47 -86.52 -5.64
N GLY B 187 100.37 -87.84 -5.44
CA GLY B 187 99.11 -88.51 -5.71
C GLY B 187 97.97 -88.02 -4.82
N LEU B 188 98.28 -87.78 -3.53
CA LEU B 188 97.27 -87.27 -2.62
C LEU B 188 96.79 -85.90 -3.04
N SER B 189 97.71 -85.04 -3.50
CA SER B 189 97.33 -83.74 -4.03
C SER B 189 96.44 -83.89 -5.25
N LYS B 190 96.77 -84.83 -6.13
CA LYS B 190 95.95 -85.06 -7.32
C LYS B 190 94.61 -85.72 -7.03
N LEU B 191 94.43 -86.28 -5.83
CA LEU B 191 93.14 -86.85 -5.47
C LEU B 191 92.04 -85.80 -5.48
N GLU B 192 90.82 -86.23 -5.80
CA GLU B 192 89.65 -85.35 -5.86
C GLU B 192 88.49 -86.04 -5.14
N LEU B 193 88.32 -85.72 -3.86
CA LEU B 193 87.23 -86.30 -3.08
C LEU B 193 85.96 -85.48 -3.12
N GLY B 194 85.98 -84.28 -3.71
CA GLY B 194 84.79 -83.48 -3.81
C GLY B 194 84.27 -83.03 -2.46
N ASP B 195 82.94 -82.93 -2.37
CA ASP B 195 82.29 -82.52 -1.13
C ASP B 195 82.16 -83.65 -0.12
N GLU B 196 82.46 -84.88 -0.52
CA GLU B 196 82.47 -86.04 0.39
C GLU B 196 83.84 -86.27 1.01
N PHE B 197 84.64 -85.21 1.15
CA PHE B 197 85.99 -85.36 1.68
C PHE B 197 86.01 -85.79 3.14
N SER B 198 85.04 -85.35 3.93
CA SER B 198 85.00 -85.69 5.35
C SER B 198 84.56 -87.14 5.51
N THR B 199 85.53 -88.04 5.35
CA THR B 199 85.27 -89.47 5.44
C THR B 199 86.55 -90.18 5.86
N PRO B 200 86.46 -91.32 6.53
CA PRO B 200 87.66 -92.08 6.87
C PRO B 200 88.37 -92.59 5.63
N MET B 201 89.67 -92.82 5.78
CA MET B 201 90.51 -93.29 4.69
C MET B 201 91.13 -94.63 5.03
N MET B 202 91.43 -95.41 3.99
CA MET B 202 92.02 -96.74 4.13
C MET B 202 93.24 -96.84 3.25
N VAL B 203 94.33 -97.36 3.82
CA VAL B 203 95.59 -97.56 3.12
C VAL B 203 95.97 -99.03 3.28
N ILE B 204 96.35 -99.65 2.15
CA ILE B 204 96.81 -101.03 2.12
C ILE B 204 98.22 -101.04 1.56
N VAL B 205 99.15 -101.69 2.26
CA VAL B 205 100.56 -101.70 1.89
C VAL B 205 101.08 -103.13 1.91
N ASP B 206 102.19 -103.33 1.19
CA ASP B 206 102.90 -104.59 1.18
C ASP B 206 103.79 -104.70 2.41
N PRO B 207 104.20 -105.93 2.76
CA PRO B 207 105.07 -106.09 3.95
C PRO B 207 106.37 -105.32 3.88
N ALA B 208 106.99 -105.21 2.69
CA ALA B 208 108.22 -104.45 2.58
C ALA B 208 107.99 -102.97 2.87
N THR B 209 106.91 -102.42 2.33
CA THR B 209 106.58 -101.02 2.63
C THR B 209 106.25 -100.84 4.10
N SER B 210 105.57 -101.82 4.70
CA SER B 210 105.26 -101.73 6.12
C SER B 210 106.55 -101.73 6.95
N LEU B 211 107.53 -102.53 6.55
CA LEU B 211 108.83 -102.49 7.22
C LEU B 211 109.51 -101.14 7.05
N LYS B 212 109.45 -100.57 5.84
CA LYS B 212 110.07 -99.27 5.61
C LYS B 212 109.36 -98.15 6.36
N LEU B 213 108.09 -98.33 6.70
CA LEU B 213 107.32 -97.26 7.33
C LEU B 213 107.72 -97.01 8.78
N VAL B 214 108.24 -98.01 9.50
CA VAL B 214 108.49 -97.85 10.93
C VAL B 214 109.80 -97.14 11.22
N LYS B 215 110.61 -96.85 10.21
CA LYS B 215 111.85 -96.12 10.44
C LYS B 215 111.53 -94.68 10.84
N PRO B 216 112.39 -94.04 11.63
CA PRO B 216 112.14 -92.67 12.05
C PRO B 216 112.11 -91.71 10.87
N TYR B 217 111.27 -90.68 10.99
CA TYR B 217 111.15 -89.68 9.95
C TYR B 217 112.45 -88.88 9.81
N ALA B 218 112.73 -88.45 8.59
CA ALA B 218 113.93 -87.66 8.31
C ALA B 218 113.56 -86.36 7.61
N ALA B 223 119.96 -85.02 9.90
CA ALA B 223 119.65 -85.73 11.14
C ALA B 223 118.23 -86.31 11.08
N ALA B 224 118.05 -87.45 11.75
CA ALA B 224 116.75 -88.11 11.79
C ALA B 224 115.95 -87.66 13.00
N SER B 225 114.63 -87.69 12.85
CA SER B 225 113.74 -87.36 13.96
C SER B 225 113.80 -88.43 15.04
N SER B 226 113.52 -88.03 16.27
CA SER B 226 113.59 -88.92 17.42
C SER B 226 112.23 -89.27 18.00
N CYS B 227 111.14 -88.73 17.46
CA CYS B 227 109.83 -88.97 18.05
C CYS B 227 108.83 -89.47 17.03
N GLU B 228 108.90 -88.99 15.79
CA GLU B 228 107.90 -89.28 14.78
C GLU B 228 108.45 -90.22 13.72
N LYS B 229 107.57 -91.03 13.17
CA LYS B 229 107.89 -92.02 12.15
C LYS B 229 107.21 -91.67 10.83
N TRP B 230 107.67 -92.34 9.77
CA TRP B 230 107.07 -92.16 8.46
C TRP B 230 105.59 -92.50 8.47
N GLU B 231 105.19 -93.51 9.26
CA GLU B 231 103.78 -93.85 9.37
C GLU B 231 102.97 -92.70 9.95
N ASP B 232 103.49 -92.07 11.01
CA ASP B 232 102.80 -90.93 11.60
C ASP B 232 102.72 -89.76 10.63
N VAL B 233 103.81 -89.50 9.89
CA VAL B 233 103.80 -88.43 8.92
C VAL B 233 102.76 -88.70 7.84
N LEU B 234 102.68 -89.95 7.36
CA LEU B 234 101.69 -90.31 6.35
C LEU B 234 100.27 -90.15 6.88
N ILE B 235 100.04 -90.56 8.13
CA ILE B 235 98.70 -90.41 8.73
C ILE B 235 98.31 -88.94 8.81
N GLN B 236 99.25 -88.09 9.23
CA GLN B 236 98.96 -86.65 9.29
C GLN B 236 98.67 -86.09 7.91
N THR B 237 99.46 -86.50 6.90
CA THR B 237 99.25 -86.00 5.55
C THR B 237 97.88 -86.41 5.01
N ILE B 238 97.47 -87.65 5.26
CA ILE B 238 96.17 -88.10 4.79
C ILE B 238 95.04 -87.40 5.56
N LYS B 239 95.25 -87.15 6.86
CA LYS B 239 94.27 -86.40 7.62
C LYS B 239 94.10 -84.99 7.08
N ALA B 240 95.19 -84.41 6.57
CA ALA B 240 95.11 -83.08 5.99
C ALA B 240 94.10 -83.00 4.84
N ILE B 241 93.88 -84.12 4.13
CA ILE B 241 92.92 -84.12 3.04
C ILE B 241 91.57 -84.72 3.43
N ASN B 242 91.52 -85.57 4.45
CA ASN B 242 90.23 -86.16 4.85
C ASN B 242 89.60 -85.41 6.03
N ASN B 243 90.14 -84.26 6.40
CA ASN B 243 89.56 -83.39 7.43
C ASN B 243 89.63 -84.04 8.81
N ARG B 244 90.82 -84.55 9.14
CA ARG B 244 91.11 -85.11 10.47
C ARG B 244 90.16 -86.24 10.82
N GLU B 245 89.82 -87.07 9.85
CA GLU B 245 89.02 -88.26 10.09
C GLU B 245 89.94 -89.45 10.31
N ASP B 246 89.34 -90.60 10.63
CA ASP B 246 90.12 -91.79 10.93
C ASP B 246 90.84 -92.29 9.68
N VAL B 247 92.09 -92.73 9.88
CA VAL B 247 92.89 -93.34 8.82
C VAL B 247 93.29 -94.72 9.30
N TYR B 248 92.98 -95.74 8.49
CA TYR B 248 93.28 -97.13 8.83
C TYR B 248 94.36 -97.65 7.92
N ILE B 249 95.27 -98.45 8.48
CA ILE B 249 96.41 -99.01 7.76
C ILE B 249 96.34 -100.53 7.85
N GLU B 250 96.52 -101.18 6.70
CA GLU B 250 96.48 -102.63 6.62
C GLU B 250 97.67 -103.12 5.81
N THR B 251 98.15 -104.31 6.18
CA THR B 251 99.21 -104.99 5.45
C THR B 251 98.64 -106.25 4.81
N SER B 252 98.86 -106.41 3.51
CA SER B 252 98.32 -107.54 2.77
C SER B 252 99.45 -108.24 2.02
N ASN B 253 99.55 -109.55 2.21
CA ASN B 253 100.56 -110.33 1.49
C ASN B 253 100.25 -110.44 0.00
N LEU B 254 99.01 -110.13 -0.41
CA LEU B 254 98.66 -110.19 -1.82
C LEU B 254 99.34 -109.08 -2.62
N LEU B 255 99.55 -107.92 -2.00
CA LEU B 255 100.19 -106.81 -2.68
C LEU B 255 101.70 -107.03 -2.77
N LYS B 256 102.31 -106.39 -3.78
CA LYS B 256 103.74 -106.49 -4.01
C LYS B 256 104.26 -105.13 -4.48
N HIS B 257 104.88 -104.38 -3.57
CA HIS B 257 105.46 -103.08 -3.87
C HIS B 257 104.40 -102.12 -4.43
N LYS B 258 103.20 -102.19 -3.87
CA LYS B 258 102.10 -101.32 -4.27
C LYS B 258 101.39 -100.81 -3.03
N ILE B 259 100.99 -99.54 -3.06
CA ILE B 259 100.28 -98.88 -1.98
C ILE B 259 98.94 -98.39 -2.50
N LEU B 260 97.87 -98.76 -1.82
CA LEU B 260 96.51 -98.40 -2.22
C LEU B 260 95.91 -97.48 -1.18
N ILE B 261 95.45 -96.31 -1.61
CA ILE B 261 94.81 -95.35 -0.72
C ILE B 261 93.45 -94.98 -1.29
N TYR B 262 92.40 -95.11 -0.47
CA TYR B 262 91.06 -94.81 -0.95
C TYR B 262 90.14 -94.52 0.23
N PRO B 263 89.08 -93.74 0.02
CA PRO B 263 88.16 -93.43 1.12
C PRO B 263 87.16 -94.54 1.36
N LEU B 264 86.73 -94.64 2.62
CA LEU B 264 85.70 -95.60 3.02
C LEU B 264 84.31 -94.98 3.02
N ASN B 265 83.93 -94.39 1.89
CA ASN B 265 82.64 -93.72 1.75
C ASN B 265 81.81 -94.43 0.70
N SER B 266 80.56 -94.75 1.06
CA SER B 266 79.68 -95.46 0.15
C SER B 266 79.26 -94.60 -1.04
N GLU B 267 79.35 -93.27 -0.92
CA GLU B 267 78.95 -92.41 -2.02
C GLU B 267 79.97 -92.42 -3.15
N LEU B 268 81.24 -92.66 -2.82
CA LEU B 268 82.32 -92.67 -3.81
C LEU B 268 82.64 -94.07 -4.32
N ILE B 269 82.81 -95.02 -3.41
CA ILE B 269 83.13 -96.41 -3.77
C ILE B 269 82.09 -97.31 -3.12
N LYS B 270 81.48 -98.18 -3.92
CA LYS B 270 80.45 -99.09 -3.42
C LYS B 270 80.67 -100.48 -3.99
N PHE B 271 80.43 -101.50 -3.15
CA PHE B 271 80.56 -102.89 -3.55
C PHE B 271 79.17 -103.49 -3.51
N LYS B 272 78.64 -103.83 -4.68
CA LYS B 272 77.32 -104.43 -4.80
C LYS B 272 77.46 -105.87 -5.30
N PRO B 273 77.97 -106.79 -4.48
CA PRO B 273 78.17 -108.16 -4.94
C PRO B 273 76.86 -108.91 -5.00
N SER B 274 76.88 -109.98 -5.79
CA SER B 274 75.75 -110.89 -5.83
C SER B 274 75.58 -111.58 -4.47
N LYS B 275 74.33 -111.85 -4.10
CA LYS B 275 74.09 -112.57 -2.87
C LYS B 275 74.58 -114.02 -2.93
N TYR B 276 74.93 -114.50 -4.12
CA TYR B 276 75.50 -115.82 -4.31
C TYR B 276 76.99 -115.75 -4.65
N MET B 277 77.66 -114.67 -4.26
CA MET B 277 79.07 -114.50 -4.59
C MET B 277 79.92 -115.57 -3.90
N LEU B 278 79.67 -115.84 -2.64
CA LEU B 278 80.48 -116.79 -1.90
C LEU B 278 80.16 -118.21 -2.34
N PRO B 279 81.08 -119.16 -2.12
CA PRO B 279 80.89 -120.51 -2.64
C PRO B 279 79.60 -121.15 -2.17
N THR B 280 78.94 -121.85 -3.08
CA THR B 280 77.67 -122.50 -2.80
C THR B 280 77.70 -123.90 -3.43
N PRO B 281 77.30 -124.93 -2.70
CA PRO B 281 77.28 -126.28 -3.30
C PRO B 281 76.24 -126.40 -4.39
N ASN B 282 76.50 -127.32 -5.31
CA ASN B 282 75.56 -127.61 -6.39
C ASN B 282 74.85 -128.93 -6.12
N GLU B 283 73.63 -129.05 -6.63
CA GLU B 283 72.82 -130.24 -6.37
C GLU B 283 73.37 -131.46 -7.09
N GLN B 284 73.96 -131.28 -8.28
CA GLN B 284 74.41 -132.41 -9.07
C GLN B 284 75.61 -133.08 -8.43
N VAL B 285 75.55 -134.40 -8.28
CA VAL B 285 76.64 -135.20 -7.73
C VAL B 285 76.87 -136.38 -8.66
N ASP B 286 78.12 -136.57 -9.09
CA ASP B 286 78.48 -137.68 -9.95
C ASP B 286 78.78 -138.92 -9.10
N LYS B 287 78.13 -140.03 -9.44
CA LYS B 287 78.33 -141.28 -8.73
C LYS B 287 78.48 -142.42 -9.74
N ASP B 288 79.45 -143.30 -9.48
CA ASP B 288 79.66 -144.48 -10.31
C ASP B 288 79.62 -145.73 -9.45
N SER B 289 80.00 -146.87 -10.02
CA SER B 289 80.08 -148.10 -9.24
C SER B 289 81.27 -148.13 -8.31
N THR B 290 82.22 -147.21 -8.46
CA THR B 290 83.40 -147.15 -7.61
C THR B 290 83.10 -146.29 -6.38
N ASP B 291 84.14 -145.98 -5.61
CA ASP B 291 84.00 -145.19 -4.40
C ASP B 291 84.25 -143.70 -4.62
N VAL B 292 84.59 -143.29 -5.83
CA VAL B 292 84.90 -141.90 -6.13
C VAL B 292 83.64 -141.18 -6.57
N ALA B 293 83.35 -140.05 -5.95
CA ALA B 293 82.24 -139.18 -6.33
C ALA B 293 82.78 -137.80 -6.63
N HIS B 294 81.97 -137.00 -7.34
CA HIS B 294 82.36 -135.65 -7.70
C HIS B 294 81.29 -134.67 -7.26
N SER B 295 81.73 -133.46 -6.88
CA SER B 295 80.83 -132.42 -6.43
C SER B 295 81.22 -131.11 -7.09
N TYR B 296 80.27 -130.17 -7.13
CA TYR B 296 80.46 -128.89 -7.80
C TYR B 296 80.16 -127.74 -6.86
N ILE B 297 80.92 -126.67 -7.02
CA ILE B 297 80.76 -125.45 -6.23
C ILE B 297 80.63 -124.26 -7.18
N ASP B 298 79.65 -123.41 -6.94
CA ASP B 298 79.38 -122.24 -7.76
C ASP B 298 79.72 -120.97 -7.00
N PHE B 299 80.19 -119.96 -7.74
CA PHE B 299 80.46 -118.66 -7.14
C PHE B 299 80.36 -117.59 -8.22
N VAL B 300 80.08 -116.36 -7.78
CA VAL B 300 79.79 -115.25 -8.68
C VAL B 300 80.84 -114.16 -8.49
N LEU B 301 81.31 -113.59 -9.60
CA LEU B 301 82.31 -112.54 -9.60
C LEU B 301 81.75 -111.27 -10.22
N GLY B 302 82.17 -110.13 -9.69
CA GLY B 302 81.79 -108.83 -10.23
C GLY B 302 81.05 -107.95 -9.24
N GLY B 303 81.01 -106.65 -9.49
CA GLY B 303 80.21 -105.76 -8.66
C GLY B 303 80.94 -104.68 -7.88
N LEU B 304 82.03 -104.15 -8.41
CA LEU B 304 82.75 -103.07 -7.76
C LEU B 304 82.55 -101.78 -8.56
N LEU B 305 82.06 -100.73 -7.89
CA LEU B 305 81.80 -99.45 -8.52
C LEU B 305 82.57 -98.37 -7.79
N ALA B 306 83.21 -97.47 -8.55
CA ALA B 306 84.01 -96.42 -7.96
C ALA B 306 83.94 -95.17 -8.82
N THR B 307 83.91 -94.01 -8.17
CA THR B 307 83.95 -92.75 -8.88
C THR B 307 85.36 -92.50 -9.41
N ARG B 308 85.45 -91.61 -10.40
CA ARG B 308 86.73 -91.33 -11.04
C ARG B 308 87.62 -90.49 -10.12
N LYS B 309 88.92 -90.78 -10.19
CA LYS B 309 89.95 -90.03 -9.46
C LYS B 309 89.68 -90.01 -7.96
N THR B 310 89.38 -91.18 -7.40
CA THR B 310 89.21 -91.34 -5.96
C THR B 310 90.06 -92.46 -5.38
N ILE B 311 90.96 -93.04 -6.18
CA ILE B 311 91.84 -94.11 -5.73
C ILE B 311 93.27 -93.75 -6.11
N LEU B 312 94.18 -93.83 -5.15
CA LEU B 312 95.59 -93.59 -5.38
C LEU B 312 96.33 -94.92 -5.35
N GLN B 313 97.07 -95.21 -6.42
CA GLN B 313 97.80 -96.46 -6.58
C GLN B 313 99.26 -96.10 -6.82
N VAL B 314 100.12 -96.40 -5.85
CA VAL B 314 101.55 -96.09 -5.93
C VAL B 314 102.28 -97.41 -6.15
N ASN B 315 102.95 -97.53 -7.30
CA ASN B 315 103.71 -98.72 -7.65
C ASN B 315 105.19 -98.40 -7.63
N ILE B 316 105.96 -99.20 -6.89
CA ILE B 316 107.40 -99.00 -6.77
C ILE B 316 108.08 -99.95 -7.74
N LYS B 317 108.71 -99.39 -8.78
CA LYS B 317 109.36 -100.24 -9.79
C LYS B 317 110.55 -100.96 -9.17
N GLN B 318 110.66 -102.26 -9.44
CA GLN B 318 111.70 -103.10 -8.88
C GLN B 318 112.84 -103.35 -9.85
N SER B 319 112.88 -102.65 -10.98
CA SER B 319 113.92 -102.87 -11.98
C SER B 319 115.30 -102.48 -11.47
N SER C 55 79.94 -147.64 -19.55
CA SER C 55 78.70 -146.90 -19.35
C SER C 55 78.80 -145.51 -19.97
N LYS C 56 79.97 -145.18 -20.49
CA LYS C 56 80.22 -143.88 -21.12
C LYS C 56 80.41 -143.98 -22.62
N ASP C 57 80.05 -145.11 -23.23
CA ASP C 57 80.20 -145.28 -24.66
C ASP C 57 78.99 -144.70 -25.38
N LYS C 58 79.24 -143.92 -26.44
CA LYS C 58 78.19 -143.33 -27.24
C LYS C 58 77.76 -144.32 -28.30
N ILE C 59 76.45 -144.58 -28.37
CA ILE C 59 75.91 -145.64 -29.21
C ILE C 59 74.83 -145.05 -30.12
N GLU C 60 74.77 -145.54 -31.36
CA GLU C 60 73.74 -145.15 -32.31
C GLU C 60 73.04 -146.40 -32.82
N ASN C 61 71.90 -146.19 -33.47
CA ASN C 61 71.22 -147.27 -34.18
C ASN C 61 70.82 -146.77 -35.56
N TYR C 62 70.87 -147.66 -36.54
CA TYR C 62 70.63 -147.29 -37.93
C TYR C 62 69.82 -148.37 -38.61
N PRO C 63 69.13 -148.04 -39.70
CA PRO C 63 68.61 -149.09 -40.58
C PRO C 63 69.75 -149.91 -41.16
N ALA C 64 69.53 -151.21 -41.27
CA ALA C 64 70.56 -152.15 -41.66
C ALA C 64 70.36 -152.60 -43.10
N LYS C 65 71.43 -152.56 -43.88
CA LYS C 65 71.46 -153.11 -45.24
C LYS C 65 72.30 -154.38 -45.22
N GLY C 66 71.74 -155.47 -45.73
CA GLY C 66 72.41 -156.75 -45.62
C GLY C 66 72.43 -157.23 -44.18
N TYR C 67 73.51 -157.88 -43.80
CA TYR C 67 73.68 -158.40 -42.43
C TYR C 67 75.08 -158.04 -41.95
N PRO C 68 75.27 -156.83 -41.45
CA PRO C 68 76.62 -156.38 -41.07
C PRO C 68 77.01 -156.76 -39.64
N TYR C 69 76.33 -157.76 -39.08
CA TYR C 69 76.56 -158.18 -37.70
C TYR C 69 78.04 -158.42 -37.42
N LYS C 70 78.53 -157.79 -36.35
CA LYS C 70 79.91 -157.93 -35.90
C LYS C 70 80.92 -157.61 -37.01
N ARG C 71 80.64 -156.54 -37.74
CA ARG C 71 81.50 -156.09 -38.82
C ARG C 71 81.54 -154.57 -38.84
N GLY C 72 82.60 -154.02 -39.41
CA GLY C 72 82.68 -152.59 -39.60
C GLY C 72 81.66 -152.12 -40.62
N VAL C 73 81.10 -150.94 -40.38
CA VAL C 73 80.00 -150.45 -41.19
C VAL C 73 80.40 -149.12 -41.84
N LYS C 74 79.71 -148.83 -42.95
CA LYS C 74 79.88 -147.58 -43.68
C LYS C 74 78.50 -147.06 -44.06
N LEU C 75 78.41 -145.75 -44.23
CA LEU C 75 77.15 -145.10 -44.57
C LEU C 75 76.81 -145.35 -46.03
N SER C 76 75.58 -145.80 -46.27
CA SER C 76 75.06 -146.04 -47.61
C SER C 76 73.86 -145.13 -47.84
N PHE C 77 73.84 -144.48 -49.00
CA PHE C 77 72.81 -143.51 -49.35
C PHE C 77 72.02 -144.04 -50.53
N GLY C 78 70.70 -143.99 -50.42
CA GLY C 78 69.82 -144.40 -51.50
C GLY C 78 69.52 -143.27 -52.46
N ASP C 79 68.36 -143.38 -53.13
CA ASP C 79 67.96 -142.34 -54.07
C ASP C 79 67.54 -141.07 -53.34
N GLY C 80 67.08 -141.19 -52.10
CA GLY C 80 66.61 -140.05 -51.34
C GLY C 80 65.23 -140.27 -50.77
N THR C 81 64.52 -141.26 -51.32
CA THR C 81 63.17 -141.56 -50.83
C THR C 81 63.21 -142.04 -49.38
N THR C 82 64.19 -142.87 -49.03
CA THR C 82 64.37 -143.37 -47.68
C THR C 82 65.64 -142.79 -47.07
N GLU C 83 65.73 -142.88 -45.75
CA GLU C 83 66.87 -142.34 -45.03
C GLU C 83 68.12 -143.18 -45.29
N LEU C 84 69.28 -142.58 -44.98
CA LEU C 84 70.54 -143.29 -45.13
C LEU C 84 70.62 -144.45 -44.15
N GLU C 85 71.38 -145.47 -44.54
CA GLU C 85 71.51 -146.68 -43.74
C GLU C 85 72.98 -147.03 -43.60
N VAL C 86 73.25 -148.18 -42.97
CA VAL C 86 74.61 -148.66 -42.78
C VAL C 86 74.75 -150.03 -43.44
N GLU C 87 75.89 -150.26 -44.09
CA GLU C 87 76.17 -151.55 -44.70
C GLU C 87 77.59 -151.96 -44.38
N ALA C 88 77.84 -153.26 -44.41
CA ALA C 88 79.17 -153.78 -44.10
C ALA C 88 80.21 -153.20 -45.06
N GLY C 89 81.33 -152.76 -44.52
CA GLY C 89 82.37 -152.15 -45.33
C GLY C 89 83.49 -151.65 -44.45
N GLY C 90 84.43 -150.97 -45.10
CA GLY C 90 85.58 -150.44 -44.38
C GLY C 90 86.50 -149.68 -45.31
N GLY C 91 87.72 -149.46 -44.84
CA GLY C 91 88.69 -148.72 -45.63
C GLY C 91 88.56 -147.24 -45.40
N ASP C 92 88.60 -146.46 -46.49
CA ASP C 92 88.47 -145.02 -46.37
C ASP C 92 87.09 -144.58 -45.93
N ASP C 93 86.08 -145.45 -46.06
CA ASP C 93 84.71 -145.11 -45.73
C ASP C 93 84.24 -145.70 -44.41
N LEU C 94 85.16 -146.21 -43.59
CA LEU C 94 84.77 -146.82 -42.33
C LEU C 94 84.16 -145.78 -41.40
N TYR C 95 82.94 -146.03 -40.95
CA TYR C 95 82.23 -145.11 -40.06
C TYR C 95 82.11 -145.61 -38.64
N GLY C 96 82.01 -146.93 -38.45
CA GLY C 96 81.86 -147.47 -37.10
C GLY C 96 81.92 -148.97 -37.13
N VAL C 97 81.55 -149.57 -36.00
CA VAL C 97 81.56 -151.02 -35.82
C VAL C 97 80.18 -151.44 -35.37
N CYS C 98 79.56 -152.36 -36.10
CA CYS C 98 78.25 -152.89 -35.75
C CYS C 98 78.43 -153.95 -34.68
N SER C 99 78.03 -153.64 -33.45
CA SER C 99 78.21 -154.54 -32.32
C SER C 99 77.01 -155.42 -32.04
N ASP C 100 75.85 -155.10 -32.60
CA ASP C 100 74.65 -155.89 -32.36
C ASP C 100 73.62 -155.58 -33.44
N ILE C 101 72.62 -156.43 -33.53
CA ILE C 101 71.54 -156.25 -34.49
C ILE C 101 70.25 -156.75 -33.85
N ASP C 102 69.15 -156.05 -34.15
CA ASP C 102 67.81 -156.45 -33.76
C ASP C 102 67.06 -156.79 -35.03
N GLU C 103 66.73 -158.07 -35.20
CA GLU C 103 66.15 -158.56 -36.44
C GLU C 103 64.68 -158.21 -36.59
N PHE C 104 63.95 -158.07 -35.48
CA PHE C 104 62.54 -157.73 -35.56
C PHE C 104 62.35 -156.37 -36.24
N SER C 105 63.05 -155.35 -35.77
CA SER C 105 62.99 -154.02 -36.36
C SER C 105 64.04 -153.79 -37.42
N GLY C 106 64.94 -154.75 -37.65
CA GLY C 106 65.99 -154.58 -38.64
C GLY C 106 66.92 -153.43 -38.33
N MET C 107 67.31 -153.28 -37.08
CA MET C 107 68.11 -152.14 -36.63
C MET C 107 69.51 -152.60 -36.24
N ALA C 108 70.52 -151.96 -36.81
CA ALA C 108 71.92 -152.27 -36.53
C ALA C 108 72.45 -151.27 -35.50
N THR C 109 72.99 -151.80 -34.40
CA THR C 109 73.63 -150.98 -33.39
C THR C 109 75.05 -150.65 -33.82
N VAL C 110 75.42 -149.37 -33.75
CA VAL C 110 76.69 -148.89 -34.27
C VAL C 110 77.41 -148.13 -33.18
N ILE C 111 78.71 -148.41 -33.03
CA ILE C 111 79.62 -147.65 -32.18
C ILE C 111 80.52 -146.82 -33.08
N PRO C 112 80.47 -145.50 -33.01
CA PRO C 112 81.27 -144.68 -33.92
C PRO C 112 82.76 -144.92 -33.74
N ILE C 113 83.51 -144.73 -34.84
CA ILE C 113 84.94 -145.00 -34.82
C ILE C 113 85.65 -144.06 -33.85
N THR C 114 85.09 -142.88 -33.61
CA THR C 114 85.68 -141.96 -32.63
C THR C 114 85.57 -142.47 -31.21
N ASN C 115 84.79 -143.52 -30.96
CA ASN C 115 84.67 -144.15 -29.65
C ASN C 115 85.35 -145.51 -29.70
N ASN C 116 86.20 -145.79 -28.71
CA ASN C 116 86.93 -147.05 -28.68
C ASN C 116 85.99 -148.21 -28.42
N PHE C 117 86.35 -149.38 -28.99
CA PHE C 117 85.53 -150.57 -28.84
C PHE C 117 86.43 -151.79 -28.71
N THR C 118 86.16 -152.63 -27.70
CA THR C 118 86.92 -153.86 -27.48
C THR C 118 85.93 -155.01 -27.43
N GLY C 119 86.08 -155.95 -28.35
CA GLY C 119 85.15 -157.06 -28.40
C GLY C 119 85.50 -158.02 -29.51
N TYR C 120 84.63 -159.02 -29.69
CA TYR C 120 84.84 -160.05 -30.69
C TYR C 120 84.28 -159.60 -32.03
N LEU C 121 85.11 -159.68 -33.07
CA LEU C 121 84.74 -159.22 -34.40
C LEU C 121 85.14 -160.28 -35.43
N THR C 122 84.45 -160.24 -36.57
CA THR C 122 84.70 -161.18 -37.65
C THR C 122 86.07 -160.94 -38.27
N LEU C 123 86.77 -162.02 -38.60
CA LEU C 123 88.11 -161.98 -39.15
C LEU C 123 88.11 -162.60 -40.55
N LYS C 124 88.94 -162.05 -41.43
CA LYS C 124 89.01 -162.54 -42.80
C LYS C 124 89.51 -163.97 -42.84
N LYS C 125 88.95 -164.76 -43.75
CA LYS C 125 89.34 -166.15 -43.91
C LYS C 125 90.47 -166.30 -44.92
N VAL C 131 96.83 -165.58 -37.50
CA VAL C 131 96.71 -164.37 -36.70
C VAL C 131 97.09 -164.65 -35.25
N ASN C 132 97.97 -163.82 -34.71
CA ASN C 132 98.49 -163.96 -33.36
C ASN C 132 98.28 -162.67 -32.60
N PRO C 133 98.22 -162.72 -31.27
CA PRO C 133 98.02 -161.49 -30.49
C PRO C 133 99.15 -160.49 -30.74
N GLY C 134 98.77 -159.21 -30.75
CA GLY C 134 99.71 -158.14 -31.03
C GLY C 134 99.80 -157.74 -32.48
N ASP C 135 99.13 -158.46 -33.39
CA ASP C 135 99.17 -158.12 -34.80
C ASP C 135 98.24 -156.97 -35.11
N LYS C 136 98.73 -156.03 -35.92
CA LYS C 136 97.91 -154.89 -36.33
C LYS C 136 96.91 -155.33 -37.38
N LEU C 137 95.70 -154.76 -37.31
CA LEU C 137 94.60 -155.18 -38.15
C LEU C 137 94.00 -153.98 -38.88
N ASN C 138 93.34 -154.27 -40.00
CA ASN C 138 92.61 -153.27 -40.77
C ASN C 138 91.33 -153.90 -41.29
N PHE C 139 90.36 -153.04 -41.61
CA PHE C 139 89.05 -153.48 -42.07
C PHE C 139 89.02 -153.53 -43.59
N ASN C 140 88.46 -154.61 -44.13
CA ASN C 140 88.42 -154.81 -45.57
C ASN C 140 87.11 -154.30 -46.15
N GLN C 141 86.91 -154.54 -47.45
CA GLN C 141 85.71 -154.07 -48.14
C GLN C 141 84.46 -154.78 -47.66
N HIS C 142 84.59 -155.97 -47.07
CA HIS C 142 83.45 -156.71 -46.54
C HIS C 142 83.28 -156.51 -45.04
N GLY C 143 84.00 -155.58 -44.43
CA GLY C 143 83.87 -155.31 -43.02
C GLY C 143 84.58 -156.27 -42.11
N GLU C 144 85.41 -157.17 -42.64
CA GLU C 144 86.15 -158.14 -41.84
C GLU C 144 87.54 -157.62 -41.52
N LEU C 145 88.08 -158.13 -40.42
CA LEU C 145 89.43 -157.76 -39.99
C LEU C 145 90.46 -158.60 -40.73
N GLU C 146 91.59 -157.96 -41.06
CA GLU C 146 92.66 -158.65 -41.77
C GLU C 146 93.99 -158.10 -41.29
N LYS C 147 95.04 -158.91 -41.43
CA LYS C 147 96.38 -158.48 -41.04
C LYS C 147 96.89 -157.42 -42.01
N VAL C 148 97.63 -156.45 -41.48
CA VAL C 148 98.15 -155.36 -42.28
C VAL C 148 99.18 -155.87 -43.29
N LYS C 153 96.39 -149.64 -41.58
CA LYS C 153 96.97 -148.64 -42.47
C LYS C 153 96.39 -147.26 -42.18
N SER C 154 95.13 -147.23 -41.76
CA SER C 154 94.45 -145.99 -41.41
C SER C 154 93.63 -146.07 -40.13
N VAL C 155 93.47 -147.25 -39.53
CA VAL C 155 92.64 -147.43 -38.35
C VAL C 155 93.45 -148.21 -37.32
N ASN C 156 93.47 -147.70 -36.08
CA ASN C 156 94.15 -148.39 -34.98
C ASN C 156 93.29 -149.54 -34.51
N ALA C 157 93.74 -150.77 -34.76
CA ALA C 157 93.03 -151.97 -34.34
C ALA C 157 94.05 -153.06 -34.05
N ILE C 158 94.00 -153.60 -32.84
CA ILE C 158 94.97 -154.59 -32.38
C ILE C 158 94.22 -155.83 -31.93
N ALA C 159 94.66 -157.00 -32.42
CA ALA C 159 94.10 -158.27 -32.02
C ALA C 159 94.70 -158.71 -30.68
N LEU C 160 93.84 -159.07 -29.73
CA LEU C 160 94.27 -159.47 -28.40
C LEU C 160 94.25 -160.98 -28.21
N SER C 161 93.96 -161.75 -29.25
CA SER C 161 93.88 -163.20 -29.14
C SER C 161 94.04 -163.81 -30.54
N LYS C 162 93.89 -165.12 -30.63
CA LYS C 162 93.98 -165.84 -31.90
C LYS C 162 92.59 -166.12 -32.45
N ALA C 163 92.56 -166.52 -33.72
CA ALA C 163 91.30 -166.76 -34.40
C ALA C 163 90.58 -167.97 -33.82
N HIS C 164 89.26 -167.85 -33.66
CA HIS C 164 88.42 -168.94 -33.21
C HIS C 164 87.41 -169.26 -34.30
N LYS C 165 87.33 -170.53 -34.69
CA LYS C 165 86.47 -170.96 -35.77
C LYS C 165 85.11 -171.38 -35.22
N LEU C 166 84.04 -170.77 -35.74
CA LEU C 166 82.69 -171.19 -35.41
C LEU C 166 81.98 -171.88 -36.58
N THR C 167 82.44 -171.65 -37.81
CA THR C 167 81.88 -172.26 -39.00
C THR C 167 83.01 -172.33 -40.01
N GLU C 168 82.81 -173.11 -41.08
CA GLU C 168 83.84 -173.29 -42.08
C GLU C 168 84.28 -171.97 -42.72
N ASP C 169 83.44 -170.94 -42.66
CA ASP C 169 83.80 -169.62 -43.14
C ASP C 169 83.69 -168.53 -42.08
N LEU C 170 83.32 -168.89 -40.84
CA LEU C 170 83.14 -167.91 -39.77
C LEU C 170 84.29 -168.04 -38.78
N PHE C 171 85.13 -167.01 -38.73
CA PHE C 171 86.21 -166.89 -37.75
C PHE C 171 86.04 -165.59 -36.99
N ILE C 172 86.21 -165.66 -35.67
CA ILE C 172 86.08 -164.50 -34.81
C ILE C 172 87.42 -164.26 -34.11
N VAL C 173 87.63 -163.02 -33.68
CA VAL C 173 88.85 -162.64 -32.98
C VAL C 173 88.52 -161.49 -32.04
N LEU C 174 89.10 -161.55 -30.84
CA LEU C 174 88.99 -160.43 -29.91
C LEU C 174 89.91 -159.31 -30.37
N ALA C 175 89.35 -158.12 -30.57
CA ALA C 175 90.13 -157.00 -31.07
C ALA C 175 89.73 -155.73 -30.33
N SER C 176 90.67 -154.80 -30.25
CA SER C 176 90.45 -153.48 -29.68
C SER C 176 90.72 -152.45 -30.78
N VAL C 177 89.71 -151.66 -31.10
CA VAL C 177 89.79 -150.60 -32.11
C VAL C 177 89.66 -149.26 -31.42
N PHE C 178 90.62 -148.37 -31.68
CA PHE C 178 90.68 -147.09 -30.97
C PHE C 178 91.10 -145.99 -31.95
N GLY C 179 90.12 -145.27 -32.47
CA GLY C 179 90.38 -144.11 -33.28
C GLY C 179 90.96 -144.43 -34.66
N ASN C 180 91.46 -143.38 -35.29
CA ASN C 180 92.06 -143.47 -36.62
C ASN C 180 93.56 -143.21 -36.53
N ARG C 181 94.32 -143.99 -37.28
CA ARG C 181 95.76 -143.78 -37.34
C ARG C 181 96.07 -142.63 -38.31
N ALA C 182 97.24 -142.04 -38.13
CA ALA C 182 97.67 -140.88 -38.91
C ALA C 182 98.72 -141.32 -39.92
N ILE C 183 98.49 -140.98 -41.19
CA ILE C 183 99.40 -141.31 -42.29
C ILE C 183 99.67 -142.80 -42.35
N MET D 22 72.54 -112.28 -35.99
CA MET D 22 73.38 -112.97 -35.02
C MET D 22 73.02 -114.46 -34.95
N LYS D 23 73.05 -115.01 -33.73
CA LYS D 23 72.65 -116.39 -33.55
C LYS D 23 71.18 -116.59 -33.89
N ASN D 24 70.32 -115.65 -33.49
CA ASN D 24 68.89 -115.71 -33.75
C ASN D 24 68.50 -114.56 -34.65
N PRO D 25 68.40 -114.75 -35.96
CA PRO D 25 68.01 -113.66 -36.86
C PRO D 25 66.52 -113.38 -36.89
N GLN D 26 65.71 -114.13 -36.15
CA GLN D 26 64.27 -113.94 -36.13
C GLN D 26 63.80 -112.91 -35.09
N HIS D 27 64.71 -112.36 -34.29
CA HIS D 27 64.32 -111.28 -33.38
C HIS D 27 63.90 -110.04 -34.16
N ASP D 28 64.53 -109.78 -35.30
CA ASP D 28 64.15 -108.65 -36.16
C ASP D 28 63.11 -109.12 -37.17
N ALA D 29 61.91 -109.40 -36.64
CA ALA D 29 60.82 -109.92 -37.44
C ALA D 29 59.72 -108.87 -37.57
N SER D 30 59.06 -108.88 -38.73
CA SER D 30 58.02 -107.89 -39.04
C SER D 30 56.61 -108.40 -38.79
N LEU D 31 56.41 -109.72 -38.77
CA LEU D 31 55.07 -110.27 -38.56
C LEU D 31 55.19 -111.62 -37.86
N LEU D 32 54.10 -112.02 -37.21
CA LEU D 32 54.06 -113.30 -36.53
C LEU D 32 54.11 -114.45 -37.53
N SER D 33 54.72 -115.55 -37.12
CA SER D 33 54.85 -116.72 -37.98
C SER D 33 53.68 -117.67 -37.77
N ASN D 34 53.35 -118.41 -38.83
CA ASN D 34 52.28 -119.40 -38.77
C ASN D 34 52.86 -120.73 -38.34
N SER D 35 52.37 -121.27 -37.23
CA SER D 35 52.90 -122.49 -36.64
C SER D 35 52.06 -123.71 -36.96
N ASN D 36 51.09 -123.60 -37.86
CA ASN D 36 50.24 -124.74 -38.21
C ASN D 36 51.06 -125.84 -38.89
N GLU D 37 51.92 -125.46 -39.83
CA GLU D 37 52.71 -126.46 -40.56
C GLU D 37 53.83 -127.00 -39.68
N PHE D 38 54.10 -128.30 -39.82
CA PHE D 38 55.12 -128.96 -39.04
C PHE D 38 56.29 -129.48 -39.87
N ARG D 39 56.32 -129.20 -41.17
CA ARG D 39 57.37 -129.68 -42.06
C ARG D 39 58.15 -128.50 -42.61
N ASP D 40 59.42 -128.77 -42.94
CA ASP D 40 60.36 -127.74 -43.40
C ASP D 40 60.41 -126.59 -42.40
N LYS D 41 60.81 -126.92 -41.18
CA LYS D 41 60.77 -126.00 -40.06
C LYS D 41 62.04 -126.01 -39.23
N ASN D 42 63.02 -126.85 -39.55
CA ASN D 42 64.20 -127.03 -38.73
C ASN D 42 65.47 -126.44 -39.30
N VAL D 43 65.56 -126.30 -40.63
CA VAL D 43 66.77 -125.80 -41.25
C VAL D 43 66.80 -124.29 -41.13
N GLU D 44 67.37 -123.79 -40.05
CA GLU D 44 67.45 -122.36 -39.78
C GLU D 44 68.73 -122.07 -39.01
N PHE D 45 69.16 -120.81 -39.06
CA PHE D 45 70.38 -120.42 -38.36
C PHE D 45 70.21 -120.49 -36.85
N PHE D 46 68.99 -120.32 -36.34
CA PHE D 46 68.75 -120.30 -34.91
C PHE D 46 68.60 -121.70 -34.31
N ALA D 47 68.61 -122.75 -35.13
CA ALA D 47 68.52 -124.12 -34.65
C ALA D 47 69.89 -124.55 -34.13
N SER D 48 70.13 -124.28 -32.85
CA SER D 48 71.41 -124.61 -32.23
C SER D 48 71.45 -126.08 -31.85
N GLY D 49 72.57 -126.51 -31.30
CA GLY D 49 72.71 -127.89 -30.90
C GLY D 49 72.89 -128.82 -32.10
N GLY D 50 72.55 -130.08 -31.88
CA GLY D 50 72.65 -131.07 -32.92
C GLY D 50 71.34 -131.79 -33.19
N THR D 51 71.18 -132.33 -34.40
CA THR D 51 69.94 -133.04 -34.73
C THR D 51 69.75 -134.25 -33.85
N ARG D 52 70.80 -135.03 -33.63
CA ARG D 52 70.78 -136.17 -32.73
C ARG D 52 71.89 -136.00 -31.70
N THR D 53 71.52 -136.08 -30.43
CA THR D 53 72.43 -135.84 -29.33
C THR D 53 72.31 -136.95 -28.30
N SER D 54 73.44 -137.29 -27.68
CA SER D 54 73.50 -138.32 -26.65
C SER D 54 73.91 -137.69 -25.32
N LYS D 55 73.53 -138.35 -24.23
CA LYS D 55 73.90 -137.86 -22.91
C LYS D 55 75.41 -137.90 -22.71
N PHE D 56 76.07 -138.92 -23.25
CA PHE D 56 77.51 -139.09 -23.09
C PHE D 56 78.27 -138.38 -24.20
N ASP D 57 78.08 -137.06 -24.27
CA ASP D 57 78.73 -136.21 -25.23
C ASP D 57 79.57 -135.16 -24.50
N LYS D 58 80.77 -134.90 -25.00
CA LYS D 58 81.69 -133.97 -24.36
C LYS D 58 81.52 -132.58 -24.95
N LEU D 59 81.21 -131.61 -24.09
CA LEU D 59 81.01 -130.22 -24.49
C LEU D 59 81.92 -129.33 -23.66
N GLU D 60 82.65 -128.43 -24.32
CA GLU D 60 83.58 -127.54 -23.64
C GLU D 60 83.26 -126.09 -23.94
N ASN D 61 83.28 -125.24 -22.91
CA ASN D 61 83.04 -123.82 -23.09
C ASN D 61 84.36 -123.08 -23.18
N HIS D 62 84.50 -122.24 -24.20
CA HIS D 62 85.74 -121.51 -24.42
C HIS D 62 85.47 -120.05 -24.78
N PRO D 63 86.33 -119.13 -24.35
CA PRO D 63 86.25 -117.76 -24.86
C PRO D 63 86.55 -117.73 -26.35
N PHE D 64 85.80 -116.90 -27.08
CA PHE D 64 85.91 -116.85 -28.53
C PHE D 64 86.10 -115.43 -29.00
N LEU D 65 86.71 -115.30 -30.19
CA LEU D 65 86.87 -114.02 -30.86
C LEU D 65 86.36 -114.16 -32.29
N GLY D 66 85.50 -113.24 -32.71
CA GLY D 66 84.91 -113.31 -34.03
C GLY D 66 83.51 -113.89 -34.02
N TYR D 67 83.13 -114.59 -35.08
CA TYR D 67 81.81 -115.20 -35.21
C TYR D 67 81.98 -116.66 -35.60
N PRO D 68 82.29 -117.53 -34.64
CA PRO D 68 82.53 -118.94 -34.94
C PRO D 68 81.30 -119.84 -34.88
N TYR D 69 80.09 -119.26 -34.86
CA TYR D 69 78.88 -120.07 -34.72
C TYR D 69 78.72 -121.02 -35.90
N LYS D 70 78.43 -122.29 -35.59
CA LYS D 70 78.23 -123.33 -36.61
C LYS D 70 79.41 -123.41 -37.57
N ARG D 71 80.62 -123.30 -37.03
CA ARG D 71 81.84 -123.33 -37.82
C ARG D 71 82.93 -124.08 -37.06
N GLY D 72 83.89 -124.59 -37.82
CA GLY D 72 85.03 -125.24 -37.19
C GLY D 72 85.93 -124.22 -36.50
N VAL D 73 86.41 -124.58 -35.32
CA VAL D 73 87.17 -123.66 -34.49
C VAL D 73 88.57 -124.21 -34.25
N LYS D 74 89.50 -123.31 -33.99
CA LYS D 74 90.88 -123.64 -33.67
C LYS D 74 91.31 -122.83 -32.44
N ARG D 75 92.18 -123.44 -31.63
CA ARG D 75 92.73 -122.76 -30.47
C ARG D 75 93.90 -121.88 -30.89
N VAL D 76 93.95 -120.67 -30.34
CA VAL D 76 95.06 -119.74 -30.53
C VAL D 76 95.61 -119.42 -29.15
N ILE D 77 96.92 -119.64 -28.98
CA ILE D 77 97.61 -119.44 -27.71
C ILE D 77 98.52 -118.23 -27.87
N GLN D 78 98.40 -117.27 -26.95
CA GLN D 78 99.22 -116.07 -26.98
C GLN D 78 100.68 -116.40 -26.68
N HIS D 86 99.14 -111.65 -20.15
CA HIS D 86 98.94 -112.89 -20.90
C HIS D 86 97.62 -113.55 -20.50
N TYR D 87 96.82 -113.90 -21.50
CA TYR D 87 95.50 -114.47 -21.29
C TYR D 87 95.45 -115.93 -21.75
N GLU D 88 94.42 -116.64 -21.30
CA GLU D 88 94.24 -118.02 -21.67
C GLU D 88 93.93 -118.14 -23.17
N PRO D 89 94.24 -119.28 -23.78
CA PRO D 89 94.00 -119.43 -25.22
C PRO D 89 92.53 -119.25 -25.59
N HIS D 90 92.32 -118.71 -26.78
CA HIS D 90 90.97 -118.40 -27.27
C HIS D 90 90.70 -119.15 -28.57
N VAL D 91 89.44 -119.53 -28.78
CA VAL D 91 89.03 -120.25 -29.97
C VAL D 91 88.55 -119.27 -31.02
N GLU D 92 88.85 -119.55 -32.28
CA GLU D 92 88.40 -118.70 -33.38
C GLU D 92 88.18 -119.56 -34.61
N ALA D 93 87.41 -119.02 -35.55
CA ALA D 93 87.04 -119.77 -36.75
C ALA D 93 88.28 -120.15 -37.55
N GLY D 94 88.43 -121.45 -37.81
CA GLY D 94 89.58 -121.96 -38.53
C GLY D 94 89.38 -123.40 -38.89
N GLY D 95 90.32 -123.92 -39.68
CA GLY D 95 90.27 -125.31 -40.11
C GLY D 95 91.63 -125.91 -40.40
N GLY D 96 91.65 -126.96 -41.22
CA GLY D 96 92.92 -127.61 -41.55
C GLY D 96 93.48 -128.36 -40.37
N GLU D 97 94.82 -128.38 -40.28
CA GLU D 97 95.48 -129.03 -39.16
C GLU D 97 95.17 -128.33 -37.84
N ASP D 98 94.94 -127.01 -37.89
CA ASP D 98 94.65 -126.25 -36.68
C ASP D 98 93.30 -126.61 -36.07
N LEU D 99 92.45 -127.31 -36.81
CA LEU D 99 91.08 -127.59 -36.37
C LEU D 99 91.06 -128.27 -35.01
N TYR D 100 90.46 -127.60 -34.03
CA TYR D 100 90.34 -128.13 -32.68
C TYR D 100 88.95 -128.69 -32.38
N GLY D 101 87.91 -128.13 -32.96
CA GLY D 101 86.57 -128.61 -32.72
C GLY D 101 85.56 -127.88 -33.58
N ILE D 102 84.30 -128.02 -33.21
CA ILE D 102 83.19 -127.36 -33.91
C ILE D 102 82.33 -126.65 -32.88
N CYS D 103 81.99 -125.39 -33.16
CA CYS D 103 81.16 -124.58 -32.28
C CYS D 103 79.70 -124.81 -32.64
N ILE D 104 78.90 -125.22 -31.66
CA ILE D 104 77.49 -125.50 -31.88
C ILE D 104 76.56 -124.52 -31.17
N ASP D 105 77.09 -123.70 -30.26
CA ASP D 105 76.26 -122.74 -29.54
C ASP D 105 77.15 -121.61 -29.04
N ILE D 106 76.57 -120.43 -28.89
CA ILE D 106 77.30 -119.25 -28.43
C ILE D 106 76.45 -118.49 -27.43
N ASP D 107 77.05 -118.11 -26.31
CA ASP D 107 76.47 -117.17 -25.37
C ASP D 107 77.14 -115.82 -25.61
N GLU D 108 76.36 -114.86 -26.09
CA GLU D 108 76.91 -113.57 -26.50
C GLU D 108 77.30 -112.72 -25.29
N PHE D 109 76.48 -112.73 -24.24
CA PHE D 109 76.76 -111.90 -23.08
C PHE D 109 78.09 -112.29 -22.44
N SER D 110 78.31 -113.58 -22.24
CA SER D 110 79.58 -114.05 -21.68
C SER D 110 80.66 -114.18 -22.74
N LYS D 111 80.32 -113.98 -24.01
CA LYS D 111 81.26 -114.13 -25.12
C LYS D 111 81.93 -115.51 -25.07
N THR D 112 81.12 -116.54 -24.85
CA THR D 112 81.61 -117.90 -24.74
C THR D 112 80.99 -118.77 -25.83
N ALA D 113 81.67 -119.86 -26.15
CA ALA D 113 81.22 -120.79 -27.19
C ALA D 113 81.27 -122.21 -26.67
N THR D 114 80.21 -122.97 -26.96
CA THR D 114 80.17 -124.39 -26.67
C THR D 114 80.73 -125.14 -27.87
N ILE D 115 81.71 -126.01 -27.61
CA ILE D 115 82.49 -126.65 -28.65
C ILE D 115 82.49 -128.16 -28.41
N VAL D 116 82.29 -128.90 -29.49
CA VAL D 116 82.44 -130.36 -29.48
C VAL D 116 83.86 -130.68 -29.94
N PRO D 117 84.66 -131.36 -29.12
CA PRO D 117 86.02 -131.71 -29.55
C PRO D 117 85.99 -132.59 -30.79
N ILE D 118 87.04 -132.44 -31.61
CA ILE D 118 87.12 -133.20 -32.86
C ILE D 118 87.18 -134.71 -32.60
N THR D 119 87.51 -135.12 -31.38
CA THR D 119 87.52 -136.53 -31.00
C THR D 119 86.13 -137.07 -30.69
N ASN D 120 85.08 -136.30 -30.98
CA ASN D 120 83.70 -136.72 -30.75
C ASN D 120 82.89 -136.48 -32.01
N ASN D 121 82.04 -137.45 -32.35
CA ASN D 121 81.21 -137.33 -33.54
C ASN D 121 80.05 -136.38 -33.30
N PHE D 122 79.58 -135.76 -34.39
CA PHE D 122 78.54 -134.74 -34.31
C PHE D 122 77.71 -134.78 -35.58
N GLU D 123 76.39 -134.64 -35.43
CA GLU D 123 75.47 -134.56 -36.55
C GLU D 123 74.64 -133.29 -36.42
N GLY D 124 74.67 -132.45 -37.44
CA GLY D 124 73.92 -131.21 -37.41
C GLY D 124 74.20 -130.40 -38.66
N TYR D 125 73.58 -129.22 -38.71
CA TYR D 125 73.73 -128.31 -39.83
C TYR D 125 74.90 -127.39 -39.58
N LEU D 126 75.84 -127.35 -40.52
CA LEU D 126 77.04 -126.52 -40.41
C LEU D 126 77.16 -125.64 -41.64
N VAL D 127 77.92 -124.55 -41.48
CA VAL D 127 78.12 -123.60 -42.57
C VAL D 127 78.95 -124.24 -43.67
N ALA D 128 78.52 -124.04 -44.92
CA ALA D 128 79.21 -124.54 -46.09
C ALA D 128 79.74 -123.38 -46.92
N LYS D 129 80.83 -123.64 -47.65
CA LYS D 129 81.48 -122.59 -48.43
C LYS D 129 80.55 -122.07 -49.52
N ASP D 130 79.87 -122.96 -50.23
CA ASP D 130 78.99 -122.58 -51.33
C ASP D 130 77.88 -123.62 -51.45
N SER D 131 77.14 -123.56 -52.55
CA SER D 131 76.05 -124.49 -52.82
C SER D 131 76.47 -125.70 -53.63
N THR D 132 77.75 -125.79 -54.02
CA THR D 132 78.21 -126.92 -54.81
C THR D 132 78.25 -128.21 -54.01
N VAL D 133 78.17 -128.14 -52.68
CA VAL D 133 78.21 -129.33 -51.85
C VAL D 133 76.95 -130.14 -52.08
N LYS D 134 77.11 -131.43 -52.35
CA LYS D 134 76.00 -132.35 -52.57
C LYS D 134 76.13 -133.53 -51.63
N VAL D 135 75.11 -134.40 -51.67
CA VAL D 135 75.10 -135.59 -50.81
C VAL D 135 76.23 -136.53 -51.22
N LYS D 136 76.67 -137.35 -50.26
CA LYS D 136 77.72 -138.34 -50.46
C LYS D 136 79.03 -137.69 -50.88
N ASP D 137 79.32 -136.49 -50.37
CA ASP D 137 80.55 -135.78 -50.67
C ASP D 137 81.35 -135.58 -49.39
N LYS D 138 82.61 -136.02 -49.40
CA LYS D 138 83.48 -135.80 -48.26
C LYS D 138 83.92 -134.34 -48.22
N LEU D 139 83.97 -133.78 -47.01
CA LEU D 139 84.18 -132.35 -46.84
C LEU D 139 85.36 -132.08 -45.92
N ILE D 140 85.94 -130.89 -46.08
CA ILE D 140 87.06 -130.42 -45.28
C ILE D 140 86.73 -129.02 -44.80
N PHE D 141 87.16 -128.69 -43.58
CA PHE D 141 86.99 -127.35 -43.04
C PHE D 141 88.06 -126.43 -43.60
N ASN D 142 87.63 -125.28 -44.13
CA ASN D 142 88.56 -124.35 -44.75
C ASN D 142 89.10 -123.37 -43.71
N LYS D 143 89.74 -122.28 -44.17
CA LYS D 143 90.32 -121.30 -43.26
C LYS D 143 89.25 -120.62 -42.40
N ASP D 144 88.05 -120.41 -42.96
CA ASP D 144 86.98 -119.76 -42.23
C ASP D 144 86.12 -120.73 -41.44
N GLY D 145 86.48 -122.01 -41.42
CA GLY D 145 85.69 -123.00 -40.72
C GLY D 145 84.47 -123.47 -41.46
N ALA D 146 84.38 -123.20 -42.77
CA ALA D 146 83.26 -123.63 -43.59
C ALA D 146 83.62 -124.93 -44.29
N LEU D 147 82.60 -125.78 -44.47
CA LEU D 147 82.80 -127.07 -45.11
C LEU D 147 82.85 -126.90 -46.62
N GLU D 148 83.86 -127.51 -47.25
CA GLU D 148 84.00 -127.46 -48.70
C GLU D 148 84.43 -128.83 -49.20
N LYS D 149 84.05 -129.14 -50.44
CA LYS D 149 84.36 -130.45 -51.00
C LYS D 149 85.85 -130.64 -51.15
N VAL D 150 86.31 -131.87 -50.97
CA VAL D 150 87.72 -132.22 -51.05
C VAL D 150 88.29 -131.87 -52.42
N ALA D 161 82.67 -136.05 -41.58
CA ALA D 161 82.93 -135.07 -42.63
C ALA D 161 82.25 -135.48 -43.94
N THR D 162 81.09 -136.11 -43.82
CA THR D 162 80.30 -136.57 -44.96
C THR D 162 79.03 -135.73 -45.06
N ALA D 163 78.79 -135.16 -46.23
CA ALA D 163 77.63 -134.31 -46.45
C ALA D 163 76.37 -135.18 -46.55
N LEU D 164 75.54 -135.15 -45.51
CA LEU D 164 74.34 -135.99 -45.50
C LEU D 164 73.24 -135.44 -46.40
N THR D 165 73.19 -134.12 -46.58
CA THR D 165 72.18 -133.52 -47.44
C THR D 165 72.81 -132.50 -48.38
N ASP D 166 71.98 -131.76 -49.09
CA ASP D 166 72.45 -130.71 -49.99
C ASP D 166 72.55 -129.38 -49.24
N ALA D 167 73.40 -128.51 -49.75
CA ALA D 167 73.59 -127.19 -49.16
C ALA D 167 72.37 -126.32 -49.48
N LYS D 168 71.75 -125.76 -48.45
CA LYS D 168 70.56 -124.94 -48.60
C LYS D 168 70.89 -123.50 -48.21
N GLN D 169 70.46 -122.57 -49.05
CA GLN D 169 70.67 -121.15 -48.79
C GLN D 169 69.68 -120.64 -47.76
N ILE D 170 70.19 -119.84 -46.81
CA ILE D 170 69.34 -119.25 -45.78
C ILE D 170 69.38 -117.74 -45.93
N SER D 171 70.56 -117.16 -45.85
CA SER D 171 70.80 -115.75 -46.13
C SER D 171 71.49 -115.62 -47.47
N ASN D 172 71.77 -114.37 -47.86
CA ASN D 172 72.35 -114.12 -49.18
C ASN D 172 73.68 -114.85 -49.35
N GLU D 173 74.50 -114.89 -48.30
CA GLU D 173 75.79 -115.57 -48.36
C GLU D 173 75.91 -116.70 -47.34
N VAL D 174 74.80 -117.22 -46.85
CA VAL D 174 74.81 -118.25 -45.81
C VAL D 174 74.23 -119.53 -46.40
N TYR D 175 75.01 -120.62 -46.34
CA TYR D 175 74.59 -121.93 -46.78
C TYR D 175 74.78 -122.92 -45.64
N LEU D 176 73.75 -123.71 -45.38
CA LEU D 176 73.80 -124.73 -44.32
C LEU D 176 73.69 -126.11 -44.93
N VAL D 177 74.50 -127.04 -44.42
CA VAL D 177 74.49 -128.42 -44.90
C VAL D 177 74.51 -129.35 -43.69
N LYS D 178 73.71 -130.41 -43.75
CA LYS D 178 73.71 -131.43 -42.71
C LYS D 178 74.87 -132.39 -42.96
N VAL D 179 75.76 -132.50 -41.97
CA VAL D 179 77.00 -133.26 -42.12
C VAL D 179 77.22 -134.13 -40.89
N ALA D 180 77.57 -135.38 -41.11
CA ALA D 180 77.96 -136.29 -40.04
C ALA D 180 79.47 -136.22 -39.87
N VAL D 181 79.93 -135.56 -38.82
CA VAL D 181 81.35 -135.39 -38.56
C VAL D 181 81.83 -136.53 -37.67
N PHE D 182 82.93 -137.17 -38.07
CA PHE D 182 83.48 -138.29 -37.32
C PHE D 182 84.95 -138.50 -37.65
N ALA E 187 40.93 -143.85 -12.18
CA ALA E 187 42.31 -143.44 -12.37
C ALA E 187 42.47 -142.63 -13.65
N SER E 188 42.23 -141.32 -13.55
CA SER E 188 42.34 -140.43 -14.70
C SER E 188 42.80 -139.06 -14.22
N LEU E 189 43.51 -138.36 -15.11
CA LEU E 189 44.01 -137.03 -14.77
C LEU E 189 42.90 -135.99 -14.73
N LEU E 190 41.76 -136.26 -15.37
CA LEU E 190 40.63 -135.35 -15.29
C LEU E 190 40.13 -135.23 -13.86
N ASP E 191 40.07 -136.34 -13.14
CA ASP E 191 39.67 -136.33 -11.74
C ASP E 191 40.81 -135.79 -10.88
N SER E 192 40.44 -135.23 -9.73
CA SER E 192 41.41 -134.72 -8.76
C SER E 192 41.60 -135.63 -7.56
N ASN E 193 40.65 -136.52 -7.28
CA ASN E 193 40.79 -137.45 -6.16
C ASN E 193 41.91 -138.45 -6.40
N PHE E 194 42.23 -138.74 -7.66
CA PHE E 194 43.27 -139.71 -7.97
C PHE E 194 44.65 -139.13 -7.67
N VAL E 195 45.43 -139.87 -6.91
CA VAL E 195 46.81 -139.51 -6.59
C VAL E 195 47.71 -140.66 -6.99
N PRO E 196 48.47 -140.53 -8.08
CA PRO E 196 49.34 -141.62 -8.52
C PRO E 196 50.44 -141.89 -7.50
N ILE E 197 50.84 -143.16 -7.44
CA ILE E 197 51.89 -143.58 -6.51
C ILE E 197 53.22 -143.83 -7.22
N ASN E 198 53.21 -144.15 -8.51
CA ASN E 198 54.44 -144.41 -9.24
C ASN E 198 54.26 -143.99 -10.69
N PHE E 199 55.38 -144.01 -11.42
CA PHE E 199 55.38 -143.54 -12.80
C PHE E 199 54.56 -144.46 -13.70
N THR E 200 54.53 -145.75 -13.40
CA THR E 200 53.70 -146.67 -14.18
C THR E 200 52.23 -146.32 -14.03
N GLU E 201 51.79 -146.05 -12.79
CA GLU E 201 50.42 -145.62 -12.57
C GLU E 201 50.15 -144.28 -13.26
N PHE E 202 51.14 -143.38 -13.26
CA PHE E 202 50.98 -142.11 -13.95
C PHE E 202 50.77 -142.32 -15.45
N VAL E 203 51.53 -143.23 -16.05
CA VAL E 203 51.37 -143.53 -17.48
C VAL E 203 50.00 -144.13 -17.76
N GLN E 204 49.56 -145.06 -16.90
CA GLN E 204 48.22 -145.64 -17.08
C GLN E 204 47.14 -144.57 -16.96
N ALA E 205 47.31 -143.64 -16.02
CA ALA E 205 46.34 -142.55 -15.87
C ALA E 205 46.33 -141.66 -17.10
N ILE E 206 47.50 -141.39 -17.68
CA ILE E 206 47.56 -140.58 -18.90
C ILE E 206 46.83 -141.28 -20.04
N SER E 207 47.05 -142.59 -20.19
CA SER E 207 46.36 -143.34 -21.24
C SER E 207 44.84 -143.33 -21.03
N ASN E 208 44.40 -143.52 -19.78
CA ASN E 208 42.98 -143.47 -19.49
C ASN E 208 42.40 -142.08 -19.78
N THR E 209 43.15 -141.03 -19.46
CA THR E 209 42.69 -139.68 -19.74
C THR E 209 42.55 -139.45 -21.24
N TYR E 210 43.51 -139.92 -22.03
CA TYR E 210 43.40 -139.79 -23.48
C TYR E 210 42.18 -140.54 -24.01
N LYS E 211 41.95 -141.76 -23.51
CA LYS E 211 40.78 -142.53 -23.95
C LYS E 211 39.48 -141.82 -23.59
N GLN E 212 39.40 -141.29 -22.36
CA GLN E 212 38.20 -140.58 -21.94
C GLN E 212 37.96 -139.33 -22.79
N ARG E 213 39.03 -138.60 -23.10
CA ARG E 213 38.89 -137.42 -23.95
C ARG E 213 38.41 -137.79 -25.35
N ARG E 214 38.92 -138.91 -25.89
CA ARG E 214 38.45 -139.36 -27.19
C ARG E 214 36.97 -139.74 -27.14
N ILE E 215 36.55 -140.43 -26.08
CA ILE E 215 35.15 -140.80 -25.94
C ILE E 215 34.27 -139.55 -25.84
N GLN E 216 34.72 -138.57 -25.07
CA GLN E 216 33.95 -137.33 -24.93
C GLN E 216 33.87 -136.59 -26.27
N PHE E 217 34.96 -136.57 -27.04
CA PHE E 217 34.93 -135.93 -28.35
C PHE E 217 33.95 -136.63 -29.27
N TYR E 218 33.94 -137.97 -29.27
CA TYR E 218 33.00 -138.69 -30.12
C TYR E 218 31.57 -138.48 -29.66
N GLU E 219 31.35 -138.31 -28.36
CA GLU E 219 29.99 -138.01 -27.87
C GLU E 219 29.54 -136.63 -28.31
N ASN E 220 30.43 -135.64 -28.23
CA ASN E 220 30.08 -134.26 -28.54
C ASN E 220 30.20 -133.93 -30.02
N LEU E 221 30.67 -134.86 -30.85
CA LEU E 221 30.79 -134.61 -32.28
C LEU E 221 29.41 -134.53 -32.93
N LYS E 222 29.28 -133.63 -33.90
CA LYS E 222 28.04 -133.46 -34.66
C LYS E 222 28.43 -133.18 -36.11
N ARG E 223 28.35 -134.21 -36.95
CA ARG E 223 28.72 -134.07 -38.36
C ARG E 223 27.67 -133.28 -39.13
N VAL F 195 64.65 -125.68 9.44
CA VAL F 195 64.49 -126.94 8.73
C VAL F 195 64.16 -126.68 7.26
N PRO F 196 65.16 -126.81 6.40
CA PRO F 196 64.92 -126.58 4.97
C PRO F 196 64.01 -127.66 4.37
N ILE F 197 63.26 -127.26 3.36
CA ILE F 197 62.37 -128.17 2.65
C ILE F 197 63.01 -128.71 1.39
N ASN F 198 63.69 -127.87 0.63
CA ASN F 198 64.29 -128.28 -0.63
C ASN F 198 65.60 -127.53 -0.84
N PHE F 199 66.26 -127.83 -1.95
CA PHE F 199 67.57 -127.26 -2.21
C PHE F 199 67.51 -125.75 -2.44
N THR F 200 66.40 -125.25 -2.97
CA THR F 200 66.23 -123.80 -3.13
C THR F 200 66.26 -123.09 -1.78
N GLU F 201 65.45 -123.58 -0.83
CA GLU F 201 65.48 -123.01 0.51
C GLU F 201 66.83 -123.23 1.17
N PHE F 202 67.51 -124.33 0.86
CA PHE F 202 68.85 -124.55 1.39
C PHE F 202 69.81 -123.47 0.92
N VAL F 203 69.75 -123.13 -0.37
CA VAL F 203 70.63 -122.09 -0.91
C VAL F 203 70.28 -120.73 -0.32
N GLN F 204 68.98 -120.44 -0.17
CA GLN F 204 68.59 -119.18 0.46
C GLN F 204 69.08 -119.11 1.90
N ALA F 205 68.99 -120.22 2.63
CA ALA F 205 69.50 -120.25 4.00
C ALA F 205 71.01 -120.03 4.04
N ILE F 206 71.73 -120.60 3.07
CA ILE F 206 73.18 -120.38 3.01
C ILE F 206 73.49 -118.91 2.78
N SER F 207 72.77 -118.27 1.85
CA SER F 207 73.00 -116.86 1.58
C SER F 207 72.70 -116.00 2.81
N ASN F 208 71.59 -116.29 3.50
CA ASN F 208 71.25 -115.55 4.70
C ASN F 208 72.29 -115.78 5.80
N THR F 209 72.81 -117.00 5.91
CA THR F 209 73.87 -117.26 6.88
C THR F 209 75.11 -116.46 6.58
N TYR F 210 75.49 -116.37 5.31
CA TYR F 210 76.64 -115.55 4.92
C TYR F 210 76.41 -114.09 5.28
N LYS F 211 75.21 -113.57 4.99
CA LYS F 211 74.91 -112.18 5.31
C LYS F 211 74.97 -111.93 6.81
N GLN F 212 74.40 -112.85 7.60
CA GLN F 212 74.43 -112.71 9.05
C GLN F 212 75.86 -112.75 9.58
N ARG F 213 76.70 -113.63 9.03
CA ARG F 213 78.09 -113.67 9.47
C ARG F 213 78.83 -112.39 9.12
N ARG F 214 78.54 -111.82 7.93
CA ARG F 214 79.15 -110.54 7.58
C ARG F 214 78.72 -109.44 8.55
N ILE F 215 77.44 -109.39 8.88
CA ILE F 215 76.95 -108.38 9.81
C ILE F 215 77.60 -108.56 11.18
N GLN F 216 77.70 -109.79 11.65
CA GLN F 216 78.32 -110.05 12.95
C GLN F 216 79.80 -109.66 12.94
N PHE F 217 80.50 -109.96 11.85
CA PHE F 217 81.92 -109.58 11.75
C PHE F 217 82.07 -108.07 11.78
N TYR F 218 81.21 -107.34 11.07
CA TYR F 218 81.32 -105.88 11.10
C TYR F 218 80.94 -105.31 12.45
N GLU F 219 80.01 -105.94 13.16
CA GLU F 219 79.69 -105.50 14.51
C GLU F 219 80.85 -105.72 15.46
N ASN F 220 81.53 -106.86 15.35
CA ASN F 220 82.63 -107.20 16.26
C ASN F 220 83.96 -106.57 15.84
N LEU F 221 84.04 -105.97 14.65
CA LEU F 221 85.28 -105.37 14.20
C LEU F 221 85.55 -104.08 14.97
N LYS F 222 86.79 -103.92 15.44
CA LYS F 222 87.23 -102.74 16.17
C LYS F 222 88.59 -102.33 15.62
N ARG F 223 88.59 -101.42 14.65
CA ARG F 223 89.84 -100.96 14.05
C ARG F 223 90.64 -100.10 15.02
N LEU G 3 41.42 -57.58 -18.25
CA LEU G 3 42.46 -57.37 -19.24
C LEU G 3 43.62 -56.55 -18.68
N PHE G 4 43.29 -55.49 -17.95
CA PHE G 4 44.32 -54.63 -17.37
C PHE G 4 45.13 -55.35 -16.30
N ASP G 5 44.60 -56.43 -15.73
CA ASP G 5 45.37 -57.23 -14.79
C ASP G 5 46.47 -58.03 -15.48
N GLU G 6 46.31 -58.31 -16.77
CA GLU G 6 47.25 -59.13 -17.53
C GLU G 6 48.11 -58.33 -18.49
N ASN G 7 47.55 -57.31 -19.15
CA ASN G 7 48.24 -56.59 -20.21
C ASN G 7 48.70 -55.23 -19.70
N TYR G 8 49.93 -55.18 -19.21
CA TYR G 8 50.50 -53.93 -18.74
C TYR G 8 50.58 -52.90 -19.86
N TYR G 9 50.89 -53.35 -21.08
CA TYR G 9 50.99 -52.42 -22.21
C TYR G 9 49.64 -51.80 -22.51
N ALA G 10 48.56 -52.60 -22.46
CA ALA G 10 47.23 -52.05 -22.64
C ALA G 10 46.90 -51.06 -21.53
N LYS G 11 47.27 -51.39 -20.28
CA LYS G 11 47.03 -50.47 -19.18
C LYS G 11 47.74 -49.15 -19.40
N ALA G 12 49.01 -49.20 -19.82
CA ALA G 12 49.79 -47.98 -20.06
C ALA G 12 49.21 -47.17 -21.20
N VAL G 13 48.79 -47.83 -22.28
CA VAL G 13 48.17 -47.12 -23.40
C VAL G 13 46.90 -46.42 -22.94
N ALA G 14 46.09 -47.10 -22.14
CA ALA G 14 44.87 -46.48 -21.62
C ALA G 14 45.20 -45.28 -20.74
N ASN G 15 46.23 -45.39 -19.90
CA ASN G 15 46.56 -44.31 -18.98
C ASN G 15 47.22 -43.12 -19.65
N ILE G 16 47.88 -43.30 -20.79
CA ILE G 16 48.60 -42.20 -21.43
C ILE G 16 47.98 -41.79 -22.76
N ILE G 17 46.87 -42.39 -23.17
CA ILE G 17 46.26 -42.06 -24.46
C ILE G 17 45.80 -40.61 -24.48
N GLY G 18 45.51 -40.03 -23.31
CA GLY G 18 45.00 -38.68 -23.25
C GLY G 18 46.02 -37.57 -23.45
N GLU G 19 47.30 -37.90 -23.43
CA GLU G 19 48.36 -36.90 -23.58
C GLU G 19 48.75 -36.66 -25.03
N VAL G 20 48.12 -37.35 -25.98
CA VAL G 20 48.38 -37.11 -27.39
C VAL G 20 47.47 -35.99 -27.88
N LYS G 21 48.07 -34.97 -28.48
CA LYS G 21 47.31 -33.80 -28.89
C LYS G 21 46.44 -34.12 -30.11
N ASP G 22 45.36 -33.36 -30.26
CA ASP G 22 44.42 -33.60 -31.33
C ASP G 22 45.05 -33.25 -32.68
N PRO G 23 44.67 -33.98 -33.75
CA PRO G 23 45.21 -33.67 -35.07
C PRO G 23 44.80 -32.27 -35.53
N ILE G 24 45.72 -31.63 -36.26
CA ILE G 24 45.45 -30.29 -36.78
C ILE G 24 44.52 -30.31 -38.00
N MET G 25 44.27 -31.48 -38.59
CA MET G 25 43.39 -31.56 -39.74
C MET G 25 41.94 -31.28 -39.38
N TYR G 26 41.59 -31.35 -38.08
CA TYR G 26 40.24 -31.04 -37.66
C TYR G 26 39.88 -29.59 -37.91
N LYS G 27 40.87 -28.70 -38.02
CA LYS G 27 40.62 -27.29 -38.28
C LYS G 27 40.24 -27.01 -39.73
N TRP G 28 40.48 -27.95 -40.64
CA TRP G 28 40.16 -27.76 -42.05
C TRP G 28 38.78 -28.25 -42.43
N PHE G 29 38.01 -28.77 -41.48
CA PHE G 29 36.68 -29.32 -41.76
C PHE G 29 35.69 -28.85 -40.72
N SER G 30 34.43 -28.78 -41.12
CA SER G 30 33.34 -28.49 -40.20
C SER G 30 33.00 -29.74 -39.39
N PRO G 31 32.34 -29.57 -38.23
CA PRO G 31 31.98 -30.75 -37.44
C PRO G 31 31.11 -31.75 -38.18
N ASP G 32 30.21 -31.28 -39.05
CA ASP G 32 29.30 -32.16 -39.77
C ASP G 32 29.95 -32.86 -40.96
N GLN G 33 31.13 -32.39 -41.40
CA GLN G 33 31.75 -32.95 -42.60
C GLN G 33 32.40 -34.30 -42.37
N ILE G 34 32.68 -34.67 -41.11
CA ILE G 34 33.42 -35.87 -40.78
C ILE G 34 32.45 -36.92 -40.26
N GLU G 35 32.49 -38.11 -40.84
CA GLU G 35 31.64 -39.23 -40.41
C GLU G 35 32.45 -40.52 -40.49
N ASP G 36 32.64 -41.17 -39.34
CA ASP G 36 33.46 -42.37 -39.29
C ASP G 36 32.78 -43.55 -39.96
N VAL G 37 33.59 -44.48 -40.46
CA VAL G 37 33.12 -45.73 -41.05
C VAL G 37 33.84 -46.88 -40.37
N ASP G 38 33.25 -48.06 -40.49
CA ASP G 38 33.77 -49.28 -39.86
C ASP G 38 34.42 -50.14 -40.94
N LEU G 39 35.72 -49.92 -41.16
CA LEU G 39 36.47 -50.67 -42.15
C LEU G 39 37.97 -50.46 -41.96
N GLN G 40 38.73 -51.55 -41.89
CA GLN G 40 40.18 -51.44 -41.74
C GLN G 40 40.88 -51.32 -43.09
N MET G 41 40.72 -52.34 -43.93
CA MET G 41 41.31 -52.34 -45.26
C MET G 41 40.29 -52.84 -46.26
N GLY G 42 40.28 -52.21 -47.44
CA GLY G 42 39.36 -52.58 -48.49
C GLY G 42 38.73 -51.39 -49.17
N TYR G 43 37.51 -51.59 -49.70
CA TYR G 43 36.80 -50.54 -50.41
C TYR G 43 35.36 -50.51 -49.94
N GLN G 44 34.75 -49.33 -49.99
CA GLN G 44 33.37 -49.15 -49.60
C GLN G 44 32.65 -48.34 -50.67
N LYS G 45 31.47 -48.80 -51.08
CA LYS G 45 30.68 -48.14 -52.09
C LYS G 45 29.57 -47.33 -51.42
N THR G 46 29.53 -46.03 -51.71
CA THR G 46 28.53 -45.13 -51.17
C THR G 46 27.54 -44.75 -52.28
N VAL G 47 26.26 -44.88 -51.99
CA VAL G 47 25.19 -44.61 -52.95
C VAL G 47 24.49 -43.32 -52.55
N LYS G 48 24.41 -42.39 -53.48
CA LYS G 48 23.74 -41.10 -53.26
C LYS G 48 22.48 -41.04 -54.11
N TRP G 49 21.35 -40.74 -53.48
CA TRP G 49 20.06 -40.69 -54.15
C TRP G 49 19.65 -39.25 -54.41
N ASP G 50 18.90 -39.06 -55.50
CA ASP G 50 18.42 -37.74 -55.88
C ASP G 50 17.04 -37.89 -56.49
N ALA G 51 16.31 -36.76 -56.54
CA ALA G 51 14.99 -36.70 -57.12
C ALA G 51 14.91 -35.52 -58.07
N PHE G 52 14.03 -35.64 -59.06
CA PHE G 52 13.86 -34.60 -60.07
C PHE G 52 12.40 -34.53 -60.48
N LEU G 53 12.02 -33.39 -61.05
CA LEU G 53 10.66 -33.15 -61.52
C LEU G 53 10.58 -33.45 -63.01
N ASN G 54 9.59 -34.26 -63.39
CA ASN G 54 9.44 -34.64 -64.80
C ASN G 54 8.67 -33.61 -65.60
N ALA G 55 7.75 -32.88 -64.96
CA ALA G 55 6.93 -31.89 -65.65
C ALA G 55 6.41 -30.91 -64.62
N ASN G 56 5.63 -29.94 -65.10
CA ASN G 56 4.98 -28.98 -64.21
C ASN G 56 3.93 -29.70 -63.35
N PRO G 57 3.67 -29.21 -62.14
CA PRO G 57 2.71 -29.87 -61.27
C PRO G 57 1.30 -29.82 -61.85
N THR G 58 0.45 -30.73 -61.38
CA THR G 58 -0.90 -30.87 -61.90
C THR G 58 -1.88 -30.12 -61.01
N THR G 59 -2.73 -29.31 -61.64
CA THR G 59 -3.76 -28.57 -60.91
C THR G 59 -4.91 -29.50 -60.57
N ILE G 60 -5.27 -29.57 -59.29
CA ILE G 60 -6.33 -30.44 -58.82
C ILE G 60 -7.65 -29.66 -58.93
N ALA G 61 -8.46 -30.00 -59.92
CA ALA G 61 -9.74 -29.36 -60.13
C ALA G 61 -10.66 -30.35 -60.84
N ASN G 62 -11.84 -30.57 -60.27
CA ASN G 62 -12.84 -31.52 -60.80
C ASN G 62 -12.19 -32.91 -60.80
N GLU G 63 -12.35 -33.68 -61.88
CA GLU G 63 -11.82 -35.05 -61.96
C GLU G 63 -10.60 -35.08 -62.86
N VAL G 64 -9.58 -35.83 -62.44
CA VAL G 64 -8.37 -36.00 -63.23
C VAL G 64 -7.62 -37.21 -62.70
N ASN G 65 -7.06 -38.01 -63.61
CA ASN G 65 -6.26 -39.16 -63.25
C ASN G 65 -4.81 -39.06 -63.69
N THR G 66 -4.50 -38.26 -64.71
CA THR G 66 -3.14 -38.12 -65.22
C THR G 66 -2.43 -37.04 -64.40
N ILE G 67 -1.45 -37.44 -63.60
CA ILE G 67 -0.74 -36.55 -62.69
C ILE G 67 0.74 -36.55 -63.08
N SER G 68 1.39 -35.41 -62.93
CA SER G 68 2.82 -35.32 -63.18
C SER G 68 3.59 -36.17 -62.20
N THR G 69 4.74 -36.66 -62.64
CA THR G 69 5.52 -37.63 -61.89
C THR G 69 6.84 -37.02 -61.42
N ILE G 70 7.39 -37.61 -60.37
CA ILE G 70 8.69 -37.24 -59.83
C ILE G 70 9.60 -38.45 -59.95
N GLY G 71 10.75 -38.26 -60.59
CA GLY G 71 11.69 -39.34 -60.80
C GLY G 71 12.77 -39.39 -59.74
N PHE G 72 13.58 -40.45 -59.80
CA PHE G 72 14.68 -40.65 -58.89
C PHE G 72 15.90 -41.12 -59.65
N SER G 73 17.08 -40.86 -59.08
CA SER G 73 18.35 -41.25 -59.69
C SER G 73 19.33 -41.62 -58.58
N SER G 74 20.36 -42.38 -58.96
CA SER G 74 21.36 -42.83 -58.01
C SER G 74 22.75 -42.71 -58.63
N GLU G 75 23.75 -42.57 -57.76
CA GLU G 75 25.14 -42.52 -58.16
C GLU G 75 25.97 -43.26 -57.14
N VAL G 76 26.92 -44.06 -57.60
CA VAL G 76 27.74 -44.91 -56.74
C VAL G 76 29.18 -44.41 -56.79
N VAL G 77 29.78 -44.25 -55.61
CA VAL G 77 31.16 -43.79 -55.48
C VAL G 77 31.91 -44.81 -54.63
N ARG G 78 33.09 -45.21 -55.10
CA ARG G 78 33.92 -46.18 -54.39
C ARG G 78 35.11 -45.47 -53.76
N LEU G 79 35.36 -45.77 -52.49
CA LEU G 79 36.47 -45.20 -51.74
C LEU G 79 37.36 -46.32 -51.23
N ASN G 80 38.67 -46.15 -51.38
CA ASN G 80 39.65 -47.14 -50.97
C ASN G 80 40.30 -46.77 -49.65
N TYR G 81 40.53 -47.76 -48.80
CA TYR G 81 41.13 -47.56 -47.50
C TYR G 81 42.33 -48.49 -47.36
N LEU G 82 43.42 -47.97 -46.81
CA LEU G 82 44.67 -48.72 -46.72
C LEU G 82 45.14 -48.82 -45.28
N LYS G 83 45.67 -49.97 -44.90
CA LYS G 83 46.16 -50.21 -43.55
C LYS G 83 47.69 -50.18 -43.54
N LEU G 84 48.27 -49.42 -42.60
CA LEU G 84 49.70 -49.24 -42.50
C LEU G 84 50.14 -49.46 -41.05
N GLN G 85 51.40 -49.85 -40.89
CA GLN G 85 51.93 -50.25 -39.60
C GLN G 85 53.33 -49.69 -39.39
N TYR G 86 53.68 -49.47 -38.11
CA TYR G 86 55.01 -49.06 -37.72
C TYR G 86 55.45 -49.88 -36.52
N LYS G 87 56.76 -50.04 -36.37
CA LYS G 87 57.34 -50.78 -35.26
C LYS G 87 58.31 -49.89 -34.50
N PHE G 88 58.27 -49.96 -33.16
CA PHE G 88 59.20 -49.21 -32.34
C PHE G 88 59.69 -50.06 -31.19
N ARG G 89 60.93 -49.78 -30.76
CA ARG G 89 61.57 -50.46 -29.64
C ARG G 89 61.36 -49.67 -28.35
N HIS G 90 61.33 -50.40 -27.23
CA HIS G 90 61.12 -49.79 -25.93
C HIS G 90 61.67 -50.72 -24.86
N LEU G 91 61.77 -50.19 -23.64
CA LEU G 91 62.18 -51.01 -22.51
C LEU G 91 61.05 -51.94 -22.09
N LYS G 92 61.40 -52.91 -21.26
CA LYS G 92 60.45 -53.89 -20.75
C LYS G 92 59.95 -53.48 -19.37
N GLN G 93 58.70 -53.84 -19.07
CA GLN G 93 58.08 -53.42 -17.83
C GLN G 93 58.83 -53.92 -16.61
N THR G 94 59.24 -55.19 -16.63
CA THR G 94 60.00 -55.74 -15.52
C THR G 94 61.42 -55.18 -15.45
N SER G 95 61.87 -54.46 -16.48
CA SER G 95 63.21 -53.90 -16.51
C SER G 95 63.24 -52.41 -16.24
N GLU G 96 62.08 -51.73 -16.26
CA GLU G 96 62.07 -50.28 -16.04
C GLU G 96 62.65 -49.89 -14.70
N LYS G 97 62.53 -50.75 -13.68
CA LYS G 97 63.01 -50.40 -12.35
C LYS G 97 64.52 -50.23 -12.32
N PHE G 98 65.25 -50.94 -13.18
CA PHE G 98 66.69 -50.82 -13.24
C PHE G 98 67.15 -49.65 -14.10
N TYR G 99 66.22 -48.94 -14.74
CA TYR G 99 66.54 -47.76 -15.52
C TYR G 99 65.86 -46.50 -15.00
N THR G 100 65.07 -46.61 -13.92
CA THR G 100 64.45 -45.44 -13.30
C THR G 100 65.55 -44.62 -12.63
N SER G 101 65.99 -43.55 -13.29
CA SER G 101 66.99 -42.66 -12.74
C SER G 101 66.28 -41.52 -11.99
N ASP G 102 67.03 -40.50 -11.61
CA ASP G 102 66.47 -39.34 -10.92
C ASP G 102 65.74 -38.46 -11.91
N SER G 103 64.44 -38.26 -11.69
CA SER G 103 63.56 -37.39 -12.47
C SER G 103 63.35 -37.86 -13.90
N TYR G 104 63.88 -39.02 -14.30
CA TYR G 104 63.67 -39.53 -15.64
C TYR G 104 63.89 -41.04 -15.64
N ILE G 105 63.33 -41.69 -16.66
CA ILE G 105 63.46 -43.13 -16.85
C ILE G 105 63.97 -43.38 -18.27
N GLY G 106 64.89 -44.32 -18.40
CA GLY G 106 65.40 -44.70 -19.70
C GLY G 106 66.88 -44.48 -19.88
N ASP G 107 67.47 -45.19 -20.84
CA ASP G 107 68.90 -45.06 -21.13
C ASP G 107 69.13 -43.86 -22.04
N ILE G 108 69.84 -42.86 -21.54
CA ILE G 108 70.21 -41.73 -22.39
C ILE G 108 71.21 -42.18 -23.45
N ASN G 109 72.14 -43.07 -23.09
CA ASN G 109 73.15 -43.51 -24.03
C ASN G 109 72.56 -44.37 -25.14
N ASN G 110 71.63 -45.27 -24.79
CA ASN G 110 71.08 -46.21 -25.76
C ASN G 110 69.78 -45.73 -26.40
N ASN G 111 69.30 -44.55 -26.03
CA ASN G 111 68.07 -43.98 -26.59
C ASN G 111 66.89 -44.94 -26.43
N LEU G 112 66.76 -45.52 -25.24
CA LEU G 112 65.68 -46.42 -24.90
C LEU G 112 64.74 -45.74 -23.91
N LEU G 113 63.45 -45.84 -24.17
CA LEU G 113 62.42 -45.19 -23.38
C LEU G 113 61.43 -46.19 -22.82
N PRO G 114 60.72 -45.83 -21.76
CA PRO G 114 59.58 -46.66 -21.33
C PRO G 114 58.49 -46.70 -22.39
N PHE G 115 57.66 -47.73 -22.30
CA PHE G 115 56.67 -48.00 -23.33
C PHE G 115 55.68 -46.84 -23.49
N ALA G 116 55.27 -46.23 -22.38
CA ALA G 116 54.27 -45.17 -22.44
C ALA G 116 54.81 -43.97 -23.23
N GLN G 117 56.00 -43.49 -22.86
CA GLN G 117 56.58 -42.35 -23.57
C GLN G 117 56.87 -42.68 -25.02
N ALA G 118 57.39 -43.89 -25.28
CA ALA G 118 57.67 -44.28 -26.65
C ALA G 118 56.40 -44.30 -27.50
N TYR G 119 55.32 -44.85 -26.95
CA TYR G 119 54.05 -44.89 -27.65
C TYR G 119 53.53 -43.48 -27.91
N LYS G 120 53.62 -42.59 -26.92
CA LYS G 120 53.14 -41.23 -27.11
C LYS G 120 53.88 -40.54 -28.25
N LEU G 121 55.21 -40.63 -28.24
CA LEU G 121 56.00 -39.97 -29.29
C LEU G 121 55.70 -40.57 -30.67
N ALA G 122 55.63 -41.90 -30.75
CA ALA G 122 55.35 -42.54 -32.03
C ALA G 122 53.97 -42.15 -32.55
N SER G 123 52.97 -42.09 -31.65
CA SER G 123 51.64 -41.68 -32.06
C SER G 123 51.63 -40.26 -32.57
N SER G 124 52.37 -39.36 -31.92
CA SER G 124 52.45 -37.99 -32.39
C SER G 124 53.03 -37.92 -33.80
N GLU G 125 54.11 -38.66 -34.05
CA GLU G 125 54.71 -38.65 -35.39
C GLU G 125 53.74 -39.22 -36.44
N ILE G 126 53.05 -40.30 -36.10
CA ILE G 126 52.12 -40.91 -37.05
C ILE G 126 50.95 -39.96 -37.33
N ILE G 127 50.49 -39.23 -36.32
CA ILE G 127 49.42 -38.26 -36.53
C ILE G 127 49.89 -37.14 -37.44
N LYS G 128 51.14 -36.71 -37.30
CA LYS G 128 51.68 -35.72 -38.24
C LYS G 128 51.67 -36.25 -39.66
N LEU G 129 52.08 -37.51 -39.84
CA LEU G 129 52.06 -38.10 -41.18
C LEU G 129 50.64 -38.17 -41.73
N ILE G 130 49.67 -38.52 -40.88
CA ILE G 130 48.28 -38.59 -41.34
C ILE G 130 47.78 -37.22 -41.76
N ASN G 131 48.11 -36.18 -40.99
CA ASN G 131 47.71 -34.82 -41.36
C ASN G 131 48.30 -34.44 -42.72
N HIS G 132 49.58 -34.76 -42.92
CA HIS G 132 50.21 -34.44 -44.21
C HIS G 132 49.51 -35.17 -45.35
N PHE G 133 49.18 -36.45 -45.15
CA PHE G 133 48.48 -37.19 -46.21
C PHE G 133 47.12 -36.57 -46.50
N VAL G 134 46.36 -36.23 -45.46
CA VAL G 134 45.02 -35.69 -45.68
C VAL G 134 45.10 -34.38 -46.44
N LEU G 135 46.05 -33.51 -46.08
CA LEU G 135 46.17 -32.23 -46.78
C LEU G 135 46.63 -32.42 -48.22
N THR G 136 47.68 -33.20 -48.44
CA THR G 136 48.32 -33.27 -49.74
C THR G 136 47.89 -34.47 -50.57
N GLY G 137 47.66 -35.62 -49.95
CA GLY G 137 47.35 -36.83 -50.68
C GLY G 137 48.54 -37.71 -50.99
N THR G 138 49.74 -37.32 -50.58
CA THR G 138 50.95 -38.10 -50.79
C THR G 138 51.55 -38.50 -49.46
N VAL G 139 52.34 -39.57 -49.47
CA VAL G 139 53.03 -40.07 -48.29
C VAL G 139 54.52 -40.07 -48.57
N SER G 140 55.26 -39.27 -47.80
CA SER G 140 56.71 -39.19 -47.93
C SER G 140 57.28 -38.70 -46.62
N ILE G 141 58.55 -39.03 -46.37
CA ILE G 141 59.25 -38.64 -45.16
C ILE G 141 60.45 -37.77 -45.44
N GLN G 142 60.66 -37.37 -46.69
CA GLN G 142 61.76 -36.49 -47.06
C GLN G 142 61.25 -35.09 -47.32
N LYS G 143 62.12 -34.10 -47.06
CA LYS G 143 61.74 -32.71 -47.27
C LYS G 143 61.51 -32.40 -48.75
N ASP G 144 62.20 -33.11 -49.64
CA ASP G 144 62.00 -32.91 -51.07
C ASP G 144 60.70 -33.52 -51.58
N GLY G 145 60.01 -34.32 -50.77
CA GLY G 145 58.79 -34.95 -51.23
C GLY G 145 59.01 -36.11 -52.17
N LYS G 146 60.21 -36.69 -52.18
CA LYS G 146 60.54 -37.81 -53.05
C LYS G 146 60.49 -39.11 -52.26
N ASN G 147 60.76 -40.22 -52.96
CA ASN G 147 60.58 -41.56 -52.42
C ASN G 147 59.17 -41.74 -51.86
N GLN G 148 58.19 -41.25 -52.62
CA GLN G 148 56.81 -41.36 -52.20
C GLN G 148 56.35 -42.80 -52.21
N LYS G 149 55.52 -43.16 -51.23
CA LYS G 149 54.87 -44.46 -51.22
C LYS G 149 53.73 -44.46 -52.24
N ARG G 150 53.75 -45.43 -53.14
CA ARG G 150 52.69 -45.53 -54.14
C ARG G 150 51.39 -45.94 -53.46
N LEU G 151 50.32 -45.21 -53.75
CA LEU G 151 49.02 -45.43 -53.13
C LEU G 151 48.03 -45.99 -54.15
N LEU G 152 46.93 -46.50 -53.63
CA LEU G 152 45.87 -47.08 -54.45
C LEU G 152 45.08 -45.99 -55.14
N PRO G 153 44.38 -46.32 -56.23
CA PRO G 153 43.44 -45.37 -56.83
C PRO G 153 42.26 -45.14 -55.90
N ASN G 154 41.56 -44.03 -56.17
CA ASN G 154 40.45 -43.58 -55.33
C ASN G 154 40.91 -43.30 -53.90
N MET G 155 42.14 -42.78 -53.76
CA MET G 155 42.71 -42.38 -52.48
C MET G 155 43.34 -41.01 -52.71
N TYR G 156 42.56 -39.96 -52.51
CA TYR G 156 42.98 -38.61 -52.87
C TYR G 156 42.98 -37.71 -51.64
N GLY G 157 43.80 -36.65 -51.72
CA GLY G 157 43.79 -35.58 -50.76
C GLY G 157 43.15 -34.34 -51.35
N LEU G 158 43.16 -33.27 -50.55
CA LEU G 158 42.57 -32.02 -50.99
C LEU G 158 43.35 -31.40 -52.16
N LEU G 159 44.67 -31.56 -52.17
CA LEU G 159 45.48 -30.90 -53.18
C LEU G 159 45.51 -31.67 -54.51
N ASN G 160 45.37 -32.98 -54.47
CA ASN G 160 45.48 -33.80 -55.68
C ASN G 160 44.16 -34.42 -56.10
N MET G 161 43.04 -33.96 -55.56
CA MET G 161 41.75 -34.50 -55.96
C MET G 161 41.48 -34.15 -57.42
N PRO G 162 41.16 -35.12 -58.27
CA PRO G 162 40.95 -34.84 -59.69
C PRO G 162 39.60 -34.17 -59.95
N GLU G 163 39.43 -33.69 -61.17
CA GLU G 163 38.19 -33.08 -61.65
C GLU G 163 37.81 -31.85 -60.81
N GLN G 164 38.81 -31.07 -60.42
CA GLN G 164 38.62 -29.82 -59.71
C GLN G 164 39.26 -28.69 -60.51
N ILE G 165 39.08 -27.46 -60.04
CA ILE G 165 39.65 -26.31 -60.74
C ILE G 165 41.13 -26.22 -60.39
N LYS G 166 41.97 -26.23 -61.41
CA LYS G 166 43.42 -26.12 -61.25
C LYS G 166 43.91 -24.88 -61.97
N GLU G 167 44.65 -24.04 -61.27
CA GLU G 167 45.22 -22.83 -61.82
C GLU G 167 46.73 -22.85 -61.64
N GLU G 168 47.44 -22.29 -62.61
CA GLU G 168 48.89 -22.28 -62.60
C GLU G 168 49.40 -20.87 -62.83
N VAL G 169 50.28 -20.42 -61.94
CA VAL G 169 50.93 -19.12 -62.07
C VAL G 169 52.33 -19.33 -62.60
N ALA G 170 52.67 -18.66 -63.70
CA ALA G 170 53.93 -18.88 -64.37
C ALA G 170 55.10 -18.45 -63.49
N SER G 171 56.26 -19.08 -63.72
CA SER G 171 57.45 -18.78 -62.93
C SER G 171 57.89 -17.32 -63.11
N GLY G 172 57.59 -16.73 -64.27
CA GLY G 172 57.90 -15.32 -64.47
C GLY G 172 57.02 -14.38 -63.67
N ASP G 173 55.85 -14.84 -63.26
CA ASP G 173 54.92 -14.05 -62.46
C ASP G 173 54.83 -14.53 -61.03
N LYS G 174 55.87 -15.21 -60.53
CA LYS G 174 55.83 -15.79 -59.20
C LYS G 174 55.79 -14.74 -58.10
N ASP G 175 56.24 -13.52 -58.38
CA ASP G 175 56.28 -12.46 -57.38
C ASP G 175 55.25 -11.36 -57.66
N LYS G 176 54.35 -11.57 -58.61
CA LYS G 176 53.35 -10.58 -58.98
C LYS G 176 52.02 -10.97 -58.33
N MET G 177 51.72 -10.33 -57.19
CA MET G 177 50.48 -10.63 -56.49
C MET G 177 49.26 -10.29 -57.34
N ASP G 178 49.37 -9.30 -58.22
CA ASP G 178 48.25 -9.00 -59.12
C ASP G 178 47.97 -10.17 -60.05
N LYS G 179 49.02 -10.78 -60.62
CA LYS G 179 48.82 -11.95 -61.47
C LYS G 179 48.28 -13.14 -60.67
N ILE G 180 48.79 -13.34 -59.46
CA ILE G 180 48.31 -14.44 -58.64
C ILE G 180 46.84 -14.25 -58.31
N PHE G 181 46.44 -13.03 -57.97
CA PHE G 181 45.03 -12.76 -57.66
C PHE G 181 44.16 -12.86 -58.91
N GLU G 182 44.69 -12.50 -60.08
CA GLU G 182 43.93 -12.71 -61.32
C GLU G 182 43.65 -14.19 -61.55
N LYS G 183 44.66 -15.03 -61.33
CA LYS G 183 44.45 -16.47 -61.45
C LYS G 183 43.43 -16.96 -60.42
N ILE G 184 43.50 -16.42 -59.20
CA ILE G 184 42.55 -16.81 -58.16
C ILE G 184 41.13 -16.42 -58.55
N GLU G 185 40.95 -15.22 -59.11
CA GLU G 185 39.63 -14.79 -59.54
C GLU G 185 39.11 -15.67 -60.67
N ALA G 186 39.98 -16.04 -61.62
CA ALA G 186 39.55 -16.93 -62.69
C ALA G 186 39.10 -18.27 -62.13
N GLY G 187 39.86 -18.82 -61.17
CA GLY G 187 39.45 -20.07 -60.55
C GLY G 187 38.13 -19.96 -59.80
N LEU G 188 37.95 -18.85 -59.09
CA LEU G 188 36.70 -18.63 -58.36
C LEU G 188 35.52 -18.53 -59.31
N SER G 189 35.72 -17.88 -60.46
CA SER G 189 34.67 -17.83 -61.47
C SER G 189 34.36 -19.23 -62.00
N LYS G 190 35.39 -20.05 -62.21
CA LYS G 190 35.15 -21.41 -62.69
C LYS G 190 34.56 -22.32 -61.61
N LEU G 191 34.63 -21.92 -60.34
CA LEU G 191 34.01 -22.70 -59.28
C LEU G 191 32.51 -22.83 -59.52
N GLU G 192 31.96 -24.01 -59.19
CA GLU G 192 30.54 -24.31 -59.36
C GLU G 192 30.01 -24.89 -58.06
N LEU G 193 29.26 -24.10 -57.30
CA LEU G 193 28.65 -24.55 -56.06
C LEU G 193 27.14 -24.77 -56.18
N GLY G 194 26.52 -24.30 -57.25
CA GLY G 194 25.08 -24.50 -57.42
C GLY G 194 24.29 -23.80 -56.34
N ASP G 195 23.30 -24.49 -55.80
CA ASP G 195 22.42 -23.95 -54.78
C ASP G 195 22.99 -24.08 -53.37
N GLU G 196 24.16 -24.70 -53.22
CA GLU G 196 24.83 -24.80 -51.93
C GLU G 196 25.88 -23.72 -51.73
N PHE G 197 25.73 -22.59 -52.43
CA PHE G 197 26.72 -21.51 -52.36
C PHE G 197 26.75 -20.85 -50.99
N SER G 198 25.63 -20.85 -50.27
CA SER G 198 25.55 -20.19 -48.97
C SER G 198 26.20 -21.09 -47.92
N THR G 199 27.53 -21.01 -47.81
CA THR G 199 28.28 -21.84 -46.89
C THR G 199 29.59 -21.15 -46.57
N PRO G 200 30.19 -21.40 -45.40
CA PRO G 200 31.51 -20.86 -45.13
C PRO G 200 32.57 -21.46 -46.04
N MET G 201 33.63 -20.70 -46.26
CA MET G 201 34.71 -21.11 -47.14
C MET G 201 36.03 -21.15 -46.38
N MET G 202 36.92 -22.05 -46.79
CA MET G 202 38.22 -22.24 -46.18
C MET G 202 39.30 -22.04 -47.23
N VAL G 203 40.34 -21.29 -46.86
CA VAL G 203 41.50 -21.03 -47.70
C VAL G 203 42.74 -21.47 -46.93
N ILE G 204 43.61 -22.22 -47.58
CA ILE G 204 44.86 -22.69 -47.00
C ILE G 204 46.00 -22.21 -47.89
N VAL G 205 47.00 -21.58 -47.28
CA VAL G 205 48.11 -20.99 -48.02
C VAL G 205 49.43 -21.41 -47.38
N ASP G 206 50.49 -21.33 -48.19
CA ASP G 206 51.84 -21.58 -47.74
C ASP G 206 52.39 -20.32 -47.05
N PRO G 207 53.46 -20.47 -46.25
CA PRO G 207 54.01 -19.29 -45.54
C PRO G 207 54.44 -18.15 -46.47
N ALA G 208 55.01 -18.46 -47.63
CA ALA G 208 55.41 -17.39 -48.55
C ALA G 208 54.19 -16.63 -49.06
N THR G 209 53.13 -17.34 -49.43
CA THR G 209 51.91 -16.67 -49.86
C THR G 209 51.30 -15.87 -48.71
N SER G 210 51.39 -16.38 -47.49
CA SER G 210 50.93 -15.64 -46.34
C SER G 210 51.69 -14.33 -46.18
N LEU G 211 53.01 -14.37 -46.37
CA LEU G 211 53.80 -13.15 -46.31
C LEU G 211 53.40 -12.17 -47.41
N LYS G 212 53.14 -12.68 -48.61
CA LYS G 212 52.73 -11.79 -49.70
C LYS G 212 51.35 -11.19 -49.46
N LEU G 213 50.46 -11.91 -48.77
CA LEU G 213 49.08 -11.47 -48.64
C LEU G 213 48.95 -10.20 -47.81
N VAL G 214 49.84 -9.98 -46.84
CA VAL G 214 49.73 -8.82 -45.96
C VAL G 214 50.29 -7.55 -46.58
N LYS G 215 50.78 -7.62 -47.82
CA LYS G 215 51.28 -6.43 -48.48
C LYS G 215 50.13 -5.51 -48.88
N PRO G 216 50.39 -4.21 -49.01
CA PRO G 216 49.34 -3.29 -49.45
C PRO G 216 48.83 -3.66 -50.84
N TYR G 217 47.52 -3.49 -51.04
CA TYR G 217 46.90 -3.81 -52.31
C TYR G 217 47.33 -2.81 -53.38
N ALA G 218 47.57 -3.32 -54.59
CA ALA G 218 47.95 -2.47 -55.71
C ALA G 218 47.07 -2.74 -56.91
N CYS G 227 45.23 1.60 -48.39
CA CYS G 227 45.28 1.12 -47.02
C CYS G 227 44.58 -0.22 -46.90
N GLU G 228 44.40 -0.89 -48.04
CA GLU G 228 43.75 -2.19 -48.11
C GLU G 228 44.79 -3.26 -48.42
N LYS G 229 44.55 -4.47 -47.95
CA LYS G 229 45.48 -5.58 -48.10
C LYS G 229 44.96 -6.58 -49.11
N TRP G 230 45.90 -7.33 -49.70
CA TRP G 230 45.54 -8.40 -50.61
C TRP G 230 44.66 -9.44 -49.92
N GLU G 231 44.92 -9.71 -48.64
CA GLU G 231 44.05 -10.60 -47.88
C GLU G 231 42.64 -10.07 -47.79
N ASP G 232 42.48 -8.78 -47.53
CA ASP G 232 41.15 -8.18 -47.47
C ASP G 232 40.44 -8.28 -48.81
N VAL G 233 41.16 -8.01 -49.90
CA VAL G 233 40.55 -8.09 -51.23
C VAL G 233 40.12 -9.51 -51.52
N LEU G 234 40.96 -10.49 -51.19
CA LEU G 234 40.60 -11.89 -51.41
C LEU G 234 39.39 -12.30 -50.59
N ILE G 235 39.33 -11.88 -49.33
CA ILE G 235 38.19 -12.22 -48.48
C ILE G 235 36.91 -11.61 -49.04
N GLN G 236 36.98 -10.36 -49.50
CA GLN G 236 35.80 -9.74 -50.11
C GLN G 236 35.38 -10.49 -51.37
N THR G 237 36.34 -10.90 -52.20
CA THR G 237 36.00 -11.62 -53.43
C THR G 237 35.32 -12.95 -53.12
N ILE G 238 35.81 -13.67 -52.10
CA ILE G 238 35.19 -14.94 -51.73
C ILE G 238 33.81 -14.72 -51.12
N LYS G 239 33.65 -13.64 -50.34
CA LYS G 239 32.35 -13.31 -49.79
C LYS G 239 31.35 -12.96 -50.88
N ALA G 240 31.86 -12.45 -52.01
CA ALA G 240 30.97 -12.16 -53.14
C ALA G 240 30.32 -13.43 -53.68
N ILE G 241 30.99 -14.58 -53.59
CA ILE G 241 30.45 -15.80 -54.17
C ILE G 241 29.81 -16.73 -53.16
N ASN G 242 30.20 -16.66 -51.87
CA ASN G 242 29.66 -17.59 -50.89
C ASN G 242 28.50 -17.02 -50.09
N ASN G 243 27.76 -16.07 -50.68
CA ASN G 243 26.64 -15.40 -50.02
C ASN G 243 27.07 -14.69 -48.74
N ARG G 244 28.30 -14.17 -48.74
CA ARG G 244 28.84 -13.39 -47.62
C ARG G 244 28.81 -14.17 -46.31
N GLU G 245 29.15 -15.46 -46.38
CA GLU G 245 29.34 -16.27 -45.19
C GLU G 245 30.74 -16.05 -44.64
N ASP G 246 31.13 -16.87 -43.66
CA ASP G 246 32.46 -16.74 -43.08
C ASP G 246 33.52 -17.25 -44.05
N VAL G 247 34.68 -16.59 -44.02
CA VAL G 247 35.84 -17.01 -44.80
C VAL G 247 37.01 -17.16 -43.85
N TYR G 248 37.55 -18.37 -43.75
CA TYR G 248 38.64 -18.67 -42.85
C TYR G 248 39.93 -18.81 -43.64
N ILE G 249 41.03 -18.30 -43.07
CA ILE G 249 42.34 -18.35 -43.69
C ILE G 249 43.28 -19.11 -42.76
N GLU G 250 43.99 -20.09 -43.32
CA GLU G 250 44.92 -20.92 -42.56
C GLU G 250 46.25 -20.99 -43.28
N THR G 251 47.32 -21.07 -42.49
CA THR G 251 48.67 -21.24 -43.00
C THR G 251 49.19 -22.61 -42.59
N SER G 252 49.79 -23.33 -43.53
CA SER G 252 50.32 -24.65 -43.28
C SER G 252 51.73 -24.74 -43.85
N ASN G 253 52.65 -25.29 -43.06
CA ASN G 253 53.99 -25.55 -43.55
C ASN G 253 54.07 -26.80 -44.40
N LEU G 254 52.99 -27.58 -44.46
CA LEU G 254 52.93 -28.76 -45.31
C LEU G 254 52.73 -28.42 -46.77
N LEU G 255 52.41 -27.17 -47.09
CA LEU G 255 52.21 -26.72 -48.46
C LEU G 255 53.41 -25.90 -48.92
N LYS G 256 53.62 -25.88 -50.24
CA LYS G 256 54.70 -25.11 -50.84
C LYS G 256 54.18 -24.48 -52.12
N HIS G 257 53.97 -23.17 -52.10
CA HIS G 257 53.54 -22.40 -53.27
C HIS G 257 52.21 -22.91 -53.82
N LYS G 258 51.31 -23.28 -52.89
CA LYS G 258 49.98 -23.76 -53.23
C LYS G 258 48.94 -22.96 -52.47
N ILE G 259 47.78 -22.78 -53.09
CA ILE G 259 46.63 -22.13 -52.48
C ILE G 259 45.42 -23.03 -52.69
N LEU G 260 44.76 -23.37 -51.60
CA LEU G 260 43.58 -24.24 -51.63
C LEU G 260 42.37 -23.44 -51.17
N ILE G 261 41.30 -23.46 -51.97
CA ILE G 261 40.05 -22.81 -51.58
C ILE G 261 38.91 -23.81 -51.77
N TYR G 262 38.12 -24.02 -50.72
CA TYR G 262 37.04 -24.99 -50.82
C TYR G 262 35.98 -24.68 -49.76
N PRO G 263 34.73 -25.04 -50.00
CA PRO G 263 33.69 -24.80 -49.00
C PRO G 263 33.73 -25.79 -47.86
N LEU G 264 33.10 -25.40 -46.74
CA LEU G 264 32.97 -26.25 -45.57
C LEU G 264 31.57 -26.86 -45.47
N ASN G 265 30.98 -27.21 -46.62
CA ASN G 265 29.64 -27.76 -46.67
C ASN G 265 29.69 -29.28 -46.80
N SER G 266 28.98 -29.98 -45.91
CA SER G 266 29.00 -31.43 -45.92
C SER G 266 28.27 -32.03 -47.12
N GLU G 267 27.48 -31.23 -47.85
CA GLU G 267 26.82 -31.72 -49.05
C GLU G 267 27.72 -31.73 -50.27
N LEU G 268 28.87 -31.06 -50.21
CA LEU G 268 29.81 -30.99 -51.32
C LEU G 268 31.08 -31.79 -51.07
N ILE G 269 31.68 -31.63 -49.89
CA ILE G 269 32.90 -32.34 -49.52
C ILE G 269 32.65 -33.05 -48.18
N LYS G 270 32.97 -34.35 -48.14
CA LYS G 270 32.74 -35.14 -46.95
C LYS G 270 33.96 -36.03 -46.68
N PHE G 271 34.37 -36.08 -45.42
CA PHE G 271 35.47 -36.93 -44.98
C PHE G 271 34.86 -38.10 -44.22
N LYS G 272 35.02 -39.30 -44.78
CA LYS G 272 34.54 -40.53 -44.17
C LYS G 272 35.72 -41.40 -43.76
N PRO G 273 36.48 -41.02 -42.75
CA PRO G 273 37.65 -41.83 -42.36
C PRO G 273 37.22 -43.11 -41.66
N SER G 274 38.10 -44.09 -41.71
CA SER G 274 37.91 -45.29 -40.91
C SER G 274 37.99 -44.93 -39.43
N LYS G 275 37.16 -45.59 -38.62
CA LYS G 275 37.22 -45.34 -37.19
C LYS G 275 38.50 -45.88 -36.56
N TYR G 276 39.38 -46.50 -37.35
CA TYR G 276 40.69 -46.92 -36.91
C TYR G 276 41.80 -46.11 -37.56
N MET G 277 41.47 -44.93 -38.11
CA MET G 277 42.46 -44.13 -38.82
C MET G 277 43.56 -43.65 -37.89
N LEU G 278 43.21 -43.23 -36.68
CA LEU G 278 44.20 -42.74 -35.74
C LEU G 278 44.99 -43.90 -35.13
N PRO G 279 46.21 -43.64 -34.67
CA PRO G 279 47.09 -44.74 -34.24
C PRO G 279 46.47 -45.61 -33.17
N THR G 280 46.65 -46.92 -33.32
CA THR G 280 46.09 -47.91 -32.40
C THR G 280 47.16 -48.96 -32.12
N PRO G 281 47.36 -49.35 -30.86
CA PRO G 281 48.36 -50.39 -30.57
C PRO G 281 47.95 -51.74 -31.15
N ASN G 282 48.96 -52.56 -31.43
CA ASN G 282 48.74 -53.93 -31.85
C ASN G 282 48.97 -54.87 -30.67
N GLU G 283 48.22 -55.98 -30.65
CA GLU G 283 48.31 -56.92 -29.54
C GLU G 283 49.65 -57.64 -29.51
N GLN G 284 50.36 -57.71 -30.64
CA GLN G 284 51.61 -58.44 -30.70
C GLN G 284 52.75 -57.60 -30.12
N VAL G 285 53.53 -58.19 -29.22
CA VAL G 285 54.70 -57.57 -28.63
C VAL G 285 55.85 -58.55 -28.73
N ASP G 286 56.93 -58.15 -29.41
CA ASP G 286 58.11 -59.00 -29.51
C ASP G 286 58.86 -59.01 -28.20
N LYS G 287 59.23 -60.20 -27.73
CA LYS G 287 59.92 -60.36 -26.47
C LYS G 287 61.06 -61.36 -26.62
N ASP G 288 62.12 -61.17 -25.84
CA ASP G 288 63.24 -62.10 -25.81
C ASP G 288 63.83 -62.07 -24.40
N SER G 289 65.05 -62.58 -24.28
CA SER G 289 65.71 -62.68 -22.97
C SER G 289 66.31 -61.38 -22.49
N THR G 290 66.40 -60.36 -23.35
CA THR G 290 66.99 -59.09 -22.97
C THR G 290 65.91 -58.17 -22.39
N ASP G 291 66.27 -56.90 -22.18
CA ASP G 291 65.35 -55.91 -21.65
C ASP G 291 64.64 -55.10 -22.71
N VAL G 292 64.88 -55.39 -23.99
CA VAL G 292 64.34 -54.61 -25.10
C VAL G 292 63.17 -55.38 -25.71
N ALA G 293 62.06 -54.69 -25.93
CA ALA G 293 60.88 -55.26 -26.58
C ALA G 293 60.47 -54.37 -27.74
N HIS G 294 59.67 -54.94 -28.65
CA HIS G 294 59.19 -54.24 -29.83
C HIS G 294 57.66 -54.22 -29.84
N SER G 295 57.10 -53.11 -30.30
CA SER G 295 55.66 -52.95 -30.36
C SER G 295 55.27 -52.36 -31.71
N TYR G 296 54.00 -52.55 -32.08
CA TYR G 296 53.49 -52.15 -33.38
C TYR G 296 52.30 -51.21 -33.22
N ILE G 297 52.24 -50.22 -34.11
CA ILE G 297 51.16 -49.25 -34.15
C ILE G 297 50.53 -49.29 -35.53
N ASP G 298 49.21 -49.39 -35.58
CA ASP G 298 48.45 -49.49 -36.82
C ASP G 298 47.68 -48.20 -37.07
N PHE G 299 47.48 -47.88 -38.34
CA PHE G 299 46.61 -46.77 -38.73
C PHE G 299 46.08 -47.01 -40.12
N VAL G 300 45.06 -46.24 -40.50
CA VAL G 300 44.35 -46.42 -41.76
C VAL G 300 44.27 -45.09 -42.48
N LEU G 301 44.47 -45.12 -43.80
CA LEU G 301 44.47 -43.93 -44.65
C LEU G 301 43.37 -44.04 -45.70
N GLY G 302 42.77 -42.90 -46.02
CA GLY G 302 41.78 -42.81 -47.08
C GLY G 302 40.41 -42.37 -46.63
N GLY G 303 39.60 -41.83 -47.54
CA GLY G 303 38.22 -41.52 -47.23
C GLY G 303 37.72 -40.13 -47.57
N LEU G 304 38.45 -39.38 -48.39
CA LEU G 304 38.03 -38.04 -48.76
C LEU G 304 37.17 -38.11 -50.03
N LEU G 305 35.95 -37.58 -49.96
CA LEU G 305 35.04 -37.57 -51.09
C LEU G 305 34.63 -36.12 -51.38
N ALA G 306 34.65 -35.75 -52.65
CA ALA G 306 34.29 -34.39 -53.04
C ALA G 306 33.50 -34.42 -54.35
N THR G 307 32.61 -33.44 -54.49
CA THR G 307 31.91 -33.27 -55.75
C THR G 307 32.82 -32.58 -56.77
N ARG G 308 32.44 -32.69 -58.04
CA ARG G 308 33.26 -32.14 -59.10
C ARG G 308 33.23 -30.62 -59.07
N LYS G 309 34.39 -30.02 -59.36
CA LYS G 309 34.53 -28.57 -59.52
C LYS G 309 34.07 -27.81 -58.27
N THR G 310 34.55 -28.27 -57.10
CA THR G 310 34.30 -27.57 -55.85
C THR G 310 35.56 -27.24 -55.08
N ILE G 311 36.74 -27.55 -55.63
CA ILE G 311 38.02 -27.22 -55.00
C ILE G 311 38.84 -26.43 -56.00
N LEU G 312 39.38 -25.30 -55.56
CA LEU G 312 40.27 -24.48 -56.37
C LEU G 312 41.69 -24.66 -55.85
N GLN G 313 42.58 -25.13 -56.72
CA GLN G 313 43.97 -25.42 -56.38
C GLN G 313 44.86 -24.57 -57.28
N VAL G 314 45.55 -23.60 -56.69
CA VAL G 314 46.43 -22.71 -57.41
C VAL G 314 47.88 -23.10 -57.08
N ASN G 315 48.66 -23.37 -58.12
CA ASN G 315 50.06 -23.72 -57.97
C ASN G 315 50.92 -22.63 -58.60
N ILE G 316 51.85 -22.08 -57.84
CA ILE G 316 52.74 -21.04 -58.34
C ILE G 316 54.07 -21.70 -58.71
N LYS G 317 54.31 -21.84 -60.01
CA LYS G 317 55.54 -22.48 -60.46
C LYS G 317 56.76 -21.64 -60.08
N GLN G 318 57.80 -22.31 -59.61
CA GLN G 318 59.04 -21.65 -59.23
C GLN G 318 60.12 -21.70 -60.30
N SER G 319 60.03 -22.66 -61.22
CA SER G 319 61.02 -22.79 -62.28
C SER G 319 60.34 -22.90 -63.64
N LEU H 3 50.48 -66.79 -10.00
CA LEU H 3 51.57 -67.02 -10.95
C LEU H 3 51.88 -68.50 -11.07
N PHE H 4 51.92 -69.20 -9.94
CA PHE H 4 52.20 -70.63 -9.95
C PHE H 4 51.10 -71.43 -10.63
N ASP H 5 49.89 -70.88 -10.72
CA ASP H 5 48.82 -71.53 -11.45
C ASP H 5 48.94 -71.35 -12.96
N GLU H 6 49.89 -70.54 -13.41
CA GLU H 6 50.08 -70.26 -14.83
C GLU H 6 51.47 -70.60 -15.34
N ASN H 7 52.50 -70.54 -14.50
CA ASN H 7 53.89 -70.74 -14.91
C ASN H 7 54.44 -71.98 -14.21
N TYR H 8 54.37 -73.11 -14.90
CA TYR H 8 54.92 -74.36 -14.36
C TYR H 8 56.42 -74.26 -14.15
N TYR H 9 57.11 -73.55 -15.05
CA TYR H 9 58.55 -73.40 -14.91
C TYR H 9 58.89 -72.62 -13.64
N ALA H 10 58.15 -71.55 -13.35
CA ALA H 10 58.34 -70.82 -12.11
C ALA H 10 58.02 -71.70 -10.91
N LYS H 11 56.94 -72.48 -10.99
CA LYS H 11 56.59 -73.36 -9.88
C LYS H 11 57.69 -74.38 -9.62
N ALA H 12 58.23 -74.99 -10.68
CA ALA H 12 59.28 -75.98 -10.52
C ALA H 12 60.56 -75.36 -9.99
N VAL H 13 60.89 -74.15 -10.43
CA VAL H 13 62.07 -73.47 -9.90
C VAL H 13 61.89 -73.22 -8.41
N ALA H 14 60.69 -72.79 -8.00
CA ALA H 14 60.43 -72.58 -6.58
C ALA H 14 60.53 -73.89 -5.80
N ASN H 15 60.08 -74.99 -6.40
CA ASN H 15 60.09 -76.27 -5.68
C ASN H 15 61.49 -76.86 -5.56
N ILE H 16 62.37 -76.61 -6.54
CA ILE H 16 63.67 -77.27 -6.59
C ILE H 16 64.81 -76.31 -6.26
N ILE H 17 64.53 -75.04 -5.95
CA ILE H 17 65.60 -74.10 -5.67
C ILE H 17 66.38 -74.50 -4.42
N GLY H 18 65.74 -75.18 -3.48
CA GLY H 18 66.40 -75.51 -2.22
C GLY H 18 67.43 -76.60 -2.30
N GLU H 19 67.51 -77.31 -3.43
CA GLU H 19 68.46 -78.40 -3.58
C GLU H 19 69.78 -77.97 -4.19
N VAL H 20 69.98 -76.67 -4.41
CA VAL H 20 71.26 -76.16 -4.90
C VAL H 20 72.11 -75.75 -3.69
N LYS H 21 73.32 -76.28 -3.62
CA LYS H 21 74.17 -76.07 -2.46
C LYS H 21 74.70 -74.64 -2.42
N ASP H 22 75.01 -74.18 -1.21
CA ASP H 22 75.49 -72.83 -1.02
C ASP H 22 76.88 -72.65 -1.63
N PRO H 23 77.20 -71.45 -2.12
CA PRO H 23 78.54 -71.23 -2.69
C PRO H 23 79.63 -71.38 -1.64
N ILE H 24 80.80 -71.82 -2.10
CA ILE H 24 81.93 -72.01 -1.19
C ILE H 24 82.63 -70.70 -0.84
N MET H 25 82.35 -69.63 -1.57
CA MET H 25 82.96 -68.34 -1.28
C MET H 25 82.51 -67.75 0.05
N TYR H 26 81.43 -68.25 0.63
CA TYR H 26 80.95 -67.74 1.91
C TYR H 26 81.92 -68.01 3.05
N LYS H 27 82.80 -69.01 2.90
CA LYS H 27 83.77 -69.34 3.93
C LYS H 27 85.01 -68.45 3.90
N TRP H 28 85.18 -67.65 2.84
CA TRP H 28 86.33 -66.77 2.73
C TRP H 28 86.08 -65.38 3.29
N PHE H 29 84.88 -65.11 3.82
CA PHE H 29 84.53 -63.79 4.32
C PHE H 29 83.77 -63.93 5.63
N SER H 30 83.89 -62.91 6.47
CA SER H 30 83.12 -62.84 7.70
C SER H 30 81.68 -62.42 7.39
N PRO H 31 80.74 -62.73 8.29
CA PRO H 31 79.34 -62.36 8.02
C PRO H 31 79.14 -60.87 7.82
N ASP H 32 79.89 -60.04 8.55
CA ASP H 32 79.75 -58.59 8.44
C ASP H 32 80.39 -58.05 7.16
N GLN H 33 81.23 -58.84 6.49
CA GLN H 33 81.95 -58.35 5.33
C GLN H 33 81.09 -58.31 4.06
N ILE H 34 79.96 -59.02 4.04
CA ILE H 34 79.13 -59.14 2.85
C ILE H 34 77.88 -58.27 3.03
N GLU H 35 77.60 -57.43 2.04
CA GLU H 35 76.41 -56.59 2.07
C GLU H 35 75.87 -56.44 0.66
N ASP H 36 74.63 -56.85 0.44
CA ASP H 36 74.04 -56.83 -0.90
C ASP H 36 73.75 -55.40 -1.34
N VAL H 37 73.78 -55.19 -2.66
CA VAL H 37 73.41 -53.92 -3.27
C VAL H 37 72.36 -54.20 -4.34
N ASP H 38 71.56 -53.18 -4.65
CA ASP H 38 70.47 -53.29 -5.61
C ASP H 38 70.94 -52.69 -6.94
N LEU H 39 71.39 -53.55 -7.84
CA LEU H 39 71.89 -53.14 -9.15
C LEU H 39 72.10 -54.38 -10.00
N GLN H 40 71.96 -54.23 -11.31
CA GLN H 40 72.19 -55.32 -12.26
C GLN H 40 73.39 -55.05 -13.14
N MET H 41 73.42 -53.93 -13.85
CA MET H 41 74.55 -53.56 -14.69
C MET H 41 74.79 -52.06 -14.53
N GLY H 42 76.06 -51.68 -14.50
CA GLY H 42 76.42 -50.29 -14.36
C GLY H 42 77.52 -50.07 -13.34
N TYR H 43 77.52 -48.90 -12.70
CA TYR H 43 78.52 -48.56 -11.71
C TYR H 43 77.83 -47.96 -10.48
N GLN H 44 78.52 -48.05 -9.35
CA GLN H 44 78.05 -47.51 -8.10
C GLN H 44 79.21 -46.90 -7.33
N LYS H 45 78.98 -45.75 -6.72
CA LYS H 45 80.03 -45.00 -6.04
C LYS H 45 79.84 -45.08 -4.53
N THR H 46 80.97 -45.13 -3.82
CA THR H 46 80.98 -45.16 -2.36
C THR H 46 81.93 -44.08 -1.87
N VAL H 47 81.49 -43.33 -0.86
CA VAL H 47 82.24 -42.20 -0.32
C VAL H 47 82.62 -42.52 1.12
N LYS H 48 83.90 -42.37 1.44
CA LYS H 48 84.41 -42.56 2.79
C LYS H 48 84.89 -41.22 3.33
N TRP H 49 84.50 -40.90 4.56
CA TRP H 49 84.80 -39.62 5.18
C TRP H 49 85.84 -39.80 6.29
N ASP H 50 86.81 -38.89 6.32
CA ASP H 50 87.85 -38.90 7.33
C ASP H 50 87.96 -37.51 7.95
N ALA H 51 88.49 -37.47 9.17
CA ALA H 51 88.68 -36.23 9.90
C ALA H 51 90.12 -36.14 10.39
N PHE H 52 90.59 -34.91 10.60
CA PHE H 52 91.95 -34.70 11.06
C PHE H 52 91.99 -33.48 11.97
N LEU H 53 93.03 -33.40 12.77
CA LEU H 53 93.23 -32.30 13.71
C LEU H 53 94.15 -31.26 13.08
N ASN H 54 93.77 -29.99 13.22
CA ASN H 54 94.54 -28.89 12.63
C ASN H 54 95.61 -28.35 13.55
N ALA H 55 95.43 -28.44 14.86
CA ALA H 55 96.38 -27.88 15.80
C ALA H 55 96.17 -28.54 17.16
N ASN H 56 96.97 -28.12 18.13
CA ASN H 56 96.81 -28.60 19.49
C ASN H 56 95.50 -28.11 20.08
N PRO H 57 94.94 -28.83 21.05
CA PRO H 57 93.68 -28.38 21.67
C PRO H 57 93.88 -27.06 22.40
N THR H 58 92.77 -26.34 22.56
CA THR H 58 92.77 -25.03 23.19
C THR H 58 92.36 -25.17 24.66
N THR H 59 93.12 -24.57 25.55
CA THR H 59 92.79 -24.57 26.97
C THR H 59 91.69 -23.57 27.24
N ILE H 60 90.62 -24.02 27.89
CA ILE H 60 89.47 -23.17 28.19
C ILE H 60 89.70 -22.56 29.58
N ALA H 61 90.04 -21.28 29.60
CA ALA H 61 90.24 -20.56 30.85
C ALA H 61 89.89 -19.09 30.63
N ASN H 62 89.05 -18.56 31.51
CA ASN H 62 88.60 -17.16 31.46
C ASN H 62 87.84 -16.96 30.15
N GLU H 63 88.20 -15.99 29.32
CA GLU H 63 87.48 -15.68 28.09
C GLU H 63 88.37 -15.99 26.89
N VAL H 64 87.89 -16.85 26.00
CA VAL H 64 88.61 -17.23 24.79
C VAL H 64 87.63 -17.25 23.63
N ASN H 65 88.01 -16.65 22.50
CA ASN H 65 87.21 -16.66 21.29
C ASN H 65 87.79 -17.54 20.19
N THR H 66 89.10 -17.76 20.18
CA THR H 66 89.76 -18.52 19.13
C THR H 66 89.99 -19.94 19.61
N ILE H 67 89.43 -20.91 18.88
CA ILE H 67 89.49 -22.32 19.24
C ILE H 67 90.10 -23.09 18.07
N SER H 68 90.88 -24.12 18.39
CA SER H 68 91.46 -24.96 17.35
C SER H 68 90.38 -25.71 16.59
N THR H 69 90.65 -26.01 15.33
CA THR H 69 89.66 -26.55 14.41
C THR H 69 89.98 -27.99 14.03
N ILE H 70 88.95 -28.68 13.55
CA ILE H 70 89.07 -30.05 13.05
C ILE H 70 88.58 -30.07 11.61
N GLY H 71 89.41 -30.59 10.71
CA GLY H 71 89.09 -30.62 9.30
C GLY H 71 88.46 -31.94 8.88
N PHE H 72 88.14 -32.03 7.59
CA PHE H 72 87.54 -33.21 7.01
C PHE H 72 88.05 -33.42 5.59
N SER H 73 87.93 -34.65 5.12
CA SER H 73 88.34 -35.01 3.77
C SER H 73 87.54 -36.24 3.34
N SER H 74 87.52 -36.48 2.03
CA SER H 74 86.74 -37.58 1.49
C SER H 74 87.46 -38.19 0.30
N GLU H 75 87.15 -39.46 0.04
CA GLU H 75 87.63 -40.17 -1.14
C GLU H 75 86.48 -40.98 -1.72
N VAL H 76 86.47 -41.11 -3.04
CA VAL H 76 85.37 -41.74 -3.77
C VAL H 76 85.90 -42.99 -4.47
N VAL H 77 85.14 -44.07 -4.37
CA VAL H 77 85.49 -45.35 -4.97
C VAL H 77 84.36 -45.80 -5.88
N ARG H 78 84.70 -46.24 -7.08
CA ARG H 78 83.73 -46.65 -8.08
C ARG H 78 83.87 -48.15 -8.35
N LEU H 79 82.75 -48.86 -8.32
CA LEU H 79 82.71 -50.28 -8.58
C LEU H 79 81.80 -50.57 -9.77
N ASN H 80 82.13 -51.61 -10.52
CA ASN H 80 81.40 -51.99 -11.72
C ASN H 80 80.74 -53.35 -11.54
N TYR H 81 79.57 -53.50 -12.16
CA TYR H 81 78.82 -54.76 -12.13
C TYR H 81 78.43 -55.15 -13.54
N LEU H 82 78.43 -56.44 -13.83
CA LEU H 82 78.18 -56.95 -15.17
C LEU H 82 77.16 -58.08 -15.13
N LYS H 83 76.19 -58.05 -16.04
CA LYS H 83 75.14 -59.05 -16.12
C LYS H 83 75.47 -60.04 -17.24
N LEU H 84 75.34 -61.33 -16.94
CA LEU H 84 75.68 -62.39 -17.87
C LEU H 84 74.54 -63.42 -17.89
N GLN H 85 74.43 -64.13 -19.01
CA GLN H 85 73.32 -65.04 -19.23
C GLN H 85 73.79 -66.30 -19.94
N TYR H 86 73.12 -67.41 -19.62
CA TYR H 86 73.33 -68.69 -20.28
C TYR H 86 71.97 -69.25 -20.72
N LYS H 87 72.02 -70.09 -21.76
CA LYS H 87 70.83 -70.74 -22.30
C LYS H 87 70.99 -72.24 -22.21
N PHE H 88 69.87 -72.94 -22.03
CA PHE H 88 69.90 -74.39 -22.01
C PHE H 88 68.57 -74.94 -22.52
N ARG H 89 68.65 -76.07 -23.24
CA ARG H 89 67.48 -76.75 -23.77
C ARG H 89 67.00 -77.82 -22.79
N HIS H 90 65.70 -78.12 -22.86
CA HIS H 90 65.09 -79.10 -21.97
C HIS H 90 63.83 -79.63 -22.65
N LEU H 91 63.05 -80.41 -21.90
CA LEU H 91 61.82 -80.98 -22.40
C LEU H 91 60.63 -80.09 -22.04
N LYS H 92 59.65 -80.04 -22.94
CA LYS H 92 58.42 -79.32 -22.67
C LYS H 92 57.65 -80.00 -21.55
N GLN H 93 56.92 -79.20 -20.77
CA GLN H 93 56.24 -79.73 -19.60
C GLN H 93 55.22 -80.79 -19.97
N THR H 94 54.43 -80.55 -21.01
CA THR H 94 53.41 -81.50 -21.42
C THR H 94 54.00 -82.74 -22.09
N SER H 95 55.27 -82.72 -22.45
CA SER H 95 55.90 -83.82 -23.16
C SER H 95 56.66 -84.78 -22.25
N GLU H 96 56.62 -84.58 -20.94
CA GLU H 96 57.41 -85.43 -20.05
C GLU H 96 56.83 -86.83 -19.95
N LYS H 97 55.51 -86.97 -20.06
CA LYS H 97 54.90 -88.29 -19.88
C LYS H 97 55.32 -89.27 -20.97
N PHE H 98 55.63 -88.78 -22.17
CA PHE H 98 56.06 -89.65 -23.25
C PHE H 98 57.54 -90.03 -23.16
N TYR H 99 58.29 -89.39 -22.27
CA TYR H 99 59.68 -89.75 -22.02
C TYR H 99 59.91 -90.28 -20.62
N THR H 100 58.85 -90.43 -19.82
CA THR H 100 58.99 -91.08 -18.52
C THR H 100 59.43 -92.53 -18.70
N SER H 101 60.26 -93.00 -17.77
CA SER H 101 60.73 -94.37 -17.76
C SER H 101 60.48 -94.97 -16.39
N ASP H 102 60.74 -96.28 -16.28
CA ASP H 102 60.51 -96.97 -15.02
C ASP H 102 61.46 -96.47 -13.92
N SER H 103 62.63 -95.96 -14.31
CA SER H 103 63.63 -95.52 -13.35
C SER H 103 63.96 -94.03 -13.43
N TYR H 104 63.58 -93.34 -14.50
CA TYR H 104 63.97 -91.95 -14.69
C TYR H 104 62.98 -91.28 -15.63
N ILE H 105 63.21 -89.99 -15.87
CA ILE H 105 62.46 -89.22 -16.86
C ILE H 105 63.46 -88.49 -17.74
N GLY H 106 63.29 -88.61 -19.06
CA GLY H 106 64.19 -87.95 -19.98
C GLY H 106 64.60 -88.82 -21.16
N ASP H 107 65.20 -88.21 -22.17
CA ASP H 107 65.64 -88.93 -23.37
C ASP H 107 67.15 -89.14 -23.26
N ILE H 108 67.55 -90.37 -22.94
CA ILE H 108 68.98 -90.66 -22.82
C ILE H 108 69.68 -90.56 -24.16
N ASN H 109 69.06 -91.08 -25.22
CA ASN H 109 69.70 -91.10 -26.53
C ASN H 109 69.92 -89.71 -27.10
N ASN H 110 69.14 -88.72 -26.67
CA ASN H 110 69.24 -87.36 -27.20
C ASN H 110 69.69 -86.36 -26.16
N ASN H 111 69.95 -86.80 -24.92
CA ASN H 111 70.42 -85.94 -23.84
C ASN H 111 69.42 -84.79 -23.58
N LEU H 112 68.19 -85.19 -23.27
CA LEU H 112 67.12 -84.27 -22.94
C LEU H 112 66.62 -84.57 -21.54
N LEU H 113 66.57 -83.55 -20.69
CA LEU H 113 66.19 -83.69 -19.30
C LEU H 113 64.93 -82.88 -19.01
N PRO H 114 64.22 -83.21 -17.93
CA PRO H 114 63.16 -82.33 -17.45
C PRO H 114 63.73 -80.98 -17.00
N PHE H 115 62.87 -79.97 -17.03
CA PHE H 115 63.30 -78.60 -16.76
C PHE H 115 63.93 -78.47 -15.38
N ALA H 116 63.36 -79.15 -14.38
CA ALA H 116 63.87 -79.01 -13.02
C ALA H 116 65.31 -79.50 -12.91
N GLN H 117 65.58 -80.70 -13.41
CA GLN H 117 66.92 -81.25 -13.34
C GLN H 117 67.90 -80.43 -14.18
N ALA H 118 67.48 -80.02 -15.37
CA ALA H 118 68.35 -79.21 -16.22
C ALA H 118 68.71 -77.90 -15.52
N TYR H 119 67.71 -77.25 -14.90
CA TYR H 119 67.97 -76.00 -14.20
C TYR H 119 68.90 -76.20 -13.02
N LYS H 120 68.71 -77.29 -12.27
CA LYS H 120 69.57 -77.55 -11.12
C LYS H 120 71.02 -77.72 -11.55
N LEU H 121 71.25 -78.51 -12.61
CA LEU H 121 72.61 -78.73 -13.09
C LEU H 121 73.23 -77.44 -13.61
N ALA H 122 72.47 -76.67 -14.39
CA ALA H 122 73.01 -75.42 -14.92
C ALA H 122 73.33 -74.45 -13.80
N SER H 123 72.47 -74.37 -12.78
CA SER H 123 72.72 -73.49 -11.65
C SER H 123 73.97 -73.90 -10.90
N SER H 124 74.18 -75.21 -10.72
CA SER H 124 75.40 -75.67 -10.06
C SER H 124 76.64 -75.26 -10.84
N GLU H 125 76.61 -75.43 -12.16
CA GLU H 125 77.75 -75.02 -12.98
C GLU H 125 78.01 -73.53 -12.88
N ILE H 126 76.93 -72.72 -12.94
CA ILE H 126 77.10 -71.28 -12.89
C ILE H 126 77.62 -70.84 -11.52
N ILE H 127 77.19 -71.52 -10.45
CA ILE H 127 77.69 -71.20 -9.12
C ILE H 127 79.18 -71.52 -9.02
N LYS H 128 79.61 -72.64 -9.61
CA LYS H 128 81.05 -72.93 -9.65
C LYS H 128 81.81 -71.83 -10.38
N LEU H 129 81.27 -71.37 -11.51
CA LEU H 129 81.92 -70.30 -12.26
C LEU H 129 82.01 -69.01 -11.43
N ILE H 130 80.93 -68.69 -10.70
CA ILE H 130 80.91 -67.49 -9.88
C ILE H 130 81.94 -67.58 -8.76
N ASN H 131 82.05 -68.75 -8.12
CA ASN H 131 83.06 -68.93 -7.09
C ASN H 131 84.47 -68.75 -7.66
N HIS H 132 84.72 -69.31 -8.84
CA HIS H 132 86.03 -69.15 -9.47
C HIS H 132 86.31 -67.68 -9.75
N PHE H 133 85.32 -66.94 -10.26
CA PHE H 133 85.53 -65.53 -10.53
C PHE H 133 85.82 -64.76 -9.25
N VAL H 134 85.06 -65.03 -8.18
CA VAL H 134 85.26 -64.30 -6.94
C VAL H 134 86.67 -64.55 -6.41
N LEU H 135 87.15 -65.79 -6.51
CA LEU H 135 88.47 -66.10 -5.97
C LEU H 135 89.59 -65.52 -6.83
N THR H 136 89.50 -65.65 -8.15
CA THR H 136 90.65 -65.39 -9.02
C THR H 136 90.60 -64.08 -9.78
N GLY H 137 89.43 -63.50 -9.98
CA GLY H 137 89.30 -62.27 -10.74
C GLY H 137 89.17 -62.45 -12.24
N THR H 138 89.10 -63.68 -12.73
CA THR H 138 89.01 -63.95 -14.16
C THR H 138 87.88 -64.93 -14.42
N VAL H 139 87.32 -64.87 -15.63
CA VAL H 139 86.26 -65.75 -16.07
C VAL H 139 86.75 -66.53 -17.27
N SER H 140 86.77 -67.86 -17.15
CA SER H 140 87.22 -68.72 -18.23
C SER H 140 86.68 -70.12 -17.99
N ILE H 141 86.55 -70.88 -19.07
CA ILE H 141 86.05 -72.25 -19.02
C ILE H 141 87.12 -73.26 -19.39
N GLN H 142 88.38 -72.84 -19.44
CA GLN H 142 89.48 -73.72 -19.80
C GLN H 142 90.41 -73.92 -18.61
N LYS H 143 90.97 -75.12 -18.52
CA LYS H 143 91.94 -75.39 -17.46
C LYS H 143 93.22 -74.60 -17.68
N ASP H 144 93.58 -74.33 -18.94
CA ASP H 144 94.75 -73.50 -19.22
C ASP H 144 94.57 -72.07 -18.76
N GLY H 145 93.33 -71.62 -18.59
CA GLY H 145 93.07 -70.24 -18.18
C GLY H 145 93.09 -69.24 -19.30
N LYS H 146 93.17 -69.67 -20.56
CA LYS H 146 93.17 -68.77 -21.69
C LYS H 146 91.75 -68.60 -22.22
N ASN H 147 91.61 -67.80 -23.28
CA ASN H 147 90.31 -67.40 -23.80
C ASN H 147 89.44 -66.79 -22.70
N GLN H 148 90.02 -65.84 -21.99
CA GLN H 148 89.33 -65.17 -20.90
C GLN H 148 88.32 -64.17 -21.44
N LYS H 149 87.15 -64.11 -20.80
CA LYS H 149 86.18 -63.07 -21.14
C LYS H 149 86.67 -61.73 -20.63
N ARG H 150 86.66 -60.73 -21.51
CA ARG H 150 87.08 -59.39 -21.11
C ARG H 150 86.02 -58.78 -20.20
N LEU H 151 86.47 -58.23 -19.08
CA LEU H 151 85.59 -57.65 -18.08
C LEU H 151 85.76 -56.13 -18.05
N LEU H 152 84.97 -55.49 -17.20
CA LEU H 152 85.01 -54.04 -17.07
C LEU H 152 86.12 -53.63 -16.10
N PRO H 153 86.58 -52.39 -16.19
CA PRO H 153 87.50 -51.88 -15.16
C PRO H 153 86.81 -51.77 -13.82
N ASN H 154 87.63 -51.75 -12.76
CA ASN H 154 87.14 -51.76 -11.38
C ASN H 154 86.33 -53.03 -11.09
N MET H 155 86.75 -54.14 -11.68
CA MET H 155 86.17 -55.46 -11.44
C MET H 155 87.32 -56.41 -11.16
N TYR H 156 87.55 -56.72 -9.89
CA TYR H 156 88.72 -57.48 -9.48
C TYR H 156 88.32 -58.60 -8.53
N GLY H 157 89.23 -59.57 -8.39
CA GLY H 157 89.11 -60.61 -7.40
C GLY H 157 90.21 -60.49 -6.34
N LEU H 158 90.18 -61.45 -5.41
CA LEU H 158 91.15 -61.44 -4.33
C LEU H 158 92.58 -61.69 -4.83
N LEU H 159 92.71 -62.36 -5.97
CA LEU H 159 94.03 -62.74 -6.47
C LEU H 159 94.65 -61.71 -7.41
N ASN H 160 93.84 -60.87 -8.06
CA ASN H 160 94.35 -59.89 -9.01
C ASN H 160 94.04 -58.45 -8.60
N MET H 161 93.73 -58.23 -7.33
CA MET H 161 93.48 -56.87 -6.86
C MET H 161 94.79 -56.07 -6.93
N PRO H 162 94.79 -54.92 -7.59
CA PRO H 162 96.03 -54.15 -7.71
C PRO H 162 96.44 -53.51 -6.39
N GLU H 163 97.70 -53.10 -6.34
CA GLU H 163 98.27 -52.38 -5.20
C GLU H 163 98.16 -53.19 -3.91
N GLN H 164 98.61 -54.44 -3.98
CA GLN H 164 98.75 -55.32 -2.83
C GLN H 164 100.21 -55.78 -2.74
N ILE H 165 100.51 -56.64 -1.78
CA ILE H 165 101.87 -57.15 -1.63
C ILE H 165 101.96 -58.48 -2.36
N LYS H 166 102.92 -58.58 -3.28
CA LYS H 166 103.13 -59.77 -4.09
C LYS H 166 104.54 -60.30 -3.84
N GLU H 167 104.65 -61.59 -3.55
CA GLU H 167 105.94 -62.25 -3.35
C GLU H 167 106.01 -63.46 -4.26
N GLU H 168 107.22 -63.76 -4.73
CA GLU H 168 107.44 -64.85 -5.67
C GLU H 168 108.57 -65.74 -5.17
N VAL H 169 108.25 -66.99 -4.87
CA VAL H 169 109.23 -67.99 -4.51
C VAL H 169 109.79 -68.60 -5.79
N ALA H 170 111.11 -68.62 -5.90
CA ALA H 170 111.77 -69.01 -7.14
C ALA H 170 111.53 -70.49 -7.45
N SER H 171 111.80 -70.86 -8.71
CA SER H 171 111.59 -72.23 -9.14
C SER H 171 112.49 -73.21 -8.41
N GLY H 172 113.75 -72.83 -8.19
CA GLY H 172 114.68 -73.72 -7.51
C GLY H 172 114.33 -73.98 -6.07
N ASP H 173 113.53 -73.11 -5.45
CA ASP H 173 113.13 -73.26 -4.06
C ASP H 173 111.66 -73.69 -3.92
N LYS H 174 111.10 -74.30 -4.97
CA LYS H 174 109.70 -74.69 -4.95
C LYS H 174 109.39 -75.76 -3.91
N ASP H 175 110.41 -76.41 -3.36
CA ASP H 175 110.22 -77.41 -2.33
C ASP H 175 110.85 -77.01 -1.00
N LYS H 176 111.51 -75.86 -0.95
CA LYS H 176 112.16 -75.39 0.28
C LYS H 176 111.14 -74.61 1.09
N MET H 177 110.54 -75.30 2.07
CA MET H 177 109.54 -74.65 2.92
C MET H 177 110.14 -73.50 3.70
N ASP H 178 111.43 -73.59 4.02
CA ASP H 178 112.11 -72.47 4.67
C ASP H 178 112.12 -71.24 3.79
N LYS H 179 112.40 -71.41 2.49
CA LYS H 179 112.38 -70.26 1.58
C LYS H 179 110.96 -69.72 1.41
N ILE H 180 109.97 -70.62 1.35
CA ILE H 180 108.58 -70.18 1.27
C ILE H 180 108.22 -69.34 2.49
N PHE H 181 108.62 -69.79 3.67
CA PHE H 181 108.34 -69.02 4.89
C PHE H 181 109.14 -67.73 4.93
N GLU H 182 110.35 -67.70 4.37
CA GLU H 182 111.10 -66.45 4.28
C GLU H 182 110.31 -65.42 3.47
N LYS H 183 109.80 -65.84 2.31
CA LYS H 183 108.99 -64.93 1.50
C LYS H 183 107.72 -64.51 2.22
N ILE H 184 107.08 -65.45 2.93
CA ILE H 184 105.85 -65.14 3.66
C ILE H 184 106.13 -64.12 4.76
N GLU H 185 107.23 -64.29 5.49
CA GLU H 185 107.59 -63.33 6.53
C GLU H 185 107.86 -61.95 5.95
N ALA H 186 108.57 -61.90 4.80
CA ALA H 186 108.81 -60.61 4.17
C ALA H 186 107.50 -59.93 3.78
N GLY H 187 106.57 -60.68 3.19
CA GLY H 187 105.28 -60.11 2.83
C GLY H 187 104.49 -59.64 4.05
N LEU H 188 104.48 -60.44 5.11
CA LEU H 188 103.75 -60.07 6.31
C LEU H 188 104.34 -58.82 6.94
N SER H 189 105.67 -58.67 6.88
CA SER H 189 106.29 -57.42 7.33
C SER H 189 105.87 -56.26 6.46
N LYS H 190 105.76 -56.48 5.14
CA LYS H 190 105.34 -55.41 4.24
C LYS H 190 103.86 -55.06 4.39
N LEU H 191 103.07 -55.93 5.03
CA LEU H 191 101.65 -55.63 5.21
C LEU H 191 101.46 -54.36 6.02
N GLU H 192 100.43 -53.58 5.65
CA GLU H 192 100.09 -52.31 6.31
C GLU H 192 98.61 -52.33 6.66
N LEU H 193 98.29 -52.72 7.89
CA LEU H 193 96.91 -52.76 8.36
C LEU H 193 96.46 -51.49 9.06
N GLY H 194 97.37 -50.55 9.31
CA GLY H 194 96.98 -49.31 9.96
C GLY H 194 96.48 -49.55 11.38
N ASP H 195 95.34 -48.94 11.69
CA ASP H 195 94.76 -49.02 13.02
C ASP H 195 93.78 -50.18 13.17
N GLU H 196 93.54 -50.95 12.12
CA GLU H 196 92.65 -52.11 12.16
C GLU H 196 93.40 -53.42 12.19
N PHE H 197 94.61 -53.43 12.77
CA PHE H 197 95.43 -54.64 12.76
C PHE H 197 94.86 -55.72 13.67
N SER H 198 94.19 -55.34 14.76
CA SER H 198 93.65 -56.30 15.72
C SER H 198 92.39 -56.92 15.14
N THR H 199 92.60 -57.89 14.24
CA THR H 199 91.50 -58.55 13.55
C THR H 199 91.94 -59.95 13.16
N PRO H 200 91.01 -60.89 13.04
CA PRO H 200 91.38 -62.22 12.56
C PRO H 200 91.89 -62.19 11.13
N MET H 201 92.74 -63.17 10.81
CA MET H 201 93.33 -63.28 9.48
C MET H 201 92.90 -64.59 8.83
N MET H 202 92.91 -64.60 7.50
CA MET H 202 92.51 -65.75 6.71
C MET H 202 93.59 -66.04 5.68
N VAL H 203 93.97 -67.31 5.58
CA VAL H 203 94.96 -67.80 4.63
C VAL H 203 94.30 -68.90 3.79
N ILE H 204 94.47 -68.81 2.48
CA ILE H 204 93.95 -69.80 1.54
C ILE H 204 95.13 -70.36 0.76
N VAL H 205 95.22 -71.70 0.71
CA VAL H 205 96.33 -72.37 0.07
C VAL H 205 95.82 -73.46 -0.87
N ASP H 206 96.64 -73.79 -1.85
CA ASP H 206 96.39 -74.90 -2.76
C ASP H 206 96.62 -76.23 -2.04
N PRO H 207 96.09 -77.33 -2.59
CA PRO H 207 96.26 -78.63 -1.91
C PRO H 207 97.71 -79.04 -1.72
N ALA H 208 98.59 -78.74 -2.68
CA ALA H 208 100.01 -79.09 -2.53
C ALA H 208 100.64 -78.35 -1.35
N THR H 209 100.38 -77.05 -1.26
CA THR H 209 100.90 -76.27 -0.13
C THR H 209 100.30 -76.76 1.18
N SER H 210 99.02 -77.11 1.16
CA SER H 210 98.38 -77.63 2.36
C SER H 210 99.05 -78.93 2.81
N LEU H 211 99.40 -79.78 1.87
CA LEU H 211 100.09 -81.03 2.21
C LEU H 211 101.49 -80.75 2.75
N LYS H 212 102.19 -79.77 2.18
CA LYS H 212 103.51 -79.42 2.70
C LYS H 212 103.43 -78.79 4.09
N LEU H 213 102.32 -78.15 4.43
CA LEU H 213 102.20 -77.45 5.71
C LEU H 213 102.04 -78.37 6.91
N VAL H 214 101.78 -79.67 6.69
CA VAL H 214 101.59 -80.60 7.81
C VAL H 214 102.85 -81.38 8.13
N LYS H 215 103.97 -81.09 7.47
CA LYS H 215 105.22 -81.75 7.78
C LYS H 215 105.76 -81.22 9.11
N PRO H 216 106.55 -82.03 9.83
CA PRO H 216 107.21 -81.53 11.03
C PRO H 216 108.16 -80.38 10.69
N TYR H 217 108.24 -79.41 11.60
CA TYR H 217 109.04 -78.22 11.35
C TYR H 217 110.51 -78.56 11.29
N ALA H 218 111.22 -77.92 10.37
CA ALA H 218 112.66 -78.14 10.21
C ALA H 218 113.44 -76.86 10.48
N ALA H 223 117.61 -80.47 11.05
CA ALA H 223 116.98 -81.50 11.86
C ALA H 223 115.50 -81.19 12.09
N ALA H 224 114.65 -82.18 11.84
CA ALA H 224 113.22 -82.00 12.04
C ALA H 224 112.89 -81.87 13.52
N SER H 225 111.87 -81.06 13.81
CA SER H 225 111.45 -80.79 15.17
C SER H 225 110.14 -81.50 15.48
N SER H 226 109.98 -81.90 16.73
CA SER H 226 108.77 -82.56 17.20
C SER H 226 107.84 -81.55 17.88
N CYS H 227 106.56 -81.92 17.95
CA CYS H 227 105.49 -81.18 18.61
C CYS H 227 105.18 -79.85 17.93
N GLU H 228 105.84 -79.51 16.82
CA GLU H 228 105.57 -78.28 16.11
C GLU H 228 105.61 -78.52 14.62
N LYS H 229 104.64 -77.96 13.90
CA LYS H 229 104.52 -78.11 12.47
C LYS H 229 104.75 -76.77 11.77
N TRP H 230 104.93 -76.86 10.45
CA TRP H 230 105.04 -75.66 9.65
C TRP H 230 103.77 -74.81 9.75
N GLU H 231 102.61 -75.47 9.85
CA GLU H 231 101.36 -74.74 10.04
C GLU H 231 101.37 -73.95 11.34
N ASP H 232 101.86 -74.57 12.43
CA ASP H 232 101.95 -73.87 13.70
C ASP H 232 102.90 -72.69 13.61
N VAL H 233 104.04 -72.86 12.93
CA VAL H 233 104.98 -71.76 12.77
C VAL H 233 104.33 -70.61 12.00
N LEU H 234 103.61 -70.94 10.93
CA LEU H 234 102.93 -69.90 10.16
C LEU H 234 101.87 -69.18 10.99
N ILE H 235 101.12 -69.94 11.79
CA ILE H 235 100.08 -69.32 12.62
C ILE H 235 100.72 -68.38 13.64
N GLN H 236 101.83 -68.79 14.25
CA GLN H 236 102.51 -67.91 15.19
C GLN H 236 103.04 -66.65 14.49
N THR H 237 103.58 -66.79 13.28
CA THR H 237 104.07 -65.63 12.56
C THR H 237 102.94 -64.65 12.25
N ILE H 238 101.78 -65.16 11.86
CA ILE H 238 100.64 -64.29 11.56
C ILE H 238 100.11 -63.64 12.83
N LYS H 239 100.10 -64.38 13.94
CA LYS H 239 99.68 -63.82 15.22
C LYS H 239 100.65 -62.75 15.69
N ALA H 240 101.91 -62.80 15.24
CA ALA H 240 102.86 -61.74 15.57
C ALA H 240 102.43 -60.39 15.01
N ILE H 241 101.58 -60.37 13.99
CA ILE H 241 101.15 -59.11 13.39
C ILE H 241 99.67 -58.82 13.59
N ASN H 242 98.83 -59.82 13.85
CA ASN H 242 97.40 -59.57 14.01
C ASN H 242 97.00 -59.32 15.46
N ASN H 243 97.95 -58.92 16.32
CA ASN H 243 97.71 -58.70 17.74
C ASN H 243 97.19 -59.97 18.41
N ARG H 244 97.79 -61.11 18.07
CA ARG H 244 97.45 -62.41 18.67
C ARG H 244 95.98 -62.74 18.50
N GLU H 245 95.44 -62.41 17.33
CA GLU H 245 94.05 -62.75 17.01
C GLU H 245 93.98 -64.08 16.28
N ASP H 246 92.77 -64.50 15.95
CA ASP H 246 92.56 -65.80 15.32
C ASP H 246 93.12 -65.81 13.90
N VAL H 247 93.60 -66.98 13.49
CA VAL H 247 94.08 -67.22 12.14
C VAL H 247 93.37 -68.46 11.61
N TYR H 248 92.73 -68.32 10.45
CA TYR H 248 92.03 -69.43 9.82
C TYR H 248 92.76 -69.83 8.55
N ILE H 249 92.76 -71.14 8.26
CA ILE H 249 93.43 -71.70 7.10
C ILE H 249 92.42 -72.50 6.30
N GLU H 250 92.41 -72.28 4.99
CA GLU H 250 91.48 -72.95 4.08
C GLU H 250 92.24 -73.52 2.90
N THR H 251 91.71 -74.61 2.35
CA THR H 251 92.26 -75.26 1.17
C THR H 251 91.24 -75.16 0.04
N SER H 252 91.70 -74.69 -1.12
CA SER H 252 90.85 -74.54 -2.29
C SER H 252 91.55 -75.11 -3.50
N ASN H 253 90.86 -75.98 -4.23
CA ASN H 253 91.43 -76.56 -5.45
C ASN H 253 91.49 -75.56 -6.60
N LEU H 254 90.79 -74.44 -6.49
CA LEU H 254 90.87 -73.41 -7.54
C LEU H 254 92.26 -72.79 -7.60
N LEU H 255 92.91 -72.63 -6.46
CA LEU H 255 94.25 -72.07 -6.41
C LEU H 255 95.27 -73.07 -6.92
N LYS H 256 96.43 -72.56 -7.34
CA LYS H 256 97.50 -73.40 -7.87
C LYS H 256 98.82 -72.74 -7.53
N HIS H 257 99.55 -73.32 -6.57
CA HIS H 257 100.85 -72.81 -6.14
C HIS H 257 100.76 -71.37 -5.66
N LYS H 258 99.66 -71.05 -4.98
CA LYS H 258 99.39 -69.71 -4.49
C LYS H 258 99.00 -69.76 -3.02
N ILE H 259 99.45 -68.77 -2.27
CA ILE H 259 99.06 -68.56 -0.88
C ILE H 259 98.51 -67.15 -0.76
N LEU H 260 97.30 -67.04 -0.22
CA LEU H 260 96.60 -65.76 -0.13
C LEU H 260 96.29 -65.45 1.32
N ILE H 261 96.76 -64.31 1.81
CA ILE H 261 96.57 -63.91 3.21
C ILE H 261 95.89 -62.55 3.24
N TYR H 262 94.81 -62.44 3.99
CA TYR H 262 94.10 -61.17 4.10
C TYR H 262 93.30 -61.14 5.39
N PRO H 263 93.04 -59.96 5.94
CA PRO H 263 92.25 -59.88 7.18
C PRO H 263 90.77 -60.03 6.93
N LEU H 264 90.08 -60.59 7.93
CA LEU H 264 88.63 -60.73 7.90
C LEU H 264 87.93 -59.55 8.59
N ASN H 265 88.26 -58.34 8.17
CA ASN H 265 87.72 -57.12 8.76
C ASN H 265 86.99 -56.33 7.68
N SER H 266 85.73 -55.98 7.96
CA SER H 266 84.93 -55.25 6.99
C SER H 266 85.44 -53.85 6.72
N GLU H 267 86.19 -53.27 7.66
CA GLU H 267 86.72 -51.92 7.46
C GLU H 267 87.84 -51.87 6.43
N LEU H 268 88.44 -53.03 6.12
CA LEU H 268 89.54 -53.11 5.17
C LEU H 268 89.14 -53.73 3.85
N ILE H 269 88.49 -54.89 3.88
CA ILE H 269 88.03 -55.58 2.68
C ILE H 269 86.55 -55.86 2.84
N LYS H 270 85.76 -55.47 1.83
CA LYS H 270 84.32 -55.66 1.85
C LYS H 270 83.85 -56.24 0.53
N PHE H 271 82.76 -57.00 0.59
CA PHE H 271 82.13 -57.60 -0.57
C PHE H 271 80.71 -57.06 -0.66
N LYS H 272 80.45 -56.25 -1.68
CA LYS H 272 79.13 -55.70 -1.93
C LYS H 272 78.58 -56.28 -3.23
N PRO H 273 78.17 -57.54 -3.25
CA PRO H 273 77.65 -58.13 -4.47
C PRO H 273 76.25 -57.63 -4.78
N SER H 274 75.89 -57.74 -6.06
CA SER H 274 74.51 -57.46 -6.45
C SER H 274 73.58 -58.48 -5.82
N LYS H 275 72.38 -58.03 -5.48
CA LYS H 275 71.40 -58.93 -4.89
C LYS H 275 70.92 -60.00 -5.87
N TYR H 276 71.24 -59.85 -7.16
CA TYR H 276 70.91 -60.83 -8.18
C TYR H 276 72.15 -61.57 -8.67
N MET H 277 73.22 -61.63 -7.87
CA MET H 277 74.45 -62.25 -8.31
C MET H 277 74.28 -63.75 -8.55
N LEU H 278 73.58 -64.44 -7.64
CA LEU H 278 73.37 -65.86 -7.78
C LEU H 278 72.38 -66.13 -8.92
N PRO H 279 72.41 -67.32 -9.50
CA PRO H 279 71.60 -67.58 -10.71
C PRO H 279 70.12 -67.34 -10.50
N THR H 280 69.49 -66.73 -11.50
CA THR H 280 68.08 -66.39 -11.47
C THR H 280 67.46 -66.77 -12.80
N PRO H 281 66.31 -67.45 -12.80
CA PRO H 281 65.66 -67.79 -14.08
C PRO H 281 65.17 -66.56 -14.80
N ASN H 282 65.09 -66.66 -16.12
CA ASN H 282 64.51 -65.61 -16.95
C ASN H 282 63.07 -65.98 -17.31
N GLU H 283 62.25 -64.96 -17.50
CA GLU H 283 60.84 -65.18 -17.81
C GLU H 283 60.65 -65.78 -19.20
N GLN H 284 61.50 -65.40 -20.15
CA GLN H 284 61.33 -65.84 -21.52
C GLN H 284 61.64 -67.33 -21.66
N VAL H 285 60.75 -68.07 -22.30
CA VAL H 285 60.94 -69.48 -22.59
C VAL H 285 60.62 -69.71 -24.06
N ASP H 286 61.60 -70.20 -24.82
CA ASP H 286 61.39 -70.47 -26.22
C ASP H 286 60.53 -71.72 -26.40
N LYS H 287 59.54 -71.63 -27.28
CA LYS H 287 58.62 -72.74 -27.52
C LYS H 287 58.38 -72.88 -29.02
N ASP H 288 58.00 -74.09 -29.42
CA ASP H 288 57.65 -74.37 -30.81
C ASP H 288 56.73 -75.59 -30.83
N SER H 289 56.54 -76.16 -32.00
CA SER H 289 55.64 -77.30 -32.16
C SER H 289 56.25 -78.62 -31.71
N THR H 290 57.55 -78.65 -31.41
CA THR H 290 58.21 -79.88 -31.00
C THR H 290 58.13 -80.04 -29.48
N ASP H 291 58.90 -80.99 -28.94
CA ASP H 291 58.92 -81.26 -27.51
C ASP H 291 60.11 -80.61 -26.81
N VAL H 292 60.86 -79.75 -27.51
CA VAL H 292 62.08 -79.17 -26.98
C VAL H 292 61.84 -77.68 -26.73
N ALA H 293 62.20 -77.22 -25.53
CA ALA H 293 62.08 -75.83 -25.15
C ALA H 293 63.43 -75.34 -24.65
N HIS H 294 63.57 -74.01 -24.57
CA HIS H 294 64.82 -73.37 -24.16
C HIS H 294 64.55 -72.40 -23.03
N SER H 295 65.48 -72.33 -22.08
CA SER H 295 65.36 -71.46 -20.93
C SER H 295 66.68 -70.72 -20.72
N TYR H 296 66.61 -69.64 -19.93
CA TYR H 296 67.74 -68.74 -19.73
C TYR H 296 67.96 -68.48 -18.25
N ILE H 297 69.23 -68.34 -17.89
CA ILE H 297 69.64 -68.08 -16.50
C ILE H 297 70.55 -66.85 -16.50
N ASP H 298 70.29 -65.92 -15.57
CA ASP H 298 71.04 -64.69 -15.44
C ASP H 298 71.83 -64.69 -14.13
N PHE H 299 72.99 -64.02 -14.17
CA PHE H 299 73.79 -63.84 -12.96
C PHE H 299 74.65 -62.61 -13.12
N VAL H 300 74.94 -61.95 -12.00
CA VAL H 300 75.64 -60.67 -11.99
C VAL H 300 76.97 -60.85 -11.27
N LEU H 301 78.03 -60.30 -11.85
CA LEU H 301 79.38 -60.38 -11.31
C LEU H 301 79.90 -58.98 -10.96
N GLY H 302 80.74 -58.93 -9.93
CA GLY H 302 81.38 -57.69 -9.53
C GLY H 302 81.10 -57.30 -8.09
N GLY H 303 81.90 -56.38 -7.54
CA GLY H 303 81.63 -55.85 -6.23
C GLY H 303 82.57 -56.22 -5.10
N LEU H 304 83.86 -56.32 -5.38
CA LEU H 304 84.85 -56.57 -4.33
C LEU H 304 85.67 -55.30 -4.12
N LEU H 305 85.69 -54.80 -2.90
CA LEU H 305 86.40 -53.56 -2.56
C LEU H 305 87.42 -53.88 -1.48
N ALA H 306 88.64 -53.36 -1.64
CA ALA H 306 89.69 -53.64 -0.68
C ALA H 306 90.64 -52.46 -0.58
N THR H 307 91.10 -52.18 0.63
CA THR H 307 92.10 -51.14 0.84
C THR H 307 93.46 -51.62 0.33
N ARG H 308 94.29 -50.65 -0.06
CA ARG H 308 95.57 -50.98 -0.67
C ARG H 308 96.56 -51.50 0.37
N LYS H 309 97.41 -52.42 -0.09
CA LYS H 309 98.44 -53.04 0.75
C LYS H 309 97.85 -53.73 1.97
N THR H 310 96.80 -54.53 1.73
CA THR H 310 96.21 -55.35 2.78
C THR H 310 96.01 -56.80 2.35
N ILE H 311 96.50 -57.19 1.17
CA ILE H 311 96.40 -58.56 0.68
C ILE H 311 97.80 -59.03 0.30
N LEU H 312 98.21 -60.16 0.86
CA LEU H 312 99.50 -60.77 0.54
C LEU H 312 99.28 -61.96 -0.36
N GLN H 313 99.96 -61.98 -1.50
CA GLN H 313 99.84 -63.03 -2.51
C GLN H 313 101.22 -63.59 -2.78
N VAL H 314 101.45 -64.84 -2.36
CA VAL H 314 102.72 -65.52 -2.55
C VAL H 314 102.54 -66.56 -3.64
N ASN H 315 103.36 -66.48 -4.68
CA ASN H 315 103.28 -67.39 -5.82
C ASN H 315 104.56 -68.22 -5.88
N ILE H 316 104.41 -69.54 -5.81
CA ILE H 316 105.55 -70.45 -5.94
C ILE H 316 105.70 -70.80 -7.41
N LYS H 317 106.86 -70.49 -7.98
CA LYS H 317 107.08 -70.68 -9.41
C LYS H 317 107.53 -72.11 -9.69
N GLN H 318 106.93 -72.71 -10.71
CA GLN H 318 107.30 -74.05 -11.15
C GLN H 318 108.31 -74.03 -12.30
N SER H 319 108.04 -73.26 -13.34
CA SER H 319 108.93 -73.19 -14.50
C SER H 319 110.20 -72.41 -14.18
N LEU I 3 40.12 -73.36 -19.11
CA LEU I 3 40.95 -73.40 -20.31
C LEU I 3 40.24 -72.77 -21.49
N PHE I 4 38.95 -73.08 -21.65
CA PHE I 4 38.18 -72.54 -22.76
C PHE I 4 38.00 -71.04 -22.67
N ASP I 5 38.09 -70.46 -21.48
CA ASP I 5 38.02 -69.01 -21.35
C ASP I 5 39.26 -68.34 -21.93
N GLU I 6 40.42 -68.98 -21.82
CA GLU I 6 41.68 -68.38 -22.25
C GLU I 6 42.10 -68.80 -23.65
N ASN I 7 41.65 -69.96 -24.13
CA ASN I 7 42.09 -70.50 -25.41
C ASN I 7 40.89 -70.61 -26.35
N TYR I 8 40.76 -69.63 -27.25
CA TYR I 8 39.67 -69.68 -28.22
C TYR I 8 39.85 -70.85 -29.18
N TYR I 9 41.08 -71.13 -29.59
CA TYR I 9 41.32 -72.20 -30.56
C TYR I 9 40.94 -73.55 -30.00
N ALA I 10 41.25 -73.81 -28.73
CA ALA I 10 40.82 -75.07 -28.10
C ALA I 10 39.31 -75.16 -28.05
N LYS I 11 38.64 -74.05 -27.72
CA LYS I 11 37.18 -74.04 -27.70
C LYS I 11 36.62 -74.30 -29.09
N ALA I 12 37.21 -73.69 -30.12
CA ALA I 12 36.75 -73.93 -31.48
C ALA I 12 36.93 -75.38 -31.89
N VAL I 13 38.07 -75.97 -31.52
CA VAL I 13 38.31 -77.38 -31.83
C VAL I 13 37.28 -78.26 -31.14
N ALA I 14 36.99 -77.97 -29.86
CA ALA I 14 36.00 -78.75 -29.14
C ALA I 14 34.61 -78.62 -29.79
N ASN I 15 34.27 -77.41 -30.24
CA ASN I 15 32.96 -77.21 -30.84
C ASN I 15 32.85 -77.88 -32.20
N ILE I 16 33.94 -77.90 -32.98
CA ILE I 16 33.87 -78.36 -34.36
C ILE I 16 34.32 -79.81 -34.53
N ILE I 17 34.81 -80.46 -33.47
CA ILE I 17 35.33 -81.81 -33.59
C ILE I 17 34.24 -82.81 -33.97
N GLY I 18 32.98 -82.51 -33.66
CA GLY I 18 31.90 -83.43 -33.98
C GLY I 18 31.55 -83.48 -35.45
N GLU I 19 31.94 -82.47 -36.22
CA GLU I 19 31.61 -82.41 -37.64
C GLU I 19 32.56 -83.22 -38.51
N VAL I 20 33.68 -83.69 -37.97
CA VAL I 20 34.62 -84.49 -38.73
C VAL I 20 34.09 -85.92 -38.83
N LYS I 21 34.00 -86.44 -40.05
CA LYS I 21 33.40 -87.74 -40.28
C LYS I 21 34.32 -88.87 -39.81
N ASP I 22 33.72 -90.03 -39.55
CA ASP I 22 34.47 -91.19 -39.12
C ASP I 22 35.34 -91.72 -40.25
N PRO I 23 36.52 -92.25 -39.94
CA PRO I 23 37.36 -92.85 -40.98
C PRO I 23 36.69 -94.07 -41.59
N ILE I 24 36.93 -94.27 -42.89
CA ILE I 24 36.35 -95.41 -43.58
C ILE I 24 37.07 -96.72 -43.31
N MET I 25 38.27 -96.66 -42.73
CA MET I 25 39.01 -97.88 -42.43
C MET I 25 38.34 -98.72 -41.35
N TYR I 26 37.41 -98.12 -40.58
CA TYR I 26 36.70 -98.89 -39.56
C TYR I 26 35.86 -100.01 -40.18
N LYS I 27 35.44 -99.84 -41.44
CA LYS I 27 34.65 -100.84 -42.13
C LYS I 27 35.46 -102.04 -42.59
N TRP I 28 36.80 -101.95 -42.54
CA TRP I 28 37.66 -103.04 -42.97
C TRP I 28 38.08 -103.95 -41.82
N PHE I 29 37.63 -103.67 -40.60
CA PHE I 29 38.03 -104.46 -39.44
C PHE I 29 36.81 -104.69 -38.56
N SER I 30 36.90 -105.73 -37.74
CA SER I 30 35.86 -106.05 -36.77
C SER I 30 36.14 -105.30 -35.46
N PRO I 31 35.11 -105.11 -34.63
CA PRO I 31 35.32 -104.34 -33.39
C PRO I 31 36.40 -104.91 -32.48
N ASP I 32 36.55 -106.23 -32.42
CA ASP I 32 37.57 -106.83 -31.58
C ASP I 32 38.95 -106.80 -32.23
N GLN I 33 39.05 -106.44 -33.50
CA GLN I 33 40.32 -106.43 -34.21
C GLN I 33 41.11 -105.14 -34.02
N ILE I 34 40.60 -104.19 -33.24
CA ILE I 34 41.23 -102.89 -33.06
C ILE I 34 41.42 -102.65 -31.56
N GLU I 35 42.65 -102.33 -31.17
CA GLU I 35 42.96 -102.02 -29.78
C GLU I 35 43.97 -100.88 -29.73
N ASP I 36 43.73 -99.92 -28.87
CA ASP I 36 44.60 -98.75 -28.79
C ASP I 36 45.81 -99.02 -27.91
N VAL I 37 46.91 -98.35 -28.23
CA VAL I 37 48.13 -98.40 -27.43
C VAL I 37 48.53 -96.98 -27.05
N ASP I 38 49.04 -96.82 -25.83
CA ASP I 38 49.40 -95.51 -25.30
C ASP I 38 50.88 -95.25 -25.60
N LEU I 39 51.14 -94.73 -26.80
CA LEU I 39 52.49 -94.46 -27.23
C LEU I 39 52.44 -93.49 -28.41
N GLN I 40 53.16 -92.37 -28.29
CA GLN I 40 53.17 -91.39 -29.36
C GLN I 40 54.17 -91.76 -30.46
N MET I 41 55.37 -92.17 -30.06
CA MET I 41 56.41 -92.51 -31.02
C MET I 41 57.35 -93.51 -30.36
N GLY I 42 57.61 -94.62 -31.05
CA GLY I 42 58.45 -95.65 -30.46
C GLY I 42 58.20 -97.03 -31.02
N TYR I 43 58.25 -98.06 -30.18
CA TYR I 43 58.02 -99.41 -30.67
C TYR I 43 57.39 -100.26 -29.56
N GLN I 44 56.70 -101.31 -29.99
CA GLN I 44 56.13 -102.31 -29.11
C GLN I 44 56.63 -103.69 -29.52
N LYS I 45 57.00 -104.51 -28.54
CA LYS I 45 57.61 -105.80 -28.80
C LYS I 45 56.70 -106.92 -28.30
N THR I 46 56.50 -107.92 -29.14
CA THR I 46 55.73 -109.11 -28.79
C THR I 46 56.59 -110.35 -29.00
N VAL I 47 56.49 -111.31 -28.08
CA VAL I 47 57.33 -112.50 -28.09
C VAL I 47 56.44 -113.72 -28.31
N LYS I 48 56.82 -114.56 -29.27
CA LYS I 48 56.11 -115.79 -29.57
C LYS I 48 57.11 -116.94 -29.59
N TRP I 49 56.65 -118.12 -29.17
CA TRP I 49 57.49 -119.31 -29.08
C TRP I 49 57.05 -120.35 -30.10
N ASP I 50 58.03 -121.09 -30.63
CA ASP I 50 57.78 -122.06 -31.68
C ASP I 50 58.63 -123.30 -31.44
N ALA I 51 58.17 -124.44 -31.94
CA ALA I 51 58.87 -125.70 -31.83
C ALA I 51 58.94 -126.38 -33.18
N PHE I 52 60.03 -127.12 -33.41
CA PHE I 52 60.24 -127.81 -34.68
C PHE I 52 60.95 -129.13 -34.43
N LEU I 53 60.82 -130.04 -35.40
CA LEU I 53 61.46 -131.34 -35.35
C LEU I 53 62.74 -131.30 -36.18
N ASN I 54 63.86 -131.66 -35.55
CA ASN I 54 65.16 -131.56 -36.23
C ASN I 54 65.38 -132.70 -37.22
N ALA I 55 64.90 -133.90 -36.92
CA ALA I 55 65.16 -135.06 -37.77
C ALA I 55 64.06 -136.09 -37.55
N ASN I 56 64.17 -137.21 -38.26
CA ASN I 56 63.22 -138.29 -38.10
C ASN I 56 63.32 -138.86 -36.69
N PRO I 57 62.22 -139.39 -36.15
CA PRO I 57 62.26 -139.94 -34.79
C PRO I 57 63.18 -141.16 -34.71
N THR I 58 63.56 -141.49 -33.49
CA THR I 58 64.50 -142.57 -33.22
C THR I 58 63.77 -143.81 -32.73
N THR I 59 64.01 -144.94 -33.39
CA THR I 59 63.41 -146.20 -32.99
C THR I 59 64.15 -146.76 -31.77
N ILE I 60 63.41 -147.06 -30.71
CA ILE I 60 64.00 -147.58 -29.49
C ILE I 60 64.20 -149.09 -29.69
N ALA I 61 65.45 -149.48 -29.92
CA ALA I 61 65.79 -150.89 -30.13
C ALA I 61 67.20 -151.15 -29.61
N ASN I 62 67.34 -152.21 -28.84
CA ASN I 62 68.64 -152.65 -28.28
C ASN I 62 69.17 -151.52 -27.40
N GLU I 63 70.46 -151.20 -27.47
CA GLU I 63 71.03 -150.10 -26.71
C GLU I 63 70.97 -148.83 -27.55
N VAL I 64 70.38 -147.78 -27.00
CA VAL I 64 70.26 -146.51 -27.71
C VAL I 64 70.23 -145.37 -26.70
N ASN I 65 71.10 -144.39 -26.90
CA ASN I 65 71.02 -143.13 -26.16
C ASN I 65 71.27 -141.91 -27.05
N THR I 66 71.41 -142.09 -28.35
CA THR I 66 71.53 -140.99 -29.31
C THR I 66 70.16 -140.78 -29.93
N ILE I 67 69.40 -139.83 -29.38
CA ILE I 67 68.01 -139.62 -29.76
C ILE I 67 67.89 -138.34 -30.57
N SER I 68 66.96 -138.35 -31.51
CA SER I 68 66.64 -137.14 -32.26
C SER I 68 66.05 -136.09 -31.34
N THR I 69 66.32 -134.82 -31.65
CA THR I 69 65.98 -133.71 -30.78
C THR I 69 64.90 -132.83 -31.39
N ILE I 70 64.10 -132.22 -30.52
CA ILE I 70 63.09 -131.24 -30.90
C ILE I 70 63.61 -129.88 -30.50
N GLY I 71 63.73 -128.97 -31.47
CA GLY I 71 64.26 -127.66 -31.23
C GLY I 71 63.18 -126.62 -30.95
N PHE I 72 63.58 -125.55 -30.30
CA PHE I 72 62.69 -124.44 -29.96
C PHE I 72 63.26 -123.14 -30.49
N SER I 73 62.37 -122.16 -30.67
CA SER I 73 62.78 -120.85 -31.16
C SER I 73 61.86 -119.79 -30.57
N SER I 74 62.37 -118.57 -30.48
CA SER I 74 61.63 -117.42 -29.97
C SER I 74 61.70 -116.32 -31.01
N GLU I 75 60.54 -115.90 -31.52
CA GLU I 75 60.47 -114.80 -32.47
C GLU I 75 59.93 -113.56 -31.76
N VAL I 76 60.53 -112.41 -32.09
CA VAL I 76 60.12 -111.13 -31.53
C VAL I 76 59.65 -110.26 -32.68
N VAL I 77 58.43 -109.73 -32.55
CA VAL I 77 57.86 -108.83 -33.55
C VAL I 77 57.85 -107.44 -32.94
N ARG I 78 58.45 -106.49 -33.67
CA ARG I 78 58.54 -105.10 -33.24
C ARG I 78 57.68 -104.24 -34.14
N LEU I 79 56.76 -103.49 -33.54
CA LEU I 79 55.87 -102.59 -34.25
C LEU I 79 56.33 -101.16 -33.98
N ASN I 80 56.62 -100.43 -35.06
CA ASN I 80 57.13 -99.06 -34.96
C ASN I 80 55.99 -98.06 -35.13
N TYR I 81 56.03 -97.00 -34.32
CA TYR I 81 55.02 -95.94 -34.35
C TYR I 81 55.73 -94.61 -34.58
N LEU I 82 55.30 -93.90 -35.63
CA LEU I 82 55.93 -92.65 -36.05
C LEU I 82 54.97 -91.49 -35.86
N LYS I 83 55.54 -90.32 -35.57
CA LYS I 83 54.77 -89.10 -35.32
C LYS I 83 55.00 -88.11 -36.44
N LEU I 84 53.91 -87.62 -37.03
CA LEU I 84 53.96 -86.69 -38.15
C LEU I 84 53.11 -85.47 -37.84
N GLN I 85 53.40 -84.38 -38.54
CA GLN I 85 52.79 -83.09 -38.25
C GLN I 85 52.56 -82.31 -39.54
N TYR I 86 51.49 -81.52 -39.55
CA TYR I 86 51.20 -80.56 -40.60
C TYR I 86 50.97 -79.18 -40.02
N LYS I 87 51.20 -78.15 -40.84
CA LYS I 87 50.97 -76.77 -40.48
C LYS I 87 50.04 -76.12 -41.49
N PHE I 88 49.09 -75.32 -41.00
CA PHE I 88 48.15 -74.63 -41.88
C PHE I 88 47.92 -73.21 -41.39
N ARG I 89 47.63 -72.32 -42.34
CA ARG I 89 47.38 -70.92 -42.04
C ARG I 89 45.89 -70.64 -41.94
N HIS I 90 45.54 -69.64 -41.14
CA HIS I 90 44.15 -69.25 -40.94
C HIS I 90 44.12 -67.78 -40.52
N LEU I 91 42.92 -67.24 -40.42
CA LEU I 91 42.73 -65.88 -39.96
C LEU I 91 42.82 -65.81 -38.44
N LYS I 92 43.42 -64.73 -37.94
CA LYS I 92 43.45 -64.51 -36.51
C LYS I 92 42.04 -64.29 -35.98
N GLN I 93 41.81 -64.71 -34.74
CA GLN I 93 40.45 -64.68 -34.18
C GLN I 93 39.87 -63.28 -34.18
N THR I 94 40.66 -62.28 -33.78
CA THR I 94 40.16 -60.92 -33.69
C THR I 94 39.97 -60.26 -35.05
N SER I 95 40.43 -60.90 -36.14
CA SER I 95 40.35 -60.30 -37.47
C SER I 95 39.16 -60.80 -38.27
N GLU I 96 38.32 -61.68 -37.71
CA GLU I 96 37.24 -62.27 -38.49
C GLU I 96 36.19 -61.23 -38.89
N LYS I 97 35.86 -60.31 -37.98
CA LYS I 97 34.81 -59.33 -38.25
C LYS I 97 35.13 -58.43 -39.44
N PHE I 98 36.40 -58.30 -39.79
CA PHE I 98 36.78 -57.56 -40.99
C PHE I 98 36.69 -58.40 -42.26
N TYR I 99 36.36 -59.69 -42.14
CA TYR I 99 36.18 -60.56 -43.28
C TYR I 99 34.82 -61.24 -43.29
N THR I 100 33.94 -60.95 -42.33
CA THR I 100 32.63 -61.57 -42.30
C THR I 100 31.73 -61.00 -43.39
N SER I 101 31.74 -61.62 -44.56
CA SER I 101 30.79 -61.25 -45.61
C SER I 101 29.39 -61.75 -45.24
N ASP I 102 28.40 -61.31 -46.03
CA ASP I 102 27.02 -61.72 -45.77
C ASP I 102 26.86 -63.23 -45.91
N SER I 103 27.46 -63.82 -46.95
CA SER I 103 27.29 -65.24 -47.20
C SER I 103 28.24 -66.10 -46.36
N TYR I 104 29.47 -65.63 -46.16
CA TYR I 104 30.51 -66.46 -45.58
C TYR I 104 31.46 -65.60 -44.75
N ILE I 105 32.42 -66.25 -44.12
CA ILE I 105 33.53 -65.58 -43.44
C ILE I 105 34.82 -66.07 -44.06
N GLY I 106 35.67 -65.13 -44.46
CA GLY I 106 36.95 -65.45 -45.06
C GLY I 106 37.23 -64.60 -46.29
N ASP I 107 38.45 -64.74 -46.78
CA ASP I 107 38.93 -64.00 -47.94
C ASP I 107 39.01 -64.95 -49.13
N ILE I 108 38.14 -64.73 -50.13
CA ILE I 108 38.15 -65.57 -51.31
C ILE I 108 39.39 -65.28 -52.16
N ASN I 109 39.74 -64.01 -52.29
CA ASN I 109 40.85 -63.64 -53.18
C ASN I 109 42.18 -64.19 -52.71
N ASN I 110 42.34 -64.41 -51.41
CA ASN I 110 43.58 -64.89 -50.85
C ASN I 110 43.48 -66.26 -50.19
N ASN I 111 42.30 -66.90 -50.24
CA ASN I 111 42.09 -68.23 -49.70
C ASN I 111 42.47 -68.30 -48.22
N LEU I 112 41.84 -67.41 -47.44
CA LEU I 112 42.01 -67.38 -45.99
C LEU I 112 40.68 -67.76 -45.36
N LEU I 113 40.75 -68.61 -44.33
CA LEU I 113 39.57 -69.19 -43.72
C LEU I 113 39.61 -68.99 -42.22
N PRO I 114 38.46 -69.01 -41.55
CA PRO I 114 38.44 -69.04 -40.09
C PRO I 114 39.03 -70.35 -39.57
N PHE I 115 39.43 -70.30 -38.30
CA PHE I 115 40.15 -71.43 -37.70
C PHE I 115 39.31 -72.70 -37.71
N ALA I 116 38.02 -72.60 -37.42
CA ALA I 116 37.17 -73.78 -37.35
C ALA I 116 37.11 -74.50 -38.71
N GLN I 117 36.80 -73.75 -39.77
CA GLN I 117 36.71 -74.36 -41.09
C GLN I 117 38.06 -74.89 -41.53
N ALA I 118 39.14 -74.13 -41.30
CA ALA I 118 40.46 -74.57 -41.70
C ALA I 118 40.85 -75.87 -41.01
N TYR I 119 40.61 -75.94 -39.70
CA TYR I 119 40.92 -77.16 -38.95
C TYR I 119 40.09 -78.33 -39.42
N LYS I 120 38.80 -78.10 -39.69
CA LYS I 120 37.94 -79.19 -40.15
C LYS I 120 38.43 -79.76 -41.48
N LEU I 121 38.74 -78.88 -42.44
CA LEU I 121 39.20 -79.35 -43.74
C LEU I 121 40.56 -80.05 -43.63
N ALA I 122 41.48 -79.47 -42.85
CA ALA I 122 42.79 -80.09 -42.70
C ALA I 122 42.69 -81.46 -42.04
N SER I 123 41.84 -81.59 -41.01
CA SER I 123 41.65 -82.87 -40.36
C SER I 123 41.04 -83.89 -41.31
N SER I 124 40.11 -83.46 -42.16
CA SER I 124 39.55 -84.37 -43.15
C SER I 124 40.62 -84.88 -44.11
N GLU I 125 41.48 -83.98 -44.59
CA GLU I 125 42.56 -84.39 -45.48
C GLU I 125 43.52 -85.36 -44.79
N ILE I 126 43.86 -85.07 -43.54
CA ILE I 126 44.79 -85.95 -42.81
C ILE I 126 44.17 -87.32 -42.59
N ILE I 127 42.86 -87.37 -42.32
CA ILE I 127 42.19 -88.66 -42.13
C ILE I 127 42.17 -89.44 -43.44
N LYS I 128 41.98 -88.74 -44.57
CA LYS I 128 42.07 -89.43 -45.86
C LYS I 128 43.46 -90.04 -46.05
N LEU I 129 44.50 -89.28 -45.72
CA LEU I 129 45.87 -89.81 -45.85
C LEU I 129 46.09 -91.01 -44.95
N ILE I 130 45.57 -90.96 -43.72
CA ILE I 130 45.71 -92.07 -42.79
C ILE I 130 45.00 -93.31 -43.32
N ASN I 131 43.81 -93.14 -43.88
CA ASN I 131 43.09 -94.27 -44.47
C ASN I 131 43.90 -94.88 -45.61
N HIS I 132 44.46 -94.04 -46.48
CA HIS I 132 45.27 -94.55 -47.57
C HIS I 132 46.48 -95.32 -47.05
N PHE I 133 47.14 -94.79 -46.01
CA PHE I 133 48.29 -95.49 -45.45
C PHE I 133 47.90 -96.84 -44.86
N VAL I 134 46.80 -96.87 -44.12
CA VAL I 134 46.37 -98.13 -43.51
C VAL I 134 46.04 -99.15 -44.58
N LEU I 135 45.44 -98.71 -45.69
CA LEU I 135 45.08 -99.66 -46.73
C LEU I 135 46.31 -100.17 -47.48
N THR I 136 47.22 -99.27 -47.90
CA THR I 136 48.23 -99.63 -48.88
C THR I 136 49.64 -99.78 -48.34
N GLY I 137 49.94 -99.26 -47.15
CA GLY I 137 51.28 -99.34 -46.59
C GLY I 137 52.23 -98.25 -47.03
N THR I 138 51.78 -97.28 -47.81
CA THR I 138 52.63 -96.21 -48.31
C THR I 138 52.01 -94.86 -47.99
N VAL I 139 52.86 -93.84 -47.89
CA VAL I 139 52.44 -92.46 -47.68
C VAL I 139 52.93 -91.66 -48.89
N SER I 140 51.99 -91.13 -49.66
CA SER I 140 52.32 -90.32 -50.82
C SER I 140 51.15 -89.43 -51.17
N ILE I 141 51.44 -88.28 -51.78
CA ILE I 141 50.43 -87.34 -52.21
C ILE I 141 50.30 -87.30 -53.73
N GLN I 142 50.90 -88.25 -54.43
CA GLN I 142 50.86 -88.31 -55.88
C GLN I 142 50.07 -89.52 -56.33
N LYS I 143 49.28 -89.35 -57.39
CA LYS I 143 48.56 -90.47 -57.98
C LYS I 143 49.51 -91.49 -58.58
N ASP I 144 50.69 -91.06 -59.01
CA ASP I 144 51.69 -91.96 -59.54
C ASP I 144 52.20 -92.94 -58.49
N GLY I 145 52.07 -92.59 -57.20
CA GLY I 145 52.60 -93.41 -56.14
C GLY I 145 54.08 -93.25 -55.87
N LYS I 146 54.75 -92.36 -56.58
CA LYS I 146 56.17 -92.15 -56.43
C LYS I 146 56.44 -91.11 -55.33
N ASN I 147 57.72 -90.82 -55.11
CA ASN I 147 58.14 -89.84 -54.11
C ASN I 147 57.58 -90.15 -52.74
N GLN I 148 57.60 -91.44 -52.38
CA GLN I 148 57.05 -91.87 -51.10
C GLN I 148 57.93 -91.39 -49.95
N LYS I 149 57.30 -91.19 -48.80
CA LYS I 149 58.04 -90.82 -47.59
C LYS I 149 58.75 -92.03 -47.03
N ARG I 150 60.04 -91.87 -46.73
CA ARG I 150 60.83 -92.97 -46.18
C ARG I 150 60.38 -93.23 -44.75
N LEU I 151 59.66 -94.33 -44.55
CA LEU I 151 59.17 -94.71 -43.23
C LEU I 151 60.18 -95.62 -42.55
N LEU I 152 59.84 -96.05 -41.34
CA LEU I 152 60.67 -96.97 -40.58
C LEU I 152 60.37 -98.41 -40.97
N PRO I 153 61.30 -99.33 -40.72
CA PRO I 153 61.00 -100.73 -40.92
C PRO I 153 59.91 -101.20 -39.97
N ASN I 154 59.22 -102.28 -40.37
CA ASN I 154 58.14 -102.87 -39.60
C ASN I 154 56.93 -101.94 -39.54
N MET I 155 56.63 -101.29 -40.67
CA MET I 155 55.45 -100.44 -40.80
C MET I 155 54.81 -100.78 -42.14
N TYR I 156 53.77 -101.62 -42.10
CA TYR I 156 53.18 -102.18 -43.31
C TYR I 156 51.68 -102.03 -43.29
N GLY I 157 51.10 -101.99 -44.50
CA GLY I 157 49.66 -102.01 -44.66
C GLY I 157 49.15 -103.36 -45.11
N LEU I 158 47.83 -103.43 -45.31
CA LEU I 158 47.21 -104.68 -45.73
C LEU I 158 47.62 -105.10 -47.14
N LEU I 159 48.14 -104.18 -47.94
CA LEU I 159 48.48 -104.46 -49.33
C LEU I 159 49.95 -104.79 -49.53
N ASN I 160 50.84 -104.32 -48.66
CA ASN I 160 52.26 -104.58 -48.80
C ASN I 160 52.84 -105.43 -47.67
N MET I 161 51.99 -106.07 -46.88
CA MET I 161 52.47 -106.93 -45.81
C MET I 161 53.22 -108.11 -46.40
N PRO I 162 54.45 -108.38 -45.95
CA PRO I 162 55.24 -109.47 -46.55
C PRO I 162 54.78 -110.83 -46.06
N GLU I 163 55.31 -111.86 -46.73
CA GLU I 163 55.03 -113.26 -46.38
C GLU I 163 53.53 -113.57 -46.43
N GLN I 164 52.87 -113.11 -47.49
CA GLN I 164 51.46 -113.35 -47.72
C GLN I 164 51.25 -113.85 -49.13
N ILE I 165 50.07 -114.42 -49.39
CA ILE I 165 49.81 -115.02 -50.70
C ILE I 165 49.60 -113.91 -51.72
N LYS I 166 50.40 -113.91 -52.78
CA LYS I 166 50.32 -112.94 -53.86
C LYS I 166 50.07 -113.67 -55.16
N GLU I 167 49.05 -113.23 -55.90
CA GLU I 167 48.72 -113.79 -57.20
C GLU I 167 48.69 -112.68 -58.24
N GLU I 168 49.06 -113.03 -59.48
CA GLU I 168 49.11 -112.08 -60.57
C GLU I 168 48.30 -112.60 -61.75
N VAL I 169 47.42 -111.76 -62.27
CA VAL I 169 46.65 -112.05 -63.48
C VAL I 169 47.33 -111.34 -64.63
N ALA I 170 47.61 -112.08 -65.70
CA ALA I 170 48.39 -111.56 -66.82
C ALA I 170 47.64 -110.45 -67.53
N SER I 171 48.39 -109.66 -68.31
CA SER I 171 47.80 -108.52 -69.01
C SER I 171 46.77 -108.97 -70.04
N GLY I 172 47.03 -110.08 -70.73
CA GLY I 172 46.10 -110.57 -71.73
C GLY I 172 44.80 -111.11 -71.16
N ASP I 173 44.79 -111.43 -69.86
CA ASP I 173 43.61 -111.95 -69.20
C ASP I 173 42.97 -110.92 -68.28
N LYS I 174 43.28 -109.63 -68.46
CA LYS I 174 42.77 -108.60 -67.57
C LYS I 174 41.26 -108.43 -67.66
N ASP I 175 40.64 -108.86 -68.77
CA ASP I 175 39.20 -108.75 -68.95
C ASP I 175 38.51 -110.10 -68.90
N LYS I 176 39.17 -111.11 -68.34
CA LYS I 176 38.64 -112.47 -68.30
C LYS I 176 38.36 -112.84 -66.85
N MET I 177 37.07 -112.77 -66.48
CA MET I 177 36.66 -113.08 -65.12
C MET I 177 36.98 -114.53 -64.76
N ASP I 178 36.95 -115.44 -65.74
CA ASP I 178 37.30 -116.83 -65.46
C ASP I 178 38.75 -116.94 -65.01
N LYS I 179 39.67 -116.26 -65.71
CA LYS I 179 41.07 -116.29 -65.31
C LYS I 179 41.27 -115.62 -63.96
N ILE I 180 40.60 -114.48 -63.73
CA ILE I 180 40.72 -113.80 -62.45
C ILE I 180 40.26 -114.71 -61.32
N PHE I 181 39.13 -115.39 -61.52
CA PHE I 181 38.60 -116.27 -60.48
C PHE I 181 39.47 -117.51 -60.31
N GLU I 182 40.13 -117.96 -61.37
CA GLU I 182 41.08 -119.06 -61.23
C GLU I 182 42.25 -118.66 -60.35
N LYS I 183 42.78 -117.45 -60.55
CA LYS I 183 43.85 -116.96 -59.67
C LYS I 183 43.35 -116.82 -58.23
N ILE I 184 42.12 -116.35 -58.06
CA ILE I 184 41.55 -116.23 -56.71
C ILE I 184 41.43 -117.61 -56.07
N GLU I 185 41.00 -118.62 -56.83
CA GLU I 185 40.93 -119.97 -56.29
C GLU I 185 42.29 -120.48 -55.86
N ALA I 186 43.32 -120.24 -56.70
CA ALA I 186 44.66 -120.66 -56.33
C ALA I 186 45.11 -120.02 -55.03
N GLY I 187 44.89 -118.71 -54.90
CA GLY I 187 45.26 -118.02 -53.68
C GLY I 187 44.50 -118.52 -52.46
N LEU I 188 43.20 -118.74 -52.62
CA LEU I 188 42.39 -119.24 -51.52
C LEU I 188 42.86 -120.63 -51.08
N SER I 189 43.22 -121.48 -52.04
CA SER I 189 43.75 -122.78 -51.69
C SER I 189 45.07 -122.65 -50.95
N LYS I 190 45.93 -121.72 -51.37
CA LYS I 190 47.21 -121.53 -50.69
C LYS I 190 47.06 -120.86 -49.33
N LEU I 191 45.91 -120.24 -49.05
CA LEU I 191 45.70 -119.65 -47.73
C LEU I 191 45.77 -120.72 -46.64
N GLU I 192 46.29 -120.33 -45.47
CA GLU I 192 46.45 -121.22 -44.33
C GLU I 192 45.87 -120.54 -43.10
N LEU I 193 44.62 -120.86 -42.77
CA LEU I 193 43.95 -120.29 -41.60
C LEU I 193 44.06 -121.17 -40.36
N GLY I 194 44.48 -122.42 -40.51
CA GLY I 194 44.66 -123.29 -39.36
C GLY I 194 43.38 -123.54 -38.61
N ASP I 195 43.45 -123.43 -37.28
CA ASP I 195 42.31 -123.68 -36.41
C ASP I 195 41.43 -122.46 -36.21
N GLU I 196 41.77 -121.32 -36.83
CA GLU I 196 40.98 -120.10 -36.74
C GLU I 196 40.13 -119.88 -37.98
N PHE I 197 39.75 -120.96 -38.66
CA PHE I 197 38.99 -120.84 -39.90
C PHE I 197 37.57 -120.35 -39.67
N SER I 198 36.97 -120.70 -38.52
CA SER I 198 35.59 -120.32 -38.22
C SER I 198 35.55 -118.84 -37.86
N THR I 199 35.60 -118.00 -38.89
CA THR I 199 35.59 -116.56 -38.72
C THR I 199 35.06 -115.92 -39.99
N PRO I 200 34.46 -114.73 -39.90
CA PRO I 200 34.03 -114.03 -41.13
C PRO I 200 35.23 -113.60 -41.97
N MET I 201 34.96 -113.39 -43.25
CA MET I 201 35.97 -112.99 -44.21
C MET I 201 35.60 -111.66 -44.85
N MET I 202 36.62 -110.92 -45.27
CA MET I 202 36.45 -109.61 -45.89
C MET I 202 37.16 -109.60 -47.22
N VAL I 203 36.45 -109.15 -48.26
CA VAL I 203 36.98 -109.01 -49.61
C VAL I 203 36.82 -107.55 -50.03
N ILE I 204 37.92 -106.94 -50.46
CA ILE I 204 37.94 -105.55 -50.91
C ILE I 204 38.35 -105.54 -52.37
N VAL I 205 37.54 -104.88 -53.20
CA VAL I 205 37.75 -104.85 -54.64
C VAL I 205 37.68 -103.40 -55.12
N ASP I 206 38.18 -103.17 -56.32
CA ASP I 206 38.10 -101.87 -56.96
C ASP I 206 36.84 -101.77 -57.80
N PRO I 207 36.49 -100.57 -58.28
CA PRO I 207 35.25 -100.43 -59.07
C PRO I 207 35.19 -101.32 -60.30
N ALA I 208 36.31 -101.56 -60.98
CA ALA I 208 36.30 -102.41 -62.17
C ALA I 208 35.92 -103.85 -61.81
N THR I 209 36.55 -104.39 -60.76
CA THR I 209 36.19 -105.74 -60.33
C THR I 209 34.77 -105.81 -59.81
N SER I 210 34.31 -104.75 -59.14
CA SER I 210 32.92 -104.71 -58.69
C SER I 210 31.96 -104.76 -59.87
N LEU I 211 32.28 -104.05 -60.95
CA LEU I 211 31.45 -104.12 -62.15
C LEU I 211 31.50 -105.51 -62.77
N LYS I 212 32.68 -106.13 -62.80
CA LYS I 212 32.79 -107.45 -63.42
C LYS I 212 32.10 -108.53 -62.60
N LEU I 213 31.96 -108.34 -61.29
CA LEU I 213 31.41 -109.38 -60.43
C LEU I 213 29.91 -109.60 -60.62
N VAL I 214 29.20 -108.71 -61.32
CA VAL I 214 27.76 -108.83 -61.43
C VAL I 214 27.31 -109.50 -62.72
N LYS I 215 28.25 -109.81 -63.63
CA LYS I 215 27.88 -110.53 -64.83
C LYS I 215 27.53 -111.98 -64.48
N PRO I 216 26.67 -112.62 -65.27
CA PRO I 216 26.29 -114.02 -64.97
C PRO I 216 27.49 -114.94 -65.04
N TYR I 217 27.49 -115.93 -64.14
CA TYR I 217 28.56 -116.91 -64.11
C TYR I 217 28.51 -117.80 -65.35
N ALA I 218 29.68 -118.15 -65.86
CA ALA I 218 29.78 -119.00 -67.04
C ALA I 218 30.88 -120.04 -66.86
N ALA I 223 26.75 -121.46 -72.64
CA ALA I 223 25.82 -120.48 -72.12
C ALA I 223 26.09 -120.20 -70.64
N ALA I 224 25.97 -118.94 -70.24
CA ALA I 224 26.21 -118.55 -68.86
C ALA I 224 25.05 -118.96 -67.97
N SER I 225 25.31 -118.99 -66.66
CA SER I 225 24.28 -119.33 -65.70
C SER I 225 23.18 -118.27 -65.69
N SER I 226 21.93 -118.72 -65.63
CA SER I 226 20.80 -117.79 -65.66
C SER I 226 20.63 -117.07 -64.33
N CYS I 227 20.81 -117.76 -63.21
CA CYS I 227 20.48 -117.22 -61.90
C CYS I 227 21.71 -116.72 -61.14
N GLU I 228 22.69 -117.59 -60.91
CA GLU I 228 23.82 -117.26 -60.05
C GLU I 228 24.82 -116.37 -60.78
N LYS I 229 25.50 -115.53 -60.01
CA LYS I 229 26.47 -114.57 -60.52
C LYS I 229 27.87 -114.91 -60.01
N TRP I 230 28.85 -114.22 -60.60
CA TRP I 230 30.23 -114.39 -60.17
C TRP I 230 30.41 -114.03 -58.70
N GLU I 231 29.67 -113.02 -58.23
CA GLU I 231 29.74 -112.66 -56.82
C GLU I 231 29.25 -113.80 -55.94
N ASP I 232 28.14 -114.44 -56.31
CA ASP I 232 27.64 -115.57 -55.55
C ASP I 232 28.62 -116.73 -55.57
N VAL I 233 29.23 -117.00 -56.72
CA VAL I 233 30.21 -118.08 -56.81
C VAL I 233 31.41 -117.79 -55.90
N LEU I 234 31.88 -116.54 -55.91
CA LEU I 234 33.00 -116.16 -55.05
C LEU I 234 32.63 -116.31 -53.57
N ILE I 235 31.42 -115.89 -53.21
CA ILE I 235 31.00 -116.01 -51.82
C ILE I 235 30.95 -117.46 -51.39
N GLN I 236 30.42 -118.34 -52.25
CA GLN I 236 30.38 -119.76 -51.93
C GLN I 236 31.79 -120.35 -51.79
N THR I 237 32.70 -119.96 -52.69
CA THR I 237 34.06 -120.46 -52.63
C THR I 237 34.75 -120.04 -51.34
N ILE I 238 34.56 -118.78 -50.93
CA ILE I 238 35.17 -118.31 -49.69
C ILE I 238 34.53 -118.98 -48.48
N LYS I 239 33.22 -119.20 -48.54
CA LYS I 239 32.53 -119.89 -47.44
C LYS I 239 33.06 -121.31 -47.27
N ALA I 240 33.43 -121.96 -48.39
CA ALA I 240 33.99 -123.29 -48.33
C ALA I 240 35.23 -123.34 -47.41
N ILE I 241 36.06 -122.31 -47.45
CA ILE I 241 37.26 -122.30 -46.63
C ILE I 241 37.05 -121.67 -45.26
N ASN I 242 36.04 -120.81 -45.10
CA ASN I 242 35.81 -120.18 -43.81
C ASN I 242 34.72 -120.88 -43.00
N ASN I 243 34.27 -122.06 -43.44
CA ASN I 243 33.29 -122.87 -42.72
C ASN I 243 31.91 -122.21 -42.75
N ARG I 244 31.53 -121.69 -43.92
CA ARG I 244 30.20 -121.12 -44.16
C ARG I 244 29.89 -119.99 -43.19
N GLU I 245 30.89 -119.16 -42.91
CA GLU I 245 30.69 -117.96 -42.12
C GLU I 245 30.35 -116.79 -43.03
N ASP I 246 30.20 -115.60 -42.45
CA ASP I 246 29.83 -114.43 -43.23
C ASP I 246 30.99 -113.97 -44.10
N VAL I 247 30.65 -113.47 -45.28
CA VAL I 247 31.62 -112.90 -46.22
C VAL I 247 31.13 -111.51 -46.59
N TYR I 248 31.94 -110.50 -46.29
CA TYR I 248 31.59 -109.11 -46.55
C TYR I 248 32.42 -108.57 -47.69
N ILE I 249 31.74 -108.01 -48.70
CA ILE I 249 32.38 -107.48 -49.89
C ILE I 249 32.29 -105.95 -49.85
N GLU I 250 33.42 -105.29 -50.07
CA GLU I 250 33.50 -103.84 -50.05
C GLU I 250 34.24 -103.34 -51.28
N THR I 251 33.90 -102.12 -51.69
CA THR I 251 34.53 -101.47 -52.82
C THR I 251 35.22 -100.20 -52.34
N SER I 252 36.45 -99.98 -52.82
CA SER I 252 37.22 -98.80 -52.45
C SER I 252 37.86 -98.21 -53.69
N ASN I 253 37.70 -96.90 -53.88
CA ASN I 253 38.33 -96.22 -55.00
C ASN I 253 39.84 -96.11 -54.84
N LEU I 254 40.37 -96.31 -53.64
CA LEU I 254 41.82 -96.28 -53.45
C LEU I 254 42.49 -97.41 -54.20
N LEU I 255 41.90 -98.60 -54.19
CA LEU I 255 42.48 -99.74 -54.89
C LEU I 255 42.34 -99.57 -56.40
N LYS I 256 43.29 -100.14 -57.13
CA LYS I 256 43.29 -100.12 -58.59
C LYS I 256 43.76 -101.48 -59.09
N HIS I 257 42.85 -102.24 -59.71
CA HIS I 257 43.16 -103.54 -60.30
C HIS I 257 43.75 -104.50 -59.26
N LYS I 258 43.22 -104.45 -58.05
CA LYS I 258 43.72 -105.29 -56.97
C LYS I 258 42.55 -105.79 -56.14
N ILE I 259 42.66 -107.05 -55.69
CA ILE I 259 41.67 -107.69 -54.84
C ILE I 259 42.36 -108.15 -53.56
N LEU I 260 41.74 -107.86 -52.42
CA LEU I 260 42.34 -108.18 -51.11
C LEU I 260 41.36 -109.01 -50.31
N ILE I 261 41.78 -110.19 -49.88
CA ILE I 261 40.95 -111.09 -49.09
C ILE I 261 41.67 -111.42 -47.79
N TYR I 262 40.95 -111.27 -46.67
CA TYR I 262 41.57 -111.56 -45.38
C TYR I 262 40.49 -111.83 -44.35
N PRO I 263 40.79 -112.58 -43.30
CA PRO I 263 39.78 -112.86 -42.27
C PRO I 263 39.64 -111.71 -41.28
N LEU I 264 38.44 -111.60 -40.71
CA LEU I 264 38.16 -110.62 -39.67
C LEU I 264 38.32 -111.23 -38.27
N ASN I 265 39.48 -111.82 -38.03
CA ASN I 265 39.78 -112.49 -36.76
C ASN I 265 40.94 -111.78 -36.08
N SER I 266 40.75 -111.45 -34.80
CA SER I 266 41.78 -110.75 -34.05
C SER I 266 43.00 -111.61 -33.76
N GLU I 267 42.86 -112.93 -33.80
CA GLU I 267 44.00 -113.80 -33.51
C GLU I 267 45.01 -113.81 -34.65
N LEU I 268 44.53 -113.67 -35.90
CA LEU I 268 45.41 -113.71 -37.07
C LEU I 268 45.92 -112.32 -37.45
N ILE I 269 45.02 -111.34 -37.52
CA ILE I 269 45.35 -109.97 -37.89
C ILE I 269 44.77 -109.04 -36.84
N LYS I 270 45.59 -108.09 -36.37
CA LYS I 270 45.16 -107.16 -35.35
C LYS I 270 45.75 -105.78 -35.62
N PHE I 271 44.95 -104.74 -35.39
CA PHE I 271 45.38 -103.36 -35.53
C PHE I 271 45.51 -102.77 -34.14
N LYS I 272 46.72 -102.36 -33.77
CA LYS I 272 47.02 -101.76 -32.48
C LYS I 272 47.53 -100.34 -32.71
N PRO I 273 46.66 -99.44 -33.16
CA PRO I 273 47.11 -98.06 -33.43
C PRO I 273 47.34 -97.31 -32.13
N SER I 274 48.13 -96.24 -32.24
CA SER I 274 48.31 -95.35 -31.11
C SER I 274 47.01 -94.63 -30.81
N LYS I 275 46.79 -94.35 -29.52
CA LYS I 275 45.61 -93.59 -29.14
C LYS I 275 45.65 -92.16 -29.64
N TYR I 276 46.81 -91.69 -30.12
CA TYR I 276 46.95 -90.38 -30.73
C TYR I 276 47.10 -90.46 -32.24
N MET I 277 46.64 -91.55 -32.86
CA MET I 277 46.79 -91.72 -34.30
C MET I 277 45.99 -90.67 -35.07
N LEU I 278 44.76 -90.40 -34.63
CA LEU I 278 43.92 -89.46 -35.34
C LEU I 278 44.37 -88.03 -35.08
N PRO I 279 44.01 -87.09 -35.97
CA PRO I 279 44.54 -85.72 -35.85
C PRO I 279 44.23 -85.09 -34.50
N THR I 280 45.22 -84.36 -33.97
CA THR I 280 45.10 -83.68 -32.69
C THR I 280 45.76 -82.31 -32.81
N PRO I 281 45.11 -81.24 -32.35
CA PRO I 281 45.72 -79.91 -32.43
C PRO I 281 46.94 -79.80 -31.53
N ASN I 282 47.85 -78.92 -31.90
CA ASN I 282 49.01 -78.60 -31.08
C ASN I 282 48.77 -77.31 -30.31
N GLU I 283 49.43 -77.20 -29.15
CA GLU I 283 49.23 -76.02 -28.31
C GLU I 283 49.85 -74.77 -28.94
N GLN I 284 50.91 -74.93 -29.71
CA GLN I 284 51.61 -73.78 -30.27
C GLN I 284 50.81 -73.17 -31.41
N VAL I 285 50.63 -71.85 -31.37
CA VAL I 285 49.98 -71.08 -32.43
C VAL I 285 50.91 -69.94 -32.79
N ASP I 286 51.30 -69.86 -34.06
CA ASP I 286 52.19 -68.80 -34.52
C ASP I 286 51.41 -67.52 -34.73
N LYS I 287 51.77 -66.48 -33.99
CA LYS I 287 51.10 -65.19 -34.06
C LYS I 287 52.07 -64.13 -34.55
N ASP I 288 51.50 -63.06 -35.11
CA ASP I 288 52.29 -61.98 -35.70
C ASP I 288 51.53 -60.67 -35.52
N SER I 289 51.97 -59.64 -36.23
CA SER I 289 51.31 -58.35 -36.23
C SER I 289 50.28 -58.23 -37.36
N THR I 290 50.07 -59.30 -38.12
CA THR I 290 49.10 -59.34 -39.21
C THR I 290 47.90 -60.17 -38.80
N ASP I 291 46.99 -60.37 -39.74
CA ASP I 291 45.77 -61.13 -39.50
C ASP I 291 45.94 -62.62 -39.73
N VAL I 292 47.12 -63.07 -40.14
CA VAL I 292 47.37 -64.46 -40.50
C VAL I 292 48.09 -65.15 -39.35
N ALA I 293 47.59 -66.32 -38.95
CA ALA I 293 48.22 -67.14 -37.93
C ALA I 293 48.40 -68.55 -38.48
N HIS I 294 49.23 -69.33 -37.80
CA HIS I 294 49.51 -70.70 -38.22
C HIS I 294 49.26 -71.66 -37.07
N SER I 295 48.74 -72.84 -37.39
CA SER I 295 48.45 -73.88 -36.42
C SER I 295 49.00 -75.20 -36.90
N TYR I 296 49.16 -76.13 -35.96
CA TYR I 296 49.79 -77.42 -36.23
C TYR I 296 48.88 -78.56 -35.80
N ILE I 297 48.86 -79.62 -36.60
CA ILE I 297 48.10 -80.83 -36.31
C ILE I 297 49.06 -82.01 -36.30
N ASP I 298 48.99 -82.80 -35.23
CA ASP I 298 49.82 -83.97 -35.05
C ASP I 298 49.00 -85.24 -35.27
N PHE I 299 49.68 -86.28 -35.76
CA PHE I 299 49.06 -87.60 -35.89
C PHE I 299 50.15 -88.66 -35.87
N VAL I 300 49.74 -89.91 -35.70
CA VAL I 300 50.65 -91.02 -35.50
C VAL I 300 50.29 -92.15 -36.46
N LEU I 301 51.30 -92.77 -37.05
CA LEU I 301 51.13 -93.87 -37.98
C LEU I 301 51.84 -95.13 -37.48
N GLY I 302 51.30 -96.28 -37.83
CA GLY I 302 51.89 -97.56 -37.51
C GLY I 302 51.04 -98.44 -36.63
N GLY I 303 51.27 -99.75 -36.66
CA GLY I 303 50.60 -100.65 -35.75
C GLY I 303 49.75 -101.76 -36.35
N LEU I 304 50.07 -102.23 -37.55
CA LEU I 304 49.36 -103.34 -38.16
C LEU I 304 50.16 -104.62 -37.95
N LEU I 305 49.55 -105.60 -37.30
CA LEU I 305 50.19 -106.88 -37.01
C LEU I 305 49.38 -107.99 -37.68
N ALA I 306 50.09 -108.95 -38.28
CA ALA I 306 49.43 -110.04 -38.97
C ALA I 306 50.30 -111.29 -38.90
N THR I 307 49.66 -112.43 -39.09
CA THR I 307 50.38 -113.70 -39.19
C THR I 307 50.72 -113.99 -40.65
N ARG I 308 51.67 -114.90 -40.85
CA ARG I 308 52.12 -115.24 -42.19
C ARG I 308 51.05 -116.05 -42.92
N LYS I 309 50.94 -115.80 -44.22
CA LYS I 309 50.06 -116.56 -45.11
C LYS I 309 48.59 -116.50 -44.66
N THR I 310 48.11 -115.28 -44.40
CA THR I 310 46.71 -115.07 -44.06
C THR I 310 46.07 -113.97 -44.89
N ILE I 311 46.79 -113.40 -45.86
CA ILE I 311 46.27 -112.33 -46.71
C ILE I 311 46.47 -112.73 -48.16
N LEU I 312 45.38 -112.67 -48.94
CA LEU I 312 45.44 -112.95 -50.37
C LEU I 312 45.37 -111.62 -51.12
N GLN I 313 46.38 -111.37 -51.95
CA GLN I 313 46.48 -110.13 -52.72
C GLN I 313 46.61 -110.49 -54.19
N VAL I 314 45.57 -110.20 -54.96
CA VAL I 314 45.55 -110.47 -56.39
C VAL I 314 45.75 -109.16 -57.14
N ASN I 315 46.73 -109.14 -58.04
CA ASN I 315 47.03 -107.96 -58.85
C ASN I 315 46.76 -108.30 -60.31
N ILE I 316 45.91 -107.51 -60.95
CA ILE I 316 45.52 -107.74 -62.34
C ILE I 316 46.36 -106.78 -63.18
N LYS I 317 47.41 -107.30 -63.82
CA LYS I 317 48.33 -106.45 -64.55
C LYS I 317 47.62 -105.82 -65.75
N GLN I 318 47.75 -104.49 -65.87
CA GLN I 318 47.12 -103.73 -66.95
C GLN I 318 48.11 -103.36 -68.04
N SER I 319 49.13 -104.17 -68.25
CA SER I 319 50.14 -103.89 -69.27
C SER I 319 49.55 -103.94 -70.67
N TYR J 65 85.71 -41.83 -32.40
CA TYR J 65 84.53 -41.04 -32.05
C TYR J 65 83.52 -41.88 -31.29
N SER J 66 82.30 -41.38 -31.17
CA SER J 66 81.26 -42.05 -30.42
C SER J 66 79.93 -41.84 -31.14
N LYS J 67 78.87 -42.45 -30.59
CA LYS J 67 77.53 -42.32 -31.15
C LYS J 67 76.71 -41.25 -30.45
N SER J 68 76.57 -41.35 -29.12
CA SER J 68 75.80 -40.36 -28.38
C SER J 68 76.44 -38.98 -28.45
N MET J 69 77.76 -38.91 -28.31
CA MET J 69 78.50 -37.65 -28.29
C MET J 69 77.95 -36.68 -27.26
N ILE J 72 76.75 -34.44 -24.21
CA ILE J 72 77.27 -33.07 -24.19
C ILE J 72 76.18 -32.10 -23.75
N GLU J 73 76.47 -31.34 -22.69
CA GLU J 73 75.52 -30.35 -22.21
C GLU J 73 75.36 -29.22 -23.23
N ASN J 74 74.14 -28.72 -23.34
CA ASN J 74 73.80 -27.65 -24.26
C ASN J 74 73.24 -26.47 -23.50
N LYS J 75 73.58 -25.26 -23.96
CA LYS J 75 73.00 -24.05 -23.38
C LYS J 75 71.55 -23.87 -23.79
N VAL J 76 71.22 -24.20 -25.04
CA VAL J 76 69.87 -24.10 -25.56
C VAL J 76 69.53 -25.39 -26.30
N PHE J 77 68.24 -25.63 -26.46
CA PHE J 77 67.77 -26.80 -27.20
C PHE J 77 67.97 -26.60 -28.70
N SER J 78 68.16 -27.71 -29.40
CA SER J 78 68.27 -27.68 -30.86
C SER J 78 66.90 -27.58 -31.49
N SER J 79 66.80 -26.81 -32.57
CA SER J 79 65.53 -26.60 -33.25
C SER J 79 65.03 -27.88 -33.90
N CYS J 83 59.25 -29.84 -39.39
CA CYS J 83 58.26 -30.87 -39.64
C CYS J 83 58.84 -32.26 -39.40
N PHE J 84 58.00 -33.29 -39.56
CA PHE J 84 58.45 -34.66 -39.37
C PHE J 84 59.46 -35.10 -40.42
N LYS J 85 59.49 -34.44 -41.57
CA LYS J 85 60.35 -34.89 -42.67
C LYS J 85 61.82 -34.65 -42.35
N SER J 86 62.66 -35.60 -42.76
CA SER J 86 64.11 -35.49 -42.69
C SER J 86 64.62 -35.26 -41.26
N LYS J 87 64.00 -35.94 -40.30
CA LYS J 87 64.51 -35.94 -38.94
C LYS J 87 65.36 -37.17 -38.62
N ASN J 88 65.46 -38.13 -39.54
CA ASN J 88 66.25 -39.32 -39.33
C ASN J 88 67.73 -39.12 -39.62
N GLU J 89 68.12 -37.97 -40.15
CA GLU J 89 69.52 -37.72 -40.48
C GLU J 89 70.33 -37.44 -39.22
N ARG J 90 70.52 -38.45 -38.39
CA ARG J 90 71.29 -38.34 -37.16
C ARG J 90 72.29 -39.50 -37.10
N VAL J 91 73.49 -39.21 -36.58
CA VAL J 91 74.53 -40.23 -36.52
C VAL J 91 74.12 -41.38 -35.61
N ASP J 92 73.38 -41.07 -34.54
CA ASP J 92 72.94 -42.08 -33.57
C ASP J 92 71.52 -42.54 -33.84
N ALA J 93 71.06 -42.44 -35.09
CA ALA J 93 69.73 -42.90 -35.44
C ALA J 93 69.67 -44.42 -35.44
N TYR J 94 68.45 -44.95 -35.40
CA TYR J 94 68.27 -46.40 -35.43
C TYR J 94 68.68 -46.93 -36.79
N SER J 95 69.65 -47.85 -36.79
CA SER J 95 70.31 -48.26 -38.03
C SER J 95 69.34 -48.91 -39.01
N PHE J 96 68.46 -49.80 -38.52
CA PHE J 96 67.55 -50.52 -39.40
C PHE J 96 66.45 -49.58 -39.88
N ALA J 97 66.45 -49.28 -41.18
CA ALA J 97 65.32 -48.55 -41.74
C ALA J 97 64.05 -49.38 -41.67
N CYS J 98 64.15 -50.68 -41.98
CA CYS J 98 63.05 -51.63 -41.85
C CYS J 98 63.57 -52.83 -41.08
N SER J 99 63.09 -53.01 -39.86
CA SER J 99 63.50 -54.14 -39.05
C SER J 99 62.55 -55.32 -39.24
N SER J 100 62.91 -56.44 -38.64
CA SER J 100 62.11 -57.65 -38.73
C SER J 100 62.51 -58.61 -37.63
N TYR J 101 61.53 -59.14 -36.91
CA TYR J 101 61.82 -60.28 -36.06
C TYR J 101 62.31 -61.43 -36.94
N THR J 102 63.00 -62.38 -36.31
CA THR J 102 63.79 -63.43 -36.96
C THR J 102 65.05 -62.88 -37.62
N ASP J 103 65.49 -61.69 -37.25
CA ASP J 103 66.81 -61.20 -37.63
C ASP J 103 67.81 -61.58 -36.53
N LYS J 104 68.89 -62.22 -36.92
CA LYS J 104 69.89 -62.72 -35.98
C LYS J 104 70.89 -61.61 -35.65
N ILE J 105 71.08 -61.35 -34.36
CA ILE J 105 72.01 -60.34 -33.88
C ILE J 105 72.98 -61.01 -32.92
N GLU J 106 74.27 -60.78 -33.12
CA GLU J 106 75.31 -61.40 -32.32
C GLU J 106 76.13 -60.33 -31.59
N GLU J 107 76.75 -60.73 -30.49
CA GLU J 107 77.59 -59.85 -29.70
C GLU J 107 79.05 -60.24 -29.82
N TYR J 108 79.91 -59.25 -29.94
CA TYR J 108 81.35 -59.50 -29.98
C TYR J 108 82.07 -58.35 -29.30
N LEU J 109 83.35 -58.58 -29.01
CA LEU J 109 84.21 -57.53 -28.51
C LEU J 109 84.87 -56.80 -29.68
N TYR J 110 85.22 -55.55 -29.47
CA TYR J 110 85.92 -54.78 -30.49
C TYR J 110 87.07 -54.02 -29.86
N ASP J 111 88.05 -53.67 -30.68
CA ASP J 111 89.22 -52.96 -30.20
C ASP J 111 88.83 -51.54 -29.80
N PRO J 112 89.05 -51.13 -28.55
CA PRO J 112 88.64 -49.79 -28.11
C PRO J 112 89.63 -48.69 -28.47
N ALA J 113 90.70 -49.00 -29.19
CA ALA J 113 91.69 -48.00 -29.57
C ALA J 113 92.15 -48.12 -31.03
N ASN J 114 91.66 -49.10 -31.78
CA ASN J 114 92.10 -49.29 -33.16
C ASN J 114 91.14 -48.66 -34.16
N SER J 115 89.86 -48.99 -34.09
CA SER J 115 88.87 -48.45 -35.02
C SER J 115 87.49 -48.62 -34.41
N PHE J 116 86.66 -47.58 -34.56
CA PHE J 116 85.33 -47.59 -33.99
C PHE J 116 84.39 -48.25 -34.99
N PRO J 117 83.83 -49.42 -34.69
CA PRO J 117 83.14 -50.21 -35.71
C PRO J 117 81.68 -49.82 -35.96
N TYR J 118 81.17 -48.80 -35.29
CA TYR J 118 79.75 -48.46 -35.40
C TYR J 118 79.39 -48.13 -36.85
N LYS J 119 78.32 -48.76 -37.33
CA LYS J 119 77.81 -48.55 -38.69
C LYS J 119 78.89 -48.81 -39.73
N ARG J 120 79.64 -49.89 -39.56
CA ARG J 120 80.71 -50.27 -40.48
C ARG J 120 80.70 -51.78 -40.67
N GLY J 121 81.25 -52.22 -41.80
CA GLY J 121 81.40 -53.65 -42.05
C GLY J 121 82.58 -54.21 -41.27
N VAL J 122 82.33 -55.29 -40.55
CA VAL J 122 83.31 -55.83 -39.62
C VAL J 122 83.66 -57.27 -40.00
N LYS J 123 84.82 -57.70 -39.53
CA LYS J 123 85.34 -59.05 -39.74
C LYS J 123 85.73 -59.64 -38.39
N LEU J 124 85.68 -60.96 -38.32
CA LEU J 124 86.03 -61.69 -37.11
C LEU J 124 87.54 -61.90 -37.05
N VAL J 125 88.15 -61.44 -35.97
CA VAL J 125 89.57 -61.66 -35.69
C VAL J 125 89.68 -62.46 -34.40
N PRO J 126 89.93 -63.77 -34.48
CA PRO J 126 90.13 -64.55 -33.26
C PRO J 126 91.47 -64.26 -32.60
N LYS J 127 91.44 -63.56 -31.48
CA LYS J 127 92.65 -63.22 -30.74
C LYS J 127 92.97 -64.33 -29.73
N GLU J 128 94.09 -64.16 -29.03
CA GLU J 128 94.54 -65.15 -28.06
C GLU J 128 93.71 -65.14 -26.78
N ASN J 129 92.85 -64.14 -26.58
CA ASN J 129 92.00 -64.05 -25.41
C ASN J 129 90.52 -64.05 -25.71
N SER J 130 90.11 -63.58 -26.88
CA SER J 130 88.70 -63.58 -27.26
C SER J 130 88.60 -63.29 -28.75
N ILE J 131 87.42 -63.53 -29.31
CA ILE J 131 87.14 -63.22 -30.71
C ILE J 131 86.68 -61.78 -30.79
N TYR J 132 87.44 -60.94 -31.48
CA TYR J 132 87.09 -59.54 -31.66
C TYR J 132 86.51 -59.32 -33.05
N VAL J 133 85.88 -58.16 -33.23
CA VAL J 133 85.44 -57.71 -34.55
C VAL J 133 86.18 -56.42 -34.88
N GLU J 134 86.76 -56.37 -36.07
CA GLU J 134 87.50 -55.21 -36.54
C GLU J 134 86.99 -54.80 -37.90
N VAL J 135 87.05 -53.51 -38.20
CA VAL J 135 86.56 -53.02 -39.49
C VAL J 135 87.30 -53.73 -40.61
N GLY J 136 86.55 -54.19 -41.62
CA GLY J 136 87.13 -55.02 -42.66
C GLY J 136 86.49 -54.75 -44.00
N ALA J 137 87.10 -55.33 -45.04
CA ALA J 137 86.66 -55.14 -46.41
C ALA J 137 85.59 -56.17 -46.77
N ASP J 138 85.04 -56.01 -47.98
CA ASP J 138 84.00 -56.92 -48.45
C ASP J 138 84.53 -58.33 -48.69
N THR J 139 85.83 -58.46 -48.97
CA THR J 139 86.39 -59.77 -49.28
C THR J 139 86.32 -60.70 -48.07
N ASP J 140 86.55 -60.17 -46.87
CA ASP J 140 86.56 -60.96 -45.64
C ASP J 140 85.59 -60.40 -44.62
N MET J 141 84.39 -60.05 -45.08
CA MET J 141 83.39 -59.42 -44.21
C MET J 141 82.54 -60.49 -43.54
N TYR J 142 82.40 -60.38 -42.22
CA TYR J 142 81.51 -61.26 -41.48
C TYR J 142 80.09 -60.70 -41.35
N GLY J 143 79.95 -59.38 -41.28
CA GLY J 143 78.64 -58.79 -41.14
C GLY J 143 78.73 -57.30 -41.02
N ILE J 144 77.66 -56.70 -40.49
CA ILE J 144 77.55 -55.25 -40.33
C ILE J 144 77.34 -54.94 -38.86
N CYS J 145 78.16 -54.04 -38.32
CA CYS J 145 78.00 -53.62 -36.93
C CYS J 145 76.91 -52.55 -36.87
N VAL J 146 75.79 -52.88 -36.21
CA VAL J 146 74.64 -52.00 -36.19
C VAL J 146 74.56 -51.15 -34.92
N ASP J 147 75.16 -51.59 -33.83
CA ASP J 147 75.10 -50.84 -32.59
C ASP J 147 76.33 -51.16 -31.74
N VAL J 148 76.67 -50.25 -30.83
CA VAL J 148 77.78 -50.41 -29.93
C VAL J 148 77.36 -49.97 -28.54
N CYS J 149 77.78 -50.74 -27.53
CA CYS J 149 77.65 -50.36 -26.12
C CYS J 149 79.05 -50.00 -25.65
N GLU J 150 79.31 -48.70 -25.50
CA GLU J 150 80.63 -48.23 -25.16
C GLU J 150 80.99 -48.53 -23.71
N PHE J 151 80.00 -48.66 -22.83
CA PHE J 151 80.28 -48.98 -21.43
C PHE J 151 80.98 -50.33 -21.32
N SER J 152 80.50 -51.32 -22.07
CA SER J 152 81.12 -52.64 -22.11
C SER J 152 81.99 -52.85 -23.35
N CYS J 153 82.09 -51.85 -24.22
CA CYS J 153 82.87 -51.94 -25.46
C CYS J 153 82.45 -53.17 -26.27
N THR J 154 81.15 -53.34 -26.42
CA THR J 154 80.57 -54.50 -27.10
C THR J 154 79.92 -54.07 -28.40
N ALA J 155 80.22 -54.78 -29.48
CA ALA J 155 79.65 -54.49 -30.79
C ALA J 155 78.58 -55.53 -31.13
N TYR J 156 77.46 -55.05 -31.69
CA TYR J 156 76.36 -55.90 -32.11
C TYR J 156 76.38 -56.01 -33.63
N VAL J 157 76.37 -57.25 -34.12
CA VAL J 157 76.66 -57.55 -35.52
C VAL J 157 75.45 -58.28 -36.12
N LEU J 158 75.03 -57.82 -37.29
CA LEU J 158 74.11 -58.55 -38.14
C LEU J 158 74.92 -59.34 -39.15
N PRO J 159 74.87 -60.67 -39.12
CA PRO J 159 75.68 -61.47 -40.06
C PRO J 159 75.30 -61.18 -41.51
N ILE J 160 76.29 -61.35 -42.39
CA ILE J 160 76.09 -61.10 -43.81
C ILE J 160 75.03 -62.03 -44.40
N THR J 161 74.78 -63.17 -43.75
CA THR J 161 73.74 -64.08 -44.24
C THR J 161 72.34 -63.49 -44.14
N ASN J 162 72.16 -62.42 -43.36
CA ASN J 162 70.88 -61.76 -43.22
C ASN J 162 70.83 -60.50 -44.06
N ASN J 163 69.62 -60.16 -44.50
CA ASN J 163 69.41 -58.93 -45.25
C ASN J 163 69.55 -57.72 -44.34
N PHE J 164 69.86 -56.58 -44.94
CA PHE J 164 69.94 -55.32 -44.21
C PHE J 164 69.44 -54.20 -45.11
N GLU J 165 68.76 -53.24 -44.51
CA GLU J 165 68.32 -52.03 -45.22
C GLU J 165 68.39 -50.90 -44.20
N GLY J 166 69.41 -50.06 -44.32
CA GLY J 166 69.62 -49.03 -43.32
C GLY J 166 70.78 -48.14 -43.67
N TYR J 167 71.13 -47.29 -42.72
CA TYR J 167 72.11 -46.23 -42.94
C TYR J 167 73.49 -46.70 -42.50
N LEU J 168 74.49 -46.46 -43.34
CA LEU J 168 75.86 -46.89 -43.08
C LEU J 168 76.81 -45.74 -43.39
N VAL J 169 78.03 -45.86 -42.87
CA VAL J 169 79.03 -44.80 -43.02
C VAL J 169 79.67 -44.91 -44.40
N THR J 170 79.73 -43.79 -45.12
CA THR J 170 80.40 -43.70 -46.40
C THR J 170 81.42 -42.58 -46.38
N ARG J 171 82.38 -42.66 -47.31
CA ARG J 171 83.42 -41.64 -47.43
C ARG J 171 83.24 -40.73 -48.63
N ASN J 172 82.32 -41.05 -49.53
CA ASN J 172 82.07 -40.22 -50.71
C ASN J 172 80.87 -39.34 -50.44
N PRO J 173 81.02 -38.01 -50.37
CA PRO J 173 79.86 -37.16 -50.06
C PRO J 173 78.89 -36.98 -51.22
N SER J 174 79.21 -37.49 -52.41
CA SER J 174 78.36 -37.32 -53.58
C SER J 174 78.11 -38.70 -54.20
N ILE J 175 77.09 -39.39 -53.71
CA ILE J 175 76.65 -40.67 -54.26
C ILE J 175 75.16 -40.56 -54.56
N LYS J 176 74.76 -40.98 -55.76
CA LYS J 176 73.37 -40.89 -56.17
C LYS J 176 72.62 -42.15 -55.77
N ILE J 177 71.34 -42.19 -56.11
CA ILE J 177 70.45 -43.30 -55.76
C ILE J 177 70.55 -44.38 -56.82
N GLY J 178 70.55 -45.64 -56.39
CA GLY J 178 70.60 -46.77 -57.29
C GLY J 178 71.99 -47.22 -57.69
N GLU J 179 73.03 -46.52 -57.25
CA GLU J 179 74.39 -46.88 -57.63
C GLU J 179 74.86 -48.13 -56.90
N ILE J 180 75.76 -48.87 -57.53
CA ILE J 180 76.34 -50.06 -56.93
C ILE J 180 77.49 -49.64 -56.02
N LEU J 181 77.57 -50.26 -54.85
CA LEU J 181 78.50 -49.84 -53.81
C LEU J 181 79.32 -51.03 -53.31
N ASP J 182 80.46 -50.71 -52.71
CA ASP J 182 81.37 -51.72 -52.17
C ASP J 182 81.97 -51.22 -50.86
N ILE J 183 82.26 -52.16 -49.98
CA ILE J 183 82.84 -51.84 -48.68
C ILE J 183 84.35 -51.98 -48.77
N ASN J 184 85.07 -50.94 -48.31
CA ASN J 184 86.51 -50.90 -48.43
C ASN J 184 87.17 -51.46 -47.16
N ASN J 185 88.49 -51.34 -47.08
CA ASN J 185 89.24 -51.94 -45.98
C ASN J 185 88.86 -51.33 -44.63
N ASN J 186 88.38 -50.09 -44.62
CA ASN J 186 87.98 -49.43 -43.39
C ASN J 186 86.52 -49.71 -43.02
N GLY J 187 85.87 -50.65 -43.70
CA GLY J 187 84.45 -50.89 -43.46
C GLY J 187 83.59 -49.70 -43.85
N VAL J 188 83.91 -49.08 -44.98
CA VAL J 188 83.27 -47.84 -45.42
C VAL J 188 82.68 -48.06 -46.80
N ILE J 189 81.46 -47.53 -47.00
CA ILE J 189 80.79 -47.61 -48.29
C ILE J 189 81.48 -46.67 -49.28
N ILE J 190 81.83 -47.19 -50.45
CA ILE J 190 82.39 -46.42 -51.55
C ILE J 190 81.72 -46.88 -52.83
N LYS J 191 81.99 -46.14 -53.92
CA LYS J 191 81.48 -46.54 -55.22
C LYS J 191 82.17 -47.82 -55.69
N ALA J 192 81.39 -48.70 -56.33
CA ALA J 192 81.91 -49.99 -56.77
C ALA J 192 82.86 -49.87 -57.96
N GLY J 193 82.95 -48.71 -58.58
CA GLY J 193 83.84 -48.50 -59.70
C GLY J 193 85.28 -48.23 -59.34
N GLY J 194 85.65 -48.39 -58.07
CA GLY J 194 87.01 -48.14 -57.66
C GLY J 194 88.02 -49.10 -58.27
N GLY J 195 87.58 -50.29 -58.65
CA GLY J 195 88.46 -51.27 -59.25
C GLY J 195 88.48 -52.63 -58.58
N PRO J 196 88.49 -52.68 -57.25
CA PRO J 196 88.39 -53.97 -56.56
C PRO J 196 87.13 -54.72 -56.97
N PRO J 197 87.23 -56.03 -57.21
CA PRO J 197 86.05 -56.82 -57.58
C PRO J 197 85.10 -56.95 -56.39
N THR J 198 83.89 -56.44 -56.56
CA THR J 198 82.89 -56.51 -55.51
C THR J 198 82.40 -57.95 -55.34
N ALA J 199 82.12 -58.33 -54.09
CA ALA J 199 81.63 -59.65 -53.77
C ALA J 199 80.29 -59.63 -53.02
N ILE J 200 79.72 -58.45 -52.78
CA ILE J 200 78.47 -58.30 -52.05
C ILE J 200 77.53 -57.44 -52.87
N ASN J 201 76.24 -57.71 -52.75
CA ASN J 201 75.19 -56.92 -53.42
C ASN J 201 74.83 -55.75 -52.52
N ILE J 202 75.33 -54.56 -52.85
CA ILE J 202 75.03 -53.34 -52.14
C ILE J 202 74.52 -52.31 -53.13
N TYR J 203 73.40 -51.68 -52.81
CA TYR J 203 72.79 -50.66 -53.65
C TYR J 203 72.40 -49.46 -52.82
N ALA J 204 72.60 -48.26 -53.38
CA ALA J 204 72.27 -47.03 -52.68
C ALA J 204 70.78 -46.73 -52.82
N LEU J 205 70.08 -46.69 -51.70
CA LEU J 205 68.65 -46.39 -51.68
C LEU J 205 68.37 -44.90 -51.54
N SER J 206 69.40 -44.08 -51.33
CA SER J 206 69.23 -42.64 -51.19
C SER J 206 70.56 -41.97 -51.44
N ASP J 207 70.50 -40.65 -51.64
CA ASP J 207 71.72 -39.86 -51.81
C ASP J 207 72.46 -39.73 -50.48
N SER J 208 73.78 -39.69 -50.57
CA SER J 208 74.60 -39.52 -49.37
C SER J 208 74.37 -38.15 -48.75
N PHE J 209 74.27 -38.10 -47.44
CA PHE J 209 74.09 -36.84 -46.72
C PHE J 209 75.16 -36.70 -45.64
N THR J 210 75.58 -35.45 -45.43
CA THR J 210 76.65 -35.12 -44.50
C THR J 210 76.07 -34.53 -43.22
N ILE J 211 76.50 -35.05 -42.08
CA ILE J 211 76.14 -34.53 -40.76
C ILE J 211 77.36 -33.79 -40.24
N ASN J 212 77.18 -32.50 -39.97
CA ASN J 212 78.29 -31.64 -39.57
C ASN J 212 78.28 -31.37 -38.07
N SER J 231 82.46 -33.85 -39.22
CA SER J 231 81.60 -34.17 -40.35
C SER J 231 81.68 -35.66 -40.68
N ILE J 232 80.51 -36.27 -40.88
CA ILE J 232 80.42 -37.69 -41.22
C ILE J 232 79.37 -37.88 -42.30
N ASN J 233 79.69 -38.72 -43.28
CA ASN J 233 78.79 -38.96 -44.41
C ASN J 233 78.06 -40.29 -44.21
N LEU J 234 76.74 -40.26 -44.39
CA LEU J 234 75.91 -41.44 -44.25
C LEU J 234 75.08 -41.64 -45.51
N ILE J 235 74.62 -42.87 -45.71
CA ILE J 235 73.83 -43.21 -46.89
C ILE J 235 72.97 -44.42 -46.55
N LYS J 236 71.76 -44.44 -47.12
CA LYS J 236 70.86 -45.58 -46.97
C LYS J 236 71.18 -46.62 -48.03
N VAL J 237 71.40 -47.86 -47.59
CA VAL J 237 71.83 -48.94 -48.46
C VAL J 237 71.00 -50.18 -48.17
N ALA J 238 70.90 -51.05 -49.18
CA ALA J 238 70.30 -52.36 -49.07
C ALA J 238 71.34 -53.41 -49.39
N ILE J 239 71.62 -54.29 -48.43
CA ILE J 239 72.61 -55.35 -48.55
C ILE J 239 71.88 -56.68 -48.49
N PHE J 240 72.02 -57.49 -49.55
CA PHE J 240 71.38 -58.80 -49.62
C PHE J 240 72.37 -59.83 -50.16
N GLY J 241 73.11 -60.45 -49.25
CA GLY J 241 73.92 -61.61 -49.57
C GLY J 241 75.13 -61.29 -50.45
N ASN J 242 75.83 -62.35 -50.81
CA ASN J 242 77.03 -62.26 -51.63
C ASN J 242 76.67 -62.30 -53.12
N ARG J 243 77.60 -61.83 -53.93
CA ARG J 243 77.48 -61.86 -55.38
C ARG J 243 78.16 -63.11 -55.91
N GLY J 244 77.49 -63.82 -56.81
CA GLY J 244 78.02 -65.06 -57.35
C GLY J 244 79.39 -64.93 -57.97
N LEU J 245 79.51 -64.11 -59.01
CA LEU J 245 80.79 -63.85 -59.67
C LEU J 245 81.18 -62.40 -59.41
N GLU J 246 82.43 -62.20 -58.97
CA GLU J 246 82.90 -60.86 -58.66
C GLU J 246 82.85 -59.97 -59.89
N LYS J 247 82.32 -58.76 -59.71
CA LYS J 247 82.11 -57.83 -60.81
C LYS J 247 83.32 -56.93 -60.98
N THR J 248 83.20 -55.91 -61.84
CA THR J 248 84.28 -54.98 -62.09
C THR J 248 83.79 -53.54 -62.05
N MET K 22 46.05 -64.59 -63.51
CA MET K 22 46.04 -64.09 -62.13
C MET K 22 46.16 -65.25 -61.15
N LYS K 23 46.57 -64.94 -59.92
CA LYS K 23 46.70 -65.98 -58.89
C LYS K 23 45.36 -66.66 -58.63
N ASN K 24 44.30 -65.88 -58.46
CA ASN K 24 42.94 -66.38 -58.21
C ASN K 24 41.99 -65.75 -59.21
N PRO K 25 41.84 -66.31 -60.40
CA PRO K 25 40.85 -65.78 -61.35
C PRO K 25 39.44 -66.04 -60.85
N GLN K 26 38.76 -64.98 -60.44
CA GLN K 26 37.43 -65.10 -59.85
C GLN K 26 36.39 -65.17 -60.96
N HIS K 27 35.80 -66.35 -61.14
CA HIS K 27 34.76 -66.55 -62.14
C HIS K 27 33.62 -67.34 -61.54
N ASP K 28 32.40 -66.91 -61.81
CA ASP K 28 31.22 -67.59 -61.30
C ASP K 28 30.92 -68.84 -62.12
N ALA K 29 30.48 -69.88 -61.43
CA ALA K 29 30.13 -71.15 -62.06
C ALA K 29 28.65 -71.45 -61.87
N SER K 30 28.18 -72.46 -62.60
CA SER K 30 26.79 -72.91 -62.50
C SER K 30 26.66 -74.28 -61.84
N LEU K 31 27.70 -75.09 -61.87
CA LEU K 31 27.69 -76.40 -61.22
C LEU K 31 28.94 -76.54 -60.35
N LEU K 32 28.81 -77.32 -59.29
CA LEU K 32 29.95 -77.61 -58.43
C LEU K 32 30.87 -78.61 -59.12
N SER K 33 32.17 -78.44 -58.88
CA SER K 33 33.19 -79.32 -59.42
C SER K 33 33.52 -80.39 -58.40
N ASN K 34 33.52 -81.65 -58.83
CA ASN K 34 33.78 -82.76 -57.94
C ASN K 34 35.24 -82.75 -57.50
N SER K 35 35.47 -82.61 -56.20
CA SER K 35 36.81 -82.55 -55.64
C SER K 35 36.84 -83.43 -54.38
N ASN K 36 37.19 -84.69 -54.56
CA ASN K 36 37.29 -85.64 -53.47
C ASN K 36 38.63 -86.32 -53.35
N GLU K 37 39.34 -86.52 -54.46
CA GLU K 37 40.67 -87.13 -54.42
C GLU K 37 41.64 -86.21 -53.69
N PHE K 38 42.43 -86.79 -52.79
CA PHE K 38 43.38 -86.03 -51.99
C PHE K 38 44.79 -86.04 -52.57
N ARG K 39 44.99 -86.60 -53.76
CA ARG K 39 46.29 -86.66 -54.40
C ARG K 39 46.27 -85.85 -55.69
N ASP K 40 47.44 -85.31 -56.04
CA ASP K 40 47.59 -84.44 -57.21
C ASP K 40 46.60 -83.28 -57.15
N LYS K 41 46.50 -82.66 -55.98
CA LYS K 41 45.61 -81.54 -55.76
C LYS K 41 46.33 -80.28 -55.32
N ASN K 42 47.66 -80.32 -55.18
CA ASN K 42 48.42 -79.18 -54.73
C ASN K 42 49.17 -78.46 -55.83
N VAL K 43 49.43 -79.13 -56.96
CA VAL K 43 50.22 -78.53 -58.03
C VAL K 43 49.25 -77.69 -58.85
N GLU K 44 49.05 -76.45 -58.41
CA GLU K 44 48.15 -75.53 -59.08
C GLU K 44 48.71 -74.12 -58.96
N PHE K 45 48.27 -73.24 -59.85
CA PHE K 45 48.81 -71.89 -59.90
C PHE K 45 48.28 -71.04 -58.74
N PHE K 46 47.15 -71.42 -58.14
CA PHE K 46 46.58 -70.66 -57.03
C PHE K 46 47.23 -70.98 -55.68
N ALA K 47 47.98 -72.07 -55.58
CA ALA K 47 48.58 -72.48 -54.32
C ALA K 47 49.80 -71.60 -54.04
N SER K 48 49.61 -70.60 -53.18
CA SER K 48 50.67 -69.66 -52.86
C SER K 48 51.54 -70.22 -51.72
N GLY K 49 52.57 -69.48 -51.35
CA GLY K 49 53.46 -69.91 -50.29
C GLY K 49 54.43 -70.98 -50.76
N GLY K 50 54.91 -71.76 -49.79
CA GLY K 50 55.83 -72.83 -50.07
C GLY K 50 55.34 -74.15 -49.51
N THR K 51 55.87 -75.24 -50.07
CA THR K 51 55.49 -76.56 -49.61
C THR K 51 55.91 -76.78 -48.16
N ARG K 52 57.11 -76.35 -47.79
CA ARG K 52 57.58 -76.37 -46.42
C ARG K 52 58.02 -74.97 -46.02
N THR K 53 57.54 -74.50 -44.88
CA THR K 53 57.82 -73.15 -44.41
C THR K 53 58.17 -73.19 -42.93
N SER K 54 59.03 -72.27 -42.53
CA SER K 54 59.44 -72.12 -41.13
C SER K 54 58.91 -70.80 -40.58
N LYS K 55 58.66 -70.79 -39.28
CA LYS K 55 58.22 -69.56 -38.62
C LYS K 55 59.26 -68.46 -38.75
N PHE K 56 60.53 -68.83 -38.83
CA PHE K 56 61.63 -67.88 -38.85
C PHE K 56 62.09 -67.54 -40.28
N ASP K 57 61.17 -67.59 -41.24
CA ASP K 57 61.45 -67.15 -42.59
C ASP K 57 61.11 -65.67 -42.73
N LYS K 58 61.98 -64.94 -43.41
CA LYS K 58 61.80 -63.50 -43.58
C LYS K 58 60.95 -63.22 -44.81
N LEU K 59 59.89 -62.43 -44.62
CA LEU K 59 58.96 -62.07 -45.68
C LEU K 59 58.88 -60.56 -45.76
N GLU K 60 58.97 -60.01 -46.97
CA GLU K 60 58.93 -58.57 -47.17
C GLU K 60 57.87 -58.22 -48.20
N ASN K 61 57.05 -57.23 -47.91
CA ASN K 61 56.06 -56.76 -48.86
C ASN K 61 56.63 -55.61 -49.67
N HIS K 62 56.44 -55.66 -50.98
CA HIS K 62 56.99 -54.64 -51.88
C HIS K 62 55.98 -54.27 -52.95
N PRO K 63 55.95 -53.00 -53.37
CA PRO K 63 55.17 -52.65 -54.56
C PRO K 63 55.76 -53.31 -55.79
N PHE K 64 54.87 -53.76 -56.69
CA PHE K 64 55.30 -54.49 -57.87
C PHE K 64 54.70 -53.86 -59.12
N LEU K 65 55.35 -54.14 -60.25
CA LEU K 65 54.83 -53.83 -61.57
C LEU K 65 54.79 -55.10 -62.40
N GLY K 66 53.82 -55.18 -63.31
CA GLY K 66 53.61 -56.40 -64.07
C GLY K 66 52.92 -57.46 -63.24
N TYR K 67 53.39 -58.71 -63.33
CA TYR K 67 52.82 -59.79 -62.52
C TYR K 67 53.94 -60.79 -62.23
N PRO K 68 54.72 -60.55 -61.17
CA PRO K 68 55.88 -61.40 -60.89
C PRO K 68 55.58 -62.60 -60.02
N TYR K 69 54.30 -63.00 -59.95
CA TYR K 69 53.91 -64.10 -59.06
C TYR K 69 54.65 -65.39 -59.41
N LYS K 70 55.16 -66.06 -58.37
CA LYS K 70 55.93 -67.30 -58.53
C LYS K 70 57.08 -67.14 -59.49
N ARG K 71 57.82 -66.04 -59.34
CA ARG K 71 58.94 -65.75 -60.23
C ARG K 71 60.02 -65.02 -59.45
N GLY K 72 61.23 -65.04 -60.01
CA GLY K 72 62.31 -64.25 -59.45
C GLY K 72 62.09 -62.77 -59.69
N VAL K 73 62.35 -61.97 -58.67
CA VAL K 73 62.05 -60.54 -58.68
C VAL K 73 63.34 -59.76 -58.44
N LYS K 74 63.47 -58.65 -59.17
CA LYS K 74 64.57 -57.71 -59.02
C LYS K 74 64.01 -56.37 -58.59
N ARG K 75 64.81 -55.64 -57.81
CA ARG K 75 64.42 -54.35 -57.27
C ARG K 75 64.85 -53.25 -58.24
N VAL K 76 63.88 -52.56 -58.81
CA VAL K 76 64.13 -51.45 -59.74
C VAL K 76 63.98 -50.15 -58.97
N ILE K 77 65.01 -49.29 -59.09
CA ILE K 77 65.08 -48.01 -58.41
C ILE K 77 65.16 -46.92 -59.47
N GLN K 78 64.33 -45.89 -59.33
CA GLN K 78 64.33 -44.78 -60.26
C GLN K 78 65.66 -44.04 -60.24
N SER K 85 57.87 -36.52 -60.45
CA SER K 85 57.47 -37.23 -59.24
C SER K 85 58.30 -38.50 -59.06
N HIS K 86 59.10 -38.53 -58.00
CA HIS K 86 59.95 -39.68 -57.71
C HIS K 86 59.25 -40.61 -56.73
N TYR K 87 59.35 -41.90 -56.98
CA TYR K 87 58.64 -42.91 -56.21
C TYR K 87 59.63 -43.91 -55.60
N GLU K 88 59.16 -44.62 -54.57
CA GLU K 88 59.99 -45.61 -53.91
C GLU K 88 60.29 -46.78 -54.85
N PRO K 89 61.40 -47.47 -54.65
CA PRO K 89 61.75 -48.59 -55.53
C PRO K 89 60.70 -49.69 -55.50
N HIS K 90 60.52 -50.35 -56.64
CA HIS K 90 59.55 -51.42 -56.77
C HIS K 90 60.26 -52.70 -57.20
N VAL K 91 59.49 -53.77 -57.41
CA VAL K 91 60.03 -55.06 -57.81
C VAL K 91 59.35 -55.50 -59.09
N GLU K 92 60.12 -56.13 -59.97
CA GLU K 92 59.58 -56.66 -61.21
C GLU K 92 60.27 -57.96 -61.57
N ALA K 93 59.61 -58.75 -62.42
CA ALA K 93 60.17 -60.03 -62.82
C ALA K 93 61.54 -59.85 -63.46
N GLY K 94 62.49 -60.67 -63.02
CA GLY K 94 63.85 -60.55 -63.51
C GLY K 94 64.76 -61.55 -62.83
N GLY K 95 66.04 -61.45 -63.12
CA GLY K 95 67.01 -62.35 -62.53
C GLY K 95 68.41 -62.05 -63.00
N GLY K 96 69.30 -63.01 -62.82
CA GLY K 96 70.70 -62.84 -63.18
C GLY K 96 71.48 -62.13 -62.10
N GLU K 97 72.32 -61.17 -62.49
CA GLU K 97 73.06 -60.38 -61.52
C GLU K 97 72.16 -59.41 -60.75
N ASP K 98 70.95 -59.16 -61.23
CA ASP K 98 70.02 -58.25 -60.59
C ASP K 98 69.02 -58.98 -59.70
N LEU K 99 69.14 -60.30 -59.55
CA LEU K 99 68.18 -61.05 -58.76
C LEU K 99 68.16 -60.59 -57.32
N TYR K 100 66.97 -60.30 -56.81
CA TYR K 100 66.78 -59.86 -55.44
C TYR K 100 66.03 -60.86 -54.58
N GLY K 101 65.04 -61.54 -55.13
CA GLY K 101 64.30 -62.50 -54.35
C GLY K 101 63.34 -63.30 -55.19
N ILE K 102 62.39 -63.94 -54.50
CA ILE K 102 61.36 -64.75 -55.15
C ILE K 102 60.00 -64.27 -54.63
N CYS K 103 59.05 -64.10 -55.55
CA CYS K 103 57.70 -63.71 -55.18
C CYS K 103 56.86 -64.97 -54.96
N ILE K 104 56.39 -65.16 -53.73
CA ILE K 104 55.63 -66.34 -53.37
C ILE K 104 54.14 -66.06 -53.20
N ASP K 105 53.73 -64.81 -52.99
CA ASP K 105 52.33 -64.46 -52.85
C ASP K 105 52.13 -63.04 -53.35
N ILE K 106 50.90 -62.73 -53.72
CA ILE K 106 50.58 -61.44 -54.32
C ILE K 106 49.21 -60.99 -53.84
N ASP K 107 49.06 -59.68 -53.62
CA ASP K 107 47.79 -59.07 -53.27
C ASP K 107 47.44 -58.08 -54.37
N GLU K 108 46.36 -58.35 -55.09
CA GLU K 108 45.97 -57.55 -56.24
C GLU K 108 45.32 -56.23 -55.82
N PHE K 109 44.52 -56.26 -54.74
CA PHE K 109 43.84 -55.04 -54.30
C PHE K 109 44.84 -53.98 -53.88
N SER K 110 45.80 -54.34 -53.04
CA SER K 110 46.82 -53.40 -52.59
C SER K 110 48.00 -53.32 -53.56
N LYS K 111 47.99 -54.12 -54.62
CA LYS K 111 49.05 -54.13 -55.63
C LYS K 111 50.42 -54.34 -54.98
N THR K 112 50.49 -55.33 -54.10
CA THR K 112 51.71 -55.64 -53.37
C THR K 112 52.12 -57.09 -53.60
N ALA K 113 53.38 -57.39 -53.31
CA ALA K 113 53.91 -58.73 -53.47
C ALA K 113 54.72 -59.11 -52.23
N THR K 114 54.49 -60.34 -51.75
CA THR K 114 55.29 -60.93 -50.68
C THR K 114 56.52 -61.58 -51.29
N ILE K 115 57.68 -61.26 -50.75
CA ILE K 115 58.96 -61.64 -51.33
C ILE K 115 59.82 -62.30 -50.26
N VAL K 116 60.40 -63.43 -50.60
CA VAL K 116 61.44 -64.07 -49.80
C VAL K 116 62.79 -63.64 -50.35
N PRO K 117 63.63 -62.96 -49.56
CA PRO K 117 64.91 -62.49 -50.09
C PRO K 117 65.82 -63.65 -50.47
N ILE K 118 66.77 -63.35 -51.35
CA ILE K 118 67.67 -64.38 -51.88
C ILE K 118 68.51 -64.99 -50.77
N THR K 119 68.71 -64.27 -49.67
CA THR K 119 69.48 -64.76 -48.54
C THR K 119 68.71 -65.78 -47.70
N ASN K 120 67.46 -66.06 -48.04
CA ASN K 120 66.64 -67.03 -47.32
C ASN K 120 66.29 -68.17 -48.26
N ASN K 121 66.50 -69.41 -47.82
CA ASN K 121 66.22 -70.56 -48.64
C ASN K 121 64.72 -70.80 -48.73
N PHE K 122 64.30 -71.38 -49.86
CA PHE K 122 62.88 -71.55 -50.16
C PHE K 122 62.67 -72.88 -50.88
N GLU K 123 61.52 -73.50 -50.60
CA GLU K 123 61.12 -74.74 -51.25
C GLU K 123 59.68 -74.59 -51.71
N GLY K 124 59.46 -74.70 -53.02
CA GLY K 124 58.12 -74.58 -53.56
C GLY K 124 58.13 -74.66 -55.07
N TYR K 125 56.95 -74.51 -55.65
CA TYR K 125 56.76 -74.59 -57.09
C TYR K 125 56.94 -73.21 -57.71
N LEU K 126 57.84 -73.10 -58.67
CA LEU K 126 58.11 -71.86 -59.37
C LEU K 126 57.93 -72.04 -60.87
N VAL K 127 57.89 -70.93 -61.59
CA VAL K 127 57.64 -70.94 -63.02
C VAL K 127 58.92 -71.34 -63.75
N ALA K 128 58.81 -72.32 -64.64
CA ALA K 128 59.91 -72.78 -65.46
C ALA K 128 59.71 -72.32 -66.91
N LYS K 129 60.83 -72.10 -67.60
CA LYS K 129 60.76 -71.58 -68.96
C LYS K 129 60.09 -72.56 -69.91
N ASP K 130 60.42 -73.84 -69.80
CA ASP K 130 59.86 -74.86 -70.68
C ASP K 130 59.84 -76.20 -69.95
N SER K 131 59.59 -77.27 -70.69
CA SER K 131 59.47 -78.61 -70.12
C SER K 131 60.79 -79.37 -70.11
N THR K 132 61.88 -78.77 -70.59
CA THR K 132 63.17 -79.46 -70.61
C THR K 132 63.68 -79.74 -69.20
N VAL K 133 63.30 -78.91 -68.23
CA VAL K 133 63.80 -79.08 -66.87
C VAL K 133 63.30 -80.39 -66.29
N LYS K 134 64.23 -81.18 -65.74
CA LYS K 134 63.92 -82.46 -65.11
C LYS K 134 64.55 -82.51 -63.73
N VAL K 135 64.36 -83.63 -63.04
CA VAL K 135 64.92 -83.78 -61.70
C VAL K 135 66.45 -83.74 -61.76
N LYS K 136 67.06 -83.29 -60.66
CA LYS K 136 68.51 -83.18 -60.49
C LYS K 136 69.14 -82.10 -61.35
N ASP K 137 68.34 -81.23 -61.97
CA ASP K 137 68.86 -80.18 -62.83
C ASP K 137 69.16 -78.93 -62.04
N LYS K 138 70.32 -78.33 -62.31
CA LYS K 138 70.66 -77.05 -61.72
C LYS K 138 70.02 -75.93 -62.55
N LEU K 139 69.38 -74.98 -61.88
CA LEU K 139 68.53 -74.01 -62.54
C LEU K 139 68.93 -72.59 -62.15
N ILE K 140 68.76 -71.68 -63.10
CA ILE K 140 69.12 -70.27 -62.97
C ILE K 140 67.90 -69.44 -63.31
N PHE K 141 67.72 -68.33 -62.60
CA PHE K 141 66.66 -67.39 -62.91
C PHE K 141 67.09 -66.52 -64.10
N ASN K 142 66.30 -66.55 -65.17
CA ASN K 142 66.62 -65.80 -66.37
C ASN K 142 66.16 -64.35 -66.22
N LYS K 143 66.18 -63.60 -67.32
CA LYS K 143 65.77 -62.20 -67.28
C LYS K 143 64.29 -62.00 -67.07
N ASP K 144 63.48 -63.05 -67.24
CA ASP K 144 62.04 -62.97 -67.02
C ASP K 144 61.62 -63.59 -65.70
N GLY K 145 62.57 -63.94 -64.83
CA GLY K 145 62.26 -64.55 -63.56
C GLY K 145 61.89 -66.02 -63.62
N ALA K 146 62.10 -66.67 -64.75
CA ALA K 146 61.78 -68.09 -64.91
C ALA K 146 63.02 -68.94 -64.73
N LEU K 147 62.81 -70.18 -64.30
CA LEU K 147 63.91 -71.11 -64.02
C LEU K 147 64.27 -71.85 -65.29
N GLU K 148 65.53 -71.72 -65.72
CA GLU K 148 66.02 -72.39 -66.91
C GLU K 148 67.29 -73.17 -66.56
N LYS K 149 67.53 -74.23 -67.31
CA LYS K 149 68.70 -75.07 -67.06
C LYS K 149 69.99 -74.30 -67.36
N VAL K 150 71.04 -74.62 -66.61
CA VAL K 150 72.32 -73.96 -66.73
C VAL K 150 72.91 -74.16 -68.13
N THR K 158 76.75 -68.69 -62.24
CA THR K 158 76.20 -68.98 -60.92
C THR K 158 74.92 -69.82 -61.04
N ILE K 159 74.69 -70.66 -60.04
CA ILE K 159 73.49 -71.49 -59.98
C ILE K 159 72.64 -71.01 -58.81
N ASN K 160 71.33 -71.17 -58.95
CA ASN K 160 70.40 -70.67 -57.95
C ASN K 160 69.49 -71.73 -57.35
N ALA K 161 69.09 -72.75 -58.10
CA ALA K 161 68.14 -73.73 -57.59
C ALA K 161 68.48 -75.12 -58.07
N THR K 162 67.91 -76.11 -57.39
CA THR K 162 68.01 -77.51 -57.79
C THR K 162 66.61 -78.05 -57.96
N ALA K 163 66.28 -78.50 -59.18
CA ALA K 163 64.95 -79.02 -59.45
C ALA K 163 64.70 -80.29 -58.65
N LEU K 164 63.50 -80.36 -58.05
CA LEU K 164 63.11 -81.53 -57.29
C LEU K 164 62.16 -82.46 -58.05
N THR K 165 61.39 -81.93 -59.00
CA THR K 165 60.48 -82.72 -59.81
C THR K 165 60.61 -82.27 -61.26
N ASP K 166 59.84 -82.91 -62.14
CA ASP K 166 59.80 -82.51 -63.54
C ASP K 166 58.88 -81.31 -63.71
N ALA K 167 59.05 -80.61 -64.84
CA ALA K 167 58.17 -79.50 -65.16
C ALA K 167 56.79 -80.02 -65.54
N LYS K 168 55.75 -79.44 -64.96
CA LYS K 168 54.38 -79.84 -65.20
C LYS K 168 53.59 -78.67 -65.77
N GLN K 169 52.87 -78.93 -66.85
CA GLN K 169 52.11 -77.89 -67.53
C GLN K 169 50.78 -77.68 -66.82
N ILE K 170 50.65 -76.55 -66.14
CA ILE K 170 49.39 -76.23 -65.47
C ILE K 170 48.32 -75.86 -66.49
N SER K 171 48.67 -74.98 -67.43
CA SER K 171 47.75 -74.52 -68.46
C SER K 171 48.55 -73.83 -69.55
N ASN K 172 48.18 -74.10 -70.80
CA ASN K 172 48.86 -73.54 -71.97
C ASN K 172 50.36 -73.74 -71.87
N GLU K 173 51.11 -72.65 -71.77
CA GLU K 173 52.56 -72.69 -71.69
C GLU K 173 53.09 -72.44 -70.28
N VAL K 174 52.23 -72.51 -69.27
CA VAL K 174 52.66 -72.28 -67.89
C VAL K 174 53.18 -73.60 -67.32
N TYR K 175 54.46 -73.63 -66.97
CA TYR K 175 55.11 -74.81 -66.41
C TYR K 175 55.54 -74.51 -64.98
N LEU K 176 55.20 -75.41 -64.06
CA LEU K 176 55.58 -75.28 -62.66
C LEU K 176 56.53 -76.40 -62.29
N VAL K 177 57.64 -76.06 -61.66
CA VAL K 177 58.65 -77.02 -61.23
C VAL K 177 58.95 -76.80 -59.76
N LYS K 178 59.03 -77.89 -59.00
CA LYS K 178 59.40 -77.80 -57.59
C LYS K 178 60.91 -77.70 -57.45
N VAL K 179 61.37 -76.68 -56.72
CA VAL K 179 62.80 -76.41 -56.57
C VAL K 179 63.12 -76.13 -55.12
N ALA K 180 64.40 -76.25 -54.79
CA ALA K 180 64.92 -75.91 -53.47
C ALA K 180 65.94 -74.79 -53.66
N VAL K 181 65.50 -73.55 -53.48
CA VAL K 181 66.39 -72.41 -53.66
C VAL K 181 67.35 -72.31 -52.48
N PHE K 182 68.63 -72.08 -52.78
CA PHE K 182 69.67 -72.04 -51.76
C PHE K 182 70.53 -70.79 -51.83
N GLY K 183 70.29 -69.90 -52.79
CA GLY K 183 71.11 -68.70 -52.93
C GLY K 183 71.68 -68.56 -54.32
N ASN K 184 72.99 -68.28 -54.41
CA ASN K 184 73.65 -68.12 -55.70
C ASN K 184 75.03 -68.80 -55.63
N LYS K 185 75.07 -70.06 -56.07
CA LYS K 185 76.29 -70.86 -56.10
C LYS K 185 77.00 -70.90 -54.75
N ALA L 20 82.67 -91.86 -32.90
CA ALA L 20 82.96 -92.48 -34.18
C ALA L 20 81.75 -92.46 -35.10
N LEU L 21 81.02 -93.56 -35.13
CA LEU L 21 79.81 -93.69 -35.95
C LEU L 21 78.54 -93.45 -35.14
N MET L 22 78.67 -93.06 -33.88
CA MET L 22 77.53 -92.79 -33.01
C MET L 22 77.77 -91.51 -32.24
N LYS L 23 76.73 -90.68 -32.12
CA LYS L 23 76.86 -89.46 -31.33
C LYS L 23 77.08 -89.78 -29.86
N ASN L 24 76.34 -90.74 -29.32
CA ASN L 24 76.54 -91.21 -27.95
C ASN L 24 77.49 -92.39 -27.94
N PRO L 25 78.32 -92.53 -26.90
CA PRO L 25 79.24 -93.66 -26.82
C PRO L 25 78.51 -95.00 -26.90
N GLN L 26 78.88 -95.82 -27.90
CA GLN L 26 78.20 -97.09 -28.09
C GLN L 26 78.39 -98.02 -26.90
N GLN L 27 79.61 -98.09 -26.38
CA GLN L 27 79.88 -98.91 -25.20
C GLN L 27 79.47 -98.16 -23.93
N ASP L 28 79.22 -98.92 -22.88
CA ASP L 28 78.87 -98.34 -21.59
C ASP L 28 80.14 -97.97 -20.83
N SER L 29 80.01 -97.63 -19.55
CA SER L 29 81.12 -97.22 -18.72
C SER L 29 81.08 -97.99 -17.41
N GLY L 30 82.27 -98.21 -16.84
CA GLY L 30 82.41 -98.84 -15.55
C GLY L 30 82.71 -97.89 -14.41
N LEU L 31 82.60 -96.58 -14.62
CA LEU L 31 82.97 -95.58 -13.63
C LEU L 31 81.88 -94.53 -13.53
N LEU L 32 81.87 -93.83 -12.39
CA LEU L 32 80.98 -92.70 -12.17
C LEU L 32 81.75 -91.41 -12.38
N SER L 33 81.12 -90.45 -13.04
CA SER L 33 81.76 -89.16 -13.27
C SER L 33 81.98 -88.43 -11.95
N ASN L 34 83.06 -87.65 -11.90
CA ASN L 34 83.37 -86.91 -10.68
C ASN L 34 82.50 -85.67 -10.54
N SER L 35 82.27 -84.95 -11.63
CA SER L 35 81.43 -83.75 -11.66
C SER L 35 81.86 -82.75 -10.58
N ILE L 36 83.17 -82.51 -10.49
CA ILE L 36 83.70 -81.58 -9.53
C ILE L 36 84.29 -80.33 -10.18
N ASP L 37 84.75 -80.43 -11.42
CA ASP L 37 85.30 -79.29 -12.14
C ASP L 37 84.31 -78.80 -13.19
N PHE L 38 84.56 -77.59 -13.70
CA PHE L 38 83.70 -76.98 -14.70
C PHE L 38 84.44 -76.59 -15.97
N ARG L 39 85.75 -76.82 -16.05
CA ARG L 39 86.55 -76.41 -17.19
C ARG L 39 86.83 -77.59 -18.10
N ASP L 40 86.72 -77.35 -19.41
CA ASP L 40 87.02 -78.34 -20.44
C ASP L 40 86.17 -79.61 -20.25
N GLN L 41 84.85 -79.41 -20.24
CA GLN L 41 83.90 -80.50 -20.13
C GLN L 41 82.97 -80.60 -21.34
N ASN L 42 83.19 -79.77 -22.35
CA ASN L 42 82.32 -79.74 -23.54
C ASN L 42 82.98 -80.35 -24.77
N LEU L 43 84.10 -81.04 -24.60
CA LEU L 43 84.83 -81.60 -25.74
C LEU L 43 84.26 -82.92 -26.22
N ILE L 44 83.21 -83.43 -25.58
CA ILE L 44 82.66 -84.74 -25.96
C ILE L 44 82.05 -84.68 -27.36
N PHE L 45 82.01 -85.85 -28.00
CA PHE L 45 81.41 -85.93 -29.33
C PHE L 45 79.90 -85.82 -29.28
N SER L 46 79.29 -86.18 -28.15
CA SER L 46 77.85 -86.12 -27.99
C SER L 46 77.33 -84.70 -27.82
N ASN L 47 78.20 -83.70 -27.85
CA ASN L 47 77.77 -82.31 -27.73
C ASN L 47 77.12 -81.86 -29.03
N SER L 48 75.83 -82.14 -29.19
CA SER L 48 75.12 -81.77 -30.40
C SER L 48 74.72 -80.30 -30.36
N GLY L 49 74.30 -79.80 -31.52
CA GLY L 49 73.91 -78.40 -31.63
C GLY L 49 75.11 -77.49 -31.71
N GLY L 50 74.81 -76.18 -31.60
CA GLY L 50 75.84 -75.16 -31.62
C GLY L 50 76.25 -74.75 -30.23
N VAL L 51 77.40 -74.07 -30.14
CA VAL L 51 77.88 -73.59 -28.85
C VAL L 51 77.16 -72.30 -28.46
N CYS L 52 76.93 -71.40 -29.42
CA CYS L 52 76.22 -70.16 -29.20
C CYS L 52 75.11 -70.08 -30.25
N THR L 53 73.86 -70.28 -29.82
CA THR L 53 72.75 -70.45 -30.73
C THR L 53 71.74 -69.33 -30.58
N SER L 54 71.09 -68.97 -31.67
CA SER L 54 70.05 -67.96 -31.70
C SER L 54 68.68 -68.62 -31.76
N SER L 55 67.70 -67.98 -31.12
CA SER L 55 66.33 -68.45 -31.16
C SER L 55 65.67 -68.25 -32.52
N LYS L 56 66.26 -67.42 -33.38
CA LYS L 56 65.73 -67.13 -34.70
C LYS L 56 66.42 -67.93 -35.80
N ASP L 57 66.85 -69.15 -35.48
CA ASP L 57 67.58 -69.99 -36.42
C ASP L 57 66.62 -70.94 -37.12
N LYS L 58 66.71 -71.01 -38.44
CA LYS L 58 65.89 -71.92 -39.22
C LYS L 58 66.51 -73.31 -39.22
N ILE L 59 65.73 -74.31 -38.84
CA ILE L 59 66.21 -75.67 -38.65
C ILE L 59 65.32 -76.62 -39.45
N GLU L 60 65.91 -77.38 -40.37
CA GLU L 60 65.19 -78.37 -41.15
C GLU L 60 65.57 -79.77 -40.67
N ASN L 61 64.81 -80.75 -41.15
CA ASN L 61 65.17 -82.15 -40.91
C ASN L 61 64.98 -82.94 -42.20
N TYR L 62 65.77 -83.99 -42.34
CA TYR L 62 65.78 -84.77 -43.58
C TYR L 62 66.02 -86.23 -43.25
N PRO L 63 65.59 -87.15 -44.12
CA PRO L 63 66.03 -88.54 -43.99
C PRO L 63 67.55 -88.62 -44.15
N ALA L 64 68.17 -89.49 -43.38
CA ALA L 64 69.62 -89.60 -43.34
C ALA L 64 70.09 -90.81 -44.13
N LYS L 65 71.07 -90.61 -45.00
CA LYS L 65 71.71 -91.67 -45.75
C LYS L 65 73.15 -91.78 -45.27
N GLY L 66 73.44 -92.81 -44.49
CA GLY L 66 74.74 -92.94 -43.87
C GLY L 66 74.78 -92.33 -42.48
N TYR L 67 75.90 -91.69 -42.13
CA TYR L 67 76.02 -91.00 -40.85
C TYR L 67 76.67 -89.64 -41.09
N PRO L 68 75.87 -88.63 -41.43
CA PRO L 68 76.43 -87.30 -41.72
C PRO L 68 76.59 -86.42 -40.49
N TYR L 69 76.56 -87.02 -39.31
CA TYR L 69 76.58 -86.26 -38.06
C TYR L 69 77.81 -85.37 -37.98
N LYS L 70 77.58 -84.10 -37.61
CA LYS L 70 78.65 -83.11 -37.45
C LYS L 70 79.48 -82.96 -38.73
N ARG L 71 78.81 -83.08 -39.88
CA ARG L 71 79.46 -82.96 -41.17
C ARG L 71 78.58 -82.15 -42.11
N GLY L 72 79.21 -81.60 -43.15
CA GLY L 72 78.45 -80.97 -44.21
C GLY L 72 77.63 -82.01 -44.97
N VAL L 73 76.47 -81.59 -45.43
CA VAL L 73 75.52 -82.48 -46.09
C VAL L 73 75.16 -81.92 -47.45
N LYS L 74 74.80 -82.82 -48.36
CA LYS L 74 74.33 -82.45 -49.68
C LYS L 74 73.08 -83.24 -50.01
N LEU L 75 72.28 -82.72 -50.94
CA LEU L 75 71.07 -83.39 -51.38
C LEU L 75 71.42 -84.60 -52.24
N SER L 76 70.83 -85.75 -51.91
CA SER L 76 71.02 -86.97 -52.68
C SER L 76 69.66 -87.51 -53.06
N PHE L 77 69.46 -87.80 -54.34
CA PHE L 77 68.18 -88.26 -54.86
C PHE L 77 68.29 -89.75 -55.21
N GLY L 78 67.14 -90.32 -55.59
CA GLY L 78 67.09 -91.69 -56.03
C GLY L 78 66.44 -91.84 -57.38
N ASP L 79 65.88 -93.03 -57.64
CA ASP L 79 65.14 -93.22 -58.90
C ASP L 79 63.91 -92.33 -58.96
N GLY L 80 63.19 -92.21 -57.86
CA GLY L 80 61.99 -91.40 -57.82
C GLY L 80 60.90 -92.04 -56.98
N THR L 81 61.11 -93.30 -56.62
CA THR L 81 60.12 -94.02 -55.81
C THR L 81 60.11 -93.51 -54.38
N THR L 82 61.21 -92.94 -53.90
CA THR L 82 61.34 -92.48 -52.53
C THR L 82 61.77 -91.03 -52.52
N GLU L 83 61.52 -90.37 -51.38
CA GLU L 83 61.84 -88.96 -51.24
C GLU L 83 63.35 -88.76 -51.14
N LEU L 84 63.77 -87.51 -51.30
CA LEU L 84 65.17 -87.16 -51.22
C LEU L 84 65.69 -87.31 -49.79
N GLU L 85 67.01 -87.44 -49.67
CA GLU L 85 67.68 -87.55 -48.39
C GLU L 85 68.98 -86.75 -48.45
N VAL L 86 69.67 -86.65 -47.32
CA VAL L 86 70.93 -85.92 -47.22
C VAL L 86 72.05 -86.89 -46.88
N GLU L 87 73.21 -86.67 -47.48
CA GLU L 87 74.39 -87.47 -47.22
C GLU L 87 75.59 -86.54 -47.09
N ALA L 88 76.61 -87.03 -46.38
CA ALA L 88 77.81 -86.24 -46.18
C ALA L 88 78.44 -85.86 -47.52
N GLY L 89 78.79 -84.58 -47.66
CA GLY L 89 79.36 -84.11 -48.90
C GLY L 89 79.70 -82.64 -48.78
N GLY L 90 80.24 -82.11 -49.88
CA GLY L 90 80.63 -80.72 -49.90
C GLY L 90 81.03 -80.27 -51.29
N GLY L 91 81.74 -79.15 -51.34
CA GLY L 91 82.18 -78.62 -52.62
C GLY L 91 81.09 -77.78 -53.25
N ASP L 92 80.82 -78.02 -54.53
CA ASP L 92 79.81 -77.30 -55.28
C ASP L 92 78.42 -77.89 -55.11
N ASP L 93 78.27 -78.88 -54.25
CA ASP L 93 76.97 -79.49 -53.97
C ASP L 93 76.53 -79.32 -52.52
N LEU L 94 77.28 -78.57 -51.72
CA LEU L 94 76.96 -78.42 -50.32
C LEU L 94 75.61 -77.75 -50.13
N TYR L 95 74.79 -78.30 -49.24
CA TYR L 95 73.47 -77.77 -48.93
C TYR L 95 73.34 -77.22 -47.52
N GLY L 96 74.04 -77.81 -46.55
CA GLY L 96 73.93 -77.36 -45.18
C GLY L 96 74.87 -78.13 -44.28
N VAL L 97 74.65 -78.00 -42.98
CA VAL L 97 75.47 -78.63 -41.96
C VAL L 97 74.56 -79.44 -41.05
N CYS L 98 74.95 -80.69 -40.77
CA CYS L 98 74.20 -81.54 -39.86
C CYS L 98 74.71 -81.33 -38.44
N SER L 99 73.78 -81.06 -37.51
CA SER L 99 74.13 -80.80 -36.13
C SER L 99 73.60 -81.83 -35.15
N ASP L 100 72.64 -82.66 -35.54
CA ASP L 100 72.09 -83.67 -34.66
C ASP L 100 71.44 -84.76 -35.50
N ILE L 101 71.28 -85.93 -34.89
CA ILE L 101 70.64 -87.07 -35.56
C ILE L 101 69.81 -87.84 -34.54
N ASP L 102 68.57 -88.13 -34.91
CA ASP L 102 67.73 -89.08 -34.17
C ASP L 102 67.89 -90.44 -34.84
N GLU L 103 68.45 -91.39 -34.10
CA GLU L 103 68.75 -92.70 -34.66
C GLU L 103 67.49 -93.53 -34.87
N PHE L 104 66.54 -93.46 -33.94
CA PHE L 104 65.34 -94.27 -34.03
C PHE L 104 64.56 -93.97 -35.31
N SER L 105 64.39 -92.70 -35.62
CA SER L 105 63.69 -92.28 -36.83
C SER L 105 64.62 -92.09 -38.01
N GLY L 106 65.93 -92.22 -37.81
CA GLY L 106 66.88 -92.01 -38.89
C GLY L 106 66.84 -90.61 -39.47
N MET L 107 66.61 -89.61 -38.63
CA MET L 107 66.41 -88.24 -39.09
C MET L 107 67.64 -87.40 -38.78
N ALA L 108 68.02 -86.54 -39.72
CA ALA L 108 69.17 -85.66 -39.57
C ALA L 108 68.69 -84.21 -39.50
N THR L 109 69.14 -83.50 -38.47
CA THR L 109 68.86 -82.08 -38.32
C THR L 109 69.85 -81.27 -39.14
N VAL L 110 69.34 -80.44 -40.04
CA VAL L 110 70.15 -79.70 -40.99
C VAL L 110 69.95 -78.21 -40.75
N ILE L 111 71.05 -77.47 -40.71
CA ILE L 111 71.03 -76.01 -40.68
C ILE L 111 71.41 -75.52 -42.08
N PRO L 112 70.52 -74.86 -42.81
CA PRO L 112 70.83 -74.47 -44.20
C PRO L 112 72.04 -73.55 -44.26
N ILE L 113 72.75 -73.62 -45.38
CA ILE L 113 73.95 -72.81 -45.56
C ILE L 113 73.63 -71.32 -45.57
N THR L 114 72.37 -70.95 -45.77
CA THR L 114 71.96 -69.55 -45.70
C THR L 114 71.83 -69.05 -44.28
N ASN L 115 71.89 -69.94 -43.29
CA ASN L 115 71.83 -69.57 -41.88
C ASN L 115 73.18 -69.85 -41.24
N ASN L 116 73.79 -68.83 -40.65
CA ASN L 116 75.12 -68.98 -40.09
C ASN L 116 75.10 -69.90 -38.87
N PHE L 117 76.22 -70.59 -38.66
CA PHE L 117 76.34 -71.59 -37.62
C PHE L 117 77.73 -71.49 -36.97
N THR L 118 77.77 -71.78 -35.68
CA THR L 118 79.03 -71.78 -34.93
C THR L 118 79.02 -72.97 -33.98
N GLY L 119 79.97 -73.88 -34.16
CA GLY L 119 79.98 -75.07 -33.33
C GLY L 119 81.13 -75.99 -33.70
N TYR L 120 81.14 -77.14 -33.04
CA TYR L 120 82.20 -78.13 -33.24
C TYR L 120 81.85 -79.03 -34.42
N LEU L 121 82.75 -79.09 -35.40
CA LEU L 121 82.55 -79.88 -36.61
C LEU L 121 83.75 -80.78 -36.83
N THR L 122 83.53 -81.87 -37.56
CA THR L 122 84.59 -82.82 -37.84
C THR L 122 85.64 -82.21 -38.75
N LEU L 123 86.91 -82.39 -38.37
CA LEU L 123 88.04 -81.88 -39.13
C LEU L 123 88.79 -83.04 -39.78
N LYS L 124 89.25 -82.83 -41.00
CA LYS L 124 89.97 -83.86 -41.73
C LYS L 124 91.29 -84.18 -41.03
N LYS L 125 91.58 -85.48 -40.87
CA LYS L 125 92.81 -85.91 -40.22
C LYS L 125 93.97 -85.92 -41.22
N ASP L 126 94.28 -84.72 -41.71
CA ASP L 126 95.39 -84.53 -42.64
C ASP L 126 95.80 -83.07 -42.52
N GLY L 127 96.90 -82.81 -41.81
CA GLY L 127 97.28 -81.45 -41.49
C GLY L 127 96.46 -80.82 -40.38
N GLN L 128 95.89 -81.63 -39.49
CA GLN L 128 95.09 -81.10 -38.40
C GLN L 128 95.91 -80.21 -37.48
N ASN L 129 97.20 -80.49 -37.33
CA ASN L 129 98.05 -79.64 -36.51
C ASN L 129 98.21 -78.24 -37.11
N GLY L 130 98.19 -78.14 -38.44
CA GLY L 130 98.33 -76.84 -39.07
C GLY L 130 97.15 -75.92 -38.80
N VAL L 131 95.99 -76.48 -38.50
CA VAL L 131 94.80 -75.67 -38.25
C VAL L 131 94.99 -74.88 -36.97
N ASN L 132 94.86 -73.56 -37.08
CA ASN L 132 94.98 -72.63 -35.96
C ASN L 132 93.88 -71.61 -36.05
N PRO L 133 93.53 -70.94 -34.95
CA PRO L 133 92.50 -69.90 -35.01
C PRO L 133 92.82 -68.85 -36.06
N GLY L 134 91.80 -68.49 -36.85
CA GLY L 134 91.97 -67.59 -37.96
C GLY L 134 92.20 -68.25 -39.30
N ASP L 135 92.35 -69.57 -39.33
CA ASP L 135 92.61 -70.28 -40.58
C ASP L 135 91.30 -70.51 -41.32
N LYS L 136 91.31 -70.16 -42.61
CA LYS L 136 90.14 -70.41 -43.45
C LYS L 136 89.98 -71.90 -43.72
N LEU L 137 88.74 -72.37 -43.70
CA LEU L 137 88.42 -73.77 -43.89
C LEU L 137 87.41 -73.92 -45.02
N ASN L 138 87.29 -75.16 -45.51
CA ASN L 138 86.30 -75.50 -46.52
C ASN L 138 85.94 -76.97 -46.37
N PHE L 139 84.78 -77.33 -46.92
CA PHE L 139 84.27 -78.68 -46.82
C PHE L 139 84.78 -79.53 -47.98
N ASN L 140 85.19 -80.76 -47.68
CA ASN L 140 85.65 -81.68 -48.70
C ASN L 140 84.48 -82.53 -49.21
N GLN L 141 84.79 -83.51 -50.06
CA GLN L 141 83.76 -84.33 -50.66
C GLN L 141 83.10 -85.28 -49.66
N HIS L 142 83.70 -85.48 -48.48
CA HIS L 142 83.13 -86.33 -47.46
C HIS L 142 82.57 -85.55 -46.29
N GLY L 143 82.37 -84.25 -46.43
CA GLY L 143 81.78 -83.45 -45.38
C GLY L 143 82.70 -83.04 -44.26
N GLU L 144 84.00 -83.28 -44.40
CA GLU L 144 84.98 -82.93 -43.38
C GLU L 144 85.61 -81.58 -43.70
N LEU L 145 85.83 -80.78 -42.66
CA LEU L 145 86.47 -79.48 -42.84
C LEU L 145 87.96 -79.67 -43.10
N GLU L 146 88.47 -78.97 -44.11
CA GLU L 146 89.87 -79.05 -44.48
C GLU L 146 90.45 -77.65 -44.63
N LYS L 147 91.73 -77.52 -44.30
CA LYS L 147 92.41 -76.24 -44.45
C LYS L 147 92.50 -75.86 -45.92
N VAL L 148 92.21 -74.60 -46.21
CA VAL L 148 92.22 -74.12 -47.59
C VAL L 148 93.65 -74.05 -48.12
N LYS L 153 87.17 -71.37 -50.94
CA LYS L 153 86.86 -71.59 -52.34
C LYS L 153 85.49 -71.01 -52.72
N SER L 154 84.42 -71.56 -52.15
CA SER L 154 83.08 -71.03 -52.36
C SER L 154 82.25 -70.91 -51.09
N VAL L 155 82.72 -71.41 -49.96
CA VAL L 155 82.01 -71.35 -48.69
C VAL L 155 82.90 -70.64 -47.67
N ASN L 156 82.31 -69.78 -46.85
CA ASN L 156 83.04 -69.03 -45.85
C ASN L 156 82.98 -69.79 -44.52
N ALA L 157 84.11 -70.37 -44.13
CA ALA L 157 84.25 -71.02 -42.84
C ALA L 157 85.59 -70.62 -42.24
N ILE L 158 85.59 -70.32 -40.94
CA ILE L 158 86.78 -69.85 -40.24
C ILE L 158 86.94 -70.67 -38.97
N ALA L 159 88.13 -71.19 -38.75
CA ALA L 159 88.42 -71.92 -37.52
C ALA L 159 88.52 -70.95 -36.35
N LEU L 160 87.93 -71.34 -35.22
CA LEU L 160 87.96 -70.53 -34.01
C LEU L 160 88.74 -71.17 -32.88
N SER L 161 89.36 -72.32 -33.12
CA SER L 161 90.15 -73.01 -32.10
C SER L 161 91.12 -73.95 -32.82
N LYS L 162 91.73 -74.85 -32.06
CA LYS L 162 92.64 -75.85 -32.58
C LYS L 162 91.97 -77.21 -32.56
N ALA L 163 92.51 -78.13 -33.36
CA ALA L 163 91.95 -79.47 -33.45
C ALA L 163 92.02 -80.18 -32.10
N HIS L 164 90.92 -80.85 -31.75
CA HIS L 164 90.85 -81.67 -30.54
C HIS L 164 90.63 -83.11 -30.96
N LYS L 165 91.47 -84.00 -30.44
CA LYS L 165 91.45 -85.41 -30.81
C LYS L 165 90.51 -86.17 -29.89
N LEU L 166 89.51 -86.84 -30.48
CA LEU L 166 88.62 -87.72 -29.74
C LEU L 166 88.98 -89.19 -29.91
N THR L 167 89.30 -89.59 -31.13
CA THR L 167 89.74 -90.94 -31.45
C THR L 167 90.99 -90.79 -32.32
N GLU L 168 91.70 -91.90 -32.56
CA GLU L 168 92.92 -91.85 -33.35
C GLU L 168 92.69 -91.31 -34.75
N ASP L 169 91.46 -91.37 -35.26
CA ASP L 169 91.12 -90.79 -36.55
C ASP L 169 90.07 -89.69 -36.46
N LEU L 170 89.52 -89.41 -35.29
CA LEU L 170 88.45 -88.44 -35.12
C LEU L 170 88.99 -87.16 -34.49
N PHE L 171 88.89 -86.05 -35.23
CA PHE L 171 89.27 -84.74 -34.73
C PHE L 171 88.10 -83.77 -34.93
N ILE L 172 87.91 -82.88 -33.96
CA ILE L 172 86.85 -81.89 -34.03
C ILE L 172 87.45 -80.51 -33.84
N VAL L 173 86.87 -79.52 -34.49
CA VAL L 173 87.33 -78.15 -34.43
C VAL L 173 86.13 -77.22 -34.30
N LEU L 174 86.28 -76.16 -33.51
CA LEU L 174 85.26 -75.13 -33.39
C LEU L 174 85.35 -74.21 -34.59
N ALA L 175 84.28 -74.14 -35.37
CA ALA L 175 84.26 -73.36 -36.60
C ALA L 175 82.99 -72.54 -36.68
N SER L 176 83.07 -71.44 -37.44
CA SER L 176 81.95 -70.55 -37.68
C SER L 176 81.74 -70.45 -39.19
N VAL L 177 80.61 -70.98 -39.67
CA VAL L 177 80.26 -70.92 -41.09
C VAL L 177 79.24 -69.81 -41.27
N PHE L 178 79.51 -68.92 -42.22
CA PHE L 178 78.67 -67.74 -42.43
C PHE L 178 78.41 -67.51 -43.92
N GLY L 179 78.02 -68.58 -44.61
CA GLY L 179 77.47 -68.46 -45.95
C GLY L 179 78.41 -68.89 -47.04
N ASN L 180 78.15 -68.36 -48.24
CA ASN L 180 78.89 -68.70 -49.45
C ASN L 180 79.73 -67.51 -49.89
N ARG L 181 80.91 -67.81 -50.43
CA ARG L 181 81.80 -66.76 -50.92
C ARG L 181 81.21 -66.06 -52.14
N ALA M 187 31.05 -47.12 -24.48
CA ALA M 187 32.25 -47.57 -23.79
C ALA M 187 33.45 -46.70 -24.19
N SER M 188 34.00 -45.97 -23.22
CA SER M 188 35.11 -45.09 -23.47
C SER M 188 36.11 -45.19 -22.32
N LEU M 189 37.35 -44.78 -22.60
CA LEU M 189 38.39 -44.78 -21.59
C LEU M 189 38.24 -43.65 -20.58
N LEU M 190 37.35 -42.70 -20.84
CA LEU M 190 37.14 -41.59 -19.91
C LEU M 190 36.48 -42.06 -18.62
N ASP M 191 35.64 -43.09 -18.69
CA ASP M 191 34.93 -43.56 -17.51
C ASP M 191 35.87 -44.33 -16.59
N SER M 192 35.82 -44.01 -15.31
CA SER M 192 36.54 -44.79 -14.31
C SER M 192 35.86 -46.12 -14.01
N ASN M 193 34.54 -46.20 -14.25
CA ASN M 193 33.81 -47.45 -14.03
C ASN M 193 34.02 -48.45 -15.16
N PHE M 194 34.54 -48.02 -16.30
CA PHE M 194 34.72 -48.89 -17.45
C PHE M 194 35.90 -49.82 -17.21
N VAL M 195 35.63 -51.12 -17.24
CA VAL M 195 36.66 -52.16 -17.10
C VAL M 195 36.63 -53.02 -18.37
N PRO M 196 37.58 -52.82 -19.27
CA PRO M 196 37.61 -53.65 -20.49
C PRO M 196 37.87 -55.11 -20.15
N ILE M 197 37.28 -56.00 -20.96
CA ILE M 197 37.38 -57.43 -20.73
C ILE M 197 38.45 -58.04 -21.62
N ASN M 198 38.56 -57.53 -22.85
CA ASN M 198 39.50 -58.09 -23.81
C ASN M 198 40.01 -56.99 -24.74
N PHE M 199 40.93 -57.38 -25.62
CA PHE M 199 41.63 -56.40 -26.45
C PHE M 199 40.70 -55.78 -27.49
N THR M 200 39.72 -56.53 -27.98
CA THR M 200 38.74 -55.94 -28.90
C THR M 200 37.97 -54.83 -28.23
N GLU M 201 37.52 -55.06 -26.99
CA GLU M 201 36.85 -54.00 -26.24
C GLU M 201 37.79 -52.83 -25.99
N PHE M 202 39.06 -53.13 -25.73
CA PHE M 202 40.04 -52.05 -25.52
C PHE M 202 40.17 -51.17 -26.76
N VAL M 203 40.26 -51.80 -27.94
CA VAL M 203 40.40 -51.04 -29.18
C VAL M 203 39.12 -50.24 -29.48
N GLN M 204 37.96 -50.85 -29.22
CA GLN M 204 36.71 -50.12 -29.39
C GLN M 204 36.65 -48.91 -28.47
N ALA M 205 37.10 -49.07 -27.22
CA ALA M 205 37.14 -47.94 -26.30
C ALA M 205 38.09 -46.86 -26.78
N ILE M 206 39.23 -47.25 -27.36
CA ILE M 206 40.16 -46.25 -27.89
C ILE M 206 39.51 -45.46 -29.03
N SER M 207 38.82 -46.16 -29.94
CA SER M 207 38.15 -45.47 -31.03
C SER M 207 37.07 -44.52 -30.52
N ASN M 208 36.29 -44.98 -29.53
CA ASN M 208 35.26 -44.12 -28.95
C ASN M 208 35.88 -42.90 -28.28
N THR M 209 37.01 -43.09 -27.60
CA THR M 209 37.69 -41.97 -26.96
C THR M 209 38.16 -40.95 -28.00
N TYR M 210 38.70 -41.44 -29.12
CA TYR M 210 39.11 -40.53 -30.18
C TYR M 210 37.94 -39.74 -30.73
N LYS M 211 36.80 -40.42 -30.96
CA LYS M 211 35.61 -39.73 -31.45
C LYS M 211 35.12 -38.68 -30.47
N GLN M 212 35.10 -39.02 -29.17
CA GLN M 212 34.65 -38.07 -28.16
C GLN M 212 35.59 -36.89 -28.07
N ARG M 213 36.90 -37.12 -28.19
CA ARG M 213 37.84 -36.00 -28.18
C ARG M 213 37.64 -35.09 -29.38
N ARG M 214 37.36 -35.67 -30.55
CA ARG M 214 37.05 -34.84 -31.72
C ARG M 214 35.81 -33.99 -31.48
N ILE M 215 34.76 -34.59 -30.92
CA ILE M 215 33.52 -33.85 -30.64
C ILE M 215 33.79 -32.73 -29.66
N GLN M 216 34.55 -33.00 -28.61
CA GLN M 216 34.87 -31.98 -27.62
C GLN M 216 35.71 -30.86 -28.24
N PHE M 217 36.65 -31.21 -29.12
CA PHE M 217 37.45 -30.19 -29.79
C PHE M 217 36.56 -29.27 -30.62
N TYR M 218 35.62 -29.86 -31.37
CA TYR M 218 34.73 -29.02 -32.17
C TYR M 218 33.80 -28.20 -31.30
N GLU M 219 33.39 -28.71 -30.14
CA GLU M 219 32.58 -27.92 -29.22
C GLU M 219 33.37 -26.73 -28.67
N ASN M 220 34.63 -26.94 -28.29
CA ASN M 220 35.43 -25.90 -27.69
C ASN M 220 36.10 -24.98 -28.71
N LEU M 221 36.01 -25.31 -30.00
CA LEU M 221 36.65 -24.48 -31.02
C LEU M 221 35.81 -23.24 -31.31
N LYS M 222 36.47 -22.08 -31.29
CA LYS M 222 35.83 -20.80 -31.61
C LYS M 222 36.71 -20.11 -32.64
N ARG M 223 36.33 -20.19 -33.91
CA ARG M 223 37.10 -19.60 -34.99
C ARG M 223 37.05 -18.08 -34.92
N ALA N 187 58.06 -62.93 2.70
CA ALA N 187 58.34 -62.78 1.28
C ALA N 187 59.52 -63.65 0.86
N SER N 188 59.49 -64.92 1.27
CA SER N 188 60.55 -65.86 0.96
C SER N 188 59.94 -67.19 0.55
N LEU N 189 60.69 -67.95 -0.24
CA LEU N 189 60.24 -69.27 -0.68
C LEU N 189 60.18 -70.27 0.46
N LEU N 190 60.86 -69.98 1.58
CA LEU N 190 60.82 -70.88 2.73
C LEU N 190 59.42 -70.98 3.31
N ASP N 191 58.72 -69.86 3.39
CA ASP N 191 57.35 -69.84 3.92
C ASP N 191 56.40 -70.43 2.88
N SER N 192 55.84 -71.60 3.19
CA SER N 192 54.89 -72.23 2.27
C SER N 192 53.58 -71.46 2.19
N ASN N 193 53.30 -70.60 3.16
CA ASN N 193 52.10 -69.76 3.11
C ASN N 193 52.25 -68.63 2.09
N PHE N 194 53.47 -68.32 1.67
CA PHE N 194 53.69 -67.24 0.72
C PHE N 194 53.22 -67.66 -0.67
N VAL N 195 52.45 -66.80 -1.32
CA VAL N 195 51.97 -67.05 -2.67
C VAL N 195 52.37 -65.88 -3.57
N PRO N 196 53.29 -66.08 -4.51
CA PRO N 196 53.65 -64.99 -5.43
C PRO N 196 52.51 -64.67 -6.38
N ILE N 197 52.47 -63.42 -6.82
CA ILE N 197 51.41 -62.94 -7.70
C ILE N 197 51.94 -62.79 -9.12
N ASN N 198 53.23 -62.46 -9.25
CA ASN N 198 53.81 -62.23 -10.57
C ASN N 198 55.30 -62.54 -10.52
N PHE N 199 55.94 -62.41 -11.69
CA PHE N 199 57.33 -62.82 -11.85
C PHE N 199 58.27 -61.91 -11.08
N THR N 200 57.94 -60.63 -10.96
CA THR N 200 58.76 -59.73 -10.14
C THR N 200 58.76 -60.17 -8.69
N GLU N 201 57.58 -60.51 -8.15
CA GLU N 201 57.51 -61.03 -6.79
C GLU N 201 58.28 -62.34 -6.68
N PHE N 202 58.21 -63.18 -7.71
CA PHE N 202 58.97 -64.43 -7.69
C PHE N 202 60.47 -64.17 -7.60
N VAL N 203 60.97 -63.21 -8.37
CA VAL N 203 62.40 -62.89 -8.34
C VAL N 203 62.80 -62.31 -6.99
N GLN N 204 61.97 -61.42 -6.44
CA GLN N 204 62.25 -60.88 -5.11
C GLN N 204 62.29 -62.00 -4.07
N ALA N 205 61.36 -62.95 -4.17
CA ALA N 205 61.36 -64.08 -3.25
C ALA N 205 62.62 -64.91 -3.39
N ILE N 206 63.10 -65.10 -4.63
CA ILE N 206 64.33 -65.85 -4.85
C ILE N 206 65.51 -65.15 -4.17
N SER N 207 65.60 -63.83 -4.36
CA SER N 207 66.70 -63.08 -3.75
C SER N 207 66.64 -63.14 -2.23
N ASN N 208 65.44 -62.98 -1.67
CA ASN N 208 65.28 -63.06 -0.22
C ASN N 208 65.63 -64.44 0.30
N THR N 209 65.26 -65.48 -0.45
CA THR N 209 65.62 -66.85 -0.06
C THR N 209 67.12 -67.04 -0.04
N TYR N 210 67.81 -66.51 -1.06
CA TYR N 210 69.27 -66.61 -1.08
C TYR N 210 69.89 -65.90 0.12
N LYS N 211 69.40 -64.70 0.42
CA LYS N 211 69.94 -63.96 1.57
C LYS N 211 69.69 -64.71 2.87
N GLN N 212 68.47 -65.25 3.03
CA GLN N 212 68.15 -66.00 4.25
C GLN N 212 69.01 -67.25 4.38
N ARG N 213 69.26 -67.93 3.26
CA ARG N 213 70.10 -69.12 3.30
C ARG N 213 71.54 -68.76 3.68
N ARG N 214 72.06 -67.65 3.17
CA ARG N 214 73.40 -67.22 3.57
C ARG N 214 73.44 -66.88 5.06
N ILE N 215 72.41 -66.19 5.56
CA ILE N 215 72.37 -65.85 6.99
C ILE N 215 72.32 -67.12 7.83
N GLN N 216 71.50 -68.10 7.42
CA GLN N 216 71.41 -69.35 8.16
C GLN N 216 72.73 -70.12 8.13
N PHE N 217 73.42 -70.10 6.98
CA PHE N 217 74.72 -70.75 6.89
C PHE N 217 75.72 -70.12 7.85
N TYR N 218 75.75 -68.79 7.90
CA TYR N 218 76.65 -68.13 8.85
C TYR N 218 76.26 -68.41 10.29
N GLU N 219 74.96 -68.51 10.57
CA GLU N 219 74.52 -68.85 11.92
C GLU N 219 74.97 -70.25 12.31
N ASN N 220 74.90 -71.20 11.39
CA ASN N 220 75.23 -72.59 11.68
C ASN N 220 76.70 -72.92 11.45
N LEU N 221 77.50 -71.97 10.98
CA LEU N 221 78.92 -72.23 10.74
C LEU N 221 79.71 -72.22 12.03
N LYS N 222 80.58 -73.22 12.19
CA LYS N 222 81.50 -73.30 13.33
C LYS N 222 82.87 -73.69 12.79
N ARG N 223 83.77 -72.72 12.71
CA ARG N 223 85.11 -72.95 12.17
C ARG N 223 85.92 -73.87 13.09
N ALA O 187 35.43 -88.82 -19.01
CA ALA O 187 36.26 -87.68 -19.40
C ALA O 187 36.33 -87.56 -20.91
N SER O 188 35.20 -87.23 -21.54
CA SER O 188 35.10 -87.10 -22.97
C SER O 188 34.35 -85.82 -23.33
N LEU O 189 34.61 -85.33 -24.55
CA LEU O 189 33.96 -84.10 -25.00
C LEU O 189 32.46 -84.26 -25.17
N LEU O 190 31.96 -85.49 -25.25
CA LEU O 190 30.51 -85.70 -25.38
C LEU O 190 29.78 -85.21 -24.13
N ASP O 191 30.36 -85.43 -22.95
CA ASP O 191 29.74 -84.96 -21.72
C ASP O 191 29.83 -83.44 -21.63
N SER O 192 28.66 -82.78 -21.57
CA SER O 192 28.66 -81.32 -21.50
C SER O 192 29.19 -80.81 -20.17
N ASN O 193 29.02 -81.58 -19.09
CA ASN O 193 29.48 -81.16 -17.78
C ASN O 193 31.00 -81.22 -17.63
N PHE O 194 31.71 -81.80 -18.59
CA PHE O 194 33.16 -81.90 -18.51
C PHE O 194 33.78 -80.54 -18.82
N VAL O 195 34.50 -79.98 -17.85
CA VAL O 195 35.19 -78.71 -18.01
C VAL O 195 36.69 -78.98 -17.98
N PRO O 196 37.39 -78.90 -19.11
CA PRO O 196 38.84 -79.14 -19.11
C PRO O 196 39.59 -78.08 -18.34
N ILE O 197 40.72 -78.48 -17.76
CA ILE O 197 41.56 -77.58 -17.00
C ILE O 197 42.77 -77.11 -17.80
N ASN O 198 43.38 -78.01 -18.56
CA ASN O 198 44.58 -77.67 -19.32
C ASN O 198 44.60 -78.46 -20.62
N PHE O 199 45.64 -78.21 -21.42
CA PHE O 199 45.72 -78.80 -22.75
C PHE O 199 45.91 -80.31 -22.69
N THR O 200 46.59 -80.82 -21.64
CA THR O 200 46.71 -82.26 -21.49
C THR O 200 45.35 -82.92 -21.32
N GLU O 201 44.51 -82.33 -20.45
CA GLU O 201 43.16 -82.85 -20.29
C GLU O 201 42.37 -82.71 -21.60
N PHE O 202 42.59 -81.62 -22.34
CA PHE O 202 41.90 -81.45 -23.61
C PHE O 202 42.26 -82.56 -24.59
N VAL O 203 43.55 -82.89 -24.69
CA VAL O 203 43.98 -83.94 -25.60
C VAL O 203 43.45 -85.30 -25.15
N GLN O 204 43.47 -85.56 -23.85
CA GLN O 204 42.91 -86.82 -23.35
C GLN O 204 41.43 -86.92 -23.66
N ALA O 205 40.70 -85.81 -23.52
CA ALA O 205 39.28 -85.80 -23.87
C ALA O 205 39.08 -86.06 -25.36
N ILE O 206 39.95 -85.49 -26.19
CA ILE O 206 39.84 -85.74 -27.64
C ILE O 206 40.03 -87.22 -27.95
N SER O 207 41.04 -87.84 -27.33
CA SER O 207 41.28 -89.26 -27.56
C SER O 207 40.11 -90.11 -27.08
N ASN O 208 39.56 -89.80 -25.91
CA ASN O 208 38.40 -90.52 -25.40
C ASN O 208 37.20 -90.34 -26.32
N THR O 209 37.03 -89.14 -26.86
CA THR O 209 35.94 -88.88 -27.80
C THR O 209 36.09 -89.72 -29.06
N TYR O 210 37.32 -89.82 -29.58
CA TYR O 210 37.54 -90.65 -30.76
C TYR O 210 37.23 -92.12 -30.47
N LYS O 211 37.67 -92.62 -29.32
CA LYS O 211 37.39 -94.00 -28.96
C LYS O 211 35.89 -94.25 -28.84
N GLN O 212 35.18 -93.34 -28.17
CA GLN O 212 33.74 -93.50 -28.01
C GLN O 212 33.03 -93.42 -29.35
N ARG O 213 33.49 -92.55 -30.24
CA ARG O 213 32.89 -92.47 -31.57
C ARG O 213 33.09 -93.76 -32.35
N ARG O 214 34.27 -94.36 -32.25
CA ARG O 214 34.49 -95.65 -32.92
C ARG O 214 33.56 -96.72 -32.36
N ILE O 215 33.43 -96.76 -31.02
CA ILE O 215 32.54 -97.74 -30.39
C ILE O 215 31.11 -97.53 -30.86
N GLN O 216 30.66 -96.28 -30.90
CA GLN O 216 29.29 -95.99 -31.34
C GLN O 216 29.08 -96.37 -32.80
N PHE O 217 30.08 -96.11 -33.64
CA PHE O 217 29.98 -96.49 -35.04
C PHE O 217 29.85 -98.00 -35.18
N TYR O 218 30.65 -98.77 -34.44
CA TYR O 218 30.56 -100.22 -34.52
C TYR O 218 29.23 -100.72 -33.98
N GLU O 219 28.69 -100.08 -32.94
CA GLU O 219 27.37 -100.46 -32.45
C GLU O 219 26.30 -100.20 -33.50
N ASN O 220 26.36 -99.04 -34.16
CA ASN O 220 25.32 -98.68 -35.13
C ASN O 220 25.45 -99.47 -36.43
N LEU O 221 26.65 -99.95 -36.76
CA LEU O 221 26.85 -100.64 -38.02
C LEU O 221 26.11 -101.97 -38.03
N LYS O 222 25.36 -102.22 -39.10
CA LYS O 222 24.64 -103.48 -39.30
C LYS O 222 25.08 -104.06 -40.64
N ARG O 223 26.00 -105.01 -40.60
CA ARG O 223 26.53 -105.62 -41.82
C ARG O 223 25.48 -106.51 -42.48
N LEU P 3 54.92 -22.27 16.24
CA LEU P 3 55.98 -21.43 15.70
C LEU P 3 55.60 -19.96 15.79
N PHE P 4 54.35 -19.65 15.44
CA PHE P 4 53.89 -18.27 15.47
C PHE P 4 53.84 -17.73 16.90
N ASP P 5 53.65 -18.61 17.88
CA ASP P 5 53.68 -18.18 19.27
C ASP P 5 55.08 -17.77 19.69
N GLU P 6 56.10 -18.28 19.01
CA GLU P 6 57.50 -18.01 19.36
C GLU P 6 58.17 -17.04 18.40
N ASN P 7 57.86 -17.11 17.11
CA ASN P 7 58.56 -16.32 16.09
C ASN P 7 57.66 -15.17 15.66
N TYR P 8 57.85 -14.02 16.31
CA TYR P 8 57.10 -12.83 15.94
C TYR P 8 57.40 -12.39 14.52
N TYR P 9 58.66 -12.51 14.10
CA TYR P 9 59.04 -12.12 12.74
C TYR P 9 58.36 -13.02 11.70
N ALA P 10 58.30 -14.33 11.97
CA ALA P 10 57.60 -15.23 11.07
C ALA P 10 56.11 -14.91 11.04
N LYS P 11 55.53 -14.60 12.19
CA LYS P 11 54.12 -14.21 12.24
C LYS P 11 53.87 -12.95 11.42
N ALA P 12 54.74 -11.95 11.55
CA ALA P 12 54.58 -10.71 10.80
C ALA P 12 54.73 -10.94 9.30
N VAL P 13 55.68 -11.78 8.90
CA VAL P 13 55.85 -12.10 7.49
C VAL P 13 54.60 -12.77 6.95
N ALA P 14 54.06 -13.74 7.70
CA ALA P 14 52.83 -14.42 7.27
C ALA P 14 51.66 -13.45 7.17
N ASN P 15 51.62 -12.46 8.05
CA ASN P 15 50.51 -11.50 8.04
C ASN P 15 50.61 -10.50 6.90
N ILE P 16 51.82 -10.06 6.55
CA ILE P 16 52.00 -8.98 5.59
C ILE P 16 52.48 -9.49 4.23
N ILE P 17 52.54 -10.81 4.05
CA ILE P 17 53.02 -11.35 2.77
C ILE P 17 52.08 -10.99 1.63
N GLY P 18 50.80 -10.72 1.93
CA GLY P 18 49.84 -10.45 0.88
C GLY P 18 49.92 -9.05 0.29
N GLU P 19 50.57 -8.13 0.98
CA GLU P 19 50.63 -6.74 0.52
C GLU P 19 51.69 -6.51 -0.54
N VAL P 20 52.58 -7.47 -0.78
CA VAL P 20 53.59 -7.33 -1.84
C VAL P 20 52.92 -7.53 -3.19
N LYS P 21 53.19 -6.62 -4.12
CA LYS P 21 52.57 -6.70 -5.43
C LYS P 21 53.15 -7.84 -6.25
N ASP P 22 52.37 -8.31 -7.21
CA ASP P 22 52.82 -9.39 -8.07
C ASP P 22 53.93 -8.90 -9.00
N PRO P 23 54.92 -9.74 -9.31
CA PRO P 23 55.95 -9.34 -10.27
C PRO P 23 55.36 -9.09 -11.65
N ILE P 24 55.93 -8.12 -12.36
CA ILE P 24 55.44 -7.79 -13.69
C ILE P 24 55.96 -8.73 -14.76
N MET P 25 56.95 -9.56 -14.45
CA MET P 25 57.49 -10.49 -15.43
C MET P 25 56.48 -11.56 -15.83
N TYR P 26 55.44 -11.78 -15.02
CA TYR P 26 54.41 -12.74 -15.37
C TYR P 26 53.67 -12.34 -16.65
N LYS P 27 53.65 -11.05 -16.98
CA LYS P 27 53.00 -10.59 -18.20
C LYS P 27 53.77 -11.00 -19.45
N TRP P 28 55.03 -11.40 -19.31
CA TRP P 28 55.86 -11.76 -20.44
C TRP P 28 55.80 -13.24 -20.79
N PHE P 29 55.02 -14.03 -20.05
CA PHE P 29 54.95 -15.46 -20.28
C PHE P 29 53.49 -15.93 -20.21
N SER P 30 53.22 -17.04 -20.87
CA SER P 30 51.92 -17.69 -20.77
C SER P 30 51.88 -18.54 -19.51
N PRO P 31 50.67 -18.84 -19.01
CA PRO P 31 50.58 -19.65 -17.78
C PRO P 31 51.26 -21.00 -17.88
N ASP P 32 51.26 -21.62 -19.05
CA ASP P 32 51.85 -22.94 -19.23
C ASP P 32 53.38 -22.89 -19.37
N GLN P 33 53.96 -21.73 -19.62
CA GLN P 33 55.40 -21.64 -19.83
C GLN P 33 56.20 -21.72 -18.54
N ILE P 34 55.58 -21.47 -17.39
CA ILE P 34 56.29 -21.36 -16.11
C ILE P 34 56.03 -22.62 -15.30
N GLU P 35 57.11 -23.23 -14.81
CA GLU P 35 57.00 -24.42 -13.96
C GLU P 35 58.11 -24.41 -12.92
N ASP P 36 57.74 -24.52 -11.65
CA ASP P 36 58.70 -24.44 -10.57
C ASP P 36 59.54 -25.71 -10.45
N VAL P 37 60.73 -25.55 -9.88
CA VAL P 37 61.61 -26.67 -9.56
C VAL P 37 62.07 -26.53 -8.12
N ASP P 38 62.51 -27.65 -7.55
CA ASP P 38 62.92 -27.73 -6.14
C ASP P 38 64.44 -27.69 -6.07
N LEU P 39 64.99 -26.50 -5.84
CA LEU P 39 66.43 -26.31 -5.79
C LEU P 39 66.73 -24.90 -5.29
N GLN P 40 67.86 -24.74 -4.62
CA GLN P 40 68.34 -23.44 -4.17
C GLN P 40 69.59 -22.98 -4.90
N MET P 41 70.64 -23.80 -4.92
CA MET P 41 71.85 -23.48 -5.63
C MET P 41 72.42 -24.76 -6.22
N GLY P 42 72.99 -24.65 -7.43
CA GLY P 42 73.54 -25.78 -8.14
C GLY P 42 73.05 -25.79 -9.56
N TYR P 43 73.14 -26.96 -10.19
CA TYR P 43 72.73 -27.14 -11.57
C TYR P 43 71.72 -28.26 -11.68
N GLN P 44 70.97 -28.25 -12.78
CA GLN P 44 69.95 -29.26 -13.02
C GLN P 44 69.90 -29.56 -14.52
N LYS P 45 69.82 -30.85 -14.86
CA LYS P 45 69.85 -31.29 -16.25
C LYS P 45 68.44 -31.64 -16.72
N THR P 46 68.07 -31.14 -17.89
CA THR P 46 66.77 -31.38 -18.49
C THR P 46 66.95 -32.21 -19.75
N VAL P 47 66.16 -33.27 -19.88
CA VAL P 47 66.25 -34.20 -21.01
C VAL P 47 64.98 -34.05 -21.83
N LYS P 48 65.15 -33.84 -23.14
CA LYS P 48 64.03 -33.74 -24.07
C LYS P 48 64.10 -34.90 -25.05
N TRP P 49 62.99 -35.63 -25.17
CA TRP P 49 62.91 -36.81 -26.01
C TRP P 49 62.14 -36.50 -27.28
N ASP P 50 62.55 -37.14 -28.38
CA ASP P 50 61.92 -36.96 -29.68
C ASP P 50 61.85 -38.30 -30.39
N ALA P 51 61.01 -38.35 -31.42
CA ALA P 51 60.86 -39.53 -32.25
C ALA P 51 60.83 -39.11 -33.71
N PHE P 52 61.25 -40.02 -34.59
CA PHE P 52 61.31 -39.74 -36.02
C PHE P 52 60.97 -41.01 -36.79
N LEU P 53 60.53 -40.82 -38.03
CA LEU P 53 60.20 -41.94 -38.91
C LEU P 53 61.43 -42.31 -39.72
N ASN P 54 61.72 -43.62 -39.78
CA ASN P 54 62.88 -44.12 -40.50
C ASN P 54 62.59 -44.45 -41.96
N ALA P 55 61.35 -44.77 -42.30
CA ALA P 55 61.00 -45.16 -43.65
C ALA P 55 59.50 -44.97 -43.83
N ASN P 56 59.05 -45.19 -45.07
CA ASN P 56 57.63 -45.15 -45.34
C ASN P 56 56.93 -46.29 -44.59
N PRO P 57 55.67 -46.10 -44.19
CA PRO P 57 54.96 -47.14 -43.44
C PRO P 57 54.79 -48.40 -44.28
N THR P 58 54.61 -49.52 -43.58
CA THR P 58 54.52 -50.84 -44.19
C THR P 58 53.05 -51.20 -44.41
N THR P 59 52.72 -51.59 -45.64
CA THR P 59 51.37 -52.05 -45.95
C THR P 59 51.16 -53.45 -45.38
N ILE P 60 50.09 -53.62 -44.61
CA ILE P 60 49.78 -54.90 -43.97
C ILE P 60 48.86 -55.66 -44.92
N ALA P 61 49.44 -56.57 -45.70
CA ALA P 61 48.68 -57.42 -46.61
C ALA P 61 49.32 -58.80 -46.61
N ASN P 62 48.50 -59.82 -46.42
CA ASN P 62 48.95 -61.23 -46.41
C ASN P 62 49.97 -61.37 -45.28
N GLU P 63 51.08 -62.08 -45.50
CA GLU P 63 52.08 -62.30 -44.47
C GLU P 63 53.30 -61.42 -44.72
N VAL P 64 53.82 -60.83 -43.65
CA VAL P 64 54.99 -59.97 -43.73
C VAL P 64 55.60 -59.86 -42.34
N ASN P 65 56.94 -59.92 -42.28
CA ASN P 65 57.67 -59.76 -41.03
C ASN P 65 58.49 -58.49 -40.96
N THR P 66 58.85 -57.90 -42.10
CA THR P 66 59.69 -56.71 -42.13
C THR P 66 58.81 -55.47 -42.12
N ILE P 67 58.91 -54.69 -41.04
CA ILE P 67 58.08 -53.51 -40.83
C ILE P 67 58.99 -52.31 -40.66
N SER P 68 58.53 -51.14 -41.13
CA SER P 68 59.28 -49.91 -40.93
C SER P 68 59.36 -49.57 -39.45
N THR P 69 60.43 -48.86 -39.09
CA THR P 69 60.73 -48.59 -37.69
C THR P 69 60.57 -47.12 -37.38
N ILE P 70 60.41 -46.82 -36.10
CA ILE P 70 60.37 -45.46 -35.57
C ILE P 70 61.50 -45.34 -34.56
N GLY P 71 62.38 -44.37 -34.78
CA GLY P 71 63.51 -44.15 -33.89
C GLY P 71 63.21 -43.11 -32.82
N PHE P 72 64.15 -42.97 -31.89
CA PHE P 72 64.05 -42.02 -30.80
C PHE P 72 65.37 -41.29 -30.63
N SER P 73 65.30 -40.11 -30.00
CA SER P 73 66.47 -39.29 -29.76
C SER P 73 66.30 -38.55 -28.45
N SER P 74 67.42 -38.07 -27.91
CA SER P 74 67.43 -37.33 -26.66
C SER P 74 68.42 -36.18 -26.74
N GLU P 75 68.15 -35.14 -25.96
CA GLU P 75 69.03 -33.97 -25.87
C GLU P 75 68.99 -33.46 -24.44
N VAL P 76 70.15 -33.08 -23.91
CA VAL P 76 70.30 -32.70 -22.52
C VAL P 76 70.77 -31.25 -22.46
N VAL P 77 70.10 -30.45 -21.62
CA VAL P 77 70.43 -29.05 -21.42
C VAL P 77 70.66 -28.81 -19.94
N ARG P 78 71.73 -28.09 -19.61
CA ARG P 78 72.08 -27.78 -18.23
C ARG P 78 71.62 -26.37 -17.88
N LEU P 79 71.08 -26.22 -16.68
CA LEU P 79 70.62 -24.93 -16.17
C LEU P 79 71.25 -24.69 -14.81
N ASN P 80 71.79 -23.49 -14.61
CA ASN P 80 72.43 -23.10 -13.37
C ASN P 80 71.51 -22.21 -12.54
N TYR P 81 71.58 -22.37 -11.22
CA TYR P 81 70.78 -21.57 -10.29
C TYR P 81 71.70 -20.97 -9.23
N LEU P 82 71.48 -19.71 -8.91
CA LEU P 82 72.33 -18.98 -7.98
C LEU P 82 71.51 -18.43 -6.82
N LYS P 83 72.07 -18.52 -5.61
CA LYS P 83 71.41 -18.03 -4.40
C LYS P 83 72.03 -16.72 -3.97
N LEU P 84 71.18 -15.70 -3.77
CA LEU P 84 71.62 -14.37 -3.41
C LEU P 84 70.88 -13.91 -2.17
N GLN P 85 71.50 -12.99 -1.43
CA GLN P 85 71.01 -12.59 -0.11
C GLN P 85 71.16 -11.09 0.09
N TYR P 86 70.28 -10.53 0.90
CA TYR P 86 70.33 -9.13 1.30
C TYR P 86 70.08 -9.03 2.80
N LYS P 87 70.60 -7.96 3.40
CA LYS P 87 70.43 -7.68 4.81
C LYS P 87 69.79 -6.31 5.01
N PHE P 88 68.88 -6.21 5.97
CA PHE P 88 68.25 -4.93 6.28
C PHE P 88 68.05 -4.79 7.78
N ARG P 89 68.09 -3.54 8.25
CA ARG P 89 67.92 -3.20 9.65
C ARG P 89 66.48 -2.80 9.94
N HIS P 90 66.05 -3.05 11.16
CA HIS P 90 64.69 -2.71 11.57
C HIS P 90 64.66 -2.56 13.09
N LEU P 91 63.50 -2.15 13.59
CA LEU P 91 63.30 -2.02 15.03
C LEU P 91 63.00 -3.36 15.65
N LYS P 92 63.52 -3.58 16.85
CA LYS P 92 63.22 -4.80 17.60
C LYS P 92 61.74 -4.81 17.99
N GLN P 93 61.19 -6.02 18.11
CA GLN P 93 59.76 -6.17 18.37
C GLN P 93 59.35 -5.48 19.67
N THR P 94 60.14 -5.65 20.73
CA THR P 94 59.78 -5.08 22.02
C THR P 94 59.93 -3.57 22.07
N SER P 95 60.54 -2.96 21.06
CA SER P 95 60.79 -1.52 21.07
C SER P 95 59.77 -0.72 20.27
N GLU P 96 58.76 -1.37 19.69
CA GLU P 96 57.81 -0.65 18.86
C GLU P 96 56.94 0.30 19.67
N LYS P 97 56.63 -0.04 20.92
CA LYS P 97 55.78 0.81 21.75
C LYS P 97 56.45 2.17 22.01
N PHE P 98 57.78 2.21 22.04
CA PHE P 98 58.50 3.44 22.30
C PHE P 98 58.71 4.28 21.06
N TYR P 99 58.23 3.82 19.90
CA TYR P 99 58.31 4.60 18.68
C TYR P 99 56.97 4.71 17.96
N THR P 100 55.89 4.15 18.50
CA THR P 100 54.56 4.34 17.92
C THR P 100 54.16 5.80 18.10
N SER P 101 54.22 6.56 17.01
CA SER P 101 53.82 7.95 17.01
C SER P 101 52.35 8.06 16.57
N ASP P 102 51.92 9.27 16.25
CA ASP P 102 50.54 9.52 15.83
C ASP P 102 50.32 8.93 14.45
N SER P 103 49.68 7.76 14.40
CA SER P 103 49.28 7.11 13.15
C SER P 103 50.48 6.73 12.27
N TYR P 104 51.65 6.54 12.89
CA TYR P 104 52.83 6.05 12.18
C TYR P 104 53.85 5.58 13.21
N ILE P 105 54.60 4.55 12.83
CA ILE P 105 55.58 3.91 13.71
C ILE P 105 56.96 4.02 13.06
N GLY P 106 57.96 4.36 13.87
CA GLY P 106 59.32 4.41 13.39
C GLY P 106 60.00 5.75 13.56
N ASP P 107 61.33 5.75 13.61
CA ASP P 107 62.10 6.98 13.74
C ASP P 107 62.19 7.66 12.38
N ILE P 108 61.51 8.81 12.24
CA ILE P 108 61.68 9.61 11.03
C ILE P 108 63.10 10.17 10.96
N ASN P 109 63.65 10.59 12.10
CA ASN P 109 64.99 11.16 12.11
C ASN P 109 66.04 10.12 11.73
N ASN P 110 65.91 8.90 12.22
CA ASN P 110 66.92 7.87 12.01
C ASN P 110 66.53 6.84 10.96
N ASN P 111 65.38 7.02 10.31
CA ASN P 111 64.94 6.13 9.21
C ASN P 111 64.88 4.68 9.68
N LEU P 112 64.27 4.45 10.84
CA LEU P 112 64.07 3.12 11.38
C LEU P 112 62.60 2.75 11.25
N LEU P 113 62.34 1.51 10.85
CA LEU P 113 61.00 1.04 10.53
C LEU P 113 60.68 -0.21 11.33
N PRO P 114 59.40 -0.51 11.50
CA PRO P 114 59.03 -1.83 12.02
C PRO P 114 59.36 -2.92 11.01
N PHE P 115 59.45 -4.14 11.54
CA PHE P 115 59.92 -5.26 10.74
C PHE P 115 59.01 -5.53 9.55
N ALA P 116 57.69 -5.43 9.74
CA ALA P 116 56.76 -5.75 8.67
C ALA P 116 56.92 -4.79 7.49
N GLN P 117 56.92 -3.48 7.79
CA GLN P 117 57.07 -2.50 6.72
C GLN P 117 58.43 -2.62 6.04
N ALA P 118 59.49 -2.82 6.84
CA ALA P 118 60.81 -2.97 6.26
C ALA P 118 60.88 -4.17 5.33
N TYR P 119 60.31 -5.31 5.75
CA TYR P 119 60.32 -6.50 4.93
C TYR P 119 59.52 -6.29 3.65
N LYS P 120 58.36 -5.63 3.75
CA LYS P 120 57.55 -5.40 2.56
C LYS P 120 58.31 -4.55 1.53
N LEU P 121 58.92 -3.45 1.99
CA LEU P 121 59.64 -2.59 1.06
C LEU P 121 60.85 -3.31 0.45
N ALA P 122 61.60 -4.04 1.28
CA ALA P 122 62.76 -4.76 0.77
C ALA P 122 62.36 -5.83 -0.24
N SER P 123 61.26 -6.54 0.03
CA SER P 123 60.77 -7.55 -0.90
C SER P 123 60.37 -6.92 -2.22
N SER P 124 59.72 -5.76 -2.18
CA SER P 124 59.34 -5.08 -3.42
C SER P 124 60.59 -4.73 -4.24
N GLU P 125 61.62 -4.18 -3.58
CA GLU P 125 62.84 -3.84 -4.30
C GLU P 125 63.51 -5.08 -4.90
N ILE P 126 63.55 -6.17 -4.14
CA ILE P 126 64.19 -7.38 -4.62
C ILE P 126 63.41 -7.96 -5.81
N ILE P 127 62.08 -7.88 -5.76
CA ILE P 127 61.26 -8.35 -6.87
C ILE P 127 61.54 -7.53 -8.12
N LYS P 128 61.70 -6.21 -7.97
CA LYS P 128 62.06 -5.39 -9.10
C LYS P 128 63.41 -5.82 -9.69
N LEU P 129 64.38 -6.11 -8.83
CA LEU P 129 65.67 -6.58 -9.32
C LEU P 129 65.54 -7.91 -10.07
N ILE P 130 64.72 -8.81 -9.55
CA ILE P 130 64.51 -10.10 -10.20
C ILE P 130 63.88 -9.91 -11.57
N ASN P 131 62.90 -9.00 -11.68
CA ASN P 131 62.30 -8.71 -12.97
C ASN P 131 63.34 -8.18 -13.95
N HIS P 132 64.21 -7.28 -13.48
CA HIS P 132 65.27 -6.76 -14.34
C HIS P 132 66.19 -7.88 -14.84
N PHE P 133 66.56 -8.80 -13.94
CA PHE P 133 67.42 -9.90 -14.35
C PHE P 133 66.74 -10.78 -15.37
N VAL P 134 65.46 -11.12 -15.15
CA VAL P 134 64.77 -12.01 -16.07
C VAL P 134 64.65 -11.37 -17.45
N LEU P 135 64.38 -10.07 -17.49
CA LEU P 135 64.23 -9.40 -18.79
C LEU P 135 65.58 -9.26 -19.50
N THR P 136 66.62 -8.85 -18.78
CA THR P 136 67.88 -8.50 -19.42
C THR P 136 68.96 -9.56 -19.32
N GLY P 137 68.92 -10.40 -18.28
CA GLY P 137 69.97 -11.38 -18.07
C GLY P 137 71.15 -10.88 -17.28
N THR P 138 71.13 -9.64 -16.82
CA THR P 138 72.21 -9.06 -16.04
C THR P 138 71.67 -8.55 -14.71
N VAL P 139 72.57 -8.43 -13.73
CA VAL P 139 72.23 -7.94 -12.41
C VAL P 139 73.01 -6.65 -12.18
N SER P 140 72.28 -5.54 -12.07
CA SER P 140 72.91 -4.24 -11.85
C SER P 140 71.91 -3.31 -11.21
N ILE P 141 72.42 -2.41 -10.35
CA ILE P 141 71.59 -1.42 -9.68
C ILE P 141 71.84 -0.01 -10.22
N GLN P 142 72.51 0.10 -11.35
CA GLN P 142 72.79 1.38 -11.96
C GLN P 142 71.99 1.56 -13.24
N LYS P 143 71.62 2.81 -13.54
CA LYS P 143 70.89 3.09 -14.76
C LYS P 143 71.77 2.88 -15.99
N ASP P 144 73.08 3.08 -15.87
CA ASP P 144 73.99 2.79 -16.97
C ASP P 144 73.98 1.32 -17.32
N GLY P 145 73.74 0.45 -16.35
CA GLY P 145 73.87 -0.97 -16.55
C GLY P 145 75.27 -1.51 -16.35
N LYS P 146 76.14 -0.76 -15.68
CA LYS P 146 77.51 -1.17 -15.43
C LYS P 146 77.65 -1.69 -14.00
N ASN P 147 78.87 -2.08 -13.64
CA ASN P 147 79.14 -2.74 -12.37
C ASN P 147 78.25 -3.96 -12.19
N GLN P 148 78.09 -4.73 -13.27
CA GLN P 148 77.25 -5.91 -13.24
C GLN P 148 77.87 -6.99 -12.38
N LYS P 149 77.04 -7.66 -11.58
CA LYS P 149 77.51 -8.79 -10.80
C LYS P 149 77.84 -9.96 -11.72
N ARG P 150 78.97 -10.61 -11.45
CA ARG P 150 79.40 -11.73 -12.28
C ARG P 150 78.53 -12.95 -11.99
N LEU P 151 77.95 -13.53 -13.04
CA LEU P 151 77.07 -14.68 -12.91
C LEU P 151 77.69 -15.89 -13.58
N LEU P 152 77.12 -17.06 -13.29
CA LEU P 152 77.58 -18.31 -13.86
C LEU P 152 77.14 -18.44 -15.32
N PRO P 153 77.80 -19.29 -16.09
CA PRO P 153 77.28 -19.63 -17.42
C PRO P 153 75.98 -20.42 -17.31
N ASN P 154 75.32 -20.57 -18.45
CA ASN P 154 74.00 -21.20 -18.52
C ASN P 154 72.98 -20.45 -17.65
N MET P 155 73.14 -19.14 -17.56
CA MET P 155 72.22 -18.27 -16.82
C MET P 155 71.98 -17.05 -17.70
N TYR P 156 70.91 -17.09 -18.48
CA TYR P 156 70.64 -16.05 -19.47
C TYR P 156 69.23 -15.52 -19.31
N GLY P 157 69.03 -14.28 -19.72
CA GLY P 157 67.72 -13.69 -19.86
C GLY P 157 67.22 -13.76 -21.29
N LEU P 158 66.07 -13.12 -21.52
CA LEU P 158 65.51 -13.12 -22.87
C LEU P 158 66.37 -12.33 -23.84
N LEU P 159 67.13 -11.35 -23.35
CA LEU P 159 67.89 -10.46 -24.23
C LEU P 159 69.26 -11.01 -24.59
N ASN P 160 69.88 -11.80 -23.71
CA ASN P 160 71.22 -12.31 -23.95
C ASN P 160 71.26 -13.82 -24.16
N MET P 161 70.12 -14.43 -24.49
CA MET P 161 70.10 -15.86 -24.75
C MET P 161 70.92 -16.16 -26.01
N PRO P 162 71.86 -17.10 -25.96
CA PRO P 162 72.70 -17.38 -27.12
C PRO P 162 71.96 -18.14 -28.20
N GLU P 163 72.55 -18.13 -29.40
CA GLU P 163 72.04 -18.88 -30.55
C GLU P 163 70.62 -18.44 -30.92
N GLN P 164 70.42 -17.13 -30.99
CA GLN P 164 69.16 -16.53 -31.40
C GLN P 164 69.43 -15.53 -32.52
N ILE P 165 68.37 -14.93 -33.06
CA ILE P 165 68.50 -14.07 -34.22
C ILE P 165 68.79 -12.66 -33.73
N LYS P 166 70.05 -12.24 -33.87
CA LYS P 166 70.50 -10.91 -33.48
C LYS P 166 70.52 -10.01 -34.70
N GLU P 167 69.90 -8.84 -34.59
CA GLU P 167 69.92 -7.82 -35.63
C GLU P 167 70.44 -6.52 -35.05
N GLU P 168 71.20 -5.78 -35.84
CA GLU P 168 71.79 -4.52 -35.40
C GLU P 168 71.48 -3.42 -36.41
N VAL P 169 70.94 -2.32 -35.92
CA VAL P 169 70.65 -1.14 -36.73
C VAL P 169 71.78 -0.13 -36.53
N ALA P 170 72.38 0.30 -37.63
CA ALA P 170 73.54 1.18 -37.58
C ALA P 170 73.19 2.52 -36.97
N SER P 171 74.22 3.18 -36.41
CA SER P 171 74.01 4.47 -35.75
C SER P 171 73.54 5.54 -36.73
N GLY P 172 73.88 5.40 -38.01
CA GLY P 172 73.40 6.35 -39.01
C GLY P 172 71.91 6.27 -39.25
N ASP P 173 71.30 5.12 -38.99
CA ASP P 173 69.87 4.92 -39.17
C ASP P 173 69.14 4.78 -37.82
N LYS P 174 69.67 5.44 -36.79
CA LYS P 174 69.07 5.33 -35.46
C LYS P 174 67.67 5.92 -35.40
N ASP P 175 67.33 6.82 -36.33
CA ASP P 175 66.02 7.46 -36.35
C ASP P 175 65.23 7.12 -37.60
N LYS P 176 65.64 6.11 -38.35
CA LYS P 176 64.97 5.72 -39.58
C LYS P 176 64.11 4.48 -39.31
N MET P 177 62.82 4.71 -39.10
CA MET P 177 61.91 3.60 -38.82
C MET P 177 61.84 2.63 -39.99
N ASP P 178 62.03 3.12 -41.21
CA ASP P 178 62.05 2.21 -42.37
C ASP P 178 63.21 1.22 -42.27
N LYS P 179 64.40 1.72 -41.90
CA LYS P 179 65.55 0.82 -41.74
C LYS P 179 65.35 -0.12 -40.56
N ILE P 180 64.81 0.38 -39.45
CA ILE P 180 64.54 -0.47 -38.30
C ILE P 180 63.58 -1.59 -38.68
N PHE P 181 62.51 -1.25 -39.41
CA PHE P 181 61.55 -2.26 -39.82
C PHE P 181 62.13 -3.22 -40.84
N GLU P 182 63.05 -2.76 -41.69
CA GLU P 182 63.74 -3.66 -42.60
C GLU P 182 64.53 -4.71 -41.82
N LYS P 183 65.25 -4.27 -40.78
CA LYS P 183 65.97 -5.21 -39.94
C LYS P 183 65.01 -6.17 -39.24
N ILE P 184 63.87 -5.65 -38.77
CA ILE P 184 62.88 -6.49 -38.11
C ILE P 184 62.34 -7.55 -39.06
N GLU P 185 62.06 -7.17 -40.31
CA GLU P 185 61.58 -8.14 -41.29
C GLU P 185 62.64 -9.20 -41.58
N ALA P 186 63.90 -8.78 -41.69
CA ALA P 186 64.96 -9.76 -41.92
C ALA P 186 65.03 -10.76 -40.77
N GLY P 187 64.97 -10.27 -39.53
CA GLY P 187 64.98 -11.17 -38.39
C GLY P 187 63.77 -12.09 -38.34
N LEU P 188 62.59 -11.55 -38.67
CA LEU P 188 61.38 -12.37 -38.67
C LEU P 188 61.47 -13.46 -39.72
N SER P 189 62.04 -13.15 -40.90
CA SER P 189 62.29 -14.18 -41.90
C SER P 189 63.26 -15.24 -41.39
N LYS P 190 64.30 -14.80 -40.68
CA LYS P 190 65.28 -15.76 -40.15
C LYS P 190 64.74 -16.56 -38.96
N LEU P 191 63.59 -16.18 -38.39
CA LEU P 191 63.00 -16.97 -37.30
C LEU P 191 62.66 -18.38 -37.77
N GLU P 192 62.78 -19.33 -36.84
CA GLU P 192 62.49 -20.73 -37.10
C GLU P 192 61.55 -21.25 -36.02
N LEU P 193 60.26 -21.33 -36.34
CA LEU P 193 59.27 -21.86 -35.40
C LEU P 193 58.90 -23.31 -35.67
N GLY P 194 59.16 -23.81 -36.88
CA GLY P 194 58.88 -25.21 -37.18
C GLY P 194 57.39 -25.50 -37.15
N ASP P 195 57.02 -26.58 -36.47
CA ASP P 195 55.64 -27.03 -36.40
C ASP P 195 54.83 -26.31 -35.33
N GLU P 196 55.44 -25.43 -34.55
CA GLU P 196 54.78 -24.72 -33.46
C GLU P 196 54.54 -23.26 -33.79
N PHE P 197 54.36 -22.94 -35.07
CA PHE P 197 54.22 -21.55 -35.49
C PHE P 197 52.87 -20.96 -35.11
N SER P 198 51.84 -21.80 -34.91
CA SER P 198 50.51 -21.31 -34.55
C SER P 198 50.49 -21.03 -33.04
N THR P 199 50.97 -19.85 -32.67
CA THR P 199 51.08 -19.48 -31.27
C THR P 199 51.04 -17.97 -31.16
N PRO P 200 50.57 -17.43 -30.04
CA PRO P 200 50.66 -15.97 -29.83
C PRO P 200 52.10 -15.52 -29.73
N MET P 201 52.32 -14.25 -30.10
CA MET P 201 53.66 -13.66 -30.08
C MET P 201 53.68 -12.46 -29.14
N MET P 202 54.86 -12.21 -28.58
CA MET P 202 55.08 -11.12 -27.63
C MET P 202 56.22 -10.24 -28.13
N VAL P 203 55.98 -8.94 -28.14
CA VAL P 203 56.98 -7.94 -28.51
C VAL P 203 57.19 -7.04 -27.30
N ILE P 204 58.45 -6.81 -26.95
CA ILE P 204 58.83 -5.91 -25.87
C ILE P 204 59.72 -4.81 -26.43
N VAL P 205 59.36 -3.56 -26.19
CA VAL P 205 60.06 -2.42 -26.73
C VAL P 205 60.38 -1.44 -25.60
N ASP P 206 61.20 -0.46 -25.92
CA ASP P 206 61.58 0.63 -25.03
C ASP P 206 60.79 1.90 -25.38
N PRO P 207 60.71 2.86 -24.45
CA PRO P 207 59.85 4.03 -24.69
C PRO P 207 60.17 4.80 -25.97
N ALA P 208 61.45 4.96 -26.29
CA ALA P 208 61.80 5.64 -27.54
C ALA P 208 61.30 4.86 -28.76
N THR P 209 61.43 3.54 -28.72
CA THR P 209 60.94 2.73 -29.82
C THR P 209 59.42 2.83 -29.95
N SER P 210 58.71 2.87 -28.82
CA SER P 210 57.25 3.03 -28.87
C SER P 210 56.87 4.38 -29.46
N LEU P 211 57.59 5.43 -29.06
CA LEU P 211 57.34 6.76 -29.61
C LEU P 211 57.56 6.78 -31.12
N LYS P 212 58.61 6.09 -31.59
CA LYS P 212 58.84 6.00 -33.03
C LYS P 212 57.74 5.17 -33.71
N LEU P 213 57.26 4.13 -33.03
CA LEU P 213 56.27 3.23 -33.63
C LEU P 213 54.95 3.95 -33.85
N VAL P 214 54.54 4.79 -32.91
CA VAL P 214 53.21 5.40 -33.01
C VAL P 214 53.17 6.45 -34.11
N LYS P 215 54.29 6.68 -34.79
CA LYS P 215 54.33 7.60 -35.91
C LYS P 215 53.64 7.00 -37.14
N PRO P 216 53.17 7.85 -38.06
CA PRO P 216 52.53 7.33 -39.27
C PRO P 216 53.51 6.54 -40.14
N TYR P 217 52.95 5.56 -40.85
CA TYR P 217 53.75 4.70 -41.73
C TYR P 217 54.06 5.43 -43.03
N ALA P 218 55.34 5.58 -43.33
CA ALA P 218 55.77 6.24 -44.56
C ALA P 218 55.98 5.23 -45.67
N CYS P 227 47.03 6.23 -43.78
CA CYS P 227 46.53 6.42 -42.42
C CYS P 227 46.78 5.17 -41.58
N GLU P 228 47.98 4.61 -41.73
CA GLU P 228 48.39 3.43 -40.99
C GLU P 228 49.66 3.74 -40.21
N LYS P 229 49.87 2.99 -39.12
CA LYS P 229 51.00 3.22 -38.23
C LYS P 229 52.00 2.08 -38.32
N TRP P 230 53.25 2.40 -37.95
CA TRP P 230 54.30 1.39 -37.92
C TRP P 230 53.93 0.24 -37.00
N GLU P 231 53.23 0.52 -35.90
CA GLU P 231 52.77 -0.53 -35.01
C GLU P 231 51.82 -1.48 -35.72
N ASP P 232 50.87 -0.93 -36.49
CA ASP P 232 49.94 -1.77 -37.23
C ASP P 232 50.67 -2.61 -38.27
N VAL P 233 51.65 -2.00 -38.96
CA VAL P 233 52.40 -2.73 -39.98
C VAL P 233 53.17 -3.89 -39.33
N LEU P 234 53.81 -3.63 -38.18
CA LEU P 234 54.55 -4.67 -37.49
C LEU P 234 53.61 -5.79 -37.02
N ILE P 235 52.44 -5.43 -36.51
CA ILE P 235 51.49 -6.45 -36.07
C ILE P 235 51.05 -7.31 -37.23
N GLN P 236 50.78 -6.70 -38.39
CA GLN P 236 50.39 -7.47 -39.56
C GLN P 236 51.53 -8.40 -40.01
N THR P 237 52.76 -7.90 -39.97
CA THR P 237 53.89 -8.73 -40.39
C THR P 237 54.06 -9.94 -39.48
N ILE P 238 53.92 -9.74 -38.16
CA ILE P 238 54.05 -10.85 -37.24
C ILE P 238 52.87 -11.82 -37.39
N LYS P 239 51.68 -11.28 -37.68
CA LYS P 239 50.52 -12.13 -37.89
C LYS P 239 50.69 -12.99 -39.13
N ALA P 240 51.41 -12.48 -40.13
CA ALA P 240 51.67 -13.27 -41.33
C ALA P 240 52.46 -14.53 -41.05
N ILE P 241 53.20 -14.58 -39.94
CA ILE P 241 54.02 -15.75 -39.62
C ILE P 241 53.48 -16.56 -38.44
N ASN P 242 52.66 -15.97 -37.56
CA ASN P 242 52.16 -16.71 -36.42
C ASN P 242 50.76 -17.29 -36.64
N ASN P 243 50.39 -17.52 -37.90
CA ASN P 243 49.09 -18.10 -38.27
C ASN P 243 47.93 -17.21 -37.81
N ARG P 244 48.09 -15.89 -37.99
CA ARG P 244 47.02 -14.92 -37.73
C ARG P 244 46.50 -15.02 -36.29
N GLU P 245 47.41 -15.11 -35.34
CA GLU P 245 47.04 -15.20 -33.94
C GLU P 245 47.45 -13.92 -33.20
N ASP P 246 47.23 -13.94 -31.88
CA ASP P 246 47.40 -12.74 -31.08
C ASP P 246 48.85 -12.29 -31.04
N VAL P 247 49.05 -10.98 -31.17
CA VAL P 247 50.36 -10.35 -31.05
C VAL P 247 50.23 -9.27 -29.97
N TYR P 248 50.95 -9.45 -28.88
CA TYR P 248 50.91 -8.51 -27.76
C TYR P 248 52.14 -7.61 -27.80
N ILE P 249 51.95 -6.35 -27.44
CA ILE P 249 53.02 -5.35 -27.44
C ILE P 249 53.13 -4.78 -26.04
N GLU P 250 54.35 -4.74 -25.50
CA GLU P 250 54.61 -4.26 -24.16
C GLU P 250 55.78 -3.27 -24.19
N THR P 251 55.74 -2.32 -23.27
CA THR P 251 56.80 -1.34 -23.11
C THR P 251 57.46 -1.53 -21.75
N SER P 252 58.79 -1.51 -21.75
CA SER P 252 59.57 -1.68 -20.53
C SER P 252 60.63 -0.60 -20.46
N ASN P 253 60.73 0.07 -19.32
CA ASN P 253 61.78 1.06 -19.09
C ASN P 253 63.13 0.42 -18.79
N LEU P 254 63.18 -0.90 -18.59
CA LEU P 254 64.43 -1.58 -18.33
C LEU P 254 65.30 -1.70 -19.57
N LEU P 255 64.72 -1.56 -20.76
CA LEU P 255 65.45 -1.70 -22.02
C LEU P 255 65.91 -0.34 -22.52
N LYS P 256 66.88 -0.37 -23.44
CA LYS P 256 67.43 0.83 -24.06
C LYS P 256 67.71 0.54 -25.53
N HIS P 257 66.85 1.02 -26.41
CA HIS P 257 67.02 0.86 -27.86
C HIS P 257 67.09 -0.61 -28.26
N LYS P 258 66.21 -1.42 -27.67
CA LYS P 258 66.14 -2.85 -27.94
C LYS P 258 64.71 -3.22 -28.30
N ILE P 259 64.58 -4.24 -29.14
CA ILE P 259 63.30 -4.84 -29.49
C ILE P 259 63.42 -6.35 -29.31
N LEU P 260 62.47 -6.93 -28.58
CA LEU P 260 62.44 -8.36 -28.34
C LEU P 260 61.17 -8.94 -28.92
N ILE P 261 61.30 -9.99 -29.73
CA ILE P 261 60.15 -10.69 -30.29
C ILE P 261 60.31 -12.18 -30.02
N TYR P 262 59.29 -12.79 -29.41
CA TYR P 262 59.39 -14.22 -29.11
C TYR P 262 57.99 -14.80 -28.94
N PRO P 263 57.82 -16.10 -29.20
CA PRO P 263 56.50 -16.71 -29.04
C PRO P 263 56.18 -17.05 -27.61
N LEU P 264 54.89 -17.03 -27.29
CA LEU P 264 54.39 -17.44 -25.98
C LEU P 264 53.94 -18.91 -26.02
N ASN P 265 54.88 -19.77 -26.39
CA ASN P 265 54.62 -21.19 -26.54
C ASN P 265 55.56 -21.97 -25.62
N SER P 266 54.98 -22.88 -24.83
CA SER P 266 55.77 -23.64 -23.86
C SER P 266 56.68 -24.66 -24.53
N GLU P 267 56.43 -25.02 -25.79
CA GLU P 267 57.26 -26.00 -26.48
C GLU P 267 58.56 -25.40 -27.01
N LEU P 268 58.69 -24.07 -27.05
CA LEU P 268 59.88 -23.41 -27.55
C LEU P 268 60.66 -22.72 -26.45
N ILE P 269 59.98 -21.96 -25.60
CA ILE P 269 60.61 -21.25 -24.49
C ILE P 269 59.91 -21.67 -23.19
N LYS P 270 60.69 -22.08 -22.21
CA LYS P 270 60.17 -22.55 -20.94
C LYS P 270 60.94 -21.90 -19.79
N PHE P 271 60.20 -21.37 -18.82
CA PHE P 271 60.79 -20.77 -17.64
C PHE P 271 60.59 -21.74 -16.47
N LYS P 272 61.69 -22.21 -15.89
CA LYS P 272 61.68 -23.20 -14.82
C LYS P 272 62.40 -22.62 -13.62
N PRO P 273 61.79 -21.66 -12.94
CA PRO P 273 62.45 -21.03 -11.80
C PRO P 273 62.47 -21.95 -10.59
N SER P 274 63.44 -21.70 -9.72
CA SER P 274 63.42 -22.35 -8.41
C SER P 274 62.18 -21.90 -7.65
N LYS P 275 61.57 -22.83 -6.91
CA LYS P 275 60.39 -22.44 -6.16
C LYS P 275 60.71 -21.57 -4.96
N TYR P 276 61.99 -21.20 -4.78
CA TYR P 276 62.41 -20.21 -3.80
C TYR P 276 62.94 -18.95 -4.46
N MET P 277 62.59 -18.73 -5.73
CA MET P 277 63.12 -17.58 -6.47
C MET P 277 62.68 -16.26 -5.84
N LEU P 278 61.41 -16.16 -5.45
CA LEU P 278 60.88 -14.94 -4.88
C LEU P 278 61.39 -14.79 -3.44
N PRO P 279 61.44 -13.55 -2.93
CA PRO P 279 62.08 -13.30 -1.63
C PRO P 279 61.50 -14.14 -0.51
N THR P 280 62.39 -14.65 0.34
CA THR P 280 62.01 -15.49 1.47
C THR P 280 62.83 -15.06 2.69
N PRO P 281 62.21 -14.91 3.85
CA PRO P 281 62.97 -14.52 5.05
C PRO P 281 63.93 -15.63 5.48
N ASN P 282 65.03 -15.22 6.08
CA ASN P 282 65.99 -16.14 6.69
C ASN P 282 65.69 -16.27 8.18
N GLU P 283 66.01 -17.44 8.73
CA GLU P 283 65.71 -17.69 10.13
C GLU P 283 66.61 -16.87 11.06
N GLN P 284 67.81 -16.52 10.62
CA GLN P 284 68.75 -15.81 11.46
C GLN P 284 68.32 -14.35 11.63
N VAL P 285 68.32 -13.88 12.88
CA VAL P 285 68.06 -12.48 13.20
C VAL P 285 69.17 -12.00 14.12
N ASP P 286 69.81 -10.89 13.76
CA ASP P 286 70.89 -10.32 14.56
C ASP P 286 70.31 -9.45 15.66
N LYS P 287 70.63 -9.78 16.91
CA LYS P 287 70.12 -9.05 18.06
C LYS P 287 71.27 -8.65 18.97
N ASP P 288 71.10 -7.52 19.65
CA ASP P 288 72.09 -7.04 20.61
C ASP P 288 71.36 -6.32 21.74
N SER P 289 72.11 -5.53 22.51
CA SER P 289 71.54 -4.83 23.65
C SER P 289 70.79 -3.55 23.27
N THR P 290 70.86 -3.13 22.01
CA THR P 290 70.17 -1.93 21.57
C THR P 290 68.80 -2.29 21.01
N ASP P 291 68.12 -1.31 20.42
CA ASP P 291 66.79 -1.49 19.86
C ASP P 291 66.81 -1.83 18.38
N VAL P 292 67.99 -1.96 17.77
CA VAL P 292 68.12 -2.19 16.35
C VAL P 292 68.47 -3.66 16.12
N ALA P 293 67.77 -4.29 15.17
CA ALA P 293 68.03 -5.66 14.78
C ALA P 293 68.28 -5.72 13.27
N HIS P 294 68.72 -6.88 12.80
CA HIS P 294 68.99 -7.09 11.39
C HIS P 294 68.38 -8.40 10.93
N SER P 295 67.93 -8.42 9.68
CA SER P 295 67.30 -9.59 9.10
C SER P 295 67.80 -9.79 7.68
N TYR P 296 67.62 -10.99 7.16
CA TYR P 296 68.15 -11.39 5.86
C TYR P 296 67.04 -11.92 4.98
N ILE P 297 67.14 -11.61 3.69
CA ILE P 297 66.18 -12.06 2.68
C ILE P 297 66.94 -12.80 1.59
N ASP P 298 66.45 -13.99 1.24
CA ASP P 298 67.08 -14.85 0.24
C ASP P 298 66.24 -14.88 -1.03
N PHE P 299 66.91 -14.98 -2.17
CA PHE P 299 66.23 -15.22 -3.43
C PHE P 299 67.15 -16.02 -4.35
N VAL P 300 66.57 -16.60 -5.40
CA VAL P 300 67.29 -17.50 -6.30
C VAL P 300 67.07 -17.04 -7.73
N LEU P 301 68.14 -17.00 -8.51
CA LEU P 301 68.10 -16.56 -9.90
C LEU P 301 68.47 -17.70 -10.83
N GLY P 302 67.87 -17.69 -12.02
CA GLY P 302 68.18 -18.66 -13.05
C GLY P 302 67.00 -19.54 -13.45
N GLY P 303 67.03 -20.08 -14.66
CA GLY P 303 66.03 -21.04 -15.06
C GLY P 303 65.34 -20.81 -16.39
N LEU P 304 65.86 -19.91 -17.22
CA LEU P 304 65.27 -19.65 -18.52
C LEU P 304 65.86 -20.61 -19.55
N LEU P 305 64.99 -21.28 -20.31
CA LEU P 305 65.39 -22.27 -21.29
C LEU P 305 64.68 -21.96 -22.61
N ALA P 306 65.42 -22.04 -23.71
CA ALA P 306 64.85 -21.73 -25.01
C ALA P 306 65.45 -22.64 -26.07
N THR P 307 64.70 -22.82 -27.15
CA THR P 307 65.23 -23.52 -28.32
C THR P 307 65.97 -22.54 -29.22
N ARG P 308 66.78 -23.09 -30.13
CA ARG P 308 67.63 -22.28 -30.99
C ARG P 308 66.81 -21.55 -32.04
N LYS P 309 67.18 -20.30 -32.30
CA LYS P 309 66.57 -19.48 -33.36
C LYS P 309 65.06 -19.31 -33.17
N THR P 310 64.68 -18.93 -31.95
CA THR P 310 63.29 -18.63 -31.66
C THR P 310 63.07 -17.26 -31.03
N ILE P 311 64.14 -16.50 -30.79
CA ILE P 311 64.05 -15.16 -30.21
C ILE P 311 64.73 -14.19 -31.16
N LEU P 312 64.03 -13.09 -31.46
CA LEU P 312 64.57 -12.02 -32.30
C LEU P 312 64.93 -10.85 -31.40
N GLN P 313 66.21 -10.49 -31.38
CA GLN P 313 66.75 -9.42 -30.56
C GLN P 313 67.33 -8.36 -31.48
N VAL P 314 66.72 -7.19 -31.51
CA VAL P 314 67.15 -6.08 -32.37
C VAL P 314 67.74 -4.99 -31.49
N ASN P 315 68.97 -4.59 -31.80
CA ASN P 315 69.66 -3.52 -31.07
C ASN P 315 69.89 -2.35 -32.00
N ILE P 316 69.44 -1.16 -31.59
CA ILE P 316 69.62 0.06 -32.38
C ILE P 316 70.83 0.78 -31.81
N LYS P 317 71.97 0.67 -32.50
CA LYS P 317 73.19 1.30 -32.02
C LYS P 317 73.04 2.82 -32.07
N GLN P 318 73.45 3.48 -30.99
CA GLN P 318 73.40 4.94 -30.91
C GLN P 318 74.70 5.61 -31.34
N SER P 319 75.77 4.85 -31.52
CA SER P 319 77.05 5.42 -31.92
C SER P 319 77.96 4.35 -32.50
N LEU Q 3 57.74 -18.24 30.62
CA LEU Q 3 59.00 -17.51 30.50
C LEU Q 3 59.98 -17.97 31.57
N PHE Q 4 59.50 -18.09 32.80
CA PHE Q 4 60.36 -18.52 33.90
C PHE Q 4 60.81 -19.96 33.76
N ASP Q 5 60.12 -20.75 32.94
CA ASP Q 5 60.56 -22.11 32.64
C ASP Q 5 61.60 -22.15 31.52
N GLU Q 6 61.94 -21.01 30.93
CA GLU Q 6 62.90 -20.95 29.85
C GLU Q 6 64.01 -19.93 30.05
N ASN Q 7 63.81 -18.91 30.89
CA ASN Q 7 64.80 -17.86 31.11
C ASN Q 7 65.26 -17.87 32.56
N TYR Q 8 66.38 -18.54 32.81
CA TYR Q 8 66.92 -18.62 34.16
C TYR Q 8 67.32 -17.25 34.68
N TYR Q 9 67.90 -16.42 33.80
CA TYR Q 9 68.31 -15.09 34.22
C TYR Q 9 67.11 -14.24 34.65
N ALA Q 10 66.02 -14.32 33.88
CA ALA Q 10 64.79 -13.63 34.28
C ALA Q 10 64.26 -14.19 35.60
N LYS Q 11 64.27 -15.51 35.77
CA LYS Q 11 63.81 -16.10 37.01
C LYS Q 11 64.64 -15.62 38.21
N ALA Q 12 65.96 -15.59 38.05
CA ALA Q 12 66.83 -15.18 39.13
C ALA Q 12 66.65 -13.70 39.46
N VAL Q 13 66.49 -12.86 38.44
CA VAL Q 13 66.22 -11.45 38.69
C VAL Q 13 64.91 -11.27 39.44
N ALA Q 14 63.88 -12.03 39.05
CA ALA Q 14 62.61 -11.97 39.76
C ALA Q 14 62.77 -12.40 41.22
N ASN Q 15 63.58 -13.44 41.46
CA ASN Q 15 63.73 -13.94 42.82
C ASN Q 15 64.57 -13.00 43.69
N ILE Q 16 65.50 -12.26 43.10
CA ILE Q 16 66.44 -11.46 43.87
C ILE Q 16 66.13 -9.97 43.81
N ILE Q 17 65.08 -9.55 43.10
CA ILE Q 17 64.79 -8.13 42.99
C ILE Q 17 64.40 -7.53 44.34
N GLY Q 18 63.92 -8.35 45.27
CA GLY Q 18 63.47 -7.85 46.55
C GLY Q 18 64.57 -7.50 47.54
N GLU Q 19 65.81 -7.91 47.26
CA GLU Q 19 66.92 -7.65 48.16
C GLU Q 19 67.66 -6.36 47.87
N VAL Q 20 67.24 -5.59 46.87
CA VAL Q 20 67.84 -4.31 46.57
C VAL Q 20 67.10 -3.22 47.34
N LYS Q 21 67.84 -2.42 48.09
CA LYS Q 21 67.23 -1.40 48.94
C LYS Q 21 66.66 -0.26 48.11
N ASP Q 22 65.69 0.43 48.69
CA ASP Q 22 65.05 1.56 48.01
C ASP Q 22 66.02 2.73 47.88
N PRO Q 23 65.87 3.54 46.84
CA PRO Q 23 66.74 4.72 46.69
C PRO Q 23 66.52 5.71 47.82
N ILE Q 24 67.58 6.45 48.14
CA ILE Q 24 67.49 7.48 49.18
C ILE Q 24 66.94 8.79 48.67
N MET Q 25 66.73 8.93 47.36
CA MET Q 25 66.14 10.13 46.82
C MET Q 25 64.68 10.31 47.24
N TYR Q 26 64.03 9.24 47.69
CA TYR Q 26 62.63 9.32 48.07
C TYR Q 26 62.42 10.21 49.29
N LYS Q 27 63.42 10.30 50.17
CA LYS Q 27 63.30 11.13 51.37
C LYS Q 27 63.34 12.62 51.07
N TRP Q 28 63.69 13.00 49.84
CA TRP Q 28 63.80 14.42 49.48
C TRP Q 28 62.53 14.96 48.84
N PHE Q 29 61.48 14.15 48.70
CA PHE Q 29 60.26 14.58 48.04
C PHE Q 29 59.06 14.03 48.79
N SER Q 30 57.93 14.72 48.64
CA SER Q 30 56.67 14.26 49.20
C SER Q 30 56.05 13.20 48.29
N PRO Q 31 55.16 12.36 48.84
CA PRO Q 31 54.55 11.31 48.01
C PRO Q 31 53.80 11.85 46.80
N ASP Q 32 53.20 13.03 46.91
CA ASP Q 32 52.46 13.62 45.79
C ASP Q 32 53.35 14.33 44.79
N GLN Q 33 54.62 14.55 45.12
CA GLN Q 33 55.51 15.30 44.23
C GLN Q 33 56.06 14.45 43.09
N ILE Q 34 55.97 13.13 43.19
CA ILE Q 34 56.57 12.21 42.23
C ILE Q 34 55.47 11.54 41.42
N GLU Q 35 55.56 11.64 40.09
CA GLU Q 35 54.57 11.04 39.20
C GLU Q 35 55.30 10.44 38.01
N ASP Q 36 55.13 9.14 37.80
CA ASP Q 36 55.85 8.44 36.74
C ASP Q 36 55.28 8.79 35.37
N VAL Q 37 56.16 8.72 34.36
CA VAL Q 37 55.77 8.89 32.96
C VAL Q 37 56.24 7.68 32.17
N ASP Q 38 55.53 7.40 31.07
CA ASP Q 38 55.78 6.22 30.25
C ASP Q 38 56.61 6.66 29.04
N LEU Q 39 57.93 6.51 29.16
CA LEU Q 39 58.87 6.94 28.14
C LEU Q 39 60.23 6.36 28.48
N GLN Q 40 61.04 6.14 27.44
CA GLN Q 40 62.41 5.67 27.63
C GLN Q 40 63.45 6.67 27.16
N MET Q 41 63.27 7.26 25.97
CA MET Q 41 64.14 8.32 25.50
C MET Q 41 63.33 9.26 24.63
N GLY Q 42 63.56 10.55 24.80
CA GLY Q 42 62.85 11.59 24.10
C GLY Q 42 62.45 12.70 25.04
N TYR Q 43 61.65 13.62 24.53
CA TYR Q 43 61.19 14.76 25.31
C TYR Q 43 59.67 14.69 25.48
N GLN Q 44 59.20 15.31 26.56
CA GLN Q 44 57.78 15.40 26.85
C GLN Q 44 57.46 16.83 27.26
N LYS Q 45 56.35 17.35 26.76
CA LYS Q 45 55.97 18.73 26.97
C LYS Q 45 54.82 18.84 27.95
N THR Q 46 54.89 19.86 28.81
CA THR Q 46 53.85 20.13 29.80
C THR Q 46 53.34 21.54 29.59
N VAL Q 47 52.01 21.70 29.61
CA VAL Q 47 51.36 22.98 29.37
C VAL Q 47 50.65 23.41 30.65
N LYS Q 48 50.89 24.66 31.07
CA LYS Q 48 50.27 25.24 32.25
C LYS Q 48 49.44 26.45 31.82
N TRP Q 49 48.20 26.50 32.28
CA TRP Q 49 47.27 27.57 31.93
C TRP Q 49 47.09 28.53 33.10
N ASP Q 50 46.96 29.82 32.79
CA ASP Q 50 46.73 30.85 33.79
C ASP Q 50 45.63 31.78 33.31
N ALA Q 51 44.97 32.44 34.27
CA ALA Q 51 43.91 33.38 33.98
C ALA Q 51 44.23 34.73 34.62
N PHE Q 52 43.65 35.79 34.07
CA PHE Q 52 43.86 37.13 34.59
C PHE Q 52 42.63 37.98 34.31
N LEU Q 53 42.48 39.04 35.09
CA LEU Q 53 41.36 39.96 34.98
C LEU Q 53 41.78 41.16 34.14
N ASN Q 54 40.91 41.56 33.22
CA ASN Q 54 41.22 42.67 32.31
C ASN Q 54 40.78 44.02 32.86
N ALA Q 55 39.75 44.06 33.69
CA ALA Q 55 39.23 45.32 34.21
C ALA Q 55 38.42 45.02 35.47
N ASN Q 56 37.90 46.07 36.08
CA ASN Q 56 37.05 45.92 37.24
C ASN Q 56 35.75 45.23 36.86
N PRO Q 57 35.11 44.54 37.81
CA PRO Q 57 33.84 43.87 37.49
C PRO Q 57 32.77 44.86 37.07
N THR Q 58 31.72 44.34 36.46
CA THR Q 58 30.61 45.13 35.97
C THR Q 58 29.41 44.97 36.89
N THR Q 59 28.84 46.09 37.32
CA THR Q 59 27.65 46.06 38.16
C THR Q 59 26.44 45.75 37.29
N ILE Q 60 25.64 44.76 37.72
CA ILE Q 60 24.48 44.33 36.96
C ILE Q 60 23.27 45.08 37.51
N ALA Q 61 22.85 46.11 36.79
CA ALA Q 61 21.69 46.91 37.17
C ALA Q 61 20.95 47.31 35.92
N ASN Q 62 19.63 47.10 35.93
CA ASN Q 62 18.75 47.42 34.79
C ASN Q 62 19.24 46.61 33.59
N GLU Q 63 19.44 47.22 32.42
CA GLU Q 63 19.91 46.52 31.25
C GLU Q 63 21.32 46.96 30.90
N VAL Q 64 22.18 46.01 30.59
CA VAL Q 64 23.55 46.31 30.18
C VAL Q 64 24.05 45.14 29.32
N ASN Q 65 24.76 45.49 28.25
CA ASN Q 65 25.29 44.51 27.31
C ASN Q 65 26.80 44.35 27.37
N THR Q 66 27.51 45.37 27.84
CA THR Q 66 28.96 45.39 27.80
C THR Q 66 29.50 44.98 29.17
N ILE Q 67 30.25 43.89 29.22
CA ILE Q 67 30.74 43.31 30.46
C ILE Q 67 32.25 43.22 30.41
N SER Q 68 32.87 43.19 31.59
CA SER Q 68 34.31 43.02 31.70
C SER Q 68 34.71 41.58 31.36
N THR Q 69 35.95 41.43 30.93
CA THR Q 69 36.44 40.17 30.39
C THR Q 69 37.56 39.59 31.27
N ILE Q 70 37.71 38.28 31.18
CA ILE Q 70 38.78 37.55 31.85
C ILE Q 70 39.64 36.91 30.77
N GLY Q 71 40.94 37.19 30.80
CA GLY Q 71 41.86 36.66 29.81
C GLY Q 71 42.49 35.35 30.23
N PHE Q 72 43.28 34.78 29.32
CA PHE Q 72 43.95 33.52 29.55
C PHE Q 72 45.35 33.55 28.93
N SER Q 73 46.23 32.69 29.44
CA SER Q 73 47.59 32.59 28.95
C SER Q 73 48.09 31.18 29.22
N SER Q 74 49.20 30.82 28.57
CA SER Q 74 49.74 29.48 28.70
C SER Q 74 51.27 29.52 28.64
N GLU Q 75 51.88 28.49 29.20
CA GLU Q 75 53.32 28.28 29.13
C GLU Q 75 53.59 26.82 28.81
N VAL Q 76 54.69 26.58 28.09
CA VAL Q 76 55.08 25.24 27.67
C VAL Q 76 56.47 24.95 28.22
N VAL Q 77 56.63 23.79 28.85
CA VAL Q 77 57.90 23.36 29.41
C VAL Q 77 58.26 22.00 28.83
N ARG Q 78 59.50 21.86 28.37
CA ARG Q 78 59.98 20.64 27.74
C ARG Q 78 61.00 19.96 28.64
N LEU Q 79 60.80 18.66 28.89
CA LEU Q 79 61.67 17.87 29.75
C LEU Q 79 62.29 16.75 28.92
N ASN Q 80 63.61 16.64 28.99
CA ASN Q 80 64.36 15.64 28.22
C ASN Q 80 64.65 14.41 29.08
N TYR Q 81 64.77 13.26 28.42
CA TYR Q 81 65.10 12.01 29.08
C TYR Q 81 66.19 11.30 28.29
N LEU Q 82 66.99 10.50 29.00
CA LEU Q 82 68.13 9.83 28.40
C LEU Q 82 68.20 8.39 28.87
N LYS Q 83 68.54 7.48 27.96
CA LYS Q 83 68.67 6.07 28.27
C LYS Q 83 70.14 5.68 28.34
N LEU Q 84 70.51 4.94 29.38
CA LEU Q 84 71.91 4.59 29.63
C LEU Q 84 71.98 3.10 29.99
N GLN Q 85 73.15 2.52 29.76
CA GLN Q 85 73.31 1.08 29.89
C GLN Q 85 74.69 0.74 30.47
N TYR Q 86 74.76 -0.39 31.14
CA TYR Q 86 76.00 -0.94 31.68
C TYR Q 86 76.06 -2.43 31.36
N LYS Q 87 77.28 -2.95 31.27
CA LYS Q 87 77.51 -4.37 31.00
C LYS Q 87 78.36 -4.97 32.12
N PHE Q 88 78.11 -6.24 32.43
CA PHE Q 88 78.89 -6.92 33.45
C PHE Q 88 79.02 -8.40 33.10
N ARG Q 89 80.14 -8.98 33.50
CA ARG Q 89 80.45 -10.39 33.26
C ARG Q 89 80.12 -11.23 34.48
N HIS Q 90 79.74 -12.48 34.23
CA HIS Q 90 79.36 -13.40 35.30
C HIS Q 90 79.54 -14.83 34.79
N LEU Q 91 79.29 -15.78 35.68
CA LEU Q 91 79.34 -17.19 35.31
C LEU Q 91 78.02 -17.64 34.71
N LYS Q 92 78.09 -18.66 33.86
CA LYS Q 92 76.88 -19.23 33.27
C LYS Q 92 76.15 -20.10 34.30
N GLN Q 93 74.85 -20.25 34.08
CA GLN Q 93 74.02 -21.02 35.01
C GLN Q 93 74.47 -22.48 35.09
N THR Q 94 74.76 -23.08 33.93
CA THR Q 94 75.13 -24.50 33.91
C THR Q 94 76.54 -24.74 34.43
N SER Q 95 77.35 -23.69 34.61
CA SER Q 95 78.73 -23.84 35.07
C SER Q 95 78.90 -23.59 36.55
N GLU Q 96 77.82 -23.33 37.30
CA GLU Q 96 77.96 -22.99 38.70
C GLU Q 96 78.39 -24.18 39.55
N LYS Q 97 77.93 -25.39 39.21
CA LYS Q 97 78.24 -26.56 40.01
C LYS Q 97 79.73 -26.88 40.02
N PHE Q 98 80.48 -26.38 39.05
CA PHE Q 98 81.93 -26.56 39.01
C PHE Q 98 82.66 -25.49 39.80
N TYR Q 99 81.94 -24.54 40.39
CA TYR Q 99 82.53 -23.52 41.25
C TYR Q 99 81.87 -23.45 42.62
N THR Q 100 80.85 -24.27 42.87
CA THR Q 100 80.16 -24.26 44.16
C THR Q 100 81.03 -24.87 45.25
N SER Q 101 81.81 -24.03 45.94
CA SER Q 101 82.63 -24.50 47.04
C SER Q 101 81.77 -24.72 48.30
N ASP Q 102 82.43 -25.13 49.38
CA ASP Q 102 81.72 -25.39 50.62
C ASP Q 102 81.13 -24.11 51.21
N SER Q 103 81.86 -23.00 51.14
CA SER Q 103 81.47 -21.77 51.81
C SER Q 103 80.91 -20.71 50.88
N TYR Q 104 81.06 -20.87 49.57
CA TYR Q 104 80.65 -19.82 48.63
C TYR Q 104 80.54 -20.42 47.24
N ILE Q 105 80.12 -19.58 46.30
CA ILE Q 105 80.04 -19.94 44.88
C ILE Q 105 80.75 -18.85 44.09
N GLY Q 106 81.62 -19.25 43.17
CA GLY Q 106 82.33 -18.30 42.34
C GLY Q 106 83.83 -18.49 42.33
N ASP Q 107 84.48 -17.93 41.30
CA ASP Q 107 85.94 -18.04 41.15
C ASP Q 107 86.58 -16.82 41.80
N ILE Q 108 87.15 -17.02 42.99
CA ILE Q 108 87.79 -15.92 43.71
C ILE Q 108 89.00 -15.40 42.96
N ASN Q 109 89.84 -16.31 42.46
CA ASN Q 109 91.09 -15.91 41.82
C ASN Q 109 90.85 -15.10 40.56
N ASN Q 110 89.74 -15.34 39.87
CA ASN Q 110 89.42 -14.64 38.62
C ASN Q 110 88.31 -13.62 38.78
N ASN Q 111 87.76 -13.46 39.98
CA ASN Q 111 86.72 -12.47 40.27
C ASN Q 111 85.50 -12.69 39.38
N LEU Q 112 84.93 -13.88 39.50
CA LEU Q 112 83.71 -14.25 38.77
C LEU Q 112 82.65 -14.67 39.77
N LEU Q 113 81.47 -14.10 39.64
CA LEU Q 113 80.37 -14.32 40.57
C LEU Q 113 79.20 -14.99 39.87
N PRO Q 114 78.28 -15.59 40.63
CA PRO Q 114 77.01 -16.00 40.04
C PRO Q 114 76.20 -14.80 39.58
N PHE Q 115 75.28 -15.06 38.65
CA PHE Q 115 74.52 -13.98 38.02
C PHE Q 115 73.72 -13.18 39.03
N ALA Q 116 73.10 -13.87 40.00
CA ALA Q 116 72.25 -13.18 40.96
C ALA Q 116 73.03 -12.15 41.77
N GLN Q 117 74.15 -12.58 42.36
CA GLN Q 117 74.96 -11.66 43.16
C GLN Q 117 75.56 -10.55 42.31
N ALA Q 118 76.04 -10.89 41.11
CA ALA Q 118 76.61 -9.86 40.25
C ALA Q 118 75.57 -8.82 39.90
N TYR Q 119 74.35 -9.26 39.56
CA TYR Q 119 73.29 -8.33 39.23
C TYR Q 119 72.91 -7.46 40.42
N LYS Q 120 72.85 -8.05 41.62
CA LYS Q 120 72.51 -7.27 42.80
C LYS Q 120 73.53 -6.16 43.05
N LEU Q 121 74.83 -6.50 42.98
CA LEU Q 121 75.86 -5.50 43.22
C LEU Q 121 75.84 -4.41 42.14
N ALA Q 122 75.68 -4.81 40.88
CA ALA Q 122 75.64 -3.83 39.81
C ALA Q 122 74.44 -2.90 39.95
N SER Q 123 73.28 -3.45 40.32
CA SER Q 123 72.10 -2.64 40.53
C SER Q 123 72.31 -1.66 41.67
N SER Q 124 72.96 -2.10 42.75
CA SER Q 124 73.23 -1.18 43.86
C SER Q 124 74.10 -0.02 43.42
N GLU Q 125 75.16 -0.31 42.66
CA GLU Q 125 76.04 0.76 42.17
C GLU Q 125 75.28 1.72 41.26
N ILE Q 126 74.45 1.18 40.36
CA ILE Q 126 73.70 2.02 39.44
C ILE Q 126 72.71 2.90 40.20
N ILE Q 127 72.07 2.36 41.24
CA ILE Q 127 71.14 3.14 42.04
C ILE Q 127 71.87 4.26 42.77
N LYS Q 128 73.07 3.99 43.27
CA LYS Q 128 73.86 5.07 43.87
C LYS Q 128 74.13 6.17 42.85
N LEU Q 129 74.51 5.79 41.63
CA LEU Q 129 74.76 6.79 40.59
C LEU Q 129 73.50 7.60 40.29
N ILE Q 130 72.35 6.92 40.22
CA ILE Q 130 71.09 7.62 39.93
C ILE Q 130 70.76 8.62 41.03
N ASN Q 131 70.93 8.22 42.29
CA ASN Q 131 70.68 9.14 43.40
C ASN Q 131 71.60 10.35 43.31
N HIS Q 132 72.88 10.12 43.02
CA HIS Q 132 73.80 11.24 42.88
C HIS Q 132 73.37 12.19 41.76
N PHE Q 133 72.93 11.63 40.63
CA PHE Q 133 72.45 12.50 39.55
C PHE Q 133 71.23 13.29 39.97
N VAL Q 134 70.27 12.64 40.63
CA VAL Q 134 69.05 13.33 41.03
C VAL Q 134 69.39 14.49 41.96
N LEU Q 135 70.37 14.30 42.85
CA LEU Q 135 70.71 15.36 43.78
C LEU Q 135 71.49 16.48 43.11
N THR Q 136 72.47 16.16 42.26
CA THR Q 136 73.45 17.15 41.84
C THR Q 136 73.35 17.60 40.40
N GLY Q 137 72.65 16.87 39.54
CA GLY Q 137 72.54 17.23 38.14
C GLY Q 137 73.73 16.88 37.28
N THR Q 138 74.67 16.08 37.79
CA THR Q 138 75.86 15.68 37.05
C THR Q 138 76.07 14.19 37.18
N VAL Q 139 76.75 13.61 36.19
CA VAL Q 139 77.10 12.20 36.17
C VAL Q 139 78.61 12.10 36.03
N SER Q 140 79.26 11.46 37.00
CA SER Q 140 80.70 11.26 36.98
C SER Q 140 81.06 10.14 37.93
N ILE Q 141 82.19 9.49 37.66
CA ILE Q 141 82.69 8.41 38.50
C ILE Q 141 83.97 8.79 39.22
N GLN Q 142 84.44 10.02 39.09
CA GLN Q 142 85.62 10.48 39.79
C GLN Q 142 85.23 11.31 41.00
N LYS Q 143 85.98 11.15 42.09
CA LYS Q 143 85.71 11.91 43.31
C LYS Q 143 85.92 13.40 43.09
N ASP Q 144 86.83 13.77 42.17
CA ASP Q 144 87.04 15.18 41.86
C ASP Q 144 85.90 15.77 41.05
N GLY Q 145 85.07 14.94 40.44
CA GLY Q 145 83.97 15.44 39.64
C GLY Q 145 84.32 15.78 38.21
N LYS Q 146 85.53 15.46 37.75
CA LYS Q 146 85.92 15.71 36.38
C LYS Q 146 85.51 14.53 35.50
N ASN Q 147 85.79 14.66 34.20
CA ASN Q 147 85.37 13.66 33.20
C ASN Q 147 83.87 13.40 33.29
N GLN Q 148 83.10 14.46 33.33
CA GLN Q 148 81.65 14.35 33.43
C GLN Q 148 81.06 13.94 32.09
N LYS Q 149 80.01 13.13 32.15
CA LYS Q 149 79.27 12.78 30.95
C LYS Q 149 78.46 13.97 30.46
N ARG Q 150 78.58 14.29 29.18
CA ARG Q 150 77.81 15.38 28.61
C ARG Q 150 76.35 14.98 28.50
N LEU Q 151 75.48 15.78 29.10
CA LEU Q 151 74.05 15.49 29.16
C LEU Q 151 73.27 16.43 28.25
N LEU Q 152 71.98 16.18 28.14
CA LEU Q 152 71.11 16.95 27.27
C LEU Q 152 70.64 18.22 27.98
N PRO Q 153 70.24 19.23 27.21
CA PRO Q 153 69.56 20.39 27.81
C PRO Q 153 68.22 19.97 28.41
N ASN Q 154 67.71 20.82 29.31
CA ASN Q 154 66.49 20.54 30.05
C ASN Q 154 66.63 19.29 30.91
N MET Q 155 67.85 19.01 31.36
CA MET Q 155 68.13 17.89 32.26
C MET Q 155 68.92 18.45 33.44
N TYR Q 156 68.23 18.70 34.55
CA TYR Q 156 68.83 19.37 35.69
C TYR Q 156 68.51 18.61 36.98
N GLY Q 157 69.35 18.83 37.99
CA GLY Q 157 69.10 18.35 39.32
C GLY Q 157 68.72 19.48 40.26
N LEU Q 158 68.56 19.13 41.53
CA LEU Q 158 68.18 20.13 42.52
C LEU Q 158 69.27 21.17 42.73
N LEU Q 159 70.53 20.80 42.54
CA LEU Q 159 71.64 21.69 42.85
C LEU Q 159 72.08 22.56 41.68
N ASN Q 160 71.80 22.15 40.43
CA ASN Q 160 72.21 22.91 39.27
C ASN Q 160 71.04 23.50 38.50
N MET Q 161 69.85 23.50 39.07
CA MET Q 161 68.70 24.07 38.38
C MET Q 161 68.89 25.57 38.17
N PRO Q 162 68.71 26.08 36.96
CA PRO Q 162 68.94 27.50 36.70
C PRO Q 162 67.80 28.35 37.25
N GLU Q 163 68.07 29.65 37.33
CA GLU Q 163 67.10 30.66 37.77
C GLU Q 163 66.57 30.36 39.17
N GLN Q 164 67.49 30.09 40.09
CA GLN Q 164 67.19 29.93 41.51
C GLN Q 164 68.04 30.92 42.30
N ILE Q 165 67.85 30.94 43.62
CA ILE Q 165 68.57 31.89 44.47
C ILE Q 165 69.86 31.22 44.94
N LYS Q 166 70.99 31.89 44.73
CA LYS Q 166 72.29 31.37 45.07
C LYS Q 166 73.00 32.32 46.02
N GLU Q 167 73.54 31.79 47.11
CA GLU Q 167 74.29 32.56 48.08
C GLU Q 167 75.65 31.92 48.28
N GLU Q 168 76.66 32.76 48.53
CA GLU Q 168 78.04 32.31 48.67
C GLU Q 168 78.62 32.86 49.97
N VAL Q 169 78.99 31.96 50.87
CA VAL Q 169 79.70 32.33 52.09
C VAL Q 169 81.19 32.33 51.78
N ALA Q 170 81.87 33.42 52.10
CA ALA Q 170 83.26 33.61 51.72
C ALA Q 170 84.17 32.64 52.48
N SER Q 171 85.38 32.48 51.95
CA SER Q 171 86.34 31.56 52.55
C SER Q 171 86.74 32.00 53.95
N GLY Q 172 86.91 33.32 54.15
CA GLY Q 172 87.28 33.82 55.46
C GLY Q 172 86.22 33.61 56.51
N ASP Q 173 84.96 33.41 56.11
CA ASP Q 173 83.87 33.18 57.03
C ASP Q 173 83.32 31.77 56.94
N LYS Q 174 84.15 30.81 56.51
CA LYS Q 174 83.71 29.43 56.37
C LYS Q 174 83.39 28.78 57.71
N ASP Q 175 83.90 29.34 58.81
CA ASP Q 175 83.71 28.77 60.14
C ASP Q 175 82.79 29.59 61.02
N LYS Q 176 82.08 30.56 60.45
CA LYS Q 176 81.23 31.47 61.22
C LYS Q 176 79.76 31.16 60.91
N MET Q 177 79.11 30.47 61.84
CA MET Q 177 77.69 30.16 61.68
C MET Q 177 76.84 31.42 61.59
N ASP Q 178 77.28 32.50 62.24
CA ASP Q 178 76.56 33.78 62.12
C ASP Q 178 76.56 34.26 60.68
N LYS Q 179 77.71 34.20 60.01
CA LYS Q 179 77.78 34.59 58.61
C LYS Q 179 76.96 33.65 57.73
N ILE Q 180 77.04 32.35 58.02
CA ILE Q 180 76.29 31.37 57.22
C ILE Q 180 74.80 31.64 57.32
N PHE Q 181 74.30 31.90 58.52
CA PHE Q 181 72.87 32.18 58.66
C PHE Q 181 72.50 33.57 58.17
N GLU Q 182 73.43 34.52 58.15
CA GLU Q 182 73.14 35.78 57.47
C GLU Q 182 72.87 35.55 55.99
N LYS Q 183 73.73 34.74 55.35
CA LYS Q 183 73.50 34.41 53.94
C LYS Q 183 72.20 33.64 53.76
N ILE Q 184 71.91 32.71 54.67
CA ILE Q 184 70.68 31.92 54.56
C ILE Q 184 69.45 32.81 54.71
N GLU Q 185 69.49 33.77 55.64
CA GLU Q 185 68.37 34.70 55.80
C GLU Q 185 68.20 35.57 54.56
N ALA Q 186 69.30 36.03 53.97
CA ALA Q 186 69.19 36.81 52.73
C ALA Q 186 68.53 35.99 51.64
N GLY Q 187 68.95 34.74 51.48
CA GLY Q 187 68.33 33.88 50.48
C GLY Q 187 66.86 33.61 50.74
N LEU Q 188 66.52 33.36 52.01
CA LEU Q 188 65.12 33.10 52.37
C LEU Q 188 64.26 34.32 52.09
N SER Q 189 64.78 35.51 52.34
CA SER Q 189 64.06 36.72 51.97
C SER Q 189 63.89 36.82 50.45
N LYS Q 190 64.94 36.47 49.69
CA LYS Q 190 64.85 36.53 48.24
C LYS Q 190 63.96 35.44 47.65
N LEU Q 191 63.58 34.42 48.42
CA LEU Q 191 62.69 33.39 47.92
C LEU Q 191 61.34 33.98 47.54
N GLU Q 192 60.72 33.40 46.50
CA GLU Q 192 59.43 33.85 45.98
C GLU Q 192 58.51 32.64 45.81
N LEU Q 193 57.73 32.34 46.84
CA LEU Q 193 56.81 31.22 46.80
C LEU Q 193 55.44 31.58 46.23
N GLY Q 194 55.19 32.85 45.95
CA GLY Q 194 53.91 33.26 45.39
C GLY Q 194 52.76 33.02 46.36
N ASP Q 195 51.68 32.47 45.83
CA ASP Q 195 50.48 32.21 46.60
C ASP Q 195 50.48 30.82 47.24
N GLU Q 196 51.54 30.05 47.09
CA GLU Q 196 51.67 28.72 47.67
C GLU Q 196 52.68 28.70 48.82
N PHE Q 197 52.85 29.83 49.49
CA PHE Q 197 53.85 29.93 50.55
C PHE Q 197 53.51 29.08 51.76
N SER Q 198 52.25 28.72 51.96
CA SER Q 198 51.83 27.92 53.11
C SER Q 198 52.07 26.43 52.77
N THR Q 199 53.33 26.05 52.78
CA THR Q 199 53.74 24.70 52.42
C THR Q 199 54.90 24.26 53.30
N PRO Q 200 55.03 22.96 53.55
CA PRO Q 200 56.20 22.46 54.26
C PRO Q 200 57.48 22.69 53.47
N MET Q 201 58.58 22.85 54.18
CA MET Q 201 59.88 23.11 53.56
C MET Q 201 60.88 22.03 53.94
N MET Q 202 61.86 21.81 53.06
CA MET Q 202 62.87 20.79 53.24
C MET Q 202 64.25 21.40 53.07
N VAL Q 203 65.16 21.02 53.95
CA VAL Q 203 66.55 21.47 53.94
C VAL Q 203 67.44 20.24 53.87
N ILE Q 204 68.47 20.31 53.03
CA ILE Q 204 69.47 19.27 52.88
C ILE Q 204 70.83 19.88 53.14
N VAL Q 205 71.60 19.26 54.04
CA VAL Q 205 72.91 19.77 54.46
C VAL Q 205 73.95 18.67 54.40
N ASP Q 206 75.19 19.08 54.25
CA ASP Q 206 76.33 18.18 54.29
C ASP Q 206 76.70 17.87 55.75
N PRO Q 207 77.42 16.77 55.99
CA PRO Q 207 77.71 16.38 57.38
C PRO Q 207 78.46 17.43 58.19
N ALA Q 208 79.38 18.17 57.59
CA ALA Q 208 80.10 19.20 58.32
C ALA Q 208 79.15 20.31 58.79
N THR Q 209 78.27 20.76 57.89
CA THR Q 209 77.29 21.77 58.28
C THR Q 209 76.33 21.23 59.33
N SER Q 210 75.95 19.94 59.20
CA SER Q 210 75.06 19.35 60.20
C SER Q 210 75.72 19.33 61.57
N LEU Q 211 77.02 19.03 61.63
CA LEU Q 211 77.74 19.08 62.90
C LEU Q 211 77.86 20.51 63.41
N LYS Q 212 78.00 21.49 62.52
CA LYS Q 212 78.00 22.87 62.97
C LYS Q 212 76.65 23.29 63.53
N LEU Q 213 75.56 22.68 63.02
CA LEU Q 213 74.21 23.11 63.41
C LEU Q 213 73.84 22.72 64.83
N VAL Q 214 74.56 21.80 65.48
CA VAL Q 214 74.18 21.35 66.81
C VAL Q 214 74.88 22.14 67.91
N LYS Q 215 75.69 23.13 67.55
CA LYS Q 215 76.31 23.98 68.55
C LYS Q 215 75.28 24.90 69.19
N PRO Q 216 75.50 25.33 70.43
CA PRO Q 216 74.62 26.33 71.04
C PRO Q 216 74.62 27.63 70.24
N TYR Q 217 73.46 28.27 70.19
CA TYR Q 217 73.31 29.50 69.41
C TYR Q 217 74.16 30.61 70.02
N ALA Q 218 74.82 31.38 69.15
CA ALA Q 218 75.66 32.49 69.60
C ALA Q 218 75.21 33.79 68.95
N ALA Q 223 77.33 36.00 72.79
CA ALA Q 223 77.96 34.87 73.48
C ALA Q 223 77.12 33.61 73.35
N ALA Q 224 77.64 32.50 73.87
CA ALA Q 224 76.93 31.24 73.81
C ALA Q 224 75.66 31.30 74.65
N SER Q 225 74.63 30.58 74.19
CA SER Q 225 73.34 30.56 74.84
C SER Q 225 73.06 29.18 75.43
N SER Q 226 71.90 29.04 76.06
CA SER Q 226 71.45 27.78 76.62
C SER Q 226 70.01 27.53 76.18
N CYS Q 227 69.69 26.25 76.00
CA CYS Q 227 68.36 25.83 75.55
C CYS Q 227 67.99 26.48 74.22
N GLU Q 228 68.98 26.63 73.34
CA GLU Q 228 68.76 27.22 72.03
C GLU Q 228 69.92 26.85 71.12
N LYS Q 229 69.61 26.28 69.97
CA LYS Q 229 70.62 25.81 69.03
C LYS Q 229 70.48 26.49 67.68
N TRP Q 230 71.56 26.44 66.90
CA TRP Q 230 71.53 26.97 65.55
C TRP Q 230 70.45 26.29 64.72
N GLU Q 231 70.21 24.99 64.97
CA GLU Q 231 69.15 24.29 64.28
C GLU Q 231 67.78 24.90 64.59
N ASP Q 232 67.53 25.21 65.87
CA ASP Q 232 66.26 25.82 66.25
C ASP Q 232 66.12 27.20 65.63
N VAL Q 233 67.22 27.97 65.60
CA VAL Q 233 67.17 29.30 64.99
C VAL Q 233 66.82 29.18 63.51
N LEU Q 234 67.45 28.23 62.81
CA LEU Q 234 67.16 28.02 61.39
C LEU Q 234 65.71 27.61 61.17
N ILE Q 235 65.21 26.71 62.01
CA ILE Q 235 63.82 26.27 61.88
C ILE Q 235 62.86 27.43 62.08
N GLN Q 236 63.13 28.28 63.07
CA GLN Q 236 62.30 29.46 63.29
C GLN Q 236 62.35 30.41 62.11
N THR Q 237 63.55 30.62 61.54
CA THR Q 237 63.66 31.51 60.39
C THR Q 237 62.88 30.99 59.20
N ILE Q 238 62.93 29.68 58.95
CA ILE Q 238 62.18 29.12 57.82
C ILE Q 238 60.67 29.16 58.10
N LYS Q 239 60.27 28.94 59.35
CA LYS Q 239 58.87 29.05 59.72
C LYS Q 239 58.38 30.48 59.56
N ALA Q 240 59.28 31.45 59.63
CA ALA Q 240 58.90 32.84 59.44
C ALA Q 240 58.37 33.10 58.03
N ILE Q 241 58.80 32.30 57.05
CA ILE Q 241 58.37 32.50 55.67
C ILE Q 241 57.40 31.44 55.17
N ASN Q 242 57.41 30.23 55.73
CA ASN Q 242 56.52 29.20 55.22
C ASN Q 242 55.16 29.20 55.91
N ASN Q 243 54.75 30.33 56.49
CA ASN Q 243 53.48 30.45 57.21
C ASN Q 243 53.39 29.45 58.36
N ARG Q 244 54.48 29.36 59.13
CA ARG Q 244 54.55 28.51 60.32
C ARG Q 244 54.22 27.05 59.98
N GLU Q 245 54.69 26.59 58.84
CA GLU Q 245 54.50 25.21 58.43
C GLU Q 245 55.69 24.35 58.84
N ASP Q 246 55.58 23.05 58.57
CA ASP Q 246 56.61 22.11 58.99
C ASP Q 246 57.89 22.32 58.21
N VAL Q 247 59.02 22.12 58.87
CA VAL Q 247 60.35 22.21 58.27
C VAL Q 247 61.09 20.92 58.59
N TYR Q 248 61.62 20.27 57.55
CA TYR Q 248 62.37 19.04 57.71
C TYR Q 248 63.83 19.27 57.36
N ILE Q 249 64.71 18.55 58.07
CA ILE Q 249 66.15 18.64 57.87
C ILE Q 249 66.69 17.26 57.54
N GLU Q 250 67.53 17.19 56.51
CA GLU Q 250 68.11 15.94 56.05
C GLU Q 250 69.61 16.13 55.84
N THR Q 251 70.35 15.05 56.04
CA THR Q 251 71.79 15.03 55.85
C THR Q 251 72.13 14.10 54.70
N SER Q 252 73.00 14.56 53.80
CA SER Q 252 73.43 13.76 52.66
C SER Q 252 74.94 13.94 52.49
N ASN Q 253 75.66 12.83 52.45
CA ASN Q 253 77.10 12.87 52.23
C ASN Q 253 77.47 13.22 50.79
N LEU Q 254 76.51 13.17 49.87
CA LEU Q 254 76.79 13.54 48.48
C LEU Q 254 77.11 15.03 48.36
N LEU Q 255 76.50 15.86 49.20
CA LEU Q 255 76.77 17.28 49.19
C LEU Q 255 78.10 17.58 49.89
N LYS Q 256 78.67 18.73 49.58
CA LYS Q 256 79.94 19.15 50.17
C LYS Q 256 79.93 20.66 50.30
N HIS Q 257 79.80 21.15 51.53
CA HIS Q 257 79.76 22.59 51.82
C HIS Q 257 78.60 23.27 51.08
N LYS Q 258 77.49 22.54 50.97
CA LYS Q 258 76.29 23.02 50.29
C LYS Q 258 75.10 22.93 51.22
N ILE Q 259 74.21 23.90 51.12
CA ILE Q 259 72.94 23.91 51.83
C ILE Q 259 71.84 24.11 50.80
N LEU Q 260 70.81 23.27 50.84
CA LEU Q 260 69.73 23.30 49.86
C LEU Q 260 68.40 23.45 50.59
N ILE Q 261 67.62 24.46 50.19
CA ILE Q 261 66.31 24.71 50.80
C ILE Q 261 65.27 24.80 49.69
N TYR Q 262 64.18 24.04 49.83
CA TYR Q 262 63.14 24.07 48.80
C TYR Q 262 61.83 23.58 49.41
N PRO Q 263 60.69 24.04 48.90
CA PRO Q 263 59.40 23.58 49.41
C PRO Q 263 59.07 22.18 48.95
N LEU Q 264 58.15 21.54 49.68
CA LEU Q 264 57.64 20.21 49.35
C LEU Q 264 56.26 20.28 48.72
N ASN Q 265 55.99 21.31 47.93
CA ASN Q 265 54.70 21.49 47.28
C ASN Q 265 54.80 21.04 45.83
N SER Q 266 53.88 20.16 45.43
CA SER Q 266 53.89 19.64 44.07
C SER Q 266 53.55 20.71 43.03
N GLU Q 267 52.94 21.82 43.45
CA GLU Q 267 52.64 22.90 42.50
C GLU Q 267 53.90 23.62 42.06
N LEU Q 268 54.95 23.63 42.89
CA LEU Q 268 56.17 24.36 42.60
C LEU Q 268 57.27 23.46 42.04
N ILE Q 269 57.54 22.33 42.68
CA ILE Q 269 58.59 21.41 42.27
C ILE Q 269 57.99 20.02 42.13
N LYS Q 270 58.17 19.40 40.96
CA LYS Q 270 57.63 18.10 40.67
C LYS Q 270 58.67 17.21 40.02
N PHE Q 271 58.70 15.94 40.40
CA PHE Q 271 59.59 14.95 39.83
C PHE Q 271 58.75 14.00 39.00
N LYS Q 272 58.96 14.04 37.68
CA LYS Q 272 58.28 13.13 36.76
C LYS Q 272 59.29 12.18 36.14
N PRO Q 273 59.80 11.20 36.87
CA PRO Q 273 60.76 10.26 36.28
C PRO Q 273 60.06 9.29 35.34
N SER Q 274 60.86 8.73 34.43
CA SER Q 274 60.36 7.64 33.61
C SER Q 274 60.09 6.41 34.47
N LYS Q 275 59.09 5.62 34.06
CA LYS Q 275 58.78 4.41 34.81
C LYS Q 275 59.88 3.36 34.71
N TYR Q 276 60.85 3.56 33.82
CA TYR Q 276 61.99 2.67 33.68
C TYR Q 276 63.28 3.31 34.18
N MET Q 277 63.18 4.30 35.07
CA MET Q 277 64.36 4.99 35.56
C MET Q 277 65.26 4.05 36.36
N LEU Q 278 64.68 3.22 37.21
CA LEU Q 278 65.46 2.31 38.03
C LEU Q 278 65.99 1.15 37.19
N PRO Q 279 67.08 0.50 37.63
CA PRO Q 279 67.73 -0.49 36.78
C PRO Q 279 66.81 -1.62 36.36
N THR Q 280 66.95 -2.04 35.10
CA THR Q 280 66.14 -3.11 34.53
C THR Q 280 67.05 -4.00 33.68
N PRO Q 281 66.93 -5.33 33.79
CA PRO Q 281 67.77 -6.19 32.97
C PRO Q 281 67.42 -6.10 31.49
N ASN Q 282 68.41 -6.39 30.66
CA ASN Q 282 68.20 -6.50 29.23
C ASN Q 282 68.06 -7.97 28.84
N GLU Q 283 67.27 -8.21 27.78
CA GLU Q 283 67.02 -9.59 27.37
C GLU Q 283 68.25 -10.23 26.75
N GLN Q 284 69.16 -9.42 26.18
CA GLN Q 284 70.33 -9.96 25.51
C GLN Q 284 71.35 -10.45 26.54
N VAL Q 285 71.82 -11.68 26.36
CA VAL Q 285 72.88 -12.27 27.17
C VAL Q 285 73.94 -12.81 26.24
N ASP Q 286 75.18 -12.35 26.41
CA ASP Q 286 76.28 -12.80 25.56
C ASP Q 286 76.76 -14.16 26.04
N LYS Q 287 76.67 -15.16 25.17
CA LYS Q 287 77.10 -16.51 25.47
C LYS Q 287 78.27 -16.90 24.56
N ASP Q 288 78.99 -17.94 24.97
CA ASP Q 288 80.19 -18.36 24.28
C ASP Q 288 80.41 -19.84 24.59
N SER Q 289 81.56 -20.37 24.19
CA SER Q 289 81.92 -21.75 24.49
C SER Q 289 82.56 -21.91 25.86
N THR Q 290 82.90 -20.81 26.52
CA THR Q 290 83.50 -20.85 27.85
C THR Q 290 82.41 -20.77 28.91
N ASP Q 291 82.82 -20.54 30.17
CA ASP Q 291 81.90 -20.44 31.29
C ASP Q 291 81.57 -18.99 31.64
N VAL Q 292 82.02 -18.04 30.85
CA VAL Q 292 81.83 -16.61 31.13
C VAL Q 292 80.75 -16.07 30.21
N ALA Q 293 79.77 -15.38 30.80
CA ALA Q 293 78.71 -14.73 30.05
C ALA Q 293 78.63 -13.26 30.45
N HIS Q 294 77.91 -12.49 29.65
CA HIS Q 294 77.77 -11.05 29.87
C HIS Q 294 76.29 -10.67 29.87
N SER Q 295 75.97 -9.66 30.68
CA SER Q 295 74.61 -9.18 30.82
C SER Q 295 74.60 -7.66 30.84
N TYR Q 296 73.42 -7.09 30.57
CA TYR Q 296 73.27 -5.65 30.43
C TYR Q 296 72.16 -5.13 31.33
N ILE Q 297 72.34 -3.93 31.86
CA ILE Q 297 71.37 -3.26 32.73
C ILE Q 297 71.08 -1.88 32.15
N ASP Q 298 69.81 -1.53 32.06
CA ASP Q 298 69.36 -0.26 31.49
C ASP Q 298 68.73 0.62 32.56
N PHE Q 299 68.89 1.93 32.40
CA PHE Q 299 68.26 2.89 33.31
C PHE Q 299 68.10 4.23 32.61
N VAL Q 300 67.07 4.97 33.02
CA VAL Q 300 66.68 6.22 32.37
C VAL Q 300 66.86 7.37 33.34
N LEU Q 301 67.40 8.48 32.84
CA LEU Q 301 67.67 9.68 33.62
C LEU Q 301 66.89 10.86 33.08
N GLY Q 302 66.52 11.77 33.97
CA GLY Q 302 65.84 13.00 33.62
C GLY Q 302 64.47 13.10 34.27
N GLY Q 303 63.90 14.30 34.17
CA GLY Q 303 62.54 14.52 34.61
C GLY Q 303 62.34 15.28 35.90
N LEU Q 304 63.07 16.37 36.12
CA LEU Q 304 62.84 17.25 37.25
C LEU Q 304 62.35 18.61 36.76
N LEU Q 305 61.23 19.07 37.31
CA LEU Q 305 60.62 20.33 36.91
C LEU Q 305 60.46 21.20 38.14
N ALA Q 306 60.81 22.47 38.02
CA ALA Q 306 60.72 23.38 39.16
C ALA Q 306 60.45 24.79 38.69
N THR Q 307 59.62 25.51 39.43
CA THR Q 307 59.39 26.91 39.15
C THR Q 307 60.61 27.74 39.52
N ARG Q 308 60.80 28.85 38.81
CA ARG Q 308 61.98 29.66 39.04
C ARG Q 308 61.88 30.42 40.35
N LYS Q 309 63.05 30.76 40.91
CA LYS Q 309 63.16 31.48 42.17
C LYS Q 309 62.40 30.79 43.29
N THR Q 310 62.60 29.47 43.39
CA THR Q 310 61.97 28.68 44.44
C THR Q 310 62.93 27.74 45.15
N ILE Q 311 64.22 27.73 44.79
CA ILE Q 311 65.22 26.89 45.43
C ILE Q 311 66.38 27.76 45.88
N LEU Q 312 66.76 27.62 47.14
CA LEU Q 312 67.88 28.35 47.72
C LEU Q 312 69.08 27.44 47.84
N GLN Q 313 70.20 27.87 47.28
CA GLN Q 313 71.44 27.08 47.26
C GLN Q 313 72.54 27.93 47.86
N VAL Q 314 73.08 27.50 49.00
CA VAL Q 314 74.15 28.21 49.69
C VAL Q 314 75.44 27.39 49.57
N ASN Q 315 76.50 28.03 49.10
CA ASN Q 315 77.80 27.40 48.92
C ASN Q 315 78.79 28.06 49.87
N ILE Q 316 79.45 27.25 50.70
CA ILE Q 316 80.49 27.74 51.60
C ILE Q 316 81.82 27.51 50.90
N LYS Q 317 82.49 28.60 50.53
CA LYS Q 317 83.74 28.50 49.79
C LYS Q 317 84.90 28.16 50.72
N GLN Q 318 85.78 27.27 50.27
CA GLN Q 318 86.95 26.87 51.04
C GLN Q 318 88.22 27.57 50.60
N SER Q 319 88.31 27.97 49.33
CA SER Q 319 89.54 28.57 48.80
C SER Q 319 89.82 29.93 49.43
N LEU R 3 63.71 -31.55 25.94
CA LEU R 3 64.94 -31.03 25.37
C LEU R 3 65.17 -31.54 23.95
N PHE R 4 64.83 -32.81 23.71
CA PHE R 4 64.99 -33.38 22.38
C PHE R 4 64.04 -32.76 21.36
N ASP R 5 62.89 -32.24 21.81
CA ASP R 5 61.98 -31.57 20.90
C ASP R 5 62.56 -30.26 20.39
N GLU R 6 63.35 -29.56 21.20
CA GLU R 6 63.86 -28.25 20.87
C GLU R 6 65.27 -28.27 20.29
N ASN R 7 66.15 -29.13 20.80
CA ASN R 7 67.56 -29.15 20.42
C ASN R 7 67.79 -30.35 19.51
N TYR R 8 67.87 -30.09 18.19
CA TYR R 8 68.12 -31.15 17.24
C TYR R 8 69.51 -31.75 17.42
N TYR R 9 70.51 -30.90 17.69
CA TYR R 9 71.89 -31.38 17.80
C TYR R 9 72.06 -32.33 18.96
N ALA R 10 71.44 -32.02 20.10
CA ALA R 10 71.51 -32.94 21.24
C ALA R 10 70.85 -34.27 20.91
N LYS R 11 69.72 -34.24 20.20
CA LYS R 11 69.07 -35.48 19.78
C LYS R 11 69.98 -36.28 18.84
N ALA R 12 70.65 -35.59 17.92
CA ALA R 12 71.56 -36.28 17.00
C ALA R 12 72.72 -36.93 17.77
N VAL R 13 73.29 -36.21 18.74
CA VAL R 13 74.36 -36.79 19.55
C VAL R 13 73.86 -37.99 20.33
N ALA R 14 72.65 -37.90 20.88
CA ALA R 14 72.08 -39.03 21.61
C ALA R 14 71.89 -40.24 20.70
N ASN R 15 71.46 -40.01 19.46
CA ASN R 15 71.22 -41.12 18.55
C ASN R 15 72.52 -41.70 17.98
N ILE R 16 73.58 -40.91 17.88
CA ILE R 16 74.82 -41.35 17.24
C ILE R 16 75.92 -41.72 18.23
N ILE R 17 75.73 -41.46 19.52
CA ILE R 17 76.81 -41.67 20.49
C ILE R 17 77.15 -43.15 20.64
N GLY R 18 76.21 -44.05 20.35
CA GLY R 18 76.47 -45.47 20.53
C GLY R 18 77.40 -46.06 19.48
N GLU R 19 77.62 -45.37 18.37
CA GLU R 19 78.46 -45.86 17.29
C GLU R 19 79.92 -45.44 17.44
N VAL R 20 80.27 -44.69 18.48
CA VAL R 20 81.65 -44.35 18.75
C VAL R 20 82.29 -45.50 19.51
N LYS R 21 83.40 -46.02 18.99
CA LYS R 21 84.03 -47.19 19.57
C LYS R 21 84.70 -46.85 20.91
N ASP R 22 84.84 -47.87 21.75
CA ASP R 22 85.44 -47.68 23.05
C ASP R 22 86.94 -47.38 22.91
N PRO R 23 87.50 -46.61 23.83
CA PRO R 23 88.95 -46.34 23.78
C PRO R 23 89.75 -47.62 23.97
N ILE R 24 90.89 -47.68 23.28
CA ILE R 24 91.77 -48.85 23.39
C ILE R 24 92.59 -48.85 24.67
N MET R 25 92.66 -47.72 25.37
CA MET R 25 93.40 -47.66 26.63
C MET R 25 92.79 -48.54 27.71
N TYR R 26 91.53 -48.92 27.57
CA TYR R 26 90.89 -49.77 28.57
C TYR R 26 91.58 -51.12 28.68
N LYS R 27 92.18 -51.60 27.58
CA LYS R 27 92.86 -52.88 27.59
C LYS R 27 94.19 -52.85 28.33
N TRP R 28 94.68 -51.67 28.68
CA TRP R 28 95.95 -51.53 29.39
C TRP R 28 95.79 -51.48 30.90
N PHE R 29 94.57 -51.62 31.42
CA PHE R 29 94.33 -51.54 32.85
C PHE R 29 93.30 -52.58 33.27
N SER R 30 93.33 -52.92 34.55
CA SER R 30 92.31 -53.78 35.13
C SER R 30 91.08 -52.94 35.50
N PRO R 31 89.91 -53.58 35.62
CA PRO R 31 88.71 -52.81 35.98
C PRO R 31 88.84 -52.07 37.30
N ASP R 32 89.53 -52.66 38.28
CA ASP R 32 89.68 -52.04 39.59
C ASP R 32 90.68 -50.90 39.61
N GLN R 33 91.46 -50.72 38.53
CA GLN R 33 92.50 -49.69 38.53
C GLN R 33 91.99 -48.31 38.17
N ILE R 34 90.77 -48.20 37.62
CA ILE R 34 90.23 -46.94 37.13
C ILE R 34 89.08 -46.51 38.01
N GLU R 35 89.16 -45.29 38.55
CA GLU R 35 88.10 -44.72 39.38
C GLU R 35 87.84 -43.29 38.95
N ASP R 36 86.58 -42.98 38.65
CA ASP R 36 86.23 -41.65 38.16
C ASP R 36 86.30 -40.62 39.28
N VAL R 37 86.58 -39.38 38.90
CA VAL R 37 86.54 -38.24 39.81
C VAL R 37 85.67 -37.16 39.20
N ASP R 38 85.05 -36.36 40.07
CA ASP R 38 84.13 -35.31 39.65
C ASP R 38 84.89 -33.99 39.64
N LEU R 39 85.46 -33.66 38.48
CA LEU R 39 86.25 -32.45 38.31
C LEU R 39 86.46 -32.21 36.83
N GLN R 40 86.49 -30.93 36.45
CA GLN R 40 86.79 -30.54 35.07
C GLN R 40 88.18 -29.94 34.91
N MET R 41 88.53 -28.96 35.73
CA MET R 41 89.87 -28.38 35.74
C MET R 41 90.23 -28.06 37.17
N GLY R 42 91.41 -28.50 37.59
CA GLY R 42 91.80 -28.27 38.97
C GLY R 42 92.84 -29.30 39.41
N TYR R 43 92.81 -29.63 40.70
CA TYR R 43 93.79 -30.56 41.23
C TYR R 43 93.18 -31.36 42.37
N GLN R 44 93.78 -32.52 42.61
CA GLN R 44 93.47 -33.38 43.74
C GLN R 44 94.75 -33.65 44.53
N LYS R 45 94.61 -33.78 45.84
CA LYS R 45 95.77 -33.91 46.72
C LYS R 45 95.64 -35.13 47.62
N THR R 46 96.76 -35.81 47.84
CA THR R 46 96.87 -36.87 48.83
C THR R 46 98.14 -36.64 49.65
N VAL R 47 98.15 -37.20 50.86
CA VAL R 47 99.25 -37.01 51.79
C VAL R 47 99.84 -38.38 52.12
N LYS R 48 101.17 -38.49 52.04
CA LYS R 48 101.87 -39.71 52.39
C LYS R 48 102.93 -39.41 53.43
N TRP R 49 103.11 -40.34 54.37
CA TRP R 49 104.04 -40.19 55.48
C TRP R 49 105.14 -41.23 55.37
N ASP R 50 106.36 -40.83 55.72
CA ASP R 50 107.54 -41.67 55.57
C ASP R 50 108.44 -41.49 56.78
N ALA R 51 109.27 -42.51 57.04
CA ALA R 51 110.24 -42.48 58.12
C ALA R 51 111.61 -42.91 57.60
N PHE R 52 112.65 -42.46 58.28
CA PHE R 52 114.01 -42.77 57.86
C PHE R 52 114.94 -42.71 59.06
N LEU R 53 116.11 -43.34 58.90
CA LEU R 53 117.15 -43.36 59.92
C LEU R 53 118.20 -42.30 59.59
N ASN R 54 118.51 -41.45 60.56
CA ASN R 54 119.46 -40.38 60.34
C ASN R 54 120.91 -40.79 60.52
N ALA R 55 121.18 -41.83 61.31
CA ALA R 55 122.54 -42.27 61.56
C ALA R 55 122.49 -43.70 62.09
N ASN R 56 123.67 -44.25 62.36
CA ASN R 56 123.75 -45.57 62.97
C ASN R 56 123.19 -45.51 64.39
N PRO R 57 122.62 -46.62 64.88
CA PRO R 57 122.07 -46.63 66.24
C PRO R 57 123.16 -46.34 67.26
N THR R 58 122.72 -46.07 68.49
CA THR R 58 123.60 -45.70 69.59
C THR R 58 123.74 -46.88 70.54
N THR R 59 124.99 -47.22 70.89
CA THR R 59 125.25 -48.28 71.85
C THR R 59 124.99 -47.76 73.25
N ILE R 60 124.04 -48.38 73.95
CA ILE R 60 123.67 -47.97 75.30
C ILE R 60 124.65 -48.63 76.26
N ALA R 61 125.57 -47.84 76.80
CA ALA R 61 126.56 -48.33 77.75
C ALA R 61 126.98 -47.19 78.65
N ASN R 62 126.97 -47.42 79.96
CA ASN R 62 127.33 -46.43 80.97
C ASN R 62 126.37 -45.24 80.82
N GLU R 63 126.87 -44.00 80.84
CA GLU R 63 126.03 -42.81 80.78
C GLU R 63 126.15 -42.18 79.40
N VAL R 64 125.01 -41.85 78.79
CA VAL R 64 124.97 -41.15 77.51
C VAL R 64 123.57 -40.58 77.33
N ASN R 65 123.51 -39.36 76.78
CA ASN R 65 122.24 -38.74 76.45
C ASN R 65 122.16 -38.21 75.03
N THR R 66 123.26 -38.23 74.26
CA THR R 66 123.24 -37.86 72.85
C THR R 66 122.97 -39.13 72.05
N ILE R 67 121.83 -39.19 71.38
CA ILE R 67 121.32 -40.41 70.78
C ILE R 67 120.90 -40.12 69.34
N SER R 68 121.21 -41.04 68.44
CA SER R 68 120.81 -40.91 67.05
C SER R 68 119.29 -40.88 66.92
N THR R 69 118.80 -40.12 65.94
CA THR R 69 117.38 -39.86 65.81
C THR R 69 116.82 -40.51 64.56
N ILE R 70 115.51 -40.75 64.58
CA ILE R 70 114.75 -41.24 63.44
C ILE R 70 113.85 -40.12 62.98
N GLY R 71 113.96 -39.77 61.70
CA GLY R 71 113.22 -38.67 61.14
C GLY R 71 111.97 -39.09 60.40
N PHE R 72 111.05 -38.15 60.24
CA PHE R 72 109.80 -38.38 59.53
C PHE R 72 109.61 -37.29 58.47
N SER R 73 108.77 -37.62 57.48
CA SER R 73 108.53 -36.71 56.37
C SER R 73 107.09 -36.85 55.89
N SER R 74 106.53 -35.73 55.45
CA SER R 74 105.23 -35.69 54.81
C SER R 74 105.39 -35.17 53.39
N GLU R 75 104.75 -35.85 52.44
CA GLU R 75 104.76 -35.39 51.06
C GLU R 75 103.35 -35.36 50.51
N VAL R 76 103.04 -34.30 49.78
CA VAL R 76 101.74 -34.11 49.15
C VAL R 76 101.87 -34.48 47.68
N VAL R 77 101.08 -35.44 47.24
CA VAL R 77 101.03 -35.85 45.84
C VAL R 77 99.82 -35.18 45.21
N ARG R 78 100.06 -34.44 44.12
CA ARG R 78 99.07 -33.59 43.49
C ARG R 78 98.83 -34.04 42.07
N LEU R 79 97.56 -34.20 41.69
CA LEU R 79 97.16 -34.57 40.34
C LEU R 79 96.42 -33.40 39.70
N ASN R 80 96.87 -32.99 38.53
CA ASN R 80 96.30 -31.87 37.82
C ASN R 80 95.39 -32.35 36.70
N TYR R 81 94.26 -31.66 36.52
CA TYR R 81 93.30 -31.97 35.48
C TYR R 81 93.03 -30.72 34.66
N LEU R 82 93.14 -30.86 33.34
CA LEU R 82 93.04 -29.74 32.41
C LEU R 82 91.85 -29.96 31.46
N LYS R 83 91.23 -28.86 31.06
CA LYS R 83 90.07 -28.88 30.17
C LYS R 83 90.44 -28.30 28.81
N LEU R 84 90.10 -29.01 27.75
CA LEU R 84 90.48 -28.65 26.40
C LEU R 84 89.27 -28.76 25.47
N GLN R 85 89.34 -28.02 24.37
CA GLN R 85 88.21 -27.88 23.46
C GLN R 85 88.68 -27.92 22.01
N TYR R 86 87.80 -28.43 21.14
CA TYR R 86 87.99 -28.42 19.71
C TYR R 86 86.73 -27.90 19.03
N LYS R 87 86.91 -27.30 17.85
CA LYS R 87 85.81 -26.76 17.07
C LYS R 87 85.78 -27.42 15.69
N PHE R 88 84.58 -27.59 15.15
CA PHE R 88 84.45 -28.15 13.81
C PHE R 88 83.22 -27.58 13.11
N ARG R 89 83.33 -27.45 11.79
CA ARG R 89 82.25 -26.96 10.96
C ARG R 89 81.38 -28.11 10.45
N HIS R 90 80.13 -27.81 10.16
CA HIS R 90 79.19 -28.79 9.64
C HIS R 90 78.06 -28.05 8.94
N LEU R 91 77.16 -28.84 8.33
CA LEU R 91 76.00 -28.27 7.67
C LEU R 91 74.89 -27.98 8.67
N LYS R 92 74.16 -26.89 8.43
CA LYS R 92 73.01 -26.57 9.25
C LYS R 92 71.92 -27.62 9.07
N GLN R 93 71.12 -27.83 10.13
CA GLN R 93 70.10 -28.87 10.10
C GLN R 93 69.09 -28.64 8.98
N THR R 94 68.66 -27.40 8.79
CA THR R 94 67.64 -27.10 7.79
C THR R 94 68.17 -27.14 6.36
N SER R 95 69.48 -27.26 6.17
CA SER R 95 70.07 -27.24 4.84
C SER R 95 70.42 -28.62 4.32
N GLU R 96 70.15 -29.69 5.07
CA GLU R 96 70.53 -31.02 4.64
C GLU R 96 69.76 -31.47 3.40
N LYS R 97 68.48 -31.08 3.29
CA LYS R 97 67.68 -31.50 2.15
C LYS R 97 68.20 -30.97 0.82
N PHE R 98 68.95 -29.87 0.85
CA PHE R 98 69.55 -29.31 -0.36
C PHE R 98 70.90 -29.92 -0.67
N TYR R 99 71.37 -30.87 0.15
CA TYR R 99 72.62 -31.57 -0.11
C TYR R 99 72.46 -33.08 -0.07
N THR R 100 71.27 -33.59 0.17
CA THR R 100 71.03 -35.04 0.18
C THR R 100 71.20 -35.58 -1.23
N SER R 101 72.34 -36.20 -1.49
CA SER R 101 72.57 -36.85 -2.78
C SER R 101 71.80 -38.17 -2.84
N ASP R 102 72.01 -38.91 -3.93
CA ASP R 102 71.29 -40.16 -4.11
C ASP R 102 71.67 -41.19 -3.06
N SER R 103 72.95 -41.27 -2.71
CA SER R 103 73.42 -42.28 -1.77
C SER R 103 73.97 -41.72 -0.47
N TYR R 104 74.28 -40.42 -0.41
CA TYR R 104 74.91 -39.84 0.77
C TYR R 104 74.35 -38.44 1.00
N ILE R 105 74.69 -37.88 2.16
CA ILE R 105 74.36 -36.50 2.52
C ILE R 105 75.65 -35.76 2.80
N GLY R 106 75.85 -34.63 2.13
CA GLY R 106 77.03 -33.83 2.36
C GLY R 106 77.44 -33.10 1.10
N ASP R 107 78.56 -32.39 1.22
CA ASP R 107 79.14 -31.61 0.12
C ASP R 107 80.58 -32.06 -0.06
N ILE R 108 80.82 -32.94 -1.04
CA ILE R 108 82.17 -33.46 -1.25
C ILE R 108 83.09 -32.36 -1.76
N ASN R 109 82.56 -31.45 -2.59
CA ASN R 109 83.41 -30.42 -3.18
C ASN R 109 84.01 -29.49 -2.13
N ASN R 110 83.27 -29.21 -1.05
CA ASN R 110 83.74 -28.30 -0.02
C ASN R 110 83.98 -28.99 1.31
N ASN R 111 83.88 -30.32 1.37
CA ASN R 111 84.12 -31.09 2.58
C ASN R 111 83.20 -30.63 3.72
N LEU R 112 81.91 -30.56 3.44
CA LEU R 112 80.90 -30.22 4.44
C LEU R 112 80.05 -31.44 4.71
N LEU R 113 79.93 -31.81 5.98
CA LEU R 113 79.28 -33.02 6.41
C LEU R 113 78.07 -32.70 7.28
N PRO R 114 77.12 -33.63 7.39
CA PRO R 114 76.05 -33.47 8.38
C PRO R 114 76.62 -33.54 9.79
N PHE R 115 75.83 -33.01 10.73
CA PHE R 115 76.32 -32.86 12.10
C PHE R 115 76.64 -34.21 12.73
N ALA R 116 75.80 -35.22 12.50
CA ALA R 116 76.03 -36.52 13.15
C ALA R 116 77.35 -37.14 12.70
N GLN R 117 77.57 -37.21 11.38
CA GLN R 117 78.81 -37.78 10.86
C GLN R 117 80.02 -36.96 11.30
N ALA R 118 79.92 -35.63 11.24
CA ALA R 118 81.03 -34.79 11.64
C ALA R 118 81.38 -35.00 13.11
N TYR R 119 80.37 -35.04 13.97
CA TYR R 119 80.61 -35.26 15.40
C TYR R 119 81.22 -36.62 15.65
N LYS R 120 80.74 -37.66 14.95
CA LYS R 120 81.29 -39.00 15.14
C LYS R 120 82.77 -39.04 14.78
N LEU R 121 83.13 -38.46 13.62
CA LEU R 121 84.52 -38.47 13.20
C LEU R 121 85.40 -37.65 14.14
N ALA R 122 84.91 -36.48 14.57
CA ALA R 122 85.69 -35.65 15.47
C ALA R 122 85.90 -36.34 16.81
N SER R 123 84.86 -37.00 17.34
CA SER R 123 84.99 -37.73 18.58
C SER R 123 86.00 -38.86 18.45
N SER R 124 85.99 -39.56 17.31
CA SER R 124 86.97 -40.62 17.10
C SER R 124 88.40 -40.06 17.11
N GLU R 125 88.62 -38.94 16.43
CA GLU R 125 89.95 -38.33 16.43
C GLU R 125 90.38 -37.91 17.83
N ILE R 126 89.46 -37.31 18.59
CA ILE R 126 89.81 -36.86 19.94
C ILE R 126 90.10 -38.05 20.84
N ILE R 127 89.38 -39.16 20.66
CA ILE R 127 89.65 -40.36 21.45
C ILE R 127 91.02 -40.92 21.10
N LYS R 128 91.40 -40.86 19.83
CA LYS R 128 92.75 -41.29 19.45
C LYS R 128 93.80 -40.42 20.14
N LEU R 129 93.59 -39.10 20.17
CA LEU R 129 94.52 -38.22 20.86
C LEU R 129 94.60 -38.53 22.35
N ILE R 130 93.45 -38.82 22.97
CA ILE R 130 93.43 -39.14 24.40
C ILE R 130 94.19 -40.44 24.67
N ASN R 131 94.01 -41.44 23.81
CA ASN R 131 94.75 -42.70 23.97
C ASN R 131 96.25 -42.45 23.86
N HIS R 132 96.66 -41.65 22.88
CA HIS R 132 98.08 -41.35 22.72
C HIS R 132 98.62 -40.63 23.95
N PHE R 133 97.86 -39.68 24.51
CA PHE R 133 98.31 -38.99 25.70
C PHE R 133 98.46 -39.94 26.88
N VAL R 134 97.47 -40.82 27.07
CA VAL R 134 97.53 -41.76 28.18
C VAL R 134 98.75 -42.67 28.05
N LEU R 135 99.08 -43.06 26.82
CA LEU R 135 100.22 -43.95 26.62
C LEU R 135 101.54 -43.22 26.83
N THR R 136 101.75 -42.09 26.15
CA THR R 136 103.08 -41.50 26.06
C THR R 136 103.33 -40.35 27.02
N GLY R 137 102.30 -39.68 27.51
CA GLY R 137 102.48 -38.54 28.39
C GLY R 137 102.65 -37.21 27.70
N THR R 138 102.51 -37.15 26.38
CA THR R 138 102.63 -35.92 25.62
C THR R 138 101.42 -35.73 24.72
N VAL R 139 101.18 -34.48 24.35
CA VAL R 139 100.11 -34.13 23.42
C VAL R 139 100.74 -33.42 22.24
N SER R 140 100.62 -34.02 21.06
CA SER R 140 101.16 -33.43 19.83
C SER R 140 100.45 -34.04 18.64
N ILE R 141 100.38 -33.28 17.56
CA ILE R 141 99.76 -33.72 16.31
C ILE R 141 100.79 -33.95 15.22
N GLN R 142 102.07 -33.97 15.55
CA GLN R 142 103.14 -34.17 14.59
C GLN R 142 103.78 -35.53 14.81
N LYS R 143 104.12 -36.20 13.70
CA LYS R 143 104.79 -37.50 13.80
C LYS R 143 106.14 -37.38 14.48
N ASP R 144 106.85 -36.26 14.27
CA ASP R 144 108.12 -36.04 14.94
C ASP R 144 107.97 -35.89 16.45
N GLY R 145 106.77 -35.60 16.92
CA GLY R 145 106.54 -35.40 18.34
C GLY R 145 106.90 -34.03 18.87
N LYS R 146 107.33 -33.12 18.01
CA LYS R 146 107.70 -31.78 18.43
C LYS R 146 106.47 -30.87 18.47
N ASN R 147 106.70 -29.61 18.82
CA ASN R 147 105.63 -28.62 18.96
C ASN R 147 104.56 -29.11 19.94
N GLN R 148 105.01 -29.69 21.05
CA GLN R 148 104.09 -30.22 22.05
C GLN R 148 103.34 -29.09 22.74
N LYS R 149 102.10 -29.37 23.12
CA LYS R 149 101.33 -28.42 23.89
C LYS R 149 101.81 -28.42 25.33
N ARG R 150 102.12 -27.24 25.86
CA ARG R 150 102.59 -27.13 27.23
C ARG R 150 101.47 -27.49 28.19
N LEU R 151 101.76 -28.43 29.09
CA LEU R 151 100.80 -28.89 30.08
C LEU R 151 101.24 -28.48 31.47
N LEU R 152 100.33 -28.63 32.42
CA LEU R 152 100.63 -28.35 33.81
C LEU R 152 101.52 -29.44 34.39
N PRO R 153 102.28 -29.13 35.44
CA PRO R 153 103.07 -30.16 36.10
C PRO R 153 102.19 -31.25 36.70
N ASN R 154 102.81 -32.39 37.00
CA ASN R 154 102.12 -33.56 37.53
C ASN R 154 101.06 -34.08 36.56
N MET R 155 101.41 -34.08 35.27
CA MET R 155 100.56 -34.65 34.22
C MET R 155 101.46 -35.56 33.38
N TYR R 156 101.40 -36.85 33.65
CA TYR R 156 102.33 -37.81 33.06
C TYR R 156 101.59 -39.01 32.51
N GLY R 157 102.24 -39.70 31.58
CA GLY R 157 101.76 -40.96 31.06
C GLY R 157 102.62 -42.12 31.52
N LEU R 158 102.26 -43.31 31.04
CA LEU R 158 102.99 -44.52 31.42
C LEU R 158 104.42 -44.49 30.91
N LEU R 159 104.67 -43.80 29.79
CA LEU R 159 105.98 -43.81 29.16
C LEU R 159 106.92 -42.77 29.74
N ASN R 160 106.40 -41.65 30.24
CA ASN R 160 107.25 -40.56 30.73
C ASN R 160 107.12 -40.34 32.23
N MET R 161 106.58 -41.30 32.96
CA MET R 161 106.47 -41.16 34.40
C MET R 161 107.86 -41.09 35.02
N PRO R 162 108.15 -40.08 35.84
CA PRO R 162 109.49 -39.95 36.42
C PRO R 162 109.69 -40.95 37.56
N GLU R 163 110.95 -41.08 37.97
CA GLU R 163 111.36 -41.99 39.05
C GLU R 163 110.93 -43.42 38.76
N GLN R 164 111.16 -43.86 37.53
CA GLN R 164 110.86 -45.22 37.10
C GLN R 164 112.11 -45.83 36.48
N ILE R 165 112.04 -47.12 36.15
CA ILE R 165 113.19 -47.86 35.65
C ILE R 165 113.26 -47.67 34.15
N LYS R 166 114.41 -47.17 33.67
CA LYS R 166 114.62 -46.90 32.26
C LYS R 166 115.85 -47.66 31.79
N GLU R 167 115.67 -48.52 30.80
CA GLU R 167 116.77 -49.27 30.20
C GLU R 167 116.87 -48.89 28.73
N GLU R 168 118.10 -48.91 28.22
CA GLU R 168 118.36 -48.53 26.83
C GLU R 168 119.15 -49.64 26.15
N VAL R 169 118.62 -50.15 25.04
CA VAL R 169 119.32 -51.13 24.22
C VAL R 169 120.10 -50.38 23.15
N ALA R 170 121.39 -50.66 23.06
CA ALA R 170 122.29 -49.89 22.21
C ALA R 170 121.88 -50.00 20.74
N SER R 171 122.30 -48.99 19.97
CA SER R 171 121.91 -48.91 18.56
C SER R 171 122.44 -50.09 17.77
N GLY R 172 123.68 -50.50 18.04
CA GLY R 172 124.28 -51.61 17.32
C GLY R 172 123.62 -52.94 17.59
N ASP R 173 122.91 -53.08 18.71
CA ASP R 173 122.23 -54.31 19.07
C ASP R 173 120.71 -54.19 18.94
N LYS R 174 120.25 -53.41 17.95
CA LYS R 174 118.82 -53.24 17.77
C LYS R 174 118.14 -54.51 17.25
N ASP R 175 118.89 -55.35 16.53
CA ASP R 175 118.36 -56.60 15.99
C ASP R 175 118.77 -57.81 16.82
N LYS R 176 119.32 -57.60 18.01
CA LYS R 176 119.81 -58.68 18.87
C LYS R 176 118.82 -58.90 20.00
N MET R 177 117.94 -59.89 19.80
CA MET R 177 116.92 -60.20 20.81
C MET R 177 117.56 -60.61 22.13
N ASP R 178 118.74 -61.24 22.08
CA ASP R 178 119.42 -61.60 23.32
C ASP R 178 119.82 -60.37 24.12
N LYS R 179 120.35 -59.34 23.45
CA LYS R 179 120.69 -58.11 24.15
C LYS R 179 119.45 -57.39 24.67
N ILE R 180 118.39 -57.37 23.86
CA ILE R 180 117.14 -56.77 24.33
C ILE R 180 116.63 -57.48 25.58
N PHE R 181 116.68 -58.82 25.57
CA PHE R 181 116.23 -59.58 26.72
C PHE R 181 117.15 -59.38 27.92
N GLU R 182 118.45 -59.15 27.68
CA GLU R 182 119.36 -58.85 28.78
C GLU R 182 118.98 -57.54 29.45
N LYS R 183 118.68 -56.51 28.66
CA LYS R 183 118.22 -55.25 29.23
C LYS R 183 116.90 -55.44 29.98
N ILE R 184 116.00 -56.25 29.42
CA ILE R 184 114.73 -56.54 30.10
C ILE R 184 114.98 -57.22 31.44
N GLU R 185 115.94 -58.16 31.48
CA GLU R 185 116.27 -58.83 32.73
C GLU R 185 116.81 -57.85 33.76
N ALA R 186 117.69 -56.94 33.33
CA ALA R 186 118.22 -55.95 34.26
C ALA R 186 117.10 -55.08 34.83
N GLY R 187 116.19 -54.64 33.97
CA GLY R 187 115.07 -53.84 34.46
C GLY R 187 114.17 -54.61 35.40
N LEU R 188 113.86 -55.86 35.08
CA LEU R 188 113.00 -56.67 35.94
C LEU R 188 113.67 -56.93 37.29
N SER R 189 114.99 -57.10 37.29
CA SER R 189 115.70 -57.24 38.56
C SER R 189 115.61 -55.96 39.38
N LYS R 190 115.73 -54.80 38.72
CA LYS R 190 115.62 -53.54 39.44
C LYS R 190 114.19 -53.18 39.82
N LEU R 191 113.18 -53.91 39.32
CA LEU R 191 111.81 -53.66 39.71
C LEU R 191 111.62 -53.87 41.21
N GLU R 192 110.79 -53.04 41.82
CA GLU R 192 110.52 -53.06 43.26
C GLU R 192 109.00 -53.08 43.47
N LEU R 193 108.42 -54.28 43.52
CA LEU R 193 106.99 -54.42 43.72
C LEU R 193 106.59 -54.52 45.19
N GLY R 194 107.56 -54.65 46.09
CA GLY R 194 107.23 -54.71 47.51
C GLY R 194 106.36 -55.90 47.85
N ASP R 195 105.39 -55.67 48.74
CA ASP R 195 104.45 -56.70 49.15
C ASP R 195 103.35 -56.93 48.13
N GLU R 196 103.17 -56.03 47.17
CA GLU R 196 102.14 -56.17 46.14
C GLU R 196 102.66 -56.90 44.91
N PHE R 197 103.68 -57.75 45.07
CA PHE R 197 104.26 -58.44 43.92
C PHE R 197 103.31 -59.47 43.32
N SER R 198 102.43 -60.05 44.13
CA SER R 198 101.49 -61.06 43.65
C SER R 198 100.36 -60.37 42.90
N THR R 199 100.63 -60.06 41.63
CA THR R 199 99.67 -59.34 40.80
C THR R 199 99.94 -59.68 39.34
N PRO R 200 98.91 -59.66 38.49
CA PRO R 200 99.15 -59.83 37.06
C PRO R 200 99.99 -58.70 36.49
N MET R 201 100.72 -59.00 35.42
CA MET R 201 101.60 -58.03 34.78
C MET R 201 101.16 -57.80 33.34
N MET R 202 101.48 -56.60 32.83
CA MET R 202 101.12 -56.21 31.48
C MET R 202 102.37 -55.73 30.76
N VAL R 203 102.54 -56.19 29.52
CA VAL R 203 103.64 -55.81 28.65
C VAL R 203 103.04 -55.23 27.38
N ILE R 204 103.57 -54.09 26.95
CA ILE R 204 103.17 -53.43 25.72
C ILE R 204 104.40 -53.30 24.84
N VAL R 205 104.29 -53.77 23.59
CA VAL R 205 105.42 -53.80 22.67
C VAL R 205 104.99 -53.21 21.33
N ASP R 206 106.00 -52.76 20.57
CA ASP R 206 105.80 -52.27 19.23
C ASP R 206 105.72 -53.44 18.24
N PRO R 207 105.20 -53.20 17.03
CA PRO R 207 105.05 -54.33 16.08
C PRO R 207 106.36 -55.03 15.74
N ALA R 208 107.46 -54.29 15.62
CA ALA R 208 108.74 -54.93 15.30
C ALA R 208 109.18 -55.85 16.44
N THR R 209 109.04 -55.39 17.68
CA THR R 209 109.38 -56.24 18.83
C THR R 209 108.46 -57.45 18.88
N SER R 210 107.18 -57.27 18.57
CA SER R 210 106.25 -58.40 18.55
C SER R 210 106.66 -59.42 17.50
N LEU R 211 107.11 -58.96 16.34
CA LEU R 211 107.61 -59.87 15.32
C LEU R 211 108.85 -60.61 15.81
N LYS R 212 109.76 -59.91 16.47
CA LYS R 212 110.98 -60.56 16.95
C LYS R 212 110.68 -61.56 18.07
N LEU R 213 109.59 -61.35 18.81
CA LEU R 213 109.30 -62.17 19.98
C LEU R 213 108.90 -63.61 19.64
N VAL R 214 108.62 -63.93 18.37
CA VAL R 214 108.13 -65.26 18.02
C VAL R 214 109.21 -66.17 17.47
N LYS R 215 110.44 -65.70 17.38
CA LYS R 215 111.51 -66.58 16.91
C LYS R 215 111.94 -67.54 18.02
N PRO R 216 112.44 -68.71 17.66
CA PRO R 216 112.83 -69.69 18.68
C PRO R 216 113.93 -69.17 19.59
N TYR R 217 113.86 -69.55 20.87
CA TYR R 217 114.83 -69.10 21.85
C TYR R 217 116.19 -69.73 21.59
N ALA R 218 117.24 -68.94 21.77
CA ALA R 218 118.61 -69.42 21.60
C ALA R 218 119.23 -69.75 22.96
N ALA R 223 122.02 -74.34 20.10
CA ALA R 223 121.05 -74.29 19.01
C ALA R 223 119.71 -73.75 19.51
N ALA R 224 118.82 -73.47 18.57
CA ALA R 224 117.50 -72.95 18.91
C ALA R 224 116.66 -74.00 19.63
N SER R 225 115.82 -73.53 20.54
CA SER R 225 114.94 -74.43 21.28
C SER R 225 113.93 -75.07 20.35
N SER R 226 113.58 -76.33 20.66
CA SER R 226 112.63 -77.05 19.83
C SER R 226 111.21 -76.54 20.02
N CYS R 227 110.88 -76.08 21.21
CA CYS R 227 109.51 -75.65 21.50
C CYS R 227 109.43 -74.25 22.08
N GLU R 228 110.41 -73.85 22.90
CA GLU R 228 110.35 -72.56 23.58
C GLU R 228 110.66 -71.42 22.63
N LYS R 229 109.93 -70.31 22.81
CA LYS R 229 110.14 -69.09 22.06
C LYS R 229 110.60 -67.97 23.00
N TRP R 230 111.06 -66.88 22.39
CA TRP R 230 111.46 -65.71 23.18
C TRP R 230 110.27 -65.19 24.00
N GLU R 231 109.07 -65.24 23.43
CA GLU R 231 107.89 -64.84 24.17
C GLU R 231 107.68 -65.71 25.41
N ASP R 232 107.85 -67.02 25.26
CA ASP R 232 107.72 -67.92 26.41
C ASP R 232 108.78 -67.65 27.46
N VAL R 233 110.02 -67.40 27.03
CA VAL R 233 111.08 -67.09 27.98
C VAL R 233 110.76 -65.81 28.74
N LEU R 234 110.26 -64.79 28.03
CA LEU R 234 109.89 -63.55 28.68
C LEU R 234 108.75 -63.75 29.67
N ILE R 235 107.76 -64.57 29.31
CA ILE R 235 106.64 -64.85 30.21
C ILE R 235 107.15 -65.54 31.47
N GLN R 236 108.06 -66.51 31.31
CA GLN R 236 108.62 -67.20 32.46
C GLN R 236 109.41 -66.24 33.35
N THR R 237 110.20 -65.35 32.73
CA THR R 237 110.99 -64.41 33.51
C THR R 237 110.11 -63.47 34.32
N ILE R 238 109.02 -62.98 33.71
CA ILE R 238 108.12 -62.09 34.43
C ILE R 238 107.35 -62.85 35.52
N LYS R 239 106.98 -64.10 35.24
CA LYS R 239 106.34 -64.92 36.26
C LYS R 239 107.27 -65.24 37.41
N ALA R 240 108.58 -65.18 37.19
CA ALA R 240 109.52 -65.37 38.28
C ALA R 240 109.37 -64.29 39.35
N ILE R 241 108.92 -63.10 38.97
CA ILE R 241 108.82 -61.99 39.92
C ILE R 241 107.37 -61.66 40.28
N ASN R 242 106.39 -62.04 39.47
CA ASN R 242 105.00 -61.70 39.79
C ASN R 242 104.30 -62.81 40.59
N ASN R 243 105.06 -63.68 41.25
CA ASN R 243 104.52 -64.80 42.01
C ASN R 243 103.69 -65.72 41.12
N ARG R 244 104.20 -65.96 39.91
CA ARG R 244 103.57 -66.87 38.95
C ARG R 244 102.13 -66.46 38.64
N GLU R 245 101.88 -65.16 38.54
CA GLU R 245 100.57 -64.66 38.17
C GLU R 245 100.49 -64.49 36.65
N ASP R 246 99.30 -64.11 36.19
CA ASP R 246 99.06 -63.98 34.76
C ASP R 246 99.89 -62.84 34.17
N VAL R 247 100.40 -63.06 32.97
CA VAL R 247 101.15 -62.06 32.22
C VAL R 247 100.46 -61.85 30.88
N TYR R 248 100.12 -60.60 30.58
CA TYR R 248 99.44 -60.26 29.34
C TYR R 248 100.37 -59.48 28.43
N ILE R 249 100.27 -59.73 27.13
CA ILE R 249 101.11 -59.10 26.12
C ILE R 249 100.20 -58.41 25.11
N GLU R 250 100.50 -57.14 24.81
CA GLU R 250 99.72 -56.37 23.86
C GLU R 250 100.67 -55.64 22.92
N THR R 251 100.22 -55.49 21.68
CA THR R 251 100.95 -54.75 20.66
C THR R 251 100.18 -53.48 20.32
N SER R 252 100.87 -52.35 20.39
CA SER R 252 100.26 -51.05 20.11
C SER R 252 101.03 -50.38 18.97
N ASN R 253 100.30 -49.90 17.97
CA ASN R 253 100.94 -49.20 16.85
C ASN R 253 101.46 -47.83 17.27
N LEU R 254 100.99 -47.29 18.39
CA LEU R 254 101.49 -46.00 18.85
C LEU R 254 102.95 -46.09 19.28
N LEU R 255 103.32 -47.17 19.96
CA LEU R 255 104.70 -47.34 20.41
C LEU R 255 105.63 -47.60 19.24
N LYS R 256 106.88 -47.15 19.39
CA LYS R 256 107.92 -47.37 18.38
C LYS R 256 109.22 -47.66 19.10
N HIS R 257 109.71 -48.90 18.96
CA HIS R 257 111.00 -49.31 19.52
C HIS R 257 111.04 -49.11 21.04
N LYS R 258 109.92 -49.38 21.70
CA LYS R 258 109.83 -49.24 23.14
C LYS R 258 109.00 -50.39 23.71
N ILE R 259 109.38 -50.82 24.91
CA ILE R 259 108.70 -51.89 25.63
C ILE R 259 108.33 -51.37 27.01
N LEU R 260 107.06 -51.55 27.38
CA LEU R 260 106.56 -51.11 28.67
C LEU R 260 106.12 -52.32 29.49
N ILE R 261 106.61 -52.42 30.71
CA ILE R 261 106.21 -53.50 31.62
C ILE R 261 105.74 -52.88 32.93
N TYR R 262 104.55 -53.26 33.38
CA TYR R 262 104.02 -52.71 34.62
C TYR R 262 102.95 -53.62 35.18
N PRO R 263 102.72 -53.61 36.49
CA PRO R 263 101.68 -54.47 37.08
C PRO R 263 100.29 -53.90 36.85
N LEU R 264 99.29 -54.77 37.08
CA LEU R 264 97.89 -54.42 36.98
C LEU R 264 97.23 -54.37 38.36
N ASN R 265 97.95 -53.86 39.35
CA ASN R 265 97.46 -53.76 40.72
C ASN R 265 97.10 -52.31 41.02
N SER R 266 95.92 -52.11 41.59
CA SER R 266 95.44 -50.76 41.90
C SER R 266 96.20 -50.11 43.06
N GLU R 267 96.99 -50.87 43.80
CA GLU R 267 97.74 -50.34 44.93
C GLU R 267 99.09 -49.74 44.52
N LEU R 268 99.50 -49.91 43.27
CA LEU R 268 100.76 -49.37 42.78
C LEU R 268 100.57 -48.35 41.66
N ILE R 269 99.71 -48.64 40.70
CA ILE R 269 99.37 -47.72 39.62
C ILE R 269 97.85 -47.58 39.58
N LYS R 270 97.37 -46.34 39.58
CA LYS R 270 95.95 -46.03 39.60
C LYS R 270 95.66 -44.99 38.51
N PHE R 271 94.47 -45.09 37.93
CA PHE R 271 93.99 -44.14 36.94
C PHE R 271 92.72 -43.51 37.50
N LYS R 272 92.80 -42.22 37.84
CA LYS R 272 91.66 -41.47 38.37
C LYS R 272 91.25 -40.41 37.36
N PRO R 273 90.63 -40.78 36.25
CA PRO R 273 90.27 -39.78 35.25
C PRO R 273 89.01 -39.02 35.65
N SER R 274 88.87 -37.84 35.07
CA SER R 274 87.65 -37.07 35.24
C SER R 274 86.48 -37.79 34.58
N LYS R 275 85.30 -37.63 35.17
CA LYS R 275 84.11 -38.23 34.57
C LYS R 275 83.73 -37.55 33.26
N TYR R 276 84.34 -36.42 32.94
CA TYR R 276 84.14 -35.72 31.67
C TYR R 276 85.37 -35.80 30.78
N MET R 277 86.23 -36.80 30.99
CA MET R 277 87.45 -36.91 30.20
C MET R 277 87.14 -37.19 28.73
N LEU R 278 86.19 -38.07 28.46
CA LEU R 278 85.85 -38.43 27.10
C LEU R 278 85.12 -37.28 26.42
N PRO R 279 85.13 -37.23 25.08
CA PRO R 279 84.53 -36.09 24.37
C PRO R 279 83.07 -35.88 24.72
N THR R 280 82.69 -34.60 24.85
CA THR R 280 81.34 -34.21 25.22
C THR R 280 80.95 -32.98 24.40
N PRO R 281 79.74 -32.96 23.82
CA PRO R 281 79.33 -31.78 23.06
C PRO R 281 79.17 -30.55 23.94
N ASN R 282 79.38 -29.39 23.36
CA ASN R 282 79.12 -28.13 24.02
C ASN R 282 77.75 -27.59 23.61
N GLU R 283 77.17 -26.76 24.47
CA GLU R 283 75.86 -26.21 24.20
C GLU R 283 75.90 -25.12 23.13
N GLN R 284 77.03 -24.42 23.00
CA GLN R 284 77.12 -23.31 22.07
C GLN R 284 77.22 -23.81 20.64
N VAL R 285 76.39 -23.26 19.76
CA VAL R 285 76.42 -23.57 18.34
C VAL R 285 76.43 -22.24 17.58
N ASP R 286 77.45 -22.03 16.77
CA ASP R 286 77.56 -20.79 15.99
C ASP R 286 76.70 -20.88 14.74
N LYS R 287 75.88 -19.86 14.51
CA LYS R 287 74.98 -19.81 13.38
C LYS R 287 75.05 -18.44 12.71
N ASP R 288 74.75 -18.43 11.41
CA ASP R 288 74.74 -17.19 10.64
C ASP R 288 73.70 -17.35 9.54
N SER R 289 73.77 -16.48 8.53
CA SER R 289 72.81 -16.50 7.43
C SER R 289 73.18 -17.51 6.34
N THR R 290 74.29 -18.23 6.48
CA THR R 290 74.71 -19.21 5.50
C THR R 290 74.33 -20.61 5.99
N ASP R 291 74.79 -21.62 5.26
CA ASP R 291 74.48 -23.02 5.55
C ASP R 291 75.51 -23.70 6.44
N VAL R 292 76.54 -22.98 6.88
CA VAL R 292 77.64 -23.55 7.65
C VAL R 292 77.47 -23.17 9.12
N ALA R 293 77.57 -24.15 10.00
CA ALA R 293 77.52 -23.93 11.44
C ALA R 293 78.77 -24.52 12.07
N HIS R 294 79.03 -24.13 13.32
CA HIS R 294 80.20 -24.60 14.05
C HIS R 294 79.76 -25.18 15.38
N SER R 295 80.47 -26.22 15.81
CA SER R 295 80.19 -26.89 17.09
C SER R 295 81.50 -27.13 17.82
N TYR R 296 81.38 -27.38 19.13
CA TYR R 296 82.52 -27.52 20.02
C TYR R 296 82.44 -28.83 20.80
N ILE R 297 83.60 -29.43 21.03
CA ILE R 297 83.72 -30.66 21.80
C ILE R 297 84.71 -30.42 22.94
N ASP R 298 84.34 -30.84 24.14
CA ASP R 298 85.14 -30.65 25.35
C ASP R 298 85.67 -32.00 25.83
N PHE R 299 86.88 -31.98 26.38
CA PHE R 299 87.45 -33.17 26.98
C PHE R 299 88.44 -32.74 28.07
N VAL R 300 88.75 -33.68 28.97
CA VAL R 300 89.56 -33.41 30.15
C VAL R 300 90.73 -34.38 30.17
N LEU R 301 91.93 -33.86 30.43
CA LEU R 301 93.15 -34.65 30.46
C LEU R 301 93.77 -34.63 31.86
N GLY R 302 94.42 -35.74 32.21
CA GLY R 302 95.11 -35.86 33.48
C GLY R 302 94.58 -36.98 34.35
N GLY R 303 95.36 -37.41 35.34
CA GLY R 303 94.88 -38.37 36.32
C GLY R 303 95.59 -39.70 36.41
N LEU R 304 96.88 -39.76 36.13
CA LEU R 304 97.64 -40.98 36.27
C LEU R 304 98.51 -40.92 37.52
N LEU R 305 98.38 -41.92 38.39
CA LEU R 305 99.13 -41.99 39.63
C LEU R 305 99.93 -43.28 39.64
N ALA R 306 101.20 -43.20 40.03
CA ALA R 306 102.07 -44.36 40.08
C ALA R 306 103.02 -44.25 41.24
N THR R 307 103.47 -45.41 41.75
CA THR R 307 104.51 -45.45 42.75
C THR R 307 105.88 -45.47 42.07
N ARG R 308 106.92 -45.18 42.86
CA ARG R 308 108.28 -45.11 42.32
C ARG R 308 108.81 -46.50 42.00
N LYS R 309 109.53 -46.61 40.89
CA LYS R 309 110.22 -47.83 40.47
C LYS R 309 109.27 -49.02 40.39
N THR R 310 108.15 -48.82 39.69
CA THR R 310 107.22 -49.90 39.39
C THR R 310 106.92 -49.99 37.90
N ILE R 311 107.61 -49.22 37.06
CA ILE R 311 107.41 -49.25 35.63
C ILE R 311 108.76 -49.46 34.96
N LEU R 312 108.84 -50.43 34.06
CA LEU R 312 110.03 -50.70 33.29
C LEU R 312 109.84 -50.20 31.86
N GLN R 313 110.74 -49.35 31.40
CA GLN R 313 110.66 -48.69 30.12
C GLN R 313 111.94 -48.99 29.35
N VAL R 314 111.86 -49.85 28.35
CA VAL R 314 113.02 -50.26 27.57
C VAL R 314 112.95 -49.58 26.22
N ASN R 315 113.95 -48.74 25.93
CA ASN R 315 114.03 -48.02 24.66
C ASN R 315 115.12 -48.68 23.82
N ILE R 316 114.74 -49.25 22.68
CA ILE R 316 115.68 -49.88 21.77
C ILE R 316 116.15 -48.78 20.81
N LYS R 317 117.30 -48.19 21.10
CA LYS R 317 117.79 -47.07 20.30
C LYS R 317 117.99 -47.51 18.85
N GLN R 318 117.46 -46.70 17.93
CA GLN R 318 117.44 -47.04 16.51
C GLN R 318 118.36 -46.14 15.70
N SER R 319 119.44 -45.67 16.31
CA SER R 319 120.39 -44.81 15.61
C SER R 319 121.22 -45.63 14.63
N MET S 22 72.95 18.34 7.63
CA MET S 22 72.32 17.37 8.52
C MET S 22 72.12 16.03 7.83
N LYS S 23 72.07 14.95 8.61
CA LYS S 23 71.83 13.63 8.05
C LYS S 23 70.49 13.57 7.35
N ASN S 24 69.43 14.01 8.02
CA ASN S 24 68.08 14.05 7.45
C ASN S 24 67.48 15.42 7.74
N PRO S 25 67.59 16.37 6.81
CA PRO S 25 67.05 17.72 7.06
C PRO S 25 65.54 17.69 7.23
N GLN S 26 65.08 18.17 8.37
CA GLN S 26 63.66 18.16 8.72
C GLN S 26 62.99 19.35 8.06
N HIS S 27 62.60 19.16 6.80
CA HIS S 27 61.88 20.18 6.03
C HIS S 27 60.61 19.55 5.49
N ASP S 28 59.48 20.18 5.79
CA ASP S 28 58.19 19.73 5.28
C ASP S 28 57.92 20.35 3.92
N ALA S 29 57.66 19.52 2.93
CA ALA S 29 57.43 19.95 1.56
C ALA S 29 55.95 19.84 1.23
N SER S 30 55.59 20.30 0.04
CA SER S 30 54.23 20.20 -0.47
C SER S 30 54.08 19.14 -1.54
N LEU S 31 55.17 18.48 -1.93
CA LEU S 31 55.14 17.48 -2.99
C LEU S 31 55.96 16.27 -2.56
N LEU S 32 55.64 15.13 -3.16
CA LEU S 32 56.42 13.92 -2.96
C LEU S 32 57.54 13.86 -4.00
N SER S 33 58.77 13.67 -3.51
CA SER S 33 59.91 13.58 -4.42
C SER S 33 59.77 12.37 -5.33
N ASN S 34 60.07 12.56 -6.60
CA ASN S 34 59.94 11.52 -7.62
C ASN S 34 61.05 10.50 -7.43
N SER S 35 60.72 9.36 -6.82
CA SER S 35 61.70 8.32 -6.51
C SER S 35 61.11 6.94 -6.78
N ASN S 36 60.48 6.77 -7.95
CA ASN S 36 59.90 5.47 -8.31
C ASN S 36 60.92 4.53 -8.93
N GLU S 37 61.92 5.06 -9.63
CA GLU S 37 62.95 4.22 -10.24
C GLU S 37 63.86 3.63 -9.17
N PHE S 38 64.04 2.31 -9.20
CA PHE S 38 64.85 1.65 -8.18
C PHE S 38 66.34 1.73 -8.44
N ARG S 39 66.75 2.10 -9.65
CA ARG S 39 68.16 2.25 -9.97
C ARG S 39 68.63 3.67 -9.66
N ASP S 40 69.90 3.78 -9.27
CA ASP S 40 70.51 5.06 -8.89
C ASP S 40 69.69 5.77 -7.82
N LYS S 41 69.45 5.04 -6.73
CA LYS S 41 68.60 5.53 -5.65
C LYS S 41 69.29 5.44 -4.29
N ASN S 42 70.56 5.06 -4.26
CA ASN S 42 71.27 4.84 -3.01
C ASN S 42 72.32 5.89 -2.68
N VAL S 43 72.72 6.72 -3.64
CA VAL S 43 73.75 7.73 -3.40
C VAL S 43 73.03 8.95 -2.85
N GLU S 44 72.80 8.93 -1.53
CA GLU S 44 72.11 10.00 -0.83
C GLU S 44 72.82 10.26 0.49
N PHE S 45 72.68 11.50 0.98
CA PHE S 45 73.31 11.87 2.25
C PHE S 45 72.70 11.10 3.42
N PHE S 46 71.38 10.92 3.41
CA PHE S 46 70.72 10.25 4.51
C PHE S 46 71.00 8.75 4.57
N ALA S 47 71.63 8.17 3.55
CA ALA S 47 71.92 6.74 3.54
C ALA S 47 73.07 6.49 4.51
N SER S 48 72.74 6.20 5.76
CA SER S 48 73.73 5.97 6.79
C SER S 48 74.22 4.51 6.75
N GLY S 49 75.31 4.27 7.47
CA GLY S 49 75.90 2.94 7.52
C GLY S 49 76.84 2.66 6.37
N GLY S 50 76.97 1.40 5.99
CA GLY S 50 77.83 1.01 4.89
C GLY S 50 77.08 0.18 3.88
N THR S 51 77.61 0.17 2.65
CA THR S 51 77.00 -0.61 1.58
C THR S 51 77.05 -2.10 1.91
N ARG S 52 78.18 -2.57 2.42
CA ARG S 52 78.34 -3.94 2.88
C ARG S 52 78.75 -3.92 4.35
N THR S 53 78.00 -4.64 5.18
CA THR S 53 78.22 -4.61 6.63
C THR S 53 78.27 -6.03 7.16
N SER S 54 79.17 -6.27 8.11
CA SER S 54 79.31 -7.55 8.77
C SER S 54 78.72 -7.48 10.17
N LYS S 55 78.24 -8.63 10.65
CA LYS S 55 77.69 -8.69 12.00
C LYS S 55 78.74 -8.38 13.06
N PHE S 56 80.02 -8.63 12.74
CA PHE S 56 81.10 -8.51 13.72
C PHE S 56 81.89 -7.23 13.54
N ASP S 57 81.28 -6.18 12.99
CA ASP S 57 81.91 -4.87 12.93
C ASP S 57 81.74 -4.17 14.26
N LYS S 58 82.82 -3.58 14.78
CA LYS S 58 82.81 -2.90 16.07
C LYS S 58 82.37 -1.46 15.89
N LEU S 59 81.36 -1.05 16.64
CA LEU S 59 80.80 0.30 16.57
C LEU S 59 80.87 0.94 17.93
N GLU S 60 81.34 2.19 18.00
CA GLU S 60 81.47 2.90 19.26
C GLU S 60 80.75 4.23 19.16
N ASN S 61 79.92 4.55 20.15
CA ASN S 61 79.22 5.83 20.19
C ASN S 61 79.99 6.80 21.06
N HIS S 62 80.22 8.00 20.54
CA HIS S 62 80.96 9.04 21.26
C HIS S 62 80.25 10.37 21.13
N PRO S 63 80.36 11.23 22.15
CA PRO S 63 79.90 12.61 21.99
C PRO S 63 80.69 13.32 20.91
N PHE S 64 80.02 14.19 20.16
CA PHE S 64 80.64 14.88 19.04
C PHE S 64 80.35 16.38 19.11
N LEU S 65 81.24 17.15 18.50
CA LEU S 65 81.07 18.59 18.32
C LEU S 65 81.23 18.91 16.84
N GLY S 66 80.30 19.67 16.29
CA GLY S 66 80.31 19.96 14.87
C GLY S 66 79.41 19.03 14.08
N TYR S 67 79.77 18.78 12.82
CA TYR S 67 79.00 17.91 11.93
C TYR S 67 79.95 16.89 11.30
N PRO S 68 80.31 15.85 12.04
CA PRO S 68 81.30 14.89 11.53
C PRO S 68 80.69 13.80 10.67
N TYR S 69 79.47 13.98 10.21
CA TYR S 69 78.75 12.93 9.49
C TYR S 69 79.51 12.53 8.22
N LYS S 70 79.68 11.22 8.04
CA LYS S 70 80.37 10.65 6.88
C LYS S 70 81.76 11.27 6.70
N ARG S 71 82.48 11.41 7.81
CA ARG S 71 83.80 12.01 7.79
C ARG S 71 84.71 11.27 8.77
N GLY S 72 86.01 11.43 8.56
CA GLY S 72 86.97 10.93 9.54
C GLY S 72 86.98 11.80 10.78
N VAL S 73 87.16 11.14 11.93
CA VAL S 73 87.05 11.82 13.22
C VAL S 73 88.34 11.64 14.01
N LYS S 74 88.54 12.55 14.95
CA LYS S 74 89.67 12.53 15.87
C LYS S 74 89.17 12.83 17.28
N ARG S 75 89.80 12.21 18.26
CA ARG S 75 89.48 12.47 19.66
C ARG S 75 90.05 13.80 20.11
N VAL S 76 89.28 14.52 20.92
CA VAL S 76 89.71 15.78 21.52
C VAL S 76 89.45 15.70 23.01
N ILE S 77 90.49 16.00 23.80
CA ILE S 77 90.43 16.00 25.25
C ILE S 77 90.68 17.42 25.74
N GLN S 78 89.85 17.90 26.66
CA GLN S 78 90.01 19.22 27.23
C GLN S 78 91.35 19.36 27.95
N HIS S 86 84.51 20.26 33.69
CA HIS S 86 85.36 19.44 32.83
C HIS S 86 84.60 18.22 32.34
N TYR S 87 84.63 17.98 31.03
CA TYR S 87 83.84 16.93 30.40
C TYR S 87 84.73 15.86 29.81
N GLU S 88 84.13 14.71 29.53
CA GLU S 88 84.84 13.59 28.94
C GLU S 88 85.23 13.92 27.50
N PRO S 89 86.26 13.25 26.97
CA PRO S 89 86.71 13.56 25.62
C PRO S 89 85.64 13.31 24.58
N HIS S 90 85.64 14.14 23.54
CA HIS S 90 84.67 14.05 22.46
C HIS S 90 85.40 13.73 21.16
N VAL S 91 84.65 13.72 20.05
CA VAL S 91 85.22 13.49 18.73
C VAL S 91 84.81 14.64 17.83
N GLU S 92 85.65 14.94 16.85
CA GLU S 92 85.34 15.98 15.89
C GLU S 92 86.00 15.67 14.56
N ALA S 93 85.47 16.28 13.49
CA ALA S 93 85.98 16.03 12.15
C ALA S 93 87.46 16.37 12.06
N GLY S 94 88.24 15.43 11.52
CA GLY S 94 89.67 15.61 11.39
C GLY S 94 90.26 14.48 10.58
N GLY S 95 91.57 14.55 10.39
CA GLY S 95 92.24 13.53 9.62
C GLY S 95 93.74 13.60 9.80
N GLY S 96 94.44 12.86 8.94
CA GLY S 96 95.89 12.81 8.98
C GLY S 96 96.42 11.89 10.07
N GLU S 97 97.47 12.33 10.77
CA GLU S 97 98.06 11.51 11.82
C GLU S 97 97.14 11.40 13.04
N ASP S 98 96.15 12.27 13.17
CA ASP S 98 95.25 12.27 14.30
C ASP S 98 93.99 11.44 14.07
N LEU S 99 93.89 10.75 12.94
CA LEU S 99 92.68 9.99 12.63
C LEU S 99 92.46 8.88 13.66
N TYR S 100 91.20 8.73 14.08
CA TYR S 100 90.80 7.68 15.01
C TYR S 100 89.73 6.76 14.46
N GLY S 101 88.92 7.22 13.51
CA GLY S 101 87.86 6.39 12.97
C GLY S 101 87.03 7.17 11.98
N ILE S 102 85.92 6.56 11.58
CA ILE S 102 85.02 7.14 10.58
C ILE S 102 83.62 7.20 11.18
N CYS S 103 82.96 8.35 11.06
CA CYS S 103 81.60 8.51 11.56
C CYS S 103 80.62 8.08 10.49
N ILE S 104 79.77 7.10 10.81
CA ILE S 104 78.82 6.55 9.85
C ILE S 104 77.38 6.89 10.20
N ASP S 105 77.10 7.37 11.40
CA ASP S 105 75.73 7.73 11.78
C ASP S 105 75.79 8.76 12.90
N ILE S 106 74.73 9.54 13.02
CA ILE S 106 74.62 10.58 14.05
C ILE S 106 73.20 10.58 14.58
N ASP S 107 73.07 10.64 15.91
CA ASP S 107 71.80 10.91 16.58
C ASP S 107 71.88 12.34 17.12
N GLU S 108 71.03 13.21 16.56
CA GLU S 108 71.08 14.62 16.91
C GLU S 108 70.47 14.88 18.29
N PHE S 109 69.42 14.13 18.64
CA PHE S 109 68.75 14.36 19.92
C PHE S 109 69.70 14.18 21.09
N SER S 110 70.48 13.09 21.08
CA SER S 110 71.46 12.83 22.12
C SER S 110 72.84 13.36 21.75
N LYS S 111 73.00 13.91 20.56
CA LYS S 111 74.28 14.47 20.10
C LYS S 111 75.39 13.43 20.19
N THR S 112 75.14 12.25 19.63
CA THR S 112 76.09 11.15 19.69
C THR S 112 76.37 10.60 18.30
N ALA S 113 77.64 10.32 18.02
CA ALA S 113 78.07 9.83 16.72
C ALA S 113 78.56 8.39 16.83
N THR S 114 78.18 7.59 15.84
CA THR S 114 78.64 6.21 15.72
C THR S 114 79.91 6.17 14.88
N ILE S 115 80.93 5.52 15.41
CA ILE S 115 82.27 5.53 14.82
C ILE S 115 82.75 4.10 14.65
N VAL S 116 83.32 3.82 13.48
CA VAL S 116 84.01 2.57 13.20
C VAL S 116 85.50 2.80 13.45
N PRO S 117 86.12 2.07 14.38
CA PRO S 117 87.56 2.27 14.63
C PRO S 117 88.39 2.00 13.38
N ILE S 118 89.53 2.68 13.30
CA ILE S 118 90.39 2.57 12.13
C ILE S 118 90.93 1.14 11.96
N THR S 119 90.91 0.34 13.02
CA THR S 119 91.34 -1.05 12.95
C THR S 119 90.26 -1.97 12.40
N ASN S 120 89.20 -1.43 11.81
CA ASN S 120 88.10 -2.22 11.29
C ASN S 120 87.86 -1.85 9.84
N ASN S 121 87.60 -2.85 9.01
CA ASN S 121 87.35 -2.63 7.59
C ASN S 121 86.01 -1.91 7.40
N PHE S 122 85.96 -1.04 6.38
CA PHE S 122 84.76 -0.27 6.09
C PHE S 122 84.58 -0.14 4.59
N GLU S 123 83.33 -0.07 4.16
CA GLU S 123 82.99 0.13 2.76
C GLU S 123 81.70 0.93 2.68
N GLY S 124 81.77 2.12 2.10
CA GLY S 124 80.58 2.96 2.00
C GLY S 124 80.92 4.29 1.36
N TYR S 125 79.94 5.19 1.36
CA TYR S 125 80.10 6.51 0.78
C TYR S 125 80.53 7.50 1.85
N LEU S 126 81.56 8.29 1.54
CA LEU S 126 82.10 9.28 2.45
C LEU S 126 82.22 10.62 1.73
N VAL S 127 82.43 11.68 2.52
CA VAL S 127 82.50 13.02 1.96
C VAL S 127 83.82 13.21 1.22
N ALA S 128 83.74 13.73 0.00
CA ALA S 128 84.89 14.03 -0.81
C ALA S 128 85.12 15.54 -0.87
N LYS S 129 86.40 15.94 -0.93
CA LYS S 129 86.73 17.36 -0.91
C LYS S 129 86.24 18.06 -2.18
N ASP S 130 86.46 17.45 -3.34
CA ASP S 130 86.06 18.05 -4.61
C ASP S 130 85.76 16.95 -5.60
N SER S 131 85.20 17.35 -6.75
CA SER S 131 84.84 16.41 -7.80
C SER S 131 86.03 16.11 -8.70
N THR S 132 87.15 15.72 -8.10
CA THR S 132 88.36 15.38 -8.84
C THR S 132 88.84 13.96 -8.54
N VAL S 133 88.04 13.17 -7.81
CA VAL S 133 88.42 11.82 -7.42
C VAL S 133 87.78 10.84 -8.39
N LYS S 134 88.60 10.05 -9.06
CA LYS S 134 88.13 9.03 -9.98
C LYS S 134 88.26 7.65 -9.36
N VAL S 135 87.82 6.63 -10.10
CA VAL S 135 87.93 5.26 -9.63
C VAL S 135 89.39 4.85 -9.57
N LYS S 136 89.71 3.95 -8.64
CA LYS S 136 91.02 3.35 -8.42
C LYS S 136 92.01 4.31 -7.78
N ASP S 137 91.64 5.56 -7.54
CA ASP S 137 92.58 6.53 -6.98
C ASP S 137 92.77 6.28 -5.48
N LYS S 138 94.00 6.47 -5.02
CA LYS S 138 94.30 6.37 -3.60
C LYS S 138 93.94 7.69 -2.91
N LEU S 139 93.35 7.59 -1.72
CA LEU S 139 92.76 8.74 -1.05
C LEU S 139 93.31 8.88 0.36
N ILE S 140 93.33 10.12 0.84
CA ILE S 140 93.77 10.45 2.20
C ILE S 140 92.72 11.34 2.85
N PHE S 141 92.63 11.26 4.18
CA PHE S 141 91.79 12.17 4.93
C PHE S 141 92.52 13.48 5.18
N ASN S 142 91.83 14.59 5.00
CA ASN S 142 92.42 15.91 5.17
C ASN S 142 92.09 16.44 6.56
N LYS S 143 92.42 17.71 6.80
CA LYS S 143 92.17 18.31 8.11
C LYS S 143 90.68 18.37 8.44
N ASP S 144 89.83 18.51 7.43
CA ASP S 144 88.39 18.62 7.63
C ASP S 144 87.69 17.27 7.59
N GLY S 145 88.41 16.16 7.48
CA GLY S 145 87.81 14.86 7.42
C GLY S 145 87.27 14.45 6.07
N ALA S 146 87.64 15.16 5.01
CA ALA S 146 87.20 14.83 3.66
C ALA S 146 88.29 14.05 2.93
N LEU S 147 87.87 13.21 1.99
CA LEU S 147 88.78 12.34 1.26
C LEU S 147 89.29 13.05 0.01
N GLU S 148 90.60 12.98 -0.21
CA GLU S 148 91.24 13.63 -1.35
C GLU S 148 92.33 12.74 -1.90
N LYS S 149 92.64 12.94 -3.18
CA LYS S 149 93.67 12.15 -3.84
C LYS S 149 95.04 12.45 -3.25
N VAL S 150 95.90 11.44 -3.21
CA VAL S 150 97.25 11.58 -2.68
C VAL S 150 98.05 12.58 -3.50
N LYS S 156 102.69 9.79 1.69
CA LYS S 156 101.88 10.78 2.38
C LYS S 156 100.66 10.16 3.05
N ALA S 157 100.25 9.01 2.55
CA ALA S 157 99.05 8.34 3.06
C ALA S 157 99.40 7.51 4.29
N THR S 158 98.72 7.81 5.40
CA THR S 158 98.88 7.03 6.62
C THR S 158 97.89 5.87 6.72
N ILE S 159 96.93 5.79 5.80
CA ILE S 159 95.93 4.72 5.80
C ILE S 159 95.79 4.19 4.39
N ASN S 160 95.15 3.03 4.29
CA ASN S 160 94.88 2.37 3.00
C ASN S 160 93.44 2.65 2.62
N ALA S 161 93.24 3.55 1.66
CA ALA S 161 91.91 3.90 1.18
C ALA S 161 91.93 3.90 -0.35
N THR S 162 90.96 3.21 -0.95
CA THR S 162 90.86 3.10 -2.40
C THR S 162 89.46 3.52 -2.83
N ALA S 163 89.38 4.41 -3.81
CA ALA S 163 88.11 4.86 -4.33
C ALA S 163 87.52 3.82 -5.26
N LEU S 164 86.25 3.48 -5.05
CA LEU S 164 85.56 2.50 -5.88
C LEU S 164 84.64 3.13 -6.91
N THR S 165 84.24 4.38 -6.74
CA THR S 165 83.36 5.06 -7.68
C THR S 165 83.87 6.49 -7.89
N ASP S 166 83.29 7.15 -8.89
CA ASP S 166 83.59 8.54 -9.15
C ASP S 166 82.92 9.43 -8.11
N ALA S 167 83.44 10.64 -7.97
CA ALA S 167 82.84 11.62 -7.08
C ALA S 167 81.46 12.01 -7.61
N LYS S 168 80.48 12.05 -6.72
CA LYS S 168 79.10 12.36 -7.09
C LYS S 168 78.59 13.52 -6.25
N GLN S 169 78.05 14.54 -6.93
CA GLN S 169 77.53 15.71 -6.24
C GLN S 169 76.10 15.46 -5.78
N ILE S 170 75.80 15.76 -4.52
CA ILE S 170 74.47 15.58 -3.97
C ILE S 170 73.86 16.87 -3.46
N SER S 171 74.65 17.93 -3.25
CA SER S 171 74.16 19.16 -2.67
C SER S 171 74.86 20.32 -3.38
N ASN S 172 74.77 21.52 -2.80
CA ASN S 172 75.37 22.69 -3.41
C ASN S 172 76.85 22.48 -3.71
N GLU S 173 77.59 21.98 -2.71
CA GLU S 173 79.02 21.68 -2.91
C GLU S 173 79.43 20.38 -2.24
N VAL S 174 78.50 19.50 -1.92
CA VAL S 174 78.80 18.25 -1.22
C VAL S 174 79.03 17.14 -2.23
N TYR S 175 80.16 16.46 -2.12
CA TYR S 175 80.52 15.35 -3.00
C TYR S 175 80.68 14.08 -2.16
N LEU S 176 80.08 12.99 -2.63
CA LEU S 176 80.16 11.70 -1.98
C LEU S 176 80.86 10.71 -2.90
N VAL S 177 81.78 9.93 -2.35
CA VAL S 177 82.52 8.92 -3.09
C VAL S 177 82.52 7.62 -2.31
N LYS S 178 82.31 6.51 -3.02
CA LYS S 178 82.36 5.19 -2.40
C LYS S 178 83.81 4.76 -2.25
N VAL S 179 84.22 4.43 -1.02
CA VAL S 179 85.62 4.17 -0.70
C VAL S 179 85.70 2.95 0.20
N ALA S 180 86.69 2.10 -0.06
CA ALA S 180 87.02 0.98 0.82
C ALA S 180 88.25 1.35 1.63
N VAL S 181 88.11 1.32 2.95
CA VAL S 181 89.20 1.65 3.87
C VAL S 181 89.56 0.40 4.65
N PHE S 182 90.82 -0.03 4.54
CA PHE S 182 91.28 -1.26 5.18
C PHE S 182 92.59 -0.99 5.93
N GLY S 183 92.47 -0.56 7.17
CA GLY S 183 93.60 -0.46 8.06
C GLY S 183 94.58 0.66 7.73
N ASN S 184 95.73 0.59 8.40
CA ASN S 184 96.80 1.54 8.21
C ASN S 184 97.68 1.13 7.04
N LYS S 185 98.70 1.93 6.76
CA LYS S 185 99.67 1.66 5.71
C LYS S 185 101.06 1.96 6.26
N ALA S 186 101.92 0.94 6.27
CA ALA S 186 103.27 1.10 6.81
C ALA S 186 104.04 2.14 6.02
N MET S 187 104.73 3.02 6.74
CA MET S 187 105.53 4.09 6.14
C MET S 187 104.69 4.97 5.21
N LEU T 21 96.42 -27.27 -8.59
CA LEU T 21 95.81 -26.05 -9.13
C LEU T 21 94.33 -25.97 -8.77
N MET T 22 93.85 -26.94 -8.00
CA MET T 22 92.48 -26.96 -7.53
C MET T 22 92.46 -27.32 -6.06
N LYS T 23 91.48 -26.77 -5.33
CA LYS T 23 91.39 -27.00 -3.89
C LYS T 23 91.13 -28.46 -3.59
N ASN T 24 90.12 -29.06 -4.22
CA ASN T 24 89.73 -30.43 -3.96
C ASN T 24 89.27 -31.08 -5.26
N PRO T 25 90.22 -31.50 -6.10
CA PRO T 25 89.84 -32.18 -7.36
C PRO T 25 89.21 -33.52 -7.07
N GLN T 26 88.12 -33.81 -7.77
CA GLN T 26 87.37 -35.04 -7.57
C GLN T 26 87.86 -36.11 -8.54
N GLN T 27 88.28 -37.25 -7.99
CA GLN T 27 88.78 -38.37 -8.77
C GLN T 27 88.08 -39.65 -8.33
N ASP T 28 88.27 -40.69 -9.12
CA ASP T 28 87.71 -42.00 -8.83
C ASP T 28 88.83 -43.04 -8.78
N SER T 29 88.64 -44.03 -7.91
CA SER T 29 89.64 -45.09 -7.75
C SER T 29 88.92 -46.39 -7.41
N GLY T 30 89.60 -47.49 -7.71
CA GLY T 30 89.09 -48.81 -7.36
C GLY T 30 89.46 -49.30 -5.99
N LEU T 31 90.26 -48.54 -5.24
CA LEU T 31 90.75 -48.94 -3.94
C LEU T 31 90.51 -47.82 -2.93
N LEU T 32 90.43 -48.21 -1.66
CA LEU T 32 90.25 -47.27 -0.56
C LEU T 32 91.58 -47.03 0.15
N SER T 33 91.87 -45.77 0.42
CA SER T 33 93.06 -45.44 1.19
C SER T 33 92.82 -45.74 2.67
N ASN T 34 93.92 -45.93 3.40
CA ASN T 34 93.88 -46.30 4.81
C ASN T 34 94.58 -45.23 5.63
N SER T 35 93.93 -44.81 6.72
CA SER T 35 94.53 -43.86 7.66
C SER T 35 95.23 -44.64 8.75
N ILE T 36 96.56 -44.56 8.78
CA ILE T 36 97.34 -45.33 9.74
C ILE T 36 97.69 -44.56 10.99
N ASP T 37 97.61 -43.23 10.96
CA ASP T 37 97.96 -42.42 12.13
C ASP T 37 97.10 -41.17 12.15
N PHE T 38 96.91 -40.63 13.35
CA PHE T 38 96.13 -39.41 13.53
C PHE T 38 96.98 -38.15 13.46
N ARG T 39 98.28 -38.29 13.20
CA ARG T 39 99.20 -37.17 13.18
C ARG T 39 99.61 -36.85 11.76
N ASP T 40 99.90 -35.57 11.52
CA ASP T 40 100.39 -35.08 10.22
C ASP T 40 99.38 -35.37 9.10
N GLN T 41 98.09 -35.31 9.42
CA GLN T 41 97.04 -35.51 8.43
C GLN T 41 96.44 -34.21 7.93
N ASN T 42 96.92 -33.05 8.39
CA ASN T 42 96.38 -31.77 7.98
C ASN T 42 97.26 -31.04 6.97
N LEU T 43 98.32 -31.69 6.50
CA LEU T 43 99.23 -31.07 5.53
C LEU T 43 98.81 -31.42 4.10
N ILE T 44 97.61 -30.98 3.74
CA ILE T 44 97.05 -31.23 2.41
C ILE T 44 96.55 -29.91 1.84
N PHE T 45 96.50 -29.83 0.51
CA PHE T 45 96.03 -28.64 -0.17
C PHE T 45 94.55 -28.40 0.03
N SER T 46 93.79 -29.43 0.43
CA SER T 46 92.36 -29.29 0.67
C SER T 46 92.04 -28.73 2.05
N ASN T 47 93.04 -28.48 2.89
CA ASN T 47 92.82 -27.95 4.22
C ASN T 47 92.55 -26.45 4.12
N SER T 48 91.28 -26.10 3.99
CA SER T 48 90.86 -24.71 3.86
C SER T 48 90.59 -24.11 5.24
N GLY T 49 90.38 -22.79 5.24
CA GLY T 49 90.16 -22.09 6.49
C GLY T 49 91.44 -21.85 7.26
N GLY T 50 91.30 -21.74 8.57
CA GLY T 50 92.43 -21.51 9.44
C GLY T 50 92.60 -22.58 10.50
N VAL T 51 93.81 -22.73 11.02
CA VAL T 51 94.05 -23.71 12.08
C VAL T 51 93.37 -23.27 13.37
N CYS T 52 93.38 -21.98 13.65
CA CYS T 52 92.69 -21.42 14.81
C CYS T 52 91.81 -20.28 14.33
N THR T 53 90.50 -20.45 14.50
CA THR T 53 89.51 -19.49 14.01
C THR T 53 88.66 -18.99 15.15
N SER T 54 88.41 -17.68 15.17
CA SER T 54 87.56 -17.07 16.18
C SER T 54 86.13 -16.97 15.69
N SER T 55 85.18 -17.12 16.62
CA SER T 55 83.77 -16.99 16.29
C SER T 55 83.38 -15.57 15.92
N LYS T 56 84.24 -14.59 16.16
CA LYS T 56 83.98 -13.20 15.86
C LYS T 56 84.80 -12.70 14.67
N ASP T 57 85.23 -13.60 13.79
CA ASP T 57 86.05 -13.23 12.64
C ASP T 57 85.18 -12.67 11.52
N LYS T 58 85.70 -11.65 10.85
CA LYS T 58 84.99 -11.03 9.73
C LYS T 58 85.43 -11.69 8.43
N ILE T 59 84.45 -12.17 7.66
CA ILE T 59 84.68 -12.95 6.46
C ILE T 59 83.92 -12.31 5.30
N GLU T 60 84.58 -12.13 4.16
CA GLU T 60 83.94 -11.59 2.98
C GLU T 60 84.12 -12.58 1.82
N ASN T 61 83.43 -12.31 0.72
CA ASN T 61 83.63 -13.08 -0.49
C ASN T 61 83.62 -12.16 -1.70
N TYR T 62 84.43 -12.50 -2.69
CA TYR T 62 84.58 -11.70 -3.89
C TYR T 62 84.60 -12.62 -5.10
N PRO T 63 84.30 -12.10 -6.30
CA PRO T 63 84.55 -12.88 -7.52
C PRO T 63 86.04 -13.11 -7.70
N ALA T 64 86.43 -14.34 -7.97
CA ALA T 64 87.83 -14.70 -8.07
C ALA T 64 88.34 -14.56 -9.50
N LYS T 65 89.47 -13.89 -9.66
CA LYS T 65 90.20 -13.86 -10.92
C LYS T 65 91.45 -14.71 -10.79
N GLY T 66 91.61 -15.67 -11.69
CA GLY T 66 92.68 -16.63 -11.51
C GLY T 66 92.34 -17.60 -10.38
N TYR T 67 93.38 -18.10 -9.72
CA TYR T 67 93.22 -19.02 -8.59
C TYR T 67 94.04 -18.49 -7.42
N PRO T 68 93.47 -17.56 -6.64
CA PRO T 68 94.23 -16.95 -5.54
C PRO T 68 94.15 -17.76 -4.25
N TYR T 69 93.77 -19.02 -4.35
CA TYR T 69 93.61 -19.87 -3.17
C TYR T 69 94.91 -19.93 -2.36
N LYS T 70 94.78 -19.76 -1.05
CA LYS T 70 95.91 -19.80 -0.11
C LYS T 70 96.99 -18.79 -0.48
N ARG T 71 96.56 -17.59 -0.90
CA ARG T 71 97.48 -16.54 -1.29
C ARG T 71 96.93 -15.20 -0.83
N GLY T 72 97.84 -14.22 -0.70
CA GLY T 72 97.41 -12.86 -0.46
C GLY T 72 96.75 -12.27 -1.70
N VAL T 73 95.67 -11.53 -1.48
CA VAL T 73 94.86 -11.01 -2.57
C VAL T 73 94.84 -9.50 -2.54
N LYS T 74 94.61 -8.91 -3.70
CA LYS T 74 94.47 -7.47 -3.86
C LYS T 74 93.27 -7.18 -4.75
N LEU T 75 92.73 -5.97 -4.60
CA LEU T 75 91.59 -5.55 -5.38
C LEU T 75 92.01 -5.27 -6.82
N SER T 76 91.24 -5.79 -7.78
CA SER T 76 91.51 -5.61 -9.20
C SER T 76 90.26 -5.03 -9.85
N PHE T 77 90.46 -3.99 -10.66
CA PHE T 77 89.37 -3.29 -11.33
C PHE T 77 89.45 -3.55 -12.83
N GLY T 78 88.29 -3.76 -13.44
CA GLY T 78 88.23 -3.96 -14.88
C GLY T 78 87.98 -2.66 -15.62
N ASP T 79 87.14 -2.70 -16.65
CA ASP T 79 86.77 -1.52 -17.41
C ASP T 79 85.55 -0.80 -16.83
N GLY T 80 85.02 -1.29 -15.71
CA GLY T 80 83.83 -0.72 -15.12
C GLY T 80 82.53 -1.40 -15.49
N THR T 81 82.56 -2.26 -16.52
CA THR T 81 81.35 -2.99 -16.90
C THR T 81 80.95 -3.97 -15.82
N THR T 82 81.92 -4.65 -15.21
CA THR T 82 81.65 -5.63 -14.17
C THR T 82 82.25 -5.17 -12.85
N GLU T 83 81.82 -5.81 -11.77
CA GLU T 83 82.28 -5.46 -10.44
C GLU T 83 83.75 -5.84 -10.25
N LEU T 84 84.38 -5.18 -9.28
CA LEU T 84 85.78 -5.44 -8.98
C LEU T 84 85.96 -6.85 -8.43
N GLU T 85 87.15 -7.40 -8.61
CA GLU T 85 87.47 -8.75 -8.19
C GLU T 85 88.69 -8.73 -7.27
N VAL T 86 89.10 -9.92 -6.82
CA VAL T 86 90.32 -10.09 -6.05
C VAL T 86 91.25 -11.00 -6.83
N GLU T 87 92.52 -10.62 -6.92
CA GLU T 87 93.52 -11.41 -7.61
C GLU T 87 94.78 -11.51 -6.77
N ALA T 88 95.54 -12.58 -7.00
CA ALA T 88 96.74 -12.82 -6.23
C ALA T 88 97.71 -11.64 -6.37
N GLY T 89 98.20 -11.16 -5.23
CA GLY T 89 99.08 -10.02 -5.21
C GLY T 89 99.51 -9.71 -3.79
N GLY T 90 100.34 -8.68 -3.67
CA GLY T 90 100.84 -8.30 -2.36
C GLY T 90 101.64 -7.02 -2.43
N GLY T 91 102.33 -6.75 -1.34
CA GLY T 91 103.12 -5.54 -1.23
C GLY T 91 102.30 -4.38 -0.70
N ASP T 92 102.27 -3.28 -1.45
CA ASP T 92 101.49 -2.11 -1.04
C ASP T 92 100.02 -2.22 -1.41
N ASP T 93 99.65 -3.18 -2.26
CA ASP T 93 98.26 -3.37 -2.66
C ASP T 93 97.56 -4.46 -1.84
N LEU T 94 98.23 -5.04 -0.85
CA LEU T 94 97.66 -6.16 -0.11
C LEU T 94 96.37 -5.78 0.59
N TYR T 95 95.26 -6.40 0.16
CA TYR T 95 93.96 -6.16 0.77
C TYR T 95 93.57 -7.21 1.80
N GLY T 96 93.94 -8.46 1.58
CA GLY T 96 93.56 -9.51 2.52
C GLY T 96 94.15 -10.83 2.12
N VAL T 97 93.63 -11.89 2.71
CA VAL T 97 94.12 -13.26 2.48
C VAL T 97 92.95 -14.12 2.04
N CYS T 98 93.13 -14.85 0.94
CA CYS T 98 92.14 -15.79 0.46
C CYS T 98 92.31 -17.12 1.18
N SER T 99 91.24 -17.59 1.82
CA SER T 99 91.30 -18.82 2.61
C SER T 99 90.46 -19.95 2.03
N ASP T 100 89.64 -19.69 1.03
CA ASP T 100 88.80 -20.73 0.45
C ASP T 100 88.29 -20.25 -0.91
N ILE T 101 87.94 -21.22 -1.75
CA ILE T 101 87.35 -20.93 -3.06
C ILE T 101 86.21 -21.91 -3.31
N ASP T 102 85.08 -21.39 -3.78
CA ASP T 102 83.96 -22.23 -4.22
C ASP T 102 84.12 -22.49 -5.72
N GLU T 103 84.32 -23.75 -6.09
CA GLU T 103 84.56 -24.07 -7.49
C GLU T 103 83.34 -23.82 -8.36
N PHE T 104 82.15 -24.11 -7.82
CA PHE T 104 80.93 -23.96 -8.61
C PHE T 104 80.65 -22.51 -8.95
N SER T 105 80.86 -21.60 -8.00
CA SER T 105 80.43 -20.22 -8.15
C SER T 105 81.56 -19.25 -8.44
N GLY T 106 82.82 -19.64 -8.27
CA GLY T 106 83.92 -18.71 -8.47
C GLY T 106 84.03 -17.65 -7.40
N MET T 107 83.59 -17.96 -6.18
CA MET T 107 83.63 -17.03 -5.06
C MET T 107 84.84 -17.35 -4.19
N ALA T 108 85.68 -16.36 -3.96
CA ALA T 108 86.84 -16.49 -3.10
C ALA T 108 86.52 -15.88 -1.74
N THR T 109 86.72 -16.67 -0.69
CA THR T 109 86.54 -16.23 0.69
C THR T 109 87.79 -15.49 1.14
N VAL T 110 87.60 -14.25 1.60
CA VAL T 110 88.69 -13.34 1.92
C VAL T 110 88.57 -12.90 3.37
N ILE T 111 89.68 -12.93 4.08
CA ILE T 111 89.81 -12.35 5.41
C ILE T 111 90.62 -11.07 5.28
N PRO T 112 90.06 -9.92 5.65
CA PRO T 112 90.77 -8.65 5.43
C PRO T 112 92.01 -8.53 6.28
N ILE T 113 92.93 -7.68 5.82
CA ILE T 113 94.18 -7.46 6.52
C ILE T 113 93.95 -6.83 7.89
N THR T 114 92.80 -6.19 8.09
CA THR T 114 92.47 -5.64 9.40
C THR T 114 92.15 -6.70 10.43
N ASN T 115 91.97 -7.95 10.01
CA ASN T 115 91.68 -9.06 10.90
C ASN T 115 92.84 -10.04 10.85
N ASN T 116 93.34 -10.44 12.02
CA ASN T 116 94.48 -11.34 12.08
C ASN T 116 94.08 -12.76 11.67
N PHE T 117 95.00 -13.44 11.00
CA PHE T 117 94.76 -14.77 10.47
C PHE T 117 95.90 -15.70 10.84
N THR T 118 95.58 -16.98 10.99
CA THR T 118 96.56 -18.01 11.34
C THR T 118 96.22 -19.28 10.58
N GLY T 119 97.03 -19.61 9.58
CA GLY T 119 96.77 -20.80 8.78
C GLY T 119 97.90 -21.04 7.81
N TYR T 120 97.71 -22.08 6.99
CA TYR T 120 98.71 -22.48 6.01
C TYR T 120 98.57 -21.61 4.76
N LEU T 121 99.68 -21.02 4.32
CA LEU T 121 99.69 -20.15 3.16
C LEU T 121 100.80 -20.57 2.21
N THR T 122 100.65 -20.16 0.95
CA THR T 122 101.62 -20.52 -0.08
C THR T 122 102.96 -19.83 0.19
N LEU T 123 104.04 -20.60 0.13
CA LEU T 123 105.37 -20.09 0.36
C LEU T 123 106.16 -20.13 -0.94
N LYS T 124 106.95 -19.09 -1.18
CA LYS T 124 107.74 -19.01 -2.41
C LYS T 124 108.84 -20.08 -2.40
N LYS T 125 109.04 -20.71 -3.54
CA LYS T 125 110.06 -21.73 -3.68
C LYS T 125 111.42 -21.12 -4.05
N VAL T 131 113.77 -21.04 5.91
CA VAL T 131 112.64 -20.57 6.70
C VAL T 131 112.45 -21.43 7.93
N ASN T 132 112.49 -20.80 9.09
CA ASN T 132 112.36 -21.45 10.39
C ASN T 132 111.34 -20.70 11.22
N PRO T 133 110.76 -21.35 12.23
CA PRO T 133 109.81 -20.64 13.10
C PRO T 133 110.44 -19.39 13.71
N GLY T 134 109.69 -18.30 13.67
CA GLY T 134 110.17 -17.01 14.12
C GLY T 134 110.57 -16.06 13.01
N ASP T 135 110.72 -16.57 11.80
CA ASP T 135 111.13 -15.73 10.67
C ASP T 135 109.98 -14.81 10.25
N LYS T 136 110.35 -13.63 9.78
CA LYS T 136 109.39 -12.64 9.30
C LYS T 136 109.16 -12.82 7.81
N LEU T 137 107.91 -12.75 7.40
CA LEU T 137 107.51 -13.03 6.03
C LEU T 137 106.65 -11.91 5.48
N ASN T 138 106.75 -11.70 4.17
CA ASN T 138 105.97 -10.68 3.49
C ASN T 138 105.44 -11.24 2.17
N PHE T 139 104.36 -10.66 1.68
CA PHE T 139 103.72 -11.12 0.47
C PHE T 139 104.36 -10.47 -0.75
N ASN T 140 104.69 -11.28 -1.75
CA ASN T 140 105.32 -10.76 -2.97
C ASN T 140 104.23 -10.36 -3.97
N GLN T 141 104.64 -10.10 -5.22
CA GLN T 141 103.69 -9.68 -6.24
C GLN T 141 102.72 -10.78 -6.63
N HIS T 142 103.07 -12.05 -6.38
CA HIS T 142 102.20 -13.18 -6.70
C HIS T 142 101.39 -13.66 -5.51
N GLY T 143 101.38 -12.91 -4.41
CA GLY T 143 100.67 -13.33 -3.23
C GLY T 143 101.34 -14.42 -2.43
N GLU T 144 102.59 -14.74 -2.74
CA GLU T 144 103.31 -15.79 -2.04
C GLU T 144 104.12 -15.19 -0.89
N LEU T 145 104.17 -15.94 0.21
CA LEU T 145 104.96 -15.52 1.37
C LEU T 145 106.43 -15.77 1.11
N GLU T 146 107.26 -14.77 1.41
CA GLU T 146 108.70 -14.88 1.22
C GLU T 146 109.40 -14.28 2.44
N LYS T 147 110.57 -14.84 2.75
CA LYS T 147 111.34 -14.36 3.89
C LYS T 147 111.93 -12.99 3.60
N VAL T 148 111.91 -12.11 4.60
CA VAL T 148 112.44 -10.76 4.48
C VAL T 148 113.96 -10.80 4.31
N SER T 154 108.71 -3.83 4.99
CA SER T 154 107.48 -4.09 5.73
C SER T 154 107.31 -5.57 6.02
N VAL T 155 106.88 -5.87 7.25
CA VAL T 155 106.67 -7.24 7.70
C VAL T 155 105.18 -7.46 7.93
N ASN T 156 104.65 -8.55 7.39
CA ASN T 156 103.23 -8.85 7.50
C ASN T 156 102.93 -10.10 8.32
N ALA T 157 103.75 -11.14 8.24
CA ALA T 157 103.46 -12.39 8.93
C ALA T 157 104.70 -12.92 9.62
N ILE T 158 104.49 -13.88 10.51
CA ILE T 158 105.56 -14.57 11.22
C ILE T 158 105.35 -16.07 11.05
N ALA T 159 106.39 -16.77 10.60
CA ALA T 159 106.27 -18.20 10.37
C ALA T 159 106.19 -18.95 11.70
N LEU T 160 105.37 -19.98 11.73
CA LEU T 160 105.19 -20.81 12.92
C LEU T 160 105.74 -22.22 12.76
N SER T 161 106.26 -22.57 11.58
CA SER T 161 106.80 -23.89 11.34
C SER T 161 107.68 -23.84 10.11
N LYS T 162 108.20 -25.00 9.72
CA LYS T 162 109.03 -25.11 8.53
C LYS T 162 108.17 -25.42 7.31
N ALA T 163 108.75 -25.21 6.14
CA ALA T 163 108.02 -25.40 4.89
C ALA T 163 107.66 -26.86 4.69
N HIS T 164 106.47 -27.10 4.15
CA HIS T 164 106.01 -28.43 3.78
C HIS T 164 105.78 -28.47 2.28
N LYS T 165 106.39 -29.45 1.62
CA LYS T 165 106.32 -29.58 0.17
C LYS T 165 105.13 -30.45 -0.20
N LEU T 166 104.21 -29.91 -0.99
CA LEU T 166 103.07 -30.67 -1.49
C LEU T 166 103.27 -31.15 -2.92
N THR T 167 103.93 -30.34 -3.74
CA THR T 167 104.26 -30.69 -5.11
C THR T 167 105.68 -30.17 -5.36
N GLU T 168 106.25 -30.53 -6.51
CA GLU T 168 107.61 -30.11 -6.83
C GLU T 168 107.74 -28.59 -6.87
N ASP T 169 106.64 -27.86 -7.06
CA ASP T 169 106.66 -26.41 -7.10
C ASP T 169 105.77 -25.77 -6.04
N LEU T 170 105.13 -26.55 -5.17
CA LEU T 170 104.18 -26.03 -4.20
C LEU T 170 104.68 -26.27 -2.78
N PHE T 171 104.86 -25.19 -2.03
CA PHE T 171 105.28 -25.23 -0.64
C PHE T 171 104.31 -24.42 0.20
N ILE T 172 103.99 -24.94 1.38
CA ILE T 172 103.08 -24.28 2.30
C ILE T 172 103.79 -24.07 3.64
N VAL T 173 103.33 -23.08 4.39
CA VAL T 173 103.92 -22.75 5.68
C VAL T 173 102.83 -22.22 6.60
N LEU T 174 102.90 -22.61 7.87
CA LEU T 174 101.98 -22.10 8.88
C LEU T 174 102.47 -20.73 9.34
N ALA T 175 101.66 -19.70 9.13
CA ALA T 175 102.05 -18.33 9.47
C ALA T 175 100.90 -17.62 10.15
N SER T 176 101.24 -16.63 10.96
CA SER T 176 100.27 -15.76 11.62
C SER T 176 100.41 -14.35 11.05
N VAL T 177 99.32 -13.81 10.52
CA VAL T 177 99.28 -12.47 9.98
C VAL T 177 98.76 -11.52 11.05
N PHE T 178 99.51 -10.47 11.32
CA PHE T 178 99.16 -9.51 12.38
C PHE T 178 98.84 -8.12 11.83
N GLY T 179 98.82 -7.93 10.50
CA GLY T 179 98.52 -6.66 9.90
C GLY T 179 99.72 -6.10 9.15
N ASN T 180 99.95 -4.80 9.32
CA ASN T 180 101.06 -4.10 8.69
C ASN T 180 101.92 -3.43 9.75
N ARG T 181 103.23 -3.55 9.60
CA ARG T 181 104.18 -2.92 10.51
C ARG T 181 105.41 -2.51 9.72
N ALA T 182 105.95 -1.33 10.03
CA ALA T 182 107.10 -0.79 9.31
C ALA T 182 108.38 -1.29 9.95
N ILE T 183 108.88 -2.41 9.45
CA ILE T 183 110.13 -2.99 9.94
C ILE T 183 110.67 -4.00 8.92
N ALA U 20 101.41 -7.60 45.35
CA ALA U 20 102.73 -7.93 44.79
C ALA U 20 102.65 -8.09 43.28
N LEU U 21 103.39 -9.07 42.75
CA LEU U 21 103.42 -9.33 41.32
C LEU U 21 102.36 -10.35 40.92
N MET U 22 101.11 -10.08 41.30
CA MET U 22 99.98 -10.92 40.95
C MET U 22 98.77 -10.04 40.68
N LYS U 23 97.85 -10.55 39.85
CA LYS U 23 96.64 -9.78 39.56
C LYS U 23 95.83 -9.54 40.83
N ASN U 24 95.55 -10.60 41.58
CA ASN U 24 94.98 -10.46 42.90
C ASN U 24 96.11 -10.13 43.88
N PRO U 25 96.05 -9.00 44.59
CA PRO U 25 97.13 -8.65 45.53
C PRO U 25 97.50 -9.79 46.46
N GLN U 26 98.77 -10.17 46.47
CA GLN U 26 99.21 -11.32 47.26
C GLN U 26 99.42 -10.91 48.72
N GLN U 27 98.41 -10.30 49.31
CA GLN U 27 98.43 -9.95 50.72
C GLN U 27 96.99 -9.90 51.22
N ASP U 28 96.77 -10.50 52.39
CA ASP U 28 95.45 -10.49 53.00
C ASP U 28 95.06 -9.08 53.47
N SER U 29 93.76 -8.85 53.56
CA SER U 29 93.21 -7.55 53.95
C SER U 29 92.70 -7.63 55.37
N GLY U 30 93.13 -6.68 56.22
CA GLY U 30 92.75 -6.70 57.62
C GLY U 30 91.32 -6.30 57.87
N LEU U 31 90.72 -5.52 56.97
CA LEU U 31 89.41 -4.92 57.20
C LEU U 31 88.38 -5.48 56.24
N LEU U 32 87.12 -5.18 56.52
CA LEU U 32 85.96 -5.77 55.85
C LEU U 32 85.55 -4.95 54.62
N SER U 33 84.34 -5.22 54.11
CA SER U 33 83.76 -4.46 53.01
C SER U 33 83.50 -3.04 53.48
N ASN U 34 84.29 -2.08 52.97
CA ASN U 34 84.39 -0.78 53.60
C ASN U 34 84.33 0.35 52.57
N SER U 35 83.57 0.14 51.49
CA SER U 35 83.42 1.15 50.45
C SER U 35 81.93 1.44 50.28
N ILE U 36 81.54 2.68 50.57
CA ILE U 36 80.17 3.13 50.36
C ILE U 36 80.06 4.12 49.21
N ASP U 37 81.14 4.80 48.85
CA ASP U 37 81.13 5.70 47.71
C ASP U 37 81.27 4.91 46.42
N PHE U 38 80.74 5.48 45.34
CA PHE U 38 80.79 4.85 44.02
C PHE U 38 81.84 5.47 43.11
N ARG U 39 82.68 6.35 43.63
CA ARG U 39 83.65 7.07 42.83
C ARG U 39 85.07 6.65 43.20
N ASP U 40 85.91 6.51 42.16
CA ASP U 40 87.31 6.12 42.32
C ASP U 40 87.45 4.80 43.08
N GLN U 41 86.74 3.78 42.61
CA GLN U 41 86.83 2.44 43.18
C GLN U 41 87.34 1.41 42.18
N ASN U 42 87.66 1.82 40.95
CA ASN U 42 88.13 0.91 39.92
C ASN U 42 89.64 0.97 39.72
N LEU U 43 90.34 1.83 40.47
CA LEU U 43 91.79 2.00 40.31
C LEU U 43 92.52 0.93 41.12
N ILE U 44 92.38 -0.31 40.67
CA ILE U 44 93.04 -1.45 41.30
C ILE U 44 93.73 -2.26 40.22
N PHE U 45 94.73 -3.05 40.65
CA PHE U 45 95.48 -3.88 39.71
C PHE U 45 94.71 -5.12 39.28
N SER U 46 93.75 -5.57 40.07
CA SER U 46 92.95 -6.74 39.73
C SER U 46 91.83 -6.43 38.75
N ASN U 47 91.69 -5.18 38.32
CA ASN U 47 90.65 -4.79 37.37
C ASN U 47 91.05 -5.29 35.99
N SER U 48 90.74 -6.56 35.73
CA SER U 48 91.09 -7.19 34.47
C SER U 48 90.14 -6.75 33.37
N GLY U 49 90.50 -7.10 32.13
CA GLY U 49 89.69 -6.73 31.00
C GLY U 49 89.84 -5.26 30.64
N GLY U 50 88.86 -4.77 29.90
CA GLY U 50 88.84 -3.37 29.50
C GLY U 50 87.73 -2.58 30.16
N VAL U 51 87.90 -1.26 30.25
CA VAL U 51 86.87 -0.43 30.85
C VAL U 51 85.61 -0.43 29.99
N CYS U 52 85.77 -0.38 28.67
CA CYS U 52 84.66 -0.43 27.73
C CYS U 52 84.95 -1.55 26.74
N THR U 53 84.11 -2.58 26.75
CA THR U 53 84.36 -3.80 26.01
C THR U 53 83.21 -4.11 25.06
N SER U 54 83.54 -4.52 23.85
CA SER U 54 82.56 -4.89 22.84
C SER U 54 82.33 -6.40 22.84
N SER U 55 81.14 -6.80 22.38
CA SER U 55 80.81 -8.20 22.26
C SER U 55 81.39 -8.84 21.01
N LYS U 56 81.95 -8.05 20.09
CA LYS U 56 82.54 -8.56 18.87
C LYS U 56 84.07 -8.57 18.91
N ASP U 57 84.64 -8.46 20.10
CA ASP U 57 86.10 -8.49 20.24
C ASP U 57 86.64 -9.89 20.03
N LYS U 58 87.83 -9.97 19.43
CA LYS U 58 88.52 -11.23 19.22
C LYS U 58 89.54 -11.42 20.34
N ILE U 59 89.43 -12.55 21.05
CA ILE U 59 90.23 -12.84 22.22
C ILE U 59 90.94 -14.17 22.02
N GLU U 60 92.24 -14.21 22.31
CA GLU U 60 93.02 -15.44 22.22
C GLU U 60 93.64 -15.74 23.58
N ASN U 61 94.16 -16.95 23.71
CA ASN U 61 94.91 -17.33 24.90
C ASN U 61 96.18 -18.07 24.49
N TYR U 62 97.24 -17.86 25.26
CA TYR U 62 98.54 -18.46 24.98
C TYR U 62 99.20 -18.89 26.28
N PRO U 63 100.12 -19.85 26.22
CA PRO U 63 100.97 -20.13 27.38
C PRO U 63 101.77 -18.88 27.75
N ALA U 64 101.90 -18.66 29.06
CA ALA U 64 102.53 -17.45 29.58
C ALA U 64 103.97 -17.75 29.97
N LYS U 65 104.89 -16.88 29.55
CA LYS U 65 106.30 -16.98 29.90
C LYS U 65 106.64 -15.81 30.82
N GLY U 66 106.51 -16.06 32.12
CA GLY U 66 106.77 -15.01 33.10
C GLY U 66 105.50 -14.38 33.62
N TYR U 67 105.50 -13.05 33.75
CA TYR U 67 104.34 -12.29 34.20
C TYR U 67 104.05 -11.16 33.22
N PRO U 68 103.38 -11.45 32.11
CA PRO U 68 103.04 -10.42 31.13
C PRO U 68 101.72 -9.69 31.39
N TYR U 69 101.15 -9.83 32.59
CA TYR U 69 99.84 -9.26 32.86
C TYR U 69 99.86 -7.75 32.74
N LYS U 70 98.82 -7.20 32.07
CA LYS U 70 98.68 -5.77 31.85
C LYS U 70 99.91 -5.18 31.15
N ARG U 71 100.48 -5.93 30.21
CA ARG U 71 101.63 -5.49 29.45
C ARG U 71 101.48 -5.94 28.01
N GLY U 72 102.17 -5.23 27.12
CA GLY U 72 102.27 -5.68 25.74
C GLY U 72 103.08 -6.97 25.65
N VAL U 73 102.65 -7.86 24.77
CA VAL U 73 103.23 -9.19 24.68
C VAL U 73 103.74 -9.42 23.26
N LYS U 74 104.70 -10.34 23.15
CA LYS U 74 105.26 -10.74 21.87
C LYS U 74 105.33 -12.25 21.80
N LEU U 75 105.33 -12.76 20.57
CA LEU U 75 105.44 -14.20 20.33
C LEU U 75 106.89 -14.63 20.53
N SER U 76 107.12 -15.54 21.46
CA SER U 76 108.46 -16.04 21.76
C SER U 76 108.51 -17.54 21.52
N PHE U 77 109.46 -17.99 20.71
CA PHE U 77 109.57 -19.38 20.31
C PHE U 77 110.76 -20.02 21.00
N GLY U 78 110.67 -21.34 21.19
CA GLY U 78 111.74 -22.08 21.82
C GLY U 78 112.51 -22.95 20.83
N ASP U 79 113.06 -24.06 21.30
CA ASP U 79 113.78 -24.96 20.42
C ASP U 79 112.85 -25.59 19.39
N GLY U 80 111.65 -25.98 19.81
CA GLY U 80 110.70 -26.62 18.92
C GLY U 80 110.01 -27.79 19.58
N THR U 81 110.51 -28.20 20.74
CA THR U 81 109.89 -29.30 21.48
C THR U 81 108.50 -28.94 21.98
N THR U 82 108.30 -27.69 22.38
CA THR U 82 107.02 -27.23 22.91
C THR U 82 106.47 -26.09 22.05
N GLU U 83 105.18 -25.84 22.21
CA GLU U 83 104.52 -24.81 21.43
C GLU U 83 105.03 -23.42 21.81
N LEU U 84 104.60 -22.43 21.03
CA LEU U 84 105.00 -21.06 21.29
C LEU U 84 104.32 -20.53 22.56
N GLU U 85 104.92 -19.47 23.11
CA GLU U 85 104.37 -18.78 24.27
C GLU U 85 104.49 -17.28 24.04
N VAL U 86 103.96 -16.51 24.98
CA VAL U 86 103.98 -15.05 24.91
C VAL U 86 104.74 -14.51 26.10
N GLU U 87 105.55 -13.48 25.87
CA GLU U 87 106.32 -12.83 26.93
C GLU U 87 106.22 -11.32 26.75
N ALA U 88 106.41 -10.60 27.85
CA ALA U 88 106.32 -9.16 27.84
C ALA U 88 107.34 -8.57 26.88
N GLY U 89 106.87 -7.85 25.87
CA GLY U 89 107.74 -7.23 24.90
C GLY U 89 106.99 -6.14 24.15
N GLY U 90 107.72 -5.46 23.28
CA GLY U 90 107.15 -4.37 22.52
C GLY U 90 107.98 -4.05 21.30
N GLY U 91 108.04 -2.78 20.95
CA GLY U 91 108.80 -2.36 19.78
C GLY U 91 108.21 -2.93 18.50
N ASP U 92 109.07 -3.52 17.67
CA ASP U 92 108.64 -4.09 16.41
C ASP U 92 108.19 -5.55 16.53
N ASP U 93 108.36 -6.16 17.70
CA ASP U 93 107.91 -7.53 17.94
C ASP U 93 106.54 -7.58 18.61
N LEU U 94 105.90 -6.43 18.83
CA LEU U 94 104.64 -6.40 19.56
C LEU U 94 103.56 -7.17 18.81
N TYR U 95 102.90 -8.08 19.53
CA TYR U 95 101.81 -8.88 18.98
C TYR U 95 100.45 -8.46 19.52
N GLY U 96 100.36 -8.17 20.81
CA GLY U 96 99.09 -7.77 21.39
C GLY U 96 99.27 -7.32 22.82
N VAL U 97 98.16 -7.23 23.53
CA VAL U 97 98.13 -6.79 24.91
C VAL U 97 97.50 -7.87 25.77
N CYS U 98 98.15 -8.20 26.88
CA CYS U 98 97.63 -9.19 27.82
C CYS U 98 96.70 -8.48 28.79
N SER U 99 95.40 -8.81 28.72
CA SER U 99 94.40 -8.19 29.56
C SER U 99 93.99 -9.03 30.76
N ASP U 100 94.38 -10.30 30.79
CA ASP U 100 94.02 -11.17 31.90
C ASP U 100 94.99 -12.34 31.95
N ILE U 101 95.06 -12.99 33.10
CA ILE U 101 95.94 -14.14 33.27
C ILE U 101 95.29 -15.12 34.24
N ASP U 102 95.38 -16.40 33.91
CA ASP U 102 94.94 -17.49 34.78
C ASP U 102 96.19 -18.15 35.35
N GLU U 103 96.31 -18.12 36.67
CA GLU U 103 97.54 -18.58 37.32
C GLU U 103 97.64 -20.11 37.32
N PHE U 104 96.53 -20.79 37.60
CA PHE U 104 96.56 -22.25 37.71
C PHE U 104 96.99 -22.89 36.40
N SER U 105 96.43 -22.44 35.29
CA SER U 105 96.77 -22.97 33.98
C SER U 105 97.89 -22.19 33.30
N GLY U 106 98.37 -21.10 33.92
CA GLY U 106 99.44 -20.32 33.32
C GLY U 106 99.08 -19.75 31.96
N MET U 107 97.85 -19.29 31.80
CA MET U 107 97.33 -18.89 30.49
C MET U 107 97.14 -17.39 30.44
N ALA U 108 97.74 -16.75 29.44
CA ALA U 108 97.62 -15.32 29.23
C ALA U 108 96.57 -15.04 28.18
N THR U 109 95.62 -14.17 28.49
CA THR U 109 94.58 -13.75 27.57
C THR U 109 95.08 -12.54 26.79
N VAL U 110 95.09 -12.64 25.47
CA VAL U 110 95.70 -11.65 24.59
C VAL U 110 94.63 -11.10 23.66
N ILE U 111 94.62 -9.78 23.51
CA ILE U 111 93.82 -9.09 22.50
C ILE U 111 94.77 -8.68 21.37
N PRO U 112 94.59 -9.19 20.15
CA PRO U 112 95.54 -8.88 19.08
C PRO U 112 95.60 -7.40 18.78
N ILE U 113 96.74 -6.98 18.23
CA ILE U 113 96.94 -5.57 17.90
C ILE U 113 95.96 -5.08 16.85
N THR U 114 95.37 -5.99 16.08
CA THR U 114 94.37 -5.62 15.08
C THR U 114 93.02 -5.27 15.69
N ASN U 115 92.85 -5.51 16.99
CA ASN U 115 91.61 -5.19 17.70
C ASN U 115 91.90 -4.07 18.69
N ASN U 116 91.14 -2.99 18.61
CA ASN U 116 91.38 -1.84 19.48
C ASN U 116 91.05 -2.18 20.93
N PHE U 117 91.81 -1.58 21.84
CA PHE U 117 91.69 -1.85 23.26
C PHE U 117 91.70 -0.54 24.03
N THR U 118 90.93 -0.48 25.11
CA THR U 118 90.88 0.69 25.98
C THR U 118 90.83 0.20 27.41
N GLY U 119 91.86 0.51 28.19
CA GLY U 119 91.89 0.03 29.56
C GLY U 119 93.14 0.49 30.28
N TYR U 120 93.30 -0.03 31.49
CA TYR U 120 94.42 0.33 32.35
C TYR U 120 95.61 -0.57 32.03
N LEU U 121 96.75 0.04 31.72
CA LEU U 121 97.97 -0.69 31.38
C LEU U 121 99.13 -0.18 32.21
N THR U 122 100.14 -1.05 32.36
CA THR U 122 101.31 -0.71 33.14
C THR U 122 102.09 0.42 32.49
N LEU U 123 102.65 1.30 33.32
CA LEU U 123 103.40 2.47 32.86
C LEU U 123 104.79 2.45 33.48
N LYS U 124 105.75 3.00 32.75
CA LYS U 124 107.13 3.04 33.23
C LYS U 124 107.25 3.97 34.44
N LYS U 125 108.11 3.59 35.39
CA LYS U 125 108.45 4.45 36.50
C LYS U 125 109.69 5.30 36.18
N ASP U 126 109.61 6.02 35.07
CA ASP U 126 110.67 6.95 34.67
C ASP U 126 109.98 8.07 33.88
N GLY U 127 109.65 9.15 34.58
CA GLY U 127 108.85 10.20 33.98
C GLY U 127 107.36 10.01 34.11
N GLN U 128 106.91 9.20 35.07
CA GLN U 128 105.49 8.97 35.26
C GLN U 128 104.75 10.27 35.56
N ASN U 129 105.42 11.23 36.18
CA ASN U 129 104.80 12.53 36.44
C ASN U 129 104.61 13.33 35.16
N GLY U 130 105.29 12.96 34.07
CA GLY U 130 105.15 13.65 32.81
C GLY U 130 104.02 13.18 31.93
N VAL U 131 103.33 12.11 32.32
CA VAL U 131 102.24 11.57 31.51
C VAL U 131 100.97 12.36 31.80
N ASN U 132 100.36 12.90 30.74
CA ASN U 132 99.14 13.68 30.81
C ASN U 132 98.17 13.18 29.74
N PRO U 133 96.87 13.41 29.92
CA PRO U 133 95.91 13.02 28.89
C PRO U 133 96.23 13.66 27.54
N GLY U 134 96.10 12.86 26.48
CA GLY U 134 96.40 13.29 25.14
C GLY U 134 97.80 12.97 24.68
N ASP U 135 98.69 12.59 25.59
CA ASP U 135 100.06 12.26 25.22
C ASP U 135 100.13 10.94 24.47
N LYS U 136 101.04 10.87 23.50
CA LYS U 136 101.27 9.66 22.72
C LYS U 136 102.24 8.75 23.45
N LEU U 137 101.93 7.46 23.48
CA LEU U 137 102.72 6.49 24.20
C LEU U 137 103.12 5.35 23.28
N ASN U 138 104.11 4.58 23.73
CA ASN U 138 104.57 3.42 22.99
C ASN U 138 105.13 2.39 23.97
N PHE U 139 105.19 1.14 23.51
CA PHE U 139 105.64 0.04 24.36
C PHE U 139 107.16 -0.10 24.32
N ASN U 140 107.74 -0.33 25.49
CA ASN U 140 109.19 -0.51 25.60
C ASN U 140 109.53 -2.00 25.51
N GLN U 141 110.79 -2.34 25.81
CA GLN U 141 111.24 -3.72 25.73
C GLN U 141 110.58 -4.61 26.77
N HIS U 142 110.14 -4.05 27.89
CA HIS U 142 109.48 -4.82 28.93
C HIS U 142 107.95 -4.84 28.77
N GLY U 143 107.44 -4.28 27.68
CA GLY U 143 106.01 -4.23 27.47
C GLY U 143 105.29 -3.12 28.20
N GLU U 144 106.02 -2.20 28.83
CA GLU U 144 105.43 -1.11 29.56
C GLU U 144 105.27 0.11 28.67
N LEU U 145 104.21 0.87 28.92
CA LEU U 145 103.97 2.11 28.18
C LEU U 145 104.94 3.19 28.61
N GLU U 146 105.36 4.02 27.66
CA GLU U 146 106.25 5.14 27.94
C GLU U 146 105.93 6.27 26.98
N LYS U 147 106.24 7.49 27.42
CA LYS U 147 105.99 8.67 26.61
C LYS U 147 106.90 8.68 25.38
N VAL U 148 106.37 9.20 24.28
CA VAL U 148 107.12 9.30 23.04
C VAL U 148 108.04 10.52 23.09
N LYS U 153 106.13 5.30 18.67
CA LYS U 153 106.79 5.65 17.41
C LYS U 153 106.26 4.80 16.26
N SER U 154 105.72 3.63 16.59
CA SER U 154 105.13 2.76 15.57
C SER U 154 103.80 2.16 15.99
N VAL U 155 103.30 2.45 17.19
CA VAL U 155 102.03 1.92 17.67
C VAL U 155 101.18 3.08 18.13
N ASN U 156 99.92 3.09 17.71
CA ASN U 156 98.96 4.14 18.09
C ASN U 156 98.51 3.87 19.52
N ALA U 157 99.01 4.68 20.45
CA ALA U 157 98.61 4.61 21.85
C ALA U 157 98.53 6.02 22.41
N ILE U 158 97.41 6.36 23.03
CA ILE U 158 97.19 7.67 23.60
C ILE U 158 96.71 7.51 25.04
N ALA U 159 97.31 8.28 25.95
CA ALA U 159 96.92 8.24 27.35
C ALA U 159 95.62 9.01 27.55
N LEU U 160 94.63 8.36 28.14
CA LEU U 160 93.34 8.96 28.40
C LEU U 160 93.23 9.54 29.80
N SER U 161 94.27 9.43 30.61
CA SER U 161 94.23 9.92 31.98
C SER U 161 95.67 10.10 32.46
N LYS U 162 95.82 10.36 33.75
CA LYS U 162 97.13 10.51 34.38
C LYS U 162 97.56 9.19 35.02
N ALA U 163 98.83 9.13 35.40
CA ALA U 163 99.37 7.94 36.04
C ALA U 163 98.80 7.78 37.44
N HIS U 164 98.42 6.56 37.78
CA HIS U 164 97.94 6.21 39.11
C HIS U 164 98.94 5.24 39.74
N LYS U 165 99.40 5.56 40.94
CA LYS U 165 100.41 4.77 41.63
C LYS U 165 99.74 3.77 42.56
N LEU U 166 99.93 2.48 42.29
CA LEU U 166 99.39 1.44 43.15
C LEU U 166 100.43 0.89 44.13
N THR U 167 101.70 0.91 43.75
CA THR U 167 102.78 0.48 44.62
C THR U 167 103.98 1.37 44.30
N GLU U 168 105.02 1.28 45.14
CA GLU U 168 106.19 2.13 44.95
C GLU U 168 106.85 1.92 43.60
N ASP U 169 106.62 0.77 42.96
CA ASP U 169 107.15 0.51 41.63
C ASP U 169 106.07 0.26 40.59
N LEU U 170 104.79 0.28 40.98
CA LEU U 170 103.68 -0.07 40.10
C LEU U 170 102.86 1.18 39.77
N PHE U 171 102.82 1.53 38.50
CA PHE U 171 102.01 2.63 38.01
C PHE U 171 101.15 2.13 36.85
N ILE U 172 99.89 2.59 36.81
CA ILE U 172 98.99 2.22 35.73
C ILE U 172 98.45 3.51 35.09
N VAL U 173 97.97 3.36 33.86
CA VAL U 173 97.44 4.50 33.11
C VAL U 173 96.32 4.01 32.21
N LEU U 174 95.27 4.81 32.08
CA LEU U 174 94.19 4.51 31.16
C LEU U 174 94.61 4.89 29.75
N ALA U 175 94.71 3.90 28.87
CA ALA U 175 95.18 4.13 27.52
C ALA U 175 94.26 3.44 26.53
N SER U 176 94.20 4.02 25.33
CA SER U 176 93.48 3.44 24.20
C SER U 176 94.47 3.12 23.09
N VAL U 177 94.44 1.88 22.64
CA VAL U 177 95.34 1.39 21.59
C VAL U 177 94.49 1.08 20.37
N PHE U 178 94.85 1.67 19.23
CA PHE U 178 94.07 1.51 18.00
C PHE U 178 94.99 1.22 16.81
N GLY U 179 95.91 0.26 17.00
CA GLY U 179 96.67 -0.29 15.90
C GLY U 179 98.04 0.32 15.77
N ASN U 180 98.71 -0.08 14.68
CA ASN U 180 100.05 0.38 14.39
C ASN U 180 100.01 1.72 13.67
N ARG U 181 101.19 2.31 13.48
CA ARG U 181 101.33 3.62 12.88
C ARG U 181 102.34 3.56 11.74
N ALA U 182 102.16 4.44 10.75
CA ALA U 182 103.12 4.54 9.65
C ALA U 182 104.46 5.06 10.17
N ILE U 183 105.53 4.58 9.55
CA ILE U 183 106.90 4.91 9.93
C ILE U 183 107.15 4.56 11.40
N ALA V 187 49.30 -26.61 2.33
CA ALA V 187 49.83 -25.63 3.25
C ALA V 187 50.05 -24.29 2.57
N SER V 188 49.15 -23.35 2.82
CA SER V 188 49.21 -22.02 2.23
C SER V 188 48.91 -20.97 3.29
N LEU V 189 49.64 -19.86 3.23
CA LEU V 189 49.38 -18.77 4.16
C LEU V 189 48.00 -18.15 3.95
N LEU V 190 47.47 -18.27 2.73
CA LEU V 190 46.13 -17.74 2.46
C LEU V 190 45.04 -18.49 3.21
N ASP V 191 45.32 -19.71 3.66
CA ASP V 191 44.37 -20.47 4.46
C ASP V 191 44.47 -20.02 5.92
N SER V 192 43.36 -19.50 6.45
CA SER V 192 43.37 -18.99 7.82
C SER V 192 43.62 -20.11 8.82
N ASN V 193 43.07 -21.30 8.56
CA ASN V 193 43.22 -22.41 9.49
C ASN V 193 44.63 -22.99 9.52
N PHE V 194 45.49 -22.63 8.57
CA PHE V 194 46.83 -23.18 8.53
C PHE V 194 47.67 -22.65 9.69
N VAL V 195 48.37 -23.54 10.37
CA VAL V 195 49.27 -23.18 11.45
C VAL V 195 50.59 -23.92 11.26
N PRO V 196 51.67 -23.24 10.89
CA PRO V 196 52.95 -23.93 10.69
C PRO V 196 53.55 -24.39 12.00
N ILE V 197 54.38 -25.42 11.91
CA ILE V 197 55.06 -25.98 13.08
C ILE V 197 56.48 -25.46 13.20
N ASN V 198 57.21 -25.35 12.08
CA ASN V 198 58.60 -24.93 12.10
C ASN V 198 58.88 -24.07 10.87
N PHE V 199 60.12 -23.57 10.81
CA PHE V 199 60.51 -22.65 9.75
C PHE V 199 60.49 -23.32 8.38
N THR V 200 60.79 -24.62 8.33
CA THR V 200 60.74 -25.33 7.05
C THR V 200 59.32 -25.34 6.49
N GLU V 201 58.33 -25.67 7.35
CA GLU V 201 56.94 -25.62 6.92
C GLU V 201 56.53 -24.19 6.57
N PHE V 202 57.06 -23.20 7.30
CA PHE V 202 56.76 -21.81 6.98
C PHE V 202 57.25 -21.45 5.58
N VAL V 203 58.46 -21.89 5.21
CA VAL V 203 59.01 -21.59 3.89
C VAL V 203 58.22 -22.32 2.81
N GLN V 204 57.83 -23.58 3.07
CA GLN V 204 56.99 -24.29 2.12
C GLN V 204 55.66 -23.58 1.91
N ALA V 205 55.06 -23.09 3.00
CA ALA V 205 53.81 -22.34 2.87
C ALA V 205 54.00 -21.06 2.08
N ILE V 206 55.12 -20.37 2.27
CA ILE V 206 55.39 -19.16 1.51
C ILE V 206 55.50 -19.47 0.02
N SER V 207 56.21 -20.55 -0.32
CA SER V 207 56.33 -20.93 -1.73
C SER V 207 54.98 -21.28 -2.32
N ASN V 208 54.16 -22.03 -1.58
CA ASN V 208 52.83 -22.37 -2.06
C ASN V 208 51.97 -21.14 -2.26
N THR V 209 52.09 -20.17 -1.34
CA THR V 209 51.34 -18.92 -1.47
C THR V 209 51.75 -18.16 -2.72
N TYR V 210 53.05 -18.09 -2.99
CA TYR V 210 53.51 -17.42 -4.20
C TYR V 210 52.98 -18.12 -5.45
N LYS V 211 53.01 -19.45 -5.46
CA LYS V 211 52.49 -20.19 -6.61
C LYS V 211 50.99 -19.93 -6.81
N GLN V 212 50.22 -19.94 -5.71
CA GLN V 212 48.79 -19.68 -5.81
C GLN V 212 48.52 -18.26 -6.30
N ARG V 213 49.33 -17.29 -5.85
CA ARG V 213 49.15 -15.92 -6.32
C ARG V 213 49.46 -15.80 -7.80
N ARG V 214 50.47 -16.51 -8.28
CA ARG V 214 50.75 -16.51 -9.72
C ARG V 214 49.59 -17.11 -10.50
N ILE V 215 49.02 -18.21 -10.00
CA ILE V 215 47.89 -18.84 -10.67
C ILE V 215 46.70 -17.89 -10.71
N GLN V 216 46.43 -17.20 -9.59
CA GLN V 216 45.34 -16.24 -9.55
C GLN V 216 45.58 -15.07 -10.50
N PHE V 217 46.83 -14.61 -10.59
CA PHE V 217 47.14 -13.54 -11.52
C PHE V 217 46.86 -13.96 -12.96
N TYR V 218 47.26 -15.18 -13.32
CA TYR V 218 46.99 -15.64 -14.69
C TYR V 218 45.51 -15.88 -14.92
N GLU V 219 44.76 -16.23 -13.87
CA GLU V 219 43.31 -16.36 -14.00
C GLU V 219 42.66 -15.01 -14.25
N ASN V 220 43.10 -13.97 -13.54
CA ASN V 220 42.49 -12.65 -13.63
C ASN V 220 43.06 -11.81 -14.77
N LEU V 221 44.12 -12.25 -15.42
CA LEU V 221 44.74 -11.46 -16.47
C LEU V 221 43.86 -11.40 -17.71
N LYS V 222 43.77 -10.21 -18.30
CA LYS V 222 43.07 -9.99 -19.55
C LYS V 222 43.98 -9.24 -20.52
N ARG V 223 44.00 -9.68 -21.77
CA ARG V 223 44.85 -9.06 -22.78
C ARG V 223 44.03 -8.46 -23.90
N ALA W 187 49.63 -6.58 37.47
CA ALA W 187 50.76 -7.50 37.33
C ALA W 187 51.97 -6.98 38.08
N SER W 188 52.31 -7.63 39.19
CA SER W 188 53.45 -7.24 40.01
C SER W 188 54.16 -8.50 40.50
N LEU W 189 55.46 -8.35 40.77
CA LEU W 189 56.25 -9.46 41.27
C LEU W 189 55.87 -9.85 42.70
N LEU W 190 55.27 -8.92 43.46
CA LEU W 190 54.85 -9.24 44.82
C LEU W 190 53.79 -10.32 44.83
N ASP W 191 52.82 -10.24 43.92
CA ASP W 191 51.78 -11.26 43.81
C ASP W 191 52.37 -12.53 43.24
N SER W 192 52.47 -13.57 44.08
CA SER W 192 53.04 -14.83 43.64
C SER W 192 52.20 -15.52 42.57
N ASN W 193 50.90 -15.20 42.50
CA ASN W 193 50.04 -15.78 41.49
C ASN W 193 50.38 -15.29 40.08
N PHE W 194 51.12 -14.19 39.98
CA PHE W 194 51.47 -13.65 38.67
C PHE W 194 52.47 -14.57 37.96
N VAL W 195 52.15 -14.95 36.73
CA VAL W 195 53.02 -15.79 35.91
C VAL W 195 53.34 -15.06 34.62
N PRO W 196 54.56 -14.54 34.44
CA PRO W 196 54.88 -13.81 33.22
C PRO W 196 54.88 -14.72 32.00
N ILE W 197 54.59 -14.13 30.86
CA ILE W 197 54.56 -14.85 29.59
C ILE W 197 55.77 -14.51 28.73
N ASN W 198 56.22 -13.26 28.77
CA ASN W 198 57.35 -12.84 27.94
C ASN W 198 58.13 -11.73 28.65
N PHE W 199 59.21 -11.30 28.00
CA PHE W 199 60.11 -10.34 28.61
C PHE W 199 59.45 -8.98 28.79
N THR W 200 58.53 -8.61 27.88
CA THR W 200 57.80 -7.36 28.06
C THR W 200 56.95 -7.39 29.33
N GLU W 201 56.25 -8.49 29.57
CA GLU W 201 55.49 -8.63 30.80
C GLU W 201 56.41 -8.62 32.02
N PHE W 202 57.59 -9.25 31.89
CA PHE W 202 58.55 -9.23 32.99
C PHE W 202 58.99 -7.81 33.32
N VAL W 203 59.28 -7.00 32.30
CA VAL W 203 59.69 -5.62 32.52
C VAL W 203 58.57 -4.80 33.13
N GLN W 204 57.34 -5.00 32.64
CA GLN W 204 56.20 -4.30 33.22
C GLN W 204 56.02 -4.66 34.69
N ALA W 205 56.19 -5.94 35.02
CA ALA W 205 56.08 -6.36 36.41
C ALA W 205 57.17 -5.72 37.26
N ILE W 206 58.38 -5.60 36.71
CA ILE W 206 59.47 -4.96 37.45
C ILE W 206 59.13 -3.49 37.75
N SER W 207 58.63 -2.78 36.73
CA SER W 207 58.25 -1.38 36.95
C SER W 207 57.13 -1.25 37.97
N ASN W 208 56.13 -2.14 37.90
CA ASN W 208 55.04 -2.11 38.87
C ASN W 208 55.55 -2.39 40.27
N THR W 209 56.48 -3.32 40.40
CA THR W 209 57.06 -3.63 41.71
C THR W 209 57.82 -2.44 42.27
N TYR W 210 58.57 -1.74 41.42
CA TYR W 210 59.26 -0.53 41.89
C TYR W 210 58.26 0.51 42.37
N LYS W 211 57.19 0.73 41.60
CA LYS W 211 56.18 1.71 42.00
C LYS W 211 55.54 1.32 43.33
N GLN W 212 55.19 0.05 43.50
CA GLN W 212 54.56 -0.39 44.73
C GLN W 212 55.50 -0.26 45.92
N ARG W 213 56.79 -0.55 45.71
CA ARG W 213 57.76 -0.38 46.79
C ARG W 213 57.90 1.09 47.19
N ARG W 214 57.89 1.99 46.21
CA ARG W 214 57.92 3.42 46.52
C ARG W 214 56.68 3.82 47.32
N ILE W 215 55.50 3.34 46.91
CA ILE W 215 54.27 3.67 47.62
C ILE W 215 54.32 3.15 49.05
N GLN W 216 54.81 1.92 49.24
CA GLN W 216 54.91 1.36 50.58
C GLN W 216 55.90 2.15 51.43
N PHE W 217 57.02 2.56 50.85
CA PHE W 217 57.99 3.34 51.60
C PHE W 217 57.38 4.66 52.06
N TYR W 218 56.64 5.34 51.17
CA TYR W 218 56.02 6.59 51.58
C TYR W 218 54.92 6.37 52.61
N GLU W 219 54.21 5.23 52.52
CA GLU W 219 53.21 4.93 53.53
C GLU W 219 53.84 4.72 54.90
N ASN W 220 54.97 4.01 54.95
CA ASN W 220 55.62 3.69 56.22
C ASN W 220 56.59 4.76 56.69
N LEU W 221 56.81 5.81 55.90
CA LEU W 221 57.72 6.87 56.31
C LEU W 221 57.12 7.69 57.43
N LYS W 222 57.97 8.10 58.38
CA LYS W 222 57.53 8.93 59.50
C LYS W 222 58.69 9.85 59.88
N ARG W 223 58.65 11.08 59.39
CA ARG W 223 59.70 12.05 59.67
C ARG W 223 59.63 12.55 61.11
N ALA X 187 70.49 -42.03 35.55
CA ALA X 187 70.02 -41.62 34.24
C ALA X 187 71.08 -41.88 33.17
N SER X 188 70.75 -42.73 32.21
CA SER X 188 71.67 -43.09 31.14
C SER X 188 70.94 -43.07 29.81
N LEU X 189 71.71 -42.88 28.74
CA LEU X 189 71.14 -42.82 27.40
C LEU X 189 70.66 -44.19 26.91
N LEU X 190 71.08 -45.27 27.56
CA LEU X 190 70.66 -46.60 27.11
C LEU X 190 69.17 -46.83 27.32
N ASP X 191 68.56 -46.16 28.28
CA ASP X 191 67.14 -46.30 28.56
C ASP X 191 66.35 -45.32 27.70
N SER X 192 65.47 -45.86 26.85
CA SER X 192 64.64 -44.99 26.00
C SER X 192 63.64 -44.19 26.84
N ASN X 193 63.26 -44.71 28.00
CA ASN X 193 62.33 -43.97 28.87
C ASN X 193 62.97 -42.71 29.44
N PHE X 194 64.29 -42.58 29.38
CA PHE X 194 64.96 -41.39 29.89
C PHE X 194 64.68 -40.21 28.97
N VAL X 195 64.10 -39.15 29.52
CA VAL X 195 63.85 -37.92 28.77
C VAL X 195 64.64 -36.80 29.44
N PRO X 196 65.72 -36.32 28.82
CA PRO X 196 66.53 -35.26 29.45
C PRO X 196 65.77 -33.95 29.48
N ILE X 197 65.70 -33.34 30.67
CA ILE X 197 65.03 -32.05 30.81
C ILE X 197 65.86 -30.95 30.15
N ASN X 198 67.18 -30.97 30.36
CA ASN X 198 68.03 -29.88 29.89
C ASN X 198 69.42 -30.41 29.58
N PHE X 199 70.30 -29.49 29.16
CA PHE X 199 71.63 -29.86 28.71
C PHE X 199 72.48 -30.42 29.84
N THR X 200 72.28 -29.96 31.08
CA THR X 200 73.01 -30.52 32.21
C THR X 200 72.67 -31.99 32.40
N GLU X 201 71.38 -32.32 32.34
CA GLU X 201 70.97 -33.71 32.42
C GLU X 201 71.50 -34.51 31.24
N PHE X 202 71.53 -33.89 30.06
CA PHE X 202 72.08 -34.58 28.89
C PHE X 202 73.55 -34.93 29.09
N VAL X 203 74.34 -33.99 29.62
CA VAL X 203 75.77 -34.24 29.84
C VAL X 203 75.97 -35.29 30.92
N GLN X 204 75.19 -35.23 32.00
CA GLN X 204 75.29 -36.25 33.03
C GLN X 204 74.95 -37.63 32.48
N ALA X 205 73.92 -37.71 31.63
CA ALA X 205 73.56 -38.97 31.01
C ALA X 205 74.67 -39.48 30.11
N ILE X 206 75.33 -38.58 29.38
CA ILE X 206 76.45 -38.98 28.52
C ILE X 206 77.58 -39.57 29.36
N SER X 207 77.91 -38.91 30.48
CA SER X 207 78.96 -39.42 31.35
C SER X 207 78.59 -40.79 31.93
N ASN X 208 77.34 -40.93 32.37
CA ASN X 208 76.89 -42.22 32.90
C ASN X 208 76.94 -43.30 31.84
N THR X 209 76.56 -42.96 30.61
CA THR X 209 76.63 -43.93 29.52
C THR X 209 78.06 -44.36 29.23
N TYR X 210 79.00 -43.41 29.27
CA TYR X 210 80.40 -43.76 29.10
C TYR X 210 80.88 -44.72 30.18
N LYS X 211 80.52 -44.43 31.43
CA LYS X 211 80.91 -45.31 32.53
C LYS X 211 80.31 -46.70 32.37
N GLN X 212 79.03 -46.78 32.03
CA GLN X 212 78.38 -48.07 31.85
C GLN X 212 78.99 -48.84 30.68
N ARG X 213 79.36 -48.14 29.60
CA ARG X 213 80.00 -48.81 28.48
C ARG X 213 81.36 -49.37 28.88
N ARG X 214 82.13 -48.62 29.68
CA ARG X 214 83.40 -49.16 30.17
C ARG X 214 83.18 -50.39 31.03
N ILE X 215 82.18 -50.34 31.92
CA ILE X 215 81.90 -51.49 32.79
C ILE X 215 81.50 -52.70 31.95
N GLN X 216 80.66 -52.49 30.94
CA GLN X 216 80.23 -53.59 30.09
C GLN X 216 81.38 -54.16 29.27
N PHE X 217 82.28 -53.29 28.80
CA PHE X 217 83.44 -53.75 28.07
C PHE X 217 84.32 -54.63 28.95
N TYR X 218 84.54 -54.23 30.20
CA TYR X 218 85.33 -55.06 31.09
C TYR X 218 84.61 -56.35 31.45
N GLU X 219 83.28 -56.30 31.56
CA GLU X 219 82.52 -57.52 31.83
C GLU X 219 82.65 -58.52 30.68
N ASN X 220 82.59 -58.03 29.44
CA ASN X 220 82.67 -58.90 28.28
C ASN X 220 84.10 -59.22 27.86
N LEU X 221 85.09 -58.57 28.44
CA LEU X 221 86.48 -58.86 28.10
C LEU X 221 86.87 -60.25 28.60
N LYS X 222 87.58 -61.00 27.75
CA LYS X 222 88.05 -62.35 28.08
C LYS X 222 89.50 -62.45 27.62
N ARG X 223 90.43 -62.17 28.53
CA ARG X 223 91.86 -62.22 28.22
C ARG X 223 92.32 -63.66 27.98
N LEU Y 3 16.76 13.88 18.32
CA LEU Y 3 17.16 15.16 17.75
C LEU Y 3 16.13 15.67 16.75
N PHE Y 4 15.64 14.76 15.90
CA PHE Y 4 14.67 15.14 14.88
C PHE Y 4 13.36 15.61 15.48
N ASP Y 5 13.05 15.20 16.72
CA ASP Y 5 11.83 15.66 17.37
C ASP Y 5 11.93 17.13 17.77
N GLU Y 6 13.14 17.61 18.08
CA GLU Y 6 13.35 18.98 18.51
C GLU Y 6 13.80 19.90 17.39
N ASN Y 7 14.78 19.48 16.59
CA ASN Y 7 15.36 20.32 15.54
C ASN Y 7 14.72 19.96 14.21
N TYR Y 8 13.89 20.85 13.69
CA TYR Y 8 13.25 20.63 12.40
C TYR Y 8 14.21 20.81 11.24
N TYR Y 9 15.18 21.72 11.38
CA TYR Y 9 16.13 21.96 10.29
C TYR Y 9 16.99 20.74 10.02
N ALA Y 10 17.40 20.03 11.08
CA ALA Y 10 18.16 18.80 10.90
C ALA Y 10 17.34 17.75 10.15
N LYS Y 11 16.06 17.62 10.52
CA LYS Y 11 15.19 16.66 9.83
C LYS Y 11 15.02 17.04 8.36
N ALA Y 12 14.82 18.33 8.08
CA ALA Y 12 14.67 18.77 6.70
C ALA Y 12 15.93 18.50 5.89
N VAL Y 13 17.10 18.77 6.48
CA VAL Y 13 18.36 18.49 5.78
C VAL Y 13 18.50 17.00 5.52
N ALA Y 14 18.16 16.17 6.51
CA ALA Y 14 18.25 14.72 6.32
C ALA Y 14 17.31 14.25 5.22
N ASN Y 15 16.12 14.87 5.12
CA ASN Y 15 15.16 14.44 4.10
C ASN Y 15 15.56 14.90 2.70
N ILE Y 16 16.18 16.08 2.57
CA ILE Y 16 16.45 16.64 1.26
C ILE Y 16 17.90 16.45 0.83
N ILE Y 17 18.74 15.84 1.66
CA ILE Y 17 20.16 15.70 1.32
C ILE Y 17 20.36 14.76 0.14
N GLY Y 18 19.40 13.87 -0.14
CA GLY Y 18 19.55 12.93 -1.23
C GLY Y 18 19.26 13.49 -2.60
N GLU Y 19 18.81 14.74 -2.69
CA GLU Y 19 18.48 15.36 -3.96
C GLU Y 19 19.58 16.28 -4.47
N VAL Y 20 20.72 16.30 -3.81
CA VAL Y 20 21.86 17.11 -4.25
C VAL Y 20 22.73 16.26 -5.18
N LYS Y 21 23.05 16.80 -6.35
CA LYS Y 21 23.81 16.06 -7.33
C LYS Y 21 25.26 15.87 -6.88
N ASP Y 22 25.87 14.79 -7.36
CA ASP Y 22 27.26 14.51 -7.05
C ASP Y 22 28.17 15.54 -7.72
N PRO Y 23 29.31 15.86 -7.10
CA PRO Y 23 30.26 16.77 -7.75
C PRO Y 23 30.80 16.19 -9.04
N ILE Y 24 31.06 17.07 -10.01
CA ILE Y 24 31.63 16.63 -11.28
C ILE Y 24 33.13 16.39 -11.20
N MET Y 25 33.77 16.74 -10.08
CA MET Y 25 35.19 16.48 -9.91
C MET Y 25 35.48 15.00 -9.71
N TYR Y 26 34.46 14.20 -9.38
CA TYR Y 26 34.68 12.77 -9.21
C TYR Y 26 35.07 12.09 -10.51
N LYS Y 27 34.78 12.70 -11.65
CA LYS Y 27 35.13 12.13 -12.94
C LYS Y 27 36.58 12.41 -13.34
N TRP Y 28 37.31 13.17 -12.54
CA TRP Y 28 38.71 13.48 -12.79
C TRP Y 28 39.66 12.59 -12.02
N PHE Y 29 39.17 11.60 -11.29
CA PHE Y 29 40.00 10.75 -10.46
C PHE Y 29 39.51 9.32 -10.54
N SER Y 30 40.42 8.40 -10.23
CA SER Y 30 40.06 6.99 -10.07
C SER Y 30 39.53 6.74 -8.67
N PRO Y 31 38.75 5.68 -8.48
CA PRO Y 31 38.18 5.42 -7.14
C PRO Y 31 39.23 5.26 -6.06
N ASP Y 32 40.41 4.75 -6.37
CA ASP Y 32 41.44 4.52 -5.37
C ASP Y 32 42.29 5.76 -5.11
N GLN Y 33 42.07 6.85 -5.84
CA GLN Y 33 42.87 8.06 -5.70
C GLN Y 33 42.32 9.02 -4.66
N ILE Y 34 41.23 8.68 -3.98
CA ILE Y 34 40.59 9.57 -3.01
C ILE Y 34 40.47 8.84 -1.69
N GLU Y 35 40.91 9.50 -0.61
CA GLU Y 35 40.83 8.92 0.73
C GLU Y 35 40.59 10.03 1.73
N ASP Y 36 39.48 9.95 2.45
CA ASP Y 36 39.08 11.02 3.36
C ASP Y 36 39.94 11.05 4.61
N VAL Y 37 40.05 12.23 5.21
CA VAL Y 37 40.75 12.45 6.47
C VAL Y 37 39.82 13.16 7.43
N ASP Y 38 40.10 13.02 8.72
CA ASP Y 38 39.28 13.59 9.79
C ASP Y 38 39.94 14.89 10.24
N LEU Y 39 39.44 16.01 9.74
CA LEU Y 39 39.98 17.33 10.07
C LEU Y 39 39.04 18.38 9.53
N GLN Y 40 39.06 19.55 10.17
CA GLN Y 40 38.30 20.71 9.72
C GLN Y 40 39.18 21.88 9.33
N MET Y 41 40.19 22.21 10.14
CA MET Y 41 41.10 23.30 9.83
C MET Y 41 42.43 23.02 10.51
N GLY Y 42 43.52 23.30 9.80
CA GLY Y 42 44.86 23.03 10.25
C GLY Y 42 45.63 22.27 9.20
N TYR Y 43 46.80 21.79 9.60
CA TYR Y 43 47.68 21.04 8.71
C TYR Y 43 47.76 19.58 9.14
N GLN Y 44 48.12 18.73 8.17
CA GLN Y 44 48.32 17.31 8.42
C GLN Y 44 49.60 16.88 7.71
N LYS Y 45 50.41 16.06 8.39
CA LYS Y 45 51.67 15.60 7.86
C LYS Y 45 51.56 14.15 7.43
N THR Y 46 51.99 13.87 6.20
CA THR Y 46 51.97 12.53 5.63
C THR Y 46 53.41 12.07 5.41
N VAL Y 47 53.73 10.86 5.86
CA VAL Y 47 55.07 10.30 5.77
C VAL Y 47 55.04 9.16 4.76
N LYS Y 48 55.93 9.24 3.77
CA LYS Y 48 56.05 8.21 2.74
C LYS Y 48 57.40 7.50 2.92
N TRP Y 49 57.35 6.17 3.01
CA TRP Y 49 58.54 5.36 3.25
C TRP Y 49 59.00 4.70 1.97
N ASP Y 50 60.31 4.65 1.76
CA ASP Y 50 60.89 4.04 0.57
C ASP Y 50 62.11 3.23 0.97
N ALA Y 51 62.46 2.28 0.10
CA ALA Y 51 63.63 1.44 0.28
C ALA Y 51 64.48 1.47 -0.99
N PHE Y 52 65.78 1.26 -0.81
CA PHE Y 52 66.71 1.27 -1.93
C PHE Y 52 67.81 0.25 -1.68
N LEU Y 53 68.40 -0.24 -2.78
CA LEU Y 53 69.48 -1.22 -2.70
C LEU Y 53 70.82 -0.48 -2.66
N ASN Y 54 71.67 -0.85 -1.71
CA ASN Y 54 72.94 -0.17 -1.53
C ASN Y 54 74.03 -0.70 -2.45
N ALA Y 55 73.94 -1.97 -2.84
CA ALA Y 55 74.95 -2.59 -3.70
C ALA Y 55 74.34 -3.84 -4.33
N ASN Y 56 75.16 -4.53 -5.11
CA ASN Y 56 74.73 -5.80 -5.71
C ASN Y 56 74.54 -6.84 -4.62
N PRO Y 57 73.64 -7.80 -4.84
CA PRO Y 57 73.42 -8.85 -3.84
C PRO Y 57 74.68 -9.67 -3.59
N THR Y 58 74.63 -10.48 -2.53
CA THR Y 58 75.77 -11.28 -2.10
C THR Y 58 75.49 -12.75 -2.39
N THR Y 59 76.45 -13.41 -3.04
CA THR Y 59 76.35 -14.84 -3.30
C THR Y 59 76.64 -15.62 -2.03
N ILE Y 60 75.75 -16.54 -1.66
CA ILE Y 60 75.88 -17.31 -0.44
C ILE Y 60 76.57 -18.62 -0.82
N ALA Y 61 77.90 -18.63 -0.69
CA ALA Y 61 78.70 -19.80 -0.93
C ALA Y 61 79.72 -19.95 0.19
N ASN Y 62 79.78 -21.13 0.79
CA ASN Y 62 80.74 -21.44 1.87
C ASN Y 62 80.44 -20.52 3.04
N GLU Y 63 81.43 -19.88 3.65
CA GLU Y 63 81.23 -19.02 4.80
C GLU Y 63 81.42 -17.56 4.41
N VAL Y 64 80.52 -16.70 4.90
CA VAL Y 64 80.59 -15.27 4.64
C VAL Y 64 79.76 -14.55 5.69
N ASN Y 65 80.27 -13.41 6.15
CA ASN Y 65 79.56 -12.58 7.11
C ASN Y 65 79.24 -11.18 6.62
N THR Y 66 79.89 -10.71 5.56
CA THR Y 66 79.67 -9.37 5.03
C THR Y 66 78.64 -9.45 3.92
N ILE Y 67 77.44 -8.94 4.19
CA ILE Y 67 76.31 -9.03 3.27
C ILE Y 67 75.93 -7.62 2.83
N SER Y 68 75.40 -7.52 1.61
CA SER Y 68 74.91 -6.25 1.11
C SER Y 68 73.70 -5.80 1.91
N THR Y 69 73.50 -4.48 1.95
CA THR Y 69 72.48 -3.89 2.80
C THR Y 69 71.42 -3.18 1.96
N ILE Y 70 70.23 -3.06 2.55
CA ILE Y 70 69.11 -2.33 1.95
C ILE Y 70 68.77 -1.17 2.87
N GLY Y 71 68.76 0.04 2.31
CA GLY Y 71 68.47 1.23 3.08
C GLY Y 71 67.00 1.63 3.00
N PHE Y 72 66.63 2.60 3.84
CA PHE Y 72 65.27 3.08 3.90
C PHE Y 72 65.26 4.60 3.96
N SER Y 73 64.16 5.19 3.49
CA SER Y 73 64.03 6.64 3.40
C SER Y 73 62.62 7.04 3.80
N SER Y 74 62.49 8.27 4.30
CA SER Y 74 61.20 8.84 4.65
C SER Y 74 61.12 10.27 4.13
N GLU Y 75 59.93 10.66 3.69
CA GLU Y 75 59.66 12.02 3.25
C GLU Y 75 58.37 12.50 3.88
N VAL Y 76 58.38 13.73 4.38
CA VAL Y 76 57.24 14.31 5.09
C VAL Y 76 56.65 15.41 4.23
N VAL Y 77 55.34 15.32 3.97
CA VAL Y 77 54.61 16.29 3.17
C VAL Y 77 53.52 16.89 4.04
N ARG Y 78 53.44 18.22 4.05
CA ARG Y 78 52.46 18.95 4.85
C ARG Y 78 51.35 19.46 3.96
N LEU Y 79 50.11 19.13 4.32
CA LEU Y 79 48.93 19.56 3.58
C LEU Y 79 48.07 20.44 4.47
N ASN Y 80 47.66 21.59 3.94
CA ASN Y 80 46.87 22.57 4.69
C ASN Y 80 45.40 22.44 4.32
N TYR Y 81 44.53 22.63 5.32
CA TYR Y 81 43.09 22.58 5.13
C TYR Y 81 42.48 23.87 5.66
N LEU Y 82 41.52 24.42 4.92
CA LEU Y 82 40.90 25.68 5.26
C LEU Y 82 39.39 25.50 5.42
N LYS Y 83 38.82 26.14 6.43
CA LYS Y 83 37.39 26.06 6.72
C LYS Y 83 36.70 27.34 6.27
N LEU Y 84 35.64 27.19 5.47
CA LEU Y 84 34.92 28.32 4.90
C LEU Y 84 33.43 28.16 5.17
N GLN Y 85 32.72 29.28 5.19
CA GLN Y 85 31.33 29.31 5.59
C GLN Y 85 30.53 30.26 4.71
N TYR Y 86 29.24 29.97 4.59
CA TYR Y 86 28.29 30.83 3.90
C TYR Y 86 27.03 30.95 4.73
N LYS Y 87 26.31 32.06 4.53
CA LYS Y 87 25.05 32.32 5.23
C LYS Y 87 23.95 32.59 4.22
N PHE Y 88 22.74 32.10 4.51
CA PHE Y 88 21.61 32.34 3.62
C PHE Y 88 20.34 32.52 4.43
N ARG Y 89 19.40 33.27 3.85
CA ARG Y 89 18.13 33.60 4.48
C ARG Y 89 17.03 32.66 3.99
N HIS Y 90 16.06 32.40 4.85
CA HIS Y 90 14.99 31.48 4.52
C HIS Y 90 13.78 31.76 5.42
N LEU Y 91 12.62 31.26 4.99
CA LEU Y 91 11.41 31.39 5.78
C LEU Y 91 11.45 30.47 6.99
N LYS Y 92 10.89 30.94 8.10
CA LYS Y 92 10.79 30.13 9.30
C LYS Y 92 9.73 29.04 9.13
N GLN Y 93 9.99 27.89 9.76
CA GLN Y 93 9.09 26.74 9.61
C GLN Y 93 7.68 27.08 10.07
N THR Y 94 7.56 27.69 11.24
CA THR Y 94 6.24 28.04 11.76
C THR Y 94 5.55 29.08 10.91
N SER Y 95 6.27 29.80 10.06
CA SER Y 95 5.69 30.78 9.16
C SER Y 95 5.44 30.23 7.76
N GLU Y 96 5.94 29.04 7.45
CA GLU Y 96 5.75 28.49 6.11
C GLU Y 96 4.27 28.34 5.76
N LYS Y 97 3.43 28.03 6.74
CA LYS Y 97 2.00 27.81 6.48
C LYS Y 97 1.34 29.03 5.89
N PHE Y 98 1.81 30.22 6.22
CA PHE Y 98 1.23 31.46 5.69
C PHE Y 98 1.75 31.80 4.30
N TYR Y 99 2.70 31.03 3.77
CA TYR Y 99 3.20 31.23 2.42
C TYR Y 99 3.00 30.00 1.55
N THR Y 100 2.43 28.92 2.09
CA THR Y 100 2.18 27.71 1.31
C THR Y 100 1.06 27.97 0.30
N SER Y 101 1.45 28.59 -0.81
CA SER Y 101 0.52 28.86 -1.90
C SER Y 101 0.39 27.61 -2.77
N ASP Y 102 -0.28 27.74 -3.91
CA ASP Y 102 -0.46 26.63 -4.82
C ASP Y 102 0.77 26.47 -5.73
N SER Y 103 1.23 25.22 -5.86
CA SER Y 103 2.29 24.83 -6.78
C SER Y 103 3.67 25.33 -6.34
N TYR Y 104 3.72 26.12 -5.28
CA TYR Y 104 5.00 26.61 -4.75
C TYR Y 104 4.77 27.15 -3.35
N ILE Y 105 5.88 27.36 -2.64
CA ILE Y 105 5.86 27.89 -1.28
C ILE Y 105 6.88 29.01 -1.20
N GLY Y 106 6.44 30.21 -0.84
CA GLY Y 106 7.35 31.32 -0.64
C GLY Y 106 6.88 32.63 -1.26
N ASP Y 107 7.69 33.68 -1.12
CA ASP Y 107 7.41 34.98 -1.72
C ASP Y 107 8.17 35.10 -3.03
N ILE Y 108 7.44 35.10 -4.14
CA ILE Y 108 8.05 35.44 -5.42
C ILE Y 108 8.48 36.91 -5.41
N ASN Y 109 7.69 37.76 -4.76
CA ASN Y 109 8.00 39.19 -4.74
C ASN Y 109 9.28 39.47 -3.96
N ASN Y 110 9.44 38.87 -2.79
CA ASN Y 110 10.58 39.13 -1.92
C ASN Y 110 11.67 38.08 -2.02
N ASN Y 111 11.52 37.08 -2.89
CA ASN Y 111 12.52 36.03 -3.10
C ASN Y 111 12.85 35.32 -1.79
N LEU Y 112 11.82 34.78 -1.16
CA LEU Y 112 11.94 33.99 0.05
C LEU Y 112 11.54 32.54 -0.24
N LEU Y 113 12.34 31.62 0.27
CA LEU Y 113 12.18 30.19 0.01
C LEU Y 113 12.09 29.44 1.34
N PRO Y 114 11.50 28.25 1.34
CA PRO Y 114 11.58 27.39 2.52
C PRO Y 114 13.01 26.89 2.73
N PHE Y 115 13.27 26.45 3.97
CA PHE Y 115 14.62 26.08 4.36
C PHE Y 115 15.16 24.95 3.48
N ALA Y 116 14.33 23.95 3.18
CA ALA Y 116 14.79 22.80 2.41
C ALA Y 116 15.30 23.21 1.03
N GLN Y 117 14.48 23.95 0.28
CA GLN Y 117 14.88 24.38 -1.05
C GLN Y 117 16.08 25.33 -1.00
N ALA Y 118 16.08 26.25 -0.04
CA ALA Y 118 17.21 27.17 0.09
C ALA Y 118 18.51 26.41 0.34
N TYR Y 119 18.46 25.42 1.25
CA TYR Y 119 19.63 24.62 1.55
C TYR Y 119 20.10 23.84 0.33
N LYS Y 120 19.16 23.25 -0.42
CA LYS Y 120 19.55 22.47 -1.59
C LYS Y 120 20.26 23.35 -2.62
N LEU Y 121 19.69 24.51 -2.92
CA LEU Y 121 20.30 25.40 -3.91
C LEU Y 121 21.66 25.91 -3.45
N ALA Y 122 21.76 26.30 -2.16
CA ALA Y 122 23.03 26.78 -1.64
C ALA Y 122 24.10 25.68 -1.68
N SER Y 123 23.71 24.45 -1.33
CA SER Y 123 24.66 23.34 -1.37
C SER Y 123 25.13 23.08 -2.79
N SER Y 124 24.23 23.15 -3.77
CA SER Y 124 24.65 22.97 -5.16
C SER Y 124 25.65 24.04 -5.58
N GLU Y 125 25.38 25.29 -5.24
CA GLU Y 125 26.32 26.36 -5.59
C GLU Y 125 27.67 26.16 -4.93
N ILE Y 126 27.67 25.78 -3.65
CA ILE Y 126 28.94 25.55 -2.94
C ILE Y 126 29.70 24.38 -3.56
N ILE Y 127 28.98 23.35 -3.99
CA ILE Y 127 29.63 22.21 -4.64
C ILE Y 127 30.28 22.64 -5.95
N LYS Y 128 29.61 23.50 -6.72
CA LYS Y 128 30.22 24.04 -7.93
C LYS Y 128 31.50 24.80 -7.60
N LEU Y 129 31.47 25.62 -6.54
CA LEU Y 129 32.66 26.36 -6.15
C LEU Y 129 33.80 25.42 -5.75
N ILE Y 130 33.47 24.34 -5.04
CA ILE Y 130 34.49 23.37 -4.64
C ILE Y 130 35.10 22.69 -5.86
N ASN Y 131 34.27 22.35 -6.85
CA ASN Y 131 34.80 21.78 -8.08
C ASN Y 131 35.75 22.75 -8.77
N HIS Y 132 35.37 24.02 -8.82
CA HIS Y 132 36.24 25.03 -9.43
C HIS Y 132 37.58 25.10 -8.70
N PHE Y 133 37.55 25.09 -7.36
CA PHE Y 133 38.80 25.13 -6.61
C PHE Y 133 39.66 23.90 -6.89
N VAL Y 134 39.05 22.72 -6.90
CA VAL Y 134 39.82 21.49 -7.08
C VAL Y 134 40.47 21.48 -8.45
N LEU Y 135 39.76 21.95 -9.48
CA LEU Y 135 40.35 21.96 -10.82
C LEU Y 135 41.42 23.03 -10.95
N THR Y 136 41.17 24.23 -10.44
CA THR Y 136 42.05 25.37 -10.72
C THR Y 136 42.99 25.71 -9.58
N GLY Y 137 42.63 25.42 -8.32
CA GLY Y 137 43.44 25.81 -7.19
C GLY Y 137 43.18 27.21 -6.68
N THR Y 138 42.28 27.96 -7.31
CA THR Y 138 41.94 29.31 -6.89
C THR Y 138 40.45 29.39 -6.58
N VAL Y 139 40.10 30.33 -5.72
CA VAL Y 139 38.71 30.56 -5.31
C VAL Y 139 38.28 31.91 -5.85
N SER Y 140 37.29 31.90 -6.74
CA SER Y 140 36.76 33.13 -7.30
C SER Y 140 35.34 32.86 -7.80
N ILE Y 141 34.53 33.91 -7.83
CA ILE Y 141 33.16 33.83 -8.29
C ILE Y 141 32.92 34.66 -9.54
N GLN Y 142 33.98 35.19 -10.13
CA GLN Y 142 33.89 36.03 -11.32
C GLN Y 142 34.34 35.26 -12.55
N LYS Y 143 33.81 35.64 -13.71
CA LYS Y 143 34.24 35.03 -14.96
C LYS Y 143 35.65 35.46 -15.35
N ASP Y 144 36.01 36.72 -15.07
CA ASP Y 144 37.35 37.19 -15.38
C ASP Y 144 38.41 36.45 -14.58
N GLY Y 145 38.04 35.92 -13.42
CA GLY Y 145 38.98 35.25 -12.55
C GLY Y 145 39.71 36.15 -11.58
N LYS Y 146 39.38 37.44 -11.54
CA LYS Y 146 40.03 38.36 -10.62
C LYS Y 146 39.37 38.29 -9.24
N ASN Y 147 39.86 39.12 -8.32
CA ASN Y 147 39.38 39.17 -6.94
C ASN Y 147 39.40 37.78 -6.30
N GLN Y 148 40.53 37.10 -6.45
CA GLN Y 148 40.68 35.77 -5.89
C GLN Y 148 40.87 35.83 -4.38
N LYS Y 149 40.22 34.90 -3.68
CA LYS Y 149 40.42 34.78 -2.24
C LYS Y 149 41.85 34.31 -1.96
N ARG Y 150 42.50 34.94 -0.98
CA ARG Y 150 43.84 34.53 -0.62
C ARG Y 150 43.79 33.24 0.18
N LEU Y 151 44.62 32.28 -0.20
CA LEU Y 151 44.64 30.96 0.41
C LEU Y 151 46.01 30.71 1.05
N LEU Y 152 46.08 29.64 1.84
CA LEU Y 152 47.30 29.27 2.53
C LEU Y 152 48.26 28.55 1.58
N PRO Y 153 49.54 28.53 1.92
CA PRO Y 153 50.48 27.68 1.18
C PRO Y 153 50.18 26.20 1.42
N ASN Y 154 50.76 25.36 0.57
CA ASN Y 154 50.48 23.93 0.55
C ASN Y 154 49.01 23.63 0.31
N MET Y 155 48.37 24.49 -0.50
CA MET Y 155 46.97 24.34 -0.90
C MET Y 155 46.93 24.58 -2.40
N TYR Y 156 47.03 23.50 -3.18
CA TYR Y 156 47.20 23.61 -4.62
C TYR Y 156 46.14 22.79 -5.34
N GLY Y 157 45.82 23.23 -6.56
CA GLY Y 157 44.98 22.47 -7.45
C GLY Y 157 45.80 21.81 -8.55
N LEU Y 158 45.08 21.15 -9.46
CA LEU Y 158 45.75 20.46 -10.55
C LEU Y 158 46.45 21.44 -11.50
N LEU Y 159 45.92 22.65 -11.65
CA LEU Y 159 46.45 23.58 -12.63
C LEU Y 159 47.64 24.38 -12.11
N ASN Y 160 47.70 24.65 -10.80
CA ASN Y 160 48.77 25.46 -10.23
C ASN Y 160 49.71 24.68 -9.34
N MET Y 161 49.72 23.36 -9.48
CA MET Y 161 50.63 22.54 -8.68
C MET Y 161 52.07 22.86 -9.08
N PRO Y 162 52.95 23.17 -8.13
CA PRO Y 162 54.32 23.56 -8.49
C PRO Y 162 55.15 22.36 -8.91
N GLU Y 163 56.31 22.66 -9.49
CA GLU Y 163 57.31 21.66 -9.87
C GLU Y 163 56.72 20.60 -10.81
N GLN Y 164 55.95 21.07 -11.79
CA GLN Y 164 55.35 20.21 -12.81
C GLN Y 164 55.75 20.74 -14.18
N ILE Y 165 55.46 19.96 -15.22
CA ILE Y 165 55.84 20.37 -16.57
C ILE Y 165 54.88 21.43 -17.06
N LYS Y 166 55.42 22.58 -17.47
CA LYS Y 166 54.62 23.72 -17.90
C LYS Y 166 55.09 24.17 -19.26
N GLU Y 167 54.21 24.07 -20.26
CA GLU Y 167 54.50 24.51 -21.61
C GLU Y 167 53.61 25.68 -21.98
N GLU Y 168 54.16 26.58 -22.78
CA GLU Y 168 53.45 27.79 -23.21
C GLU Y 168 53.48 27.90 -24.72
N VAL Y 169 52.31 28.11 -25.32
CA VAL Y 169 52.19 28.32 -26.75
C VAL Y 169 52.07 29.82 -27.00
N ALA Y 170 52.93 30.34 -27.87
CA ALA Y 170 53.00 31.78 -28.10
C ALA Y 170 51.71 32.29 -28.73
N SER Y 171 51.42 33.57 -28.45
CA SER Y 171 50.20 34.18 -28.99
C SER Y 171 50.23 34.25 -30.51
N GLY Y 172 51.43 34.27 -31.10
CA GLY Y 172 51.52 34.22 -32.55
C GLY Y 172 51.01 32.92 -33.13
N ASP Y 173 51.22 31.81 -32.42
CA ASP Y 173 50.76 30.49 -32.84
C ASP Y 173 49.59 30.00 -32.01
N LYS Y 174 48.76 30.94 -31.52
CA LYS Y 174 47.64 30.57 -30.67
C LYS Y 174 46.59 29.75 -31.42
N ASP Y 175 46.58 29.80 -32.75
CA ASP Y 175 45.61 29.07 -33.56
C ASP Y 175 46.27 28.01 -34.43
N LYS Y 176 47.49 27.59 -34.09
CA LYS Y 176 48.25 26.62 -34.86
C LYS Y 176 48.28 25.30 -34.08
N MET Y 177 47.42 24.37 -34.50
CA MET Y 177 47.36 23.07 -33.83
C MET Y 177 48.69 22.33 -33.92
N ASP Y 178 49.44 22.53 -35.00
CA ASP Y 178 50.75 21.89 -35.11
C ASP Y 178 51.71 22.37 -34.01
N LYS Y 179 51.76 23.69 -33.77
CA LYS Y 179 52.60 24.21 -32.71
C LYS Y 179 52.12 23.76 -31.34
N ILE Y 180 50.80 23.78 -31.13
CA ILE Y 180 50.24 23.33 -29.86
C ILE Y 180 50.62 21.88 -29.61
N PHE Y 181 50.51 21.03 -30.63
CA PHE Y 181 50.85 19.63 -30.49
C PHE Y 181 52.34 19.42 -30.30
N GLU Y 182 53.18 20.26 -30.92
CA GLU Y 182 54.62 20.16 -30.66
C GLU Y 182 54.93 20.44 -29.20
N LYS Y 183 54.30 21.48 -28.63
CA LYS Y 183 54.48 21.74 -27.21
C LYS Y 183 53.97 20.59 -26.36
N ILE Y 184 52.84 19.98 -26.75
CA ILE Y 184 52.30 18.85 -26.02
C ILE Y 184 53.27 17.67 -26.05
N GLU Y 185 53.87 17.41 -27.21
CA GLU Y 185 54.86 16.32 -27.30
C GLU Y 185 56.07 16.60 -26.43
N ALA Y 186 56.55 17.85 -26.43
CA ALA Y 186 57.68 18.20 -25.58
C ALA Y 186 57.36 17.94 -24.12
N GLY Y 187 56.20 18.38 -23.66
CA GLY Y 187 55.82 18.15 -22.27
C GLY Y 187 55.65 16.67 -21.96
N LEU Y 188 55.07 15.91 -22.89
CA LEU Y 188 54.89 14.49 -22.69
C LEU Y 188 56.23 13.78 -22.54
N SER Y 189 57.22 14.19 -23.34
CA SER Y 189 58.57 13.64 -23.17
C SER Y 189 59.15 14.02 -21.82
N LYS Y 190 58.95 15.26 -21.38
CA LYS Y 190 59.50 15.68 -20.09
C LYS Y 190 58.77 15.07 -18.90
N LEU Y 191 57.61 14.44 -19.11
CA LEU Y 191 56.97 13.72 -18.01
C LEU Y 191 57.87 12.61 -17.49
N GLU Y 192 57.82 12.39 -16.17
CA GLU Y 192 58.62 11.36 -15.51
C GLU Y 192 57.69 10.51 -14.64
N LEU Y 193 57.10 9.48 -15.23
CA LEU Y 193 56.28 8.54 -14.49
C LEU Y 193 57.10 7.44 -13.82
N GLY Y 194 58.38 7.35 -14.13
CA GLY Y 194 59.23 6.35 -13.50
C GLY Y 194 58.76 4.95 -13.80
N ASP Y 195 58.66 4.14 -12.74
CA ASP Y 195 58.24 2.75 -12.85
C ASP Y 195 56.74 2.59 -12.84
N GLU Y 196 55.98 3.68 -12.75
CA GLU Y 196 54.53 3.65 -12.67
C GLU Y 196 53.86 4.10 -13.97
N PHE Y 197 54.56 3.98 -15.10
CA PHE Y 197 54.04 4.49 -16.36
C PHE Y 197 52.85 3.70 -16.87
N SER Y 198 52.66 2.46 -16.41
CA SER Y 198 51.55 1.63 -16.87
C SER Y 198 50.30 2.00 -16.07
N THR Y 199 49.67 3.10 -16.50
CA THR Y 199 48.50 3.64 -15.81
C THR Y 199 47.63 4.38 -16.82
N PRO Y 200 46.31 4.40 -16.60
CA PRO Y 200 45.45 5.21 -17.46
C PRO Y 200 45.75 6.70 -17.30
N MET Y 201 45.48 7.46 -18.35
CA MET Y 201 45.77 8.88 -18.36
C MET Y 201 44.49 9.69 -18.56
N MET Y 202 44.49 10.92 -18.04
CA MET Y 202 43.34 11.80 -18.11
C MET Y 202 43.78 13.13 -18.69
N VAL Y 203 42.98 13.67 -19.61
CA VAL Y 203 43.22 14.93 -20.29
C VAL Y 203 42.00 15.82 -20.08
N ILE Y 204 42.24 17.07 -19.73
CA ILE Y 204 41.18 18.07 -19.53
C ILE Y 204 41.47 19.25 -20.44
N VAL Y 205 40.48 19.64 -21.24
CA VAL Y 205 40.63 20.72 -22.21
C VAL Y 205 39.45 21.67 -22.10
N ASP Y 206 39.64 22.87 -22.65
CA ASP Y 206 38.60 23.89 -22.74
C ASP Y 206 37.80 23.72 -24.04
N PRO Y 207 36.59 24.29 -24.10
CA PRO Y 207 35.76 24.11 -25.30
C PRO Y 207 36.42 24.55 -26.60
N ALA Y 208 37.17 25.66 -26.58
CA ALA Y 208 37.88 26.08 -27.78
C ALA Y 208 38.92 25.05 -28.19
N THR Y 209 39.63 24.48 -27.21
CA THR Y 209 40.60 23.43 -27.52
C THR Y 209 39.91 22.21 -28.11
N SER Y 210 38.74 21.84 -27.59
CA SER Y 210 38.00 20.72 -28.15
C SER Y 210 37.58 20.99 -29.59
N LEU Y 211 37.11 22.21 -29.85
CA LEU Y 211 36.74 22.59 -31.22
C LEU Y 211 37.93 22.49 -32.16
N LYS Y 212 39.10 22.93 -31.70
CA LYS Y 212 40.31 22.79 -32.52
C LYS Y 212 40.70 21.33 -32.69
N LEU Y 213 40.51 20.51 -31.66
CA LEU Y 213 40.93 19.11 -31.71
C LEU Y 213 40.10 18.31 -32.70
N VAL Y 214 38.80 18.60 -32.80
CA VAL Y 214 37.94 17.79 -33.67
C VAL Y 214 38.19 18.11 -35.14
N LYS Y 215 39.10 19.05 -35.41
CA LYS Y 215 39.45 19.39 -36.78
C LYS Y 215 40.30 18.28 -37.41
N PRO Y 216 40.30 18.19 -38.74
CA PRO Y 216 41.13 17.17 -39.40
C PRO Y 216 42.61 17.39 -39.15
N TYR Y 217 43.35 16.29 -39.06
CA TYR Y 217 44.79 16.36 -38.83
C TYR Y 217 45.50 16.89 -40.06
N ALA Y 218 46.51 17.74 -39.83
CA ALA Y 218 47.29 18.31 -40.92
C ALA Y 218 48.76 17.93 -40.77
N CYS Y 227 42.24 11.13 -43.18
CA CYS Y 227 40.97 10.96 -42.48
C CYS Y 227 41.21 10.69 -40.99
N GLU Y 228 42.13 11.47 -40.40
CA GLU Y 228 42.48 11.34 -38.99
C GLU Y 228 42.29 12.68 -38.29
N LYS Y 229 42.03 12.61 -37.00
CA LYS Y 229 41.75 13.80 -36.19
C LYS Y 229 42.89 14.06 -35.21
N TRP Y 230 43.03 15.33 -34.85
CA TRP Y 230 44.00 15.71 -33.83
C TRP Y 230 43.74 14.99 -32.51
N GLU Y 231 42.47 14.72 -32.20
CA GLU Y 231 42.14 13.96 -31.01
C GLU Y 231 42.73 12.56 -31.07
N ASP Y 232 42.59 11.90 -32.22
CA ASP Y 232 43.16 10.56 -32.38
C ASP Y 232 44.68 10.59 -32.30
N VAL Y 233 45.30 11.61 -32.90
CA VAL Y 233 46.76 11.73 -32.85
C VAL Y 233 47.22 11.91 -31.41
N LEU Y 234 46.53 12.75 -30.65
CA LEU Y 234 46.89 12.98 -29.25
C LEU Y 234 46.71 11.71 -28.42
N ILE Y 235 45.61 10.98 -28.66
CA ILE Y 235 45.38 9.74 -27.93
C ILE Y 235 46.48 8.73 -28.22
N GLN Y 236 46.89 8.61 -29.48
CA GLN Y 236 47.98 7.70 -29.82
C GLN Y 236 49.28 8.13 -29.17
N THR Y 237 49.56 9.44 -29.17
CA THR Y 237 50.80 9.93 -28.56
C THR Y 237 50.84 9.63 -27.07
N ILE Y 238 49.71 9.79 -26.37
CA ILE Y 238 49.68 9.48 -24.94
C ILE Y 238 49.74 7.97 -24.70
N LYS Y 239 49.14 7.18 -25.59
CA LYS Y 239 49.24 5.73 -25.48
C LYS Y 239 50.67 5.27 -25.69
N ALA Y 240 51.47 6.05 -26.43
CA ALA Y 240 52.88 5.71 -26.60
C ALA Y 240 53.64 5.71 -25.30
N ILE Y 241 53.19 6.49 -24.31
CA ILE Y 241 53.90 6.61 -23.05
C ILE Y 241 53.22 5.90 -21.89
N ASN Y 242 51.90 5.69 -21.93
CA ASN Y 242 51.24 5.04 -20.81
C ASN Y 242 51.12 3.53 -20.98
N ASN Y 243 52.03 2.92 -21.74
CA ASN Y 243 52.00 1.48 -22.03
C ASN Y 243 50.73 1.07 -22.75
N ARG Y 244 50.20 1.96 -23.58
CA ARG Y 244 49.00 1.70 -24.40
C ARG Y 244 47.82 1.29 -23.53
N GLU Y 245 47.50 2.13 -22.55
CA GLU Y 245 46.35 1.93 -21.69
C GLU Y 245 45.31 3.03 -21.98
N ASP Y 246 44.25 3.04 -21.19
CA ASP Y 246 43.13 3.93 -21.44
C ASP Y 246 43.53 5.39 -21.32
N VAL Y 247 43.03 6.20 -22.24
CA VAL Y 247 43.20 7.65 -22.22
C VAL Y 247 41.82 8.28 -22.28
N TYR Y 248 41.47 9.05 -21.25
CA TYR Y 248 40.17 9.69 -21.15
C TYR Y 248 40.31 11.17 -21.45
N ILE Y 249 39.33 11.72 -22.16
CA ILE Y 249 39.32 13.13 -22.56
C ILE Y 249 38.07 13.77 -21.97
N GLU Y 250 38.25 14.91 -21.31
CA GLU Y 250 37.16 15.64 -20.68
C GLU Y 250 37.25 17.11 -21.06
N THR Y 251 36.09 17.76 -21.12
CA THR Y 251 35.99 19.18 -21.39
C THR Y 251 35.37 19.87 -20.18
N SER Y 252 35.97 20.98 -19.77
CA SER Y 252 35.48 21.75 -18.64
C SER Y 252 35.40 23.21 -19.02
N ASN Y 253 34.26 23.83 -18.71
CA ASN Y 253 34.10 25.27 -18.94
C ASN Y 253 34.88 26.11 -17.94
N LEU Y 254 35.44 25.49 -16.90
CA LEU Y 254 36.23 26.20 -15.90
C LEU Y 254 37.63 26.54 -16.38
N LEU Y 255 38.04 26.04 -17.54
CA LEU Y 255 39.37 26.28 -18.08
C LEU Y 255 39.29 27.25 -19.25
N LYS Y 256 40.38 27.98 -19.47
CA LYS Y 256 40.47 28.93 -20.58
C LYS Y 256 41.84 28.77 -21.23
N HIS Y 257 41.86 28.16 -22.42
CA HIS Y 257 43.08 28.01 -23.22
C HIS Y 257 44.16 27.22 -22.45
N LYS Y 258 43.71 26.18 -21.75
CA LYS Y 258 44.59 25.32 -20.98
C LYS Y 258 44.35 23.87 -21.35
N ILE Y 259 45.42 23.07 -21.25
CA ILE Y 259 45.36 21.63 -21.42
C ILE Y 259 46.06 20.98 -20.24
N LEU Y 260 45.38 20.05 -19.59
CA LEU Y 260 45.91 19.36 -18.43
C LEU Y 260 46.01 17.87 -18.73
N ILE Y 261 47.18 17.28 -18.51
CA ILE Y 261 47.39 15.85 -18.71
C ILE Y 261 48.02 15.27 -17.46
N TYR Y 262 47.43 14.20 -16.93
CA TYR Y 262 47.98 13.60 -15.72
C TYR Y 262 47.51 12.16 -15.60
N PRO Y 263 48.26 11.30 -14.92
CA PRO Y 263 47.86 9.91 -14.76
C PRO Y 263 46.85 9.70 -13.63
N LEU Y 264 46.04 8.66 -13.79
CA LEU Y 264 45.09 8.25 -12.75
C LEU Y 264 45.68 7.16 -11.87
N ASN Y 265 46.87 7.42 -11.32
CA ASN Y 265 47.57 6.45 -10.48
C ASN Y 265 47.66 6.98 -9.06
N SER Y 266 47.23 6.16 -8.10
CA SER Y 266 47.23 6.59 -6.70
C SER Y 266 48.63 6.69 -6.12
N GLU Y 267 49.64 6.10 -6.77
CA GLU Y 267 51.01 6.20 -6.30
C GLU Y 267 51.69 7.49 -6.73
N LEU Y 268 51.09 8.26 -7.63
CA LEU Y 268 51.66 9.51 -8.11
C LEU Y 268 50.85 10.72 -7.69
N ILE Y 269 49.52 10.66 -7.85
CA ILE Y 269 48.63 11.75 -7.47
C ILE Y 269 47.57 11.20 -6.53
N LYS Y 270 47.40 11.85 -5.38
CA LYS Y 270 46.47 11.42 -4.35
C LYS Y 270 45.64 12.61 -3.90
N PHE Y 271 44.42 12.33 -3.46
CA PHE Y 271 43.49 13.35 -2.99
C PHE Y 271 43.00 12.92 -1.62
N LYS Y 272 43.38 13.66 -0.58
CA LYS Y 272 43.03 13.36 0.80
C LYS Y 272 42.16 14.50 1.34
N PRO Y 273 40.92 14.62 0.86
CA PRO Y 273 40.06 15.70 1.34
C PRO Y 273 39.58 15.43 2.76
N SER Y 274 39.24 16.52 3.45
CA SER Y 274 38.58 16.37 4.74
C SER Y 274 37.23 15.71 4.54
N LYS Y 275 36.83 14.87 5.49
CA LYS Y 275 35.52 14.24 5.35
C LYS Y 275 34.38 15.21 5.57
N TYR Y 276 34.69 16.47 5.93
CA TYR Y 276 33.71 17.54 6.00
C TYR Y 276 33.88 18.54 4.84
N MET Y 277 34.55 18.12 3.76
CA MET Y 277 34.77 19.02 2.64
C MET Y 277 33.46 19.44 1.99
N LEU Y 278 32.55 18.50 1.80
CA LEU Y 278 31.27 18.81 1.18
C LEU Y 278 30.39 19.60 2.14
N PRO Y 279 29.42 20.36 1.62
CA PRO Y 279 28.66 21.27 2.48
C PRO Y 279 27.96 20.55 3.62
N THR Y 280 27.99 21.18 4.80
CA THR Y 280 27.40 20.63 6.02
C THR Y 280 26.66 21.74 6.75
N PRO Y 281 25.44 21.51 7.22
CA PRO Y 281 24.72 22.56 7.96
C PRO Y 281 25.40 22.87 9.29
N ASN Y 282 25.27 24.12 9.71
CA ASN Y 282 25.72 24.54 11.03
C ASN Y 282 24.53 24.54 11.99
N GLU Y 283 24.83 24.33 13.28
CA GLU Y 283 23.76 24.26 14.27
C GLU Y 283 23.15 25.62 14.54
N GLN Y 284 23.91 26.70 14.38
CA GLN Y 284 23.42 28.02 14.72
C GLN Y 284 22.40 28.51 13.70
N VAL Y 285 21.24 28.95 14.19
CA VAL Y 285 20.19 29.52 13.35
C VAL Y 285 19.81 30.88 13.94
N ASP Y 286 19.85 31.91 13.10
CA ASP Y 286 19.47 33.25 13.56
C ASP Y 286 17.96 33.40 13.54
N LYS Y 287 17.40 33.84 14.65
CA LYS Y 287 15.96 34.00 14.79
C LYS Y 287 15.63 35.35 15.40
N ASP Y 288 14.47 35.88 15.03
CA ASP Y 288 13.96 37.11 15.61
C ASP Y 288 12.44 37.06 15.60
N SER Y 289 11.81 38.21 15.78
CA SER Y 289 10.35 38.29 15.82
C SER Y 289 9.71 38.24 14.44
N THR Y 290 10.48 38.41 13.38
CA THR Y 290 9.94 38.40 12.02
C THR Y 290 9.81 36.96 11.53
N ASP Y 291 9.52 36.79 10.25
CA ASP Y 291 9.38 35.48 9.62
C ASP Y 291 10.64 35.05 8.88
N VAL Y 292 11.70 35.84 8.92
CA VAL Y 292 12.93 35.56 8.18
C VAL Y 292 13.98 35.04 9.15
N ALA Y 293 14.58 33.91 8.81
CA ALA Y 293 15.66 33.32 9.59
C ALA Y 293 16.89 33.14 8.70
N HIS Y 294 18.04 32.92 9.35
CA HIS Y 294 19.31 32.76 8.65
C HIS Y 294 19.98 31.46 9.10
N SER Y 295 20.61 30.79 8.14
CA SER Y 295 21.31 29.54 8.39
C SER Y 295 22.70 29.59 7.76
N TYR Y 296 23.57 28.69 8.23
CA TYR Y 296 24.97 28.68 7.82
C TYR Y 296 25.36 27.31 7.28
N ILE Y 297 26.24 27.32 6.28
CA ILE Y 297 26.76 26.11 5.67
C ILE Y 297 28.28 26.16 5.71
N ASP Y 298 28.90 25.07 6.15
CA ASP Y 298 30.35 24.96 6.28
C ASP Y 298 30.91 23.99 5.24
N PHE Y 299 32.12 24.29 4.79
CA PHE Y 299 32.84 23.36 3.92
C PHE Y 299 34.34 23.56 4.12
N VAL Y 300 35.12 22.59 3.64
CA VAL Y 300 36.57 22.56 3.86
C VAL Y 300 37.26 22.37 2.51
N LEU Y 301 38.35 23.11 2.31
CA LEU Y 301 39.12 23.06 1.08
C LEU Y 301 40.56 22.62 1.37
N GLY Y 302 41.13 21.86 0.45
CA GLY Y 302 42.52 21.46 0.54
C GLY Y 302 42.74 19.96 0.52
N GLY Y 303 43.96 19.54 0.21
CA GLY Y 303 44.30 18.13 0.31
C GLY Y 303 44.73 17.43 -0.96
N LEU Y 304 45.33 18.15 -1.90
CA LEU Y 304 45.81 17.53 -3.14
C LEU Y 304 47.31 17.30 -3.03
N LEU Y 305 47.74 16.05 -3.18
CA LEU Y 305 49.14 15.67 -3.08
C LEU Y 305 49.58 15.08 -4.41
N ALA Y 306 50.77 15.48 -4.87
CA ALA Y 306 51.27 15.02 -6.16
C ALA Y 306 52.77 14.80 -6.07
N THR Y 307 53.27 13.95 -6.97
CA THR Y 307 54.71 13.78 -7.14
C THR Y 307 55.24 14.79 -8.14
N ARG Y 308 56.56 15.00 -8.09
CA ARG Y 308 57.19 15.99 -8.96
C ARG Y 308 57.21 15.51 -10.41
N LYS Y 309 56.99 16.45 -11.33
CA LYS Y 309 57.06 16.20 -12.77
C LYS Y 309 56.16 15.04 -13.18
N THR Y 310 54.88 15.13 -12.80
CA THR Y 310 53.88 14.16 -13.21
C THR Y 310 52.63 14.79 -13.79
N ILE Y 311 52.59 16.12 -13.94
CA ILE Y 311 51.45 16.82 -14.51
C ILE Y 311 51.95 17.71 -15.64
N LEU Y 312 51.30 17.64 -16.79
CA LEU Y 312 51.59 18.50 -17.92
C LEU Y 312 50.53 19.57 -18.03
N GLN Y 313 50.96 20.83 -18.06
CA GLN Y 313 50.08 22.00 -18.08
C GLN Y 313 50.47 22.86 -19.27
N VAL Y 314 49.65 22.87 -20.31
CA VAL Y 314 49.89 23.66 -21.51
C VAL Y 314 48.98 24.88 -21.48
N ASN Y 315 49.57 26.06 -21.60
CA ASN Y 315 48.83 27.31 -21.61
C ASN Y 315 49.03 28.01 -22.95
N ILE Y 316 47.94 28.38 -23.61
CA ILE Y 316 48.00 29.03 -24.91
C ILE Y 316 47.81 30.53 -24.70
N LYS Y 317 48.87 31.30 -24.89
CA LYS Y 317 48.78 32.75 -24.70
C LYS Y 317 47.84 33.35 -25.74
N GLN Y 318 47.00 34.28 -25.28
CA GLN Y 318 46.05 34.95 -26.17
C GLN Y 318 46.59 36.25 -26.74
N SER Y 319 47.50 36.91 -26.03
CA SER Y 319 48.09 38.16 -26.49
C SER Y 319 49.41 38.43 -25.78
N LEU Z 3 5.08 21.48 25.77
CA LEU Z 3 5.51 22.86 25.60
C LEU Z 3 5.51 23.60 26.92
N PHE Z 4 4.52 23.32 27.76
CA PHE Z 4 4.41 23.99 29.05
C PHE Z 4 5.50 23.56 30.03
N ASP Z 5 6.06 22.37 29.86
CA ASP Z 5 7.17 21.94 30.70
C ASP Z 5 8.46 22.67 30.35
N GLU Z 6 8.54 23.28 29.17
CA GLU Z 6 9.75 23.93 28.72
C GLU Z 6 9.60 25.43 28.46
N ASN Z 7 8.38 25.93 28.30
CA ASN Z 7 8.15 27.34 28.00
C ASN Z 7 7.30 27.96 29.11
N TYR Z 8 7.98 28.57 30.09
CA TYR Z 8 7.29 29.23 31.18
C TYR Z 8 6.45 30.39 30.67
N TYR Z 9 6.96 31.13 29.68
CA TYR Z 9 6.21 32.26 29.15
C TYR Z 9 4.92 31.78 28.48
N ALA Z 10 4.99 30.68 27.73
CA ALA Z 10 3.79 30.10 27.14
C ALA Z 10 2.82 29.64 28.22
N LYS Z 11 3.33 28.99 29.28
CA LYS Z 11 2.46 28.56 30.36
C LYS Z 11 1.78 29.74 31.03
N ALA Z 12 2.54 30.81 31.31
CA ALA Z 12 1.97 31.98 31.96
C ALA Z 12 0.93 32.66 31.08
N VAL Z 13 1.19 32.75 29.77
CA VAL Z 13 0.20 33.34 28.87
C VAL Z 13 -1.07 32.50 28.86
N ALA Z 14 -0.92 31.17 28.82
CA ALA Z 14 -2.09 30.30 28.86
C ALA Z 14 -2.88 30.50 30.15
N ASN Z 15 -2.18 30.71 31.26
CA ASN Z 15 -2.86 30.88 32.54
C ASN Z 15 -3.59 32.21 32.63
N ILE Z 16 -2.95 33.31 32.20
CA ILE Z 16 -3.48 34.64 32.45
C ILE Z 16 -4.28 35.19 31.27
N ILE Z 17 -4.38 34.44 30.17
CA ILE Z 17 -5.13 34.92 29.01
C ILE Z 17 -6.61 35.11 29.32
N GLY Z 18 -7.14 34.41 30.32
CA GLY Z 18 -8.55 34.53 30.64
C GLY Z 18 -8.92 35.85 31.28
N GLU Z 19 -7.96 36.51 31.93
CA GLU Z 19 -8.23 37.74 32.64
C GLU Z 19 -8.34 38.96 31.73
N VAL Z 20 -8.06 38.82 30.44
CA VAL Z 20 -8.21 39.93 29.50
C VAL Z 20 -9.67 40.01 29.06
N LYS Z 21 -10.21 41.23 29.06
CA LYS Z 21 -11.62 41.42 28.78
C LYS Z 21 -11.90 41.47 27.28
N ASP Z 22 -13.17 41.31 26.93
CA ASP Z 22 -13.56 41.27 25.54
C ASP Z 22 -13.45 42.66 24.90
N PRO Z 23 -13.21 42.72 23.60
CA PRO Z 23 -13.24 44.01 22.91
C PRO Z 23 -14.65 44.56 22.86
N ILE Z 24 -14.75 45.90 22.81
CA ILE Z 24 -16.06 46.54 22.76
C ILE Z 24 -16.63 46.59 21.35
N MET Z 25 -15.86 46.20 20.33
CA MET Z 25 -16.35 46.20 18.97
C MET Z 25 -17.46 45.17 18.75
N TYR Z 26 -17.55 44.16 19.61
CA TYR Z 26 -18.53 43.11 19.41
C TYR Z 26 -19.95 43.63 19.51
N LYS Z 27 -20.17 44.70 20.27
CA LYS Z 27 -21.50 45.29 20.40
C LYS Z 27 -21.94 46.03 19.15
N TRP Z 28 -21.04 46.30 18.21
CA TRP Z 28 -21.37 47.02 17.00
C TRP Z 28 -21.78 46.10 15.85
N PHE Z 29 -21.85 44.80 16.08
CA PHE Z 29 -22.15 43.85 15.01
C PHE Z 29 -23.03 42.74 15.56
N SER Z 30 -23.77 42.11 14.66
CA SER Z 30 -24.57 40.94 14.98
C SER Z 30 -23.72 39.68 14.91
N PRO Z 31 -24.14 38.60 15.56
CA PRO Z 31 -23.33 37.36 15.51
C PRO Z 31 -23.12 36.83 14.11
N ASP Z 32 -24.09 37.00 13.22
CA ASP Z 32 -23.95 36.53 11.84
C ASP Z 32 -23.07 37.43 10.99
N GLN Z 33 -22.72 38.62 11.48
CA GLN Z 33 -21.96 39.58 10.71
C GLN Z 33 -20.45 39.44 10.89
N ILE Z 34 -19.98 38.44 11.63
CA ILE Z 34 -18.55 38.26 11.88
C ILE Z 34 -18.16 36.86 11.45
N GLU Z 35 -17.14 36.77 10.59
CA GLU Z 35 -16.64 35.48 10.12
C GLU Z 35 -15.13 35.54 10.00
N ASP Z 36 -14.44 34.62 10.68
CA ASP Z 36 -12.99 34.63 10.72
C ASP Z 36 -12.39 34.13 9.41
N VAL Z 37 -11.23 34.67 9.07
CA VAL Z 37 -10.46 34.23 7.92
C VAL Z 37 -9.05 33.86 8.38
N ASP Z 38 -8.37 33.05 7.57
CA ASP Z 38 -7.05 32.51 7.90
C ASP Z 38 -6.01 33.20 7.01
N LEU Z 39 -5.49 34.33 7.50
CA LEU Z 39 -4.49 35.09 6.78
C LEU Z 39 -3.84 36.12 7.69
N GLN Z 40 -2.51 36.19 7.69
CA GLN Z 40 -1.81 37.16 8.53
C GLN Z 40 -1.56 38.47 7.78
N MET Z 41 -0.86 38.41 6.66
CA MET Z 41 -0.63 39.58 5.82
C MET Z 41 -0.85 39.19 4.37
N GLY Z 42 -1.49 40.10 3.63
CA GLY Z 42 -1.77 39.86 2.23
C GLY Z 42 -3.13 40.38 1.81
N TYR Z 43 -3.71 39.78 0.79
CA TYR Z 43 -5.03 40.16 0.31
C TYR Z 43 -5.87 38.92 0.05
N GLN Z 44 -7.17 39.09 0.10
CA GLN Z 44 -8.11 38.01 -0.14
C GLN Z 44 -9.31 38.56 -0.89
N LYS Z 45 -9.70 37.88 -1.97
CA LYS Z 45 -10.79 38.33 -2.83
C LYS Z 45 -12.05 37.55 -2.52
N THR Z 46 -13.19 38.23 -2.61
CA THR Z 46 -14.49 37.62 -2.43
C THR Z 46 -15.34 37.87 -3.67
N VAL Z 47 -16.11 36.86 -4.06
CA VAL Z 47 -16.94 36.92 -5.27
C VAL Z 47 -18.40 36.76 -4.87
N LYS Z 48 -19.24 37.67 -5.34
CA LYS Z 48 -20.67 37.64 -5.07
C LYS Z 48 -21.41 37.42 -6.39
N TRP Z 49 -22.33 36.46 -6.40
CA TRP Z 49 -23.02 36.05 -7.62
C TRP Z 49 -24.47 36.53 -7.59
N ASP Z 50 -24.94 37.01 -8.73
CA ASP Z 50 -26.32 37.47 -8.88
C ASP Z 50 -26.94 36.80 -10.11
N ALA Z 51 -28.27 36.73 -10.12
CA ALA Z 51 -29.02 36.19 -11.24
C ALA Z 51 -30.07 37.20 -11.66
N PHE Z 52 -30.48 37.13 -12.94
CA PHE Z 52 -31.48 38.04 -13.46
C PHE Z 52 -32.35 37.31 -14.48
N LEU Z 53 -33.60 37.77 -14.59
CA LEU Z 53 -34.51 37.24 -15.57
C LEU Z 53 -34.31 37.95 -16.91
N ASN Z 54 -34.21 37.17 -17.99
CA ASN Z 54 -33.90 37.74 -19.30
C ASN Z 54 -35.15 37.96 -20.15
N ALA Z 55 -36.27 37.33 -19.83
CA ALA Z 55 -37.52 37.52 -20.58
C ALA Z 55 -38.67 37.03 -19.72
N ASN Z 56 -39.88 37.28 -20.21
CA ASN Z 56 -41.07 36.81 -19.52
C ASN Z 56 -41.12 35.28 -19.53
N PRO Z 57 -41.70 34.66 -18.50
CA PRO Z 57 -41.75 33.20 -18.45
C PRO Z 57 -42.58 32.63 -19.58
N THR Z 58 -42.28 31.37 -19.92
CA THR Z 58 -42.91 30.68 -21.05
C THR Z 58 -43.99 29.74 -20.56
N THR Z 59 -45.16 29.79 -21.19
CA THR Z 59 -46.27 28.92 -20.85
C THR Z 59 -46.02 27.52 -21.40
N ILE Z 60 -46.20 26.51 -20.56
CA ILE Z 60 -45.98 25.12 -20.94
C ILE Z 60 -47.32 24.54 -21.34
N ALA Z 61 -47.62 24.56 -22.64
CA ALA Z 61 -48.83 23.99 -23.18
C ALA Z 61 -48.49 23.15 -24.40
N ASN Z 62 -48.97 21.90 -24.41
CA ASN Z 62 -48.74 20.95 -25.50
C ASN Z 62 -47.24 20.77 -25.67
N GLU Z 63 -46.66 20.99 -26.85
CA GLU Z 63 -45.24 20.79 -27.10
C GLU Z 63 -44.59 22.12 -27.42
N VAL Z 64 -43.49 22.42 -26.72
CA VAL Z 64 -42.75 23.65 -26.94
C VAL Z 64 -41.28 23.39 -26.66
N ASN Z 65 -40.41 24.00 -27.45
CA ASN Z 65 -38.96 23.84 -27.34
C ASN Z 65 -38.23 25.09 -26.91
N THR Z 66 -38.76 26.27 -27.22
CA THR Z 66 -38.10 27.53 -26.90
C THR Z 66 -38.58 28.02 -25.54
N ILE Z 67 -37.64 28.14 -24.60
CA ILE Z 67 -37.95 28.54 -23.23
C ILE Z 67 -37.15 29.79 -22.88
N SER Z 68 -37.72 30.62 -22.01
CA SER Z 68 -37.04 31.81 -21.55
C SER Z 68 -35.84 31.46 -20.68
N THR Z 69 -34.84 32.34 -20.68
CA THR Z 69 -33.55 32.07 -20.07
C THR Z 69 -33.32 32.96 -18.85
N ILE Z 70 -32.46 32.49 -17.95
CA ILE Z 70 -32.05 33.23 -16.76
C ILE Z 70 -30.53 33.40 -16.82
N GLY Z 71 -30.08 34.66 -16.69
CA GLY Z 71 -28.66 34.96 -16.77
C GLY Z 71 -28.00 35.01 -15.41
N PHE Z 72 -26.71 35.36 -15.42
CA PHE Z 72 -25.91 35.43 -14.20
C PHE Z 72 -24.85 36.51 -14.35
N SER Z 73 -24.34 36.97 -13.22
CA SER Z 73 -23.29 37.98 -13.19
C SER Z 73 -22.59 37.91 -11.84
N SER Z 74 -21.45 38.59 -11.73
CA SER Z 74 -20.63 38.50 -10.53
C SER Z 74 -19.89 39.81 -10.30
N GLU Z 75 -19.45 40.00 -9.05
CA GLU Z 75 -18.60 41.11 -8.65
C GLU Z 75 -17.45 40.57 -7.80
N VAL Z 76 -16.33 41.27 -7.83
CA VAL Z 76 -15.13 40.87 -7.08
C VAL Z 76 -14.70 42.04 -6.21
N VAL Z 77 -14.44 41.76 -4.93
CA VAL Z 77 -14.00 42.77 -3.96
C VAL Z 77 -12.74 42.26 -3.27
N ARG Z 78 -11.75 43.13 -3.15
CA ARG Z 78 -10.46 42.80 -2.57
C ARG Z 78 -10.34 43.40 -1.18
N LEU Z 79 -9.89 42.60 -0.22
CA LEU Z 79 -9.68 43.03 1.16
C LEU Z 79 -8.22 42.84 1.54
N ASN Z 80 -7.60 43.90 2.05
CA ASN Z 80 -6.21 43.89 2.45
C ASN Z 80 -6.09 43.69 3.96
N TYR Z 81 -5.02 43.01 4.36
CA TYR Z 81 -4.73 42.74 5.76
C TYR Z 81 -3.31 43.17 6.08
N LEU Z 82 -3.07 43.56 7.33
CA LEU Z 82 -1.76 44.04 7.75
C LEU Z 82 -1.39 43.42 9.08
N LYS Z 83 -0.11 43.12 9.27
CA LYS Z 83 0.40 42.54 10.51
C LYS Z 83 1.25 43.57 11.23
N LEU Z 84 1.02 43.73 12.53
CA LEU Z 84 1.71 44.71 13.34
C LEU Z 84 2.19 44.06 14.63
N GLN Z 85 3.20 44.67 15.25
CA GLN Z 85 3.85 44.06 16.40
C GLN Z 85 4.28 45.14 17.39
N TYR Z 86 4.38 44.75 18.65
CA TYR Z 86 4.87 45.58 19.73
C TYR Z 86 5.84 44.78 20.59
N LYS Z 87 6.78 45.47 21.22
CA LYS Z 87 7.77 44.85 22.10
C LYS Z 87 7.67 45.46 23.49
N PHE Z 88 7.85 44.63 24.51
CA PHE Z 88 7.79 45.12 25.88
C PHE Z 88 8.80 44.37 26.75
N ARG Z 89 9.41 45.12 27.67
CA ARG Z 89 10.37 44.57 28.62
C ARG Z 89 9.67 44.06 29.88
N HIS Z 90 10.31 43.10 30.54
CA HIS Z 90 9.78 42.52 31.75
C HIS Z 90 10.92 41.87 32.52
N LEU Z 91 10.58 41.23 33.64
CA LEU Z 91 11.58 40.57 34.47
C LEU Z 91 11.76 39.12 34.02
N LYS Z 92 13.01 38.66 34.06
CA LYS Z 92 13.30 37.26 33.79
C LYS Z 92 12.65 36.38 34.85
N GLN Z 93 12.18 35.20 34.43
CA GLN Z 93 11.40 34.35 35.33
C GLN Z 93 12.21 33.94 36.55
N THR Z 94 13.47 33.56 36.36
CA THR Z 94 14.28 33.07 37.47
C THR Z 94 14.66 34.16 38.46
N SER Z 95 14.47 35.43 38.11
CA SER Z 95 14.84 36.54 38.97
C SER Z 95 13.67 37.11 39.78
N GLU Z 96 12.49 36.51 39.67
CA GLU Z 96 11.32 37.08 40.35
C GLU Z 96 11.42 36.96 41.87
N LYS Z 97 12.05 35.88 42.36
CA LYS Z 97 12.17 35.69 43.80
C LYS Z 97 12.99 36.79 44.46
N PHE Z 98 13.88 37.45 43.72
CA PHE Z 98 14.66 38.55 44.26
C PHE Z 98 13.94 39.88 44.20
N TYR Z 99 12.73 39.92 43.64
CA TYR Z 99 11.91 41.10 43.62
C TYR Z 99 10.54 40.89 44.25
N THR Z 100 10.25 39.68 44.74
CA THR Z 100 8.97 39.41 45.39
C THR Z 100 8.94 40.09 46.75
N SER Z 101 8.35 41.28 46.80
CA SER Z 101 8.07 41.94 48.05
C SER Z 101 6.85 41.32 48.72
N ASP Z 102 6.63 41.68 49.99
CA ASP Z 102 5.50 41.14 50.73
C ASP Z 102 4.17 41.57 50.10
N SER Z 103 4.08 42.83 49.69
CA SER Z 103 2.82 43.37 49.18
C SER Z 103 2.68 43.28 47.67
N TYR Z 104 3.77 43.06 46.94
CA TYR Z 104 3.72 43.10 45.48
C TYR Z 104 4.94 42.38 44.93
N ILE Z 105 4.93 42.15 43.62
CA ILE Z 105 6.06 41.61 42.88
C ILE Z 105 6.43 42.58 41.79
N GLY Z 106 7.70 42.96 41.75
CA GLY Z 106 8.18 43.89 40.74
C GLY Z 106 9.25 44.79 41.32
N ASP Z 107 9.68 45.74 40.49
CA ASP Z 107 10.68 46.73 40.87
C ASP Z 107 10.07 48.11 40.62
N ILE Z 108 9.56 48.73 41.69
CA ILE Z 108 8.86 50.00 41.55
C ILE Z 108 9.81 51.09 41.08
N ASN Z 109 11.02 51.14 41.64
CA ASN Z 109 11.96 52.20 41.29
C ASN Z 109 12.40 52.10 39.83
N ASN Z 110 12.42 50.89 39.28
CA ASN Z 110 12.88 50.68 37.91
C ASN Z 110 11.75 50.37 36.95
N ASN Z 111 10.50 50.32 37.41
CA ASN Z 111 9.34 50.08 36.57
C ASN Z 111 9.47 48.76 35.80
N LEU Z 112 9.61 47.68 36.56
CA LEU Z 112 9.72 46.33 36.01
C LEU Z 112 8.64 45.45 36.64
N LEU Z 113 7.92 44.73 35.81
CA LEU Z 113 6.80 43.90 36.23
C LEU Z 113 7.05 42.44 35.88
N PRO Z 114 6.37 41.52 36.54
CA PRO Z 114 6.39 40.12 36.10
C PRO Z 114 5.76 39.99 34.72
N PHE Z 115 6.15 38.90 34.04
CA PHE Z 115 5.75 38.71 32.64
C PHE Z 115 4.24 38.66 32.48
N ALA Z 116 3.55 37.97 33.39
CA ALA Z 116 2.11 37.82 33.27
C ALA Z 116 1.39 39.16 33.34
N GLN Z 117 1.73 39.98 34.33
CA GLN Z 117 1.10 41.28 34.47
C GLN Z 117 1.45 42.21 33.30
N ALA Z 118 2.71 42.20 32.88
CA ALA Z 118 3.10 43.01 31.74
C ALA Z 118 2.33 42.61 30.49
N TYR Z 119 2.19 41.30 30.27
CA TYR Z 119 1.44 40.80 29.11
C TYR Z 119 -0.01 41.22 29.18
N LYS Z 120 -0.64 41.12 30.36
CA LYS Z 120 -2.04 41.51 30.48
C LYS Z 120 -2.23 42.99 30.15
N LEU Z 121 -1.37 43.85 30.71
CA LEU Z 121 -1.50 45.28 30.47
C LEU Z 121 -1.28 45.62 28.99
N ALA Z 122 -0.24 45.02 28.38
CA ALA Z 122 0.01 45.28 26.97
C ALA Z 122 -1.13 44.80 26.09
N SER Z 123 -1.69 43.63 26.41
CA SER Z 123 -2.82 43.12 25.64
C SER Z 123 -4.02 44.05 25.75
N SER Z 124 -4.29 44.58 26.94
CA SER Z 124 -5.40 45.51 27.10
C SER Z 124 -5.19 46.76 26.25
N GLU Z 125 -3.97 47.31 26.27
CA GLU Z 125 -3.71 48.50 25.46
C GLU Z 125 -3.88 48.21 23.97
N ILE Z 126 -3.37 47.06 23.51
CA ILE Z 126 -3.48 46.73 22.09
C ILE Z 126 -4.93 46.51 21.70
N ILE Z 127 -5.73 45.92 22.59
CA ILE Z 127 -7.15 45.72 22.29
C ILE Z 127 -7.87 47.05 22.17
N LYS Z 128 -7.52 48.01 23.03
CA LYS Z 128 -8.09 49.35 22.89
C LYS Z 128 -7.73 49.96 21.54
N LEU Z 129 -6.47 49.82 21.13
CA LEU Z 129 -6.05 50.35 19.83
C LEU Z 129 -6.81 49.68 18.69
N ILE Z 130 -7.02 48.36 18.80
CA ILE Z 130 -7.74 47.62 17.76
C ILE Z 130 -9.18 48.08 17.66
N ASN Z 131 -9.84 48.30 18.81
CA ASN Z 131 -11.20 48.82 18.79
C ASN Z 131 -11.26 50.18 18.14
N HIS Z 132 -10.28 51.05 18.46
CA HIS Z 132 -10.23 52.36 17.83
C HIS Z 132 -10.10 52.23 16.31
N PHE Z 133 -9.24 51.32 15.84
CA PHE Z 133 -9.09 51.14 14.40
C PHE Z 133 -10.39 50.64 13.77
N VAL Z 134 -11.03 49.65 14.39
CA VAL Z 134 -12.25 49.09 13.82
C VAL Z 134 -13.31 50.17 13.69
N LEU Z 135 -13.40 51.06 14.69
CA LEU Z 135 -14.42 52.11 14.63
C LEU Z 135 -14.08 53.18 13.61
N THR Z 136 -12.85 53.71 13.65
CA THR Z 136 -12.55 54.95 12.94
C THR Z 136 -11.81 54.76 11.62
N GLY Z 137 -11.17 53.62 11.40
CA GLY Z 137 -10.38 53.41 10.20
C GLY Z 137 -9.02 54.08 10.21
N THR Z 138 -8.53 54.49 11.39
CA THR Z 138 -7.23 55.13 11.51
C THR Z 138 -6.48 54.51 12.67
N VAL Z 139 -5.15 54.64 12.63
CA VAL Z 139 -4.28 54.16 13.70
C VAL Z 139 -3.40 55.32 14.13
N SER Z 140 -3.55 55.74 15.39
CA SER Z 140 -2.75 56.83 15.94
C SER Z 140 -2.80 56.74 17.46
N ILE Z 141 -1.77 57.30 18.09
CA ILE Z 141 -1.68 57.35 19.54
C ILE Z 141 -1.75 58.77 20.09
N GLN Z 142 -1.76 59.78 19.23
CA GLN Z 142 -1.91 61.15 19.69
C GLN Z 142 -3.37 61.49 19.91
N LYS Z 143 -3.62 62.31 20.93
CA LYS Z 143 -4.99 62.74 21.21
C LYS Z 143 -5.51 63.66 20.11
N ASP Z 144 -4.62 64.43 19.48
CA ASP Z 144 -5.02 65.27 18.36
C ASP Z 144 -5.39 64.46 17.12
N GLY Z 145 -4.93 63.22 17.02
CA GLY Z 145 -5.17 62.41 15.86
C GLY Z 145 -4.15 62.56 14.75
N LYS Z 146 -3.05 63.27 15.00
CA LYS Z 146 -2.00 63.43 14.01
C LYS Z 146 -0.99 62.28 14.13
N ASN Z 147 0.04 62.33 13.29
CA ASN Z 147 1.08 61.30 13.22
C ASN Z 147 0.45 59.92 13.03
N GLN Z 148 -0.51 59.84 12.11
CA GLN Z 148 -1.18 58.59 11.82
C GLN Z 148 -0.26 57.65 11.06
N LYS Z 149 -0.40 56.35 11.33
CA LYS Z 149 0.32 55.35 10.58
C LYS Z 149 -0.34 55.15 9.22
N ARG Z 150 0.42 55.40 8.16
CA ARG Z 150 -0.11 55.22 6.81
C ARG Z 150 -0.42 53.76 6.57
N LEU Z 151 -1.65 53.46 6.21
CA LEU Z 151 -2.15 52.10 6.08
C LEU Z 151 -2.30 51.73 4.61
N LEU Z 152 -2.69 50.48 4.37
CA LEU Z 152 -2.88 49.94 3.04
C LEU Z 152 -4.22 50.40 2.47
N PRO Z 153 -4.33 50.47 1.14
CA PRO Z 153 -5.64 50.67 0.52
C PRO Z 153 -6.53 49.46 0.77
N ASN Z 154 -7.83 49.68 0.57
CA ASN Z 154 -8.85 48.65 0.83
C ASN Z 154 -8.85 48.25 2.30
N MET Z 155 -8.46 49.16 3.18
CA MET Z 155 -8.49 48.96 4.62
C MET Z 155 -9.23 50.16 5.22
N TYR Z 156 -10.50 49.96 5.57
CA TYR Z 156 -11.34 51.06 6.02
C TYR Z 156 -12.09 50.66 7.28
N GLY Z 157 -12.45 51.67 8.08
CA GLY Z 157 -13.33 51.48 9.21
C GLY Z 157 -14.74 51.93 8.87
N LEU Z 158 -15.62 51.85 9.88
CA LEU Z 158 -17.01 52.24 9.68
C LEU Z 158 -17.13 53.72 9.36
N LEU Z 159 -16.30 54.55 9.99
CA LEU Z 159 -16.41 55.99 9.86
C LEU Z 159 -15.74 56.55 8.61
N ASN Z 160 -14.89 55.78 7.94
CA ASN Z 160 -14.17 56.27 6.77
C ASN Z 160 -14.38 55.43 5.53
N MET Z 161 -15.34 54.51 5.54
CA MET Z 161 -15.62 53.70 4.36
C MET Z 161 -16.09 54.61 3.22
N PRO Z 162 -15.50 54.52 2.03
CA PRO Z 162 -15.91 55.40 0.94
C PRO Z 162 -17.25 54.99 0.34
N GLU Z 163 -17.78 55.87 -0.49
CA GLU Z 163 -19.05 55.64 -1.20
C GLU Z 163 -20.20 55.40 -0.24
N GLN Z 164 -20.19 56.10 0.88
CA GLN Z 164 -21.29 56.10 1.83
C GLN Z 164 -21.94 57.48 1.83
N ILE Z 165 -22.97 57.67 2.66
CA ILE Z 165 -23.70 58.92 2.71
C ILE Z 165 -23.18 59.74 3.88
N LYS Z 166 -22.74 60.96 3.59
CA LYS Z 166 -22.14 61.85 4.57
C LYS Z 166 -22.96 63.13 4.65
N GLU Z 167 -23.35 63.50 5.87
CA GLU Z 167 -24.06 64.74 6.13
C GLU Z 167 -23.26 65.57 7.12
N GLU Z 168 -23.33 66.90 6.94
CA GLU Z 168 -22.59 67.83 7.78
C GLU Z 168 -23.56 68.84 8.38
N VAL Z 169 -23.62 68.89 9.71
CA VAL Z 169 -24.40 69.89 10.41
C VAL Z 169 -23.51 71.11 10.64
N ALA Z 170 -24.04 72.29 10.30
CA ALA Z 170 -23.23 73.49 10.25
C ALA Z 170 -22.72 73.87 11.63
N SER Z 171 -21.58 74.57 11.65
CA SER Z 171 -20.93 74.93 12.91
C SER Z 171 -21.81 75.87 13.72
N GLY Z 172 -22.46 76.83 13.06
CA GLY Z 172 -23.33 77.76 13.77
C GLY Z 172 -24.54 77.13 14.40
N ASP Z 173 -24.87 75.89 14.04
CA ASP Z 173 -26.00 75.16 14.58
C ASP Z 173 -25.53 73.92 15.33
N LYS Z 174 -24.39 74.03 16.01
CA LYS Z 174 -23.79 72.89 16.71
C LYS Z 174 -24.63 72.38 17.86
N ASP Z 175 -25.61 73.16 18.32
CA ASP Z 175 -26.49 72.76 19.41
C ASP Z 175 -27.95 72.66 19.01
N LYS Z 176 -28.28 72.88 17.73
CA LYS Z 176 -29.66 72.83 17.27
C LYS Z 176 -30.03 71.39 16.96
N MET Z 177 -30.68 70.74 17.93
CA MET Z 177 -31.09 69.36 17.76
C MET Z 177 -32.06 69.21 16.60
N ASP Z 178 -32.88 70.21 16.36
CA ASP Z 178 -33.79 70.17 15.21
C ASP Z 178 -33.02 70.11 13.89
N LYS Z 179 -31.98 70.92 13.76
CA LYS Z 179 -31.16 70.88 12.55
C LYS Z 179 -30.44 69.54 12.42
N ILE Z 180 -29.93 69.02 13.54
CA ILE Z 180 -29.27 67.71 13.50
C ILE Z 180 -30.25 66.63 13.04
N PHE Z 181 -31.47 66.67 13.58
CA PHE Z 181 -32.48 65.70 13.20
C PHE Z 181 -32.87 65.84 11.74
N GLU Z 182 -32.93 67.07 11.23
CA GLU Z 182 -33.23 67.28 9.81
C GLU Z 182 -32.15 66.66 8.93
N LYS Z 183 -30.88 66.87 9.28
CA LYS Z 183 -29.80 66.27 8.52
C LYS Z 183 -29.86 64.75 8.59
N ILE Z 184 -30.15 64.20 9.77
CA ILE Z 184 -30.28 62.76 9.91
C ILE Z 184 -31.41 62.22 9.04
N GLU Z 185 -32.54 62.94 8.99
CA GLU Z 185 -33.66 62.51 8.16
C GLU Z 185 -33.28 62.53 6.69
N ALA Z 186 -32.55 63.57 6.25
CA ALA Z 186 -32.12 63.60 4.86
C ALA Z 186 -31.20 62.42 4.54
N GLY Z 187 -30.26 62.12 5.43
CA GLY Z 187 -29.40 60.96 5.22
C GLY Z 187 -30.17 59.66 5.17
N LEU Z 188 -31.15 59.51 6.07
CA LEU Z 188 -31.98 58.30 6.08
C LEU Z 188 -32.76 58.16 4.78
N SER Z 189 -33.24 59.29 4.24
CA SER Z 189 -33.91 59.26 2.95
C SER Z 189 -32.96 58.84 1.84
N LYS Z 190 -31.69 59.26 1.91
CA LYS Z 190 -30.73 58.86 0.88
C LYS Z 190 -30.19 57.45 1.08
N LEU Z 191 -30.42 56.83 2.24
CA LEU Z 191 -30.00 55.44 2.42
C LEU Z 191 -30.67 54.52 1.41
N GLU Z 192 -29.92 53.54 0.91
CA GLU Z 192 -30.41 52.56 -0.06
C GLU Z 192 -30.10 51.16 0.45
N LEU Z 193 -31.07 50.55 1.13
CA LEU Z 193 -30.92 49.19 1.64
C LEU Z 193 -31.37 48.13 0.65
N GLY Z 194 -31.93 48.53 -0.49
CA GLY Z 194 -32.35 47.56 -1.49
C GLY Z 194 -33.45 46.66 -0.97
N ASP Z 195 -33.30 45.35 -1.23
CA ASP Z 195 -34.27 44.36 -0.82
C ASP Z 195 -33.98 43.80 0.57
N GLU Z 196 -32.94 44.29 1.25
CA GLU Z 196 -32.59 43.86 2.58
C GLU Z 196 -32.97 44.87 3.64
N PHE Z 197 -33.96 45.73 3.36
CA PHE Z 197 -34.30 46.82 4.27
C PHE Z 197 -34.96 46.33 5.55
N SER Z 198 -35.58 45.15 5.53
CA SER Z 198 -36.23 44.62 6.73
C SER Z 198 -35.16 43.99 7.63
N THR Z 199 -34.39 44.86 8.28
CA THR Z 199 -33.28 44.44 9.11
C THR Z 199 -33.15 45.38 10.29
N PRO Z 200 -32.63 44.90 11.43
CA PRO Z 200 -32.34 45.82 12.55
C PRO Z 200 -31.28 46.82 12.17
N MET Z 201 -31.35 48.00 12.80
CA MET Z 201 -30.40 49.07 12.55
C MET Z 201 -29.66 49.44 13.83
N MET Z 202 -28.47 49.99 13.66
CA MET Z 202 -27.60 50.35 14.77
C MET Z 202 -27.12 51.78 14.59
N VAL Z 203 -27.17 52.55 15.69
CA VAL Z 203 -26.72 53.92 15.74
C VAL Z 203 -25.63 54.01 16.80
N ILE Z 204 -24.56 54.73 16.48
CA ILE Z 204 -23.45 54.96 17.40
C ILE Z 204 -23.24 56.46 17.51
N VAL Z 205 -23.20 56.97 18.75
CA VAL Z 205 -23.07 58.40 19.01
C VAL Z 205 -22.00 58.64 20.06
N ASP Z 206 -21.45 59.85 20.03
CA ASP Z 206 -20.53 60.31 21.06
C ASP Z 206 -21.28 60.70 22.32
N PRO Z 207 -20.60 60.75 23.48
CA PRO Z 207 -21.31 61.04 24.73
C PRO Z 207 -22.03 62.37 24.75
N ALA Z 208 -21.48 63.40 24.12
CA ALA Z 208 -22.16 64.70 24.10
C ALA Z 208 -23.49 64.61 23.36
N THR Z 209 -23.49 63.99 22.19
CA THR Z 209 -24.73 63.79 21.44
C THR Z 209 -25.69 62.88 22.20
N SER Z 210 -25.16 61.87 22.90
CA SER Z 210 -26.02 61.01 23.70
C SER Z 210 -26.73 61.80 24.79
N LEU Z 211 -26.00 62.71 25.45
CA LEU Z 211 -26.62 63.57 26.46
C LEU Z 211 -27.65 64.50 25.82
N LYS Z 212 -27.36 65.03 24.63
CA LYS Z 212 -28.35 65.85 23.94
C LYS Z 212 -29.60 65.06 23.58
N LEU Z 213 -29.46 63.75 23.36
CA LEU Z 213 -30.57 62.93 22.91
C LEU Z 213 -31.64 62.69 23.98
N VAL Z 214 -31.31 62.85 25.26
CA VAL Z 214 -32.26 62.51 26.31
C VAL Z 214 -33.11 63.70 26.74
N LYS Z 215 -32.91 64.87 26.13
CA LYS Z 215 -33.76 66.01 26.45
C LYS Z 215 -35.17 65.78 25.92
N PRO Z 216 -36.17 66.41 26.54
CA PRO Z 216 -37.54 66.28 26.04
C PRO Z 216 -37.65 66.81 24.61
N TYR Z 217 -38.48 66.13 23.81
CA TYR Z 217 -38.61 66.48 22.41
C TYR Z 217 -39.30 67.82 22.25
N ALA Z 218 -38.68 68.71 21.49
CA ALA Z 218 -39.22 70.05 21.26
C ALA Z 218 -39.66 70.23 19.81
N ALA Z 223 -41.08 75.37 22.09
CA ALA Z 223 -42.30 74.77 22.62
C ALA Z 223 -42.11 73.27 22.84
N ALA Z 224 -41.35 72.91 23.87
CA ALA Z 224 -41.10 71.51 24.17
C ALA Z 224 -42.34 70.86 24.76
N SER Z 225 -42.41 69.53 24.61
CA SER Z 225 -43.53 68.75 25.13
C SER Z 225 -43.00 67.49 25.77
N SER Z 226 -43.80 66.92 26.67
CA SER Z 226 -43.41 65.74 27.43
C SER Z 226 -43.82 64.48 26.68
N CYS Z 227 -43.68 63.33 27.34
CA CYS Z 227 -44.05 62.00 26.87
C CYS Z 227 -43.23 61.53 25.68
N GLU Z 228 -42.21 62.29 25.25
CA GLU Z 228 -41.41 61.89 24.10
C GLU Z 228 -40.06 62.57 24.17
N LYS Z 229 -39.02 61.86 23.75
CA LYS Z 229 -37.66 62.38 23.73
C LYS Z 229 -37.11 62.34 22.31
N TRP Z 230 -36.01 63.07 22.11
CA TRP Z 230 -35.32 63.03 20.83
C TRP Z 230 -34.88 61.62 20.47
N GLU Z 231 -34.53 60.81 21.48
CA GLU Z 231 -34.17 59.42 21.22
C GLU Z 231 -35.33 58.65 20.62
N ASP Z 232 -36.53 58.80 21.19
CA ASP Z 232 -37.71 58.11 20.65
C ASP Z 232 -38.05 58.62 19.27
N VAL Z 233 -37.93 59.94 19.04
CA VAL Z 233 -38.20 60.49 17.72
C VAL Z 233 -37.25 59.90 16.69
N LEU Z 234 -35.96 59.82 17.03
CA LEU Z 234 -34.97 59.23 16.12
C LEU Z 234 -35.28 57.76 15.86
N ILE Z 235 -35.66 57.02 16.91
CA ILE Z 235 -35.96 55.61 16.75
C ILE Z 235 -37.13 55.42 15.79
N GLN Z 236 -38.19 56.22 15.95
CA GLN Z 236 -39.33 56.11 15.04
C GLN Z 236 -38.95 56.50 13.62
N THR Z 237 -38.11 57.53 13.46
CA THR Z 237 -37.70 57.95 12.12
C THR Z 237 -36.91 56.85 11.43
N ILE Z 238 -36.04 56.16 12.17
CA ILE Z 238 -35.28 55.05 11.59
C ILE Z 238 -36.18 53.87 11.30
N LYS Z 239 -37.16 53.61 12.19
CA LYS Z 239 -38.13 52.55 11.96
C LYS Z 239 -38.97 52.83 10.71
N ALA Z 240 -39.08 54.09 10.31
CA ALA Z 240 -39.75 54.40 9.06
C ALA Z 240 -39.06 53.73 7.88
N ILE Z 241 -37.73 53.70 7.87
CA ILE Z 241 -37.01 53.13 6.73
C ILE Z 241 -36.63 51.66 6.92
N ASN Z 242 -36.55 51.17 8.15
CA ASN Z 242 -36.12 49.80 8.35
C ASN Z 242 -37.28 48.81 8.40
N ASN Z 243 -38.45 49.18 7.88
CA ASN Z 243 -39.65 48.36 7.91
C ASN Z 243 -40.04 47.98 9.34
N ARG Z 244 -40.01 48.98 10.23
CA ARG Z 244 -40.44 48.82 11.63
C ARG Z 244 -39.70 47.67 12.33
N GLU Z 245 -38.39 47.62 12.12
CA GLU Z 245 -37.54 46.64 12.79
C GLU Z 245 -36.87 47.29 14.00
N ASP Z 246 -36.10 46.48 14.72
CA ASP Z 246 -35.44 46.97 15.93
C ASP Z 246 -34.36 47.99 15.58
N VAL Z 247 -34.23 48.99 16.45
CA VAL Z 247 -33.21 50.03 16.32
C VAL Z 247 -32.47 50.11 17.64
N TYR Z 248 -31.16 49.88 17.61
CA TYR Z 248 -30.33 49.92 18.80
C TYR Z 248 -29.44 51.15 18.77
N ILE Z 249 -29.18 51.71 19.96
CA ILE Z 249 -28.37 52.90 20.12
C ILE Z 249 -27.22 52.59 21.08
N GLU Z 250 -26.02 53.03 20.71
CA GLU Z 250 -24.82 52.79 21.50
C GLU Z 250 -24.01 54.08 21.58
N THR Z 251 -23.29 54.22 22.69
CA THR Z 251 -22.43 55.38 22.94
C THR Z 251 -20.99 54.91 23.01
N SER Z 252 -20.11 55.59 22.27
CA SER Z 252 -18.69 55.29 22.26
C SER Z 252 -17.91 56.59 22.46
N ASN Z 253 -16.97 56.58 23.41
CA ASN Z 253 -16.14 57.75 23.65
C ASN Z 253 -15.11 57.97 22.56
N LEU Z 254 -14.91 57.00 21.66
CA LEU Z 254 -13.95 57.17 20.58
C LEU Z 254 -14.41 58.21 19.57
N LEU Z 255 -15.72 58.37 19.42
CA LEU Z 255 -16.27 59.33 18.47
C LEU Z 255 -16.24 60.73 19.04
N LYS Z 256 -16.40 61.72 18.15
CA LYS Z 256 -16.40 63.12 18.55
C LYS Z 256 -17.30 63.88 17.58
N HIS Z 257 -18.43 64.37 18.08
CA HIS Z 257 -19.48 65.02 17.30
C HIS Z 257 -19.77 64.26 16.00
N LYS Z 258 -19.91 62.94 16.14
CA LYS Z 258 -20.24 62.06 15.02
C LYS Z 258 -21.46 61.22 15.38
N ILE Z 259 -22.27 60.95 14.36
CA ILE Z 259 -23.38 60.02 14.46
C ILE Z 259 -23.26 59.01 13.32
N LEU Z 260 -23.37 57.73 13.63
CA LEU Z 260 -23.17 56.68 12.64
C LEU Z 260 -24.38 55.76 12.63
N ILE Z 261 -25.00 55.59 11.47
CA ILE Z 261 -26.18 54.73 11.33
C ILE Z 261 -25.90 53.70 10.26
N TYR Z 262 -26.11 52.43 10.59
CA TYR Z 262 -25.87 51.36 9.62
C TYR Z 262 -26.69 50.14 9.99
N PRO Z 263 -27.05 49.30 9.03
CA PRO Z 263 -27.84 48.10 9.33
C PRO Z 263 -26.99 47.00 9.95
N LEU Z 264 -27.68 46.02 10.53
CA LEU Z 264 -27.04 44.85 11.14
C LEU Z 264 -27.31 43.58 10.33
N ASN Z 265 -27.26 43.71 9.00
CA ASN Z 265 -27.51 42.60 8.10
C ASN Z 265 -26.21 42.17 7.42
N SER Z 266 -25.90 40.88 7.49
CA SER Z 266 -24.67 40.37 6.92
C SER Z 266 -24.64 40.47 5.40
N GLU Z 267 -25.81 40.59 4.76
CA GLU Z 267 -25.85 40.72 3.31
C GLU Z 267 -25.38 42.09 2.84
N LEU Z 268 -25.31 43.07 3.74
CA LEU Z 268 -24.90 44.43 3.40
C LEU Z 268 -23.53 44.78 3.97
N ILE Z 269 -23.30 44.51 5.26
CA ILE Z 269 -22.04 44.81 5.92
C ILE Z 269 -21.56 43.54 6.62
N LYS Z 270 -20.30 43.17 6.38
CA LYS Z 270 -19.72 41.98 6.99
C LYS Z 270 -18.31 42.27 7.46
N PHE Z 271 -17.95 41.71 8.60
CA PHE Z 271 -16.62 41.81 9.17
C PHE Z 271 -15.97 40.43 9.06
N LYS Z 272 -14.91 40.34 8.25
CA LYS Z 272 -14.14 39.12 8.09
C LYS Z 272 -12.75 39.33 8.67
N PRO Z 273 -12.60 39.38 9.99
CA PRO Z 273 -11.29 39.61 10.58
C PRO Z 273 -10.41 38.38 10.47
N SER Z 274 -9.10 38.62 10.49
CA SER Z 274 -8.16 37.52 10.57
C SER Z 274 -8.34 36.77 11.88
N LYS Z 275 -8.15 35.46 11.85
CA LYS Z 275 -8.27 34.68 13.07
C LYS Z 275 -7.15 34.97 14.06
N TYR Z 276 -6.16 35.77 13.67
CA TYR Z 276 -5.10 36.21 14.55
C TYR Z 276 -5.15 37.71 14.82
N MET Z 277 -6.33 38.32 14.63
CA MET Z 277 -6.44 39.77 14.82
C MET Z 277 -6.17 40.18 16.26
N LEU Z 278 -6.68 39.41 17.21
CA LEU Z 278 -6.47 39.73 18.61
C LEU Z 278 -5.02 39.44 19.01
N PRO Z 279 -4.51 40.11 20.04
CA PRO Z 279 -3.07 40.01 20.35
C PRO Z 279 -2.64 38.58 20.63
N THR Z 280 -1.43 38.25 20.15
CA THR Z 280 -0.86 36.92 20.29
C THR Z 280 0.60 37.05 20.67
N PRO Z 281 1.10 36.22 21.58
CA PRO Z 281 2.53 36.26 21.91
C PRO Z 281 3.39 35.74 20.77
N ASN Z 282 4.63 36.19 20.75
CA ASN Z 282 5.63 35.72 19.81
C ASN Z 282 6.62 34.81 20.53
N GLU Z 283 7.05 33.75 19.84
CA GLU Z 283 7.94 32.78 20.46
C GLU Z 283 9.31 33.37 20.77
N GLN Z 284 9.72 34.42 20.08
CA GLN Z 284 11.02 35.02 20.32
C GLN Z 284 11.02 35.79 21.63
N VAL Z 285 11.98 35.49 22.49
CA VAL Z 285 12.17 36.19 23.77
C VAL Z 285 13.64 36.58 23.88
N ASP Z 286 13.90 37.88 23.97
CA ASP Z 286 15.27 38.37 24.10
C ASP Z 286 15.78 38.13 25.52
N LYS Z 287 16.99 37.61 25.63
CA LYS Z 287 17.59 37.30 26.91
C LYS Z 287 19.04 37.79 26.92
N ASP Z 288 19.53 38.07 28.12
CA ASP Z 288 20.91 38.52 28.31
C ASP Z 288 21.41 37.97 29.64
N SER Z 289 22.52 38.53 30.12
CA SER Z 289 23.07 38.13 31.41
C SER Z 289 22.40 38.85 32.59
N THR Z 290 21.57 39.85 32.32
CA THR Z 290 20.88 40.59 33.36
C THR Z 290 19.53 39.95 33.65
N ASP Z 291 18.69 40.63 34.43
CA ASP Z 291 17.38 40.13 34.81
C ASP Z 291 16.26 40.64 33.92
N VAL Z 292 16.58 41.45 32.90
CA VAL Z 292 15.57 42.07 32.06
C VAL Z 292 15.46 41.29 30.75
N ALA Z 293 14.24 40.93 30.38
CA ALA Z 293 13.97 40.23 29.14
C ALA Z 293 12.94 41.03 28.33
N HIS Z 294 12.85 40.71 27.04
CA HIS Z 294 11.93 41.38 26.13
C HIS Z 294 11.05 40.36 25.43
N SER Z 295 9.78 40.70 25.27
CA SER Z 295 8.81 39.84 24.59
C SER Z 295 8.08 40.66 23.54
N TYR Z 296 7.40 39.95 22.63
CA TYR Z 296 6.71 40.56 21.50
C TYR Z 296 5.26 40.09 21.43
N ILE Z 297 4.38 41.00 21.06
CA ILE Z 297 2.97 40.70 20.84
C ILE Z 297 2.57 41.21 19.47
N ASP Z 298 1.95 40.35 18.67
CA ASP Z 298 1.57 40.71 17.31
C ASP Z 298 0.06 40.60 17.13
N PHE Z 299 -0.45 41.36 16.16
CA PHE Z 299 -1.87 41.41 15.86
C PHE Z 299 -2.05 41.76 14.39
N VAL Z 300 -3.28 41.59 13.91
CA VAL Z 300 -3.60 41.77 12.49
C VAL Z 300 -4.80 42.70 12.36
N LEU Z 301 -4.71 43.63 11.41
CA LEU Z 301 -5.76 44.60 11.14
C LEU Z 301 -6.30 44.44 9.73
N GLY Z 302 -7.60 44.69 9.57
CA GLY Z 302 -8.23 44.68 8.26
C GLY Z 302 -9.44 43.77 8.18
N GLY Z 303 -10.29 43.98 7.17
CA GLY Z 303 -11.37 43.04 6.91
C GLY Z 303 -12.79 43.54 7.04
N LEU Z 304 -13.05 44.81 6.73
CA LEU Z 304 -14.41 45.35 6.77
C LEU Z 304 -14.93 45.49 5.35
N LEU Z 305 -16.06 44.83 5.06
CA LEU Z 305 -16.68 44.86 3.74
C LEU Z 305 -18.08 45.44 3.88
N ALA Z 306 -18.42 46.38 3.00
CA ALA Z 306 -19.72 47.02 3.07
C ALA Z 306 -20.19 47.42 1.68
N THR Z 307 -21.48 47.23 1.42
CA THR Z 307 -22.06 47.71 0.18
C THR Z 307 -22.16 49.24 0.21
N ARG Z 308 -22.16 49.83 -0.98
CA ARG Z 308 -22.12 51.28 -1.08
C ARG Z 308 -23.47 51.90 -0.70
N LYS Z 309 -23.40 53.13 -0.18
CA LYS Z 309 -24.57 53.90 0.20
C LYS Z 309 -25.46 53.15 1.20
N THR Z 310 -24.83 52.50 2.18
CA THR Z 310 -25.56 51.84 3.25
C THR Z 310 -25.11 52.28 4.64
N ILE Z 311 -24.18 53.23 4.75
CA ILE Z 311 -23.73 53.76 6.02
C ILE Z 311 -23.89 55.27 5.99
N LEU Z 312 -24.54 55.82 7.01
CA LEU Z 312 -24.78 57.25 7.14
C LEU Z 312 -23.89 57.81 8.23
N GLN Z 313 -23.10 58.83 7.90
CA GLN Z 313 -22.20 59.49 8.83
C GLN Z 313 -22.56 60.95 8.91
N VAL Z 314 -22.95 61.41 10.09
CA VAL Z 314 -23.33 62.80 10.33
C VAL Z 314 -22.24 63.42 11.19
N ASN Z 315 -21.59 64.46 10.66
CA ASN Z 315 -20.53 65.18 11.36
C ASN Z 315 -21.07 66.54 11.77
N ILE Z 316 -21.02 66.84 13.06
CA ILE Z 316 -21.46 68.13 13.57
C ILE Z 316 -20.26 69.04 13.66
N LYS Z 317 -20.16 70.01 12.76
CA LYS Z 317 -19.03 70.94 12.77
C LYS Z 317 -19.07 71.79 14.03
N GLN Z 318 -17.89 72.05 14.59
CA GLN Z 318 -17.77 72.80 15.83
C GLN Z 318 -16.87 74.02 15.70
N SER Z 319 -16.65 74.50 14.48
CA SER Z 319 -15.81 75.67 14.27
C SER Z 319 -16.31 76.53 13.11
N LEU AA 3 18.01 18.43 33.53
CA LEU AA 3 18.80 19.63 33.29
C LEU AA 3 20.19 19.28 32.78
N PHE AA 4 20.81 18.25 33.38
CA PHE AA 4 22.16 17.87 32.98
C PHE AA 4 22.19 17.34 31.54
N ASP AA 5 21.13 16.63 31.14
CA ASP AA 5 21.06 16.14 29.76
C ASP AA 5 20.97 17.29 28.77
N GLU AA 6 20.14 18.30 29.08
CA GLU AA 6 19.92 19.40 28.14
C GLU AA 6 21.08 20.39 28.13
N ASN AA 7 21.73 20.61 29.27
CA ASN AA 7 22.76 21.63 29.42
C ASN AA 7 24.09 20.97 29.77
N TYR AA 8 24.99 20.92 28.79
CA TYR AA 8 26.34 20.40 29.04
C TYR AA 8 27.10 21.28 30.02
N TYR AA 9 26.96 22.61 29.88
CA TYR AA 9 27.74 23.53 30.70
C TYR AA 9 27.38 23.40 32.18
N ALA AA 10 26.09 23.22 32.48
CA ALA AA 10 25.70 22.98 33.87
C ALA AA 10 26.32 21.69 34.40
N LYS AA 11 26.30 20.63 33.60
CA LYS AA 11 26.92 19.38 34.02
C LYS AA 11 28.42 19.53 34.20
N ALA AA 12 29.08 20.26 33.29
CA ALA AA 12 30.51 20.49 33.42
C ALA AA 12 30.84 21.27 34.69
N VAL AA 13 30.04 22.29 35.00
CA VAL AA 13 30.24 23.04 36.24
C VAL AA 13 30.04 22.14 37.45
N ALA AA 14 29.00 21.30 37.41
CA ALA AA 14 28.75 20.39 38.54
C ALA AA 14 29.91 19.41 38.72
N ASN AA 15 30.55 19.00 37.63
CA ASN AA 15 31.66 18.06 37.73
C ASN AA 15 32.96 18.74 38.12
N ILE AA 16 33.14 20.02 37.80
CA ILE AA 16 34.42 20.69 38.02
C ILE AA 16 34.42 21.58 39.25
N ILE AA 17 33.27 21.85 39.86
CA ILE AA 17 33.20 22.81 40.96
C ILE AA 17 33.93 22.32 42.19
N GLY AA 18 34.12 21.01 42.35
CA GLY AA 18 34.78 20.49 43.53
C GLY AA 18 36.27 20.72 43.57
N GLU AA 19 36.87 21.08 42.43
CA GLU AA 19 38.31 21.28 42.34
C GLU AA 19 38.73 22.72 42.64
N VAL AA 20 37.78 23.61 42.90
CA VAL AA 20 38.11 24.98 43.25
C VAL AA 20 38.42 25.06 44.73
N LYS AA 21 39.58 25.62 45.07
CA LYS AA 21 40.01 25.69 46.46
C LYS AA 21 39.13 26.62 47.27
N ASP AA 22 39.02 26.34 48.56
CA ASP AA 22 38.25 27.17 49.46
C ASP AA 22 38.91 28.54 49.61
N PRO AA 23 38.12 29.60 49.83
CA PRO AA 23 38.71 30.92 50.07
C PRO AA 23 39.56 30.92 51.32
N ILE AA 24 40.66 31.67 51.27
CA ILE AA 24 41.56 31.77 52.42
C ILE AA 24 41.07 32.71 53.50
N MET AA 25 40.00 33.46 53.23
CA MET AA 25 39.44 34.37 54.23
C MET AA 25 38.75 33.63 55.37
N TYR AA 26 38.45 32.34 55.19
CA TYR AA 26 37.81 31.57 56.27
C TYR AA 26 38.73 31.45 57.48
N LYS AA 27 40.04 31.54 57.27
CA LYS AA 27 41.00 31.47 58.37
C LYS AA 27 41.13 32.78 59.13
N TRP AA 28 40.48 33.85 58.66
CA TRP AA 28 40.47 35.12 59.36
C TRP AA 28 39.25 35.30 60.26
N PHE AA 29 38.38 34.28 60.34
CA PHE AA 29 37.16 34.38 61.12
C PHE AA 29 36.90 33.06 61.82
N SER AA 30 36.14 33.14 62.90
CA SER AA 30 35.66 31.96 63.61
C SER AA 30 34.41 31.41 62.94
N PRO AA 31 34.09 30.13 63.16
CA PRO AA 31 32.90 29.56 62.51
C PRO AA 31 31.61 30.30 62.83
N ASP AA 32 31.47 30.82 64.05
CA ASP AA 32 30.26 31.52 64.44
C ASP AA 32 30.18 32.93 63.87
N GLN AA 33 31.29 33.50 63.42
CA GLN AA 33 31.29 34.90 62.98
C GLN AA 33 30.68 35.09 61.61
N ILE AA 34 30.51 34.02 60.82
CA ILE AA 34 30.02 34.12 59.46
C ILE AA 34 28.57 33.66 59.42
N GLU AA 35 27.69 34.50 58.86
CA GLU AA 35 26.27 34.19 58.77
C GLU AA 35 25.73 34.65 57.44
N ASP AA 36 25.19 33.71 56.67
CA ASP AA 36 24.71 34.01 55.32
C ASP AA 36 23.35 34.70 55.36
N VAL AA 37 23.12 35.53 54.34
CA VAL AA 37 21.85 36.23 54.16
C VAL AA 37 21.36 36.00 52.74
N ASP AA 38 20.04 35.91 52.57
CA ASP AA 38 19.43 35.65 51.26
C ASP AA 38 19.15 36.98 50.59
N LEU AA 39 20.09 37.44 49.77
CA LEU AA 39 20.00 38.73 49.11
C LEU AA 39 21.05 38.79 48.00
N GLN AA 40 20.69 39.37 46.86
CA GLN AA 40 21.63 39.58 45.76
C GLN AA 40 22.14 41.01 45.73
N MET AA 41 21.25 41.98 45.62
CA MET AA 41 21.60 43.39 45.70
C MET AA 41 20.58 44.09 46.59
N GLY AA 42 21.04 45.00 47.41
CA GLY AA 42 20.14 45.72 48.28
C GLY AA 42 20.83 46.11 49.58
N TYR AA 43 20.07 46.05 50.67
CA TYR AA 43 20.60 46.47 51.95
C TYR AA 43 19.86 45.76 53.08
N GLN AA 44 20.52 45.73 54.23
CA GLN AA 44 19.93 45.25 55.48
C GLN AA 44 20.10 46.34 56.53
N LYS AA 45 19.12 46.45 57.43
CA LYS AA 45 19.12 47.53 58.41
C LYS AA 45 18.85 47.00 59.81
N THR AA 46 19.51 47.60 60.79
CA THR AA 46 19.28 47.31 62.20
C THR AA 46 19.23 48.62 62.97
N VAL AA 47 18.57 48.58 64.13
CA VAL AA 47 18.38 49.75 64.98
C VAL AA 47 19.02 49.48 66.33
N LYS AA 48 19.82 50.43 66.81
CA LYS AA 48 20.45 50.32 68.12
C LYS AA 48 20.08 51.55 68.96
N TRP AA 49 19.86 51.32 70.25
CA TRP AA 49 19.42 52.35 71.18
C TRP AA 49 20.53 52.67 72.17
N ASP AA 50 20.71 53.95 72.47
CA ASP AA 50 21.76 54.41 73.37
C ASP AA 50 21.18 55.44 74.33
N ALA AA 51 21.81 55.55 75.50
CA ALA AA 51 21.42 56.52 76.52
C ALA AA 51 22.64 57.29 76.97
N PHE AA 52 22.41 58.50 77.48
CA PHE AA 52 23.49 59.37 77.91
C PHE AA 52 22.99 60.34 78.97
N LEU AA 53 23.94 60.92 79.69
CA LEU AA 53 23.65 61.88 80.76
C LEU AA 53 23.84 63.29 80.22
N ASN AA 54 22.87 64.16 80.49
CA ASN AA 54 22.92 65.53 79.98
C ASN AA 54 23.68 66.48 80.89
N ALA AA 55 23.66 66.25 82.20
CA ALA AA 55 24.31 67.17 83.12
C ALA AA 55 24.57 66.47 84.45
N ASN AA 56 25.18 67.21 85.36
CA ASN AA 56 25.43 66.71 86.70
C ASN AA 56 24.12 66.47 87.43
N PRO AA 57 24.07 65.48 88.31
CA PRO AA 57 22.84 65.18 89.05
C PRO AA 57 22.39 66.35 89.91
N THR AA 58 21.09 66.37 90.16
CA THR AA 58 20.48 67.41 90.97
C THR AA 58 20.28 66.93 92.40
N THR AA 59 20.73 67.74 93.36
CA THR AA 59 20.61 67.39 94.77
C THR AA 59 19.18 67.60 95.24
N ILE AA 60 18.61 66.56 95.86
CA ILE AA 60 17.23 66.60 96.33
C ILE AA 60 17.25 67.12 97.77
N ALA AA 61 16.94 68.40 97.93
CA ALA AA 61 16.92 69.04 99.23
C ALA AA 61 15.93 70.20 99.18
N ASN AA 62 15.08 70.28 100.20
CA ASN AA 62 14.04 71.32 100.33
C ASN AA 62 13.09 71.15 99.15
N GLU AA 63 12.78 72.21 98.39
CA GLU AA 63 11.84 72.13 97.28
C GLU AA 63 12.55 72.47 95.98
N VAL AA 64 12.30 71.67 94.95
CA VAL AA 64 12.86 71.90 93.63
C VAL AA 64 12.06 71.07 92.63
N ASN AA 65 11.86 71.63 91.43
CA ASN AA 65 11.18 70.92 90.36
C ASN AA 65 11.93 70.94 89.04
N THR AA 66 13.10 71.55 88.99
CA THR AA 66 13.97 71.54 87.82
C THR AA 66 15.04 70.49 88.03
N ILE AA 67 14.97 69.39 87.27
CA ILE AA 67 15.84 68.24 87.46
C ILE AA 67 16.66 68.01 86.19
N SER AA 68 17.84 67.45 86.38
CA SER AA 68 18.68 67.07 85.24
C SER AA 68 18.08 65.88 84.52
N THR AA 69 18.36 65.80 83.22
CA THR AA 69 17.71 64.84 82.34
C THR AA 69 18.68 63.81 81.80
N ILE AA 70 18.11 62.66 81.42
CA ILE AA 70 18.84 61.60 80.72
C ILE AA 70 18.32 61.58 79.29
N GLY AA 71 19.23 61.68 78.33
CA GLY AA 71 18.86 61.67 76.94
C GLY AA 71 19.00 60.28 76.34
N PHE AA 72 18.27 60.07 75.24
CA PHE AA 72 18.33 58.83 74.49
C PHE AA 72 18.55 59.14 73.01
N SER AA 73 19.09 58.17 72.29
CA SER AA 73 19.34 58.32 70.87
C SER AA 73 19.22 56.96 70.20
N SER AA 74 18.98 57.00 68.89
CA SER AA 74 18.88 55.80 68.07
C SER AA 74 19.80 55.91 66.88
N GLU AA 75 20.45 54.81 66.53
CA GLU AA 75 21.29 54.75 65.34
C GLU AA 75 20.81 53.62 64.44
N VAL AA 76 20.80 53.89 63.14
CA VAL AA 76 20.39 52.92 62.13
C VAL AA 76 21.64 52.48 61.39
N VAL AA 77 21.93 51.19 61.46
CA VAL AA 77 23.12 50.61 60.82
C VAL AA 77 22.67 49.86 59.58
N ARG AA 78 23.31 50.17 58.45
CA ARG AA 78 22.91 49.66 57.14
C ARG AA 78 24.08 48.96 56.48
N LEU AA 79 23.82 47.77 55.95
CA LEU AA 79 24.79 46.99 55.20
C LEU AA 79 24.34 46.89 53.75
N ASN AA 80 25.22 47.28 52.83
CA ASN AA 80 24.90 47.31 51.41
C ASN AA 80 25.50 46.10 50.71
N TYR AA 81 24.73 45.51 49.79
CA TYR AA 81 25.15 44.33 49.05
C TYR AA 81 25.05 44.62 47.56
N LEU AA 82 26.14 44.37 46.84
CA LEU AA 82 26.26 44.68 45.43
C LEU AA 82 26.55 43.41 44.64
N LYS AA 83 26.07 43.37 43.40
CA LYS AA 83 26.21 42.23 42.51
C LYS AA 83 27.09 42.59 41.32
N LEU AA 84 28.05 41.73 41.01
CA LEU AA 84 29.03 41.98 39.95
C LEU AA 84 29.15 40.75 39.07
N GLN AA 85 29.62 40.96 37.84
CA GLN AA 85 29.66 39.93 36.83
C GLN AA 85 30.93 40.02 36.01
N TYR AA 86 31.38 38.86 35.53
CA TYR AA 86 32.52 38.76 34.63
C TYR AA 86 32.16 37.86 33.44
N LYS AA 87 32.82 38.11 32.31
CA LYS AA 87 32.60 37.34 31.10
C LYS AA 87 33.93 36.72 30.63
N PHE AA 88 33.86 35.49 30.13
CA PHE AA 88 35.03 34.82 29.61
C PHE AA 88 34.69 33.99 28.38
N ARG AA 89 35.63 33.95 27.44
CA ARG AA 89 35.48 33.18 26.21
C ARG AA 89 36.06 31.78 26.40
N HIS AA 90 35.52 30.84 25.62
CA HIS AA 90 35.96 29.45 25.66
C HIS AA 90 35.56 28.79 24.35
N LEU AA 91 35.89 27.49 24.24
CA LEU AA 91 35.56 26.71 23.06
C LEU AA 91 34.17 26.10 23.22
N LYS AA 92 33.44 26.04 22.10
CA LYS AA 92 32.15 25.37 22.09
C LYS AA 92 32.34 23.88 22.35
N GLN AA 93 31.33 23.27 22.99
CA GLN AA 93 31.44 21.86 23.37
C GLN AA 93 31.66 20.96 22.16
N THR AA 94 30.95 21.22 21.07
CA THR AA 94 31.07 20.38 19.88
C THR AA 94 32.40 20.56 19.16
N SER AA 95 33.19 21.58 19.51
CA SER AA 95 34.44 21.87 18.83
C SER AA 95 35.66 21.30 19.55
N GLU AA 96 35.47 20.60 20.67
CA GLU AA 96 36.61 20.11 21.43
C GLU AA 96 37.37 19.01 20.70
N LYS AA 97 36.67 18.19 19.92
CA LYS AA 97 37.33 17.08 19.22
C LYS AA 97 38.33 17.57 18.18
N PHE AA 98 38.16 18.78 17.66
CA PHE AA 98 39.08 19.34 16.69
C PHE AA 98 40.23 20.10 17.34
N TYR AA 99 40.28 20.16 18.67
CA TYR AA 99 41.38 20.76 19.38
C TYR AA 99 42.01 19.82 20.41
N THR AA 100 41.51 18.60 20.55
CA THR AA 100 42.13 17.62 21.43
C THR AA 100 43.51 17.27 20.91
N SER AA 101 44.55 17.73 21.60
CA SER AA 101 45.93 17.46 21.21
C SER AA 101 46.41 16.18 21.89
N ASP AA 102 47.72 15.94 21.84
CA ASP AA 102 48.27 14.71 22.39
C ASP AA 102 48.07 14.62 23.91
N SER AA 103 48.35 15.71 24.62
CA SER AA 103 48.27 15.71 26.07
C SER AA 103 47.37 16.79 26.64
N TYR AA 104 46.68 17.56 25.80
CA TYR AA 104 45.87 18.67 26.29
C TYR AA 104 44.76 18.95 25.29
N ILE AA 105 43.75 19.69 25.75
CA ILE AA 105 42.65 20.15 24.92
C ILE AA 105 42.65 21.67 24.95
N GLY AA 106 42.68 22.28 23.77
CA GLY AA 106 42.65 23.73 23.67
C GLY AA 106 43.63 24.21 22.61
N ASP AA 107 43.47 25.48 22.24
CA ASP AA 107 44.31 26.13 21.25
C ASP AA 107 45.33 27.01 21.97
N ILE AA 108 46.57 26.54 22.05
CA ILE AA 108 47.61 27.35 22.69
C ILE AA 108 47.91 28.60 21.87
N ASN AA 109 47.82 28.51 20.55
CA ASN AA 109 48.17 29.65 19.71
C ASN AA 109 47.25 30.84 19.97
N ASN AA 110 45.96 30.58 20.14
CA ASN AA 110 44.97 31.63 20.36
C ASN AA 110 44.49 31.69 21.80
N ASN AA 111 45.07 30.89 22.69
CA ASN AA 111 44.73 30.90 24.11
C ASN AA 111 43.24 30.63 24.34
N LEU AA 112 42.76 29.54 23.76
CA LEU AA 112 41.38 29.10 23.92
C LEU AA 112 41.37 27.79 24.71
N LEU AA 113 40.44 27.69 25.65
CA LEU AA 113 40.40 26.60 26.61
C LEU AA 113 39.03 25.92 26.58
N PRO AA 114 38.96 24.67 27.04
CA PRO AA 114 37.65 24.05 27.26
C PRO AA 114 36.91 24.76 28.39
N PHE AA 115 35.58 24.58 28.37
CA PHE AA 115 34.73 25.33 29.29
C PHE AA 115 35.06 25.03 30.74
N ALA AA 116 35.30 23.76 31.08
CA ALA AA 116 35.53 23.40 32.47
C ALA AA 116 36.79 24.06 33.01
N GLN AA 117 37.89 23.95 32.27
CA GLN AA 117 39.14 24.55 32.72
C GLN AA 117 39.04 26.07 32.76
N ALA AA 118 38.43 26.68 31.75
CA ALA AA 118 38.28 28.13 31.74
C ALA AA 118 37.46 28.60 32.93
N TYR AA 119 36.36 27.91 33.22
CA TYR AA 119 35.52 28.28 34.36
C TYR AA 119 36.29 28.11 35.67
N LYS AA 120 37.07 27.04 35.81
CA LYS AA 120 37.83 26.83 37.03
C LYS AA 120 38.82 27.96 37.25
N LEU AA 121 39.57 28.33 36.20
CA LEU AA 121 40.55 29.40 36.34
C LEU AA 121 39.88 30.74 36.65
N ALA AA 122 38.77 31.03 35.96
CA ALA AA 122 38.06 32.28 36.21
C ALA AA 122 37.52 32.33 37.64
N SER AA 123 36.98 31.22 38.13
CA SER AA 123 36.49 31.17 39.50
C SER AA 123 37.62 31.39 40.50
N SER AA 124 38.79 30.81 40.24
CA SER AA 124 39.93 31.02 41.13
C SER AA 124 40.32 32.49 41.17
N GLU AA 125 40.39 33.15 40.01
CA GLU AA 125 40.73 34.57 39.99
C GLU AA 125 39.69 35.40 40.73
N ILE AA 126 38.41 35.09 40.53
CA ILE AA 126 37.36 35.86 41.19
C ILE AA 126 37.41 35.66 42.70
N ILE AA 127 37.73 34.44 43.14
CA ILE AA 127 37.86 34.17 44.57
C ILE AA 127 39.03 34.95 45.15
N LYS AA 128 40.13 35.05 44.39
CA LYS AA 128 41.24 35.89 44.86
C LYS AA 128 40.80 37.34 45.03
N LEU AA 129 40.04 37.86 44.05
CA LEU AA 129 39.55 39.23 44.16
C LEU AA 129 38.63 39.40 45.37
N ILE AA 130 37.76 38.42 45.62
CA ILE AA 130 36.85 38.49 46.77
C ILE AA 130 37.63 38.50 48.07
N ASN AA 131 38.65 37.65 48.18
CA ASN AA 131 39.48 37.64 49.38
C ASN AA 131 40.17 38.98 49.59
N HIS AA 132 40.70 39.56 48.50
CA HIS AA 132 41.34 40.86 48.62
C HIS AA 132 40.36 41.93 49.09
N PHE AA 133 39.14 41.91 48.55
CA PHE AA 133 38.15 42.89 48.98
C PHE AA 133 37.80 42.72 50.46
N VAL AA 134 37.59 41.48 50.90
CA VAL AA 134 37.25 41.24 52.29
C VAL AA 134 38.37 41.71 53.20
N LEU AA 135 39.62 41.54 52.76
CA LEU AA 135 40.74 41.96 53.58
C LEU AA 135 40.86 43.48 53.63
N THR AA 136 40.87 44.15 52.48
CA THR AA 136 41.32 45.54 52.42
C THR AA 136 40.20 46.56 52.27
N GLY AA 137 38.99 46.15 51.90
CA GLY AA 137 37.90 47.07 51.70
C GLY AA 137 37.87 47.77 50.35
N THR AA 138 38.77 47.41 49.43
CA THR AA 138 38.83 48.04 48.12
C THR AA 138 38.83 46.97 47.04
N VAL AA 139 38.40 47.38 45.84
CA VAL AA 139 38.40 46.52 44.67
C VAL AA 139 39.26 47.18 43.60
N SER AA 140 40.35 46.52 43.24
CA SER AA 140 41.24 47.03 42.19
C SER AA 140 42.04 45.87 41.63
N ILE AA 141 42.57 46.07 40.42
CA ILE AA 141 43.40 45.07 39.76
C ILE AA 141 44.80 45.60 39.49
N GLN AA 142 45.23 46.63 40.21
CA GLN AA 142 46.56 47.19 40.05
C GLN AA 142 47.32 47.10 41.35
N LYS AA 143 48.63 46.82 41.24
CA LYS AA 143 49.48 46.80 42.43
C LYS AA 143 49.52 48.16 43.10
N ASP AA 144 49.51 49.23 42.30
CA ASP AA 144 49.51 50.58 42.86
C ASP AA 144 48.25 50.85 43.66
N GLY AA 145 47.16 50.14 43.36
CA GLY AA 145 45.91 50.32 44.06
C GLY AA 145 45.03 51.44 43.55
N LYS AA 146 45.45 52.14 42.49
CA LYS AA 146 44.66 53.23 41.94
C LYS AA 146 43.59 52.67 41.01
N ASN AA 147 42.80 53.58 40.43
CA ASN AA 147 41.70 53.23 39.53
C ASN AA 147 40.74 52.24 40.21
N GLN AA 148 40.39 52.54 41.46
CA GLN AA 148 39.49 51.68 42.20
C GLN AA 148 38.08 51.75 41.66
N LYS AA 149 37.36 50.64 41.77
CA LYS AA 149 35.94 50.65 41.43
C LYS AA 149 35.15 51.39 42.49
N ARG AA 150 34.29 52.30 42.05
CA ARG AA 150 33.47 53.06 42.98
C ARG AA 150 32.40 52.15 43.58
N LEU AA 151 32.45 51.99 44.89
CA LEU AA 151 31.50 51.13 45.60
C LEU AA 151 30.47 51.98 46.35
N LEU AA 152 29.42 51.31 46.80
CA LEU AA 152 28.40 51.98 47.59
C LEU AA 152 28.92 52.29 48.99
N PRO AA 153 28.34 53.29 49.65
CA PRO AA 153 28.68 53.52 51.07
C PRO AA 153 28.23 52.34 51.91
N ASN AA 154 28.80 52.26 53.12
CA ASN AA 154 28.54 51.16 54.05
C ASN AA 154 28.98 49.82 53.47
N MET AA 155 30.13 49.83 52.79
CA MET AA 155 30.75 48.62 52.27
C MET AA 155 32.23 48.69 52.63
N TYR AA 156 32.61 48.04 53.73
CA TYR AA 156 33.94 48.20 54.29
C TYR AA 156 34.58 46.84 54.51
N GLY AA 157 35.91 46.84 54.53
CA GLY AA 157 36.69 45.68 54.89
C GLY AA 157 37.30 45.80 56.27
N LEU AA 158 38.25 44.90 56.55
CA LEU AA 158 38.93 44.90 57.83
C LEU AA 158 40.01 45.96 57.94
N LEU AA 159 40.43 46.57 56.82
CA LEU AA 159 41.53 47.53 56.84
C LEU AA 159 41.08 48.97 56.70
N ASN AA 160 39.88 49.22 56.18
CA ASN AA 160 39.37 50.57 56.01
C ASN AA 160 38.12 50.83 56.82
N MET AA 161 37.81 49.99 57.80
CA MET AA 161 36.65 50.21 58.64
C MET AA 161 36.82 51.48 59.46
N PRO AA 162 35.86 52.39 59.43
CA PRO AA 162 36.03 53.67 60.14
C PRO AA 162 35.88 53.51 61.65
N GLU AA 163 36.28 54.57 62.36
CA GLU AA 163 36.13 54.66 63.82
C GLU AA 163 36.79 53.47 64.51
N GLN AA 164 38.02 53.16 64.09
CA GLN AA 164 38.81 52.09 64.68
C GLN AA 164 40.16 52.65 65.11
N ILE AA 165 40.95 51.83 65.78
CA ILE AA 165 42.24 52.28 66.30
C ILE AA 165 43.27 52.21 65.19
N LYS AA 166 43.93 53.33 64.91
CA LYS AA 166 44.93 53.42 63.87
C LYS AA 166 46.24 53.93 64.46
N GLU AA 167 47.35 53.28 64.10
CA GLU AA 167 48.67 53.69 64.53
C GLU AA 167 49.59 53.75 63.32
N GLU AA 168 50.55 54.66 63.35
CA GLU AA 168 51.47 54.86 62.24
C GLU AA 168 52.90 54.91 62.77
N VAL AA 169 53.78 54.14 62.14
CA VAL AA 169 55.20 54.10 62.47
C VAL AA 169 55.96 54.91 61.43
N ALA AA 170 56.77 55.85 61.89
CA ALA AA 170 57.44 56.77 60.98
C ALA AA 170 58.44 56.03 60.10
N SER AA 171 58.79 56.66 58.98
CA SER AA 171 59.71 56.04 58.02
C SER AA 171 61.09 55.83 58.61
N GLY AA 172 61.53 56.72 59.50
CA GLY AA 172 62.82 56.55 60.14
C GLY AA 172 62.88 55.38 61.09
N ASP AA 173 61.73 54.90 61.56
CA ASP AA 173 61.66 53.77 62.47
C ASP AA 173 61.04 52.54 61.82
N LYS AA 174 61.05 52.46 60.48
CA LYS AA 174 60.41 51.34 59.79
C LYS AA 174 61.13 50.03 60.09
N ASP AA 175 62.43 50.07 60.35
CA ASP AA 175 63.21 48.88 60.64
C ASP AA 175 63.39 48.64 62.13
N LYS AA 176 62.76 49.43 62.98
CA LYS AA 176 62.94 49.36 64.43
C LYS AA 176 61.77 48.60 65.05
N MET AA 177 62.01 47.34 65.40
CA MET AA 177 60.96 46.52 65.98
C MET AA 177 60.52 47.05 67.33
N ASP AA 178 61.41 47.70 68.07
CA ASP AA 178 61.01 48.30 69.35
C ASP AA 178 59.99 49.41 69.13
N LYS AA 179 60.21 50.27 68.14
CA LYS AA 179 59.23 51.32 67.83
C LYS AA 179 57.92 50.72 67.33
N ILE AA 180 58.01 49.69 66.48
CA ILE AA 180 56.79 49.04 65.99
C ILE AA 180 55.99 48.47 67.16
N PHE AA 181 56.66 47.81 68.10
CA PHE AA 181 55.98 47.24 69.25
C PHE AA 181 55.45 48.32 70.17
N GLU AA 182 56.13 49.46 70.27
CA GLU AA 182 55.60 50.58 71.05
C GLU AA 182 54.28 51.07 70.48
N LYS AA 183 54.22 51.21 69.15
CA LYS AA 183 52.97 51.61 68.50
C LYS AA 183 51.89 50.56 68.72
N ILE AA 184 52.26 49.27 68.63
CA ILE AA 184 51.29 48.20 68.87
C ILE AA 184 50.74 48.26 70.29
N GLU AA 185 51.62 48.51 71.27
CA GLU AA 185 51.18 48.63 72.65
C GLU AA 185 50.23 49.80 72.83
N ALA AA 186 50.56 50.95 72.23
CA ALA AA 186 49.67 52.10 72.34
C ALA AA 186 48.29 51.78 71.77
N GLY AA 187 48.26 51.14 70.59
CA GLY AA 187 46.98 50.78 70.01
C GLY AA 187 46.21 49.78 70.84
N LEU AA 188 46.90 48.78 71.39
CA LEU AA 188 46.23 47.78 72.22
C LEU AA 188 45.66 48.41 73.48
N SER AA 189 46.37 49.37 74.07
CA SER AA 189 45.82 50.11 75.20
C SER AA 189 44.60 50.91 74.79
N LYS AA 190 44.63 51.52 73.61
CA LYS AA 190 43.48 52.29 73.14
C LYS AA 190 42.30 51.41 72.73
N LEU AA 191 42.52 50.11 72.56
CA LEU AA 191 41.40 49.22 72.25
C LEU AA 191 40.37 49.21 73.38
N GLU AA 192 39.10 49.04 72.99
CA GLU AA 192 37.98 49.01 73.94
C GLU AA 192 37.14 47.78 73.64
N LEU AA 193 37.53 46.63 74.22
CA LEU AA 193 36.79 45.40 74.00
C LEU AA 193 35.52 45.33 74.82
N GLY AA 194 35.47 46.00 75.97
CA GLY AA 194 34.27 45.97 76.78
C GLY AA 194 34.10 44.65 77.51
N ASP AA 195 32.84 44.29 77.75
CA ASP AA 195 32.52 43.06 78.46
C ASP AA 195 32.83 41.80 77.66
N GLU AA 196 33.07 41.93 76.35
CA GLU AA 196 33.42 40.79 75.50
C GLU AA 196 34.92 40.62 75.36
N PHE AA 197 35.69 41.02 76.39
CA PHE AA 197 37.15 40.95 76.30
C PHE AA 197 37.64 39.51 76.27
N SER AA 198 36.97 38.60 76.99
CA SER AA 198 37.42 37.21 77.04
C SER AA 198 37.10 36.50 75.73
N THR AA 199 37.99 36.63 74.75
CA THR AA 199 37.77 36.03 73.44
C THR AA 199 39.13 35.84 72.77
N PRO AA 200 39.26 34.86 71.87
CA PRO AA 200 40.51 34.72 71.11
C PRO AA 200 40.76 35.91 70.21
N MET AA 201 42.04 36.16 69.95
CA MET AA 201 42.46 37.28 69.12
C MET AA 201 43.16 36.78 67.87
N MET AA 202 43.07 37.58 66.80
CA MET AA 202 43.66 37.24 65.52
C MET AA 202 44.54 38.40 65.07
N VAL AA 203 45.76 38.06 64.62
CA VAL AA 203 46.73 39.02 64.12
C VAL AA 203 47.08 38.61 62.69
N ILE AA 204 47.11 39.59 61.80
CA ILE AA 204 47.51 39.39 60.41
C ILE AA 204 48.67 40.31 60.11
N VAL AA 205 49.76 39.74 59.59
CA VAL AA 205 50.99 40.48 59.34
C VAL AA 205 51.49 40.17 57.94
N ASP AA 206 52.35 41.05 57.44
CA ASP AA 206 53.05 40.87 56.17
C ASP AA 206 54.31 40.04 56.36
N PRO AA 207 54.85 39.47 55.27
CA PRO AA 207 56.06 38.65 55.42
C PRO AA 207 57.25 39.37 56.02
N ALA AA 208 57.42 40.67 55.75
CA ALA AA 208 58.52 41.41 56.36
C ALA AA 208 58.35 41.48 57.88
N THR AA 209 57.13 41.76 58.34
CA THR AA 209 56.88 41.76 59.78
C THR AA 209 57.06 40.38 60.37
N SER AA 210 56.67 39.33 59.65
CA SER AA 210 56.88 37.97 60.13
C SER AA 210 58.36 37.67 60.28
N LEU AA 211 59.18 38.15 59.33
CA LEU AA 211 60.63 38.00 59.46
C LEU AA 211 61.16 38.75 60.67
N LYS AA 212 60.67 39.98 60.89
CA LYS AA 212 61.14 40.76 62.03
C LYS AA 212 60.70 40.18 63.36
N LEU AA 213 59.59 39.44 63.40
CA LEU AA 213 59.07 38.94 64.67
C LEU AA 213 59.93 37.85 65.29
N VAL AA 214 60.71 37.12 64.50
CA VAL AA 214 61.45 35.97 65.02
C VAL AA 214 62.79 36.35 65.65
N LYS AA 215 63.17 37.62 65.60
CA LYS AA 215 64.41 38.05 66.22
C LYS AA 215 64.26 38.05 67.74
N PRO AA 216 65.37 37.90 68.47
CA PRO AA 216 65.30 37.90 69.94
C PRO AA 216 64.82 39.24 70.47
N TYR AA 217 64.07 39.18 71.57
CA TYR AA 217 63.56 40.39 72.20
C TYR AA 217 64.70 41.19 72.83
N ALA AA 218 64.65 42.50 72.65
CA ALA AA 218 65.68 43.38 73.19
C ALA AA 218 65.12 44.23 74.34
N ALA AA 223 72.04 44.24 74.50
CA ALA AA 223 72.03 42.78 74.42
C ALA AA 223 70.60 42.25 74.44
N ALA AA 224 70.18 41.64 73.34
CA ALA AA 224 68.84 41.09 73.25
C ALA AA 224 68.69 39.88 74.15
N SER AA 225 67.45 39.63 74.57
CA SER AA 225 67.16 38.48 75.43
C SER AA 225 67.46 37.18 74.70
N SER AA 226 68.16 36.28 75.38
CA SER AA 226 68.63 35.05 74.77
C SER AA 226 67.55 33.98 74.67
N CYS AA 227 66.40 34.17 75.31
CA CYS AA 227 65.38 33.12 75.35
C CYS AA 227 64.09 33.53 74.64
N GLU AA 228 63.51 34.66 75.01
CA GLU AA 228 62.21 35.06 74.47
C GLU AA 228 62.39 35.88 73.19
N LYS AA 229 61.32 35.90 72.39
CA LYS AA 229 61.32 36.57 71.10
C LYS AA 229 60.19 37.58 71.03
N TRP AA 230 60.27 38.43 70.00
CA TRP AA 230 59.25 39.48 69.82
C TRP AA 230 57.87 38.88 69.65
N GLU AA 231 57.77 37.73 68.98
CA GLU AA 231 56.47 37.08 68.82
C GLU AA 231 55.89 36.66 70.16
N ASP AA 232 56.72 36.08 71.03
CA ASP AA 232 56.23 35.69 72.35
C ASP AA 232 55.84 36.92 73.17
N VAL AA 233 56.62 38.00 73.09
CA VAL AA 233 56.27 39.21 73.81
C VAL AA 233 54.92 39.75 73.32
N LEU AA 234 54.71 39.76 72.01
CA LEU AA 234 53.45 40.23 71.46
C LEU AA 234 52.28 39.35 71.89
N ILE AA 235 52.49 38.03 71.90
CA ILE AA 235 51.42 37.13 72.34
C ILE AA 235 51.06 37.38 73.79
N GLN AA 236 52.07 37.57 74.64
CA GLN AA 236 51.79 37.87 76.05
C GLN AA 236 51.08 39.20 76.20
N THR AA 237 51.48 40.21 75.43
CA THR AA 237 50.83 41.51 75.51
C THR AA 237 49.36 41.43 75.11
N ILE AA 238 49.06 40.66 74.06
CA ILE AA 238 47.67 40.51 73.63
C ILE AA 238 46.88 39.68 74.65
N LYS AA 239 47.52 38.67 75.25
CA LYS AA 239 46.85 37.90 76.29
C LYS AA 239 46.55 38.75 77.51
N ALA AA 240 47.33 39.82 77.72
CA ALA AA 240 47.07 40.72 78.83
C ALA AA 240 45.71 41.41 78.69
N ILE AA 241 45.21 41.56 77.47
CA ILE AA 241 43.95 42.25 77.24
C ILE AA 241 42.81 41.32 76.84
N ASN AA 242 43.10 40.11 76.35
CA ASN AA 242 42.03 39.19 75.95
C ASN AA 242 41.71 38.17 77.04
N ASN AA 243 42.05 38.47 78.29
CA ASN AA 243 41.81 37.56 79.42
C ASN AA 243 42.52 36.22 79.21
N ARG AA 244 43.75 36.27 78.72
CA ARG AA 244 44.60 35.09 78.54
C ARG AA 244 43.91 34.05 77.66
N GLU AA 245 43.34 34.51 76.55
CA GLU AA 245 42.74 33.62 75.57
C GLU AA 245 43.72 33.35 74.43
N ASP AA 246 43.32 32.46 73.54
CA ASP AA 246 44.18 32.06 72.43
C ASP AA 246 44.46 33.24 71.51
N VAL AA 247 45.70 33.32 71.03
CA VAL AA 247 46.13 34.35 70.09
C VAL AA 247 46.67 33.64 68.86
N TYR AA 248 46.11 33.96 67.70
CA TYR AA 248 46.51 33.34 66.44
C TYR AA 248 47.20 34.36 65.55
N ILE AA 249 48.22 33.92 64.83
CA ILE AA 249 49.02 34.78 63.96
C ILE AA 249 48.98 34.20 62.55
N GLU AA 250 48.72 35.06 61.58
CA GLU AA 250 48.66 34.66 60.18
C GLU AA 250 49.47 35.63 59.33
N THR AA 251 50.00 35.12 58.23
CA THR AA 251 50.78 35.91 57.27
C THR AA 251 50.04 35.93 55.95
N SER AA 252 49.90 37.12 55.37
CA SER AA 252 49.22 37.31 54.10
C SER AA 252 50.13 38.09 53.17
N ASN AA 253 50.29 37.57 51.94
CA ASN AA 253 51.08 38.28 50.95
C ASN AA 253 50.36 39.51 50.38
N LEU AA 254 49.05 39.59 50.57
CA LEU AA 254 48.30 40.76 50.11
C LEU AA 254 48.70 42.01 50.88
N LEU AA 255 48.90 41.89 52.19
CA LEU AA 255 49.26 43.04 53.00
C LEU AA 255 50.70 43.47 52.73
N LYS AA 256 50.96 44.76 52.95
CA LYS AA 256 52.30 45.32 52.82
C LYS AA 256 52.48 46.36 53.92
N HIS AA 257 53.36 46.07 54.88
CA HIS AA 257 53.69 47.00 55.97
C HIS AA 257 52.46 47.37 56.80
N LYS AA 258 51.55 46.40 56.97
CA LYS AA 258 50.33 46.57 57.74
C LYS AA 258 50.22 45.45 58.76
N ILE AA 259 49.70 45.78 59.94
CA ILE AA 259 49.41 44.81 60.98
C ILE AA 259 47.97 44.98 61.41
N LEU AA 260 47.21 43.89 61.43
CA LEU AA 260 45.80 43.90 61.80
C LEU AA 260 45.61 43.06 63.04
N ILE AA 261 44.95 43.62 64.05
CA ILE AA 261 44.62 42.87 65.27
C ILE AA 261 43.13 43.05 65.55
N TYR AA 262 42.42 41.94 65.76
CA TYR AA 262 40.99 42.03 66.04
C TYR AA 262 40.53 40.76 66.73
N PRO AA 263 39.45 40.82 67.51
CA PRO AA 263 38.96 39.61 68.18
C PRO AA 263 38.15 38.72 67.25
N LEU AA 264 38.14 37.43 67.58
CA LEU AA 264 37.33 36.44 66.88
C LEU AA 264 36.02 36.19 67.63
N ASN AA 265 35.26 37.26 67.82
CA ASN AA 265 34.00 37.22 68.56
C ASN AA 265 32.88 37.71 67.66
N SER AA 266 31.77 36.96 67.65
CA SER AA 266 30.64 37.31 66.81
C SER AA 266 29.87 38.51 67.33
N GLU AA 267 30.02 38.83 68.62
CA GLU AA 267 29.31 39.98 69.19
C GLU AA 267 29.89 41.31 68.73
N LEU AA 268 31.22 41.38 68.54
CA LEU AA 268 31.87 42.62 68.16
C LEU AA 268 32.00 42.76 66.64
N ILE AA 269 32.48 41.71 65.97
CA ILE AA 269 32.68 41.71 64.52
C ILE AA 269 31.95 40.50 63.95
N LYS AA 270 31.16 40.73 62.91
CA LYS AA 270 30.41 39.66 62.27
C LYS AA 270 30.40 39.88 60.76
N PHE AA 271 30.63 38.80 60.01
CA PHE AA 271 30.62 38.85 58.55
C PHE AA 271 29.31 38.24 58.06
N LYS AA 272 28.48 39.06 57.42
CA LYS AA 272 27.23 38.62 56.83
C LYS AA 272 27.38 38.69 55.31
N PRO AA 273 27.75 37.59 54.65
CA PRO AA 273 27.78 37.58 53.19
C PRO AA 273 26.47 37.08 52.62
N SER AA 274 26.24 37.44 51.37
CA SER AA 274 25.13 36.85 50.64
C SER AA 274 25.40 35.37 50.42
N LYS AA 275 24.31 34.59 50.35
CA LYS AA 275 24.47 33.18 50.02
C LYS AA 275 24.95 32.96 48.59
N TYR AA 276 24.95 34.01 47.76
CA TYR AA 276 25.47 33.96 46.41
C TYR AA 276 26.75 34.78 46.28
N MET AA 277 27.55 34.86 47.34
CA MET AA 277 28.77 35.66 47.30
C MET AA 277 29.82 35.00 46.41
N LEU AA 278 30.01 33.69 46.55
CA LEU AA 278 31.03 32.99 45.79
C LEU AA 278 30.60 32.83 44.33
N PRO AA 279 31.55 32.66 43.41
CA PRO AA 279 31.22 32.69 41.99
C PRO AA 279 30.18 31.65 41.62
N THR AA 280 29.24 32.06 40.75
CA THR AA 280 28.14 31.20 40.32
C THR AA 280 27.96 31.38 38.81
N PRO AA 281 27.84 30.29 38.06
CA PRO AA 281 27.64 30.43 36.60
C PRO AA 281 26.30 31.07 36.27
N ASN AA 282 26.26 31.75 35.13
CA ASN AA 282 25.03 32.31 34.61
C ASN AA 282 24.45 31.37 33.54
N GLU AA 283 23.14 31.47 33.34
CA GLU AA 283 22.46 30.60 32.41
C GLU AA 283 22.65 31.02 30.96
N GLN AA 284 23.06 32.26 30.71
CA GLN AA 284 23.19 32.78 29.36
C GLN AA 284 24.57 32.46 28.79
N VAL AA 285 24.59 31.83 27.63
CA VAL AA 285 25.82 31.52 26.91
C VAL AA 285 25.71 32.10 25.51
N ASP AA 286 26.65 32.98 25.15
CA ASP AA 286 26.67 33.56 23.82
C ASP AA 286 27.18 32.52 22.82
N LYS AA 287 26.45 32.37 21.71
CA LYS AA 287 26.78 31.39 20.70
C LYS AA 287 26.76 32.04 19.32
N ASP AA 288 27.64 31.55 18.45
CA ASP AA 288 27.74 32.05 17.08
C ASP AA 288 27.88 30.86 16.15
N SER AA 289 28.19 31.14 14.89
CA SER AA 289 28.47 30.09 13.91
C SER AA 289 29.91 29.59 14.00
N THR AA 290 30.75 30.24 14.79
CA THR AA 290 32.15 29.84 14.94
C THR AA 290 32.28 28.88 16.12
N ASP AA 291 33.52 28.62 16.54
CA ASP AA 291 33.80 27.70 17.62
C ASP AA 291 34.00 28.39 18.96
N VAL AA 292 33.84 29.70 19.02
CA VAL AA 292 34.10 30.47 20.24
C VAL AA 292 32.77 30.84 20.89
N ALA AA 293 32.64 30.56 22.18
CA ALA AA 293 31.46 30.91 22.94
C ALA AA 293 31.87 31.74 24.15
N HIS AA 294 30.89 32.39 24.77
CA HIS AA 294 31.13 33.25 25.93
C HIS AA 294 30.22 32.83 27.08
N SER AA 295 30.74 32.95 28.30
CA SER AA 295 29.98 32.62 29.50
C SER AA 295 30.19 33.69 30.55
N TYR AA 296 29.29 33.70 31.55
CA TYR AA 296 29.25 34.75 32.55
C TYR AA 296 29.26 34.14 33.95
N ILE AA 297 29.92 34.84 34.87
CA ILE AA 297 30.03 34.42 36.27
C ILE AA 297 29.57 35.58 37.15
N ASP AA 298 28.70 35.29 38.11
CA ASP AA 298 28.12 36.27 39.02
C ASP AA 298 28.70 36.09 40.42
N PHE AA 299 28.85 37.20 41.13
CA PHE AA 299 29.26 37.15 42.53
C PHE AA 299 28.80 38.41 43.25
N VAL AA 300 28.47 38.24 44.53
CA VAL AA 300 27.92 39.32 45.34
C VAL AA 300 28.89 39.65 46.47
N LEU AA 301 29.09 40.93 46.72
CA LEU AA 301 29.97 41.40 47.79
C LEU AA 301 29.13 41.63 49.05
N GLY AA 302 29.40 40.84 50.09
CA GLY AA 302 28.64 40.90 51.33
C GLY AA 302 28.98 42.08 52.22
N GLY AA 303 28.63 42.01 53.49
CA GLY AA 303 28.88 43.11 54.41
C GLY AA 303 29.53 42.67 55.70
N LEU AA 304 30.54 43.41 56.12
CA LEU AA 304 31.25 43.17 57.36
C LEU AA 304 30.82 44.24 58.37
N LEU AA 305 30.29 43.79 59.51
CA LEU AA 305 29.76 44.69 60.54
C LEU AA 305 30.66 44.61 61.76
N ALA AA 306 31.23 45.74 62.16
CA ALA AA 306 32.14 45.80 63.28
C ALA AA 306 31.75 46.92 64.23
N THR AA 307 31.87 46.66 65.53
CA THR AA 307 31.68 47.69 66.52
C THR AA 307 32.89 48.62 66.55
N ARG AA 308 32.67 49.84 67.03
CA ARG AA 308 33.72 50.85 67.01
C ARG AA 308 34.81 50.53 68.03
N LYS AA 309 36.04 50.90 67.67
CA LYS AA 309 37.21 50.74 68.54
C LYS AA 309 37.41 49.28 68.96
N THR AA 310 37.37 48.38 67.97
CA THR AA 310 37.67 46.98 68.20
C THR AA 310 38.67 46.41 67.20
N ILE AA 311 39.22 47.23 66.30
CA ILE AA 311 40.20 46.80 65.32
C ILE AA 311 41.42 47.70 65.45
N LEU AA 312 42.60 47.10 65.58
CA LEU AA 312 43.86 47.83 65.61
C LEU AA 312 44.54 47.68 64.26
N GLN AA 313 44.88 48.82 63.65
CA GLN AA 313 45.44 48.89 62.30
C GLN AA 313 46.76 49.65 62.40
N VAL AA 314 47.87 48.93 62.28
CA VAL AA 314 49.19 49.54 62.37
C VAL AA 314 49.75 49.63 60.96
N ASN AA 315 50.14 50.84 60.56
CA ASN AA 315 50.78 51.10 59.28
C ASN AA 315 52.24 51.44 59.53
N ILE AA 316 53.11 51.00 58.64
CA ILE AA 316 54.54 51.29 58.73
C ILE AA 316 54.90 52.12 57.50
N LYS AA 317 55.10 53.42 57.68
CA LYS AA 317 55.48 54.28 56.56
C LYS AA 317 56.82 53.86 56.00
N GLN AA 318 56.89 53.73 54.68
CA GLN AA 318 58.06 53.21 53.99
C GLN AA 318 58.69 54.26 53.07
N SER AA 319 58.67 55.51 53.50
CA SER AA 319 59.26 56.58 52.70
C SER AA 319 60.74 56.75 53.01
N MET BA 22 11.79 49.10 -9.91
CA MET BA 22 11.16 47.91 -9.36
C MET BA 22 12.21 46.87 -8.95
N LYS BA 23 12.14 46.41 -7.70
CA LYS BA 23 13.10 45.43 -7.21
C LYS BA 23 12.98 44.12 -7.98
N ASN BA 24 11.77 43.56 -8.05
CA ASN BA 24 11.53 42.29 -8.74
C ASN BA 24 10.30 42.42 -9.61
N PRO BA 25 10.41 43.01 -10.79
CA PRO BA 25 9.26 43.09 -11.70
C PRO BA 25 8.80 41.71 -12.12
N GLN BA 26 7.50 41.47 -12.00
CA GLN BA 26 6.90 40.18 -12.29
C GLN BA 26 6.12 40.25 -13.59
N HIS BA 27 6.33 39.25 -14.45
CA HIS BA 27 5.61 39.17 -15.72
C HIS BA 27 5.72 37.74 -16.24
N ASP BA 28 4.60 37.20 -16.70
CA ASP BA 28 4.56 35.83 -17.21
C ASP BA 28 5.37 35.73 -18.50
N ALA BA 29 6.51 35.06 -18.44
CA ALA BA 29 7.35 34.85 -19.60
C ALA BA 29 6.97 33.55 -20.30
N SER BA 30 7.45 33.41 -21.53
CA SER BA 30 7.21 32.20 -22.30
C SER BA 30 8.35 31.19 -22.15
N LEU BA 31 9.58 31.65 -21.97
CA LEU BA 31 10.75 30.79 -21.82
C LEU BA 31 11.42 31.05 -20.47
N LEU BA 32 12.60 30.44 -20.30
CA LEU BA 32 13.41 30.60 -19.10
C LEU BA 32 14.72 31.28 -19.49
N SER BA 33 15.09 32.32 -18.76
CA SER BA 33 16.37 32.99 -18.99
C SER BA 33 17.50 32.04 -18.64
N ASN BA 34 18.51 31.97 -19.51
CA ASN BA 34 19.61 31.05 -19.32
C ASN BA 34 20.55 31.58 -18.24
N SER BA 35 20.64 30.85 -17.13
CA SER BA 35 21.45 31.25 -15.98
C SER BA 35 22.22 30.05 -15.44
N ASN BA 36 22.69 29.18 -16.32
CA ASN BA 36 23.36 27.96 -15.90
C ASN BA 36 24.69 28.24 -15.21
N GLU BA 37 25.42 29.26 -15.66
CA GLU BA 37 26.72 29.58 -15.08
C GLU BA 37 26.56 30.03 -13.63
N PHE BA 38 27.45 29.56 -12.77
CA PHE BA 38 27.44 29.94 -11.35
C PHE BA 38 28.28 31.17 -11.08
N ARG BA 39 28.97 31.71 -12.08
CA ARG BA 39 29.79 32.90 -11.93
C ARG BA 39 29.12 34.09 -12.61
N ASP BA 40 29.49 35.29 -12.15
CA ASP BA 40 28.94 36.53 -12.67
C ASP BA 40 27.41 36.52 -12.60
N LYS BA 41 26.90 36.12 -11.43
CA LYS BA 41 25.48 35.86 -11.26
C LYS BA 41 24.92 36.63 -10.07
N ASN BA 42 25.66 37.60 -9.54
CA ASN BA 42 25.23 38.33 -8.35
C ASN BA 42 24.91 39.79 -8.60
N VAL BA 43 25.31 40.35 -9.73
CA VAL BA 43 25.07 41.78 -10.00
C VAL BA 43 23.69 41.86 -10.65
N GLU BA 44 22.67 41.84 -9.81
CA GLU BA 44 21.28 41.92 -10.25
C GLU BA 44 20.54 42.94 -9.39
N PHE BA 45 19.49 43.52 -9.96
CA PHE BA 45 18.71 44.51 -9.21
C PHE BA 45 17.91 43.86 -8.09
N PHE BA 46 17.56 42.58 -8.24
CA PHE BA 46 16.77 41.87 -7.23
C PHE BA 46 17.63 41.28 -6.11
N ALA BA 47 18.95 41.44 -6.17
CA ALA BA 47 19.84 40.96 -5.13
C ALA BA 47 19.80 41.95 -3.97
N SER BA 48 18.84 41.74 -3.06
CA SER BA 48 18.64 42.64 -1.95
C SER BA 48 19.62 42.34 -0.82
N GLY BA 49 19.69 43.25 0.14
CA GLY BA 49 20.60 43.10 1.26
C GLY BA 49 22.02 43.48 0.90
N GLY BA 50 22.96 42.95 1.68
CA GLY BA 50 24.36 43.22 1.46
C GLY BA 50 25.16 41.97 1.15
N THR BA 51 26.34 42.14 0.54
CA THR BA 51 27.18 40.99 0.21
C THR BA 51 27.64 40.27 1.46
N ARG BA 52 28.07 41.02 2.48
CA ARG BA 52 28.45 40.47 3.77
C ARG BA 52 27.57 41.10 4.84
N THR BA 53 26.91 40.27 5.63
CA THR BA 53 25.94 40.72 6.61
C THR BA 53 26.25 40.11 7.96
N SER BA 54 26.12 40.90 9.02
CA SER BA 54 26.34 40.45 10.38
C SER BA 54 25.00 40.24 11.09
N LYS BA 55 25.00 39.32 12.05
CA LYS BA 55 23.80 39.07 12.83
C LYS BA 55 23.38 40.30 13.63
N PHE BA 56 24.35 41.14 14.01
CA PHE BA 56 24.11 42.28 14.88
C PHE BA 56 24.00 43.59 14.09
N ASP BA 57 23.43 43.54 12.89
CA ASP BA 57 23.18 44.74 12.09
C ASP BA 57 21.80 45.29 12.43
N LYS BA 58 21.74 46.60 12.67
CA LYS BA 58 20.48 47.25 13.00
C LYS BA 58 19.69 47.56 11.74
N LEU BA 59 18.45 47.09 11.69
CA LEU BA 59 17.57 47.27 10.54
C LEU BA 59 16.30 47.97 10.99
N GLU BA 60 15.90 49.02 10.27
CA GLU BA 60 14.70 49.78 10.63
C GLU BA 60 13.78 49.85 9.42
N ASN BA 61 12.50 49.55 9.61
CA ASN BA 61 11.52 49.63 8.55
C ASN BA 61 10.78 50.96 8.63
N HIS BA 62 10.69 51.65 7.51
CA HIS BA 62 10.02 52.95 7.48
C HIS BA 62 9.09 53.04 6.29
N PRO BA 63 7.98 53.77 6.42
CA PRO BA 63 7.19 54.12 5.23
C PRO BA 63 8.01 54.99 4.28
N PHE BA 64 7.81 54.78 2.98
CA PHE BA 64 8.60 55.48 1.98
C PHE BA 64 7.71 56.03 0.88
N LEU BA 65 8.27 56.95 0.11
CA LEU BA 65 7.63 57.50 -1.07
C LEU BA 65 8.59 57.37 -2.25
N GLY BA 66 8.03 57.37 -3.46
CA GLY BA 66 8.85 57.17 -4.63
C GLY BA 66 9.41 55.76 -4.66
N TYR BA 67 10.71 55.65 -4.92
CA TYR BA 67 11.38 54.34 -4.92
C TYR BA 67 12.83 54.54 -4.53
N PRO BA 68 13.14 54.45 -3.23
CA PRO BA 68 14.52 54.67 -2.77
C PRO BA 68 15.38 53.42 -2.78
N TYR BA 69 14.95 52.38 -3.49
CA TYR BA 69 15.64 51.10 -3.44
C TYR BA 69 17.10 51.24 -3.85
N LYS BA 70 17.99 50.67 -3.02
CA LYS BA 70 19.43 50.71 -3.25
C LYS BA 70 19.94 52.15 -3.38
N ARG BA 71 19.41 53.04 -2.54
CA ARG BA 71 19.81 54.44 -2.54
C ARG BA 71 19.93 54.94 -1.12
N GLY BA 72 20.67 56.03 -0.96
CA GLY BA 72 20.69 56.73 0.31
C GLY BA 72 19.39 57.47 0.54
N VAL BA 73 18.89 57.39 1.77
CA VAL BA 73 17.57 57.90 2.11
C VAL BA 73 17.70 59.07 3.08
N LYS BA 74 16.64 59.86 3.16
CA LYS BA 74 16.54 60.97 4.08
C LYS BA 74 15.12 61.03 4.63
N ARG BA 75 15.01 61.50 5.87
CA ARG BA 75 13.71 61.60 6.53
C ARG BA 75 12.97 62.86 6.07
N VAL BA 76 11.66 62.73 5.88
CA VAL BA 76 10.78 63.82 5.51
C VAL BA 76 9.59 63.82 6.46
N ILE BA 77 9.32 64.95 7.09
CA ILE BA 77 8.20 65.12 7.99
C ILE BA 77 7.22 66.12 7.37
N GLN BA 78 5.93 65.79 7.41
CA GLN BA 78 4.91 66.67 6.84
C GLN BA 78 4.89 68.03 7.53
N HIS BA 86 -2.64 64.39 8.78
CA HIS BA 86 -1.21 64.37 9.06
C HIS BA 86 -0.73 62.94 9.29
N TYR BA 87 0.41 62.59 8.73
CA TYR BA 87 0.94 61.23 8.78
C TYR BA 87 2.32 61.21 9.40
N GLU BA 88 2.75 60.02 9.79
CA GLU BA 88 4.07 59.84 10.38
C GLU BA 88 5.15 60.15 9.35
N PRO BA 89 6.35 60.55 9.79
CA PRO BA 89 7.42 60.88 8.85
C PRO BA 89 7.82 59.67 8.02
N HIS BA 90 8.22 59.94 6.79
CA HIS BA 90 8.61 58.90 5.84
C HIS BA 90 10.05 59.11 5.39
N VAL BA 91 10.50 58.26 4.47
CA VAL BA 91 11.86 58.33 3.96
C VAL BA 91 11.81 58.41 2.44
N GLU BA 92 12.67 59.24 1.86
CA GLU BA 92 12.73 59.37 0.42
C GLU BA 92 14.18 59.43 -0.03
N ALA BA 93 14.40 59.08 -1.30
CA ALA BA 93 15.76 59.01 -1.84
C ALA BA 93 16.43 60.38 -1.85
N GLY BA 94 17.42 60.56 -0.99
CA GLY BA 94 18.14 61.82 -0.91
C GLY BA 94 19.43 61.64 -0.17
N GLY BA 95 20.38 62.54 -0.44
CA GLY BA 95 21.68 62.46 0.20
C GLY BA 95 22.19 63.79 0.71
N GLY BA 96 23.43 64.13 0.37
CA GLY BA 96 24.02 65.36 0.87
C GLY BA 96 24.16 65.33 2.38
N GLU BA 97 23.76 66.42 3.03
CA GLU BA 97 23.81 66.50 4.48
C GLU BA 97 22.53 66.01 5.14
N ASP BA 98 21.53 65.61 4.35
CA ASP BA 98 20.29 65.06 4.87
C ASP BA 98 20.33 63.54 5.02
N LEU BA 99 21.47 62.91 4.72
CA LEU BA 99 21.56 61.47 4.72
C LEU BA 99 21.24 60.89 6.09
N TYR BA 100 20.33 59.91 6.12
CA TYR BA 100 19.96 59.20 7.33
C TYR BA 100 20.38 57.74 7.30
N GLY BA 101 20.25 57.09 6.15
CA GLY BA 101 20.67 55.71 6.03
C GLY BA 101 20.67 55.29 4.58
N ILE BA 102 20.68 53.98 4.36
CA ILE BA 102 20.69 53.40 3.02
C ILE BA 102 19.60 52.35 2.95
N CYS BA 103 18.79 52.41 1.89
CA CYS BA 103 17.70 51.45 1.69
C CYS BA 103 18.24 50.21 1.01
N ILE BA 104 18.07 49.06 1.68
CA ILE BA 104 18.58 47.80 1.14
C ILE BA 104 17.46 46.90 0.61
N ASP BA 105 16.20 47.14 0.97
CA ASP BA 105 15.12 46.29 0.53
C ASP BA 105 13.82 47.09 0.61
N ILE BA 106 12.86 46.71 -0.23
CA ILE BA 106 11.55 47.34 -0.25
C ILE BA 106 10.49 46.25 -0.38
N ASP BA 107 9.52 46.25 0.53
CA ASP BA 107 8.30 45.48 0.39
C ASP BA 107 7.27 46.39 -0.27
N GLU BA 108 6.91 46.09 -1.52
CA GLU BA 108 6.01 46.95 -2.28
C GLU BA 108 4.57 46.80 -1.84
N PHE BA 109 4.18 45.61 -1.36
CA PHE BA 109 2.81 45.39 -0.93
C PHE BA 109 2.44 46.34 0.20
N SER BA 110 3.25 46.40 1.24
CA SER BA 110 3.03 47.30 2.37
C SER BA 110 3.72 48.63 2.20
N LYS BA 111 4.48 48.82 1.12
CA LYS BA 111 5.23 50.05 0.86
C LYS BA 111 6.12 50.41 2.05
N THR BA 112 6.98 49.46 2.44
CA THR BA 112 7.89 49.64 3.56
C THR BA 112 9.32 49.41 3.11
N ALA BA 113 10.22 50.32 3.50
CA ALA BA 113 11.61 50.25 3.12
C ALA BA 113 12.47 49.86 4.32
N THR BA 114 13.32 48.86 4.14
CA THR BA 114 14.30 48.48 5.16
C THR BA 114 15.54 49.35 5.01
N ILE BA 115 15.99 49.92 6.13
CA ILE BA 115 17.04 50.93 6.13
C ILE BA 115 18.10 50.53 7.15
N VAL BA 116 19.35 50.71 6.77
CA VAL BA 116 20.51 50.55 7.65
C VAL BA 116 20.98 51.95 8.03
N PRO BA 117 20.94 52.34 9.31
CA PRO BA 117 21.34 53.69 9.69
C PRO BA 117 22.81 53.95 9.38
N ILE BA 118 23.13 55.22 9.15
CA ILE BA 118 24.49 55.62 8.82
C ILE BA 118 25.46 55.36 9.96
N THR BA 119 24.96 55.07 11.17
CA THR BA 119 25.82 54.70 12.28
C THR BA 119 26.25 53.24 12.22
N ASN BA 120 25.79 52.49 11.22
CA ASN BA 120 26.13 51.09 11.04
C ASN BA 120 26.78 50.92 9.67
N ASN BA 121 27.92 50.24 9.62
CA ASN BA 121 28.63 50.07 8.36
C ASN BA 121 27.90 49.09 7.45
N PHE BA 122 28.13 49.23 6.14
CA PHE BA 122 27.40 48.47 5.15
C PHE BA 122 28.34 48.09 4.01
N GLU BA 123 28.07 46.93 3.40
CA GLU BA 123 28.80 46.47 2.23
C GLU BA 123 27.79 45.86 1.26
N GLY BA 124 27.76 46.38 0.04
CA GLY BA 124 26.83 45.88 -0.96
C GLY BA 124 26.87 46.73 -2.21
N TYR BA 125 25.97 46.39 -3.13
CA TYR BA 125 25.86 47.10 -4.40
C TYR BA 125 24.85 48.23 -4.27
N LEU BA 126 25.24 49.43 -4.74
CA LEU BA 126 24.39 50.61 -4.65
C LEU BA 126 24.34 51.32 -6.00
N VAL BA 127 23.32 52.15 -6.16
CA VAL BA 127 23.11 52.85 -7.43
C VAL BA 127 24.16 53.94 -7.59
N ALA BA 128 24.74 54.02 -8.79
CA ALA BA 128 25.72 55.04 -9.12
C ALA BA 128 25.15 55.99 -10.16
N LYS BA 129 25.69 57.21 -10.17
CA LYS BA 129 25.19 58.24 -11.08
C LYS BA 129 25.43 57.86 -12.54
N ASP BA 130 26.63 57.36 -12.85
CA ASP BA 130 26.97 56.98 -14.21
C ASP BA 130 28.13 55.99 -14.15
N SER BA 131 28.45 55.42 -15.32
CA SER BA 131 29.51 54.42 -15.43
C SER BA 131 30.89 55.10 -15.54
N THR BA 132 31.20 55.92 -14.54
CA THR BA 132 32.47 56.62 -14.48
C THR BA 132 33.20 56.39 -13.16
N VAL BA 133 32.76 55.43 -12.35
CA VAL BA 133 33.35 55.17 -11.05
C VAL BA 133 34.22 53.91 -11.15
N LYS BA 134 35.48 54.02 -10.76
CA LYS BA 134 36.42 52.92 -10.79
C LYS BA 134 36.74 52.47 -9.37
N VAL BA 135 37.59 51.43 -9.28
CA VAL BA 135 37.96 50.88 -7.99
C VAL BA 135 38.79 51.89 -7.22
N LYS BA 136 38.73 51.80 -5.88
CA LYS BA 136 39.50 52.58 -4.92
C LYS BA 136 39.02 54.02 -4.80
N ASP BA 137 38.00 54.43 -5.55
CA ASP BA 137 37.53 55.80 -5.49
C ASP BA 137 36.69 56.04 -4.24
N LYS BA 138 36.67 57.29 -3.79
CA LYS BA 138 35.84 57.72 -2.69
C LYS BA 138 34.58 58.38 -3.25
N LEU BA 139 33.45 58.12 -2.60
CA LEU BA 139 32.15 58.44 -3.19
C LEU BA 139 31.34 59.37 -2.30
N ILE BA 140 30.36 60.02 -2.92
CA ILE BA 140 29.45 60.94 -2.25
C ILE BA 140 28.03 60.60 -2.66
N PHE BA 141 27.09 60.70 -1.73
CA PHE BA 141 25.67 60.54 -2.02
C PHE BA 141 25.12 61.89 -2.49
N ASN BA 142 24.56 61.91 -3.70
CA ASN BA 142 24.06 63.14 -4.30
C ASN BA 142 22.62 63.40 -3.87
N LYS BA 143 21.99 64.39 -4.48
CA LYS BA 143 20.61 64.73 -4.14
C LYS BA 143 19.66 63.58 -4.46
N ASP BA 144 19.86 62.92 -5.60
CA ASP BA 144 18.99 61.82 -6.02
C ASP BA 144 19.20 60.56 -5.21
N GLY BA 145 20.21 60.51 -4.34
CA GLY BA 145 20.51 59.31 -3.59
C GLY BA 145 21.47 58.36 -4.27
N ALA BA 146 22.03 58.73 -5.40
CA ALA BA 146 22.99 57.90 -6.11
C ALA BA 146 24.41 58.22 -5.63
N LEU BA 147 25.38 57.45 -6.14
CA LEU BA 147 26.76 57.57 -5.73
C LEU BA 147 27.57 58.24 -6.83
N GLU BA 148 28.38 59.23 -6.45
CA GLU BA 148 29.23 59.96 -7.39
C GLU BA 148 30.65 60.00 -6.84
N LYS BA 149 31.60 60.30 -7.73
CA LYS BA 149 32.99 60.41 -7.35
C LYS BA 149 33.30 61.84 -6.91
N VAL BA 150 34.10 61.96 -5.84
CA VAL BA 150 34.48 63.26 -5.32
C VAL BA 150 35.28 64.04 -6.35
N LYS BA 156 34.03 68.03 -1.29
CA LYS BA 156 34.43 67.24 -0.13
C LYS BA 156 33.24 66.46 0.43
N ALA BA 157 33.50 65.22 0.84
CA ALA BA 157 32.46 64.33 1.30
C ALA BA 157 32.17 64.53 2.78
N THR BA 158 31.03 64.00 3.22
CA THR BA 158 30.64 64.00 4.62
C THR BA 158 30.61 62.62 5.23
N ILE BA 159 30.71 61.56 4.42
CA ILE BA 159 30.76 60.19 4.89
C ILE BA 159 31.88 59.47 4.18
N ASN BA 160 32.32 58.35 4.76
CA ASN BA 160 33.33 57.49 4.16
C ASN BA 160 32.63 56.40 3.36
N ALA BA 161 32.76 56.48 2.03
CA ALA BA 161 32.26 55.43 1.14
C ALA BA 161 33.34 55.15 0.10
N THR BA 162 33.75 53.89 0.01
CA THR BA 162 34.82 53.49 -0.89
C THR BA 162 34.27 52.47 -1.89
N ALA BA 163 34.52 52.71 -3.17
CA ALA BA 163 34.09 51.79 -4.21
C ALA BA 163 35.02 50.58 -4.24
N LEU BA 164 34.44 49.38 -4.16
CA LEU BA 164 35.23 48.16 -4.16
C LEU BA 164 35.36 47.53 -5.54
N THR BA 165 34.49 47.87 -6.48
CA THR BA 165 34.53 47.34 -7.83
C THR BA 165 34.30 48.49 -8.80
N ASP BA 166 34.16 48.17 -10.08
CA ASP BA 166 33.79 49.12 -11.11
C ASP BA 166 32.27 49.20 -11.23
N ALA BA 167 31.80 50.30 -11.80
CA ALA BA 167 30.37 50.45 -12.06
C ALA BA 167 29.95 49.49 -13.17
N LYS BA 168 28.87 48.76 -12.92
CA LYS BA 168 28.38 47.74 -13.84
C LYS BA 168 26.99 48.11 -14.31
N GLN BA 169 26.75 48.00 -15.62
CA GLN BA 169 25.49 48.39 -16.22
C GLN BA 169 24.50 47.23 -16.20
N ILE BA 170 23.29 47.49 -15.71
CA ILE BA 170 22.21 46.52 -15.73
C ILE BA 170 21.09 46.95 -16.68
N SER BA 171 20.60 48.17 -16.54
CA SER BA 171 19.60 48.74 -17.42
C SER BA 171 20.24 49.84 -18.26
N ASN BA 172 19.41 50.56 -19.01
CA ASN BA 172 19.93 51.60 -19.89
C ASN BA 172 20.67 52.68 -19.11
N GLU BA 173 20.12 53.11 -17.98
CA GLU BA 173 20.75 54.12 -17.14
C GLU BA 173 21.09 53.64 -15.75
N VAL BA 174 20.74 52.41 -15.38
CA VAL BA 174 20.97 51.89 -14.04
C VAL BA 174 22.37 51.32 -13.96
N TYR BA 175 23.19 51.85 -13.06
CA TYR BA 175 24.53 51.35 -12.78
C TYR BA 175 24.65 51.03 -11.30
N LEU BA 176 25.17 49.85 -10.99
CA LEU BA 176 25.43 49.44 -9.62
C LEU BA 176 26.93 49.27 -9.41
N VAL BA 177 27.42 49.74 -8.27
CA VAL BA 177 28.83 49.62 -7.89
C VAL BA 177 28.90 49.08 -6.47
N LYS BA 178 29.79 48.12 -6.24
CA LYS BA 178 29.97 47.58 -4.90
C LYS BA 178 30.72 48.59 -4.04
N VAL BA 179 30.16 48.92 -2.87
CA VAL BA 179 30.66 50.01 -2.05
C VAL BA 179 30.64 49.59 -0.59
N ALA BA 180 31.69 49.93 0.13
CA ALA BA 180 31.74 49.77 1.59
C ALA BA 180 31.56 51.14 2.22
N VAL BA 181 30.47 51.30 2.97
CA VAL BA 181 30.15 52.56 3.64
C VAL BA 181 30.43 52.35 5.13
N PHE BA 182 31.36 53.12 5.68
CA PHE BA 182 31.79 52.97 7.06
C PHE BA 182 31.84 54.36 7.70
N GLY BA 183 30.73 54.75 8.34
CA GLY BA 183 30.73 55.94 9.14
C GLY BA 183 30.75 57.23 8.34
N ASN BA 184 31.12 58.30 9.03
CA ASN BA 184 31.13 59.66 8.49
C ASN BA 184 32.52 60.27 8.62
N LYS BA 185 32.79 61.26 7.77
CA LYS BA 185 34.05 61.97 7.86
C LYS BA 185 33.99 63.06 8.91
N ALA BA 186 35.17 63.45 9.40
CA ALA BA 186 35.24 64.47 10.45
C ALA BA 186 34.97 65.87 9.90
N MET BA 187 35.37 66.14 8.67
CA MET BA 187 35.18 67.46 8.10
C MET BA 187 34.84 67.35 6.61
N ALA CA 20 58.78 38.88 20.22
CA ALA CA 20 59.13 39.71 19.07
C ALA CA 20 57.89 40.32 18.44
N LEU CA 21 57.78 40.22 17.12
CA LEU CA 21 56.64 40.74 16.39
C LEU CA 21 55.55 39.69 16.22
N MET CA 22 55.16 39.06 17.34
CA MET CA 22 54.13 38.04 17.33
C MET CA 22 53.29 38.19 18.59
N LYS CA 23 51.98 37.97 18.46
CA LYS CA 23 51.10 38.11 19.62
C LYS CA 23 51.37 37.04 20.67
N ASN CA 24 51.49 35.78 20.24
CA ASN CA 24 51.72 34.65 21.15
C ASN CA 24 52.85 33.79 20.59
N PRO CA 25 54.09 34.21 20.76
CA PRO CA 25 55.21 33.40 20.27
C PRO CA 25 55.36 32.12 21.06
N GLN CA 26 55.50 31.00 20.36
CA GLN CA 26 55.69 29.70 20.99
C GLN CA 26 57.17 29.51 21.30
N GLN CA 27 57.55 29.79 22.54
CA GLN CA 27 58.94 29.66 22.98
C GLN CA 27 58.96 28.71 24.18
N ASP CA 28 59.37 27.46 23.95
CA ASP CA 28 59.44 26.49 25.03
C ASP CA 28 60.58 26.84 25.98
N SER CA 29 60.47 26.33 27.21
CA SER CA 29 61.45 26.60 28.24
C SER CA 29 61.59 25.37 29.14
N GLY CA 30 62.50 25.47 30.11
CA GLY CA 30 62.74 24.36 31.01
C GLY CA 30 62.06 24.51 32.35
N LEU CA 31 61.75 25.74 32.74
CA LEU CA 31 61.17 26.04 34.04
C LEU CA 31 59.79 26.65 33.89
N LEU CA 32 58.92 26.34 34.86
CA LEU CA 32 57.61 26.99 34.95
C LEU CA 32 57.75 28.36 35.61
N SER CA 33 56.63 29.06 35.71
CA SER CA 33 56.54 30.32 36.43
C SER CA 33 55.34 30.28 37.36
N ASN CA 34 55.43 31.04 38.44
CA ASN CA 34 54.38 31.10 39.45
C ASN CA 34 53.73 32.47 39.45
N SER CA 35 52.41 32.50 39.52
CA SER CA 35 51.66 33.75 39.60
C SER CA 35 51.68 34.22 41.04
N ILE CA 36 52.42 35.31 41.30
CA ILE CA 36 52.55 35.81 42.66
C ILE CA 36 51.35 36.69 43.02
N ASP CA 37 50.93 37.54 42.09
CA ASP CA 37 49.85 38.49 42.34
C ASP CA 37 48.77 38.34 41.26
N PHE CA 38 47.54 38.65 41.64
CA PHE CA 38 46.42 38.65 40.70
C PHE CA 38 46.21 39.99 40.03
N ARG CA 39 47.08 40.96 40.30
CA ARG CA 39 46.95 42.32 39.78
C ARG CA 39 48.04 42.59 38.76
N ASP CA 40 47.71 43.43 37.77
CA ASP CA 40 48.63 43.81 36.70
C ASP CA 40 49.13 42.60 35.94
N GLN CA 41 48.24 41.62 35.72
CA GLN CA 41 48.57 40.42 34.98
C GLN CA 41 47.99 40.44 33.56
N ASN CA 42 47.44 41.56 33.13
CA ASN CA 42 46.84 41.69 31.81
C ASN CA 42 47.65 42.58 30.88
N LEU CA 43 48.77 43.13 31.34
CA LEU CA 43 49.59 44.02 30.54
C LEU CA 43 50.62 43.23 29.72
N ILE CA 44 50.09 42.38 28.84
CA ILE CA 44 50.90 41.54 27.98
C ILE CA 44 50.42 41.69 26.55
N PHE CA 45 51.32 41.38 25.61
CA PHE CA 45 50.99 41.53 24.19
C PHE CA 45 50.01 40.47 23.71
N SER CA 46 49.91 39.34 24.40
CA SER CA 46 48.99 38.28 24.02
C SER CA 46 47.57 38.54 24.50
N ASN CA 47 47.32 39.66 25.18
CA ASN CA 47 45.98 40.02 25.61
C ASN CA 47 45.16 40.53 24.44
N SER CA 48 44.50 39.62 23.73
CA SER CA 48 43.74 39.97 22.55
C SER CA 48 42.34 40.45 22.92
N GLY CA 49 41.65 41.03 21.93
CA GLY CA 49 40.30 41.51 22.14
C GLY CA 49 40.27 42.79 22.96
N GLY CA 50 39.09 43.09 23.48
CA GLY CA 50 38.88 44.26 24.30
C GLY CA 50 38.76 43.90 25.77
N VAL CA 51 39.08 44.89 26.62
CA VAL CA 51 39.01 44.68 28.07
C VAL CA 51 37.56 44.54 28.51
N CYS CA 52 36.65 45.31 27.91
CA CYS CA 52 35.24 45.28 28.25
C CYS CA 52 34.46 45.19 26.94
N THR CA 53 33.75 44.08 26.75
CA THR CA 53 33.19 43.73 25.46
C THR CA 53 31.69 43.50 25.57
N SER CA 54 30.97 43.81 24.50
CA SER CA 54 29.53 43.62 24.41
C SER CA 54 29.21 42.42 23.54
N SER CA 55 28.07 41.78 23.85
CA SER CA 55 27.61 40.64 23.07
C SER CA 55 26.98 41.04 21.73
N LYS CA 56 26.74 42.33 21.51
CA LYS CA 56 26.15 42.82 20.27
C LYS CA 56 27.16 43.56 19.39
N ASP CA 57 28.45 43.31 19.60
CA ASP CA 57 29.48 43.94 18.79
C ASP CA 57 29.57 43.28 17.42
N LYS CA 58 29.96 44.06 16.42
CA LYS CA 58 30.13 43.58 15.06
C LYS CA 58 31.60 43.34 14.80
N ILE CA 59 31.94 42.13 14.39
CA ILE CA 59 33.33 41.69 14.23
C ILE CA 59 33.50 41.14 12.82
N GLU CA 60 34.53 41.61 12.12
CA GLU CA 60 34.85 41.15 10.78
C GLU CA 60 36.24 40.54 10.76
N ASN CA 61 36.56 39.83 9.68
CA ASN CA 61 37.91 39.33 9.47
C ASN CA 61 38.36 39.64 8.05
N TYR CA 62 39.65 39.92 7.90
CA TYR CA 62 40.21 40.33 6.62
C TYR CA 62 41.56 39.66 6.43
N PRO CA 63 42.01 39.51 5.19
CA PRO CA 63 43.42 39.16 4.97
C PRO CA 63 44.33 40.27 5.47
N ALA CA 64 45.47 39.88 6.02
CA ALA CA 64 46.41 40.82 6.61
C ALA CA 64 47.57 41.09 5.67
N LYS CA 65 47.96 42.36 5.59
CA LYS CA 65 49.13 42.79 4.82
C LYS CA 65 50.09 43.43 5.81
N GLY CA 66 51.03 42.64 6.32
CA GLY CA 66 51.92 43.10 7.37
C GLY CA 66 51.53 42.51 8.71
N TYR CA 67 51.74 43.25 9.79
CA TYR CA 67 51.37 42.82 11.13
C TYR CA 67 50.58 43.95 11.79
N PRO CA 68 49.28 44.05 11.51
CA PRO CA 68 48.49 45.18 12.02
C PRO CA 68 47.94 44.96 13.42
N TYR CA 69 48.48 43.99 14.15
CA TYR CA 69 47.96 43.64 15.46
C TYR CA 69 47.99 44.85 16.40
N LYS CA 70 46.87 45.08 17.09
CA LYS CA 70 46.73 46.18 18.05
C LYS CA 70 47.07 47.52 17.40
N ARG CA 71 46.61 47.71 16.16
CA ARG CA 71 46.84 48.95 15.43
C ARG CA 71 45.61 49.29 14.63
N GLY CA 72 45.47 50.57 14.29
CA GLY CA 72 44.42 50.98 13.39
C GLY CA 72 44.72 50.49 11.98
N VAL CA 73 43.66 50.07 11.28
CA VAL CA 73 43.83 49.46 9.97
C VAL CA 73 43.06 50.27 8.93
N LYS CA 74 43.53 50.14 7.69
CA LYS CA 74 42.87 50.74 6.53
C LYS CA 74 42.80 49.71 5.43
N LEU CA 75 41.88 49.94 4.50
CA LEU CA 75 41.66 49.04 3.38
C LEU CA 75 42.73 49.28 2.32
N SER CA 76 43.45 48.22 1.94
CA SER CA 76 44.48 48.27 0.91
C SER CA 76 44.05 47.41 -0.26
N PHE CA 77 44.05 48.00 -1.45
CA PHE CA 77 43.71 47.31 -2.68
C PHE CA 77 44.98 46.95 -3.45
N GLY CA 78 44.83 46.00 -4.37
CA GLY CA 78 45.95 45.58 -5.18
C GLY CA 78 45.72 45.84 -6.66
N ASP CA 79 46.36 45.04 -7.51
CA ASP CA 79 46.15 45.16 -8.95
C ASP CA 79 44.78 44.64 -9.38
N GLY CA 80 44.05 43.97 -8.49
CA GLY CA 80 42.76 43.39 -8.79
C GLY CA 80 42.78 41.89 -8.94
N THR CA 81 43.95 41.28 -9.07
CA THR CA 81 44.03 39.83 -9.15
C THR CA 81 43.56 39.17 -7.86
N THR CA 82 43.95 39.74 -6.72
CA THR CA 82 43.56 39.24 -5.41
C THR CA 82 42.59 40.21 -4.74
N GLU CA 83 41.92 39.73 -3.70
CA GLU CA 83 40.95 40.53 -2.98
C GLU CA 83 41.65 41.62 -2.17
N LEU CA 84 40.86 42.59 -1.71
CA LEU CA 84 41.38 43.64 -0.86
C LEU CA 84 41.75 43.08 0.51
N GLU CA 85 42.66 43.77 1.20
CA GLU CA 85 43.11 43.34 2.52
C GLU CA 85 43.20 44.57 3.41
N VAL CA 86 43.73 44.39 4.61
CA VAL CA 86 43.85 45.47 5.58
C VAL CA 86 45.32 45.64 5.94
N GLU CA 87 45.77 46.90 6.03
CA GLU CA 87 47.13 47.20 6.43
C GLU CA 87 47.11 48.26 7.52
N ALA CA 88 48.16 48.27 8.33
CA ALA CA 88 48.28 49.27 9.39
C ALA CA 88 48.29 50.67 8.80
N GLY CA 89 47.51 51.56 9.40
CA GLY CA 89 47.39 52.92 8.89
C GLY CA 89 46.36 53.69 9.69
N GLY CA 90 46.12 54.92 9.25
CA GLY CA 90 45.18 55.78 9.92
C GLY CA 90 44.88 57.06 9.18
N GLY CA 91 44.51 58.11 9.92
CA GLY CA 91 44.18 59.38 9.30
C GLY CA 91 42.81 59.38 8.66
N ASP CA 92 42.71 59.97 7.47
CA ASP CA 92 41.44 60.01 6.75
C ASP CA 92 41.06 58.67 6.15
N ASP CA 93 41.98 57.70 6.14
CA ASP CA 93 41.73 56.38 5.56
C ASP CA 93 41.41 55.32 6.59
N LEU CA 94 41.32 55.70 7.87
CA LEU CA 94 41.09 54.73 8.93
C LEU CA 94 39.78 53.99 8.72
N TYR CA 95 39.83 52.66 8.82
CA TYR CA 95 38.66 51.81 8.65
C TYR CA 95 38.20 51.12 9.91
N GLY CA 96 39.13 50.78 10.80
CA GLY CA 96 38.77 50.09 12.02
C GLY CA 96 39.99 49.79 12.86
N VAL CA 97 39.80 48.94 13.86
CA VAL CA 97 40.86 48.57 14.79
C VAL CA 97 41.05 47.06 14.72
N CYS CA 98 42.29 46.62 14.55
CA CYS CA 98 42.62 45.20 14.55
C CYS CA 98 42.83 44.74 15.98
N SER CA 99 42.00 43.80 16.43
CA SER CA 99 42.04 43.35 17.82
C SER CA 99 42.68 41.98 18.00
N ASP CA 100 42.81 41.19 16.93
CA ASP CA 100 43.37 39.86 17.05
C ASP CA 100 43.88 39.41 15.69
N ILE CA 101 44.76 38.42 15.70
CA ILE CA 101 45.27 37.81 14.47
C ILE CA 101 45.34 36.30 14.67
N ASP CA 102 44.82 35.56 13.70
CA ASP CA 102 45.06 34.13 13.58
C ASP CA 102 46.24 33.96 12.63
N GLU CA 103 47.36 33.47 13.17
CA GLU CA 103 48.60 33.40 12.40
C GLU CA 103 48.57 32.29 11.36
N PHE CA 104 47.95 31.16 11.69
CA PHE CA 104 47.91 30.04 10.75
C PHE CA 104 47.23 30.44 9.46
N SER CA 105 46.09 31.11 9.56
CA SER CA 105 45.35 31.56 8.39
C SER CA 105 45.75 32.96 7.94
N GLY CA 106 46.54 33.68 8.74
CA GLY CA 106 46.89 35.04 8.39
C GLY CA 106 45.74 36.01 8.44
N MET CA 107 44.74 35.75 9.27
CA MET CA 107 43.50 36.50 9.28
C MET CA 107 43.51 37.53 10.41
N ALA CA 108 43.16 38.77 10.07
CA ALA CA 108 43.10 39.85 11.05
C ALA CA 108 41.65 40.10 11.43
N THR CA 109 41.36 40.05 12.73
CA THR CA 109 40.04 40.37 13.26
C THR CA 109 39.93 41.88 13.46
N VAL CA 110 38.93 42.48 12.82
CA VAL CA 110 38.77 43.92 12.77
C VAL CA 110 37.43 44.30 13.37
N ILE CA 111 37.44 45.34 14.20
CA ILE CA 111 36.24 46.00 14.70
C ILE CA 111 36.08 47.30 13.93
N PRO CA 112 34.98 47.50 13.21
CA PRO CA 112 34.85 48.69 12.37
C PRO CA 112 34.81 49.97 13.19
N ILE CA 113 35.17 51.08 12.53
CA ILE CA 113 35.17 52.38 13.18
C ILE CA 113 33.77 52.84 13.58
N THR CA 114 32.73 52.21 13.05
CA THR CA 114 31.36 52.51 13.44
C THR CA 114 30.96 51.81 14.73
N ASN CA 115 31.82 50.98 15.29
CA ASN CA 115 31.57 50.27 16.54
C ASN CA 115 32.62 50.68 17.56
N ASN CA 116 32.17 51.17 18.71
CA ASN CA 116 33.10 51.63 19.73
C ASN CA 116 33.88 50.47 20.33
N PHE CA 117 35.16 50.72 20.61
CA PHE CA 117 36.06 49.69 21.10
C PHE CA 117 36.86 50.23 22.27
N THR CA 118 37.09 49.37 23.27
CA THR CA 118 37.88 49.72 24.45
C THR CA 118 38.89 48.62 24.70
N GLY CA 119 40.17 48.94 24.60
CA GLY CA 119 41.21 47.96 24.82
C GLY CA 119 42.58 48.60 24.70
N TYR CA 120 43.59 47.78 24.93
CA TYR CA 120 44.97 48.23 24.85
C TYR CA 120 45.43 48.30 23.40
N LEU CA 121 45.98 49.44 23.00
CA LEU CA 121 46.42 49.65 21.64
C LEU CA 121 47.86 50.16 21.63
N THR CA 122 48.51 50.00 20.49
CA THR CA 122 49.89 50.44 20.33
C THR CA 122 49.96 51.96 20.36
N LEU CA 123 50.94 52.48 21.10
CA LEU CA 123 51.16 53.92 21.21
C LEU CA 123 52.51 54.28 20.60
N LYS CA 124 52.55 55.43 19.94
CA LYS CA 124 53.80 55.90 19.35
C LYS CA 124 54.85 56.15 20.43
N LYS CA 125 56.07 55.71 20.16
CA LYS CA 125 57.18 55.84 21.13
C LYS CA 125 57.81 57.23 21.01
N ASP CA 126 56.96 58.24 21.11
CA ASP CA 126 57.41 59.63 21.14
C ASP CA 126 56.33 60.44 21.83
N GLY CA 127 56.61 60.88 23.05
CA GLY CA 127 55.59 61.50 23.88
C GLY CA 127 54.77 60.54 24.70
N GLN CA 128 55.21 59.27 24.81
CA GLN CA 128 54.47 58.30 25.60
C GLN CA 128 54.40 58.71 27.06
N ASN CA 129 55.47 59.30 27.58
CA ASN CA 129 55.44 59.84 28.94
C ASN CA 129 54.45 60.99 29.04
N GLY CA 130 54.37 61.83 28.01
CA GLY CA 130 53.42 62.92 28.01
C GLY CA 130 51.97 62.43 27.96
N VAL CA 131 51.74 61.28 27.33
CA VAL CA 131 50.38 60.74 27.26
C VAL CA 131 49.90 60.42 28.66
N ASN CA 132 48.76 61.01 29.04
CA ASN CA 132 48.17 60.87 30.36
C ASN CA 132 46.68 60.61 30.20
N PRO CA 133 46.03 60.05 31.21
CA PRO CA 133 44.58 59.80 31.12
C PRO CA 133 43.81 61.08 30.82
N GLY CA 134 42.82 60.96 29.93
CA GLY CA 134 42.04 62.08 29.49
C GLY CA 134 42.54 62.73 28.21
N ASP CA 135 43.75 62.42 27.79
CA ASP CA 135 44.31 63.01 26.58
C ASP CA 135 43.59 62.49 25.34
N LYS CA 136 43.51 63.35 24.33
CA LYS CA 136 42.89 63.00 23.06
C LYS CA 136 43.92 62.40 22.13
N LEU CA 137 43.59 61.28 21.49
CA LEU CA 137 44.52 60.52 20.68
C LEU CA 137 43.93 60.28 19.29
N ASN CA 138 44.82 60.27 18.31
CA ASN CA 138 44.46 59.98 16.93
C ASN CA 138 45.47 59.00 16.33
N PHE CA 139 45.02 58.24 15.34
CA PHE CA 139 45.87 57.26 14.69
C PHE CA 139 46.75 57.92 13.63
N ASN CA 140 48.03 57.56 13.63
CA ASN CA 140 48.99 58.14 12.69
C ASN CA 140 49.01 57.32 11.40
N GLN CA 141 50.00 57.58 10.55
CA GLN CA 141 50.09 56.85 9.29
C GLN CA 141 50.42 55.38 9.50
N HIS CA 142 51.04 55.03 10.62
CA HIS CA 142 51.40 53.66 10.90
C HIS CA 142 50.39 52.93 11.75
N GLY CA 143 49.26 53.55 12.07
CA GLY CA 143 48.25 52.93 12.90
C GLY CA 143 48.50 53.03 14.38
N GLU CA 144 49.52 53.78 14.81
CA GLU CA 144 49.81 53.97 16.22
C GLU CA 144 49.07 55.19 16.74
N LEU CA 145 48.66 55.10 18.01
CA LEU CA 145 48.00 56.24 18.65
C LEU CA 145 49.02 57.31 18.98
N GLU CA 146 48.60 58.58 18.85
CA GLU CA 146 49.47 59.69 19.19
C GLU CA 146 48.61 60.83 19.72
N LYS CA 147 49.23 61.65 20.58
CA LYS CA 147 48.51 62.74 21.23
C LYS CA 147 48.24 63.87 20.24
N VAL CA 148 47.01 64.36 20.23
CA VAL CA 148 46.61 65.42 19.32
C VAL CA 148 47.30 66.74 19.69
N SER CA 154 41.79 65.22 13.46
CA SER CA 154 40.58 64.82 14.16
C SER CA 154 40.90 63.99 15.39
N VAL CA 155 39.92 63.83 16.27
CA VAL CA 155 40.07 63.06 17.50
C VAL CA 155 39.30 61.75 17.35
N ASN CA 156 39.99 60.63 17.60
CA ASN CA 156 39.37 59.32 17.47
C ASN CA 156 39.33 58.51 18.76
N ALA CA 157 40.13 58.85 19.76
CA ALA CA 157 40.11 58.08 21.00
C ALA CA 157 40.51 58.98 22.16
N ILE CA 158 40.25 58.49 23.38
CA ILE CA 158 40.65 59.17 24.60
C ILE CA 158 41.42 58.17 25.46
N ALA CA 159 42.61 58.55 25.88
CA ALA CA 159 43.44 57.66 26.70
C ALA CA 159 42.82 57.49 28.08
N LEU CA 160 42.66 56.23 28.50
CA LEU CA 160 42.09 55.92 29.81
C LEU CA 160 43.16 55.56 30.84
N SER CA 161 44.44 55.59 30.47
CA SER CA 161 45.52 55.25 31.39
C SER CA 161 46.81 55.82 30.82
N LYS CA 162 47.93 55.51 31.47
CA LYS CA 162 49.25 55.91 31.02
C LYS CA 162 49.89 54.79 30.21
N ALA CA 163 50.88 55.15 29.41
CA ALA CA 163 51.57 54.17 28.58
C ALA CA 163 52.29 53.15 29.44
N HIS CA 164 52.27 51.89 29.01
CA HIS CA 164 52.99 50.82 29.66
C HIS CA 164 53.97 50.21 28.67
N LYS CA 165 55.22 50.07 29.09
CA LYS CA 165 56.29 49.59 28.21
C LYS CA 165 56.32 48.08 28.20
N LEU CA 166 56.20 47.49 27.01
CA LEU CA 166 56.35 46.05 26.82
C LEU CA 166 57.73 45.67 26.30
N THR CA 167 58.25 46.43 25.34
CA THR CA 167 59.57 46.23 24.77
C THR CA 167 60.21 47.60 24.61
N GLU CA 168 61.45 47.64 24.13
CA GLU CA 168 62.15 48.92 23.98
C GLU CA 168 61.40 49.85 23.03
N ASP CA 169 60.74 49.31 22.02
CA ASP CA 169 59.99 50.11 21.05
C ASP CA 169 58.50 49.74 21.03
N LEU CA 170 57.99 49.13 22.10
CA LEU CA 170 56.59 48.72 22.18
C LEU CA 170 55.96 49.31 23.43
N PHE CA 171 54.94 50.14 23.24
CA PHE CA 171 54.18 50.72 24.33
C PHE CA 171 52.70 50.51 24.07
N ILE CA 172 51.96 50.14 25.13
CA ILE CA 172 50.52 49.92 25.03
C ILE CA 172 49.81 50.91 25.93
N VAL CA 173 48.70 51.47 25.43
CA VAL CA 173 47.89 52.41 26.17
C VAL CA 173 46.44 51.94 26.12
N LEU CA 174 45.75 51.99 27.26
CA LEU CA 174 44.33 51.68 27.30
C LEU CA 174 43.53 52.87 26.80
N ALA CA 175 42.86 52.71 25.67
CA ALA CA 175 42.13 53.80 25.04
C ALA CA 175 40.74 53.34 24.64
N SER CA 176 39.80 54.28 24.68
CA SER CA 176 38.42 54.04 24.28
C SER CA 176 38.19 54.74 22.94
N VAL CA 177 37.82 53.98 21.93
CA VAL CA 177 37.58 54.51 20.60
C VAL CA 177 36.09 54.75 20.44
N PHE CA 178 35.71 55.99 20.14
CA PHE CA 178 34.31 56.40 20.05
C PHE CA 178 33.91 56.81 18.64
N GLY CA 179 34.68 56.41 17.63
CA GLY CA 179 34.39 56.75 16.26
C GLY CA 179 35.18 57.97 15.79
N ASN CA 180 34.87 58.39 14.57
CA ASN CA 180 35.53 59.54 13.97
C ASN CA 180 34.76 60.81 14.32
N ARG CA 181 35.46 61.76 14.94
CA ARG CA 181 34.84 63.00 15.38
C ARG CA 181 35.82 64.14 15.15
N ALA CA 182 35.28 65.33 14.90
CA ALA CA 182 36.09 66.51 14.64
C ALA CA 182 36.90 66.90 15.88
N LEU DA 21 13.74 66.52 38.82
CA LEU DA 21 15.13 66.13 38.64
C LEU DA 21 15.38 64.73 39.18
N MET DA 22 14.31 63.93 39.25
CA MET DA 22 14.41 62.54 39.68
C MET DA 22 13.61 61.67 38.73
N LYS DA 23 14.19 60.52 38.36
CA LYS DA 23 13.51 59.62 37.43
C LYS DA 23 12.18 59.16 38.01
N ASN DA 24 12.18 58.72 39.26
CA ASN DA 24 10.92 58.44 39.93
C ASN DA 24 10.44 59.68 40.68
N PRO DA 25 9.14 59.97 40.65
CA PRO DA 25 8.62 61.15 41.37
C PRO DA 25 8.97 61.08 42.85
N GLN DA 26 9.66 62.12 43.33
CA GLN DA 26 10.08 62.16 44.73
C GLN DA 26 8.93 62.41 45.67
N GLN DA 27 7.84 63.00 45.19
CA GLN DA 27 6.65 63.27 45.99
C GLN DA 27 5.55 62.29 45.61
N ASP DA 28 4.98 61.64 46.62
CA ASP DA 28 3.92 60.66 46.37
C ASP DA 28 2.66 61.36 45.86
N SER DA 29 2.01 60.73 44.87
CA SER DA 29 0.76 61.26 44.35
C SER DA 29 -0.39 60.94 45.30
N GLY DA 30 -1.34 61.86 45.37
CA GLY DA 30 -2.52 61.67 46.19
C GLY DA 30 -3.69 61.04 45.48
N LEU DA 31 -3.56 60.73 44.20
CA LEU DA 31 -4.67 60.26 43.38
C LEU DA 31 -4.31 58.95 42.70
N LEU DA 32 -5.30 58.08 42.55
CA LEU DA 32 -5.15 56.91 41.69
C LEU DA 32 -5.24 57.34 40.23
N SER DA 33 -4.46 56.68 39.38
CA SER DA 33 -4.44 57.01 37.97
C SER DA 33 -5.65 56.43 37.25
N ASN DA 34 -6.12 57.14 36.24
CA ASN DA 34 -7.26 56.72 35.43
C ASN DA 34 -6.73 56.09 34.16
N SER DA 35 -6.79 54.75 34.10
CA SER DA 35 -6.28 53.99 32.97
C SER DA 35 -7.46 53.63 32.06
N ILE DA 36 -7.91 54.62 31.29
CA ILE DA 36 -9.01 54.42 30.37
C ILE DA 36 -8.55 54.74 28.95
N ASP DA 37 -8.08 55.98 28.74
CA ASP DA 37 -7.59 56.38 27.44
C ASP DA 37 -6.23 55.75 27.16
N PHE DA 38 -5.95 55.52 25.88
CA PHE DA 38 -4.67 54.97 25.44
C PHE DA 38 -3.85 55.98 24.65
N ARG DA 39 -4.28 57.22 24.58
CA ARG DA 39 -3.64 58.23 23.74
C ARG DA 39 -2.93 59.27 24.60
N ASP DA 40 -1.72 59.65 24.16
CA ASP DA 40 -0.92 60.69 24.81
C ASP DA 40 -0.68 60.37 26.29
N GLN DA 41 -0.33 59.12 26.56
CA GLN DA 41 -0.04 58.68 27.93
C GLN DA 41 1.42 58.32 28.12
N ASN DA 42 2.29 58.66 27.17
CA ASN DA 42 3.71 58.33 27.25
C ASN DA 42 4.58 59.55 27.52
N LEU DA 43 3.97 60.70 27.79
CA LEU DA 43 4.73 61.94 28.04
C LEU DA 43 4.96 62.11 29.54
N ILE DA 44 5.80 61.22 30.08
CA ILE DA 44 6.16 61.25 31.49
C ILE DA 44 7.68 61.16 31.60
N PHE DA 45 8.19 61.60 32.75
CA PHE DA 45 9.63 61.55 32.99
C PHE DA 45 10.10 60.13 33.27
N SER DA 46 9.22 59.27 33.77
CA SER DA 46 9.57 57.89 34.08
C SER DA 46 9.72 57.02 32.85
N ASN DA 47 9.43 57.55 31.66
CA ASN DA 47 9.54 56.77 30.42
C ASN DA 47 11.01 56.59 30.05
N SER DA 48 11.65 55.58 30.62
CA SER DA 48 13.08 55.34 30.41
C SER DA 48 13.27 54.43 29.20
N GLY DA 49 14.28 54.75 28.39
CA GLY DA 49 14.58 53.97 27.21
C GLY DA 49 14.29 54.71 25.93
N GLY DA 50 13.91 53.98 24.88
CA GLY DA 50 13.56 54.59 23.62
C GLY DA 50 12.19 54.15 23.15
N VAL DA 51 11.61 54.96 22.28
CA VAL DA 51 10.31 54.62 21.71
C VAL DA 51 10.42 53.41 20.80
N CYS DA 52 11.47 53.37 19.97
CA CYS DA 52 11.75 52.23 19.10
C CYS DA 52 13.14 51.71 19.45
N THR DA 53 13.20 50.46 19.92
CA THR DA 53 14.43 49.88 20.43
C THR DA 53 14.76 48.60 19.67
N SER DA 54 16.01 48.48 19.23
CA SER DA 54 16.49 47.28 18.56
C SER DA 54 17.16 46.34 19.55
N SER DA 55 17.01 45.04 19.31
CA SER DA 55 17.63 44.05 20.17
C SER DA 55 19.14 43.98 19.98
N LYS DA 56 19.68 44.63 18.96
CA LYS DA 56 21.11 44.64 18.68
C LYS DA 56 21.77 45.95 19.09
N ASP DA 57 21.28 46.55 20.18
CA ASP DA 57 21.80 47.82 20.67
C ASP DA 57 22.85 47.58 21.75
N LYS DA 58 23.94 48.34 21.69
CA LYS DA 58 25.00 48.24 22.67
C LYS DA 58 24.70 49.16 23.85
N ILE DA 59 24.81 48.63 25.07
CA ILE DA 59 24.43 49.32 26.29
C ILE DA 59 25.57 49.22 27.29
N GLU DA 60 25.99 50.36 27.85
CA GLU DA 60 27.11 50.39 28.78
C GLU DA 60 26.69 51.12 30.06
N ASN DA 61 26.92 50.50 31.21
CA ASN DA 61 26.64 51.17 32.46
C ASN DA 61 27.91 51.77 33.06
N TYR DA 62 27.74 52.91 33.72
CA TYR DA 62 28.87 53.65 34.27
C TYR DA 62 28.49 54.22 35.63
N PRO DA 63 29.47 54.54 36.47
CA PRO DA 63 29.16 55.31 37.68
C PRO DA 63 28.72 56.71 37.32
N ALA DA 64 27.68 57.18 38.00
CA ALA DA 64 27.05 58.45 37.68
C ALA DA 64 27.59 59.55 38.58
N LYS DA 65 27.98 60.67 37.97
CA LYS DA 65 28.43 61.86 38.69
C LYS DA 65 27.38 62.95 38.48
N GLY DA 66 26.52 63.13 39.48
CA GLY DA 66 25.42 64.07 39.35
C GLY DA 66 24.12 63.39 38.97
N TYR DA 67 23.33 64.05 38.13
CA TYR DA 67 22.06 63.50 37.64
C TYR DA 67 22.02 63.65 36.12
N PRO DA 68 22.63 62.73 35.38
CA PRO DA 68 22.69 62.86 33.92
C PRO DA 68 21.52 62.22 33.19
N TYR DA 69 20.45 61.91 33.92
CA TYR DA 69 19.32 61.19 33.33
C TYR DA 69 18.72 61.95 32.16
N LYS DA 70 18.48 61.23 31.06
CA LYS DA 70 17.90 61.80 29.84
C LYS DA 70 18.70 62.98 29.32
N ARG DA 71 20.02 62.88 29.42
CA ARG DA 71 20.91 63.95 28.99
C ARG DA 71 22.12 63.35 28.28
N GLY DA 72 22.75 64.18 27.45
CA GLY DA 72 24.03 63.79 26.89
C GLY DA 72 25.11 63.78 27.96
N VAL DA 73 25.98 62.78 27.90
CA VAL DA 73 26.98 62.56 28.93
C VAL DA 73 28.37 62.66 28.33
N LYS DA 74 29.34 62.92 29.20
CA LYS DA 74 30.74 62.94 28.83
C LYS DA 74 31.54 62.22 29.91
N LEU DA 75 32.76 61.84 29.56
CA LEU DA 75 33.63 61.11 30.48
C LEU DA 75 34.37 62.09 31.38
N SER DA 76 34.27 61.87 32.69
CA SER DA 76 34.92 62.71 33.68
C SER DA 76 36.01 61.92 34.38
N PHE DA 77 37.19 62.52 34.51
CA PHE DA 77 38.35 61.86 35.07
C PHE DA 77 38.71 62.48 36.41
N GLY DA 78 38.83 61.65 37.44
CA GLY DA 78 39.22 62.11 38.75
C GLY DA 78 40.72 62.26 38.89
N ASP DA 79 41.25 61.97 40.07
CA ASP DA 79 42.67 62.06 40.34
C ASP DA 79 43.40 60.75 40.11
N GLY DA 80 42.72 59.71 39.63
CA GLY DA 80 43.30 58.41 39.42
C GLY DA 80 43.02 57.40 40.52
N THR DA 81 42.59 57.87 41.69
CA THR DA 81 42.26 56.95 42.78
C THR DA 81 41.05 56.09 42.42
N THR DA 82 40.05 56.68 41.77
CA THR DA 82 38.84 55.98 41.39
C THR DA 82 38.67 56.00 39.89
N GLU DA 83 37.83 55.08 39.39
CA GLU DA 83 37.59 54.96 37.96
C GLU DA 83 36.84 56.18 37.44
N LEU DA 84 36.85 56.33 36.12
CA LEU DA 84 36.18 57.44 35.48
C LEU DA 84 34.67 57.34 35.65
N GLU DA 85 34.00 58.48 35.53
CA GLU DA 85 32.55 58.57 35.68
C GLU DA 85 31.97 59.31 34.49
N VAL DA 86 30.64 59.32 34.41
CA VAL DA 86 29.90 60.01 33.37
C VAL DA 86 29.12 61.15 34.01
N GLU DA 87 29.23 62.34 33.42
CA GLU DA 87 28.53 63.52 33.89
C GLU DA 87 27.91 64.22 32.70
N ALA DA 88 26.84 64.98 32.96
CA ALA DA 88 26.13 65.67 31.90
C ALA DA 88 27.07 66.62 31.16
N GLY DA 89 27.03 66.56 29.84
CA GLY DA 89 27.90 67.40 29.03
C GLY DA 89 27.57 67.26 27.57
N GLY DA 90 28.35 67.94 26.75
CA GLY DA 90 28.14 67.92 25.32
C GLY DA 90 29.23 68.61 24.53
N GLY DA 91 28.85 69.36 23.50
CA GLY DA 91 29.83 70.02 22.66
C GLY DA 91 30.70 69.00 21.94
N ASP DA 92 32.02 69.20 22.01
CA ASP DA 92 32.96 68.30 21.38
C ASP DA 92 33.40 67.17 22.30
N ASP DA 93 32.90 67.13 23.54
CA ASP DA 93 33.25 66.09 24.50
C ASP DA 93 32.14 65.07 24.68
N LEU DA 94 31.09 65.12 23.85
CA LEU DA 94 29.98 64.20 24.00
C LEU DA 94 30.43 62.76 23.76
N TYR DA 95 30.05 61.88 24.68
CA TYR DA 95 30.38 60.45 24.58
C TYR DA 95 29.18 59.57 24.34
N GLY DA 96 28.01 59.94 24.84
CA GLY DA 96 26.84 59.13 24.64
C GLY DA 96 25.60 59.80 25.18
N VAL DA 97 24.54 59.01 25.34
CA VAL DA 97 23.26 59.49 25.84
C VAL DA 97 22.82 58.59 26.99
N CYS DA 98 22.50 59.19 28.13
CA CYS DA 98 22.03 58.44 29.29
C CYS DA 98 20.53 58.24 29.17
N SER DA 99 20.09 56.98 29.08
CA SER DA 99 18.69 56.65 28.90
C SER DA 99 18.04 56.05 30.13
N ASP DA 100 18.81 55.74 31.17
CA ASP DA 100 18.24 55.17 32.38
C ASP DA 100 19.24 55.34 33.52
N ILE DA 101 18.73 55.27 34.74
CA ILE DA 101 19.55 55.35 35.94
C ILE DA 101 18.99 54.41 36.99
N ASP DA 102 19.86 53.60 37.60
CA ASP DA 102 19.54 52.89 38.83
C ASP DA 102 20.06 53.74 39.97
N GLU DA 103 19.14 54.23 40.80
CA GLU DA 103 19.48 55.17 41.86
C GLU DA 103 20.15 54.49 43.05
N PHE DA 104 19.77 53.24 43.35
CA PHE DA 104 20.35 52.55 44.50
C PHE DA 104 21.85 52.38 44.34
N SER DA 105 22.30 51.96 43.16
CA SER DA 105 23.72 51.78 42.88
C SER DA 105 24.34 52.97 42.19
N GLY DA 106 23.56 54.00 41.87
CA GLY DA 106 24.09 55.17 41.19
C GLY DA 106 24.68 54.86 39.83
N MET DA 107 24.01 54.02 39.05
CA MET DA 107 24.54 53.54 37.79
C MET DA 107 23.75 54.14 36.63
N ALA DA 108 24.47 54.75 35.69
CA ALA DA 108 23.86 55.36 34.51
C ALA DA 108 24.02 54.44 33.31
N THR DA 109 22.89 54.14 32.66
CA THR DA 109 22.88 53.41 31.41
C THR DA 109 23.13 54.37 30.25
N VAL DA 110 24.07 54.01 29.38
CA VAL DA 110 24.53 54.88 28.32
C VAL DA 110 24.50 54.11 27.00
N ILE DA 111 24.02 54.77 25.96
CA ILE DA 111 24.07 54.31 24.59
C ILE DA 111 25.13 55.12 23.86
N PRO DA 112 26.21 54.51 23.35
CA PRO DA 112 27.29 55.28 22.77
C PRO DA 112 26.83 56.08 21.55
N ILE DA 113 27.59 57.13 21.24
CA ILE DA 113 27.25 58.00 20.12
C ILE DA 113 27.31 57.24 18.80
N THR DA 114 28.13 56.19 18.73
CA THR DA 114 28.20 55.37 17.53
C THR DA 114 26.95 54.53 17.31
N ASN DA 115 26.06 54.46 18.29
CA ASN DA 115 24.79 53.75 18.17
C ASN DA 115 23.66 54.75 18.18
N ASN DA 116 22.78 54.68 17.19
CA ASN DA 116 21.71 55.67 17.08
C ASN DA 116 20.67 55.47 18.19
N PHE DA 117 19.90 56.53 18.43
CA PHE DA 117 18.90 56.52 19.49
C PHE DA 117 17.72 57.37 19.07
N THR DA 118 16.53 56.94 19.51
CA THR DA 118 15.29 57.66 19.25
C THR DA 118 14.46 57.64 20.52
N GLY DA 119 14.22 58.82 21.09
CA GLY DA 119 13.49 58.87 22.35
C GLY DA 119 13.37 60.28 22.86
N TYR DA 120 12.84 60.39 24.08
CA TYR DA 120 12.58 61.67 24.71
C TYR DA 120 13.81 62.12 25.49
N LEU DA 121 14.29 63.32 25.19
CA LEU DA 121 15.47 63.88 25.82
C LEU DA 121 15.17 65.29 26.33
N THR DA 122 15.92 65.70 27.34
CA THR DA 122 15.73 67.02 27.93
C THR DA 122 16.13 68.11 26.94
N LEU DA 123 15.31 69.16 26.87
CA LEU DA 123 15.53 70.28 25.97
C LEU DA 123 15.77 71.54 26.79
N LYS DA 124 16.72 72.36 26.33
CA LYS DA 124 17.03 73.60 27.02
C LYS DA 124 15.86 74.58 26.96
N LYS DA 125 15.56 75.20 28.09
CA LYS DA 125 14.47 76.16 28.17
C LYS DA 125 14.89 77.52 27.60
N VAL DA 131 10.83 75.42 18.77
CA VAL DA 131 11.19 74.07 18.37
C VAL DA 131 10.03 73.38 17.65
N ASN DA 132 10.27 72.99 16.41
CA ASN DA 132 9.29 72.31 15.57
C ASN DA 132 9.93 71.06 14.97
N PRO DA 133 9.12 70.08 14.58
CA PRO DA 133 9.69 68.89 13.92
C PRO DA 133 10.50 69.27 12.69
N GLY DA 134 11.63 68.59 12.53
CA GLY DA 134 12.57 68.90 11.47
C GLY DA 134 13.64 69.90 11.84
N ASP DA 135 13.66 70.37 13.08
CA ASP DA 135 14.67 71.32 13.53
C ASP DA 135 15.93 70.59 13.96
N LYS DA 136 17.08 71.14 13.57
CA LYS DA 136 18.36 70.56 13.91
C LYS DA 136 18.76 70.96 15.33
N LEU DA 137 19.19 69.98 16.12
CA LEU DA 137 19.51 70.18 17.52
C LEU DA 137 20.94 69.76 17.81
N ASN DA 138 21.47 70.28 18.91
CA ASN DA 138 22.79 69.90 19.41
C ASN DA 138 22.74 69.93 20.93
N PHE DA 139 23.85 69.54 21.55
CA PHE DA 139 23.95 69.42 23.00
C PHE DA 139 24.78 70.56 23.56
N ASN DA 140 24.28 71.19 24.62
CA ASN DA 140 25.01 72.27 25.28
C ASN DA 140 25.96 71.68 26.33
N GLN DA 141 26.58 72.54 27.12
CA GLN DA 141 27.54 72.07 28.13
C GLN DA 141 26.86 71.30 29.26
N HIS DA 142 25.55 71.44 29.43
CA HIS DA 142 24.83 70.78 30.50
C HIS DA 142 24.06 69.55 30.03
N GLY DA 143 24.33 69.07 28.83
CA GLY DA 143 23.63 67.90 28.33
C GLY DA 143 22.20 68.15 27.90
N GLU DA 144 21.85 69.40 27.61
CA GLU DA 144 20.50 69.76 27.19
C GLU DA 144 20.50 70.04 25.69
N LEU DA 145 19.40 69.68 25.04
CA LEU DA 145 19.26 69.88 23.61
C LEU DA 145 18.85 71.32 23.31
N GLU DA 146 19.48 71.91 22.31
CA GLU DA 146 19.20 73.28 21.90
C GLU DA 146 19.21 73.36 20.38
N LYS DA 147 18.42 74.29 19.85
CA LYS DA 147 18.31 74.46 18.41
C LYS DA 147 19.63 75.00 17.84
N VAL DA 148 19.92 74.60 16.61
CA VAL DA 148 21.13 75.08 15.92
C VAL DA 148 20.87 76.44 15.31
N LYS DA 153 25.86 71.14 15.12
CA LYS DA 153 27.14 71.60 14.61
C LYS DA 153 28.10 70.44 14.41
N SER DA 154 28.09 69.49 15.34
CA SER DA 154 28.94 68.31 15.25
C SER DA 154 28.22 67.00 15.51
N VAL DA 155 26.97 67.02 15.97
CA VAL DA 155 26.21 65.82 16.25
C VAL DA 155 24.88 65.88 15.51
N ASN DA 156 24.49 64.77 14.90
CA ASN DA 156 23.26 64.69 14.13
C ASN DA 156 22.11 64.38 15.08
N ALA DA 157 21.33 65.42 15.40
CA ALA DA 157 20.12 65.27 16.21
C ALA DA 157 19.01 66.06 15.56
N ILE DA 158 17.83 65.44 15.42
CA ILE DA 158 16.68 66.04 14.76
C ILE DA 158 15.46 65.82 15.63
N ALA DA 159 14.69 66.88 15.87
CA ALA DA 159 13.48 66.80 16.68
C ALA DA 159 12.33 66.25 15.86
N LEU DA 160 11.63 65.26 16.42
CA LEU DA 160 10.47 64.66 15.77
C LEU DA 160 9.14 65.20 16.29
N SER DA 161 9.17 66.14 17.24
CA SER DA 161 7.95 66.70 17.81
C SER DA 161 8.30 68.03 18.44
N LYS DA 162 7.30 68.66 19.04
CA LYS DA 162 7.48 69.91 19.75
C LYS DA 162 7.79 69.66 21.22
N ALA DA 163 8.33 70.68 21.88
CA ALA DA 163 8.68 70.55 23.29
C ALA DA 163 7.44 70.33 24.15
N HIS DA 164 7.51 69.37 25.05
CA HIS DA 164 6.46 69.09 26.01
C HIS DA 164 6.95 69.42 27.41
N LYS DA 165 6.18 70.24 28.11
CA LYS DA 165 6.59 70.79 29.41
C LYS DA 165 6.08 69.90 30.53
N LEU DA 166 7.00 69.41 31.36
CA LEU DA 166 6.65 68.62 32.54
C LEU DA 166 6.63 69.47 33.81
N THR DA 167 7.55 70.43 33.91
CA THR DA 167 7.61 71.38 35.01
C THR DA 167 8.00 72.73 34.43
N GLU DA 168 7.89 73.78 35.25
CA GLU DA 168 8.18 75.13 34.76
C GLU DA 168 9.60 75.25 34.22
N ASP DA 169 10.52 74.40 34.68
CA ASP DA 169 11.89 74.41 34.20
C ASP DA 169 12.29 73.10 33.53
N LEU DA 170 11.34 72.22 33.23
CA LEU DA 170 11.64 70.92 32.65
C LEU DA 170 10.85 70.73 31.36
N PHE DA 171 11.56 70.59 30.25
CA PHE DA 171 10.96 70.34 28.94
C PHE DA 171 11.64 69.12 28.32
N ILE DA 172 10.83 68.26 27.69
CA ILE DA 172 11.34 67.11 26.98
C ILE DA 172 10.96 67.23 25.51
N VAL DA 173 11.64 66.46 24.66
CA VAL DA 173 11.36 66.47 23.24
C VAL DA 173 11.74 65.11 22.66
N LEU DA 174 10.91 64.61 21.75
CA LEU DA 174 11.23 63.39 21.02
C LEU DA 174 12.24 63.72 19.93
N ALA DA 175 13.39 63.05 19.97
CA ALA DA 175 14.47 63.32 19.03
C ALA DA 175 15.12 62.01 18.61
N SER DA 176 15.72 62.05 17.42
CA SER DA 176 16.51 60.95 16.90
C SER DA 176 17.96 61.41 16.79
N VAL DA 177 18.86 60.70 17.45
CA VAL DA 177 20.29 60.99 17.40
C VAL DA 177 20.95 59.86 16.63
N PHE DA 178 21.62 60.20 15.53
CA PHE DA 178 22.32 59.22 14.70
C PHE DA 178 23.75 59.70 14.47
N GLY DA 179 24.61 59.47 15.48
CA GLY DA 179 26.03 59.74 15.35
C GLY DA 179 26.40 61.20 15.22
N ASN DA 180 27.68 61.45 14.99
CA ASN DA 180 28.19 62.80 14.78
C ASN DA 180 28.08 63.17 13.31
N ARG DA 181 28.39 64.41 12.99
CA ARG DA 181 28.40 64.88 11.62
C ARG DA 181 29.77 65.48 11.28
N ALA DA 182 29.94 65.84 10.01
CA ALA DA 182 31.19 66.42 9.56
C ALA DA 182 31.25 67.91 9.91
N ILE DA 183 32.47 68.45 9.90
CA ILE DA 183 32.74 69.84 10.24
C ILE DA 183 32.21 70.17 11.64
N ALA EA 187 26.22 4.45 10.62
CA ALA EA 187 25.39 5.64 10.77
C ALA EA 187 25.32 6.41 9.45
N SER EA 188 24.28 6.18 8.67
CA SER EA 188 24.10 6.82 7.38
C SER EA 188 22.65 7.28 7.24
N LEU EA 189 22.48 8.45 6.61
CA LEU EA 189 21.14 8.95 6.34
C LEU EA 189 20.39 8.09 5.34
N LEU EA 190 21.11 7.36 4.48
CA LEU EA 190 20.46 6.44 3.56
C LEU EA 190 19.73 5.33 4.32
N ASP EA 191 20.34 4.82 5.39
CA ASP EA 191 19.69 3.84 6.24
C ASP EA 191 18.58 4.53 7.02
N SER EA 192 17.33 4.25 6.67
CA SER EA 192 16.19 4.92 7.30
C SER EA 192 16.05 4.57 8.78
N ASN EA 193 16.66 3.47 9.22
CA ASN EA 193 16.61 3.10 10.63
C ASN EA 193 17.43 4.01 11.52
N PHE EA 194 18.28 4.87 10.94
CA PHE EA 194 19.14 5.73 11.73
C PHE EA 194 18.32 6.80 12.44
N VAL EA 195 18.43 6.86 13.75
CA VAL EA 195 17.79 7.87 14.58
C VAL EA 195 18.87 8.64 15.32
N PRO EA 196 19.22 9.84 14.85
CA PRO EA 196 20.30 10.60 15.50
C PRO EA 196 19.90 11.04 16.90
N ILE EA 197 20.92 11.17 17.75
CA ILE EA 197 20.72 11.66 19.11
C ILE EA 197 21.17 13.11 19.28
N ASN EA 198 22.08 13.59 18.45
CA ASN EA 198 22.58 14.95 18.58
C ASN EA 198 23.18 15.39 17.25
N PHE EA 199 23.53 16.69 17.19
CA PHE EA 199 24.04 17.27 15.96
C PHE EA 199 25.38 16.65 15.56
N THR EA 200 26.17 16.21 16.53
CA THR EA 200 27.43 15.54 16.21
C THR EA 200 27.17 14.26 15.42
N GLU EA 201 26.27 13.41 15.91
CA GLU EA 201 25.92 12.19 15.19
C GLU EA 201 25.29 12.52 13.85
N PHE EA 202 24.50 13.60 13.79
CA PHE EA 202 23.91 14.00 12.52
C PHE EA 202 24.99 14.35 11.49
N VAL EA 203 26.00 15.10 11.90
CA VAL EA 203 27.09 15.47 10.99
C VAL EA 203 27.88 14.24 10.57
N GLN EA 204 28.15 13.33 11.51
CA GLN EA 204 28.84 12.09 11.15
C GLN EA 204 28.04 11.30 10.13
N ALA EA 205 26.72 11.22 10.31
CA ALA EA 205 25.87 10.52 9.35
C ALA EA 205 25.91 11.20 7.98
N ILE EA 206 25.94 12.53 7.96
CA ILE EA 206 26.03 13.25 6.69
C ILE EA 206 27.33 12.91 5.97
N SER EA 207 28.44 12.90 6.71
CA SER EA 207 29.73 12.56 6.10
C SER EA 207 29.72 11.12 5.56
N ASN EA 208 29.17 10.19 6.34
CA ASN EA 208 29.09 8.80 5.89
C ASN EA 208 28.23 8.68 4.65
N THR EA 209 27.12 9.42 4.60
CA THR EA 209 26.25 9.41 3.42
C THR EA 209 26.99 9.93 2.20
N TYR EA 210 27.75 11.01 2.35
CA TYR EA 210 28.53 11.52 1.22
C TYR EA 210 29.55 10.49 0.73
N LYS EA 211 30.24 9.83 1.66
CA LYS EA 211 31.21 8.81 1.27
C LYS EA 211 30.53 7.66 0.53
N GLN EA 212 29.39 7.20 1.04
CA GLN EA 212 28.67 6.12 0.40
C GLN EA 212 28.18 6.51 -0.99
N ARG EA 213 27.73 7.76 -1.14
CA ARG EA 213 27.30 8.23 -2.46
C ARG EA 213 28.47 8.29 -3.43
N ARG EA 214 29.64 8.71 -2.97
CA ARG EA 214 30.83 8.68 -3.83
C ARG EA 214 31.17 7.26 -4.26
N ILE EA 215 31.13 6.32 -3.32
CA ILE EA 215 31.43 4.93 -3.65
C ILE EA 215 30.41 4.39 -4.66
N GLN EA 216 29.14 4.70 -4.47
CA GLN EA 216 28.11 4.26 -5.41
C GLN EA 216 28.32 4.88 -6.79
N PHE EA 217 28.70 6.15 -6.84
CA PHE EA 217 28.95 6.79 -8.12
C PHE EA 217 30.11 6.11 -8.86
N TYR EA 218 31.18 5.80 -8.14
CA TYR EA 218 32.31 5.13 -8.79
C TYR EA 218 31.94 3.71 -9.21
N GLU EA 219 31.09 3.02 -8.44
CA GLU EA 219 30.64 1.70 -8.83
C GLU EA 219 29.80 1.75 -10.10
N ASN EA 220 28.94 2.76 -10.23
CA ASN EA 220 28.08 2.88 -11.40
C ASN EA 220 28.77 3.57 -12.57
N LEU EA 221 29.97 4.14 -12.38
CA LEU EA 221 30.64 4.83 -13.45
C LEU EA 221 31.09 3.87 -14.55
N LYS EA 222 30.96 4.30 -15.80
CA LYS EA 222 31.39 3.52 -16.96
C LYS EA 222 31.99 4.48 -17.97
N ARG EA 223 33.31 4.50 -18.05
CA ARG EA 223 34.01 5.38 -18.98
C ARG EA 223 34.07 4.78 -20.38
N ALA FA 187 -9.07 22.18 20.29
CA ALA FA 187 -7.97 22.71 21.08
C ALA FA 187 -8.32 24.09 21.65
N SER FA 188 -8.76 24.11 22.90
CA SER FA 188 -9.14 25.34 23.58
C SER FA 188 -8.38 25.43 24.90
N LEU FA 189 -7.86 26.62 25.19
CA LEU FA 189 -7.13 26.82 26.44
C LEU FA 189 -8.03 26.73 27.66
N LEU FA 190 -9.34 26.94 27.50
CA LEU FA 190 -10.24 26.86 28.64
C LEU FA 190 -10.29 25.45 29.23
N ASP FA 191 -10.02 24.44 28.41
CA ASP FA 191 -9.96 23.06 28.90
C ASP FA 191 -8.64 22.86 29.64
N SER FA 192 -8.73 22.54 30.93
CA SER FA 192 -7.53 22.32 31.74
C SER FA 192 -6.76 21.08 31.33
N ASN FA 193 -7.36 20.20 30.53
CA ASN FA 193 -6.69 18.99 30.06
C ASN FA 193 -5.94 19.21 28.75
N PHE FA 194 -5.92 20.44 28.23
CA PHE FA 194 -5.24 20.70 26.98
C PHE FA 194 -3.73 20.60 27.16
N VAL FA 195 -3.08 19.84 26.28
CA VAL FA 195 -1.64 19.64 26.35
C VAL FA 195 -1.02 20.03 25.01
N PRO FA 196 -0.62 21.28 24.84
CA PRO FA 196 0.03 21.67 23.58
C PRO FA 196 1.42 21.06 23.46
N ILE FA 197 1.81 20.79 22.21
CA ILE FA 197 3.10 20.21 21.93
C ILE FA 197 4.07 21.22 21.33
N ASN FA 198 3.59 22.26 20.67
CA ASN FA 198 4.46 23.24 20.04
C ASN FA 198 3.76 24.59 19.98
N PHE FA 199 4.53 25.62 19.66
CA PHE FA 199 4.01 26.99 19.67
C PHE FA 199 2.92 27.17 18.63
N THR FA 200 2.97 26.43 17.52
CA THR FA 200 1.90 26.51 16.53
C THR FA 200 0.58 26.03 17.11
N GLU FA 201 0.60 24.90 17.82
CA GLU FA 201 -0.60 24.41 18.48
C GLU FA 201 -1.06 25.38 19.56
N PHE FA 202 -0.12 25.99 20.28
CA PHE FA 202 -0.48 26.97 21.31
C PHE FA 202 -1.19 28.16 20.69
N VAL FA 203 -0.69 28.65 19.55
CA VAL FA 203 -1.32 29.79 18.88
C VAL FA 203 -2.70 29.42 18.35
N GLN FA 204 -2.84 28.22 17.79
CA GLN FA 204 -4.16 27.77 17.34
C GLN FA 204 -5.13 27.68 18.50
N ALA FA 205 -4.66 27.19 19.66
CA ALA FA 205 -5.51 27.14 20.84
C ALA FA 205 -5.92 28.53 21.29
N ILE FA 206 -5.00 29.50 21.22
CA ILE FA 206 -5.33 30.87 21.58
C ILE FA 206 -6.42 31.42 20.67
N SER FA 207 -6.28 31.18 19.36
CA SER FA 207 -7.29 31.66 18.43
C SER FA 207 -8.65 31.00 18.68
N ASN FA 208 -8.65 29.69 18.95
CA ASN FA 208 -9.90 29.01 19.25
C ASN FA 208 -10.53 29.53 20.53
N THR FA 209 -9.70 29.83 21.53
CA THR FA 209 -10.21 30.38 22.78
C THR FA 209 -10.85 31.76 22.54
N TYR FA 210 -10.21 32.58 21.72
CA TYR FA 210 -10.81 33.88 21.39
C TYR FA 210 -12.15 33.70 20.68
N LYS FA 211 -12.22 32.76 19.74
CA LYS FA 211 -13.47 32.51 19.02
C LYS FA 211 -14.57 32.04 19.97
N GLN FA 212 -14.23 31.12 20.87
CA GLN FA 212 -15.21 30.62 21.83
C GLN FA 212 -15.67 31.73 22.76
N ARG FA 213 -14.76 32.60 23.18
CA ARG FA 213 -15.13 33.71 24.04
C ARG FA 213 -16.07 34.67 23.33
N ARG FA 214 -15.81 34.93 22.04
CA ARG FA 214 -16.72 35.77 21.26
C ARG FA 214 -18.10 35.12 21.14
N ILE FA 215 -18.13 33.81 20.90
CA ILE FA 215 -19.41 33.10 20.78
C ILE FA 215 -20.18 33.19 22.09
N GLN FA 216 -19.49 33.01 23.21
CA GLN FA 216 -20.13 33.12 24.52
C GLN FA 216 -20.66 34.53 24.76
N PHE FA 217 -19.90 35.55 24.37
CA PHE FA 217 -20.37 36.92 24.53
C PHE FA 217 -21.64 37.15 23.72
N TYR FA 218 -21.66 36.70 22.47
CA TYR FA 218 -22.85 36.89 21.65
C TYR FA 218 -24.03 36.05 22.14
N GLU FA 219 -23.77 34.93 22.81
CA GLU FA 219 -24.85 34.16 23.40
C GLU FA 219 -25.42 34.83 24.64
N ASN FA 220 -24.58 35.50 25.42
CA ASN FA 220 -25.02 36.17 26.65
C ASN FA 220 -25.39 37.63 26.44
N LEU FA 221 -25.30 38.14 25.22
CA LEU FA 221 -25.63 39.54 24.97
C LEU FA 221 -27.12 39.79 25.15
N LYS FA 222 -27.45 40.96 25.70
CA LYS FA 222 -28.83 41.38 25.93
C LYS FA 222 -28.95 42.84 25.51
N ARG FA 223 -29.34 43.07 24.27
CA ARG FA 223 -29.45 44.43 23.75
C ARG FA 223 -30.70 45.12 24.28
N ALA GA 187 19.89 18.61 48.32
CA ALA GA 187 20.07 19.78 47.46
C ALA GA 187 21.51 20.27 47.51
N SER GA 188 22.46 19.33 47.37
CA SER GA 188 23.87 19.65 47.39
C SER GA 188 24.58 18.88 46.28
N LEU GA 189 25.55 19.54 45.64
CA LEU GA 189 26.31 18.88 44.59
C LEU GA 189 27.18 17.75 45.14
N LEU GA 190 27.57 17.85 46.41
CA LEU GA 190 28.36 16.79 47.03
C LEU GA 190 27.60 15.47 47.05
N ASP GA 191 26.28 15.53 47.15
CA ASP GA 191 25.47 14.32 47.12
C ASP GA 191 25.53 13.68 45.73
N SER GA 192 25.57 12.35 45.70
CA SER GA 192 25.60 11.61 44.45
C SER GA 192 24.22 11.30 43.90
N ASN GA 193 23.16 11.57 44.67
CA ASN GA 193 21.80 11.28 44.24
C ASN GA 193 21.03 12.53 43.85
N PHE GA 194 21.72 13.66 43.65
CA PHE GA 194 21.07 14.92 43.32
C PHE GA 194 20.91 15.03 41.81
N VAL GA 195 19.66 15.07 41.34
CA VAL GA 195 19.35 15.27 39.94
C VAL GA 195 18.54 16.56 39.81
N PRO GA 196 19.17 17.66 39.43
CA PRO GA 196 18.45 18.93 39.32
C PRO GA 196 17.46 18.91 38.16
N ILE GA 197 16.46 19.79 38.27
CA ILE GA 197 15.46 19.94 37.23
C ILE GA 197 15.61 21.22 36.44
N ASN GA 198 16.20 22.27 37.02
CA ASN GA 198 16.35 23.52 36.30
C ASN GA 198 17.53 24.31 36.89
N PHE GA 199 17.83 25.43 36.23
CA PHE GA 199 18.98 26.24 36.62
C PHE GA 199 18.81 26.83 38.02
N THR GA 200 17.58 27.12 38.42
CA THR GA 200 17.35 27.64 39.77
C THR GA 200 17.75 26.61 40.82
N GLU GA 201 17.31 25.36 40.65
CA GLU GA 201 17.72 24.30 41.56
C GLU GA 201 19.23 24.09 41.50
N PHE GA 202 19.82 24.24 40.31
CA PHE GA 202 21.27 24.09 40.18
C PHE GA 202 22.00 25.15 41.01
N VAL GA 203 21.53 26.40 40.95
CA VAL GA 203 22.16 27.47 41.71
C VAL GA 203 21.97 27.27 43.20
N GLN GA 204 20.77 26.85 43.63
CA GLN GA 204 20.56 26.57 45.04
C GLN GA 204 21.48 25.45 45.53
N ALA GA 205 21.66 24.41 44.71
CA ALA GA 205 22.58 23.34 45.05
C ALA GA 205 24.01 23.85 45.16
N ILE GA 206 24.41 24.74 44.26
CA ILE GA 206 25.76 25.31 44.32
C ILE GA 206 25.96 26.05 45.63
N SER GA 207 24.98 26.88 46.01
CA SER GA 207 25.10 27.63 47.25
C SER GA 207 25.15 26.70 48.46
N ASN GA 208 24.31 25.67 48.49
CA ASN GA 208 24.31 24.73 49.60
C ASN GA 208 25.64 23.99 49.67
N THR GA 209 26.19 23.61 48.52
CA THR GA 209 27.49 22.94 48.49
C THR GA 209 28.59 23.85 49.01
N TYR GA 210 28.56 25.13 48.64
CA TYR GA 210 29.54 26.06 49.18
C TYR GA 210 29.44 26.17 50.70
N LYS GA 211 28.21 26.25 51.22
CA LYS GA 211 28.03 26.33 52.67
C LYS GA 211 28.55 25.07 53.36
N GLN GA 212 28.25 23.90 52.79
CA GLN GA 212 28.72 22.65 53.38
C GLN GA 212 30.25 22.56 53.34
N ARG GA 213 30.85 23.05 52.25
CA ARG GA 213 32.31 23.06 52.17
C ARG GA 213 32.91 23.97 53.24
N ARG GA 214 32.29 25.13 53.47
CA ARG GA 214 32.78 26.00 54.55
C ARG GA 214 32.66 25.33 55.90
N ILE GA 215 31.53 24.66 56.15
CA ILE GA 215 31.34 23.98 57.43
C ILE GA 215 32.37 22.88 57.62
N GLN GA 216 32.62 22.10 56.57
CA GLN GA 216 33.62 21.03 56.66
C GLN GA 216 35.02 21.58 56.84
N PHE GA 217 35.32 22.70 56.18
CA PHE GA 217 36.63 23.34 56.37
C PHE GA 217 36.82 23.77 57.81
N TYR GA 218 35.80 24.36 58.42
CA TYR GA 218 35.93 24.76 59.81
C TYR GA 218 35.99 23.56 60.74
N GLU GA 219 35.32 22.46 60.39
CA GLU GA 219 35.43 21.25 61.19
C GLU GA 219 36.84 20.68 61.14
N ASN GA 220 37.45 20.66 59.96
CA ASN GA 220 38.78 20.09 59.80
C ASN GA 220 39.90 21.04 60.19
N LEU GA 221 39.61 22.33 60.35
CA LEU GA 221 40.65 23.29 60.68
C LEU GA 221 41.17 23.07 62.09
N LYS GA 222 42.49 23.14 62.23
CA LYS GA 222 43.16 23.06 63.53
C LYS GA 222 44.14 24.21 63.64
N ARG GA 223 44.07 24.96 64.73
CA ARG GA 223 44.91 26.13 64.91
C ARG GA 223 46.03 25.86 65.91
N MET HA 1 -16.21 -8.52 -63.27
CA MET HA 1 -16.91 -9.37 -62.33
C MET HA 1 -17.18 -10.76 -62.90
N GLU HA 2 -16.96 -11.78 -62.08
CA GLU HA 2 -17.20 -13.16 -62.51
C GLU HA 2 -18.70 -13.45 -62.46
N LEU HA 3 -19.18 -14.16 -63.48
CA LEU HA 3 -20.60 -14.46 -63.60
C LEU HA 3 -21.00 -15.74 -62.86
N PHE HA 4 -20.05 -16.42 -62.23
CA PHE HA 4 -20.34 -17.57 -61.39
C PHE HA 4 -20.29 -17.15 -59.92
N ASP HA 5 -20.65 -18.07 -59.03
CA ASP HA 5 -20.69 -17.80 -57.60
C ASP HA 5 -19.27 -17.75 -57.06
N GLU HA 6 -18.64 -16.58 -57.20
CA GLU HA 6 -17.29 -16.41 -56.71
C GLU HA 6 -17.24 -16.29 -55.19
N ASN HA 7 -18.34 -15.89 -54.56
CA ASN HA 7 -18.38 -15.82 -53.10
C ASN HA 7 -18.19 -17.18 -52.47
N TYR HA 8 -18.45 -18.26 -53.20
CA TYR HA 8 -18.23 -19.60 -52.68
C TYR HA 8 -16.76 -19.84 -52.38
N TYR HA 9 -15.86 -19.27 -53.18
CA TYR HA 9 -14.43 -19.49 -53.02
C TYR HA 9 -13.81 -18.57 -51.96
N ALA HA 10 -14.55 -17.60 -51.45
CA ALA HA 10 -14.07 -16.73 -50.37
C ALA HA 10 -14.14 -17.52 -49.07
N LYS HA 11 -13.15 -18.39 -48.87
CA LYS HA 11 -13.13 -19.32 -47.74
C LYS HA 11 -12.29 -18.81 -46.57
N ALA HA 12 -11.81 -17.58 -46.64
CA ALA HA 12 -11.04 -16.99 -45.55
C ALA HA 12 -11.19 -15.48 -45.61
N VAL HA 13 -11.39 -14.86 -44.45
CA VAL HA 13 -11.55 -13.41 -44.35
C VAL HA 13 -10.60 -12.91 -43.27
N ALA HA 14 -9.77 -11.93 -43.62
CA ALA HA 14 -8.86 -11.28 -42.69
C ALA HA 14 -9.15 -9.78 -42.69
N ASN HA 15 -9.29 -9.22 -41.50
CA ASN HA 15 -9.64 -7.81 -41.34
C ASN HA 15 -8.50 -7.09 -40.62
N ILE HA 16 -7.94 -6.08 -41.28
CA ILE HA 16 -6.80 -5.34 -40.75
C ILE HA 16 -7.34 -4.08 -40.07
N ILE HA 17 -7.23 -4.02 -38.76
CA ILE HA 17 -7.64 -2.85 -37.99
C ILE HA 17 -6.45 -2.10 -37.42
N GLY HA 18 -5.29 -2.73 -37.29
CA GLY HA 18 -4.17 -2.08 -36.65
C GLY HA 18 -4.34 -2.04 -35.14
N GLU HA 19 -3.58 -1.16 -34.51
CA GLU HA 19 -3.57 -1.05 -33.06
C GLU HA 19 -3.08 0.33 -32.66
N VAL HA 20 -3.62 0.83 -31.55
CA VAL HA 20 -3.16 2.13 -31.02
C VAL HA 20 -1.74 1.94 -30.51
N LYS HA 21 -0.77 2.47 -31.25
CA LYS HA 21 0.63 2.32 -30.92
C LYS HA 21 1.13 3.51 -30.12
N ASP HA 22 2.33 3.37 -29.57
CA ASP HA 22 2.92 4.46 -28.81
C ASP HA 22 3.24 5.62 -29.74
N PRO HA 23 3.01 6.86 -29.30
CA PRO HA 23 3.33 8.02 -30.15
C PRO HA 23 4.82 8.07 -30.45
N ILE HA 24 5.15 8.53 -31.67
CA ILE HA 24 6.55 8.64 -32.07
C ILE HA 24 7.24 9.84 -31.45
N MET HA 25 6.50 10.73 -30.79
CA MET HA 25 7.11 11.88 -30.13
C MET HA 25 7.95 11.48 -28.94
N TYR HA 26 7.71 10.29 -28.37
CA TYR HA 26 8.51 9.83 -27.24
C TYR HA 26 9.97 9.66 -27.62
N LYS HA 27 10.25 9.37 -28.89
CA LYS HA 27 11.62 9.18 -29.35
C LYS HA 27 12.41 10.48 -29.38
N TRP HA 28 11.75 11.64 -29.28
CA TRP HA 28 12.42 12.93 -29.31
C TRP HA 28 12.73 13.48 -27.93
N PHE HA 29 12.45 12.72 -26.87
CA PHE HA 29 12.67 13.18 -25.51
C PHE HA 29 13.25 12.05 -24.67
N SER HA 30 14.01 12.44 -23.65
CA SER HA 30 14.50 11.48 -22.67
C SER HA 30 13.41 11.18 -21.65
N PRO HA 31 13.49 10.06 -20.94
CA PRO HA 31 12.46 9.73 -19.96
C PRO HA 31 12.29 10.78 -18.87
N ASP HA 32 13.38 11.44 -18.46
CA ASP HA 32 13.29 12.44 -17.41
C ASP HA 32 12.69 13.76 -17.88
N GLN HA 33 12.63 13.99 -19.19
CA GLN HA 33 12.19 15.27 -19.70
C GLN HA 33 10.67 15.44 -19.69
N ILE HA 34 9.92 14.36 -19.57
CA ILE HA 34 8.45 14.39 -19.68
C ILE HA 34 7.85 14.24 -18.30
N GLU HA 35 6.97 15.18 -17.93
CA GLU HA 35 6.29 15.14 -16.64
C GLU HA 35 4.85 15.60 -16.82
N ASP HA 36 3.90 14.74 -16.49
CA ASP HA 36 2.49 15.06 -16.69
C ASP HA 36 2.03 16.13 -15.71
N VAL HA 37 1.00 16.89 -16.14
CA VAL HA 37 0.36 17.89 -15.30
C VAL HA 37 -1.14 17.66 -15.33
N ASP HA 38 -1.82 18.17 -14.31
CA ASP HA 38 -3.26 17.98 -14.14
C ASP HA 38 -3.97 19.25 -14.62
N LEU HA 39 -4.45 19.23 -15.85
CA LEU HA 39 -5.13 20.37 -16.45
C LEU HA 39 -5.81 19.92 -17.73
N GLN HA 40 -6.82 20.67 -18.15
CA GLN HA 40 -7.50 20.43 -19.41
C GLN HA 40 -7.46 21.63 -20.35
N MET HA 41 -7.62 22.84 -19.82
CA MET HA 41 -7.61 24.04 -20.62
C MET HA 41 -7.26 25.22 -19.73
N GLY HA 42 -6.57 26.21 -20.30
CA GLY HA 42 -6.23 27.42 -19.58
C GLY HA 42 -4.72 27.64 -19.55
N TYR HA 43 -4.23 28.17 -18.42
CA TYR HA 43 -2.81 28.42 -18.26
C TYR HA 43 -2.36 27.98 -16.88
N GLN HA 44 -1.15 27.45 -16.81
CA GLN HA 44 -0.52 27.07 -15.56
C GLN HA 44 0.82 27.77 -15.43
N LYS HA 45 1.13 28.27 -14.24
CA LYS HA 45 2.34 29.02 -13.98
C LYS HA 45 3.32 28.16 -13.20
N THR HA 46 4.56 28.10 -13.68
CA THR HA 46 5.63 27.34 -13.04
C THR HA 46 6.72 28.31 -12.61
N VAL HA 47 7.19 28.16 -11.37
CA VAL HA 47 8.21 29.02 -10.80
C VAL HA 47 9.51 28.24 -10.71
N LYS HA 48 10.57 28.79 -11.30
CA LYS HA 48 11.91 28.24 -11.19
C LYS HA 48 12.68 29.06 -10.17
N TRP HA 49 13.23 28.36 -9.17
CA TRP HA 49 14.01 28.99 -8.11
C TRP HA 49 15.49 28.84 -8.43
N ASP HA 50 16.27 29.84 -8.02
CA ASP HA 50 17.68 29.92 -8.41
C ASP HA 50 18.48 30.52 -7.25
N ALA HA 51 19.77 30.20 -7.21
CA ALA HA 51 20.65 30.67 -6.15
C ALA HA 51 21.94 31.20 -6.73
N PHE HA 52 22.60 32.07 -5.98
CA PHE HA 52 23.87 32.65 -6.41
C PHE HA 52 24.68 33.04 -5.19
N LEU HA 53 25.99 33.20 -5.39
CA LEU HA 53 26.91 33.60 -4.34
C LEU HA 53 27.15 35.10 -4.43
N ASN HA 54 27.10 35.80 -3.30
CA ASN HA 54 27.29 37.24 -3.32
C ASN HA 54 28.75 37.66 -3.27
N ALA HA 55 29.62 36.83 -2.67
CA ALA HA 55 31.03 37.16 -2.54
C ALA HA 55 31.80 35.88 -2.25
N ASN HA 56 33.11 36.02 -2.08
CA ASN HA 56 33.94 34.89 -1.70
C ASN HA 56 33.56 34.41 -0.30
N PRO HA 57 33.75 33.12 -0.02
CA PRO HA 57 33.38 32.60 1.31
C PRO HA 57 34.21 33.23 2.41
N THR HA 58 33.76 33.02 3.64
CA THR HA 58 34.36 33.62 4.82
C THR HA 58 35.19 32.58 5.58
N THR HA 59 36.42 32.93 5.91
CA THR HA 59 37.28 32.05 6.68
C THR HA 59 36.89 32.10 8.15
N ILE HA 60 36.58 30.93 8.72
CA ILE HA 60 36.15 30.84 10.13
C ILE HA 60 37.43 30.71 10.95
N ALA HA 61 37.95 31.86 11.39
CA ALA HA 61 39.13 31.92 12.23
C ALA HA 61 38.86 32.88 13.38
N ASN HA 62 39.10 32.40 14.60
CA ASN HA 62 38.91 33.19 15.83
C ASN HA 62 37.45 33.62 15.89
N GLU HA 63 37.15 34.87 16.23
CA GLU HA 63 35.79 35.37 16.37
C GLU HA 63 35.41 36.17 15.13
N VAL HA 64 34.23 35.90 14.59
CA VAL HA 64 33.72 36.62 13.43
C VAL HA 64 32.22 36.37 13.33
N ASN HA 65 31.47 37.41 12.96
CA ASN HA 65 30.04 37.29 12.76
C ASN HA 65 29.55 37.95 11.48
N THR HA 66 30.46 38.47 10.65
CA THR HA 66 30.11 39.05 9.36
C THR HA 66 30.47 38.03 8.29
N ILE HA 67 29.45 37.34 7.77
CA ILE HA 67 29.64 36.23 6.85
C ILE HA 67 29.10 36.59 5.48
N SER HA 68 29.71 36.03 4.44
CA SER HA 68 29.23 36.23 3.08
C SER HA 68 27.89 35.54 2.89
N THR HA 69 27.13 36.02 1.90
CA THR HA 69 25.74 35.63 1.74
C THR HA 69 25.49 34.90 0.42
N ILE HA 70 24.45 34.08 0.43
CA ILE HA 70 23.96 33.38 -0.75
C ILE HA 70 22.57 33.91 -1.05
N GLY HA 71 22.41 34.55 -2.21
CA GLY HA 71 21.13 35.11 -2.57
C GLY HA 71 20.31 34.16 -3.44
N PHE HA 72 19.05 34.54 -3.64
CA PHE HA 72 18.09 33.71 -4.34
C PHE HA 72 17.28 34.55 -5.32
N SER HA 73 16.72 33.87 -6.31
CA SER HA 73 15.96 34.53 -7.36
C SER HA 73 14.87 33.59 -7.86
N SER HA 74 13.86 34.15 -8.52
CA SER HA 74 12.74 33.38 -9.04
C SER HA 74 12.42 33.83 -10.46
N GLU HA 75 11.82 32.92 -11.22
CA GLU HA 75 11.32 33.25 -12.54
C GLU HA 75 10.01 32.50 -12.78
N VAL HA 76 9.00 33.22 -13.29
CA VAL HA 76 7.67 32.67 -13.48
C VAL HA 76 7.41 32.51 -14.97
N VAL HA 77 6.99 31.32 -15.38
CA VAL HA 77 6.71 31.02 -16.77
C VAL HA 77 5.28 30.48 -16.88
N ARG HA 78 4.53 30.98 -17.85
CA ARG HA 78 3.13 30.60 -18.05
C ARG HA 78 3.00 29.73 -19.29
N LEU HA 79 2.35 28.57 -19.13
CA LEU HA 79 2.14 27.63 -20.22
C LEU HA 79 0.64 27.48 -20.47
N ASN HA 80 0.23 27.56 -21.73
CA ASN HA 80 -1.16 27.46 -22.12
C ASN HA 80 -1.48 26.05 -22.64
N TYR HA 81 -2.66 25.57 -22.28
CA TYR HA 81 -3.15 24.27 -22.70
C TYR HA 81 -4.52 24.43 -23.34
N LEU HA 82 -4.73 23.76 -24.47
CA LEU HA 82 -5.93 23.89 -25.30
C LEU HA 82 -6.62 22.54 -25.42
N LYS HA 83 -7.94 22.54 -25.30
CA LYS HA 83 -8.74 21.33 -25.40
C LYS HA 83 -9.41 21.29 -26.77
N LEU HA 84 -9.34 20.13 -27.43
CA LEU HA 84 -9.88 19.95 -28.77
C LEU HA 84 -10.66 18.63 -28.83
N GLN HA 85 -11.60 18.58 -29.77
CA GLN HA 85 -12.53 17.46 -29.84
C GLN HA 85 -12.76 17.05 -31.29
N TYR HA 86 -13.10 15.77 -31.47
CA TYR HA 86 -13.49 15.21 -32.75
C TYR HA 86 -14.72 14.34 -32.57
N LYS HA 87 -15.51 14.21 -33.64
CA LYS HA 87 -16.72 13.40 -33.62
C LYS HA 87 -16.65 12.33 -34.70
N PHE HA 88 -17.13 11.13 -34.39
CA PHE HA 88 -17.15 10.05 -35.38
C PHE HA 88 -18.41 9.22 -35.21
N ARG HA 89 -18.93 8.75 -36.35
CA ARG HA 89 -20.11 7.89 -36.39
C ARG HA 89 -19.70 6.42 -36.27
N HIS HA 90 -20.60 5.62 -35.72
CA HIS HA 90 -20.35 4.20 -35.55
C HIS HA 90 -21.68 3.47 -35.41
N LEU HA 91 -21.62 2.15 -35.46
CA LEU HA 91 -22.81 1.33 -35.26
C LEU HA 91 -23.24 1.37 -33.80
N LYS HA 92 -24.56 1.40 -33.60
CA LYS HA 92 -25.09 1.26 -32.25
C LYS HA 92 -24.82 -0.14 -31.72
N GLN HA 93 -24.69 -0.26 -30.40
CA GLN HA 93 -24.29 -1.53 -29.82
C GLN HA 93 -25.30 -2.64 -30.10
N THR HA 94 -26.59 -2.30 -30.06
CA THR HA 94 -27.63 -3.30 -30.25
C THR HA 94 -27.80 -3.73 -31.70
N SER HA 95 -27.20 -3.02 -32.64
CA SER HA 95 -27.29 -3.35 -34.06
C SER HA 95 -26.14 -4.21 -34.55
N GLU HA 96 -25.21 -4.57 -33.66
CA GLU HA 96 -24.04 -5.33 -34.08
C GLU HA 96 -24.41 -6.75 -34.50
N LYS HA 97 -25.37 -7.38 -33.82
CA LYS HA 97 -25.76 -8.73 -34.20
C LYS HA 97 -26.42 -8.77 -35.58
N PHE HA 98 -26.97 -7.65 -36.05
CA PHE HA 98 -27.56 -7.60 -37.38
C PHE HA 98 -26.59 -7.10 -38.43
N TYR HA 99 -25.59 -6.30 -38.05
CA TYR HA 99 -24.66 -5.74 -39.01
C TYR HA 99 -23.31 -6.44 -39.02
N THR HA 100 -23.13 -7.50 -38.24
CA THR HA 100 -21.84 -8.16 -38.09
C THR HA 100 -22.02 -9.67 -38.24
N SER HA 101 -21.45 -10.23 -39.30
CA SER HA 101 -21.42 -11.68 -39.48
C SER HA 101 -20.05 -12.20 -39.03
N ASP HA 102 -19.79 -13.49 -39.29
CA ASP HA 102 -18.47 -14.04 -39.00
C ASP HA 102 -17.41 -13.60 -40.00
N SER HA 103 -17.83 -13.22 -41.21
CA SER HA 103 -16.92 -12.74 -42.24
C SER HA 103 -16.96 -11.23 -42.42
N TYR HA 104 -17.64 -10.52 -41.51
CA TYR HA 104 -17.77 -9.07 -41.61
C TYR HA 104 -17.64 -8.46 -40.22
N ILE HA 105 -17.24 -7.19 -40.19
CA ILE HA 105 -17.24 -6.40 -38.99
C ILE HA 105 -18.30 -5.30 -39.04
N GLY HA 106 -18.48 -4.68 -40.20
CA GLY HA 106 -19.48 -3.66 -40.36
C GLY HA 106 -19.89 -3.50 -41.81
N ASP HA 107 -20.68 -2.47 -42.08
CA ASP HA 107 -21.16 -2.19 -43.43
C ASP HA 107 -19.99 -1.76 -44.29
N ILE HA 108 -19.53 -2.65 -45.18
CA ILE HA 108 -18.52 -2.25 -46.15
C ILE HA 108 -19.11 -1.28 -47.17
N ASN HA 109 -20.40 -1.41 -47.46
CA ASN HA 109 -21.04 -0.53 -48.43
C ASN HA 109 -21.16 0.89 -47.89
N ASN HA 110 -21.45 1.03 -46.60
CA ASN HA 110 -21.64 2.35 -45.99
C ASN HA 110 -20.50 2.76 -45.07
N ASN HA 111 -19.44 1.96 -44.97
CA ASN HA 111 -18.27 2.27 -44.15
C ASN HA 111 -18.67 2.56 -42.70
N LEU HA 112 -19.49 1.68 -42.14
CA LEU HA 112 -19.99 1.80 -40.78
C LEU HA 112 -19.33 0.72 -39.93
N LEU HA 113 -18.68 1.12 -38.84
CA LEU HA 113 -17.88 0.24 -38.01
C LEU HA 113 -18.39 0.24 -36.58
N PRO HA 114 -18.13 -0.82 -35.83
CA PRO HA 114 -18.46 -0.82 -34.40
C PRO HA 114 -17.59 0.17 -33.63
N PHE HA 115 -18.02 0.41 -32.39
CA PHE HA 115 -17.41 1.46 -31.59
C PHE HA 115 -15.93 1.19 -31.33
N ALA HA 116 -15.58 -0.05 -31.01
CA ALA HA 116 -14.19 -0.34 -30.64
C ALA HA 116 -13.25 -0.07 -31.80
N GLN HA 117 -13.55 -0.61 -32.97
CA GLN HA 117 -12.70 -0.42 -34.14
C GLN HA 117 -12.65 1.05 -34.56
N ALA HA 118 -13.81 1.71 -34.57
CA ALA HA 118 -13.84 3.12 -34.95
C ALA HA 118 -13.01 3.96 -33.98
N TYR HA 119 -13.14 3.70 -32.69
CA TYR HA 119 -12.37 4.43 -31.69
C TYR HA 119 -10.88 4.20 -31.86
N LYS HA 120 -10.48 2.95 -32.15
CA LYS HA 120 -9.05 2.67 -32.33
C LYS HA 120 -8.49 3.44 -33.53
N LEU HA 121 -9.20 3.40 -34.66
CA LEU HA 121 -8.72 4.12 -35.84
C LEU HA 121 -8.66 5.63 -35.59
N ALA HA 122 -9.70 6.18 -34.98
CA ALA HA 122 -9.72 7.61 -34.71
C ALA HA 122 -8.60 8.01 -33.74
N SER HA 123 -8.35 7.16 -32.74
CA SER HA 123 -7.27 7.43 -31.80
C SER HA 123 -5.92 7.45 -32.50
N SER HA 124 -5.70 6.51 -33.42
CA SER HA 124 -4.44 6.51 -34.16
C SER HA 124 -4.28 7.80 -34.97
N GLU HA 125 -5.34 8.23 -35.65
CA GLU HA 125 -5.25 9.47 -36.43
C GLU HA 125 -4.98 10.67 -35.54
N ILE HA 126 -5.65 10.75 -34.38
CA ILE HA 126 -5.47 11.89 -33.50
C ILE HA 126 -4.06 11.88 -32.91
N ILE HA 127 -3.51 10.70 -32.63
CA ILE HA 127 -2.15 10.62 -32.12
C ILE HA 127 -1.15 11.11 -33.17
N LYS HA 128 -1.39 10.76 -34.44
CA LYS HA 128 -0.54 11.30 -35.50
C LYS HA 128 -0.61 12.82 -35.53
N LEU HA 129 -1.81 13.38 -35.41
CA LEU HA 129 -1.95 14.84 -35.39
C LEU HA 129 -1.20 15.46 -34.22
N ILE HA 130 -1.28 14.83 -33.04
CA ILE HA 130 -0.60 15.34 -31.86
C ILE HA 130 0.91 15.31 -32.06
N ASN HA 131 1.43 14.23 -32.65
CA ASN HA 131 2.85 14.17 -32.95
C ASN HA 131 3.27 15.29 -33.89
N HIS HA 132 2.45 15.56 -34.91
CA HIS HA 132 2.76 16.65 -35.82
C HIS HA 132 2.79 17.99 -35.09
N PHE HA 133 1.83 18.23 -34.20
CA PHE HA 133 1.84 19.47 -33.44
C PHE HA 133 3.09 19.59 -32.58
N VAL HA 134 3.45 18.52 -31.87
CA VAL HA 134 4.59 18.59 -30.97
C VAL HA 134 5.86 18.86 -31.75
N LEU HA 135 6.01 18.26 -32.93
CA LEU HA 135 7.21 18.49 -33.71
C LEU HA 135 7.25 19.90 -34.31
N THR HA 136 6.15 20.32 -34.93
CA THR HA 136 6.15 21.56 -35.71
C THR HA 136 5.59 22.76 -34.96
N GLY HA 137 4.66 22.56 -34.04
CA GLY HA 137 4.01 23.66 -33.35
C GLY HA 137 2.78 24.20 -34.06
N THR HA 138 2.39 23.63 -35.19
CA THR HA 138 1.22 24.04 -35.93
C THR HA 138 0.26 22.86 -36.08
N VAL HA 139 -1.02 23.19 -36.26
CA VAL HA 139 -2.07 22.19 -36.43
C VAL HA 139 -2.64 22.34 -37.83
N SER HA 140 -2.47 21.32 -38.65
CA SER HA 140 -3.00 21.31 -40.00
C SER HA 140 -3.17 19.88 -40.47
N ILE HA 141 -4.04 19.68 -41.45
CA ILE HA 141 -4.31 18.37 -42.03
C ILE HA 141 -3.99 18.33 -43.51
N GLN HA 142 -3.31 19.34 -44.04
CA GLN HA 142 -2.95 19.40 -45.45
C GLN HA 142 -1.46 19.17 -45.63
N LYS HA 143 -1.10 18.52 -46.73
CA LYS HA 143 0.31 18.30 -47.04
C LYS HA 143 1.02 19.62 -47.33
N ASP HA 144 0.29 20.61 -47.86
CA ASP HA 144 0.89 21.92 -48.07
C ASP HA 144 1.20 22.62 -46.75
N GLY HA 145 0.51 22.24 -45.68
CA GLY HA 145 0.70 22.88 -44.39
C GLY HA 145 -0.07 24.16 -44.20
N LYS HA 146 -0.94 24.51 -45.12
CA LYS HA 146 -1.75 25.73 -45.01
C LYS HA 146 -3.04 25.42 -44.28
N ASN HA 147 -3.95 26.40 -44.21
CA ASN HA 147 -5.19 26.29 -43.46
C ASN HA 147 -4.92 25.91 -42.00
N GLN HA 148 -3.89 26.52 -41.43
CA GLN HA 148 -3.49 26.21 -40.06
C GLN HA 148 -4.53 26.74 -39.08
N LYS HA 149 -4.78 25.96 -38.03
CA LYS HA 149 -5.66 26.40 -36.95
C LYS HA 149 -4.94 27.42 -36.09
N ARG HA 150 -5.61 28.53 -35.80
CA ARG HA 150 -5.03 29.55 -34.94
C ARG HA 150 -4.96 29.04 -33.50
N LEU HA 151 -3.79 29.15 -32.90
CA LEU HA 151 -3.53 28.61 -31.57
C LEU HA 151 -3.33 29.75 -30.58
N LEU HA 152 -3.34 29.38 -29.30
CA LEU HA 152 -3.18 30.32 -28.21
C LEU HA 152 -1.73 30.79 -28.09
N PRO HA 153 -1.51 31.96 -27.52
CA PRO HA 153 -0.13 32.37 -27.20
C PRO HA 153 0.46 31.47 -26.12
N ASN HA 154 1.79 31.47 -26.07
CA ASN HA 154 2.55 30.61 -25.16
C ASN HA 154 2.27 29.13 -25.44
N MET HA 155 2.08 28.80 -26.72
CA MET HA 155 1.89 27.42 -27.18
C MET HA 155 2.80 27.23 -28.38
N TYR HA 156 3.92 26.55 -28.18
CA TYR HA 156 4.94 26.42 -29.21
C TYR HA 156 5.41 24.98 -29.31
N GLY HA 157 5.91 24.63 -30.50
CA GLY HA 157 6.63 23.39 -30.71
C GLY HA 157 8.12 23.61 -30.76
N LEU HA 158 8.85 22.54 -31.08
CA LEU HA 158 10.29 22.64 -31.19
C LEU HA 158 10.71 23.55 -32.33
N LEU HA 159 10.00 23.48 -33.46
CA LEU HA 159 10.42 24.22 -34.65
C LEU HA 159 10.15 25.72 -34.53
N ASN HA 160 9.10 26.12 -33.82
CA ASN HA 160 8.69 27.52 -33.78
C ASN HA 160 8.88 28.16 -32.41
N MET HA 161 9.68 27.56 -31.55
CA MET HA 161 9.94 28.15 -30.25
C MET HA 161 10.68 29.48 -30.42
N PRO HA 162 10.21 30.57 -29.82
CA PRO HA 162 10.90 31.85 -29.96
C PRO HA 162 12.13 31.92 -29.09
N GLU HA 163 12.91 32.98 -29.29
CA GLU HA 163 14.13 33.24 -28.53
C GLU HA 163 15.13 32.09 -28.63
N GLN HA 164 15.20 31.45 -29.78
CA GLN HA 164 16.16 30.38 -30.05
C GLN HA 164 17.04 30.78 -31.22
N ILE HA 165 17.92 29.87 -31.63
CA ILE HA 165 18.86 30.14 -32.70
C ILE HA 165 18.22 29.75 -34.02
N LYS HA 166 18.18 30.70 -34.96
CA LYS HA 166 17.59 30.47 -36.28
C LYS HA 166 18.64 30.81 -37.33
N GLU HA 167 18.90 29.85 -38.21
CA GLU HA 167 19.80 30.04 -39.33
C GLU HA 167 19.04 29.80 -40.64
N GLU HA 168 19.41 30.55 -41.66
CA GLU HA 168 18.74 30.48 -42.95
C GLU HA 168 19.76 30.27 -44.05
N VAL HA 169 19.57 29.22 -44.85
CA VAL HA 169 20.41 28.93 -46.00
C VAL HA 169 19.72 29.49 -47.23
N ALA HA 170 20.44 30.34 -47.98
CA ALA HA 170 19.85 31.05 -49.10
C ALA HA 170 19.45 30.10 -50.22
N SER HA 171 18.53 30.57 -51.06
CA SER HA 171 18.03 29.75 -52.16
C SER HA 171 19.13 29.40 -53.15
N GLY HA 172 20.10 30.28 -53.33
CA GLY HA 172 21.22 29.98 -54.21
C GLY HA 172 22.10 28.86 -53.72
N ASP HA 173 22.11 28.61 -52.41
CA ASP HA 173 22.93 27.56 -51.81
C ASP HA 173 22.07 26.44 -51.22
N LYS HA 174 20.87 26.24 -51.76
CA LYS HA 174 19.98 25.21 -51.24
C LYS HA 174 20.52 23.80 -51.47
N ASP HA 175 21.46 23.63 -52.40
CA ASP HA 175 22.05 22.33 -52.71
C ASP HA 175 23.55 22.32 -52.44
N LYS HA 176 24.00 23.11 -51.47
CA LYS HA 176 25.41 23.20 -51.12
C LYS HA 176 25.58 22.75 -49.67
N MET HA 177 25.96 21.48 -49.49
CA MET HA 177 26.14 20.94 -48.16
C MET HA 177 27.24 21.67 -47.40
N ASP HA 178 28.23 22.21 -48.10
CA ASP HA 178 29.25 23.01 -47.42
C ASP HA 178 28.65 24.26 -46.80
N LYS HA 179 27.78 24.96 -47.54
CA LYS HA 179 27.12 26.14 -46.98
C LYS HA 179 26.20 25.76 -45.84
N ILE HA 180 25.46 24.65 -45.98
CA ILE HA 180 24.57 24.20 -44.90
C ILE HA 180 25.38 23.89 -43.65
N PHE HA 181 26.52 23.22 -43.81
CA PHE HA 181 27.37 22.91 -42.67
C PHE HA 181 27.99 24.16 -42.06
N GLU HA 182 28.31 25.17 -42.88
CA GLU HA 182 28.78 26.44 -42.34
C GLU HA 182 27.72 27.09 -41.47
N LYS HA 183 26.47 27.10 -41.93
CA LYS HA 183 25.38 27.64 -41.12
C LYS HA 183 25.21 26.83 -39.83
N ILE HA 184 25.34 25.51 -39.92
CA ILE HA 184 25.22 24.66 -38.73
C ILE HA 184 26.34 24.97 -37.74
N GLU HA 185 27.56 25.17 -38.23
CA GLU HA 185 28.66 25.53 -37.34
C GLU HA 185 28.40 26.87 -36.66
N ALA HA 186 27.88 27.85 -37.41
CA ALA HA 186 27.55 29.13 -36.80
C ALA HA 186 26.51 28.98 -35.71
N GLY HA 187 25.46 28.19 -35.97
CA GLY HA 187 24.44 27.97 -34.96
C GLY HA 187 25.00 27.26 -33.72
N LEU HA 188 25.84 26.25 -33.93
CA LEU HA 188 26.43 25.53 -32.81
C LEU HA 188 27.31 26.45 -31.98
N SER HA 189 28.04 27.35 -32.64
CA SER HA 189 28.82 28.34 -31.91
C SER HA 189 27.92 29.26 -31.09
N LYS HA 190 26.78 29.67 -31.67
CA LYS HA 190 25.86 30.53 -30.93
C LYS HA 190 25.08 29.80 -29.86
N LEU HA 191 25.15 28.47 -29.80
CA LEU HA 191 24.47 27.74 -28.74
C LEU HA 191 25.01 28.13 -27.37
N GLU HA 192 24.13 28.10 -26.37
CA GLU HA 192 24.48 28.49 -25.00
C GLU HA 192 23.92 27.43 -24.04
N LEU HA 193 24.77 26.48 -23.65
CA LEU HA 193 24.36 25.44 -22.72
C LEU HA 193 24.85 25.68 -21.29
N GLY HA 194 25.87 26.50 -21.11
CA GLY HA 194 26.35 26.79 -19.76
C GLY HA 194 27.00 25.57 -19.14
N ASP HA 195 26.63 25.29 -17.89
CA ASP HA 195 27.19 24.16 -17.15
C ASP HA 195 26.49 22.85 -17.46
N GLU HA 196 25.45 22.86 -18.29
CA GLU HA 196 24.72 21.65 -18.66
C GLU HA 196 25.13 21.13 -20.04
N PHE HA 197 26.36 21.44 -20.47
CA PHE HA 197 26.80 21.05 -21.80
C PHE HA 197 27.02 19.54 -21.91
N SER HA 198 27.30 18.87 -20.79
CA SER HA 198 27.55 17.43 -20.79
C SER HA 198 26.21 16.71 -20.85
N THR HA 199 25.63 16.67 -22.04
CA THR HA 199 24.32 16.10 -22.26
C THR HA 199 24.26 15.44 -23.63
N PRO HA 200 23.46 14.39 -23.79
CA PRO HA 200 23.22 13.86 -25.13
C PRO HA 200 22.46 14.86 -26.00
N MET HA 201 22.68 14.76 -27.30
CA MET HA 201 22.08 15.69 -28.25
C MET HA 201 21.22 14.94 -29.27
N MET HA 202 20.18 15.61 -29.73
CA MET HA 202 19.24 15.06 -30.70
C MET HA 202 19.19 15.96 -31.92
N VAL HA 203 19.25 15.35 -33.10
CA VAL HA 203 19.17 16.03 -34.38
C VAL HA 203 18.02 15.42 -35.16
N ILE HA 204 17.17 16.26 -35.73
CA ILE HA 204 16.05 15.84 -36.56
C ILE HA 204 16.19 16.51 -37.93
N VAL HA 205 16.12 15.71 -38.99
CA VAL HA 205 16.30 16.20 -40.34
C VAL HA 205 15.19 15.65 -41.23
N ASP HA 206 14.99 16.30 -42.38
CA ASP HA 206 14.06 15.86 -43.40
C ASP HA 206 14.72 14.86 -44.33
N PRO HA 207 13.93 14.09 -45.10
CA PRO HA 207 14.52 13.08 -45.99
C PRO HA 207 15.52 13.63 -46.99
N ALA HA 208 15.26 14.81 -47.55
CA ALA HA 208 16.23 15.40 -48.47
C ALA HA 208 17.54 15.73 -47.77
N THR HA 209 17.45 16.24 -46.54
CA THR HA 209 18.66 16.52 -45.78
C THR HA 209 19.42 15.24 -45.47
N SER HA 210 18.71 14.16 -45.16
CA SER HA 210 19.38 12.88 -44.92
C SER HA 210 20.08 12.38 -46.18
N LEU HA 211 19.42 12.52 -47.33
CA LEU HA 211 20.05 12.14 -48.60
C LEU HA 211 21.32 12.93 -48.84
N LYS HA 212 21.29 14.24 -48.53
CA LYS HA 212 22.49 15.05 -48.69
C LYS HA 212 23.57 14.66 -47.68
N LEU HA 213 23.15 14.28 -46.47
CA LEU HA 213 24.12 13.95 -45.42
C LEU HA 213 24.88 12.67 -45.73
N VAL HA 214 24.21 11.68 -46.31
CA VAL HA 214 24.88 10.40 -46.55
C VAL HA 214 25.88 10.51 -47.70
N LYS HA 215 25.97 11.69 -48.32
CA LYS HA 215 26.93 11.91 -49.38
C LYS HA 215 28.33 12.04 -48.83
N PRO HA 216 29.36 11.77 -49.65
CA PRO HA 216 30.74 11.90 -49.16
C PRO HA 216 31.07 13.34 -48.78
N TYR HA 217 31.90 13.47 -47.75
CA TYR HA 217 32.30 14.79 -47.28
C TYR HA 217 33.29 15.43 -48.26
N ALA HA 218 33.09 16.71 -48.52
CA ALA HA 218 33.95 17.44 -49.45
C ALA HA 218 34.69 18.57 -48.73
N CYS HA 227 37.86 8.88 -46.55
CA CYS HA 227 36.47 8.52 -46.86
C CYS HA 227 35.56 8.81 -45.67
N GLU HA 228 35.13 10.06 -45.55
CA GLU HA 228 34.26 10.49 -44.47
C GLU HA 228 32.98 11.06 -45.03
N LYS HA 229 31.93 11.05 -44.21
CA LYS HA 229 30.61 11.51 -44.60
C LYS HA 229 30.24 12.79 -43.85
N TRP HA 230 29.36 13.58 -44.48
CA TRP HA 230 28.87 14.79 -43.84
C TRP HA 230 28.22 14.49 -42.50
N GLU HA 231 27.53 13.35 -42.41
CA GLU HA 231 26.91 12.95 -41.15
C GLU HA 231 27.98 12.72 -40.07
N ASP HA 232 29.07 12.05 -40.43
CA ASP HA 232 30.14 11.83 -39.47
C ASP HA 232 30.77 13.14 -39.03
N VAL HA 233 30.98 14.06 -39.97
CA VAL HA 233 31.54 15.36 -39.63
C VAL HA 233 30.63 16.12 -38.67
N LEU HA 234 29.31 16.08 -38.94
CA LEU HA 234 28.35 16.74 -38.07
C LEU HA 234 28.35 16.12 -36.68
N ILE HA 235 28.42 14.79 -36.61
CA ILE HA 235 28.44 14.12 -35.32
C ILE HA 235 29.67 14.51 -34.52
N GLN HA 236 30.83 14.57 -35.18
CA GLN HA 236 32.05 15.00 -34.49
C GLN HA 236 31.93 16.45 -34.02
N THR HA 237 31.36 17.31 -34.85
CA THR HA 237 31.21 18.71 -34.47
C THR HA 237 30.31 18.85 -33.24
N ILE HA 238 29.22 18.08 -33.20
CA ILE HA 238 28.32 18.15 -32.04
C ILE HA 238 28.98 17.55 -30.80
N LYS HA 239 29.75 16.49 -30.98
CA LYS HA 239 30.49 15.91 -29.86
C LYS HA 239 31.55 16.84 -29.33
N ALA HA 240 32.06 17.74 -30.17
CA ALA HA 240 33.02 18.74 -29.70
C ALA HA 240 32.42 19.62 -28.61
N ILE HA 241 31.12 19.86 -28.65
CA ILE HA 241 30.49 20.79 -27.73
C ILE HA 241 29.64 20.12 -26.65
N ASN HA 242 29.22 18.87 -26.85
CA ASN HA 242 28.40 18.21 -25.84
C ASN HA 242 29.22 17.30 -24.92
N ASN HA 243 30.51 17.57 -24.78
CA ASN HA 243 31.42 16.76 -23.98
C ASN HA 243 31.50 15.32 -24.49
N ARG HA 244 31.38 15.15 -25.80
CA ARG HA 244 31.55 13.86 -26.47
C ARG HA 244 30.63 12.79 -25.89
N GLU HA 245 29.36 13.13 -25.74
CA GLU HA 245 28.35 12.17 -25.36
C GLU HA 245 27.53 11.77 -26.59
N ASP HA 246 26.45 11.03 -26.36
CA ASP HA 246 25.67 10.45 -27.45
C ASP HA 246 25.03 11.54 -28.31
N VAL HA 247 25.07 11.33 -29.62
CA VAL HA 247 24.40 12.18 -30.59
C VAL HA 247 23.49 11.29 -31.42
N TYR HA 248 22.18 11.54 -31.34
CA TYR HA 248 21.20 10.75 -32.07
C TYR HA 248 20.70 11.53 -33.27
N ILE HA 249 20.52 10.83 -34.40
CA ILE HA 249 20.06 11.42 -35.64
C ILE HA 249 18.76 10.74 -36.03
N GLU HA 250 17.74 11.54 -36.33
CA GLU HA 250 16.42 11.03 -36.69
C GLU HA 250 15.93 11.75 -37.94
N THR HA 251 15.08 11.06 -38.71
CA THR HA 251 14.46 11.60 -39.89
C THR HA 251 12.95 11.60 -39.70
N SER HA 252 12.30 12.69 -40.12
CA SER HA 252 10.85 12.81 -40.02
C SER HA 252 10.31 13.36 -41.32
N ASN HA 253 9.24 12.73 -41.82
CA ASN HA 253 8.56 13.24 -43.00
C ASN HA 253 7.71 14.46 -42.72
N LEU HA 254 7.51 14.81 -41.44
CA LEU HA 254 6.75 16.00 -41.10
C LEU HA 254 7.54 17.28 -41.36
N LEU HA 255 8.86 17.20 -41.44
CA LEU HA 255 9.71 18.35 -41.68
C LEU HA 255 9.97 18.51 -43.18
N LYS HA 256 10.29 19.74 -43.58
CA LYS HA 256 10.57 20.06 -44.97
C LYS HA 256 11.69 21.10 -45.00
N HIS HA 257 12.90 20.66 -45.37
CA HIS HA 257 14.06 21.54 -45.50
C HIS HA 257 14.38 22.24 -44.18
N LYS HA 258 14.23 21.51 -43.08
CA LYS HA 258 14.51 22.02 -41.74
C LYS HA 258 15.43 21.05 -41.02
N ILE HA 259 16.29 21.62 -40.17
CA ILE HA 259 17.19 20.85 -39.32
C ILE HA 259 17.02 21.35 -37.88
N LEU HA 260 16.80 20.42 -36.96
CA LEU HA 260 16.59 20.75 -35.55
C LEU HA 260 17.69 20.10 -34.73
N ILE HA 261 18.34 20.88 -33.88
CA ILE HA 261 19.37 20.36 -32.97
C ILE HA 261 19.05 20.86 -31.57
N TYR HA 262 18.98 19.94 -30.60
CA TYR HA 262 18.67 20.35 -29.24
C TYR HA 262 19.14 19.28 -28.26
N PRO HA 263 19.43 19.65 -27.02
CA PRO HA 263 19.89 18.66 -26.03
C PRO HA 263 18.74 17.91 -25.38
N LEU HA 264 19.04 16.69 -24.96
CA LEU HA 264 18.09 15.86 -24.22
C LEU HA 264 18.32 16.01 -22.71
N ASN HA 265 18.24 17.24 -22.23
CA ASN HA 265 18.48 17.56 -20.84
C ASN HA 265 17.23 18.18 -20.23
N SER HA 266 16.76 17.62 -19.12
CA SER HA 266 15.57 18.15 -18.46
C SER HA 266 15.83 19.51 -17.82
N GLU HA 267 17.09 19.88 -17.59
CA GLU HA 267 17.38 21.18 -17.03
C GLU HA 267 17.21 22.32 -18.04
N LEU HA 268 17.19 22.00 -19.33
CA LEU HA 268 17.07 23.00 -20.39
C LEU HA 268 15.74 22.92 -21.12
N ILE HA 269 15.31 21.72 -21.51
CA ILE HA 269 14.07 21.53 -22.24
C ILE HA 269 13.23 20.51 -21.48
N LYS HA 270 11.95 20.85 -21.26
CA LYS HA 270 11.02 20.00 -20.53
C LYS HA 270 9.72 19.93 -21.30
N PHE HA 271 8.99 18.83 -21.12
CA PHE HA 271 7.69 18.63 -21.73
C PHE HA 271 6.72 18.28 -20.62
N LYS HA 272 5.79 19.19 -20.34
CA LYS HA 272 4.80 19.02 -19.29
C LYS HA 272 3.40 18.90 -19.90
N PRO HA 273 3.08 17.79 -20.55
CA PRO HA 273 1.77 17.67 -21.18
C PRO HA 273 0.68 17.44 -20.15
N SER HA 274 -0.54 17.79 -20.54
CA SER HA 274 -1.69 17.43 -19.71
C SER HA 274 -1.83 15.92 -19.64
N LYS HA 275 -2.28 15.44 -18.48
CA LYS HA 275 -2.52 14.01 -18.33
C LYS HA 275 -3.68 13.52 -19.17
N TYR HA 276 -4.34 14.41 -19.92
CA TYR HA 276 -5.39 14.04 -20.86
C TYR HA 276 -5.01 14.41 -22.29
N MET HA 277 -3.71 14.57 -22.57
CA MET HA 277 -3.28 14.97 -23.90
C MET HA 277 -3.63 13.91 -24.93
N LEU HA 278 -3.43 12.63 -24.60
CA LEU HA 278 -3.74 11.55 -25.52
C LEU HA 278 -5.26 11.38 -25.61
N PRO HA 279 -5.75 10.83 -26.73
CA PRO HA 279 -7.19 10.79 -26.96
C PRO HA 279 -7.95 10.07 -25.84
N THR HA 280 -9.11 10.63 -25.49
CA THR HA 280 -9.94 10.10 -24.41
C THR HA 280 -11.40 10.14 -24.86
N PRO HA 281 -12.18 9.08 -24.63
CA PRO HA 281 -13.59 9.12 -25.01
C PRO HA 281 -14.37 10.12 -24.17
N ASN HA 282 -15.41 10.67 -24.78
CA ASN HA 282 -16.33 11.56 -24.09
C ASN HA 282 -17.56 10.78 -23.63
N GLU HA 283 -18.20 11.27 -22.57
CA GLU HA 283 -19.33 10.55 -22.00
C GLU HA 283 -20.57 10.67 -22.87
N GLN HA 284 -20.70 11.74 -23.63
CA GLN HA 284 -21.90 11.97 -24.45
C GLN HA 284 -21.88 11.09 -25.69
N VAL HA 285 -22.98 10.37 -25.90
CA VAL HA 285 -23.17 9.52 -27.07
C VAL HA 285 -24.49 9.89 -27.72
N ASP HA 286 -24.45 10.30 -28.98
CA ASP HA 286 -25.67 10.64 -29.70
C ASP HA 286 -26.39 9.37 -30.14
N LYS HA 287 -27.70 9.31 -29.85
CA LYS HA 287 -28.51 8.16 -30.21
C LYS HA 287 -29.84 8.62 -30.78
N ASP HA 288 -30.44 7.78 -31.61
CA ASP HA 288 -31.75 8.04 -32.17
C ASP HA 288 -32.44 6.70 -32.42
N SER HA 289 -33.52 6.73 -33.19
CA SER HA 289 -34.26 5.52 -33.51
C SER HA 289 -33.59 4.66 -34.56
N THR HA 290 -32.57 5.17 -35.24
CA THR HA 290 -31.87 4.43 -36.27
C THR HA 290 -30.75 3.60 -35.65
N ASP HA 291 -29.93 2.98 -36.49
CA ASP HA 291 -28.84 2.12 -36.05
C ASP HA 291 -27.49 2.82 -36.01
N VAL HA 292 -27.46 4.13 -36.26
CA VAL HA 292 -26.22 4.90 -36.32
C VAL HA 292 -26.13 5.74 -35.05
N ALA HA 293 -24.95 5.73 -34.42
CA ALA HA 293 -24.68 6.55 -33.25
C ALA HA 293 -23.41 7.35 -33.48
N HIS HA 294 -23.20 8.36 -32.64
CA HIS HA 294 -22.05 9.23 -32.75
C HIS HA 294 -21.33 9.32 -31.41
N SER HA 295 -20.01 9.46 -31.46
CA SER HA 295 -19.19 9.56 -30.26
C SER HA 295 -18.16 10.66 -30.45
N TYR HA 296 -17.58 11.10 -29.33
CA TYR HA 296 -16.64 12.21 -29.31
C TYR HA 296 -15.35 11.80 -28.61
N ILE HA 297 -14.24 12.38 -29.09
CA ILE HA 297 -12.91 12.12 -28.54
C ILE HA 297 -12.26 13.46 -28.21
N ASP HA 298 -11.68 13.55 -27.02
CA ASP HA 298 -11.04 14.76 -26.52
C ASP HA 298 -9.54 14.57 -26.45
N PHE HA 299 -8.81 15.66 -26.70
CA PHE HA 299 -7.36 15.66 -26.51
C PHE HA 299 -6.88 17.08 -26.22
N VAL HA 300 -5.77 17.17 -25.49
CA VAL HA 300 -5.25 18.44 -25.00
C VAL HA 300 -3.87 18.67 -25.59
N LEU HA 301 -3.65 19.88 -26.11
CA LEU HA 301 -2.39 20.27 -26.72
C LEU HA 301 -1.71 21.36 -25.90
N GLY HA 302 -0.37 21.31 -25.87
CA GLY HA 302 0.42 22.32 -25.20
C GLY HA 302 1.31 21.78 -24.11
N GLY HA 303 2.37 22.50 -23.77
CA GLY HA 303 3.19 22.13 -22.64
C GLY HA 303 4.68 22.02 -22.87
N LEU HA 304 5.20 22.55 -23.99
CA LEU HA 304 6.63 22.52 -24.24
C LEU HA 304 7.31 23.72 -23.61
N LEU HA 305 8.36 23.46 -22.83
CA LEU HA 305 9.08 24.50 -22.10
C LEU HA 305 10.55 24.42 -22.47
N ALA HA 306 11.14 25.55 -22.82
CA ALA HA 306 12.54 25.57 -23.24
C ALA HA 306 13.24 26.79 -22.67
N THR HA 307 14.53 26.62 -22.37
CA THR HA 307 15.35 27.76 -21.99
C THR HA 307 15.83 28.49 -23.23
N ARG HA 308 16.25 29.74 -23.04
CA ARG HA 308 16.63 30.58 -24.15
C ARG HA 308 17.93 30.10 -24.79
N LYS HA 309 17.98 30.15 -26.12
CA LYS HA 309 19.18 29.84 -26.89
C LYS HA 309 19.72 28.45 -26.60
N THR HA 310 18.82 27.46 -26.63
CA THR HA 310 19.21 26.06 -26.48
C THR HA 310 18.70 25.19 -27.62
N ILE HA 311 18.07 25.78 -28.64
CA ILE HA 311 17.56 25.05 -29.79
C ILE HA 311 18.09 25.72 -31.05
N LEU HA 312 18.65 24.92 -31.96
CA LEU HA 312 19.14 25.40 -33.24
C LEU HA 312 18.18 24.93 -34.33
N GLN HA 313 17.67 25.88 -35.11
CA GLN HA 313 16.71 25.61 -36.17
C GLN HA 313 17.27 26.19 -37.45
N VAL HA 314 17.54 25.33 -38.43
CA VAL HA 314 18.11 25.72 -39.71
C VAL HA 314 17.07 25.49 -40.79
N ASN HA 315 16.76 26.55 -41.54
CA ASN HA 315 15.78 26.50 -42.63
C ASN HA 315 16.49 26.74 -43.95
N ILE HA 316 16.32 25.81 -44.90
CA ILE HA 316 16.94 25.92 -46.21
C ILE HA 316 15.89 26.48 -47.16
N LYS HA 317 16.00 27.77 -47.49
CA LYS HA 317 15.03 28.40 -48.38
C LYS HA 317 15.11 27.78 -49.77
N GLN HA 318 13.95 27.45 -50.32
CA GLN HA 318 13.88 26.83 -51.64
C GLN HA 318 13.79 27.83 -52.77
N SER HA 319 13.26 29.03 -52.52
CA SER HA 319 13.13 30.05 -53.54
C SER HA 319 13.05 31.44 -52.93
N LEU IA 3 -34.23 -4.39 -15.62
CA LEU IA 3 -34.74 -3.54 -16.68
C LEU IA 3 -36.14 -3.03 -16.38
N PHE IA 4 -37.00 -3.93 -15.88
CA PHE IA 4 -38.36 -3.53 -15.53
C PHE IA 4 -38.40 -2.56 -14.36
N ASP IA 5 -37.33 -2.50 -13.57
CA ASP IA 5 -37.25 -1.53 -12.48
C ASP IA 5 -36.70 -0.19 -12.92
N GLU IA 6 -36.28 -0.06 -14.19
CA GLU IA 6 -35.74 1.19 -14.71
C GLU IA 6 -36.42 1.67 -15.98
N ASN IA 7 -37.18 0.83 -16.67
CA ASN IA 7 -37.84 1.20 -17.92
C ASN IA 7 -39.35 0.99 -17.78
N TYR IA 8 -40.05 2.07 -17.42
CA TYR IA 8 -41.50 2.00 -17.29
C TYR IA 8 -42.14 1.68 -18.63
N TYR IA 9 -41.62 2.24 -19.72
CA TYR IA 9 -42.20 1.98 -21.03
C TYR IA 9 -42.06 0.50 -21.40
N ALA IA 10 -40.91 -0.09 -21.11
CA ALA IA 10 -40.72 -1.52 -21.33
C ALA IA 10 -41.67 -2.34 -20.47
N LYS IA 11 -41.84 -1.95 -19.20
CA LYS IA 11 -42.75 -2.67 -18.32
C LYS IA 11 -44.19 -2.59 -18.83
N ALA IA 12 -44.61 -1.40 -19.26
CA ALA IA 12 -45.97 -1.23 -19.77
C ALA IA 12 -46.18 -2.02 -21.06
N VAL IA 13 -45.18 -2.04 -21.94
CA VAL IA 13 -45.29 -2.84 -23.16
C VAL IA 13 -45.43 -4.31 -22.81
N ALA IA 14 -44.65 -4.78 -21.83
CA ALA IA 14 -44.77 -6.17 -21.40
C ALA IA 14 -46.15 -6.46 -20.83
N ASN IA 15 -46.71 -5.50 -20.11
CA ASN IA 15 -48.01 -5.71 -19.48
C ASN IA 15 -49.16 -5.68 -20.49
N ILE IA 16 -49.06 -4.86 -21.53
CA ILE IA 16 -50.16 -4.66 -22.47
C ILE IA 16 -49.96 -5.41 -23.78
N ILE IA 17 -48.85 -6.13 -23.94
CA ILE IA 17 -48.61 -6.83 -25.20
C ILE IA 17 -49.64 -7.94 -25.42
N GLY IA 18 -50.23 -8.45 -24.35
CA GLY IA 18 -51.21 -9.52 -24.47
C GLY IA 18 -52.58 -9.10 -24.94
N GLU IA 19 -52.85 -7.80 -24.99
CA GLU IA 19 -54.16 -7.30 -25.40
C GLU IA 19 -54.28 -7.10 -26.91
N VAL IA 20 -53.17 -7.09 -27.64
CA VAL IA 20 -53.22 -6.87 -29.07
C VAL IA 20 -53.76 -8.13 -29.76
N LYS IA 21 -54.68 -7.94 -30.69
CA LYS IA 21 -55.29 -9.06 -31.38
C LYS IA 21 -54.30 -9.73 -32.33
N ASP IA 22 -54.50 -11.03 -32.53
CA ASP IA 22 -53.67 -11.77 -33.48
C ASP IA 22 -53.98 -11.33 -34.91
N PRO IA 23 -53.00 -11.37 -35.80
CA PRO IA 23 -53.26 -11.00 -37.19
C PRO IA 23 -54.23 -11.97 -37.85
N ILE IA 24 -55.03 -11.43 -38.78
CA ILE IA 24 -55.98 -12.27 -39.51
C ILE IA 24 -55.33 -13.02 -40.66
N MET IA 25 -54.09 -12.69 -41.01
CA MET IA 25 -53.40 -13.39 -42.08
C MET IA 25 -53.06 -14.83 -41.73
N TYR IA 26 -53.07 -15.18 -40.44
CA TYR IA 26 -52.76 -16.54 -40.01
C TYR IA 26 -53.78 -17.54 -40.52
N LYS IA 27 -54.99 -17.10 -40.85
CA LYS IA 27 -56.00 -18.00 -41.40
C LYS IA 27 -55.72 -18.38 -42.84
N TRP IA 28 -54.87 -17.62 -43.53
CA TRP IA 28 -54.59 -17.84 -44.94
C TRP IA 28 -53.49 -18.87 -45.18
N PHE IA 29 -52.89 -19.41 -44.13
CA PHE IA 29 -51.78 -20.33 -44.27
C PHE IA 29 -51.94 -21.49 -43.30
N SER IA 30 -51.40 -22.64 -43.69
CA SER IA 30 -51.36 -23.80 -42.82
C SER IA 30 -50.24 -23.64 -41.80
N PRO IA 31 -50.32 -24.36 -40.66
CA PRO IA 31 -49.28 -24.21 -39.64
C PRO IA 31 -47.88 -24.52 -40.13
N ASP IA 32 -47.73 -25.47 -41.05
CA ASP IA 32 -46.40 -25.83 -41.53
C ASP IA 32 -45.87 -24.89 -42.60
N GLN IA 33 -46.70 -23.98 -43.12
CA GLN IA 33 -46.31 -23.08 -44.17
C GLN IA 33 -45.66 -21.80 -43.66
N ILE IA 34 -45.40 -21.68 -42.37
CA ILE IA 34 -44.82 -20.47 -41.78
C ILE IA 34 -43.58 -20.85 -40.99
N GLU IA 35 -42.46 -20.18 -41.27
CA GLU IA 35 -41.21 -20.47 -40.57
C GLU IA 35 -40.42 -19.17 -40.42
N ASP IA 36 -40.05 -18.85 -39.18
CA ASP IA 36 -39.43 -17.57 -38.89
C ASP IA 36 -37.98 -17.53 -39.40
N VAL IA 37 -37.51 -16.30 -39.63
CA VAL IA 37 -36.14 -16.05 -40.10
C VAL IA 37 -35.54 -14.95 -39.25
N ASP IA 38 -34.28 -15.13 -38.84
CA ASP IA 38 -33.57 -14.15 -38.03
C ASP IA 38 -32.91 -13.13 -38.95
N LEU IA 39 -33.62 -12.03 -39.21
CA LEU IA 39 -33.15 -11.02 -40.15
C LEU IA 39 -34.01 -9.78 -39.97
N GLN IA 40 -33.37 -8.60 -39.98
CA GLN IA 40 -34.10 -7.34 -39.96
C GLN IA 40 -34.16 -6.70 -41.35
N MET IA 41 -33.00 -6.44 -41.95
CA MET IA 41 -32.93 -5.93 -43.32
C MET IA 41 -31.86 -6.68 -44.06
N GLY IA 42 -32.16 -7.05 -45.30
CA GLY IA 42 -31.26 -7.84 -46.12
C GLY IA 42 -32.06 -8.71 -47.07
N TYR IA 43 -31.58 -9.93 -47.27
CA TYR IA 43 -32.32 -10.89 -48.09
C TYR IA 43 -31.93 -12.30 -47.68
N GLN IA 44 -32.75 -13.26 -48.12
CA GLN IA 44 -32.51 -14.68 -47.94
C GLN IA 44 -32.23 -15.34 -49.28
N LYS IA 45 -31.22 -16.20 -49.30
CA LYS IA 45 -30.93 -17.03 -50.46
C LYS IA 45 -31.31 -18.47 -50.13
N THR IA 46 -32.22 -19.03 -50.92
CA THR IA 46 -32.65 -20.41 -50.76
C THR IA 46 -32.21 -21.22 -51.96
N VAL IA 47 -31.51 -22.33 -51.71
CA VAL IA 47 -30.97 -23.18 -52.76
C VAL IA 47 -31.74 -24.48 -52.77
N LYS IA 48 -32.29 -24.84 -53.93
CA LYS IA 48 -33.04 -26.07 -54.11
C LYS IA 48 -32.27 -26.98 -55.04
N TRP IA 49 -32.07 -28.23 -54.62
CA TRP IA 49 -31.23 -29.18 -55.33
C TRP IA 49 -32.09 -30.25 -55.99
N ASP IA 50 -31.69 -30.64 -57.21
CA ASP IA 50 -32.42 -31.64 -57.98
C ASP IA 50 -31.44 -32.64 -58.59
N ALA IA 51 -31.96 -33.81 -58.93
CA ALA IA 51 -31.20 -34.85 -59.60
C ALA IA 51 -31.95 -35.31 -60.84
N PHE IA 52 -31.21 -35.84 -61.80
CA PHE IA 52 -31.80 -36.31 -63.04
C PHE IA 52 -31.03 -37.52 -63.55
N LEU IA 53 -31.71 -38.33 -64.35
CA LEU IA 53 -31.12 -39.53 -64.93
C LEU IA 53 -30.54 -39.21 -66.31
N ASN IA 54 -29.33 -39.71 -66.56
CA ASN IA 54 -28.66 -39.42 -67.82
C ASN IA 54 -28.93 -40.46 -68.91
N ALA IA 55 -29.27 -41.69 -68.53
CA ALA IA 55 -29.52 -42.74 -69.50
C ALA IA 55 -30.32 -43.85 -68.82
N ASN IA 56 -30.62 -44.89 -69.59
CA ASN IA 56 -31.31 -46.05 -69.05
C ASN IA 56 -30.42 -46.77 -68.05
N PRO IA 57 -31.02 -47.51 -67.11
CA PRO IA 57 -30.22 -48.25 -66.13
C PRO IA 57 -29.33 -49.29 -66.81
N THR IA 58 -28.30 -49.72 -66.08
CA THR IA 58 -27.35 -50.70 -66.58
C THR IA 58 -27.64 -52.06 -65.94
N THR IA 59 -27.79 -53.07 -66.78
CA THR IA 59 -27.99 -54.43 -66.28
C THR IA 59 -26.68 -54.98 -65.75
N ILE IA 60 -26.71 -55.52 -64.53
CA ILE IA 60 -25.53 -56.05 -63.87
C ILE IA 60 -25.52 -57.55 -64.10
N ALA IA 61 -24.70 -57.99 -65.05
CA ALA IA 61 -24.53 -59.41 -65.34
C ALA IA 61 -23.10 -59.65 -65.79
N ASN IA 62 -22.50 -60.70 -65.25
CA ASN IA 62 -21.10 -61.07 -65.53
C ASN IA 62 -20.24 -59.90 -65.09
N GLU IA 63 -19.29 -59.44 -65.91
CA GLU IA 63 -18.42 -58.33 -65.56
C GLU IA 63 -18.73 -57.13 -66.44
N VAL IA 64 -18.75 -55.94 -65.84
CA VAL IA 64 -19.02 -54.72 -66.57
C VAL IA 64 -18.40 -53.56 -65.81
N ASN IA 65 -17.88 -52.57 -66.55
CA ASN IA 65 -17.24 -51.40 -65.97
C ASN IA 65 -17.96 -50.10 -66.25
N THR IA 66 -18.77 -50.03 -67.30
CA THR IA 66 -19.45 -48.81 -67.69
C THR IA 66 -20.87 -48.82 -67.16
N ILE IA 67 -21.21 -47.84 -66.33
CA ILE IA 67 -22.53 -47.74 -65.71
C ILE IA 67 -23.13 -46.38 -66.07
N SER IA 68 -24.46 -46.34 -66.11
CA SER IA 68 -25.16 -45.08 -66.37
C SER IA 68 -25.00 -44.13 -65.18
N THR IA 69 -25.06 -42.84 -65.47
CA THR IA 69 -24.78 -41.80 -64.49
C THR IA 69 -26.05 -41.03 -64.12
N ILE IA 70 -25.99 -40.39 -62.96
CA ILE IA 70 -27.06 -39.53 -62.46
C ILE IA 70 -26.47 -38.16 -62.19
N GLY IA 71 -27.06 -37.12 -62.80
CA GLY IA 71 -26.58 -35.77 -62.65
C GLY IA 71 -27.27 -35.02 -61.51
N PHE IA 72 -26.86 -33.76 -61.34
CA PHE IA 72 -27.42 -32.90 -60.32
C PHE IA 72 -27.52 -31.47 -60.85
N SER IA 73 -28.40 -30.69 -60.24
CA SER IA 73 -28.61 -29.30 -60.62
C SER IA 73 -29.15 -28.55 -59.41
N SER IA 74 -29.14 -27.22 -59.52
CA SER IA 74 -29.55 -26.38 -58.41
C SER IA 74 -30.24 -25.12 -58.92
N GLU IA 75 -31.02 -24.51 -58.05
CA GLU IA 75 -31.62 -23.20 -58.30
C GLU IA 75 -31.51 -22.35 -57.04
N VAL IA 76 -31.43 -21.04 -57.22
CA VAL IA 76 -31.28 -20.10 -56.13
C VAL IA 76 -32.39 -19.06 -56.23
N VAL IA 77 -33.03 -18.77 -55.10
CA VAL IA 77 -34.11 -17.80 -55.02
C VAL IA 77 -33.78 -16.78 -53.94
N ARG IA 78 -33.96 -15.50 -54.26
CA ARG IA 78 -33.63 -14.40 -53.36
C ARG IA 78 -34.92 -13.74 -52.87
N LEU IA 79 -35.02 -13.57 -51.54
CA LEU IA 79 -36.19 -12.97 -50.91
C LEU IA 79 -35.73 -11.76 -50.10
N ASN IA 80 -36.17 -10.57 -50.51
CA ASN IA 80 -35.78 -9.35 -49.83
C ASN IA 80 -36.66 -9.07 -48.62
N TYR IA 81 -36.07 -8.39 -47.63
CA TYR IA 81 -36.78 -7.96 -46.43
C TYR IA 81 -36.49 -6.49 -46.19
N LEU IA 82 -37.47 -5.77 -45.64
CA LEU IA 82 -37.33 -4.33 -45.40
C LEU IA 82 -37.78 -4.00 -43.98
N LYS IA 83 -37.16 -2.98 -43.40
CA LYS IA 83 -37.47 -2.53 -42.05
C LYS IA 83 -38.14 -1.16 -42.12
N LEU IA 84 -39.22 -0.99 -41.36
CA LEU IA 84 -40.01 0.23 -41.38
C LEU IA 84 -40.33 0.65 -39.96
N GLN IA 85 -40.58 1.94 -39.79
CA GLN IA 85 -40.75 2.52 -38.46
C GLN IA 85 -41.89 3.54 -38.47
N TYR IA 86 -42.55 3.65 -37.32
CA TYR IA 86 -43.56 4.67 -37.07
C TYR IA 86 -43.26 5.36 -35.75
N LYS IA 87 -43.72 6.60 -35.62
CA LYS IA 87 -43.54 7.39 -34.40
C LYS IA 87 -44.90 7.85 -33.90
N PHE IA 88 -45.05 7.91 -32.58
CA PHE IA 88 -46.31 8.38 -32.00
C PHE IA 88 -46.04 9.11 -30.70
N ARG IA 89 -46.82 10.17 -30.46
CA ARG IA 89 -46.72 10.96 -29.25
C ARG IA 89 -47.63 10.39 -28.16
N HIS IA 90 -47.26 10.64 -26.92
CA HIS IA 90 -48.01 10.17 -25.76
C HIS IA 90 -47.67 11.04 -24.57
N LEU IA 91 -48.25 10.70 -23.42
CA LEU IA 91 -48.02 11.45 -22.19
C LEU IA 91 -46.84 10.87 -21.42
N LYS IA 92 -46.02 11.76 -20.87
CA LYS IA 92 -44.93 11.33 -20.02
C LYS IA 92 -45.48 10.63 -18.78
N GLN IA 93 -44.74 9.62 -18.30
CA GLN IA 93 -45.24 8.78 -17.21
C GLN IA 93 -45.53 9.59 -15.96
N THR IA 94 -44.63 10.51 -15.60
CA THR IA 94 -44.81 11.27 -14.36
C THR IA 94 -45.94 12.28 -14.45
N SER IA 95 -46.50 12.51 -15.64
CA SER IA 95 -47.52 13.53 -15.84
C SER IA 95 -48.92 12.95 -15.94
N GLU IA 96 -49.10 11.66 -15.71
CA GLU IA 96 -50.42 11.06 -15.87
C GLU IA 96 -51.38 11.46 -14.76
N LYS IA 97 -50.86 11.75 -13.57
CA LYS IA 97 -51.74 12.09 -12.44
C LYS IA 97 -52.47 13.40 -12.71
N PHE IA 98 -51.81 14.35 -13.37
CA PHE IA 98 -52.43 15.64 -13.68
C PHE IA 98 -53.41 15.56 -14.84
N TYR IA 99 -53.68 14.35 -15.35
CA TYR IA 99 -54.68 14.15 -16.38
C TYR IA 99 -55.67 13.04 -16.05
N THR IA 100 -55.42 12.25 -15.01
CA THR IA 100 -56.36 11.21 -14.63
C THR IA 100 -57.69 11.81 -14.20
N SER IA 101 -58.76 11.43 -14.90
CA SER IA 101 -60.10 11.86 -14.56
C SER IA 101 -60.85 10.71 -13.87
N ASP IA 102 -62.13 10.91 -13.63
CA ASP IA 102 -62.93 9.87 -12.98
C ASP IA 102 -63.20 8.70 -13.91
N SER IA 103 -63.43 8.98 -15.19
CA SER IA 103 -63.82 7.96 -16.16
C SER IA 103 -62.77 7.70 -17.23
N TYR IA 104 -61.76 8.54 -17.37
CA TYR IA 104 -60.78 8.39 -18.42
C TYR IA 104 -59.44 8.96 -17.97
N ILE IA 105 -58.38 8.55 -18.66
CA ILE IA 105 -57.03 9.07 -18.45
C ILE IA 105 -56.54 9.62 -19.79
N GLY IA 106 -56.15 10.87 -19.80
CA GLY IA 106 -55.63 11.51 -20.99
C GLY IA 106 -56.09 12.95 -21.06
N ASP IA 107 -55.88 13.55 -22.22
CA ASP IA 107 -56.26 14.95 -22.48
C ASP IA 107 -57.20 14.94 -23.68
N ILE IA 108 -58.50 14.95 -23.40
CA ILE IA 108 -59.50 14.84 -24.48
C ILE IA 108 -59.41 16.03 -25.42
N ASN IA 109 -59.27 17.24 -24.86
CA ASN IA 109 -59.23 18.43 -25.70
C ASN IA 109 -57.99 18.47 -26.59
N ASN IA 110 -56.89 17.87 -26.16
CA ASN IA 110 -55.65 17.89 -26.90
C ASN IA 110 -55.32 16.54 -27.55
N ASN IA 111 -56.16 15.52 -27.36
CA ASN IA 111 -55.97 14.21 -27.96
C ASN IA 111 -54.62 13.60 -27.55
N LEU IA 112 -54.46 13.43 -26.24
CA LEU IA 112 -53.27 12.82 -25.67
C LEU IA 112 -53.69 11.64 -24.81
N LEU IA 113 -52.92 10.55 -24.90
CA LEU IA 113 -53.25 9.29 -24.25
C LEU IA 113 -52.07 8.81 -23.42
N PRO IA 114 -52.31 7.92 -22.47
CA PRO IA 114 -51.20 7.23 -21.81
C PRO IA 114 -50.47 6.32 -22.79
N PHE IA 115 -49.22 6.00 -22.42
CA PHE IA 115 -48.35 5.27 -23.31
C PHE IA 115 -48.92 3.89 -23.64
N ALA IA 116 -49.53 3.22 -22.67
CA ALA IA 116 -50.05 1.88 -22.90
C ALA IA 116 -51.13 1.87 -23.96
N GLN IA 117 -52.13 2.74 -23.82
CA GLN IA 117 -53.21 2.81 -24.79
C GLN IA 117 -52.71 3.27 -26.15
N ALA IA 118 -51.82 4.25 -26.17
CA ALA IA 118 -51.27 4.72 -27.44
C ALA IA 118 -50.54 3.59 -28.16
N TYR IA 119 -49.72 2.83 -27.43
CA TYR IA 119 -49.00 1.71 -28.03
C TYR IA 119 -49.96 0.64 -28.54
N LYS IA 120 -51.00 0.33 -27.78
CA LYS IA 120 -51.96 -0.69 -28.23
C LYS IA 120 -52.62 -0.27 -29.54
N LEU IA 121 -53.09 0.98 -29.60
CA LEU IA 121 -53.76 1.44 -30.82
C LEU IA 121 -52.80 1.47 -32.00
N ALA IA 122 -51.58 1.96 -31.80
CA ALA IA 122 -50.61 2.00 -32.89
C ALA IA 122 -50.25 0.60 -33.37
N SER IA 123 -50.09 -0.34 -32.44
CA SER IA 123 -49.79 -1.72 -32.82
C SER IA 123 -50.94 -2.32 -33.63
N SER IA 124 -52.18 -2.05 -33.24
CA SER IA 124 -53.31 -2.57 -33.99
C SER IA 124 -53.31 -2.02 -35.42
N GLU IA 125 -53.08 -0.71 -35.57
CA GLU IA 125 -53.06 -0.13 -36.91
C GLU IA 125 -51.92 -0.72 -37.74
N ILE IA 126 -50.74 -0.88 -37.15
CA ILE IA 126 -49.61 -1.43 -37.89
C ILE IA 126 -49.88 -2.88 -38.29
N ILE IA 127 -50.54 -3.65 -37.42
CA ILE IA 127 -50.85 -5.04 -37.76
C ILE IA 127 -51.84 -5.10 -38.90
N LYS IA 128 -52.83 -4.20 -38.92
CA LYS IA 128 -53.74 -4.14 -40.07
C LYS IA 128 -52.98 -3.83 -41.35
N LEU IA 129 -52.03 -2.90 -41.29
CA LEU IA 129 -51.22 -2.58 -42.47
C LEU IA 129 -50.40 -3.80 -42.92
N ILE IA 130 -49.85 -4.54 -41.96
CA ILE IA 130 -49.05 -5.72 -42.29
C ILE IA 130 -49.91 -6.77 -42.98
N ASN IA 131 -51.12 -7.00 -42.47
CA ASN IA 131 -52.02 -7.95 -43.11
C ASN IA 131 -52.34 -7.52 -44.53
N HIS IA 132 -52.61 -6.22 -44.73
CA HIS IA 132 -52.90 -5.73 -46.06
C HIS IA 132 -51.71 -5.98 -47.00
N PHE IA 133 -50.49 -5.72 -46.52
CA PHE IA 133 -49.32 -5.96 -47.37
C PHE IA 133 -49.16 -7.43 -47.69
N VAL IA 134 -49.36 -8.30 -46.70
CA VAL IA 134 -49.20 -9.74 -46.95
C VAL IA 134 -50.20 -10.20 -48.01
N LEU IA 135 -51.42 -9.68 -47.96
CA LEU IA 135 -52.43 -10.11 -48.92
C LEU IA 135 -52.16 -9.54 -50.31
N THR IA 136 -51.84 -8.24 -50.41
CA THR IA 136 -51.87 -7.56 -51.70
C THR IA 136 -50.52 -7.29 -52.33
N GLY IA 137 -49.43 -7.33 -51.57
CA GLY IA 137 -48.12 -7.01 -52.09
C GLY IA 137 -47.79 -5.55 -52.16
N THR IA 138 -48.67 -4.67 -51.68
CA THR IA 138 -48.45 -3.23 -51.72
C THR IA 138 -48.69 -2.63 -50.36
N VAL IA 139 -48.11 -1.45 -50.14
CA VAL IA 139 -48.28 -0.69 -48.91
C VAL IA 139 -48.85 0.67 -49.27
N SER IA 140 -50.05 0.96 -48.79
CA SER IA 140 -50.69 2.24 -49.06
C SER IA 140 -51.72 2.51 -47.96
N ILE IA 141 -51.89 3.78 -47.61
CA ILE IA 141 -52.84 4.18 -46.58
C ILE IA 141 -54.13 4.72 -47.17
N GLN IA 142 -54.31 4.63 -48.48
CA GLN IA 142 -55.50 5.12 -49.16
C GLN IA 142 -56.33 3.94 -49.65
N LYS IA 143 -57.65 4.15 -49.73
CA LYS IA 143 -58.53 3.15 -50.30
C LYS IA 143 -58.44 3.09 -51.83
N ASP IA 144 -57.97 4.16 -52.46
CA ASP IA 144 -57.79 4.16 -53.90
C ASP IA 144 -56.58 3.34 -54.33
N GLY IA 145 -55.62 3.13 -53.43
CA GLY IA 145 -54.41 2.41 -53.77
C GLY IA 145 -53.32 3.26 -54.39
N LYS IA 146 -53.48 4.57 -54.41
CA LYS IA 146 -52.48 5.47 -54.98
C LYS IA 146 -51.47 5.89 -53.93
N ASN IA 147 -50.42 6.57 -54.39
CA ASN IA 147 -49.31 6.99 -53.54
C ASN IA 147 -48.72 5.81 -52.76
N GLN IA 148 -48.49 4.71 -53.48
CA GLN IA 148 -47.92 3.52 -52.88
C GLN IA 148 -46.46 3.74 -52.52
N LYS IA 149 -46.04 3.12 -51.43
CA LYS IA 149 -44.63 3.17 -51.04
C LYS IA 149 -43.80 2.33 -52.00
N ARG IA 150 -42.69 2.89 -52.46
CA ARG IA 150 -41.78 2.14 -53.31
C ARG IA 150 -41.06 1.08 -52.47
N LEU IA 151 -41.04 -0.15 -52.96
CA LEU IA 151 -40.45 -1.27 -52.26
C LEU IA 151 -39.33 -1.87 -53.09
N LEU IA 152 -38.71 -2.91 -52.55
CA LEU IA 152 -37.63 -3.62 -53.22
C LEU IA 152 -38.19 -4.73 -54.10
N PRO IA 153 -37.46 -5.13 -55.13
CA PRO IA 153 -37.83 -6.34 -55.87
C PRO IA 153 -37.73 -7.57 -54.98
N ASN IA 154 -38.32 -8.67 -55.46
CA ASN IA 154 -38.41 -9.91 -54.68
C ASN IA 154 -39.19 -9.71 -53.39
N MET IA 155 -40.15 -8.80 -53.40
CA MET IA 155 -41.04 -8.53 -52.26
C MET IA 155 -42.46 -8.54 -52.82
N TYR IA 156 -43.10 -9.70 -52.77
CA TYR IA 156 -44.40 -9.90 -53.41
C TYR IA 156 -45.40 -10.44 -52.41
N GLY IA 157 -46.67 -10.16 -52.68
CA GLY IA 157 -47.77 -10.73 -51.94
C GLY IA 157 -48.49 -11.80 -52.75
N LEU IA 158 -49.55 -12.34 -52.14
CA LEU IA 158 -50.32 -13.40 -52.77
C LEU IA 158 -51.03 -12.94 -54.04
N LEU IA 159 -51.25 -11.64 -54.19
CA LEU IA 159 -52.01 -11.11 -55.33
C LEU IA 159 -51.14 -10.60 -56.46
N ASN IA 160 -49.94 -10.11 -56.16
CA ASN IA 160 -49.05 -9.55 -57.17
C ASN IA 160 -47.86 -10.44 -57.47
N MET IA 161 -47.89 -11.70 -57.03
CA MET IA 161 -46.81 -12.62 -57.33
C MET IA 161 -46.75 -12.86 -58.84
N PRO IA 162 -45.59 -12.71 -59.46
CA PRO IA 162 -45.50 -12.85 -60.92
C PRO IA 162 -45.56 -14.30 -61.37
N GLU IA 163 -45.88 -14.48 -62.65
CA GLU IA 163 -45.91 -15.79 -63.30
C GLU IA 163 -46.89 -16.74 -62.61
N GLN IA 164 -48.11 -16.26 -62.39
CA GLN IA 164 -49.23 -17.06 -61.91
C GLN IA 164 -50.32 -17.05 -62.97
N ILE IA 165 -51.45 -17.69 -62.67
CA ILE IA 165 -52.57 -17.77 -63.61
C ILE IA 165 -53.54 -16.64 -63.29
N LYS IA 166 -53.84 -15.83 -64.31
CA LYS IA 166 -54.72 -14.67 -64.15
C LYS IA 166 -55.85 -14.76 -65.17
N GLU IA 167 -57.09 -14.67 -64.67
CA GLU IA 167 -58.28 -14.67 -65.50
C GLU IA 167 -59.09 -13.41 -65.23
N GLU IA 168 -59.71 -12.88 -66.27
CA GLU IA 168 -60.50 -11.65 -66.18
C GLU IA 168 -61.89 -11.90 -66.71
N VAL IA 169 -62.90 -11.59 -65.90
CA VAL IA 169 -64.29 -11.69 -66.29
C VAL IA 169 -64.76 -10.34 -66.79
N ALA IA 170 -65.31 -10.30 -68.00
CA ALA IA 170 -65.64 -9.06 -68.66
C ALA IA 170 -66.73 -8.30 -67.90
N SER IA 171 -66.80 -6.99 -68.17
CA SER IA 171 -67.76 -6.14 -67.49
C SER IA 171 -69.20 -6.55 -67.81
N GLY IA 172 -69.46 -6.92 -69.07
CA GLY IA 172 -70.79 -7.33 -69.47
C GLY IA 172 -71.29 -8.60 -68.82
N ASP IA 173 -70.40 -9.38 -68.20
CA ASP IA 173 -70.76 -10.63 -67.53
C ASP IA 173 -70.43 -10.57 -66.04
N LYS IA 174 -70.48 -9.37 -65.45
CA LYS IA 174 -70.08 -9.20 -64.05
C LYS IA 174 -71.01 -9.93 -63.08
N ASP IA 175 -72.23 -10.25 -63.50
CA ASP IA 175 -73.19 -10.93 -62.65
C ASP IA 175 -73.53 -12.33 -63.12
N LYS IA 176 -72.92 -12.80 -64.21
CA LYS IA 176 -73.20 -14.13 -64.76
C LYS IA 176 -72.31 -15.15 -64.07
N MET IA 177 -72.89 -15.89 -63.13
CA MET IA 177 -72.12 -16.89 -62.39
C MET IA 177 -71.62 -18.00 -63.31
N ASP IA 178 -72.36 -18.32 -64.37
CA ASP IA 178 -71.87 -19.31 -65.31
C ASP IA 178 -70.58 -18.85 -65.99
N LYS IA 179 -70.52 -17.58 -66.39
CA LYS IA 179 -69.30 -17.04 -66.97
C LYS IA 179 -68.16 -17.01 -65.95
N ILE IA 180 -68.47 -16.61 -64.71
CA ILE IA 180 -67.45 -16.57 -63.67
C ILE IA 180 -66.87 -17.97 -63.45
N PHE IA 181 -67.74 -18.99 -63.38
CA PHE IA 181 -67.27 -20.35 -63.17
C PHE IA 181 -66.55 -20.89 -64.40
N GLU IA 182 -66.92 -20.46 -65.59
CA GLU IA 182 -66.16 -20.85 -66.78
C GLU IA 182 -64.73 -20.34 -66.70
N LYS IA 183 -64.57 -19.07 -66.32
CA LYS IA 183 -63.22 -18.52 -66.15
C LYS IA 183 -62.46 -19.25 -65.04
N ILE IA 184 -63.14 -19.56 -63.94
CA ILE IA 184 -62.49 -20.27 -62.84
C ILE IA 184 -62.02 -21.65 -63.29
N GLU IA 185 -62.87 -22.36 -64.06
CA GLU IA 185 -62.48 -23.68 -64.55
C GLU IA 185 -61.30 -23.59 -65.50
N ALA IA 186 -61.28 -22.57 -66.37
CA ALA IA 186 -60.15 -22.39 -67.27
C ALA IA 186 -58.86 -22.18 -66.48
N GLY IA 187 -58.92 -21.32 -65.46
CA GLY IA 187 -57.74 -21.10 -64.62
C GLY IA 187 -57.31 -22.35 -63.88
N LEU IA 188 -58.28 -23.11 -63.36
CA LEU IA 188 -57.96 -24.34 -62.64
C LEU IA 188 -57.29 -25.35 -63.56
N SER IA 189 -57.75 -25.44 -64.80
CA SER IA 189 -57.07 -26.30 -65.77
C SER IA 189 -55.66 -25.80 -66.06
N LYS IA 190 -55.49 -24.49 -66.14
CA LYS IA 190 -54.15 -23.94 -66.39
C LYS IA 190 -53.23 -24.05 -65.18
N LEU IA 191 -53.75 -24.39 -64.00
CA LEU IA 191 -52.88 -24.60 -62.84
C LEU IA 191 -51.94 -25.77 -63.08
N GLU IA 192 -50.72 -25.65 -62.55
CA GLU IA 192 -49.69 -26.69 -62.67
C GLU IA 192 -49.11 -26.97 -61.29
N LEU IA 193 -49.73 -27.90 -60.56
CA LEU IA 193 -49.28 -28.25 -59.22
C LEU IA 193 -48.18 -29.31 -59.23
N GLY IA 194 -47.90 -29.92 -60.37
CA GLY IA 194 -46.83 -30.90 -60.44
C GLY IA 194 -47.13 -32.13 -59.62
N ASP IA 195 -46.09 -32.69 -59.02
CA ASP IA 195 -46.23 -33.91 -58.22
C ASP IA 195 -47.00 -33.68 -56.93
N GLU IA 196 -47.06 -32.43 -56.45
CA GLU IA 196 -47.69 -32.12 -55.17
C GLU IA 196 -49.16 -31.73 -55.32
N PHE IA 197 -49.85 -32.26 -56.33
CA PHE IA 197 -51.23 -31.89 -56.59
C PHE IA 197 -52.19 -32.38 -55.51
N SER IA 198 -51.80 -33.39 -54.73
CA SER IA 198 -52.68 -33.95 -53.70
C SER IA 198 -52.47 -33.15 -52.40
N THR IA 199 -53.07 -31.97 -52.36
CA THR IA 199 -52.93 -31.06 -51.24
C THR IA 199 -54.23 -30.30 -51.03
N PRO IA 200 -54.51 -29.88 -49.79
CA PRO IA 200 -55.67 -29.03 -49.54
C PRO IA 200 -55.53 -27.68 -50.24
N MET IA 201 -56.67 -27.07 -50.57
CA MET IA 201 -56.69 -25.82 -51.30
C MET IA 201 -57.46 -24.76 -50.50
N MET IA 202 -57.10 -23.50 -50.75
CA MET IA 202 -57.69 -22.36 -50.06
C MET IA 202 -58.16 -21.33 -51.08
N VAL IA 203 -59.36 -20.81 -50.87
CA VAL IA 203 -59.97 -19.80 -51.71
C VAL IA 203 -60.30 -18.60 -50.83
N ILE IA 204 -60.00 -17.40 -51.33
CA ILE IA 204 -60.31 -16.16 -50.65
C ILE IA 204 -61.12 -15.29 -51.60
N VAL IA 205 -62.25 -14.78 -51.11
CA VAL IA 205 -63.17 -14.01 -51.93
C VAL IA 205 -63.56 -12.72 -51.21
N ASP IA 206 -64.00 -11.74 -52.00
CA ASP IA 206 -64.54 -10.50 -51.48
C ASP IA 206 -65.96 -10.71 -50.96
N PRO IA 207 -66.46 -9.81 -50.12
CA PRO IA 207 -67.82 -10.01 -49.56
C PRO IA 207 -68.91 -10.12 -50.60
N ALA IA 208 -68.85 -9.35 -51.68
CA ALA IA 208 -69.89 -9.44 -52.72
C ALA IA 208 -69.89 -10.81 -53.38
N THR IA 209 -68.70 -11.33 -53.72
CA THR IA 209 -68.62 -12.65 -54.31
C THR IA 209 -69.06 -13.72 -53.31
N SER IA 210 -68.73 -13.54 -52.03
CA SER IA 210 -69.18 -14.49 -51.01
C SER IA 210 -70.70 -14.52 -50.92
N LEU IA 211 -71.33 -13.34 -51.00
CA LEU IA 211 -72.79 -13.30 -51.02
C LEU IA 211 -73.36 -13.96 -52.27
N LYS IA 212 -72.71 -13.76 -53.42
CA LYS IA 212 -73.17 -14.40 -54.65
C LYS IA 212 -73.06 -15.92 -54.56
N LEU IA 213 -72.05 -16.43 -53.85
CA LEU IA 213 -71.78 -17.86 -53.84
C LEU IA 213 -72.82 -18.68 -53.06
N VAL IA 214 -73.61 -18.04 -52.19
CA VAL IA 214 -74.52 -18.80 -51.33
C VAL IA 214 -75.88 -19.03 -51.97
N LYS IA 215 -76.11 -18.51 -53.17
CA LYS IA 215 -77.37 -18.76 -53.85
C LYS IA 215 -77.41 -20.18 -54.38
N PRO IA 216 -78.60 -20.75 -54.55
CA PRO IA 216 -78.69 -22.11 -55.14
C PRO IA 216 -78.18 -22.13 -56.57
N TYR IA 217 -77.62 -23.28 -56.96
CA TYR IA 217 -77.04 -23.41 -58.28
C TYR IA 217 -78.12 -23.34 -59.36
N ALA IA 218 -77.81 -22.62 -60.43
CA ALA IA 218 -78.75 -22.48 -61.54
C ALA IA 218 -78.17 -23.09 -62.81
N ALA IA 223 -82.53 -23.49 -64.45
CA ALA IA 223 -83.81 -23.88 -63.87
C ALA IA 223 -83.82 -23.69 -62.37
N ALA IA 224 -82.75 -23.11 -61.84
CA ALA IA 224 -82.62 -22.83 -60.41
C ALA IA 224 -82.81 -24.10 -59.58
N SER IA 225 -82.04 -25.13 -59.93
CA SER IA 225 -82.15 -26.41 -59.25
C SER IA 225 -81.67 -26.31 -57.81
N SER IA 226 -82.36 -27.02 -56.92
CA SER IA 226 -82.05 -27.01 -55.50
C SER IA 226 -81.00 -28.07 -55.18
N CYS IA 227 -80.79 -28.33 -53.89
CA CYS IA 227 -79.89 -29.34 -53.34
C CYS IA 227 -78.42 -29.03 -53.59
N GLU IA 228 -78.09 -27.91 -54.22
CA GLU IA 228 -76.69 -27.60 -54.50
C GLU IA 228 -76.55 -26.08 -54.65
N LYS IA 229 -75.48 -25.55 -54.06
CA LYS IA 229 -75.14 -24.14 -54.16
C LYS IA 229 -73.92 -23.95 -55.05
N TRP IA 230 -73.73 -22.69 -55.49
CA TRP IA 230 -72.54 -22.36 -56.25
C TRP IA 230 -71.28 -22.65 -55.45
N GLU IA 231 -71.34 -22.51 -54.12
CA GLU IA 231 -70.22 -22.88 -53.27
C GLU IA 231 -69.90 -24.36 -53.40
N ASP IA 232 -70.92 -25.21 -53.38
CA ASP IA 232 -70.70 -26.64 -53.54
C ASP IA 232 -70.15 -26.97 -54.93
N VAL IA 233 -70.65 -26.29 -55.96
CA VAL IA 233 -70.13 -26.51 -57.31
C VAL IA 233 -68.65 -26.16 -57.38
N LEU IA 234 -68.27 -25.01 -56.79
CA LEU IA 234 -66.87 -24.60 -56.79
C LEU IA 234 -66.00 -25.59 -56.01
N ILE IA 235 -66.51 -26.07 -54.86
CA ILE IA 235 -65.74 -27.02 -54.06
C ILE IA 235 -65.52 -28.31 -54.84
N GLN IA 236 -66.54 -28.79 -55.54
CA GLN IA 236 -66.37 -29.98 -56.36
C GLN IA 236 -65.38 -29.75 -57.49
N THR IA 237 -65.45 -28.58 -58.13
CA THR IA 237 -64.53 -28.29 -59.22
C THR IA 237 -63.09 -28.26 -58.75
N ILE IA 238 -62.85 -27.73 -57.54
CA ILE IA 238 -61.49 -27.70 -57.02
C ILE IA 238 -61.05 -29.08 -56.52
N LYS IA 239 -61.97 -29.86 -55.96
CA LYS IA 239 -61.67 -31.23 -55.57
C LYS IA 239 -61.34 -32.08 -56.78
N ALA IA 240 -61.80 -31.69 -57.96
CA ALA IA 240 -61.41 -32.40 -59.17
C ALA IA 240 -59.90 -32.35 -59.39
N ILE IA 241 -59.28 -31.19 -59.13
CA ILE IA 241 -57.86 -31.05 -59.41
C ILE IA 241 -56.99 -31.40 -58.20
N ASN IA 242 -57.49 -31.22 -56.97
CA ASN IA 242 -56.62 -31.43 -55.81
C ASN IA 242 -56.67 -32.86 -55.28
N ASN IA 243 -57.03 -33.82 -56.13
CA ASN IA 243 -57.16 -35.23 -55.73
C ASN IA 243 -58.17 -35.40 -54.60
N ARG IA 244 -59.31 -34.70 -54.72
CA ARG IA 244 -60.42 -34.82 -53.78
C ARG IA 244 -59.97 -34.51 -52.34
N GLU IA 245 -59.12 -33.50 -52.19
CA GLU IA 245 -58.68 -33.08 -50.87
C GLU IA 245 -59.57 -31.97 -50.33
N ASP IA 246 -59.25 -31.49 -49.14
CA ASP IA 246 -60.06 -30.46 -48.49
C ASP IA 246 -59.94 -29.13 -49.21
N VAL IA 247 -61.04 -28.38 -49.21
CA VAL IA 247 -61.10 -27.04 -49.78
C VAL IA 247 -61.68 -26.12 -48.72
N TYR IA 248 -60.99 -25.03 -48.44
CA TYR IA 248 -61.44 -24.04 -47.47
C TYR IA 248 -61.73 -22.72 -48.18
N ILE IA 249 -62.74 -22.00 -47.67
CA ILE IA 249 -63.18 -20.74 -48.25
C ILE IA 249 -63.15 -19.67 -47.18
N GLU IA 250 -62.61 -18.50 -47.52
CA GLU IA 250 -62.48 -17.39 -46.58
C GLU IA 250 -62.91 -16.11 -47.27
N THR IA 251 -63.34 -15.15 -46.46
CA THR IA 251 -63.79 -13.85 -46.93
C THR IA 251 -62.94 -12.76 -46.30
N SER IA 252 -62.52 -11.80 -47.11
CA SER IA 252 -61.70 -10.69 -46.63
C SER IA 252 -62.18 -9.40 -47.30
N ASN IA 253 -62.38 -8.36 -46.49
CA ASN IA 253 -62.80 -7.07 -47.02
C ASN IA 253 -61.68 -6.34 -47.75
N LEU IA 254 -60.43 -6.81 -47.62
CA LEU IA 254 -59.34 -6.20 -48.36
C LEU IA 254 -59.47 -6.42 -49.86
N LEU IA 255 -59.99 -7.58 -50.26
CA LEU IA 255 -60.18 -7.87 -51.68
C LEU IA 255 -61.37 -7.09 -52.23
N LYS IA 256 -61.41 -6.99 -53.55
CA LYS IA 256 -62.48 -6.26 -54.24
C LYS IA 256 -62.65 -6.86 -55.62
N HIS IA 257 -63.72 -7.64 -55.81
CA HIS IA 257 -64.01 -8.31 -57.07
C HIS IA 257 -62.87 -9.25 -57.49
N LYS IA 258 -62.24 -9.88 -56.51
CA LYS IA 258 -61.12 -10.78 -56.73
C LYS IA 258 -61.41 -12.13 -56.09
N ILE IA 259 -61.00 -13.20 -56.76
CA ILE IA 259 -61.04 -14.55 -56.22
C ILE IA 259 -59.63 -15.12 -56.29
N LEU IA 260 -59.12 -15.60 -55.16
CA LEU IA 260 -57.74 -16.06 -55.07
C LEU IA 260 -57.74 -17.53 -54.62
N ILE IA 261 -57.16 -18.41 -55.42
CA ILE IA 261 -57.11 -19.83 -55.12
C ILE IA 261 -55.65 -20.27 -55.11
N TYR IA 262 -55.25 -20.97 -54.04
CA TYR IA 262 -53.88 -21.44 -53.94
C TYR IA 262 -53.82 -22.62 -52.99
N PRO IA 263 -52.83 -23.49 -53.13
CA PRO IA 263 -52.73 -24.66 -52.26
C PRO IA 263 -52.10 -24.34 -50.91
N LEU IA 264 -52.49 -25.10 -49.90
CA LEU IA 264 -51.90 -25.02 -48.56
C LEU IA 264 -50.79 -26.04 -48.39
N ASN IA 265 -49.82 -26.03 -49.30
CA ASN IA 265 -48.71 -26.98 -49.28
C ASN IA 265 -47.40 -26.20 -49.11
N SER IA 266 -46.60 -26.62 -48.12
CA SER IA 266 -45.34 -25.93 -47.87
C SER IA 266 -44.35 -26.11 -49.02
N GLU IA 267 -44.50 -27.19 -49.80
CA GLU IA 267 -43.60 -27.42 -50.91
C GLU IA 267 -43.78 -26.37 -52.01
N LEU IA 268 -45.02 -25.92 -52.22
CA LEU IA 268 -45.33 -24.99 -53.29
C LEU IA 268 -45.27 -23.54 -52.82
N ILE IA 269 -45.91 -23.23 -51.69
CA ILE IA 269 -45.99 -21.89 -51.16
C ILE IA 269 -45.52 -21.91 -49.71
N LYS IA 270 -44.64 -20.98 -49.36
CA LYS IA 270 -44.10 -20.89 -48.01
C LYS IA 270 -43.97 -19.43 -47.62
N PHE IA 271 -44.02 -19.19 -46.31
CA PHE IA 271 -43.91 -17.85 -45.74
C PHE IA 271 -42.78 -17.90 -44.71
N LYS IA 272 -41.70 -17.21 -45.00
CA LYS IA 272 -40.56 -17.11 -44.10
C LYS IA 272 -40.44 -15.66 -43.63
N PRO IA 273 -41.33 -15.19 -42.76
CA PRO IA 273 -41.23 -13.82 -42.28
C PRO IA 273 -40.12 -13.68 -41.25
N SER IA 274 -39.66 -12.45 -41.07
CA SER IA 274 -38.69 -12.17 -40.04
C SER IA 274 -39.30 -12.42 -38.67
N LYS IA 275 -38.46 -12.81 -37.72
CA LYS IA 275 -38.93 -12.98 -36.35
C LYS IA 275 -39.25 -11.65 -35.69
N TYR IA 276 -39.00 -10.53 -36.36
CA TYR IA 276 -39.32 -9.20 -35.88
C TYR IA 276 -40.33 -8.51 -36.80
N MET IA 277 -41.15 -9.30 -37.50
CA MET IA 277 -42.11 -8.72 -38.44
C MET IA 277 -43.20 -7.95 -37.71
N LEU IA 278 -43.72 -8.52 -36.62
CA LEU IA 278 -44.78 -7.88 -35.88
C LEU IA 278 -44.23 -6.71 -35.08
N PRO IA 279 -45.07 -5.74 -34.72
CA PRO IA 279 -44.57 -4.48 -34.13
C PRO IA 279 -43.73 -4.73 -32.88
N THR IA 280 -42.63 -3.98 -32.78
CA THR IA 280 -41.71 -4.09 -31.66
C THR IA 280 -41.30 -2.68 -31.23
N PRO IA 281 -41.35 -2.37 -29.93
CA PRO IA 281 -40.98 -1.03 -29.49
C PRO IA 281 -39.49 -0.77 -29.68
N ASN IA 282 -39.15 0.48 -29.98
CA ASN IA 282 -37.77 0.91 -30.01
C ASN IA 282 -37.35 1.42 -28.63
N GLU IA 283 -36.04 1.34 -28.37
CA GLU IA 283 -35.53 1.77 -27.07
C GLU IA 283 -35.49 3.28 -26.92
N GLN IA 284 -35.38 4.01 -28.03
CA GLN IA 284 -35.29 5.47 -27.97
C GLN IA 284 -36.65 6.08 -27.66
N VAL IA 285 -36.68 6.96 -26.66
CA VAL IA 285 -37.87 7.70 -26.29
C VAL IA 285 -37.50 9.18 -26.25
N ASP IA 286 -38.15 9.98 -27.09
CA ASP IA 286 -37.91 11.42 -27.08
C ASP IA 286 -38.48 12.05 -25.82
N LYS IA 287 -37.74 12.99 -25.24
CA LYS IA 287 -38.16 13.65 -24.02
C LYS IA 287 -37.83 15.14 -24.12
N ASP IA 288 -38.58 15.94 -23.36
CA ASP IA 288 -38.40 17.38 -23.35
C ASP IA 288 -38.74 17.87 -21.94
N SER IA 289 -38.89 19.19 -21.81
CA SER IA 289 -39.30 19.78 -20.54
C SER IA 289 -40.82 19.79 -20.36
N THR IA 290 -41.58 19.44 -21.40
CA THR IA 290 -43.03 19.44 -21.33
C THR IA 290 -43.53 18.05 -20.91
N ASP IA 291 -44.83 17.83 -21.05
CA ASP IA 291 -45.45 16.55 -20.70
C ASP IA 291 -45.63 15.62 -21.88
N VAL IA 292 -45.15 16.00 -23.06
CA VAL IA 292 -45.36 15.23 -24.29
C VAL IA 292 -44.07 14.49 -24.62
N ALA IA 293 -44.18 13.18 -24.82
CA ALA IA 293 -43.06 12.34 -25.22
C ALA IA 293 -43.43 11.57 -26.47
N HIS IA 294 -42.40 11.06 -27.15
CA HIS IA 294 -42.58 10.33 -28.40
C HIS IA 294 -41.92 8.97 -28.31
N SER IA 295 -42.51 7.99 -28.99
CA SER IA 295 -41.99 6.64 -29.03
C SER IA 295 -42.03 6.12 -30.47
N TYR IA 296 -41.30 5.04 -30.71
CA TYR IA 296 -41.13 4.48 -32.05
C TYR IA 296 -41.45 2.99 -32.05
N ILE IA 297 -42.03 2.53 -33.16
CA ILE IA 297 -42.38 1.13 -33.36
C ILE IA 297 -41.75 0.66 -34.66
N ASP IA 298 -41.12 -0.52 -34.62
CA ASP IA 298 -40.44 -1.11 -35.75
C ASP IA 298 -41.20 -2.35 -36.24
N PHE IA 299 -41.15 -2.59 -37.55
CA PHE IA 299 -41.71 -3.81 -38.11
C PHE IA 299 -41.04 -4.12 -39.43
N VAL IA 300 -40.97 -5.41 -39.76
CA VAL IA 300 -40.23 -5.90 -40.92
C VAL IA 300 -41.20 -6.56 -41.88
N LEU IA 301 -41.07 -6.23 -43.17
CA LEU IA 301 -41.94 -6.76 -44.21
C LEU IA 301 -41.14 -7.58 -45.21
N GLY IA 302 -41.76 -8.66 -45.71
CA GLY IA 302 -41.16 -9.49 -46.74
C GLY IA 302 -41.10 -10.96 -46.38
N GLY IA 303 -40.97 -11.83 -47.38
CA GLY IA 303 -40.72 -13.22 -47.11
C GLY IA 303 -41.70 -14.24 -47.69
N LEU IA 304 -42.40 -13.90 -48.77
CA LEU IA 304 -43.31 -14.85 -49.40
C LEU IA 304 -42.62 -15.54 -50.56
N LEU IA 305 -42.62 -16.88 -50.56
CA LEU IA 305 -41.95 -17.67 -51.58
C LEU IA 305 -42.95 -18.61 -52.21
N ALA IA 306 -43.17 -18.47 -53.51
CA ALA IA 306 -44.17 -19.26 -54.21
C ALA IA 306 -43.60 -19.87 -55.48
N THR IA 307 -44.10 -21.05 -55.82
CA THR IA 307 -43.76 -21.69 -57.08
C THR IA 307 -44.56 -21.07 -58.21
N ARG IA 308 -43.95 -21.01 -59.39
CA ARG IA 308 -44.61 -20.38 -60.53
C ARG IA 308 -45.80 -21.22 -61.00
N LYS IA 309 -46.83 -20.52 -61.47
CA LYS IA 309 -48.06 -21.13 -61.96
C LYS IA 309 -48.70 -22.04 -60.90
N THR IA 310 -48.80 -21.52 -59.68
CA THR IA 310 -49.47 -22.24 -58.60
C THR IA 310 -50.56 -21.42 -57.91
N ILE IA 311 -50.79 -20.18 -58.34
CA ILE IA 311 -51.80 -19.31 -57.74
C ILE IA 311 -52.71 -18.81 -58.84
N LEU IA 312 -54.02 -18.97 -58.64
CA LEU IA 312 -55.03 -18.52 -59.59
C LEU IA 312 -55.71 -17.27 -59.05
N GLN IA 313 -55.75 -16.23 -59.88
CA GLN IA 313 -56.35 -14.96 -59.53
C GLN IA 313 -57.39 -14.61 -60.60
N VAL IA 314 -58.64 -14.46 -60.18
CA VAL IA 314 -59.74 -14.12 -61.08
C VAL IA 314 -60.25 -12.73 -60.69
N ASN IA 315 -60.23 -11.81 -61.65
CA ASN IA 315 -60.68 -10.44 -61.42
C ASN IA 315 -61.94 -10.20 -62.23
N ILE IA 316 -63.01 -9.78 -61.56
CA ILE IA 316 -64.27 -9.46 -62.23
C ILE IA 316 -64.24 -7.97 -62.54
N LYS IA 317 -63.96 -7.64 -63.80
CA LYS IA 317 -63.90 -6.23 -64.20
C LYS IA 317 -65.28 -5.61 -64.09
N GLN IA 318 -65.35 -4.43 -63.47
CA GLN IA 318 -66.63 -3.75 -63.26
C GLN IA 318 -66.90 -2.74 -64.38
N SER IA 319 -66.00 -1.79 -64.58
CA SER IA 319 -66.18 -0.77 -65.62
C SER IA 319 -66.02 -1.38 -67.01
N LEU JA 3 -32.92 7.01 -5.79
CA LEU JA 3 -32.91 8.12 -6.75
C LEU JA 3 -31.67 8.99 -6.58
N PHE JA 4 -31.29 9.25 -5.33
CA PHE JA 4 -30.12 10.08 -5.07
C PHE JA 4 -28.83 9.39 -5.50
N ASP JA 5 -28.80 8.06 -5.46
CA ASP JA 5 -27.60 7.34 -5.91
C ASP JA 5 -27.35 7.56 -7.39
N GLU JA 6 -28.42 7.56 -8.20
CA GLU JA 6 -28.28 7.68 -9.65
C GLU JA 6 -28.22 9.15 -10.10
N ASN JA 7 -29.18 9.96 -9.67
CA ASN JA 7 -29.28 11.35 -10.09
C ASN JA 7 -28.54 12.23 -9.10
N TYR JA 8 -27.58 13.02 -9.62
CA TYR JA 8 -26.81 13.93 -8.78
C TYR JA 8 -27.48 15.28 -8.61
N TYR JA 9 -28.17 15.76 -9.65
CA TYR JA 9 -28.83 17.07 -9.56
C TYR JA 9 -29.96 17.06 -8.55
N ALA JA 10 -30.69 15.95 -8.44
CA ALA JA 10 -31.73 15.83 -7.43
C ALA JA 10 -31.15 15.95 -6.03
N LYS JA 11 -30.01 15.29 -5.79
CA LYS JA 11 -29.36 15.39 -4.49
C LYS JA 11 -28.89 16.81 -4.21
N ALA JA 12 -28.37 17.49 -5.24
CA ALA JA 12 -27.94 18.87 -5.07
C ALA JA 12 -29.11 19.77 -4.70
N VAL JA 13 -30.25 19.59 -5.37
CA VAL JA 13 -31.44 20.36 -5.04
C VAL JA 13 -31.89 20.06 -3.62
N ALA JA 14 -31.86 18.79 -3.23
CA ALA JA 14 -32.27 18.42 -1.88
C ALA JA 14 -31.38 19.06 -0.83
N ASN JA 15 -30.08 19.12 -1.08
CA ASN JA 15 -29.16 19.70 -0.12
C ASN JA 15 -29.08 21.22 -0.17
N ILE JA 16 -29.58 21.85 -1.24
CA ILE JA 16 -29.54 23.30 -1.35
C ILE JA 16 -30.90 23.97 -1.15
N ILE JA 17 -31.98 23.19 -1.05
CA ILE JA 17 -33.31 23.78 -0.98
C ILE JA 17 -33.53 24.52 0.33
N GLY JA 18 -32.85 24.10 1.40
CA GLY JA 18 -33.03 24.76 2.68
C GLY JA 18 -32.56 26.21 2.70
N GLU JA 19 -31.53 26.52 1.92
CA GLU JA 19 -30.95 27.87 1.93
C GLU JA 19 -31.81 28.90 1.22
N VAL JA 20 -32.87 28.49 0.54
CA VAL JA 20 -33.75 29.44 -0.13
C VAL JA 20 -34.67 30.08 0.89
N LYS JA 21 -34.73 31.41 0.89
CA LYS JA 21 -35.52 32.13 1.87
C LYS JA 21 -37.01 32.06 1.54
N ASP JA 22 -37.83 32.16 2.58
CA ASP JA 22 -39.27 32.10 2.40
C ASP JA 22 -39.78 33.36 1.69
N PRO JA 23 -40.85 33.23 0.91
CA PRO JA 23 -41.40 34.40 0.22
C PRO JA 23 -41.91 35.44 1.21
N ILE JA 24 -41.79 36.71 0.82
CA ILE JA 24 -42.27 37.80 1.67
C ILE JA 24 -43.77 38.00 1.59
N MET JA 25 -44.45 37.37 0.64
CA MET JA 25 -45.89 37.48 0.53
C MET JA 25 -46.60 36.82 1.71
N TYR JA 26 -45.92 35.96 2.46
CA TYR JA 26 -46.53 35.32 3.61
C TYR JA 26 -46.91 36.35 4.68
N LYS JA 27 -46.18 37.46 4.74
CA LYS JA 27 -46.50 38.51 5.71
C LYS JA 27 -47.82 39.19 5.39
N TRP JA 28 -48.21 39.22 4.12
CA TRP JA 28 -49.42 39.91 3.69
C TRP JA 28 -50.69 39.14 3.98
N PHE JA 29 -50.60 37.92 4.51
CA PHE JA 29 -51.77 37.09 4.74
C PHE JA 29 -51.68 36.46 6.13
N SER JA 30 -52.76 35.83 6.53
CA SER JA 30 -52.86 35.10 7.79
C SER JA 30 -52.79 33.60 7.53
N PRO JA 31 -52.43 32.80 8.55
CA PRO JA 31 -52.35 31.35 8.33
C PRO JA 31 -53.63 30.73 7.82
N ASP JA 32 -54.79 31.23 8.24
CA ASP JA 32 -56.06 30.69 7.80
C ASP JA 32 -56.47 31.21 6.42
N GLN JA 33 -55.80 32.22 5.90
CA GLN JA 33 -56.16 32.83 4.62
C GLN JA 33 -55.51 32.15 3.42
N ILE JA 34 -54.71 31.09 3.64
CA ILE JA 34 -53.99 30.42 2.57
C ILE JA 34 -54.28 28.93 2.64
N GLU JA 35 -54.73 28.36 1.53
CA GLU JA 35 -55.00 26.92 1.46
C GLU JA 35 -54.56 26.38 0.10
N ASP JA 36 -53.81 25.29 0.11
CA ASP JA 36 -53.26 24.73 -1.11
C ASP JA 36 -54.31 23.96 -1.90
N VAL JA 37 -54.17 23.98 -3.22
CA VAL JA 37 -55.01 23.19 -4.12
C VAL JA 37 -54.11 22.33 -4.99
N ASP JA 38 -54.57 21.11 -5.29
CA ASP JA 38 -53.79 20.15 -6.06
C ASP JA 38 -54.13 20.33 -7.53
N LEU JA 39 -53.35 21.16 -8.21
CA LEU JA 39 -53.56 21.44 -9.62
C LEU JA 39 -52.30 22.09 -10.18
N GLN JA 40 -52.08 21.94 -11.48
CA GLN JA 40 -50.97 22.57 -12.17
C GLN JA 40 -51.41 23.61 -13.18
N MET JA 41 -52.29 23.23 -14.11
CA MET JA 41 -52.86 24.17 -15.07
C MET JA 41 -54.33 23.81 -15.26
N GLY JA 42 -55.21 24.78 -15.06
CA GLY JA 42 -56.63 24.51 -15.18
C GLY JA 42 -57.44 25.58 -14.49
N TYR JA 43 -58.65 25.19 -14.07
CA TYR JA 43 -59.54 26.11 -13.38
C TYR JA 43 -60.27 25.39 -12.27
N GLN JA 44 -60.64 26.16 -11.25
CA GLN JA 44 -61.47 25.68 -10.15
C GLN JA 44 -62.71 26.56 -10.06
N LYS JA 45 -63.88 25.93 -9.91
CA LYS JA 45 -65.15 26.64 -9.92
C LYS JA 45 -65.90 26.44 -8.62
N THR JA 46 -66.51 27.53 -8.14
CA THR JA 46 -67.38 27.51 -6.97
C THR JA 46 -68.70 28.20 -7.34
N VAL JA 47 -69.74 27.86 -6.59
CA VAL JA 47 -71.09 28.36 -6.84
C VAL JA 47 -71.57 29.10 -5.61
N LYS JA 48 -72.08 30.32 -5.80
CA LYS JA 48 -72.66 31.10 -4.72
C LYS JA 48 -74.10 31.49 -5.07
N TRP JA 49 -74.99 31.37 -4.10
CA TRP JA 49 -76.40 31.67 -4.27
C TRP JA 49 -76.76 33.00 -3.65
N ASP JA 50 -77.68 33.72 -4.27
CA ASP JA 50 -78.12 35.02 -3.79
C ASP JA 50 -79.61 35.17 -3.99
N ALA JA 51 -80.21 36.03 -3.18
CA ALA JA 51 -81.64 36.34 -3.26
C ALA JA 51 -81.82 37.84 -3.38
N PHE JA 52 -82.98 38.24 -3.90
CA PHE JA 52 -83.26 39.66 -4.09
C PHE JA 52 -84.77 39.88 -4.11
N LEU JA 53 -85.16 41.14 -3.88
CA LEU JA 53 -86.55 41.55 -3.86
C LEU JA 53 -86.92 42.17 -5.19
N ASN JA 54 -88.06 41.76 -5.74
CA ASN JA 54 -88.50 42.25 -7.04
C ASN JA 54 -89.41 43.47 -6.95
N ALA JA 55 -90.19 43.59 -5.89
CA ALA JA 55 -91.11 44.71 -5.75
C ALA JA 55 -91.43 44.90 -4.27
N ASN JA 56 -92.19 45.96 -3.99
CA ASN JA 56 -92.61 46.23 -2.63
C ASN JA 56 -93.55 45.12 -2.15
N PRO JA 57 -93.51 44.80 -0.86
CA PRO JA 57 -94.36 43.71 -0.35
C PRO JA 57 -95.84 44.03 -0.50
N THR JA 58 -96.63 42.97 -0.68
CA THR JA 58 -98.06 43.11 -0.90
C THR JA 58 -98.81 43.10 0.43
N THR JA 59 -99.78 43.99 0.56
CA THR JA 59 -100.61 44.04 1.75
C THR JA 59 -101.72 43.00 1.66
N ILE JA 60 -101.86 42.19 2.70
CA ILE JA 60 -102.84 41.11 2.73
C ILE JA 60 -104.13 41.71 3.31
N ALA JA 61 -104.98 42.22 2.43
CA ALA JA 61 -106.26 42.78 2.81
C ALA JA 61 -107.34 42.15 1.95
N ASN JA 62 -108.41 41.67 2.59
CA ASN JA 62 -109.54 41.02 1.92
C ASN JA 62 -109.00 39.81 1.18
N GLU JA 63 -109.30 39.63 -0.11
CA GLU JA 63 -108.83 38.49 -0.88
C GLU JA 63 -107.98 38.98 -2.04
N VAL JA 64 -106.85 38.30 -2.25
CA VAL JA 64 -105.92 38.66 -3.32
C VAL JA 64 -105.03 37.46 -3.59
N ASN JA 65 -104.74 37.23 -4.88
CA ASN JA 65 -103.89 36.13 -5.29
C ASN JA 65 -102.69 36.59 -6.12
N THR JA 66 -102.52 37.90 -6.30
CA THR JA 66 -101.37 38.45 -7.00
C THR JA 66 -100.43 39.05 -5.95
N ILE JA 67 -99.28 38.40 -5.75
CA ILE JA 67 -98.35 38.77 -4.70
C ILE JA 67 -97.00 39.11 -5.32
N SER JA 68 -96.25 39.96 -4.63
CA SER JA 68 -94.90 40.28 -5.05
C SER JA 68 -93.98 39.07 -4.84
N THR JA 69 -92.95 38.99 -5.68
CA THR JA 69 -92.09 37.82 -5.72
C THR JA 69 -90.68 38.16 -5.25
N ILE JA 70 -90.02 37.15 -4.68
CA ILE JA 70 -88.61 37.24 -4.30
C ILE JA 70 -87.84 36.35 -5.25
N GLY JA 71 -86.85 36.92 -5.94
CA GLY JA 71 -86.09 36.20 -6.92
C GLY JA 71 -84.78 35.66 -6.37
N PHE JA 72 -84.23 34.67 -7.09
CA PHE JA 72 -82.97 34.05 -6.71
C PHE JA 72 -82.04 34.04 -7.92
N SER JA 73 -80.75 33.94 -7.65
CA SER JA 73 -79.75 33.90 -8.71
C SER JA 73 -78.53 33.12 -8.21
N SER JA 74 -77.73 32.66 -9.16
CA SER JA 74 -76.51 31.93 -8.86
C SER JA 74 -75.36 32.54 -9.64
N GLU JA 75 -74.20 32.63 -8.99
CA GLU JA 75 -72.98 33.08 -9.64
C GLU JA 75 -71.94 31.98 -9.57
N VAL JA 76 -71.14 31.86 -10.63
CA VAL JA 76 -70.06 30.89 -10.70
C VAL JA 76 -68.75 31.66 -10.69
N VAL JA 77 -67.89 31.33 -9.74
CA VAL JA 77 -66.60 31.97 -9.58
C VAL JA 77 -65.52 30.99 -10.02
N ARG JA 78 -64.68 31.41 -10.95
CA ARG JA 78 -63.67 30.56 -11.57
C ARG JA 78 -62.29 31.14 -11.32
N LEU JA 79 -61.37 30.27 -10.88
CA LEU JA 79 -59.99 30.64 -10.63
C LEU JA 79 -59.10 29.87 -11.61
N ASN JA 80 -58.27 30.59 -12.35
CA ASN JA 80 -57.40 30.01 -13.37
C ASN JA 80 -55.99 29.87 -12.84
N TYR JA 81 -55.40 28.70 -13.06
CA TYR JA 81 -54.02 28.42 -12.67
C TYR JA 81 -53.22 28.09 -13.93
N LEU JA 82 -52.06 28.75 -14.06
CA LEU JA 82 -51.22 28.65 -15.25
C LEU JA 82 -49.83 28.17 -14.87
N LYS JA 83 -49.23 27.35 -15.74
CA LYS JA 83 -47.92 26.76 -15.48
C LYS JA 83 -46.88 27.41 -16.38
N LEU JA 84 -45.78 27.86 -15.77
CA LEU JA 84 -44.72 28.58 -16.46
C LEU JA 84 -43.38 27.94 -16.14
N GLN JA 85 -42.39 28.22 -16.99
CA GLN JA 85 -41.10 27.56 -16.89
C GLN JA 85 -39.97 28.52 -17.27
N TYR JA 86 -38.80 28.28 -16.69
CA TYR JA 86 -37.58 29.02 -17.00
C TYR JA 86 -36.43 28.03 -17.21
N LYS JA 87 -35.46 28.43 -18.02
CA LYS JA 87 -34.30 27.61 -18.32
C LYS JA 87 -33.02 28.35 -17.96
N PHE JA 88 -32.08 27.65 -17.34
CA PHE JA 88 -30.81 28.27 -16.98
C PHE JA 88 -29.65 27.33 -17.30
N ARG JA 89 -28.52 27.94 -17.66
CA ARG JA 89 -27.30 27.23 -18.00
C ARG JA 89 -26.37 27.14 -16.79
N HIS JA 90 -25.73 25.99 -16.63
CA HIS JA 90 -24.79 25.75 -15.53
C HIS JA 90 -23.66 24.87 -16.03
N LEU JA 91 -22.69 24.64 -15.15
CA LEU JA 91 -21.60 23.73 -15.45
C LEU JA 91 -22.00 22.29 -15.20
N LYS JA 92 -21.55 21.39 -16.08
CA LYS JA 92 -21.80 19.97 -15.89
C LYS JA 92 -21.08 19.48 -14.63
N GLN JA 93 -21.68 18.46 -13.99
CA GLN JA 93 -21.17 17.97 -12.72
C GLN JA 93 -19.70 17.56 -12.80
N THR JA 94 -19.34 16.80 -13.85
CA THR JA 94 -17.98 16.28 -13.97
C THR JA 94 -16.98 17.37 -14.31
N SER JA 95 -17.41 18.56 -14.69
CA SER JA 95 -16.51 19.65 -15.06
C SER JA 95 -16.20 20.59 -13.90
N GLU JA 96 -16.74 20.34 -12.71
CA GLU JA 96 -16.52 21.26 -11.59
C GLU JA 96 -15.06 21.28 -11.16
N LYS JA 97 -14.40 20.12 -11.19
CA LYS JA 97 -13.02 20.05 -10.73
C LYS JA 97 -12.09 20.91 -11.58
N PHE JA 98 -12.41 21.08 -12.86
CA PHE JA 98 -11.57 21.88 -13.75
C PHE JA 98 -11.86 23.37 -13.64
N TYR JA 99 -12.82 23.77 -12.82
CA TYR JA 99 -13.11 25.18 -12.56
C TYR JA 99 -13.00 25.55 -11.10
N THR JA 100 -12.76 24.59 -10.21
CA THR JA 100 -12.53 24.91 -8.80
C THR JA 100 -11.34 25.84 -8.66
N SER JA 101 -11.52 26.91 -7.88
CA SER JA 101 -10.48 27.90 -7.65
C SER JA 101 -10.10 27.91 -6.17
N ASP JA 102 -9.24 28.86 -5.80
CA ASP JA 102 -8.78 28.96 -4.42
C ASP JA 102 -9.93 29.25 -3.46
N SER JA 103 -10.84 30.13 -3.85
CA SER JA 103 -11.93 30.55 -2.97
C SER JA 103 -13.32 30.27 -3.51
N TYR JA 104 -13.47 29.96 -4.80
CA TYR JA 104 -14.79 29.75 -5.39
C TYR JA 104 -14.71 28.66 -6.45
N ILE JA 105 -15.87 28.33 -7.01
CA ILE JA 105 -15.98 27.37 -8.10
C ILE JA 105 -16.80 28.03 -9.22
N GLY JA 106 -16.27 28.01 -10.44
CA GLY JA 106 -16.97 28.58 -11.56
C GLY JA 106 -16.09 29.43 -12.46
N ASP JA 107 -16.62 29.85 -13.61
CA ASP JA 107 -15.91 30.66 -14.59
C ASP JA 107 -16.44 32.09 -14.52
N ILE JA 108 -15.66 32.97 -13.91
CA ILE JA 108 -16.06 34.38 -13.82
C ILE JA 108 -16.05 35.03 -15.20
N ASN JA 109 -15.09 34.63 -16.04
CA ASN JA 109 -15.01 35.20 -17.38
C ASN JA 109 -16.26 34.92 -18.21
N ASN JA 110 -16.94 33.81 -17.96
CA ASN JA 110 -18.07 33.38 -18.77
C ASN JA 110 -19.37 33.29 -17.99
N ASN JA 111 -19.36 33.64 -16.71
CA ASN JA 111 -20.58 33.65 -15.88
C ASN JA 111 -21.24 32.27 -15.84
N LEU JA 112 -20.43 31.25 -15.59
CA LEU JA 112 -20.90 29.88 -15.44
C LEU JA 112 -20.70 29.43 -14.01
N LEU JA 113 -21.74 28.86 -13.42
CA LEU JA 113 -21.78 28.51 -12.02
C LEU JA 113 -22.06 27.02 -11.85
N PRO JA 114 -21.72 26.45 -10.70
CA PRO JA 114 -22.16 25.09 -10.39
C PRO JA 114 -23.67 25.02 -10.29
N PHE JA 115 -24.18 23.80 -10.43
CA PHE JA 115 -25.63 23.60 -10.50
C PHE JA 115 -26.32 24.09 -9.24
N ALA JA 116 -25.76 23.81 -8.06
CA ALA JA 116 -26.41 24.18 -6.81
C ALA JA 116 -26.57 25.69 -6.70
N GLN JA 117 -25.50 26.44 -6.91
CA GLN JA 117 -25.56 27.89 -6.81
C GLN JA 117 -26.48 28.48 -7.88
N ALA JA 118 -26.38 27.97 -9.12
CA ALA JA 118 -27.23 28.47 -10.19
C ALA JA 118 -28.71 28.25 -9.87
N TYR JA 119 -29.04 27.04 -9.39
CA TYR JA 119 -30.43 26.75 -9.04
C TYR JA 119 -30.91 27.63 -7.89
N LYS JA 120 -30.06 27.85 -6.88
CA LYS JA 120 -30.45 28.68 -5.76
C LYS JA 120 -30.77 30.11 -6.22
N LEU JA 121 -29.87 30.69 -7.01
CA LEU JA 121 -30.08 32.06 -7.47
C LEU JA 121 -31.32 32.16 -8.37
N ALA JA 122 -31.50 31.19 -9.28
CA ALA JA 122 -32.65 31.22 -10.17
C ALA JA 122 -33.95 31.08 -9.39
N SER JA 123 -33.97 30.19 -8.39
CA SER JA 123 -35.16 30.04 -7.56
C SER JA 123 -35.48 31.32 -6.80
N SER JA 124 -34.45 31.99 -6.28
CA SER JA 124 -34.69 33.25 -5.58
C SER JA 124 -35.30 34.29 -6.52
N GLU JA 125 -34.76 34.39 -7.74
CA GLU JA 125 -35.31 35.37 -8.69
C GLU JA 125 -36.75 35.03 -9.06
N ILE JA 126 -37.04 33.74 -9.26
CA ILE JA 126 -38.40 33.35 -9.60
C ILE JA 126 -39.35 33.64 -8.44
N ILE JA 127 -38.90 33.44 -7.20
CA ILE JA 127 -39.74 33.75 -6.05
C ILE JA 127 -40.01 35.24 -5.97
N LYS JA 128 -39.02 36.06 -6.30
CA LYS JA 128 -39.25 37.50 -6.37
C LYS JA 128 -40.33 37.83 -7.40
N LEU JA 129 -40.26 37.20 -8.57
CA LEU JA 129 -41.28 37.44 -9.59
C LEU JA 129 -42.66 37.00 -9.11
N ILE JA 130 -42.73 35.87 -8.42
CA ILE JA 130 -44.00 35.38 -7.88
C ILE JA 130 -44.58 36.37 -6.88
N ASN JA 131 -43.73 36.89 -5.99
CA ASN JA 131 -44.20 37.88 -5.01
C ASN JA 131 -44.73 39.12 -5.71
N HIS JA 132 -44.01 39.58 -6.74
CA HIS JA 132 -44.47 40.75 -7.50
C HIS JA 132 -45.81 40.48 -8.15
N PHE JA 133 -46.01 39.27 -8.70
CA PHE JA 133 -47.29 38.94 -9.29
C PHE JA 133 -48.40 38.93 -8.26
N VAL JA 134 -48.16 38.31 -7.11
CA VAL JA 134 -49.20 38.23 -6.08
C VAL JA 134 -49.58 39.63 -5.61
N LEU JA 135 -48.61 40.54 -5.57
CA LEU JA 135 -48.91 41.90 -5.14
C LEU JA 135 -49.66 42.68 -6.23
N THR JA 136 -49.05 42.86 -7.39
CA THR JA 136 -49.55 43.82 -8.36
C THR JA 136 -50.49 43.25 -9.41
N GLY JA 137 -50.61 41.92 -9.51
CA GLY JA 137 -51.48 41.31 -10.47
C GLY JA 137 -50.94 41.21 -11.89
N THR JA 138 -49.72 41.67 -12.13
CA THR JA 138 -49.12 41.64 -13.45
C THR JA 138 -47.77 40.93 -13.41
N VAL JA 139 -47.29 40.54 -14.60
CA VAL JA 139 -45.99 39.90 -14.77
C VAL JA 139 -45.21 40.67 -15.81
N SER JA 140 -44.06 41.22 -15.40
CA SER JA 140 -43.19 41.95 -16.32
C SER JA 140 -41.79 41.98 -15.75
N ILE JA 141 -40.82 42.25 -16.62
CA ILE JA 141 -39.42 42.30 -16.23
C ILE JA 141 -38.83 43.69 -16.43
N GLN JA 142 -39.64 44.67 -16.80
CA GLN JA 142 -39.18 46.03 -17.04
C GLN JA 142 -39.68 46.96 -15.94
N LYS JA 143 -38.84 47.91 -15.55
CA LYS JA 143 -39.23 48.87 -14.52
C LYS JA 143 -40.39 49.74 -14.98
N ASP JA 144 -40.49 50.01 -16.28
CA ASP JA 144 -41.62 50.76 -16.81
C ASP JA 144 -42.92 50.00 -16.61
N GLY JA 145 -42.86 48.67 -16.50
CA GLY JA 145 -44.05 47.86 -16.42
C GLY JA 145 -44.69 47.53 -17.75
N LYS JA 146 -44.08 47.93 -18.86
CA LYS JA 146 -44.61 47.64 -20.17
C LYS JA 146 -44.17 46.23 -20.61
N ASN JA 147 -44.62 45.83 -21.80
CA ASN JA 147 -44.29 44.53 -22.38
C ASN JA 147 -44.69 43.39 -21.44
N GLN JA 148 -45.88 43.51 -20.85
CA GLN JA 148 -46.36 42.50 -19.92
C GLN JA 148 -46.68 41.20 -20.64
N LYS JA 149 -46.78 40.13 -19.86
CA LYS JA 149 -47.12 38.82 -20.39
C LYS JA 149 -48.63 38.65 -20.37
N ARG JA 150 -49.22 38.34 -21.52
CA ARG JA 150 -50.66 38.16 -21.61
C ARG JA 150 -51.07 36.94 -20.81
N LEU JA 151 -51.91 37.15 -19.80
CA LEU JA 151 -52.35 36.10 -18.90
C LEU JA 151 -53.80 35.74 -19.19
N LEU JA 152 -54.29 34.74 -18.47
CA LEU JA 152 -55.66 34.29 -18.59
C LEU JA 152 -56.60 35.20 -17.79
N PRO JA 153 -57.88 35.22 -18.13
CA PRO JA 153 -58.85 35.93 -17.28
C PRO JA 153 -58.99 35.24 -15.93
N ASN JA 154 -59.58 35.98 -14.99
CA ASN JA 154 -59.75 35.51 -13.61
C ASN JA 154 -58.42 35.23 -12.94
N MET JA 155 -57.40 35.99 -13.30
CA MET JA 155 -56.09 35.94 -12.66
C MET JA 155 -55.74 37.35 -12.22
N TYR JA 156 -55.89 37.64 -10.93
CA TYR JA 156 -55.79 38.99 -10.41
C TYR JA 156 -54.92 39.01 -9.17
N GLY JA 157 -54.34 40.18 -8.90
CA GLY JA 157 -53.62 40.45 -7.68
C GLY JA 157 -54.37 41.41 -6.78
N LEU JA 158 -53.71 41.78 -5.68
CA LEU JA 158 -54.32 42.68 -4.71
C LEU JA 158 -54.49 44.09 -5.25
N LEU JA 159 -53.77 44.46 -6.31
CA LEU JA 159 -53.79 45.82 -6.82
C LEU JA 159 -54.69 45.99 -8.05
N ASN JA 160 -54.81 44.97 -8.89
CA ASN JA 160 -55.62 45.06 -10.10
C ASN JA 160 -56.95 44.33 -9.98
N MET JA 161 -57.32 43.89 -8.78
CA MET JA 161 -58.58 43.19 -8.61
C MET JA 161 -59.75 44.14 -8.91
N PRO JA 162 -60.69 43.74 -9.77
CA PRO JA 162 -61.79 44.63 -10.13
C PRO JA 162 -62.86 44.66 -9.05
N GLU JA 163 -63.81 45.60 -9.23
CA GLU JA 163 -64.95 45.77 -8.32
C GLU JA 163 -64.49 46.04 -6.89
N GLN JA 164 -63.45 46.87 -6.75
CA GLN JA 164 -62.92 47.25 -5.45
C GLN JA 164 -62.86 48.77 -5.37
N ILE JA 165 -62.65 49.29 -4.16
CA ILE JA 165 -62.64 50.73 -3.96
C ILE JA 165 -61.31 51.29 -4.43
N LYS JA 166 -61.37 52.24 -5.37
CA LYS JA 166 -60.18 52.85 -5.96
C LYS JA 166 -60.22 54.34 -5.72
N GLU JA 167 -59.17 54.89 -5.12
CA GLU JA 167 -59.07 56.32 -4.86
C GLU JA 167 -57.81 56.86 -5.51
N GLU JA 168 -57.86 58.12 -5.94
CA GLU JA 168 -56.75 58.77 -6.61
C GLU JA 168 -56.47 60.12 -5.99
N VAL JA 169 -55.20 60.38 -5.70
CA VAL JA 169 -54.75 61.66 -5.16
C VAL JA 169 -54.12 62.45 -6.29
N ALA JA 170 -54.56 63.70 -6.45
CA ALA JA 170 -54.15 64.51 -7.58
C ALA JA 170 -52.65 64.82 -7.51
N SER JA 171 -52.12 65.25 -8.67
CA SER JA 171 -50.68 65.51 -8.77
C SER JA 171 -50.25 66.64 -7.83
N GLY JA 172 -51.05 67.71 -7.75
CA GLY JA 172 -50.70 68.83 -6.90
C GLY JA 172 -50.75 68.51 -5.41
N ASP JA 173 -51.47 67.46 -5.03
CA ASP JA 173 -51.64 67.09 -3.64
C ASP JA 173 -50.77 65.90 -3.22
N LYS JA 174 -49.77 65.55 -4.03
CA LYS JA 174 -48.96 64.38 -3.74
C LYS JA 174 -48.16 64.57 -2.45
N ASP JA 175 -47.68 65.78 -2.20
CA ASP JA 175 -46.91 66.06 -0.99
C ASP JA 175 -47.78 66.23 0.24
N LYS JA 176 -49.09 66.42 0.06
CA LYS JA 176 -49.99 66.76 1.16
C LYS JA 176 -50.51 65.49 1.81
N MET JA 177 -49.90 65.14 2.96
CA MET JA 177 -50.33 63.95 3.68
C MET JA 177 -51.76 64.09 4.18
N ASP JA 178 -52.20 65.33 4.46
CA ASP JA 178 -53.60 65.52 4.84
C ASP JA 178 -54.54 65.17 3.70
N LYS JA 179 -54.20 65.55 2.47
CA LYS JA 179 -55.02 65.16 1.31
C LYS JA 179 -54.99 63.65 1.12
N ILE JA 180 -53.81 63.03 1.26
CA ILE JA 180 -53.72 61.58 1.14
C ILE JA 180 -54.62 60.91 2.16
N PHE JA 181 -54.59 61.39 3.41
CA PHE JA 181 -55.42 60.82 4.46
C PHE JA 181 -56.89 61.06 4.22
N GLU JA 182 -57.24 62.21 3.61
CA GLU JA 182 -58.64 62.45 3.25
C GLU JA 182 -59.13 61.41 2.24
N LYS JA 183 -58.32 61.14 1.21
CA LYS JA 183 -58.69 60.11 0.26
C LYS JA 183 -58.78 58.74 0.91
N ILE JA 184 -57.86 58.44 1.83
CA ILE JA 184 -57.89 57.17 2.54
C ILE JA 184 -59.17 57.04 3.36
N GLU JA 185 -59.57 58.12 4.04
CA GLU JA 185 -60.80 58.09 4.83
C GLU JA 185 -62.02 57.91 3.95
N ALA JA 186 -62.06 58.57 2.79
CA ALA JA 186 -63.17 58.37 1.86
C ALA JA 186 -63.26 56.92 1.44
N GLY JA 187 -62.14 56.32 1.06
CA GLY JA 187 -62.15 54.92 0.66
C GLY JA 187 -62.55 54.00 1.81
N LEU JA 188 -62.08 54.30 3.03
CA LEU JA 188 -62.44 53.50 4.19
C LEU JA 188 -63.94 53.55 4.44
N SER JA 189 -64.54 54.72 4.27
CA SER JA 189 -66.00 54.84 4.41
C SER JA 189 -66.71 54.05 3.32
N LYS JA 190 -66.17 54.05 2.10
CA LYS JA 190 -66.78 53.29 1.02
C LYS JA 190 -66.55 51.78 1.14
N LEU JA 191 -65.67 51.34 2.02
CA LEU JA 191 -65.50 49.90 2.25
C LEU JA 191 -66.79 49.29 2.79
N GLU JA 192 -67.03 48.02 2.43
CA GLU JA 192 -68.22 47.28 2.85
C GLU JA 192 -67.77 45.93 3.43
N LEU JA 193 -67.45 45.92 4.72
CA LEU JA 193 -67.03 44.68 5.37
C LEU JA 193 -68.22 43.82 5.78
N GLY JA 194 -69.30 44.44 6.23
CA GLY JA 194 -70.46 43.68 6.63
C GLY JA 194 -70.30 43.03 8.00
N ASP JA 195 -70.86 41.82 8.13
CA ASP JA 195 -70.79 41.05 9.37
C ASP JA 195 -69.42 40.42 9.61
N GLU JA 196 -68.44 40.73 8.78
CA GLU JA 196 -67.07 40.23 8.92
C GLU JA 196 -66.11 41.38 9.22
N PHE JA 197 -66.53 42.30 10.09
CA PHE JA 197 -65.76 43.50 10.39
C PHE JA 197 -64.80 43.33 11.55
N SER JA 198 -65.10 42.43 12.50
CA SER JA 198 -64.25 42.24 13.67
C SER JA 198 -63.08 41.32 13.30
N THR JA 199 -62.19 41.86 12.46
CA THR JA 199 -61.04 41.13 11.97
C THR JA 199 -59.85 42.07 11.86
N PRO JA 200 -58.63 41.56 12.00
CA PRO JA 200 -57.45 42.40 11.81
C PRO JA 200 -57.36 42.93 10.38
N MET JA 201 -56.72 44.10 10.25
CA MET JA 201 -56.57 44.76 8.96
C MET JA 201 -55.10 44.92 8.61
N MET JA 202 -54.82 44.96 7.32
CA MET JA 202 -53.45 45.05 6.81
C MET JA 202 -53.35 46.21 5.83
N VAL JA 203 -52.28 46.99 5.98
CA VAL JA 203 -51.97 48.12 5.12
C VAL JA 203 -50.58 47.92 4.54
N ILE JA 204 -50.45 48.15 3.24
CA ILE JA 204 -49.18 48.05 2.53
C ILE JA 204 -48.90 49.40 1.88
N VAL JA 205 -47.71 49.95 2.15
CA VAL JA 205 -47.36 51.27 1.67
C VAL JA 205 -45.98 51.22 1.02
N ASP JA 206 -45.73 52.21 0.16
CA ASP JA 206 -44.42 52.39 -0.45
C ASP JA 206 -43.48 53.11 0.52
N PRO JA 207 -42.17 53.03 0.28
CA PRO JA 207 -41.22 53.67 1.22
C PRO JA 207 -41.43 55.17 1.39
N ALA JA 208 -41.81 55.89 0.33
CA ALA JA 208 -42.06 57.32 0.47
C ALA JA 208 -43.24 57.59 1.40
N THR JA 209 -44.31 56.81 1.26
CA THR JA 209 -45.45 56.96 2.15
C THR JA 209 -45.07 56.58 3.59
N SER JA 210 -44.22 55.56 3.73
CA SER JA 210 -43.77 55.18 5.07
C SER JA 210 -42.97 56.32 5.72
N LEU JA 211 -42.14 57.00 4.92
CA LEU JA 211 -41.43 58.18 5.42
C LEU JA 211 -42.39 59.28 5.81
N LYS JA 212 -43.42 59.52 4.99
CA LYS JA 212 -44.37 60.59 5.30
C LYS JA 212 -45.21 60.27 6.53
N LEU JA 213 -45.42 58.98 6.83
CA LEU JA 213 -46.31 58.58 7.91
C LEU JA 213 -45.77 58.91 9.29
N VAL JA 214 -44.48 59.22 9.44
CA VAL JA 214 -43.90 59.47 10.75
C VAL JA 214 -43.82 60.95 11.08
N LYS JA 215 -44.27 61.83 10.20
CA LYS JA 215 -44.33 63.24 10.51
C LYS JA 215 -45.41 63.51 11.54
N PRO JA 216 -45.27 64.56 12.36
CA PRO JA 216 -46.30 64.88 13.34
C PRO JA 216 -47.62 65.22 12.67
N TYR JA 217 -48.71 64.83 13.33
CA TYR JA 217 -50.04 65.09 12.80
C TYR JA 217 -50.32 66.59 12.80
N ALA JA 218 -50.88 67.09 11.70
CA ALA JA 218 -51.18 68.51 11.57
C ALA JA 218 -52.67 68.76 11.54
N ALA JA 223 -51.62 74.06 13.48
CA ALA JA 223 -50.43 73.83 14.27
C ALA JA 223 -50.14 72.33 14.38
N ALA JA 224 -48.86 71.98 14.49
CA ALA JA 224 -48.47 70.59 14.58
C ALA JA 224 -48.78 70.03 15.97
N SER JA 225 -48.97 68.72 16.03
CA SER JA 225 -49.23 68.05 17.30
C SER JA 225 -47.93 67.83 18.06
N SER JA 226 -48.04 67.16 19.21
CA SER JA 226 -46.87 66.92 20.05
C SER JA 226 -46.73 65.47 20.52
N CYS JA 227 -47.77 64.66 20.45
CA CYS JA 227 -47.70 63.28 20.91
C CYS JA 227 -48.26 62.25 19.94
N GLU JA 228 -49.01 62.66 18.91
CA GLU JA 228 -49.59 61.73 17.96
C GLU JA 228 -49.12 62.07 16.55
N LYS JA 229 -48.98 61.02 15.73
CA LYS JA 229 -48.46 61.15 14.38
C LYS JA 229 -49.44 60.56 13.39
N TRP JA 230 -49.11 60.73 12.11
CA TRP JA 230 -50.00 60.28 11.03
C TRP JA 230 -50.23 58.77 11.11
N GLU JA 231 -49.19 58.01 11.48
CA GLU JA 231 -49.36 56.57 11.60
C GLU JA 231 -50.38 56.22 12.69
N ASP JA 232 -50.29 56.89 13.85
CA ASP JA 232 -51.23 56.64 14.91
C ASP JA 232 -52.65 57.05 14.52
N VAL JA 233 -52.78 58.17 13.80
CA VAL JA 233 -54.10 58.60 13.36
C VAL JA 233 -54.70 57.58 12.39
N LEU JA 234 -53.88 57.07 11.46
CA LEU JA 234 -54.36 56.05 10.53
C LEU JA 234 -54.76 54.77 11.26
N ILE JA 235 -53.97 54.37 12.26
CA ILE JA 235 -54.30 53.17 13.02
C ILE JA 235 -55.63 53.35 13.75
N GLN JA 236 -55.84 54.51 14.35
CA GLN JA 236 -57.12 54.76 15.03
C GLN JA 236 -58.28 54.78 14.04
N THR JA 237 -58.08 55.37 12.87
CA THR JA 237 -59.14 55.41 11.86
C THR JA 237 -59.52 54.01 11.40
N ILE JA 238 -58.53 53.14 11.18
CA ILE JA 238 -58.82 51.77 10.76
C ILE JA 238 -59.45 50.97 11.90
N LYS JA 239 -59.01 51.23 13.14
CA LYS JA 239 -59.62 50.59 14.29
C LYS JA 239 -61.06 51.01 14.50
N ALA JA 240 -61.43 52.20 14.00
CA ALA JA 240 -62.83 52.62 14.07
C ALA JA 240 -63.75 51.69 13.29
N ILE JA 241 -63.26 51.08 12.22
CA ILE JA 241 -64.09 50.21 11.40
C ILE JA 241 -63.83 48.73 11.63
N ASN JA 242 -62.66 48.34 12.15
CA ASN JA 242 -62.38 46.92 12.34
C ASN JA 242 -62.79 46.43 13.73
N ASN JA 243 -63.67 47.17 14.42
CA ASN JA 243 -64.09 46.84 15.78
C ASN JA 243 -62.90 46.79 16.74
N ARG JA 244 -61.99 47.75 16.59
CA ARG JA 244 -60.79 47.87 17.43
C ARG JA 244 -59.97 46.58 17.43
N GLU JA 245 -59.70 46.08 16.23
CA GLU JA 245 -58.85 44.92 16.05
C GLU JA 245 -57.45 45.34 15.63
N ASP JA 246 -56.55 44.37 15.56
CA ASP JA 246 -55.16 44.65 15.23
C ASP JA 246 -55.04 45.24 13.83
N VAL JA 247 -54.19 46.26 13.71
CA VAL JA 247 -53.90 46.90 12.43
C VAL JA 247 -52.41 46.74 12.19
N TYR JA 248 -52.04 46.15 11.06
CA TYR JA 248 -50.65 45.92 10.70
C TYR JA 248 -50.27 46.79 9.52
N ILE JA 249 -49.05 47.33 9.56
CA ILE JA 249 -48.52 48.19 8.51
C ILE JA 249 -47.24 47.57 7.98
N GLU JA 250 -47.12 47.47 6.66
CA GLU JA 250 -45.97 46.88 6.01
C GLU JA 250 -45.51 47.78 4.87
N THR JA 251 -44.21 47.73 4.59
CA THR JA 251 -43.60 48.49 3.51
C THR JA 251 -43.01 47.52 2.49
N SER JA 252 -43.30 47.77 1.22
CA SER JA 252 -42.81 46.94 0.13
C SER JA 252 -42.18 47.84 -0.92
N ASN JA 253 -40.97 47.49 -1.34
CA ASN JA 253 -40.29 48.25 -2.39
C ASN JA 253 -40.93 48.02 -3.76
N LEU JA 254 -41.75 46.97 -3.90
CA LEU JA 254 -42.43 46.73 -5.17
C LEU JA 254 -43.43 47.85 -5.48
N LEU JA 255 -44.15 48.34 -4.47
CA LEU JA 255 -45.13 49.39 -4.68
C LEU JA 255 -44.44 50.73 -4.89
N LYS JA 256 -45.13 51.62 -5.60
CA LYS JA 256 -44.65 52.98 -5.85
C LYS JA 256 -45.85 53.92 -5.85
N HIS JA 257 -45.92 54.80 -4.85
CA HIS JA 257 -46.97 55.80 -4.74
C HIS JA 257 -48.36 55.16 -4.69
N LYS JA 258 -48.46 54.06 -3.95
CA LYS JA 258 -49.72 53.33 -3.82
C LYS JA 258 -49.86 52.80 -2.40
N ILE JA 259 -51.11 52.72 -1.95
CA ILE JA 259 -51.46 52.23 -0.62
C ILE JA 259 -52.56 51.19 -0.78
N LEU JA 260 -52.40 50.06 -0.09
CA LEU JA 260 -53.36 48.97 -0.15
C LEU JA 260 -53.88 48.68 1.25
N ILE JA 261 -55.20 48.62 1.41
CA ILE JA 261 -55.81 48.30 2.69
C ILE JA 261 -56.81 47.17 2.49
N TYR JA 262 -56.71 46.13 3.32
CA TYR JA 262 -57.61 45.00 3.18
C TYR JA 262 -57.63 44.19 4.48
N PRO JA 263 -58.72 43.48 4.77
CA PRO JA 263 -58.77 42.69 6.00
C PRO JA 263 -58.11 41.33 5.85
N LEU JA 264 -57.66 40.80 6.99
CA LEU JA 264 -57.07 39.45 7.05
C LEU JA 264 -58.11 38.41 7.44
N ASN JA 265 -59.21 38.35 6.70
CA ASN JA 265 -60.30 37.41 6.98
C ASN JA 265 -60.42 36.43 5.82
N SER JA 266 -60.44 35.14 6.16
CA SER JA 266 -60.57 34.10 5.15
C SER JA 266 -61.95 34.05 4.52
N GLU JA 267 -62.96 34.69 5.13
CA GLU JA 267 -64.31 34.69 4.59
C GLU JA 267 -64.52 35.75 3.52
N LEU JA 268 -63.57 36.68 3.35
CA LEU JA 268 -63.69 37.74 2.36
C LEU JA 268 -62.63 37.64 1.27
N ILE JA 269 -61.37 37.44 1.66
CA ILE JA 269 -60.26 37.27 0.73
C ILE JA 269 -59.51 36.01 1.11
N LYS JA 270 -59.33 35.11 0.14
CA LYS JA 270 -58.64 33.85 0.35
C LYS JA 270 -57.66 33.59 -0.78
N PHE JA 271 -56.51 33.03 -0.43
CA PHE JA 271 -55.48 32.66 -1.39
C PHE JA 271 -55.47 31.13 -1.46
N LYS JA 272 -55.88 30.58 -2.60
CA LYS JA 272 -55.84 29.15 -2.85
C LYS JA 272 -54.79 28.87 -3.91
N PRO JA 273 -53.51 28.91 -3.57
CA PRO JA 273 -52.47 28.67 -4.57
C PRO JA 273 -52.32 27.18 -4.85
N SER JA 274 -51.79 26.90 -6.03
CA SER JA 274 -51.43 25.53 -6.37
C SER JA 274 -50.32 25.05 -5.45
N LYS JA 275 -50.39 23.78 -5.05
CA LYS JA 275 -49.34 23.22 -4.21
C LYS JA 275 -48.00 23.12 -4.93
N TYR JA 276 -47.96 23.43 -6.23
CA TYR JA 276 -46.73 23.45 -7.01
C TYR JA 276 -46.40 24.86 -7.48
N MET JA 277 -46.89 25.87 -6.76
CA MET JA 277 -46.67 27.27 -7.17
C MET JA 277 -45.21 27.66 -7.03
N LEU JA 278 -44.57 27.26 -5.94
CA LEU JA 278 -43.18 27.63 -5.71
C LEU JA 278 -42.27 26.84 -6.65
N PRO JA 279 -41.07 27.37 -6.94
CA PRO JA 279 -40.22 26.76 -7.97
C PRO JA 279 -39.90 25.30 -7.69
N THR JA 280 -39.89 24.50 -8.75
CA THR JA 280 -39.63 23.07 -8.67
C THR JA 280 -38.73 22.68 -9.83
N PRO JA 281 -37.68 21.88 -9.59
CA PRO JA 281 -36.81 21.46 -10.68
C PRO JA 281 -37.53 20.51 -11.63
N ASN JA 282 -37.08 20.50 -12.88
CA ASN JA 282 -37.58 19.57 -13.88
C ASN JA 282 -36.57 18.45 -14.09
N GLU JA 283 -37.08 17.27 -14.41
CA GLU JA 283 -36.22 16.10 -14.56
C GLU JA 283 -35.30 16.22 -15.77
N GLN JA 284 -35.77 16.89 -16.83
CA GLN JA 284 -35.00 16.95 -18.06
C GLN JA 284 -33.77 17.85 -17.89
N VAL JA 285 -32.61 17.34 -18.30
CA VAL JA 285 -31.37 18.09 -18.32
C VAL JA 285 -30.75 17.96 -19.70
N ASP JA 286 -30.40 19.09 -20.30
CA ASP JA 286 -29.79 19.11 -21.63
C ASP JA 286 -28.29 18.91 -21.49
N LYS JA 287 -27.76 17.90 -22.18
CA LYS JA 287 -26.34 17.55 -22.11
C LYS JA 287 -25.75 17.52 -23.51
N ASP JA 288 -24.47 17.90 -23.61
CA ASP JA 288 -23.76 17.91 -24.87
C ASP JA 288 -22.33 17.44 -24.62
N SER JA 289 -21.46 17.64 -25.61
CA SER JA 289 -20.07 17.26 -25.50
C SER JA 289 -19.23 18.30 -24.77
N THR JA 290 -19.78 19.49 -24.51
CA THR JA 290 -19.05 20.54 -23.82
C THR JA 290 -19.32 20.43 -22.31
N ASP JA 291 -18.90 21.44 -21.55
CA ASP JA 291 -19.07 21.44 -20.10
C ASP JA 291 -20.33 22.18 -19.66
N VAL JA 292 -21.14 22.67 -20.59
CA VAL JA 292 -22.32 23.47 -20.26
C VAL JA 292 -23.57 22.61 -20.37
N ALA JA 293 -24.39 22.61 -19.34
CA ALA JA 293 -25.67 21.93 -19.33
C ALA JA 293 -26.79 22.94 -19.07
N HIS JA 294 -28.02 22.53 -19.34
CA HIS JA 294 -29.19 23.38 -19.17
C HIS JA 294 -30.22 22.67 -18.31
N SER JA 295 -30.79 23.39 -17.35
CA SER JA 295 -31.82 22.86 -16.47
C SER JA 295 -33.05 23.75 -16.53
N TYR JA 296 -34.18 23.20 -16.06
CA TYR JA 296 -35.47 23.86 -16.15
C TYR JA 296 -36.13 23.92 -14.78
N ILE JA 297 -36.82 25.03 -14.52
CA ILE JA 297 -37.56 25.25 -13.28
C ILE JA 297 -39.00 25.59 -13.63
N ASP JA 298 -39.94 24.94 -12.94
CA ASP JA 298 -41.37 25.12 -13.18
C ASP JA 298 -42.02 25.83 -11.98
N PHE JA 299 -43.01 26.67 -12.27
CA PHE JA 299 -43.80 27.29 -11.22
C PHE JA 299 -45.22 27.52 -11.74
N VAL JA 300 -46.13 27.82 -10.82
CA VAL JA 300 -47.55 27.96 -11.13
C VAL JA 300 -48.06 29.29 -10.57
N LEU JA 301 -48.86 30.00 -11.36
CA LEU JA 301 -49.43 31.27 -10.98
C LEU JA 301 -50.96 31.20 -10.96
N GLY JA 302 -51.56 32.01 -10.09
CA GLY JA 302 -53.00 32.11 -9.99
C GLY JA 302 -53.57 31.66 -8.67
N GLY JA 303 -54.78 32.11 -8.34
CA GLY JA 303 -55.47 31.62 -7.14
C GLY JA 303 -55.81 32.63 -6.07
N LEU JA 304 -56.07 33.88 -6.42
CA LEU JA 304 -56.48 34.89 -5.45
C LEU JA 304 -57.97 35.16 -5.63
N LEU JA 305 -58.74 34.95 -4.57
CA LEU JA 305 -60.18 35.16 -4.60
C LEU JA 305 -60.56 36.22 -3.58
N ALA JA 306 -61.29 37.24 -4.03
CA ALA JA 306 -61.71 38.32 -3.15
C ALA JA 306 -63.16 38.68 -3.43
N THR JA 307 -63.88 39.04 -2.36
CA THR JA 307 -65.23 39.55 -2.54
C THR JA 307 -65.19 40.99 -3.03
N ARG JA 308 -66.33 41.45 -3.54
CA ARG JA 308 -66.41 42.80 -4.10
C ARG JA 308 -66.41 43.85 -2.99
N LYS JA 309 -65.78 44.99 -3.28
CA LYS JA 309 -65.75 46.13 -2.38
C LYS JA 309 -65.23 45.77 -1.00
N THR JA 310 -64.05 45.13 -0.96
CA THR JA 310 -63.37 44.81 0.29
C THR JA 310 -61.90 45.18 0.25
N ILE JA 311 -61.44 45.85 -0.80
CA ILE JA 311 -60.05 46.27 -0.92
C ILE JA 311 -60.02 47.75 -1.27
N LEU JA 312 -59.22 48.52 -0.53
CA LEU JA 312 -58.99 49.93 -0.81
C LEU JA 312 -57.65 50.08 -1.50
N GLN JA 313 -57.66 50.72 -2.67
CA GLN JA 313 -56.48 50.89 -3.52
C GLN JA 313 -56.32 52.38 -3.77
N VAL JA 314 -55.36 53.01 -3.08
CA VAL JA 314 -55.11 54.44 -3.23
C VAL JA 314 -53.89 54.62 -4.11
N ASN JA 315 -54.04 55.38 -5.20
CA ASN JA 315 -52.95 55.73 -6.08
C ASN JA 315 -52.67 57.22 -5.93
N ILE JA 316 -51.40 57.61 -5.98
CA ILE JA 316 -51.00 59.00 -5.86
C ILE JA 316 -50.36 59.41 -7.17
N LYS JA 317 -51.06 60.23 -7.95
CA LYS JA 317 -50.55 60.65 -9.25
C LYS JA 317 -49.27 61.48 -9.07
N GLN JA 318 -48.29 61.25 -9.95
CA GLN JA 318 -46.98 61.86 -9.82
C GLN JA 318 -46.70 62.90 -10.91
N SER JA 319 -47.75 63.42 -11.55
CA SER JA 319 -47.57 64.43 -12.58
C SER JA 319 -47.08 65.75 -11.97
N ILE KA 4 -15.73 -14.65 -77.08
CA ILE KA 4 -16.14 -14.57 -75.68
C ILE KA 4 -15.26 -13.56 -74.94
N THR KA 5 -13.98 -13.50 -75.32
CA THR KA 5 -13.06 -12.56 -74.69
C THR KA 5 -13.46 -11.13 -74.96
N LYS KA 6 -13.89 -10.83 -76.19
CA LYS KA 6 -14.33 -9.47 -76.52
C LYS KA 6 -15.57 -9.09 -75.72
N ILE KA 7 -16.50 -10.04 -75.55
CA ILE KA 7 -17.68 -9.78 -74.74
C ILE KA 7 -17.29 -9.52 -73.29
N LYS KA 8 -16.32 -10.29 -72.78
CA LYS KA 8 -15.82 -10.03 -71.44
C LYS KA 8 -15.21 -8.62 -71.33
N GLN KA 9 -14.47 -8.20 -72.36
CA GLN KA 9 -13.87 -6.87 -72.34
C GLN KA 9 -14.95 -5.78 -72.31
N GLU KA 10 -15.97 -5.91 -73.16
CA GLU KA 10 -17.05 -4.92 -73.17
C GLU KA 10 -17.78 -4.90 -71.83
N PHE KA 11 -18.04 -6.09 -71.27
CA PHE KA 11 -18.64 -6.19 -69.94
C PHE KA 11 -17.81 -5.44 -68.90
N ASP KA 12 -16.49 -5.63 -68.96
CA ASP KA 12 -15.60 -4.97 -68.00
C ASP KA 12 -15.64 -3.45 -68.17
N LYS KA 13 -15.62 -2.96 -69.41
CA LYS KA 13 -15.69 -1.52 -69.62
C LYS KA 13 -16.97 -0.93 -69.06
N LYS KA 14 -18.11 -1.57 -69.35
CA LYS KA 14 -19.38 -1.01 -68.92
C LYS KA 14 -19.52 -1.09 -67.39
N VAL KA 15 -19.08 -2.18 -66.78
CA VAL KA 15 -19.14 -2.27 -65.33
C VAL KA 15 -18.19 -1.25 -64.70
N ALA KA 16 -17.06 -0.96 -65.36
CA ALA KA 16 -16.16 0.06 -64.85
C ALA KA 16 -16.81 1.44 -64.89
N GLU KA 17 -17.53 1.75 -65.98
CA GLU KA 17 -18.24 3.02 -66.06
C GLU KA 17 -19.29 3.13 -64.95
N ILE KA 18 -20.09 2.08 -64.76
CA ILE KA 18 -21.13 2.15 -63.75
C ILE KA 18 -20.53 2.25 -62.35
N GLN KA 19 -19.39 1.57 -62.12
CA GLN KA 19 -18.70 1.71 -60.84
C GLN KA 19 -18.20 3.14 -60.64
N ALA KA 20 -17.59 3.72 -61.68
CA ALA KA 20 -17.14 5.11 -61.59
C ALA KA 20 -18.29 6.03 -61.25
N LEU KA 21 -19.50 5.70 -61.69
CA LEU KA 21 -20.69 6.45 -61.28
C LEU KA 21 -21.32 5.84 -60.03
N MET KA 22 -20.52 5.77 -58.96
CA MET KA 22 -20.98 5.23 -57.68
C MET KA 22 -20.11 5.78 -56.55
N LYS KA 23 -20.65 5.71 -55.33
CA LYS KA 23 -19.93 6.22 -54.17
C LYS KA 23 -18.91 5.21 -53.65
N ASN KA 24 -19.29 3.95 -53.52
CA ASN KA 24 -18.41 2.92 -52.95
C ASN KA 24 -18.64 1.61 -53.68
N PRO KA 25 -18.12 1.48 -54.90
CA PRO KA 25 -18.30 0.25 -55.66
C PRO KA 25 -17.53 -0.91 -55.03
N GLN KA 26 -18.03 -2.11 -55.27
CA GLN KA 26 -17.35 -3.33 -54.84
C GLN KA 26 -16.27 -3.65 -55.87
N GLN KA 27 -15.12 -3.01 -55.72
CA GLN KA 27 -13.98 -3.20 -56.61
C GLN KA 27 -12.83 -3.77 -55.80
N ASP KA 28 -12.23 -4.84 -56.31
CA ASP KA 28 -11.14 -5.52 -55.62
C ASP KA 28 -9.87 -5.47 -56.45
N SER KA 29 -8.73 -5.59 -55.77
CA SER KA 29 -7.44 -5.53 -56.44
C SER KA 29 -6.47 -6.41 -55.67
N GLY KA 30 -5.38 -6.78 -56.37
CA GLY KA 30 -4.38 -7.63 -55.74
C GLY KA 30 -3.52 -6.90 -54.72
N LEU KA 31 -3.42 -5.58 -54.83
CA LEU KA 31 -2.55 -4.79 -53.99
C LEU KA 31 -3.34 -3.98 -52.96
N LEU KA 32 -2.59 -3.41 -52.01
CA LEU KA 32 -3.13 -2.46 -51.04
C LEU KA 32 -2.86 -1.04 -51.51
N SER KA 33 -3.87 -0.19 -51.38
CA SER KA 33 -3.72 1.22 -51.73
C SER KA 33 -2.75 1.89 -50.76
N ASN KA 34 -1.93 2.79 -51.28
CA ASN KA 34 -0.91 3.47 -50.48
C ASN KA 34 -1.55 4.64 -49.73
N SER KA 35 -2.23 4.31 -48.64
CA SER KA 35 -2.79 5.30 -47.71
C SER KA 35 -2.14 5.08 -46.36
N ILE KA 36 -0.96 5.68 -46.18
CA ILE KA 36 -0.17 5.53 -44.97
C ILE KA 36 0.28 6.89 -44.46
N ASP KA 37 -0.50 7.92 -44.77
CA ASP KA 37 -0.25 9.28 -44.31
C ASP KA 37 -1.56 9.85 -43.78
N PHE KA 38 -1.45 10.79 -42.84
CA PHE KA 38 -2.63 11.33 -42.15
C PHE KA 38 -3.12 12.64 -42.74
N ARG KA 39 -2.53 13.12 -43.84
CA ARG KA 39 -2.93 14.37 -44.45
C ARG KA 39 -3.51 14.13 -45.84
N ASP KA 40 -4.52 14.94 -46.19
CA ASP KA 40 -5.16 14.89 -47.51
C ASP KA 40 -5.69 13.49 -47.83
N GLN KA 41 -6.41 12.91 -46.87
CA GLN KA 41 -7.01 11.60 -47.05
C GLN KA 41 -8.52 11.63 -47.17
N ASN KA 42 -9.14 12.81 -47.06
CA ASN KA 42 -10.58 12.95 -47.12
C ASN KA 42 -11.08 13.31 -48.51
N LEU KA 43 -10.19 13.50 -49.48
CA LEU KA 43 -10.57 13.88 -50.84
C LEU KA 43 -10.95 12.62 -51.63
N ILE KA 44 -12.05 12.00 -51.22
CA ILE KA 44 -12.56 10.80 -51.85
C ILE KA 44 -14.06 10.94 -52.06
N PHE KA 45 -14.59 10.18 -53.01
CA PHE KA 45 -16.01 10.24 -53.32
C PHE KA 45 -16.86 9.48 -52.32
N SER KA 46 -16.26 8.60 -51.53
CA SER KA 46 -16.99 7.85 -50.51
C SER KA 46 -17.11 8.62 -49.19
N ASN KA 47 -16.58 9.84 -49.13
CA ASN KA 47 -16.65 10.67 -47.93
C ASN KA 47 -18.06 11.25 -47.84
N SER KA 48 -18.97 10.47 -47.26
CA SER KA 48 -20.35 10.87 -47.12
C SER KA 48 -20.55 11.72 -45.86
N GLY KA 49 -21.70 12.38 -45.79
CA GLY KA 49 -22.01 13.24 -44.67
C GLY KA 49 -21.45 14.64 -44.83
N GLY KA 50 -21.11 15.29 -43.73
CA GLY KA 50 -20.55 16.62 -43.76
C GLY KA 50 -19.22 16.66 -43.02
N VAL KA 51 -18.38 17.64 -43.39
CA VAL KA 51 -17.09 17.79 -42.72
C VAL KA 51 -17.29 18.27 -41.28
N CYS KA 52 -18.23 19.18 -41.07
CA CYS KA 52 -18.59 19.66 -39.74
C CYS KA 52 -20.09 19.45 -39.57
N THR KA 53 -20.47 18.56 -38.66
CA THR KA 53 -21.86 18.17 -38.49
C THR KA 53 -22.30 18.48 -37.06
N SER KA 54 -23.51 19.01 -36.95
CA SER KA 54 -24.12 19.31 -35.66
C SER KA 54 -25.04 18.18 -35.23
N SER KA 55 -25.24 18.06 -33.92
CA SER KA 55 -26.12 17.05 -33.37
C SER KA 55 -27.58 17.49 -33.38
N LYS KA 56 -27.88 18.66 -33.95
CA LYS KA 56 -29.24 19.18 -34.01
C LYS KA 56 -29.71 19.38 -35.45
N ASP KA 57 -29.11 18.68 -36.40
CA ASP KA 57 -29.47 18.82 -37.81
C ASP KA 57 -30.65 17.93 -38.15
N LYS KA 58 -31.57 18.47 -38.96
CA LYS KA 58 -32.71 17.71 -39.42
C LYS KA 58 -32.35 16.92 -40.67
N ILE KA 59 -32.59 15.61 -40.63
CA ILE KA 59 -32.18 14.69 -41.68
C ILE KA 59 -33.40 13.92 -42.15
N GLU KA 60 -33.58 13.81 -43.46
CA GLU KA 60 -34.72 13.11 -44.04
C GLU KA 60 -34.22 12.05 -45.00
N ASN KA 61 -35.06 11.08 -45.30
CA ASN KA 61 -34.77 10.08 -46.32
C ASN KA 61 -35.89 10.05 -47.35
N TYR KA 62 -35.53 9.85 -48.61
CA TYR KA 62 -36.50 9.83 -49.70
C TYR KA 62 -36.16 8.72 -50.68
N PRO KA 63 -37.14 8.20 -51.41
CA PRO KA 63 -36.83 7.35 -52.56
C PRO KA 63 -36.02 8.14 -53.59
N ALA KA 64 -35.06 7.47 -54.21
CA ALA KA 64 -34.13 8.12 -55.12
C ALA KA 64 -34.48 7.78 -56.57
N LYS KA 65 -34.47 8.80 -57.41
CA LYS KA 65 -34.64 8.64 -58.86
C LYS KA 65 -33.31 8.96 -59.52
N GLY KA 66 -32.62 7.92 -59.96
CA GLY KA 66 -31.29 8.10 -60.51
C GLY KA 66 -30.22 8.03 -59.44
N TYR KA 67 -29.18 8.86 -59.55
CA TYR KA 67 -28.07 8.86 -58.62
C TYR KA 67 -27.80 10.30 -58.18
N PRO KA 68 -28.54 10.79 -57.18
CA PRO KA 68 -28.40 12.19 -56.76
C PRO KA 68 -27.33 12.42 -55.72
N TYR KA 69 -26.42 11.47 -55.54
CA TYR KA 69 -25.41 11.57 -54.50
C TYR KA 69 -24.55 12.81 -54.68
N LYS KA 70 -24.33 13.54 -53.59
CA LYS KA 70 -23.53 14.77 -53.57
C LYS KA 70 -24.02 15.78 -54.60
N ARG KA 71 -25.34 15.93 -54.70
CA ARG KA 71 -25.95 16.85 -55.65
C ARG KA 71 -27.19 17.47 -55.02
N GLY KA 72 -27.49 18.70 -55.43
CA GLY KA 72 -28.73 19.33 -55.02
C GLY KA 72 -29.92 18.62 -55.62
N VAL KA 73 -30.96 18.45 -54.81
CA VAL KA 73 -32.09 17.61 -55.19
C VAL KA 73 -33.36 18.44 -55.28
N LYS KA 74 -34.32 17.92 -56.04
CA LYS KA 74 -35.65 18.49 -56.18
C LYS KA 74 -36.67 17.36 -56.09
N LEU KA 75 -37.89 17.73 -55.71
CA LEU KA 75 -38.98 16.77 -55.62
C LEU KA 75 -39.52 16.46 -57.01
N SER KA 76 -39.60 15.17 -57.32
CA SER KA 76 -40.17 14.67 -58.58
C SER KA 76 -41.37 13.80 -58.25
N PHE KA 77 -42.48 14.10 -58.91
CA PHE KA 77 -43.74 13.38 -58.71
C PHE KA 77 -44.03 12.54 -59.95
N GLY KA 78 -44.70 11.41 -59.74
CA GLY KA 78 -45.08 10.51 -60.81
C GLY KA 78 -46.52 10.70 -61.21
N ASP KA 79 -47.12 9.62 -61.72
CA ASP KA 79 -48.53 9.64 -62.08
C ASP KA 79 -49.44 9.61 -60.85
N GLY KA 80 -48.89 9.38 -59.66
CA GLY KA 80 -49.66 9.27 -58.44
C GLY KA 80 -49.79 7.86 -57.93
N THR KA 81 -49.46 6.84 -58.74
CA THR KA 81 -49.51 5.46 -58.26
C THR KA 81 -48.49 5.24 -57.15
N THR KA 82 -47.28 5.78 -57.30
CA THR KA 82 -46.23 5.63 -56.31
C THR KA 82 -45.94 6.98 -55.66
N GLU KA 83 -45.27 6.92 -54.51
CA GLU KA 83 -44.97 8.11 -53.74
C GLU KA 83 -43.94 8.97 -54.46
N LEU KA 84 -43.80 10.21 -53.98
CA LEU KA 84 -42.85 11.14 -54.55
C LEU KA 84 -41.41 10.71 -54.27
N GLU KA 85 -40.48 11.19 -55.10
CA GLU KA 85 -39.07 10.87 -54.91
C GLU KA 85 -38.25 12.12 -55.18
N VAL KA 86 -36.94 12.00 -55.06
CA VAL KA 86 -36.02 13.13 -55.24
C VAL KA 86 -35.07 12.82 -56.40
N GLU KA 87 -34.84 13.83 -57.23
CA GLU KA 87 -33.88 13.69 -58.33
C GLU KA 87 -33.00 14.92 -58.40
N ALA KA 88 -31.83 14.76 -59.01
CA ALA KA 88 -30.88 15.87 -59.11
C ALA KA 88 -31.48 17.04 -59.88
N GLY KA 89 -31.31 18.23 -59.35
CA GLY KA 89 -31.88 19.42 -59.96
C GLY KA 89 -31.51 20.65 -59.15
N GLY KA 90 -32.02 21.78 -59.60
CA GLY KA 90 -31.71 23.03 -58.95
C GLY KA 90 -32.61 24.14 -59.40
N GLY KA 91 -32.15 25.37 -59.17
CA GLY KA 91 -32.94 26.54 -59.55
C GLY KA 91 -34.07 26.76 -58.57
N ASP KA 92 -35.25 27.08 -59.11
CA ASP KA 92 -36.43 27.27 -58.28
C ASP KA 92 -36.95 25.97 -57.71
N ASP KA 93 -36.51 24.82 -58.22
CA ASP KA 93 -36.96 23.52 -57.75
C ASP KA 93 -36.12 22.99 -56.60
N LEU KA 94 -35.03 23.66 -56.23
CA LEU KA 94 -34.14 23.15 -55.20
C LEU KA 94 -34.86 22.96 -53.88
N TYR KA 95 -34.75 21.76 -53.32
CA TYR KA 95 -35.39 21.41 -52.06
C TYR KA 95 -34.39 21.10 -50.95
N GLY KA 96 -33.23 20.57 -51.30
CA GLY KA 96 -32.25 20.22 -50.29
C GLY KA 96 -30.97 19.73 -50.92
N VAL KA 97 -30.15 19.10 -50.10
CA VAL KA 97 -28.86 18.56 -50.54
C VAL KA 97 -28.79 17.09 -50.14
N CYS KA 98 -28.48 16.23 -51.11
CA CYS KA 98 -28.33 14.80 -50.85
C CYS KA 98 -26.90 14.53 -50.40
N SER KA 99 -26.74 13.98 -49.20
CA SER KA 99 -25.43 13.75 -48.62
C SER KA 99 -25.02 12.29 -48.56
N ASP KA 100 -25.96 11.35 -48.73
CA ASP KA 100 -25.63 9.94 -48.64
C ASP KA 100 -26.69 9.15 -49.39
N ILE KA 101 -26.33 7.93 -49.79
CA ILE KA 101 -27.27 7.00 -50.42
C ILE KA 101 -27.04 5.61 -49.86
N ASP KA 102 -28.13 4.94 -49.49
CA ASP KA 102 -28.12 3.51 -49.22
C ASP KA 102 -28.60 2.83 -50.50
N GLU KA 103 -27.69 2.08 -51.13
CA GLU KA 103 -27.96 1.48 -52.44
C GLU KA 103 -28.86 0.26 -52.34
N PHE KA 104 -28.77 -0.51 -51.26
CA PHE KA 104 -29.62 -1.70 -51.13
C PHE KA 104 -31.09 -1.34 -51.13
N SER KA 105 -31.46 -0.31 -50.38
CA SER KA 105 -32.85 0.15 -50.33
C SER KA 105 -33.14 1.29 -51.30
N GLY KA 106 -32.12 1.82 -51.97
CA GLY KA 106 -32.33 2.93 -52.89
C GLY KA 106 -32.81 4.19 -52.21
N MET KA 107 -32.30 4.49 -51.02
CA MET KA 107 -32.77 5.61 -50.23
C MET KA 107 -31.72 6.72 -50.21
N ALA KA 108 -32.15 7.94 -50.43
CA ALA KA 108 -31.27 9.11 -50.43
C ALA KA 108 -31.48 9.89 -49.14
N THR KA 109 -30.37 10.23 -48.48
CA THR KA 109 -30.38 11.04 -47.28
C THR KA 109 -30.26 12.51 -47.68
N VAL KA 110 -31.24 13.31 -47.28
CA VAL KA 110 -31.37 14.69 -47.71
C VAL KA 110 -31.37 15.59 -46.49
N ILE KA 111 -30.57 16.65 -46.55
CA ILE KA 111 -30.62 17.75 -45.59
C ILE KA 111 -31.39 18.89 -46.25
N PRO KA 112 -32.50 19.35 -45.68
CA PRO KA 112 -33.30 20.38 -46.34
C PRO KA 112 -32.55 21.70 -46.47
N ILE KA 113 -32.99 22.51 -47.43
CA ILE KA 113 -32.36 23.79 -47.69
C ILE KA 113 -32.53 24.74 -46.50
N THR KA 114 -33.52 24.51 -45.66
CA THR KA 114 -33.71 25.33 -44.47
C THR KA 114 -32.62 25.11 -43.43
N ASN KA 115 -31.80 24.08 -43.58
CA ASN KA 115 -30.75 23.74 -42.63
C ASN KA 115 -29.39 24.02 -43.26
N ASN KA 116 -28.52 24.67 -42.50
CA ASN KA 116 -27.18 24.97 -43.00
C ASN KA 116 -26.37 23.70 -43.20
N PHE KA 117 -25.57 23.67 -44.26
CA PHE KA 117 -24.79 22.49 -44.60
C PHE KA 117 -23.35 22.92 -44.94
N THR KA 118 -22.41 22.03 -44.64
CA THR KA 118 -21.00 22.26 -44.98
C THR KA 118 -20.38 20.93 -45.37
N GLY KA 119 -19.89 20.83 -46.59
CA GLY KA 119 -19.31 19.57 -47.03
C GLY KA 119 -18.88 19.62 -48.47
N TYR KA 120 -18.38 18.48 -48.95
CA TYR KA 120 -17.90 18.37 -50.32
C TYR KA 120 -19.06 18.04 -51.25
N LEU KA 121 -19.19 18.82 -52.32
CA LEU KA 121 -20.29 18.65 -53.26
C LEU KA 121 -19.74 18.69 -54.69
N THR KA 122 -20.53 18.12 -55.61
CA THR KA 122 -20.13 18.05 -57.00
C THR KA 122 -20.10 19.45 -57.61
N LEU KA 123 -19.08 19.70 -58.43
CA LEU KA 123 -18.89 20.99 -59.08
C LEU KA 123 -18.97 20.82 -60.59
N LYS KA 124 -19.64 21.75 -61.25
CA LYS KA 124 -19.78 21.68 -62.70
C LYS KA 124 -18.41 21.76 -63.37
N LYS KA 125 -18.23 20.95 -64.41
CA LYS KA 125 -16.93 20.82 -65.08
C LYS KA 125 -16.76 21.87 -66.17
N ASP KA 126 -16.94 23.14 -65.80
CA ASP KA 126 -16.71 24.25 -66.72
C ASP KA 126 -15.66 25.22 -66.22
N GLY KA 127 -15.82 25.74 -65.01
CA GLY KA 127 -14.89 26.70 -64.44
C GLY KA 127 -14.25 26.21 -63.17
N GLN KA 128 -13.95 24.90 -63.12
CA GLN KA 128 -13.33 24.33 -61.94
C GLN KA 128 -12.00 25.02 -61.61
N ASN KA 129 -11.24 25.38 -62.65
CA ASN KA 129 -9.99 26.11 -62.41
C ASN KA 129 -10.24 27.52 -61.91
N GLY KA 130 -11.35 28.14 -62.35
CA GLY KA 130 -11.67 29.48 -61.90
C GLY KA 130 -12.35 29.57 -60.56
N VAL KA 131 -12.80 28.44 -60.01
CA VAL KA 131 -13.42 28.45 -58.68
C VAL KA 131 -12.32 28.56 -57.63
N ASN KA 132 -12.40 29.60 -56.82
CA ASN KA 132 -11.45 29.89 -55.75
C ASN KA 132 -12.22 30.11 -54.45
N PRO KA 133 -11.58 29.96 -53.30
CA PRO KA 133 -12.29 30.16 -52.04
C PRO KA 133 -12.89 31.56 -51.95
N GLY KA 134 -14.10 31.63 -51.41
CA GLY KA 134 -14.84 32.85 -51.30
C GLY KA 134 -15.82 33.12 -52.43
N ASP KA 135 -15.67 32.41 -53.55
CA ASP KA 135 -16.55 32.61 -54.69
C ASP KA 135 -17.97 32.14 -54.37
N LYS KA 136 -18.95 32.80 -54.97
CA LYS KA 136 -20.35 32.46 -54.78
C LYS KA 136 -20.79 31.41 -55.79
N LEU KA 137 -21.55 30.43 -55.31
CA LEU KA 137 -21.94 29.27 -56.10
C LEU KA 137 -23.45 29.10 -56.08
N ASN KA 138 -23.96 28.49 -57.14
CA ASN KA 138 -25.38 28.17 -57.25
C ASN KA 138 -25.54 26.80 -57.89
N PHE KA 139 -26.70 26.19 -57.67
CA PHE KA 139 -26.98 24.86 -58.17
C PHE KA 139 -27.61 24.94 -59.55
N ASN KA 140 -27.08 24.18 -60.50
CA ASN KA 140 -27.61 24.17 -61.86
C ASN KA 140 -28.76 23.18 -61.96
N GLN KA 141 -29.22 22.91 -63.19
CA GLN KA 141 -30.35 22.01 -63.39
C GLN KA 141 -30.00 20.55 -63.10
N HIS KA 142 -28.72 20.20 -63.02
CA HIS KA 142 -28.29 18.84 -62.73
C HIS KA 142 -27.79 18.68 -61.30
N GLY KA 143 -28.03 19.65 -60.43
CA GLY KA 143 -27.59 19.56 -59.06
C GLY KA 143 -26.12 19.81 -58.84
N GLU KA 144 -25.41 20.34 -59.82
CA GLU KA 144 -23.98 20.62 -59.70
C GLU KA 144 -23.77 22.10 -59.38
N LEU KA 145 -22.76 22.38 -58.57
CA LEU KA 145 -22.43 23.74 -58.19
C LEU KA 145 -21.69 24.45 -59.32
N GLU KA 146 -21.96 25.73 -59.48
CA GLU KA 146 -21.31 26.53 -60.52
C GLU KA 146 -21.12 27.95 -60.00
N LYS KA 147 -20.11 28.62 -60.54
CA LYS KA 147 -19.80 29.98 -60.13
C LYS KA 147 -20.89 30.94 -60.61
N VAL KA 148 -21.25 31.90 -59.76
CA VAL KA 148 -22.25 32.89 -60.13
C VAL KA 148 -21.63 33.99 -60.98
N LYS KA 153 -28.08 33.55 -56.73
CA LYS KA 153 -29.41 34.08 -56.99
C LYS KA 153 -30.33 33.86 -55.79
N SER KA 154 -31.06 32.75 -55.76
CA SER KA 154 -31.94 32.42 -54.65
C SER KA 154 -31.29 31.51 -53.63
N VAL KA 155 -30.02 31.17 -53.81
CA VAL KA 155 -29.32 30.24 -52.93
C VAL KA 155 -28.02 30.89 -52.46
N ASN KA 156 -27.76 30.79 -51.16
CA ASN KA 156 -26.50 31.23 -50.58
C ASN KA 156 -25.58 30.02 -50.47
N ALA KA 157 -24.49 30.03 -51.24
CA ALA KA 157 -23.52 28.95 -51.20
C ALA KA 157 -22.14 29.54 -51.47
N ILE KA 158 -21.20 29.28 -50.57
CA ILE KA 158 -19.85 29.86 -50.66
C ILE KA 158 -18.84 28.72 -50.64
N ALA KA 159 -17.92 28.75 -51.61
CA ALA KA 159 -16.85 27.76 -51.66
C ALA KA 159 -15.77 28.09 -50.65
N LEU KA 160 -15.40 27.09 -49.84
CA LEU KA 160 -14.38 27.26 -48.81
C LEU KA 160 -13.01 26.76 -49.25
N SER KA 161 -12.88 26.28 -50.48
CA SER KA 161 -11.62 25.74 -50.98
C SER KA 161 -11.67 25.76 -52.51
N LYS KA 162 -10.68 25.13 -53.14
CA LYS KA 162 -10.62 25.01 -54.58
C LYS KA 162 -11.19 23.68 -55.03
N ALA KA 163 -11.25 23.49 -56.34
CA ALA KA 163 -11.75 22.24 -56.90
C ALA KA 163 -10.75 21.11 -56.70
N HIS KA 164 -11.28 19.90 -56.55
CA HIS KA 164 -10.48 18.69 -56.40
C HIS KA 164 -10.94 17.70 -57.45
N LYS KA 165 -10.02 17.35 -58.36
CA LYS KA 165 -10.33 16.47 -59.48
C LYS KA 165 -10.23 15.02 -59.04
N LEU KA 166 -11.37 14.41 -58.70
CA LEU KA 166 -11.37 12.99 -58.34
C LEU KA 166 -11.25 12.12 -59.58
N THR KA 167 -11.91 12.51 -60.66
CA THR KA 167 -11.92 11.76 -61.92
C THR KA 167 -11.91 12.79 -63.04
N GLU KA 168 -11.71 12.32 -64.29
CA GLU KA 168 -11.65 13.22 -65.44
C GLU KA 168 -12.86 14.15 -65.49
N ASP KA 169 -14.05 13.63 -65.21
CA ASP KA 169 -15.28 14.43 -65.22
C ASP KA 169 -15.94 14.49 -63.86
N LEU KA 170 -15.19 14.29 -62.78
CA LEU KA 170 -15.72 14.34 -61.42
C LEU KA 170 -14.87 15.31 -60.61
N PHE KA 171 -15.44 16.44 -60.24
CA PHE KA 171 -14.76 17.45 -59.44
C PHE KA 171 -15.60 17.74 -58.20
N ILE KA 172 -14.95 17.80 -57.04
CA ILE KA 172 -15.63 18.10 -55.80
C ILE KA 172 -15.08 19.39 -55.22
N VAL KA 173 -15.95 20.15 -54.56
CA VAL KA 173 -15.56 21.40 -53.92
C VAL KA 173 -16.14 21.42 -52.52
N LEU KA 174 -15.33 21.85 -51.55
CA LEU KA 174 -15.84 22.09 -50.22
C LEU KA 174 -16.68 23.35 -50.23
N ALA KA 175 -17.95 23.24 -49.88
CA ALA KA 175 -18.87 24.35 -49.95
C ALA KA 175 -19.71 24.41 -48.69
N SER KA 176 -20.06 25.65 -48.30
CA SER KA 176 -21.00 25.91 -47.21
C SER KA 176 -22.27 26.47 -47.84
N VAL KA 177 -23.36 25.71 -47.72
CA VAL KA 177 -24.67 26.12 -48.19
C VAL KA 177 -25.42 26.71 -47.01
N PHE KA 178 -25.61 28.03 -47.04
CA PHE KA 178 -26.29 28.71 -45.95
C PHE KA 178 -27.79 28.40 -45.97
N GLY KA 179 -28.47 28.81 -47.03
CA GLY KA 179 -29.90 28.67 -47.15
C GLY KA 179 -30.45 29.37 -48.38
N ASN KA 180 -31.51 30.15 -48.22
CA ASN KA 180 -32.11 30.87 -49.31
C ASN KA 180 -31.69 32.34 -49.29
N ARG KA 181 -31.43 32.89 -50.47
CA ARG KA 181 -31.08 34.29 -50.63
C ARG KA 181 -32.28 35.07 -51.15
N ALA KA 182 -32.18 36.39 -51.08
CA ALA KA 182 -33.23 37.28 -51.56
C ALA KA 182 -33.39 37.16 -53.08
N LEU LA 21 -15.95 48.00 -24.63
CA LEU LA 21 -15.64 47.26 -25.85
C LEU LA 21 -15.23 45.82 -25.53
N MET LA 22 -15.60 45.35 -24.35
CA MET LA 22 -15.30 44.00 -23.92
C MET LA 22 -16.56 43.33 -23.40
N LYS LA 23 -16.61 42.01 -23.54
CA LYS LA 23 -17.79 41.26 -23.09
C LYS LA 23 -17.98 41.38 -21.59
N ASN LA 24 -16.89 41.22 -20.83
CA ASN LA 24 -16.95 41.23 -19.37
C ASN LA 24 -15.61 41.65 -18.81
N PRO LA 25 -15.34 42.95 -18.72
CA PRO LA 25 -14.09 43.41 -18.11
C PRO LA 25 -14.11 43.18 -16.61
N GLN LA 26 -13.05 42.55 -16.11
CA GLN LA 26 -12.92 42.24 -14.69
C GLN LA 26 -12.11 43.33 -14.02
N GLN LA 27 -12.68 43.92 -12.97
CA GLN LA 27 -12.01 44.94 -12.17
C GLN LA 27 -12.23 44.62 -10.70
N ASP LA 28 -11.41 45.24 -9.85
CA ASP LA 28 -11.52 45.11 -8.41
C ASP LA 28 -12.00 46.42 -7.80
N SER LA 29 -12.82 46.30 -6.76
CA SER LA 29 -13.37 47.47 -6.09
C SER LA 29 -13.39 47.20 -4.59
N GLY LA 30 -13.40 48.29 -3.82
CA GLY LA 30 -13.43 48.17 -2.38
C GLY LA 30 -14.79 47.91 -1.78
N LEU LA 31 -15.86 48.06 -2.56
CA LEU LA 31 -17.21 47.92 -2.05
C LEU LA 31 -18.07 47.15 -3.04
N LEU LA 32 -18.95 46.31 -2.50
CA LEU LA 32 -19.96 45.65 -3.33
C LEU LA 32 -21.05 46.64 -3.74
N SER LA 33 -21.65 46.38 -4.91
CA SER LA 33 -22.77 47.18 -5.36
C SER LA 33 -24.09 46.53 -4.94
N ASN LA 34 -25.09 47.37 -4.70
CA ASN LA 34 -26.37 46.92 -4.17
C ASN LA 34 -27.38 46.73 -5.30
N SER LA 35 -28.16 45.66 -5.19
CA SER LA 35 -29.24 45.38 -6.13
C SER LA 35 -30.56 45.74 -5.44
N ILE LA 36 -31.17 46.85 -5.87
CA ILE LA 36 -32.35 47.39 -5.21
C ILE LA 36 -33.65 46.95 -5.89
N ASP LA 37 -33.57 46.07 -6.88
CA ASP LA 37 -34.74 45.65 -7.63
C ASP LA 37 -34.42 44.35 -8.35
N PHE LA 38 -35.45 43.76 -8.95
CA PHE LA 38 -35.27 42.57 -9.79
C PHE LA 38 -35.67 42.80 -11.23
N ARG LA 39 -36.06 44.02 -11.61
CA ARG LA 39 -36.45 44.33 -12.96
C ARG LA 39 -35.37 45.17 -13.65
N ASP LA 40 -35.28 45.00 -14.97
CA ASP LA 40 -34.29 45.69 -15.80
C ASP LA 40 -32.86 45.39 -15.39
N GLN LA 41 -32.61 44.19 -14.89
CA GLN LA 41 -31.26 43.78 -14.52
C GLN LA 41 -30.51 43.11 -15.67
N ASN LA 42 -31.16 42.88 -16.79
CA ASN LA 42 -30.53 42.22 -17.93
C ASN LA 42 -30.06 43.22 -18.99
N LEU LA 43 -30.12 44.51 -18.70
CA LEU LA 43 -29.69 45.54 -19.65
C LEU LA 43 -28.21 45.86 -19.45
N ILE LA 44 -27.38 44.82 -19.60
CA ILE LA 44 -25.94 44.93 -19.47
C ILE LA 44 -25.29 44.31 -20.71
N PHE LA 45 -24.06 44.75 -20.98
CA PHE LA 45 -23.33 44.27 -22.14
C PHE LA 45 -22.80 42.85 -21.94
N SER LA 46 -22.77 42.35 -20.72
CA SER LA 46 -22.28 41.01 -20.42
C SER LA 46 -23.35 39.94 -20.53
N ASN LA 47 -24.59 40.32 -20.82
CA ASN LA 47 -25.69 39.36 -20.92
C ASN LA 47 -25.60 38.69 -22.29
N SER LA 48 -24.85 37.59 -22.34
CA SER LA 48 -24.65 36.87 -23.58
C SER LA 48 -25.87 36.01 -23.90
N GLY LA 49 -25.92 35.52 -25.14
CA GLY LA 49 -27.00 34.66 -25.56
C GLY LA 49 -28.27 35.41 -25.88
N GLY LA 50 -29.32 34.62 -26.14
CA GLY LA 50 -30.63 35.17 -26.46
C GLY LA 50 -31.58 35.07 -25.29
N VAL LA 51 -32.66 35.85 -25.37
CA VAL LA 51 -33.66 35.85 -24.30
C VAL LA 51 -34.41 34.52 -24.28
N CYS LA 52 -34.69 33.95 -25.45
CA CYS LA 52 -35.34 32.66 -25.58
C CYS LA 52 -34.44 31.73 -26.38
N THR LA 53 -34.16 30.56 -25.83
CA THR LA 53 -33.24 29.61 -26.44
C THR LA 53 -33.89 28.23 -26.50
N SER LA 54 -33.76 27.57 -27.64
CA SER LA 54 -34.26 26.22 -27.83
C SER LA 54 -33.09 25.23 -27.77
N SER LA 55 -33.39 24.04 -27.25
CA SER LA 55 -32.38 22.98 -27.19
C SER LA 55 -32.02 22.45 -28.57
N LYS LA 56 -32.77 22.81 -29.61
CA LYS LA 56 -32.50 22.39 -30.98
C LYS LA 56 -31.80 23.46 -31.79
N ASP LA 57 -31.15 24.43 -31.14
CA ASP LA 57 -30.45 25.49 -31.83
C ASP LA 57 -29.06 25.02 -32.27
N LYS LA 58 -28.70 25.35 -33.51
CA LYS LA 58 -27.41 24.98 -34.05
C LYS LA 58 -26.40 26.09 -33.77
N ILE LA 59 -25.25 25.72 -33.22
CA ILE LA 59 -24.24 26.67 -32.76
C ILE LA 59 -22.89 26.27 -33.31
N GLU LA 60 -22.19 27.22 -33.94
CA GLU LA 60 -20.87 26.98 -34.49
C GLU LA 60 -19.86 27.91 -33.81
N ASN LA 61 -18.58 27.64 -34.02
CA ASN LA 61 -17.53 28.51 -33.52
C ASN LA 61 -16.47 28.73 -34.59
N TYR LA 62 -15.99 29.95 -34.71
CA TYR LA 62 -15.02 30.33 -35.72
C TYR LA 62 -13.95 31.21 -35.08
N PRO LA 63 -12.77 31.29 -35.69
CA PRO LA 63 -11.81 32.31 -35.27
C PRO LA 63 -12.35 33.71 -35.54
N ALA LA 64 -11.99 34.65 -34.68
CA ALA LA 64 -12.56 35.99 -34.71
C ALA LA 64 -11.49 37.02 -35.08
N LYS LA 65 -11.89 37.97 -35.91
CA LYS LA 65 -11.08 39.13 -36.24
C LYS LA 65 -11.81 40.37 -35.77
N GLY LA 66 -11.12 41.25 -35.05
CA GLY LA 66 -11.80 42.37 -34.43
C GLY LA 66 -12.63 41.92 -33.24
N TYR LA 67 -13.74 42.62 -33.02
CA TYR LA 67 -14.68 42.29 -31.96
C TYR LA 67 -16.08 42.23 -32.54
N PRO LA 68 -16.51 41.06 -33.03
CA PRO LA 68 -17.84 40.93 -33.62
C PRO LA 68 -18.93 40.57 -32.62
N TYR LA 69 -18.64 40.76 -31.32
CA TYR LA 69 -19.59 40.36 -30.29
C TYR LA 69 -20.93 41.07 -30.45
N LYS LA 70 -22.00 40.29 -30.42
CA LYS LA 70 -23.36 40.79 -30.58
C LYS LA 70 -23.50 41.62 -31.86
N ARG LA 71 -22.99 41.06 -32.94
CA ARG LA 71 -23.04 41.71 -34.25
C ARG LA 71 -23.25 40.66 -35.33
N GLY LA 72 -23.63 41.12 -36.51
CA GLY LA 72 -23.73 40.24 -37.66
C GLY LA 72 -22.35 39.98 -38.27
N VAL LA 73 -22.11 38.72 -38.60
CA VAL LA 73 -20.79 38.29 -39.04
C VAL LA 73 -20.87 37.75 -40.47
N LYS LA 74 -19.73 37.80 -41.14
CA LYS LA 74 -19.58 37.25 -42.48
C LYS LA 74 -18.28 36.46 -42.54
N LEU LA 75 -18.23 35.50 -43.46
CA LEU LA 75 -17.07 34.65 -43.65
C LEU LA 75 -15.98 35.42 -44.38
N SER LA 76 -14.80 35.50 -43.78
CA SER LA 76 -13.65 36.16 -44.37
C SER LA 76 -12.52 35.15 -44.59
N PHE LA 77 -11.79 35.35 -45.68
CA PHE LA 77 -10.69 34.47 -46.05
C PHE LA 77 -9.43 35.30 -46.20
N GLY LA 78 -8.35 34.86 -45.58
CA GLY LA 78 -7.08 35.57 -45.66
C GLY LA 78 -6.29 35.19 -46.90
N ASP LA 79 -4.99 34.95 -46.73
CA ASP LA 79 -4.12 34.54 -47.82
C ASP LA 79 -4.04 33.02 -47.97
N GLY LA 80 -4.80 32.27 -47.18
CA GLY LA 80 -4.79 30.82 -47.24
C GLY LA 80 -3.84 30.16 -46.26
N THR LA 81 -2.93 30.91 -45.64
CA THR LA 81 -2.04 30.31 -44.65
C THR LA 81 -2.81 29.85 -43.42
N THR LA 82 -3.77 30.66 -42.97
CA THR LA 82 -4.61 30.34 -41.83
C THR LA 82 -6.03 30.04 -42.29
N GLU LA 83 -6.81 29.44 -41.39
CA GLU LA 83 -8.18 29.06 -41.71
C GLU LA 83 -9.06 30.30 -41.85
N LEU LA 84 -10.24 30.09 -42.42
CA LEU LA 84 -11.20 31.17 -42.58
C LEU LA 84 -11.72 31.64 -41.23
N GLU LA 85 -12.11 32.92 -41.18
CA GLU LA 85 -12.58 33.53 -39.94
C GLU LA 85 -13.93 34.19 -40.18
N VAL LA 86 -14.45 34.83 -39.15
CA VAL LA 86 -15.70 35.60 -39.23
C VAL LA 86 -15.40 37.03 -38.79
N GLU LA 87 -15.89 37.99 -39.56
CA GLU LA 87 -15.70 39.40 -39.24
C GLU LA 87 -17.01 40.15 -39.37
N ALA LA 88 -17.11 41.26 -38.63
CA ALA LA 88 -18.34 42.03 -38.61
C ALA LA 88 -18.71 42.52 -40.01
N GLY LA 89 -19.96 42.32 -40.39
CA GLY LA 89 -20.43 42.72 -41.69
C GLY LA 89 -21.93 42.48 -41.81
N GLY LA 90 -22.47 42.93 -42.93
CA GLY LA 90 -23.89 42.80 -43.19
C GLY LA 90 -24.18 42.85 -44.67
N GLY LA 91 -25.37 43.34 -45.01
CA GLY LA 91 -25.74 43.44 -46.41
C GLY LA 91 -26.04 42.08 -46.99
N ASP LA 92 -25.53 41.82 -48.19
CA ASP LA 92 -25.71 40.55 -48.86
C ASP LA 92 -24.61 39.55 -48.54
N ASP LA 93 -23.86 39.77 -47.46
CA ASP LA 93 -22.81 38.87 -47.03
C ASP LA 93 -23.06 38.28 -45.64
N LEU LA 94 -24.22 38.56 -45.05
CA LEU LA 94 -24.49 38.08 -43.69
C LEU LA 94 -24.57 36.56 -43.65
N TYR LA 95 -23.78 35.95 -42.77
CA TYR LA 95 -23.79 34.52 -42.57
C TYR LA 95 -24.51 34.10 -41.30
N GLY LA 96 -24.39 34.89 -40.24
CA GLY LA 96 -25.03 34.54 -38.99
C GLY LA 96 -24.90 35.67 -37.98
N VAL LA 97 -25.22 35.34 -36.73
CA VAL LA 97 -25.18 36.30 -35.63
C VAL LA 97 -24.20 35.77 -34.58
N CYS LA 98 -23.24 36.60 -34.21
CA CYS LA 98 -22.28 36.25 -33.16
C CYS LA 98 -22.92 36.50 -31.80
N SER LA 99 -23.17 35.41 -31.05
CA SER LA 99 -23.88 35.50 -29.79
C SER LA 99 -22.97 35.38 -28.57
N ASP LA 100 -21.68 35.10 -28.75
CA ASP LA 100 -20.78 34.93 -27.63
C ASP LA 100 -19.35 34.98 -28.16
N ILE LA 101 -18.42 35.33 -27.27
CA ILE LA 101 -17.00 35.30 -27.59
C ILE LA 101 -16.23 34.77 -26.38
N ASP LA 102 -15.35 33.81 -26.63
CA ASP LA 102 -14.34 33.41 -25.65
C ASP LA 102 -13.06 34.15 -26.00
N GLU LA 103 -12.70 35.13 -25.15
CA GLU LA 103 -11.55 35.98 -25.43
C GLU LA 103 -10.24 35.26 -25.18
N PHE LA 104 -10.24 34.26 -24.30
CA PHE LA 104 -9.02 33.51 -24.03
C PHE LA 104 -8.51 32.81 -25.29
N SER LA 105 -9.41 32.18 -26.03
CA SER LA 105 -9.05 31.49 -27.27
C SER LA 105 -9.38 32.31 -28.51
N GLY LA 106 -9.97 33.49 -28.36
CA GLY LA 106 -10.34 34.29 -29.51
C GLY LA 106 -11.36 33.63 -30.40
N MET LA 107 -12.34 32.96 -29.81
CA MET LA 107 -13.34 32.20 -30.55
C MET LA 107 -14.68 32.93 -30.53
N ALA LA 108 -15.31 33.04 -31.69
CA ALA LA 108 -16.61 33.67 -31.84
C ALA LA 108 -17.67 32.59 -32.07
N THR LA 109 -18.68 32.57 -31.22
CA THR LA 109 -19.81 31.66 -31.33
C THR LA 109 -20.87 32.27 -32.22
N VAL LA 110 -21.28 31.52 -33.25
CA VAL LA 110 -22.14 32.02 -34.30
C VAL LA 110 -23.39 31.14 -34.39
N ILE LA 111 -24.55 31.78 -34.46
CA ILE LA 111 -25.80 31.12 -34.80
C ILE LA 111 -26.09 31.40 -36.27
N PRO LA 112 -26.26 30.38 -37.11
CA PRO LA 112 -26.44 30.62 -38.55
C PRO LA 112 -27.71 31.41 -38.84
N ILE LA 113 -27.70 32.06 -40.01
CA ILE LA 113 -28.82 32.90 -40.42
C ILE LA 113 -30.09 32.08 -40.58
N THR LA 114 -29.97 30.83 -41.02
CA THR LA 114 -31.15 29.99 -41.21
C THR LA 114 -31.76 29.52 -39.90
N ASN LA 115 -31.12 29.77 -38.77
CA ASN LA 115 -31.71 29.53 -37.46
C ASN LA 115 -32.18 30.85 -36.88
N ASN LA 116 -33.46 30.90 -36.50
CA ASN LA 116 -34.04 32.14 -36.01
C ASN LA 116 -33.51 32.47 -34.62
N PHE LA 117 -33.43 33.77 -34.33
CA PHE LA 117 -32.81 34.26 -33.12
C PHE LA 117 -33.67 35.35 -32.50
N THR LA 118 -33.63 35.44 -31.18
CA THR LA 118 -34.35 36.47 -30.43
C THR LA 118 -33.46 36.92 -29.28
N GLY LA 119 -32.93 38.12 -29.36
CA GLY LA 119 -32.01 38.57 -28.34
C GLY LA 119 -31.53 39.98 -28.58
N TYR LA 120 -30.53 40.39 -27.79
CA TYR LA 120 -30.04 41.75 -27.80
C TYR LA 120 -28.84 41.87 -28.72
N LEU LA 121 -28.86 42.89 -29.58
CA LEU LA 121 -27.80 43.12 -30.56
C LEU LA 121 -27.41 44.58 -30.55
N THR LA 122 -26.18 44.85 -31.00
CA THR LA 122 -25.67 46.21 -31.05
C THR LA 122 -26.42 47.03 -32.09
N LEU LA 123 -26.81 48.24 -31.71
CA LEU LA 123 -27.57 49.13 -32.58
C LEU LA 123 -26.71 50.34 -32.95
N LYS LA 124 -26.81 50.76 -34.20
CA LYS LA 124 -26.09 51.94 -34.66
C LYS LA 124 -26.62 53.20 -33.97
N LYS LA 125 -25.70 54.07 -33.56
CA LYS LA 125 -26.08 55.31 -32.90
C LYS LA 125 -26.59 56.34 -33.89
N VAL LA 131 -35.67 54.38 -33.03
CA VAL LA 131 -35.98 52.95 -33.08
C VAL LA 131 -37.09 52.62 -32.09
N ASN LA 132 -38.20 52.10 -32.62
CA ASN LA 132 -39.37 51.74 -31.85
C ASN LA 132 -39.73 50.29 -32.16
N PRO LA 133 -40.46 49.63 -31.26
CA PRO LA 133 -40.90 48.26 -31.55
C PRO LA 133 -41.69 48.17 -32.84
N GLY LA 134 -41.42 47.13 -33.62
CA GLY LA 134 -42.08 46.91 -34.88
C GLY LA 134 -41.36 47.48 -36.09
N ASP LA 135 -40.35 48.32 -35.88
CA ASP LA 135 -39.62 48.91 -36.99
C ASP LA 135 -38.75 47.87 -37.68
N LYS LA 136 -38.80 47.84 -39.00
CA LYS LA 136 -37.94 46.94 -39.76
C LYS LA 136 -36.49 47.40 -39.65
N LEU LA 137 -35.59 46.44 -39.49
CA LEU LA 137 -34.18 46.72 -39.28
C LEU LA 137 -33.34 45.94 -40.28
N ASN LA 138 -32.11 46.39 -40.46
CA ASN LA 138 -31.15 45.66 -41.29
C ASN LA 138 -29.73 45.97 -40.80
N PHE LA 139 -28.82 45.08 -41.17
CA PHE LA 139 -27.42 45.19 -40.74
C PHE LA 139 -26.65 46.11 -41.67
N ASN LA 140 -25.81 46.96 -41.09
CA ASN LA 140 -24.94 47.83 -41.87
C ASN LA 140 -23.65 47.08 -42.18
N GLN LA 141 -22.65 47.81 -42.69
CA GLN LA 141 -21.39 47.18 -43.07
C GLN LA 141 -20.56 46.76 -41.86
N HIS LA 142 -20.85 47.29 -40.68
CA HIS LA 142 -20.14 46.93 -39.46
C HIS LA 142 -20.93 45.97 -38.59
N GLY LA 143 -22.01 45.39 -39.10
CA GLY LA 143 -22.81 44.45 -38.35
C GLY LA 143 -23.75 45.07 -37.34
N GLU LA 144 -23.91 46.39 -37.36
CA GLU LA 144 -24.82 47.08 -36.44
C GLU LA 144 -26.21 47.15 -37.04
N LEU LA 145 -27.22 47.02 -36.19
CA LEU LA 145 -28.59 47.16 -36.63
C LEU LA 145 -28.92 48.62 -36.90
N GLU LA 146 -29.72 48.85 -37.94
CA GLU LA 146 -30.13 50.20 -38.28
C GLU LA 146 -31.50 50.15 -38.96
N LYS LA 147 -32.25 51.25 -38.81
CA LYS LA 147 -33.56 51.35 -39.42
C LYS LA 147 -33.45 51.37 -40.94
N VAL LA 148 -34.40 50.73 -41.60
CA VAL LA 148 -34.40 50.64 -43.06
C VAL LA 148 -34.68 52.00 -43.67
N LYS LA 153 -33.82 44.96 -45.67
CA LYS LA 153 -33.78 45.02 -47.12
C LYS LA 153 -33.69 43.62 -47.72
N SER LA 154 -33.00 42.72 -47.02
CA SER LA 154 -32.92 41.32 -47.46
C SER LA 154 -33.05 40.32 -46.31
N VAL LA 155 -33.16 40.78 -45.07
CA VAL LA 155 -33.26 39.91 -43.91
C VAL LA 155 -34.41 40.41 -43.03
N ASN LA 156 -35.14 39.46 -42.45
CA ASN LA 156 -36.28 39.78 -41.59
C ASN LA 156 -35.77 40.09 -40.19
N ALA LA 157 -35.63 41.38 -39.88
CA ALA LA 157 -35.23 41.83 -38.55
C ALA LA 157 -36.24 42.88 -38.08
N ILE LA 158 -36.91 42.60 -36.98
CA ILE LA 158 -37.95 43.48 -36.44
C ILE LA 158 -37.61 43.76 -34.98
N ALA LA 159 -37.60 45.05 -34.62
CA ALA LA 159 -37.29 45.44 -33.26
C ALA LA 159 -38.41 45.05 -32.30
N LEU LA 160 -38.02 44.51 -31.14
CA LEU LA 160 -38.96 44.11 -30.11
C LEU LA 160 -39.00 45.08 -28.94
N SER LA 161 -38.13 46.08 -28.92
CA SER LA 161 -38.09 47.06 -27.84
C SER LA 161 -37.32 48.28 -28.34
N LYS LA 162 -37.27 49.31 -27.51
CA LYS LA 162 -36.54 50.52 -27.85
C LYS LA 162 -35.07 50.39 -27.46
N ALA LA 163 -34.25 51.27 -28.04
CA ALA LA 163 -32.82 51.22 -27.80
C ALA LA 163 -32.49 51.52 -26.35
N HIS LA 164 -31.50 50.82 -25.81
CA HIS LA 164 -30.98 51.05 -24.47
C HIS LA 164 -29.52 51.44 -24.59
N LYS LA 165 -29.15 52.55 -23.95
CA LYS LA 165 -27.82 53.12 -24.04
C LYS LA 165 -26.97 52.62 -22.87
N LEU LA 166 -25.78 52.11 -23.18
CA LEU LA 166 -24.84 51.70 -22.16
C LEU LA 166 -23.59 52.55 -22.11
N THR LA 167 -23.17 53.11 -23.25
CA THR LA 167 -22.08 54.07 -23.33
C THR LA 167 -22.52 55.16 -24.29
N GLU LA 168 -21.78 56.28 -24.31
CA GLU LA 168 -22.14 57.38 -25.19
C GLU LA 168 -22.16 56.97 -26.66
N ASP LA 169 -21.47 55.89 -27.02
CA ASP LA 169 -21.50 55.37 -28.38
C ASP LA 169 -22.04 53.94 -28.47
N LEU LA 170 -22.49 53.35 -27.37
CA LEU LA 170 -22.90 51.94 -27.34
C LEU LA 170 -24.39 51.85 -27.04
N PHE LA 171 -25.14 51.25 -27.95
CA PHE LA 171 -26.57 51.02 -27.80
C PHE LA 171 -26.88 49.56 -28.11
N ILE LA 172 -27.85 49.01 -27.39
CA ILE LA 172 -28.33 47.65 -27.64
C ILE LA 172 -29.85 47.71 -27.83
N VAL LA 173 -30.40 46.63 -28.37
CA VAL LA 173 -31.83 46.57 -28.64
C VAL LA 173 -32.23 45.11 -28.77
N LEU LA 174 -33.37 44.77 -28.18
CA LEU LA 174 -33.95 43.44 -28.37
C LEU LA 174 -34.53 43.34 -29.78
N ALA LA 175 -34.22 42.23 -30.45
CA ALA LA 175 -34.66 42.06 -31.83
C ALA LA 175 -34.90 40.59 -32.10
N SER LA 176 -35.71 40.32 -33.12
CA SER LA 176 -36.01 38.99 -33.60
C SER LA 176 -35.62 38.90 -35.08
N VAL LA 177 -34.82 37.89 -35.41
CA VAL LA 177 -34.39 37.64 -36.79
C VAL LA 177 -34.90 36.26 -37.18
N PHE LA 178 -35.61 36.19 -38.30
CA PHE LA 178 -36.14 34.91 -38.80
C PHE LA 178 -35.89 34.83 -40.30
N GLY LA 179 -34.74 34.29 -40.67
CA GLY LA 179 -34.44 34.00 -42.06
C GLY LA 179 -34.30 35.24 -42.92
N ASN LA 180 -34.49 35.02 -44.22
CA ASN LA 180 -34.38 36.05 -45.24
C ASN LA 180 -35.76 36.36 -45.84
N ARG LA 181 -35.79 37.31 -46.76
CA ARG LA 181 -36.98 37.66 -47.49
C ARG LA 181 -36.67 37.65 -48.98
N ALA LA 182 -37.71 37.47 -49.79
CA ALA LA 182 -37.55 37.43 -51.23
C ALA LA 182 -37.79 38.83 -51.83
N MET MA 22 -63.61 24.76 -34.84
CA MET MA 22 -62.67 25.19 -33.82
C MET MA 22 -61.39 24.37 -33.88
N LYS MA 23 -61.28 23.36 -33.02
CA LYS MA 23 -60.18 22.40 -33.06
C LYS MA 23 -60.67 20.97 -33.18
N ASN MA 24 -61.56 20.53 -32.30
CA ASN MA 24 -62.05 19.15 -32.27
C ASN MA 24 -63.53 19.12 -32.62
N PRO MA 25 -63.88 18.76 -33.85
CA PRO MA 25 -65.29 18.68 -34.25
C PRO MA 25 -65.96 17.33 -34.00
N GLN MA 26 -65.35 16.44 -33.21
CA GLN MA 26 -65.91 15.12 -32.95
C GLN MA 26 -66.45 14.99 -31.53
N HIS MA 27 -66.48 16.08 -30.76
CA HIS MA 27 -67.05 16.06 -29.42
C HIS MA 27 -68.53 16.42 -29.41
N ASP MA 28 -69.14 16.60 -30.59
CA ASP MA 28 -70.57 16.82 -30.72
C ASP MA 28 -71.22 15.72 -31.55
N ALA MA 29 -70.57 14.56 -31.58
CA ALA MA 29 -71.03 13.44 -32.40
C ALA MA 29 -72.21 12.74 -31.73
N SER MA 30 -73.02 12.08 -32.55
CA SER MA 30 -74.20 11.37 -32.09
C SER MA 30 -74.07 9.85 -32.16
N LEU MA 31 -73.05 9.33 -32.85
CA LEU MA 31 -72.84 7.90 -32.98
C LEU MA 31 -71.40 7.54 -32.69
N LEU MA 32 -71.20 6.30 -32.25
CA LEU MA 32 -69.86 5.76 -32.08
C LEU MA 32 -69.21 5.53 -33.43
N SER MA 33 -67.90 5.76 -33.50
CA SER MA 33 -67.16 5.54 -34.74
C SER MA 33 -66.86 4.06 -34.93
N ASN MA 34 -66.81 3.64 -36.19
CA ASN MA 34 -66.46 2.26 -36.55
C ASN MA 34 -64.95 2.20 -36.76
N SER MA 35 -64.24 1.63 -35.78
CA SER MA 35 -62.78 1.57 -35.82
C SER MA 35 -62.32 0.23 -36.36
N ASN MA 36 -62.57 0.02 -37.65
CA ASN MA 36 -62.14 -1.19 -38.35
C ASN MA 36 -61.17 -0.90 -39.49
N GLU MA 37 -61.56 -0.01 -40.40
CA GLU MA 37 -60.69 0.33 -41.53
C GLU MA 37 -59.52 1.18 -41.06
N PHE MA 38 -58.39 1.05 -41.77
CA PHE MA 38 -57.20 1.85 -41.50
C PHE MA 38 -56.87 2.82 -42.62
N ARG MA 39 -57.54 2.73 -43.77
CA ARG MA 39 -57.28 3.59 -44.91
C ARG MA 39 -58.26 4.76 -44.92
N ASP MA 40 -57.76 5.91 -45.39
CA ASP MA 40 -58.55 7.14 -45.47
C ASP MA 40 -59.17 7.47 -44.12
N LYS MA 41 -58.30 7.64 -43.13
CA LYS MA 41 -58.74 7.89 -41.76
C LYS MA 41 -57.92 8.99 -41.10
N ASN MA 42 -57.05 9.66 -41.85
CA ASN MA 42 -56.14 10.66 -41.29
C ASN MA 42 -56.37 12.06 -41.81
N VAL MA 43 -57.06 12.24 -42.94
CA VAL MA 43 -57.26 13.57 -43.52
C VAL MA 43 -58.49 14.16 -42.84
N GLU MA 44 -58.28 14.73 -41.66
CA GLU MA 44 -59.32 15.36 -40.89
C GLU MA 44 -58.78 16.65 -40.29
N PHE MA 45 -59.64 17.37 -39.58
CA PHE MA 45 -59.27 18.67 -39.04
C PHE MA 45 -58.65 18.57 -37.64
N PHE MA 46 -58.91 17.47 -36.93
CA PHE MA 46 -58.29 17.21 -35.64
C PHE MA 46 -56.88 16.64 -35.74
N ALA MA 47 -56.37 16.39 -36.94
CA ALA MA 47 -55.04 15.81 -37.10
C ALA MA 47 -54.01 16.91 -36.89
N SER MA 48 -53.66 17.12 -35.62
CA SER MA 48 -52.70 18.15 -35.24
C SER MA 48 -51.28 17.68 -35.51
N GLY MA 49 -50.39 18.64 -35.76
CA GLY MA 49 -48.99 18.34 -36.01
C GLY MA 49 -48.68 18.16 -37.48
N GLY MA 50 -47.70 17.30 -37.78
CA GLY MA 50 -47.31 17.05 -39.14
C GLY MA 50 -47.31 15.56 -39.45
N THR MA 51 -47.39 15.25 -40.74
CA THR MA 51 -47.35 13.86 -41.17
C THR MA 51 -46.01 13.22 -40.83
N ARG MA 52 -44.91 13.94 -41.06
CA ARG MA 52 -43.57 13.49 -40.71
C ARG MA 52 -42.92 14.55 -39.84
N THR MA 53 -42.48 14.15 -38.66
CA THR MA 53 -41.96 15.08 -37.67
C THR MA 53 -40.56 14.67 -37.24
N SER MA 54 -39.66 15.64 -37.13
CA SER MA 54 -38.30 15.43 -36.68
C SER MA 54 -38.17 15.84 -35.22
N LYS MA 55 -37.31 15.13 -34.49
CA LYS MA 55 -37.08 15.46 -33.09
C LYS MA 55 -36.46 16.84 -32.93
N PHE MA 56 -35.71 17.30 -33.93
CA PHE MA 56 -34.98 18.56 -33.85
C PHE MA 56 -35.75 19.71 -34.53
N ASP MA 57 -37.07 19.67 -34.48
CA ASP MA 57 -37.89 20.76 -34.99
C ASP MA 57 -38.15 21.76 -33.88
N LYS MA 58 -37.97 23.05 -34.19
CA LYS MA 58 -38.15 24.10 -33.21
C LYS MA 58 -39.64 24.45 -33.10
N LEU MA 59 -40.16 24.40 -31.88
CA LEU MA 59 -41.56 24.69 -31.60
C LEU MA 59 -41.64 25.83 -30.60
N GLU MA 60 -42.42 26.86 -30.92
CA GLU MA 60 -42.58 28.02 -30.05
C GLU MA 60 -44.02 28.15 -29.60
N ASN MA 61 -44.22 28.66 -28.39
CA ASN MA 61 -45.54 28.94 -27.86
C ASN MA 61 -45.80 30.44 -27.90
N HIS MA 62 -46.89 30.84 -28.53
CA HIS MA 62 -47.22 32.26 -28.57
C HIS MA 62 -48.70 32.48 -28.29
N PRO MA 63 -49.05 33.54 -27.56
CA PRO MA 63 -50.47 33.91 -27.44
C PRO MA 63 -51.02 34.33 -28.80
N PHE MA 64 -52.28 33.98 -29.05
CA PHE MA 64 -52.89 34.23 -30.35
C PHE MA 64 -54.23 34.94 -30.18
N LEU MA 65 -54.62 35.66 -31.23
CA LEU MA 65 -55.94 36.26 -31.33
C LEU MA 65 -56.62 35.73 -32.59
N GLY MA 66 -57.89 35.36 -32.46
CA GLY MA 66 -58.61 34.75 -33.57
C GLY MA 66 -58.49 33.25 -33.57
N TYR MA 67 -58.55 32.64 -34.75
CA TYR MA 67 -58.45 31.18 -34.90
C TYR MA 67 -57.44 30.88 -36.00
N PRO MA 68 -56.15 30.88 -35.66
CA PRO MA 68 -55.09 30.64 -36.66
C PRO MA 68 -54.67 29.19 -36.82
N TYR MA 69 -55.46 28.23 -36.33
CA TYR MA 69 -55.07 26.83 -36.35
C TYR MA 69 -54.90 26.34 -37.80
N LYS MA 70 -53.81 25.60 -38.03
CA LYS MA 70 -53.45 25.10 -39.35
C LYS MA 70 -53.42 26.22 -40.40
N ARG MA 71 -52.85 27.37 -40.03
CA ARG MA 71 -52.77 28.50 -40.93
C ARG MA 71 -51.44 29.22 -40.74
N GLY MA 72 -51.03 29.95 -41.76
CA GLY MA 72 -49.88 30.83 -41.61
C GLY MA 72 -50.17 31.95 -40.64
N VAL MA 73 -49.20 32.26 -39.79
CA VAL MA 73 -49.36 33.22 -38.73
C VAL MA 73 -48.29 34.30 -38.85
N LYS MA 74 -48.69 35.54 -38.56
CA LYS MA 74 -47.80 36.68 -38.50
C LYS MA 74 -47.78 37.22 -37.08
N ARG MA 75 -46.64 37.79 -36.70
CA ARG MA 75 -46.46 38.35 -35.37
C ARG MA 75 -46.85 39.83 -35.38
N VAL MA 76 -47.70 40.21 -34.43
CA VAL MA 76 -48.21 41.57 -34.31
C VAL MA 76 -47.68 42.17 -33.01
N ILE MA 77 -47.05 43.34 -33.13
CA ILE MA 77 -46.53 44.11 -32.01
C ILE MA 77 -47.34 45.39 -31.89
N GLN MA 78 -47.72 45.75 -30.67
CA GLN MA 78 -48.45 46.99 -30.43
C GLN MA 78 -47.65 48.20 -30.90
N HIS MA 86 -49.54 48.10 -22.15
CA HIS MA 86 -48.75 47.44 -23.19
C HIS MA 86 -48.55 45.97 -22.86
N TYR MA 87 -48.63 45.13 -23.89
CA TYR MA 87 -48.53 43.68 -23.72
C TYR MA 87 -47.50 43.12 -24.68
N GLU MA 88 -47.12 41.87 -24.45
CA GLU MA 88 -46.17 41.19 -25.33
C GLU MA 88 -46.80 40.97 -26.70
N PRO MA 89 -45.98 40.91 -27.75
CA PRO MA 89 -46.52 40.69 -29.09
C PRO MA 89 -47.24 39.36 -29.19
N HIS MA 90 -48.27 39.31 -30.04
CA HIS MA 90 -49.05 38.10 -30.23
C HIS MA 90 -48.94 37.64 -31.68
N VAL MA 91 -49.66 36.58 -32.02
CA VAL MA 91 -49.65 36.04 -33.38
C VAL MA 91 -51.09 35.91 -33.87
N GLU MA 92 -51.29 36.14 -35.16
CA GLU MA 92 -52.62 36.02 -35.74
C GLU MA 92 -52.50 35.59 -37.18
N ALA MA 93 -53.58 35.02 -37.71
CA ALA MA 93 -53.58 34.48 -39.06
C ALA MA 93 -53.22 35.56 -40.09
N GLY MA 94 -52.30 35.23 -40.97
CA GLY MA 94 -51.82 36.18 -41.96
C GLY MA 94 -50.78 35.54 -42.84
N GLY MA 95 -50.29 36.32 -43.78
CA GLY MA 95 -49.30 35.84 -44.73
C GLY MA 95 -48.60 36.98 -45.43
N GLY MA 96 -48.21 36.75 -46.68
CA GLY MA 96 -47.52 37.79 -47.44
C GLY MA 96 -46.13 38.02 -46.91
N GLU MA 97 -45.72 39.30 -46.88
CA GLU MA 97 -44.40 39.66 -46.39
C GLU MA 97 -44.31 39.70 -44.87
N ASP MA 98 -45.44 39.59 -44.17
CA ASP MA 98 -45.45 39.55 -42.72
C ASP MA 98 -45.43 38.14 -42.17
N LEU MA 99 -45.32 37.13 -43.03
CA LEU MA 99 -45.39 35.74 -42.60
C LEU MA 99 -44.27 35.43 -41.61
N TYR MA 100 -44.66 35.03 -40.41
CA TYR MA 100 -43.71 34.67 -39.36
C TYR MA 100 -43.58 33.18 -39.16
N GLY MA 101 -44.66 32.43 -39.32
CA GLY MA 101 -44.59 31.00 -39.15
C GLY MA 101 -45.88 30.33 -39.54
N ILE MA 102 -46.05 29.09 -39.09
CA ILE MA 102 -47.25 28.31 -39.34
C ILE MA 102 -47.71 27.71 -38.02
N CYS MA 103 -49.01 27.87 -37.72
CA CYS MA 103 -49.56 27.28 -36.51
C CYS MA 103 -49.98 25.83 -36.78
N ILE MA 104 -49.54 24.92 -35.92
CA ILE MA 104 -49.86 23.50 -36.08
C ILE MA 104 -50.71 22.94 -34.95
N ASP MA 105 -50.79 23.62 -33.81
CA ASP MA 105 -51.62 23.15 -32.70
C ASP MA 105 -51.99 24.36 -31.84
N ILE MA 106 -53.09 24.22 -31.11
CA ILE MA 106 -53.56 25.29 -30.23
C ILE MA 106 -54.02 24.67 -28.91
N ASP MA 107 -53.72 25.36 -27.82
CA ASP MA 107 -54.30 25.08 -26.52
C ASP MA 107 -55.34 26.16 -26.25
N GLU MA 108 -56.63 25.76 -26.27
CA GLU MA 108 -57.71 26.72 -26.13
C GLU MA 108 -57.77 27.30 -24.72
N PHE MA 109 -57.56 26.47 -23.71
CA PHE MA 109 -57.67 26.95 -22.33
C PHE MA 109 -56.68 28.07 -22.05
N SER MA 110 -55.40 27.86 -22.39
CA SER MA 110 -54.38 28.88 -22.21
C SER MA 110 -54.34 29.88 -23.36
N LYS MA 111 -55.16 29.68 -24.40
CA LYS MA 111 -55.19 30.57 -25.56
C LYS MA 111 -53.81 30.71 -26.17
N THR MA 112 -53.11 29.59 -26.31
CA THR MA 112 -51.76 29.58 -26.85
C THR MA 112 -51.71 28.78 -28.14
N ALA MA 113 -50.70 29.06 -28.96
CA ALA MA 113 -50.53 28.40 -30.24
C ALA MA 113 -49.10 27.92 -30.38
N THR MA 114 -48.94 26.66 -30.81
CA THR MA 114 -47.63 26.13 -31.16
C THR MA 114 -47.30 26.49 -32.59
N ILE MA 115 -46.12 27.07 -32.79
CA ILE MA 115 -45.73 27.67 -34.06
C ILE MA 115 -44.40 27.07 -34.50
N VAL MA 116 -44.34 26.68 -35.76
CA VAL MA 116 -43.10 26.28 -36.41
C VAL MA 116 -42.55 27.51 -37.14
N PRO MA 117 -41.36 28.00 -36.79
CA PRO MA 117 -40.83 29.18 -37.47
C PRO MA 117 -40.65 28.94 -38.96
N ILE MA 118 -40.79 30.01 -39.74
CA ILE MA 118 -40.62 29.93 -41.19
C ILE MA 118 -39.21 29.51 -41.57
N THR MA 119 -38.25 29.61 -40.65
CA THR MA 119 -36.90 29.14 -40.90
C THR MA 119 -36.79 27.62 -40.82
N ASN MA 120 -37.84 26.93 -40.38
CA ASN MA 120 -37.85 25.48 -40.26
C ASN MA 120 -38.87 24.91 -41.24
N ASN MA 121 -38.48 23.82 -41.92
CA ASN MA 121 -39.34 23.22 -42.91
C ASN MA 121 -40.40 22.34 -42.24
N PHE MA 122 -41.52 22.16 -42.94
CA PHE MA 122 -42.66 21.46 -42.38
C PHE MA 122 -43.47 20.81 -43.49
N GLU MA 123 -44.00 19.62 -43.21
CA GLU MA 123 -44.90 18.92 -44.12
C GLU MA 123 -46.15 18.53 -43.36
N GLY MA 124 -47.31 18.90 -43.91
CA GLY MA 124 -48.55 18.57 -43.24
C GLY MA 124 -49.74 19.13 -43.97
N TYR MA 125 -50.91 18.96 -43.36
CA TYR MA 125 -52.18 19.38 -43.94
C TYR MA 125 -52.51 20.80 -43.48
N LEU MA 126 -52.58 21.72 -44.43
CA LEU MA 126 -52.85 23.12 -44.16
C LEU MA 126 -54.10 23.57 -44.89
N VAL MA 127 -54.59 24.75 -44.52
CA VAL MA 127 -55.84 25.28 -45.07
C VAL MA 127 -55.56 25.94 -46.40
N ALA MA 128 -56.40 25.64 -47.39
CA ALA MA 128 -56.32 26.24 -48.71
C ALA MA 128 -57.54 27.13 -48.96
N LYS MA 129 -57.35 28.13 -49.82
CA LYS MA 129 -58.43 29.11 -50.06
C LYS MA 129 -59.65 28.46 -50.69
N ASP MA 130 -59.44 27.58 -51.65
CA ASP MA 130 -60.54 26.97 -52.39
C ASP MA 130 -60.12 25.56 -52.79
N SER MA 131 -60.86 24.96 -53.72
CA SER MA 131 -60.60 23.60 -54.18
C SER MA 131 -59.93 23.56 -55.55
N THR MA 132 -59.37 24.68 -55.99
CA THR MA 132 -58.68 24.74 -57.28
C THR MA 132 -57.22 24.32 -57.20
N VAL MA 133 -56.70 24.08 -55.99
CA VAL MA 133 -55.30 23.70 -55.84
C VAL MA 133 -55.11 22.24 -56.27
N LYS MA 134 -54.09 22.00 -57.09
CA LYS MA 134 -53.77 20.68 -57.58
C LYS MA 134 -52.35 20.29 -57.16
N VAL MA 135 -51.98 19.04 -57.46
CA VAL MA 135 -50.64 18.57 -57.15
C VAL MA 135 -49.63 19.28 -58.03
N LYS MA 136 -48.40 19.43 -57.51
CA LYS MA 136 -47.29 20.10 -58.19
C LYS MA 136 -47.51 21.59 -58.36
N ASP MA 137 -48.36 22.19 -57.52
CA ASP MA 137 -48.65 23.61 -57.61
C ASP MA 137 -47.90 24.38 -56.53
N LYS MA 138 -47.32 25.51 -56.92
CA LYS MA 138 -46.62 26.37 -55.98
C LYS MA 138 -47.62 27.25 -55.25
N LEU MA 139 -47.52 27.28 -53.92
CA LEU MA 139 -48.52 27.87 -53.07
C LEU MA 139 -47.93 29.00 -52.21
N ILE MA 140 -48.77 30.01 -51.98
CA ILE MA 140 -48.43 31.20 -51.21
C ILE MA 140 -49.49 31.39 -50.14
N PHE MA 141 -49.07 31.84 -48.97
CA PHE MA 141 -50.01 32.19 -47.90
C PHE MA 141 -50.64 33.54 -48.18
N ASN MA 142 -51.95 33.64 -47.94
CA ASN MA 142 -52.69 34.88 -48.17
C ASN MA 142 -52.94 35.58 -46.84
N LYS MA 143 -53.76 36.65 -46.89
CA LYS MA 143 -54.02 37.45 -45.70
C LYS MA 143 -54.73 36.65 -44.62
N ASP MA 144 -55.51 35.64 -44.99
CA ASP MA 144 -56.21 34.81 -44.02
C ASP MA 144 -55.38 33.63 -43.55
N GLY MA 145 -54.15 33.49 -44.02
CA GLY MA 145 -53.34 32.35 -43.67
C GLY MA 145 -53.65 31.09 -44.44
N ALA MA 146 -54.34 31.21 -45.57
CA ALA MA 146 -54.70 30.09 -46.41
C ALA MA 146 -53.79 30.04 -47.64
N LEU MA 147 -53.58 28.84 -48.16
CA LEU MA 147 -52.70 28.63 -49.29
C LEU MA 147 -53.44 28.85 -50.60
N GLU MA 148 -52.77 29.46 -51.57
CA GLU MA 148 -53.36 29.71 -52.88
C GLU MA 148 -52.27 29.62 -53.95
N LYS MA 149 -52.70 29.32 -55.17
CA LYS MA 149 -51.76 29.24 -56.27
C LYS MA 149 -51.16 30.61 -56.57
N VAL MA 150 -49.90 30.61 -56.99
CA VAL MA 150 -49.19 31.85 -57.31
C VAL MA 150 -49.91 32.60 -58.43
N THR MA 158 -42.70 35.83 -54.53
CA THR MA 158 -42.13 34.83 -53.64
C THR MA 158 -42.96 33.56 -53.63
N ILE MA 159 -42.33 32.44 -53.31
CA ILE MA 159 -42.99 31.14 -53.21
C ILE MA 159 -42.71 30.57 -51.82
N ASN MA 160 -43.74 30.02 -51.19
CA ASN MA 160 -43.62 29.53 -49.83
C ASN MA 160 -43.78 28.01 -49.70
N ALA MA 161 -44.53 27.36 -50.58
CA ALA MA 161 -44.72 25.92 -50.42
C ALA MA 161 -45.05 25.28 -51.75
N THR MA 162 -45.08 23.95 -51.76
CA THR MA 162 -45.44 23.16 -52.93
C THR MA 162 -46.44 22.08 -52.52
N ALA MA 163 -47.59 22.04 -53.21
CA ALA MA 163 -48.64 21.11 -52.84
C ALA MA 163 -48.21 19.67 -53.13
N LEU MA 164 -48.56 18.77 -52.21
CA LEU MA 164 -48.27 17.35 -52.36
C LEU MA 164 -49.50 16.53 -52.73
N THR MA 165 -50.70 16.98 -52.36
CA THR MA 165 -51.94 16.30 -52.70
C THR MA 165 -52.93 17.33 -53.25
N ASP MA 166 -54.11 16.85 -53.62
CA ASP MA 166 -55.17 17.75 -54.07
C ASP MA 166 -55.94 18.30 -52.89
N ALA MA 167 -56.59 19.44 -53.11
CA ALA MA 167 -57.43 20.03 -52.08
C ALA MA 167 -58.60 19.11 -51.77
N LYS MA 168 -58.84 18.87 -50.49
CA LYS MA 168 -59.87 17.95 -50.03
C LYS MA 168 -60.84 18.68 -49.12
N GLN MA 169 -62.13 18.45 -49.33
CA GLN MA 169 -63.18 19.12 -48.58
C GLN MA 169 -63.50 18.34 -47.30
N ILE MA 170 -63.43 19.02 -46.16
CA ILE MA 170 -63.80 18.45 -44.89
C ILE MA 170 -65.11 19.05 -44.37
N SER MA 171 -65.31 20.34 -44.53
CA SER MA 171 -66.55 21.01 -44.16
C SER MA 171 -67.02 21.88 -45.30
N ASN MA 172 -68.02 22.74 -45.05
CA ASN MA 172 -68.59 23.56 -46.11
C ASN MA 172 -67.53 24.45 -46.75
N GLU MA 173 -66.72 25.11 -45.92
CA GLU MA 173 -65.67 25.99 -46.42
C GLU MA 173 -64.26 25.53 -46.02
N VAL MA 174 -64.15 24.37 -45.38
CA VAL MA 174 -62.87 23.88 -44.91
C VAL MA 174 -62.23 23.03 -46.00
N TYR MA 175 -61.11 23.49 -46.55
CA TYR MA 175 -60.34 22.76 -47.55
C TYR MA 175 -58.94 22.54 -47.00
N LEU MA 176 -58.55 21.28 -46.83
CA LEU MA 176 -57.22 20.93 -46.37
C LEU MA 176 -56.41 20.33 -47.53
N VAL MA 177 -55.12 20.65 -47.56
CA VAL MA 177 -54.22 20.15 -48.59
C VAL MA 177 -52.89 19.76 -47.92
N LYS MA 178 -52.37 18.60 -48.28
CA LYS MA 178 -51.04 18.22 -47.81
C LYS MA 178 -49.98 18.98 -48.60
N VAL MA 179 -49.03 19.57 -47.88
CA VAL MA 179 -48.10 20.51 -48.48
C VAL MA 179 -46.77 20.47 -47.73
N ALA MA 180 -45.70 20.81 -48.44
CA ALA MA 180 -44.35 20.89 -47.89
C ALA MA 180 -43.89 22.34 -47.93
N VAL MA 181 -43.48 22.86 -46.78
CA VAL MA 181 -43.02 24.24 -46.65
C VAL MA 181 -41.50 24.24 -46.54
N PHE MA 182 -40.85 25.10 -47.32
CA PHE MA 182 -39.41 25.18 -47.40
C PHE MA 182 -38.94 26.62 -47.23
N GLY MA 183 -39.62 27.37 -46.37
CA GLY MA 183 -39.27 28.77 -46.18
C GLY MA 183 -39.81 29.65 -47.30
N ASN MA 184 -39.07 30.70 -47.62
CA ASN MA 184 -39.45 31.64 -48.68
C ASN MA 184 -38.39 31.64 -49.76
N LYS MA 185 -38.82 31.42 -51.00
CA LYS MA 185 -37.93 31.40 -52.16
C LYS MA 185 -38.60 32.15 -53.29
N ALA MA 186 -37.85 33.02 -53.96
CA ALA MA 186 -38.38 33.80 -55.06
C ALA MA 186 -38.63 32.91 -56.28
N PRO NA 196 -14.07 0.10 -12.68
CA PRO NA 196 -14.32 1.54 -12.51
C PRO NA 196 -15.77 1.83 -12.14
N ILE NA 197 -15.96 2.62 -11.07
CA ILE NA 197 -17.31 2.94 -10.64
C ILE NA 197 -18.00 3.88 -11.62
N ASN NA 198 -17.29 4.90 -12.10
CA ASN NA 198 -17.91 5.94 -12.91
C ASN NA 198 -16.96 6.39 -14.01
N PHE NA 199 -17.44 7.32 -14.83
CA PHE NA 199 -16.69 7.77 -16.00
C PHE NA 199 -15.43 8.52 -15.60
N THR NA 200 -15.47 9.27 -14.49
CA THR NA 200 -14.27 9.96 -14.03
C THR NA 200 -13.17 8.97 -13.68
N GLU NA 201 -13.53 7.90 -12.95
CA GLU NA 201 -12.55 6.87 -12.63
C GLU NA 201 -12.08 6.15 -13.88
N PHE NA 202 -12.97 5.96 -14.85
CA PHE NA 202 -12.57 5.34 -16.11
C PHE NA 202 -11.52 6.21 -16.83
N VAL NA 203 -11.74 7.52 -16.86
CA VAL NA 203 -10.79 8.43 -17.50
C VAL NA 203 -9.46 8.43 -16.76
N GLN NA 204 -9.50 8.44 -15.43
CA GLN NA 204 -8.26 8.37 -14.65
C GLN NA 204 -7.51 7.07 -14.93
N ALA NA 205 -8.24 5.97 -15.05
CA ALA NA 205 -7.60 4.69 -15.36
C ALA NA 205 -6.97 4.72 -16.75
N ILE NA 206 -7.64 5.34 -17.72
CA ILE NA 206 -7.07 5.46 -19.06
C ILE NA 206 -5.78 6.27 -19.02
N SER NA 207 -5.79 7.39 -18.27
CA SER NA 207 -4.59 8.21 -18.17
C SER NA 207 -3.45 7.44 -17.50
N ASN NA 208 -3.75 6.69 -16.44
CA ASN NA 208 -2.73 5.89 -15.78
C ASN NA 208 -2.19 4.82 -16.72
N THR NA 209 -3.05 4.20 -17.52
CA THR NA 209 -2.60 3.21 -18.48
C THR NA 209 -1.67 3.84 -19.52
N TYR NA 210 -2.01 5.04 -20.00
CA TYR NA 210 -1.13 5.72 -20.93
C TYR NA 210 0.23 6.02 -20.31
N LYS NA 211 0.24 6.47 -19.05
CA LYS NA 211 1.50 6.75 -18.37
C LYS NA 211 2.33 5.48 -18.22
N GLN NA 212 1.69 4.37 -17.85
CA GLN NA 212 2.41 3.11 -17.70
C GLN NA 212 2.96 2.64 -19.04
N ARG NA 213 2.20 2.82 -20.12
CA ARG NA 213 2.70 2.46 -21.45
C ARG NA 213 3.91 3.30 -21.83
N ARG NA 214 3.88 4.60 -21.52
CA ARG NA 214 5.04 5.44 -21.80
C ARG NA 214 6.27 4.99 -21.02
N ILE NA 215 6.08 4.68 -19.73
CA ILE NA 215 7.20 4.21 -18.91
C ILE NA 215 7.76 2.90 -19.45
N GLN NA 216 6.87 1.98 -19.84
CA GLN NA 216 7.31 0.71 -20.40
C GLN NA 216 8.07 0.91 -21.71
N PHE NA 217 7.59 1.81 -22.56
CA PHE NA 217 8.28 2.09 -23.82
C PHE NA 217 9.68 2.63 -23.56
N TYR NA 218 9.81 3.56 -22.62
CA TYR NA 218 11.12 4.11 -22.33
C TYR NA 218 12.04 3.07 -21.70
N GLU NA 219 11.50 2.17 -20.88
CA GLU NA 219 12.33 1.12 -20.30
C GLU NA 219 12.79 0.11 -21.34
N ASN NA 220 11.94 -0.19 -22.33
CA ASN NA 220 12.29 -1.16 -23.37
C ASN NA 220 12.99 -0.54 -24.56
N LEU NA 221 13.16 0.78 -24.58
CA LEU NA 221 13.84 1.44 -25.68
C LEU NA 221 15.35 1.31 -25.52
N LYS NA 222 16.03 1.01 -26.62
CA LYS NA 222 17.50 0.93 -26.67
C LYS NA 222 17.99 1.71 -27.89
N ARG NA 223 18.62 2.85 -27.64
CA ARG NA 223 19.11 3.69 -28.73
C ARG NA 223 20.45 3.17 -29.26
N ALA OA 187 -37.74 -18.39 -23.04
CA ALA OA 187 -37.94 -17.08 -22.42
C ALA OA 187 -38.96 -16.25 -23.20
N SER OA 188 -40.11 -16.00 -22.58
CA SER OA 188 -41.19 -15.25 -23.20
C SER OA 188 -41.90 -14.42 -22.16
N LEU OA 189 -42.60 -13.38 -22.64
CA LEU OA 189 -43.37 -12.53 -21.73
C LEU OA 189 -44.60 -13.25 -21.18
N LEU OA 190 -45.03 -14.34 -21.80
CA LEU OA 190 -46.15 -15.10 -21.27
C LEU OA 190 -45.84 -15.68 -19.90
N ASP OA 191 -44.58 -16.10 -19.69
CA ASP OA 191 -44.14 -16.58 -18.39
C ASP OA 191 -43.87 -15.38 -17.49
N SER OA 192 -44.66 -15.24 -16.44
CA SER OA 192 -44.49 -14.11 -15.52
C SER OA 192 -43.20 -14.19 -14.72
N ASN OA 193 -42.62 -15.39 -14.59
CA ASN OA 193 -41.36 -15.55 -13.87
C ASN OA 193 -40.17 -14.99 -14.64
N PHE OA 194 -40.34 -14.64 -15.92
CA PHE OA 194 -39.23 -14.13 -16.71
C PHE OA 194 -38.86 -12.72 -16.26
N VAL OA 195 -37.56 -12.50 -16.04
CA VAL OA 195 -37.06 -11.19 -15.63
C VAL OA 195 -35.99 -10.75 -16.63
N PRO OA 196 -36.30 -9.80 -17.52
CA PRO OA 196 -35.29 -9.35 -18.48
C PRO OA 196 -34.20 -8.51 -17.81
N ILE OA 197 -33.06 -8.46 -18.47
CA ILE OA 197 -31.93 -7.68 -18.01
C ILE OA 197 -31.71 -6.45 -18.88
N ASN OA 198 -31.94 -6.56 -20.19
CA ASN OA 198 -31.73 -5.45 -21.09
C ASN OA 198 -32.78 -5.48 -22.20
N PHE OA 199 -32.78 -4.42 -23.00
CA PHE OA 199 -33.78 -4.28 -24.06
C PHE OA 199 -33.64 -5.35 -25.12
N THR OA 200 -32.43 -5.88 -25.33
CA THR OA 200 -32.24 -6.96 -26.28
C THR OA 200 -32.98 -8.21 -25.83
N GLU OA 201 -32.83 -8.58 -24.56
CA GLU OA 201 -33.57 -9.71 -24.02
C GLU OA 201 -35.07 -9.43 -24.04
N PHE OA 202 -35.47 -8.19 -23.79
CA PHE OA 202 -36.89 -7.84 -23.86
C PHE OA 202 -37.43 -8.06 -25.27
N VAL OA 203 -36.68 -7.65 -26.29
CA VAL OA 203 -37.11 -7.84 -27.68
C VAL OA 203 -37.18 -9.33 -28.03
N GLN OA 204 -36.19 -10.11 -27.60
CA GLN OA 204 -36.24 -11.55 -27.84
C GLN OA 204 -37.45 -12.18 -27.18
N ALA OA 205 -37.77 -11.75 -25.95
CA ALA OA 205 -38.95 -12.26 -25.28
C ALA OA 205 -40.23 -11.89 -26.03
N ILE OA 206 -40.28 -10.68 -26.58
CA ILE OA 206 -41.44 -10.27 -27.36
C ILE OA 206 -41.61 -11.16 -28.59
N SER OA 207 -40.50 -11.42 -29.29
CA SER OA 207 -40.57 -12.29 -30.47
C SER OA 207 -41.02 -13.70 -30.10
N ASN OA 208 -40.49 -14.24 -28.99
CA ASN OA 208 -40.90 -15.56 -28.55
C ASN OA 208 -42.38 -15.58 -28.17
N THR OA 209 -42.86 -14.50 -27.55
CA THR OA 209 -44.27 -14.42 -27.19
C THR OA 209 -45.15 -14.42 -28.43
N TYR OA 210 -44.75 -13.67 -29.47
CA TYR OA 210 -45.52 -13.67 -30.71
C TYR OA 210 -45.54 -15.06 -31.34
N LYS OA 211 -44.39 -15.74 -31.36
CA LYS OA 211 -44.34 -17.07 -31.93
C LYS OA 211 -45.22 -18.05 -31.17
N GLN OA 212 -45.17 -18.00 -29.83
CA GLN OA 212 -46.01 -18.88 -29.03
C GLN OA 212 -47.48 -18.58 -29.23
N ARG OA 213 -47.84 -17.30 -29.36
CA ARG OA 213 -49.23 -16.96 -29.62
C ARG OA 213 -49.70 -17.53 -30.95
N ARG OA 214 -48.88 -17.44 -32.00
CA ARG OA 214 -49.30 -17.99 -33.28
C ARG OA 214 -49.39 -19.52 -33.22
N ILE OA 215 -48.48 -20.15 -32.48
CA ILE OA 215 -48.54 -21.61 -32.34
C ILE OA 215 -49.82 -22.03 -31.62
N GLN OA 216 -50.18 -21.32 -30.55
CA GLN OA 216 -51.41 -21.61 -29.84
C GLN OA 216 -52.64 -21.37 -30.72
N PHE OA 217 -52.60 -20.30 -31.54
CA PHE OA 217 -53.72 -20.03 -32.43
C PHE OA 217 -53.89 -21.17 -33.44
N TYR OA 218 -52.79 -21.64 -34.02
CA TYR OA 218 -52.89 -22.75 -34.97
C TYR OA 218 -53.32 -24.04 -34.28
N GLU OA 219 -52.93 -24.24 -33.02
CA GLU OA 219 -53.39 -25.42 -32.29
C GLU OA 219 -54.89 -25.36 -32.00
N ASN OA 220 -55.41 -24.17 -31.74
CA ASN OA 220 -56.83 -24.01 -31.43
C ASN OA 220 -57.68 -23.73 -32.66
N LEU OA 221 -57.08 -23.62 -33.84
CA LEU OA 221 -57.85 -23.33 -35.05
C LEU OA 221 -58.70 -24.53 -35.44
N LYS OA 222 -59.90 -24.26 -35.94
CA LYS OA 222 -60.82 -25.30 -36.38
C LYS OA 222 -61.60 -24.76 -37.58
N ARG OA 223 -61.21 -25.17 -38.79
CA ARG OA 223 -61.89 -24.73 -40.00
C ARG OA 223 -63.18 -25.50 -40.23
N ALA PA 187 -43.28 12.37 4.29
CA ALA PA 187 -42.37 12.58 3.18
C ALA PA 187 -42.01 14.05 3.03
N SER PA 188 -40.86 14.42 3.58
CA SER PA 188 -40.38 15.79 3.50
C SER PA 188 -38.86 15.79 3.44
N LEU PA 189 -38.30 16.85 2.87
CA LEU PA 189 -36.85 16.97 2.78
C LEU PA 189 -36.20 17.34 4.11
N LEU PA 190 -37.00 17.66 5.12
CA LEU PA 190 -36.47 17.99 6.45
C LEU PA 190 -36.10 16.76 7.25
N ASP PA 191 -36.40 15.57 6.77
CA ASP PA 191 -36.08 14.32 7.46
C ASP PA 191 -34.84 13.71 6.83
N SER PA 192 -33.82 13.44 7.65
CA SER PA 192 -32.63 12.77 7.16
C SER PA 192 -32.89 11.30 6.85
N ASN PA 193 -33.99 10.75 7.34
CA ASN PA 193 -34.36 9.36 7.10
C ASN PA 193 -35.30 9.20 5.91
N PHE PA 194 -35.26 10.14 4.97
CA PHE PA 194 -36.11 10.10 3.79
C PHE PA 194 -35.29 9.67 2.59
N VAL PA 195 -35.71 8.59 1.94
CA VAL PA 195 -35.02 8.06 0.77
C VAL PA 195 -36.00 8.06 -0.41
N PRO PA 196 -35.99 9.10 -1.26
CA PRO PA 196 -36.90 9.12 -2.40
C PRO PA 196 -36.57 8.00 -3.39
N ILE PA 197 -37.61 7.52 -4.07
CA ILE PA 197 -37.45 6.41 -5.00
C ILE PA 197 -37.38 6.94 -6.42
N ASN PA 198 -38.12 8.01 -6.71
CA ASN PA 198 -38.19 8.54 -8.06
C ASN PA 198 -38.47 10.05 -8.01
N PHE PA 199 -38.46 10.66 -9.19
CA PHE PA 199 -38.61 12.10 -9.28
C PHE PA 199 -40.00 12.56 -8.85
N THR PA 200 -41.02 11.72 -9.03
CA THR PA 200 -42.36 12.07 -8.56
C THR PA 200 -42.38 12.20 -7.05
N GLU PA 201 -41.79 11.23 -6.34
CA GLU PA 201 -41.69 11.32 -4.89
C GLU PA 201 -40.83 12.50 -4.48
N PHE PA 202 -39.77 12.78 -5.25
CA PHE PA 202 -38.94 13.95 -4.94
C PHE PA 202 -39.74 15.25 -5.02
N VAL PA 203 -40.57 15.38 -6.05
CA VAL PA 203 -41.39 16.58 -6.21
C VAL PA 203 -42.42 16.68 -5.09
N GLN PA 204 -43.06 15.57 -4.75
CA GLN PA 204 -44.01 15.58 -3.64
C GLN PA 204 -43.33 15.98 -2.33
N ALA PA 205 -42.12 15.47 -2.10
CA ALA PA 205 -41.38 15.86 -0.91
C ALA PA 205 -41.04 17.34 -0.92
N ILE PA 206 -40.70 17.89 -2.08
CA ILE PA 206 -40.41 19.32 -2.18
C ILE PA 206 -41.64 20.13 -1.81
N SER PA 207 -42.81 19.75 -2.34
CA SER PA 207 -44.04 20.47 -2.03
C SER PA 207 -44.38 20.38 -0.54
N ASN PA 208 -44.24 19.18 0.04
CA ASN PA 208 -44.50 19.02 1.47
C ASN PA 208 -43.54 19.85 2.30
N THR PA 209 -42.27 19.91 1.89
CA THR PA 209 -41.29 20.73 2.60
C THR PA 209 -41.66 22.20 2.55
N TYR PA 210 -42.12 22.67 1.38
CA TYR PA 210 -42.55 24.07 1.27
C TYR PA 210 -43.73 24.36 2.20
N LYS PA 211 -44.71 23.44 2.24
CA LYS PA 211 -45.86 23.64 3.11
C LYS PA 211 -45.45 23.66 4.58
N GLN PA 212 -44.58 22.73 4.98
CA GLN PA 212 -44.13 22.70 6.37
C GLN PA 212 -43.32 23.95 6.71
N ARG PA 213 -42.54 24.45 5.74
CA ARG PA 213 -41.78 25.66 5.99
C ARG PA 213 -42.69 26.86 6.18
N ARG PA 214 -43.76 26.97 5.39
CA ARG PA 214 -44.69 28.08 5.59
C ARG PA 214 -45.42 27.96 6.92
N ILE PA 215 -45.76 26.73 7.32
CA ILE PA 215 -46.39 26.52 8.63
C ILE PA 215 -45.44 26.95 9.75
N GLN PA 216 -44.17 26.56 9.64
CA GLN PA 216 -43.19 26.96 10.64
C GLN PA 216 -43.01 28.48 10.66
N PHE PA 217 -43.01 29.12 9.49
CA PHE PA 217 -42.88 30.57 9.44
C PHE PA 217 -44.03 31.24 10.16
N TYR PA 218 -45.26 30.78 9.92
CA TYR PA 218 -46.40 31.38 10.60
C TYR PA 218 -46.39 31.08 12.09
N GLU PA 219 -45.89 29.90 12.50
CA GLU PA 219 -45.80 29.59 13.91
C GLU PA 219 -44.76 30.46 14.61
N ASN PA 220 -43.67 30.78 13.94
CA ASN PA 220 -42.61 31.61 14.52
C ASN PA 220 -42.84 33.10 14.30
N LEU PA 221 -43.85 33.48 13.54
CA LEU PA 221 -44.12 34.89 13.31
C LEU PA 221 -44.60 35.57 14.58
N LYS PA 222 -44.13 36.79 14.81
CA LYS PA 222 -44.54 37.61 15.95
C LYS PA 222 -44.81 39.02 15.44
N ARG PA 223 -46.09 39.37 15.33
CA ARG PA 223 -46.48 40.68 14.82
C ARG PA 223 -46.49 41.72 15.94
N LEU QA 3 -4.35 -44.78 -36.00
CA LEU QA 3 -4.02 -44.61 -37.42
C LEU QA 3 -2.67 -45.23 -37.74
N PHE QA 4 -1.68 -44.97 -36.87
CA PHE QA 4 -0.35 -45.51 -37.08
C PHE QA 4 -0.30 -47.02 -37.02
N ASP QA 5 -1.28 -47.65 -36.35
CA ASP QA 5 -1.36 -49.10 -36.34
C ASP QA 5 -1.88 -49.65 -37.66
N GLU QA 6 -2.76 -48.91 -38.34
CA GLU QA 6 -3.36 -49.34 -39.58
C GLU QA 6 -2.63 -48.83 -40.82
N ASN QA 7 -2.21 -47.58 -40.82
CA ASN QA 7 -1.56 -46.96 -41.98
C ASN QA 7 -0.06 -46.85 -41.71
N TYR QA 8 0.73 -47.59 -42.48
CA TYR QA 8 2.19 -47.54 -42.35
C TYR QA 8 2.78 -46.28 -42.98
N TYR QA 9 2.18 -45.80 -44.07
CA TYR QA 9 2.74 -44.65 -44.77
C TYR QA 9 2.65 -43.38 -43.92
N ALA QA 10 1.55 -43.20 -43.20
CA ALA QA 10 1.44 -42.05 -42.30
C ALA QA 10 2.49 -42.13 -41.20
N LYS QA 11 2.70 -43.32 -40.64
CA LYS QA 11 3.72 -43.49 -39.61
C LYS QA 11 5.11 -43.17 -40.14
N ALA QA 12 5.42 -43.65 -41.35
CA ALA QA 12 6.72 -43.37 -41.95
C ALA QA 12 6.91 -41.87 -42.19
N VAL QA 13 5.87 -41.20 -42.71
CA VAL QA 13 5.96 -39.77 -42.94
C VAL QA 13 6.17 -39.03 -41.63
N ALA QA 14 5.46 -39.44 -40.59
CA ALA QA 14 5.64 -38.81 -39.28
C ALA QA 14 7.06 -39.02 -38.75
N ASN QA 15 7.62 -40.21 -38.94
CA ASN QA 15 8.95 -40.50 -38.42
C ASN QA 15 10.06 -39.85 -39.23
N ILE QA 16 9.83 -39.52 -40.50
CA ILE QA 16 10.89 -38.93 -41.32
C ILE QA 16 10.68 -37.44 -41.59
N ILE QA 17 9.55 -36.87 -41.19
CA ILE QA 17 9.24 -35.48 -41.53
C ILE QA 17 10.23 -34.50 -40.92
N GLY QA 18 10.93 -34.90 -39.85
CA GLY QA 18 11.88 -33.99 -39.21
C GLY QA 18 13.20 -33.84 -39.93
N GLU QA 19 13.44 -34.61 -40.99
CA GLU QA 19 14.69 -34.55 -41.73
C GLU QA 19 14.60 -33.67 -42.98
N VAL QA 20 13.46 -33.00 -43.19
CA VAL QA 20 13.29 -32.11 -44.33
C VAL QA 20 13.72 -30.71 -43.92
N LYS QA 21 14.63 -30.12 -44.70
CA LYS QA 21 15.18 -28.82 -44.35
C LYS QA 21 14.13 -27.72 -44.52
N ASP QA 22 14.32 -26.65 -43.76
CA ASP QA 22 13.40 -25.52 -43.81
C ASP QA 22 13.54 -24.78 -45.14
N PRO QA 23 12.45 -24.22 -45.66
CA PRO QA 23 12.54 -23.42 -46.88
C PRO QA 23 13.44 -22.21 -46.70
N ILE QA 24 14.16 -21.86 -47.77
CA ILE QA 24 15.05 -20.70 -47.71
C ILE QA 24 14.32 -19.39 -47.90
N MET QA 25 13.04 -19.41 -48.28
CA MET QA 25 12.28 -18.17 -48.41
C MET QA 25 12.06 -17.49 -47.08
N TYR QA 26 12.19 -18.21 -45.97
CA TYR QA 26 12.02 -17.61 -44.66
C TYR QA 26 13.04 -16.50 -44.40
N LYS QA 27 14.18 -16.53 -45.08
CA LYS QA 27 15.21 -15.51 -44.91
C LYS QA 27 14.90 -14.22 -45.65
N TRP QA 28 13.85 -14.20 -46.48
CA TRP QA 28 13.45 -13.01 -47.19
C TRP QA 28 12.33 -12.24 -46.48
N PHE QA 29 11.92 -12.69 -45.30
CA PHE QA 29 10.83 -12.06 -44.57
C PHE QA 29 11.16 -12.03 -43.09
N SER QA 30 10.49 -11.14 -42.37
CA SER QA 30 10.57 -11.06 -40.92
C SER QA 30 9.54 -11.98 -40.29
N PRO QA 31 9.74 -12.38 -39.03
CA PRO QA 31 8.74 -13.25 -38.38
C PRO QA 31 7.36 -12.65 -38.32
N ASP QA 32 7.24 -11.32 -38.19
CA ASP QA 32 5.93 -10.69 -38.11
C ASP QA 32 5.23 -10.62 -39.46
N GLN QA 33 5.95 -10.86 -40.56
CA GLN QA 33 5.36 -10.69 -41.88
C GLN QA 33 4.55 -11.89 -42.35
N ILE QA 34 4.73 -13.06 -41.72
CA ILE QA 34 4.14 -14.30 -42.20
C ILE QA 34 3.01 -14.70 -41.26
N GLU QA 35 1.83 -14.95 -41.84
CA GLU QA 35 0.66 -15.37 -41.07
C GLU QA 35 -0.13 -16.40 -41.87
N ASP QA 36 -0.29 -17.59 -41.31
CA ASP QA 36 -0.95 -18.68 -42.04
C ASP QA 36 -2.45 -18.43 -42.17
N VAL QA 37 -3.05 -19.06 -43.18
CA VAL QA 37 -4.48 -19.05 -43.37
C VAL QA 37 -4.95 -20.48 -43.61
N ASP QA 38 -6.20 -20.76 -43.26
CA ASP QA 38 -6.79 -22.08 -43.39
C ASP QA 38 -7.53 -22.16 -44.72
N LEU QA 39 -6.83 -22.62 -45.75
CA LEU QA 39 -7.40 -22.68 -47.10
C LEU QA 39 -6.58 -23.65 -47.94
N GLN QA 40 -7.23 -24.29 -48.90
CA GLN QA 40 -6.56 -25.12 -49.88
C GLN QA 40 -6.65 -24.56 -51.29
N MET QA 41 -7.86 -24.31 -51.78
CA MET QA 41 -8.04 -23.75 -53.12
C MET QA 41 -9.20 -22.78 -53.08
N GLY QA 42 -9.01 -21.62 -53.72
CA GLY QA 42 -10.02 -20.58 -53.71
C GLY QA 42 -9.37 -19.22 -53.61
N TYR QA 43 -9.92 -18.34 -52.76
CA TYR QA 43 -9.33 -17.04 -52.55
C TYR QA 43 -9.74 -16.53 -51.18
N GLN QA 44 -9.02 -15.50 -50.72
CA GLN QA 44 -9.24 -14.92 -49.40
C GLN QA 44 -9.38 -13.41 -49.54
N LYS QA 45 -10.51 -12.88 -49.11
CA LYS QA 45 -10.75 -11.45 -49.13
C LYS QA 45 -10.17 -10.82 -47.86
N THR QA 46 -9.28 -9.86 -48.02
CA THR QA 46 -8.71 -9.12 -46.91
C THR QA 46 -9.22 -7.68 -46.98
N VAL QA 47 -9.82 -7.20 -45.90
CA VAL QA 47 -10.40 -5.87 -45.84
C VAL QA 47 -9.55 -5.03 -44.90
N LYS QA 48 -9.05 -3.90 -45.41
CA LYS QA 48 -8.28 -2.96 -44.61
C LYS QA 48 -9.12 -1.72 -44.33
N TRP QA 49 -9.24 -1.37 -43.06
CA TRP QA 49 -10.03 -0.23 -42.63
C TRP QA 49 -9.12 0.95 -42.30
N ASP QA 50 -9.55 2.14 -42.68
CA ASP QA 50 -8.76 3.35 -42.47
C ASP QA 50 -9.68 4.46 -41.97
N ALA QA 51 -9.07 5.44 -41.31
CA ALA QA 51 -9.77 6.62 -40.83
C ALA QA 51 -9.04 7.87 -41.32
N PHE QA 52 -9.79 8.95 -41.51
CA PHE QA 52 -9.23 10.20 -41.98
C PHE QA 52 -9.91 11.36 -41.28
N LEU QA 53 -9.23 12.50 -41.27
CA LEU QA 53 -9.72 13.70 -40.61
C LEU QA 53 -10.35 14.62 -41.66
N ASN QA 54 -11.61 14.97 -41.45
CA ASN QA 54 -12.31 15.81 -42.42
C ASN QA 54 -11.86 17.27 -42.33
N ALA QA 55 -11.59 17.77 -41.13
CA ALA QA 55 -11.23 19.17 -40.96
C ALA QA 55 -10.41 19.31 -39.68
N ASN QA 56 -10.05 20.55 -39.37
CA ASN QA 56 -9.31 20.83 -38.16
C ASN QA 56 -10.20 20.54 -36.93
N PRO QA 57 -9.60 20.16 -35.81
CA PRO QA 57 -10.39 19.88 -34.61
C PRO QA 57 -11.10 21.12 -34.10
N THR QA 58 -12.19 20.89 -33.37
CA THR QA 58 -13.03 21.95 -32.84
C THR QA 58 -12.62 22.26 -31.40
N THR QA 59 -12.41 23.55 -31.11
CA THR QA 59 -12.07 23.98 -29.77
C THR QA 59 -13.30 23.92 -28.86
N ILE QA 60 -13.15 23.29 -27.71
CA ILE QA 60 -14.24 23.17 -26.74
C ILE QA 60 -14.17 24.40 -25.84
N ALA QA 61 -14.90 25.44 -26.22
CA ALA QA 61 -14.97 26.67 -25.46
C ALA QA 61 -16.40 27.18 -25.51
N ASN QA 62 -17.00 27.40 -24.35
CA ASN QA 62 -18.39 27.87 -24.21
C ASN QA 62 -19.29 26.81 -24.83
N GLU QA 63 -20.39 27.19 -25.48
CA GLU QA 63 -21.31 26.23 -26.09
C GLU QA 63 -21.03 26.10 -27.58
N VAL QA 64 -21.08 24.87 -28.07
CA VAL QA 64 -20.91 24.59 -29.48
C VAL QA 64 -21.55 23.25 -29.79
N ASN QA 65 -22.24 23.18 -30.94
CA ASN QA 65 -22.89 21.96 -31.39
C ASN QA 65 -22.26 21.36 -32.63
N THR QA 66 -21.56 22.16 -33.44
CA THR QA 66 -20.99 21.71 -34.70
C THR QA 66 -19.54 21.30 -34.45
N ILE QA 67 -19.27 20.00 -34.52
CA ILE QA 67 -17.95 19.44 -34.25
C ILE QA 67 -17.42 18.83 -35.54
N SER QA 68 -16.10 18.92 -35.73
CA SER QA 68 -15.47 18.30 -36.88
C SER QA 68 -15.58 16.78 -36.82
N THR QA 69 -15.65 16.15 -37.98
CA THR QA 69 -15.93 14.74 -38.09
C THR QA 69 -14.68 13.97 -38.51
N ILE QA 70 -14.69 12.67 -38.18
CA ILE QA 70 -13.65 11.74 -38.59
C ILE QA 70 -14.31 10.68 -39.48
N GLY QA 71 -13.83 10.56 -40.72
CA GLY QA 71 -14.40 9.61 -41.65
C GLY QA 71 -13.75 8.25 -41.59
N PHE QA 72 -14.35 7.31 -42.32
CA PHE QA 72 -13.85 5.95 -42.40
C PHE QA 72 -13.95 5.45 -43.83
N SER QA 73 -13.06 4.51 -44.18
CA SER QA 73 -13.04 3.95 -45.51
C SER QA 73 -12.51 2.51 -45.45
N SER QA 74 -12.84 1.73 -46.47
CA SER QA 74 -12.41 0.34 -46.53
C SER QA 74 -11.90 0.02 -47.92
N GLU QA 75 -10.95 -0.91 -47.97
CA GLU QA 75 -10.39 -1.40 -49.22
C GLU QA 75 -10.33 -2.92 -49.17
N VAL QA 76 -10.71 -3.56 -50.27
CA VAL QA 76 -10.85 -5.01 -50.33
C VAL QA 76 -9.76 -5.57 -51.24
N VAL QA 77 -9.05 -6.59 -50.76
CA VAL QA 77 -7.99 -7.25 -51.51
C VAL QA 77 -8.30 -8.73 -51.61
N ARG QA 78 -8.17 -9.27 -52.82
CA ARG QA 78 -8.47 -10.66 -53.10
C ARG QA 78 -7.17 -11.38 -53.47
N LEU QA 79 -6.85 -12.43 -52.72
CA LEU QA 79 -5.63 -13.21 -52.93
C LEU QA 79 -6.02 -14.62 -53.34
N ASN QA 80 -5.53 -15.06 -54.50
CA ASN QA 80 -5.88 -16.37 -55.03
C ASN QA 80 -4.90 -17.44 -54.55
N TYR QA 81 -5.43 -18.62 -54.27
CA TYR QA 81 -4.63 -19.77 -53.86
C TYR QA 81 -4.95 -20.95 -54.78
N LEU QA 82 -3.93 -21.72 -55.12
CA LEU QA 82 -4.07 -22.83 -56.05
C LEU QA 82 -3.48 -24.09 -55.47
N LYS QA 83 -4.13 -25.23 -55.72
CA LYS QA 83 -3.71 -26.52 -55.20
C LYS QA 83 -3.06 -27.33 -56.32
N LEU QA 84 -1.88 -27.89 -56.03
CA LEU QA 84 -1.09 -28.63 -57.00
C LEU QA 84 -0.66 -29.96 -56.40
N GLN QA 85 -0.39 -30.92 -57.27
CA GLN QA 85 -0.12 -32.29 -56.85
C GLN QA 85 1.01 -32.91 -57.67
N TYR QA 86 1.72 -33.85 -57.06
CA TYR QA 86 2.75 -34.63 -57.71
C TYR QA 86 2.59 -36.10 -57.34
N LYS QA 87 3.05 -36.97 -58.23
CA LYS QA 87 3.00 -38.42 -58.01
C LYS QA 87 4.41 -39.01 -58.08
N PHE QA 88 4.67 -40.02 -57.26
CA PHE QA 88 5.95 -40.70 -57.31
C PHE QA 88 5.78 -42.18 -56.97
N ARG QA 89 6.65 -43.00 -57.54
CA ARG QA 89 6.65 -44.43 -57.34
C ARG QA 89 7.67 -44.81 -56.27
N HIS QA 90 7.36 -45.89 -55.53
CA HIS QA 90 8.22 -46.32 -54.43
C HIS QA 90 8.01 -47.81 -54.20
N LEU QA 91 8.84 -48.36 -53.32
CA LEU QA 91 8.70 -49.75 -52.92
C LEU QA 91 7.52 -49.93 -51.97
N LYS QA 92 7.01 -51.15 -51.92
CA LYS QA 92 5.93 -51.50 -51.02
C LYS QA 92 6.48 -51.94 -49.67
N GLN QA 93 5.75 -51.60 -48.60
CA GLN QA 93 6.23 -51.90 -47.25
C GLN QA 93 6.39 -53.40 -47.04
N THR QA 94 5.42 -54.19 -47.51
CA THR QA 94 5.51 -55.64 -47.34
C THR QA 94 6.60 -56.26 -48.21
N SER QA 95 7.17 -55.51 -49.15
CA SER QA 95 8.20 -56.01 -50.04
C SER QA 95 9.57 -55.42 -49.77
N GLU QA 96 9.69 -54.46 -48.86
CA GLU QA 96 10.98 -53.87 -48.55
C GLU QA 96 12.00 -54.90 -48.08
N LYS QA 97 11.55 -55.93 -47.37
CA LYS QA 97 12.47 -56.91 -46.80
C LYS QA 97 13.24 -57.65 -47.89
N PHE QA 98 12.64 -57.82 -49.07
CA PHE QA 98 13.32 -58.46 -50.19
C PHE QA 98 14.28 -57.52 -50.91
N TYR QA 99 14.43 -56.28 -50.44
CA TYR QA 99 15.40 -55.36 -51.00
C TYR QA 99 16.29 -54.72 -49.93
N THR QA 100 16.10 -55.08 -48.65
CA THR QA 100 16.94 -54.53 -47.59
C THR QA 100 18.34 -55.12 -47.64
N SER QA 101 19.23 -54.49 -48.42
CA SER QA 101 20.62 -54.90 -48.43
C SER QA 101 21.30 -54.49 -47.11
N ASP QA 102 22.51 -54.99 -46.91
CA ASP QA 102 23.24 -54.69 -45.69
C ASP QA 102 23.60 -53.22 -45.58
N SER QA 103 23.88 -52.56 -46.71
CA SER QA 103 24.26 -51.15 -46.69
C SER QA 103 23.07 -50.21 -46.88
N TYR QA 104 22.08 -50.61 -47.66
CA TYR QA 104 20.97 -49.72 -48.01
C TYR QA 104 19.73 -50.56 -48.30
N ILE QA 105 18.66 -49.88 -48.71
CA ILE QA 105 17.42 -50.52 -49.14
C ILE QA 105 17.04 -49.93 -50.48
N GLY QA 106 16.67 -50.78 -51.43
CA GLY QA 106 16.21 -50.36 -52.73
C GLY QA 106 16.94 -51.04 -53.86
N ASP QA 107 16.45 -50.78 -55.07
CA ASP QA 107 17.03 -51.32 -56.30
C ASP QA 107 17.79 -50.21 -57.01
N ILE QA 108 19.12 -50.31 -57.02
CA ILE QA 108 19.92 -49.36 -57.79
C ILE QA 108 19.68 -49.55 -59.28
N ASN QA 109 19.49 -50.80 -59.71
CA ASN QA 109 19.29 -51.07 -61.12
C ASN QA 109 18.01 -50.42 -61.64
N ASN QA 110 16.93 -50.50 -60.88
CA ASN QA 110 15.64 -49.97 -61.30
C ASN QA 110 15.28 -48.64 -60.67
N ASN QA 111 16.17 -48.07 -59.85
CA ASN QA 111 15.95 -46.77 -59.21
C ASN QA 111 14.65 -46.77 -58.41
N LEU QA 112 14.50 -47.78 -57.55
CA LEU QA 112 13.31 -47.95 -56.73
C LEU QA 112 13.71 -47.79 -55.26
N LEU QA 113 13.05 -46.88 -54.57
CA LEU QA 113 13.42 -46.48 -53.22
C LEU QA 113 12.32 -46.82 -52.22
N PRO QA 114 12.66 -46.94 -50.94
CA PRO QA 114 11.62 -47.05 -49.91
C PRO QA 114 10.80 -45.77 -49.82
N PHE QA 115 9.60 -45.93 -49.26
CA PHE QA 115 8.64 -44.83 -49.24
C PHE QA 115 9.18 -43.62 -48.49
N ALA QA 116 9.86 -43.85 -47.35
CA ALA QA 116 10.34 -42.73 -46.54
C ALA QA 116 11.36 -41.89 -47.31
N GLN QA 117 12.38 -42.54 -47.88
CA GLN QA 117 13.39 -41.81 -48.63
C GLN QA 117 12.80 -41.13 -49.85
N ALA QA 118 11.91 -41.84 -50.57
CA ALA QA 118 11.29 -41.23 -51.75
C ALA QA 118 10.47 -40.00 -51.37
N TYR QA 119 9.71 -40.08 -50.28
CA TYR QA 119 8.93 -38.94 -49.83
C TYR QA 119 9.82 -37.78 -49.43
N LYS QA 120 10.93 -38.06 -48.73
CA LYS QA 120 11.82 -36.98 -48.31
C LYS QA 120 12.40 -36.27 -49.53
N LEU QA 121 12.88 -37.02 -50.51
CA LEU QA 121 13.48 -36.40 -51.69
C LEU QA 121 12.45 -35.60 -52.49
N ALA QA 122 11.25 -36.17 -52.67
CA ALA QA 122 10.21 -35.46 -53.40
C ALA QA 122 9.80 -34.19 -52.68
N SER QA 123 9.69 -34.24 -51.35
CA SER QA 123 9.33 -33.05 -50.58
C SER QA 123 10.40 -31.98 -50.72
N SER QA 124 11.68 -32.37 -50.69
CA SER QA 124 12.74 -31.38 -50.87
C SER QA 124 12.64 -30.71 -52.24
N GLU QA 125 12.40 -31.50 -53.29
CA GLU QA 125 12.26 -30.90 -54.62
C GLU QA 125 11.07 -29.95 -54.69
N ILE QA 126 9.94 -30.35 -54.11
CA ILE QA 126 8.75 -29.49 -54.14
C ILE QA 126 8.99 -28.22 -53.35
N ILE QA 127 9.74 -28.31 -52.24
CA ILE QA 127 10.05 -27.11 -51.46
C ILE QA 127 10.92 -26.16 -52.27
N LYS QA 128 11.88 -26.70 -53.03
CA LYS QA 128 12.68 -25.86 -53.91
C LYS QA 128 11.80 -25.15 -54.95
N LEU QA 129 10.84 -25.88 -55.53
CA LEU QA 129 9.94 -25.26 -56.50
C LEU QA 129 9.10 -24.16 -55.85
N ILE QA 130 8.64 -24.38 -54.62
CA ILE QA 130 7.85 -23.37 -53.91
C ILE QA 130 8.70 -22.13 -53.64
N ASN QA 131 9.96 -22.32 -53.25
CA ASN QA 131 10.85 -21.19 -53.04
C ASN QA 131 11.02 -20.40 -54.33
N HIS QA 132 11.21 -21.10 -55.45
CA HIS QA 132 11.34 -20.41 -56.73
C HIS QA 132 10.08 -19.61 -57.06
N PHE QA 133 8.90 -20.19 -56.82
CA PHE QA 133 7.67 -19.46 -57.09
C PHE QA 133 7.56 -18.21 -56.23
N VAL QA 134 7.83 -18.35 -54.93
CA VAL QA 134 7.69 -17.21 -54.02
C VAL QA 134 8.65 -16.09 -54.43
N LEU QA 135 9.86 -16.45 -54.84
CA LEU QA 135 10.83 -15.42 -55.22
C LEU QA 135 10.46 -14.76 -56.55
N THR QA 136 10.08 -15.56 -57.55
CA THR QA 136 9.91 -15.05 -58.90
C THR QA 136 8.45 -14.83 -59.30
N GLY QA 137 7.52 -15.63 -58.77
CA GLY QA 137 6.13 -15.54 -59.17
C GLY QA 137 5.74 -16.41 -60.34
N THR QA 138 6.65 -17.22 -60.86
CA THR QA 138 6.37 -18.11 -61.97
C THR QA 138 6.74 -19.54 -61.59
N VAL QA 139 6.08 -20.50 -62.23
CA VAL QA 139 6.30 -21.92 -61.97
C VAL QA 139 6.90 -22.53 -63.23
N SER QA 140 8.14 -22.98 -63.14
CA SER QA 140 8.82 -23.61 -64.26
C SER QA 140 9.89 -24.55 -63.72
N ILE QA 141 10.26 -25.54 -64.54
CA ILE QA 141 11.26 -26.52 -64.16
C ILE QA 141 12.47 -26.47 -65.09
N GLN QA 142 12.55 -25.48 -65.96
CA GLN QA 142 13.65 -25.36 -66.91
C GLN QA 142 14.58 -24.22 -66.50
N LYS QA 143 15.87 -24.40 -66.81
CA LYS QA 143 16.85 -23.36 -66.50
C LYS QA 143 16.60 -22.09 -67.29
N ASP QA 144 16.02 -22.20 -68.49
CA ASP QA 144 15.65 -21.03 -69.27
C ASP QA 144 14.49 -20.27 -68.64
N GLY QA 145 13.70 -20.91 -67.79
CA GLY QA 145 12.54 -20.29 -67.21
C GLY QA 145 11.31 -20.28 -68.08
N LYS QA 146 11.33 -21.00 -69.19
CA LYS QA 146 10.22 -21.04 -70.13
C LYS QA 146 9.33 -22.25 -69.84
N ASN QA 147 8.32 -22.44 -70.70
CA ASN QA 147 7.27 -23.44 -70.48
C ASN QA 147 6.63 -23.25 -69.10
N GLN QA 148 6.36 -21.99 -68.77
CA GLN QA 148 5.79 -21.66 -67.47
C GLN QA 148 4.38 -22.21 -67.34
N LYS QA 149 4.03 -22.67 -66.14
CA LYS QA 149 2.66 -23.05 -65.86
C LYS QA 149 1.79 -21.82 -65.75
N ARG QA 150 0.64 -21.84 -66.42
CA ARG QA 150 -0.28 -20.71 -66.34
C ARG QA 150 -0.93 -20.68 -64.97
N LEU QA 151 -0.89 -19.51 -64.33
CA LEU QA 151 -1.42 -19.33 -62.99
C LEU QA 151 -2.59 -18.36 -63.01
N LEU QA 152 -3.33 -18.34 -61.91
CA LEU QA 152 -4.47 -17.45 -61.78
C LEU QA 152 -4.02 -16.02 -61.56
N PRO QA 153 -4.87 -15.04 -61.88
CA PRO QA 153 -4.58 -13.66 -61.51
C PRO QA 153 -4.62 -13.49 -60.00
N ASN QA 154 -4.03 -12.38 -59.55
CA ASN QA 154 -3.87 -12.10 -58.12
C ASN QA 154 -3.02 -13.17 -57.44
N MET QA 155 -2.08 -13.74 -58.18
CA MET QA 155 -1.09 -14.70 -57.69
C MET QA 155 0.27 -14.19 -58.14
N TYR QA 156 0.92 -13.40 -57.29
CA TYR QA 156 2.14 -12.71 -57.68
C TYR QA 156 3.29 -13.07 -56.74
N GLY QA 157 4.50 -12.92 -57.26
CA GLY QA 157 5.71 -13.04 -56.48
C GLY QA 157 6.33 -11.67 -56.24
N LEU QA 158 7.52 -11.71 -55.62
CA LEU QA 158 8.21 -10.46 -55.32
C LEU QA 158 8.69 -9.75 -56.58
N LEU QA 159 8.99 -10.51 -57.63
CA LEU QA 159 9.60 -9.92 -58.83
C LEU QA 159 8.58 -9.46 -59.86
N ASN QA 160 7.38 -10.05 -59.88
CA ASN QA 160 6.37 -9.73 -60.88
C ASN QA 160 5.17 -9.00 -60.29
N MET QA 161 5.31 -8.46 -59.09
CA MET QA 161 4.20 -7.72 -58.49
C MET QA 161 3.92 -6.45 -59.29
N PRO QA 162 2.68 -6.22 -59.71
CA PRO QA 162 2.37 -5.03 -60.50
C PRO QA 162 2.27 -3.79 -59.63
N GLU QA 163 2.20 -2.64 -60.31
CA GLU QA 163 2.05 -1.34 -59.65
C GLU QA 163 3.18 -1.08 -58.66
N GLN QA 164 4.38 -1.52 -59.01
CA GLN QA 164 5.58 -1.26 -58.23
C GLN QA 164 6.55 -0.45 -59.08
N ILE QA 165 7.76 -0.23 -58.55
CA ILE QA 165 8.74 0.59 -59.25
C ILE QA 165 9.63 -0.31 -60.08
N LYS QA 166 9.70 -0.03 -61.39
CA LYS QA 166 10.50 -0.80 -62.33
C LYS QA 166 11.56 0.10 -62.95
N GLU QA 167 12.81 -0.33 -62.86
CA GLU QA 167 13.93 0.36 -63.49
C GLU QA 167 14.63 -0.62 -64.42
N GLU QA 168 15.10 -0.11 -65.57
CA GLU QA 168 15.75 -0.95 -66.55
C GLU QA 168 17.07 -0.31 -66.97
N VAL QA 169 18.15 -1.09 -66.90
CA VAL QA 169 19.48 -0.64 -67.32
C VAL QA 169 19.73 -1.15 -68.74
N ALA QA 170 20.09 -0.24 -69.62
CA ALA QA 170 20.27 -0.58 -71.03
C ALA QA 170 21.43 -1.55 -71.23
N SER QA 171 21.35 -2.34 -72.30
CA SER QA 171 22.38 -3.33 -72.57
C SER QA 171 23.73 -2.69 -72.82
N GLY QA 172 23.75 -1.45 -73.32
CA GLY QA 172 25.01 -0.75 -73.48
C GLY QA 172 25.70 -0.48 -72.17
N ASP QA 173 24.93 -0.26 -71.10
CA ASP QA 173 25.46 0.00 -69.77
C ASP QA 173 25.40 -1.23 -68.88
N LYS QA 174 25.42 -2.43 -69.47
CA LYS QA 174 25.21 -3.65 -68.71
C LYS QA 174 26.33 -3.95 -67.72
N ASP QA 175 27.52 -3.37 -67.92
CA ASP QA 175 28.65 -3.61 -67.03
C ASP QA 175 29.13 -2.35 -66.34
N LYS QA 176 28.31 -1.30 -66.30
CA LYS QA 176 28.67 -0.04 -65.68
C LYS QA 176 27.95 0.09 -64.34
N MET QA 177 28.70 -0.16 -63.25
CA MET QA 177 28.12 -0.06 -61.92
C MET QA 177 27.63 1.34 -61.61
N ASP QA 178 28.27 2.36 -62.19
CA ASP QA 178 27.78 3.73 -61.99
C ASP QA 178 26.39 3.92 -62.57
N LYS QA 179 26.15 3.39 -63.78
CA LYS QA 179 24.82 3.47 -64.38
C LYS QA 179 23.81 2.65 -63.59
N ILE QA 180 24.20 1.45 -63.15
CA ILE QA 180 23.29 0.63 -62.35
C ILE QA 180 22.93 1.35 -61.06
N PHE QA 181 23.91 1.97 -60.42
CA PHE QA 181 23.63 2.71 -59.19
C PHE QA 181 22.80 3.96 -59.44
N GLU QA 182 22.96 4.58 -60.60
CA GLU QA 182 22.09 5.71 -60.95
C GLU QA 182 20.63 5.26 -61.04
N LYS QA 183 20.40 4.12 -61.70
CA LYS QA 183 19.05 3.59 -61.75
C LYS QA 183 18.53 3.23 -60.36
N ILE QA 184 19.41 2.66 -59.52
CA ILE QA 184 19.00 2.31 -58.15
C ILE QA 184 18.63 3.57 -57.37
N GLU QA 185 19.41 4.64 -57.51
CA GLU QA 185 19.09 5.89 -56.83
C GLU QA 185 17.75 6.44 -57.30
N ALA QA 186 17.49 6.39 -58.61
CA ALA QA 186 16.21 6.86 -59.11
C ALA QA 186 15.06 6.06 -58.51
N GLY QA 187 15.20 4.73 -58.47
CA GLY QA 187 14.16 3.91 -57.88
C GLY QA 187 13.95 4.18 -56.40
N LEU QA 188 15.05 4.36 -55.66
CA LEU QA 188 14.94 4.64 -54.24
C LEU QA 188 14.27 5.99 -54.01
N SER QA 189 14.57 6.98 -54.84
CA SER QA 189 13.88 8.26 -54.75
C SER QA 189 12.39 8.11 -55.02
N LYS QA 190 12.04 7.28 -56.00
CA LYS QA 190 10.64 7.05 -56.30
C LYS QA 190 9.92 6.17 -55.29
N LEU QA 191 10.65 5.50 -54.39
CA LEU QA 191 10.01 4.72 -53.35
C LEU QA 191 9.12 5.60 -52.48
N GLU QA 192 7.97 5.06 -52.06
CA GLU QA 192 6.99 5.77 -51.24
C GLU QA 192 6.66 4.90 -50.03
N LEU QA 193 7.40 5.11 -48.94
CA LEU QA 193 7.18 4.38 -47.70
C LEU QA 193 6.43 5.18 -46.64
N GLY QA 194 6.13 6.46 -46.91
CA GLY QA 194 5.26 7.23 -46.04
C GLY QA 194 5.72 7.27 -44.60
N ASP QA 195 4.77 7.03 -43.69
CA ASP QA 195 5.05 7.02 -42.26
C ASP QA 195 5.69 5.73 -41.78
N GLU QA 196 5.70 4.70 -42.61
CA GLU QA 196 6.31 3.42 -42.25
C GLU QA 196 7.74 3.29 -42.78
N PHE QA 197 8.40 4.42 -43.03
CA PHE QA 197 9.75 4.39 -43.58
C PHE QA 197 10.79 3.88 -42.59
N SER QA 198 10.48 3.88 -41.30
CA SER QA 198 11.41 3.40 -40.28
C SER QA 198 11.27 1.89 -40.17
N THR QA 199 12.00 1.17 -41.03
CA THR QA 199 11.90 -0.28 -41.10
C THR QA 199 13.19 -0.82 -41.71
N PRO QA 200 13.60 -2.03 -41.33
CA PRO QA 200 14.74 -2.66 -42.01
C PRO QA 200 14.40 -2.94 -43.47
N MET QA 201 15.45 -2.94 -44.30
CA MET QA 201 15.29 -3.16 -45.74
C MET QA 201 16.02 -4.42 -46.16
N MET QA 202 15.52 -5.05 -47.21
CA MET QA 202 16.08 -6.28 -47.76
C MET QA 202 16.39 -6.06 -49.24
N VAL QA 203 17.58 -6.47 -49.65
CA VAL QA 203 18.04 -6.41 -51.03
C VAL QA 203 18.42 -7.83 -51.46
N ILE QA 204 17.96 -8.22 -52.63
CA ILE QA 204 18.27 -9.53 -53.21
C ILE QA 204 18.89 -9.29 -54.58
N VAL QA 205 20.04 -9.92 -54.82
CA VAL QA 205 20.79 -9.72 -56.06
C VAL QA 205 21.16 -11.07 -56.64
N ASP QA 206 21.40 -11.07 -57.95
CA ASP QA 206 21.91 -12.24 -58.65
C ASP QA 206 23.42 -12.33 -58.47
N PRO QA 207 24.01 -13.51 -58.70
CA PRO QA 207 25.46 -13.66 -58.47
C PRO QA 207 26.34 -12.70 -59.26
N ALA QA 208 25.96 -12.36 -60.50
CA ALA QA 208 26.75 -11.42 -61.28
C ALA QA 208 26.75 -10.03 -60.62
N THR QA 209 25.58 -9.57 -60.18
CA THR QA 209 25.52 -8.29 -59.48
C THR QA 209 26.28 -8.34 -58.16
N SER QA 210 26.22 -9.49 -57.47
CA SER QA 210 26.99 -9.64 -56.24
C SER QA 210 28.48 -9.51 -56.51
N LEU QA 211 28.95 -10.10 -57.62
CA LEU QA 211 30.35 -9.94 -58.01
C LEU QA 211 30.67 -8.48 -58.30
N LYS QA 212 29.78 -7.79 -59.02
CA LYS QA 212 30.05 -6.41 -59.38
C LYS QA 212 30.03 -5.48 -58.18
N LEU QA 213 29.31 -5.85 -57.12
CA LEU QA 213 29.17 -4.96 -55.97
C LEU QA 213 30.48 -4.80 -55.20
N VAL QA 214 31.32 -5.83 -55.15
CA VAL QA 214 32.51 -5.81 -54.30
C VAL QA 214 33.66 -5.10 -54.98
N LYS QA 215 33.41 -4.54 -56.16
CA LYS QA 215 34.43 -3.75 -56.82
C LYS QA 215 34.60 -2.40 -56.11
N PRO QA 216 35.80 -1.81 -56.17
CA PRO QA 216 36.00 -0.50 -55.54
C PRO QA 216 35.10 0.56 -56.16
N TYR QA 217 34.62 1.47 -55.31
CA TYR QA 217 33.71 2.51 -55.77
C TYR QA 217 34.42 3.48 -56.68
N ALA QA 218 33.78 3.80 -57.81
CA ALA QA 218 34.35 4.73 -58.78
C ALA QA 218 34.11 6.18 -58.37
N CYS QA 227 38.89 4.27 -50.38
CA CYS QA 227 38.75 2.83 -50.24
C CYS QA 227 37.35 2.46 -49.77
N GLU QA 228 36.39 2.54 -50.69
CA GLU QA 228 34.99 2.22 -50.39
C GLU QA 228 34.45 1.35 -51.51
N LYS QA 229 33.44 0.55 -51.18
CA LYS QA 229 32.86 -0.40 -52.12
C LYS QA 229 31.44 0.01 -52.50
N TRP QA 230 31.03 -0.44 -53.69
CA TRP QA 230 29.67 -0.19 -54.15
C TRP QA 230 28.63 -0.74 -53.19
N GLU QA 231 28.94 -1.86 -52.52
CA GLU QA 231 28.03 -2.38 -51.51
C GLU QA 231 27.87 -1.41 -50.35
N ASP QA 232 28.97 -0.82 -49.89
CA ASP QA 232 28.89 0.18 -48.83
C ASP QA 232 28.09 1.40 -49.28
N VAL QA 233 28.32 1.85 -50.51
CA VAL QA 233 27.60 3.00 -51.02
C VAL QA 233 26.10 2.71 -51.08
N LEU QA 234 25.73 1.53 -51.57
CA LEU QA 234 24.33 1.14 -51.63
C LEU QA 234 23.70 1.06 -50.24
N ILE QA 235 24.43 0.50 -49.28
CA ILE QA 235 23.90 0.39 -47.92
C ILE QA 235 23.67 1.78 -47.34
N GLN QA 236 24.62 2.71 -47.54
CA GLN QA 236 24.44 4.06 -47.04
C GLN QA 236 23.25 4.74 -47.72
N THR QA 237 23.10 4.56 -49.03
CA THR QA 237 21.99 5.18 -49.73
C THR QA 237 20.64 4.68 -49.23
N ILE QA 238 20.54 3.37 -48.96
CA ILE QA 238 19.29 2.83 -48.43
C ILE QA 238 19.07 3.28 -46.99
N LYS QA 239 20.14 3.41 -46.20
CA LYS QA 239 20.02 3.93 -44.85
C LYS QA 239 19.54 5.37 -44.86
N ALA QA 240 19.84 6.11 -45.93
CA ALA QA 240 19.37 7.47 -46.05
C ALA QA 240 17.85 7.57 -46.10
N ILE QA 241 17.15 6.49 -46.46
CA ILE QA 241 15.71 6.52 -46.58
C ILE QA 241 14.99 5.63 -45.59
N ASN QA 242 15.65 4.62 -45.01
CA ASN QA 242 14.97 3.75 -44.04
C ASN QA 242 15.23 4.17 -42.59
N ASN QA 243 15.46 5.45 -42.36
CA ASN QA 243 15.74 5.99 -41.01
C ASN QA 243 16.98 5.34 -40.40
N ARG QA 244 17.97 5.02 -41.24
CA ARG QA 244 19.26 4.49 -40.79
C ARG QA 244 19.10 3.23 -39.95
N GLU QA 245 18.26 2.32 -40.43
CA GLU QA 245 18.09 1.02 -39.80
C GLU QA 245 18.76 -0.07 -40.64
N ASP QA 246 18.57 -1.32 -40.23
CA ASP QA 246 19.31 -2.43 -40.81
C ASP QA 246 19.00 -2.60 -42.29
N VAL QA 247 20.03 -2.90 -43.07
CA VAL QA 247 19.91 -3.24 -44.48
C VAL QA 247 20.58 -4.60 -44.67
N TYR QA 248 19.81 -5.57 -45.15
CA TYR QA 248 20.31 -6.93 -45.36
C TYR QA 248 20.47 -7.19 -46.85
N ILE QA 249 21.54 -7.91 -47.20
CA ILE QA 249 21.86 -8.23 -48.59
C ILE QA 249 21.90 -9.74 -48.74
N GLU QA 250 21.20 -10.25 -49.75
CA GLU QA 250 21.12 -11.67 -50.02
C GLU QA 250 21.39 -11.92 -51.50
N THR QA 251 21.93 -13.10 -51.79
CA THR QA 251 22.19 -13.55 -53.14
C THR QA 251 21.37 -14.79 -53.43
N SER QA 252 20.78 -14.83 -54.62
CA SER QA 252 19.97 -15.99 -55.03
C SER QA 252 20.34 -16.37 -56.45
N ASN QA 253 20.59 -17.66 -56.66
CA ASN QA 253 20.85 -18.15 -58.01
C ASN QA 253 19.59 -18.23 -58.86
N LEU QA 254 18.42 -18.04 -58.26
CA LEU QA 254 17.16 -18.05 -58.99
C LEU QA 254 16.90 -16.77 -59.75
N LEU QA 255 17.72 -15.73 -59.55
CA LEU QA 255 17.59 -14.47 -60.23
C LEU QA 255 18.67 -14.33 -61.29
N LYS QA 256 18.38 -13.54 -62.33
CA LYS QA 256 19.31 -13.32 -63.43
C LYS QA 256 19.27 -11.84 -63.80
N HIS QA 257 20.30 -11.10 -63.42
CA HIS QA 257 20.41 -9.67 -63.74
C HIS QA 257 19.24 -8.88 -63.19
N LYS QA 258 18.79 -9.24 -61.98
CA LYS QA 258 17.69 -8.60 -61.29
C LYS QA 258 18.15 -8.13 -59.92
N ILE QA 259 17.65 -6.98 -59.50
CA ILE QA 259 17.89 -6.45 -58.15
C ILE QA 259 16.54 -6.13 -57.53
N LEU QA 260 16.29 -6.69 -56.35
CA LEU QA 260 15.04 -6.51 -55.64
C LEU QA 260 15.31 -5.77 -54.33
N ILE QA 261 14.58 -4.68 -54.08
CA ILE QA 261 14.68 -3.95 -52.83
C ILE QA 261 13.29 -3.76 -52.26
N TYR QA 262 13.10 -4.14 -51.00
CA TYR QA 262 11.79 -4.01 -50.38
C TYR QA 262 11.95 -3.97 -48.87
N PRO QA 263 11.02 -3.35 -48.16
CA PRO QA 263 11.12 -3.29 -46.70
C PRO QA 263 10.58 -4.54 -46.03
N LEU QA 264 11.17 -4.87 -44.88
CA LEU QA 264 10.71 -5.99 -44.06
C LEU QA 264 9.69 -5.52 -43.02
N ASN QA 265 8.65 -4.85 -43.47
CA ASN QA 265 7.64 -4.27 -42.59
C ASN QA 265 6.31 -4.99 -42.81
N SER QA 266 5.72 -5.49 -41.73
CA SER QA 266 4.47 -6.22 -41.82
C SER QA 266 3.30 -5.31 -42.18
N GLU QA 267 3.47 -3.99 -42.05
CA GLU QA 267 2.41 -3.05 -42.40
C GLU QA 267 2.38 -2.72 -43.89
N LEU QA 268 3.38 -3.14 -44.64
CA LEU QA 268 3.46 -2.87 -46.07
C LEU QA 268 3.43 -4.12 -46.93
N ILE QA 269 4.20 -5.15 -46.56
CA ILE QA 269 4.26 -6.41 -47.29
C ILE QA 269 3.95 -7.53 -46.32
N LYS QA 270 3.00 -8.40 -46.68
CA LYS QA 270 2.56 -9.49 -45.82
C LYS QA 270 2.48 -10.77 -46.63
N PHE QA 271 2.99 -11.85 -46.06
CA PHE QA 271 2.91 -13.18 -46.65
C PHE QA 271 1.91 -13.98 -45.84
N LYS QA 272 0.77 -14.29 -46.45
CA LYS QA 272 -0.30 -15.06 -45.82
C LYS QA 272 -0.46 -16.37 -46.56
N PRO QA 273 0.46 -17.31 -46.40
CA PRO QA 273 0.35 -18.59 -47.11
C PRO QA 273 -0.70 -19.48 -46.48
N SER QA 274 -1.17 -20.43 -47.27
CA SER QA 274 -2.04 -21.47 -46.74
C SER QA 274 -1.27 -22.34 -45.75
N LYS QA 275 -1.98 -22.84 -44.74
CA LYS QA 275 -1.35 -23.73 -43.79
C LYS QA 275 -0.98 -25.07 -44.42
N TYR QA 276 -1.45 -25.35 -45.63
CA TYR QA 276 -1.10 -26.55 -46.38
C TYR QA 276 -0.18 -26.26 -47.54
N MET QA 277 0.55 -25.14 -47.50
CA MET QA 277 1.42 -24.77 -48.60
C MET QA 277 2.57 -25.76 -48.76
N LEU QA 278 3.18 -26.16 -47.65
CA LEU QA 278 4.30 -27.09 -47.71
C LEU QA 278 3.82 -28.50 -48.03
N PRO QA 279 4.68 -29.35 -48.59
CA PRO QA 279 4.25 -30.66 -49.08
C PRO QA 279 3.55 -31.48 -48.01
N THR QA 280 2.44 -32.11 -48.39
CA THR QA 280 1.61 -32.92 -47.51
C THR QA 280 1.26 -34.21 -48.21
N PRO QA 281 1.33 -35.35 -47.52
CA PRO QA 281 0.94 -36.62 -48.15
C PRO QA 281 -0.55 -36.65 -48.47
N ASN QA 282 -0.89 -37.42 -49.50
CA ASN QA 282 -2.27 -37.68 -49.84
C ASN QA 282 -2.66 -39.07 -49.33
N GLU QA 283 -3.94 -39.20 -48.96
CA GLU QA 283 -4.41 -40.47 -48.40
C GLU QA 283 -4.41 -41.58 -49.45
N GLN QA 284 -4.63 -41.25 -50.71
CA GLN QA 284 -4.73 -42.26 -51.75
C GLN QA 284 -3.35 -42.85 -52.06
N VAL QA 285 -3.28 -44.18 -52.10
CA VAL QA 285 -2.07 -44.90 -52.47
C VAL QA 285 -2.45 -45.94 -53.52
N ASP QA 286 -1.82 -45.88 -54.68
CA ASP QA 286 -2.09 -46.83 -55.74
C ASP QA 286 -1.39 -48.15 -55.46
N LYS QA 287 -2.13 -49.25 -55.56
CA LYS QA 287 -1.61 -50.57 -55.29
C LYS QA 287 -2.03 -51.54 -56.39
N ASP QA 288 -1.20 -52.55 -56.60
CA ASP QA 288 -1.51 -53.63 -57.54
C ASP QA 288 -0.85 -54.91 -57.04
N SER QA 289 -0.75 -55.90 -57.91
CA SER QA 289 -0.19 -57.20 -57.55
C SER QA 289 1.33 -57.22 -57.55
N THR QA 290 1.98 -56.20 -58.08
CA THR QA 290 3.43 -56.14 -58.12
C THR QA 290 3.97 -55.51 -56.85
N ASP QA 291 5.25 -55.17 -56.83
CA ASP QA 291 5.90 -54.57 -55.68
C ASP QA 291 6.09 -53.06 -55.82
N VAL QA 292 5.44 -52.44 -56.80
CA VAL QA 292 5.57 -51.00 -57.06
C VAL QA 292 4.27 -50.33 -56.67
N ALA QA 293 4.37 -49.30 -55.84
CA ALA QA 293 3.22 -48.50 -55.42
C ALA QA 293 3.47 -47.04 -55.75
N HIS QA 294 2.39 -46.27 -55.83
CA HIS QA 294 2.46 -44.84 -56.15
C HIS QA 294 1.82 -44.03 -55.04
N SER QA 295 2.40 -42.87 -54.77
CA SER QA 295 1.92 -41.97 -53.73
C SER QA 295 1.86 -40.55 -54.28
N TYR QA 296 1.04 -39.72 -53.63
CA TYR QA 296 0.78 -38.36 -54.07
C TYR QA 296 1.13 -37.36 -52.99
N ILE QA 297 1.68 -36.22 -53.41
CA ILE QA 297 2.04 -35.13 -52.53
C ILE QA 297 1.32 -33.87 -53.00
N ASP QA 298 0.64 -33.20 -52.08
CA ASP QA 298 -0.11 -31.98 -52.37
C ASP QA 298 0.62 -30.77 -51.80
N PHE QA 299 0.42 -29.63 -52.45
CA PHE QA 299 0.93 -28.36 -51.93
C PHE QA 299 0.08 -27.23 -52.50
N VAL QA 300 0.19 -26.05 -51.90
CA VAL QA 300 -0.66 -24.91 -52.22
C VAL QA 300 0.23 -23.70 -52.48
N LEU QA 301 -0.11 -22.94 -53.52
CA LEU QA 301 0.65 -21.77 -53.93
C LEU QA 301 -0.22 -20.53 -53.87
N GLY QA 302 0.39 -19.40 -53.48
CA GLY QA 302 -0.29 -18.13 -53.43
C GLY QA 302 -0.25 -17.47 -52.07
N GLY QA 303 -0.47 -16.15 -52.03
CA GLY QA 303 -0.59 -15.48 -50.75
C GLY QA 303 0.39 -14.35 -50.46
N LEU QA 304 0.87 -13.66 -51.48
CA LEU QA 304 1.74 -12.50 -51.25
C LEU QA 304 0.95 -11.23 -51.47
N LEU QA 305 0.98 -10.33 -50.47
CA LEU QA 305 0.24 -9.08 -50.52
C LEU QA 305 1.21 -7.94 -50.29
N ALA QA 306 1.15 -6.91 -51.14
CA ALA QA 306 2.08 -5.80 -51.05
C ALA QA 306 1.34 -4.49 -51.25
N THR QA 307 1.86 -3.44 -50.63
CA THR QA 307 1.33 -2.11 -50.84
C THR QA 307 1.90 -1.53 -52.13
N ARG QA 308 1.09 -0.71 -52.79
CA ARG QA 308 1.48 -0.13 -54.07
C ARG QA 308 2.73 0.74 -53.93
N LYS QA 309 3.62 0.63 -54.91
CA LYS QA 309 4.84 1.45 -54.99
C LYS QA 309 5.72 1.28 -53.75
N THR QA 310 5.92 0.03 -53.33
CA THR QA 310 6.78 -0.28 -52.19
C THR QA 310 7.91 -1.24 -52.52
N ILE QA 311 8.01 -1.72 -53.76
CA ILE QA 311 9.05 -2.64 -54.18
C ILE QA 311 9.78 -2.06 -55.38
N LEU QA 312 11.12 -2.08 -55.31
CA LEU QA 312 11.96 -1.62 -56.40
C LEU QA 312 12.55 -2.82 -57.11
N GLN QA 313 12.33 -2.90 -58.41
CA GLN QA 313 12.77 -4.02 -59.25
C GLN QA 313 13.62 -3.46 -60.38
N VAL QA 314 14.91 -3.78 -60.38
CA VAL QA 314 15.84 -3.31 -61.40
C VAL QA 314 16.23 -4.48 -62.28
N ASN QA 315 16.06 -4.32 -63.59
CA ASN QA 315 16.40 -5.33 -64.58
C ASN QA 315 17.54 -4.81 -65.44
N ILE QA 316 18.64 -5.53 -65.49
CA ILE QA 316 19.78 -5.15 -66.32
C ILE QA 316 19.66 -5.92 -67.62
N LYS QA 317 19.22 -5.24 -68.68
CA LYS QA 317 19.01 -5.90 -69.97
C LYS QA 317 20.34 -6.36 -70.54
N GLN QA 318 20.35 -7.59 -71.06
CA GLN QA 318 21.55 -8.15 -71.67
C GLN QA 318 21.61 -7.94 -73.17
N SER QA 319 20.55 -7.40 -73.78
CA SER QA 319 20.51 -7.19 -75.22
C SER QA 319 19.57 -6.06 -75.58
N LEU RA 3 -6.60 -59.71 -38.25
CA LEU RA 3 -6.58 -59.82 -39.71
C LEU RA 3 -7.70 -60.75 -40.20
N PHE RA 4 -7.89 -61.86 -39.48
CA PHE RA 4 -8.93 -62.81 -39.87
C PHE RA 4 -10.32 -62.22 -39.72
N ASP RA 5 -10.49 -61.27 -38.79
CA ASP RA 5 -11.78 -60.60 -38.64
C ASP RA 5 -12.01 -59.55 -39.72
N GLU RA 6 -10.98 -59.18 -40.47
CA GLU RA 6 -11.10 -58.17 -41.51
C GLU RA 6 -10.86 -58.70 -42.92
N ASN RA 7 -10.11 -59.79 -43.06
CA ASN RA 7 -9.77 -60.35 -44.37
C ASN RA 7 -10.41 -61.73 -44.52
N TYR RA 8 -11.60 -61.76 -45.12
CA TYR RA 8 -12.30 -63.02 -45.35
C TYR RA 8 -11.49 -63.92 -46.28
N TYR RA 9 -10.87 -63.33 -47.31
CA TYR RA 9 -10.07 -64.13 -48.23
C TYR RA 9 -8.89 -64.77 -47.53
N ALA RA 10 -8.21 -64.04 -46.64
CA ALA RA 10 -7.14 -64.61 -45.85
C ALA RA 10 -7.66 -65.72 -44.94
N LYS RA 11 -8.80 -65.50 -44.29
CA LYS RA 11 -9.36 -66.55 -43.44
C LYS RA 11 -9.70 -67.80 -44.25
N ALA RA 12 -10.29 -67.61 -45.43
CA ALA RA 12 -10.66 -68.75 -46.27
C ALA RA 12 -9.43 -69.49 -46.76
N VAL RA 13 -8.37 -68.77 -47.11
CA VAL RA 13 -7.13 -69.43 -47.52
C VAL RA 13 -6.57 -70.24 -46.35
N ALA RA 14 -6.60 -69.68 -45.14
CA ALA RA 14 -6.12 -70.41 -43.98
C ALA RA 14 -6.94 -71.68 -43.76
N ASN RA 15 -8.26 -71.59 -43.94
CA ASN RA 15 -9.12 -72.76 -43.75
C ASN RA 15 -8.88 -73.81 -44.84
N ILE RA 16 -8.64 -73.38 -46.08
CA ILE RA 16 -8.59 -74.29 -47.21
C ILE RA 16 -7.20 -74.81 -47.54
N ILE RA 17 -6.16 -74.25 -46.91
CA ILE RA 17 -4.79 -74.62 -47.29
C ILE RA 17 -4.46 -76.06 -46.93
N GLY RA 18 -5.20 -76.68 -46.02
CA GLY RA 18 -4.90 -78.04 -45.63
C GLY RA 18 -5.29 -79.08 -46.67
N GLU RA 19 -6.28 -78.76 -47.51
CA GLU RA 19 -6.77 -79.71 -48.50
C GLU RA 19 -5.82 -79.90 -49.68
N VAL RA 20 -4.96 -78.91 -49.96
CA VAL RA 20 -4.05 -79.03 -51.08
C VAL RA 20 -3.03 -80.14 -50.82
N LYS RA 21 -2.86 -81.02 -51.80
CA LYS RA 21 -2.02 -82.19 -51.63
C LYS RA 21 -0.55 -81.83 -51.79
N ASP RA 22 0.30 -82.65 -51.18
CA ASP RA 22 1.74 -82.43 -51.23
C ASP RA 22 2.27 -82.66 -52.64
N PRO RA 23 3.30 -81.93 -53.06
CA PRO RA 23 3.87 -82.14 -54.39
C PRO RA 23 4.53 -83.51 -54.49
N ILE RA 24 4.50 -84.06 -55.72
CA ILE RA 24 5.12 -85.36 -55.97
C ILE RA 24 6.63 -85.28 -56.08
N MET RA 25 7.20 -84.08 -56.21
CA MET RA 25 8.65 -83.95 -56.32
C MET RA 25 9.37 -84.34 -55.04
N TYR RA 26 8.65 -84.40 -53.91
CA TYR RA 26 9.28 -84.77 -52.65
C TYR RA 26 9.78 -86.21 -52.65
N LYS RA 27 9.25 -87.06 -53.53
CA LYS RA 27 9.68 -88.45 -53.61
C LYS RA 27 10.99 -88.61 -54.35
N TRP RA 28 11.47 -87.58 -55.03
CA TRP RA 28 12.69 -87.67 -55.83
C TRP RA 28 13.93 -87.21 -55.07
N PHE RA 29 13.82 -86.89 -53.79
CA PHE RA 29 14.94 -86.39 -53.02
C PHE RA 29 14.89 -86.97 -51.61
N SER RA 30 16.06 -87.01 -50.97
CA SER RA 30 16.15 -87.39 -49.58
C SER RA 30 15.81 -86.19 -48.70
N PRO RA 31 15.46 -86.43 -47.42
CA PRO RA 31 15.15 -85.30 -46.54
C PRO RA 31 16.28 -84.29 -46.41
N ASP RA 32 17.53 -84.74 -46.44
CA ASP RA 32 18.66 -83.83 -46.31
C ASP RA 32 19.04 -83.17 -47.63
N GLN RA 33 18.40 -83.55 -48.74
CA GLN RA 33 18.70 -82.98 -50.04
C GLN RA 33 17.93 -81.70 -50.34
N ILE RA 34 17.09 -81.22 -49.42
CA ILE RA 34 16.28 -80.03 -49.62
C ILE RA 34 16.53 -79.07 -48.47
N GLU RA 35 16.85 -77.82 -48.80
CA GLU RA 35 17.06 -76.78 -47.79
C GLU RA 35 16.55 -75.46 -48.31
N ASP RA 36 15.55 -74.91 -47.64
CA ASP RA 36 14.90 -73.68 -48.10
C ASP RA 36 15.81 -72.47 -47.96
N VAL RA 37 15.58 -71.46 -48.80
CA VAL RA 37 16.30 -70.20 -48.75
C VAL RA 37 15.28 -69.07 -48.69
N ASP RA 38 15.74 -67.92 -48.19
CA ASP RA 38 14.89 -66.75 -47.96
C ASP RA 38 15.13 -65.75 -49.09
N LEU RA 39 14.42 -65.94 -50.20
CA LEU RA 39 14.55 -65.05 -51.35
C LEU RA 39 13.29 -65.20 -52.20
N GLN RA 40 13.02 -64.16 -52.98
CA GLN RA 40 11.91 -64.18 -53.94
C GLN RA 40 12.34 -63.99 -55.38
N MET RA 41 13.29 -63.11 -55.64
CA MET RA 41 13.77 -62.86 -56.99
C MET RA 41 15.20 -62.35 -56.91
N GLY RA 42 16.07 -62.89 -57.74
CA GLY RA 42 17.46 -62.51 -57.77
C GLY RA 42 18.34 -63.74 -57.74
N TYR RA 43 19.64 -63.50 -57.52
CA TYR RA 43 20.62 -64.56 -57.47
C TYR RA 43 21.11 -64.76 -56.04
N GLN RA 44 21.77 -65.90 -55.81
CA GLN RA 44 22.37 -66.20 -54.53
C GLN RA 44 23.57 -67.09 -54.77
N LYS RA 45 24.70 -66.73 -54.16
CA LYS RA 45 25.97 -67.40 -54.39
C LYS RA 45 26.36 -68.24 -53.19
N THR RA 46 26.76 -69.49 -53.45
CA THR RA 46 27.25 -70.38 -52.42
C THR RA 46 28.72 -70.69 -52.68
N VAL RA 47 29.49 -70.84 -51.60
CA VAL RA 47 30.94 -71.01 -51.67
C VAL RA 47 31.29 -72.36 -51.04
N LYS RA 48 32.03 -73.17 -51.79
CA LYS RA 48 32.52 -74.47 -51.32
C LYS RA 48 34.02 -74.37 -51.08
N TRP RA 49 34.46 -74.85 -49.92
CA TRP RA 49 35.86 -74.76 -49.52
C TRP RA 49 36.50 -76.14 -49.56
N ASP RA 50 37.77 -76.18 -49.97
CA ASP RA 50 38.51 -77.43 -50.07
C ASP RA 50 39.93 -77.23 -49.54
N ALA RA 51 40.54 -78.34 -49.13
CA ALA RA 51 41.91 -78.33 -48.63
C ALA RA 51 42.71 -79.40 -49.36
N PHE RA 52 44.03 -79.21 -49.38
CA PHE RA 52 44.92 -80.14 -50.05
C PHE RA 52 46.27 -80.13 -49.36
N LEU RA 53 47.00 -81.23 -49.51
CA LEU RA 53 48.31 -81.39 -48.91
C LEU RA 53 49.40 -80.96 -49.88
N ASN RA 54 50.33 -80.14 -49.42
CA ASN RA 54 51.39 -79.61 -50.27
C ASN RA 54 52.60 -80.52 -50.37
N ALA RA 55 52.84 -81.37 -49.37
CA ALA RA 55 54.00 -82.24 -49.36
C ALA RA 55 53.74 -83.40 -48.39
N ASN RA 56 54.74 -84.27 -48.27
CA ASN RA 56 54.66 -85.36 -47.33
C ASN RA 56 54.72 -84.82 -45.90
N PRO RA 57 54.14 -85.55 -44.94
CA PRO RA 57 54.18 -85.07 -43.55
C PRO RA 57 55.60 -84.99 -43.02
N THR RA 58 55.82 -84.07 -42.10
CA THR RA 58 57.13 -83.86 -41.49
C THR RA 58 57.24 -84.71 -40.23
N THR RA 59 58.33 -85.46 -40.11
CA THR RA 59 58.60 -86.24 -38.92
C THR RA 59 59.09 -85.33 -37.80
N ILE RA 60 58.50 -85.46 -36.62
CA ILE RA 60 58.83 -84.63 -35.47
C ILE RA 60 59.82 -85.39 -34.60
N ALA RA 61 61.07 -84.94 -34.61
CA ALA RA 61 62.11 -85.54 -33.79
C ALA RA 61 63.17 -84.49 -33.51
N ASN RA 62 63.55 -84.36 -32.23
CA ASN RA 62 64.56 -83.39 -31.78
C ASN RA 62 64.04 -81.99 -32.12
N GLU RA 63 64.83 -81.13 -32.75
CA GLU RA 63 64.45 -79.76 -33.03
C GLU RA 63 64.23 -79.60 -34.53
N VAL RA 64 63.11 -78.98 -34.89
CA VAL RA 64 62.81 -78.71 -36.30
C VAL RA 64 61.86 -77.51 -36.36
N ASN RA 65 62.11 -76.63 -37.32
CA ASN RA 65 61.30 -75.43 -37.51
C ASN RA 65 60.53 -75.42 -38.82
N THR RA 66 60.94 -76.22 -39.81
CA THR RA 66 60.31 -76.23 -41.11
C THR RA 66 59.34 -77.41 -41.18
N ILE RA 67 58.06 -77.11 -41.44
CA ILE RA 67 57.00 -78.10 -41.44
C ILE RA 67 56.27 -78.03 -42.76
N SER RA 68 55.71 -79.17 -43.19
CA SER RA 68 54.91 -79.21 -44.39
C SER RA 68 53.61 -78.43 -44.20
N THR RA 69 53.10 -77.87 -45.30
CA THR RA 69 51.97 -76.97 -45.26
C THR RA 69 50.74 -77.59 -45.92
N ILE RA 70 49.57 -77.07 -45.56
CA ILE RA 70 48.31 -77.46 -46.13
C ILE RA 70 47.67 -76.23 -46.75
N GLY RA 71 47.24 -76.35 -48.01
CA GLY RA 71 46.63 -75.25 -48.72
C GLY RA 71 45.10 -75.32 -48.70
N PHE RA 72 44.49 -74.27 -49.24
CA PHE RA 72 43.04 -74.18 -49.32
C PHE RA 72 42.64 -73.55 -50.65
N SER RA 73 41.41 -73.84 -51.07
CA SER RA 73 40.87 -73.31 -52.32
C SER RA 73 39.36 -73.25 -52.20
N SER RA 74 38.73 -72.56 -53.15
CA SER RA 74 37.29 -72.36 -53.11
C SER RA 74 36.73 -72.22 -54.52
N GLU RA 75 35.43 -72.47 -54.63
CA GLU RA 75 34.68 -72.24 -55.85
C GLU RA 75 33.34 -71.59 -55.50
N VAL RA 76 32.81 -70.81 -56.43
CA VAL RA 76 31.59 -70.05 -56.22
C VAL RA 76 30.58 -70.44 -57.28
N VAL RA 77 29.36 -70.75 -56.85
CA VAL RA 77 28.26 -71.14 -57.73
C VAL RA 77 27.08 -70.21 -57.46
N ARG RA 78 26.50 -69.67 -58.53
CA ARG RA 78 25.38 -68.75 -58.44
C ARG RA 78 24.11 -69.42 -58.96
N LEU RA 79 23.02 -69.25 -58.20
CA LEU RA 79 21.73 -69.81 -58.55
C LEU RA 79 20.73 -68.69 -58.73
N ASN RA 80 19.97 -68.72 -59.83
CA ASN RA 80 18.98 -67.71 -60.15
C ASN RA 80 17.60 -68.17 -59.73
N TYR RA 81 16.76 -67.20 -59.34
CA TYR RA 81 15.39 -67.47 -58.94
C TYR RA 81 14.45 -66.54 -59.70
N LEU RA 82 13.25 -67.03 -59.97
CA LEU RA 82 12.27 -66.28 -60.74
C LEU RA 82 10.93 -66.26 -60.02
N LYS RA 83 10.25 -65.11 -60.07
CA LYS RA 83 8.95 -64.93 -59.46
C LYS RA 83 7.88 -64.88 -60.54
N LEU RA 84 6.83 -65.69 -60.39
CA LEU RA 84 5.76 -65.79 -61.37
C LEU RA 84 4.42 -65.68 -60.67
N GLN RA 85 3.41 -65.20 -61.42
CA GLN RA 85 2.10 -64.91 -60.85
C GLN RA 85 1.00 -65.34 -61.80
N TYR RA 86 -0.13 -65.74 -61.23
CA TYR RA 86 -1.34 -66.06 -61.97
C TYR RA 86 -2.52 -65.31 -61.38
N LYS RA 87 -3.52 -65.04 -62.21
CA LYS RA 87 -4.74 -64.36 -61.80
C LYS RA 87 -5.94 -65.25 -62.07
N PHE RA 88 -6.94 -65.17 -61.18
CA PHE RA 88 -8.15 -65.96 -61.39
C PHE RA 88 -9.36 -65.20 -60.85
N ARG RA 89 -10.49 -65.35 -61.54
CA ARG RA 89 -11.75 -64.73 -61.16
C ARG RA 89 -12.54 -65.65 -60.24
N HIS RA 90 -13.40 -65.04 -59.42
CA HIS RA 90 -14.23 -65.79 -58.47
C HIS RA 90 -15.40 -64.91 -58.07
N LEU RA 91 -16.28 -65.47 -57.24
CA LEU RA 91 -17.43 -64.73 -56.75
C LEU RA 91 -17.04 -63.87 -55.55
N LYS RA 92 -17.61 -62.67 -55.49
CA LYS RA 92 -17.44 -61.83 -54.31
C LYS RA 92 -18.08 -62.49 -53.10
N GLN RA 93 -17.49 -62.25 -51.92
CA GLN RA 93 -17.95 -62.93 -50.72
C GLN RA 93 -19.39 -62.62 -50.39
N THR RA 94 -19.78 -61.35 -50.48
CA THR RA 94 -21.12 -60.94 -50.08
C THR RA 94 -22.20 -61.41 -51.04
N SER RA 95 -21.84 -61.87 -52.24
CA SER RA 95 -22.81 -62.28 -53.24
C SER RA 95 -22.97 -63.79 -53.35
N GLU RA 96 -22.37 -64.55 -52.42
CA GLU RA 96 -22.47 -66.01 -52.50
C GLU RA 96 -23.90 -66.49 -52.30
N LYS RA 97 -24.63 -65.86 -51.36
CA LYS RA 97 -25.96 -66.34 -51.00
C LYS RA 97 -26.94 -66.27 -52.17
N PHE RA 98 -26.70 -65.41 -53.15
CA PHE RA 98 -27.56 -65.31 -54.32
C PHE RA 98 -27.22 -66.37 -55.37
N TYR RA 99 -26.19 -67.18 -55.15
CA TYR RA 99 -25.86 -68.29 -56.02
C TYR RA 99 -25.84 -69.62 -55.29
N THR RA 100 -25.99 -69.62 -53.96
CA THR RA 100 -26.05 -70.87 -53.21
C THR RA 100 -27.31 -71.64 -53.59
N SER RA 101 -27.14 -72.90 -53.97
CA SER RA 101 -28.24 -73.81 -54.23
C SER RA 101 -28.15 -75.00 -53.28
N ASP RA 102 -29.19 -75.83 -53.29
CA ASP RA 102 -29.19 -77.02 -52.45
C ASP RA 102 -28.12 -78.02 -52.88
N SER RA 103 -27.77 -78.02 -54.17
CA SER RA 103 -26.82 -78.98 -54.70
C SER RA 103 -25.41 -78.43 -54.87
N TYR RA 104 -25.23 -77.10 -54.83
CA TYR RA 104 -23.94 -76.51 -55.14
C TYR RA 104 -23.92 -75.07 -54.65
N ILE RA 105 -22.73 -74.46 -54.74
CA ILE RA 105 -22.56 -73.02 -54.60
C ILE RA 105 -21.74 -72.55 -55.80
N GLY RA 106 -22.30 -71.60 -56.54
CA GLY RA 106 -21.64 -71.10 -57.73
C GLY RA 106 -22.58 -70.90 -58.89
N ASP RA 107 -22.05 -70.51 -60.05
CA ASP RA 107 -22.85 -70.25 -61.24
C ASP RA 107 -22.36 -71.17 -62.36
N ILE RA 108 -23.12 -72.24 -62.61
CA ILE RA 108 -22.75 -73.19 -63.67
C ILE RA 108 -22.82 -72.52 -65.04
N ASN RA 109 -23.86 -71.73 -65.29
CA ASN RA 109 -24.03 -71.12 -66.61
C ASN RA 109 -22.93 -70.12 -66.93
N ASN RA 110 -22.26 -69.56 -65.92
CA ASN RA 110 -21.21 -68.57 -66.15
C ASN RA 110 -19.86 -69.03 -65.65
N ASN RA 111 -19.75 -70.24 -65.09
CA ASN RA 111 -18.48 -70.80 -64.62
C ASN RA 111 -17.82 -69.90 -63.58
N LEU RA 112 -18.54 -69.67 -62.49
CA LEU RA 112 -18.06 -68.86 -61.38
C LEU RA 112 -18.11 -69.69 -60.10
N LEU RA 113 -17.03 -69.69 -59.35
CA LEU RA 113 -16.89 -70.50 -58.15
C LEU RA 113 -16.70 -69.62 -56.92
N PRO RA 114 -16.96 -70.16 -55.73
CA PRO RA 114 -16.51 -69.48 -54.52
C PRO RA 114 -15.00 -69.42 -54.43
N PHE RA 115 -14.51 -68.48 -53.63
CA PHE RA 115 -13.09 -68.20 -53.57
C PHE RA 115 -12.29 -69.42 -53.12
N ALA RA 116 -12.80 -70.16 -52.13
CA ALA RA 116 -12.06 -71.30 -51.61
C ALA RA 116 -11.85 -72.35 -52.68
N GLN RA 117 -12.92 -72.73 -53.39
CA GLN RA 117 -12.79 -73.74 -54.43
C GLN RA 117 -11.92 -73.26 -55.57
N ALA RA 118 -12.08 -72.00 -55.98
CA ALA RA 118 -11.25 -71.47 -57.06
C ALA RA 118 -9.78 -71.49 -56.67
N TYR RA 119 -9.46 -71.08 -55.45
CA TYR RA 119 -8.08 -71.08 -54.99
C TYR RA 119 -7.52 -72.49 -54.93
N LYS RA 120 -8.31 -73.45 -54.45
CA LYS RA 120 -7.83 -74.83 -54.37
C LYS RA 120 -7.48 -75.37 -55.75
N LEU RA 121 -8.39 -75.18 -56.71
CA LEU RA 121 -8.13 -75.69 -58.06
C LEU RA 121 -6.93 -75.01 -58.70
N ALA RA 122 -6.83 -73.68 -58.56
CA ALA RA 122 -5.70 -72.96 -59.13
C ALA RA 122 -4.38 -73.41 -58.50
N SER RA 123 -4.39 -73.61 -57.17
CA SER RA 123 -3.18 -74.07 -56.49
C SER RA 123 -2.78 -75.46 -56.98
N SER RA 124 -3.75 -76.34 -57.20
CA SER RA 124 -3.42 -77.68 -57.72
C SER RA 124 -2.77 -77.58 -59.10
N GLU RA 125 -3.33 -76.74 -59.97
CA GLU RA 125 -2.73 -76.60 -61.30
C GLU RA 125 -1.32 -76.03 -61.22
N ILE RA 126 -1.12 -75.02 -60.37
CA ILE RA 126 0.21 -74.40 -60.25
C ILE RA 126 1.20 -75.40 -59.67
N ILE RA 127 0.77 -76.25 -58.74
CA ILE RA 127 1.66 -77.26 -58.18
C ILE RA 127 2.05 -78.27 -59.25
N LYS RA 128 1.11 -78.65 -60.12
CA LYS RA 128 1.46 -79.54 -61.22
C LYS RA 128 2.51 -78.89 -62.12
N LEU RA 129 2.33 -77.61 -62.43
CA LEU RA 129 3.31 -76.90 -63.27
C LEU RA 129 4.68 -76.85 -62.59
N ILE RA 130 4.70 -76.61 -61.29
CA ILE RA 130 5.97 -76.53 -60.55
C ILE RA 130 6.67 -77.89 -60.56
N ASN RA 131 5.92 -78.97 -60.38
CA ASN RA 131 6.51 -80.31 -60.44
C ASN RA 131 7.10 -80.57 -61.81
N HIS RA 132 6.37 -80.19 -62.87
CA HIS RA 132 6.90 -80.37 -64.22
C HIS RA 132 8.20 -79.61 -64.41
N PHE RA 133 8.25 -78.36 -63.92
CA PHE RA 133 9.48 -77.59 -64.05
C PHE RA 133 10.62 -78.23 -63.29
N VAL RA 134 10.37 -78.67 -62.06
CA VAL RA 134 11.44 -79.27 -61.26
C VAL RA 134 11.98 -80.51 -61.96
N LEU RA 135 11.10 -81.29 -62.59
CA LEU RA 135 11.58 -82.49 -63.26
C LEU RA 135 12.32 -82.20 -64.55
N THR RA 136 11.77 -81.35 -65.42
CA THR RA 136 12.26 -81.25 -66.79
C THR RA 136 13.10 -80.02 -67.08
N GLY RA 137 13.05 -78.99 -66.23
CA GLY RA 137 13.79 -77.77 -66.46
C GLY RA 137 13.15 -76.78 -67.40
N THR RA 138 11.90 -77.00 -67.80
CA THR RA 138 11.21 -76.12 -68.73
C THR RA 138 9.83 -75.79 -68.20
N VAL RA 139 9.31 -74.66 -68.65
CA VAL RA 139 7.96 -74.20 -68.31
C VAL RA 139 7.17 -74.07 -69.60
N SER RA 140 6.10 -74.85 -69.73
CA SER RA 140 5.25 -74.82 -70.91
C SER RA 140 3.90 -75.44 -70.55
N ILE RA 141 2.86 -74.97 -71.22
CA ILE RA 141 1.50 -75.47 -71.02
C ILE RA 141 1.01 -76.31 -72.18
N GLN RA 142 1.82 -76.46 -73.23
CA GLN RA 142 1.42 -77.26 -74.38
C GLN RA 142 1.94 -78.69 -74.25
N LYS RA 143 1.17 -79.63 -74.79
CA LYS RA 143 1.59 -81.02 -74.78
C LYS RA 143 2.78 -81.25 -75.69
N ASP RA 144 2.90 -80.47 -76.77
CA ASP RA 144 4.05 -80.58 -77.67
C ASP RA 144 5.34 -80.11 -77.02
N GLY RA 145 5.26 -79.33 -75.94
CA GLY RA 145 6.43 -78.73 -75.36
C GLY RA 145 6.89 -77.46 -76.02
N LYS RA 146 6.10 -76.91 -76.95
CA LYS RA 146 6.45 -75.68 -77.64
C LYS RA 146 5.92 -74.48 -76.86
N ASN RA 147 6.18 -73.28 -77.40
CA ASN RA 147 5.80 -72.02 -76.75
C ASN RA 147 6.32 -71.96 -75.31
N GLN RA 148 7.59 -72.35 -75.16
CA GLN RA 148 8.21 -72.33 -73.84
C GLN RA 148 8.44 -70.91 -73.37
N LYS RA 149 8.30 -70.69 -72.07
CA LYS RA 149 8.61 -69.41 -71.47
C LYS RA 149 10.12 -69.26 -71.35
N ARG RA 150 10.65 -68.14 -71.81
CA ARG RA 150 12.08 -67.90 -71.69
C ARG RA 150 12.45 -67.69 -70.22
N LEU RA 151 13.46 -68.42 -69.78
CA LEU RA 151 13.89 -68.39 -68.39
C LEU RA 151 15.30 -67.81 -68.29
N LEU RA 152 15.77 -67.68 -67.06
CA LEU RA 152 17.08 -67.14 -66.74
C LEU RA 152 18.13 -68.23 -66.80
N PRO RA 153 19.39 -67.87 -67.01
CA PRO RA 153 20.47 -68.85 -66.86
C PRO RA 153 20.61 -69.30 -65.41
N ASN RA 154 21.33 -70.40 -65.23
CA ASN RA 154 21.50 -71.04 -63.92
C ASN RA 154 20.15 -71.47 -63.34
N MET RA 155 19.22 -71.83 -64.22
CA MET RA 155 17.91 -72.35 -63.82
C MET RA 155 17.70 -73.65 -64.60
N TYR RA 156 17.96 -74.78 -63.94
CA TYR RA 156 17.98 -76.07 -64.60
C TYR RA 156 17.16 -77.09 -63.81
N GLY RA 157 16.65 -78.08 -64.54
CA GLY RA 157 16.02 -79.23 -63.92
C GLY RA 157 16.92 -80.45 -63.97
N LEU RA 158 16.40 -81.57 -63.46
CA LEU RA 158 17.16 -82.81 -63.44
C LEU RA 158 17.40 -83.36 -64.84
N LEU RA 159 16.65 -82.90 -65.83
CA LEU RA 159 16.76 -83.45 -67.19
C LEU RA 159 17.58 -82.59 -68.13
N ASN RA 160 17.73 -81.29 -67.86
CA ASN RA 160 18.47 -80.40 -68.74
C ASN RA 160 19.70 -79.81 -68.06
N MET RA 161 20.14 -80.41 -66.96
CA MET RA 161 21.36 -79.94 -66.30
C MET RA 161 22.56 -80.17 -67.21
N PRO RA 162 23.38 -79.16 -67.45
CA PRO RA 162 24.53 -79.34 -68.34
C PRO RA 162 25.65 -80.13 -67.68
N GLU RA 163 26.55 -80.63 -68.53
CA GLU RA 163 27.74 -81.35 -68.09
C GLU RA 163 27.38 -82.59 -67.26
N GLN RA 164 26.49 -83.41 -67.80
CA GLN RA 164 26.10 -84.68 -67.19
C GLN RA 164 26.23 -85.78 -68.24
N ILE RA 165 26.03 -87.03 -67.82
CA ILE RA 165 26.19 -88.16 -68.73
C ILE RA 165 24.91 -88.31 -69.55
N LYS RA 166 25.06 -88.30 -70.87
CA LYS RA 166 23.92 -88.37 -71.79
C LYS RA 166 24.12 -89.55 -72.74
N GLU RA 167 23.18 -90.47 -72.73
CA GLU RA 167 23.19 -91.62 -73.63
C GLU RA 167 21.92 -91.61 -74.48
N GLU RA 168 22.05 -92.12 -75.70
CA GLU RA 168 20.94 -92.15 -76.64
C GLU RA 168 20.80 -93.54 -77.23
N VAL RA 169 19.59 -94.09 -77.17
CA VAL RA 169 19.27 -95.38 -77.77
C VAL RA 169 18.63 -95.13 -79.12
N ALA RA 170 19.14 -95.80 -80.15
CA ALA RA 170 18.75 -95.53 -81.53
C ALA RA 170 17.28 -95.87 -81.75
N SER RA 171 16.72 -95.29 -82.82
CA SER RA 171 15.30 -95.47 -83.11
C SER RA 171 14.97 -96.92 -83.42
N GLY RA 172 15.84 -97.61 -84.17
CA GLY RA 172 15.59 -99.01 -84.49
C GLY RA 172 15.69 -99.94 -83.31
N ASP RA 173 16.37 -99.51 -82.23
CA ASP RA 173 16.54 -100.31 -81.04
C ASP RA 173 15.59 -99.87 -79.92
N LYS RA 174 14.56 -99.08 -80.25
CA LYS RA 174 13.69 -98.52 -79.22
C LYS RA 174 12.89 -99.58 -78.48
N ASP RA 175 12.79 -100.79 -79.04
CA ASP RA 175 12.09 -101.89 -78.39
C ASP RA 175 13.03 -102.95 -77.84
N LYS RA 176 14.34 -102.76 -77.96
CA LYS RA 176 15.32 -103.76 -77.53
C LYS RA 176 15.84 -103.39 -76.14
N MET RA 177 15.28 -104.06 -75.13
CA MET RA 177 15.70 -103.82 -73.75
C MET RA 177 17.17 -104.14 -73.57
N ASP RA 178 17.72 -105.06 -74.37
CA ASP RA 178 19.15 -105.36 -74.28
C ASP RA 178 20.00 -104.16 -74.71
N LYS RA 179 19.64 -103.50 -75.81
CA LYS RA 179 20.36 -102.30 -76.22
C LYS RA 179 20.19 -101.18 -75.21
N ILE RA 180 18.97 -101.02 -74.68
CA ILE RA 180 18.74 -100.01 -73.66
C ILE RA 180 19.62 -100.28 -72.44
N PHE RA 181 19.72 -101.55 -72.03
CA PHE RA 181 20.55 -101.91 -70.89
C PHE RA 181 22.03 -101.70 -71.18
N GLU RA 182 22.47 -101.95 -72.42
CA GLU RA 182 23.84 -101.68 -72.78
C GLU RA 182 24.17 -100.19 -72.64
N LYS RA 183 23.27 -99.33 -73.12
CA LYS RA 183 23.49 -97.90 -72.97
C LYS RA 183 23.50 -97.50 -71.49
N ILE RA 184 22.61 -98.10 -70.69
CA ILE RA 184 22.58 -97.81 -69.26
C ILE RA 184 23.89 -98.23 -68.59
N GLU RA 185 24.42 -99.39 -68.97
CA GLU RA 185 25.69 -99.84 -68.41
C GLU RA 185 26.82 -98.89 -68.78
N ALA RA 186 26.85 -98.43 -70.04
CA ALA RA 186 27.88 -97.49 -70.44
C ALA RA 186 27.79 -96.20 -69.63
N GLY RA 187 26.58 -95.68 -69.45
CA GLY RA 187 26.41 -94.48 -68.65
C GLY RA 187 26.82 -94.67 -67.20
N LEU RA 188 26.45 -95.81 -66.61
CA LEU RA 188 26.82 -96.10 -65.23
C LEU RA 188 28.34 -96.18 -65.08
N SER RA 189 29.01 -96.76 -66.07
CA SER RA 189 30.47 -96.78 -66.05
C SER RA 189 31.03 -95.36 -66.13
N LYS RA 190 30.43 -94.51 -66.96
CA LYS RA 190 30.91 -93.15 -67.11
C LYS RA 190 30.56 -92.25 -65.92
N LEU RA 191 29.67 -92.68 -65.03
CA LEU RA 191 29.34 -91.87 -63.86
C LEU RA 191 30.57 -91.68 -62.97
N GLU RA 192 30.68 -90.49 -62.36
CA GLU RA 192 31.80 -90.12 -61.50
C GLU RA 192 31.25 -89.64 -60.16
N LEU RA 193 31.19 -90.54 -59.19
CA LEU RA 193 30.66 -90.22 -57.87
C LEU RA 193 31.72 -89.81 -56.87
N GLY RA 194 32.99 -89.88 -57.22
CA GLY RA 194 34.05 -89.49 -56.31
C GLY RA 194 34.09 -90.36 -55.06
N ASP RA 195 34.30 -89.72 -53.91
CA ASP RA 195 34.37 -90.41 -52.64
C ASP RA 195 33.01 -90.62 -51.99
N GLU RA 196 31.94 -90.14 -52.61
CA GLU RA 196 30.59 -90.29 -52.07
C GLU RA 196 29.80 -91.36 -52.82
N PHE RA 197 30.49 -92.39 -53.31
CA PHE RA 197 29.81 -93.45 -54.06
C PHE RA 197 28.92 -94.30 -53.16
N SER RA 198 29.26 -94.42 -51.88
CA SER RA 198 28.47 -95.22 -50.94
C SER RA 198 27.23 -94.42 -50.54
N THR RA 199 26.24 -94.42 -51.43
CA THR RA 199 25.01 -93.68 -51.21
C THR RA 199 23.88 -94.33 -52.00
N PRO RA 200 22.64 -94.20 -51.56
CA PRO RA 200 21.52 -94.74 -52.32
C PRO RA 200 21.36 -94.04 -53.67
N MET RA 201 20.76 -94.76 -54.61
CA MET RA 201 20.56 -94.25 -55.96
C MET RA 201 19.07 -94.25 -56.30
N MET RA 202 18.70 -93.35 -57.21
CA MET RA 202 17.31 -93.16 -57.61
C MET RA 202 17.21 -93.19 -59.13
N VAL RA 203 16.23 -93.94 -59.63
CA VAL RA 203 15.94 -94.05 -61.05
C VAL RA 203 14.51 -93.59 -61.28
N ILE RA 204 14.32 -92.81 -62.34
CA ILE RA 204 13.00 -92.33 -62.76
C ILE RA 204 12.79 -92.76 -64.20
N VAL RA 205 11.66 -93.42 -64.46
CA VAL RA 205 11.37 -93.97 -65.78
C VAL RA 205 9.96 -93.58 -66.20
N ASP RA 206 9.73 -93.59 -67.51
CA ASP RA 206 8.41 -93.37 -68.07
C ASP RA 206 7.58 -94.65 -67.98
N PRO RA 207 6.24 -94.52 -68.09
CA PRO RA 207 5.39 -95.73 -67.94
C PRO RA 207 5.71 -96.84 -68.92
N ALA RA 208 6.05 -96.52 -70.17
CA ALA RA 208 6.38 -97.57 -71.13
C ALA RA 208 7.62 -98.34 -70.71
N THR RA 209 8.66 -97.62 -70.28
CA THR RA 209 9.87 -98.29 -69.80
C THR RA 209 9.59 -99.09 -68.53
N SER RA 210 8.71 -98.57 -67.67
CA SER RA 210 8.33 -99.31 -66.48
C SER RA 210 7.64 -100.62 -66.84
N LEU RA 211 6.78 -100.60 -67.86
CA LEU RA 211 6.15 -101.82 -68.33
C LEU RA 211 7.19 -102.78 -68.92
N LYS RA 212 8.16 -102.26 -69.67
CA LYS RA 212 9.20 -103.12 -70.22
C LYS RA 212 10.05 -103.74 -69.11
N LEU RA 213 10.19 -103.06 -67.98
CA LEU RA 213 11.07 -103.52 -66.91
C LEU RA 213 10.55 -104.74 -66.16
N VAL RA 214 9.27 -105.11 -66.33
CA VAL RA 214 8.74 -106.27 -65.62
C VAL RA 214 8.78 -107.53 -66.46
N LYS RA 215 9.30 -107.46 -67.68
CA LYS RA 215 9.48 -108.65 -68.50
C LYS RA 215 10.53 -109.57 -67.88
N PRO RA 216 10.41 -110.88 -68.10
CA PRO RA 216 11.49 -111.79 -67.67
C PRO RA 216 12.78 -111.47 -68.41
N TYR RA 217 13.90 -111.61 -67.69
CA TYR RA 217 15.19 -111.26 -68.24
C TYR RA 217 15.55 -112.17 -69.41
N ALA RA 218 15.99 -111.58 -70.51
CA ALA RA 218 16.35 -112.34 -71.70
C ALA RA 218 17.87 -112.45 -71.83
N ALA RA 223 16.66 -116.33 -74.88
CA ALA RA 223 16.08 -117.28 -73.95
C ALA RA 223 15.56 -116.58 -72.70
N ALA RA 224 14.25 -116.57 -72.51
CA ALA RA 224 13.66 -115.95 -71.34
C ALA RA 224 14.04 -116.73 -70.08
N SER RA 225 14.33 -115.99 -69.01
CA SER RA 225 14.77 -116.57 -67.76
C SER RA 225 13.60 -116.74 -66.79
N SER RA 226 13.88 -117.40 -65.68
CA SER RA 226 12.92 -117.58 -64.60
C SER RA 226 13.49 -117.01 -63.31
N CYS RA 227 12.63 -116.41 -62.50
CA CYS RA 227 13.02 -115.76 -61.25
C CYS RA 227 14.10 -114.70 -61.47
N GLU RA 228 14.01 -113.99 -62.60
CA GLU RA 228 14.96 -112.94 -62.93
C GLU RA 228 14.28 -111.97 -63.89
N LYS RA 229 14.14 -110.71 -63.47
CA LYS RA 229 13.52 -109.68 -64.28
C LYS RA 229 14.51 -108.58 -64.61
N TRP RA 230 14.19 -107.83 -65.66
CA TRP RA 230 15.03 -106.70 -66.06
C TRP RA 230 15.18 -105.70 -64.92
N GLU RA 231 14.15 -105.54 -64.09
CA GLU RA 231 14.27 -104.67 -62.92
C GLU RA 231 15.34 -105.18 -61.97
N ASP RA 232 15.36 -106.50 -61.71
CA ASP RA 232 16.37 -107.07 -60.84
C ASP RA 232 17.76 -106.90 -61.43
N VAL RA 233 17.90 -107.11 -62.74
CA VAL RA 233 19.20 -106.94 -63.38
C VAL RA 233 19.68 -105.50 -63.25
N LEU RA 234 18.79 -104.53 -63.49
CA LEU RA 234 19.14 -103.13 -63.37
C LEU RA 234 19.54 -102.76 -61.94
N ILE RA 235 18.80 -103.28 -60.96
CA ILE RA 235 19.13 -103.00 -59.56
C ILE RA 235 20.49 -103.56 -59.21
N GLN RA 236 20.81 -104.78 -59.67
CA GLN RA 236 22.12 -105.35 -59.41
C GLN RA 236 23.22 -104.52 -60.08
N THR RA 237 22.99 -104.09 -61.33
CA THR RA 237 24.00 -103.31 -62.02
C THR RA 237 24.27 -101.99 -61.31
N ILE RA 238 23.22 -101.32 -60.82
CA ILE RA 238 23.40 -100.07 -60.09
C ILE RA 238 24.07 -100.32 -58.74
N LYS RA 239 23.73 -101.43 -58.09
CA LYS RA 239 24.38 -101.79 -56.83
C LYS RA 239 25.87 -102.07 -57.04
N ALA RA 240 26.24 -102.46 -58.26
CA ALA RA 240 27.66 -102.67 -58.55
C ALA RA 240 28.47 -101.39 -58.39
N ILE RA 241 27.86 -100.22 -58.63
CA ILE RA 241 28.58 -98.97 -58.56
C ILE RA 241 28.25 -98.15 -57.32
N ASN RA 242 27.12 -98.40 -56.65
CA ASN RA 242 26.78 -97.63 -55.47
C ASN RA 242 27.27 -98.28 -54.18
N ASN RA 243 28.18 -99.26 -54.28
CA ASN RA 243 28.70 -100.00 -53.13
C ASN RA 243 27.59 -100.76 -52.41
N ARG RA 244 26.76 -101.46 -53.20
CA ARG RA 244 25.69 -102.32 -52.68
C ARG RA 244 24.75 -101.55 -51.75
N GLU RA 245 24.40 -100.32 -52.14
CA GLU RA 245 23.48 -99.51 -51.39
C GLU RA 245 22.07 -99.63 -51.97
N ASP RA 246 21.12 -98.95 -51.34
CA ASP RA 246 19.73 -99.03 -51.76
C ASP RA 246 19.55 -98.37 -53.13
N VAL RA 247 18.69 -98.98 -53.95
CA VAL RA 247 18.33 -98.45 -55.25
C VAL RA 247 16.81 -98.35 -55.31
N TYR RA 248 16.30 -97.16 -55.59
CA TYR RA 248 14.87 -96.91 -55.65
C TYR RA 248 14.46 -96.59 -57.08
N ILE RA 249 13.27 -97.04 -57.47
CA ILE RA 249 12.75 -96.86 -58.82
C ILE RA 249 11.40 -96.16 -58.72
N GLU RA 250 11.19 -95.16 -59.57
CA GLU RA 250 9.97 -94.37 -59.60
C GLU RA 250 9.51 -94.20 -61.04
N THR RA 251 8.20 -94.06 -61.20
CA THR RA 251 7.58 -93.85 -62.51
C THR RA 251 6.93 -92.47 -62.53
N SER RA 252 7.19 -91.72 -63.60
CA SER RA 252 6.64 -90.38 -63.76
C SER RA 252 6.10 -90.23 -65.16
N ASN RA 253 4.80 -89.96 -65.28
CA ASN RA 253 4.20 -89.72 -66.58
C ASN RA 253 4.70 -88.44 -67.22
N LEU RA 254 5.31 -87.55 -66.44
CA LEU RA 254 5.89 -86.33 -67.01
C LEU RA 254 7.03 -86.67 -67.97
N LEU RA 255 7.84 -87.67 -67.62
CA LEU RA 255 8.90 -88.13 -68.51
C LEU RA 255 8.31 -88.86 -69.70
N LYS RA 256 9.09 -88.92 -70.78
CA LYS RA 256 8.64 -89.56 -72.01
C LYS RA 256 9.86 -90.15 -72.71
N HIS RA 257 9.98 -91.48 -72.67
CA HIS RA 257 11.08 -92.20 -73.32
C HIS RA 257 12.43 -91.77 -72.76
N LYS RA 258 12.48 -91.52 -71.46
CA LYS RA 258 13.68 -91.11 -70.77
C LYS RA 258 13.89 -91.98 -69.53
N ILE RA 259 15.16 -92.17 -69.18
CA ILE RA 259 15.54 -92.83 -67.94
C ILE RA 259 16.55 -91.92 -67.24
N LEU RA 260 16.31 -91.66 -65.95
CA LEU RA 260 17.13 -90.72 -65.20
C LEU RA 260 17.67 -91.41 -63.96
N ILE RA 261 18.99 -91.42 -63.79
CA ILE RA 261 19.63 -92.06 -62.65
C ILE RA 261 20.52 -91.03 -61.96
N TYR RA 262 20.39 -90.92 -60.64
CA TYR RA 262 21.17 -89.95 -59.89
C TYR RA 262 21.22 -90.39 -58.43
N PRO RA 263 22.24 -89.97 -57.68
CA PRO RA 263 22.35 -90.38 -56.28
C PRO RA 263 21.55 -89.48 -55.34
N LEU RA 264 21.12 -90.07 -54.23
CA LEU RA 264 20.40 -89.36 -53.19
C LEU RA 264 21.34 -88.89 -52.08
N ASN RA 265 22.33 -88.08 -52.47
CA ASN RA 265 23.32 -87.56 -51.54
C ASN RA 265 23.34 -86.03 -51.64
N SER RA 266 23.28 -85.36 -50.49
CA SER RA 266 23.27 -83.91 -50.47
C SER RA 266 24.63 -83.32 -50.81
N GLU RA 267 25.70 -84.10 -50.72
CA GLU RA 267 27.02 -83.59 -51.08
C GLU RA 267 27.21 -83.48 -52.59
N LEU RA 268 26.40 -84.18 -53.37
CA LEU RA 268 26.49 -84.18 -54.82
C LEU RA 268 25.37 -83.39 -55.49
N ILE RA 269 24.13 -83.62 -55.07
CA ILE RA 269 22.96 -82.95 -55.62
C ILE RA 269 22.16 -82.35 -54.46
N LYS RA 270 21.84 -81.07 -54.56
CA LYS RA 270 21.09 -80.37 -53.54
C LYS RA 270 20.00 -79.52 -54.18
N PHE RA 271 18.95 -79.26 -53.42
CA PHE RA 271 17.81 -78.44 -53.87
C PHE RA 271 17.60 -77.36 -52.82
N LYS RA 272 17.93 -76.12 -53.18
CA LYS RA 272 17.73 -74.97 -52.31
C LYS RA 272 16.63 -74.08 -52.90
N PRO RA 273 15.38 -74.45 -52.77
CA PRO RA 273 14.30 -73.62 -53.31
C PRO RA 273 13.96 -72.48 -52.38
N SER RA 274 13.29 -71.48 -52.95
CA SER RA 274 12.79 -70.39 -52.14
C SER RA 274 11.72 -70.89 -51.18
N LYS RA 275 11.66 -70.29 -49.99
CA LYS RA 275 10.62 -70.64 -49.04
C LYS RA 275 9.23 -70.24 -49.53
N TYR RA 276 9.15 -69.44 -50.59
CA TYR RA 276 7.89 -69.04 -51.21
C TYR RA 276 7.69 -69.73 -52.56
N MET RA 277 8.37 -70.85 -52.79
CA MET RA 277 8.24 -71.54 -54.08
C MET RA 277 6.81 -72.05 -54.29
N LEU RA 278 6.21 -72.62 -53.26
CA LEU RA 278 4.85 -73.13 -53.39
C LEU RA 278 3.86 -71.96 -53.45
N PRO RA 279 2.67 -72.19 -54.03
CA PRO RA 279 1.75 -71.07 -54.27
C PRO RA 279 1.37 -70.34 -52.99
N THR RA 280 1.28 -69.01 -53.11
CA THR RA 280 0.96 -68.15 -51.98
C THR RA 280 0.00 -67.06 -52.47
N PRO RA 281 -1.07 -66.79 -51.73
CA PRO RA 281 -2.01 -65.75 -52.16
C PRO RA 281 -1.39 -64.37 -52.11
N ASN RA 282 -1.90 -63.48 -52.96
CA ASN RA 282 -1.49 -62.08 -52.96
C ASN RA 282 -2.51 -61.24 -52.21
N GLU RA 283 -2.03 -60.16 -51.58
CA GLU RA 283 -2.91 -59.31 -50.80
C GLU RA 283 -3.89 -58.54 -51.68
N GLN RA 284 -3.50 -58.20 -52.90
CA GLN RA 284 -4.36 -57.42 -53.77
C GLN RA 284 -5.54 -58.26 -54.25
N VAL RA 285 -6.74 -57.70 -54.12
CA VAL RA 285 -7.96 -58.30 -54.64
C VAL RA 285 -8.70 -57.24 -55.45
N ASP RA 286 -8.99 -57.55 -56.70
CA ASP RA 286 -9.70 -56.61 -57.57
C ASP RA 286 -11.20 -56.69 -57.32
N LYS RA 287 -11.79 -55.60 -56.89
CA LYS RA 287 -13.21 -55.54 -56.58
C LYS RA 287 -13.90 -54.51 -57.46
N ASP RA 288 -15.20 -54.69 -57.66
CA ASP RA 288 -15.99 -53.84 -58.53
C ASP RA 288 -17.39 -53.74 -57.95
N SER RA 289 -18.30 -53.10 -58.70
CA SER RA 289 -19.69 -53.00 -58.29
C SER RA 289 -20.49 -54.24 -58.64
N THR RA 290 -19.91 -55.18 -59.40
CA THR RA 290 -20.58 -56.42 -59.75
C THR RA 290 -20.25 -57.48 -58.71
N ASP RA 291 -20.59 -58.74 -59.02
CA ASP RA 291 -20.35 -59.85 -58.11
C ASP RA 291 -19.05 -60.60 -58.42
N VAL RA 292 -18.26 -60.12 -59.38
CA VAL RA 292 -17.05 -60.81 -59.81
C VAL RA 292 -15.84 -60.12 -59.22
N ALA RA 293 -14.95 -60.91 -58.63
CA ALA RA 293 -13.70 -60.40 -58.07
C ALA RA 293 -12.54 -61.24 -58.60
N HIS RA 294 -11.34 -60.66 -58.56
CA HIS RA 294 -10.14 -61.31 -59.06
C HIS RA 294 -9.09 -61.40 -57.98
N SER RA 295 -8.35 -62.50 -57.96
CA SER RA 295 -7.29 -62.73 -56.99
C SER RA 295 -6.03 -63.20 -57.73
N TYR RA 296 -4.91 -63.16 -57.00
CA TYR RA 296 -3.60 -63.46 -57.57
C TYR RA 296 -2.86 -64.47 -56.71
N ILE RA 297 -2.10 -65.34 -57.36
CA ILE RA 297 -1.28 -66.34 -56.69
C ILE RA 297 0.16 -66.22 -57.19
N ASP RA 298 1.11 -66.23 -56.27
CA ASP RA 298 2.53 -66.08 -56.57
C ASP RA 298 3.27 -67.39 -56.28
N PHE RA 299 4.32 -67.63 -57.05
CA PHE RA 299 5.21 -68.75 -56.78
C PHE RA 299 6.59 -68.42 -57.34
N VAL RA 300 7.60 -69.18 -56.88
CA VAL RA 300 8.99 -68.92 -57.21
C VAL RA 300 9.63 -70.21 -57.72
N LEU RA 301 10.42 -70.08 -58.79
CA LEU RA 301 11.07 -71.21 -59.43
C LEU RA 301 12.59 -71.04 -59.41
N GLY RA 302 13.30 -72.16 -59.24
CA GLY RA 302 14.75 -72.16 -59.30
C GLY RA 302 15.42 -72.71 -58.05
N GLY RA 303 16.66 -73.18 -58.19
CA GLY RA 303 17.43 -73.57 -57.02
C GLY RA 303 18.00 -74.98 -57.01
N LEU RA 304 18.13 -75.62 -58.17
CA LEU RA 304 18.70 -76.96 -58.23
C LEU RA 304 20.19 -76.87 -58.49
N LEU RA 305 21.00 -77.49 -57.62
CA LEU RA 305 22.43 -77.49 -57.75
C LEU RA 305 22.93 -78.93 -57.81
N ALA RA 306 23.86 -79.20 -58.73
CA ALA RA 306 24.39 -80.55 -58.89
C ALA RA 306 25.85 -80.48 -59.29
N THR RA 307 26.58 -81.53 -58.93
CA THR RA 307 27.96 -81.67 -59.37
C THR RA 307 28.02 -82.26 -60.77
N ARG RA 308 29.08 -81.96 -61.49
CA ARG RA 308 29.20 -82.39 -62.87
C ARG RA 308 29.37 -83.91 -62.96
N LYS RA 309 28.80 -84.49 -64.02
CA LYS RA 309 28.91 -85.92 -64.30
C LYS RA 309 28.43 -86.77 -63.12
N THR RA 310 27.26 -86.42 -62.59
CA THR RA 310 26.62 -87.20 -61.55
C THR RA 310 25.18 -87.57 -61.87
N ILE RA 311 24.65 -87.14 -63.02
CA ILE RA 311 23.30 -87.49 -63.45
C ILE RA 311 23.41 -88.17 -64.80
N LEU RA 312 22.84 -89.37 -64.91
CA LEU RA 312 22.82 -90.12 -66.15
C LEU RA 312 21.42 -90.03 -66.75
N GLN RA 313 21.35 -89.56 -67.99
CA GLN RA 313 20.09 -89.40 -68.71
C GLN RA 313 20.16 -90.21 -69.99
N VAL RA 314 19.24 -91.15 -70.16
CA VAL RA 314 19.15 -92.00 -71.34
C VAL RA 314 17.89 -91.64 -72.09
N ASN RA 315 18.04 -91.30 -73.36
CA ASN RA 315 16.94 -90.92 -74.24
C ASN RA 315 16.74 -92.02 -75.26
N ILE RA 316 15.58 -92.69 -75.22
CA ILE RA 316 15.26 -93.72 -76.20
C ILE RA 316 14.57 -93.03 -77.37
N LYS RA 317 15.31 -92.81 -78.45
CA LYS RA 317 14.75 -92.11 -79.60
C LYS RA 317 13.61 -92.92 -80.21
N GLN RA 318 12.43 -92.30 -80.27
CA GLN RA 318 11.24 -92.96 -80.79
C GLN RA 318 10.99 -92.63 -82.26
N SER RA 319 11.91 -91.94 -82.92
CA SER RA 319 11.75 -91.57 -84.32
C SER RA 319 11.97 -92.77 -85.24
N MET SA 1 -27.07 -8.91 -61.50
CA MET SA 1 -26.19 -8.79 -60.35
C MET SA 1 -26.12 -7.35 -59.84
N GLU SA 2 -25.29 -7.13 -58.83
CA GLU SA 2 -25.12 -5.81 -58.23
C GLU SA 2 -23.65 -5.42 -58.27
N LEU SA 3 -23.39 -4.11 -58.28
CA LEU SA 3 -22.03 -3.59 -58.31
C LEU SA 3 -21.49 -3.25 -56.93
N PHE SA 4 -22.28 -3.48 -55.88
CA PHE SA 4 -21.82 -3.38 -54.51
C PHE SA 4 -21.81 -4.77 -53.88
N ASP SA 5 -21.38 -4.84 -52.63
CA ASP SA 5 -21.23 -6.13 -51.95
C ASP SA 5 -22.63 -6.62 -51.56
N GLU SA 6 -23.30 -7.28 -52.51
CA GLU SA 6 -24.61 -7.82 -52.21
C GLU SA 6 -24.55 -9.02 -51.27
N ASN SA 7 -23.41 -9.70 -51.21
CA ASN SA 7 -23.26 -10.86 -50.33
C ASN SA 7 -23.39 -10.47 -48.86
N TYR SA 8 -23.13 -9.21 -48.51
CA TYR SA 8 -23.20 -8.79 -47.12
C TYR SA 8 -24.61 -8.92 -46.56
N TYR SA 9 -25.64 -8.78 -47.40
CA TYR SA 9 -27.02 -8.79 -46.95
C TYR SA 9 -27.63 -10.17 -46.87
N ALA SA 10 -26.90 -11.22 -47.23
CA ALA SA 10 -27.38 -12.59 -47.11
C ALA SA 10 -27.23 -13.03 -45.66
N LYS SA 11 -28.23 -12.70 -44.84
CA LYS SA 11 -28.12 -12.95 -43.41
C LYS SA 11 -28.29 -14.42 -43.04
N ALA SA 12 -29.16 -15.14 -43.75
CA ALA SA 12 -29.33 -16.56 -43.50
C ALA SA 12 -29.60 -17.28 -44.82
N VAL SA 13 -29.30 -18.57 -44.84
CA VAL SA 13 -29.40 -19.39 -46.04
C VAL SA 13 -30.20 -20.64 -45.72
N ALA SA 14 -30.93 -21.14 -46.72
CA ALA SA 14 -31.72 -22.34 -46.59
C ALA SA 14 -31.44 -23.27 -47.76
N ASN SA 15 -31.26 -24.55 -47.47
CA ASN SA 15 -31.03 -25.58 -48.47
C ASN SA 15 -32.15 -26.61 -48.41
N ILE SA 16 -32.76 -26.89 -49.55
CA ILE SA 16 -33.83 -27.87 -49.65
C ILE SA 16 -33.25 -29.11 -50.34
N ILE SA 17 -33.04 -30.18 -49.57
CA ILE SA 17 -32.53 -31.44 -50.11
C ILE SA 17 -33.64 -32.47 -50.29
N GLY SA 18 -34.87 -32.15 -49.87
CA GLY SA 18 -35.95 -33.09 -49.97
C GLY SA 18 -35.81 -34.23 -48.97
N GLU SA 19 -36.62 -35.26 -49.19
CA GLU SA 19 -36.65 -36.42 -48.32
C GLU SA 19 -37.17 -37.61 -49.12
N VAL SA 20 -36.55 -38.77 -48.91
CA VAL SA 20 -36.99 -39.99 -49.59
C VAL SA 20 -38.34 -40.39 -49.03
N LYS SA 21 -39.35 -40.45 -49.90
CA LYS SA 21 -40.72 -40.74 -49.52
C LYS SA 21 -41.14 -42.10 -50.04
N ASP SA 22 -42.23 -42.61 -49.47
CA ASP SA 22 -42.74 -43.91 -49.86
C ASP SA 22 -43.23 -43.86 -51.31
N PRO SA 23 -43.05 -44.95 -52.07
CA PRO SA 23 -43.53 -44.97 -53.45
C PRO SA 23 -45.04 -44.81 -53.52
N ILE SA 24 -45.51 -44.09 -54.55
CA ILE SA 24 -46.94 -43.89 -54.72
C ILE SA 24 -47.65 -45.13 -55.23
N MET SA 25 -46.90 -46.13 -55.69
CA MET SA 25 -47.50 -47.38 -56.16
C MET SA 25 -48.19 -48.14 -55.04
N TYR SA 26 -47.85 -47.87 -53.79
CA TYR SA 26 -48.52 -48.53 -52.67
C TYR SA 26 -50.00 -48.17 -52.63
N LYS SA 27 -50.36 -46.97 -53.07
CA LYS SA 27 -51.76 -46.57 -53.13
C LYS SA 27 -52.54 -47.30 -54.20
N TRP SA 28 -51.85 -47.99 -55.11
CA TRP SA 28 -52.51 -48.69 -56.22
C TRP SA 28 -52.85 -50.13 -55.87
N PHE SA 29 -52.44 -50.62 -54.71
CA PHE SA 29 -52.63 -52.02 -54.34
C PHE SA 29 -53.09 -52.10 -52.89
N SER SA 30 -53.71 -53.22 -52.55
CA SER SA 30 -54.13 -53.49 -51.19
C SER SA 30 -52.99 -54.10 -50.40
N PRO SA 31 -53.03 -54.03 -49.06
CA PRO SA 31 -51.94 -54.59 -48.26
C PRO SA 31 -51.68 -56.06 -48.53
N ASP SA 32 -52.71 -56.84 -48.84
CA ASP SA 32 -52.56 -58.27 -49.08
C ASP SA 32 -52.24 -58.60 -50.53
N GLN SA 33 -52.13 -57.61 -51.41
CA GLN SA 33 -51.80 -57.84 -52.81
C GLN SA 33 -50.31 -57.77 -53.09
N ILE SA 34 -49.48 -57.55 -52.07
CA ILE SA 34 -48.04 -57.39 -52.24
C ILE SA 34 -47.35 -58.37 -51.30
N GLU SA 35 -46.45 -59.19 -51.85
CA GLU SA 35 -45.69 -60.16 -51.07
C GLU SA 35 -44.27 -60.23 -51.61
N ASP SA 36 -43.29 -59.91 -50.76
CA ASP SA 36 -41.91 -59.86 -51.19
C ASP SA 36 -41.32 -61.25 -51.38
N VAL SA 37 -40.40 -61.35 -52.33
CA VAL SA 37 -39.67 -62.59 -52.59
C VAL SA 37 -38.18 -62.30 -52.53
N ASP SA 38 -37.40 -63.32 -52.13
CA ASP SA 38 -35.96 -63.19 -51.94
C ASP SA 38 -35.26 -63.66 -53.20
N LEU SA 39 -35.09 -62.76 -54.17
CA LEU SA 39 -34.44 -63.09 -55.43
C LEU SA 39 -33.99 -61.79 -56.09
N GLN SA 40 -32.68 -61.61 -56.24
CA GLN SA 40 -32.17 -60.37 -56.84
C GLN SA 40 -32.24 -60.42 -58.36
N MET SA 41 -31.92 -61.55 -58.96
CA MET SA 41 -32.05 -61.74 -60.40
C MET SA 41 -32.39 -63.20 -60.67
N GLY SA 42 -33.39 -63.43 -61.50
CA GLY SA 42 -33.76 -64.80 -61.79
C GLY SA 42 -35.21 -64.89 -62.20
N TYR SA 43 -35.83 -66.02 -61.85
CA TYR SA 43 -37.21 -66.26 -62.24
C TYR SA 43 -37.91 -67.07 -61.16
N GLN SA 44 -39.24 -66.97 -61.17
CA GLN SA 44 -40.11 -67.77 -60.33
C GLN SA 44 -41.15 -68.42 -61.21
N LYS SA 45 -41.31 -69.74 -61.10
CA LYS SA 45 -42.19 -70.49 -61.99
C LYS SA 45 -43.28 -71.19 -61.20
N THR SA 46 -44.49 -71.20 -61.76
CA THR SA 46 -45.62 -71.93 -61.24
C THR SA 46 -46.28 -72.70 -62.37
N VAL SA 47 -47.05 -73.72 -62.00
CA VAL SA 47 -47.72 -74.60 -62.97
C VAL SA 47 -49.21 -74.54 -62.73
N LYS SA 48 -49.98 -74.38 -63.81
CA LYS SA 48 -51.43 -74.35 -63.72
C LYS SA 48 -52.03 -75.32 -64.74
N TRP SA 49 -53.16 -75.91 -64.37
CA TRP SA 49 -53.78 -76.96 -65.17
C TRP SA 49 -55.14 -76.49 -65.68
N ASP SA 50 -55.52 -76.95 -66.87
CA ASP SA 50 -56.78 -76.55 -67.48
C ASP SA 50 -57.37 -77.73 -68.26
N ALA SA 51 -58.69 -77.69 -68.43
CA ALA SA 51 -59.41 -78.70 -69.18
C ALA SA 51 -60.31 -78.03 -70.21
N PHE SA 52 -60.66 -78.79 -71.25
CA PHE SA 52 -61.46 -78.25 -72.34
C PHE SA 52 -62.16 -79.39 -73.06
N LEU SA 53 -63.23 -79.02 -73.80
CA LEU SA 53 -64.03 -79.97 -74.53
C LEU SA 53 -63.56 -80.03 -75.99
N ASN SA 54 -63.42 -81.24 -76.52
CA ASN SA 54 -62.96 -81.41 -77.90
C ASN SA 54 -64.08 -81.47 -78.91
N ALA SA 55 -65.24 -82.02 -78.55
CA ALA SA 55 -66.34 -82.17 -79.49
C ALA SA 55 -67.64 -82.24 -78.70
N ASN SA 56 -68.74 -82.33 -79.44
CA ASN SA 56 -70.05 -82.49 -78.82
C ASN SA 56 -70.11 -83.83 -78.09
N PRO SA 57 -70.92 -83.93 -77.04
CA PRO SA 57 -71.02 -85.19 -76.30
C PRO SA 57 -71.61 -86.30 -77.18
N THR SA 58 -71.30 -87.53 -76.79
CA THR SA 58 -71.71 -88.71 -77.55
C THR SA 58 -72.98 -89.29 -76.95
N THR SA 59 -73.93 -89.64 -77.81
CA THR SA 59 -75.18 -90.25 -77.37
C THR SA 59 -74.98 -91.75 -77.18
N ILE SA 60 -75.30 -92.24 -75.99
CA ILE SA 60 -75.11 -93.67 -75.66
C ILE SA 60 -76.41 -94.38 -76.02
N ALA SA 61 -76.47 -94.86 -77.26
CA ALA SA 61 -77.59 -95.65 -77.75
C ALA SA 61 -77.06 -96.87 -78.47
N ASN SA 62 -77.66 -98.02 -78.20
CA ASN SA 62 -77.29 -99.31 -78.81
C ASN SA 62 -75.82 -99.57 -78.49
N GLU SA 63 -74.97 -99.85 -79.48
CA GLU SA 63 -73.58 -100.18 -79.25
C GLU SA 63 -72.69 -99.11 -79.88
N VAL SA 64 -71.72 -98.63 -79.11
CA VAL SA 64 -70.77 -97.62 -79.60
C VAL SA 64 -69.54 -97.68 -78.71
N ASN SA 65 -68.37 -97.56 -79.35
CA ASN SA 65 -67.11 -97.51 -78.64
C ASN SA 65 -66.26 -96.28 -78.97
N THR SA 66 -66.68 -95.46 -79.92
CA THR SA 66 -65.98 -94.24 -80.28
C THR SA 66 -66.67 -93.07 -79.56
N ILE SA 67 -66.00 -92.52 -78.55
CA ILE SA 67 -66.59 -91.53 -77.65
C ILE SA 67 -65.79 -90.24 -77.74
N SER SA 68 -66.50 -89.11 -77.68
CA SER SA 68 -65.84 -87.81 -77.66
C SER SA 68 -65.01 -87.66 -76.40
N THR SA 69 -63.93 -86.88 -76.51
CA THR SA 69 -62.93 -86.79 -75.46
C THR SA 69 -62.87 -85.39 -74.87
N ILE SA 70 -62.40 -85.32 -73.63
CA ILE SA 70 -62.14 -84.06 -72.94
C ILE SA 70 -60.63 -83.94 -72.78
N GLY SA 71 -60.06 -82.86 -73.31
CA GLY SA 71 -58.64 -82.67 -73.27
C GLY SA 71 -58.17 -81.85 -72.08
N PHE SA 72 -56.89 -81.97 -71.77
CA PHE SA 72 -56.26 -81.24 -70.69
C PHE SA 72 -54.99 -80.56 -71.20
N SER SA 73 -54.57 -79.51 -70.50
CA SER SA 73 -53.38 -78.77 -70.87
C SER SA 73 -52.73 -78.18 -69.63
N SER SA 74 -51.41 -78.03 -69.68
CA SER SA 74 -50.64 -77.43 -68.62
C SER SA 74 -50.01 -76.14 -69.11
N GLU SA 75 -49.88 -75.17 -68.20
CA GLU SA 75 -49.25 -73.90 -68.50
C GLU SA 75 -48.23 -73.58 -67.43
N VAL SA 76 -47.11 -73.00 -67.83
CA VAL SA 76 -46.05 -72.58 -66.92
C VAL SA 76 -46.03 -71.06 -66.90
N VAL SA 77 -46.25 -70.49 -65.72
CA VAL SA 77 -46.25 -69.05 -65.53
C VAL SA 77 -44.92 -68.67 -64.90
N ARG SA 78 -44.16 -67.82 -65.59
CA ARG SA 78 -42.82 -67.45 -65.17
C ARG SA 78 -42.75 -65.95 -64.95
N LEU SA 79 -42.12 -65.55 -63.85
CA LEU SA 79 -41.91 -64.14 -63.51
C LEU SA 79 -40.40 -63.88 -63.47
N ASN SA 80 -39.96 -62.88 -64.23
CA ASN SA 80 -38.54 -62.56 -64.36
C ASN SA 80 -38.20 -61.34 -63.52
N TYR SA 81 -37.11 -61.42 -62.77
CA TYR SA 81 -36.61 -60.33 -61.95
C TYR SA 81 -35.22 -59.96 -62.44
N LEU SA 82 -35.01 -58.66 -62.70
CA LEU SA 82 -33.79 -58.15 -63.32
C LEU SA 82 -33.15 -57.10 -62.44
N LYS SA 83 -31.84 -57.20 -62.27
CA LYS SA 83 -31.07 -56.27 -61.44
C LYS SA 83 -30.51 -55.14 -62.28
N LEU SA 84 -30.61 -53.91 -61.77
CA LEU SA 84 -30.15 -52.71 -62.46
C LEU SA 84 -29.39 -51.84 -61.48
N GLN SA 85 -28.50 -51.00 -62.00
CA GLN SA 85 -27.62 -50.20 -61.16
C GLN SA 85 -27.35 -48.85 -61.80
N TYR SA 86 -27.20 -47.84 -60.94
CA TYR SA 86 -26.87 -46.48 -61.34
C TYR SA 86 -25.62 -46.02 -60.58
N LYS SA 87 -24.91 -45.06 -61.15
CA LYS SA 87 -23.72 -44.50 -60.54
C LYS SA 87 -23.85 -42.98 -60.44
N PHE SA 88 -23.41 -42.42 -59.31
CA PHE SA 88 -23.44 -40.98 -59.12
C PHE SA 88 -22.14 -40.51 -58.47
N ARG SA 89 -21.80 -39.25 -58.73
CA ARG SA 89 -20.62 -38.61 -58.20
C ARG SA 89 -20.97 -37.76 -56.99
N HIS SA 90 -20.02 -37.63 -56.06
CA HIS SA 90 -20.22 -36.84 -54.86
C HIS SA 90 -18.86 -36.37 -54.34
N LEU SA 91 -18.91 -35.56 -53.29
CA LEU SA 91 -17.70 -35.11 -52.60
C LEU SA 91 -17.15 -36.22 -51.73
N LYS SA 92 -15.82 -36.32 -51.70
CA LYS SA 92 -15.17 -37.23 -50.77
C LYS SA 92 -15.40 -36.74 -49.34
N GLN SA 93 -15.50 -37.68 -48.41
CA GLN SA 93 -15.89 -37.35 -47.04
C GLN SA 93 -14.88 -36.40 -46.39
N THR SA 94 -13.59 -36.64 -46.62
CA THR SA 94 -12.55 -35.81 -46.02
C THR SA 94 -12.35 -34.49 -46.73
N SER SA 95 -13.22 -34.14 -47.67
CA SER SA 95 -13.10 -32.89 -48.42
C SER SA 95 -14.27 -31.94 -48.15
N GLU SA 96 -15.28 -32.37 -47.39
CA GLU SA 96 -16.39 -31.49 -47.08
C GLU SA 96 -15.95 -30.29 -46.26
N LYS SA 97 -14.86 -30.42 -45.50
CA LYS SA 97 -14.34 -29.28 -44.74
C LYS SA 97 -13.94 -28.14 -45.67
N PHE SA 98 -13.27 -28.46 -46.78
CA PHE SA 98 -12.80 -27.45 -47.71
C PHE SA 98 -13.81 -27.13 -48.81
N TYR SA 99 -14.86 -27.94 -48.96
CA TYR SA 99 -15.86 -27.70 -49.99
C TYR SA 99 -17.23 -27.35 -49.42
N THR SA 100 -17.33 -27.12 -48.12
CA THR SA 100 -18.61 -26.89 -47.47
C THR SA 100 -18.42 -25.88 -46.35
N SER SA 101 -19.39 -24.98 -46.20
CA SER SA 101 -19.35 -23.96 -45.16
C SER SA 101 -20.74 -23.88 -44.52
N ASP SA 102 -20.95 -22.84 -43.70
CA ASP SA 102 -22.26 -22.63 -43.10
C ASP SA 102 -23.24 -21.97 -44.06
N SER SA 103 -22.77 -21.45 -45.19
CA SER SA 103 -23.62 -20.86 -46.20
C SER SA 103 -23.73 -21.68 -47.47
N TYR SA 104 -22.94 -22.76 -47.59
CA TYR SA 104 -22.97 -23.63 -48.76
C TYR SA 104 -22.95 -25.07 -48.30
N ILE SA 105 -23.84 -25.89 -48.85
CA ILE SA 105 -23.84 -27.31 -48.52
C ILE SA 105 -22.90 -28.08 -49.44
N GLY SA 106 -22.66 -27.59 -50.65
CA GLY SA 106 -21.77 -28.24 -51.58
C GLY SA 106 -21.23 -27.26 -52.59
N ASP SA 107 -20.61 -27.79 -53.64
CA ASP SA 107 -20.04 -26.98 -54.70
C ASP SA 107 -21.16 -26.62 -55.68
N ILE SA 108 -21.68 -25.40 -55.57
CA ILE SA 108 -22.77 -24.97 -56.44
C ILE SA 108 -22.29 -24.81 -57.87
N ASN SA 109 -21.06 -24.35 -58.07
CA ASN SA 109 -20.56 -24.09 -59.41
C ASN SA 109 -20.48 -25.37 -60.24
N ASN SA 110 -20.03 -26.46 -59.63
CA ASN SA 110 -19.83 -27.72 -60.34
C ASN SA 110 -20.87 -28.77 -59.98
N ASN SA 111 -21.88 -28.41 -59.17
CA ASN SA 111 -22.96 -29.31 -58.79
C ASN SA 111 -22.42 -30.61 -58.19
N LEU SA 112 -21.70 -30.46 -57.08
CA LEU SA 112 -21.09 -31.58 -56.39
C LEU SA 112 -21.49 -31.51 -54.92
N LEU SA 113 -22.08 -32.58 -54.41
CA LEU SA 113 -22.75 -32.60 -53.12
C LEU SA 113 -22.14 -33.65 -52.22
N PRO SA 114 -22.39 -33.57 -50.91
CA PRO SA 114 -22.00 -34.67 -50.01
C PRO SA 114 -22.79 -35.93 -50.31
N PHE SA 115 -22.27 -37.04 -49.76
CA PHE SA 115 -22.81 -38.35 -50.07
C PHE SA 115 -24.27 -38.48 -49.65
N ALA SA 116 -24.61 -38.00 -48.46
CA ALA SA 116 -25.98 -38.16 -47.96
C ALA SA 116 -26.98 -37.47 -48.87
N GLN SA 117 -26.72 -36.20 -49.22
CA GLN SA 117 -27.62 -35.45 -50.07
C GLN SA 117 -27.72 -36.07 -51.46
N ALA SA 118 -26.57 -36.44 -52.04
CA ALA SA 118 -26.58 -37.03 -53.37
C ALA SA 118 -27.33 -38.35 -53.39
N TYR SA 119 -27.12 -39.19 -52.36
CA TYR SA 119 -27.83 -40.46 -52.28
C TYR SA 119 -29.33 -40.25 -52.14
N LYS SA 120 -29.74 -39.28 -51.33
CA LYS SA 120 -31.16 -39.01 -51.16
C LYS SA 120 -31.81 -38.60 -52.48
N LEU SA 121 -31.17 -37.69 -53.21
CA LEU SA 121 -31.73 -37.24 -54.48
C LEU SA 121 -31.78 -38.38 -55.50
N ALA SA 122 -30.69 -39.17 -55.58
CA ALA SA 122 -30.66 -40.28 -56.53
C ALA SA 122 -31.71 -41.33 -56.18
N SER SA 123 -31.89 -41.61 -54.89
CA SER SA 123 -32.92 -42.56 -54.47
C SER SA 123 -34.30 -42.08 -54.85
N SER SA 124 -34.57 -40.78 -54.68
CA SER SA 124 -35.87 -40.24 -55.08
C SER SA 124 -36.10 -40.43 -56.58
N GLU SA 125 -35.09 -40.12 -57.40
CA GLU SA 125 -35.24 -40.29 -58.84
C GLU SA 125 -35.46 -41.75 -59.22
N ILE SA 126 -34.73 -42.67 -58.58
CA ILE SA 126 -34.86 -44.08 -58.90
C ILE SA 126 -36.23 -44.60 -58.48
N ILE SA 127 -36.75 -44.13 -57.36
CA ILE SA 127 -38.10 -44.53 -56.94
C ILE SA 127 -39.14 -44.02 -57.93
N LYS SA 128 -38.94 -42.80 -58.46
CA LYS SA 128 -39.84 -42.33 -59.51
C LYS SA 128 -39.80 -43.25 -60.72
N LEU SA 129 -38.60 -43.67 -61.13
CA LEU SA 129 -38.48 -44.59 -62.25
C LEU SA 129 -39.17 -45.92 -61.97
N ILE SA 130 -39.04 -46.43 -60.75
CA ILE SA 130 -39.67 -47.69 -60.38
C ILE SA 130 -41.20 -47.56 -60.44
N ASN SA 131 -41.72 -46.43 -59.95
CA ASN SA 131 -43.17 -46.21 -60.02
C ASN SA 131 -43.64 -46.16 -61.48
N HIS SA 132 -42.89 -45.48 -62.33
CA HIS SA 132 -43.26 -45.43 -63.74
C HIS SA 132 -43.26 -46.81 -64.36
N PHE SA 133 -42.27 -47.65 -64.02
CA PHE SA 133 -42.26 -49.01 -64.53
C PHE SA 133 -43.47 -49.80 -64.06
N VAL SA 134 -43.77 -49.72 -62.76
CA VAL SA 134 -44.88 -50.50 -62.22
C VAL SA 134 -46.19 -50.09 -62.86
N LEU SA 135 -46.33 -48.80 -63.21
CA LEU SA 135 -47.57 -48.37 -63.86
C LEU SA 135 -47.58 -48.74 -65.34
N THR SA 136 -46.66 -48.17 -66.12
CA THR SA 136 -46.69 -48.36 -67.57
C THR SA 136 -46.20 -49.73 -67.99
N GLY SA 137 -45.12 -50.22 -67.36
CA GLY SA 137 -44.49 -51.46 -67.77
C GLY SA 137 -43.28 -51.29 -68.66
N THR SA 138 -42.87 -50.07 -68.93
CA THR SA 138 -41.69 -49.80 -69.75
C THR SA 138 -40.68 -49.00 -68.94
N VAL SA 139 -39.45 -48.97 -69.43
CA VAL SA 139 -38.37 -48.20 -68.81
C VAL SA 139 -37.81 -47.26 -69.87
N SER SA 140 -38.02 -45.97 -69.69
CA SER SA 140 -37.50 -44.96 -70.61
C SER SA 140 -37.34 -43.65 -69.86
N ILE SA 141 -36.46 -42.79 -70.39
CA ILE SA 141 -36.22 -41.48 -69.82
C ILE SA 141 -36.68 -40.37 -70.74
N GLN SA 142 -37.43 -40.69 -71.79
CA GLN SA 142 -37.89 -39.72 -72.76
C GLN SA 142 -39.40 -39.53 -72.65
N LYS SA 143 -39.85 -38.29 -72.88
CA LYS SA 143 -41.27 -38.01 -72.89
C LYS SA 143 -41.98 -38.70 -74.03
N ASP SA 144 -41.31 -38.82 -75.20
CA ASP SA 144 -41.88 -39.56 -76.30
C ASP SA 144 -42.05 -41.04 -75.96
N GLY SA 145 -41.26 -41.55 -75.03
CA GLY SA 145 -41.30 -42.95 -74.68
C GLY SA 145 -40.46 -43.85 -75.56
N LYS SA 146 -39.61 -43.29 -76.42
CA LYS SA 146 -38.77 -44.09 -77.30
C LYS SA 146 -37.47 -44.46 -76.60
N ASN SA 147 -36.64 -45.23 -77.29
CA ASN SA 147 -35.37 -45.74 -76.76
C ASN SA 147 -35.59 -46.46 -75.44
N GLN SA 148 -36.61 -47.31 -75.40
CA GLN SA 148 -36.90 -48.08 -74.20
C GLN SA 148 -35.80 -49.12 -73.97
N LYS SA 149 -35.54 -49.40 -72.70
CA LYS SA 149 -34.60 -50.46 -72.36
C LYS SA 149 -35.21 -51.81 -72.72
N ARG SA 150 -34.45 -52.62 -73.45
CA ARG SA 150 -34.90 -53.96 -73.78
C ARG SA 150 -34.98 -54.83 -72.52
N LEU SA 151 -36.19 -55.20 -72.14
CA LEU SA 151 -36.41 -55.95 -70.91
C LEU SA 151 -36.70 -57.41 -71.23
N LEU SA 152 -36.57 -58.25 -70.20
CA LEU SA 152 -36.83 -59.66 -70.33
C LEU SA 152 -38.33 -59.91 -70.52
N PRO SA 153 -38.69 -61.05 -71.11
CA PRO SA 153 -40.11 -61.41 -71.21
C PRO SA 153 -40.71 -61.63 -69.83
N ASN SA 154 -42.04 -61.55 -69.77
CA ASN SA 154 -42.80 -61.63 -68.52
C ASN SA 154 -42.40 -60.52 -67.56
N MET SA 155 -42.15 -59.33 -68.11
CA MET SA 155 -41.89 -58.13 -67.30
C MET SA 155 -42.89 -57.08 -67.78
N TYR SA 156 -44.09 -57.11 -67.22
CA TYR SA 156 -45.18 -56.26 -67.66
C TYR SA 156 -45.64 -55.35 -66.52
N GLY SA 157 -46.32 -54.27 -66.91
CA GLY SA 157 -47.00 -53.40 -65.98
C GLY SA 157 -48.51 -53.52 -66.12
N LEU SA 158 -49.21 -52.68 -65.36
CA LEU SA 158 -50.67 -52.69 -65.42
C LEU SA 158 -51.16 -52.26 -66.79
N LEU SA 159 -50.49 -51.29 -67.41
CA LEU SA 159 -50.97 -50.73 -68.66
C LEU SA 159 -50.68 -51.63 -69.86
N ASN SA 160 -49.56 -52.36 -69.85
CA ASN SA 160 -49.18 -53.18 -71.00
C ASN SA 160 -49.39 -54.67 -70.75
N MET SA 161 -50.05 -55.05 -69.66
CA MET SA 161 -50.31 -56.45 -69.41
C MET SA 161 -51.15 -57.03 -70.56
N PRO SA 162 -50.70 -58.11 -71.19
CA PRO SA 162 -51.38 -58.60 -72.39
C PRO SA 162 -52.67 -59.35 -72.05
N GLU SA 163 -53.49 -59.52 -73.10
CA GLU SA 163 -54.75 -60.27 -73.01
C GLU SA 163 -55.72 -59.65 -72.02
N GLN SA 164 -55.72 -58.32 -71.91
CA GLN SA 164 -56.67 -57.60 -71.08
C GLN SA 164 -57.64 -56.84 -71.99
N ILE SA 165 -58.51 -56.05 -71.37
CA ILE SA 165 -59.56 -55.35 -72.11
C ILE SA 165 -59.10 -53.93 -72.42
N LYS SA 166 -59.14 -53.57 -73.70
CA LYS SA 166 -58.73 -52.25 -74.17
C LYS SA 166 -59.86 -51.62 -74.97
N GLU SA 167 -60.19 -50.37 -74.63
CA GLU SA 167 -61.18 -49.58 -75.35
C GLU SA 167 -60.51 -48.32 -75.88
N GLU SA 168 -60.99 -47.86 -77.04
CA GLU SA 168 -60.37 -46.76 -77.76
C GLU SA 168 -61.43 -45.73 -78.13
N VAL SA 169 -61.37 -44.56 -77.52
CA VAL SA 169 -62.27 -43.45 -77.83
C VAL SA 169 -61.65 -42.62 -78.95
N ALA SA 170 -62.46 -42.26 -79.93
CA ALA SA 170 -61.95 -41.60 -81.13
C ALA SA 170 -61.52 -40.17 -80.82
N SER SA 171 -60.77 -39.60 -81.76
CA SER SA 171 -60.24 -38.25 -81.57
C SER SA 171 -61.35 -37.21 -81.66
N GLY SA 172 -62.29 -37.38 -82.58
CA GLY SA 172 -63.37 -36.43 -82.72
C GLY SA 172 -64.28 -36.35 -81.50
N ASP SA 173 -64.51 -37.49 -80.85
CA ASP SA 173 -65.38 -37.57 -79.69
C ASP SA 173 -64.64 -37.49 -78.37
N LYS SA 174 -63.47 -36.84 -78.35
CA LYS SA 174 -62.69 -36.76 -77.10
C LYS SA 174 -63.43 -35.96 -76.04
N ASP SA 175 -64.07 -34.86 -76.43
CA ASP SA 175 -64.81 -34.05 -75.47
C ASP SA 175 -66.11 -34.72 -75.03
N LYS SA 176 -66.59 -35.72 -75.78
CA LYS SA 176 -67.90 -36.31 -75.54
C LYS SA 176 -67.81 -37.33 -74.41
N MET SA 177 -68.20 -36.89 -73.20
CA MET SA 177 -68.21 -37.79 -72.05
C MET SA 177 -69.20 -38.93 -72.24
N ASP SA 178 -70.25 -38.72 -73.03
CA ASP SA 178 -71.18 -39.81 -73.30
C ASP SA 178 -70.51 -40.94 -74.07
N LYS SA 179 -69.72 -40.60 -75.09
CA LYS SA 179 -68.97 -41.63 -75.82
C LYS SA 179 -67.91 -42.27 -74.92
N ILE SA 180 -67.22 -41.46 -74.11
CA ILE SA 180 -66.21 -42.01 -73.21
C ILE SA 180 -66.86 -43.02 -72.26
N PHE SA 181 -67.99 -42.66 -71.68
CA PHE SA 181 -68.67 -43.55 -70.75
C PHE SA 181 -69.25 -44.76 -71.46
N GLU SA 182 -69.65 -44.61 -72.72
CA GLU SA 182 -70.09 -45.77 -73.49
C GLU SA 182 -68.96 -46.78 -73.65
N LYS SA 183 -67.75 -46.30 -73.97
CA LYS SA 183 -66.60 -47.20 -74.05
C LYS SA 183 -66.31 -47.84 -72.71
N ILE SA 184 -66.41 -47.05 -71.62
CA ILE SA 184 -66.18 -47.61 -70.29
C ILE SA 184 -67.19 -48.70 -69.98
N GLU SA 185 -68.46 -48.49 -70.31
CA GLU SA 185 -69.48 -49.51 -70.07
C GLU SA 185 -69.21 -50.76 -70.89
N ALA SA 186 -68.80 -50.60 -72.15
CA ALA SA 186 -68.47 -51.77 -72.97
C ALA SA 186 -67.35 -52.57 -72.34
N GLY SA 187 -66.29 -51.90 -71.91
CA GLY SA 187 -65.20 -52.61 -71.26
C GLY SA 187 -65.61 -53.27 -69.96
N LEU SA 188 -66.44 -52.58 -69.17
CA LEU SA 188 -66.88 -53.14 -67.90
C LEU SA 188 -67.74 -54.37 -68.12
N SER SA 189 -68.58 -54.36 -69.16
CA SER SA 189 -69.33 -55.55 -69.53
C SER SA 189 -68.40 -56.69 -69.95
N LYS SA 190 -67.36 -56.36 -70.71
CA LYS SA 190 -66.40 -57.38 -71.11
C LYS SA 190 -65.53 -57.88 -69.96
N LEU SA 191 -65.53 -57.19 -68.82
CA LEU SA 191 -64.79 -57.66 -67.65
C LEU SA 191 -65.29 -59.03 -67.20
N GLU SA 192 -64.37 -59.87 -66.74
CA GLU SA 192 -64.67 -61.24 -66.29
C GLU SA 192 -63.99 -61.46 -64.94
N LEU SA 193 -64.73 -61.23 -63.85
CA LEU SA 193 -64.18 -61.42 -62.52
C LEU SA 193 -64.44 -62.81 -61.95
N GLY SA 194 -65.29 -63.61 -62.59
CA GLY SA 194 -65.55 -64.96 -62.12
C GLY SA 194 -66.18 -64.96 -60.75
N ASP SA 195 -65.73 -65.89 -59.90
CA ASP SA 195 -66.24 -66.02 -58.54
C ASP SA 195 -65.68 -64.97 -57.58
N GLU SA 196 -64.64 -64.25 -57.97
CA GLU SA 196 -64.04 -63.22 -57.14
C GLU SA 196 -64.61 -61.84 -57.44
N PHE SA 197 -65.86 -61.76 -57.90
CA PHE SA 197 -66.44 -60.47 -58.26
C PHE SA 197 -66.65 -59.58 -57.04
N SER SA 198 -66.95 -60.16 -55.88
CA SER SA 198 -67.18 -59.40 -54.66
C SER SA 198 -65.84 -58.93 -54.12
N THR SA 199 -65.36 -57.81 -54.65
CA THR SA 199 -64.07 -57.26 -54.27
C THR SA 199 -64.07 -55.76 -54.52
N PRO SA 200 -63.31 -54.99 -53.75
CA PRO SA 200 -63.18 -53.56 -54.05
C PRO SA 200 -62.51 -53.34 -55.40
N MET SA 201 -62.87 -52.23 -56.04
CA MET SA 201 -62.33 -51.88 -57.35
C MET SA 201 -61.58 -50.56 -57.28
N MET SA 202 -60.58 -50.42 -58.14
CA MET SA 202 -59.73 -49.25 -58.19
C MET SA 202 -59.74 -48.67 -59.60
N VAL SA 203 -59.95 -47.37 -59.69
CA VAL SA 203 -59.95 -46.62 -60.94
C VAL SA 203 -58.88 -45.55 -60.83
N ILE SA 204 -58.04 -45.44 -61.86
CA ILE SA 204 -57.02 -44.42 -61.95
C ILE SA 204 -57.26 -43.61 -63.21
N VAL SA 205 -57.36 -42.29 -63.06
CA VAL SA 205 -57.71 -41.39 -64.15
C VAL SA 205 -56.73 -40.23 -64.18
N ASP SA 206 -56.68 -39.57 -65.34
CA ASP SA 206 -55.88 -38.38 -65.55
C ASP SA 206 -56.64 -37.13 -65.14
N PRO SA 207 -55.94 -36.02 -64.85
CA PRO SA 207 -56.63 -34.81 -64.39
C PRO SA 207 -57.68 -34.28 -65.35
N ALA SA 208 -57.42 -34.35 -66.66
CA ALA SA 208 -58.42 -33.91 -67.63
C ALA SA 208 -59.67 -34.78 -67.56
N THR SA 209 -59.48 -36.10 -67.40
CA THR SA 209 -60.62 -36.99 -67.25
C THR SA 209 -61.39 -36.69 -65.97
N SER SA 210 -60.69 -36.35 -64.90
CA SER SA 210 -61.38 -35.97 -63.66
C SER SA 210 -62.21 -34.71 -63.85
N LEU SA 211 -61.65 -33.71 -64.55
CA LEU SA 211 -62.41 -32.50 -64.85
C LEU SA 211 -63.64 -32.80 -65.68
N LYS SA 212 -63.51 -33.70 -66.66
CA LYS SA 212 -64.69 -34.10 -67.43
C LYS SA 212 -65.69 -34.87 -66.58
N LEU SA 213 -65.21 -35.64 -65.59
CA LEU SA 213 -66.09 -36.45 -64.77
C LEU SA 213 -66.90 -35.61 -63.79
N VAL SA 214 -66.35 -34.50 -63.32
CA VAL SA 214 -67.04 -33.72 -62.29
C VAL SA 214 -68.10 -32.83 -62.91
N LYS SA 215 -68.37 -33.00 -64.20
CA LYS SA 215 -69.44 -32.28 -64.86
C LYS SA 215 -70.80 -32.97 -64.64
N PRO SA 216 -71.90 -32.23 -64.77
CA PRO SA 216 -73.22 -32.85 -64.60
C PRO SA 216 -73.50 -33.91 -65.65
N TYR SA 217 -74.33 -34.88 -65.26
CA TYR SA 217 -74.67 -36.01 -66.13
C TYR SA 217 -75.79 -35.61 -67.07
N ALA SA 218 -75.65 -35.99 -68.35
CA ALA SA 218 -76.66 -35.69 -69.36
C ALA SA 218 -77.68 -36.83 -69.46
N CYS SA 227 -78.63 -32.72 -58.49
CA CYS SA 227 -78.54 -33.66 -59.59
C CYS SA 227 -77.47 -34.71 -59.32
N GLU SA 228 -77.09 -35.45 -60.36
CA GLU SA 228 -76.13 -36.54 -60.24
C GLU SA 228 -75.01 -36.33 -61.23
N LYS SA 229 -73.79 -36.71 -60.83
CA LYS SA 229 -72.60 -36.45 -61.61
C LYS SA 229 -72.15 -37.70 -62.36
N TRP SA 230 -71.35 -37.47 -63.42
CA TRP SA 230 -70.79 -38.57 -64.19
C TRP SA 230 -69.97 -39.49 -63.30
N GLU SA 231 -69.28 -38.92 -62.31
CA GLU SA 231 -68.52 -39.76 -61.36
C GLU SA 231 -69.45 -40.67 -60.58
N ASP SA 232 -70.59 -40.14 -60.12
CA ASP SA 232 -71.56 -40.97 -59.40
C ASP SA 232 -72.11 -42.08 -60.29
N VAL SA 233 -72.42 -41.76 -61.55
CA VAL SA 233 -72.91 -42.78 -62.47
C VAL SA 233 -71.86 -43.87 -62.66
N LEU SA 234 -70.60 -43.47 -62.84
CA LEU SA 234 -69.54 -44.45 -63.02
C LEU SA 234 -69.37 -45.33 -61.78
N ILE SA 235 -69.45 -44.73 -60.59
CA ILE SA 235 -69.32 -45.51 -59.36
C ILE SA 235 -70.45 -46.51 -59.25
N GLN SA 236 -71.67 -46.10 -59.57
CA GLN SA 236 -72.80 -47.04 -59.54
C GLN SA 236 -72.61 -48.16 -60.54
N THR SA 237 -72.12 -47.84 -61.74
CA THR SA 237 -71.90 -48.86 -62.76
C THR SA 237 -70.87 -49.89 -62.30
N ILE SA 238 -69.78 -49.43 -61.69
CA ILE SA 238 -68.76 -50.35 -61.20
C ILE SA 238 -69.27 -51.15 -60.00
N LYS SA 239 -70.11 -50.53 -59.16
CA LYS SA 239 -70.71 -51.27 -58.04
C LYS SA 239 -71.58 -52.40 -58.55
N ALA SA 240 -72.29 -52.16 -59.66
CA ALA SA 240 -73.15 -53.19 -60.23
C ALA SA 240 -72.38 -54.45 -60.56
N ILE SA 241 -71.12 -54.32 -60.99
CA ILE SA 241 -70.34 -55.49 -61.36
C ILE SA 241 -69.47 -56.03 -60.22
N ASN SA 242 -69.15 -55.21 -59.22
CA ASN SA 242 -68.37 -55.70 -58.10
C ASN SA 242 -69.22 -56.00 -56.87
N ASN SA 243 -70.54 -56.09 -57.05
CA ASN SA 243 -71.48 -56.44 -55.98
C ASN SA 243 -71.56 -55.34 -54.93
N ARG SA 244 -71.51 -54.09 -55.39
CA ARG SA 244 -71.70 -52.91 -54.55
C ARG SA 244 -70.70 -52.89 -53.38
N GLU SA 245 -69.44 -53.10 -53.71
CA GLU SA 245 -68.36 -52.93 -52.75
C GLU SA 245 -67.66 -51.60 -53.02
N ASP SA 246 -66.60 -51.33 -52.25
CA ASP SA 246 -65.91 -50.04 -52.34
C ASP SA 246 -65.31 -49.85 -53.72
N VAL SA 247 -65.51 -48.66 -54.28
CA VAL SA 247 -64.92 -48.25 -55.55
C VAL SA 247 -64.10 -47.00 -55.29
N TYR SA 248 -62.79 -47.10 -55.46
CA TYR SA 248 -61.89 -45.99 -55.20
C TYR SA 248 -61.48 -45.33 -56.50
N ILE SA 249 -61.35 -44.01 -56.47
CA ILE SA 249 -60.93 -43.22 -57.62
C ILE SA 249 -59.67 -42.45 -57.23
N GLU SA 250 -58.64 -42.56 -58.07
CA GLU SA 250 -57.37 -41.89 -57.85
C GLU SA 250 -56.95 -41.17 -59.11
N THR SA 251 -56.44 -39.95 -58.95
CA THR SA 251 -55.90 -39.17 -60.05
C THR SA 251 -54.39 -39.30 -60.05
N SER SA 252 -53.82 -39.61 -61.20
CA SER SA 252 -52.38 -39.76 -61.35
C SER SA 252 -51.91 -38.93 -62.53
N ASN SA 253 -50.92 -38.06 -62.29
CA ASN SA 253 -50.34 -37.28 -63.37
C ASN SA 253 -49.53 -38.13 -64.35
N LEU SA 254 -49.16 -39.34 -63.94
CA LEU SA 254 -48.40 -40.22 -64.83
C LEU SA 254 -49.20 -40.59 -66.07
N LEU SA 255 -50.48 -40.88 -65.90
CA LEU SA 255 -51.34 -41.24 -67.03
C LEU SA 255 -51.73 -40.00 -67.83
N LYS SA 256 -52.03 -40.21 -69.10
CA LYS SA 256 -52.45 -39.14 -70.00
C LYS SA 256 -53.51 -39.71 -70.94
N HIS SA 257 -54.75 -39.25 -70.80
CA HIS SA 257 -55.88 -39.72 -71.61
C HIS SA 257 -56.07 -41.22 -71.46
N LYS SA 258 -55.79 -41.74 -70.26
CA LYS SA 258 -55.90 -43.14 -69.95
C LYS SA 258 -56.75 -43.33 -68.70
N ILE SA 259 -57.59 -44.36 -68.72
CA ILE SA 259 -58.41 -44.74 -67.57
C ILE SA 259 -58.16 -46.21 -67.28
N LEU SA 260 -57.69 -46.52 -66.08
CA LEU SA 260 -57.35 -47.89 -65.69
C LEU SA 260 -58.32 -48.34 -64.61
N ILE SA 261 -58.96 -49.49 -64.83
CA ILE SA 261 -59.88 -50.07 -63.85
C ILE SA 261 -59.45 -51.50 -63.58
N TYR SA 262 -59.30 -51.83 -62.30
CA TYR SA 262 -58.90 -53.20 -61.95
C TYR SA 262 -59.32 -53.50 -60.52
N PRO SA 263 -59.53 -54.77 -60.17
CA PRO SA 263 -59.91 -55.11 -58.80
C PRO SA 263 -58.72 -55.16 -57.86
N LEU SA 264 -58.99 -54.83 -56.59
CA LEU SA 264 -57.99 -54.93 -55.52
C LEU SA 264 -58.08 -56.27 -54.81
N ASN SA 265 -58.00 -57.36 -55.56
CA ASN SA 265 -58.09 -58.71 -55.01
C ASN SA 265 -56.80 -59.46 -55.29
N SER SA 266 -56.25 -60.09 -54.25
CA SER SA 266 -55.00 -60.82 -54.40
C SER SA 266 -55.17 -62.07 -55.26
N GLU SA 267 -56.39 -62.58 -55.42
CA GLU SA 267 -56.59 -63.78 -56.22
C GLU SA 267 -56.50 -63.48 -57.72
N LEU SA 268 -56.81 -62.25 -58.12
CA LEU SA 268 -56.84 -61.88 -59.53
C LEU SA 268 -55.57 -61.16 -59.98
N ILE SA 269 -55.12 -60.18 -59.21
CA ILE SA 269 -53.89 -59.44 -59.48
C ILE SA 269 -53.01 -59.52 -58.25
N LYS SA 270 -51.74 -59.88 -58.46
CA LYS SA 270 -50.78 -60.06 -57.38
C LYS SA 270 -49.49 -59.36 -57.74
N PHE SA 271 -48.77 -58.90 -56.72
CA PHE SA 271 -47.47 -58.27 -56.89
C PHE SA 271 -46.49 -58.98 -55.96
N LYS SA 272 -45.42 -59.52 -56.54
CA LYS SA 272 -44.40 -60.26 -55.79
C LYS SA 272 -43.04 -59.63 -56.08
N PRO SA 273 -42.80 -58.42 -55.59
CA PRO SA 273 -41.53 -57.76 -55.88
C PRO SA 273 -40.39 -58.38 -55.10
N SER SA 274 -39.18 -58.16 -55.60
CA SER SA 274 -37.99 -58.57 -54.86
C SER SA 274 -37.89 -57.76 -53.59
N LYS SA 275 -37.38 -58.41 -52.53
CA LYS SA 275 -37.16 -57.70 -51.28
C LYS SA 275 -36.03 -56.68 -51.39
N TYR SA 276 -35.28 -56.69 -52.50
CA TYR SA 276 -34.25 -55.70 -52.78
C TYR SA 276 -34.65 -54.78 -53.94
N MET SA 277 -35.96 -54.67 -54.21
CA MET SA 277 -36.40 -53.87 -55.34
C MET SA 277 -36.09 -52.38 -55.14
N LEU SA 278 -36.32 -51.87 -53.94
CA LEU SA 278 -36.11 -50.45 -53.68
C LEU SA 278 -34.62 -50.14 -53.62
N PRO SA 279 -34.23 -48.90 -53.90
CA PRO SA 279 -32.81 -48.58 -54.04
C PRO SA 279 -31.99 -48.96 -52.82
N THR SA 280 -30.80 -49.51 -53.09
CA THR SA 280 -29.88 -49.93 -52.05
C THR SA 280 -28.47 -49.48 -52.40
N PRO SA 281 -27.72 -48.93 -51.44
CA PRO SA 281 -26.33 -48.54 -51.73
C PRO SA 281 -25.46 -49.75 -52.00
N ASN SA 282 -24.41 -49.54 -52.79
CA ASN SA 282 -23.43 -50.57 -53.06
C ASN SA 282 -22.17 -50.34 -52.22
N GLU SA 283 -21.46 -51.42 -51.92
CA GLU SA 283 -20.29 -51.34 -51.07
C GLU SA 283 -19.11 -50.69 -51.76
N GLN SA 284 -19.06 -50.73 -53.09
CA GLN SA 284 -17.93 -50.20 -53.83
C GLN SA 284 -18.00 -48.68 -53.90
N VAL SA 285 -16.90 -48.02 -53.52
CA VAL SA 285 -16.76 -46.57 -53.62
C VAL SA 285 -15.47 -46.28 -54.38
N ASP SA 286 -15.58 -45.53 -55.47
CA ASP SA 286 -14.42 -45.18 -56.28
C ASP SA 286 -13.73 -43.96 -55.70
N LYS SA 287 -12.45 -44.08 -55.39
CA LYS SA 287 -11.66 -42.99 -54.82
C LYS SA 287 -10.38 -42.80 -55.62
N ASP SA 288 -9.85 -41.59 -55.59
CA ASP SA 288 -8.60 -41.25 -56.25
C ASP SA 288 -7.92 -40.15 -55.45
N SER SA 289 -6.93 -39.50 -56.07
CA SER SA 289 -6.21 -38.43 -55.42
C SER SA 289 -6.98 -37.12 -55.37
N THR SA 290 -8.08 -37.01 -56.12
CA THR SA 290 -8.87 -35.79 -56.15
C THR SA 290 -9.92 -35.83 -55.03
N ASP SA 291 -10.85 -34.88 -55.06
CA ASP SA 291 -11.88 -34.76 -54.04
C ASP SA 291 -13.25 -35.25 -54.51
N VAL SA 292 -13.30 -36.00 -55.61
CA VAL SA 292 -14.54 -36.50 -56.18
C VAL SA 292 -14.55 -38.02 -56.04
N ALA SA 293 -15.65 -38.56 -55.54
CA ALA SA 293 -15.83 -40.00 -55.41
C ALA SA 293 -17.10 -40.42 -56.15
N HIS SA 294 -17.22 -41.72 -56.39
CA HIS SA 294 -18.38 -42.27 -57.10
C HIS SA 294 -18.98 -43.41 -56.29
N SER SA 295 -20.31 -43.48 -56.28
CA SER SA 295 -21.04 -44.51 -55.57
C SER SA 295 -22.10 -45.10 -56.49
N TYR SA 296 -22.63 -46.26 -56.10
CA TYR SA 296 -23.55 -47.02 -56.92
C TYR SA 296 -24.79 -47.38 -56.13
N ILE SA 297 -25.92 -47.44 -56.84
CA ILE SA 297 -27.21 -47.79 -56.26
C ILE SA 297 -27.81 -48.92 -57.09
N ASP SA 298 -28.31 -49.95 -56.40
CA ASP SA 298 -28.87 -51.13 -57.02
C ASP SA 298 -30.37 -51.22 -56.76
N PHE SA 299 -31.11 -51.69 -57.76
CA PHE SA 299 -32.54 -51.89 -57.63
C PHE SA 299 -33.00 -52.99 -58.58
N VAL SA 300 -34.07 -53.68 -58.20
CA VAL SA 300 -34.56 -54.85 -58.93
C VAL SA 300 -35.94 -54.54 -59.49
N LEU SA 301 -36.16 -54.93 -60.75
CA LEU SA 301 -37.43 -54.73 -61.43
C LEU SA 301 -38.07 -56.06 -61.78
N GLY SA 302 -39.41 -56.08 -61.74
CA GLY SA 302 -40.19 -57.24 -62.11
C GLY SA 302 -41.04 -57.80 -60.99
N GLY SA 303 -42.15 -58.45 -61.34
CA GLY SA 303 -42.94 -59.13 -60.33
C GLY SA 303 -44.45 -58.92 -60.35
N LEU SA 304 -44.99 -58.33 -61.41
CA LEU SA 304 -46.42 -58.09 -61.48
C LEU SA 304 -47.11 -59.25 -62.22
N LEU SA 305 -48.11 -59.85 -61.57
CA LEU SA 305 -48.84 -60.98 -62.13
C LEU SA 305 -50.33 -60.63 -62.14
N ALA SA 306 -51.02 -60.97 -63.22
CA ALA SA 306 -52.43 -60.62 -63.33
C ALA SA 306 -53.17 -61.66 -64.14
N THR SA 307 -54.47 -61.75 -63.91
CA THR SA 307 -55.34 -62.59 -64.71
C THR SA 307 -55.84 -61.81 -65.95
N ARG SA 308 -56.23 -62.55 -66.98
CA ARG SA 308 -56.73 -61.95 -68.20
C ARG SA 308 -58.15 -61.44 -68.00
N LYS SA 309 -58.50 -60.41 -68.77
CA LYS SA 309 -59.84 -59.83 -68.77
C LYS SA 309 -60.24 -59.39 -67.36
N THR SA 310 -59.25 -58.90 -66.61
CA THR SA 310 -59.49 -58.31 -65.30
C THR SA 310 -58.95 -56.89 -65.21
N ILE SA 311 -58.31 -56.38 -66.25
CA ILE SA 311 -57.83 -55.01 -66.31
C ILE SA 311 -58.47 -54.35 -67.52
N LEU SA 312 -59.10 -53.19 -67.31
CA LEU SA 312 -59.70 -52.41 -68.37
C LEU SA 312 -58.91 -51.12 -68.56
N GLN SA 313 -58.55 -50.85 -69.81
CA GLN SA 313 -57.78 -49.66 -70.18
C GLN SA 313 -58.54 -48.90 -71.25
N VAL SA 314 -58.96 -47.69 -70.94
CA VAL SA 314 -59.67 -46.83 -71.89
C VAL SA 314 -58.70 -45.74 -72.32
N ASN SA 315 -58.37 -45.72 -73.61
CA ASN SA 315 -57.45 -44.75 -74.19
C ASN SA 315 -58.23 -43.78 -75.06
N ILE SA 316 -58.13 -42.49 -74.75
CA ILE SA 316 -58.81 -41.45 -75.51
C ILE SA 316 -57.84 -40.91 -76.54
N LYS SA 317 -57.93 -41.41 -77.77
CA LYS SA 317 -57.03 -40.95 -78.83
C LYS SA 317 -57.20 -39.46 -79.07
N GLN SA 318 -56.08 -38.76 -79.25
CA GLN SA 318 -56.10 -37.34 -79.56
C GLN SA 318 -55.94 -37.05 -81.05
N SER SA 319 -55.64 -38.06 -81.85
CA SER SA 319 -55.46 -37.89 -83.30
C SER SA 319 -55.56 -39.23 -84.02
N LEU TA 21 23.17 -47.80 -74.76
CA LEU TA 21 22.51 -49.10 -74.91
C LEU TA 21 22.28 -49.76 -73.55
N MET TA 22 22.20 -48.93 -72.51
CA MET TA 22 21.94 -49.42 -71.16
C MET TA 22 21.31 -48.29 -70.36
N LYS TA 23 20.11 -48.53 -69.84
CA LYS TA 23 19.34 -47.46 -69.20
C LYS TA 23 20.06 -46.93 -67.96
N ASN TA 24 20.56 -47.83 -67.11
CA ASN TA 24 21.24 -47.45 -65.87
C ASN TA 24 22.55 -48.21 -65.78
N PRO TA 25 23.60 -47.70 -66.44
CA PRO TA 25 24.89 -48.41 -66.42
C PRO TA 25 25.48 -48.44 -65.02
N GLN TA 26 25.78 -49.64 -64.54
CA GLN TA 26 26.43 -49.82 -63.24
C GLN TA 26 27.88 -49.40 -63.34
N GLN TA 27 28.24 -48.31 -62.66
CA GLN TA 27 29.59 -47.77 -62.75
C GLN TA 27 29.91 -47.03 -61.45
N ASP TA 28 31.11 -47.26 -60.94
CA ASP TA 28 31.61 -46.56 -59.77
C ASP TA 28 32.57 -45.45 -60.19
N SER TA 29 32.68 -44.44 -59.34
CA SER TA 29 33.51 -43.28 -59.62
C SER TA 29 34.19 -42.84 -58.33
N GLY TA 30 35.17 -41.95 -58.47
CA GLY TA 30 35.89 -41.43 -57.32
C GLY TA 30 35.33 -40.13 -56.80
N LEU TA 31 34.44 -39.52 -57.57
CA LEU TA 31 33.83 -38.23 -57.21
C LEU TA 31 32.32 -38.30 -57.40
N LEU TA 32 31.64 -37.37 -56.76
CA LEU TA 32 30.19 -37.22 -56.89
C LEU TA 32 29.89 -36.24 -58.03
N SER TA 33 29.00 -36.64 -58.92
CA SER TA 33 28.60 -35.76 -60.02
C SER TA 33 27.82 -34.57 -59.50
N ASN TA 34 28.03 -33.41 -60.12
CA ASN TA 34 27.35 -32.19 -59.72
C ASN TA 34 25.86 -32.29 -60.04
N SER TA 35 25.04 -32.46 -59.01
CA SER TA 35 23.57 -32.47 -59.16
C SER TA 35 23.01 -31.70 -57.97
N ILE TA 36 22.85 -30.38 -58.14
CA ILE TA 36 22.41 -29.52 -57.05
C ILE TA 36 21.15 -28.77 -57.46
N ASP TA 37 21.22 -28.01 -58.55
CA ASP TA 37 20.08 -27.24 -59.02
C ASP TA 37 18.93 -28.17 -59.41
N PHE TA 38 17.71 -27.74 -59.11
CA PHE TA 38 16.53 -28.56 -59.33
C PHE TA 38 15.96 -28.46 -60.74
N ARG TA 39 16.56 -27.63 -61.60
CA ARG TA 39 16.04 -27.42 -62.94
C ARG TA 39 16.83 -28.23 -63.95
N ASP TA 40 16.11 -28.84 -64.90
CA ASP TA 40 16.70 -29.63 -65.99
C ASP TA 40 17.52 -30.80 -65.44
N GLN TA 41 16.90 -31.59 -64.56
CA GLN TA 41 17.51 -32.80 -64.03
C GLN TA 41 16.85 -34.07 -64.54
N ASN TA 42 15.80 -33.96 -65.34
CA ASN TA 42 15.09 -35.11 -65.87
C ASN TA 42 15.54 -35.50 -67.26
N LEU TA 43 16.48 -34.76 -67.86
CA LEU TA 43 16.96 -35.03 -69.21
C LEU TA 43 18.09 -36.06 -69.17
N ILE TA 44 17.76 -37.26 -68.70
CA ILE TA 44 18.70 -38.36 -68.59
C ILE TA 44 18.07 -39.61 -69.19
N PHE TA 45 18.94 -40.55 -69.58
CA PHE TA 45 18.47 -41.79 -70.17
C PHE TA 45 17.87 -42.73 -69.13
N SER TA 46 18.35 -42.67 -67.88
CA SER TA 46 17.84 -43.54 -66.84
C SER TA 46 16.39 -43.22 -66.46
N ASN TA 47 15.91 -42.02 -66.80
CA ASN TA 47 14.53 -41.64 -66.49
C ASN TA 47 13.55 -42.53 -67.23
N SER TA 48 12.85 -43.40 -66.51
CA SER TA 48 11.93 -44.35 -67.09
C SER TA 48 10.49 -43.88 -66.88
N GLY TA 49 9.57 -44.60 -67.52
CA GLY TA 49 8.17 -44.24 -67.43
C GLY TA 49 7.86 -42.97 -68.21
N GLY TA 50 6.68 -42.43 -67.96
CA GLY TA 50 6.25 -41.21 -68.62
C GLY TA 50 6.32 -40.00 -67.72
N VAL TA 51 6.32 -38.80 -68.31
CA VAL TA 51 6.35 -37.58 -67.52
C VAL TA 51 5.02 -37.39 -66.78
N CYS TA 52 3.90 -37.69 -67.45
CA CYS TA 52 2.58 -37.65 -66.86
C CYS TA 52 1.94 -39.01 -67.02
N THR TA 53 1.57 -39.65 -65.91
CA THR TA 53 1.09 -41.02 -65.92
C THR TA 53 -0.26 -41.09 -65.22
N SER TA 54 -1.17 -41.87 -65.79
CA SER TA 54 -2.49 -42.08 -65.22
C SER TA 54 -2.53 -43.40 -64.46
N SER TA 55 -3.31 -43.42 -63.38
CA SER TA 55 -3.46 -44.64 -62.59
C SER TA 55 -4.28 -45.71 -63.30
N LYS TA 56 -4.90 -45.38 -64.43
CA LYS TA 56 -5.72 -46.30 -65.19
C LYS TA 56 -5.05 -46.73 -66.49
N ASP TA 57 -3.73 -46.65 -66.55
CA ASP TA 57 -2.99 -47.06 -67.74
C ASP TA 57 -2.79 -48.57 -67.76
N LYS TA 58 -2.80 -49.14 -68.96
CA LYS TA 58 -2.57 -50.57 -69.15
C LYS TA 58 -1.10 -50.81 -69.45
N ILE TA 59 -0.48 -51.70 -68.69
CA ILE TA 59 0.95 -51.98 -68.78
C ILE TA 59 1.15 -53.47 -68.98
N GLU TA 60 1.97 -53.85 -69.95
CA GLU TA 60 2.26 -55.24 -70.22
C GLU TA 60 3.77 -55.48 -70.11
N ASN TA 61 4.15 -56.74 -69.89
CA ASN TA 61 5.56 -57.13 -69.89
C ASN TA 61 5.79 -58.23 -70.91
N TYR TA 62 6.92 -58.14 -71.60
CA TYR TA 62 7.25 -59.11 -72.65
C TYR TA 62 8.72 -59.49 -72.56
N PRO TA 63 9.07 -60.68 -73.02
CA PRO TA 63 10.49 -60.98 -73.23
C PRO TA 63 11.08 -60.02 -74.26
N ALA TA 64 12.32 -59.61 -74.02
CA ALA TA 64 12.98 -58.61 -74.84
C ALA TA 64 13.94 -59.27 -75.82
N LYS TA 65 13.90 -58.82 -77.06
CA LYS TA 65 14.82 -59.24 -78.11
C LYS TA 65 15.61 -58.01 -78.54
N GLY TA 66 16.84 -57.89 -78.04
CA GLY TA 66 17.63 -56.71 -78.29
C GLY TA 66 17.52 -55.71 -77.16
N TYR TA 67 17.61 -54.42 -77.48
CA TYR TA 67 17.50 -53.34 -76.50
C TYR TA 67 16.46 -52.33 -76.99
N PRO TA 68 15.17 -52.60 -76.75
CA PRO TA 68 14.12 -51.74 -77.30
C PRO TA 68 13.75 -50.56 -76.39
N TYR TA 69 14.61 -50.24 -75.43
CA TYR TA 69 14.30 -49.18 -74.46
C TYR TA 69 14.04 -47.85 -75.15
N LYS TA 70 12.95 -47.19 -74.74
CA LYS TA 70 12.55 -45.89 -75.26
C LYS TA 70 12.43 -45.90 -76.78
N ARG TA 71 11.83 -46.97 -77.31
CA ARG TA 71 11.63 -47.11 -78.74
C ARG TA 71 10.31 -47.82 -78.99
N GLY TA 72 9.72 -47.55 -80.15
CA GLY TA 72 8.53 -48.29 -80.56
C GLY TA 72 8.87 -49.75 -80.80
N VAL TA 73 8.01 -50.63 -80.30
CA VAL TA 73 8.27 -52.06 -80.36
C VAL TA 73 7.24 -52.74 -81.26
N LYS TA 74 7.57 -53.96 -81.67
CA LYS TA 74 6.70 -54.79 -82.48
C LYS TA 74 6.84 -56.23 -82.01
N LEU TA 75 5.78 -57.01 -82.24
CA LEU TA 75 5.80 -58.42 -81.89
C LEU TA 75 6.71 -59.19 -82.84
N SER TA 76 7.56 -60.04 -82.27
CA SER TA 76 8.46 -60.89 -83.05
C SER TA 76 8.24 -62.33 -82.62
N PHE TA 77 7.94 -63.18 -83.60
CA PHE TA 77 7.75 -64.60 -83.39
C PHE TA 77 9.00 -65.36 -83.84
N GLY TA 78 9.22 -66.51 -83.21
CA GLY TA 78 10.40 -67.30 -83.52
C GLY TA 78 10.07 -68.57 -84.28
N ASP TA 79 10.78 -69.65 -83.96
CA ASP TA 79 10.56 -70.94 -84.60
C ASP TA 79 9.43 -71.72 -83.97
N GLY TA 80 8.80 -71.19 -82.93
CA GLY TA 80 7.74 -71.86 -82.21
C GLY TA 80 8.19 -72.55 -80.95
N THR TA 81 9.50 -72.76 -80.78
CA THR TA 81 10.01 -73.36 -79.56
C THR TA 81 9.76 -72.45 -78.35
N THR TA 82 9.95 -71.14 -78.53
CA THR TA 82 9.77 -70.18 -77.46
C THR TA 82 8.61 -69.25 -77.78
N GLU TA 83 8.11 -68.58 -76.74
CA GLU TA 83 6.99 -67.66 -76.89
C GLU TA 83 7.43 -66.40 -77.64
N LEU TA 84 6.44 -65.63 -78.08
CA LEU TA 84 6.70 -64.40 -78.81
C LEU TA 84 7.37 -63.37 -77.90
N GLU TA 85 8.13 -62.47 -78.50
CA GLU TA 85 8.82 -61.41 -77.78
C GLU TA 85 8.57 -60.09 -78.48
N VAL TA 86 9.24 -59.04 -78.02
CA VAL TA 86 9.11 -57.71 -78.60
C VAL TA 86 10.48 -57.22 -79.03
N GLU TA 87 10.53 -56.53 -80.17
CA GLU TA 87 11.78 -55.97 -80.66
C GLU TA 87 11.52 -54.61 -81.28
N ALA TA 88 12.56 -53.78 -81.31
CA ALA TA 88 12.42 -52.43 -81.86
C ALA TA 88 11.93 -52.49 -83.30
N GLY TA 89 10.89 -51.72 -83.58
CA GLY TA 89 10.31 -51.69 -84.91
C GLY TA 89 9.36 -50.52 -85.04
N GLY TA 90 8.51 -50.59 -86.07
CA GLY TA 90 7.58 -49.52 -86.31
C GLY TA 90 6.83 -49.73 -87.62
N GLY TA 91 6.27 -48.64 -88.13
CA GLY TA 91 5.49 -48.74 -89.36
C GLY TA 91 4.19 -49.47 -89.12
N ASP TA 92 3.87 -50.41 -90.01
CA ASP TA 92 2.65 -51.19 -89.87
C ASP TA 92 2.72 -52.18 -88.72
N ASP TA 93 3.92 -52.53 -88.27
CA ASP TA 93 4.10 -53.51 -87.20
C ASP TA 93 4.05 -52.92 -85.81
N LEU TA 94 3.89 -51.60 -85.69
CA LEU TA 94 3.93 -50.94 -84.38
C LEU TA 94 2.87 -51.50 -83.46
N TYR TA 95 3.31 -52.11 -82.36
CA TYR TA 95 2.41 -52.69 -81.36
C TYR TA 95 2.31 -51.85 -80.10
N GLY TA 96 3.35 -51.12 -79.75
CA GLY TA 96 3.33 -50.33 -78.53
C GLY TA 96 4.62 -49.57 -78.36
N VAL TA 97 4.84 -49.08 -77.14
CA VAL TA 97 6.04 -48.31 -76.81
C VAL TA 97 6.67 -48.92 -75.57
N CYS TA 98 7.97 -49.21 -75.65
CA CYS TA 98 8.71 -49.69 -74.48
C CYS TA 98 9.12 -48.53 -73.61
N SER TA 99 8.82 -48.63 -72.31
CA SER TA 99 9.10 -47.55 -71.37
C SER TA 99 10.07 -47.93 -70.26
N ASP TA 100 10.30 -49.21 -70.01
CA ASP TA 100 11.23 -49.63 -68.98
C ASP TA 100 11.75 -51.02 -69.33
N ILE TA 101 12.92 -51.36 -68.79
CA ILE TA 101 13.51 -52.68 -68.97
C ILE TA 101 14.08 -53.15 -67.64
N ASP TA 102 13.73 -54.36 -67.23
CA ASP TA 102 14.40 -55.04 -66.14
C ASP TA 102 15.50 -55.91 -66.76
N GLU TA 103 16.75 -55.59 -66.44
CA GLU TA 103 17.88 -56.27 -67.08
C GLU TA 103 18.08 -57.68 -66.54
N PHE TA 104 17.84 -57.88 -65.24
CA PHE TA 104 18.07 -59.19 -64.64
C PHE TA 104 17.20 -60.26 -65.31
N SER TA 105 15.93 -59.97 -65.51
CA SER TA 105 15.03 -60.90 -66.18
C SER TA 105 14.92 -60.64 -67.67
N GLY TA 106 15.53 -59.58 -68.17
CA GLY TA 106 15.43 -59.26 -69.59
C GLY TA 106 14.02 -58.97 -70.05
N MET TA 107 13.26 -58.27 -69.23
CA MET TA 107 11.83 -58.06 -69.48
C MET TA 107 11.58 -56.60 -69.85
N ALA TA 108 10.78 -56.39 -70.89
CA ALA TA 108 10.45 -55.06 -71.37
C ALA TA 108 9.03 -54.70 -70.98
N THR TA 109 8.87 -53.51 -70.39
CA THR TA 109 7.56 -52.95 -70.06
C THR TA 109 7.04 -52.18 -71.26
N VAL TA 110 5.85 -52.53 -71.72
CA VAL TA 110 5.28 -52.01 -72.96
C VAL TA 110 3.93 -51.40 -72.65
N ILE TA 111 3.70 -50.20 -73.18
CA ILE TA 111 2.39 -49.55 -73.17
C ILE TA 111 1.78 -49.72 -74.56
N PRO TA 112 0.63 -50.37 -74.69
CA PRO TA 112 0.06 -50.61 -76.02
C PRO TA 112 -0.26 -49.32 -76.75
N ILE TA 113 -0.24 -49.40 -78.09
CA ILE TA 113 -0.54 -48.24 -78.91
C ILE TA 113 -1.96 -47.74 -78.68
N THR TA 114 -2.87 -48.60 -78.22
CA THR TA 114 -4.22 -48.16 -77.91
C THR TA 114 -4.24 -47.17 -76.75
N ASN TA 115 -3.37 -47.37 -75.77
CA ASN TA 115 -3.28 -46.48 -74.62
C ASN TA 115 -2.28 -45.37 -74.92
N ASN TA 116 -2.72 -44.12 -74.80
CA ASN TA 116 -1.86 -42.99 -75.12
C ASN TA 116 -0.76 -42.84 -74.07
N PHE TA 117 0.36 -42.24 -74.48
CA PHE TA 117 1.54 -42.15 -73.66
C PHE TA 117 2.24 -40.82 -73.91
N THR TA 118 2.82 -40.25 -72.86
CA THR TA 118 3.59 -39.01 -72.95
C THR TA 118 4.89 -39.19 -72.20
N GLY TA 119 6.00 -38.95 -72.87
CA GLY TA 119 7.30 -39.13 -72.24
C GLY TA 119 8.41 -38.86 -73.24
N TYR TA 120 9.64 -39.12 -72.79
CA TYR TA 120 10.82 -38.94 -73.63
C TYR TA 120 11.14 -40.22 -74.37
N LEU TA 121 11.33 -40.12 -75.68
CA LEU TA 121 11.61 -41.27 -76.53
C LEU TA 121 12.80 -40.96 -77.44
N THR TA 122 13.43 -42.02 -77.91
CA THR TA 122 14.59 -41.88 -78.79
C THR TA 122 14.20 -41.22 -80.10
N LEU TA 123 15.01 -40.26 -80.53
CA LEU TA 123 14.76 -39.51 -81.74
C LEU TA 123 15.88 -39.76 -82.74
N LYS TA 124 15.52 -39.75 -84.03
CA LYS TA 124 16.50 -39.93 -85.09
C LYS TA 124 17.57 -38.85 -85.03
N LYS TA 125 18.82 -39.27 -85.26
CA LYS TA 125 19.94 -38.33 -85.30
C LYS TA 125 20.02 -37.56 -86.62
N ASP TA 126 19.27 -37.98 -87.63
CA ASP TA 126 19.40 -37.38 -88.95
C ASP TA 126 18.91 -35.93 -88.96
N GLY TA 127 17.64 -35.71 -88.62
CA GLY TA 127 17.07 -34.37 -88.64
C GLY TA 127 16.70 -33.87 -87.26
N GLN TA 128 17.56 -34.12 -86.27
CA GLN TA 128 17.25 -33.76 -84.89
C GLN TA 128 17.08 -32.26 -84.71
N ASN TA 129 17.82 -31.45 -85.49
CA ASN TA 129 17.74 -30.00 -85.33
C ASN TA 129 16.44 -29.43 -85.88
N GLY TA 130 15.76 -30.16 -86.76
CA GLY TA 130 14.51 -29.70 -87.33
C GLY TA 130 13.28 -29.98 -86.51
N VAL TA 131 13.43 -30.60 -85.34
CA VAL TA 131 12.30 -30.96 -84.49
C VAL TA 131 11.96 -29.78 -83.59
N ASN TA 132 10.73 -29.32 -83.66
CA ASN TA 132 10.21 -28.23 -82.84
C ASN TA 132 8.83 -28.63 -82.35
N PRO TA 133 8.37 -28.01 -81.26
CA PRO TA 133 7.05 -28.38 -80.72
C PRO TA 133 5.95 -28.22 -81.76
N GLY TA 134 5.02 -29.18 -81.76
CA GLY TA 134 3.93 -29.21 -82.72
C GLY TA 134 4.21 -30.03 -83.96
N ASP TA 135 5.44 -30.50 -84.15
CA ASP TA 135 5.79 -31.28 -85.33
C ASP TA 135 5.27 -32.71 -85.22
N LYS TA 136 4.70 -33.20 -86.30
CA LYS TA 136 4.18 -34.56 -86.34
C LYS TA 136 5.31 -35.55 -86.53
N LEU TA 137 5.30 -36.64 -85.75
CA LEU TA 137 6.36 -37.62 -85.76
C LEU TA 137 5.77 -39.02 -85.91
N ASN TA 138 6.58 -39.90 -86.49
CA ASN TA 138 6.19 -41.30 -86.68
C ASN TA 138 7.38 -42.20 -86.40
N PHE TA 139 7.08 -43.45 -86.06
CA PHE TA 139 8.11 -44.42 -85.74
C PHE TA 139 8.64 -45.06 -87.02
N ASN TA 140 9.97 -45.11 -87.16
CA ASN TA 140 10.58 -45.74 -88.32
C ASN TA 140 10.79 -47.22 -88.04
N GLN TA 141 11.57 -47.88 -88.90
CA GLN TA 141 11.78 -49.32 -88.77
C GLN TA 141 12.63 -49.69 -87.57
N HIS TA 142 13.43 -48.77 -87.05
CA HIS TA 142 14.28 -49.02 -85.90
C HIS TA 142 13.65 -48.55 -84.59
N GLY TA 143 12.41 -48.12 -84.61
CA GLY TA 143 11.74 -47.64 -83.42
C GLY TA 143 11.98 -46.19 -83.07
N GLU TA 144 12.81 -45.49 -83.84
CA GLU TA 144 13.10 -44.10 -83.56
C GLU TA 144 12.04 -43.19 -84.19
N LEU TA 145 11.83 -42.03 -83.57
CA LEU TA 145 10.86 -41.06 -84.06
C LEU TA 145 11.48 -40.18 -85.12
N GLU TA 146 10.74 -39.95 -86.20
CA GLU TA 146 11.18 -39.12 -87.30
C GLU TA 146 10.07 -38.15 -87.69
N LYS TA 147 10.48 -36.96 -88.12
CA LYS TA 147 9.52 -35.93 -88.51
C LYS TA 147 8.83 -36.31 -89.82
N VAL TA 148 7.51 -36.20 -89.84
CA VAL TA 148 6.73 -36.53 -91.03
C VAL TA 148 6.88 -35.44 -92.07
N SER TA 154 1.52 -42.23 -91.94
CA SER TA 154 0.55 -42.06 -90.87
C SER TA 154 1.21 -41.45 -89.64
N VAL TA 155 0.55 -40.44 -89.06
CA VAL TA 155 1.07 -39.75 -87.89
C VAL TA 155 0.78 -40.57 -86.64
N ASN TA 156 1.78 -40.68 -85.76
CA ASN TA 156 1.61 -41.41 -84.51
C ASN TA 156 1.90 -40.59 -83.26
N ALA TA 157 2.61 -39.47 -83.36
CA ALA TA 157 2.88 -38.66 -82.18
C ALA TA 157 3.07 -37.21 -82.59
N ILE TA 158 3.07 -36.32 -81.60
CA ILE TA 158 3.31 -34.91 -81.79
C ILE TA 158 4.39 -34.47 -80.80
N ALA TA 159 5.44 -33.84 -81.31
CA ALA TA 159 6.53 -33.40 -80.45
C ALA TA 159 6.08 -32.29 -79.51
N LEU TA 160 6.50 -32.38 -78.25
CA LEU TA 160 6.17 -31.38 -77.24
C LEU TA 160 7.36 -30.49 -76.89
N SER TA 161 8.58 -30.90 -77.21
CA SER TA 161 9.77 -30.12 -76.92
C SER TA 161 10.72 -30.26 -78.11
N LYS TA 162 11.96 -29.85 -77.91
CA LYS TA 162 13.01 -29.96 -78.93
C LYS TA 162 13.96 -31.10 -78.57
N ALA TA 163 14.82 -31.43 -79.54
CA ALA TA 163 15.75 -32.54 -79.35
C ALA TA 163 16.74 -32.26 -78.24
N HIS TA 164 16.99 -33.27 -77.41
CA HIS TA 164 17.97 -33.20 -76.34
C HIS TA 164 19.04 -34.25 -76.61
N LYS TA 165 20.30 -33.79 -76.68
CA LYS TA 165 21.42 -34.66 -77.02
C LYS TA 165 21.98 -35.27 -75.73
N LEU TA 166 21.86 -36.59 -75.58
CA LEU TA 166 22.41 -37.27 -74.42
C LEU TA 166 23.83 -37.78 -74.70
N THR TA 167 23.96 -38.63 -75.71
CA THR TA 167 25.23 -39.10 -76.22
C THR TA 167 25.40 -38.54 -77.63
N GLU TA 168 26.61 -38.62 -78.17
CA GLU TA 168 26.88 -38.10 -79.51
C GLU TA 168 25.92 -38.69 -80.54
N ASP TA 169 25.54 -39.95 -80.36
CA ASP TA 169 24.62 -40.62 -81.27
C ASP TA 169 23.23 -40.85 -80.69
N LEU TA 170 22.94 -40.29 -79.51
CA LEU TA 170 21.68 -40.51 -78.82
C LEU TA 170 20.97 -39.18 -78.62
N PHE TA 171 19.76 -39.07 -79.18
CA PHE TA 171 18.92 -37.88 -79.02
C PHE TA 171 17.54 -38.33 -78.56
N ILE TA 172 16.97 -37.57 -77.62
CA ILE TA 172 15.64 -37.84 -77.09
C ILE TA 172 14.75 -36.64 -77.34
N VAL TA 173 13.44 -36.86 -77.22
CA VAL TA 173 12.46 -35.81 -77.44
C VAL TA 173 11.21 -36.16 -76.65
N LEU TA 174 10.57 -35.13 -76.09
CA LEU TA 174 9.30 -35.31 -75.40
C LEU TA 174 8.17 -35.36 -76.41
N ALA TA 175 7.47 -36.49 -76.47
CA ALA TA 175 6.43 -36.70 -77.47
C ALA TA 175 5.18 -37.26 -76.81
N SER TA 176 4.04 -36.95 -77.40
CA SER TA 176 2.74 -37.45 -76.95
C SER TA 176 2.19 -38.38 -78.03
N VAL TA 177 2.11 -39.67 -77.73
CA VAL TA 177 1.58 -40.65 -78.67
C VAL TA 177 0.07 -40.72 -78.50
N PHE TA 178 -0.66 -40.57 -79.61
CA PHE TA 178 -2.12 -40.54 -79.57
C PHE TA 178 -2.75 -41.66 -80.41
N GLY TA 179 -1.96 -42.67 -80.78
CA GLY TA 179 -2.49 -43.77 -81.56
C GLY TA 179 -2.15 -43.72 -83.03
N ASN TA 180 -2.98 -44.33 -83.87
CA ASN TA 180 -2.77 -44.38 -85.31
C ASN TA 180 -3.83 -43.54 -86.01
N ARG TA 181 -3.38 -42.56 -86.78
CA ARG TA 181 -4.28 -41.72 -87.57
C ARG TA 181 -3.56 -41.29 -88.84
N ALA TA 182 -4.27 -41.35 -89.96
CA ALA TA 182 -3.71 -40.94 -91.25
C ALA TA 182 -3.46 -39.45 -91.30
N ILE UA 7 -27.45 2.75 -69.07
CA ILE UA 7 -26.22 1.95 -69.05
C ILE UA 7 -26.50 0.63 -68.35
N LYS UA 8 -27.39 0.67 -67.36
CA LYS UA 8 -27.74 -0.55 -66.63
C LYS UA 8 -28.42 -1.57 -67.53
N GLN UA 9 -29.26 -1.11 -68.47
CA GLN UA 9 -29.91 -2.02 -69.39
C GLN UA 9 -28.90 -2.74 -70.29
N GLU UA 10 -27.92 -1.99 -70.80
CA GLU UA 10 -26.86 -2.59 -71.61
C GLU UA 10 -26.04 -3.56 -70.77
N PHE UA 11 -25.78 -3.19 -69.51
CA PHE UA 11 -25.09 -4.08 -68.58
C PHE UA 11 -25.83 -5.41 -68.46
N ASP UA 12 -27.15 -5.34 -68.26
CA ASP UA 12 -27.94 -6.56 -68.11
C ASP UA 12 -27.95 -7.38 -69.40
N LYS UA 13 -28.03 -6.71 -70.56
CA LYS UA 13 -28.03 -7.43 -71.82
C LYS UA 13 -26.72 -8.19 -72.03
N LYS UA 14 -25.58 -7.53 -71.75
CA LYS UA 14 -24.30 -8.21 -71.90
C LYS UA 14 -24.14 -9.33 -70.87
N VAL UA 15 -24.66 -9.13 -69.66
CA VAL UA 15 -24.67 -10.21 -68.67
C VAL UA 15 -25.45 -11.40 -69.21
N ALA UA 16 -26.61 -11.15 -69.80
CA ALA UA 16 -27.41 -12.23 -70.36
C ALA UA 16 -26.67 -12.95 -71.47
N GLU UA 17 -25.97 -12.21 -72.34
CA GLU UA 17 -25.23 -12.85 -73.43
C GLU UA 17 -24.09 -13.72 -72.89
N ILE UA 18 -23.29 -13.19 -71.98
CA ILE UA 18 -22.14 -13.96 -71.50
C ILE UA 18 -22.63 -15.15 -70.68
N GLN UA 19 -23.74 -15.01 -69.96
CA GLN UA 19 -24.30 -16.15 -69.24
C GLN UA 19 -24.87 -17.19 -70.19
N ALA UA 20 -25.41 -16.75 -71.33
CA ALA UA 20 -25.85 -17.71 -72.35
C ALA UA 20 -24.68 -18.49 -72.92
N LEU UA 21 -23.53 -17.83 -73.10
CA LEU UA 21 -22.34 -18.55 -73.54
C LEU UA 21 -21.83 -19.51 -72.46
N MET UA 22 -21.88 -19.10 -71.20
CA MET UA 22 -21.37 -19.91 -70.10
C MET UA 22 -22.22 -21.16 -69.88
N LYS UA 23 -21.64 -22.13 -69.15
CA LYS UA 23 -22.31 -23.40 -68.95
C LYS UA 23 -23.29 -23.36 -67.77
N ASN UA 24 -22.86 -22.83 -66.63
CA ASN UA 24 -23.67 -22.83 -65.41
C ASN UA 24 -23.64 -21.43 -64.81
N PRO UA 25 -24.28 -20.47 -65.45
CA PRO UA 25 -24.28 -19.10 -64.92
C PRO UA 25 -25.05 -19.02 -63.61
N GLN UA 26 -24.60 -18.11 -62.74
CA GLN UA 26 -25.26 -17.86 -61.48
C GLN UA 26 -26.26 -16.73 -61.67
N GLN UA 27 -27.54 -17.08 -61.71
CA GLN UA 27 -28.61 -16.11 -61.94
C GLN UA 27 -29.73 -16.36 -60.93
N ASP UA 28 -29.98 -15.37 -60.09
CA ASP UA 28 -31.00 -15.51 -59.06
C ASP UA 28 -32.39 -15.32 -59.65
N SER UA 29 -33.39 -15.81 -58.93
CA SER UA 29 -34.78 -15.71 -59.34
C SER UA 29 -35.64 -15.39 -58.12
N GLY UA 30 -36.86 -14.94 -58.38
CA GLY UA 30 -37.78 -14.64 -57.31
C GLY UA 30 -38.79 -15.75 -57.08
N LEU UA 31 -38.80 -16.74 -57.97
CA LEU UA 31 -39.78 -17.82 -57.92
C LEU UA 31 -39.06 -19.16 -57.96
N LEU UA 32 -39.64 -20.14 -57.29
CA LEU UA 32 -39.16 -21.51 -57.36
C LEU UA 32 -39.76 -22.22 -58.57
N SER UA 33 -38.96 -23.05 -59.22
CA SER UA 33 -39.43 -23.85 -60.33
C SER UA 33 -39.95 -25.19 -59.82
N ASN UA 34 -40.90 -25.74 -60.57
CA ASN UA 34 -41.54 -27.01 -60.21
C ASN UA 34 -41.08 -28.09 -61.17
N SER UA 35 -40.54 -29.18 -60.62
CA SER UA 35 -40.15 -30.33 -61.42
C SER UA 35 -41.39 -31.19 -61.65
N ILE UA 36 -41.90 -31.18 -62.87
CA ILE UA 36 -43.14 -31.88 -63.19
C ILE UA 36 -42.89 -33.34 -63.54
N ASP UA 37 -41.81 -33.65 -64.23
CA ASP UA 37 -41.55 -35.00 -64.71
C ASP UA 37 -40.08 -35.34 -64.49
N PHE UA 38 -39.80 -36.64 -64.48
CA PHE UA 38 -38.44 -37.15 -64.33
C PHE UA 38 -37.82 -37.53 -65.68
N ARG UA 39 -38.46 -37.18 -66.78
CA ARG UA 39 -37.99 -37.52 -68.11
C ARG UA 39 -37.57 -36.27 -68.87
N ASP UA 40 -36.54 -36.43 -69.71
CA ASP UA 40 -35.99 -35.35 -70.52
C ASP UA 40 -35.46 -34.20 -69.67
N GLN UA 41 -35.00 -34.52 -68.46
CA GLN UA 41 -34.44 -33.51 -67.55
C GLN UA 41 -32.94 -33.32 -67.75
N ASN UA 42 -32.29 -34.14 -68.56
CA ASN UA 42 -30.85 -34.08 -68.75
C ASN UA 42 -30.44 -33.33 -70.01
N LEU UA 43 -31.41 -32.72 -70.71
CA LEU UA 43 -31.12 -31.99 -71.94
C LEU UA 43 -30.80 -30.52 -71.63
N ILE UA 44 -29.75 -30.33 -70.83
CA ILE UA 44 -29.34 -29.00 -70.42
C ILE UA 44 -27.84 -28.87 -70.61
N PHE UA 45 -27.39 -27.62 -70.78
CA PHE UA 45 -25.97 -27.35 -70.98
C PHE UA 45 -25.15 -27.62 -69.73
N SER UA 46 -25.76 -27.62 -68.55
CA SER UA 46 -25.04 -27.86 -67.31
C SER UA 46 -24.70 -29.33 -67.08
N ASN UA 47 -25.23 -30.23 -67.89
CA ASN UA 47 -25.00 -31.66 -67.72
C ASN UA 47 -23.60 -31.99 -68.22
N SER UA 48 -22.64 -32.06 -67.30
CA SER UA 48 -21.27 -32.35 -67.64
C SER UA 48 -20.99 -33.85 -67.54
N GLY UA 49 -19.91 -34.28 -68.19
CA GLY UA 49 -19.55 -35.68 -68.20
C GLY UA 49 -20.32 -36.47 -69.23
N GLY UA 50 -20.17 -37.79 -69.14
CA GLY UA 50 -20.81 -38.69 -70.08
C GLY UA 50 -22.00 -39.42 -69.48
N VAL UA 51 -22.93 -39.84 -70.34
CA VAL UA 51 -24.11 -40.55 -69.85
C VAL UA 51 -23.72 -41.92 -69.30
N CYS UA 52 -22.76 -42.58 -69.93
CA CYS UA 52 -22.21 -43.84 -69.44
C CYS UA 52 -20.72 -43.65 -69.21
N THR UA 53 -20.28 -43.89 -67.99
CA THR UA 53 -18.89 -43.63 -67.59
C THR UA 53 -18.33 -44.85 -66.89
N SER UA 54 -17.08 -45.20 -67.20
CA SER UA 54 -16.39 -46.30 -66.59
C SER UA 54 -15.32 -45.79 -65.61
N SER UA 55 -15.10 -46.56 -64.55
CA SER UA 55 -14.09 -46.20 -63.56
C SER UA 55 -12.67 -46.30 -64.11
N LYS UA 56 -12.50 -46.94 -65.26
CA LYS UA 56 -11.18 -47.09 -65.88
C LYS UA 56 -10.93 -46.06 -66.98
N ASP UA 57 -11.79 -45.06 -67.09
CA ASP UA 57 -11.57 -44.00 -68.07
C ASP UA 57 -10.35 -43.17 -67.71
N LYS UA 58 -9.65 -42.70 -68.73
CA LYS UA 58 -8.48 -41.85 -68.55
C LYS UA 58 -8.87 -40.40 -68.77
N ILE UA 59 -8.55 -39.55 -67.79
CA ILE UA 59 -8.99 -38.17 -67.76
C ILE UA 59 -7.78 -37.27 -67.54
N GLU UA 60 -7.65 -36.23 -68.35
CA GLU UA 60 -6.58 -35.26 -68.19
C GLU UA 60 -7.17 -33.87 -68.02
N ASN UA 61 -6.34 -32.92 -67.63
CA ASN UA 61 -6.76 -31.52 -67.56
C ASN UA 61 -5.68 -30.64 -68.17
N TYR UA 62 -6.12 -29.56 -68.80
CA TYR UA 62 -5.23 -28.66 -69.52
C TYR UA 62 -5.67 -27.22 -69.29
N PRO UA 63 -4.75 -26.27 -69.44
CA PRO UA 63 -5.15 -24.87 -69.50
C PRO UA 63 -6.09 -24.64 -70.68
N ALA UA 64 -7.10 -23.81 -70.47
CA ALA UA 64 -8.14 -23.58 -71.46
C ALA UA 64 -7.90 -22.27 -72.20
N LYS UA 65 -7.92 -22.35 -73.53
CA LYS UA 65 -7.87 -21.18 -74.39
C LYS UA 65 -9.23 -21.02 -75.04
N GLY UA 66 -9.88 -19.88 -74.79
CA GLY UA 66 -11.23 -19.69 -75.29
C GLY UA 66 -12.25 -20.42 -74.41
N TYR UA 67 -13.21 -21.09 -75.04
CA TYR UA 67 -14.23 -21.83 -74.31
C TYR UA 67 -14.51 -23.14 -75.04
N PRO UA 68 -13.76 -24.19 -74.72
CA PRO UA 68 -13.90 -25.48 -75.44
C PRO UA 68 -14.88 -26.46 -74.84
N TYR UA 69 -15.75 -26.03 -73.92
CA TYR UA 69 -16.65 -26.95 -73.23
C TYR UA 69 -17.55 -27.68 -74.22
N LYS UA 70 -17.67 -29.00 -74.04
CA LYS UA 70 -18.49 -29.87 -74.88
C LYS UA 70 -18.12 -29.74 -76.36
N ARG UA 71 -16.82 -29.77 -76.63
CA ARG UA 71 -16.30 -29.62 -77.98
C ARG UA 71 -15.06 -30.48 -78.14
N GLY UA 72 -14.69 -30.74 -79.40
CA GLY UA 72 -13.45 -31.42 -79.68
C GLY UA 72 -12.28 -30.46 -79.54
N VAL UA 73 -11.23 -30.92 -78.87
CA VAL UA 73 -10.11 -30.06 -78.52
C VAL UA 73 -8.86 -30.49 -79.27
N LYS UA 74 -7.99 -29.52 -79.50
CA LYS UA 74 -6.69 -29.72 -80.13
C LYS UA 74 -5.63 -29.00 -79.31
N LEU UA 75 -4.42 -29.53 -79.37
CA LEU UA 75 -3.29 -28.93 -78.68
C LEU UA 75 -2.81 -27.70 -79.44
N SER UA 76 -2.53 -26.63 -78.71
CA SER UA 76 -2.00 -25.40 -79.27
C SER UA 76 -0.79 -24.95 -78.47
N PHE UA 77 0.23 -24.48 -79.18
CA PHE UA 77 1.50 -24.09 -78.61
C PHE UA 77 1.76 -22.62 -78.92
N GLY UA 78 2.28 -21.89 -77.94
CA GLY UA 78 2.63 -20.49 -78.10
C GLY UA 78 4.07 -20.31 -78.52
N ASP UA 79 4.63 -19.16 -78.14
CA ASP UA 79 6.03 -18.89 -78.41
C ASP UA 79 6.96 -19.79 -77.60
N GLY UA 80 6.47 -20.34 -76.49
CA GLY UA 80 7.26 -21.18 -75.62
C GLY UA 80 7.40 -20.67 -74.20
N THR UA 81 7.00 -19.44 -73.92
CA THR UA 81 7.07 -18.92 -72.56
C THR UA 81 6.13 -19.69 -71.63
N THR UA 82 4.92 -19.97 -72.10
CA THR UA 82 3.94 -20.72 -71.32
C THR UA 82 3.77 -22.12 -71.92
N GLU UA 83 3.17 -23.00 -71.12
CA GLU UA 83 2.98 -24.38 -71.53
C GLU UA 83 1.87 -24.47 -72.59
N LEU UA 84 1.80 -25.64 -73.22
CA LEU UA 84 0.78 -25.89 -74.24
C LEU UA 84 -0.61 -25.89 -73.61
N GLU UA 85 -1.60 -25.56 -74.43
CA GLU UA 85 -2.98 -25.52 -73.97
C GLU UA 85 -3.88 -26.20 -74.99
N VAL UA 86 -5.19 -26.19 -74.74
CA VAL UA 86 -6.15 -26.84 -75.61
C VAL UA 86 -7.16 -25.81 -76.08
N GLU UA 87 -7.59 -25.95 -77.33
CA GLU UA 87 -8.60 -25.06 -77.89
C GLU UA 87 -9.48 -25.84 -78.84
N ALA UA 88 -10.66 -25.28 -79.11
CA ALA UA 88 -11.63 -25.95 -79.98
C ALA UA 88 -11.04 -26.19 -81.36
N GLY UA 89 -11.20 -27.40 -81.87
CA GLY UA 89 -10.68 -27.76 -83.17
C GLY UA 89 -11.08 -29.17 -83.53
N GLY UA 90 -10.72 -29.55 -84.75
CA GLY UA 90 -11.06 -30.87 -85.26
C GLY UA 90 -10.23 -31.22 -86.47
N GLY UA 91 -10.77 -32.10 -87.30
CA GLY UA 91 -10.03 -32.56 -88.47
C GLY UA 91 -8.88 -33.47 -88.06
N ASP UA 92 -7.70 -33.20 -88.62
CA ASP UA 92 -6.52 -34.00 -88.31
C ASP UA 92 -5.83 -33.56 -87.04
N ASP UA 93 -6.27 -32.46 -86.42
CA ASP UA 93 -5.67 -31.94 -85.20
C ASP UA 93 -6.39 -32.42 -83.95
N LEU UA 94 -7.42 -33.24 -84.08
CA LEU UA 94 -8.22 -33.65 -82.93
C LEU UA 94 -7.38 -34.44 -81.94
N TYR UA 95 -7.34 -33.96 -80.70
CA TYR UA 95 -6.62 -34.65 -79.64
C TYR UA 95 -7.54 -35.35 -78.65
N GLY UA 96 -8.73 -34.79 -78.41
CA GLY UA 96 -9.65 -35.40 -77.47
C GLY UA 96 -10.96 -34.64 -77.44
N VAL UA 97 -11.76 -34.96 -76.42
CA VAL UA 97 -13.07 -34.36 -76.22
C VAL UA 97 -13.08 -33.67 -74.86
N CYS UA 98 -13.44 -32.40 -74.84
CA CYS UA 98 -13.55 -31.65 -73.58
C CYS UA 98 -14.92 -31.93 -72.99
N SER UA 99 -14.95 -32.57 -71.82
CA SER UA 99 -16.19 -32.97 -71.18
C SER UA 99 -16.54 -32.11 -69.98
N ASP UA 100 -15.67 -31.21 -69.57
CA ASP UA 100 -15.93 -30.37 -68.40
C ASP UA 100 -14.99 -29.18 -68.42
N ILE UA 101 -15.41 -28.11 -67.74
CA ILE UA 101 -14.58 -26.92 -67.57
C ILE UA 101 -14.75 -26.43 -66.14
N ASP UA 102 -13.62 -26.08 -65.51
CA ASP UA 102 -13.62 -25.40 -64.21
C ASP UA 102 -13.22 -23.96 -64.48
N GLU UA 103 -14.16 -23.04 -64.23
CA GLU UA 103 -13.96 -21.65 -64.59
C GLU UA 103 -13.03 -20.91 -63.64
N PHE UA 104 -13.05 -21.26 -62.35
CA PHE UA 104 -12.19 -20.56 -61.39
C PHE UA 104 -10.72 -20.74 -61.75
N SER UA 105 -10.31 -21.97 -62.03
CA SER UA 105 -8.94 -22.25 -62.42
C SER UA 105 -8.73 -22.23 -63.92
N GLY UA 106 -9.80 -22.11 -64.71
CA GLY UA 106 -9.68 -22.13 -66.15
C GLY UA 106 -9.12 -23.42 -66.69
N MET UA 107 -9.55 -24.55 -66.14
CA MET UA 107 -9.00 -25.85 -66.47
C MET UA 107 -10.02 -26.69 -67.20
N ALA UA 108 -9.63 -27.22 -68.36
CA ALA UA 108 -10.49 -28.04 -69.19
C ALA UA 108 -10.20 -29.52 -68.95
N THR UA 109 -11.25 -30.29 -68.70
CA THR UA 109 -11.16 -31.74 -68.54
C THR UA 109 -11.32 -32.40 -69.91
N VAL UA 110 -10.33 -33.21 -70.29
CA VAL UA 110 -10.23 -33.78 -71.62
C VAL UA 110 -10.17 -35.30 -71.50
N ILE UA 111 -10.98 -35.97 -72.30
CA ILE UA 111 -10.88 -37.41 -72.51
C ILE UA 111 -10.13 -37.63 -73.81
N PRO UA 112 -9.00 -38.34 -73.82
CA PRO UA 112 -8.23 -38.51 -75.05
C PRO UA 112 -8.99 -39.30 -76.09
N ILE UA 113 -8.63 -39.07 -77.35
CA ILE UA 113 -9.30 -39.75 -78.46
C ILE UA 113 -9.11 -41.25 -78.39
N THR UA 114 -8.02 -41.70 -77.76
CA THR UA 114 -7.76 -43.12 -77.60
C THR UA 114 -8.76 -43.82 -76.68
N ASN UA 115 -9.57 -43.06 -75.96
CA ASN UA 115 -10.58 -43.60 -75.05
C ASN UA 115 -11.97 -43.27 -75.60
N ASN UA 116 -12.85 -44.25 -75.60
CA ASN UA 116 -14.19 -44.07 -76.14
C ASN UA 116 -15.06 -43.25 -75.19
N PHE UA 117 -15.93 -42.43 -75.77
CA PHE UA 117 -16.77 -41.52 -75.01
C PHE UA 117 -18.20 -41.58 -75.53
N THR UA 118 -19.16 -41.41 -74.61
CA THR UA 118 -20.58 -41.38 -74.95
C THR UA 118 -21.24 -40.28 -74.15
N GLY UA 119 -21.72 -39.25 -74.83
CA GLY UA 119 -22.33 -38.13 -74.14
C GLY UA 119 -22.88 -37.12 -75.12
N TYR UA 120 -23.22 -35.95 -74.60
CA TYR UA 120 -23.81 -34.87 -75.38
C TYR UA 120 -22.73 -33.87 -75.77
N LEU UA 121 -22.68 -33.54 -77.06
CA LEU UA 121 -21.67 -32.63 -77.59
C LEU UA 121 -22.35 -31.59 -78.48
N THR UA 122 -21.66 -30.47 -78.66
CA THR UA 122 -22.17 -29.39 -79.50
C THR UA 122 -22.29 -29.83 -80.95
N LEU UA 123 -23.41 -29.49 -81.58
CA LEU UA 123 -23.68 -29.85 -82.96
C LEU UA 123 -23.74 -28.59 -83.82
N LYS UA 124 -23.22 -28.69 -85.03
CA LYS UA 124 -23.22 -27.55 -85.94
C LYS UA 124 -24.64 -27.19 -86.36
N LYS UA 125 -24.91 -25.90 -86.48
CA LYS UA 125 -26.22 -25.41 -86.90
C LYS UA 125 -26.48 -25.72 -88.37
N VAL UA 131 -29.74 -34.80 -89.30
CA VAL UA 131 -29.11 -35.51 -88.20
C VAL UA 131 -30.10 -36.48 -87.57
N ASN UA 132 -29.85 -37.76 -87.71
CA ASN UA 132 -30.68 -38.84 -87.20
C ASN UA 132 -29.79 -39.86 -86.51
N PRO UA 133 -30.36 -40.69 -85.64
CA PRO UA 133 -29.56 -41.76 -85.02
C PRO UA 133 -28.95 -42.67 -86.07
N GLY UA 134 -27.70 -43.06 -85.84
CA GLY UA 134 -26.96 -43.88 -86.77
C GLY UA 134 -26.16 -43.12 -87.79
N ASP UA 135 -26.32 -41.80 -87.88
CA ASP UA 135 -25.57 -41.00 -88.83
C ASP UA 135 -24.10 -40.91 -88.40
N LYS UA 136 -23.22 -40.78 -89.40
CA LYS UA 136 -21.79 -40.66 -89.15
C LYS UA 136 -21.42 -39.18 -89.11
N LEU UA 137 -20.66 -38.81 -88.08
CA LEU UA 137 -20.37 -37.41 -87.79
C LEU UA 137 -18.86 -37.15 -87.87
N ASN UA 138 -18.52 -35.89 -88.10
CA ASN UA 138 -17.15 -35.43 -88.19
C ASN UA 138 -17.00 -34.13 -87.42
N PHE UA 139 -15.83 -33.95 -86.82
CA PHE UA 139 -15.51 -32.74 -86.09
C PHE UA 139 -14.99 -31.68 -87.05
N ASN UA 140 -15.59 -30.49 -87.02
CA ASN UA 140 -15.15 -29.42 -87.89
C ASN UA 140 -14.00 -28.65 -87.23
N GLN UA 141 -13.56 -27.57 -87.90
CA GLN UA 141 -12.45 -26.79 -87.40
C GLN UA 141 -12.78 -26.02 -86.13
N HIS UA 142 -14.07 -25.88 -85.81
CA HIS UA 142 -14.50 -25.21 -84.58
C HIS UA 142 -14.86 -26.19 -83.49
N GLY UA 143 -14.59 -27.48 -83.67
CA GLY UA 143 -14.88 -28.48 -82.66
C GLY UA 143 -16.31 -28.96 -82.63
N GLU UA 144 -17.16 -28.49 -83.52
CA GLU UA 144 -18.57 -28.89 -83.54
C GLU UA 144 -18.76 -30.10 -84.44
N LEU UA 145 -19.76 -30.91 -84.10
CA LEU UA 145 -20.10 -32.08 -84.89
C LEU UA 145 -20.91 -31.68 -86.11
N GLU UA 146 -20.64 -32.34 -87.23
CA GLU UA 146 -21.37 -32.09 -88.47
C GLU UA 146 -21.54 -33.40 -89.22
N LYS UA 147 -22.56 -33.44 -90.08
CA LYS UA 147 -22.81 -34.65 -90.85
C LYS UA 147 -21.73 -34.84 -91.91
N VAL UA 148 -21.36 -36.10 -92.13
CA VAL UA 148 -20.32 -36.45 -93.10
C VAL UA 148 -20.79 -36.12 -94.51
N LYS UA 153 -13.21 -37.97 -92.85
CA LYS UA 153 -13.80 -38.76 -91.77
C LYS UA 153 -12.77 -39.70 -91.14
N SER UA 154 -11.88 -39.14 -90.34
CA SER UA 154 -10.83 -39.90 -89.68
C SER UA 154 -11.16 -40.25 -88.25
N VAL UA 155 -12.39 -39.99 -87.81
CA VAL UA 155 -12.81 -40.23 -86.43
C VAL UA 155 -14.14 -40.97 -86.45
N ASN UA 156 -14.24 -42.03 -85.64
CA ASN UA 156 -15.48 -42.78 -85.51
C ASN UA 156 -16.44 -42.02 -84.61
N ALA UA 157 -17.38 -41.30 -85.23
CA ALA UA 157 -18.41 -40.56 -84.50
C ALA UA 157 -19.77 -40.94 -85.05
N ILE UA 158 -20.67 -41.38 -84.17
CA ILE UA 158 -21.99 -41.83 -84.56
C ILE UA 158 -23.02 -41.12 -83.69
N ALA UA 159 -24.05 -40.55 -84.33
CA ALA UA 159 -25.12 -39.89 -83.59
C ALA UA 159 -26.09 -40.93 -83.03
N LEU UA 160 -26.47 -40.77 -81.77
CA LEU UA 160 -27.39 -41.68 -81.11
C LEU UA 160 -28.78 -41.07 -80.92
N SER UA 161 -28.99 -39.83 -81.31
CA SER UA 161 -30.29 -39.18 -81.18
C SER UA 161 -30.31 -37.96 -82.09
N LYS UA 162 -31.51 -37.40 -82.26
CA LYS UA 162 -31.67 -36.20 -83.07
C LYS UA 162 -31.21 -34.98 -82.27
N ALA UA 163 -31.02 -33.87 -82.99
CA ALA UA 163 -30.51 -32.65 -82.38
C ALA UA 163 -31.53 -32.07 -81.41
N HIS UA 164 -31.02 -31.56 -80.29
CA HIS UA 164 -31.83 -30.85 -79.31
C HIS UA 164 -31.35 -29.42 -79.22
N LYS UA 165 -32.28 -28.47 -79.36
CA LYS UA 165 -31.94 -27.05 -79.40
C LYS UA 165 -32.00 -26.45 -78.00
N LEU UA 166 -30.91 -25.81 -77.58
CA LEU UA 166 -30.87 -25.08 -76.33
C LEU UA 166 -30.92 -23.56 -76.52
N THR UA 167 -30.45 -23.08 -77.66
CA THR UA 167 -30.46 -21.66 -77.99
C THR UA 167 -30.52 -21.57 -79.51
N GLU UA 168 -30.78 -20.36 -80.03
CA GLU UA 168 -30.86 -20.16 -81.47
C GLU UA 168 -29.60 -20.63 -82.17
N ASP UA 169 -28.44 -20.54 -81.51
CA ASP UA 169 -27.18 -20.98 -82.07
C ASP UA 169 -26.60 -22.21 -81.38
N LEU UA 170 -27.27 -22.75 -80.36
CA LEU UA 170 -26.73 -23.84 -79.56
C LEU UA 170 -27.58 -25.10 -79.76
N PHE UA 171 -26.95 -26.15 -80.28
CA PHE UA 171 -27.57 -27.45 -80.45
C PHE UA 171 -26.68 -28.53 -79.87
N ILE UA 172 -27.29 -29.51 -79.19
CA ILE UA 172 -26.56 -30.64 -78.63
C ILE UA 172 -27.09 -31.91 -79.26
N VAL UA 173 -26.30 -32.97 -79.14
CA VAL UA 173 -26.67 -34.28 -79.70
C VAL UA 173 -25.92 -35.36 -78.93
N LEU UA 174 -26.60 -36.46 -78.66
CA LEU UA 174 -25.97 -37.61 -78.03
C LEU UA 174 -25.12 -38.32 -79.07
N ALA UA 175 -23.82 -38.43 -78.80
CA ALA UA 175 -22.88 -39.01 -79.75
C ALA UA 175 -22.00 -40.04 -79.05
N SER UA 176 -21.52 -41.00 -79.83
CA SER UA 176 -20.61 -42.03 -79.35
C SER UA 176 -19.34 -41.97 -80.20
N VAL UA 177 -18.23 -41.62 -79.56
CA VAL UA 177 -16.93 -41.54 -80.22
C VAL UA 177 -16.10 -42.71 -79.73
N PHE UA 178 -15.61 -43.52 -80.67
CA PHE UA 178 -14.84 -44.72 -80.32
C PHE UA 178 -13.57 -44.81 -81.18
N GLY UA 179 -12.84 -43.70 -81.27
CA GLY UA 179 -11.51 -43.71 -81.84
C GLY UA 179 -11.47 -43.27 -83.28
N ASN UA 180 -10.27 -43.36 -83.84
CA ASN UA 180 -10.02 -42.97 -85.22
C ASN UA 180 -10.55 -44.05 -86.17
N ARG UA 181 -10.76 -43.65 -87.42
CA ARG UA 181 -11.29 -44.56 -88.44
C ARG UA 181 -10.16 -45.12 -89.29
N MET VA 22 -24.42 -73.82 -76.96
CA MET VA 22 -24.32 -72.38 -76.71
C MET VA 22 -22.93 -72.00 -76.22
N LYS VA 23 -22.87 -71.12 -75.23
CA LYS VA 23 -21.58 -70.73 -74.66
C LYS VA 23 -20.88 -71.91 -74.03
N ASN VA 24 -21.62 -72.75 -73.30
CA ASN VA 24 -21.07 -73.93 -72.62
C ASN VA 24 -21.71 -75.17 -73.22
N PRO VA 25 -21.08 -75.77 -74.24
CA PRO VA 25 -21.61 -77.02 -74.81
C PRO VA 25 -21.14 -78.27 -74.10
N GLN VA 26 -20.35 -78.13 -73.04
CA GLN VA 26 -19.87 -79.28 -72.27
C GLN VA 26 -20.90 -79.82 -71.29
N HIS VA 27 -22.04 -79.14 -71.14
CA HIS VA 27 -23.11 -79.66 -70.31
C HIS VA 27 -23.76 -80.87 -70.96
N ASP VA 28 -24.43 -81.67 -70.13
CA ASP VA 28 -24.96 -82.97 -70.55
C ASP VA 28 -23.86 -83.84 -71.15
N ALA VA 29 -22.71 -83.85 -70.49
CA ALA VA 29 -21.58 -84.64 -70.96
C ALA VA 29 -21.85 -86.13 -70.76
N SER VA 30 -21.19 -86.94 -71.59
CA SER VA 30 -21.43 -88.39 -71.55
C SER VA 30 -20.74 -89.04 -70.37
N LEU VA 31 -19.54 -88.61 -70.01
CA LEU VA 31 -18.79 -89.27 -68.94
C LEU VA 31 -17.96 -88.25 -68.18
N LEU VA 32 -17.45 -88.67 -67.03
CA LEU VA 32 -16.55 -87.85 -66.23
C LEU VA 32 -15.23 -87.62 -66.98
N SER VA 33 -14.64 -86.46 -66.77
CA SER VA 33 -13.41 -86.07 -67.45
C SER VA 33 -12.22 -86.19 -66.51
N ASN VA 34 -11.11 -86.68 -67.06
CA ASN VA 34 -9.89 -86.84 -66.29
C ASN VA 34 -9.21 -85.49 -66.10
N SER VA 35 -8.70 -85.24 -64.89
CA SER VA 35 -8.12 -83.95 -64.53
C SER VA 35 -6.64 -84.03 -64.20
N ASN VA 36 -6.01 -85.20 -64.35
CA ASN VA 36 -4.61 -85.34 -63.99
C ASN VA 36 -3.72 -84.48 -64.88
N GLU VA 37 -3.99 -84.45 -66.17
CA GLU VA 37 -3.18 -83.67 -67.10
C GLU VA 37 -3.47 -82.18 -66.93
N PHE VA 38 -2.43 -81.36 -67.13
CA PHE VA 38 -2.56 -79.90 -67.04
C PHE VA 38 -2.19 -79.19 -68.33
N ARG VA 39 -1.93 -79.92 -69.40
CA ARG VA 39 -1.52 -79.33 -70.67
C ARG VA 39 -2.58 -79.58 -71.73
N ASP VA 40 -2.72 -78.60 -72.64
CA ASP VA 40 -3.76 -78.62 -73.68
C ASP VA 40 -5.13 -78.82 -73.03
N LYS VA 41 -5.43 -77.99 -72.03
CA LYS VA 41 -6.64 -78.12 -71.24
C LYS VA 41 -7.48 -76.85 -71.25
N ASN VA 42 -7.11 -75.86 -72.05
CA ASN VA 42 -7.74 -74.55 -72.03
C ASN VA 42 -8.38 -74.14 -73.34
N VAL VA 43 -8.12 -74.84 -74.44
CA VAL VA 43 -8.61 -74.43 -75.75
C VAL VA 43 -9.98 -75.07 -75.94
N GLU VA 44 -11.02 -74.33 -75.56
CA GLU VA 44 -12.38 -74.80 -75.77
C GLU VA 44 -13.29 -73.59 -75.89
N PHE VA 45 -14.53 -73.84 -76.30
CA PHE VA 45 -15.47 -72.75 -76.59
C PHE VA 45 -15.86 -71.97 -75.35
N PHE VA 46 -15.97 -72.64 -74.19
CA PHE VA 46 -16.46 -71.98 -72.99
C PHE VA 46 -15.49 -70.97 -72.39
N ALA VA 47 -14.24 -70.91 -72.88
CA ALA VA 47 -13.22 -70.09 -72.26
C ALA VA 47 -13.51 -68.63 -72.57
N SER VA 48 -14.40 -68.04 -71.76
CA SER VA 48 -14.81 -66.65 -71.93
C SER VA 48 -13.83 -65.72 -71.23
N GLY VA 49 -13.50 -64.61 -71.90
CA GLY VA 49 -12.58 -63.63 -71.37
C GLY VA 49 -11.34 -63.53 -72.25
N GLY VA 50 -10.18 -63.37 -71.60
CA GLY VA 50 -8.93 -63.31 -72.31
C GLY VA 50 -7.89 -64.18 -71.63
N THR VA 51 -6.87 -64.55 -72.42
CA THR VA 51 -5.75 -65.30 -71.85
C THR VA 51 -4.98 -64.46 -70.84
N ARG VA 52 -4.76 -63.18 -71.16
CA ARG VA 52 -4.17 -62.23 -70.24
C ARG VA 52 -5.08 -61.03 -70.13
N THR VA 53 -5.46 -60.67 -68.91
CA THR VA 53 -6.43 -59.61 -68.67
C THR VA 53 -5.86 -58.61 -67.69
N SER VA 54 -6.02 -57.33 -68.00
CA SER VA 54 -5.62 -56.25 -67.11
C SER VA 54 -6.83 -55.76 -66.30
N LYS VA 55 -6.55 -55.30 -65.09
CA LYS VA 55 -7.61 -54.78 -64.23
C LYS VA 55 -8.23 -53.53 -64.84
N PHE VA 56 -7.47 -52.77 -65.63
CA PHE VA 56 -7.92 -51.52 -66.21
C PHE VA 56 -8.53 -51.69 -67.59
N ASP VA 57 -9.11 -52.85 -67.88
CA ASP VA 57 -9.80 -53.08 -69.14
C ASP VA 57 -11.23 -52.61 -69.05
N LYS VA 58 -11.63 -51.74 -69.97
CA LYS VA 58 -13.00 -51.24 -70.01
C LYS VA 58 -13.92 -52.31 -70.59
N LEU VA 59 -14.95 -52.68 -69.83
CA LEU VA 59 -15.89 -53.71 -70.24
C LEU VA 59 -17.29 -53.11 -70.22
N GLU VA 60 -17.99 -53.17 -71.36
CA GLU VA 60 -19.36 -52.69 -71.45
C GLU VA 60 -20.30 -53.87 -71.60
N ASN VA 61 -21.58 -53.64 -71.36
CA ASN VA 61 -22.61 -54.65 -71.55
C ASN VA 61 -23.71 -54.10 -72.45
N HIS VA 62 -24.14 -54.89 -73.42
CA HIS VA 62 -25.14 -54.44 -74.38
C HIS VA 62 -26.16 -55.54 -74.64
N PRO VA 63 -27.39 -55.19 -74.95
CA PRO VA 63 -28.33 -56.19 -75.48
C PRO VA 63 -27.86 -56.66 -76.86
N PHE VA 64 -28.10 -57.94 -77.14
CA PHE VA 64 -27.66 -58.53 -78.40
C PHE VA 64 -28.81 -59.31 -79.03
N LEU VA 65 -28.77 -59.39 -80.36
CA LEU VA 65 -29.67 -60.24 -81.14
C LEU VA 65 -28.82 -61.22 -81.93
N GLY VA 66 -29.07 -62.52 -81.74
CA GLY VA 66 -28.28 -63.54 -82.39
C GLY VA 66 -27.33 -64.24 -81.43
N TYR VA 67 -26.21 -64.72 -81.93
CA TYR VA 67 -25.19 -65.39 -81.11
C TYR VA 67 -23.83 -64.78 -81.45
N PRO VA 68 -23.54 -63.58 -80.94
CA PRO VA 68 -22.29 -62.91 -81.29
C PRO VA 68 -21.13 -63.27 -80.39
N TYR VA 69 -21.26 -64.36 -79.63
CA TYR VA 69 -20.22 -64.76 -78.69
C TYR VA 69 -18.90 -65.00 -79.40
N LYS VA 70 -17.82 -64.45 -78.84
CA LYS VA 70 -16.47 -64.59 -79.38
C LYS VA 70 -16.39 -64.15 -80.84
N ARG VA 71 -17.04 -63.03 -81.13
CA ARG VA 71 -17.06 -62.49 -82.48
C ARG VA 71 -16.98 -60.97 -82.42
N GLY VA 72 -16.54 -60.38 -83.53
CA GLY VA 72 -16.63 -58.94 -83.67
C GLY VA 72 -18.07 -58.50 -83.79
N VAL VA 73 -18.41 -57.43 -83.09
CA VAL VA 73 -19.78 -56.97 -82.99
C VAL VA 73 -19.84 -55.51 -83.42
N LYS VA 74 -21.00 -55.15 -83.97
CA LYS VA 74 -21.30 -53.81 -84.45
C LYS VA 74 -22.60 -53.33 -83.82
N ARG VA 75 -22.77 -52.02 -83.78
CA ARG VA 75 -23.94 -51.40 -83.18
C ARG VA 75 -25.05 -51.24 -84.22
N VAL VA 76 -26.23 -51.77 -83.91
CA VAL VA 76 -27.40 -51.67 -84.76
C VAL VA 76 -28.41 -50.77 -84.05
N ILE VA 77 -28.81 -49.69 -84.73
CA ILE VA 77 -29.77 -48.73 -84.21
C ILE VA 77 -31.00 -48.77 -85.10
N GLN VA 78 -32.17 -48.89 -84.47
CA GLN VA 78 -33.44 -48.87 -85.21
C GLN VA 78 -33.69 -47.48 -85.78
N HIS VA 86 -40.38 -48.55 -80.03
CA HIS VA 86 -38.98 -48.29 -80.32
C HIS VA 86 -38.12 -48.71 -79.14
N TYR VA 87 -36.93 -49.25 -79.43
CA TYR VA 87 -36.06 -49.79 -78.39
C TYR VA 87 -34.65 -49.21 -78.55
N GLU VA 88 -33.85 -49.43 -77.51
CA GLU VA 88 -32.48 -48.96 -77.50
C GLU VA 88 -31.65 -49.74 -78.51
N PRO VA 89 -30.54 -49.16 -78.99
CA PRO VA 89 -29.68 -49.88 -79.93
C PRO VA 89 -29.08 -51.12 -79.31
N HIS VA 90 -28.82 -52.12 -80.16
CA HIS VA 90 -28.25 -53.39 -79.72
C HIS VA 90 -26.96 -53.66 -80.49
N VAL VA 91 -26.33 -54.79 -80.20
CA VAL VA 91 -25.09 -55.18 -80.87
C VAL VA 91 -25.30 -56.52 -81.54
N GLU VA 92 -24.79 -56.65 -82.76
CA GLU VA 92 -24.91 -57.89 -83.51
C GLU VA 92 -23.60 -58.21 -84.20
N ALA VA 93 -23.39 -59.48 -84.49
CA ALA VA 93 -22.13 -59.92 -85.11
C ALA VA 93 -21.92 -59.23 -86.46
N GLY VA 94 -20.76 -58.62 -86.62
CA GLY VA 94 -20.45 -57.92 -87.84
C GLY VA 94 -18.99 -57.53 -87.87
N GLY VA 95 -18.65 -56.68 -88.84
CA GLY VA 95 -17.28 -56.25 -89.00
C GLY VA 95 -17.08 -55.23 -90.10
N GLY VA 96 -15.91 -55.23 -90.72
CA GLY VA 96 -15.65 -54.27 -91.79
C GLY VA 96 -15.53 -52.86 -91.24
N GLU VA 97 -16.28 -51.95 -91.84
CA GLU VA 97 -16.29 -50.55 -91.44
C GLU VA 97 -17.32 -50.26 -90.35
N ASP VA 98 -18.01 -51.28 -89.86
CA ASP VA 98 -19.00 -51.11 -88.81
C ASP VA 98 -18.55 -51.69 -87.48
N LEU VA 99 -17.36 -52.29 -87.42
CA LEU VA 99 -16.91 -52.95 -86.20
C LEU VA 99 -16.86 -51.98 -85.03
N TYR VA 100 -17.53 -52.36 -83.94
CA TYR VA 100 -17.56 -51.55 -82.73
C TYR VA 100 -16.82 -52.19 -81.58
N GLY VA 101 -16.77 -53.51 -81.52
CA GLY VA 101 -16.07 -54.15 -80.41
C GLY VA 101 -15.98 -55.65 -80.62
N ILE VA 102 -15.56 -56.33 -79.56
CA ILE VA 102 -15.43 -57.79 -79.56
C ILE VA 102 -16.25 -58.33 -78.39
N CYS VA 103 -17.14 -59.29 -78.66
CA CYS VA 103 -17.91 -59.90 -77.59
C CYS VA 103 -17.09 -61.02 -76.97
N ILE VA 104 -16.89 -60.94 -75.65
CA ILE VA 104 -16.05 -61.91 -74.94
C ILE VA 104 -16.85 -62.77 -73.97
N ASP VA 105 -18.11 -62.43 -73.71
CA ASP VA 105 -18.93 -63.23 -72.81
C ASP VA 105 -20.39 -62.89 -73.07
N ILE VA 106 -21.26 -63.84 -72.71
CA ILE VA 106 -22.70 -63.67 -72.88
C ILE VA 106 -23.41 -64.26 -71.66
N ASP VA 107 -24.33 -63.49 -71.08
CA ASP VA 107 -25.29 -64.00 -70.11
C ASP VA 107 -26.59 -64.25 -70.87
N GLU VA 108 -26.99 -65.53 -70.93
CA GLU VA 108 -28.14 -65.92 -71.72
C GLU VA 108 -29.45 -65.50 -71.07
N PHE VA 109 -29.52 -65.60 -69.73
CA PHE VA 109 -30.77 -65.27 -69.04
C PHE VA 109 -31.16 -63.82 -69.28
N SER VA 110 -30.22 -62.89 -69.15
CA SER VA 110 -30.49 -61.49 -69.40
C SER VA 110 -30.28 -61.10 -70.86
N LYS VA 111 -29.79 -62.02 -71.69
CA LYS VA 111 -29.47 -61.73 -73.08
C LYS VA 111 -28.54 -60.52 -73.20
N THR VA 112 -27.49 -60.53 -72.39
CA THR VA 112 -26.56 -59.41 -72.32
C THR VA 112 -25.16 -59.85 -72.70
N ALA VA 113 -24.51 -59.10 -73.58
CA ALA VA 113 -23.19 -59.42 -74.08
C ALA VA 113 -22.16 -58.46 -73.51
N THR VA 114 -21.07 -59.02 -72.98
CA THR VA 114 -19.93 -58.24 -72.54
C THR VA 114 -19.06 -57.91 -73.75
N ILE VA 115 -18.66 -56.65 -73.86
CA ILE VA 115 -17.99 -56.12 -75.04
C ILE VA 115 -16.75 -55.36 -74.61
N VAL VA 116 -15.64 -55.62 -75.28
CA VAL VA 116 -14.42 -54.84 -75.15
C VAL VA 116 -14.39 -53.85 -76.31
N PRO VA 117 -14.39 -52.54 -76.06
CA PRO VA 117 -14.40 -51.58 -77.17
C PRO VA 117 -13.14 -51.70 -78.00
N ILE VA 118 -13.27 -51.36 -79.29
CA ILE VA 118 -12.15 -51.45 -80.22
C ILE VA 118 -11.00 -50.55 -79.82
N THR VA 119 -11.26 -49.53 -79.00
CA THR VA 119 -10.19 -48.67 -78.51
C THR VA 119 -9.34 -49.35 -77.45
N ASN VA 120 -9.75 -50.51 -76.96
CA ASN VA 120 -9.01 -51.26 -75.95
C ASN VA 120 -8.48 -52.54 -76.58
N ASN VA 121 -7.21 -52.84 -76.34
CA ASN VA 121 -6.58 -54.01 -76.92
C ASN VA 121 -7.03 -55.27 -76.21
N PHE VA 122 -7.06 -56.38 -76.96
CA PHE VA 122 -7.55 -57.66 -76.46
C PHE VA 122 -6.63 -58.77 -76.95
N GLU VA 123 -6.50 -59.82 -76.14
CA GLU VA 123 -5.73 -61.00 -76.53
C GLU VA 123 -6.48 -62.22 -76.04
N GLY VA 124 -6.97 -63.04 -76.97
CA GLY VA 124 -7.75 -64.20 -76.57
C GLY VA 124 -8.14 -65.03 -77.76
N TYR VA 125 -8.92 -66.08 -77.48
CA TYR VA 125 -9.35 -67.03 -78.49
C TYR VA 125 -10.65 -66.52 -79.14
N LEU VA 126 -10.59 -66.25 -80.43
CA LEU VA 126 -11.73 -65.76 -81.19
C LEU VA 126 -12.08 -66.77 -82.29
N VAL VA 127 -13.15 -66.48 -83.01
CA VAL VA 127 -13.70 -67.38 -84.02
C VAL VA 127 -13.09 -67.04 -85.37
N ALA VA 128 -12.62 -68.06 -86.08
CA ALA VA 128 -12.08 -67.92 -87.42
C ALA VA 128 -12.98 -68.62 -88.42
N LYS VA 129 -12.96 -68.13 -89.67
CA LYS VA 129 -13.85 -68.66 -90.70
C LYS VA 129 -13.54 -70.13 -91.00
N ASP VA 130 -12.27 -70.43 -91.29
CA ASP VA 130 -11.86 -71.80 -91.61
C ASP VA 130 -10.50 -72.05 -90.97
N SER VA 131 -9.86 -73.14 -91.36
CA SER VA 131 -8.57 -73.55 -90.80
C SER VA 131 -7.40 -73.18 -91.70
N THR VA 132 -7.50 -72.06 -92.42
CA THR VA 132 -6.44 -71.58 -93.29
C THR VA 132 -5.55 -70.54 -92.62
N VAL VA 133 -5.78 -70.25 -91.34
CA VAL VA 133 -5.06 -69.20 -90.63
C VAL VA 133 -3.86 -69.81 -89.91
N LYS VA 134 -2.69 -69.25 -90.15
CA LYS VA 134 -1.46 -69.67 -89.51
C LYS VA 134 -0.94 -68.58 -88.57
N VAL VA 135 0.13 -68.90 -87.85
CA VAL VA 135 0.75 -67.91 -86.98
C VAL VA 135 1.34 -66.79 -87.84
N LYS VA 136 1.40 -65.59 -87.25
CA LYS VA 136 2.02 -64.40 -87.83
C LYS VA 136 1.21 -63.80 -88.98
N ASP VA 137 -0.05 -64.22 -89.15
CA ASP VA 137 -0.88 -63.76 -90.26
C ASP VA 137 -1.76 -62.60 -89.81
N LYS VA 138 -1.79 -61.55 -90.61
CA LYS VA 138 -2.70 -60.44 -90.36
C LYS VA 138 -4.13 -60.89 -90.55
N LEU VA 139 -5.03 -60.37 -89.72
CA LEU VA 139 -6.41 -60.84 -89.68
C LEU VA 139 -7.38 -59.68 -89.81
N ILE VA 140 -8.58 -60.00 -90.30
CA ILE VA 140 -9.65 -59.04 -90.52
C ILE VA 140 -10.96 -59.67 -90.07
N PHE VA 141 -11.80 -58.88 -89.39
CA PHE VA 141 -13.14 -59.34 -89.06
C PHE VA 141 -14.03 -59.21 -90.28
N ASN VA 142 -14.65 -60.32 -90.69
CA ASN VA 142 -15.52 -60.34 -91.84
C ASN VA 142 -16.89 -59.79 -91.45
N LYS VA 143 -17.84 -59.85 -92.39
CA LYS VA 143 -19.18 -59.32 -92.15
C LYS VA 143 -20.03 -60.23 -91.27
N ASP VA 144 -19.55 -61.44 -90.97
CA ASP VA 144 -20.26 -62.36 -90.08
C ASP VA 144 -19.64 -62.41 -88.69
N GLY VA 145 -18.64 -61.57 -88.42
CA GLY VA 145 -17.98 -61.53 -87.13
C GLY VA 145 -16.82 -62.49 -86.97
N ALA VA 146 -16.56 -63.35 -87.94
CA ALA VA 146 -15.43 -64.27 -87.86
C ALA VA 146 -14.14 -63.59 -88.32
N LEU VA 147 -13.04 -64.29 -88.13
CA LEU VA 147 -11.73 -63.77 -88.50
C LEU VA 147 -11.22 -64.47 -89.75
N GLU VA 148 -10.66 -63.69 -90.68
CA GLU VA 148 -10.16 -64.21 -91.93
C GLU VA 148 -8.83 -63.54 -92.26
N LYS VA 149 -8.10 -64.11 -93.22
CA LYS VA 149 -6.84 -63.54 -93.64
C LYS VA 149 -7.08 -62.43 -94.67
N VAL VA 150 -6.21 -61.43 -94.64
CA VAL VA 150 -6.31 -60.29 -95.54
C VAL VA 150 -6.16 -60.74 -97.00
N ALA VA 157 -7.49 -53.40 -94.84
CA ALA VA 157 -7.76 -53.65 -93.43
C ALA VA 157 -7.98 -52.34 -92.69
N THR VA 158 -8.95 -52.34 -91.78
CA THR VA 158 -9.23 -51.18 -90.96
C THR VA 158 -8.76 -51.33 -89.52
N ILE VA 159 -8.51 -52.56 -89.06
CA ILE VA 159 -8.07 -52.82 -87.70
C ILE VA 159 -6.75 -53.59 -87.75
N ASN VA 160 -6.12 -53.68 -86.59
CA ASN VA 160 -4.87 -54.42 -86.42
C ASN VA 160 -5.15 -55.64 -85.55
N ALA VA 161 -5.12 -56.82 -86.17
CA ALA VA 161 -5.26 -58.09 -85.47
C ALA VA 161 -4.22 -59.06 -85.99
N THR VA 162 -3.52 -59.72 -85.07
CA THR VA 162 -2.47 -60.66 -85.45
C THR VA 162 -2.72 -62.00 -84.78
N ALA VA 163 -2.62 -63.08 -85.55
CA ALA VA 163 -2.79 -64.42 -85.02
C ALA VA 163 -1.52 -64.88 -84.32
N LEU VA 164 -1.69 -65.53 -83.17
CA LEU VA 164 -0.57 -66.02 -82.39
C LEU VA 164 -0.42 -67.54 -82.45
N THR VA 165 -1.45 -68.25 -82.90
CA THR VA 165 -1.40 -69.71 -83.05
C THR VA 165 -2.06 -70.06 -84.38
N ASP VA 166 -2.24 -71.35 -84.61
CA ASP VA 166 -2.98 -71.84 -85.76
C ASP VA 166 -4.44 -72.07 -85.40
N ALA VA 167 -5.29 -72.12 -86.42
CA ALA VA 167 -6.70 -72.39 -86.20
C ALA VA 167 -6.88 -73.80 -85.66
N LYS VA 168 -7.65 -73.92 -84.58
CA LYS VA 168 -7.90 -75.19 -83.93
C LYS VA 168 -9.38 -75.55 -84.07
N GLN VA 169 -9.64 -76.78 -84.49
CA GLN VA 169 -11.00 -77.24 -84.75
C GLN VA 169 -11.63 -77.71 -83.44
N ILE VA 170 -12.64 -76.97 -82.97
CA ILE VA 170 -13.36 -77.35 -81.76
C ILE VA 170 -14.58 -78.19 -82.10
N SER VA 171 -15.31 -77.82 -83.15
CA SER VA 171 -16.46 -78.59 -83.62
C SER VA 171 -16.34 -78.82 -85.12
N ASN VA 172 -17.40 -79.29 -85.75
CA ASN VA 172 -17.35 -79.58 -87.18
C ASN VA 172 -16.93 -78.36 -87.99
N GLU VA 173 -17.53 -77.20 -87.70
CA GLU VA 173 -17.19 -75.98 -88.41
C GLU VA 173 -16.88 -74.82 -87.45
N VAL VA 174 -16.48 -75.12 -86.22
CA VAL VA 174 -16.14 -74.11 -85.23
C VAL VA 174 -14.63 -74.11 -85.07
N TYR VA 175 -13.98 -73.03 -85.50
CA TYR VA 175 -12.53 -72.88 -85.42
C TYR VA 175 -12.19 -71.73 -84.49
N LEU VA 176 -11.35 -72.00 -83.49
CA LEU VA 176 -10.90 -71.00 -82.54
C LEU VA 176 -9.42 -70.74 -82.75
N VAL VA 177 -9.07 -69.46 -82.87
CA VAL VA 177 -7.69 -69.03 -83.09
C VAL VA 177 -7.33 -67.98 -82.04
N LYS VA 178 -6.13 -68.10 -81.49
CA LYS VA 178 -5.64 -67.09 -80.55
C LYS VA 178 -5.20 -65.86 -81.32
N VAL VA 179 -5.76 -64.70 -80.95
CA VAL VA 179 -5.55 -63.47 -81.69
C VAL VA 179 -5.28 -62.34 -80.69
N ALA VA 180 -4.39 -61.44 -81.09
CA ALA VA 180 -4.14 -60.19 -80.38
C ALA VA 180 -4.61 -59.04 -81.27
N VAL VA 181 -5.66 -58.36 -80.85
CA VAL VA 181 -6.17 -57.18 -81.54
C VAL VA 181 -5.69 -55.96 -80.78
N PHE VA 182 -5.03 -55.04 -81.49
CA PHE VA 182 -4.43 -53.86 -80.86
C PHE VA 182 -4.81 -52.59 -81.59
N GLY VA 183 -6.11 -52.44 -81.87
CA GLY VA 183 -6.63 -51.19 -82.36
C GLY VA 183 -6.92 -51.21 -83.86
N ASN VA 184 -6.99 -50.00 -84.41
CA ASN VA 184 -7.32 -49.79 -85.81
C ASN VA 184 -6.09 -49.32 -86.58
N LYS VA 185 -6.01 -49.71 -87.84
CA LYS VA 185 -4.88 -49.35 -88.69
C LYS VA 185 -4.82 -47.85 -88.94
N ALA WA 187 -1.78 -29.91 -30.79
CA ALA WA 187 -1.57 -31.17 -31.47
C ALA WA 187 -0.51 -31.04 -32.55
N SER WA 188 0.65 -31.66 -32.32
CA SER WA 188 1.76 -31.59 -33.27
C SER WA 188 2.53 -32.90 -33.22
N LEU WA 189 3.26 -33.16 -34.31
CA LEU WA 189 4.07 -34.38 -34.38
C LEU WA 189 5.22 -34.34 -33.38
N LEU WA 190 5.69 -33.15 -33.01
CA LEU WA 190 6.75 -33.05 -32.02
C LEU WA 190 6.30 -33.56 -30.66
N ASP WA 191 5.03 -33.34 -30.32
CA ASP WA 191 4.47 -33.87 -29.07
C ASP WA 191 4.42 -35.39 -29.14
N SER WA 192 5.24 -36.06 -28.34
CA SER WA 192 5.29 -37.51 -28.37
C SER WA 192 3.99 -38.14 -27.88
N ASN WA 193 3.31 -37.48 -26.94
CA ASN WA 193 2.04 -38.00 -26.42
C ASN WA 193 0.92 -37.93 -27.46
N PHE WA 194 1.10 -37.19 -28.55
CA PHE WA 194 0.06 -37.09 -29.56
C PHE WA 194 -0.09 -38.41 -30.31
N VAL WA 195 -1.32 -38.90 -30.38
CA VAL WA 195 -1.64 -40.10 -31.15
C VAL WA 195 -2.75 -39.76 -32.13
N PRO WA 196 -2.47 -39.68 -33.44
CA PRO WA 196 -3.52 -39.35 -34.40
C PRO WA 196 -4.57 -40.44 -34.48
N ILE WA 197 -5.81 -40.02 -34.73
CA ILE WA 197 -6.93 -40.95 -34.85
C ILE WA 197 -7.18 -41.24 -36.33
N ASN WA 198 -6.99 -40.22 -37.17
CA ASN WA 198 -7.32 -40.35 -38.58
C ASN WA 198 -6.42 -39.42 -39.41
N PHE WA 199 -6.62 -39.48 -40.72
CA PHE WA 199 -5.76 -38.71 -41.63
C PHE WA 199 -5.96 -37.21 -41.47
N THR WA 200 -7.16 -36.77 -41.10
CA THR WA 200 -7.38 -35.35 -40.87
C THR WA 200 -6.54 -34.84 -39.72
N GLU WA 201 -6.54 -35.57 -38.60
CA GLU WA 201 -5.69 -35.20 -37.47
C GLU WA 201 -4.21 -35.29 -37.84
N PHE WA 202 -3.86 -36.28 -38.66
CA PHE WA 202 -2.46 -36.39 -39.09
C PHE WA 202 -2.03 -35.17 -39.90
N VAL WA 203 -2.89 -34.71 -40.81
CA VAL WA 203 -2.56 -33.54 -41.62
C VAL WA 203 -2.49 -32.29 -40.76
N GLN WA 204 -3.41 -32.16 -39.79
CA GLN WA 204 -3.33 -31.03 -38.87
C GLN WA 204 -2.02 -31.05 -38.09
N ALA WA 205 -1.59 -32.23 -37.65
CA ALA WA 205 -0.33 -32.35 -36.93
C ALA WA 205 0.85 -31.95 -37.81
N ILE WA 206 0.82 -32.35 -39.08
CA ILE WA 206 1.89 -31.97 -40.00
C ILE WA 206 1.95 -30.45 -40.17
N SER WA 207 0.78 -29.83 -40.35
CA SER WA 207 0.74 -28.37 -40.49
C SER WA 207 1.27 -27.68 -39.24
N ASN WA 208 0.86 -28.15 -38.06
CA ASN WA 208 1.34 -27.57 -36.82
C ASN WA 208 2.85 -27.75 -36.66
N THR WA 209 3.36 -28.91 -37.08
CA THR WA 209 4.80 -29.15 -37.02
C THR WA 209 5.55 -28.18 -37.93
N TYR WA 210 5.04 -27.96 -39.14
CA TYR WA 210 5.68 -27.00 -40.04
C TYR WA 210 5.67 -25.60 -39.43
N LYS WA 211 4.54 -25.19 -38.84
CA LYS WA 211 4.46 -23.87 -38.23
C LYS WA 211 5.46 -23.74 -37.08
N GLN WA 212 5.54 -24.76 -36.23
CA GLN WA 212 6.47 -24.71 -35.09
C GLN WA 212 7.92 -24.71 -35.56
N ARG WA 213 8.22 -25.43 -36.63
CA ARG WA 213 9.58 -25.42 -37.17
C ARG WA 213 9.93 -24.04 -37.73
N ARG WA 214 8.98 -23.39 -38.41
CA ARG WA 214 9.22 -22.03 -38.87
C ARG WA 214 9.47 -21.08 -37.70
N ILE WA 215 8.66 -21.20 -36.64
CA ILE WA 215 8.84 -20.34 -35.47
C ILE WA 215 10.20 -20.58 -34.84
N GLN WA 216 10.60 -21.85 -34.73
CA GLN WA 216 11.91 -22.16 -34.16
C GLN WA 216 13.04 -21.61 -35.02
N PHE WA 217 12.91 -21.72 -36.34
CA PHE WA 217 13.94 -21.19 -37.24
C PHE WA 217 14.09 -19.69 -37.05
N TYR WA 218 12.97 -18.98 -36.98
CA TYR WA 218 13.04 -17.52 -36.80
C TYR WA 218 13.61 -17.17 -35.43
N GLU WA 219 13.26 -17.94 -34.39
CA GLU WA 219 13.80 -17.67 -33.07
C GLU WA 219 15.29 -17.91 -33.01
N ASN WA 220 15.79 -18.93 -33.70
CA ASN WA 220 17.21 -19.24 -33.71
C ASN WA 220 17.99 -18.43 -34.73
N LEU WA 221 17.31 -17.71 -35.62
CA LEU WA 221 18.01 -16.92 -36.62
C LEU WA 221 18.69 -15.71 -35.98
N LYS WA 222 19.89 -15.41 -36.45
CA LYS WA 222 20.65 -14.24 -35.99
C LYS WA 222 21.30 -13.61 -37.22
N ARG WA 223 20.67 -12.56 -37.74
CA ARG WA 223 21.17 -11.88 -38.92
C ARG WA 223 22.46 -11.12 -38.61
N ALA XA 187 5.02 -70.89 -35.38
CA ALA XA 187 4.09 -70.04 -36.11
C ALA XA 187 3.59 -70.73 -37.37
N SER XA 188 2.62 -71.63 -37.20
CA SER XA 188 2.07 -72.41 -38.30
C SER XA 188 0.55 -72.31 -38.30
N LEU XA 189 -0.04 -72.46 -39.49
CA LEU XA 189 -1.50 -72.42 -39.61
C LEU XA 189 -2.16 -73.64 -38.99
N LEU XA 190 -1.41 -74.69 -38.69
CA LEU XA 190 -2.00 -75.88 -38.09
C LEU XA 190 -2.55 -75.58 -36.70
N ASP XA 191 -1.84 -74.76 -35.93
CA ASP XA 191 -2.29 -74.41 -34.58
C ASP XA 191 -3.58 -73.60 -34.65
N SER XA 192 -4.55 -73.97 -33.81
CA SER XA 192 -5.80 -73.23 -33.71
C SER XA 192 -5.69 -72.01 -32.80
N ASN XA 193 -4.57 -71.84 -32.11
CA ASN XA 193 -4.34 -70.69 -31.24
C ASN XA 193 -3.48 -69.62 -31.91
N PHE XA 194 -3.38 -69.65 -33.23
CA PHE XA 194 -2.57 -68.70 -33.98
C PHE XA 194 -3.47 -67.63 -34.59
N VAL XA 195 -3.21 -66.38 -34.21
CA VAL XA 195 -3.95 -65.23 -34.73
C VAL XA 195 -2.94 -64.30 -35.41
N PRO XA 196 -2.81 -64.38 -36.73
CA PRO XA 196 -1.84 -63.53 -37.43
C PRO XA 196 -2.27 -62.07 -37.41
N ILE XA 197 -1.35 -61.19 -37.04
CA ILE XA 197 -1.66 -59.77 -36.95
C ILE XA 197 -1.84 -59.17 -38.34
N ASN XA 198 -0.99 -59.55 -39.29
CA ASN XA 198 -0.98 -58.90 -40.59
C ASN XA 198 -0.64 -59.91 -41.67
N PHE XA 199 -0.67 -59.43 -42.92
CA PHE XA 199 -0.47 -60.31 -44.08
C PHE XA 199 0.95 -60.87 -44.13
N THR XA 200 1.94 -60.12 -43.62
CA THR XA 200 3.30 -60.64 -43.55
C THR XA 200 3.37 -61.86 -42.64
N GLU XA 201 2.76 -61.76 -41.46
CA GLU XA 201 2.70 -62.91 -40.56
C GLU XA 201 1.92 -64.05 -41.20
N PHE XA 202 0.87 -63.72 -41.95
CA PHE XA 202 0.10 -64.76 -42.64
C PHE XA 202 0.98 -65.51 -43.64
N VAL XA 203 1.80 -64.78 -44.40
CA VAL XA 203 2.67 -65.41 -45.38
C VAL XA 203 3.74 -66.27 -44.70
N GLN XA 204 4.32 -65.76 -43.60
CA GLN XA 204 5.28 -66.56 -42.85
C GLN XA 204 4.64 -67.83 -42.31
N ALA XA 205 3.41 -67.72 -41.83
CA ALA XA 205 2.69 -68.91 -41.35
C ALA XA 205 2.44 -69.90 -42.47
N ILE XA 206 2.11 -69.41 -43.66
CA ILE XA 206 1.90 -70.32 -44.80
C ILE XA 206 3.19 -71.05 -45.14
N SER XA 207 4.32 -70.33 -45.17
CA SER XA 207 5.59 -70.97 -45.46
C SER XA 207 5.95 -72.01 -44.40
N ASN XA 208 5.73 -71.67 -43.12
CA ASN XA 208 6.01 -72.62 -42.06
C ASN XA 208 5.10 -73.85 -42.17
N THR XA 209 3.84 -73.65 -42.56
CA THR XA 209 2.93 -74.77 -42.75
C THR XA 209 3.43 -75.69 -43.87
N TYR XA 210 3.88 -75.11 -44.97
CA TYR XA 210 4.42 -75.93 -46.06
C TYR XA 210 5.64 -76.72 -45.60
N LYS XA 211 6.54 -76.07 -44.87
CA LYS XA 211 7.74 -76.76 -44.38
C LYS XA 211 7.38 -77.89 -43.43
N GLN XA 212 6.43 -77.63 -42.52
CA GLN XA 212 6.02 -78.66 -41.58
C GLN XA 212 5.36 -79.84 -42.29
N ARG XA 213 4.55 -79.56 -43.32
CA ARG XA 213 3.93 -80.65 -44.07
C ARG XA 213 4.98 -81.47 -44.81
N ARG XA 214 6.00 -80.82 -45.37
CA ARG XA 214 7.08 -81.57 -46.01
C ARG XA 214 7.81 -82.45 -45.00
N ILE XA 215 8.08 -81.91 -43.80
CA ILE XA 215 8.76 -82.70 -42.78
C ILE XA 215 7.90 -83.90 -42.38
N GLN XA 216 6.60 -83.68 -42.21
CA GLN XA 216 5.71 -84.79 -41.87
C GLN XA 216 5.68 -85.84 -42.97
N PHE XA 217 5.66 -85.40 -44.23
CA PHE XA 217 5.67 -86.35 -45.34
C PHE XA 217 6.93 -87.19 -45.34
N TYR XA 218 8.08 -86.56 -45.10
CA TYR XA 218 9.33 -87.33 -45.07
C TYR XA 218 9.38 -88.25 -43.86
N GLU XA 219 8.78 -87.85 -42.74
CA GLU XA 219 8.72 -88.72 -41.58
C GLU XA 219 7.86 -89.95 -41.86
N ASN XA 220 6.73 -89.76 -42.54
CA ASN XA 220 5.82 -90.86 -42.82
C ASN XA 220 6.17 -91.65 -44.08
N LEU XA 221 7.16 -91.20 -44.85
CA LEU XA 221 7.52 -91.89 -46.08
C LEU XA 221 8.16 -93.23 -45.79
N LYS XA 222 7.79 -94.24 -46.59
CA LYS XA 222 8.35 -95.59 -46.47
C LYS XA 222 8.58 -96.11 -47.89
N ARG XA 223 9.81 -96.00 -48.37
CA ARG XA 223 10.16 -96.43 -49.72
C ARG XA 223 10.11 -97.95 -49.83
N VAL YA 195 -27.29 -52.02 -34.42
CA VAL YA 195 -25.87 -51.84 -34.69
C VAL YA 195 -25.41 -52.84 -35.76
N PRO YA 196 -25.31 -52.38 -36.99
CA PRO YA 196 -24.83 -53.26 -38.07
C PRO YA 196 -23.39 -53.67 -37.84
N ILE YA 197 -23.07 -54.90 -38.27
CA ILE YA 197 -21.72 -55.42 -38.14
C ILE YA 197 -21.01 -55.33 -39.49
N ASN YA 198 -21.76 -55.53 -40.57
CA ASN YA 198 -21.16 -55.53 -41.90
C ASN YA 198 -22.19 -55.07 -42.93
N PHE YA 199 -21.76 -55.04 -44.18
CA PHE YA 199 -22.58 -54.50 -45.25
C PHE YA 199 -23.80 -55.36 -45.53
N THR YA 200 -23.67 -56.69 -45.36
CA THR YA 200 -24.84 -57.56 -45.51
C THR YA 200 -25.90 -57.23 -44.47
N GLU YA 201 -25.49 -57.04 -43.21
CA GLU YA 201 -26.44 -56.64 -42.19
C GLU YA 201 -27.04 -55.28 -42.50
N PHE YA 202 -26.23 -54.36 -43.03
CA PHE YA 202 -26.76 -53.05 -43.41
C PHE YA 202 -27.84 -53.17 -44.47
N VAL YA 203 -27.60 -54.00 -45.49
CA VAL YA 203 -28.57 -54.18 -46.56
C VAL YA 203 -29.84 -54.83 -46.05
N GLN YA 204 -29.71 -55.85 -45.20
CA GLN YA 204 -30.89 -56.50 -44.64
C GLN YA 204 -31.69 -55.53 -43.78
N ALA YA 205 -31.00 -54.69 -43.00
CA ALA YA 205 -31.69 -53.69 -42.19
C ALA YA 205 -32.43 -52.69 -43.08
N ILE YA 206 -31.81 -52.29 -44.20
CA ILE YA 206 -32.48 -51.37 -45.11
C ILE YA 206 -33.74 -52.00 -45.68
N SER YA 207 -33.67 -53.26 -46.08
CA SER YA 207 -34.85 -53.94 -46.63
C SER YA 207 -35.95 -54.06 -45.58
N ASN YA 208 -35.58 -54.41 -44.34
CA ASN YA 208 -36.56 -54.50 -43.26
C ASN YA 208 -37.18 -53.14 -42.98
N THR YA 209 -36.39 -52.07 -43.04
CA THR YA 209 -36.93 -50.73 -42.83
C THR YA 209 -37.92 -50.37 -43.93
N TYR YA 210 -37.61 -50.72 -45.18
CA TYR YA 210 -38.56 -50.48 -46.26
C TYR YA 210 -39.86 -51.23 -46.04
N LYS YA 211 -39.77 -52.49 -45.63
CA LYS YA 211 -40.98 -53.28 -45.38
C LYS YA 211 -41.81 -52.69 -44.26
N GLN YA 212 -41.15 -52.27 -43.17
CA GLN YA 212 -41.88 -51.65 -42.06
C GLN YA 212 -42.53 -50.34 -42.49
N ARG YA 213 -41.84 -49.56 -43.33
CA ARG YA 213 -42.45 -48.34 -43.84
C ARG YA 213 -43.69 -48.65 -44.67
N ARG YA 214 -43.63 -49.71 -45.49
CA ARG YA 214 -44.80 -50.11 -46.27
C ARG YA 214 -45.96 -50.48 -45.36
N ILE YA 215 -45.69 -51.27 -44.32
CA ILE YA 215 -46.75 -51.68 -43.39
C ILE YA 215 -47.34 -50.47 -42.70
N GLN YA 216 -46.49 -49.55 -42.22
CA GLN YA 216 -46.99 -48.38 -41.53
C GLN YA 216 -47.81 -47.49 -42.46
N PHE YA 217 -47.37 -47.34 -43.71
CA PHE YA 217 -48.14 -46.55 -44.67
C PHE YA 217 -49.51 -47.15 -44.91
N TYR YA 218 -49.58 -48.49 -45.04
CA TYR YA 218 -50.88 -49.12 -45.22
C TYR YA 218 -51.75 -48.99 -43.98
N GLU YA 219 -51.15 -48.98 -42.79
CA GLU YA 219 -51.95 -48.73 -41.58
C GLU YA 219 -52.50 -47.31 -41.57
N ASN YA 220 -51.69 -46.32 -41.94
CA ASN YA 220 -52.14 -44.93 -41.91
C ASN YA 220 -52.97 -44.53 -43.13
N LEU YA 221 -53.08 -45.40 -44.13
CA LEU YA 221 -53.89 -45.07 -45.31
C LEU YA 221 -55.37 -45.18 -44.97
N LYS YA 222 -56.11 -44.10 -45.18
CA LYS YA 222 -57.54 -44.04 -44.92
C LYS YA 222 -58.25 -43.74 -46.23
N ARG YA 223 -58.65 -44.80 -46.94
CA ARG YA 223 -59.33 -44.64 -48.22
C ARG YA 223 -60.75 -44.14 -48.03
N LEU ZA 3 -97.59 16.48 12.84
CA LEU ZA 3 -97.55 17.55 11.85
C LEU ZA 3 -96.30 17.43 10.98
N PHE ZA 4 -95.17 17.12 11.60
CA PHE ZA 4 -93.92 17.03 10.87
C PHE ZA 4 -93.96 15.90 9.84
N ASP ZA 5 -94.55 14.76 10.20
CA ASP ZA 5 -94.67 13.66 9.26
C ASP ZA 5 -95.54 14.04 8.07
N GLU ZA 6 -96.64 14.75 8.33
CA GLU ZA 6 -97.58 15.09 7.26
C GLU ZA 6 -97.01 16.16 6.34
N ASN ZA 7 -96.36 17.18 6.91
CA ASN ZA 7 -95.87 18.32 6.15
C ASN ZA 7 -94.35 18.40 6.27
N TYR ZA 8 -93.65 18.32 5.14
CA TYR ZA 8 -92.20 18.40 5.14
C TYR ZA 8 -91.70 19.84 5.30
N TYR ZA 9 -92.42 20.80 4.75
CA TYR ZA 9 -91.95 22.19 4.78
C TYR ZA 9 -91.88 22.72 6.21
N ALA ZA 10 -92.83 22.31 7.06
CA ALA ZA 10 -92.76 22.69 8.47
C ALA ZA 10 -91.51 22.12 9.12
N LYS ZA 11 -91.18 20.86 8.82
CA LYS ZA 11 -89.98 20.25 9.38
C LYS ZA 11 -88.72 20.97 8.90
N ALA ZA 12 -88.67 21.32 7.62
CA ALA ZA 12 -87.51 22.03 7.09
C ALA ZA 12 -87.35 23.40 7.74
N VAL ZA 13 -88.46 24.12 7.90
CA VAL ZA 13 -88.41 25.43 8.53
C VAL ZA 13 -87.96 25.30 9.98
N ALA ZA 14 -88.48 24.30 10.69
CA ALA ZA 14 -88.06 24.09 12.08
C ALA ZA 14 -86.58 23.77 12.18
N ASN ZA 15 -86.06 22.96 11.25
CA ASN ZA 15 -84.66 22.57 11.30
C ASN ZA 15 -83.71 23.69 10.87
N ILE ZA 16 -84.16 24.60 10.00
CA ILE ZA 16 -83.29 25.63 9.47
C ILE ZA 16 -83.56 27.00 10.08
N ILE ZA 17 -84.51 27.11 11.02
CA ILE ZA 17 -84.83 28.41 11.59
C ILE ZA 17 -83.66 28.95 12.42
N GLY ZA 18 -82.85 28.06 13.01
CA GLY ZA 18 -81.73 28.50 13.82
C GLY ZA 18 -80.62 29.15 13.03
N GLU ZA 19 -80.54 28.89 11.73
CA GLU ZA 19 -79.48 29.46 10.90
C GLU ZA 19 -79.76 30.90 10.48
N VAL ZA 20 -80.93 31.42 10.78
CA VAL ZA 20 -81.24 32.83 10.50
C VAL ZA 20 -80.70 33.68 11.65
N LYS ZA 21 -79.87 34.66 11.32
CA LYS ZA 21 -79.22 35.47 12.33
C LYS ZA 21 -80.19 36.51 12.90
N ASP ZA 22 -79.83 37.01 14.08
CA ASP ZA 22 -80.67 37.98 14.76
C ASP ZA 22 -80.64 39.32 14.03
N PRO ZA 23 -81.74 40.07 14.06
CA PRO ZA 23 -81.75 41.39 13.44
C PRO ZA 23 -80.81 42.35 14.16
N ILE ZA 24 -80.29 43.32 13.39
CA ILE ZA 24 -79.35 44.28 13.96
C ILE ZA 24 -80.04 45.39 14.74
N MET ZA 25 -81.35 45.55 14.58
CA MET ZA 25 -82.05 46.62 15.29
C MET ZA 25 -82.09 46.41 16.79
N TYR ZA 26 -81.86 45.16 17.24
CA TYR ZA 26 -81.89 44.89 18.68
C TYR ZA 26 -80.80 45.65 19.43
N LYS ZA 27 -79.75 46.09 18.75
CA LYS ZA 27 -78.67 46.83 19.38
C LYS ZA 27 -78.98 48.33 19.51
N TRP ZA 28 -80.11 48.79 19.00
CA TRP ZA 28 -80.52 50.17 19.13
C TRP ZA 28 -81.46 50.42 20.29
N PHE ZA 29 -81.80 49.39 21.05
CA PHE ZA 29 -82.77 49.52 22.15
C PHE ZA 29 -82.30 48.71 23.34
N SER ZA 30 -82.68 49.16 24.53
CA SER ZA 30 -82.43 48.41 25.75
C SER ZA 30 -83.39 47.24 25.86
N PRO ZA 31 -83.06 46.23 26.67
CA PRO ZA 31 -83.98 45.09 26.82
C PRO ZA 31 -85.37 45.48 27.28
N ASP ZA 32 -85.49 46.49 28.14
CA ASP ZA 32 -86.79 46.91 28.65
C ASP ZA 32 -87.56 47.76 27.65
N GLN ZA 33 -86.92 48.25 26.59
CA GLN ZA 33 -87.57 49.13 25.63
C GLN ZA 33 -88.38 48.38 24.57
N ILE ZA 34 -88.48 47.05 24.67
CA ILE ZA 34 -89.17 46.24 23.67
C ILE ZA 34 -90.22 45.38 24.38
N GLU ZA 35 -91.46 45.46 23.90
CA GLU ZA 35 -92.54 44.65 24.44
C GLU ZA 35 -93.40 44.15 23.30
N ASP ZA 36 -93.75 42.86 23.33
CA ASP ZA 36 -94.51 42.26 22.25
C ASP ZA 36 -96.01 42.52 22.43
N VAL ZA 37 -96.71 42.63 21.29
CA VAL ZA 37 -98.16 42.76 21.30
C VAL ZA 37 -98.75 41.67 20.42
N ASP ZA 38 -99.97 41.25 20.77
CA ASP ZA 38 -100.66 40.16 20.07
C ASP ZA 38 -101.62 40.73 19.04
N LEU ZA 39 -101.06 41.21 17.94
CA LEU ZA 39 -101.85 41.76 16.86
C LEU ZA 39 -101.12 41.52 15.54
N GLN ZA 40 -101.90 41.32 14.48
CA GLN ZA 40 -101.35 41.19 13.13
C GLN ZA 40 -101.60 42.44 12.30
N MET ZA 41 -102.85 42.86 12.15
CA MET ZA 41 -103.17 44.12 11.50
C MET ZA 41 -104.25 44.82 12.31
N GLY ZA 42 -104.07 46.11 12.53
CA GLY ZA 42 -105.02 46.88 13.30
C GLY ZA 42 -104.35 48.08 13.95
N TYR ZA 43 -104.91 48.47 15.09
CA TYR ZA 43 -104.45 49.65 15.81
C TYR ZA 43 -104.46 49.36 17.31
N GLN ZA 44 -103.75 50.21 18.04
CA GLN ZA 44 -103.71 50.11 19.50
C GLN ZA 44 -103.54 51.51 20.06
N LYS ZA 45 -104.40 51.90 21.00
CA LYS ZA 45 -104.48 53.27 21.46
C LYS ZA 45 -104.17 53.38 22.95
N THR ZA 46 -103.66 54.56 23.32
CA THR ZA 46 -103.36 54.88 24.71
C THR ZA 46 -103.76 56.33 24.97
N VAL ZA 47 -103.88 56.67 26.25
CA VAL ZA 47 -104.39 57.97 26.69
C VAL ZA 47 -103.35 58.64 27.58
N LYS ZA 48 -103.10 59.92 27.33
CA LYS ZA 48 -102.18 60.72 28.12
C LYS ZA 48 -102.92 61.96 28.63
N TRP ZA 49 -102.73 62.28 29.91
CA TRP ZA 49 -103.41 63.39 30.57
C TRP ZA 49 -102.38 64.45 30.97
N ASP ZA 50 -102.66 65.71 30.64
CA ASP ZA 50 -101.74 66.80 30.92
C ASP ZA 50 -102.48 67.97 31.56
N ALA ZA 51 -101.73 68.79 32.31
CA ALA ZA 51 -102.26 69.99 32.93
C ALA ZA 51 -101.45 71.20 32.49
N PHE ZA 52 -102.05 72.37 32.62
CA PHE ZA 52 -101.39 73.61 32.22
C PHE ZA 52 -102.01 74.78 32.98
N LEU ZA 53 -101.29 75.90 32.98
CA LEU ZA 53 -101.72 77.11 33.66
C LEU ZA 53 -102.26 78.10 32.64
N ASN ZA 54 -103.44 78.66 32.91
CA ASN ZA 54 -104.09 79.56 31.97
C ASN ZA 54 -103.63 81.00 32.13
N ALA ZA 55 -103.33 81.44 33.36
CA ALA ZA 55 -102.93 82.82 33.59
C ALA ZA 55 -102.13 82.89 34.89
N ASN ZA 56 -101.69 84.10 35.24
CA ASN ZA 56 -100.96 84.31 36.48
C ASN ZA 56 -101.86 84.03 37.68
N PRO ZA 57 -101.28 83.65 38.82
CA PRO ZA 57 -102.10 83.37 40.00
C PRO ZA 57 -102.86 84.60 40.48
N THR ZA 58 -103.86 84.36 41.32
CA THR ZA 58 -104.71 85.41 41.85
C THR ZA 58 -104.27 85.78 43.26
N THR ZA 59 -104.17 87.09 43.52
CA THR ZA 59 -103.79 87.57 44.85
C THR ZA 59 -105.01 87.57 45.76
N ILE ZA 60 -104.96 86.75 46.80
CA ILE ZA 60 -106.07 86.64 47.75
C ILE ZA 60 -106.00 87.80 48.74
N ALA ZA 61 -106.70 88.89 48.43
CA ALA ZA 61 -106.77 90.04 49.30
C ALA ZA 61 -108.21 90.54 49.35
N ASN ZA 62 -108.72 90.76 50.55
CA ASN ZA 62 -110.09 91.24 50.77
C ASN ZA 62 -111.05 90.22 50.17
N GLU ZA 63 -112.04 90.63 49.39
CA GLU ZA 63 -113.01 89.71 48.80
C GLU ZA 63 -112.86 89.74 47.29
N VAL ZA 64 -112.81 88.55 46.68
CA VAL ZA 64 -112.65 88.43 45.24
C VAL ZA 64 -113.32 87.14 44.79
N ASN ZA 65 -113.94 87.18 43.61
CA ASN ZA 65 -114.62 86.02 43.05
C ASN ZA 65 -113.93 85.46 41.81
N THR ZA 66 -113.30 86.31 41.00
CA THR ZA 66 -112.62 85.86 39.80
C THR ZA 66 -111.25 85.29 40.17
N ILE ZA 67 -111.09 83.98 39.99
CA ILE ZA 67 -109.87 83.27 40.35
C ILE ZA 67 -109.28 82.63 39.10
N SER ZA 68 -107.97 82.69 38.96
CA SER ZA 68 -107.29 82.10 37.81
C SER ZA 68 -107.51 80.59 37.79
N THR ZA 69 -107.56 80.03 36.59
CA THR ZA 69 -107.93 78.64 36.38
C THR ZA 69 -106.74 77.82 35.88
N ILE ZA 70 -106.67 76.58 36.33
CA ILE ZA 70 -105.71 75.60 35.84
C ILE ZA 70 -106.44 74.65 34.89
N GLY ZA 71 -106.00 74.62 33.63
CA GLY ZA 71 -106.68 73.80 32.64
C GLY ZA 71 -106.07 72.43 32.49
N PHE ZA 72 -106.83 71.53 31.88
CA PHE ZA 72 -106.39 70.16 31.62
C PHE ZA 72 -106.63 69.81 30.16
N SER ZA 73 -105.98 68.74 29.72
CA SER ZA 73 -106.14 68.28 28.35
C SER ZA 73 -105.84 66.79 28.28
N SER ZA 74 -106.45 66.14 27.29
CA SER ZA 74 -106.24 64.72 27.03
C SER ZA 74 -105.67 64.55 25.62
N GLU ZA 75 -104.95 63.45 25.42
CA GLU ZA 75 -104.38 63.12 24.13
C GLU ZA 75 -104.49 61.62 23.92
N VAL ZA 76 -104.99 61.23 22.75
CA VAL ZA 76 -105.12 59.83 22.38
C VAL ZA 76 -104.05 59.53 21.34
N VAL ZA 77 -103.19 58.55 21.63
CA VAL ZA 77 -102.11 58.16 20.75
C VAL ZA 77 -102.43 56.79 20.17
N ARG ZA 78 -102.40 56.70 18.84
CA ARG ZA 78 -102.77 55.50 18.11
C ARG ZA 78 -101.56 54.95 17.37
N LEU ZA 79 -101.34 53.64 17.49
CA LEU ZA 79 -100.27 52.95 16.79
C LEU ZA 79 -100.89 51.98 15.79
N ASN ZA 80 -100.46 52.08 14.53
CA ASN ZA 80 -100.97 51.25 13.46
C ASN ZA 80 -100.01 50.11 13.16
N TYR ZA 81 -100.57 48.97 12.75
CA TYR ZA 81 -99.78 47.82 12.34
C TYR ZA 81 -100.22 47.40 10.94
N LEU ZA 82 -99.30 46.76 10.22
CA LEU ZA 82 -99.58 46.35 8.86
C LEU ZA 82 -99.01 44.95 8.61
N LYS ZA 83 -99.73 44.14 7.85
CA LYS ZA 83 -99.32 42.79 7.51
C LYS ZA 83 -98.93 42.72 6.04
N LEU ZA 84 -97.77 42.14 5.76
CA LEU ZA 84 -97.22 42.08 4.41
C LEU ZA 84 -96.75 40.67 4.10
N GLN ZA 85 -96.72 40.34 2.81
CA GLN ZA 85 -96.44 38.98 2.37
C GLN ZA 85 -95.54 39.00 1.15
N TYR ZA 86 -94.71 37.96 1.03
CA TYR ZA 86 -93.85 37.74 -0.13
C TYR ZA 86 -93.99 36.31 -0.61
N LYS ZA 87 -93.85 36.11 -1.91
CA LYS ZA 87 -93.92 34.80 -2.53
C LYS ZA 87 -92.58 34.46 -3.19
N PHE ZA 88 -92.14 33.21 -3.03
CA PHE ZA 88 -90.91 32.77 -3.65
C PHE ZA 88 -91.07 31.36 -4.21
N ARG ZA 89 -90.42 31.13 -5.35
CA ARG ZA 89 -90.44 29.84 -6.01
C ARG ZA 89 -89.28 28.97 -5.56
N HIS ZA 90 -89.49 27.64 -5.62
CA HIS ZA 90 -88.48 26.68 -5.21
C HIS ZA 90 -88.78 25.35 -5.90
N LEU ZA 91 -87.95 24.35 -5.59
CA LEU ZA 91 -88.13 23.01 -6.14
C LEU ZA 91 -89.03 22.17 -5.23
N LYS ZA 92 -89.80 21.29 -5.85
CA LYS ZA 92 -90.62 20.35 -5.09
C LYS ZA 92 -89.73 19.42 -4.28
N GLN ZA 93 -90.25 19.00 -3.13
CA GLN ZA 93 -89.46 18.14 -2.24
C GLN ZA 93 -89.13 16.81 -2.92
N THR ZA 94 -90.09 16.23 -3.63
CA THR ZA 94 -89.90 14.94 -4.28
C THR ZA 94 -89.12 15.05 -5.59
N SER ZA 95 -88.47 16.18 -5.84
CA SER ZA 95 -87.70 16.37 -7.06
C SER ZA 95 -86.26 16.78 -6.79
N GLU ZA 96 -85.82 16.73 -5.53
CA GLU ZA 96 -84.44 17.14 -5.21
C GLU ZA 96 -83.42 16.16 -5.79
N LYS ZA 97 -83.72 14.86 -5.76
CA LYS ZA 97 -82.76 13.86 -6.19
C LYS ZA 97 -82.42 13.98 -7.68
N PHE ZA 98 -83.34 14.50 -8.48
CA PHE ZA 98 -83.07 14.72 -9.90
C PHE ZA 98 -82.27 15.98 -10.15
N TYR ZA 99 -81.86 16.69 -9.10
CA TYR ZA 99 -80.99 17.84 -9.23
C TYR ZA 99 -79.78 17.80 -8.31
N THR ZA 100 -79.70 16.83 -7.40
CA THR ZA 100 -78.56 16.69 -6.51
C THR ZA 100 -77.27 16.45 -7.30
N SER ZA 101 -76.37 17.42 -7.30
CA SER ZA 101 -75.08 17.27 -7.95
C SER ZA 101 -74.08 16.67 -6.97
N ASP ZA 102 -72.79 16.69 -7.34
CA ASP ZA 102 -71.78 16.08 -6.49
C ASP ZA 102 -71.63 16.81 -5.16
N SER ZA 103 -71.65 18.15 -5.18
CA SER ZA 103 -71.32 18.93 -3.99
C SER ZA 103 -72.42 19.91 -3.59
N TYR ZA 104 -73.58 19.87 -4.24
CA TYR ZA 104 -74.65 20.82 -3.93
C TYR ZA 104 -75.96 20.27 -4.47
N ILE ZA 105 -77.04 20.97 -4.15
CA ILE ZA 105 -78.38 20.68 -4.67
C ILE ZA 105 -78.95 21.96 -5.25
N GLY ZA 106 -79.54 21.86 -6.43
CA GLY ZA 106 -80.18 23.00 -7.07
C GLY ZA 106 -79.93 23.01 -8.56
N ASP ZA 107 -80.78 23.76 -9.27
CA ASP ZA 107 -80.68 23.92 -10.72
C ASP ZA 107 -79.99 25.25 -10.99
N ILE ZA 108 -78.70 25.19 -11.32
CA ILE ZA 108 -77.93 26.40 -11.55
C ILE ZA 108 -78.44 27.16 -12.78
N ASN ZA 109 -78.74 26.42 -13.85
CA ASN ZA 109 -79.10 27.08 -15.11
C ASN ZA 109 -80.44 27.80 -15.03
N ASN ZA 110 -81.35 27.33 -14.18
CA ASN ZA 110 -82.68 27.90 -14.07
C ASN ZA 110 -82.93 28.63 -12.77
N ASN ZA 111 -81.91 28.75 -11.90
CA ASN ZA 111 -82.01 29.47 -10.63
C ASN ZA 111 -83.14 28.90 -9.76
N LEU ZA 112 -83.03 27.61 -9.46
CA LEU ZA 112 -83.97 26.91 -8.60
C LEU ZA 112 -83.22 26.27 -7.45
N LEU ZA 113 -83.73 26.47 -6.24
CA LEU ZA 113 -83.06 26.04 -5.02
C LEU ZA 113 -83.98 25.12 -4.22
N PRO ZA 114 -83.42 24.33 -3.31
CA PRO ZA 114 -84.27 23.61 -2.35
C PRO ZA 114 -84.99 24.58 -1.43
N PHE ZA 115 -86.08 24.08 -0.85
CA PHE ZA 115 -86.97 24.93 -0.06
C PHE ZA 115 -86.23 25.53 1.13
N ALA ZA 116 -85.38 24.75 1.79
CA ALA ZA 116 -84.70 25.24 2.99
C ALA ZA 116 -83.82 26.44 2.67
N GLN ZA 117 -82.96 26.31 1.67
CA GLN ZA 117 -82.07 27.41 1.30
C GLN ZA 117 -82.85 28.61 0.78
N ALA ZA 118 -83.88 28.36 -0.03
CA ALA ZA 118 -84.68 29.46 -0.55
C ALA ZA 118 -85.34 30.24 0.59
N TYR ZA 119 -85.90 29.51 1.56
CA TYR ZA 119 -86.55 30.15 2.69
C TYR ZA 119 -85.54 30.93 3.53
N LYS ZA 120 -84.34 30.37 3.74
CA LYS ZA 120 -83.32 31.10 4.49
C LYS ZA 120 -82.95 32.41 3.82
N LEU ZA 121 -82.70 32.36 2.51
CA LEU ZA 121 -82.31 33.59 1.80
C LEU ZA 121 -83.43 34.61 1.81
N ALA ZA 122 -84.67 34.18 1.56
CA ALA ZA 122 -85.79 35.10 1.57
C ALA ZA 122 -85.99 35.73 2.94
N SER ZA 123 -85.85 34.92 4.00
CA SER ZA 123 -85.98 35.45 5.36
C SER ZA 123 -84.90 36.47 5.66
N SER ZA 124 -83.66 36.21 5.20
CA SER ZA 124 -82.59 37.17 5.42
C SER ZA 124 -82.89 38.50 4.73
N GLU ZA 125 -83.34 38.45 3.49
CA GLU ZA 125 -83.68 39.69 2.79
C GLU ZA 125 -84.83 40.42 3.47
N ILE ZA 126 -85.85 39.69 3.92
CA ILE ZA 126 -86.98 40.33 4.58
C ILE ZA 126 -86.56 40.97 5.89
N ILE ZA 127 -85.65 40.31 6.63
CA ILE ZA 127 -85.16 40.89 7.88
C ILE ZA 127 -84.37 42.16 7.60
N LYS ZA 128 -83.58 42.17 6.53
CA LYS ZA 128 -82.90 43.40 6.14
C LYS ZA 128 -83.89 44.52 5.86
N LEU ZA 129 -84.97 44.21 5.13
CA LEU ZA 129 -86.00 45.22 4.85
C LEU ZA 129 -86.65 45.72 6.13
N ILE ZA 130 -86.92 44.81 7.08
CA ILE ZA 130 -87.54 45.20 8.34
C ILE ZA 130 -86.63 46.13 9.12
N ASN ZA 131 -85.33 45.81 9.19
CA ASN ZA 131 -84.40 46.67 9.89
C ASN ZA 131 -84.34 48.05 9.25
N HIS ZA 132 -84.30 48.10 7.91
CA HIS ZA 132 -84.28 49.37 7.22
C HIS ZA 132 -85.53 50.19 7.53
N PHE ZA 133 -86.70 49.54 7.55
CA PHE ZA 133 -87.92 50.26 7.89
C PHE ZA 133 -87.87 50.79 9.32
N VAL ZA 134 -87.44 49.95 10.27
CA VAL ZA 134 -87.42 50.36 11.67
C VAL ZA 134 -86.52 51.57 11.85
N LEU ZA 135 -85.40 51.62 11.11
CA LEU ZA 135 -84.51 52.76 11.23
C LEU ZA 135 -85.05 53.99 10.52
N THR ZA 136 -85.26 53.90 9.20
CA THR ZA 136 -85.50 55.09 8.39
C THR ZA 136 -86.97 55.52 8.35
N GLY ZA 137 -87.90 54.67 8.76
CA GLY ZA 137 -89.31 55.02 8.74
C GLY ZA 137 -90.02 54.79 7.42
N THR ZA 138 -89.33 54.38 6.37
CA THR ZA 138 -89.92 54.15 5.07
C THR ZA 138 -89.64 52.73 4.59
N VAL ZA 139 -90.31 52.35 3.51
CA VAL ZA 139 -90.13 51.05 2.87
C VAL ZA 139 -89.91 51.28 1.38
N SER ZA 140 -88.76 50.85 0.88
CA SER ZA 140 -88.45 50.96 -0.54
C SER ZA 140 -87.35 49.96 -0.89
N ILE ZA 141 -87.34 49.55 -2.15
CA ILE ZA 141 -86.34 48.63 -2.66
C ILE ZA 141 -85.35 49.30 -3.60
N GLN ZA 142 -85.47 50.61 -3.79
CA GLN ZA 142 -84.54 51.37 -4.63
C GLN ZA 142 -83.52 52.08 -3.75
N LYS ZA 143 -82.27 52.12 -4.22
CA LYS ZA 143 -81.23 52.81 -3.47
C LYS ZA 143 -81.51 54.30 -3.37
N ASP ZA 144 -82.16 54.88 -4.38
CA ASP ZA 144 -82.52 56.28 -4.33
C ASP ZA 144 -83.58 56.56 -3.27
N GLY ZA 145 -84.38 55.56 -2.93
CA GLY ZA 145 -85.44 55.73 -1.95
C GLY ZA 145 -86.79 56.10 -2.53
N LYS ZA 146 -86.93 56.14 -3.85
CA LYS ZA 146 -88.18 56.50 -4.49
C LYS ZA 146 -89.08 55.27 -4.63
N ASN ZA 147 -90.29 55.49 -5.17
CA ASN ZA 147 -91.30 54.45 -5.30
C ASN ZA 147 -91.58 53.77 -3.96
N GLN ZA 148 -91.73 54.60 -2.93
CA GLN ZA 148 -92.00 54.08 -1.60
C GLN ZA 148 -93.39 53.46 -1.54
N LYS ZA 149 -93.52 52.41 -0.73
CA LYS ZA 149 -94.83 51.81 -0.52
C LYS ZA 149 -95.66 52.70 0.39
N ARG ZA 150 -96.87 53.02 -0.05
CA ARG ZA 150 -97.76 53.87 0.75
C ARG ZA 150 -98.19 53.13 2.00
N LEU ZA 151 -97.78 53.63 3.16
CA LEU ZA 151 -98.09 53.00 4.44
C LEU ZA 151 -99.20 53.75 5.15
N LEU ZA 152 -99.65 53.17 6.25
CA LEU ZA 152 -100.69 53.79 7.06
C LEU ZA 152 -100.13 54.93 7.90
N PRO ZA 153 -100.95 55.90 8.26
CA PRO ZA 153 -100.51 56.92 9.23
C PRO ZA 153 -100.25 56.29 10.58
N ASN ZA 154 -99.60 57.07 11.45
CA ASN ZA 154 -99.18 56.61 12.77
C ASN ZA 154 -98.19 55.45 12.66
N MET ZA 155 -97.42 55.42 11.58
CA MET ZA 155 -96.37 54.44 11.37
C MET ZA 155 -95.07 55.20 11.10
N TYR ZA 156 -94.18 55.22 12.08
CA TYR ZA 156 -92.99 56.05 12.02
C TYR ZA 156 -91.77 55.25 12.45
N GLY ZA 157 -90.60 55.70 11.98
CA GLY ZA 157 -89.33 55.17 12.40
C GLY ZA 157 -88.55 56.18 13.22
N LEU ZA 158 -87.35 55.76 13.64
CA LEU ZA 158 -86.51 56.60 14.49
C LEU ZA 158 -86.00 57.83 13.75
N LEU ZA 159 -86.07 57.86 12.43
CA LEU ZA 159 -85.52 58.97 11.66
C LEU ZA 159 -86.58 59.93 11.14
N ASN ZA 160 -87.82 59.50 10.97
CA ASN ZA 160 -88.89 60.34 10.44
C ASN ZA 160 -89.93 60.69 11.48
N MET ZA 161 -89.65 60.47 12.76
CA MET ZA 161 -90.61 60.80 13.80
C MET ZA 161 -90.86 62.30 13.84
N PRO ZA 162 -92.11 62.74 13.80
CA PRO ZA 162 -92.39 64.18 13.82
C PRO ZA 162 -92.23 64.76 15.22
N GLU ZA 163 -92.13 66.10 15.25
CA GLU ZA 163 -92.04 66.86 16.48
C GLU ZA 163 -90.81 66.47 17.30
N GLN ZA 164 -89.66 66.43 16.62
CA GLN ZA 164 -88.38 66.17 17.25
C GLN ZA 164 -87.41 67.29 16.89
N ILE ZA 165 -86.26 67.30 17.53
CA ILE ZA 165 -85.27 68.35 17.29
C ILE ZA 165 -84.49 68.01 16.03
N LYS ZA 166 -84.39 68.97 15.11
CA LYS ZA 166 -83.74 68.77 13.82
C LYS ZA 166 -82.72 69.87 13.60
N GLU ZA 167 -81.51 69.48 13.21
CA GLU ZA 167 -80.44 70.40 12.89
C GLU ZA 167 -79.88 70.06 11.51
N GLU ZA 168 -79.39 71.08 10.80
CA GLU ZA 168 -78.85 70.91 9.46
C GLU ZA 168 -77.50 71.61 9.36
N VAL ZA 169 -76.44 70.83 9.25
CA VAL ZA 169 -75.10 71.37 9.00
C VAL ZA 169 -75.00 71.77 7.53
N ALA ZA 170 -74.52 72.98 7.28
CA ALA ZA 170 -74.53 73.56 5.94
C ALA ZA 170 -73.55 72.83 5.02
N SER ZA 171 -73.66 73.15 3.72
CA SER ZA 171 -72.83 72.49 2.71
C SER ZA 171 -71.36 72.85 2.87
N GLY ZA 172 -71.06 74.11 3.17
CA GLY ZA 172 -69.67 74.52 3.32
C GLY ZA 172 -68.97 73.81 4.47
N ASP ZA 173 -69.71 73.52 5.54
CA ASP ZA 173 -69.15 72.88 6.73
C ASP ZA 173 -69.39 71.37 6.75
N LYS ZA 174 -69.50 70.75 5.57
CA LYS ZA 174 -69.73 69.32 5.52
C LYS ZA 174 -68.56 68.50 6.06
N ASP ZA 175 -67.35 69.07 6.06
CA ASP ZA 175 -66.17 68.38 6.56
C ASP ZA 175 -65.57 69.07 7.78
N LYS ZA 176 -66.25 70.05 8.36
CA LYS ZA 176 -65.75 70.79 9.52
C LYS ZA 176 -66.38 70.18 10.78
N MET ZA 177 -65.59 69.34 11.46
CA MET ZA 177 -66.09 68.66 12.65
C MET ZA 177 -66.45 69.65 13.76
N ASP ZA 178 -65.77 70.80 13.81
CA ASP ZA 178 -66.12 71.81 14.81
C ASP ZA 178 -67.52 72.35 14.57
N LYS ZA 179 -67.87 72.64 13.31
CA LYS ZA 179 -69.22 73.10 13.00
C LYS ZA 179 -70.25 72.00 13.26
N ILE ZA 180 -69.92 70.77 12.90
CA ILE ZA 180 -70.83 69.65 13.17
C ILE ZA 180 -71.09 69.53 14.66
N PHE ZA 181 -70.03 69.62 15.48
CA PHE ZA 181 -70.18 69.53 16.92
C PHE ZA 181 -70.93 70.73 17.49
N GLU ZA 182 -70.79 71.91 16.88
CA GLU ZA 182 -71.58 73.06 17.31
C GLU ZA 182 -73.06 72.82 17.10
N LYS ZA 183 -73.43 72.27 15.93
CA LYS ZA 183 -74.83 71.94 15.69
C LYS ZA 183 -75.31 70.86 16.66
N ILE ZA 184 -74.46 69.87 16.94
CA ILE ZA 184 -74.83 68.82 17.88
C ILE ZA 184 -75.06 69.42 19.27
N GLU ZA 185 -74.21 70.36 19.69
CA GLU ZA 185 -74.38 71.00 20.98
C GLU ZA 185 -75.68 71.79 21.04
N ALA ZA 186 -76.00 72.52 19.96
CA ALA ZA 186 -77.26 73.25 19.93
C ALA ZA 186 -78.45 72.31 20.05
N GLY ZA 187 -78.43 71.19 19.33
CA GLY ZA 187 -79.50 70.23 19.45
C GLY ZA 187 -79.60 69.62 20.83
N LEU ZA 188 -78.46 69.30 21.44
CA LEU ZA 188 -78.45 68.73 22.78
C LEU ZA 188 -79.02 69.72 23.79
N SER ZA 189 -78.72 71.01 23.62
CA SER ZA 189 -79.33 72.01 24.48
C SER ZA 189 -80.84 72.07 24.26
N LYS ZA 190 -81.28 71.99 23.01
CA LYS ZA 190 -82.71 72.02 22.73
C LYS ZA 190 -83.44 70.74 23.15
N LEU ZA 191 -82.72 69.67 23.46
CA LEU ZA 191 -83.37 68.45 23.92
C LEU ZA 191 -84.09 68.68 25.25
N GLU ZA 192 -85.15 67.92 25.48
CA GLU ZA 192 -85.98 68.03 26.67
C GLU ZA 192 -86.20 66.64 27.25
N LEU ZA 193 -85.37 66.24 28.22
CA LEU ZA 193 -85.50 64.95 28.86
C LEU ZA 193 -86.33 65.01 30.14
N GLY ZA 194 -86.28 66.13 30.86
CA GLY ZA 194 -87.07 66.30 32.06
C GLY ZA 194 -86.59 65.48 33.25
N ASP ZA 195 -87.47 64.66 33.80
CA ASP ZA 195 -87.15 63.86 34.99
C ASP ZA 195 -86.49 62.53 34.63
N GLU ZA 196 -86.38 62.19 33.34
CA GLU ZA 196 -85.73 60.96 32.91
C GLU ZA 196 -84.29 61.20 32.46
N PHE ZA 197 -83.60 62.16 33.09
CA PHE ZA 197 -82.25 62.51 32.68
C PHE ZA 197 -81.26 61.37 32.94
N SER ZA 198 -81.39 60.69 34.08
CA SER ZA 198 -80.42 59.68 34.49
C SER ZA 198 -80.71 58.36 33.77
N THR ZA 199 -80.47 58.37 32.46
CA THR ZA 199 -80.65 57.20 31.62
C THR ZA 199 -79.53 57.14 30.60
N PRO ZA 200 -79.17 55.95 30.12
CA PRO ZA 200 -78.18 55.84 29.06
C PRO ZA 200 -78.66 56.50 27.78
N MET ZA 201 -77.71 56.99 26.99
CA MET ZA 201 -78.00 57.63 25.71
C MET ZA 201 -77.39 56.82 24.58
N MET ZA 202 -77.98 56.94 23.40
CA MET ZA 202 -77.56 56.20 22.22
C MET ZA 202 -77.39 57.16 21.06
N VAL ZA 203 -76.27 57.03 20.35
CA VAL ZA 203 -75.96 57.82 19.18
C VAL ZA 203 -75.75 56.86 18.01
N ILE ZA 204 -76.36 57.16 16.88
CA ILE ZA 204 -76.22 56.37 15.66
C ILE ZA 204 -75.63 57.27 14.59
N VAL ZA 205 -74.53 56.83 13.98
CA VAL ZA 205 -73.72 57.65 13.10
C VAL ZA 205 -73.49 56.90 11.79
N ASP ZA 206 -73.42 57.65 10.69
CA ASP ZA 206 -73.00 57.10 9.41
C ASP ZA 206 -71.50 56.85 9.40
N PRO ZA 207 -71.02 55.95 8.53
CA PRO ZA 207 -69.58 55.61 8.57
C PRO ZA 207 -68.65 56.78 8.34
N ALA ZA 208 -69.00 57.72 7.46
CA ALA ZA 208 -68.11 58.84 7.18
C ALA ZA 208 -67.94 59.73 8.42
N THR ZA 209 -69.05 60.08 9.07
CA THR ZA 209 -68.95 60.88 10.29
C THR ZA 209 -68.31 60.10 11.42
N SER ZA 210 -68.50 58.77 11.45
CA SER ZA 210 -67.82 57.95 12.45
C SER ZA 210 -66.31 58.01 12.26
N LEU ZA 211 -65.85 57.98 11.01
CA LEU ZA 211 -64.43 58.14 10.73
C LEU ZA 211 -63.95 59.54 11.11
N LYS ZA 212 -64.79 60.55 10.89
CA LYS ZA 212 -64.42 61.91 11.29
C LYS ZA 212 -64.30 62.03 12.81
N LEU ZA 213 -65.08 61.25 13.57
CA LEU ZA 213 -65.10 61.39 15.02
C LEU ZA 213 -63.79 60.99 15.69
N VAL ZA 214 -63.00 60.09 15.09
CA VAL ZA 214 -61.82 59.57 15.77
C VAL ZA 214 -60.60 60.46 15.60
N LYS ZA 215 -60.72 61.57 14.87
CA LYS ZA 215 -59.61 62.50 14.75
C LYS ZA 215 -59.35 63.18 16.10
N PRO ZA 216 -58.10 63.57 16.37
CA PRO ZA 216 -57.80 64.25 17.63
C PRO ZA 216 -58.55 65.58 17.73
N TYR ZA 217 -58.99 65.90 18.93
CA TYR ZA 217 -59.75 67.13 19.14
C TYR ZA 217 -58.88 68.36 18.91
N ALA ZA 218 -59.45 69.35 18.25
CA ALA ZA 218 -58.74 70.60 17.97
C ALA ZA 218 -59.31 71.74 18.79
N ALA ZA 223 -53.67 73.59 16.87
CA ALA ZA 223 -53.10 72.63 17.78
C ALA ZA 223 -54.09 71.51 18.08
N ALA ZA 224 -53.56 70.33 18.42
CA ALA ZA 224 -54.37 69.16 18.71
C ALA ZA 224 -54.15 68.72 20.15
N SER ZA 225 -55.24 68.33 20.80
CA SER ZA 225 -55.18 67.91 22.20
C SER ZA 225 -54.75 66.45 22.27
N SER ZA 226 -53.67 66.18 23.01
CA SER ZA 226 -53.22 64.82 23.19
C SER ZA 226 -54.15 64.07 24.12
N CYS ZA 227 -54.36 62.78 23.82
CA CYS ZA 227 -55.22 61.90 24.62
C CYS ZA 227 -56.63 62.47 24.76
N GLU ZA 228 -57.14 63.06 23.67
CA GLU ZA 228 -58.49 63.63 23.68
C GLU ZA 228 -59.00 63.66 22.25
N LYS ZA 229 -60.02 62.87 21.98
CA LYS ZA 229 -60.62 62.78 20.65
C LYS ZA 229 -61.99 63.45 20.63
N TRP ZA 230 -62.46 63.73 19.41
CA TRP ZA 230 -63.80 64.27 19.24
C TRP ZA 230 -64.86 63.33 19.82
N GLU ZA 231 -64.63 62.02 19.72
CA GLU ZA 231 -65.55 61.07 20.33
C GLU ZA 231 -65.62 61.24 21.84
N ASP ZA 232 -64.46 61.42 22.49
CA ASP ZA 232 -64.45 61.63 23.93
C ASP ZA 232 -65.12 62.95 24.30
N VAL ZA 233 -64.89 63.99 23.50
CA VAL ZA 233 -65.54 65.28 23.76
C VAL ZA 233 -67.06 65.14 23.66
N LEU ZA 234 -67.54 64.44 22.63
CA LEU ZA 234 -68.97 64.23 22.47
C LEU ZA 234 -69.54 63.41 23.62
N ILE ZA 235 -68.82 62.38 24.05
CA ILE ZA 235 -69.30 61.56 25.16
C ILE ZA 235 -69.42 62.39 26.43
N GLN ZA 236 -68.43 63.25 26.69
CA GLN ZA 236 -68.51 64.12 27.87
C GLN ZA 236 -69.67 65.11 27.75
N THR ZA 237 -69.88 65.66 26.55
CA THR ZA 237 -70.97 66.60 26.36
C THR ZA 237 -72.33 65.94 26.61
N ILE ZA 238 -72.50 64.72 26.13
CA ILE ZA 238 -73.77 64.01 26.36
C ILE ZA 238 -73.90 63.61 27.83
N LYS ZA 239 -72.79 63.22 28.47
CA LYS ZA 239 -72.80 62.90 29.89
C LYS ZA 239 -73.14 64.11 30.74
N ALA ZA 240 -72.89 65.32 30.22
CA ALA ZA 240 -73.30 66.52 30.94
C ALA ZA 240 -74.81 66.56 31.15
N ILE ZA 241 -75.59 66.13 30.15
CA ILE ZA 241 -77.04 66.21 30.22
C ILE ZA 241 -77.71 64.91 30.63
N ASN ZA 242 -77.02 63.78 30.56
CA ASN ZA 242 -77.64 62.51 30.95
C ASN ZA 242 -77.28 62.10 32.38
N ASN ZA 243 -76.83 63.05 33.20
CA ASN ZA 243 -76.40 62.78 34.57
C ASN ZA 243 -75.26 61.76 34.61
N ARG ZA 244 -74.29 61.94 33.71
CA ARG ZA 244 -73.09 61.10 33.65
C ARG ZA 244 -73.44 59.61 33.54
N GLU ZA 245 -74.34 59.30 32.63
CA GLU ZA 245 -74.72 57.92 32.35
C GLU ZA 245 -73.99 57.42 31.11
N ASP ZA 246 -74.14 56.12 30.85
CA ASP ZA 246 -73.45 55.50 29.72
C ASP ZA 246 -73.96 56.07 28.40
N VAL ZA 247 -73.02 56.39 27.51
CA VAL ZA 247 -73.32 56.90 26.18
C VAL ZA 247 -72.75 55.91 25.18
N TYR ZA 248 -73.63 55.26 24.43
CA TYR ZA 248 -73.22 54.27 23.44
C TYR ZA 248 -73.25 54.90 22.05
N ILE ZA 249 -72.32 54.46 21.21
CA ILE ZA 249 -72.20 54.93 19.83
C ILE ZA 249 -72.21 53.74 18.90
N GLU ZA 250 -73.05 53.78 17.88
CA GLU ZA 250 -73.15 52.72 16.89
C GLU ZA 250 -73.03 53.33 15.49
N THR ZA 251 -72.52 52.54 14.56
CA THR ZA 251 -72.38 52.94 13.17
C THR ZA 251 -73.21 52.01 12.30
N SER ZA 252 -74.05 52.58 11.45
CA SER ZA 252 -74.91 51.84 10.55
C SER ZA 252 -74.78 52.39 9.14
N ASN ZA 253 -74.52 51.52 8.17
CA ASN ZA 253 -74.45 51.94 6.78
C ASN ZA 253 -75.81 52.34 6.21
N LEU ZA 254 -76.90 51.98 6.90
CA LEU ZA 254 -78.23 52.38 6.43
C LEU ZA 254 -78.38 53.90 6.44
N LEU ZA 255 -77.84 54.57 7.46
CA LEU ZA 255 -77.88 56.02 7.50
C LEU ZA 255 -76.95 56.61 6.45
N LYS ZA 256 -77.17 57.88 6.13
CA LYS ZA 256 -76.37 58.59 5.14
C LYS ZA 256 -76.21 60.03 5.61
N HIS ZA 257 -75.09 60.32 6.26
CA HIS ZA 257 -74.74 61.68 6.72
C HIS ZA 257 -75.80 62.21 7.68
N LYS ZA 258 -76.30 61.31 8.54
CA LYS ZA 258 -77.27 61.61 9.56
C LYS ZA 258 -76.72 61.16 10.90
N ILE ZA 259 -76.96 61.97 11.94
CA ILE ZA 259 -76.62 61.63 13.32
C ILE ZA 259 -77.90 61.60 14.11
N LEU ZA 260 -78.13 60.50 14.84
CA LEU ZA 260 -79.37 60.30 15.58
C LEU ZA 260 -79.05 60.09 17.05
N ILE ZA 261 -79.50 60.99 17.92
CA ILE ZA 261 -79.25 60.90 19.35
C ILE ZA 261 -80.59 60.75 20.06
N TYR ZA 262 -80.67 59.75 20.94
CA TYR ZA 262 -81.91 59.51 21.67
C TYR ZA 262 -81.62 58.70 22.92
N PRO ZA 263 -82.43 58.85 23.97
CA PRO ZA 263 -82.19 58.08 25.20
C PRO ZA 263 -82.65 56.63 25.05
N LEU ZA 264 -82.26 55.82 26.03
CA LEU ZA 264 -82.62 54.41 26.08
C LEU ZA 264 -83.54 54.11 27.27
N ASN ZA 265 -84.52 54.99 27.50
CA ASN ZA 265 -85.48 54.82 28.58
C ASN ZA 265 -86.83 54.44 28.01
N SER ZA 266 -87.42 53.38 28.55
CA SER ZA 266 -88.71 52.91 28.07
C SER ZA 266 -89.84 53.91 28.34
N GLU ZA 267 -89.66 54.78 29.33
CA GLU ZA 267 -90.70 55.76 29.65
C GLU ZA 267 -90.86 56.79 28.53
N LEU ZA 268 -89.80 57.06 27.77
CA LEU ZA 268 -89.80 58.08 26.74
C LEU ZA 268 -89.99 57.51 25.34
N ILE ZA 269 -89.19 56.51 24.97
CA ILE ZA 269 -89.27 55.84 23.68
C ILE ZA 269 -89.46 54.35 23.93
N LYS ZA 270 -90.47 53.77 23.27
CA LYS ZA 270 -90.79 52.36 23.45
C LYS ZA 270 -91.06 51.74 22.09
N PHE ZA 271 -90.78 50.43 22.00
CA PHE ZA 271 -91.01 49.64 20.79
C PHE ZA 271 -91.95 48.51 21.18
N LYS ZA 272 -93.18 48.58 20.69
CA LYS ZA 272 -94.18 47.54 20.91
C LYS ZA 272 -94.49 46.85 19.59
N PRO ZA 273 -93.61 46.00 19.09
CA PRO ZA 273 -93.88 45.32 17.82
C PRO ZA 273 -94.84 44.16 18.01
N SER ZA 274 -95.40 43.73 16.89
CA SER ZA 274 -96.23 42.54 16.89
C SER ZA 274 -95.38 41.30 17.17
N LYS ZA 275 -96.01 40.31 17.82
CA LYS ZA 275 -95.32 39.05 18.04
C LYS ZA 275 -95.08 38.27 16.76
N TYR ZA 276 -95.70 38.68 15.65
CA TYR ZA 276 -95.49 38.09 14.34
C TYR ZA 276 -94.78 39.05 13.38
N MET ZA 277 -93.94 39.95 13.92
CA MET ZA 277 -93.26 40.92 13.08
C MET ZA 277 -92.19 40.25 12.22
N LEU ZA 278 -91.41 39.35 12.81
CA LEU ZA 278 -90.36 38.67 12.07
C LEU ZA 278 -90.95 37.65 11.12
N PRO ZA 279 -90.22 37.27 10.06
CA PRO ZA 279 -90.80 36.42 9.01
C PRO ZA 279 -91.33 35.11 9.56
N THR ZA 280 -92.49 34.71 9.02
CA THR ZA 280 -93.15 33.46 9.42
C THR ZA 280 -93.67 32.79 8.16
N PRO ZA 281 -93.46 31.47 8.01
CA PRO ZA 281 -93.96 30.78 6.83
C PRO ZA 281 -95.48 30.70 6.82
N ASN ZA 282 -96.04 30.63 5.61
CA ASN ZA 282 -97.46 30.41 5.43
C ASN ZA 282 -97.73 28.93 5.16
N GLU ZA 283 -98.98 28.53 5.36
CA GLU ZA 283 -99.37 27.15 5.13
C GLU ZA 283 -99.72 26.86 3.67
N GLN ZA 284 -100.01 27.89 2.88
CA GLN ZA 284 -100.39 27.69 1.49
C GLN ZA 284 -99.14 27.48 0.64
N VAL ZA 285 -99.02 26.31 0.03
CA VAL ZA 285 -97.92 25.96 -0.85
C VAL ZA 285 -98.50 25.62 -2.21
N ASP ZA 286 -98.15 26.39 -3.23
CA ASP ZA 286 -98.64 26.13 -4.58
C ASP ZA 286 -97.93 24.92 -5.16
N LYS ZA 287 -98.71 23.95 -5.62
CA LYS ZA 287 -98.19 22.73 -6.21
C LYS ZA 287 -98.74 22.57 -7.62
N ASP ZA 288 -97.97 21.86 -8.45
CA ASP ZA 288 -98.32 21.68 -9.85
C ASP ZA 288 -97.76 20.34 -10.32
N SER ZA 289 -98.03 20.02 -11.59
CA SER ZA 289 -97.52 18.78 -12.16
C SER ZA 289 -96.02 18.84 -12.43
N THR ZA 290 -95.45 20.03 -12.51
CA THR ZA 290 -94.01 20.19 -12.73
C THR ZA 290 -93.27 20.08 -11.41
N ASP ZA 291 -91.99 20.45 -11.42
CA ASP ZA 291 -91.15 20.39 -10.23
C ASP ZA 291 -91.03 21.72 -9.50
N VAL ZA 292 -91.74 22.75 -9.95
CA VAL ZA 292 -91.63 24.09 -9.37
C VAL ZA 292 -92.82 24.33 -8.45
N ALA ZA 293 -92.54 24.75 -7.22
CA ALA ZA 293 -93.56 25.10 -6.24
C ALA ZA 293 -93.34 26.53 -5.76
N HIS ZA 294 -94.33 27.05 -5.05
CA HIS ZA 294 -94.27 28.41 -4.52
C HIS ZA 294 -94.64 28.40 -3.04
N SER ZA 295 -94.03 29.31 -2.28
CA SER ZA 295 -94.30 29.44 -0.85
C SER ZA 295 -94.40 30.92 -0.50
N TYR ZA 296 -94.98 31.18 0.68
CA TYR ZA 296 -95.28 32.54 1.12
C TYR ZA 296 -94.71 32.79 2.51
N ILE ZA 297 -94.26 34.02 2.72
CA ILE ZA 297 -93.69 34.47 4.00
C ILE ZA 297 -94.42 35.73 4.43
N ASP ZA 298 -94.84 35.78 5.69
CA ASP ZA 298 -95.57 36.89 6.26
C ASP ZA 298 -94.71 37.64 7.27
N PHE ZA 299 -94.90 38.95 7.34
CA PHE ZA 299 -94.22 39.77 8.33
C PHE ZA 299 -95.04 41.03 8.61
N VAL ZA 300 -94.94 41.53 9.84
CA VAL ZA 300 -95.77 42.62 10.33
C VAL ZA 300 -94.87 43.82 10.63
N LEU ZA 301 -95.32 45.00 10.21
CA LEU ZA 301 -94.58 46.24 10.40
C LEU ZA 301 -95.36 47.20 11.30
N GLY ZA 302 -94.63 48.02 12.05
CA GLY ZA 302 -95.22 49.04 12.89
C GLY ZA 302 -94.90 48.87 14.36
N GLY ZA 303 -95.12 49.93 15.16
CA GLY ZA 303 -95.00 49.79 16.60
C GLY ZA 303 -93.92 50.59 17.31
N LEU ZA 304 -93.61 51.80 16.83
CA LEU ZA 304 -92.65 52.66 17.51
C LEU ZA 304 -93.39 53.85 18.11
N LEU ZA 305 -93.20 54.08 19.41
CA LEU ZA 305 -93.92 55.13 20.12
C LEU ZA 305 -92.93 55.94 20.95
N ALA ZA 306 -92.75 57.22 20.59
CA ALA ZA 306 -91.78 58.07 21.25
C ALA ZA 306 -92.41 59.41 21.62
N THR ZA 307 -92.04 59.92 22.79
CA THR ZA 307 -92.48 61.26 23.20
C THR ZA 307 -91.81 62.32 22.35
N ARG ZA 308 -92.50 63.44 22.18
CA ARG ZA 308 -92.00 64.49 21.30
C ARG ZA 308 -90.82 65.23 21.92
N LYS ZA 309 -89.98 65.77 21.04
CA LYS ZA 309 -88.78 66.52 21.44
C LYS ZA 309 -87.88 65.72 22.37
N THR ZA 310 -87.68 64.44 22.03
CA THR ZA 310 -86.73 63.60 22.72
C THR ZA 310 -85.73 62.95 21.77
N ILE ZA 311 -85.76 63.28 20.48
CA ILE ZA 311 -84.84 62.72 19.50
C ILE ZA 311 -84.19 63.88 18.75
N LEU ZA 312 -82.87 63.83 18.65
CA LEU ZA 312 -82.10 64.83 17.90
C LEU ZA 312 -81.63 64.21 16.60
N GLN ZA 313 -81.93 64.87 15.48
CA GLN ZA 313 -81.58 64.41 14.15
C GLN ZA 313 -80.75 65.50 13.46
N VAL ZA 314 -79.49 65.22 13.22
CA VAL ZA 314 -78.58 66.17 12.58
C VAL ZA 314 -78.28 65.66 11.18
N ASN ZA 315 -78.56 66.49 10.18
CA ASN ZA 315 -78.34 66.15 8.78
C ASN ZA 315 -77.21 67.01 8.23
N ILE ZA 316 -76.18 66.37 7.68
CA ILE ZA 316 -75.13 67.10 7.00
C ILE ZA 316 -75.55 67.27 5.55
N LYS ZA 317 -75.74 68.51 5.11
CA LYS ZA 317 -76.34 68.81 3.81
C LYS ZA 317 -75.23 68.92 2.77
N GLN ZA 318 -75.10 67.90 1.93
CA GLN ZA 318 -74.15 67.95 0.82
C GLN ZA 318 -74.77 68.65 -0.38
N SER ZA 319 -73.91 69.23 -1.21
CA SER ZA 319 -74.32 69.93 -2.43
C SER ZA 319 -75.25 71.08 -2.11
N GLU AB 19 -102.08 -5.34 -15.49
CA GLU AB 19 -103.06 -5.60 -16.53
C GLU AB 19 -102.73 -4.84 -17.81
N VAL AB 20 -101.52 -4.28 -17.86
CA VAL AB 20 -101.05 -3.53 -19.02
C VAL AB 20 -100.05 -4.40 -19.78
N LYS AB 21 -100.27 -4.53 -21.08
CA LYS AB 21 -99.44 -5.41 -21.91
C LYS AB 21 -98.02 -4.89 -22.01
N ASP AB 22 -97.08 -5.82 -22.12
CA ASP AB 22 -95.68 -5.47 -22.28
C ASP AB 22 -95.44 -4.78 -23.63
N PRO AB 23 -94.50 -3.84 -23.69
CA PRO AB 23 -94.19 -3.20 -24.97
C PRO AB 23 -93.65 -4.20 -25.99
N ILE AB 24 -93.99 -3.98 -27.26
CA ILE AB 24 -93.52 -4.85 -28.31
C ILE AB 24 -92.08 -4.58 -28.72
N MET AB 25 -91.51 -3.45 -28.30
CA MET AB 25 -90.13 -3.14 -28.63
C MET AB 25 -89.14 -4.09 -27.97
N TYR AB 26 -89.58 -4.84 -26.95
CA TYR AB 26 -88.69 -5.78 -26.29
C TYR AB 26 -88.26 -6.91 -27.22
N LYS AB 27 -89.10 -7.26 -28.19
CA LYS AB 27 -88.76 -8.32 -29.13
C LYS AB 27 -87.69 -7.90 -30.13
N TRP AB 28 -87.40 -6.61 -30.24
CA TRP AB 28 -86.41 -6.12 -31.18
C TRP AB 28 -85.01 -6.03 -30.59
N PHE AB 29 -84.81 -6.47 -29.35
CA PHE AB 29 -83.53 -6.35 -28.68
C PHE AB 29 -83.27 -7.62 -27.87
N SER AB 30 -81.99 -7.87 -27.62
CA SER AB 30 -81.57 -8.96 -26.76
C SER AB 30 -81.57 -8.50 -25.31
N PRO AB 31 -81.64 -9.44 -24.36
CA PRO AB 31 -81.64 -9.04 -22.94
C PRO AB 31 -80.41 -8.23 -22.54
N ASP AB 32 -79.24 -8.56 -23.10
CA ASP AB 32 -78.02 -7.83 -22.77
C ASP AB 32 -77.91 -6.50 -23.48
N GLN AB 33 -78.79 -6.22 -24.45
CA GLN AB 33 -78.71 -4.99 -25.23
C GLN AB 33 -79.45 -3.82 -24.59
N ILE AB 34 -80.06 -4.01 -23.43
CA ILE AB 34 -80.84 -2.97 -22.77
C ILE AB 34 -80.35 -2.82 -21.34
N GLU AB 35 -80.05 -1.57 -20.94
CA GLU AB 35 -79.60 -1.27 -19.60
C GLU AB 35 -80.22 0.06 -19.15
N ASP AB 36 -80.84 0.05 -17.98
CA ASP AB 36 -81.53 1.24 -17.49
C ASP AB 36 -80.53 2.29 -17.00
N VAL AB 37 -80.94 3.56 -17.11
CA VAL AB 37 -80.17 4.68 -16.58
C VAL AB 37 -81.06 5.49 -15.66
N ASP AB 38 -80.48 6.00 -14.58
CA ASP AB 38 -81.22 6.76 -13.57
C ASP AB 38 -81.15 8.23 -13.94
N LEU AB 39 -82.14 8.68 -14.72
CA LEU AB 39 -82.20 10.06 -15.19
C LEU AB 39 -83.58 10.31 -15.76
N GLN AB 40 -84.05 11.55 -15.64
CA GLN AB 40 -85.33 11.96 -16.20
C GLN AB 40 -85.14 12.90 -17.38
N MET AB 41 -84.43 14.00 -17.19
CA MET AB 41 -84.09 14.91 -18.27
C MET AB 41 -82.63 15.31 -18.14
N GLY AB 42 -81.93 15.32 -19.26
CA GLY AB 42 -80.52 15.62 -19.26
C GLY AB 42 -79.82 14.85 -20.37
N TYR AB 43 -78.54 14.56 -20.15
CA TYR AB 43 -77.75 13.87 -21.15
C TYR AB 43 -76.73 12.97 -20.48
N GLN AB 44 -76.31 11.95 -21.21
CA GLN AB 44 -75.18 11.11 -20.86
C GLN AB 44 -74.14 11.22 -21.97
N LYS AB 45 -72.88 10.99 -21.64
CA LYS AB 45 -71.84 11.07 -22.66
C LYS AB 45 -70.77 10.03 -22.41
N THR AB 46 -70.19 9.55 -23.51
CA THR AB 46 -69.12 8.56 -23.47
C THR AB 46 -68.03 8.98 -24.43
N VAL AB 47 -66.82 8.46 -24.21
CA VAL AB 47 -65.65 8.83 -24.99
C VAL AB 47 -65.05 7.58 -25.62
N LYS AB 48 -64.66 7.69 -26.88
CA LYS AB 48 -64.01 6.61 -27.61
C LYS AB 48 -62.72 7.12 -28.22
N TRP AB 49 -61.69 6.29 -28.19
CA TRP AB 49 -60.34 6.65 -28.64
C TRP AB 49 -60.00 5.87 -29.90
N ASP AB 50 -59.48 6.57 -30.92
CA ASP AB 50 -59.13 5.97 -32.19
C ASP AB 50 -57.71 6.37 -32.58
N ALA AB 51 -57.11 5.57 -33.46
CA ALA AB 51 -55.79 5.85 -34.00
C ALA AB 51 -55.83 5.80 -35.53
N PHE AB 52 -54.86 6.46 -36.15
CA PHE AB 52 -54.78 6.50 -37.60
C PHE AB 52 -53.34 6.71 -38.03
N LEU AB 53 -53.06 6.37 -39.29
CA LEU AB 53 -51.74 6.54 -39.88
C LEU AB 53 -51.75 7.76 -40.78
N ASN AB 54 -50.83 8.69 -40.54
CA ASN AB 54 -50.79 9.93 -41.30
C ASN AB 54 -50.02 9.84 -42.60
N ALA AB 55 -49.18 8.82 -42.77
CA ALA AB 55 -48.38 8.68 -43.99
C ALA AB 55 -47.85 7.26 -44.06
N ASN AB 56 -47.18 6.96 -45.17
CA ASN AB 56 -46.53 5.67 -45.32
C ASN AB 56 -45.39 5.54 -44.31
N PRO AB 57 -45.03 4.32 -43.93
CA PRO AB 57 -43.94 4.13 -42.96
C PRO AB 57 -42.62 4.69 -43.51
N THR AB 58 -41.64 4.76 -42.62
CA THR AB 58 -40.32 5.28 -42.94
C THR AB 58 -39.32 4.14 -42.96
N THR AB 59 -38.52 4.07 -44.03
CA THR AB 59 -37.51 3.04 -44.15
C THR AB 59 -36.27 3.46 -43.37
N ILE AB 60 -35.86 2.61 -42.42
CA ILE AB 60 -34.71 2.91 -41.57
C ILE AB 60 -33.46 2.47 -42.31
N ALA AB 61 -32.74 3.45 -42.85
CA ALA AB 61 -31.50 3.20 -43.58
C ALA AB 61 -30.58 4.41 -43.41
N ASN AB 62 -29.36 4.16 -42.98
CA ASN AB 62 -28.36 5.21 -42.72
C ASN AB 62 -28.93 6.11 -41.61
N GLU AB 63 -28.75 7.42 -41.71
CA GLU AB 63 -29.22 8.36 -40.70
C GLU AB 63 -30.48 9.06 -41.19
N VAL AB 64 -31.48 9.13 -40.33
CA VAL AB 64 -32.72 9.84 -40.63
C VAL AB 64 -33.36 10.26 -39.32
N ASN AB 65 -33.89 11.48 -39.30
CA ASN AB 65 -34.54 12.04 -38.11
C ASN AB 65 -36.03 12.28 -38.30
N THR AB 66 -36.49 12.51 -39.52
CA THR AB 66 -37.90 12.79 -39.80
C THR AB 66 -38.61 11.46 -40.04
N ILE AB 67 -39.54 11.12 -39.16
CA ILE AB 67 -40.23 9.84 -39.19
C ILE AB 67 -41.72 10.09 -39.31
N SER AB 68 -42.40 9.20 -40.04
CA SER AB 68 -43.85 9.29 -40.17
C SER AB 68 -44.51 9.07 -38.81
N THR AB 69 -45.65 9.73 -38.62
CA THR AB 69 -46.31 9.78 -37.32
C THR AB 69 -47.65 9.06 -37.36
N ILE AB 70 -48.05 8.55 -36.20
CA ILE AB 70 -49.35 7.93 -36.00
C ILE AB 70 -50.16 8.86 -35.11
N GLY AB 71 -51.34 9.25 -35.59
CA GLY AB 71 -52.19 10.19 -34.88
C GLY AB 71 -53.28 9.50 -34.08
N PHE AB 72 -53.81 10.24 -33.12
CA PHE AB 72 -54.86 9.75 -32.23
C PHE AB 72 -56.02 10.74 -32.22
N SER AB 73 -57.18 10.25 -31.78
CA SER AB 73 -58.38 11.08 -31.75
C SER AB 73 -59.31 10.59 -30.64
N SER AB 74 -60.08 11.53 -30.11
CA SER AB 74 -61.13 11.25 -29.14
C SER AB 74 -62.46 11.72 -29.70
N GLU AB 75 -63.50 10.91 -29.50
CA GLU AB 75 -64.85 11.26 -29.91
C GLU AB 75 -65.78 11.14 -28.71
N VAL AB 76 -66.56 12.19 -28.46
CA VAL AB 76 -67.51 12.22 -27.36
C VAL AB 76 -68.91 12.10 -27.95
N VAL AB 77 -69.62 11.05 -27.55
CA VAL AB 77 -70.97 10.77 -28.02
C VAL AB 77 -71.94 11.03 -26.88
N ARG AB 78 -72.96 11.83 -27.16
CA ARG AB 78 -73.93 12.26 -26.17
C ARG AB 78 -75.31 11.72 -26.52
N LEU AB 79 -76.02 11.24 -25.50
CA LEU AB 79 -77.40 10.77 -25.60
C LEU AB 79 -78.28 11.68 -24.76
N ASN AB 80 -79.29 12.28 -25.38
CA ASN AB 80 -80.21 13.19 -24.71
C ASN AB 80 -81.46 12.45 -24.28
N TYR AB 81 -82.06 12.92 -23.18
CA TYR AB 81 -83.31 12.37 -22.69
C TYR AB 81 -84.32 13.50 -22.51
N LEU AB 82 -85.59 13.18 -22.72
CA LEU AB 82 -86.65 14.18 -22.66
C LEU AB 82 -87.81 13.66 -21.82
N LYS AB 83 -88.40 14.55 -21.02
CA LYS AB 83 -89.52 14.22 -20.15
C LYS AB 83 -90.80 14.82 -20.73
N LEU AB 84 -91.85 14.01 -20.82
CA LEU AB 84 -93.10 14.41 -21.43
C LEU AB 84 -94.26 13.98 -20.54
N GLN AB 85 -95.39 14.68 -20.69
CA GLN AB 85 -96.52 14.48 -19.80
C GLN AB 85 -97.83 14.55 -20.59
N TYR AB 86 -98.83 13.83 -20.10
CA TYR AB 86 -100.18 13.85 -20.64
C TYR AB 86 -101.18 14.01 -19.50
N LYS AB 87 -102.33 14.60 -19.80
CA LYS AB 87 -103.38 14.81 -18.81
C LYS AB 87 -104.68 14.21 -19.30
N PHE AB 88 -105.39 13.54 -18.39
CA PHE AB 88 -106.67 12.91 -18.73
C PHE AB 88 -107.69 13.15 -17.63
N ARG AB 89 -108.96 13.20 -18.03
CA ARG AB 89 -110.08 13.43 -17.12
C ARG AB 89 -110.71 12.11 -16.72
N HIS AB 90 -111.29 12.09 -15.52
CA HIS AB 90 -111.95 10.90 -14.99
C HIS AB 90 -112.98 11.33 -13.96
N LEU AB 91 -113.67 10.35 -13.39
CA LEU AB 91 -114.68 10.59 -12.37
C LEU AB 91 -114.03 10.60 -10.99
N LYS AB 92 -114.57 11.43 -10.11
CA LYS AB 92 -114.06 11.51 -8.75
C LYS AB 92 -114.41 10.23 -7.98
N GLN AB 93 -113.50 9.85 -7.06
CA GLN AB 93 -113.66 8.59 -6.34
C GLN AB 93 -114.94 8.58 -5.52
N THR AB 94 -115.25 9.68 -4.83
CA THR AB 94 -116.49 9.75 -4.07
C THR AB 94 -117.71 9.82 -4.99
N SER AB 95 -117.56 10.42 -6.18
CA SER AB 95 -118.66 10.56 -7.11
C SER AB 95 -118.89 9.32 -7.96
N GLU AB 96 -118.06 8.30 -7.82
CA GLU AB 96 -118.23 7.09 -8.62
C GLU AB 96 -119.58 6.43 -8.40
N LYS AB 97 -120.01 6.33 -7.13
CA LYS AB 97 -121.22 5.55 -6.82
C LYS AB 97 -122.46 6.14 -7.47
N PHE AB 98 -122.46 7.45 -7.74
CA PHE AB 98 -123.59 8.07 -8.42
C PHE AB 98 -123.52 7.92 -9.93
N TYR AB 99 -122.50 7.24 -10.46
CA TYR AB 99 -122.38 7.00 -11.88
C TYR AB 99 -122.24 5.54 -12.24
N THR AB 100 -121.95 4.66 -11.28
CA THR AB 100 -121.93 3.23 -11.56
C THR AB 100 -123.35 2.73 -11.86
N SER AB 101 -123.44 1.44 -12.21
CA SER AB 101 -124.72 0.83 -12.52
C SER AB 101 -124.59 -0.67 -12.32
N ASP AB 102 -125.59 -1.41 -12.79
CA ASP AB 102 -125.58 -2.87 -12.61
C ASP AB 102 -124.43 -3.52 -13.36
N SER AB 103 -124.20 -3.12 -14.61
CA SER AB 103 -123.17 -3.74 -15.44
C SER AB 103 -122.29 -2.75 -16.20
N TYR AB 104 -122.68 -1.48 -16.31
CA TYR AB 104 -121.87 -0.48 -17.00
C TYR AB 104 -121.45 0.59 -16.01
N ILE AB 105 -120.16 0.94 -16.04
CA ILE AB 105 -119.57 1.90 -15.10
C ILE AB 105 -119.10 3.11 -15.88
N GLY AB 106 -119.51 4.29 -15.43
CA GLY AB 106 -119.12 5.52 -16.07
C GLY AB 106 -120.22 6.10 -16.94
N ASP AB 107 -120.15 7.42 -17.16
CA ASP AB 107 -121.14 8.11 -17.95
C ASP AB 107 -120.92 7.80 -19.44
N ILE AB 108 -121.82 7.02 -20.02
CA ILE AB 108 -121.70 6.65 -21.42
C ILE AB 108 -121.89 7.86 -22.32
N ASN AB 109 -122.82 8.76 -21.95
CA ASN AB 109 -123.12 9.90 -22.80
C ASN AB 109 -121.96 10.88 -22.85
N ASN AB 110 -121.28 11.09 -21.73
CA ASN AB 110 -120.21 12.08 -21.64
C ASN AB 110 -118.82 11.47 -21.72
N ASN AB 111 -118.71 10.15 -21.88
CA ASN AB 111 -117.43 9.46 -21.98
C ASN AB 111 -116.54 9.76 -20.77
N LEU AB 112 -117.08 9.48 -19.59
CA LEU AB 112 -116.37 9.62 -18.33
C LEU AB 112 -116.18 8.25 -17.72
N LEU AB 113 -114.97 7.98 -17.26
CA LEU AB 113 -114.57 6.67 -16.77
C LEU AB 113 -113.98 6.79 -15.37
N PRO AB 114 -113.98 5.71 -14.60
CA PRO AB 114 -113.24 5.70 -13.35
C PRO AB 114 -111.74 5.84 -13.59
N PHE AB 115 -111.04 6.19 -12.51
CA PHE AB 115 -109.61 6.47 -12.61
C PHE AB 115 -108.83 5.26 -13.11
N ALA AB 116 -109.15 4.07 -12.60
CA ALA AB 116 -108.39 2.88 -12.97
C ALA AB 116 -108.49 2.61 -14.47
N GLN AB 117 -109.71 2.58 -15.00
CA GLN AB 117 -109.90 2.30 -16.43
C GLN AB 117 -109.28 3.39 -17.28
N ALA AB 118 -109.49 4.66 -16.90
CA ALA AB 118 -108.93 5.76 -17.67
C ALA AB 118 -107.41 5.69 -17.71
N TYR AB 119 -106.79 5.42 -16.56
CA TYR AB 119 -105.34 5.30 -16.50
C TYR AB 119 -104.84 4.13 -17.33
N LYS AB 120 -105.54 3.00 -17.28
CA LYS AB 120 -105.13 1.84 -18.07
C LYS AB 120 -105.14 2.16 -19.56
N LEU AB 121 -106.23 2.74 -20.05
CA LEU AB 121 -106.31 3.06 -21.47
C LEU AB 121 -105.27 4.10 -21.87
N ALA AB 122 -105.09 5.13 -21.05
CA ALA AB 122 -104.11 6.16 -21.37
C ALA AB 122 -102.69 5.60 -21.39
N SER AB 123 -102.37 4.73 -20.43
CA SER AB 123 -101.06 4.10 -20.40
C SER AB 123 -100.84 3.24 -21.64
N SER AB 124 -101.86 2.51 -22.06
CA SER AB 124 -101.72 1.72 -23.29
C SER AB 124 -101.42 2.60 -24.49
N GLU AB 125 -102.14 3.72 -24.62
CA GLU AB 125 -101.87 4.64 -25.73
C GLU AB 125 -100.45 5.20 -25.67
N ILE AB 126 -100.00 5.57 -24.47
CA ILE AB 126 -98.66 6.14 -24.33
C ILE AB 126 -97.60 5.10 -24.67
N ILE AB 127 -97.81 3.84 -24.28
CA ILE AB 127 -96.85 2.80 -24.61
C ILE AB 127 -96.81 2.55 -26.12
N LYS AB 128 -97.96 2.63 -26.78
CA LYS AB 128 -97.95 2.54 -28.25
C LYS AB 128 -97.13 3.67 -28.86
N LEU AB 129 -97.30 4.89 -28.34
CA LEU AB 129 -96.51 6.02 -28.82
C LEU AB 129 -95.02 5.80 -28.61
N ILE AB 130 -94.65 5.28 -27.44
CA ILE AB 130 -93.24 5.03 -27.12
C ILE AB 130 -92.67 3.99 -28.07
N ASN AB 131 -93.43 2.92 -28.34
CA ASN AB 131 -92.96 1.89 -29.26
C ASN AB 131 -92.74 2.47 -30.66
N HIS AB 132 -93.68 3.31 -31.12
CA HIS AB 132 -93.52 3.93 -32.43
C HIS AB 132 -92.28 4.81 -32.46
N PHE AB 133 -92.03 5.57 -31.39
CA PHE AB 133 -90.82 6.40 -31.36
C PHE AB 133 -89.56 5.55 -31.40
N VAL AB 134 -89.52 4.48 -30.61
CA VAL AB 134 -88.31 3.64 -30.57
C VAL AB 134 -88.05 3.01 -31.94
N LEU AB 135 -89.12 2.61 -32.64
CA LEU AB 135 -88.92 2.00 -33.95
C LEU AB 135 -88.48 3.04 -34.98
N THR AB 136 -89.21 4.15 -35.09
CA THR AB 136 -89.00 5.09 -36.19
C THR AB 136 -88.26 6.35 -35.81
N GLY AB 137 -88.07 6.63 -34.51
CA GLY AB 137 -87.37 7.83 -34.12
C GLY AB 137 -88.13 9.11 -34.31
N THR AB 138 -89.46 9.04 -34.45
CA THR AB 138 -90.29 10.22 -34.63
C THR AB 138 -91.45 10.17 -33.64
N VAL AB 139 -92.02 11.35 -33.38
CA VAL AB 139 -93.15 11.50 -32.49
C VAL AB 139 -94.22 12.29 -33.23
N SER AB 140 -95.32 11.64 -33.58
CA SER AB 140 -96.41 12.27 -34.29
C SER AB 140 -97.68 11.46 -34.07
N ILE AB 141 -98.82 12.11 -34.28
CA ILE AB 141 -100.12 11.48 -34.16
C ILE AB 141 -100.93 11.53 -35.44
N GLN AB 142 -100.36 12.07 -36.52
CA GLN AB 142 -101.03 12.09 -37.81
C GLN AB 142 -100.64 10.86 -38.62
N LYS AB 143 -101.58 10.40 -39.46
CA LYS AB 143 -101.29 9.27 -40.34
C LYS AB 143 -100.26 9.63 -41.39
N ASP AB 144 -100.26 10.89 -41.85
CA ASP AB 144 -99.25 11.33 -42.81
C ASP AB 144 -97.86 11.37 -42.21
N GLY AB 145 -97.74 11.44 -40.89
CA GLY AB 145 -96.46 11.58 -40.24
C GLY AB 145 -95.98 13.01 -40.08
N LYS AB 146 -96.77 13.99 -40.50
CA LYS AB 146 -96.39 15.39 -40.39
C LYS AB 146 -96.72 15.92 -39.00
N ASN AB 147 -96.47 17.22 -38.80
CA ASN AB 147 -96.69 17.89 -37.52
C ASN AB 147 -95.96 17.18 -36.39
N GLN AB 148 -94.73 16.76 -36.66
CA GLN AB 148 -93.94 16.06 -35.66
C GLN AB 148 -93.53 17.00 -34.54
N LYS AB 149 -93.48 16.46 -33.33
CA LYS AB 149 -92.94 17.21 -32.21
C LYS AB 149 -91.44 17.40 -32.37
N ARG AB 150 -90.97 18.63 -32.25
CA ARG AB 150 -89.54 18.89 -32.36
C ARG AB 150 -88.83 18.34 -31.14
N LEU AB 151 -87.80 17.52 -31.38
CA LEU AB 151 -87.05 16.89 -30.32
C LEU AB 151 -85.64 17.47 -30.26
N LEU AB 152 -84.86 17.00 -29.31
CA LEU AB 152 -83.49 17.43 -29.15
C LEU AB 152 -82.57 16.65 -30.08
N PRO AB 153 -81.42 17.22 -30.45
CA PRO AB 153 -80.43 16.45 -31.19
C PRO AB 153 -79.93 15.27 -30.37
N ASN AB 154 -79.30 14.32 -31.06
CA ASN AB 154 -78.83 13.07 -30.46
C ASN AB 154 -79.99 12.25 -29.91
N MET AB 155 -81.16 12.35 -30.53
CA MET AB 155 -82.34 11.56 -30.19
C MET AB 155 -82.82 10.90 -31.47
N TYR AB 156 -82.48 9.63 -31.66
CA TYR AB 156 -82.76 8.92 -32.90
C TYR AB 156 -83.35 7.55 -32.58
N GLY AB 157 -84.03 6.99 -33.58
CA GLY AB 157 -84.53 5.64 -33.54
C GLY AB 157 -83.77 4.73 -34.49
N LEU AB 158 -84.27 3.49 -34.58
CA LEU AB 158 -83.62 2.50 -35.44
C LEU AB 158 -83.74 2.82 -36.92
N LEU AB 159 -84.66 3.71 -37.30
CA LEU AB 159 -84.92 3.99 -38.71
C LEU AB 159 -84.30 5.29 -39.19
N ASN AB 160 -84.16 6.28 -38.33
CA ASN AB 160 -83.61 7.58 -38.72
C ASN AB 160 -82.17 7.77 -38.28
N MET AB 161 -81.52 6.73 -37.79
CA MET AB 161 -80.14 6.85 -37.35
C MET AB 161 -79.25 7.22 -38.53
N PRO AB 162 -78.44 8.27 -38.42
CA PRO AB 162 -77.59 8.68 -39.54
C PRO AB 162 -76.36 7.78 -39.66
N GLU AB 163 -75.65 7.97 -40.79
CA GLU AB 163 -74.42 7.23 -41.07
C GLU AB 163 -74.63 5.72 -41.02
N GLN AB 164 -75.74 5.26 -41.58
CA GLN AB 164 -76.03 3.85 -41.75
C GLN AB 164 -76.13 3.55 -43.24
N ILE AB 165 -76.43 2.29 -43.57
CA ILE AB 165 -76.56 1.88 -44.95
C ILE AB 165 -78.03 2.01 -45.36
N LYS AB 166 -78.28 2.79 -46.40
CA LYS AB 166 -79.63 3.04 -46.89
C LYS AB 166 -79.71 2.63 -48.36
N GLU AB 167 -80.63 1.72 -48.66
CA GLU AB 167 -80.90 1.30 -50.03
C GLU AB 167 -82.35 1.63 -50.37
N GLU AB 168 -82.59 1.97 -51.64
CA GLU AB 168 -83.92 2.35 -52.09
C GLU AB 168 -84.26 1.60 -53.37
N VAL AB 169 -85.34 0.83 -53.32
CA VAL AB 169 -85.88 0.14 -54.49
C VAL AB 169 -86.83 1.08 -55.20
N ALA AB 170 -86.70 1.14 -56.53
CA ALA AB 170 -87.45 2.09 -57.34
C ALA AB 170 -88.93 1.75 -57.35
N SER AB 171 -89.73 2.73 -57.77
CA SER AB 171 -91.18 2.55 -57.80
C SER AB 171 -91.59 1.45 -58.78
N GLY AB 172 -90.93 1.39 -59.94
CA GLY AB 172 -91.28 0.37 -60.92
C GLY AB 172 -91.00 -1.04 -60.47
N ASP AB 173 -90.10 -1.23 -59.50
CA ASP AB 173 -89.75 -2.54 -58.98
C ASP AB 173 -90.33 -2.78 -57.60
N LYS AB 174 -91.46 -2.14 -57.28
CA LYS AB 174 -92.08 -2.32 -55.97
C LYS AB 174 -92.59 -3.74 -55.76
N ASP AB 175 -92.78 -4.50 -56.84
CA ASP AB 175 -93.24 -5.87 -56.75
C ASP AB 175 -92.16 -6.90 -57.08
N LYS AB 176 -91.03 -6.47 -57.63
CA LYS AB 176 -89.99 -7.41 -58.07
C LYS AB 176 -89.14 -7.83 -56.87
N MET AB 177 -89.42 -9.02 -56.35
CA MET AB 177 -88.65 -9.55 -55.24
C MET AB 177 -87.19 -9.74 -55.60
N ASP AB 178 -86.89 -10.00 -56.88
CA ASP AB 178 -85.50 -10.10 -57.31
C ASP AB 178 -84.77 -8.78 -57.14
N LYS AB 179 -85.40 -7.67 -57.53
CA LYS AB 179 -84.78 -6.35 -57.34
C LYS AB 179 -84.66 -6.03 -55.86
N ILE AB 180 -85.69 -6.35 -55.07
CA ILE AB 180 -85.61 -6.11 -53.62
C ILE AB 180 -84.44 -6.87 -53.02
N PHE AB 181 -84.28 -8.14 -53.40
CA PHE AB 181 -83.17 -8.94 -52.89
C PHE AB 181 -81.82 -8.43 -53.37
N GLU AB 182 -81.75 -7.91 -54.60
CA GLU AB 182 -80.50 -7.33 -55.07
C GLU AB 182 -80.10 -6.13 -54.22
N LYS AB 183 -81.07 -5.26 -53.89
CA LYS AB 183 -80.78 -4.13 -53.02
C LYS AB 183 -80.35 -4.59 -51.63
N ILE AB 184 -81.04 -5.60 -51.09
CA ILE AB 184 -80.68 -6.11 -49.77
C ILE AB 184 -79.27 -6.70 -49.79
N GLU AB 185 -78.93 -7.41 -50.85
CA GLU AB 185 -77.60 -8.00 -50.96
C GLU AB 185 -76.52 -6.93 -51.06
N ALA AB 186 -76.78 -5.86 -51.82
CA ALA AB 186 -75.83 -4.76 -51.90
C ALA AB 186 -75.63 -4.12 -50.53
N GLY AB 187 -76.73 -3.90 -49.80
CA GLY AB 187 -76.60 -3.34 -48.46
C GLY AB 187 -75.82 -4.25 -47.51
N LEU AB 188 -76.09 -5.56 -47.58
CA LEU AB 188 -75.38 -6.51 -46.73
C LEU AB 188 -73.90 -6.51 -47.04
N SER AB 189 -73.54 -6.40 -48.32
CA SER AB 189 -72.13 -6.27 -48.69
C SER AB 189 -71.54 -4.99 -48.12
N LYS AB 190 -72.28 -3.88 -48.17
CA LYS AB 190 -71.78 -2.62 -47.65
C LYS AB 190 -71.73 -2.59 -46.12
N LEU AB 191 -72.36 -3.53 -45.43
CA LEU AB 191 -72.29 -3.55 -43.97
C LEU AB 191 -70.85 -3.75 -43.50
N GLU AB 192 -70.57 -3.26 -42.29
CA GLU AB 192 -69.22 -3.22 -41.72
C GLU AB 192 -69.23 -3.73 -40.29
N LEU AB 193 -69.81 -4.91 -40.07
CA LEU AB 193 -69.84 -5.50 -38.74
C LEU AB 193 -68.44 -5.64 -38.14
N GLY AB 194 -67.44 -5.94 -38.97
CA GLY AB 194 -66.08 -5.99 -38.47
C GLY AB 194 -65.83 -7.13 -37.51
N ASP AB 195 -65.11 -6.84 -36.44
CA ASP AB 195 -64.73 -7.86 -35.46
C ASP AB 195 -65.93 -8.39 -34.67
N GLU AB 196 -67.07 -7.73 -34.72
CA GLU AB 196 -68.28 -8.18 -34.04
C GLU AB 196 -69.24 -8.90 -34.99
N PHE AB 197 -68.69 -9.63 -35.96
CA PHE AB 197 -69.53 -10.29 -36.96
C PHE AB 197 -70.21 -11.53 -36.43
N SER AB 198 -69.64 -12.20 -35.42
CA SER AB 198 -70.19 -13.44 -34.90
C SER AB 198 -71.29 -13.13 -33.89
N THR AB 199 -72.41 -12.65 -34.41
CA THR AB 199 -73.55 -12.23 -33.60
C THR AB 199 -74.84 -12.61 -34.29
N PRO AB 200 -75.90 -12.86 -33.53
CA PRO AB 200 -77.22 -13.06 -34.15
C PRO AB 200 -77.70 -11.79 -34.84
N MET AB 201 -78.54 -11.97 -35.86
CA MET AB 201 -79.04 -10.86 -36.66
C MET AB 201 -80.56 -10.80 -36.58
N MET AB 202 -81.09 -9.59 -36.71
CA MET AB 202 -82.52 -9.33 -36.59
C MET AB 202 -83.00 -8.59 -37.82
N VAL AB 203 -84.11 -9.04 -38.38
CA VAL AB 203 -84.75 -8.44 -39.55
C VAL AB 203 -86.19 -8.11 -39.18
N ILE AB 204 -86.63 -6.91 -39.53
CA ILE AB 204 -87.99 -6.45 -39.31
C ILE AB 204 -88.57 -6.05 -40.65
N VAL AB 205 -89.74 -6.60 -40.98
CA VAL AB 205 -90.39 -6.38 -42.27
C VAL AB 205 -91.86 -6.09 -42.05
N ASP AB 206 -92.48 -5.52 -43.08
CA ASP AB 206 -93.91 -5.24 -43.10
C ASP AB 206 -94.68 -6.48 -43.58
N PRO AB 207 -96.00 -6.53 -43.30
CA PRO AB 207 -96.77 -7.71 -43.73
C PRO AB 207 -96.73 -7.98 -45.22
N ALA AB 208 -96.70 -6.94 -46.06
CA ALA AB 208 -96.61 -7.15 -47.49
C ALA AB 208 -95.29 -7.84 -47.86
N THR AB 209 -94.19 -7.39 -47.25
CA THR AB 209 -92.90 -8.03 -47.50
C THR AB 209 -92.91 -9.47 -46.98
N SER AB 210 -93.54 -9.71 -45.84
CA SER AB 210 -93.63 -11.07 -45.30
C SER AB 210 -94.41 -11.98 -46.26
N LEU AB 211 -95.49 -11.45 -46.85
CA LEU AB 211 -96.22 -12.22 -47.86
C LEU AB 211 -95.37 -12.48 -49.09
N LYS AB 212 -94.57 -11.48 -49.50
CA LYS AB 212 -93.69 -11.68 -50.65
C LYS AB 212 -92.62 -12.74 -50.38
N LEU AB 213 -92.15 -12.83 -49.13
CA LEU AB 213 -91.03 -13.70 -48.79
C LEU AB 213 -91.36 -15.18 -48.85
N VAL AB 214 -92.64 -15.56 -48.96
CA VAL AB 214 -92.97 -16.99 -48.97
C VAL AB 214 -93.06 -17.57 -50.36
N LYS AB 215 -92.96 -16.75 -51.41
CA LYS AB 215 -92.99 -17.27 -52.77
C LYS AB 215 -91.72 -18.06 -53.07
N PRO AB 216 -91.80 -19.05 -53.96
CA PRO AB 216 -90.60 -19.83 -54.29
C PRO AB 216 -89.54 -18.98 -54.97
N TYR AB 217 -88.28 -19.32 -54.70
CA TYR AB 217 -87.17 -18.57 -55.26
C TYR AB 217 -87.10 -18.75 -56.77
N ALA AB 218 -86.70 -17.69 -57.46
CA ALA AB 218 -86.59 -17.71 -58.92
C ALA AB 218 -85.18 -17.35 -59.36
N ALA AB 223 -87.22 -20.34 -64.10
CA ALA AB 223 -88.22 -21.24 -63.55
C ALA AB 223 -88.15 -21.28 -62.03
N ALA AB 224 -89.30 -21.47 -61.40
CA ALA AB 224 -89.37 -21.52 -59.96
C ALA AB 224 -88.64 -22.75 -59.41
N SER AB 225 -88.04 -22.57 -58.23
CA SER AB 225 -87.29 -23.65 -57.60
C SER AB 225 -88.23 -24.58 -56.84
N SER AB 226 -87.65 -25.60 -56.23
CA SER AB 226 -88.38 -26.54 -55.38
C SER AB 226 -87.78 -26.51 -54.00
N CYS AB 227 -88.62 -26.31 -52.98
CA CYS AB 227 -88.23 -26.26 -51.58
C CYS AB 227 -87.27 -25.13 -51.26
N GLU AB 228 -87.07 -24.19 -52.18
CA GLU AB 228 -86.23 -23.01 -51.95
C GLU AB 228 -87.10 -21.78 -52.03
N LYS AB 229 -87.22 -21.05 -50.93
CA LYS AB 229 -88.04 -19.86 -50.86
C LYS AB 229 -87.16 -18.65 -50.55
N TRP AB 230 -87.72 -17.46 -50.83
CA TRP AB 230 -86.97 -16.22 -50.64
C TRP AB 230 -86.56 -16.02 -49.20
N GLU AB 231 -87.39 -16.47 -48.25
CA GLU AB 231 -87.02 -16.37 -46.84
C GLU AB 231 -85.79 -17.20 -46.54
N ASP AB 232 -85.74 -18.43 -47.05
CA ASP AB 232 -84.57 -19.27 -46.84
C ASP AB 232 -83.33 -18.67 -47.51
N VAL AB 233 -83.49 -18.13 -48.71
CA VAL AB 233 -82.37 -17.51 -49.40
C VAL AB 233 -81.84 -16.32 -48.62
N LEU AB 234 -82.74 -15.49 -48.09
CA LEU AB 234 -82.32 -14.33 -47.30
C LEU AB 234 -81.62 -14.77 -46.01
N ILE AB 235 -82.14 -15.80 -45.35
CA ILE AB 235 -81.50 -16.30 -44.14
C ILE AB 235 -80.09 -16.81 -44.45
N GLN AB 236 -79.93 -17.54 -45.55
CA GLN AB 236 -78.61 -18.01 -45.94
C GLN AB 236 -77.68 -16.84 -46.24
N THR AB 237 -78.18 -15.81 -46.94
CA THR AB 237 -77.35 -14.67 -47.28
C THR AB 237 -76.88 -13.94 -46.02
N ILE AB 238 -77.76 -13.78 -45.04
CA ILE AB 238 -77.37 -13.10 -43.80
C ILE AB 238 -76.41 -13.98 -42.99
N LYS AB 239 -76.64 -15.30 -42.99
CA LYS AB 239 -75.74 -16.21 -42.29
C LYS AB 239 -74.36 -16.22 -42.93
N ALA AB 240 -74.27 -15.88 -44.21
CA ALA AB 240 -72.97 -15.78 -44.87
C ALA AB 240 -72.10 -14.70 -44.23
N ILE AB 241 -72.71 -13.66 -43.66
CA ILE AB 241 -71.95 -12.57 -43.06
C ILE AB 241 -71.94 -12.60 -41.54
N ASN AB 242 -72.91 -13.27 -40.90
CA ASN AB 242 -72.96 -13.27 -39.44
C ASN AB 242 -72.23 -14.46 -38.83
N ASN AB 243 -71.37 -15.13 -39.58
CA ASN AB 243 -70.65 -16.33 -39.12
C ASN AB 243 -71.61 -17.45 -38.77
N ARG AB 244 -72.65 -17.61 -39.58
CA ARG AB 244 -73.63 -18.69 -39.43
C ARG AB 244 -74.30 -18.66 -38.05
N GLU AB 245 -74.56 -17.46 -37.55
CA GLU AB 245 -75.30 -17.30 -36.31
C GLU AB 245 -76.79 -17.23 -36.58
N ASP AB 246 -77.57 -17.19 -35.50
CA ASP AB 246 -79.02 -17.20 -35.62
C ASP AB 246 -79.52 -15.94 -36.32
N VAL AB 247 -80.55 -16.10 -37.15
CA VAL AB 247 -81.19 -15.00 -37.85
C VAL AB 247 -82.67 -15.02 -37.51
N TYR AB 248 -83.18 -13.91 -37.00
CA TYR AB 248 -84.57 -13.81 -36.58
C TYR AB 248 -85.32 -12.84 -37.50
N ILE AB 249 -86.57 -13.16 -37.80
CA ILE AB 249 -87.41 -12.35 -38.67
C ILE AB 249 -88.69 -12.01 -37.91
N GLU AB 250 -89.03 -10.72 -37.89
CA GLU AB 250 -90.25 -10.25 -37.25
C GLU AB 250 -91.05 -9.40 -38.22
N THR AB 251 -92.36 -9.46 -38.08
CA THR AB 251 -93.29 -8.63 -38.84
C THR AB 251 -93.87 -7.57 -37.93
N SER AB 252 -93.80 -6.31 -38.36
CA SER AB 252 -94.32 -5.18 -37.58
C SER AB 252 -95.23 -4.36 -38.48
N ASN AB 253 -96.48 -4.21 -38.06
CA ASN AB 253 -97.42 -3.36 -38.80
C ASN AB 253 -97.08 -1.88 -38.69
N LEU AB 254 -96.19 -1.50 -37.77
CA LEU AB 254 -95.77 -0.11 -37.68
C LEU AB 254 -95.00 0.33 -38.92
N LEU AB 255 -94.15 -0.55 -39.43
CA LEU AB 255 -93.40 -0.23 -40.65
C LEU AB 255 -94.31 -0.28 -41.88
N LYS AB 256 -93.82 0.31 -42.96
CA LYS AB 256 -94.56 0.34 -44.22
C LYS AB 256 -93.56 0.54 -45.34
N HIS AB 257 -93.39 -0.49 -46.19
CA HIS AB 257 -92.45 -0.45 -47.31
C HIS AB 257 -91.01 -0.25 -46.84
N LYS AB 258 -90.71 -0.72 -45.63
CA LYS AB 258 -89.38 -0.61 -45.04
C LYS AB 258 -88.91 -1.99 -44.59
N ILE AB 259 -87.61 -2.24 -44.75
CA ILE AB 259 -86.96 -3.45 -44.25
C ILE AB 259 -85.78 -3.01 -43.40
N LEU AB 260 -85.67 -3.57 -42.19
CA LEU AB 260 -84.63 -3.19 -41.25
C LEU AB 260 -83.81 -4.41 -40.87
N ILE AB 261 -82.49 -4.32 -41.00
CA ILE AB 261 -81.59 -5.41 -40.63
C ILE AB 261 -80.49 -4.86 -39.73
N TYR AB 262 -80.28 -5.51 -38.59
CA TYR AB 262 -79.26 -5.04 -37.66
C TYR AB 262 -78.84 -6.17 -36.74
N PRO AB 263 -77.64 -6.13 -36.18
CA PRO AB 263 -77.20 -7.19 -35.27
C PRO AB 263 -77.75 -7.03 -33.87
N LEU AB 264 -77.89 -8.16 -33.18
CA LEU AB 264 -78.29 -8.18 -31.77
C LEU AB 264 -77.06 -8.27 -30.87
N ASN AB 265 -76.17 -7.30 -31.03
CA ASN AB 265 -74.92 -7.26 -30.28
C ASN AB 265 -74.86 -5.97 -29.47
N SER AB 266 -74.58 -6.10 -28.18
CA SER AB 266 -74.51 -4.92 -27.31
C SER AB 266 -73.32 -4.04 -27.65
N GLU AB 267 -72.24 -4.63 -28.17
CA GLU AB 267 -71.05 -3.86 -28.50
C GLU AB 267 -71.27 -2.92 -29.68
N LEU AB 268 -72.30 -3.14 -30.48
CA LEU AB 268 -72.59 -2.32 -31.64
C LEU AB 268 -73.82 -1.44 -31.45
N ILE AB 269 -74.93 -2.03 -31.00
CA ILE AB 269 -76.17 -1.32 -30.76
C ILE AB 269 -76.58 -1.56 -29.31
N LYS AB 270 -76.87 -0.49 -28.58
CA LYS AB 270 -77.29 -0.57 -27.19
C LYS AB 270 -78.47 0.36 -26.95
N PHE AB 271 -79.26 0.02 -25.94
CA PHE AB 271 -80.42 0.81 -25.56
C PHE AB 271 -80.28 1.11 -24.07
N LYS AB 272 -80.07 2.37 -23.73
CA LYS AB 272 -79.96 2.80 -22.35
C LYS AB 272 -81.14 3.70 -22.01
N PRO AB 273 -82.34 3.15 -21.85
CA PRO AB 273 -83.50 3.98 -21.56
C PRO AB 273 -83.53 4.41 -20.11
N SER AB 274 -84.24 5.49 -19.86
CA SER AB 274 -84.44 5.94 -18.48
C SER AB 274 -85.27 4.91 -17.73
N LYS AB 275 -84.97 4.75 -16.44
CA LYS AB 275 -85.77 3.84 -15.63
C LYS AB 275 -87.19 4.35 -15.42
N TYR AB 276 -87.46 5.60 -15.78
CA TYR AB 276 -88.81 6.17 -15.74
C TYR AB 276 -89.37 6.38 -17.15
N MET AB 277 -88.89 5.60 -18.12
CA MET AB 277 -89.36 5.76 -19.50
C MET AB 277 -90.82 5.37 -19.65
N LEU AB 278 -91.21 4.26 -19.03
CA LEU AB 278 -92.58 3.79 -19.13
C LEU AB 278 -93.52 4.71 -18.33
N PRO AB 279 -94.80 4.75 -18.70
CA PRO AB 279 -95.72 5.71 -18.06
C PRO AB 279 -95.79 5.54 -16.55
N THR AB 280 -95.84 6.68 -15.85
CA THR AB 280 -95.91 6.71 -14.39
C THR AB 280 -96.92 7.77 -13.97
N PRO AB 281 -97.82 7.45 -13.04
CA PRO AB 281 -98.78 8.46 -12.58
C PRO AB 281 -98.09 9.56 -11.79
N ASN AB 282 -98.66 10.76 -11.86
CA ASN AB 282 -98.18 11.90 -11.10
C ASN AB 282 -98.94 12.00 -9.78
N GLU AB 283 -98.36 12.75 -8.85
CA GLU AB 283 -98.98 12.95 -7.54
C GLU AB 283 -100.03 14.04 -7.54
N GLN AB 284 -100.10 14.86 -8.59
CA GLN AB 284 -101.04 15.97 -8.65
C GLN AB 284 -102.37 15.51 -9.23
N VAL AB 285 -103.45 15.80 -8.52
CA VAL AB 285 -104.80 15.53 -9.00
C VAL AB 285 -105.60 16.83 -8.91
N ASP AB 286 -106.23 17.21 -10.03
CA ASP AB 286 -106.98 18.46 -10.10
C ASP AB 286 -108.42 18.19 -9.65
N LYS AB 287 -108.66 18.37 -8.36
CA LYS AB 287 -110.00 18.22 -7.81
C LYS AB 287 -110.76 19.54 -7.86
N ASP AB 288 -112.08 19.45 -7.74
CA ASP AB 288 -112.95 20.61 -7.85
C ASP AB 288 -114.26 20.30 -7.12
N SER AB 289 -115.21 21.22 -7.22
CA SER AB 289 -116.52 21.01 -6.60
C SER AB 289 -117.36 20.02 -7.39
N THR AB 290 -117.13 19.90 -8.69
CA THR AB 290 -117.90 18.99 -9.54
C THR AB 290 -117.37 17.57 -9.39
N ASP AB 291 -117.83 16.67 -10.24
CA ASP AB 291 -117.48 15.26 -10.18
C ASP AB 291 -116.32 14.89 -11.11
N VAL AB 292 -115.79 15.85 -11.86
CA VAL AB 292 -114.74 15.59 -12.84
C VAL AB 292 -113.39 15.93 -12.22
N ALA AB 293 -112.45 15.00 -12.29
CA ALA AB 293 -111.08 15.22 -11.83
C ALA AB 293 -110.11 14.99 -12.98
N HIS AB 294 -108.88 15.47 -12.81
CA HIS AB 294 -107.85 15.37 -13.82
C HIS AB 294 -106.59 14.76 -13.23
N SER AB 295 -105.91 13.92 -14.01
CA SER AB 295 -104.69 13.26 -13.59
C SER AB 295 -103.64 13.38 -14.69
N TYR AB 296 -102.38 13.13 -14.32
CA TYR AB 296 -101.24 13.31 -15.21
C TYR AB 296 -100.39 12.06 -15.23
N ILE AB 297 -99.82 11.78 -16.41
CA ILE AB 297 -98.93 10.65 -16.64
C ILE AB 297 -97.64 11.17 -17.25
N ASP AB 298 -96.51 10.71 -16.72
CA ASP AB 298 -95.19 11.12 -17.18
C ASP AB 298 -94.47 9.96 -17.86
N PHE AB 299 -93.67 10.29 -18.87
CA PHE AB 299 -92.85 9.28 -19.55
C PHE AB 299 -91.63 9.95 -20.16
N VAL AB 300 -90.56 9.17 -20.33
CA VAL AB 300 -89.27 9.68 -20.77
C VAL AB 300 -88.91 9.04 -22.10
N LEU AB 301 -88.36 9.85 -23.01
CA LEU AB 301 -87.96 9.41 -24.34
C LEU AB 301 -86.48 9.63 -24.56
N GLY AB 302 -85.86 8.72 -25.33
CA GLY AB 302 -84.46 8.84 -25.69
C GLY AB 302 -83.60 7.68 -25.21
N GLY AB 303 -82.40 7.54 -25.75
CA GLY AB 303 -81.46 6.56 -25.24
C GLY AB 303 -81.05 5.42 -26.16
N LEU AB 304 -80.95 5.66 -27.47
CA LEU AB 304 -80.49 4.64 -28.40
C LEU AB 304 -79.09 4.98 -28.87
N LEU AB 305 -78.15 4.06 -28.66
CA LEU AB 305 -76.76 4.23 -29.07
C LEU AB 305 -76.43 3.21 -30.13
N ALA AB 306 -75.84 3.67 -31.24
CA ALA AB 306 -75.53 2.77 -32.35
C ALA AB 306 -74.21 3.15 -32.98
N THR AB 307 -73.42 2.14 -33.34
CA THR AB 307 -72.21 2.36 -34.12
C THR AB 307 -72.56 2.58 -35.58
N ARG AB 308 -71.73 3.36 -36.27
CA ARG AB 308 -72.02 3.71 -37.66
C ARG AB 308 -71.84 2.52 -38.58
N LYS AB 309 -72.61 2.52 -39.67
CA LYS AB 309 -72.54 1.49 -40.70
C LYS AB 309 -72.76 0.09 -40.14
N THR AB 310 -73.73 -0.04 -39.23
CA THR AB 310 -74.12 -1.34 -38.72
C THR AB 310 -75.62 -1.60 -38.87
N ILE AB 311 -76.35 -0.71 -39.53
CA ILE AB 311 -77.80 -0.86 -39.72
C ILE AB 311 -78.11 -0.71 -41.20
N LEU AB 312 -78.86 -1.67 -41.74
CA LEU AB 312 -79.31 -1.63 -43.13
C LEU AB 312 -80.79 -1.31 -43.17
N GLN AB 313 -81.14 -0.26 -43.91
CA GLN AB 313 -82.51 0.18 -44.07
C GLN AB 313 -82.83 0.20 -45.55
N VAL AB 314 -83.87 -0.54 -45.94
CA VAL AB 314 -84.30 -0.64 -47.34
C VAL AB 314 -85.67 -0.01 -47.44
N ASN AB 315 -85.81 0.95 -48.36
CA ASN AB 315 -87.06 1.67 -48.58
C ASN AB 315 -87.56 1.36 -49.98
N ILE AB 316 -88.82 0.93 -50.08
CA ILE AB 316 -89.43 0.61 -51.36
C ILE AB 316 -90.29 1.81 -51.75
N LYS AB 317 -89.84 2.56 -52.75
CA LYS AB 317 -90.59 3.73 -53.20
C LYS AB 317 -91.80 3.30 -54.03
N GLN AB 318 -92.83 4.15 -54.01
CA GLN AB 318 -94.01 3.99 -54.86
C GLN AB 318 -94.21 5.13 -55.84
N SER AB 319 -93.55 6.26 -55.65
CA SER AB 319 -93.76 7.40 -56.53
C SER AB 319 -92.67 7.45 -57.60
N LEU BB 3 -111.98 11.36 10.99
CA LEU BB 3 -112.32 12.40 10.04
C LEU BB 3 -112.44 13.75 10.73
N PHE BB 4 -113.06 13.76 11.91
CA PHE BB 4 -113.22 15.00 12.66
C PHE BB 4 -111.88 15.57 13.09
N ASP BB 5 -110.93 14.70 13.45
CA ASP BB 5 -109.62 15.18 13.87
C ASP BB 5 -108.83 15.78 12.71
N GLU BB 6 -109.11 15.34 11.48
CA GLU BB 6 -108.40 15.83 10.32
C GLU BB 6 -109.07 17.03 9.68
N ASN BB 7 -110.37 16.94 9.40
CA ASN BB 7 -111.12 18.02 8.78
C ASN BB 7 -111.94 18.74 9.85
N TYR BB 8 -111.75 20.05 9.95
CA TYR BB 8 -112.46 20.83 10.96
C TYR BB 8 -113.83 21.31 10.47
N TYR BB 9 -113.97 21.52 9.16
CA TYR BB 9 -115.25 21.99 8.62
C TYR BB 9 -116.34 20.94 8.80
N ALA BB 10 -115.98 19.66 8.64
CA ALA BB 10 -116.94 18.59 8.91
C ALA BB 10 -117.38 18.60 10.37
N LYS BB 11 -116.44 18.80 11.29
CA LYS BB 11 -116.80 18.87 12.71
C LYS BB 11 -117.71 20.06 12.98
N ALA BB 12 -117.40 21.22 12.38
CA ALA BB 12 -118.24 22.40 12.57
C ALA BB 12 -119.65 22.17 12.06
N VAL BB 13 -119.77 21.56 10.87
CA VAL BB 13 -121.09 21.29 10.31
C VAL BB 13 -121.85 20.30 11.19
N ALA BB 14 -121.17 19.28 11.69
CA ALA BB 14 -121.82 18.33 12.58
C ALA BB 14 -122.29 19.00 13.86
N ASN BB 15 -121.51 19.95 14.38
CA ASN BB 15 -121.86 20.61 15.62
C ASN BB 15 -123.03 21.57 15.44
N ILE BB 16 -123.09 22.27 14.30
CA ILE BB 16 -124.07 23.33 14.10
C ILE BB 16 -125.24 22.89 13.22
N ILE BB 17 -125.29 21.60 12.85
CA ILE BB 17 -126.38 21.14 11.99
C ILE BB 17 -127.72 21.18 12.73
N GLY BB 18 -127.70 21.01 14.05
CA GLY BB 18 -128.94 20.97 14.80
C GLY BB 18 -129.66 22.30 14.90
N GLU BB 19 -128.95 23.41 14.74
CA GLU BB 19 -129.56 24.73 14.84
C GLU BB 19 -130.38 25.11 13.61
N VAL BB 20 -130.31 24.32 12.54
CA VAL BB 20 -131.08 24.61 11.33
C VAL BB 20 -132.52 24.17 11.56
N LYS BB 21 -133.46 25.06 11.27
CA LYS BB 21 -134.87 24.79 11.49
C LYS BB 21 -135.41 23.83 10.43
N ASP BB 22 -136.48 23.14 10.80
CA ASP BB 22 -137.14 22.24 9.85
C ASP BB 22 -137.86 23.06 8.78
N PRO BB 23 -137.94 22.54 7.56
CA PRO BB 23 -138.66 23.25 6.49
C PRO BB 23 -140.15 23.33 6.79
N ILE BB 24 -140.77 24.41 6.32
CA ILE BB 24 -142.21 24.58 6.51
C ILE BB 24 -143.03 23.78 5.51
N MET BB 25 -142.41 23.25 4.47
CA MET BB 25 -143.12 22.44 3.49
C MET BB 25 -143.62 21.13 4.07
N TYR BB 26 -143.09 20.71 5.22
CA TYR BB 26 -143.52 19.45 5.82
C TYR BB 26 -144.98 19.49 6.26
N LYS BB 27 -145.47 20.67 6.68
CA LYS BB 27 -146.86 20.80 7.11
C LYS BB 27 -147.85 20.71 5.96
N TRP BB 28 -147.38 20.72 4.72
CA TRP BB 28 -148.25 20.68 3.55
C TRP BB 28 -148.49 19.27 3.03
N PHE BB 29 -147.95 18.24 3.69
CA PHE BB 29 -148.02 16.89 3.19
C PHE BB 29 -148.33 15.92 4.31
N SER BB 30 -148.99 14.82 3.95
CA SER BB 30 -149.26 13.75 4.89
C SER BB 30 -147.96 13.04 5.26
N PRO BB 31 -147.86 12.47 6.47
CA PRO BB 31 -146.65 11.74 6.83
C PRO BB 31 -146.36 10.56 5.91
N ASP BB 32 -147.38 9.94 5.34
CA ASP BB 32 -147.20 8.83 4.42
C ASP BB 32 -147.06 9.28 2.97
N GLN BB 33 -147.24 10.58 2.70
CA GLN BB 33 -147.15 11.09 1.33
C GLN BB 33 -145.72 11.34 0.87
N ILE BB 34 -144.75 11.37 1.78
CA ILE BB 34 -143.37 11.69 1.46
C ILE BB 34 -142.53 10.44 1.60
N GLU BB 35 -141.78 10.11 0.53
CA GLU BB 35 -140.92 8.94 0.54
C GLU BB 35 -139.58 9.32 -0.10
N ASP BB 36 -138.49 8.98 0.57
CA ASP BB 36 -137.16 9.35 0.09
C ASP BB 36 -136.69 8.40 -1.00
N VAL BB 37 -136.00 8.95 -2.00
CA VAL BB 37 -135.37 8.16 -3.05
C VAL BB 37 -133.88 8.47 -3.06
N ASP BB 38 -133.10 7.52 -3.55
CA ASP BB 38 -131.64 7.64 -3.59
C ASP BB 38 -131.23 8.06 -5.00
N LEU BB 39 -130.90 9.33 -5.17
CA LEU BB 39 -130.52 9.88 -6.47
C LEU BB 39 -129.97 11.28 -6.27
N GLN BB 40 -129.15 11.71 -7.21
CA GLN BB 40 -128.65 13.08 -7.26
C GLN BB 40 -128.98 13.79 -8.55
N MET BB 41 -128.95 13.08 -9.68
CA MET BB 41 -129.38 13.62 -10.95
C MET BB 41 -129.77 12.46 -11.86
N GLY BB 42 -130.77 12.70 -12.70
CA GLY BB 42 -131.31 11.66 -13.54
C GLY BB 42 -132.83 11.66 -13.53
N TYR BB 43 -133.44 10.48 -13.56
CA TYR BB 43 -134.89 10.39 -13.51
C TYR BB 43 -135.28 9.06 -12.89
N GLN BB 44 -136.52 8.99 -12.41
CA GLN BB 44 -137.10 7.79 -11.85
C GLN BB 44 -138.39 7.46 -12.59
N LYS BB 45 -138.57 6.19 -12.92
CA LYS BB 45 -139.76 5.71 -13.61
C LYS BB 45 -140.63 4.92 -12.64
N THR BB 46 -141.90 5.26 -12.57
CA THR BB 46 -142.89 4.56 -11.77
C THR BB 46 -143.94 3.97 -12.69
N VAL BB 47 -144.28 2.70 -12.48
CA VAL BB 47 -145.25 1.98 -13.31
C VAL BB 47 -146.46 1.64 -12.46
N LYS BB 48 -147.64 1.86 -13.01
CA LYS BB 48 -148.90 1.55 -12.36
C LYS BB 48 -149.70 0.59 -13.22
N TRP BB 49 -150.20 -0.48 -12.61
CA TRP BB 49 -150.92 -1.53 -13.32
C TRP BB 49 -152.40 -1.45 -13.02
N ASP BB 50 -153.22 -1.64 -14.06
CA ASP BB 50 -154.67 -1.60 -13.93
C ASP BB 50 -155.27 -2.79 -14.67
N ALA BB 51 -156.51 -3.12 -14.30
CA ALA BB 51 -157.25 -4.21 -14.92
C ALA BB 51 -158.60 -3.69 -15.39
N PHE BB 52 -159.12 -4.32 -16.45
CA PHE BB 52 -160.40 -3.93 -17.02
C PHE BB 52 -161.17 -5.18 -17.46
N LEU BB 53 -162.48 -5.03 -17.58
CA LEU BB 53 -163.37 -6.11 -17.98
C LEU BB 53 -163.69 -5.99 -19.46
N ASN BB 54 -163.62 -7.13 -20.16
CA ASN BB 54 -163.88 -7.14 -21.60
C ASN BB 54 -165.33 -7.36 -21.95
N ALA BB 55 -166.08 -8.08 -21.11
CA ALA BB 55 -167.47 -8.37 -21.39
C ALA BB 55 -168.17 -8.72 -20.08
N ASN BB 56 -169.47 -8.98 -20.17
CA ASN BB 56 -170.24 -9.37 -19.00
C ASN BB 56 -169.82 -10.75 -18.52
N PRO BB 57 -170.00 -11.04 -17.24
CA PRO BB 57 -169.61 -12.36 -16.72
C PRO BB 57 -170.43 -13.47 -17.36
N THR BB 58 -169.86 -14.68 -17.31
CA THR BB 58 -170.45 -15.85 -17.94
C THR BB 58 -171.13 -16.71 -16.87
N THR BB 59 -172.38 -17.11 -17.14
CA THR BB 59 -173.11 -18.00 -16.25
C THR BB 59 -172.58 -19.42 -16.40
N ILE BB 60 -172.20 -20.03 -15.28
CA ILE BB 60 -171.66 -21.39 -15.29
C ILE BB 60 -172.85 -22.34 -15.14
N ALA BB 61 -173.40 -22.76 -16.27
CA ALA BB 61 -174.52 -23.68 -16.31
C ALA BB 61 -174.20 -24.82 -17.27
N ASN BB 62 -174.38 -26.05 -16.80
CA ASN BB 62 -174.13 -27.26 -17.59
C ASN BB 62 -172.66 -27.26 -18.01
N GLU BB 63 -172.34 -27.32 -19.30
CA GLU BB 63 -170.97 -27.32 -19.78
C GLU BB 63 -170.74 -26.10 -20.65
N VAL BB 64 -169.61 -25.43 -20.44
CA VAL BB 64 -169.26 -24.25 -21.22
C VAL BB 64 -167.74 -24.14 -21.27
N ASN BB 65 -167.23 -23.72 -22.43
CA ASN BB 65 -165.80 -23.56 -22.64
C ASN BB 65 -165.37 -22.12 -22.85
N THR BB 66 -166.26 -21.27 -23.37
CA THR BB 66 -165.92 -19.92 -23.78
C THR BB 66 -166.30 -18.96 -22.64
N ILE BB 67 -165.30 -18.39 -21.97
CA ILE BB 67 -165.50 -17.55 -20.80
C ILE BB 67 -165.00 -16.14 -21.11
N SER BB 68 -165.56 -15.17 -20.40
CA SER BB 68 -165.18 -13.78 -20.58
C SER BB 68 -163.78 -13.53 -20.02
N THR BB 69 -163.13 -12.50 -20.54
CA THR BB 69 -161.73 -12.23 -20.27
C THR BB 69 -161.56 -10.91 -19.52
N ILE BB 70 -160.49 -10.83 -18.74
CA ILE BB 70 -160.11 -9.63 -18.02
C ILE BB 70 -158.74 -9.18 -18.52
N GLY BB 71 -158.67 -7.95 -19.03
CA GLY BB 71 -157.42 -7.44 -19.57
C GLY BB 71 -156.62 -6.65 -18.55
N PHE BB 72 -155.42 -6.24 -18.98
CA PHE BB 72 -154.50 -5.49 -18.13
C PHE BB 72 -153.87 -4.36 -18.94
N SER BB 73 -153.43 -3.32 -18.24
CA SER BB 73 -152.77 -2.19 -18.86
C SER BB 73 -151.80 -1.57 -17.86
N SER BB 74 -150.92 -0.72 -18.36
CA SER BB 74 -149.90 -0.10 -17.52
C SER BB 74 -149.63 1.32 -18.00
N GLU BB 75 -149.14 2.14 -17.08
CA GLU BB 75 -148.72 3.51 -17.38
C GLU BB 75 -147.39 3.77 -16.69
N VAL BB 76 -146.56 4.60 -17.34
CA VAL BB 76 -145.21 4.90 -16.86
C VAL BB 76 -145.06 6.42 -16.76
N VAL BB 77 -144.51 6.88 -15.65
CA VAL BB 77 -144.27 8.31 -15.40
C VAL BB 77 -142.81 8.50 -15.03
N ARG BB 78 -142.18 9.50 -15.66
CA ARG BB 78 -140.79 9.85 -15.39
C ARG BB 78 -140.73 11.12 -14.55
N LEU BB 79 -139.95 11.08 -13.47
CA LEU BB 79 -139.75 12.23 -12.59
C LEU BB 79 -138.29 12.66 -12.67
N ASN BB 80 -138.04 13.85 -13.20
CA ASN BB 80 -136.68 14.34 -13.34
C ASN BB 80 -136.18 14.95 -12.04
N TYR BB 81 -134.87 14.87 -11.83
CA TYR BB 81 -134.20 15.45 -10.69
C TYR BB 81 -133.05 16.32 -11.18
N LEU BB 82 -132.64 17.27 -10.35
CA LEU BB 82 -131.57 18.18 -10.73
C LEU BB 82 -130.73 18.53 -9.51
N LYS BB 83 -129.42 18.71 -9.73
CA LYS BB 83 -128.48 19.04 -8.67
C LYS BB 83 -127.97 20.47 -8.85
N LEU BB 84 -128.00 21.25 -7.77
CA LEU BB 84 -127.66 22.66 -7.81
C LEU BB 84 -126.71 22.97 -6.66
N GLN BB 85 -125.93 24.04 -6.82
CA GLN BB 85 -124.85 24.34 -5.89
C GLN BB 85 -124.72 25.84 -5.68
N TYR BB 86 -124.34 26.22 -4.46
CA TYR BB 86 -123.94 27.58 -4.11
C TYR BB 86 -122.55 27.60 -3.50
N LYS BB 87 -121.90 28.77 -3.61
CA LYS BB 87 -120.60 29.01 -3.00
C LYS BB 87 -120.71 30.21 -2.06
N PHE BB 88 -120.06 30.12 -0.90
CA PHE BB 88 -120.05 31.23 0.04
C PHE BB 88 -118.66 31.39 0.65
N ARG BB 89 -118.28 32.65 0.85
CA ARG BB 89 -116.99 32.99 1.43
C ARG BB 89 -117.10 33.07 2.96
N HIS BB 90 -115.99 32.74 3.62
CA HIS BB 90 -115.95 32.75 5.08
C HIS BB 90 -114.52 32.96 5.53
N LEU BB 91 -114.31 32.95 6.85
CA LEU BB 91 -113.00 33.16 7.43
C LEU BB 91 -112.26 31.83 7.56
N LYS BB 92 -110.96 31.85 7.27
CA LYS BB 92 -110.13 30.67 7.45
C LYS BB 92 -110.07 30.32 8.93
N GLN BB 93 -110.04 29.02 9.22
CA GLN BB 93 -110.17 28.56 10.61
C GLN BB 93 -109.03 29.08 11.48
N THR BB 94 -107.80 29.04 10.97
CA THR BB 94 -106.65 29.44 11.77
C THR BB 94 -106.60 30.94 12.02
N SER BB 95 -107.41 31.73 11.31
CA SER BB 95 -107.38 33.18 11.44
C SER BB 95 -108.53 33.74 12.28
N GLU BB 96 -109.27 32.87 12.97
CA GLU BB 96 -110.38 33.35 13.80
C GLU BB 96 -109.88 34.14 14.99
N LYS BB 97 -108.80 33.67 15.63
CA LYS BB 97 -108.30 34.30 16.85
C LYS BB 97 -107.89 35.75 16.62
N PHE BB 98 -107.62 36.14 15.37
CA PHE BB 98 -107.30 37.53 15.04
C PHE BB 98 -108.55 38.35 14.74
N TYR BB 99 -109.73 37.74 14.82
CA TYR BB 99 -110.98 38.46 14.66
C TYR BB 99 -111.95 38.25 15.81
N THR BB 100 -111.58 37.45 16.81
CA THR BB 100 -112.47 37.21 17.94
C THR BB 100 -112.55 38.41 18.87
N SER BB 101 -113.50 39.30 18.62
CA SER BB 101 -113.75 40.40 19.54
C SER BB 101 -114.46 39.89 20.79
N ASP BB 102 -114.52 40.75 21.81
CA ASP BB 102 -115.14 40.36 23.07
C ASP BB 102 -116.64 40.11 22.90
N SER BB 103 -117.31 40.86 22.03
CA SER BB 103 -118.75 40.74 21.87
C SER BB 103 -119.15 39.83 20.71
N TYR BB 104 -118.26 39.55 19.77
CA TYR BB 104 -118.61 38.79 18.59
C TYR BB 104 -117.32 38.31 17.92
N ILE BB 105 -117.49 37.45 16.92
CA ILE BB 105 -116.40 36.98 16.07
C ILE BB 105 -116.75 37.29 14.63
N GLY BB 106 -115.82 37.94 13.92
CA GLY BB 106 -116.06 38.31 12.54
C GLY BB 106 -115.54 39.67 12.17
N ASP BB 107 -115.58 40.01 10.89
CA ASP BB 107 -115.11 41.30 10.39
C ASP BB 107 -116.34 42.08 9.90
N ILE BB 108 -116.80 43.02 10.72
CA ILE BB 108 -117.97 43.81 10.36
C ILE BB 108 -117.68 44.68 9.15
N ASN BB 109 -116.51 45.33 9.13
CA ASN BB 109 -116.19 46.28 8.07
C ASN BB 109 -116.11 45.61 6.70
N ASN BB 110 -115.84 44.31 6.64
CA ASN BB 110 -115.73 43.60 5.37
C ASN BB 110 -116.73 42.46 5.23
N ASN BB 111 -117.65 42.29 6.19
CA ASN BB 111 -118.69 41.29 6.13
C ASN BB 111 -118.12 39.88 5.97
N LEU BB 112 -117.33 39.48 6.96
CA LEU BB 112 -116.75 38.15 7.00
C LEU BB 112 -117.17 37.47 8.31
N LEU BB 113 -117.59 36.22 8.21
CA LEU BB 113 -118.13 35.47 9.32
C LEU BB 113 -117.37 34.16 9.49
N PRO BB 114 -117.42 33.55 10.66
CA PRO BB 114 -116.90 32.19 10.82
C PRO BB 114 -117.70 31.20 9.99
N PHE BB 115 -117.06 30.07 9.71
CA PHE BB 115 -117.66 29.08 8.82
C PHE BB 115 -118.99 28.57 9.36
N ALA BB 116 -119.08 28.37 10.67
CA ALA BB 116 -120.30 27.82 11.25
C ALA BB 116 -121.50 28.75 11.01
N GLN BB 117 -121.34 30.03 11.35
CA GLN BB 117 -122.43 30.98 11.14
C GLN BB 117 -122.75 31.15 9.67
N ALA BB 118 -121.71 31.24 8.82
CA ALA BB 118 -121.96 31.38 7.39
C ALA BB 118 -122.73 30.19 6.85
N TYR BB 119 -122.35 28.98 7.26
CA TYR BB 119 -123.04 27.78 6.81
C TYR BB 119 -124.49 27.76 7.30
N LYS BB 120 -124.73 28.15 8.55
CA LYS BB 120 -126.10 28.15 9.06
C LYS BB 120 -126.97 29.11 8.26
N LEU BB 121 -126.49 30.34 8.04
CA LEU BB 121 -127.28 31.31 7.29
C LEU BB 121 -127.51 30.85 5.85
N ALA BB 122 -126.47 30.31 5.22
CA ALA BB 122 -126.61 29.84 3.84
C ALA BB 122 -127.62 28.70 3.75
N SER BB 123 -127.56 27.76 4.70
CA SER BB 123 -128.51 26.65 4.69
C SER BB 123 -129.93 27.14 4.90
N SER BB 124 -130.12 28.13 5.78
CA SER BB 124 -131.46 28.67 5.97
C SER BB 124 -132.00 29.28 4.68
N GLU BB 125 -131.18 30.07 3.99
CA GLU BB 125 -131.64 30.66 2.73
C GLU BB 125 -131.95 29.59 1.68
N ILE BB 126 -131.11 28.56 1.60
CA ILE BB 126 -131.33 27.50 0.62
C ILE BB 126 -132.62 26.75 0.94
N ILE BB 127 -132.89 26.50 2.22
CA ILE BB 127 -134.12 25.82 2.59
C ILE BB 127 -135.34 26.66 2.24
N LYS BB 128 -135.25 27.99 2.43
CA LYS BB 128 -136.34 28.85 2.02
C LYS BB 128 -136.59 28.74 0.52
N LEU BB 129 -135.52 28.75 -0.29
CA LEU BB 129 -135.70 28.61 -1.73
C LEU BB 129 -136.29 27.25 -2.10
N ILE BB 130 -135.86 26.19 -1.41
CA ILE BB 130 -136.40 24.86 -1.69
C ILE BB 130 -137.89 24.81 -1.39
N ASN BB 131 -138.30 25.41 -0.28
CA ASN BB 131 -139.73 25.46 0.04
C ASN BB 131 -140.50 26.24 -1.03
N HIS BB 132 -139.94 27.37 -1.48
CA HIS BB 132 -140.60 28.13 -2.54
C HIS BB 132 -140.75 27.31 -3.80
N PHE BB 133 -139.70 26.56 -4.18
CA PHE BB 133 -139.78 25.72 -5.36
C PHE BB 133 -140.83 24.63 -5.19
N VAL BB 134 -140.86 23.98 -4.03
CA VAL BB 134 -141.84 22.92 -3.82
C VAL BB 134 -143.26 23.46 -3.94
N LEU BB 135 -143.49 24.67 -3.43
CA LEU BB 135 -144.85 25.21 -3.48
C LEU BB 135 -145.22 25.70 -4.88
N THR BB 136 -144.30 26.36 -5.59
CA THR BB 136 -144.66 27.09 -6.80
C THR BB 136 -144.24 26.44 -8.10
N GLY BB 137 -143.27 25.54 -8.08
CA GLY BB 137 -142.76 24.93 -9.30
C GLY BB 137 -141.73 25.74 -10.04
N THR BB 138 -141.30 26.87 -9.50
CA THR BB 138 -140.31 27.73 -10.17
C THR BB 138 -139.22 28.12 -9.18
N VAL BB 139 -138.07 28.48 -9.73
CA VAL BB 139 -136.93 28.95 -8.95
C VAL BB 139 -136.58 30.36 -9.41
N SER BB 140 -136.67 31.32 -8.49
CA SER BB 140 -136.38 32.71 -8.81
C SER BB 140 -136.10 33.45 -7.50
N ILE BB 141 -135.25 34.47 -7.59
CA ILE BB 141 -134.91 35.29 -6.43
C ILE BB 141 -135.55 36.66 -6.48
N GLN BB 142 -136.12 37.06 -7.61
CA GLN BB 142 -136.81 38.34 -7.70
C GLN BB 142 -138.20 38.24 -7.07
N LYS BB 143 -138.60 39.32 -6.38
CA LYS BB 143 -139.93 39.34 -5.78
C LYS BB 143 -141.02 39.34 -6.83
N ASP BB 144 -140.73 39.83 -8.04
CA ASP BB 144 -141.69 39.77 -9.13
C ASP BB 144 -141.94 38.35 -9.60
N GLY BB 145 -141.06 37.42 -9.29
CA GLY BB 145 -141.16 36.07 -9.82
C GLY BB 145 -140.59 35.89 -11.21
N LYS BB 146 -139.96 36.92 -11.76
CA LYS BB 146 -139.39 36.85 -13.10
C LYS BB 146 -137.95 36.37 -13.03
N ASN BB 147 -137.28 36.36 -14.19
CA ASN BB 147 -135.91 35.90 -14.33
C ASN BB 147 -135.73 34.49 -13.74
N GLN BB 148 -136.65 33.61 -14.09
CA GLN BB 148 -136.65 32.26 -13.56
C GLN BB 148 -135.54 31.42 -14.19
N LYS BB 149 -135.05 30.46 -13.43
CA LYS BB 149 -134.04 29.53 -13.92
C LYS BB 149 -134.73 28.43 -14.72
N ARG BB 150 -134.33 28.28 -15.97
CA ARG BB 150 -134.93 27.25 -16.83
C ARG BB 150 -134.66 25.87 -16.25
N LEU BB 151 -135.70 25.05 -16.18
CA LEU BB 151 -135.62 23.72 -15.59
C LEU BB 151 -136.05 22.68 -16.63
N LEU BB 152 -135.84 21.41 -16.27
CA LEU BB 152 -136.20 20.31 -17.14
C LEU BB 152 -137.70 20.05 -17.10
N PRO BB 153 -138.27 19.49 -18.16
CA PRO BB 153 -139.66 19.03 -18.11
C PRO BB 153 -139.82 17.93 -17.08
N ASN BB 154 -141.08 17.62 -16.77
CA ASN BB 154 -141.43 16.66 -15.72
C ASN BB 154 -140.92 17.10 -14.36
N MET BB 155 -140.74 18.41 -14.19
CA MET BB 155 -140.35 19.01 -12.92
C MET BB 155 -141.39 20.07 -12.59
N TYR BB 156 -142.31 19.73 -11.69
CA TYR BB 156 -143.46 20.59 -11.42
C TYR BB 156 -143.67 20.72 -9.92
N GLY BB 157 -144.29 21.83 -9.53
CA GLY BB 157 -144.74 22.03 -8.18
C GLY BB 157 -146.26 21.92 -8.08
N LEU BB 158 -146.76 22.16 -6.86
CA LEU BB 158 -148.19 22.07 -6.62
C LEU BB 158 -148.98 23.13 -7.37
N LEU BB 159 -148.34 24.20 -7.83
CA LEU BB 159 -149.04 25.30 -8.46
C LEU BB 159 -148.97 25.29 -9.99
N ASN BB 160 -147.99 24.60 -10.57
CA ASN BB 160 -147.82 24.57 -12.02
C ASN BB 160 -148.02 23.17 -12.60
N MET BB 161 -148.54 22.24 -11.82
CA MET BB 161 -148.78 20.90 -12.33
C MET BB 161 -149.79 20.96 -13.48
N PRO BB 162 -149.48 20.38 -14.63
CA PRO BB 162 -150.42 20.45 -15.76
C PRO BB 162 -151.59 19.50 -15.57
N GLU BB 163 -152.64 19.76 -16.36
CA GLU BB 163 -153.86 18.96 -16.36
C GLU BB 163 -154.53 18.94 -14.98
N GLN BB 164 -154.61 20.12 -14.37
CA GLN BB 164 -155.36 20.35 -13.13
C GLN BB 164 -156.47 21.34 -13.42
N ILE BB 165 -157.25 21.69 -12.39
CA ILE BB 165 -158.37 22.60 -12.55
C ILE BB 165 -157.92 24.00 -12.15
N LYS BB 166 -158.12 24.96 -13.05
CA LYS BB 166 -157.71 26.34 -12.84
C LYS BB 166 -158.90 27.26 -13.03
N GLU BB 167 -159.18 28.08 -12.03
CA GLU BB 167 -160.27 29.04 -12.07
C GLU BB 167 -159.71 30.46 -11.93
N GLU BB 168 -160.37 31.40 -12.59
CA GLU BB 168 -159.91 32.79 -12.62
C GLU BB 168 -161.06 33.71 -12.19
N VAL BB 169 -160.93 34.29 -11.01
CA VAL BB 169 -161.88 35.29 -10.54
C VAL BB 169 -161.51 36.64 -11.16
N ALA BB 170 -162.47 37.29 -11.80
CA ALA BB 170 -162.21 38.53 -12.52
C ALA BB 170 -161.77 39.63 -11.57
N SER BB 171 -161.01 40.59 -12.12
CA SER BB 171 -160.48 41.68 -11.31
C SER BB 171 -161.60 42.56 -10.76
N GLY BB 172 -162.65 42.78 -11.54
CA GLY BB 172 -163.76 43.60 -11.09
C GLY BB 172 -164.48 43.03 -9.89
N ASP BB 173 -164.35 41.74 -9.63
CA ASP BB 173 -164.98 41.08 -8.50
C ASP BB 173 -163.95 40.57 -7.50
N LYS BB 174 -162.85 41.30 -7.35
CA LYS BB 174 -161.75 40.85 -6.49
C LYS BB 174 -162.15 40.82 -5.02
N ASP BB 175 -163.04 41.72 -4.60
CA ASP BB 175 -163.43 41.83 -3.20
C ASP BB 175 -164.78 41.19 -2.91
N LYS BB 176 -165.34 40.43 -3.85
CA LYS BB 176 -166.65 39.80 -3.68
C LYS BB 176 -166.46 38.34 -3.31
N MET BB 177 -166.71 38.02 -2.03
CA MET BB 177 -166.56 36.66 -1.56
C MET BB 177 -167.53 35.70 -2.23
N ASP BB 178 -168.74 36.16 -2.55
CA ASP BB 178 -169.69 35.31 -3.27
C ASP BB 178 -169.17 34.98 -4.67
N LYS BB 179 -168.61 35.97 -5.36
CA LYS BB 179 -168.04 35.72 -6.68
C LYS BB 179 -166.85 34.76 -6.59
N ILE BB 180 -166.03 34.89 -5.54
CA ILE BB 180 -164.92 33.96 -5.35
C ILE BB 180 -165.44 32.54 -5.10
N PHE BB 181 -166.45 32.41 -4.24
CA PHE BB 181 -166.97 31.10 -3.89
C PHE BB 181 -167.69 30.43 -5.04
N GLU BB 182 -168.25 31.22 -5.97
CA GLU BB 182 -168.85 30.63 -7.16
C GLU BB 182 -167.80 29.87 -7.97
N LYS BB 183 -166.65 30.51 -8.21
CA LYS BB 183 -165.56 29.83 -8.92
C LYS BB 183 -165.02 28.67 -8.11
N ILE BB 184 -164.94 28.82 -6.78
CA ILE BB 184 -164.46 27.72 -5.95
C ILE BB 184 -165.39 26.51 -6.07
N GLU BB 185 -166.70 26.74 -6.05
CA GLU BB 185 -167.66 25.65 -6.19
C GLU BB 185 -167.57 25.01 -7.56
N ALA BB 186 -167.40 25.82 -8.61
CA ALA BB 186 -167.23 25.27 -9.96
C ALA BB 186 -166.01 24.36 -10.03
N GLY BB 187 -164.89 24.82 -9.46
CA GLY BB 187 -163.70 23.99 -9.44
C GLY BB 187 -163.87 22.72 -8.65
N LEU BB 188 -164.55 22.82 -7.50
CA LEU BB 188 -164.81 21.63 -6.68
C LEU BB 188 -165.68 20.63 -7.42
N SER BB 189 -166.67 21.12 -8.18
CA SER BB 189 -167.47 20.22 -9.01
C SER BB 189 -166.61 19.57 -10.09
N LYS BB 190 -165.71 20.33 -10.70
CA LYS BB 190 -164.85 19.77 -11.74
C LYS BB 190 -163.76 18.86 -11.19
N LEU BB 191 -163.53 18.85 -9.88
CA LEU BB 191 -162.57 17.92 -9.29
C LEU BB 191 -163.01 16.48 -9.54
N GLU BB 192 -162.03 15.61 -9.79
CA GLU BB 192 -162.27 14.18 -10.06
C GLU BB 192 -161.40 13.35 -9.13
N LEU BB 193 -161.93 13.07 -7.93
CA LEU BB 193 -161.22 12.24 -6.98
C LEU BB 193 -161.42 10.75 -7.22
N GLY BB 194 -162.50 10.36 -7.88
CA GLY BB 194 -162.74 8.95 -8.14
C GLY BB 194 -162.99 8.18 -6.87
N ASP BB 195 -162.53 6.93 -6.84
CA ASP BB 195 -162.71 6.08 -5.67
C ASP BB 195 -161.98 6.64 -4.46
N GLU BB 196 -160.87 7.34 -4.68
CA GLU BB 196 -160.10 7.95 -3.59
C GLU BB 196 -160.65 9.35 -3.31
N PHE BB 197 -161.84 9.37 -2.71
CA PHE BB 197 -162.49 10.62 -2.33
C PHE BB 197 -162.73 10.75 -0.83
N SER BB 198 -162.74 9.65 -0.08
CA SER BB 198 -162.86 9.70 1.38
C SER BB 198 -161.47 9.99 1.95
N THR BB 199 -161.05 11.24 1.81
CA THR BB 199 -159.69 11.64 2.12
C THR BB 199 -159.68 13.08 2.65
N PRO BB 200 -158.87 13.37 3.66
CA PRO BB 200 -158.74 14.77 4.10
C PRO BB 200 -158.19 15.65 3.00
N MET BB 201 -158.60 16.92 3.03
CA MET BB 201 -158.19 17.90 2.03
C MET BB 201 -157.38 19.01 2.67
N MET BB 202 -156.50 19.61 1.89
CA MET BB 202 -155.62 20.68 2.34
C MET BB 202 -155.79 21.87 1.43
N VAL BB 203 -155.95 23.05 2.03
CA VAL BB 203 -156.11 24.32 1.32
C VAL BB 203 -155.02 25.26 1.79
N ILE BB 204 -154.41 25.96 0.83
CA ILE BB 204 -153.39 26.96 1.11
C ILE BB 204 -153.83 28.27 0.49
N VAL BB 205 -153.76 29.36 1.27
CA VAL BB 205 -154.19 30.67 0.82
C VAL BB 205 -153.14 31.70 1.17
N ASP BB 206 -153.17 32.81 0.44
CA ASP BB 206 -152.31 33.95 0.72
C ASP BB 206 -152.87 34.74 1.91
N PRO BB 207 -152.04 35.55 2.57
CA PRO BB 207 -152.52 36.26 3.77
C PRO BB 207 -153.72 37.15 3.54
N ALA BB 208 -153.82 37.80 2.37
CA ALA BB 208 -154.98 38.64 2.10
C ALA BB 208 -156.27 37.82 2.08
N THR BB 209 -156.22 36.66 1.41
CA THR BB 209 -157.39 35.78 1.40
C THR BB 209 -157.66 35.20 2.77
N SER BB 210 -156.61 34.91 3.54
CA SER BB 210 -156.81 34.43 4.90
C SER BB 210 -157.53 35.47 5.76
N LEU BB 211 -157.18 36.74 5.58
CA LEU BB 211 -157.86 37.80 6.32
C LEU BB 211 -159.29 38.01 5.80
N LYS BB 212 -159.52 37.80 4.51
CA LYS BB 212 -160.88 37.88 3.98
C LYS BB 212 -161.76 36.76 4.51
N LEU BB 213 -161.17 35.57 4.76
CA LEU BB 213 -161.97 34.41 5.13
C LEU BB 213 -162.57 34.51 6.54
N VAL BB 214 -161.99 35.33 7.42
CA VAL BB 214 -162.45 35.37 8.81
C VAL BB 214 -163.65 36.29 9.00
N LYS BB 215 -164.09 36.98 7.96
CA LYS BB 215 -165.28 37.82 8.06
C LYS BB 215 -166.52 36.96 8.25
N PRO BB 216 -167.54 37.48 8.93
CA PRO BB 216 -168.80 36.73 9.05
C PRO BB 216 -169.44 36.53 7.68
N TYR BB 217 -170.08 35.38 7.51
CA TYR BB 217 -170.68 35.03 6.23
C TYR BB 217 -171.83 35.96 5.89
N ALA BB 218 -171.89 36.37 4.63
CA ALA BB 218 -172.96 37.25 4.16
C ALA BB 218 -173.64 36.67 2.92
N ALA BB 223 -178.49 41.76 3.24
CA ALA BB 223 -178.94 40.97 4.37
C ALA BB 223 -177.78 40.20 5.01
N ALA BB 224 -177.05 40.88 5.88
CA ALA BB 224 -175.92 40.25 6.55
C ALA BB 224 -176.40 39.24 7.59
N SER BB 225 -175.48 38.38 8.01
CA SER BB 225 -175.78 37.34 8.99
C SER BB 225 -174.64 37.30 10.00
N SER BB 226 -174.70 36.33 10.91
CA SER BB 226 -173.68 36.15 11.93
C SER BB 226 -173.57 34.67 12.26
N CYS BB 227 -172.73 34.36 13.23
CA CYS BB 227 -172.52 32.99 13.73
C CYS BB 227 -172.05 32.03 12.64
N GLU BB 228 -171.43 32.55 11.59
CA GLU BB 228 -170.93 31.72 10.51
C GLU BB 228 -169.92 32.53 9.70
N LYS BB 229 -168.80 31.88 9.35
CA LYS BB 229 -167.73 32.52 8.61
C LYS BB 229 -167.58 31.88 7.24
N TRP BB 230 -167.00 32.66 6.32
CA TRP BB 230 -166.70 32.13 5.00
C TRP BB 230 -165.73 30.95 5.09
N GLU BB 231 -164.88 30.93 6.12
CA GLU BB 231 -164.04 29.76 6.36
C GLU BB 231 -164.89 28.52 6.61
N ASP BB 232 -165.92 28.65 7.45
CA ASP BB 232 -166.80 27.51 7.72
C ASP BB 232 -167.58 27.11 6.47
N VAL BB 233 -168.02 28.09 5.68
CA VAL BB 233 -168.73 27.78 4.44
C VAL BB 233 -167.82 27.00 3.50
N LEU BB 234 -166.57 27.44 3.35
CA LEU BB 234 -165.63 26.73 2.50
C LEU BB 234 -165.37 25.32 3.02
N ILE BB 235 -165.23 25.17 4.34
CA ILE BB 235 -164.99 23.85 4.91
C ILE BB 235 -166.15 22.92 4.62
N GLN BB 236 -167.38 23.40 4.79
CA GLN BB 236 -168.54 22.56 4.49
C GLN BB 236 -168.61 22.23 3.01
N THR BB 237 -168.32 23.20 2.13
CA THR BB 237 -168.37 22.93 0.70
C THR BB 237 -167.35 21.87 0.30
N ILE BB 238 -166.15 21.91 0.89
CA ILE BB 238 -165.14 20.89 0.60
C ILE BB 238 -165.56 19.55 1.19
N LYS BB 239 -166.14 19.56 2.40
CA LYS BB 239 -166.64 18.34 3.02
C LYS BB 239 -167.75 17.70 2.19
N ALA BB 240 -168.45 18.50 1.38
CA ALA BB 240 -169.47 17.94 0.50
C ALA BB 240 -168.87 16.92 -0.47
N ILE BB 241 -167.65 17.18 -0.95
CA ILE BB 241 -167.03 16.30 -1.94
C ILE BB 241 -166.01 15.34 -1.34
N ASN BB 242 -165.46 15.64 -0.16
CA ASN BB 242 -164.45 14.76 0.44
C ASN BB 242 -165.08 13.67 1.30
N ASN BB 243 -166.39 13.43 1.16
CA ASN BB 243 -167.12 12.46 1.97
C ASN BB 243 -167.01 12.79 3.45
N ARG BB 244 -167.22 14.07 3.78
CA ARG BB 244 -167.24 14.56 5.16
C ARG BB 244 -165.97 14.20 5.91
N GLU BB 245 -164.82 14.41 5.27
CA GLU BB 245 -163.53 14.20 5.88
C GLU BB 245 -162.91 15.52 6.32
N ASP BB 246 -161.78 15.42 7.01
CA ASP BB 246 -161.15 16.61 7.58
C ASP BB 246 -160.67 17.55 6.48
N VAL BB 247 -160.70 18.85 6.80
CA VAL BB 247 -160.21 19.88 5.90
C VAL BB 247 -159.28 20.78 6.70
N TYR BB 248 -158.06 20.96 6.21
CA TYR BB 248 -157.07 21.83 6.85
C TYR BB 248 -156.83 23.06 5.99
N ILE BB 249 -156.60 24.19 6.65
CA ILE BB 249 -156.38 25.46 5.99
C ILE BB 249 -155.06 26.05 6.50
N GLU BB 250 -154.21 26.48 5.58
CA GLU BB 250 -152.91 27.06 5.91
C GLU BB 250 -152.70 28.33 5.10
N THR BB 251 -151.84 29.19 5.63
CA THR BB 251 -151.49 30.45 4.99
C THR BB 251 -149.99 30.45 4.67
N SER BB 252 -149.66 30.93 3.47
CA SER BB 252 -148.27 31.00 3.04
C SER BB 252 -148.04 32.33 2.33
N ASN BB 253 -147.00 33.05 2.74
CA ASN BB 253 -146.67 34.32 2.11
C ASN BB 253 -146.14 34.14 0.69
N LEU BB 254 -145.75 32.93 0.32
CA LEU BB 254 -145.26 32.69 -1.04
C LEU BB 254 -146.38 32.88 -2.06
N LEU BB 255 -147.59 32.44 -1.74
CA LEU BB 255 -148.72 32.61 -2.64
C LEU BB 255 -149.14 34.08 -2.69
N LYS BB 256 -149.85 34.44 -3.75
CA LYS BB 256 -150.30 35.81 -3.96
C LYS BB 256 -151.58 35.77 -4.77
N HIS BB 257 -152.71 36.04 -4.12
CA HIS BB 257 -154.03 35.99 -4.75
C HIS BB 257 -154.31 34.60 -5.32
N LYS BB 258 -153.82 33.56 -4.64
CA LYS BB 258 -153.97 32.18 -5.06
C LYS BB 258 -154.62 31.37 -3.95
N ILE BB 259 -155.52 30.48 -4.33
CA ILE BB 259 -156.11 29.50 -3.44
C ILE BB 259 -155.84 28.12 -4.02
N LEU BB 260 -155.26 27.23 -3.21
CA LEU BB 260 -154.88 25.90 -3.66
C LEU BB 260 -155.57 24.85 -2.82
N ILE BB 261 -156.24 23.89 -3.47
CA ILE BB 261 -156.93 22.81 -2.79
C ILE BB 261 -156.47 21.48 -3.38
N TYR BB 262 -156.04 20.56 -2.52
CA TYR BB 262 -155.57 19.26 -2.98
C TYR BB 262 -155.74 18.24 -1.86
N PRO BB 263 -155.94 16.96 -2.20
CA PRO BB 263 -156.14 15.95 -1.17
C PRO BB 263 -154.83 15.48 -0.55
N LEU BB 264 -154.92 15.06 0.70
CA LEU BB 264 -153.77 14.48 1.43
C LEU BB 264 -153.77 12.96 1.32
N ASN BB 265 -153.80 12.44 0.10
CA ASN BB 265 -153.80 11.00 -0.15
C ASN BB 265 -152.53 10.62 -0.90
N SER BB 266 -151.82 9.61 -0.39
CA SER BB 266 -150.62 9.14 -1.06
C SER BB 266 -150.95 8.50 -2.41
N GLU BB 267 -152.16 7.96 -2.56
CA GLU BB 267 -152.54 7.32 -3.82
C GLU BB 267 -152.79 8.32 -4.94
N LEU BB 268 -153.02 9.59 -4.60
CA LEU BB 268 -153.28 10.62 -5.60
C LEU BB 268 -152.09 11.54 -5.81
N ILE BB 269 -151.48 12.01 -4.73
CA ILE BB 269 -150.33 12.90 -4.79
C ILE BB 269 -149.24 12.35 -3.87
N LYS BB 270 -148.02 12.23 -4.38
CA LYS BB 270 -146.91 11.71 -3.61
C LYS BB 270 -145.65 12.53 -3.88
N PHE BB 271 -144.92 12.85 -2.82
CA PHE BB 271 -143.66 13.57 -2.90
C PHE BB 271 -142.54 12.56 -2.67
N LYS BB 272 -141.78 12.25 -3.73
CA LYS BB 272 -140.62 11.39 -3.62
C LYS BB 272 -139.36 12.21 -3.87
N PRO BB 273 -138.88 12.95 -2.88
CA PRO BB 273 -137.67 13.75 -3.08
C PRO BB 273 -136.41 12.91 -2.92
N SER BB 274 -135.32 13.44 -3.44
CA SER BB 274 -134.02 12.82 -3.24
C SER BB 274 -133.64 12.87 -1.76
N LYS BB 275 -132.88 11.87 -1.33
CA LYS BB 275 -132.38 11.87 0.04
C LYS BB 275 -131.27 12.89 0.25
N TYR BB 276 -130.87 13.60 -0.80
CA TYR BB 276 -129.89 14.68 -0.71
C TYR BB 276 -130.52 16.03 -1.08
N MET BB 277 -131.85 16.12 -0.94
CA MET BB 277 -132.53 17.36 -1.32
C MET BB 277 -132.15 18.51 -0.43
N LEU BB 278 -132.10 18.29 0.88
CA LEU BB 278 -131.75 19.35 1.81
C LEU BB 278 -130.25 19.68 1.70
N PRO BB 279 -129.86 20.90 2.07
CA PRO BB 279 -128.48 21.34 1.80
C PRO BB 279 -127.45 20.43 2.46
N THR BB 280 -126.37 20.17 1.72
CA THR BB 280 -125.28 19.32 2.21
C THR BB 280 -123.96 19.96 1.81
N PRO BB 281 -122.99 20.03 2.74
CA PRO BB 281 -121.70 20.64 2.40
C PRO BB 281 -120.92 19.80 1.41
N ASN BB 282 -120.11 20.47 0.60
CA ASN BB 282 -119.18 19.82 -0.30
C ASN BB 282 -117.82 19.67 0.38
N GLU BB 283 -117.03 18.72 -0.12
CA GLU BB 283 -115.70 18.51 0.44
C GLU BB 283 -114.69 19.53 -0.07
N GLN BB 284 -114.93 20.10 -1.23
CA GLN BB 284 -114.00 21.07 -1.80
C GLN BB 284 -114.06 22.38 -1.04
N VAL BB 285 -112.92 22.83 -0.52
CA VAL BB 285 -112.79 24.08 0.19
C VAL BB 285 -111.66 24.87 -0.46
N ASP BB 286 -112.00 26.01 -1.07
CA ASP BB 286 -110.98 26.86 -1.66
C ASP BB 286 -110.14 27.52 -0.57
N LYS BB 287 -108.83 27.55 -0.80
CA LYS BB 287 -107.89 28.13 0.16
C LYS BB 287 -106.87 28.97 -0.57
N ASP BB 288 -106.22 29.86 0.16
CA ASP BB 288 -105.24 30.77 -0.41
C ASP BB 288 -104.30 31.21 0.71
N SER BB 289 -103.44 32.19 0.40
CA SER BB 289 -102.54 32.74 1.40
C SER BB 289 -103.24 33.71 2.35
N THR BB 290 -104.37 34.27 1.94
CA THR BB 290 -105.10 35.22 2.77
C THR BB 290 -105.94 34.47 3.79
N ASP BB 291 -106.82 35.19 4.49
CA ASP BB 291 -107.71 34.59 5.49
C ASP BB 291 -109.09 34.30 4.94
N VAL BB 292 -109.32 34.53 3.65
CA VAL BB 292 -110.63 34.34 3.04
C VAL BB 292 -110.64 33.00 2.33
N ALA BB 293 -111.59 32.15 2.70
CA ALA BB 293 -111.79 30.85 2.07
C ALA BB 293 -113.19 30.80 1.47
N HIS BB 294 -113.47 29.73 0.73
CA HIS BB 294 -114.76 29.52 0.11
C HIS BB 294 -115.22 28.09 0.36
N SER BB 295 -116.54 27.92 0.42
CA SER BB 295 -117.14 26.61 0.61
C SER BB 295 -118.35 26.47 -0.30
N TYR BB 296 -118.78 25.23 -0.51
CA TYR BB 296 -119.86 24.93 -1.43
C TYR BB 296 -120.95 24.11 -0.73
N ILE BB 297 -122.19 24.35 -1.13
CA ILE BB 297 -123.35 23.64 -0.61
C ILE BB 297 -124.15 23.11 -1.78
N ASP BB 298 -124.52 21.84 -1.74
CA ASP BB 298 -125.27 21.17 -2.79
C ASP BB 298 -126.68 20.84 -2.31
N PHE BB 299 -127.63 20.88 -3.25
CA PHE BB 299 -129.00 20.48 -2.97
C PHE BB 299 -129.66 19.97 -4.24
N VAL BB 300 -130.61 19.04 -4.07
CA VAL BB 300 -131.27 18.37 -5.18
C VAL BB 300 -132.74 18.78 -5.20
N LEU BB 301 -133.23 19.10 -6.39
CA LEU BB 301 -134.62 19.52 -6.60
C LEU BB 301 -135.34 18.52 -7.51
N GLY BB 302 -136.65 18.40 -7.28
CA GLY BB 302 -137.50 17.53 -8.07
C GLY BB 302 -138.18 16.48 -7.21
N GLY BB 303 -139.13 15.79 -7.84
CA GLY BB 303 -139.77 14.65 -7.20
C GLY BB 303 -141.20 14.83 -6.72
N LEU BB 304 -142.05 15.47 -7.52
CA LEU BB 304 -143.46 15.58 -7.19
C LEU BB 304 -144.28 14.81 -8.23
N LEU BB 305 -145.16 13.93 -7.74
CA LEU BB 305 -146.00 13.11 -8.60
C LEU BB 305 -147.46 13.31 -8.21
N ALA BB 306 -148.33 13.44 -9.21
CA ALA BB 306 -149.74 13.68 -8.94
C ALA BB 306 -150.58 13.08 -10.05
N THR BB 307 -151.83 12.78 -9.71
CA THR BB 307 -152.81 12.37 -10.70
C THR BB 307 -153.53 13.59 -11.26
N ARG BB 308 -153.96 13.48 -12.51
CA ARG BB 308 -154.53 14.63 -13.21
C ARG BB 308 -155.89 15.00 -12.65
N LYS BB 309 -156.21 16.28 -12.72
CA LYS BB 309 -157.49 16.84 -12.27
C LYS BB 309 -157.77 16.48 -10.80
N THR BB 310 -156.75 16.64 -9.97
CA THR BB 310 -156.90 16.49 -8.54
C THR BB 310 -156.40 17.71 -7.76
N ILE BB 311 -155.98 18.76 -8.44
CA ILE BB 311 -155.52 19.99 -7.79
C ILE BB 311 -156.33 21.15 -8.34
N LEU BB 312 -156.95 21.91 -7.44
CA LEU BB 312 -157.73 23.09 -7.80
C LEU BB 312 -156.95 24.33 -7.44
N GLN BB 313 -156.78 25.23 -8.42
CA GLN BB 313 -156.03 26.47 -8.24
C GLN BB 313 -156.90 27.62 -8.70
N VAL BB 314 -157.19 28.55 -7.79
CA VAL BB 314 -158.02 29.71 -8.08
C VAL BB 314 -157.16 30.96 -7.99
N ASN BB 315 -157.15 31.75 -9.05
CA ASN BB 315 -156.37 32.98 -9.14
C ASN BB 315 -157.33 34.16 -9.15
N ILE BB 316 -157.14 35.08 -8.21
CA ILE BB 316 -157.94 36.31 -8.16
C ILE BB 316 -157.19 37.39 -8.91
N LYS BB 317 -157.77 37.89 -9.99
CA LYS BB 317 -157.10 38.90 -10.80
C LYS BB 317 -157.11 40.24 -10.09
N GLN BB 318 -156.00 40.98 -10.23
CA GLN BB 318 -155.85 42.28 -9.59
C GLN BB 318 -155.88 43.44 -10.57
N SER BB 319 -155.43 43.25 -11.80
CA SER BB 319 -155.41 44.32 -12.79
C SER BB 319 -156.80 44.54 -13.39
N ILE CB 7 -143.24 5.32 -44.19
CA ILE CB 7 -143.19 6.09 -42.96
C ILE CB 7 -141.92 5.76 -42.18
N LYS CB 8 -141.64 4.46 -42.03
CA LYS CB 8 -140.47 4.05 -41.26
C LYS CB 8 -139.17 4.51 -41.91
N GLN CB 9 -139.12 4.54 -43.24
CA GLN CB 9 -137.93 5.03 -43.93
C GLN CB 9 -137.71 6.51 -43.63
N GLU CB 10 -138.78 7.32 -43.66
CA GLU CB 10 -138.65 8.72 -43.29
C GLU CB 10 -138.22 8.88 -41.84
N PHE CB 11 -138.78 8.04 -40.96
CA PHE CB 11 -138.35 8.02 -39.57
C PHE CB 11 -136.85 7.78 -39.46
N ASP CB 12 -136.35 6.77 -40.17
CA ASP CB 12 -134.92 6.46 -40.12
C ASP CB 12 -134.08 7.58 -40.69
N LYS CB 13 -134.55 8.24 -41.76
CA LYS CB 13 -133.80 9.37 -42.32
C LYS CB 13 -133.71 10.51 -41.33
N LYS CB 14 -134.82 10.82 -40.65
CA LYS CB 14 -134.78 11.89 -39.64
C LYS CB 14 -133.88 11.50 -38.46
N VAL CB 15 -133.90 10.22 -38.08
CA VAL CB 15 -132.98 9.76 -37.05
C VAL CB 15 -131.54 9.96 -37.48
N ALA CB 16 -131.23 9.63 -38.74
CA ALA CB 16 -129.87 9.81 -39.24
C ALA CB 16 -129.46 11.27 -39.21
N GLU CB 17 -130.36 12.18 -39.64
CA GLU CB 17 -130.04 13.60 -39.63
C GLU CB 17 -129.79 14.10 -38.21
N ILE CB 18 -130.69 13.77 -37.28
CA ILE CB 18 -130.53 14.29 -35.92
C ILE CB 18 -129.32 13.67 -35.23
N GLN CB 19 -128.99 12.42 -35.56
CA GLN CB 19 -127.81 11.79 -34.95
C GLN CB 19 -126.52 12.35 -35.53
N ALA CB 20 -126.51 12.73 -36.81
CA ALA CB 20 -125.36 13.43 -37.36
C ALA CB 20 -125.22 14.81 -36.72
N LEU CB 21 -126.35 15.46 -36.44
CA LEU CB 21 -126.32 16.75 -35.74
C LEU CB 21 -125.76 16.61 -34.32
N MET CB 22 -126.15 15.55 -33.62
CA MET CB 22 -125.76 15.35 -32.23
C MET CB 22 -124.26 15.06 -32.12
N LYS CB 23 -123.75 15.13 -30.89
CA LYS CB 23 -122.33 14.90 -30.64
C LYS CB 23 -122.04 13.41 -30.44
N ASN CB 24 -122.72 12.77 -29.50
CA ASN CB 24 -122.51 11.36 -29.17
C ASN CB 24 -123.85 10.64 -29.14
N PRO CB 25 -124.49 10.47 -30.30
CA PRO CB 25 -125.79 9.80 -30.32
C PRO CB 25 -125.68 8.34 -29.96
N GLN CB 26 -126.73 7.83 -29.32
CA GLN CB 26 -126.79 6.40 -29.01
C GLN CB 26 -127.09 5.61 -30.28
N GLN CB 27 -126.26 4.62 -30.57
CA GLN CB 27 -126.41 3.82 -31.78
C GLN CB 27 -125.78 2.46 -31.56
N ASP CB 28 -126.56 1.40 -31.74
CA ASP CB 28 -126.05 0.05 -31.59
C ASP CB 28 -125.39 -0.42 -32.89
N SER CB 29 -124.33 -1.20 -32.73
CA SER CB 29 -123.56 -1.71 -33.86
C SER CB 29 -123.64 -3.23 -33.88
N GLY CB 30 -123.72 -3.79 -35.09
CA GLY CB 30 -123.72 -5.24 -35.23
C GLY CB 30 -122.35 -5.86 -35.07
N LEU CB 31 -121.30 -5.06 -35.17
CA LEU CB 31 -119.92 -5.56 -35.12
C LEU CB 31 -119.08 -4.70 -34.19
N LEU CB 32 -117.95 -5.27 -33.77
CA LEU CB 32 -116.93 -4.55 -33.01
C LEU CB 32 -115.95 -3.96 -33.99
N SER CB 33 -116.07 -2.66 -34.25
CA SER CB 33 -115.12 -1.99 -35.11
C SER CB 33 -113.75 -1.93 -34.45
N ASN CB 34 -112.71 -2.22 -35.22
CA ASN CB 34 -111.35 -2.29 -34.70
C ASN CB 34 -110.57 -1.07 -35.16
N SER CB 35 -110.06 -0.30 -34.21
CA SER CB 35 -109.19 0.85 -34.48
C SER CB 35 -107.93 0.64 -33.66
N ILE CB 36 -106.97 -0.07 -34.24
CA ILE CB 36 -105.75 -0.42 -33.51
C ILE CB 36 -104.69 0.67 -33.61
N ASP CB 37 -104.64 1.38 -34.74
CA ASP CB 37 -103.68 2.46 -34.89
C ASP CB 37 -103.99 3.60 -33.92
N PHE CB 38 -102.94 4.17 -33.34
CA PHE CB 38 -103.09 5.26 -32.38
C PHE CB 38 -103.04 6.64 -33.05
N ARG CB 39 -102.97 6.70 -34.37
CA ARG CB 39 -102.84 7.96 -35.09
C ARG CB 39 -104.15 8.30 -35.80
N ASP CB 40 -104.48 9.59 -35.82
CA ASP CB 40 -105.71 10.11 -36.43
C ASP CB 40 -106.95 9.51 -35.79
N GLN CB 41 -106.85 9.12 -34.53
CA GLN CB 41 -107.98 8.57 -33.78
C GLN CB 41 -108.79 9.64 -33.06
N ASN CB 42 -108.33 10.88 -33.07
CA ASN CB 42 -108.98 11.97 -32.33
C ASN CB 42 -109.89 12.81 -33.21
N LEU CB 43 -110.10 12.43 -34.47
CA LEU CB 43 -110.91 13.22 -35.39
C LEU CB 43 -112.36 12.73 -35.38
N ILE CB 44 -112.99 12.90 -34.22
CA ILE CB 44 -114.38 12.51 -34.02
C ILE CB 44 -115.14 13.69 -33.45
N PHE CB 45 -116.46 13.68 -33.66
CA PHE CB 45 -117.30 14.78 -33.19
C PHE CB 45 -117.50 14.75 -31.69
N SER CB 46 -117.31 13.59 -31.05
CA SER CB 46 -117.43 13.47 -29.60
C SER CB 46 -116.13 13.76 -28.88
N ASN CB 47 -115.20 14.44 -29.53
CA ASN CB 47 -113.92 14.76 -28.92
C ASN CB 47 -114.10 15.77 -27.79
N SER CB 48 -113.19 15.73 -26.82
CA SER CB 48 -113.22 16.65 -25.69
C SER CB 48 -113.05 18.09 -26.17
N GLY CB 49 -113.36 19.03 -25.28
CA GLY CB 49 -113.37 20.43 -25.67
C GLY CB 49 -112.00 20.94 -26.09
N GLY CB 50 -110.98 20.67 -25.29
CA GLY CB 50 -109.67 21.23 -25.55
C GLY CB 50 -108.57 20.22 -25.81
N VAL CB 51 -107.76 20.47 -26.85
CA VAL CB 51 -106.59 19.64 -27.10
C VAL CB 51 -105.53 19.89 -26.03
N CYS CB 52 -105.34 21.15 -25.65
CA CYS CB 52 -104.45 21.54 -24.56
C CYS CB 52 -105.25 22.33 -23.54
N THR CB 53 -105.39 21.78 -22.34
CA THR CB 53 -106.26 22.34 -21.32
C THR CB 53 -105.44 22.70 -20.08
N SER CB 54 -105.65 23.91 -19.58
CA SER CB 54 -104.99 24.38 -18.38
C SER CB 54 -105.93 24.25 -17.19
N SER CB 55 -105.35 23.97 -16.02
CA SER CB 55 -106.13 23.89 -14.79
C SER CB 55 -106.61 25.25 -14.32
N LYS CB 56 -106.13 26.34 -14.92
CA LYS CB 56 -106.53 27.69 -14.56
C LYS CB 56 -107.51 28.31 -15.55
N ASP CB 57 -108.16 27.48 -16.36
CA ASP CB 57 -109.16 27.97 -17.30
C ASP CB 57 -110.49 28.21 -16.60
N LYS CB 58 -111.13 29.33 -16.97
CA LYS CB 58 -112.43 29.68 -16.41
C LYS CB 58 -113.52 29.11 -17.31
N ILE CB 59 -114.36 28.24 -16.73
CA ILE CB 59 -115.38 27.52 -17.49
C ILE CB 59 -116.73 27.82 -16.87
N GLU CB 60 -117.70 28.22 -17.71
CA GLU CB 60 -119.05 28.51 -17.27
C GLU CB 60 -120.04 27.56 -17.93
N ASN CB 61 -121.27 27.56 -17.43
CA ASN CB 61 -122.34 26.80 -18.05
C ASN CB 61 -123.59 27.68 -18.16
N TYR CB 62 -124.34 27.48 -19.23
CA TYR CB 62 -125.54 28.28 -19.48
C TYR CB 62 -126.63 27.42 -20.09
N PRO CB 63 -127.89 27.79 -19.90
CA PRO CB 63 -128.97 27.14 -20.66
C PRO CB 63 -128.76 27.35 -22.16
N ALA CB 64 -129.05 26.32 -22.93
CA ALA CB 64 -128.77 26.32 -24.37
C ALA CB 64 -130.05 26.53 -25.17
N LYS CB 65 -129.93 27.26 -26.26
CA LYS CB 65 -131.02 27.48 -27.21
C LYS CB 65 -130.54 27.01 -28.58
N GLY CB 66 -131.11 25.91 -29.06
CA GLY CB 66 -130.64 25.28 -30.28
C GLY CB 66 -129.59 24.23 -29.98
N TYR CB 67 -128.61 24.08 -30.88
CA TYR CB 67 -127.51 23.14 -30.67
C TYR CB 67 -126.19 23.87 -30.93
N PRO CB 68 -125.64 24.52 -29.90
CA PRO CB 68 -124.42 25.32 -30.07
C PRO CB 68 -123.11 24.58 -29.87
N TYR CB 69 -123.12 23.24 -29.85
CA TYR CB 69 -121.90 22.48 -29.57
C TYR CB 69 -120.80 22.79 -30.57
N LYS CB 70 -119.58 23.02 -30.05
CA LYS CB 70 -118.40 23.31 -30.85
C LYS CB 70 -118.63 24.51 -31.77
N ARG CB 71 -119.22 25.56 -31.22
CA ARG CB 71 -119.53 26.75 -32.00
C ARG CB 71 -119.39 27.98 -31.10
N GLY CB 72 -119.21 29.13 -31.73
CA GLY CB 72 -119.19 30.38 -31.00
C GLY CB 72 -120.59 30.73 -30.53
N VAL CB 73 -120.70 31.17 -29.27
CA VAL CB 73 -121.99 31.41 -28.65
C VAL CB 73 -122.09 32.87 -28.23
N LYS CB 74 -123.33 33.37 -28.23
CA LYS CB 74 -123.64 34.73 -27.80
C LYS CB 74 -124.80 34.68 -26.82
N LEU CB 75 -124.89 35.72 -26.00
CA LEU CB 75 -125.98 35.84 -25.04
C LEU CB 75 -127.24 36.35 -25.72
N SER CB 76 -128.38 35.85 -25.26
CA SER CB 76 -129.67 36.27 -25.78
C SER CB 76 -130.67 36.35 -24.63
N PHE CB 77 -131.57 37.32 -24.71
CA PHE CB 77 -132.54 37.60 -23.67
C PHE CB 77 -133.95 37.48 -24.23
N GLY CB 78 -134.89 37.08 -23.37
CA GLY CB 78 -136.27 36.93 -23.79
C GLY CB 78 -137.19 37.95 -23.14
N ASP CB 79 -138.38 37.50 -22.75
CA ASP CB 79 -139.36 38.37 -22.10
C ASP CB 79 -138.94 38.78 -20.69
N GLY CB 80 -137.90 38.16 -20.14
CA GLY CB 80 -137.50 38.41 -18.77
C GLY CB 80 -138.06 37.43 -17.77
N THR CB 81 -139.02 36.59 -18.16
CA THR CB 81 -139.52 35.54 -17.27
C THR CB 81 -138.46 34.47 -17.05
N THR CB 82 -137.67 34.17 -18.09
CA THR CB 82 -136.60 33.18 -18.00
C THR CB 82 -135.25 33.87 -18.16
N GLU CB 83 -134.22 33.29 -17.56
CA GLU CB 83 -132.90 33.89 -17.58
C GLU CB 83 -132.30 33.83 -18.97
N LEU CB 84 -131.19 34.56 -19.14
CA LEU CB 84 -130.54 34.65 -20.44
C LEU CB 84 -129.98 33.30 -20.87
N GLU CB 85 -129.91 33.10 -22.19
CA GLU CB 85 -129.50 31.83 -22.76
C GLU CB 85 -128.45 32.05 -23.85
N VAL CB 86 -127.58 31.07 -24.03
CA VAL CB 86 -126.55 31.14 -25.06
C VAL CB 86 -127.07 30.50 -26.33
N GLU CB 87 -126.81 31.16 -27.46
CA GLU CB 87 -127.21 30.63 -28.76
C GLU CB 87 -126.06 30.83 -29.75
N ALA CB 88 -126.02 29.98 -30.77
CA ALA CB 88 -124.94 30.04 -31.75
C ALA CB 88 -124.94 31.37 -32.47
N GLY CB 89 -123.78 32.00 -32.55
CA GLY CB 89 -123.64 33.29 -33.20
C GLY CB 89 -122.20 33.75 -33.13
N GLY CB 90 -121.92 34.77 -33.91
CA GLY CB 90 -120.57 35.33 -34.00
C GLY CB 90 -120.61 36.81 -34.32
N GLY CB 91 -119.62 37.27 -35.06
CA GLY CB 91 -119.55 38.69 -35.39
C GLY CB 91 -119.19 39.51 -34.17
N ASP CB 92 -119.77 40.72 -34.10
CA ASP CB 92 -119.53 41.60 -32.97
C ASP CB 92 -120.29 41.19 -31.72
N ASP CB 93 -121.22 40.23 -31.83
CA ASP CB 93 -122.01 39.76 -30.70
C ASP CB 93 -121.38 38.57 -30.00
N LEU CB 94 -120.20 38.12 -30.43
CA LEU CB 94 -119.58 36.94 -29.87
C LEU CB 94 -119.29 37.12 -28.38
N TYR CB 95 -119.65 36.12 -27.59
CA TYR CB 95 -119.42 36.11 -26.15
C TYR CB 95 -118.42 35.05 -25.70
N GLY CB 96 -118.48 33.86 -26.28
CA GLY CB 96 -117.57 32.80 -25.90
C GLY CB 96 -117.62 31.67 -26.90
N VAL CB 97 -116.98 30.56 -26.53
CA VAL CB 97 -116.92 29.37 -27.36
C VAL CB 97 -117.50 28.20 -26.56
N CYS CB 98 -118.48 27.51 -27.14
CA CYS CB 98 -119.10 26.37 -26.49
C CYS CB 98 -118.22 25.14 -26.68
N SER CB 99 -117.55 24.72 -25.61
CA SER CB 99 -116.65 23.57 -25.69
C SER CB 99 -117.32 22.28 -25.27
N ASP CB 100 -118.52 22.32 -24.69
CA ASP CB 100 -119.18 21.07 -24.32
C ASP CB 100 -120.67 21.30 -24.23
N ILE CB 101 -121.42 20.20 -24.21
CA ILE CB 101 -122.87 20.24 -24.05
C ILE CB 101 -123.32 18.99 -23.33
N ASP CB 102 -124.21 19.17 -22.35
CA ASP CB 102 -124.87 18.08 -21.64
C ASP CB 102 -126.35 18.15 -22.02
N GLU CB 103 -126.80 17.15 -22.79
CA GLU CB 103 -128.14 17.19 -23.36
C GLU CB 103 -129.22 16.85 -22.33
N PHE CB 104 -128.92 16.03 -21.33
CA PHE CB 104 -129.93 15.67 -20.34
C PHE CB 104 -130.41 16.91 -19.59
N SER CB 105 -129.47 17.76 -19.15
CA SER CB 105 -129.81 18.99 -18.46
C SER CB 105 -129.89 20.18 -19.40
N GLY CB 106 -129.59 20.00 -20.68
CA GLY CB 106 -129.61 21.11 -21.62
C GLY CB 106 -128.65 22.23 -21.27
N MET CB 107 -127.45 21.88 -20.83
CA MET CB 107 -126.48 22.85 -20.34
C MET CB 107 -125.29 22.91 -21.27
N ALA CB 108 -125.01 24.10 -21.81
CA ALA CB 108 -123.85 24.32 -22.66
C ALA CB 108 -122.69 24.80 -21.81
N THR CB 109 -121.59 24.07 -21.87
CA THR CB 109 -120.35 24.43 -21.17
C THR CB 109 -119.50 25.29 -22.10
N VAL CB 110 -119.17 26.50 -21.65
CA VAL CB 110 -118.63 27.56 -22.48
C VAL CB 110 -117.36 28.12 -21.83
N ILE CB 111 -116.42 28.50 -22.68
CA ILE CB 111 -115.22 29.23 -22.28
C ILE CB 111 -115.35 30.65 -22.79
N PRO CB 112 -115.22 31.66 -21.93
CA PRO CB 112 -115.41 33.05 -22.37
C PRO CB 112 -114.32 33.49 -23.33
N ILE CB 113 -114.64 34.53 -24.10
CA ILE CB 113 -113.70 35.07 -25.07
C ILE CB 113 -112.48 35.68 -24.40
N THR CB 114 -112.56 35.98 -23.10
CA THR CB 114 -111.42 36.52 -22.37
C THR CB 114 -110.35 35.48 -22.09
N ASN CB 115 -110.64 34.19 -22.30
CA ASN CB 115 -109.70 33.11 -22.05
C ASN CB 115 -109.36 32.45 -23.37
N ASN CB 116 -108.06 32.27 -23.62
CA ASN CB 116 -107.63 31.67 -24.88
C ASN CB 116 -107.98 30.18 -24.92
N PHE CB 117 -108.33 29.71 -26.11
CA PHE CB 117 -108.78 28.34 -26.31
C PHE CB 117 -108.07 27.75 -27.52
N THR CB 118 -107.83 26.44 -27.46
CA THR CB 118 -107.23 25.71 -28.57
C THR CB 118 -107.93 24.37 -28.71
N GLY CB 119 -108.49 24.10 -29.88
CA GLY CB 119 -109.17 22.85 -30.08
C GLY CB 119 -109.90 22.82 -31.41
N TYR CB 120 -110.66 21.73 -31.61
CA TYR CB 120 -111.39 21.52 -32.85
C TYR CB 120 -112.75 22.20 -32.77
N LEU CB 121 -113.04 23.02 -33.78
CA LEU CB 121 -114.29 23.77 -33.85
C LEU CB 121 -114.91 23.60 -35.22
N THR CB 122 -116.23 23.81 -35.27
CA THR CB 122 -116.97 23.70 -36.52
C THR CB 122 -116.53 24.77 -37.51
N LEU CB 123 -116.37 24.38 -38.77
CA LEU CB 123 -115.93 25.27 -39.83
C LEU CB 123 -117.01 25.39 -40.89
N LYS CB 124 -117.06 26.54 -41.55
CA LYS CB 124 -117.99 26.74 -42.64
C LYS CB 124 -117.67 25.82 -43.81
N LYS CB 125 -118.71 25.41 -44.53
CA LYS CB 125 -118.54 24.55 -45.68
C LYS CB 125 -118.37 25.39 -46.95
N VAL CB 131 -109.03 25.14 -46.37
CA VAL CB 131 -108.36 25.94 -45.35
C VAL CB 131 -107.05 25.28 -44.94
N ASN CB 132 -105.97 26.04 -45.00
CA ASN CB 132 -104.64 25.57 -44.66
C ASN CB 132 -104.16 26.20 -43.35
N PRO CB 133 -103.20 25.57 -42.68
CA PRO CB 133 -102.70 26.15 -41.42
C PRO CB 133 -102.08 27.53 -41.65
N GLY CB 134 -102.20 28.38 -40.64
CA GLY CB 134 -101.70 29.73 -40.75
C GLY CB 134 -102.64 30.70 -41.43
N ASP CB 135 -103.93 30.41 -41.45
CA ASP CB 135 -104.93 31.27 -42.06
C ASP CB 135 -105.78 31.93 -40.98
N LYS CB 136 -106.32 33.11 -41.32
CA LYS CB 136 -107.10 33.89 -40.38
C LYS CB 136 -108.57 33.51 -40.48
N LEU CB 137 -109.19 33.26 -39.32
CA LEU CB 137 -110.55 32.77 -39.25
C LEU CB 137 -111.43 33.75 -38.49
N ASN CB 138 -112.71 33.78 -38.85
CA ASN CB 138 -113.68 34.66 -38.22
C ASN CB 138 -114.98 33.89 -38.01
N PHE CB 139 -115.69 34.23 -36.94
CA PHE CB 139 -116.96 33.60 -36.64
C PHE CB 139 -118.06 34.25 -37.49
N ASN CB 140 -118.97 33.41 -38.01
CA ASN CB 140 -120.06 33.89 -38.83
C ASN CB 140 -121.33 34.01 -37.99
N GLN CB 141 -122.46 34.30 -38.65
CA GLN CB 141 -123.71 34.47 -37.94
C GLN CB 141 -124.17 33.17 -37.28
N HIS CB 142 -123.79 32.02 -37.85
CA HIS CB 142 -124.17 30.73 -37.30
C HIS CB 142 -123.15 30.18 -36.31
N GLY CB 143 -122.10 30.93 -36.00
CA GLY CB 143 -121.07 30.47 -35.11
C GLY CB 143 -120.01 29.60 -35.74
N GLU CB 144 -120.04 29.42 -37.05
CA GLU CB 144 -119.04 28.63 -37.75
C GLU CB 144 -117.84 29.49 -38.13
N LEU CB 145 -116.68 28.84 -38.22
CA LEU CB 145 -115.45 29.52 -38.61
C LEU CB 145 -115.37 29.62 -40.12
N GLU CB 146 -114.96 30.78 -40.60
CA GLU CB 146 -114.81 31.02 -42.04
C GLU CB 146 -113.52 31.78 -42.28
N LYS CB 147 -112.92 31.51 -43.44
CA LYS CB 147 -111.68 32.19 -43.82
C LYS CB 147 -111.93 33.68 -44.02
N VAL CB 148 -110.98 34.50 -43.59
CA VAL CB 148 -111.11 35.95 -43.74
C VAL CB 148 -110.78 36.38 -45.15
N LYS CB 153 -112.98 41.52 -39.59
CA LYS CB 153 -112.46 40.61 -38.58
C LYS CB 153 -112.16 41.33 -37.28
N SER CB 154 -112.55 40.72 -36.16
CA SER CB 154 -112.32 41.30 -34.85
C SER CB 154 -111.92 40.29 -33.79
N VAL CB 155 -111.59 39.05 -34.19
CA VAL CB 155 -111.23 37.99 -33.24
C VAL CB 155 -109.93 37.35 -33.72
N ASN CB 156 -108.99 37.17 -32.81
CA ASN CB 156 -107.71 36.53 -33.11
C ASN CB 156 -107.93 35.01 -33.12
N ALA CB 157 -108.31 34.49 -34.29
CA ALA CB 157 -108.50 33.05 -34.48
C ALA CB 157 -107.61 32.60 -35.62
N ILE CB 158 -106.75 31.61 -35.35
CA ILE CB 158 -105.80 31.12 -36.33
C ILE CB 158 -105.96 29.61 -36.45
N ALA CB 159 -106.04 29.13 -37.69
CA ALA CB 159 -106.16 27.70 -37.95
C ALA CB 159 -104.79 27.04 -37.86
N LEU CB 160 -104.71 25.94 -37.10
CA LEU CB 160 -103.47 25.21 -36.91
C LEU CB 160 -103.40 23.94 -37.76
N SER CB 161 -104.46 23.63 -38.50
CA SER CB 161 -104.50 22.43 -39.32
C SER CB 161 -105.40 22.69 -40.52
N LYS CB 162 -105.78 21.63 -41.21
CA LYS CB 162 -106.67 21.71 -42.37
C LYS CB 162 -108.04 21.17 -41.98
N ALA CB 163 -109.03 21.51 -42.81
CA ALA CB 163 -110.41 21.09 -42.55
C ALA CB 163 -110.54 19.58 -42.69
N HIS CB 164 -111.13 18.95 -41.68
CA HIS CB 164 -111.43 17.52 -41.71
C HIS CB 164 -112.93 17.34 -41.77
N LYS CB 165 -113.40 16.59 -42.76
CA LYS CB 165 -114.82 16.44 -43.04
C LYS CB 165 -115.32 15.13 -42.44
N LEU CB 166 -116.34 15.24 -41.57
CA LEU CB 166 -116.95 14.06 -40.97
C LEU CB 166 -118.31 13.72 -41.58
N THR CB 167 -118.99 14.70 -42.17
CA THR CB 167 -120.27 14.50 -42.83
C THR CB 167 -120.31 15.44 -44.01
N GLU CB 168 -121.29 15.23 -44.90
CA GLU CB 168 -121.38 16.03 -46.12
C GLU CB 168 -121.49 17.53 -45.84
N ASP CB 169 -121.94 17.90 -44.64
CA ASP CB 169 -121.98 19.29 -44.23
C ASP CB 169 -121.12 19.59 -43.00
N LEU CB 170 -120.60 18.57 -42.31
CA LEU CB 170 -119.88 18.77 -41.06
C LEU CB 170 -118.38 18.79 -41.33
N PHE CB 171 -117.76 19.95 -41.13
CA PHE CB 171 -116.32 20.12 -41.20
C PHE CB 171 -115.81 20.65 -39.86
N ILE CB 172 -114.68 20.12 -39.41
CA ILE CB 172 -114.06 20.60 -38.18
C ILE CB 172 -112.64 21.06 -38.52
N VAL CB 173 -112.11 21.96 -37.71
CA VAL CB 173 -110.77 22.48 -37.90
C VAL CB 173 -110.15 22.76 -36.54
N LEU CB 174 -108.85 22.46 -36.42
CA LEU CB 174 -108.12 22.84 -35.22
C LEU CB 174 -107.83 24.32 -35.28
N ALA CB 175 -108.27 25.06 -34.26
CA ALA CB 175 -108.11 26.50 -34.22
C ALA CB 175 -107.63 26.92 -32.83
N SER CB 176 -106.87 28.01 -32.81
CA SER CB 176 -106.46 28.67 -31.58
C SER CB 176 -107.03 30.08 -31.60
N VAL CB 177 -107.83 30.40 -30.58
CA VAL CB 177 -108.47 31.70 -30.45
C VAL CB 177 -107.93 32.36 -29.19
N PHE CB 178 -107.38 33.57 -29.35
CA PHE CB 178 -106.76 34.29 -28.24
C PHE CB 178 -107.24 35.74 -28.25
N GLY CB 179 -108.34 35.99 -27.54
CA GLY CB 179 -108.79 37.34 -27.26
C GLY CB 179 -109.32 38.09 -28.48
N ASN CB 180 -109.46 39.40 -28.29
CA ASN CB 180 -109.93 40.30 -29.32
C ASN CB 180 -108.79 40.80 -30.17
N ARG CB 181 -109.12 41.26 -31.39
CA ARG CB 181 -108.16 41.79 -32.34
C ARG CB 181 -108.43 43.27 -32.52
N ALA CB 182 -107.57 44.11 -31.96
CA ALA CB 182 -107.74 45.55 -32.07
C ALA CB 182 -107.67 45.99 -33.52
N ILE CB 183 -108.53 46.94 -33.89
CA ILE CB 183 -108.65 47.43 -35.25
C ILE CB 183 -108.90 46.28 -36.22
N LEU DB 21 -76.88 38.02 -24.90
CA LEU DB 21 -78.10 37.44 -25.44
C LEU DB 21 -78.39 36.09 -24.80
N MET DB 22 -78.14 36.01 -23.49
CA MET DB 22 -78.40 34.80 -22.71
C MET DB 22 -78.86 35.21 -21.32
N LYS DB 23 -79.88 34.51 -20.80
CA LYS DB 23 -80.37 34.81 -19.47
C LYS DB 23 -79.29 34.58 -18.41
N ASN DB 24 -78.57 33.46 -18.52
CA ASN DB 24 -77.46 33.18 -17.62
C ASN DB 24 -76.18 33.67 -18.27
N PRO DB 25 -75.45 34.61 -17.67
CA PRO DB 25 -74.22 35.11 -18.29
C PRO DB 25 -73.22 33.99 -18.53
N GLN DB 26 -72.64 33.97 -19.74
CA GLN DB 26 -71.69 32.92 -20.09
C GLN DB 26 -70.36 33.11 -19.38
N GLN DB 27 -69.85 34.35 -19.35
CA GLN DB 27 -68.57 34.63 -18.70
C GLN DB 27 -68.78 34.63 -17.20
N ASP DB 28 -68.37 33.55 -16.55
CA ASP DB 28 -68.50 33.46 -15.09
C ASP DB 28 -67.56 34.45 -14.42
N SER DB 29 -68.08 35.11 -13.38
CA SER DB 29 -67.33 36.17 -12.72
C SER DB 29 -66.13 35.63 -11.97
N GLY DB 30 -65.11 36.47 -11.84
CA GLY DB 30 -63.92 36.14 -11.10
C GLY DB 30 -63.92 36.52 -9.64
N LEU DB 31 -65.04 37.05 -9.12
CA LEU DB 31 -65.12 37.48 -7.75
C LEU DB 31 -66.42 36.98 -7.12
N LEU DB 32 -66.39 36.83 -5.80
CA LEU DB 32 -67.58 36.52 -5.05
C LEU DB 32 -68.46 37.76 -4.90
N SER DB 33 -69.77 37.54 -4.80
CA SER DB 33 -70.70 38.65 -4.63
C SER DB 33 -70.79 39.05 -3.16
N ASN DB 34 -71.08 40.33 -2.95
CA ASN DB 34 -71.21 40.89 -1.61
C ASN DB 34 -72.69 41.12 -1.33
N SER DB 35 -73.25 40.29 -0.44
CA SER DB 35 -74.67 40.38 -0.08
C SER DB 35 -74.79 41.27 1.16
N ILE DB 36 -74.66 42.58 0.94
CA ILE DB 36 -74.74 43.54 2.03
C ILE DB 36 -75.85 44.55 1.79
N ASP DB 37 -76.20 44.77 0.52
CA ASP DB 37 -77.25 45.72 0.14
C ASP DB 37 -78.46 44.96 -0.37
N PHE DB 38 -79.65 45.47 -0.03
CA PHE DB 38 -80.90 44.86 -0.45
C PHE DB 38 -81.64 45.68 -1.49
N ARG DB 39 -81.04 46.74 -2.00
CA ARG DB 39 -81.68 47.63 -2.96
C ARG DB 39 -80.97 47.54 -4.31
N ASP DB 40 -81.77 47.63 -5.38
CA ASP DB 40 -81.28 47.58 -6.75
C ASP DB 40 -80.51 46.30 -7.03
N GLN DB 41 -81.05 45.18 -6.53
CA GLN DB 41 -80.46 43.87 -6.78
C GLN DB 41 -81.24 43.03 -7.77
N ASN DB 42 -82.44 43.47 -8.17
CA ASN DB 42 -83.27 42.73 -9.10
C ASN DB 42 -83.17 43.24 -10.53
N LEU DB 43 -82.33 44.25 -10.78
CA LEU DB 43 -82.19 44.82 -12.12
C LEU DB 43 -81.14 44.07 -12.93
N ILE DB 44 -81.38 42.77 -13.10
CA ILE DB 44 -80.51 41.88 -13.85
C ILE DB 44 -81.30 41.26 -14.98
N PHE DB 45 -80.58 40.67 -15.94
CA PHE DB 45 -81.21 40.04 -17.09
C PHE DB 45 -81.69 38.63 -16.80
N SER DB 46 -81.16 37.98 -15.77
CA SER DB 46 -81.57 36.64 -15.39
C SER DB 46 -82.82 36.63 -14.53
N ASN DB 47 -83.54 37.75 -14.44
CA ASN DB 47 -84.76 37.84 -13.63
C ASN DB 47 -85.94 37.42 -14.49
N SER DB 48 -86.10 36.10 -14.62
CA SER DB 48 -87.19 35.54 -15.39
C SER DB 48 -88.50 35.61 -14.60
N GLY DB 49 -89.61 35.45 -15.32
CA GLY DB 49 -90.92 35.54 -14.71
C GLY DB 49 -91.43 36.96 -14.61
N GLY DB 50 -92.20 37.25 -13.56
CA GLY DB 50 -92.74 38.58 -13.36
C GLY DB 50 -92.55 39.02 -11.92
N VAL DB 51 -92.62 40.34 -11.74
CA VAL DB 51 -92.50 40.91 -10.40
C VAL DB 51 -93.74 40.59 -9.57
N CYS DB 52 -94.92 40.70 -10.17
CA CYS DB 52 -96.19 40.36 -9.52
C CYS DB 52 -96.77 39.15 -10.26
N THR DB 53 -96.82 38.01 -9.57
CA THR DB 53 -97.24 36.76 -10.16
C THR DB 53 -98.47 36.23 -9.44
N SER DB 54 -99.50 35.89 -10.20
CA SER DB 54 -100.74 35.34 -9.66
C SER DB 54 -100.71 33.82 -9.74
N SER DB 55 -101.20 33.17 -8.69
CA SER DB 55 -101.25 31.71 -8.66
C SER DB 55 -102.26 31.13 -9.65
N LYS DB 56 -103.13 31.98 -10.22
CA LYS DB 56 -104.13 31.53 -11.19
C LYS DB 56 -103.76 31.94 -12.62
N ASP DB 57 -102.50 32.29 -12.85
CA ASP DB 57 -102.05 32.66 -14.18
C ASP DB 57 -101.94 31.43 -15.09
N LYS DB 58 -102.15 31.64 -16.38
CA LYS DB 58 -102.05 30.59 -17.37
C LYS DB 58 -100.68 30.65 -18.04
N ILE DB 59 -99.94 29.54 -17.96
CA ILE DB 59 -98.56 29.48 -18.42
C ILE DB 59 -98.44 28.35 -19.44
N GLU DB 60 -98.01 28.68 -20.64
CA GLU DB 60 -97.81 27.71 -21.72
C GLU DB 60 -96.32 27.59 -22.03
N ASN DB 61 -95.98 26.56 -22.80
CA ASN DB 61 -94.62 26.43 -23.32
C ASN DB 61 -94.67 25.99 -24.79
N TYR DB 62 -93.71 26.45 -25.55
CA TYR DB 62 -93.64 26.18 -26.98
C TYR DB 62 -92.19 26.00 -27.40
N PRO DB 63 -91.94 25.35 -28.53
CA PRO DB 63 -90.58 25.36 -29.09
C PRO DB 63 -90.16 26.78 -29.44
N ALA DB 64 -88.90 27.10 -29.17
CA ALA DB 64 -88.39 28.44 -29.40
C ALA DB 64 -87.66 28.50 -30.74
N LYS DB 65 -87.91 29.57 -31.50
CA LYS DB 65 -87.24 29.84 -32.77
C LYS DB 65 -86.36 31.07 -32.56
N GLY DB 66 -85.10 30.84 -32.19
CA GLY DB 66 -84.19 31.92 -31.89
C GLY DB 66 -84.06 32.14 -30.39
N TYR DB 67 -83.97 33.41 -29.97
CA TYR DB 67 -83.89 33.76 -28.55
C TYR DB 67 -84.95 34.82 -28.26
N PRO DB 68 -86.21 34.42 -28.06
CA PRO DB 68 -87.27 35.39 -27.84
C PRO DB 68 -87.44 35.80 -26.39
N TYR DB 69 -86.41 35.54 -25.58
CA TYR DB 69 -86.49 35.80 -24.14
C TYR DB 69 -86.81 37.26 -23.86
N LYS DB 70 -87.76 37.46 -22.93
CA LYS DB 70 -88.17 38.81 -22.50
C LYS DB 70 -88.62 39.66 -23.68
N ARG DB 71 -89.37 39.06 -24.59
CA ARG DB 71 -89.87 39.76 -25.78
C ARG DB 71 -91.27 39.24 -26.11
N GLY DB 72 -92.01 40.06 -26.86
CA GLY DB 72 -93.29 39.60 -27.36
C GLY DB 72 -93.11 38.64 -28.52
N VAL DB 73 -93.92 37.58 -28.53
CA VAL DB 73 -93.75 36.49 -29.48
C VAL DB 73 -94.98 36.36 -30.35
N LYS DB 74 -94.79 35.74 -31.52
CA LYS DB 74 -95.85 35.41 -32.45
C LYS DB 74 -95.69 33.97 -32.90
N LEU DB 75 -96.81 33.39 -33.33
CA LEU DB 75 -96.82 32.01 -33.80
C LEU DB 75 -96.28 31.94 -35.22
N SER DB 76 -95.27 31.11 -35.43
CA SER DB 76 -94.67 30.88 -36.74
C SER DB 76 -94.89 29.44 -37.15
N PHE DB 77 -95.30 29.25 -38.40
CA PHE DB 77 -95.61 27.95 -38.96
C PHE DB 77 -94.55 27.56 -39.99
N GLY DB 78 -94.12 26.32 -39.92
CA GLY DB 78 -93.11 25.80 -40.83
C GLY DB 78 -93.72 25.22 -42.09
N ASP DB 79 -92.98 24.30 -42.71
CA ASP DB 79 -93.48 23.63 -43.91
C ASP DB 79 -94.70 22.78 -43.61
N GLY DB 80 -94.76 22.20 -42.41
CA GLY DB 80 -95.85 21.33 -42.03
C GLY DB 80 -95.35 20.04 -41.43
N THR DB 81 -94.09 19.70 -41.72
CA THR DB 81 -93.50 18.50 -41.14
C THR DB 81 -93.33 18.64 -39.63
N THR DB 82 -92.90 19.78 -39.16
CA THR DB 82 -92.71 20.04 -37.74
C THR DB 82 -93.85 20.89 -37.20
N GLU DB 83 -93.96 20.92 -35.88
CA GLU DB 83 -95.01 21.66 -35.20
C GLU DB 83 -94.71 23.16 -35.24
N LEU DB 84 -95.72 23.95 -34.87
CA LEU DB 84 -95.59 25.40 -34.82
C LEU DB 84 -94.61 25.80 -33.72
N GLU DB 85 -94.03 26.98 -33.87
CA GLU DB 85 -93.11 27.50 -32.87
C GLU DB 85 -93.40 28.98 -32.63
N VAL DB 86 -92.66 29.58 -31.70
CA VAL DB 86 -92.83 30.99 -31.36
C VAL DB 86 -91.56 31.75 -31.74
N GLU DB 87 -91.74 32.91 -32.35
CA GLU DB 87 -90.62 33.77 -32.73
C GLU DB 87 -90.90 35.21 -32.33
N ALA DB 88 -89.85 35.94 -31.99
CA ALA DB 88 -90.01 37.32 -31.56
C ALA DB 88 -90.71 38.14 -32.64
N GLY DB 89 -91.79 38.83 -32.26
CA GLY DB 89 -92.57 39.60 -33.20
C GLY DB 89 -93.65 40.36 -32.46
N GLY DB 90 -94.34 41.22 -33.22
CA GLY DB 90 -95.40 42.05 -32.66
C GLY DB 90 -96.45 42.35 -33.69
N GLY DB 91 -96.89 43.61 -33.74
CA GLY DB 91 -97.95 43.99 -34.66
C GLY DB 91 -99.25 43.29 -34.32
N ASP DB 92 -100.00 42.92 -35.36
CA ASP DB 92 -101.26 42.20 -35.17
C ASP DB 92 -101.06 40.71 -35.00
N ASP DB 93 -99.82 40.22 -35.08
CA ASP DB 93 -99.53 38.81 -34.90
C ASP DB 93 -99.15 38.46 -33.47
N LEU DB 94 -99.15 39.43 -32.57
CA LEU DB 94 -98.72 39.19 -31.20
C LEU DB 94 -99.59 38.14 -30.53
N TYR DB 95 -98.98 37.09 -30.02
CA TYR DB 95 -99.67 36.01 -29.33
C TYR DB 95 -99.49 36.03 -27.82
N GLY DB 96 -98.33 36.46 -27.34
CA GLY DB 96 -98.08 36.47 -25.92
C GLY DB 96 -96.71 37.04 -25.61
N VAL DB 97 -96.29 36.85 -24.36
CA VAL DB 97 -95.03 37.38 -23.86
C VAL DB 97 -94.19 36.20 -23.37
N CYS DB 98 -92.95 36.14 -23.82
CA CYS DB 98 -92.01 35.10 -23.40
C CYS DB 98 -91.33 35.54 -22.10
N SER DB 99 -91.58 34.80 -21.03
CA SER DB 99 -91.06 35.16 -19.71
C SER DB 99 -89.86 34.34 -19.27
N ASP DB 100 -89.66 33.16 -19.85
CA ASP DB 100 -88.55 32.29 -19.45
C ASP DB 100 -88.19 31.38 -20.61
N ILE DB 101 -86.98 30.82 -20.56
CA ILE DB 101 -86.53 29.85 -21.55
C ILE DB 101 -85.74 28.76 -20.85
N ASP DB 102 -86.01 27.51 -21.22
CA ASP DB 102 -85.15 26.38 -20.89
C ASP DB 102 -84.26 26.13 -22.10
N GLU DB 103 -82.96 26.34 -21.92
CA GLU DB 103 -82.02 26.25 -23.03
C GLU DB 103 -81.77 24.81 -23.46
N PHE DB 104 -81.77 23.88 -22.49
CA PHE DB 104 -81.49 22.48 -22.82
C PHE DB 104 -82.52 21.93 -23.80
N SER DB 105 -83.79 22.24 -23.59
CA SER DB 105 -84.86 21.76 -24.44
C SER DB 105 -85.33 22.80 -25.46
N GLY DB 106 -84.75 23.99 -25.45
CA GLY DB 106 -85.19 25.04 -26.36
C GLY DB 106 -86.66 25.39 -26.19
N MET DB 107 -87.12 25.47 -24.95
CA MET DB 107 -88.53 25.63 -24.66
C MET DB 107 -88.78 27.03 -24.10
N ALA DB 108 -89.59 27.81 -24.81
CA ALA DB 108 -89.94 29.16 -24.39
C ALA DB 108 -91.26 29.11 -23.62
N THR DB 109 -91.28 29.75 -22.45
CA THR DB 109 -92.46 29.88 -21.62
C THR DB 109 -93.22 31.14 -22.04
N VAL DB 110 -94.51 30.98 -22.31
CA VAL DB 110 -95.33 32.04 -22.88
C VAL DB 110 -96.52 32.30 -21.96
N ILE DB 111 -96.84 33.57 -21.79
CA ILE DB 111 -98.07 34.02 -21.15
C ILE DB 111 -98.96 34.62 -22.23
N PRO DB 112 -100.15 34.05 -22.49
CA PRO DB 112 -100.97 34.52 -23.61
C PRO DB 112 -101.41 35.95 -23.43
N ILE DB 113 -101.66 36.62 -24.55
CA ILE DB 113 -102.11 38.01 -24.54
C ILE DB 113 -103.45 38.16 -23.83
N THR DB 114 -104.24 37.09 -23.76
CA THR DB 114 -105.49 37.12 -23.01
C THR DB 114 -105.26 37.23 -21.50
N ASN DB 115 -104.04 36.98 -21.05
CA ASN DB 115 -103.66 37.13 -19.65
C ASN DB 115 -102.77 38.37 -19.51
N ASN DB 116 -102.84 38.99 -18.34
CA ASN DB 116 -102.10 40.23 -18.08
C ASN DB 116 -100.78 39.92 -17.39
N PHE DB 117 -99.73 40.62 -17.82
CA PHE DB 117 -98.38 40.39 -17.34
C PHE DB 117 -97.77 41.70 -16.86
N THR DB 118 -97.01 41.64 -15.77
CA THR DB 118 -96.31 42.79 -15.21
C THR DB 118 -94.87 42.37 -14.92
N GLY DB 119 -93.93 42.91 -15.68
CA GLY DB 119 -92.55 42.51 -15.48
C GLY DB 119 -91.60 43.32 -16.33
N TYR DB 120 -90.33 42.92 -16.30
CA TYR DB 120 -89.28 43.59 -17.06
C TYR DB 120 -89.21 43.01 -18.47
N LEU DB 121 -89.30 43.88 -19.46
CA LEU DB 121 -89.31 43.49 -20.86
C LEU DB 121 -88.29 44.31 -21.63
N THR DB 122 -87.80 43.74 -22.73
CA THR DB 122 -86.79 44.40 -23.55
C THR DB 122 -87.39 45.63 -24.23
N LEU DB 123 -86.66 46.74 -24.18
CA LEU DB 123 -87.06 47.99 -24.81
C LEU DB 123 -86.12 48.30 -25.96
N LYS DB 124 -86.68 48.89 -27.01
CA LYS DB 124 -85.91 49.22 -28.20
C LYS DB 124 -85.05 50.45 -27.94
N LYS DB 125 -83.76 50.34 -28.23
CA LYS DB 125 -82.84 51.44 -28.02
C LYS DB 125 -83.08 52.58 -29.03
N VAL DB 131 -88.84 57.58 -22.72
CA VAL DB 131 -89.69 56.66 -21.98
C VAL DB 131 -89.65 56.97 -20.49
N ASN DB 132 -90.81 57.34 -19.94
CA ASN DB 132 -90.97 57.66 -18.54
C ASN DB 132 -92.17 56.90 -17.99
N PRO DB 133 -92.21 56.65 -16.67
CA PRO DB 133 -93.35 55.96 -16.08
C PRO DB 133 -94.69 56.57 -16.46
N GLY DB 134 -95.53 55.79 -17.13
CA GLY DB 134 -96.81 56.27 -17.62
C GLY DB 134 -96.91 56.38 -19.12
N ASP DB 135 -95.81 56.18 -19.84
CA ASP DB 135 -95.84 56.26 -21.30
C ASP DB 135 -96.40 54.98 -21.90
N LYS DB 136 -97.27 55.14 -22.89
CA LYS DB 136 -97.86 53.99 -23.57
C LYS DB 136 -96.88 53.40 -24.56
N LEU DB 137 -96.87 52.07 -24.66
CA LEU DB 137 -95.88 51.35 -25.44
C LEU DB 137 -96.56 50.34 -26.35
N ASN DB 138 -95.83 49.95 -27.40
CA ASN DB 138 -96.31 48.94 -28.34
C ASN DB 138 -95.14 48.03 -28.71
N PHE DB 139 -95.48 46.85 -29.21
CA PHE DB 139 -94.49 45.85 -29.57
C PHE DB 139 -94.12 46.00 -31.04
N ASN DB 140 -92.83 46.09 -31.32
CA ASN DB 140 -92.35 46.25 -32.68
C ASN DB 140 -92.25 44.89 -33.37
N GLN DB 141 -91.61 44.87 -34.55
CA GLN DB 141 -91.48 43.62 -35.31
C GLN DB 141 -90.57 42.61 -34.62
N HIS DB 142 -89.74 43.03 -33.67
CA HIS DB 142 -88.78 42.15 -33.02
C HIS DB 142 -89.15 41.88 -31.56
N GLY DB 143 -90.39 42.14 -31.17
CA GLY DB 143 -90.78 41.89 -29.80
C GLY DB 143 -90.22 42.87 -28.79
N GLU DB 144 -89.83 44.05 -29.24
CA GLU DB 144 -89.26 45.08 -28.38
C GLU DB 144 -90.31 46.16 -28.13
N LEU DB 145 -90.43 46.60 -26.89
CA LEU DB 145 -91.34 47.67 -26.54
C LEU DB 145 -90.79 49.01 -27.02
N GLU DB 146 -91.65 49.81 -27.63
CA GLU DB 146 -91.28 51.14 -28.11
C GLU DB 146 -92.39 52.12 -27.80
N LYS DB 147 -92.01 53.38 -27.64
CA LYS DB 147 -92.97 54.41 -27.27
C LYS DB 147 -93.87 54.76 -28.46
N VAL DB 148 -95.15 54.99 -28.18
CA VAL DB 148 -96.11 55.34 -29.22
C VAL DB 148 -96.12 56.84 -29.44
N LYS DB 153 -101.33 51.24 -29.85
CA LYS DB 153 -102.23 51.28 -31.00
C LYS DB 153 -103.06 50.01 -31.07
N SER DB 154 -102.47 48.88 -30.68
CA SER DB 154 -103.18 47.62 -30.64
C SER DB 154 -102.85 46.77 -29.42
N VAL DB 155 -102.01 47.25 -28.52
CA VAL DB 155 -101.62 46.52 -27.32
C VAL DB 155 -101.63 47.47 -26.14
N ASN DB 156 -102.12 47.00 -24.99
CA ASN DB 156 -102.12 47.79 -23.77
C ASN DB 156 -100.82 47.52 -23.03
N ALA DB 157 -99.82 48.35 -23.28
CA ALA DB 157 -98.55 48.31 -22.57
C ALA DB 157 -98.26 49.70 -22.02
N ILE DB 158 -98.06 49.79 -20.70
CA ILE DB 158 -97.77 51.05 -20.04
C ILE DB 158 -96.48 50.89 -19.25
N ALA DB 159 -95.54 51.80 -19.48
CA ALA DB 159 -94.26 51.75 -18.77
C ALA DB 159 -94.45 52.16 -17.31
N LEU DB 160 -93.88 51.37 -16.40
CA LEU DB 160 -93.95 51.65 -14.98
C LEU DB 160 -92.61 52.13 -14.41
N SER DB 161 -91.60 52.30 -15.25
CA SER DB 161 -90.29 52.73 -14.79
C SER DB 161 -89.49 53.23 -16.00
N LYS DB 162 -88.35 53.85 -15.70
CA LYS DB 162 -87.46 54.33 -16.74
C LYS DB 162 -86.64 53.17 -17.31
N ALA DB 163 -86.06 53.40 -18.49
CA ALA DB 163 -85.30 52.36 -19.16
C ALA DB 163 -83.98 52.12 -18.42
N HIS DB 164 -83.78 50.88 -17.98
CA HIS DB 164 -82.55 50.48 -17.30
C HIS DB 164 -81.64 49.81 -18.32
N LYS DB 165 -80.42 50.33 -18.46
CA LYS DB 165 -79.48 49.81 -19.44
C LYS DB 165 -78.59 48.75 -18.79
N LEU DB 166 -78.67 47.52 -19.29
CA LEU DB 166 -77.80 46.46 -18.81
C LEU DB 166 -76.55 46.34 -19.68
N THR DB 167 -76.70 46.51 -20.98
CA THR DB 167 -75.61 46.51 -21.94
C THR DB 167 -75.80 47.74 -22.83
N GLU DB 168 -74.74 48.12 -23.54
CA GLU DB 168 -74.78 49.33 -24.36
C GLU DB 168 -75.92 49.30 -25.38
N ASP DB 169 -76.38 48.11 -25.77
CA ASP DB 169 -77.53 47.98 -26.64
C ASP DB 169 -78.72 47.28 -25.98
N LEU DB 170 -78.56 46.72 -24.79
CA LEU DB 170 -79.61 45.97 -24.11
C LEU DB 170 -80.25 46.86 -23.04
N PHE DB 171 -81.52 47.19 -23.24
CA PHE DB 171 -82.29 48.01 -22.31
C PHE DB 171 -83.54 47.24 -21.88
N ILE DB 172 -83.87 47.32 -20.60
CA ILE DB 172 -85.09 46.71 -20.08
C ILE DB 172 -85.97 47.81 -19.49
N VAL DB 173 -87.24 47.48 -19.29
CA VAL DB 173 -88.19 48.42 -18.72
C VAL DB 173 -89.28 47.63 -18.02
N LEU DB 174 -89.71 48.13 -16.87
CA LEU DB 174 -90.82 47.52 -16.14
C LEU DB 174 -92.14 47.96 -16.78
N ALA DB 175 -92.87 47.01 -17.34
CA ALA DB 175 -94.11 47.28 -18.05
C ALA DB 175 -95.20 46.34 -17.59
N SER DB 176 -96.43 46.84 -17.58
CA SER DB 176 -97.62 46.05 -17.30
C SER DB 176 -98.41 45.92 -18.60
N VAL DB 177 -98.64 44.68 -19.01
CA VAL DB 177 -99.41 44.39 -20.22
C VAL DB 177 -100.76 43.85 -19.79
N PHE DB 178 -101.83 44.46 -20.26
CA PHE DB 178 -103.19 44.06 -19.88
C PHE DB 178 -104.08 43.99 -21.12
N GLY DB 179 -103.59 43.35 -22.17
CA GLY DB 179 -104.40 43.03 -23.32
C GLY DB 179 -104.20 43.99 -24.50
N ASN DB 180 -105.20 44.01 -25.36
CA ASN DB 180 -105.21 44.82 -26.56
C ASN DB 180 -106.13 46.03 -26.38
N ARG DB 181 -106.02 46.98 -27.31
CA ARG DB 181 -106.84 48.18 -27.26
C ARG DB 181 -107.94 48.14 -28.32
N LEU EB 21 -120.77 56.30 -1.21
CA LEU EB 21 -119.58 57.03 -0.76
C LEU EB 21 -118.77 56.18 0.22
N MET EB 22 -119.43 55.19 0.82
CA MET EB 22 -118.79 54.30 1.77
C MET EB 22 -119.35 52.89 1.59
N LYS EB 23 -118.47 51.89 1.72
CA LYS EB 23 -118.91 50.50 1.63
C LYS EB 23 -119.91 50.18 2.73
N ASN EB 24 -119.56 50.51 3.98
CA ASN EB 24 -120.43 50.39 5.13
C ASN EB 24 -121.04 51.76 5.45
N PRO EB 25 -122.35 51.82 5.71
CA PRO EB 25 -122.97 53.12 6.00
C PRO EB 25 -122.33 53.79 7.20
N GLN EB 26 -122.12 55.11 7.08
CA GLN EB 26 -121.44 55.86 8.13
C GLN EB 26 -122.30 55.93 9.39
N GLN EB 27 -123.61 56.13 9.23
CA GLN EB 27 -124.51 56.25 10.37
C GLN EB 27 -125.06 54.88 10.75
N ASP EB 28 -125.00 54.57 12.04
CA ASP EB 28 -125.55 53.32 12.53
C ASP EB 28 -127.07 53.31 12.42
N SER EB 29 -127.63 52.15 12.11
CA SER EB 29 -129.06 52.02 11.97
C SER EB 29 -129.74 52.05 13.34
N GLY EB 30 -131.02 52.44 13.35
CA GLY EB 30 -131.79 52.48 14.57
C GLY EB 30 -132.70 51.28 14.72
N LEU EB 31 -132.76 50.45 13.69
CA LEU EB 31 -133.67 49.32 13.65
C LEU EB 31 -132.92 48.04 13.33
N LEU EB 32 -133.42 46.92 13.86
CA LEU EB 32 -132.93 45.62 13.44
C LEU EB 32 -133.45 45.30 12.04
N SER EB 33 -132.85 44.29 11.43
CA SER EB 33 -133.24 43.85 10.09
C SER EB 33 -134.21 42.68 10.20
N ASN EB 34 -135.23 42.68 9.34
CA ASN EB 34 -136.23 41.62 9.31
C ASN EB 34 -135.72 40.51 8.40
N SER EB 35 -135.16 39.47 9.00
CA SER EB 35 -134.57 38.37 8.25
C SER EB 35 -135.57 37.22 8.14
N ILE EB 36 -136.60 37.44 7.33
CA ILE EB 36 -137.63 36.45 7.06
C ILE EB 36 -137.73 36.14 5.57
N ASP EB 37 -137.79 37.17 4.74
CA ASP EB 37 -137.88 36.99 3.31
C ASP EB 37 -136.50 36.65 2.73
N PHE EB 38 -136.51 36.16 1.48
CA PHE EB 38 -135.29 35.80 0.79
C PHE EB 38 -135.18 36.40 -0.60
N ARG EB 39 -136.10 37.26 -1.01
CA ARG EB 39 -136.13 37.80 -2.35
C ARG EB 39 -135.76 39.28 -2.35
N ASP EB 40 -134.99 39.68 -3.36
CA ASP EB 40 -134.57 41.07 -3.55
C ASP EB 40 -133.82 41.62 -2.33
N GLN EB 41 -133.01 40.75 -1.71
CA GLN EB 41 -132.20 41.13 -0.56
C GLN EB 41 -130.73 41.33 -0.93
N ASN EB 42 -130.42 41.46 -2.22
CA ASN EB 42 -129.06 41.58 -2.68
C ASN EB 42 -128.76 42.93 -3.33
N LEU EB 43 -129.74 43.81 -3.45
CA LEU EB 43 -129.54 45.13 -4.05
C LEU EB 43 -129.10 46.15 -2.98
N ILE EB 44 -127.91 45.91 -2.44
CA ILE EB 44 -127.33 46.77 -1.43
C ILE EB 44 -125.94 47.19 -1.86
N PHE EB 45 -125.50 48.34 -1.36
CA PHE EB 45 -124.16 48.84 -1.70
C PHE EB 45 -123.06 48.03 -1.05
N SER EB 46 -123.36 47.37 0.07
CA SER EB 46 -122.39 46.54 0.77
C SER EB 46 -122.24 45.15 0.15
N ASN EB 47 -122.74 44.95 -1.06
CA ASN EB 47 -122.64 43.66 -1.75
C ASN EB 47 -121.34 43.67 -2.55
N SER EB 48 -120.26 43.24 -1.90
CA SER EB 48 -118.95 43.23 -2.52
C SER EB 48 -118.75 41.93 -3.30
N GLY EB 49 -117.77 41.96 -4.21
CA GLY EB 49 -117.48 40.81 -5.03
C GLY EB 49 -118.37 40.73 -6.25
N GLY EB 50 -118.60 39.52 -6.74
CA GLY EB 50 -119.45 39.31 -7.90
C GLY EB 50 -120.58 38.33 -7.63
N VAL EB 51 -121.61 38.37 -8.47
CA VAL EB 51 -122.73 37.44 -8.30
C VAL EB 51 -122.31 36.01 -8.62
N CYS EB 52 -121.47 35.85 -9.64
CA CYS EB 52 -120.96 34.53 -10.04
C CYS EB 52 -119.44 34.61 -10.06
N THR EB 53 -118.79 33.86 -9.16
CA THR EB 53 -117.36 33.94 -8.95
C THR EB 53 -116.70 32.61 -9.27
N SER EB 54 -115.66 32.65 -10.09
CA SER EB 54 -114.88 31.46 -10.40
C SER EB 54 -113.65 31.37 -9.51
N SER EB 55 -113.29 30.14 -9.13
CA SER EB 55 -112.11 29.93 -8.29
C SER EB 55 -110.82 30.21 -9.04
N LYS EB 56 -110.87 30.36 -10.35
CA LYS EB 56 -109.69 30.66 -11.16
C LYS EB 56 -109.66 32.12 -11.60
N ASP EB 57 -110.14 33.04 -10.76
CA ASP EB 57 -110.13 34.46 -11.07
C ASP EB 57 -108.85 35.10 -10.55
N LYS EB 58 -108.34 36.08 -11.30
CA LYS EB 58 -107.14 36.82 -10.92
C LYS EB 58 -107.57 38.09 -10.20
N ILE EB 59 -107.05 38.29 -8.99
CA ILE EB 59 -107.45 39.38 -8.11
C ILE EB 59 -106.19 40.10 -7.64
N GLU EB 60 -106.18 41.43 -7.75
CA GLU EB 60 -105.07 42.24 -7.31
C GLU EB 60 -105.54 43.26 -6.29
N ASN EB 61 -104.59 43.85 -5.56
CA ASN EB 61 -104.89 44.91 -4.61
C ASN EB 61 -103.93 46.07 -4.83
N TYR EB 62 -104.46 47.28 -4.81
CA TYR EB 62 -103.70 48.50 -5.05
C TYR EB 62 -104.01 49.55 -4.01
N PRO EB 63 -103.12 50.52 -3.81
CA PRO EB 63 -103.49 51.69 -3.02
C PRO EB 63 -104.58 52.49 -3.72
N ALA EB 64 -105.54 52.96 -2.93
CA ALA EB 64 -106.72 53.63 -3.47
C ALA EB 64 -106.53 55.14 -3.42
N LYS EB 65 -106.82 55.80 -4.54
CA LYS EB 65 -106.78 57.26 -4.65
C LYS EB 65 -108.23 57.74 -4.83
N GLY EB 66 -108.83 58.21 -3.74
CA GLY EB 66 -110.23 58.58 -3.76
C GLY EB 66 -111.11 57.45 -3.26
N TYR EB 67 -112.28 57.28 -3.85
CA TYR EB 67 -113.18 56.17 -3.52
C TYR EB 67 -113.66 55.53 -4.83
N PRO EB 68 -112.86 54.63 -5.40
CA PRO EB 68 -113.22 54.04 -6.69
C PRO EB 68 -114.09 52.79 -6.57
N TYR EB 69 -114.70 52.58 -5.40
CA TYR EB 69 -115.47 51.37 -5.15
C TYR EB 69 -116.58 51.18 -6.19
N LYS EB 70 -116.69 49.96 -6.70
CA LYS EB 70 -117.69 49.58 -7.69
C LYS EB 70 -117.62 50.48 -8.92
N ARG EB 71 -116.41 50.81 -9.35
CA ARG EB 71 -116.18 51.65 -10.50
C ARG EB 71 -115.00 51.13 -11.30
N GLY EB 72 -114.96 51.50 -12.58
CA GLY EB 72 -113.77 51.26 -13.38
C GLY EB 72 -112.62 52.10 -12.89
N VAL EB 73 -111.46 51.47 -12.76
CA VAL EB 73 -110.28 52.11 -12.19
C VAL EB 73 -109.22 52.25 -13.28
N LYS EB 74 -108.32 53.22 -13.07
CA LYS EB 74 -107.19 53.43 -13.95
C LYS EB 74 -105.94 53.65 -13.11
N LEU EB 75 -104.79 53.50 -13.75
CA LEU EB 75 -103.51 53.65 -13.07
C LEU EB 75 -103.16 55.12 -12.94
N SER EB 76 -102.84 55.55 -11.71
CA SER EB 76 -102.49 56.93 -11.42
C SER EB 76 -101.07 56.98 -10.89
N PHE EB 77 -100.22 57.77 -11.55
CA PHE EB 77 -98.80 57.87 -11.21
C PHE EB 77 -98.55 59.18 -10.49
N GLY EB 78 -97.86 59.10 -9.35
CA GLY EB 78 -97.51 60.30 -8.61
C GLY EB 78 -96.24 60.96 -9.11
N ASP EB 79 -95.41 61.42 -8.18
CA ASP EB 79 -94.14 62.05 -8.51
C ASP EB 79 -92.97 61.08 -8.48
N GLY EB 80 -93.22 59.80 -8.25
CA GLY EB 80 -92.18 58.82 -8.14
C GLY EB 80 -91.72 58.53 -6.72
N THR EB 81 -92.04 59.42 -5.77
CA THR EB 81 -91.72 59.15 -4.37
C THR EB 81 -92.52 57.99 -3.84
N THR EB 82 -93.80 57.90 -4.22
CA THR EB 82 -94.68 56.84 -3.78
C THR EB 82 -95.07 55.95 -4.96
N GLU EB 83 -95.58 54.77 -4.64
CA GLU EB 83 -95.84 53.76 -5.65
C GLU EB 83 -97.07 54.11 -6.48
N LEU EB 84 -97.38 53.23 -7.43
CA LEU EB 84 -98.55 53.39 -8.28
C LEU EB 84 -99.85 53.23 -7.47
N GLU EB 85 -100.87 53.99 -7.86
CA GLU EB 85 -102.18 53.95 -7.22
C GLU EB 85 -103.24 53.79 -8.30
N VAL EB 86 -104.49 53.59 -7.86
CA VAL EB 86 -105.63 53.42 -8.76
C VAL EB 86 -106.70 54.44 -8.39
N GLU EB 87 -107.29 55.05 -9.42
CA GLU EB 87 -108.37 56.01 -9.23
C GLU EB 87 -109.46 55.73 -10.25
N ALA EB 88 -110.68 56.14 -9.91
CA ALA EB 88 -111.82 55.89 -10.78
C ALA EB 88 -111.65 56.60 -12.12
N GLY EB 89 -111.88 55.87 -13.20
CA GLY EB 89 -111.76 56.44 -14.52
C GLY EB 89 -112.09 55.39 -15.56
N GLY EB 90 -112.18 55.85 -16.81
CA GLY EB 90 -112.51 54.99 -17.93
C GLY EB 90 -111.84 55.45 -19.19
N GLY EB 91 -112.52 55.25 -20.33
CA GLY EB 91 -111.94 55.61 -21.60
C GLY EB 91 -110.77 54.69 -21.95
N ASP EB 92 -109.77 55.26 -22.61
CA ASP EB 92 -108.60 54.50 -23.03
C ASP EB 92 -107.66 54.18 -21.88
N ASP EB 93 -107.88 54.76 -20.70
CA ASP EB 93 -107.03 54.53 -19.54
C ASP EB 93 -107.53 53.42 -18.64
N LEU EB 94 -108.64 52.76 -18.99
CA LEU EB 94 -109.22 51.76 -18.13
C LEU EB 94 -108.26 50.60 -17.90
N TYR EB 95 -108.12 50.19 -16.64
CA TYR EB 95 -107.26 49.09 -16.26
C TYR EB 95 -107.98 47.91 -15.65
N GLY EB 96 -109.08 48.14 -14.95
CA GLY EB 96 -109.80 47.06 -14.33
C GLY EB 96 -111.10 47.54 -13.72
N VAL EB 97 -111.66 46.70 -12.85
CA VAL EB 97 -112.91 46.98 -12.16
C VAL EB 97 -112.71 46.74 -10.68
N CYS EB 98 -113.03 47.75 -9.87
CA CYS EB 98 -112.92 47.61 -8.42
C CYS EB 98 -114.16 46.91 -7.87
N SER EB 99 -113.93 45.85 -7.09
CA SER EB 99 -115.03 45.07 -6.53
C SER EB 99 -115.08 45.08 -5.01
N ASP EB 100 -114.10 45.68 -4.34
CA ASP EB 100 -114.09 45.74 -2.88
C ASP EB 100 -113.06 46.78 -2.46
N ILE EB 101 -113.26 47.34 -1.27
CA ILE EB 101 -112.30 48.25 -0.67
C ILE EB 101 -112.17 47.92 0.82
N ASP EB 102 -110.94 47.74 1.27
CA ASP EB 102 -110.62 47.66 2.69
C ASP EB 102 -110.25 49.06 3.15
N GLU EB 103 -111.08 49.64 4.02
CA GLU EB 103 -110.93 51.04 4.40
C GLU EB 103 -109.79 51.28 5.37
N PHE EB 104 -109.49 50.31 6.23
CA PHE EB 104 -108.43 50.49 7.22
C PHE EB 104 -107.08 50.70 6.55
N SER EB 105 -106.79 49.94 5.49
CA SER EB 105 -105.54 50.05 4.76
C SER EB 105 -105.68 50.83 3.47
N GLY EB 106 -106.89 51.26 3.11
CA GLY EB 106 -107.08 51.94 1.85
C GLY EB 106 -106.74 51.08 0.66
N MET EB 107 -107.09 49.80 0.71
CA MET EB 107 -106.70 48.82 -0.30
C MET EB 107 -107.89 48.53 -1.21
N ALA EB 108 -107.73 48.83 -2.50
CA ALA EB 108 -108.76 48.58 -3.49
C ALA EB 108 -108.49 47.24 -4.18
N THR EB 109 -109.49 46.37 -4.19
CA THR EB 109 -109.44 45.10 -4.89
C THR EB 109 -109.85 45.29 -6.34
N VAL EB 110 -108.99 44.86 -7.26
CA VAL EB 110 -109.17 45.11 -8.68
C VAL EB 110 -109.16 43.78 -9.43
N ILE EB 111 -110.11 43.62 -10.33
CA ILE EB 111 -110.14 42.51 -11.28
C ILE EB 111 -109.68 43.05 -12.63
N PRO EB 112 -108.59 42.53 -13.20
CA PRO EB 112 -108.06 43.12 -14.44
C PRO EB 112 -109.05 43.01 -15.59
N ILE EB 113 -108.93 43.96 -16.53
CA ILE EB 113 -109.84 43.99 -17.68
C ILE EB 113 -109.70 42.73 -18.52
N THR EB 114 -108.55 42.07 -18.47
CA THR EB 114 -108.38 40.82 -19.20
C THR EB 114 -109.32 39.74 -18.65
N ASN EB 115 -109.52 39.71 -17.34
CA ASN EB 115 -110.43 38.74 -16.74
C ASN EB 115 -111.86 39.27 -16.77
N ASN EB 116 -112.80 38.40 -17.14
CA ASN EB 116 -114.18 38.80 -17.25
C ASN EB 116 -114.84 38.87 -15.88
N PHE EB 117 -115.81 39.78 -15.76
CA PHE EB 117 -116.46 40.05 -14.48
C PHE EB 117 -117.97 40.13 -14.70
N THR EB 118 -118.71 39.74 -13.66
CA THR EB 118 -120.17 39.82 -13.66
C THR EB 118 -120.63 40.24 -12.28
N GLY EB 119 -121.28 41.40 -12.19
CA GLY EB 119 -121.71 41.88 -10.89
C GLY EB 119 -122.36 43.25 -11.00
N TYR EB 120 -122.60 43.83 -9.82
CA TYR EB 120 -123.30 45.11 -9.72
C TYR EB 120 -122.29 46.25 -9.75
N LEU EB 121 -122.49 47.18 -10.68
CA LEU EB 121 -121.60 48.31 -10.88
C LEU EB 121 -122.42 49.60 -10.90
N THR EB 122 -121.75 50.70 -10.56
CA THR EB 122 -122.39 52.01 -10.56
C THR EB 122 -122.72 52.45 -11.98
N LEU EB 123 -123.91 53.02 -12.15
CA LEU EB 123 -124.39 53.49 -13.45
C LEU EB 123 -124.49 55.01 -13.44
N LYS EB 124 -124.20 55.62 -14.58
CA LYS EB 124 -124.30 57.06 -14.71
C LYS EB 124 -125.76 57.50 -14.62
N LYS EB 125 -126.00 58.60 -13.91
CA LYS EB 125 -127.34 59.14 -13.76
C LYS EB 125 -127.60 60.24 -14.80
N VAL EB 131 -131.98 52.41 -19.86
CA VAL EB 131 -131.16 51.23 -19.64
C VAL EB 131 -132.03 49.99 -19.53
N ASN EB 132 -131.85 49.06 -20.46
CA ASN EB 132 -132.60 47.82 -20.53
C ASN EB 132 -131.64 46.65 -20.69
N PRO EB 133 -132.03 45.45 -20.28
CA PRO EB 133 -131.18 44.28 -20.50
C PRO EB 133 -130.84 44.10 -21.98
N GLY EB 134 -129.58 43.79 -22.25
CA GLY EB 134 -129.09 43.66 -23.61
C GLY EB 134 -128.48 44.92 -24.18
N ASP EB 135 -128.62 46.06 -23.49
CA ASP EB 135 -128.03 47.30 -23.95
C ASP EB 135 -126.53 47.29 -23.69
N LYS EB 136 -125.77 47.88 -24.60
CA LYS EB 136 -124.32 47.92 -24.48
C LYS EB 136 -123.90 49.11 -23.62
N LEU EB 137 -122.98 48.87 -22.70
CA LEU EB 137 -122.51 49.86 -21.75
C LEU EB 137 -121.02 50.07 -21.89
N ASN EB 138 -120.57 51.27 -21.50
CA ASN EB 138 -119.16 51.61 -21.49
C ASN EB 138 -118.88 52.52 -20.31
N PHE EB 139 -117.62 52.57 -19.92
CA PHE EB 139 -117.19 53.35 -18.76
C PHE EB 139 -116.86 54.78 -19.19
N ASN EB 140 -117.42 55.75 -18.46
CA ASN EB 140 -117.20 57.15 -18.77
C ASN EB 140 -115.90 57.63 -18.11
N GLN EB 141 -115.71 58.95 -18.08
CA GLN EB 141 -114.49 59.51 -17.51
C GLN EB 141 -114.39 59.27 -16.01
N HIS EB 142 -115.53 59.17 -15.33
CA HIS EB 142 -115.56 58.98 -13.88
C HIS EB 142 -115.77 57.53 -13.48
N GLY EB 143 -115.52 56.59 -14.38
CA GLY EB 143 -115.67 55.18 -14.05
C GLY EB 143 -117.10 54.77 -13.78
N GLU EB 144 -118.05 55.34 -14.51
CA GLU EB 144 -119.45 55.01 -14.37
C GLU EB 144 -119.96 54.38 -15.67
N LEU EB 145 -120.82 53.37 -15.53
CA LEU EB 145 -121.41 52.73 -16.69
C LEU EB 145 -122.43 53.64 -17.35
N GLU EB 146 -122.40 53.70 -18.68
CA GLU EB 146 -123.35 54.51 -19.43
C GLU EB 146 -123.64 53.84 -20.76
N LYS EB 147 -124.84 54.07 -21.27
CA LYS EB 147 -125.26 53.45 -22.52
C LYS EB 147 -124.41 53.92 -23.68
N VAL EB 148 -124.08 53.01 -24.60
CA VAL EB 148 -123.25 53.33 -25.74
C VAL EB 148 -124.04 54.14 -26.76
N LYS EB 153 -117.92 50.57 -27.69
CA LYS EB 153 -116.94 51.25 -28.53
C LYS EB 153 -115.53 50.75 -28.26
N SER EB 154 -115.20 50.57 -26.97
CA SER EB 154 -113.91 50.03 -26.58
C SER EB 154 -113.97 48.94 -25.53
N VAL EB 155 -115.04 48.84 -24.74
CA VAL EB 155 -115.15 47.87 -23.66
C VAL EB 155 -116.43 47.08 -23.84
N ASN EB 156 -116.33 45.76 -23.72
CA ASN EB 156 -117.49 44.87 -23.83
C ASN EB 156 -118.18 44.80 -22.48
N ALA EB 157 -119.29 45.53 -22.34
CA ALA EB 157 -120.10 45.48 -21.14
C ALA EB 157 -121.57 45.43 -21.55
N ILE EB 158 -122.32 44.50 -20.98
CA ILE EB 158 -123.72 44.30 -21.29
C ILE EB 158 -124.51 44.29 -20.00
N ALA EB 159 -125.58 45.08 -19.95
CA ALA EB 159 -126.44 45.15 -18.78
C ALA EB 159 -127.34 43.92 -18.71
N LEU EB 160 -127.38 43.27 -17.55
CA LEU EB 160 -128.21 42.10 -17.33
C LEU EB 160 -129.48 42.41 -16.56
N SER EB 161 -129.77 43.68 -16.32
CA SER EB 161 -130.96 44.10 -15.60
C SER EB 161 -131.13 45.60 -15.84
N LYS EB 162 -132.08 46.21 -15.13
CA LYS EB 162 -132.31 47.65 -15.19
C LYS EB 162 -131.71 48.33 -13.97
N ALA EB 163 -131.64 49.66 -14.05
CA ALA EB 163 -131.04 50.44 -12.97
C ALA EB 163 -131.85 50.33 -11.69
N HIS EB 164 -131.17 50.09 -10.58
CA HIS EB 164 -131.77 50.06 -9.26
C HIS EB 164 -131.27 51.27 -8.48
N LYS EB 165 -132.21 52.07 -7.96
CA LYS EB 165 -131.89 53.33 -7.32
C LYS EB 165 -131.69 53.12 -5.82
N LEU EB 166 -130.48 53.38 -5.34
CA LEU EB 166 -130.18 53.33 -3.91
C LEU EB 166 -130.24 54.69 -3.25
N THR EB 167 -129.93 55.75 -3.98
CA THR EB 167 -129.99 57.11 -3.48
C THR EB 167 -130.38 58.00 -4.66
N GLU EB 168 -130.57 59.30 -4.39
CA GLU EB 168 -131.00 60.22 -5.45
C GLU EB 168 -130.05 60.22 -6.63
N ASP EB 169 -128.74 60.10 -6.36
CA ASP EB 169 -127.75 60.07 -7.42
C ASP EB 169 -127.04 58.72 -7.55
N LEU EB 170 -127.39 57.74 -6.72
CA LEU EB 170 -126.71 56.45 -6.71
C LEU EB 170 -127.59 55.41 -7.39
N PHE EB 171 -127.13 54.89 -8.52
CA PHE EB 171 -127.82 53.82 -9.23
C PHE EB 171 -126.83 52.69 -9.49
N ILE EB 172 -127.29 51.45 -9.26
CA ILE EB 172 -126.48 50.27 -9.53
C ILE EB 172 -127.15 49.48 -10.65
N VAL EB 173 -126.35 48.64 -11.30
CA VAL EB 173 -126.87 47.81 -12.39
C VAL EB 173 -126.03 46.54 -12.47
N LEU EB 174 -126.70 45.42 -12.70
CA LEU EB 174 -126.00 44.16 -12.93
C LEU EB 174 -125.49 44.11 -14.35
N ALA EB 175 -124.18 43.89 -14.51
CA ALA EB 175 -123.56 43.90 -15.82
C ALA EB 175 -122.49 42.82 -15.89
N SER EB 176 -122.25 42.35 -17.11
CA SER EB 176 -121.18 41.41 -17.42
C SER EB 176 -120.16 42.11 -18.30
N VAL EB 177 -118.91 42.16 -17.84
CA VAL EB 177 -117.82 42.77 -18.58
C VAL EB 177 -116.89 41.65 -19.02
N PHE EB 178 -116.67 41.52 -20.33
CA PHE EB 178 -115.83 40.48 -20.90
C PHE EB 178 -114.85 41.11 -21.87
N GLY EB 179 -113.70 41.54 -21.34
CA GLY EB 179 -112.64 42.06 -22.17
C GLY EB 179 -112.97 43.40 -22.81
N ASN EB 180 -112.17 43.74 -23.81
CA ASN EB 180 -112.31 44.98 -24.55
C ASN EB 180 -112.70 44.67 -25.99
N ARG EB 181 -113.47 45.59 -26.59
CA ARG EB 181 -113.99 45.40 -27.93
C ARG EB 181 -112.90 45.71 -28.95
N ALA EB 182 -113.27 45.76 -30.23
CA ALA EB 182 -112.34 45.97 -31.32
C ALA EB 182 -112.76 47.20 -32.12
N ILE EB 183 -111.79 48.07 -32.41
CA ILE EB 183 -112.07 49.28 -33.17
C ILE EB 183 -111.70 49.07 -34.64
N ALA FB 187 -92.46 25.19 24.89
CA ALA FB 187 -93.35 25.46 23.77
C ALA FB 187 -92.62 26.29 22.70
N SER FB 188 -91.34 26.00 22.51
CA SER FB 188 -90.52 26.70 21.52
C SER FB 188 -89.78 25.69 20.67
N LEU FB 189 -89.33 26.16 19.50
CA LEU FB 189 -88.59 25.29 18.58
C LEU FB 189 -87.19 24.96 19.09
N LEU FB 190 -86.70 25.69 20.09
CA LEU FB 190 -85.36 25.43 20.60
C LEU FB 190 -85.26 24.04 21.22
N ASP FB 191 -86.27 23.63 21.97
CA ASP FB 191 -86.26 22.30 22.57
C ASP FB 191 -86.55 21.23 21.53
N SER FB 192 -86.03 20.03 21.78
CA SER FB 192 -86.30 18.88 20.93
C SER FB 192 -87.49 18.08 21.39
N ASN FB 193 -87.90 18.22 22.66
CA ASN FB 193 -89.09 17.53 23.14
C ASN FB 193 -90.37 18.06 22.53
N PHE FB 194 -90.34 19.28 21.98
CA PHE FB 194 -91.54 19.87 21.41
C PHE FB 194 -91.95 19.15 20.14
N VAL FB 195 -93.19 18.70 20.09
CA VAL FB 195 -93.77 18.08 18.90
C VAL FB 195 -95.04 18.82 18.55
N PRO FB 196 -95.02 19.73 17.57
CA PRO FB 196 -96.24 20.46 17.22
C PRO FB 196 -97.30 19.54 16.65
N ILE FB 197 -98.56 19.89 16.90
CA ILE FB 197 -99.69 19.09 16.46
C ILE FB 197 -100.29 19.70 15.21
N ASN FB 198 -100.14 21.02 15.06
CA ASN FB 198 -100.74 21.71 13.93
C ASN FB 198 -99.97 22.98 13.63
N PHE FB 199 -100.34 23.63 12.52
CA PHE FB 199 -99.63 24.80 12.05
C PHE FB 199 -99.76 25.97 13.02
N THR FB 200 -100.89 26.08 13.73
CA THR FB 200 -101.05 27.14 14.71
C THR FB 200 -100.03 27.00 15.84
N GLU FB 201 -99.92 25.80 16.40
CA GLU FB 201 -98.91 25.56 17.43
C GLU FB 201 -97.50 25.75 16.88
N PHE FB 202 -97.28 25.39 15.62
CA PHE FB 202 -95.97 25.60 15.01
C PHE FB 202 -95.63 27.09 14.95
N VAL FB 203 -96.60 27.92 14.57
CA VAL FB 203 -96.37 29.37 14.51
C VAL FB 203 -96.15 29.94 15.91
N GLN FB 204 -96.91 29.47 16.89
CA GLN FB 204 -96.69 29.93 18.27
C GLN FB 204 -95.30 29.56 18.75
N ALA FB 205 -94.84 28.35 18.41
CA ALA FB 205 -93.48 27.94 18.75
C ALA FB 205 -92.45 28.82 18.07
N ILE FB 206 -92.69 29.19 16.82
CA ILE FB 206 -91.78 30.09 16.11
C ILE FB 206 -91.68 31.43 16.83
N SER FB 207 -92.82 31.98 17.24
CA SER FB 207 -92.82 33.26 17.94
C SER FB 207 -92.09 33.15 19.28
N ASN FB 208 -92.33 32.06 20.02
CA ASN FB 208 -91.64 31.87 21.28
C ASN FB 208 -90.13 31.73 21.08
N THR FB 209 -89.73 31.05 20.00
CA THR FB 209 -88.30 30.92 19.69
C THR FB 209 -87.69 32.27 19.38
N TYR FB 210 -88.39 33.11 18.61
CA TYR FB 210 -87.88 34.44 18.33
C TYR FB 210 -87.71 35.25 19.61
N LYS FB 211 -88.72 35.19 20.49
CA LYS FB 211 -88.64 35.92 21.75
C LYS FB 211 -87.48 35.44 22.61
N GLN FB 212 -87.30 34.11 22.70
CA GLN FB 212 -86.21 33.57 23.51
C GLN FB 212 -84.85 33.93 22.93
N ARG FB 213 -84.74 33.93 21.60
CA ARG FB 213 -83.47 34.33 20.97
C ARG FB 213 -83.17 35.79 21.26
N ARG FB 214 -84.18 36.66 21.22
CA ARG FB 214 -83.96 38.06 21.56
C ARG FB 214 -83.52 38.21 23.01
N ILE FB 215 -84.18 37.48 23.91
CA ILE FB 215 -83.81 37.55 25.33
C ILE FB 215 -82.37 37.08 25.54
N GLN FB 216 -81.99 35.97 24.90
CA GLN FB 216 -80.64 35.46 25.04
C GLN FB 216 -79.61 36.42 24.43
N PHE FB 217 -79.96 37.06 23.32
CA PHE FB 217 -79.07 38.06 22.73
C PHE FB 217 -78.83 39.21 23.70
N TYR FB 218 -79.89 39.70 24.34
CA TYR FB 218 -79.71 40.78 25.30
C TYR FB 218 -78.94 40.31 26.53
N GLU FB 219 -79.13 39.06 26.94
CA GLU FB 219 -78.35 38.52 28.07
C GLU FB 219 -76.87 38.45 27.74
N ASN FB 220 -76.54 38.02 26.52
CA ASN FB 220 -75.14 37.85 26.12
C ASN FB 220 -74.50 39.12 25.60
N LEU FB 221 -75.27 40.18 25.37
CA LEU FB 221 -74.69 41.40 24.83
C LEU FB 221 -73.76 42.07 25.84
N LYS FB 222 -72.63 42.54 25.34
CA LYS FB 222 -71.66 43.29 26.14
C LYS FB 222 -71.25 44.53 25.36
N ARG FB 223 -71.55 45.70 25.92
CA ARG FB 223 -71.27 46.97 25.25
C ARG FB 223 -69.97 47.59 25.75
N VAL GB 195 -95.43 -2.50 1.32
CA VAL GB 195 -96.27 -1.32 1.50
C VAL GB 195 -95.45 -0.05 1.30
N PRO GB 196 -95.77 0.72 0.26
CA PRO GB 196 -95.04 1.96 -0.01
C PRO GB 196 -95.42 3.05 0.98
N ILE GB 197 -94.44 3.52 1.74
CA ILE GB 197 -94.71 4.56 2.73
C ILE GB 197 -95.09 5.87 2.06
N ASN GB 198 -94.35 6.26 1.03
CA ASN GB 198 -94.54 7.56 0.39
C ASN GB 198 -94.56 7.40 -1.12
N PHE GB 199 -94.85 8.53 -1.80
CA PHE GB 199 -94.98 8.51 -3.25
C PHE GB 199 -93.67 8.16 -3.94
N THR GB 200 -92.54 8.58 -3.38
CA THR GB 200 -91.26 8.21 -3.97
C THR GB 200 -91.05 6.70 -3.94
N GLU GB 201 -91.38 6.06 -2.81
CA GLU GB 201 -91.32 4.60 -2.74
C GLU GB 201 -92.29 3.97 -3.72
N PHE GB 202 -93.47 4.56 -3.88
CA PHE GB 202 -94.44 4.05 -4.85
C PHE GB 202 -93.88 4.08 -6.27
N VAL GB 203 -93.24 5.19 -6.64
CA VAL GB 203 -92.68 5.31 -7.98
C VAL GB 203 -91.52 4.33 -8.17
N GLN GB 204 -90.66 4.19 -7.15
CA GLN GB 204 -89.57 3.22 -7.25
C GLN GB 204 -90.10 1.81 -7.39
N ALA GB 205 -91.17 1.49 -6.66
CA ALA GB 205 -91.79 0.16 -6.78
C ALA GB 205 -92.35 -0.05 -8.19
N ILE GB 206 -92.96 0.99 -8.77
CA ILE GB 206 -93.48 0.88 -10.13
C ILE GB 206 -92.35 0.59 -11.11
N SER GB 207 -91.23 1.32 -10.98
CA SER GB 207 -90.10 1.11 -11.88
C SER GB 207 -89.51 -0.29 -11.71
N ASN GB 208 -89.39 -0.75 -10.47
CA ASN GB 208 -88.87 -2.09 -10.22
C ASN GB 208 -89.82 -3.15 -10.79
N THR GB 209 -91.12 -2.92 -10.70
CA THR GB 209 -92.08 -3.85 -11.29
C THR GB 209 -91.93 -3.90 -12.80
N TYR GB 210 -91.74 -2.74 -13.44
CA TYR GB 210 -91.50 -2.73 -14.87
C TYR GB 210 -90.24 -3.51 -15.24
N LYS GB 211 -89.16 -3.30 -14.48
CA LYS GB 211 -87.92 -4.02 -14.76
C LYS GB 211 -88.09 -5.52 -14.58
N GLN GB 212 -88.77 -5.93 -13.52
CA GLN GB 212 -88.99 -7.36 -13.28
C GLN GB 212 -89.87 -7.97 -14.36
N ARG GB 213 -90.88 -7.23 -14.82
CA ARG GB 213 -91.72 -7.74 -15.91
C ARG GB 213 -90.91 -7.89 -17.20
N ARG GB 214 -90.01 -6.94 -17.48
CA ARG GB 214 -89.14 -7.06 -18.64
C ARG GB 214 -88.25 -8.30 -18.53
N ILE GB 215 -87.66 -8.51 -17.35
CA ILE GB 215 -86.79 -9.67 -17.15
C ILE GB 215 -87.58 -10.97 -17.32
N GLN GB 216 -88.79 -11.03 -16.75
CA GLN GB 216 -89.62 -12.22 -16.88
C GLN GB 216 -90.02 -12.47 -18.33
N PHE GB 217 -90.34 -11.39 -19.06
CA PHE GB 217 -90.69 -11.54 -20.48
C PHE GB 217 -89.51 -12.10 -21.27
N TYR GB 218 -88.30 -11.61 -21.01
CA TYR GB 218 -87.14 -12.15 -21.71
C TYR GB 218 -86.85 -13.59 -21.30
N GLU GB 219 -87.13 -13.95 -20.04
CA GLU GB 219 -86.95 -15.33 -19.64
C GLU GB 219 -87.95 -16.25 -20.32
N ASN GB 220 -89.18 -15.78 -20.51
CA ASN GB 220 -90.22 -16.57 -21.14
C ASN GB 220 -90.22 -16.47 -22.66
N LEU GB 221 -89.36 -15.62 -23.24
CA LEU GB 221 -89.31 -15.47 -24.69
C LEU GB 221 -88.60 -16.66 -25.33
N LYS GB 222 -89.17 -17.15 -26.43
CA LYS GB 222 -88.57 -18.23 -27.21
C LYS GB 222 -88.78 -17.92 -28.69
N ARG GB 223 -87.69 -17.57 -29.37
CA ARG GB 223 -87.76 -17.22 -30.78
C ARG GB 223 -87.78 -18.47 -31.66
N ALA HB 187 -126.24 4.82 10.94
CA ALA HB 187 -125.94 5.75 12.01
C ALA HB 187 -126.37 7.17 11.65
N SER HB 188 -126.36 8.06 12.63
CA SER HB 188 -126.78 9.44 12.42
C SER HB 188 -126.03 10.34 13.38
N LEU HB 189 -126.05 11.65 13.06
CA LEU HB 189 -125.37 12.63 13.91
C LEU HB 189 -125.99 12.72 15.30
N LEU HB 190 -127.26 12.35 15.45
CA LEU HB 190 -127.88 12.33 16.78
C LEU HB 190 -127.19 11.33 17.70
N ASP HB 191 -126.67 10.24 17.14
CA ASP HB 191 -125.92 9.25 17.91
C ASP HB 191 -124.55 9.84 18.23
N SER HB 192 -124.36 10.26 19.48
CA SER HB 192 -123.08 10.84 19.86
C SER HB 192 -121.95 9.81 19.81
N ASN HB 193 -122.28 8.52 20.00
CA ASN HB 193 -121.27 7.47 19.89
C ASN HB 193 -120.79 7.27 18.47
N PHE HB 194 -121.56 7.72 17.49
CA PHE HB 194 -121.17 7.55 16.09
C PHE HB 194 -120.01 8.46 15.75
N VAL HB 195 -118.95 7.89 15.17
CA VAL HB 195 -117.78 8.63 14.76
C VAL HB 195 -117.55 8.40 13.26
N PRO HB 196 -117.81 9.39 12.41
CA PRO HB 196 -117.60 9.19 10.97
C PRO HB 196 -116.12 9.00 10.65
N ILE HB 197 -115.87 8.25 9.58
CA ILE HB 197 -114.52 7.98 9.13
C ILE HB 197 -114.16 8.73 7.85
N ASN HB 198 -115.14 9.04 7.00
CA ASN HB 198 -114.86 9.68 5.73
C ASN HB 198 -116.03 10.58 5.35
N PHE HB 199 -115.83 11.35 4.27
CA PHE HB 199 -116.83 12.33 3.85
C PHE HB 199 -118.11 11.65 3.36
N THR HB 200 -117.98 10.48 2.73
CA THR HB 200 -119.17 9.73 2.34
C THR HB 200 -120.00 9.33 3.54
N GLU HB 201 -119.35 8.83 4.59
CA GLU HB 201 -120.07 8.51 5.83
C GLU HB 201 -120.69 9.75 6.44
N PHE HB 202 -119.98 10.88 6.37
CA PHE HB 202 -120.54 12.13 6.89
C PHE HB 202 -121.81 12.53 6.15
N VAL HB 203 -121.80 12.40 4.81
CA VAL HB 203 -122.97 12.75 4.03
C VAL HB 203 -124.13 11.80 4.32
N GLN HB 204 -123.84 10.51 4.46
CA GLN HB 204 -124.87 9.54 4.81
C GLN HB 204 -125.46 9.86 6.18
N ALA HB 205 -124.62 10.23 7.14
CA ALA HB 205 -125.10 10.62 8.46
C ALA HB 205 -125.97 11.87 8.38
N ILE HB 206 -125.60 12.83 7.53
CA ILE HB 206 -126.40 14.04 7.37
C ILE HB 206 -127.79 13.69 6.83
N SER HB 207 -127.83 12.82 5.81
CA SER HB 207 -129.12 12.42 5.26
C SER HB 207 -129.97 11.68 6.28
N ASN HB 208 -129.35 10.77 7.05
CA ASN HB 208 -130.08 10.05 8.07
C ASN HB 208 -130.60 10.99 9.16
N THR HB 209 -129.80 11.99 9.54
CA THR HB 209 -130.24 12.95 10.53
C THR HB 209 -131.42 13.76 10.02
N TYR HB 210 -131.38 14.17 8.75
CA TYR HB 210 -132.52 14.89 8.18
C TYR HB 210 -133.78 14.03 8.20
N LYS HB 211 -133.65 12.76 7.81
CA LYS HB 211 -134.81 11.87 7.82
C LYS HB 211 -135.35 11.68 9.23
N GLN HB 212 -134.47 11.51 10.21
CA GLN HB 212 -134.92 11.35 11.59
C GLN HB 212 -135.60 12.60 12.11
N ARG HB 213 -135.09 13.78 11.75
CA ARG HB 213 -135.74 15.02 12.14
C ARG HB 213 -137.13 15.13 11.53
N ARG HB 214 -137.27 14.74 10.25
CA ARG HB 214 -138.59 14.76 9.63
C ARG HB 214 -139.55 13.81 10.33
N ILE HB 215 -139.08 12.60 10.66
CA ILE HB 215 -139.94 11.63 11.34
C ILE HB 215 -140.36 12.16 12.72
N GLN HB 216 -139.41 12.75 13.46
CA GLN HB 216 -139.73 13.28 14.77
C GLN HB 216 -140.74 14.44 14.67
N PHE HB 217 -140.56 15.31 13.68
CA PHE HB 217 -141.50 16.40 13.50
C PHE HB 217 -142.90 15.88 13.19
N TYR HB 218 -143.00 14.90 12.30
CA TYR HB 218 -144.31 14.36 11.97
C TYR HB 218 -144.93 13.64 13.17
N GLU HB 219 -144.11 13.00 14.00
CA GLU HB 219 -144.64 12.36 15.20
C GLU HB 219 -145.15 13.40 16.20
N ASN HB 220 -144.47 14.53 16.30
CA ASN HB 220 -144.82 15.54 17.30
C ASN HB 220 -145.70 16.66 16.73
N LEU HB 221 -146.20 16.50 15.50
CA LEU HB 221 -147.07 17.50 14.90
C LEU HB 221 -148.52 17.16 15.16
N LYS HB 222 -149.27 18.14 15.66
CA LYS HB 222 -150.71 18.00 15.89
C LYS HB 222 -151.43 19.13 15.18
N ARG HB 223 -152.43 18.80 14.38
CA ARG HB 223 -153.17 19.78 13.60
C ARG HB 223 -154.46 20.18 14.30
N LEU IB 3 -13.00 50.26 86.51
CA LEU IB 3 -12.65 51.58 86.00
C LEU IB 3 -13.76 52.59 86.27
N PHE IB 4 -15.01 52.15 86.14
CA PHE IB 4 -16.14 53.04 86.36
C PHE IB 4 -16.23 53.48 87.82
N ASP IB 5 -15.89 52.61 88.76
CA ASP IB 5 -15.90 52.99 90.16
C ASP IB 5 -14.78 53.96 90.48
N GLU IB 6 -13.61 53.77 89.84
CA GLU IB 6 -12.45 54.63 90.11
C GLU IB 6 -12.58 55.99 89.44
N ASN IB 7 -13.20 56.05 88.27
CA ASN IB 7 -13.28 57.27 87.48
C ASN IB 7 -14.74 57.60 87.18
N TYR IB 8 -15.14 58.83 87.50
CA TYR IB 8 -16.51 59.25 87.26
C TYR IB 8 -16.71 59.75 85.84
N TYR IB 9 -15.70 60.44 85.29
CA TYR IB 9 -15.85 61.07 83.98
C TYR IB 9 -16.02 60.03 82.88
N ALA IB 10 -15.32 58.91 82.98
CA ALA IB 10 -15.49 57.83 82.01
C ALA IB 10 -16.92 57.29 82.03
N LYS IB 11 -17.49 57.12 83.23
CA LYS IB 11 -18.86 56.66 83.33
C LYS IB 11 -19.84 57.66 82.74
N ALA IB 12 -19.60 58.96 82.97
CA ALA IB 12 -20.46 59.98 82.39
C ALA IB 12 -20.40 59.96 80.87
N VAL IB 13 -19.19 59.82 80.31
CA VAL IB 13 -19.06 59.74 78.86
C VAL IB 13 -19.78 58.51 78.32
N ALA IB 14 -19.63 57.37 79.01
CA ALA IB 14 -20.28 56.15 78.56
C ALA IB 14 -21.80 56.29 78.59
N ASN IB 15 -22.32 56.96 79.62
CA ASN IB 15 -23.77 57.09 79.75
C ASN IB 15 -24.36 58.18 78.88
N ILE IB 16 -23.55 59.12 78.38
CA ILE IB 16 -24.06 60.21 77.55
C ILE IB 16 -23.64 60.06 76.09
N ILE IB 17 -22.85 59.05 75.75
CA ILE IB 17 -22.38 58.93 74.38
C ILE IB 17 -23.51 58.61 73.42
N GLY IB 18 -24.61 58.04 73.92
CA GLY IB 18 -25.72 57.67 73.05
C GLY IB 18 -26.51 58.83 72.51
N GLU IB 19 -26.45 59.99 73.17
CA GLU IB 19 -27.23 61.15 72.74
C GLU IB 19 -26.55 61.93 71.62
N VAL IB 20 -25.32 61.58 71.25
CA VAL IB 20 -24.63 62.30 70.19
C VAL IB 20 -25.17 61.85 68.85
N LYS IB 21 -25.55 62.81 68.01
CA LYS IB 21 -26.15 62.48 66.72
C LYS IB 21 -25.09 61.98 65.74
N ASP IB 22 -25.53 61.16 64.79
CA ASP IB 22 -24.63 60.63 63.78
C ASP IB 22 -24.18 61.75 62.84
N PRO IB 23 -22.95 61.66 62.34
CA PRO IB 23 -22.48 62.67 61.37
C PRO IB 23 -23.27 62.61 60.08
N ILE IB 24 -23.42 63.77 59.44
CA ILE IB 24 -24.15 63.84 58.18
C ILE IB 24 -23.31 63.45 56.99
N MET IB 25 -21.99 63.27 57.17
CA MET IB 25 -21.14 62.84 56.07
C MET IB 25 -21.49 61.44 55.59
N TYR IB 26 -22.16 60.64 56.43
CA TYR IB 26 -22.48 59.27 56.06
C TYR IB 26 -23.46 59.20 54.89
N LYS IB 27 -24.27 60.24 54.69
CA LYS IB 27 -25.21 60.27 53.58
C LYS IB 27 -24.54 60.50 52.24
N TRP IB 28 -23.27 60.91 52.22
CA TRP IB 28 -22.56 61.18 50.99
C TRP IB 28 -21.82 59.97 50.44
N PHE IB 29 -21.82 58.84 51.17
CA PHE IB 29 -21.08 57.66 50.76
C PHE IB 29 -21.95 56.43 50.92
N SER IB 30 -21.65 55.42 50.12
CA SER IB 30 -22.31 54.13 50.23
C SER IB 30 -21.70 53.33 51.38
N PRO IB 31 -22.43 52.32 51.89
CA PRO IB 31 -21.86 51.51 52.98
C PRO IB 31 -20.56 50.84 52.61
N ASP IB 32 -20.38 50.44 51.35
CA ASP IB 32 -19.15 49.79 50.95
C ASP IB 32 -17.98 50.76 50.83
N GLN IB 33 -18.27 52.04 50.60
CA GLN IB 33 -17.23 53.04 50.36
C GLN IB 33 -16.51 53.49 51.63
N ILE IB 34 -16.76 52.86 52.77
CA ILE IB 34 -16.15 53.24 54.04
C ILE IB 34 -15.45 52.03 54.62
N GLU IB 35 -14.17 52.17 54.94
CA GLU IB 35 -13.39 51.08 55.52
C GLU IB 35 -12.40 51.64 56.53
N ASP IB 36 -12.59 51.30 57.80
CA ASP IB 36 -11.78 51.86 58.87
C ASP IB 36 -10.35 51.35 58.82
N VAL IB 37 -9.42 52.20 59.26
CA VAL IB 37 -8.01 51.86 59.37
C VAL IB 37 -7.56 52.11 60.80
N ASP IB 38 -6.64 51.27 61.27
CA ASP IB 38 -6.16 51.34 62.65
C ASP IB 38 -4.87 52.16 62.68
N LEU IB 39 -5.02 53.47 62.90
CA LEU IB 39 -3.89 54.38 62.92
C LEU IB 39 -4.35 55.71 63.50
N GLN IB 40 -3.48 56.36 64.27
CA GLN IB 40 -3.74 57.69 64.80
C GLN IB 40 -3.08 58.79 63.98
N MET IB 41 -1.77 58.72 63.83
CA MET IB 41 -1.03 59.68 63.01
C MET IB 41 -0.01 58.92 62.17
N GLY IB 42 0.13 59.31 60.92
CA GLY IB 42 1.08 58.64 60.06
C GLY IB 42 0.62 58.66 58.61
N TYR IB 43 1.01 57.63 57.87
CA TYR IB 43 0.67 57.53 56.46
C TYR IB 43 0.45 56.08 56.08
N GLN IB 44 -0.28 55.88 55.00
CA GLN IB 44 -0.51 54.56 54.43
C GLN IB 44 -0.31 54.63 52.92
N LYS IB 45 0.36 53.63 52.35
CA LYS IB 45 0.76 53.66 50.96
C LYS IB 45 0.12 52.51 50.18
N THR IB 46 -0.13 52.77 48.90
CA THR IB 46 -0.62 51.77 47.96
C THR IB 46 0.08 51.95 46.63
N VAL IB 47 0.07 50.89 45.82
CA VAL IB 47 0.83 50.84 44.57
C VAL IB 47 -0.12 50.52 43.42
N LYS IB 48 0.02 51.24 42.32
CA LYS IB 48 -0.73 50.99 41.10
C LYS IB 48 0.23 50.92 39.91
N TRP IB 49 -0.19 50.18 38.89
CA TRP IB 49 0.64 49.96 37.70
C TRP IB 49 -0.12 50.40 36.45
N ASP IB 50 0.58 51.06 35.54
CA ASP IB 50 0.01 51.55 34.30
C ASP IB 50 0.88 51.13 33.12
N ALA IB 51 0.24 50.95 31.97
CA ALA IB 51 0.93 50.64 30.72
C ALA IB 51 0.52 51.65 29.65
N PHE IB 52 1.44 51.92 28.73
CA PHE IB 52 1.19 52.92 27.70
C PHE IB 52 1.95 52.54 26.44
N LEU IB 53 1.50 53.10 25.31
CA LEU IB 53 2.13 52.89 24.02
C LEU IB 53 3.05 54.06 23.71
N ASN IB 54 4.27 53.76 23.28
CA ASN IB 54 5.26 54.81 23.03
C ASN IB 54 5.27 55.31 21.60
N ALA IB 55 4.78 54.52 20.65
CA ALA IB 55 4.79 54.93 19.25
C ALA IB 55 3.78 54.08 18.49
N ASN IB 56 3.68 54.34 17.19
CA ASN IB 56 2.83 53.53 16.33
C ASN IB 56 3.40 52.12 16.24
N PRO IB 57 2.55 51.12 15.98
CA PRO IB 57 3.05 49.75 15.86
C PRO IB 57 4.01 49.61 14.69
N THR IB 58 4.72 48.49 14.68
CA THR IB 58 5.73 48.21 13.67
C THR IB 58 5.18 47.22 12.66
N THR IB 59 5.33 47.54 11.37
CA THR IB 59 4.89 46.65 10.30
C THR IB 59 5.93 45.56 10.10
N ILE IB 60 5.53 44.31 10.29
CA ILE IB 60 6.43 43.18 10.13
C ILE IB 60 6.52 42.80 8.66
N ALA IB 61 7.50 43.36 7.96
CA ALA IB 61 7.73 43.06 6.56
C ALA IB 61 9.22 42.84 6.34
N ASN IB 62 9.57 41.72 5.71
CA ASN IB 62 10.96 41.37 5.39
C ASN IB 62 11.71 41.26 6.72
N GLU IB 63 12.90 41.86 6.85
CA GLU IB 63 13.69 41.82 8.06
C GLU IB 63 13.66 43.18 8.75
N VAL IB 64 13.47 43.18 10.06
CA VAL IB 64 13.48 44.41 10.85
C VAL IB 64 13.81 44.05 12.28
N ASN IB 65 14.65 44.89 12.91
CA ASN IB 65 15.08 44.69 14.28
C ASN IB 65 14.53 45.72 15.25
N THR IB 66 14.22 46.92 14.77
CA THR IB 66 13.77 48.02 15.62
C THR IB 66 12.26 47.99 15.72
N ILE IB 67 11.75 47.59 16.88
CA ILE IB 67 10.32 47.44 17.12
C ILE IB 67 9.87 48.47 18.15
N SER IB 68 8.68 49.04 17.93
CA SER IB 68 8.13 50.01 18.87
C SER IB 68 7.87 49.34 20.21
N THR IB 69 8.01 50.12 21.28
CA THR IB 69 7.99 49.60 22.64
C THR IB 69 6.70 50.00 23.35
N ILE IB 70 6.31 49.16 24.31
CA ILE IB 70 5.20 49.44 25.23
C ILE IB 70 5.79 49.69 26.59
N GLY IB 71 5.59 50.90 27.12
CA GLY IB 71 6.18 51.28 28.38
C GLY IB 71 5.27 51.02 29.56
N PHE IB 72 5.89 50.96 30.74
CA PHE IB 72 5.18 50.74 31.99
C PHE IB 72 5.57 51.80 33.00
N SER IB 73 4.72 51.98 34.01
CA SER IB 73 4.98 52.95 35.06
C SER IB 73 4.31 52.50 36.35
N SER IB 74 4.92 52.89 37.46
CA SER IB 74 4.39 52.61 38.79
C SER IB 74 4.01 53.91 39.47
N GLU IB 75 2.98 53.84 40.31
CA GLU IB 75 2.48 55.01 41.03
C GLU IB 75 2.26 54.63 42.48
N VAL IB 76 2.83 55.43 43.39
CA VAL IB 76 2.68 55.22 44.82
C VAL IB 76 1.75 56.30 45.35
N VAL IB 77 0.67 55.89 45.98
CA VAL IB 77 -0.34 56.81 46.51
C VAL IB 77 -0.29 56.74 48.03
N ARG IB 78 -0.15 57.90 48.67
CA ARG IB 78 0.01 58.00 50.11
C ARG IB 78 -1.16 58.78 50.71
N LEU IB 79 -1.70 58.26 51.80
CA LEU IB 79 -2.77 58.91 52.56
C LEU IB 79 -2.23 59.27 53.94
N ASN IB 80 -2.35 60.54 54.31
CA ASN IB 80 -1.85 61.03 55.59
C ASN IB 80 -2.98 61.12 56.61
N TYR IB 81 -2.67 60.79 57.85
CA TYR IB 81 -3.62 60.84 58.95
C TYR IB 81 -3.04 61.67 60.08
N LEU IB 82 -3.80 62.66 60.54
CA LEU IB 82 -3.33 63.63 61.52
C LEU IB 82 -4.21 63.61 62.76
N LYS IB 83 -3.59 63.83 63.91
CA LYS IB 83 -4.28 63.81 65.20
C LYS IB 83 -4.38 65.22 65.76
N LEU IB 84 -5.57 65.58 66.25
CA LEU IB 84 -5.84 66.90 66.78
C LEU IB 84 -6.59 66.79 68.10
N GLN IB 85 -6.47 67.83 68.92
CA GLN IB 85 -7.01 67.81 70.27
C GLN IB 85 -7.60 69.16 70.64
N TYR IB 86 -8.64 69.11 71.47
CA TYR IB 86 -9.28 70.29 72.04
C TYR IB 86 -9.34 70.17 73.56
N LYS IB 87 -9.31 71.32 74.23
CA LYS IB 87 -9.46 71.39 75.68
C LYS IB 87 -10.68 72.23 76.03
N PHE IB 88 -11.43 71.78 77.03
CA PHE IB 88 -12.61 72.51 77.48
C PHE IB 88 -12.71 72.45 79.00
N ARG IB 89 -13.21 73.54 79.57
CA ARG IB 89 -13.39 73.65 81.01
C ARG IB 89 -14.80 73.18 81.41
N HIS IB 90 -14.91 72.70 82.64
CA HIS IB 90 -16.19 72.24 83.19
C HIS IB 90 -16.09 72.29 84.71
N LEU IB 91 -17.20 71.92 85.35
CA LEU IB 91 -17.27 71.92 86.81
C LEU IB 91 -16.76 70.59 87.37
N LYS IB 92 -16.12 70.66 88.52
CA LYS IB 92 -15.68 69.46 89.21
C LYS IB 92 -16.89 68.64 89.66
N GLN IB 93 -16.74 67.32 89.68
CA GLN IB 93 -17.85 66.44 90.00
C GLN IB 93 -18.38 66.69 91.41
N THR IB 94 -17.48 66.94 92.36
CA THR IB 94 -17.86 67.14 93.76
C THR IB 94 -18.30 68.57 94.05
N SER IB 95 -18.62 69.36 93.02
CA SER IB 95 -19.07 70.72 93.19
C SER IB 95 -20.39 71.04 92.52
N GLU IB 96 -21.06 70.03 91.94
CA GLU IB 96 -22.32 70.28 91.24
C GLU IB 96 -23.44 70.67 92.20
N LYS IB 97 -23.43 70.12 93.42
CA LYS IB 97 -24.51 70.40 94.37
C LYS IB 97 -24.53 71.86 94.79
N PHE IB 98 -23.39 72.54 94.70
CA PHE IB 98 -23.32 73.96 95.03
C PHE IB 98 -23.69 74.85 93.86
N TYR IB 99 -23.99 74.27 92.70
CA TYR IB 99 -24.43 75.03 91.53
C TYR IB 99 -25.77 74.56 90.99
N THR IB 100 -26.36 73.52 91.57
CA THR IB 100 -27.69 73.10 91.14
C THR IB 100 -28.72 74.18 91.40
N SER IB 101 -29.74 74.22 90.54
CA SER IB 101 -30.79 75.23 90.64
C SER IB 101 -32.14 74.53 90.46
N ASP IB 102 -33.20 75.33 90.31
CA ASP IB 102 -34.55 74.77 90.22
C ASP IB 102 -34.73 73.92 88.97
N SER IB 103 -34.24 74.40 87.82
CA SER IB 103 -34.46 73.72 86.55
C SER IB 103 -33.19 73.59 85.72
N TYR IB 104 -32.02 73.88 86.28
CA TYR IB 104 -30.78 73.78 85.54
C TYR IB 104 -29.63 73.57 86.53
N ILE IB 105 -28.50 73.13 85.99
CA ILE IB 105 -27.27 72.95 86.77
C ILE IB 105 -26.16 73.70 86.07
N GLY IB 106 -25.42 74.51 86.82
CA GLY IB 106 -24.32 75.26 86.25
C GLY IB 106 -24.40 76.75 86.54
N ASP IB 107 -23.26 77.42 86.54
CA ASP IB 107 -23.18 78.84 86.84
C ASP IB 107 -23.43 79.62 85.56
N ILE IB 108 -24.60 80.26 85.46
CA ILE IB 108 -24.93 81.04 84.28
C ILE IB 108 -24.04 82.28 84.18
N ASN IB 109 -23.72 82.89 85.32
CA ASN IB 109 -22.94 84.12 85.31
C ASN IB 109 -21.53 83.89 84.77
N ASN IB 110 -20.92 82.76 85.11
CA ASN IB 110 -19.54 82.47 84.72
C ASN IB 110 -19.45 81.45 83.60
N ASN IB 111 -20.57 81.00 83.03
CA ASN IB 111 -20.60 80.07 81.91
C ASN IB 111 -19.86 78.77 82.25
N LEU IB 112 -20.34 78.11 83.30
CA LEU IB 112 -19.78 76.84 83.75
C LEU IB 112 -20.88 75.78 83.71
N LEU IB 113 -20.53 74.60 83.20
CA LEU IB 113 -21.47 73.53 82.96
C LEU IB 113 -20.95 72.24 83.57
N PRO IB 114 -21.84 71.28 83.83
CA PRO IB 114 -21.38 69.94 84.24
C PRO IB 114 -20.64 69.25 83.11
N PHE IB 115 -19.84 68.26 83.51
CA PHE IB 115 -18.97 67.58 82.54
C PHE IB 115 -19.76 66.92 81.43
N ALA IB 116 -20.90 66.30 81.77
CA ALA IB 116 -21.65 65.57 80.76
C ALA IB 116 -22.15 66.50 79.65
N GLN IB 117 -22.81 67.59 80.03
CA GLN IB 117 -23.35 68.52 79.04
C GLN IB 117 -22.22 69.21 78.28
N ALA IB 118 -21.15 69.60 78.98
CA ALA IB 118 -20.03 70.24 78.30
C ALA IB 118 -19.41 69.31 77.26
N TYR IB 119 -19.23 68.04 77.63
CA TYR IB 119 -18.67 67.06 76.71
C TYR IB 119 -19.58 66.84 75.51
N LYS IB 120 -20.89 66.75 75.74
CA LYS IB 120 -21.82 66.55 74.63
C LYS IB 120 -21.75 67.71 73.65
N LEU IB 121 -21.76 68.95 74.17
CA LEU IB 121 -21.72 70.11 73.28
C LEU IB 121 -20.40 70.17 72.52
N ALA IB 122 -19.28 69.91 73.21
CA ALA IB 122 -17.99 69.95 72.54
C ALA IB 122 -17.90 68.87 71.47
N SER IB 123 -18.40 67.68 71.75
CA SER IB 123 -18.38 66.61 70.76
C SER IB 123 -19.22 66.97 69.55
N SER IB 124 -20.39 67.60 69.77
CA SER IB 124 -21.21 68.02 68.64
C SER IB 124 -20.48 69.04 67.76
N GLU IB 125 -19.82 70.02 68.39
CA GLU IB 125 -19.07 71.00 67.60
C GLU IB 125 -17.93 70.34 66.83
N ILE IB 126 -17.23 69.40 67.46
CA ILE IB 126 -16.13 68.72 66.79
C ILE IB 126 -16.64 67.90 65.61
N ILE IB 127 -17.79 67.26 65.77
CA ILE IB 127 -18.37 66.49 64.67
C ILE IB 127 -18.76 67.39 63.52
N LYS IB 128 -19.30 68.58 63.83
CA LYS IB 128 -19.59 69.53 62.76
C LYS IB 128 -18.32 69.93 62.02
N LEU IB 129 -17.23 70.19 62.76
CA LEU IB 129 -15.96 70.52 62.12
C LEU IB 129 -15.46 69.38 61.24
N ILE IB 130 -15.59 68.14 61.72
CA ILE IB 130 -15.16 66.98 60.94
C ILE IB 130 -15.97 66.86 59.66
N ASN IB 131 -17.29 67.06 59.74
CA ASN IB 131 -18.12 67.02 58.54
C ASN IB 131 -17.70 68.09 57.54
N HIS IB 132 -17.43 69.30 58.02
CA HIS IB 132 -16.98 70.36 57.13
C HIS IB 132 -15.66 69.98 56.46
N PHE IB 133 -14.73 69.41 57.23
CA PHE IB 133 -13.45 69.00 56.65
C PHE IB 133 -13.64 67.93 55.58
N VAL IB 134 -14.47 66.93 55.87
CA VAL IB 134 -14.70 65.86 54.92
C VAL IB 134 -15.29 66.41 53.63
N LEU IB 135 -16.19 67.38 53.74
CA LEU IB 135 -16.82 67.91 52.54
C LEU IB 135 -15.87 68.81 51.74
N THR IB 136 -15.12 69.69 52.41
CA THR IB 136 -14.45 70.78 51.71
C THR IB 136 -12.93 70.65 51.63
N GLY IB 137 -12.31 69.76 52.40
CA GLY IB 137 -10.88 69.62 52.39
C GLY IB 137 -10.11 70.70 53.13
N THR IB 138 -10.78 71.49 53.96
CA THR IB 138 -10.14 72.55 54.72
C THR IB 138 -10.65 72.52 56.16
N VAL IB 139 -9.84 73.08 57.06
CA VAL IB 139 -10.19 73.26 58.45
C VAL IB 139 -10.04 74.73 58.77
N SER IB 140 -11.15 75.40 59.08
CA SER IB 140 -11.14 76.82 59.41
C SER IB 140 -12.43 77.15 60.16
N ILE IB 141 -12.32 78.09 61.10
CA ILE IB 141 -13.47 78.52 61.89
C ILE IB 141 -14.08 79.83 61.39
N GLN IB 142 -13.41 80.54 60.50
CA GLN IB 142 -13.97 81.77 59.94
C GLN IB 142 -14.88 81.45 58.78
N LYS IB 143 -15.97 82.21 58.66
CA LYS IB 143 -16.88 82.03 57.54
C LYS IB 143 -16.26 82.45 56.21
N ASP IB 144 -15.18 83.23 56.24
CA ASP IB 144 -14.49 83.65 55.03
C ASP IB 144 -13.51 82.61 54.53
N GLY IB 145 -13.32 81.51 55.25
CA GLY IB 145 -12.35 80.50 54.85
C GLY IB 145 -10.92 80.98 54.89
N LYS IB 146 -10.58 81.80 55.87
CA LYS IB 146 -9.22 82.29 56.06
C LYS IB 146 -8.66 81.76 57.37
N ASN IB 147 -7.35 81.97 57.57
CA ASN IB 147 -6.62 81.43 58.72
C ASN IB 147 -6.82 79.92 58.83
N GLN IB 148 -6.77 79.25 57.68
CA GLN IB 148 -6.92 77.80 57.67
C GLN IB 148 -5.74 77.13 58.36
N LYS IB 149 -6.02 76.04 59.08
CA LYS IB 149 -4.96 75.26 59.68
C LYS IB 149 -4.14 74.58 58.60
N ARG IB 150 -2.82 74.81 58.63
CA ARG IB 150 -1.94 74.21 57.64
C ARG IB 150 -1.87 72.71 57.87
N LEU IB 151 -2.40 71.94 56.92
CA LEU IB 151 -2.44 70.49 57.03
C LEU IB 151 -1.33 69.86 56.18
N LEU IB 152 -1.10 68.57 56.43
CA LEU IB 152 -0.11 67.83 55.66
C LEU IB 152 -0.61 67.61 54.23
N PRO IB 153 0.30 67.43 53.29
CA PRO IB 153 -0.10 67.07 51.93
C PRO IB 153 -0.79 65.71 51.91
N ASN IB 154 -1.36 65.38 50.76
CA ASN IB 154 -2.12 64.15 50.58
C ASN IB 154 -3.30 64.07 51.56
N MET IB 155 -3.90 65.23 51.83
CA MET IB 155 -5.10 65.32 52.67
C MET IB 155 -6.09 66.21 51.93
N TYR IB 156 -7.13 65.61 51.37
CA TYR IB 156 -8.04 66.32 50.49
C TYR IB 156 -9.48 65.98 50.82
N GLY IB 157 -10.37 66.88 50.45
CA GLY IB 157 -11.80 66.65 50.50
C GLY IB 157 -12.41 66.56 49.11
N LEU IB 158 -13.72 66.35 49.09
CA LEU IB 158 -14.42 66.19 47.82
C LEU IB 158 -14.37 67.47 46.99
N LEU IB 159 -14.36 68.63 47.64
CA LEU IB 159 -14.43 69.90 46.92
C LEU IB 159 -13.07 70.41 46.44
N ASN IB 160 -11.97 69.89 47.00
CA ASN IB 160 -10.64 70.35 46.61
C ASN IB 160 -9.76 69.23 46.07
N MET IB 161 -10.35 68.10 45.70
CA MET IB 161 -9.57 67.03 45.10
C MET IB 161 -8.96 67.51 43.79
N PRO IB 162 -7.66 67.35 43.58
CA PRO IB 162 -7.04 67.84 42.35
C PRO IB 162 -7.32 66.91 41.17
N GLU IB 163 -7.00 67.42 39.98
CA GLU IB 163 -7.14 66.66 38.73
C GLU IB 163 -8.54 66.10 38.56
N GLN IB 164 -9.55 66.91 38.87
CA GLN IB 164 -10.94 66.58 38.65
C GLN IB 164 -11.53 67.55 37.62
N ILE IB 165 -12.79 67.33 37.27
CA ILE IB 165 -13.46 68.17 36.28
C ILE IB 165 -14.09 69.35 37.00
N LYS IB 166 -13.72 70.56 36.58
CA LYS IB 166 -14.20 71.79 37.19
C LYS IB 166 -14.85 72.65 36.12
N GLU IB 167 -16.10 73.04 36.35
CA GLU IB 167 -16.84 73.91 35.46
C GLU IB 167 -17.23 75.18 36.20
N GLU IB 168 -17.29 76.29 35.47
CA GLU IB 168 -17.60 77.59 36.05
C GLU IB 168 -18.74 78.23 35.27
N VAL IB 169 -19.82 78.56 35.98
CA VAL IB 169 -20.95 79.27 35.39
C VAL IB 169 -20.74 80.77 35.62
N ALA IB 170 -20.85 81.54 34.55
CA ALA IB 170 -20.50 82.95 34.59
C ALA IB 170 -21.45 83.72 35.52
N SER IB 171 -20.92 84.82 36.07
CA SER IB 171 -21.70 85.62 37.01
C SER IB 171 -22.93 86.23 36.35
N GLY IB 172 -22.80 86.66 35.09
CA GLY IB 172 -23.93 87.24 34.38
C GLY IB 172 -25.07 86.27 34.16
N ASP IB 173 -24.83 84.97 34.26
CA ASP IB 173 -25.85 83.94 34.08
C ASP IB 173 -26.10 83.18 35.39
N LYS IB 174 -26.02 83.89 36.52
CA LYS IB 174 -26.16 83.22 37.82
C LYS IB 174 -27.55 82.65 38.03
N ASP IB 175 -28.57 83.24 37.41
CA ASP IB 175 -29.95 82.82 37.61
C ASP IB 175 -30.51 82.09 36.39
N LYS IB 176 -29.67 81.69 35.45
CA LYS IB 176 -30.12 81.01 34.23
C LYS IB 176 -29.89 79.51 34.38
N MET IB 177 -30.99 78.80 34.68
CA MET IB 177 -30.90 77.35 34.86
C MET IB 177 -30.48 76.66 33.58
N ASP IB 178 -30.83 77.22 32.42
CA ASP IB 178 -30.39 76.64 31.16
C ASP IB 178 -28.87 76.70 31.01
N LYS IB 179 -28.27 77.83 31.37
CA LYS IB 179 -26.82 77.95 31.34
C LYS IB 179 -26.17 77.01 32.35
N ILE IB 180 -26.74 76.92 33.54
CA ILE IB 180 -26.21 76.00 34.55
C ILE IB 180 -26.26 74.56 34.04
N PHE IB 181 -27.36 74.19 33.40
CA PHE IB 181 -27.49 72.84 32.85
C PHE IB 181 -26.53 72.62 31.69
N GLU IB 182 -26.26 73.64 30.89
CA GLU IB 182 -25.27 73.51 29.82
C GLU IB 182 -23.90 73.20 30.39
N LYS IB 183 -23.50 73.93 31.44
CA LYS IB 183 -22.22 73.66 32.09
C LYS IB 183 -22.20 72.26 32.70
N ILE IB 184 -23.31 71.85 33.32
CA ILE IB 184 -23.38 70.51 33.91
C ILE IB 184 -23.25 69.44 32.83
N GLU IB 185 -23.88 69.66 31.67
CA GLU IB 185 -23.78 68.71 30.57
C GLU IB 185 -22.35 68.62 30.06
N ALA IB 186 -21.67 69.76 29.93
CA ALA IB 186 -20.27 69.72 29.49
C ALA IB 186 -19.42 68.95 30.48
N GLY IB 187 -19.61 69.19 31.78
CA GLY IB 187 -18.87 68.44 32.78
C GLY IB 187 -19.16 66.95 32.75
N LEU IB 188 -20.43 66.59 32.59
CA LEU IB 188 -20.81 65.19 32.54
C LEU IB 188 -20.20 64.50 31.33
N SER IB 189 -20.15 65.20 30.19
CA SER IB 189 -19.48 64.65 29.01
C SER IB 189 -17.99 64.46 29.27
N LYS IB 190 -17.36 65.42 29.95
CA LYS IB 190 -15.94 65.28 30.25
C LYS IB 190 -15.65 64.27 31.35
N LEU IB 191 -16.66 63.82 32.09
CA LEU IB 191 -16.45 62.78 33.08
C LEU IB 191 -15.97 61.49 32.42
N GLU IB 192 -15.07 60.78 33.10
CA GLU IB 192 -14.47 59.55 32.59
C GLU IB 192 -14.61 58.46 33.64
N LEU IB 193 -15.71 57.71 33.58
CA LEU IB 193 -15.92 56.61 34.51
C LEU IB 193 -15.34 55.29 34.00
N GLY IB 194 -15.34 55.08 32.68
CA GLY IB 194 -14.75 53.90 32.09
C GLY IB 194 -15.45 52.61 32.44
N ASP IB 195 -14.69 51.65 32.99
CA ASP IB 195 -15.24 50.33 33.29
C ASP IB 195 -16.34 50.42 34.35
N GLU IB 196 -16.11 51.22 35.40
CA GLU IB 196 -17.07 51.33 36.49
C GLU IB 196 -18.09 52.43 36.19
N PHE IB 197 -18.98 52.11 35.24
CA PHE IB 197 -20.04 53.02 34.86
C PHE IB 197 -21.42 52.58 35.36
N SER IB 198 -21.61 51.29 35.63
CA SER IB 198 -22.89 50.80 36.16
C SER IB 198 -22.88 50.91 37.68
N THR IB 199 -22.98 52.14 38.16
CA THR IB 199 -22.92 52.43 39.59
C THR IB 199 -23.87 53.58 39.90
N PRO IB 200 -24.39 53.64 41.12
CA PRO IB 200 -25.20 54.81 41.52
C PRO IB 200 -24.37 56.08 41.51
N MET IB 201 -25.04 57.20 41.30
CA MET IB 201 -24.40 58.51 41.28
C MET IB 201 -24.99 59.38 42.37
N MET IB 202 -24.19 60.34 42.85
CA MET IB 202 -24.57 61.23 43.93
C MET IB 202 -24.31 62.67 43.52
N VAL IB 203 -25.31 63.52 43.72
CA VAL IB 203 -25.21 64.95 43.49
C VAL IB 203 -25.47 65.67 44.80
N ILE IB 204 -24.68 66.68 45.10
CA ILE IB 204 -24.82 67.51 46.29
C ILE IB 204 -24.90 68.96 45.84
N VAL IB 205 -25.95 69.66 46.29
CA VAL IB 205 -26.20 71.02 45.84
C VAL IB 205 -26.49 71.92 47.04
N ASP IB 206 -26.25 73.20 46.85
CA ASP IB 206 -26.62 74.21 47.83
C ASP IB 206 -28.12 74.47 47.78
N PRO IB 207 -28.71 75.02 48.86
CA PRO IB 207 -30.17 75.19 48.89
C PRO IB 207 -30.71 76.05 47.76
N ALA IB 208 -30.01 77.12 47.36
CA ALA IB 208 -30.49 77.96 46.27
C ALA IB 208 -30.57 77.18 44.97
N THR IB 209 -29.54 76.40 44.66
CA THR IB 209 -29.56 75.59 43.45
C THR IB 209 -30.63 74.50 43.54
N SER IB 210 -30.81 73.92 44.73
CA SER IB 210 -31.86 72.92 44.91
C SER IB 210 -33.23 73.52 44.64
N LEU IB 211 -33.46 74.76 45.09
CA LEU IB 211 -34.72 75.42 44.80
C LEU IB 211 -34.86 75.74 43.31
N LYS IB 212 -33.77 76.14 42.66
CA LYS IB 212 -33.83 76.37 41.22
C LYS IB 212 -34.14 75.08 40.46
N LEU IB 213 -33.75 73.93 41.00
CA LEU IB 213 -33.98 72.67 40.31
C LEU IB 213 -35.46 72.35 40.16
N VAL IB 214 -36.27 72.64 41.18
CA VAL IB 214 -37.64 72.15 41.22
C VAL IB 214 -38.57 72.84 40.23
N LYS IB 215 -38.12 73.91 39.57
CA LYS IB 215 -38.98 74.59 38.61
C LYS IB 215 -39.21 73.71 37.39
N PRO IB 216 -40.37 73.87 36.73
CA PRO IB 216 -40.64 73.08 35.53
C PRO IB 216 -39.64 73.36 34.41
N TYR IB 217 -39.36 72.34 33.62
CA TYR IB 217 -38.40 72.46 32.53
C TYR IB 217 -38.92 73.39 31.45
N ALA IB 218 -38.03 74.21 30.90
CA ALA IB 218 -38.39 75.15 29.85
C ALA IB 218 -37.40 75.06 28.69
N ALA IB 223 -41.77 79.18 26.17
CA ALA IB 223 -42.88 78.30 26.54
C ALA IB 223 -42.39 77.14 27.42
N ALA IB 224 -42.73 77.20 28.70
CA ALA IB 224 -42.31 76.16 29.63
C ALA IB 224 -43.08 74.87 29.39
N SER IB 225 -42.41 73.75 29.63
CA SER IB 225 -43.01 72.44 29.46
C SER IB 225 -43.86 72.09 30.69
N SER IB 226 -44.32 70.85 30.75
CA SER IB 226 -45.14 70.39 31.87
C SER IB 226 -44.80 68.94 32.17
N CYS IB 227 -45.11 68.53 33.40
CA CYS IB 227 -44.90 67.17 33.90
C CYS IB 227 -43.43 66.76 33.92
N GLU IB 228 -42.51 67.71 33.70
CA GLU IB 228 -41.09 67.43 33.71
C GLU IB 228 -40.36 68.59 34.36
N LYS IB 229 -39.59 68.30 35.41
CA LYS IB 229 -38.80 69.31 36.10
C LYS IB 229 -37.35 69.26 35.65
N TRP IB 230 -36.64 70.35 35.94
CA TRP IB 230 -35.20 70.36 35.72
C TRP IB 230 -34.51 69.24 36.49
N GLU IB 231 -35.05 68.89 37.66
CA GLU IB 231 -34.51 67.74 38.40
C GLU IB 231 -34.67 66.46 37.60
N ASP IB 232 -35.83 66.26 36.97
CA ASP IB 232 -36.03 65.07 36.14
C ASP IB 232 -35.10 65.06 34.94
N VAL IB 233 -34.90 66.23 34.32
CA VAL IB 233 -33.99 66.30 33.18
C VAL IB 233 -32.57 65.96 33.60
N LEU IB 234 -32.14 66.49 34.75
CA LEU IB 234 -30.80 66.17 35.25
C LEU IB 234 -30.65 64.69 35.58
N ILE IB 235 -31.68 64.10 36.18
CA ILE IB 235 -31.62 62.68 36.52
C ILE IB 235 -31.51 61.84 35.26
N GLN IB 236 -32.28 62.20 34.22
CA GLN IB 236 -32.17 61.48 32.95
C GLN IB 236 -30.80 61.64 32.33
N THR IB 237 -30.24 62.85 32.38
CA THR IB 237 -28.91 63.08 31.81
C THR IB 237 -27.85 62.24 32.53
N ILE IB 238 -27.93 62.16 33.85
CA ILE IB 238 -26.96 61.36 34.59
C ILE IB 238 -27.18 59.87 34.35
N LYS IB 239 -28.45 59.45 34.24
CA LYS IB 239 -28.75 58.06 33.93
C LYS IB 239 -28.27 57.67 32.55
N ALA IB 240 -28.11 58.64 31.65
CA ALA IB 240 -27.56 58.34 30.34
C ALA IB 240 -26.13 57.80 30.45
N ILE IB 241 -25.35 58.29 31.41
CA ILE IB 241 -23.96 57.89 31.53
C ILE IB 241 -23.70 56.88 32.64
N ASN IB 242 -24.63 56.69 33.58
CA ASN IB 242 -24.40 55.74 34.66
C ASN IB 242 -25.07 54.40 34.39
N ASN IB 243 -25.46 54.14 33.14
CA ASN IB 243 -26.11 52.88 32.74
C ASN IB 243 -27.45 52.69 33.44
N ARG IB 244 -28.24 53.77 33.47
CA ARG IB 244 -29.59 53.75 34.02
C ARG IB 244 -29.61 53.24 35.45
N GLU IB 245 -28.81 53.88 36.29
CA GLU IB 245 -28.71 53.53 37.70
C GLU IB 245 -29.31 54.64 38.56
N ASP IB 246 -29.34 54.39 39.87
CA ASP IB 246 -29.91 55.36 40.80
C ASP IB 246 -29.07 56.63 40.84
N VAL IB 247 -29.75 57.76 40.92
CA VAL IB 247 -29.12 59.08 40.98
C VAL IB 247 -29.70 59.80 42.19
N TYR IB 248 -28.95 59.86 43.28
CA TYR IB 248 -29.41 60.50 44.49
C TYR IB 248 -28.99 61.97 44.51
N ILE IB 249 -29.85 62.81 45.12
CA ILE IB 249 -29.62 64.24 45.22
C ILE IB 249 -29.74 64.64 46.67
N GLU IB 250 -28.75 65.39 47.17
CA GLU IB 250 -28.73 65.86 48.54
C GLU IB 250 -28.48 67.36 48.58
N THR IB 251 -28.95 67.99 49.65
CA THR IB 251 -28.74 69.41 49.87
C THR IB 251 -27.90 69.61 51.12
N SER IB 252 -26.89 70.46 51.01
CA SER IB 252 -26.00 70.75 52.14
C SER IB 252 -25.80 72.25 52.25
N ASN IB 253 -26.07 72.79 53.44
CA ASN IB 253 -25.85 74.21 53.68
C ASN IB 253 -24.38 74.57 53.70
N LEU IB 254 -23.49 73.58 53.86
CA LEU IB 254 -22.06 73.86 53.84
C LEU IB 254 -21.61 74.36 52.48
N LEU IB 255 -22.17 73.80 51.41
CA LEU IB 255 -21.82 74.25 50.07
C LEU IB 255 -22.38 75.65 49.82
N LYS IB 256 -21.76 76.34 48.86
CA LYS IB 256 -22.15 77.71 48.54
C LYS IB 256 -21.94 77.92 47.05
N HIS IB 257 -23.03 77.85 46.27
CA HIS IB 257 -22.99 78.02 44.82
C HIS IB 257 -22.13 76.94 44.15
N LYS IB 258 -22.18 75.73 44.71
CA LYS IB 258 -21.40 74.61 44.22
C LYS IB 258 -22.30 73.41 43.97
N ILE IB 259 -22.01 72.68 42.90
CA ILE IB 259 -22.66 71.42 42.58
C ILE IB 259 -21.58 70.35 42.50
N LEU IB 260 -21.80 69.25 43.21
CA LEU IB 260 -20.79 68.20 43.34
C LEU IB 260 -21.39 66.87 42.87
N ILE IB 261 -20.86 66.32 41.79
CA ILE IB 261 -21.37 65.07 41.21
C ILE IB 261 -20.24 64.05 41.23
N TYR IB 262 -20.55 62.85 41.74
CA TYR IB 262 -19.54 61.80 41.81
C TYR IB 262 -20.20 60.45 41.97
N PRO IB 263 -19.56 59.37 41.53
CA PRO IB 263 -20.16 58.04 41.68
C PRO IB 263 -20.04 57.51 43.10
N LEU IB 264 -20.84 56.49 43.39
CA LEU IB 264 -20.85 55.83 44.69
C LEU IB 264 -20.25 54.42 44.61
N ASN IB 265 -19.20 54.26 43.83
CA ASN IB 265 -18.52 52.98 43.68
C ASN IB 265 -17.19 53.03 44.42
N SER IB 266 -16.96 52.01 45.26
CA SER IB 266 -15.74 51.98 46.07
C SER IB 266 -14.48 51.82 45.23
N GLU IB 267 -14.60 51.31 44.00
CA GLU IB 267 -13.43 51.13 43.16
C GLU IB 267 -12.87 52.47 42.69
N LEU IB 268 -13.71 53.50 42.59
CA LEU IB 268 -13.28 54.81 42.13
C LEU IB 268 -12.98 55.78 43.27
N ILE IB 269 -13.88 55.86 44.25
CA ILE IB 269 -13.70 56.74 45.41
C ILE IB 269 -13.95 55.94 46.67
N LYS IB 270 -13.03 56.05 47.63
CA LYS IB 270 -13.13 55.33 48.89
C LYS IB 270 -12.76 56.26 50.04
N PHE IB 271 -13.29 55.93 51.22
CA PHE IB 271 -13.00 56.66 52.46
C PHE IB 271 -12.46 55.65 53.46
N LYS IB 272 -11.20 55.82 53.84
CA LYS IB 272 -10.57 54.96 54.83
C LYS IB 272 -10.25 55.78 56.07
N PRO IB 273 -11.24 56.18 56.85
CA PRO IB 273 -10.97 56.99 58.05
C PRO IB 273 -10.32 56.15 59.13
N SER IB 274 -9.62 56.84 60.02
CA SER IB 274 -9.09 56.17 61.20
C SER IB 274 -10.24 55.74 62.10
N LYS IB 275 -10.02 54.63 62.81
CA LYS IB 275 -11.03 54.16 63.76
C LYS IB 275 -11.19 55.10 64.94
N TYR IB 276 -10.29 56.07 65.12
CA TYR IB 276 -10.37 57.08 66.15
C TYR IB 276 -10.65 58.46 65.57
N MET IB 277 -11.32 58.51 64.42
CA MET IB 277 -11.62 59.79 63.79
C MET IB 277 -12.64 60.59 64.59
N LEU IB 278 -13.69 59.92 65.07
CA LEU IB 278 -14.72 60.60 65.83
C LEU IB 278 -14.21 60.93 67.24
N PRO IB 279 -14.77 61.95 67.87
CA PRO IB 279 -14.19 62.46 69.12
C PRO IB 279 -14.09 61.39 70.21
N THR IB 280 -12.98 61.42 70.94
CA THR IB 280 -12.71 60.46 72.01
C THR IB 280 -12.14 61.20 73.21
N PRO IB 281 -12.64 60.94 74.42
CA PRO IB 281 -12.10 61.62 75.60
C PRO IB 281 -10.67 61.18 75.90
N ASN IB 282 -9.90 62.11 76.46
CA ASN IB 282 -8.57 61.81 76.96
C ASN IB 282 -8.64 61.46 78.44
N GLU IB 283 -7.61 60.75 78.91
CA GLU IB 283 -7.57 60.33 80.31
C GLU IB 283 -7.00 61.39 81.23
N GLN IB 284 -6.45 62.48 80.70
CA GLN IB 284 -5.85 63.53 81.51
C GLN IB 284 -6.89 64.60 81.83
N VAL IB 285 -7.11 64.84 83.13
CA VAL IB 285 -8.03 65.86 83.59
C VAL IB 285 -7.25 66.78 84.53
N ASP IB 286 -7.22 68.07 84.20
CA ASP IB 286 -6.52 69.05 85.03
C ASP IB 286 -7.39 69.39 86.24
N LYS IB 287 -6.87 69.10 87.44
CA LYS IB 287 -7.58 69.35 88.67
C LYS IB 287 -6.81 70.36 89.51
N ASP IB 288 -7.54 71.22 90.22
CA ASP IB 288 -6.96 72.28 91.02
C ASP IB 288 -7.70 72.32 92.35
N SER IB 289 -7.39 73.34 93.17
CA SER IB 289 -8.08 73.52 94.43
C SER IB 289 -9.45 74.14 94.28
N THR IB 290 -9.74 74.72 93.12
CA THR IB 290 -11.03 75.34 92.87
C THR IB 290 -12.03 74.28 92.38
N ASP IB 291 -13.19 74.72 91.91
CA ASP IB 291 -14.22 73.82 91.41
C ASP IB 291 -14.16 73.62 89.90
N VAL IB 292 -13.20 74.22 89.22
CA VAL IB 292 -13.09 74.15 87.77
C VAL IB 292 -12.07 73.09 87.40
N ALA IB 293 -12.39 72.30 86.37
CA ALA IB 293 -11.48 71.30 85.83
C ALA IB 293 -11.45 71.44 84.31
N HIS IB 294 -10.42 70.84 83.71
CA HIS IB 294 -10.25 70.88 82.26
C HIS IB 294 -10.13 69.47 81.71
N SER IB 295 -10.73 69.25 80.55
CA SER IB 295 -10.70 67.94 79.90
C SER IB 295 -10.31 68.11 78.44
N TYR IB 296 -9.94 66.99 77.81
CA TYR IB 296 -9.40 66.99 76.46
C TYR IB 296 -10.14 65.98 75.59
N ILE IB 297 -10.32 66.34 74.32
CA ILE IB 297 -10.97 65.48 73.33
C ILE IB 297 -10.07 65.36 72.11
N ASP IB 298 -9.89 64.14 71.62
CA ASP IB 298 -9.02 63.86 70.49
C ASP IB 298 -9.83 63.41 69.29
N PHE IB 299 -9.35 63.75 68.09
CA PHE IB 299 -9.96 63.29 66.86
C PHE IB 299 -8.92 63.27 65.74
N VAL IB 300 -9.14 62.38 64.77
CA VAL IB 300 -8.18 62.12 63.70
C VAL IB 300 -8.82 62.47 62.37
N LEU IB 301 -8.05 63.18 61.53
CA LEU IB 301 -8.51 63.61 60.22
C LEU IB 301 -7.66 62.96 59.12
N GLY IB 302 -8.31 62.70 57.98
CA GLY IB 302 -7.63 62.19 56.81
C GLY IB 302 -8.19 60.88 56.29
N GLY IB 303 -8.00 60.60 55.00
CA GLY IB 303 -8.35 59.29 54.47
C GLY IB 303 -9.24 59.22 53.25
N LEU IB 304 -9.33 60.30 52.47
CA LEU IB 304 -10.14 60.29 51.26
C LEU IB 304 -9.27 59.93 50.06
N LEU IB 305 -9.66 58.88 49.33
CA LEU IB 305 -8.94 58.44 48.15
C LEU IB 305 -9.88 58.46 46.96
N ALA IB 306 -9.40 58.97 45.83
CA ALA IB 306 -10.24 59.08 44.65
C ALA IB 306 -9.39 58.94 43.39
N THR IB 307 -10.00 58.38 42.35
CA THR IB 307 -9.36 58.34 41.03
C THR IB 307 -9.51 59.69 40.34
N ARG IB 308 -8.53 60.01 39.50
CA ARG IB 308 -8.53 61.30 38.82
C ARG IB 308 -9.62 61.34 37.75
N LYS IB 309 -10.17 62.54 37.53
CA LYS IB 309 -11.23 62.79 36.56
C LYS IB 309 -12.43 61.88 36.81
N THR IB 310 -12.91 61.88 38.05
CA THR IB 310 -14.13 61.17 38.42
C THR IB 310 -15.07 62.03 39.27
N ILE IB 311 -14.74 63.29 39.49
CA ILE IB 311 -15.56 64.21 40.27
C ILE IB 311 -15.82 65.45 39.44
N LEU IB 312 -17.08 65.87 39.37
CA LEU IB 312 -17.47 67.08 38.68
C LEU IB 312 -17.86 68.12 39.70
N GLN IB 313 -17.23 69.29 39.63
CA GLN IB 313 -17.48 70.40 40.53
C GLN IB 313 -17.86 71.62 39.70
N VAL IB 314 -19.08 72.09 39.86
CA VAL IB 314 -19.60 73.24 39.13
C VAL IB 314 -19.73 74.40 40.10
N ASN IB 315 -19.06 75.51 39.80
CA ASN IB 315 -19.08 76.70 40.65
C ASN IB 315 -19.82 77.80 39.91
N ILE IB 316 -20.92 78.27 40.49
CA ILE IB 316 -21.70 79.34 39.89
C ILE IB 316 -21.21 80.66 40.47
N LYS IB 317 -20.46 81.42 39.67
CA LYS IB 317 -19.91 82.68 40.14
C LYS IB 317 -21.01 83.67 40.47
N GLN IB 318 -20.88 84.34 41.61
CA GLN IB 318 -21.86 85.29 42.10
C GLN IB 318 -21.25 86.69 41.98
N SER IB 319 -21.70 87.44 40.98
CA SER IB 319 -21.22 88.80 40.73
C SER IB 319 -19.70 88.85 40.55
N LEU JB 3 -0.49 46.71 94.38
CA LEU JB 3 0.30 47.76 93.74
C LEU JB 3 0.52 47.48 92.27
N PHE JB 4 0.87 46.23 91.95
CA PHE JB 4 1.18 45.88 90.57
C PHE JB 4 -0.05 46.03 89.68
N ASP JB 5 -1.22 45.66 90.18
CA ASP JB 5 -2.44 45.81 89.39
C ASP JB 5 -2.74 47.28 89.12
N GLU JB 6 -2.55 48.13 90.11
CA GLU JB 6 -2.87 49.54 89.96
C GLU JB 6 -1.81 50.30 89.16
N ASN JB 7 -0.54 49.99 89.38
CA ASN JB 7 0.55 50.75 88.78
C ASN JB 7 1.29 49.86 87.78
N TYR JB 8 1.34 50.31 86.52
CA TYR JB 8 2.03 49.57 85.47
C TYR JB 8 3.54 49.74 85.57
N TYR JB 9 3.99 50.96 85.89
CA TYR JB 9 5.43 51.24 85.91
C TYR JB 9 6.15 50.42 86.98
N ALA JB 10 5.53 50.24 88.14
CA ALA JB 10 6.12 49.41 89.18
C ALA JB 10 6.30 47.97 88.70
N LYS JB 11 5.27 47.43 88.03
CA LYS JB 11 5.37 46.08 87.49
C LYS JB 11 6.46 45.98 86.43
N ALA JB 12 6.56 46.99 85.57
CA ALA JB 12 7.59 46.99 84.53
C ALA JB 12 8.98 47.03 85.14
N VAL JB 13 9.18 47.84 86.18
CA VAL JB 13 10.46 47.89 86.86
C VAL JB 13 10.77 46.55 87.52
N ALA JB 14 9.76 45.93 88.13
CA ALA JB 14 9.97 44.63 88.76
C ALA JB 14 10.39 43.59 87.74
N ASN JB 15 9.79 43.63 86.54
CA ASN JB 15 10.14 42.65 85.51
C ASN JB 15 11.50 42.93 84.88
N ILE JB 16 11.89 44.20 84.75
CA ILE JB 16 13.10 44.56 84.02
C ILE JB 16 14.30 44.78 84.93
N ILE JB 17 14.12 44.68 86.25
CA ILE JB 17 15.23 44.96 87.17
C ILE JB 17 16.31 43.89 87.07
N GLY JB 18 15.95 42.66 86.69
CA GLY JB 18 16.94 41.60 86.64
C GLY JB 18 17.99 41.79 85.57
N GLU JB 19 17.61 42.37 84.44
CA GLU JB 19 18.54 42.53 83.31
C GLU JB 19 19.65 43.53 83.58
N VAL JB 20 19.54 44.36 84.61
CA VAL JB 20 20.57 45.35 84.90
C VAL JB 20 21.77 44.65 85.52
N LYS JB 21 22.95 44.90 84.96
CA LYS JB 21 24.16 44.21 85.39
C LYS JB 21 24.66 44.74 86.72
N ASP JB 22 25.40 43.90 87.43
CA ASP JB 22 25.97 44.28 88.71
C ASP JB 22 27.08 45.31 88.53
N PRO JB 23 27.28 46.19 89.50
CA PRO JB 23 28.37 47.17 89.40
C PRO JB 23 29.73 46.48 89.44
N ILE JB 24 30.70 47.09 88.75
CA ILE JB 24 32.06 46.55 88.72
C ILE JB 24 32.85 46.89 89.97
N MET JB 25 32.35 47.81 90.80
CA MET JB 25 33.06 48.18 92.02
C MET JB 25 33.12 47.04 93.02
N TYR JB 26 32.25 46.04 92.89
CA TYR JB 26 32.26 44.91 93.82
C TYR JB 26 33.56 44.11 93.76
N LYS JB 27 34.26 44.15 92.63
CA LYS JB 27 35.53 43.44 92.50
C LYS JB 27 36.67 44.14 93.22
N TRP JB 28 36.47 45.37 93.68
CA TRP JB 28 37.51 46.12 94.38
C TRP JB 28 37.46 45.92 95.89
N PHE JB 29 36.54 45.11 96.40
CA PHE JB 29 36.38 44.93 97.84
C PHE JB 29 36.10 43.46 98.13
N SER JB 30 36.46 43.04 99.33
CA SER JB 30 36.15 41.70 99.80
C SER JB 30 34.68 41.65 100.25
N PRO JB 31 34.11 40.44 100.34
CA PRO JB 31 32.69 40.35 100.76
C PRO JB 31 32.44 40.92 102.14
N ASP JB 32 33.44 40.91 103.03
CA ASP JB 32 33.28 41.41 104.38
C ASP JB 32 33.59 42.90 104.50
N GLN JB 33 34.02 43.54 103.41
CA GLN JB 33 34.36 44.96 103.44
C GLN JB 33 33.19 45.87 103.08
N ILE JB 34 32.00 45.32 102.84
CA ILE JB 34 30.83 46.10 102.47
C ILE JB 34 29.72 45.82 103.47
N GLU JB 35 29.21 46.89 104.10
CA GLU JB 35 28.13 46.76 105.07
C GLU JB 35 27.09 47.84 104.81
N ASP JB 36 25.84 47.44 104.61
CA ASP JB 36 24.79 48.38 104.27
C ASP JB 36 24.32 49.16 105.50
N VAL JB 37 24.10 50.46 105.31
CA VAL JB 37 23.47 51.31 106.32
C VAL JB 37 22.08 51.69 105.82
N ASP JB 38 21.32 52.36 106.68
CA ASP JB 38 19.92 52.70 106.39
C ASP JB 38 19.71 54.19 106.56
N LEU JB 39 19.97 54.95 105.50
CA LEU JB 39 19.64 56.37 105.44
C LEU JB 39 19.73 56.82 103.99
N GLN JB 40 19.14 57.98 103.72
CA GLN JB 40 19.16 58.58 102.39
C GLN JB 40 20.02 59.82 102.31
N MET JB 41 19.78 60.79 103.19
CA MET JB 41 20.59 61.99 103.26
C MET JB 41 20.86 62.30 104.73
N GLY JB 42 22.11 62.56 105.05
CA GLY JB 42 22.48 62.83 106.43
C GLY JB 42 23.93 62.43 106.67
N TYR JB 43 24.18 61.93 107.87
CA TYR JB 43 25.54 61.54 108.27
C TYR JB 43 25.44 60.42 109.30
N GLN JB 44 26.58 59.74 109.49
CA GLN JB 44 26.70 58.72 110.52
C GLN JB 44 28.00 58.94 111.28
N LYS JB 45 27.99 58.53 112.55
CA LYS JB 45 29.15 58.68 113.43
C LYS JB 45 29.60 57.30 113.88
N THR JB 46 30.90 57.05 113.81
CA THR JB 46 31.51 55.82 114.28
C THR JB 46 32.53 56.15 115.36
N VAL JB 47 32.47 55.43 116.47
CA VAL JB 47 33.34 55.67 117.62
C VAL JB 47 34.26 54.47 117.78
N LYS JB 48 35.57 54.74 117.85
CA LYS JB 48 36.58 53.72 118.05
C LYS JB 48 37.26 53.96 119.39
N TRP JB 49 37.29 52.95 120.24
CA TRP JB 49 37.83 53.07 121.58
C TRP JB 49 39.24 52.50 121.65
N ASP JB 50 40.06 53.09 122.53
CA ASP JB 50 41.46 52.70 122.67
C ASP JB 50 41.84 52.76 124.14
N ALA JB 51 42.87 51.98 124.49
CA ALA JB 51 43.43 51.97 125.83
C ALA JB 51 44.92 52.19 125.76
N PHE JB 52 45.50 52.66 126.86
CA PHE JB 52 46.92 52.93 126.92
C PHE JB 52 47.43 52.73 128.34
N LEU JB 53 48.73 52.51 128.45
CA LEU JB 53 49.39 52.29 129.73
C LEU JB 53 49.99 53.59 130.23
N ASN JB 54 49.74 53.91 131.49
CA ASN JB 54 50.23 55.17 132.07
C ASN JB 54 51.63 55.05 132.66
N ALA JB 55 52.04 53.85 133.06
CA ALA JB 55 53.35 53.65 133.66
C ALA JB 55 53.69 52.17 133.62
N ASN JB 56 54.89 51.83 134.09
CA ASN JB 56 55.29 50.44 134.17
C ASN JB 56 54.44 49.72 135.22
N PRO JB 57 54.22 48.42 135.05
CA PRO JB 57 53.44 47.67 136.04
C PRO JB 57 54.11 47.65 137.40
N THR JB 58 53.32 47.36 138.42
CA THR JB 58 53.80 47.35 139.79
C THR JB 58 53.99 45.92 140.27
N THR JB 59 55.08 45.68 141.00
CA THR JB 59 55.36 44.36 141.55
C THR JB 59 54.52 44.13 142.79
N ILE JB 60 53.79 43.01 142.81
CA ILE JB 60 52.92 42.65 143.93
C ILE JB 60 53.78 41.87 144.93
N ALA JB 61 54.29 42.57 145.93
CA ALA JB 61 55.12 41.97 146.96
C ALA JB 61 54.73 42.55 148.31
N ASN JB 62 54.40 41.66 149.24
CA ASN JB 62 54.01 42.04 150.61
C ASN JB 62 52.74 42.88 150.52
N GLU JB 63 52.71 44.10 151.08
CA GLU JB 63 51.53 44.94 151.09
C GLU JB 63 51.77 46.17 150.24
N VAL JB 64 50.82 46.48 149.37
CA VAL JB 64 50.87 47.67 148.53
C VAL JB 64 49.47 47.98 148.02
N ASN JB 65 49.13 49.26 147.98
CA ASN JB 65 47.84 49.69 147.46
C ASN JB 65 47.95 50.76 146.38
N THR JB 66 49.16 51.22 146.06
CA THR JB 66 49.39 52.19 144.99
C THR JB 66 49.79 51.41 143.73
N ILE JB 67 48.89 51.38 142.74
CA ILE JB 67 49.07 50.57 141.55
C ILE JB 67 49.05 51.46 140.32
N SER JB 68 49.81 51.07 139.30
CA SER JB 68 49.82 51.80 138.04
C SER JB 68 48.47 51.66 137.34
N THR JB 69 48.14 52.65 136.52
CA THR JB 69 46.83 52.78 135.93
C THR JB 69 46.87 52.60 134.42
N ILE JB 70 45.71 52.26 133.86
CA ILE JB 70 45.51 52.12 132.42
C ILE JB 70 44.42 53.09 132.01
N GLY JB 71 44.73 53.96 131.03
CA GLY JB 71 43.79 54.96 130.58
C GLY JB 71 42.94 54.48 129.41
N PHE JB 72 42.10 55.39 128.93
CA PHE JB 72 41.21 55.12 127.80
C PHE JB 72 41.03 56.39 126.99
N SER JB 73 40.70 56.21 125.71
CA SER JB 73 40.48 57.33 124.81
C SER JB 73 39.56 56.89 123.69
N SER JB 74 39.04 57.86 122.94
CA SER JB 74 38.10 57.58 121.87
C SER JB 74 38.33 58.55 120.71
N GLU JB 75 37.86 58.13 119.54
CA GLU JB 75 37.87 58.97 118.35
C GLU JB 75 36.56 58.77 117.60
N VAL JB 76 36.09 59.82 116.95
CA VAL JB 76 34.82 59.82 116.25
C VAL JB 76 35.04 60.20 114.80
N VAL JB 77 34.44 59.44 113.89
CA VAL JB 77 34.55 59.68 112.45
C VAL JB 77 33.15 59.86 111.88
N ARG JB 78 32.98 60.90 111.06
CA ARG JB 78 31.69 61.24 110.47
C ARG JB 78 31.72 60.99 108.96
N LEU JB 79 30.74 60.25 108.46
CA LEU JB 79 30.60 59.94 107.05
C LEU JB 79 29.34 60.63 106.51
N ASN JB 80 29.50 61.42 105.45
CA ASN JB 80 28.40 62.16 104.88
C ASN JB 80 27.81 61.42 103.67
N TYR JB 81 26.50 61.56 103.50
CA TYR JB 81 25.78 60.94 102.40
C TYR JB 81 24.97 62.01 101.68
N LEU JB 82 24.64 61.72 100.41
CA LEU JB 82 23.91 62.67 99.59
C LEU JB 82 22.94 61.95 98.67
N LYS JB 83 21.76 62.53 98.47
CA LYS JB 83 20.73 61.96 97.61
C LYS JB 83 20.65 62.74 96.30
N LEU JB 84 20.64 62.01 95.18
CA LEU JB 84 20.70 62.59 93.84
C LEU JB 84 19.63 61.95 92.97
N GLN JB 85 19.19 62.70 91.95
CA GLN JB 85 18.06 62.27 91.13
C GLN JB 85 18.30 62.63 89.67
N TYR JB 86 17.75 61.81 88.79
CA TYR JB 86 17.63 62.10 87.36
C TYR JB 86 16.19 61.96 86.90
N LYS JB 87 15.88 62.67 85.81
CA LYS JB 87 14.58 62.59 85.15
C LYS JB 87 14.80 62.14 83.71
N PHE JB 88 13.88 61.31 83.21
CA PHE JB 88 13.99 60.85 81.84
C PHE JB 88 12.60 60.70 81.22
N ARG JB 89 12.50 61.03 79.94
CA ARG JB 89 11.25 60.94 79.19
C ARG JB 89 11.08 59.55 78.58
N HIS JB 90 9.83 59.16 78.40
CA HIS JB 90 9.50 57.86 77.81
C HIS JB 90 8.08 57.95 77.24
N LEU JB 91 7.64 56.85 76.65
CA LEU JB 91 6.31 56.76 76.09
C LEU JB 91 5.33 56.24 77.14
N LYS JB 92 4.16 56.87 77.20
CA LYS JB 92 3.11 56.40 78.09
C LYS JB 92 2.63 55.01 77.65
N GLN JB 93 2.25 54.20 78.63
CA GLN JB 93 1.89 52.81 78.34
C GLN JB 93 0.77 52.72 77.32
N THR JB 94 -0.24 53.58 77.43
CA THR JB 94 -1.39 53.53 76.53
C THR JB 94 -1.00 53.81 75.09
N SER JB 95 0.11 54.49 74.85
CA SER JB 95 0.53 54.86 73.51
C SER JB 95 1.51 53.88 72.88
N GLU JB 96 1.84 52.79 73.57
CA GLU JB 96 2.83 51.86 73.03
C GLU JB 96 2.31 51.16 71.77
N LYS JB 97 1.03 50.82 71.74
CA LYS JB 97 0.48 50.07 70.60
C LYS JB 97 0.59 50.87 69.31
N PHE JB 98 0.49 52.20 69.39
CA PHE JB 98 0.57 53.03 68.20
C PHE JB 98 2.00 53.26 67.72
N TYR JB 99 3.00 52.78 68.47
CA TYR JB 99 4.38 52.86 68.04
C TYR JB 99 5.04 51.49 67.93
N THR JB 100 4.33 50.41 68.25
CA THR JB 100 4.88 49.08 68.07
C THR JB 100 5.09 48.76 66.60
N SER JB 101 6.25 48.18 66.28
CA SER JB 101 6.55 47.70 64.94
C SER JB 101 7.03 46.26 65.05
N ASP JB 102 7.13 45.60 63.90
CA ASP JB 102 7.56 44.20 63.88
C ASP JB 102 8.99 44.07 64.39
N SER JB 103 9.87 44.98 63.98
CA SER JB 103 11.29 44.90 64.34
C SER JB 103 11.60 45.58 65.67
N TYR JB 104 10.92 46.67 65.98
CA TYR JB 104 11.25 47.48 67.14
C TYR JB 104 9.99 48.07 67.74
N ILE JB 105 10.13 48.61 68.96
CA ILE JB 105 9.06 49.33 69.63
C ILE JB 105 9.61 50.70 70.04
N GLY JB 106 8.91 51.75 69.64
CA GLY JB 106 9.31 53.11 69.95
C GLY JB 106 9.41 53.98 68.71
N ASP JB 107 9.53 55.28 68.96
CA ASP JB 107 9.60 56.27 67.90
C ASP JB 107 11.08 56.54 67.61
N ILE JB 108 11.56 56.04 66.47
CA ILE JB 108 12.96 56.22 66.11
C ILE JB 108 13.25 57.67 65.75
N ASN JB 109 12.32 58.32 65.04
CA ASN JB 109 12.55 59.68 64.59
C ASN JB 109 12.64 60.66 65.75
N ASN JB 110 11.84 60.47 66.79
CA ASN JB 110 11.79 61.38 67.93
C ASN JB 110 12.54 60.85 69.14
N ASN JB 111 13.20 59.71 69.02
CA ASN JB 111 14.02 59.13 70.10
C ASN JB 111 13.18 58.91 71.36
N LEU JB 112 12.09 58.18 71.21
CA LEU JB 112 11.21 57.83 72.33
C LEU JB 112 11.15 56.32 72.46
N LEU JB 113 11.33 55.84 73.68
CA LEU JB 113 11.40 54.42 73.99
C LEU JB 113 10.31 54.01 74.96
N PRO JB 114 9.98 52.72 75.03
CA PRO JB 114 9.12 52.24 76.11
C PRO JB 114 9.77 52.41 77.47
N PHE JB 115 8.93 52.41 78.50
CA PHE JB 115 9.39 52.72 79.84
C PHE JB 115 10.43 51.73 80.33
N ALA JB 116 10.23 50.44 80.06
CA ALA JB 116 11.15 49.43 80.56
C ALA JB 116 12.54 49.61 79.98
N GLN JB 117 12.63 49.78 78.65
CA GLN JB 117 13.93 49.97 78.01
C GLN JB 117 14.58 51.27 78.49
N ALA JB 118 13.80 52.35 78.57
CA ALA JB 118 14.36 53.61 79.01
C ALA JB 118 14.91 53.52 80.43
N TYR JB 119 14.16 52.86 81.32
CA TYR JB 119 14.61 52.69 82.70
C TYR JB 119 15.87 51.84 82.76
N LYS JB 120 15.93 50.78 81.96
CA LYS JB 120 17.11 49.92 81.96
C LYS JB 120 18.36 50.69 81.53
N LEU JB 121 18.26 51.42 80.41
CA LEU JB 121 19.42 52.19 79.94
C LEU JB 121 19.81 53.27 80.94
N ALA JB 122 18.82 53.96 81.52
CA ALA JB 122 19.11 55.00 82.49
C ALA JB 122 19.81 54.42 83.73
N SER JB 123 19.33 53.27 84.20
CA SER JB 123 19.93 52.64 85.36
C SER JB 123 21.37 52.22 85.07
N SER JB 124 21.63 51.70 83.87
CA SER JB 124 23.00 51.34 83.51
C SER JB 124 23.92 52.55 83.54
N GLU JB 125 23.46 53.68 82.97
CA GLU JB 125 24.27 54.89 83.01
C GLU JB 125 24.53 55.36 84.44
N ILE JB 126 23.49 55.30 85.29
CA ILE JB 126 23.64 55.73 86.67
C ILE JB 126 24.63 54.84 87.41
N ILE JB 127 24.60 53.53 87.16
CA ILE JB 127 25.55 52.64 87.82
C ILE JB 127 26.97 52.91 87.35
N LYS JB 128 27.14 53.24 86.06
CA LYS JB 128 28.46 53.65 85.59
C LYS JB 128 28.96 54.87 86.35
N LEU JB 129 28.09 55.87 86.52
CA LEU JB 129 28.48 57.06 87.28
C LEU JB 129 28.82 56.72 88.73
N ILE JB 130 28.04 55.83 89.35
CA ILE JB 130 28.29 55.45 90.73
C ILE JB 130 29.64 54.76 90.88
N ASN JB 131 29.96 53.86 89.93
CA ASN JB 131 31.26 53.21 89.97
C ASN JB 131 32.39 54.24 89.82
N HIS JB 132 32.22 55.19 88.90
CA HIS JB 132 33.24 56.23 88.75
C HIS JB 132 33.42 57.02 90.04
N PHE JB 133 32.33 57.36 90.72
CA PHE JB 133 32.43 58.08 91.98
C PHE JB 133 33.14 57.25 93.04
N VAL JB 134 32.76 55.97 93.16
CA VAL JB 134 33.36 55.13 94.19
C VAL JB 134 34.87 55.02 93.96
N LEU JB 135 35.29 54.95 92.70
CA LEU JB 135 36.71 54.85 92.43
C LEU JB 135 37.44 56.19 92.66
N THR JB 136 37.03 57.24 91.96
CA THR JB 136 37.83 58.46 91.87
C THR JB 136 37.49 59.51 92.92
N GLY JB 137 36.35 59.42 93.58
CA GLY JB 137 35.98 60.41 94.57
C GLY JB 137 35.42 61.70 94.01
N THR JB 138 35.07 61.74 92.72
CA THR JB 138 34.53 62.93 92.08
C THR JB 138 33.29 62.55 91.29
N VAL JB 139 32.51 63.58 90.93
CA VAL JB 139 31.33 63.41 90.09
C VAL JB 139 31.46 64.36 88.91
N SER JB 140 31.53 63.80 87.71
CA SER JB 140 31.65 64.59 86.49
C SER JB 140 31.28 63.72 85.30
N ILE JB 141 30.67 64.33 84.30
CA ILE JB 141 30.27 63.65 83.08
C ILE JB 141 31.14 64.06 81.89
N GLN JB 142 32.19 64.82 82.12
CA GLN JB 142 33.11 65.23 81.06
C GLN JB 142 34.37 64.36 81.10
N LYS JB 143 34.83 63.98 79.92
CA LYS JB 143 36.07 63.20 79.83
C LYS JB 143 37.26 64.00 80.33
N ASP JB 144 37.21 65.33 80.19
CA ASP JB 144 38.26 66.18 80.73
C ASP JB 144 38.32 66.13 82.26
N GLY JB 145 37.21 65.78 82.91
CA GLY JB 145 37.15 65.75 84.36
C GLY JB 145 36.83 67.08 85.02
N LYS JB 146 36.63 68.14 84.24
CA LYS JB 146 36.29 69.44 84.79
C LYS JB 146 34.78 69.53 85.00
N ASN JB 147 34.30 70.71 85.39
CA ASN JB 147 32.89 70.95 85.66
C ASN JB 147 32.35 69.95 86.69
N GLN JB 148 33.14 69.74 87.74
CA GLN JB 148 32.80 68.77 88.76
C GLN JB 148 31.62 69.27 89.61
N LYS JB 149 30.82 68.34 90.09
CA LYS JB 149 29.75 68.65 91.03
C LYS JB 149 30.32 68.77 92.43
N ARG JB 150 30.10 69.92 93.06
CA ARG JB 150 30.59 70.14 94.42
C ARG JB 150 29.81 69.25 95.40
N LEU JB 151 30.52 68.40 96.12
CA LEU JB 151 29.91 67.49 97.06
C LEU JB 151 30.12 67.98 98.49
N LEU JB 152 29.63 67.20 99.44
CA LEU JB 152 29.77 67.53 100.85
C LEU JB 152 31.14 67.13 101.36
N PRO JB 153 31.60 67.74 102.45
CA PRO JB 153 32.83 67.28 103.10
C PRO JB 153 32.64 65.89 103.68
N ASN JB 154 33.77 65.22 103.95
CA ASN JB 154 33.78 63.84 104.42
C ASN JB 154 33.13 62.90 103.41
N MET JB 155 33.26 63.22 102.13
CA MET JB 155 32.78 62.37 101.04
C MET JB 155 33.97 62.12 100.12
N TYR JB 156 34.61 60.96 100.26
CA TYR JB 156 35.85 60.67 99.57
C TYR JB 156 35.76 59.32 98.87
N GLY JB 157 36.61 59.17 97.85
CA GLY JB 157 36.82 57.91 97.19
C GLY JB 157 38.21 57.37 97.45
N LEU JB 158 38.51 56.24 96.80
CA LEU JB 158 39.81 55.61 96.97
C LEU JB 158 40.93 56.47 96.42
N LEU JB 159 40.65 57.28 95.39
CA LEU JB 159 41.68 58.04 94.72
C LEU JB 159 41.94 59.41 95.34
N ASN JB 160 41.02 59.93 96.15
CA ASN JB 160 41.17 61.25 96.73
C ASN JB 160 41.14 61.24 98.25
N MET JB 161 41.28 60.08 98.88
CA MET JB 161 41.28 60.01 100.34
C MET JB 161 42.49 60.75 100.88
N PRO JB 162 42.32 61.66 101.84
CA PRO JB 162 43.46 62.41 102.37
C PRO JB 162 44.31 61.56 103.30
N GLU JB 163 45.48 62.12 103.64
CA GLU JB 163 46.40 61.50 104.60
C GLU JB 163 46.79 60.08 104.18
N GLN JB 164 47.07 59.92 102.88
CA GLN JB 164 47.53 58.65 102.32
C GLN JB 164 48.86 58.91 101.62
N ILE JB 165 49.51 57.83 101.17
CA ILE JB 165 50.85 57.95 100.59
C ILE JB 165 50.71 58.15 99.09
N LYS JB 166 51.35 59.22 98.60
CA LYS JB 166 51.27 59.61 97.19
C LYS JB 166 52.67 59.75 96.65
N GLU JB 167 52.97 59.03 95.58
CA GLU JB 167 54.24 59.13 94.88
C GLU JB 167 54.01 59.50 93.43
N GLU JB 168 54.93 60.29 92.87
CA GLU JB 168 54.83 60.78 91.51
C GLU JB 168 56.07 60.37 90.72
N VAL JB 169 55.84 59.84 89.52
CA VAL JB 169 56.92 59.47 88.60
C VAL JB 169 57.04 60.57 87.56
N ALA JB 170 58.25 61.07 87.36
CA ALA JB 170 58.48 62.23 86.53
C ALA JB 170 58.16 61.93 85.07
N SER JB 171 57.96 63.00 84.30
CA SER JB 171 57.59 62.85 82.89
C SER JB 171 58.73 62.23 82.10
N GLY JB 172 59.97 62.59 82.40
CA GLY JB 172 61.11 62.03 81.69
C GLY JB 172 61.29 60.54 81.92
N ASP JB 173 60.77 60.02 83.04
CA ASP JB 173 60.86 58.60 83.36
C ASP JB 173 59.52 57.90 83.21
N LYS JB 174 58.62 58.45 82.39
CA LYS JB 174 57.31 57.84 82.21
C LYS JB 174 57.38 56.46 81.56
N ASP JB 175 58.51 56.13 80.94
CA ASP JB 175 58.69 54.82 80.33
C ASP JB 175 59.66 53.93 81.10
N LYS JB 176 60.41 54.47 82.05
CA LYS JB 176 61.39 53.70 82.81
C LYS JB 176 60.66 52.91 83.89
N MET JB 177 60.37 51.64 83.59
CA MET JB 177 59.64 50.79 84.52
C MET JB 177 60.40 50.63 85.83
N ASP JB 178 61.74 50.63 85.76
CA ASP JB 178 62.54 50.54 86.98
C ASP JB 178 62.34 51.77 87.86
N LYS JB 179 62.26 52.95 87.27
CA LYS JB 179 61.95 54.15 88.05
C LYS JB 179 60.56 54.05 88.66
N ILE JB 180 59.60 53.55 87.88
CA ILE JB 180 58.23 53.39 88.38
C ILE JB 180 58.21 52.49 89.61
N PHE JB 181 58.89 51.34 89.53
CA PHE JB 181 58.94 50.47 90.70
C PHE JB 181 59.81 51.02 91.82
N GLU JB 182 60.78 51.88 91.53
CA GLU JB 182 61.49 52.57 92.61
C GLU JB 182 60.51 53.39 93.43
N LYS JB 183 59.67 54.18 92.75
CA LYS JB 183 58.65 54.94 93.44
C LYS JB 183 57.66 54.04 94.17
N ILE JB 184 57.26 52.93 93.53
CA ILE JB 184 56.28 52.03 94.15
C ILE JB 184 56.85 51.40 95.41
N GLU JB 185 58.11 50.96 95.37
CA GLU JB 185 58.73 50.39 96.57
C GLU JB 185 58.89 51.43 97.66
N ALA JB 186 59.23 52.67 97.30
CA ALA JB 186 59.28 53.73 98.30
C ALA JB 186 57.92 53.89 98.98
N GLY JB 187 56.85 53.93 98.18
CA GLY JB 187 55.52 54.06 98.76
C GLY JB 187 55.13 52.87 99.62
N LEU JB 188 55.48 51.66 99.18
CA LEU JB 188 55.19 50.47 99.96
C LEU JB 188 55.92 50.49 101.29
N SER JB 189 57.16 50.97 101.30
CA SER JB 189 57.87 51.16 102.56
C SER JB 189 57.17 52.19 103.43
N LYS JB 190 56.69 53.27 102.83
CA LYS JB 190 55.99 54.30 103.60
C LYS JB 190 54.61 53.86 104.08
N LEU JB 191 54.08 52.76 103.56
CA LEU JB 191 52.80 52.24 104.06
C LEU JB 191 52.92 51.85 105.53
N GLU JB 192 51.81 52.01 106.26
CA GLU JB 192 51.74 51.69 107.69
C GLU JB 192 50.49 50.86 107.94
N LEU JB 193 50.63 49.54 107.90
CA LEU JB 193 49.52 48.64 108.14
C LEU JB 193 49.40 48.20 109.59
N GLY JB 194 50.34 48.58 110.45
CA GLY JB 194 50.28 48.18 111.85
C GLY JB 194 50.35 46.69 112.01
N ASP JB 195 49.49 46.16 112.88
CA ASP JB 195 49.42 44.72 113.14
C ASP JB 195 48.41 44.01 112.24
N GLU JB 196 47.77 44.72 111.33
CA GLU JB 196 46.83 44.13 110.38
C GLU JB 196 47.49 43.84 109.03
N PHE JB 197 48.81 43.73 109.00
CA PHE JB 197 49.53 43.54 107.74
C PHE JB 197 49.27 42.19 107.10
N SER JB 198 48.85 41.19 107.88
CA SER JB 198 48.57 39.86 107.34
C SER JB 198 47.18 39.87 106.70
N THR JB 199 47.10 40.49 105.53
CA THR JB 199 45.84 40.63 104.80
C THR JB 199 46.14 40.62 103.31
N PRO JB 200 45.18 40.15 102.50
CA PRO JB 200 45.35 40.25 101.04
C PRO JB 200 45.40 41.69 100.59
N MET JB 201 46.08 41.93 99.47
CA MET JB 201 46.24 43.27 98.92
C MET JB 201 45.65 43.34 97.53
N MET JB 202 45.22 44.55 97.14
CA MET JB 202 44.60 44.80 95.86
C MET JB 202 45.31 45.95 95.17
N VAL JB 203 45.60 45.76 93.89
CA VAL JB 203 46.24 46.77 93.04
C VAL JB 203 45.33 47.01 91.85
N ILE JB 204 45.12 48.28 91.53
CA ILE JB 204 44.33 48.70 90.37
C ILE JB 204 45.21 49.53 89.47
N VAL JB 205 45.26 49.17 88.19
CA VAL JB 205 46.13 49.80 87.21
C VAL JB 205 45.34 50.13 85.95
N ASP JB 206 45.87 51.07 85.18
CA ASP JB 206 45.33 51.40 83.87
C ASP JB 206 45.82 50.39 82.83
N PRO JB 207 45.12 50.26 81.69
CA PRO JB 207 45.56 49.30 80.67
C PRO JB 207 46.98 49.52 80.16
N ALA JB 208 47.39 50.78 80.01
CA ALA JB 208 48.77 51.06 79.58
C ALA JB 208 49.77 50.55 80.61
N THR JB 209 49.48 50.78 81.89
CA THR JB 209 50.36 50.28 82.94
C THR JB 209 50.38 48.75 82.96
N SER JB 210 49.25 48.11 82.72
CA SER JB 210 49.23 46.65 82.65
C SER JB 210 50.07 46.13 81.49
N LEU JB 211 50.00 46.81 80.34
CA LEU JB 211 50.83 46.43 79.20
C LEU JB 211 52.32 46.61 79.52
N LYS JB 212 52.66 47.69 80.23
CA LYS JB 212 54.04 47.85 80.67
C LYS JB 212 54.44 46.77 81.67
N LEU JB 213 53.47 46.30 82.46
CA LEU JB 213 53.73 45.29 83.48
C LEU JB 213 54.03 43.92 82.88
N VAL JB 214 53.32 43.55 81.81
CA VAL JB 214 53.47 42.21 81.26
C VAL JB 214 54.77 42.00 80.52
N LYS JB 215 55.63 43.02 80.44
CA LYS JB 215 56.94 42.84 79.83
C LYS JB 215 57.82 41.96 80.71
N PRO JB 216 58.80 41.27 80.12
CA PRO JB 216 59.75 40.50 80.93
C PRO JB 216 60.57 41.42 81.83
N TYR JB 217 60.92 40.90 83.00
CA TYR JB 217 61.69 41.69 83.96
C TYR JB 217 63.10 41.97 83.43
N ALA JB 218 63.54 43.20 83.61
CA ALA JB 218 64.87 43.62 83.18
C ALA JB 218 65.67 44.19 84.34
N ALA JB 223 71.06 43.41 80.82
CA ALA JB 223 70.12 43.04 79.78
C ALA JB 223 68.75 42.73 80.36
N ALA JB 224 67.85 42.20 79.52
CA ALA JB 224 66.50 41.83 79.94
C ALA JB 224 66.48 40.36 80.31
N SER JB 225 66.29 40.06 81.58
CA SER JB 225 66.28 38.68 82.06
C SER JB 225 64.99 37.98 81.64
N SER JB 226 65.00 36.66 81.76
CA SER JB 226 63.87 35.82 81.43
C SER JB 226 63.33 35.13 82.69
N CYS JB 227 62.31 34.30 82.48
CA CYS JB 227 61.66 33.47 83.50
C CYS JB 227 60.96 34.28 84.58
N GLU JB 228 60.94 35.61 84.49
CA GLU JB 228 60.28 36.44 85.48
C GLU JB 228 59.78 37.72 84.81
N LYS JB 229 58.58 38.16 85.19
CA LYS JB 229 57.98 39.35 84.63
C LYS JB 229 57.99 40.48 85.66
N TRP JB 230 57.79 41.70 85.15
CA TRP JB 230 57.70 42.86 86.04
C TRP JB 230 56.54 42.69 87.01
N GLU JB 231 55.47 42.06 86.54
CA GLU JB 231 54.33 41.75 87.39
C GLU JB 231 54.73 40.83 88.53
N ASP JB 232 55.53 39.80 88.22
CA ASP JB 232 56.01 38.89 89.26
C ASP JB 232 56.86 39.63 90.28
N VAL JB 233 57.72 40.54 89.80
CA VAL JB 233 58.53 41.34 90.72
C VAL JB 233 57.63 42.15 91.64
N LEU JB 234 56.60 42.78 91.08
CA LEU JB 234 55.68 43.57 91.89
C LEU JB 234 54.96 42.72 92.93
N ILE JB 235 54.49 41.53 92.51
CA ILE JB 235 53.78 40.65 93.44
C ILE JB 235 54.70 40.23 94.58
N GLN JB 236 55.95 39.88 94.26
CA GLN JB 236 56.89 39.52 95.33
C GLN JB 236 57.15 40.69 96.27
N THR JB 237 57.29 41.90 95.72
CA THR JB 237 57.52 43.07 96.56
C THR JB 237 56.35 43.30 97.51
N ILE JB 238 55.12 43.16 97.02
CA ILE JB 238 53.96 43.36 97.89
C ILE JB 238 53.84 42.24 98.91
N LYS JB 239 54.17 41.01 98.50
CA LYS JB 239 54.16 39.88 99.43
C LYS JB 239 55.20 40.06 100.52
N ALA JB 240 56.26 40.83 100.25
CA ALA JB 240 57.26 41.10 101.28
C ALA JB 240 56.68 41.85 102.46
N ILE JB 241 55.57 42.58 102.28
CA ILE JB 241 54.98 43.33 103.38
C ILE JB 241 53.61 42.83 103.79
N ASN JB 242 52.89 42.08 102.94
CA ASN JB 242 51.57 41.61 103.33
C ASN JB 242 51.60 40.27 104.05
N ASN JB 243 52.75 39.90 104.63
CA ASN JB 243 52.93 38.60 105.28
C ASN JB 243 52.66 37.45 104.32
N ARG JB 244 53.15 37.59 103.09
CA ARG JB 244 53.02 36.55 102.06
C ARG JB 244 51.56 36.16 101.83
N GLU JB 245 50.69 37.16 101.77
CA GLU JB 245 49.27 36.94 101.52
C GLU JB 245 48.96 37.14 100.04
N ASP JB 246 47.71 36.88 99.67
CA ASP JB 246 47.30 36.99 98.27
C ASP JB 246 47.38 38.44 97.80
N VAL JB 247 47.75 38.60 96.54
CA VAL JB 247 47.81 39.91 95.90
C VAL JB 247 47.02 39.81 94.60
N TYR JB 248 46.02 40.68 94.44
CA TYR JB 248 45.20 40.70 93.24
C TYR JB 248 45.50 41.95 92.43
N ILE JB 249 45.48 41.81 91.11
CA ILE JB 249 45.72 42.92 90.18
C ILE JB 249 44.51 43.05 89.27
N GLU JB 250 43.99 44.26 89.14
CA GLU JB 250 42.83 44.54 88.31
C GLU JB 250 43.13 45.72 87.40
N THR JB 251 42.49 45.74 86.25
CA THR JB 251 42.63 46.80 85.27
C THR JB 251 41.31 47.53 85.13
N SER JB 252 41.34 48.86 85.25
CA SER JB 252 40.16 49.69 85.12
C SER JB 252 40.48 50.85 84.20
N ASN JB 253 39.69 51.00 83.14
CA ASN JB 253 39.87 52.10 82.21
C ASN JB 253 39.52 53.45 82.82
N LEU JB 254 38.85 53.48 83.98
CA LEU JB 254 38.56 54.73 84.64
C LEU JB 254 39.83 55.44 85.14
N LEU JB 255 40.92 54.70 85.30
CA LEU JB 255 42.18 55.29 85.72
C LEU JB 255 43.01 55.72 84.52
N LYS JB 256 43.93 56.66 84.78
CA LYS JB 256 44.84 57.17 83.75
C LYS JB 256 46.21 57.33 84.38
N HIS JB 257 47.17 56.50 83.93
CA HIS JB 257 48.55 56.51 84.42
C HIS JB 257 48.61 56.64 85.95
N LYS JB 258 47.81 55.82 86.62
CA LYS JB 258 47.76 55.80 88.07
C LYS JB 258 47.67 54.35 88.56
N ILE JB 259 48.28 54.11 89.71
CA ILE JB 259 48.31 52.80 90.34
C ILE JB 259 47.81 52.94 91.77
N LEU JB 260 46.83 52.13 92.14
CA LEU JB 260 46.26 52.13 93.48
C LEU JB 260 46.62 50.83 94.19
N ILE JB 261 47.19 50.95 95.39
CA ILE JB 261 47.53 49.79 96.21
C ILE JB 261 46.87 49.96 97.58
N TYR JB 262 46.07 48.97 97.99
CA TYR JB 262 45.39 49.07 99.27
C TYR JB 262 45.02 47.66 99.75
N PRO JB 263 44.94 47.45 101.07
CA PRO JB 263 44.60 46.13 101.59
C PRO JB 263 43.11 45.83 101.44
N LEU JB 264 42.77 44.57 101.67
CA LEU JB 264 41.39 44.09 101.63
C LEU JB 264 40.91 43.67 103.01
N ASN JB 265 41.35 44.37 104.03
CA ASN JB 265 40.98 44.07 105.41
C ASN JB 265 39.93 45.07 105.89
N SER JB 266 38.82 44.55 106.42
CA SER JB 266 37.74 45.41 106.88
C SER JB 266 38.15 46.27 108.07
N GLU JB 267 39.18 45.86 108.81
CA GLU JB 267 39.62 46.65 109.96
C GLU JB 267 40.34 47.91 109.54
N LEU JB 268 40.80 48.00 108.30
CA LEU JB 268 41.52 49.16 107.78
C LEU JB 268 40.69 49.98 106.82
N ILE JB 269 40.05 49.34 105.85
CA ILE JB 269 39.21 50.01 104.86
C ILE JB 269 37.86 49.33 104.86
N LYS JB 270 36.79 50.14 104.96
CA LYS JB 270 35.43 49.62 104.96
C LYS JB 270 34.56 50.51 104.09
N PHE JB 271 33.52 49.91 103.53
CA PHE JB 271 32.58 50.61 102.64
C PHE JB 271 31.20 50.37 103.21
N LYS JB 272 30.62 51.41 103.81
CA LYS JB 272 29.30 51.36 104.39
C LYS JB 272 28.35 52.22 103.56
N PRO JB 273 27.82 51.69 102.47
CA PRO JB 273 26.92 52.47 101.61
C PRO JB 273 25.47 52.37 102.06
N SER JB 274 24.70 53.38 101.67
CA SER JB 274 23.27 53.35 101.92
C SER JB 274 22.63 52.19 101.19
N LYS JB 275 21.59 51.61 101.79
CA LYS JB 275 20.86 50.53 101.13
C LYS JB 275 20.08 51.03 99.92
N TYR JB 276 20.02 52.34 99.71
CA TYR JB 276 19.38 52.93 98.54
C TYR JB 276 20.39 53.58 97.61
N MET JB 277 21.64 53.09 97.64
CA MET JB 277 22.68 53.66 96.80
C MET JB 277 22.43 53.38 95.32
N LEU JB 278 22.05 52.15 94.99
CA LEU JB 278 21.80 51.79 93.61
C LEU JB 278 20.49 52.42 93.13
N PRO JB 279 20.32 52.58 91.82
CA PRO JB 279 19.17 53.33 91.31
C PRO JB 279 17.84 52.75 91.76
N THR JB 280 16.90 53.64 92.09
CA THR JB 280 15.59 53.24 92.57
C THR JB 280 14.55 54.14 91.90
N PRO JB 281 13.44 53.58 91.40
CA PRO JB 281 12.42 54.41 90.78
C PRO JB 281 11.73 55.31 91.80
N ASN JB 282 11.23 56.45 91.32
CA ASN JB 282 10.40 57.33 92.12
C ASN JB 282 8.94 57.12 91.76
N GLU JB 283 8.07 57.44 92.71
CA GLU JB 283 6.64 57.23 92.52
C GLU JB 283 5.99 58.31 91.66
N GLN JB 284 6.67 59.43 91.41
CA GLN JB 284 6.11 60.53 90.66
C GLN JB 284 6.34 60.31 89.17
N VAL JB 285 5.26 60.33 88.39
CA VAL JB 285 5.31 60.20 86.94
C VAL JB 285 4.55 61.38 86.34
N ASP JB 286 5.25 62.23 85.60
CA ASP JB 286 4.59 63.36 84.95
C ASP JB 286 3.77 62.87 83.77
N LYS JB 287 2.51 63.29 83.70
CA LYS JB 287 1.60 62.86 82.65
C LYS JB 287 0.92 64.09 82.05
N ASP JB 288 0.77 64.06 80.73
CA ASP JB 288 0.08 65.13 80.00
C ASP JB 288 -1.01 64.55 79.13
N SER JB 289 -1.59 65.38 78.26
CA SER JB 289 -2.56 64.90 77.29
C SER JB 289 -1.89 64.18 76.12
N THR JB 290 -0.59 64.38 75.92
CA THR JB 290 0.14 63.76 74.82
C THR JB 290 0.61 62.37 75.24
N ASP JB 291 1.47 61.77 74.42
CA ASP JB 291 1.98 60.43 74.67
C ASP JB 291 3.27 60.42 75.48
N VAL JB 292 3.92 61.56 75.66
CA VAL JB 292 5.22 61.63 76.32
C VAL JB 292 5.00 61.77 77.83
N ALA JB 293 5.69 60.94 78.60
CA ALA JB 293 5.67 61.00 80.05
C ALA JB 293 7.10 61.14 80.56
N HIS JB 294 7.24 61.38 81.86
CA HIS JB 294 8.54 61.52 82.49
C HIS JB 294 8.58 60.69 83.77
N SER JB 295 9.78 60.24 84.12
CA SER JB 295 9.98 59.43 85.31
C SER JB 295 11.28 59.85 85.99
N TYR JB 296 11.42 59.47 87.25
CA TYR JB 296 12.55 59.89 88.07
C TYR JB 296 13.24 58.69 88.71
N ILE JB 297 14.56 58.79 88.84
CA ILE JB 297 15.39 57.76 89.45
C ILE JB 297 16.26 58.41 90.52
N ASP JB 298 16.33 57.79 91.69
CA ASP JB 298 17.08 58.28 92.84
C ASP JB 298 18.23 57.35 93.17
N PHE JB 299 19.33 57.94 93.67
CA PHE JB 299 20.48 57.16 94.12
C PHE JB 299 21.22 57.94 95.19
N VAL JB 300 21.85 57.22 96.13
CA VAL JB 300 22.52 57.81 97.27
C VAL JB 300 24.02 57.56 97.14
N LEU JB 301 24.83 58.60 97.37
CA LEU JB 301 26.28 58.54 97.26
C LEU JB 301 26.92 58.81 98.63
N GLY JB 302 28.04 58.14 98.86
CA GLY JB 302 28.83 58.32 100.07
C GLY JB 302 29.03 57.04 100.86
N GLY JB 303 29.99 57.04 101.79
CA GLY JB 303 30.16 55.90 102.68
C GLY JB 303 31.46 55.13 102.61
N LEU JB 304 32.59 55.81 102.40
CA LEU JB 304 33.90 55.16 102.42
C LEU JB 304 34.65 55.57 103.68
N LEU JB 305 35.17 54.58 104.41
CA LEU JB 305 35.88 54.83 105.67
C LEU JB 305 37.22 54.11 105.63
N ALA JB 306 38.31 54.88 105.57
CA ALA JB 306 39.65 54.31 105.48
C ALA JB 306 40.51 54.84 106.61
N THR JB 307 41.43 54.00 107.07
CA THR JB 307 42.38 54.41 108.10
C THR JB 307 43.50 55.25 107.50
N ARG JB 308 44.27 55.88 108.38
CA ARG JB 308 45.32 56.80 107.94
C ARG JB 308 46.52 56.05 107.42
N LYS JB 309 47.03 56.49 106.27
CA LYS JB 309 48.24 55.94 105.65
C LYS JB 309 48.11 54.43 105.41
N THR JB 310 47.09 54.06 104.65
CA THR JB 310 46.90 52.68 104.23
C THR JB 310 46.58 52.57 102.74
N ILE JB 311 46.71 53.65 101.99
CA ILE JB 311 46.45 53.66 100.56
C ILE JB 311 47.62 54.33 99.85
N LEU JB 312 48.19 53.64 98.88
CA LEU JB 312 49.33 54.13 98.10
C LEU JB 312 48.86 54.45 96.70
N GLN JB 313 49.21 55.65 96.22
CA GLN JB 313 48.78 56.16 94.93
C GLN JB 313 50.02 56.58 94.15
N VAL JB 314 50.28 55.89 93.04
CA VAL JB 314 51.42 56.21 92.18
C VAL JB 314 50.88 56.88 90.92
N ASN JB 315 51.30 58.11 90.69
CA ASN JB 315 50.86 58.91 89.55
C ASN JB 315 52.02 59.11 88.59
N ILE JB 316 51.90 58.58 87.38
CA ILE JB 316 52.95 58.69 86.37
C ILE JB 316 52.65 59.90 85.50
N LYS JB 317 53.41 60.98 85.67
CA LYS JB 317 53.18 62.18 84.89
C LYS JB 317 53.42 61.90 83.41
N GLN JB 318 52.50 62.36 82.57
CA GLN JB 318 52.51 62.08 81.14
C GLN JB 318 52.78 63.33 80.31
N SER JB 319 53.69 64.18 80.78
CA SER JB 319 54.05 65.39 80.05
C SER JB 319 55.01 65.06 78.91
N GLU KB 19 -8.27 67.26 118.42
CA GLU KB 19 -7.33 67.96 119.27
C GLU KB 19 -7.44 69.47 119.09
N VAL KB 20 -8.18 69.89 118.07
CA VAL KB 20 -8.40 71.31 117.83
C VAL KB 20 -9.43 71.84 118.83
N LYS KB 21 -9.11 72.97 119.46
CA LYS KB 21 -9.99 73.53 120.47
C LYS KB 21 -11.25 74.11 119.83
N ASP KB 22 -12.28 74.27 120.66
CA ASP KB 22 -13.53 74.87 120.23
C ASP KB 22 -13.37 76.38 120.03
N PRO KB 23 -14.10 76.96 119.09
CA PRO KB 23 -14.04 78.42 118.92
C PRO KB 23 -14.55 79.13 120.15
N ILE KB 24 -13.92 80.27 120.48
CA ILE KB 24 -14.34 81.06 121.63
C ILE KB 24 -15.51 81.97 121.29
N MET KB 25 -15.89 82.08 120.02
CA MET KB 25 -17.05 82.87 119.66
C MET KB 25 -18.35 82.23 120.08
N TYR KB 26 -18.33 80.94 120.45
CA TYR KB 26 -19.54 80.28 120.94
C TYR KB 26 -20.02 80.87 122.26
N LYS KB 27 -19.13 81.54 123.00
CA LYS KB 27 -19.48 82.15 124.27
C LYS KB 27 -20.19 83.49 124.12
N TRP KB 28 -20.20 84.07 122.93
CA TRP KB 28 -20.82 85.36 122.70
C TRP KB 28 -22.26 85.25 122.21
N PHE KB 29 -22.80 84.04 122.10
CA PHE KB 29 -24.14 83.85 121.58
C PHE KB 29 -24.84 82.75 122.37
N SER KB 30 -26.16 82.84 122.43
CA SER KB 30 -26.97 81.80 123.05
C SER KB 30 -27.12 80.62 122.10
N PRO KB 31 -27.41 79.43 122.64
CA PRO KB 31 -27.55 78.26 121.76
C PRO KB 31 -28.62 78.41 120.69
N ASP KB 32 -29.72 79.11 121.00
CA ASP KB 32 -30.79 79.28 120.04
C ASP KB 32 -30.51 80.38 119.03
N GLN KB 33 -29.45 81.17 119.21
CA GLN KB 33 -29.17 82.28 118.33
C GLN KB 33 -28.45 81.88 117.04
N ILE KB 34 -27.91 80.67 116.97
CA ILE KB 34 -27.09 80.24 115.84
C ILE KB 34 -27.83 79.14 115.08
N GLU KB 35 -27.89 79.29 113.76
CA GLU KB 35 -28.59 78.34 112.89
C GLU KB 35 -27.75 78.13 111.63
N ASP KB 36 -27.32 76.90 111.40
CA ASP KB 36 -26.46 76.60 110.27
C ASP KB 36 -27.24 76.59 108.96
N VAL KB 37 -26.58 77.04 107.89
CA VAL KB 37 -27.16 77.06 106.54
C VAL KB 37 -26.19 76.36 105.59
N ASP KB 38 -26.71 75.98 104.44
CA ASP KB 38 -25.98 75.22 103.43
C ASP KB 38 -25.66 76.15 102.25
N LEU KB 39 -24.47 76.74 102.27
CA LEU KB 39 -24.03 77.64 101.20
C LEU KB 39 -22.54 77.92 101.32
N GLN KB 40 -21.81 77.84 100.22
CA GLN KB 40 -20.38 78.12 100.23
C GLN KB 40 -20.12 79.59 99.89
N MET KB 41 -20.52 80.02 98.70
CA MET KB 41 -20.47 81.41 98.29
C MET KB 41 -21.83 81.78 97.71
N GLY KB 42 -22.36 82.92 98.11
CA GLY KB 42 -23.64 83.36 97.59
C GLY KB 42 -24.31 84.30 98.57
N TYR KB 43 -25.64 84.35 98.50
CA TYR KB 43 -26.40 85.23 99.37
C TYR KB 43 -27.74 84.60 99.69
N GLN KB 44 -28.31 85.06 100.80
CA GLN KB 44 -29.64 84.64 101.23
C GLN KB 44 -30.46 85.87 101.61
N LYS KB 45 -31.73 85.88 101.21
CA LYS KB 45 -32.58 87.05 101.35
C LYS KB 45 -33.75 86.78 102.29
N THR KB 46 -34.13 87.80 103.04
CA THR KB 46 -35.31 87.78 103.90
C THR KB 46 -36.13 89.03 103.63
N VAL KB 47 -37.43 88.92 103.86
CA VAL KB 47 -38.38 90.01 103.59
C VAL KB 47 -39.05 90.40 104.89
N LYS KB 48 -39.06 91.70 105.19
CA LYS KB 48 -39.70 92.24 106.38
C LYS KB 48 -40.76 93.25 105.97
N TRP KB 49 -41.94 93.15 106.56
CA TRP KB 49 -43.07 94.01 106.26
C TRP KB 49 -43.35 94.94 107.43
N ASP KB 50 -43.78 96.16 107.11
CA ASP KB 50 -44.06 97.17 108.13
C ASP KB 50 -45.21 98.03 107.67
N ALA KB 51 -45.86 98.69 108.62
CA ALA KB 51 -46.98 99.57 108.36
C ALA KB 51 -46.72 100.93 109.00
N PHE KB 52 -47.39 101.95 108.46
CA PHE KB 52 -47.24 103.30 108.98
C PHE KB 52 -48.54 104.07 108.78
N LEU KB 53 -48.69 105.14 109.56
CA LEU KB 53 -49.87 105.99 109.52
C LEU KB 53 -49.60 107.19 108.63
N ASN KB 54 -50.54 107.47 107.71
CA ASN KB 54 -50.34 108.59 106.78
C ASN KB 54 -50.77 109.92 107.38
N ALA KB 55 -51.81 109.94 108.20
CA ALA KB 55 -52.31 111.18 108.77
C ALA KB 55 -53.14 110.86 110.01
N ASN KB 56 -53.72 111.90 110.59
CA ASN KB 56 -54.55 111.73 111.78
C ASN KB 56 -55.83 110.96 111.41
N PRO KB 57 -56.37 110.19 112.35
CA PRO KB 57 -57.59 109.43 112.06
C PRO KB 57 -58.76 110.35 111.75
N THR KB 58 -59.67 109.85 110.90
CA THR KB 58 -60.82 110.61 110.46
C THR KB 58 -61.96 110.46 111.47
N THR KB 59 -62.61 111.58 111.78
CA THR KB 59 -63.76 111.60 112.67
C THR KB 59 -65.01 111.25 111.88
N ILE KB 60 -65.73 110.21 112.32
CA ILE KB 60 -66.91 109.73 111.63
C ILE KB 60 -68.10 110.53 112.13
N ALA KB 61 -68.49 111.56 111.38
CA ALA KB 61 -69.63 112.40 111.71
C ALA KB 61 -70.45 112.63 110.45
N ASN KB 62 -71.76 112.38 110.54
CA ASN KB 62 -72.72 112.58 109.45
C ASN KB 62 -72.28 111.72 108.28
N GLU KB 63 -72.14 112.27 107.08
CA GLU KB 63 -71.78 111.51 105.88
C GLU KB 63 -70.41 111.97 105.39
N VAL KB 64 -69.50 111.02 105.22
CA VAL KB 64 -68.17 111.31 104.71
C VAL KB 64 -67.63 110.05 104.03
N ASN KB 65 -66.96 110.24 102.89
CA ASN KB 65 -66.35 109.14 102.16
C ASN KB 65 -64.84 109.27 102.04
N THR KB 66 -64.26 110.41 102.40
CA THR KB 66 -62.81 110.59 102.40
C THR KB 66 -62.27 110.22 103.78
N ILE KB 67 -61.45 109.18 103.84
CA ILE KB 67 -60.93 108.65 105.09
C ILE KB 67 -59.41 108.63 105.04
N SER KB 68 -58.80 108.68 106.21
CA SER KB 68 -57.36 108.57 106.31
C SER KB 68 -56.91 107.15 105.97
N THR KB 69 -55.67 107.03 105.50
CA THR KB 69 -55.15 105.77 105.00
C THR KB 69 -53.95 105.32 105.82
N ILE KB 70 -53.76 104.01 105.87
CA ILE KB 70 -52.60 103.39 106.51
C ILE KB 70 -51.75 102.78 105.40
N GLY KB 71 -50.48 103.19 105.33
CA GLY KB 71 -49.61 102.69 104.28
C GLY KB 71 -48.77 101.52 104.73
N PHE KB 72 -48.22 100.80 103.74
CA PHE KB 72 -47.40 99.63 103.98
C PHE KB 72 -46.07 99.78 103.28
N SER KB 73 -45.07 99.05 103.77
CA SER KB 73 -43.74 99.08 103.18
C SER KB 73 -43.08 97.73 103.40
N SER KB 74 -42.18 97.37 102.48
CA SER KB 74 -41.45 96.13 102.56
C SER KB 74 -39.96 96.40 102.37
N GLU KB 75 -39.14 95.59 103.03
CA GLU KB 75 -37.69 95.69 102.89
C GLU KB 75 -37.11 94.30 102.71
N VAL KB 76 -35.99 94.24 102.01
CA VAL KB 76 -35.28 92.99 101.73
C VAL KB 76 -33.89 93.09 102.35
N VAL KB 77 -33.56 92.11 103.18
CA VAL KB 77 -32.25 92.04 103.85
C VAL KB 77 -31.49 90.87 103.25
N ARG KB 78 -30.29 91.14 102.75
CA ARG KB 78 -29.47 90.14 102.07
C ARG KB 78 -28.21 89.89 102.88
N LEU KB 79 -27.88 88.62 103.08
CA LEU KB 79 -26.67 88.20 103.78
C LEU KB 79 -25.76 87.49 102.81
N ASN KB 80 -24.49 87.89 102.79
CA ASN KB 80 -23.50 87.37 101.85
C ASN KB 80 -22.59 86.37 102.54
N TYR KB 81 -22.22 85.32 101.81
CA TYR KB 81 -21.34 84.27 102.30
C TYR KB 81 -20.19 84.12 101.32
N LEU KB 82 -18.97 84.22 101.83
CA LEU KB 82 -17.75 84.21 101.01
C LEU KB 82 -16.90 82.99 101.36
N LYS KB 83 -16.16 82.50 100.36
CA LYS KB 83 -15.31 81.33 100.51
C LYS KB 83 -13.84 81.74 100.43
N LEU KB 84 -13.04 81.20 101.34
CA LEU KB 84 -11.62 81.55 101.44
C LEU KB 84 -10.82 80.27 101.61
N GLN KB 85 -9.54 80.34 101.24
CA GLN KB 85 -8.67 79.17 101.21
C GLN KB 85 -7.26 79.55 101.64
N TYR KB 86 -6.58 78.57 102.24
CA TYR KB 86 -5.18 78.70 102.63
C TYR KB 86 -4.41 77.48 102.16
N LYS KB 87 -3.12 77.67 101.91
CA LYS KB 87 -2.24 76.58 101.49
C LYS KB 87 -1.06 76.46 102.45
N PHE KB 88 -0.70 75.21 102.77
CA PHE KB 88 0.43 74.96 103.66
C PHE KB 88 1.23 73.77 103.16
N ARG KB 89 2.55 73.86 103.35
CA ARG KB 89 3.46 72.79 102.97
C ARG KB 89 3.70 71.86 104.14
N HIS KB 90 4.01 70.60 103.81
CA HIS KB 90 4.25 69.57 104.81
C HIS KB 90 5.08 68.46 104.17
N LEU KB 91 5.35 67.42 104.96
CA LEU KB 91 6.12 66.28 104.50
C LEU KB 91 5.18 65.25 103.86
N LYS KB 92 5.67 64.60 102.81
CA LYS KB 92 4.92 63.54 102.16
C LYS KB 92 4.80 62.34 103.10
N GLN KB 93 3.71 61.59 102.93
CA GLN KB 93 3.43 60.47 103.83
C GLN KB 93 4.56 59.43 103.80
N THR KB 94 5.02 59.08 102.61
CA THR KB 94 6.01 58.02 102.48
C THR KB 94 7.40 58.47 102.94
N SER KB 95 7.65 59.77 103.04
CA SER KB 95 8.96 60.27 103.42
C SER KB 95 9.09 60.57 104.91
N GLU KB 96 8.07 60.26 105.71
CA GLU KB 96 8.11 60.59 107.13
C GLU KB 96 9.19 59.81 107.86
N LYS KB 97 9.32 58.52 107.57
CA LYS KB 97 10.25 57.67 108.31
C LYS KB 97 11.70 58.09 108.14
N PHE KB 98 12.03 58.77 107.05
CA PHE KB 98 13.38 59.28 106.85
C PHE KB 98 13.60 60.62 107.56
N TYR KB 99 12.58 61.15 108.21
CA TYR KB 99 12.69 62.41 108.93
C TYR KB 99 12.30 62.32 110.40
N THR KB 100 11.71 61.20 110.83
CA THR KB 100 11.41 61.03 112.24
C THR KB 100 12.70 60.97 113.07
N SER KB 101 12.61 61.44 114.31
CA SER KB 101 13.77 61.49 115.20
C SER KB 101 13.48 60.79 116.50
N ASP KB 102 14.36 60.96 117.49
CA ASP KB 102 14.19 60.31 118.79
C ASP KB 102 12.87 60.73 119.44
N SER KB 103 12.63 62.02 119.55
CA SER KB 103 11.40 62.53 120.14
C SER KB 103 10.55 63.30 119.13
N TYR KB 104 11.11 64.31 118.48
CA TYR KB 104 10.36 65.13 117.54
C TYR KB 104 10.23 64.42 116.20
N ILE KB 105 9.15 64.75 115.49
CA ILE KB 105 8.91 64.24 114.14
C ILE KB 105 8.82 65.46 113.23
N GLY KB 106 9.79 65.59 112.33
CA GLY KB 106 9.83 66.71 111.41
C GLY KB 106 11.19 67.39 111.38
N ASP KB 107 11.52 67.96 110.23
CA ASP KB 107 12.80 68.64 110.04
C ASP KB 107 12.79 69.96 110.80
N ILE KB 108 13.49 70.01 111.93
CA ILE KB 108 13.57 71.24 112.72
C ILE KB 108 14.33 72.31 111.96
N ASN KB 109 15.40 71.92 111.26
CA ASN KB 109 16.24 72.90 110.56
C ASN KB 109 15.47 73.64 109.48
N ASN KB 110 14.44 73.02 108.91
CA ASN KB 110 13.68 73.60 107.83
C ASN KB 110 12.20 73.84 108.17
N ASN KB 111 11.78 73.54 109.40
CA ASN KB 111 10.41 73.75 109.85
C ASN KB 111 9.41 73.02 108.95
N LEU KB 112 9.62 71.72 108.83
CA LEU KB 112 8.73 70.85 108.06
C LEU KB 112 8.07 69.87 109.02
N LEU KB 113 6.77 69.69 108.87
CA LEU KB 113 5.97 68.91 109.80
C LEU KB 113 5.15 67.88 109.03
N PRO KB 114 4.76 66.80 109.69
CA PRO KB 114 3.81 65.86 109.06
C PRO KB 114 2.45 66.51 108.85
N PHE KB 115 1.64 65.81 108.03
CA PHE KB 115 0.36 66.36 107.62
C PHE KB 115 -0.56 66.62 108.81
N ALA KB 116 -0.61 65.68 109.76
CA ALA KB 116 -1.53 65.83 110.87
C ALA KB 116 -1.20 67.06 111.71
N GLN KB 117 0.07 67.19 112.12
CA GLN KB 117 0.46 68.32 112.94
C GLN KB 117 0.30 69.64 112.19
N ALA KB 118 0.70 69.66 110.91
CA ALA KB 118 0.57 70.88 110.13
C ALA KB 118 -0.88 71.30 109.99
N TYR KB 119 -1.76 70.34 109.72
CA TYR KB 119 -3.19 70.65 109.59
C TYR KB 119 -3.77 71.14 110.91
N LYS KB 120 -3.36 70.52 112.02
CA LYS KB 120 -3.88 70.94 113.31
C LYS KB 120 -3.49 72.39 113.62
N LEU KB 121 -2.21 72.73 113.43
CA LEU KB 121 -1.76 74.09 113.71
C LEU KB 121 -2.43 75.10 112.78
N ALA KB 122 -2.54 74.76 111.49
CA ALA KB 122 -3.17 75.67 110.54
C ALA KB 122 -4.64 75.87 110.86
N SER KB 123 -5.33 74.80 111.26
CA SER KB 123 -6.74 74.91 111.64
C SER KB 123 -6.89 75.80 112.87
N SER KB 124 -6.00 75.66 113.84
CA SER KB 124 -6.06 76.54 115.02
C SER KB 124 -5.91 77.99 114.62
N GLU KB 125 -4.94 78.30 113.76
CA GLU KB 125 -4.74 79.69 113.34
C GLU KB 125 -5.96 80.21 112.57
N ILE KB 126 -6.52 79.38 111.69
CA ILE KB 126 -7.68 79.82 110.91
C ILE KB 126 -8.89 80.03 111.81
N ILE KB 127 -9.05 79.20 112.83
CA ILE KB 127 -10.15 79.39 113.76
C ILE KB 127 -9.98 80.68 114.56
N LYS KB 128 -8.74 81.00 114.94
CA LYS KB 128 -8.50 82.29 115.58
C LYS KB 128 -8.87 83.45 114.66
N LEU KB 129 -8.51 83.35 113.38
CA LEU KB 129 -8.87 84.40 112.42
C LEU KB 129 -10.39 84.52 112.27
N ILE KB 130 -11.09 83.38 112.23
CA ILE KB 130 -12.55 83.40 112.10
C ILE KB 130 -13.18 84.06 113.33
N ASN KB 131 -12.68 83.73 114.52
CA ASN KB 131 -13.20 84.36 115.73
C ASN KB 131 -12.97 85.87 115.70
N HIS KB 132 -11.79 86.29 115.27
CA HIS KB 132 -11.52 87.73 115.18
C HIS KB 132 -12.46 88.41 114.20
N PHE KB 133 -12.73 87.77 113.05
CA PHE KB 133 -13.66 88.36 112.09
C PHE KB 133 -15.06 88.46 112.68
N VAL KB 134 -15.53 87.39 113.32
CA VAL KB 134 -16.88 87.40 113.87
C VAL KB 134 -17.01 88.47 114.95
N LEU KB 135 -15.96 88.69 115.72
CA LEU KB 135 -16.03 89.73 116.75
C LEU KB 135 -15.97 91.13 116.16
N THR KB 136 -14.96 91.40 115.33
CA THR KB 136 -14.70 92.77 114.89
C THR KB 136 -15.20 93.08 113.49
N GLY KB 137 -15.56 92.07 112.70
CA GLY KB 137 -16.07 92.32 111.37
C GLY KB 137 -15.03 92.65 110.33
N THR KB 138 -13.74 92.48 110.63
CA THR KB 138 -12.67 92.75 109.69
C THR KB 138 -11.76 91.53 109.60
N VAL KB 139 -11.01 91.47 108.51
CA VAL KB 139 -10.05 90.39 108.27
C VAL KB 139 -8.69 91.04 108.01
N SER KB 140 -7.75 90.83 108.94
CA SER KB 140 -6.41 91.37 108.79
C SER KB 140 -5.47 90.52 109.62
N ILE KB 141 -4.18 90.56 109.25
CA ILE KB 141 -3.14 89.83 109.95
C ILE KB 141 -2.11 90.76 110.57
N GLN KB 142 -2.37 92.06 110.58
CA GLN KB 142 -1.46 93.03 111.16
C GLN KB 142 -1.98 93.50 112.52
N LYS KB 143 -1.06 93.70 113.46
CA LYS KB 143 -1.45 94.19 114.78
C LYS KB 143 -2.03 95.61 114.68
N ASP KB 144 -1.49 96.42 113.78
CA ASP KB 144 -2.04 97.75 113.54
C ASP KB 144 -3.46 97.68 112.99
N GLY KB 145 -3.86 96.56 112.42
CA GLY KB 145 -5.18 96.43 111.83
C GLY KB 145 -5.32 97.00 110.43
N LYS KB 146 -4.24 97.50 109.84
CA LYS KB 146 -4.28 98.05 108.50
C LYS KB 146 -4.09 96.93 107.48
N ASN KB 147 -4.02 97.32 106.20
CA ASN KB 147 -3.88 96.40 105.08
C ASN KB 147 -4.96 95.32 105.16
N GLN KB 148 -6.20 95.77 105.36
CA GLN KB 148 -7.32 94.86 105.51
C GLN KB 148 -7.70 94.22 104.18
N LYS KB 149 -8.36 93.07 104.28
CA LYS KB 149 -8.89 92.41 103.09
C LYS KB 149 -10.26 93.00 102.75
N ARG KB 150 -10.42 93.43 101.51
CA ARG KB 150 -11.68 94.02 101.08
C ARG KB 150 -12.75 92.94 100.95
N LEU KB 151 -13.78 93.05 101.78
CA LEU KB 151 -14.87 92.07 101.80
C LEU KB 151 -16.09 92.62 101.06
N LEU KB 152 -17.09 91.77 100.91
CA LEU KB 152 -18.32 92.15 100.24
C LEU KB 152 -19.21 92.96 101.17
N PRO KB 153 -20.12 93.77 100.62
CA PRO KB 153 -21.14 94.41 101.45
C PRO KB 153 -22.08 93.38 102.06
N ASN KB 154 -22.80 93.82 103.09
CA ASN KB 154 -23.68 92.96 103.86
C ASN KB 154 -22.92 91.84 104.56
N MET KB 155 -21.66 92.11 104.92
CA MET KB 155 -20.84 91.19 105.70
C MET KB 155 -20.30 91.99 106.87
N TYR KB 156 -20.88 91.82 108.05
CA TYR KB 156 -20.60 92.67 109.19
C TYR KB 156 -20.37 91.83 110.44
N GLY KB 157 -19.58 92.39 111.36
CA GLY KB 157 -19.40 91.83 112.67
C GLY KB 157 -20.16 92.63 113.73
N LEU KB 158 -19.96 92.21 114.98
CA LEU KB 158 -20.64 92.87 116.09
C LEU KB 158 -20.13 94.28 116.34
N LEU KB 159 -18.93 94.61 115.88
CA LEU KB 159 -18.33 95.91 116.16
C LEU KB 159 -18.50 96.91 115.04
N ASN KB 160 -18.64 96.46 113.79
CA ASN KB 160 -18.78 97.35 112.64
C ASN KB 160 -20.19 97.36 112.08
N MET KB 161 -21.14 96.73 112.76
CA MET KB 161 -22.51 96.71 112.28
C MET KB 161 -23.07 98.12 112.23
N PRO KB 162 -23.68 98.53 111.13
CA PRO KB 162 -24.21 99.90 111.04
C PRO KB 162 -25.57 100.03 111.70
N GLU KB 163 -26.02 101.28 111.83
CA GLU KB 163 -27.32 101.61 112.41
C GLU KB 163 -27.45 101.08 113.84
N GLN KB 164 -26.37 101.20 114.61
CA GLN KB 164 -26.35 100.83 116.01
C GLN KB 164 -25.90 102.02 116.84
N ILE KB 165 -25.98 101.87 118.16
CA ILE KB 165 -25.63 102.97 119.07
C ILE KB 165 -24.12 103.00 119.23
N LYS KB 166 -23.52 104.14 118.93
CA LYS KB 166 -22.07 104.34 119.05
C LYS KB 166 -21.81 105.47 120.02
N GLU KB 167 -20.88 105.23 120.95
CA GLU KB 167 -20.46 106.24 121.91
C GLU KB 167 -18.95 106.35 121.91
N GLU KB 168 -18.44 107.57 122.04
CA GLU KB 168 -17.01 107.83 122.03
C GLU KB 168 -16.63 108.55 123.32
N VAL KB 169 -15.69 107.97 124.05
CA VAL KB 169 -15.16 108.58 125.27
C VAL KB 169 -13.93 109.39 124.90
N ALA KB 170 -13.91 110.65 125.34
CA ALA KB 170 -12.86 111.59 124.92
C ALA KB 170 -11.49 111.12 125.39
N SER KB 171 -10.46 111.63 124.70
CA SER KB 171 -9.09 111.22 124.99
C SER KB 171 -8.67 111.63 126.39
N GLY KB 172 -9.01 112.85 126.80
CA GLY KB 172 -8.61 113.31 128.12
C GLY KB 172 -9.28 112.56 129.25
N ASP KB 173 -10.45 111.98 128.98
CA ASP KB 173 -11.20 111.24 129.98
C ASP KB 173 -11.06 109.73 129.81
N LYS KB 174 -9.93 109.27 129.27
CA LYS KB 174 -9.75 107.84 129.05
C LYS KB 174 -9.62 107.08 130.36
N ASP KB 175 -9.03 107.70 131.39
CA ASP KB 175 -8.87 107.07 132.69
C ASP KB 175 -10.01 107.40 133.65
N LYS KB 176 -10.96 108.24 133.23
CA LYS KB 176 -12.07 108.64 134.09
C LYS KB 176 -13.19 107.62 133.94
N MET KB 177 -13.24 106.66 134.87
CA MET KB 177 -14.27 105.63 134.83
C MET KB 177 -15.66 106.23 134.96
N ASP KB 178 -15.79 107.35 135.69
CA ASP KB 178 -17.08 108.02 135.78
C ASP KB 178 -17.53 108.54 134.42
N LYS KB 179 -16.61 109.13 133.65
CA LYS KB 179 -16.95 109.58 132.30
C LYS KB 179 -17.30 108.41 131.39
N ILE KB 180 -16.55 107.31 131.51
CA ILE KB 180 -16.86 106.12 130.72
C ILE KB 180 -18.25 105.61 131.04
N PHE KB 181 -18.60 105.56 132.33
CA PHE KB 181 -19.93 105.09 132.72
C PHE KB 181 -21.01 106.07 132.31
N GLU KB 182 -20.71 107.37 132.26
CA GLU KB 182 -21.67 108.33 131.74
C GLU KB 182 -21.98 108.06 130.27
N LYS KB 183 -20.93 107.80 129.48
CA LYS KB 183 -21.15 107.45 128.08
C LYS KB 183 -21.93 106.15 127.95
N ILE KB 184 -21.64 105.18 128.81
CA ILE KB 184 -22.38 103.91 128.78
C ILE KB 184 -23.85 104.14 129.11
N GLU KB 185 -24.13 105.00 130.09
CA GLU KB 185 -25.51 105.32 130.44
C GLU KB 185 -26.22 105.98 129.27
N ALA KB 186 -25.55 106.93 128.60
CA ALA KB 186 -26.17 107.58 127.44
C ALA KB 186 -26.48 106.56 126.35
N GLY KB 187 -25.55 105.65 126.08
CA GLY KB 187 -25.79 104.62 125.08
C GLY KB 187 -26.94 103.70 125.46
N LEU KB 188 -26.99 103.30 126.73
CA LEU KB 188 -28.07 102.42 127.18
C LEU KB 188 -29.42 103.13 127.11
N SER KB 189 -29.45 104.43 127.39
CA SER KB 189 -30.68 105.19 127.22
C SER KB 189 -31.10 105.23 125.75
N LYS KB 190 -30.15 105.43 124.84
CA LYS KB 190 -30.47 105.43 123.42
C LYS KB 190 -30.79 104.04 122.88
N LEU KB 191 -30.48 102.99 123.63
CA LEU KB 191 -30.81 101.63 123.18
C LEU KB 191 -32.32 101.45 123.09
N GLU KB 192 -32.76 100.68 122.09
CA GLU KB 192 -34.18 100.46 121.81
C GLU KB 192 -34.42 98.96 121.66
N LEU KB 193 -34.83 98.31 122.75
CA LEU KB 193 -35.10 96.89 122.74
C LEU KB 193 -36.53 96.54 122.35
N GLY KB 194 -37.40 97.52 122.22
CA GLY KB 194 -38.79 97.24 121.85
C GLY KB 194 -39.48 96.38 122.88
N ASP KB 195 -40.18 95.35 122.40
CA ASP KB 195 -40.93 94.44 123.26
C ASP KB 195 -40.15 93.17 123.60
N GLU KB 196 -38.88 93.08 123.20
CA GLU KB 196 -38.05 91.92 123.48
C GLU KB 196 -37.02 92.23 124.58
N PHE KB 197 -37.37 93.13 125.49
CA PHE KB 197 -36.44 93.52 126.56
C PHE KB 197 -36.19 92.38 127.54
N SER KB 198 -37.19 91.52 127.76
CA SER KB 198 -37.06 90.44 128.74
C SER KB 198 -36.17 89.34 128.15
N THR KB 199 -34.86 89.59 128.20
CA THR KB 199 -33.88 88.66 127.66
C THR KB 199 -32.55 88.93 128.33
N PRO KB 200 -31.67 87.93 128.45
CA PRO KB 200 -30.35 88.17 129.02
C PRO KB 200 -29.50 89.09 128.13
N MET KB 201 -28.53 89.73 128.77
CA MET KB 201 -27.64 90.67 128.10
C MET KB 201 -26.21 90.18 128.17
N MET KB 202 -25.41 90.57 127.17
CA MET KB 202 -24.01 90.18 127.07
C MET KB 202 -23.16 91.42 126.91
N VAL KB 203 -22.09 91.51 127.69
CA VAL KB 203 -21.12 92.59 127.66
C VAL KB 203 -19.76 91.99 127.39
N ILE KB 204 -19.00 92.64 126.51
CA ILE KB 204 -17.64 92.22 126.17
C ILE KB 204 -16.72 93.42 126.39
N VAL KB 205 -15.66 93.22 127.17
CA VAL KB 205 -14.74 94.29 127.54
C VAL KB 205 -13.30 93.81 127.33
N ASP KB 206 -12.40 94.79 127.21
CA ASP KB 206 -10.98 94.52 127.15
C ASP KB 206 -10.41 94.34 128.56
N PRO KB 207 -9.23 93.73 128.68
CA PRO KB 207 -8.65 93.52 130.03
C PRO KB 207 -8.44 94.80 130.82
N ALA KB 208 -8.07 95.90 130.17
CA ALA KB 208 -7.91 97.16 130.89
C ALA KB 208 -9.24 97.64 131.46
N THR KB 209 -10.31 97.54 130.67
CA THR KB 209 -11.63 97.91 131.17
C THR KB 209 -12.07 96.99 132.30
N SER KB 210 -11.75 95.70 132.19
CA SER KB 210 -12.08 94.77 133.27
C SER KB 210 -11.33 95.13 134.55
N LEU KB 211 -10.07 95.54 134.44
CA LEU KB 211 -9.33 96.00 135.61
C LEU KB 211 -9.96 97.26 136.20
N LYS KB 212 -10.38 98.20 135.35
CA LYS KB 212 -11.01 99.41 135.85
C LYS KB 212 -12.34 99.11 136.53
N LEU KB 213 -13.05 98.07 136.09
CA LEU KB 213 -14.38 97.77 136.60
C LEU KB 213 -14.39 97.26 138.04
N VAL KB 214 -13.24 96.89 138.60
CA VAL KB 214 -13.22 96.32 139.95
C VAL KB 214 -12.90 97.35 141.02
N LYS KB 215 -12.65 98.60 140.65
CA LYS KB 215 -12.43 99.64 141.64
C LYS KB 215 -13.74 99.95 142.36
N PRO KB 216 -13.66 100.42 143.60
CA PRO KB 216 -14.88 100.83 144.31
C PRO KB 216 -15.56 102.00 143.61
N TYR KB 217 -16.88 102.02 143.68
CA TYR KB 217 -17.64 103.07 143.00
C TYR KB 217 -17.36 104.43 143.62
N ALA KB 218 -17.23 105.44 142.77
CA ALA KB 218 -16.99 106.80 143.21
C ALA KB 218 -18.14 107.72 142.81
N ALA KB 223 -14.62 112.03 148.51
CA ALA KB 223 -14.34 110.73 149.11
C ALA KB 223 -15.06 109.62 148.34
N ALA KB 224 -14.27 108.72 147.75
CA ALA KB 224 -14.84 107.61 147.00
C ALA KB 224 -15.53 106.63 147.93
N SER KB 225 -16.69 106.12 147.51
CA SER KB 225 -17.44 105.17 148.31
C SER KB 225 -16.71 103.84 148.38
N SER KB 226 -17.02 103.07 149.42
CA SER KB 226 -16.39 101.77 149.67
C SER KB 226 -17.44 100.72 149.97
N CYS KB 227 -18.53 100.72 149.20
CA CYS KB 227 -19.60 99.76 149.38
C CYS KB 227 -19.75 98.81 148.20
N GLU KB 228 -19.91 99.34 146.99
CA GLU KB 228 -20.13 98.54 145.80
C GLU KB 228 -19.10 98.89 144.74
N LYS KB 229 -19.06 98.09 143.69
CA LYS KB 229 -18.08 98.21 142.62
C LYS KB 229 -18.73 98.75 141.35
N TRP KB 230 -17.88 99.28 140.48
CA TRP KB 230 -18.35 99.75 139.18
C TRP KB 230 -19.02 98.62 138.39
N GLU KB 231 -18.49 97.40 138.52
CA GLU KB 231 -19.11 96.26 137.85
C GLU KB 231 -20.52 96.01 138.38
N ASP KB 232 -20.71 96.09 139.69
CA ASP KB 232 -22.04 95.91 140.26
C ASP KB 232 -22.99 97.01 139.79
N VAL KB 233 -22.51 98.25 139.74
CA VAL KB 233 -23.34 99.36 139.26
C VAL KB 233 -23.74 99.12 137.81
N LEU KB 234 -22.79 98.68 136.98
CA LEU KB 234 -23.09 98.41 135.57
C LEU KB 234 -24.11 97.28 135.43
N ILE KB 235 -23.96 96.22 136.23
CA ILE KB 235 -24.91 95.11 136.17
C ILE KB 235 -26.30 95.57 136.56
N GLN KB 236 -26.41 96.39 137.61
CA GLN KB 236 -27.70 96.91 138.01
C GLN KB 236 -28.30 97.79 136.91
N THR KB 237 -27.49 98.65 136.29
CA THR KB 237 -27.98 99.51 135.23
C THR KB 237 -28.51 98.69 134.05
N ILE KB 238 -27.78 97.65 133.67
CA ILE KB 238 -28.22 96.81 132.55
C ILE KB 238 -29.48 96.02 132.93
N LYS KB 239 -29.56 95.58 134.18
CA LYS KB 239 -30.76 94.88 134.63
C LYS KB 239 -31.98 95.79 134.58
N ALA KB 240 -31.78 97.08 134.87
CA ALA KB 240 -32.89 98.03 134.82
C ALA KB 240 -33.57 98.04 133.46
N ILE KB 241 -32.80 97.87 132.38
CA ILE KB 241 -33.40 97.89 131.04
C ILE KB 241 -33.72 96.50 130.51
N ASN KB 242 -33.08 95.45 131.04
CA ASN KB 242 -33.39 94.10 130.59
C ASN KB 242 -34.42 93.40 131.49
N ASN KB 243 -35.03 94.13 132.42
CA ASN KB 243 -36.07 93.59 133.30
C ASN KB 243 -35.48 92.60 134.30
N ARG KB 244 -34.33 92.98 134.89
CA ARG KB 244 -33.68 92.19 135.94
C ARG KB 244 -33.39 90.77 135.48
N GLU KB 245 -32.92 90.64 134.24
CA GLU KB 245 -32.52 89.36 133.69
C GLU KB 245 -31.02 89.16 133.83
N ASP KB 246 -30.56 87.98 133.42
CA ASP KB 246 -29.15 87.64 133.55
C ASP KB 246 -28.28 88.55 132.69
N VAL KB 247 -27.16 88.98 133.25
CA VAL KB 247 -26.19 89.82 132.55
C VAL KB 247 -24.84 89.13 132.64
N TYR KB 248 -24.31 88.72 131.49
CA TYR KB 248 -23.03 88.03 131.44
C TYR KB 248 -21.95 88.98 130.93
N ILE KB 249 -20.79 88.93 131.58
CA ILE KB 249 -19.65 89.78 131.25
C ILE KB 249 -18.50 88.89 130.80
N GLU KB 250 -17.86 89.25 129.69
CA GLU KB 250 -16.75 88.48 129.14
C GLU KB 250 -15.61 89.43 128.80
N THR KB 251 -14.39 88.92 128.95
CA THR KB 251 -13.18 89.65 128.64
C THR KB 251 -12.49 89.00 127.46
N SER KB 252 -12.13 89.82 126.47
CA SER KB 252 -11.46 89.34 125.27
C SER KB 252 -10.24 90.21 124.99
N ASN KB 253 -9.10 89.56 124.77
CA ASN KB 253 -7.87 90.28 124.44
C ASN KB 253 -7.91 90.88 123.04
N LEU KB 254 -8.86 90.49 122.20
CA LEU KB 254 -8.96 91.05 120.86
C LEU KB 254 -9.29 92.53 120.90
N LEU KB 255 -10.23 92.92 121.77
CA LEU KB 255 -10.65 94.32 121.83
C LEU KB 255 -9.58 95.19 122.45
N LYS KB 256 -9.58 96.47 122.07
CA LYS KB 256 -8.64 97.45 122.60
C LYS KB 256 -9.42 98.72 122.91
N HIS KB 257 -9.72 98.93 124.20
CA HIS KB 257 -10.43 100.12 124.66
C HIS KB 257 -11.79 100.26 124.00
N LYS KB 258 -12.52 99.15 123.96
CA LYS KB 258 -13.85 99.11 123.39
C LYS KB 258 -14.74 98.21 124.21
N ILE KB 259 -16.02 98.59 124.34
CA ILE KB 259 -17.01 97.87 125.12
C ILE KB 259 -18.19 97.57 124.21
N LEU KB 260 -18.66 96.32 124.24
CA LEU KB 260 -19.77 95.86 123.44
C LEU KB 260 -20.89 95.39 124.35
N ILE KB 261 -22.12 95.87 124.11
CA ILE KB 261 -23.29 95.41 124.85
C ILE KB 261 -24.38 95.04 123.86
N TYR KB 262 -24.97 93.86 124.03
CA TYR KB 262 -26.03 93.44 123.12
C TYR KB 262 -26.85 92.34 123.79
N PRO KB 263 -28.12 92.19 123.41
CA PRO KB 263 -28.95 91.13 124.00
C PRO KB 263 -28.59 89.76 123.44
N LEU KB 264 -29.08 88.74 124.13
CA LEU KB 264 -28.90 87.35 123.74
C LEU KB 264 -30.21 86.74 123.25
N ASN KB 265 -30.98 87.52 122.50
CA ASN KB 265 -32.27 87.09 121.97
C ASN KB 265 -32.15 86.84 120.48
N SER KB 266 -32.67 85.70 120.02
CA SER KB 266 -32.58 85.36 118.61
C SER KB 266 -33.44 86.29 117.75
N GLU KB 267 -34.53 86.82 118.30
CA GLU KB 267 -35.44 87.64 117.51
C GLU KB 267 -34.83 88.98 117.13
N LEU KB 268 -33.74 89.39 117.77
CA LEU KB 268 -33.07 90.64 117.47
C LEU KB 268 -31.75 90.44 116.74
N ILE KB 269 -30.92 89.52 117.22
CA ILE KB 269 -29.63 89.22 116.61
C ILE KB 269 -29.54 87.72 116.38
N LYS KB 270 -29.24 87.31 115.16
CA LYS KB 270 -29.13 85.91 114.80
C LYS KB 270 -27.86 85.66 113.98
N PHE KB 271 -27.17 84.58 114.31
CA PHE KB 271 -25.97 84.16 113.58
C PHE KB 271 -26.34 82.93 112.76
N LYS KB 272 -26.40 83.10 111.45
CA LYS KB 272 -26.67 82.01 110.52
C LYS KB 272 -25.41 81.70 109.72
N PRO KB 273 -24.46 80.97 110.29
CA PRO KB 273 -23.23 80.67 109.55
C PRO KB 273 -23.44 79.49 108.61
N SER KB 274 -22.55 79.40 107.62
CA SER KB 274 -22.55 78.25 106.74
C SER KB 274 -22.07 77.02 107.50
N LYS KB 275 -22.58 75.85 107.09
CA LYS KB 275 -22.13 74.61 107.69
C LYS KB 275 -20.69 74.27 107.31
N TYR KB 276 -20.10 75.02 106.38
CA TYR KB 276 -18.71 74.85 106.00
C TYR KB 276 -17.86 76.04 106.43
N MET KB 277 -18.30 76.75 107.47
CA MET KB 277 -17.56 77.91 107.94
C MET KB 277 -16.24 77.51 108.60
N LEU KB 278 -16.26 76.44 109.40
CA LEU KB 278 -15.05 75.99 110.06
C LEU KB 278 -14.12 75.32 109.06
N PRO KB 279 -12.81 75.30 109.34
CA PRO KB 279 -11.84 74.79 108.35
C PRO KB 279 -12.13 73.36 107.93
N THR KB 280 -11.98 73.10 106.63
CA THR KB 280 -12.20 71.79 106.04
C THR KB 280 -11.07 71.49 105.07
N PRO KB 281 -10.51 70.27 105.11
CA PRO KB 281 -9.44 69.93 104.17
C PRO KB 281 -9.95 69.88 102.74
N ASN KB 282 -9.07 70.17 101.80
CA ASN KB 282 -9.36 70.07 100.37
C ASN KB 282 -8.77 68.79 99.81
N GLU KB 283 -9.42 68.26 98.76
CA GLU KB 283 -8.97 67.00 98.18
C GLU KB 283 -7.65 67.14 97.44
N GLN KB 284 -7.42 68.29 96.81
CA GLN KB 284 -6.23 68.47 95.99
C GLN KB 284 -4.97 68.51 96.86
N VAL KB 285 -3.99 67.69 96.50
CA VAL KB 285 -2.68 67.67 97.16
C VAL KB 285 -1.61 67.77 96.09
N ASP KB 286 -0.68 68.70 96.27
CA ASP KB 286 0.39 68.91 95.31
C ASP KB 286 1.57 68.00 95.65
N LYS KB 287 1.96 67.16 94.71
CA LYS KB 287 3.06 66.22 94.90
C LYS KB 287 4.11 66.42 93.83
N ASP KB 288 5.38 66.31 94.22
CA ASP KB 288 6.50 66.42 93.29
C ASP KB 288 7.41 65.20 93.43
N SER KB 289 8.60 65.27 92.82
CA SER KB 289 9.57 64.20 92.98
C SER KB 289 10.28 64.26 94.32
N THR KB 290 10.18 65.38 95.03
CA THR KB 290 10.83 65.55 96.32
C THR KB 290 9.91 65.06 97.43
N ASP KB 291 10.26 65.37 98.68
CA ASP KB 291 9.51 64.94 99.85
C ASP KB 291 8.54 65.98 100.38
N VAL KB 292 8.43 67.13 99.72
CA VAL KB 292 7.59 68.23 100.18
C VAL KB 292 6.28 68.22 99.40
N ALA KB 293 5.17 68.20 100.13
CA ALA KB 293 3.84 68.26 99.54
C ALA KB 293 3.11 69.50 100.05
N HIS KB 294 1.99 69.82 99.40
CA HIS KB 294 1.18 70.97 99.77
C HIS KB 294 -0.26 70.55 99.94
N SER KB 295 -0.97 71.24 100.84
CA SER KB 295 -2.36 70.95 101.10
C SER KB 295 -3.13 72.26 101.27
N TYR KB 296 -4.45 72.16 101.16
CA TYR KB 296 -5.34 73.32 101.12
C TYR KB 296 -6.45 73.17 102.16
N ILE KB 297 -6.83 74.31 102.74
CA ILE KB 297 -7.91 74.36 103.73
C ILE KB 297 -8.92 75.41 103.29
N ASP KB 298 -10.21 75.05 103.34
CA ASP KB 298 -11.30 75.92 102.93
C ASP KB 298 -12.11 76.34 104.15
N PHE KB 299 -12.61 77.59 104.12
CA PHE KB 299 -13.49 78.06 105.18
C PHE KB 299 -14.38 79.18 104.65
N VAL KB 300 -15.58 79.29 105.22
CA VAL KB 300 -16.60 80.21 104.75
C VAL KB 300 -16.85 81.27 105.81
N LEU KB 301 -16.96 82.53 105.37
CA LEU KB 301 -17.19 83.66 106.25
C LEU KB 301 -18.52 84.34 105.91
N GLY KB 302 -19.19 84.85 106.95
CA GLY KB 302 -20.39 85.63 106.76
C GLY KB 302 -21.61 85.06 107.45
N GLY KB 303 -22.62 85.90 107.69
CA GLY KB 303 -23.89 85.42 108.21
C GLY KB 303 -24.37 86.01 109.52
N LEU KB 304 -24.01 87.25 109.83
CA LEU KB 304 -24.48 87.91 111.05
C LEU KB 304 -25.62 88.85 110.70
N LEU KB 305 -26.77 88.70 111.36
CA LEU KB 305 -27.93 89.54 111.13
C LEU KB 305 -28.34 90.18 112.45
N ALA KB 306 -28.60 91.48 112.42
CA ALA KB 306 -28.98 92.20 113.63
C ALA KB 306 -29.98 93.29 113.29
N THR KB 307 -30.92 93.51 114.20
CA THR KB 307 -31.88 94.60 114.04
C THR KB 307 -31.24 95.94 114.34
N ARG KB 308 -31.88 97.01 113.88
CA ARG KB 308 -31.33 98.34 114.03
C ARG KB 308 -31.38 98.80 115.48
N LYS KB 309 -30.33 99.48 115.92
CA LYS KB 309 -30.25 100.10 117.25
C LYS KB 309 -30.51 99.09 118.36
N THR KB 310 -29.75 97.99 118.32
CA THR KB 310 -29.80 96.98 119.37
C THR KB 310 -28.42 96.61 119.89
N ILE KB 311 -27.37 97.30 119.43
CA ILE KB 311 -26.01 97.05 119.88
C ILE KB 311 -25.39 98.36 120.32
N LEU KB 312 -24.81 98.36 121.51
CA LEU KB 312 -24.10 99.52 122.04
C LEU KB 312 -22.60 99.28 121.93
N GLN KB 313 -21.90 100.21 121.27
CA GLN KB 313 -20.49 100.11 121.00
C GLN KB 313 -19.81 101.36 121.55
N VAL KB 314 -19.00 101.21 122.59
CA VAL KB 314 -18.31 102.32 123.22
C VAL KB 314 -16.83 102.22 122.89
N ASN KB 315 -16.26 103.32 122.38
CA ASN KB 315 -14.85 103.37 122.02
C ASN KB 315 -14.18 104.45 122.84
N ILE KB 316 -13.16 104.09 123.59
CA ILE KB 316 -12.42 105.04 124.43
C ILE KB 316 -11.24 105.55 123.62
N LYS KB 317 -11.30 106.79 123.16
CA LYS KB 317 -10.22 107.35 122.35
C LYS KB 317 -8.95 107.43 123.17
N GLN KB 318 -7.88 106.81 122.66
CA GLN KB 318 -6.60 106.75 123.34
C GLN KB 318 -5.57 107.65 122.68
N SER KB 319 -6.02 108.83 122.22
CA SER KB 319 -5.13 109.78 121.56
C SER KB 319 -4.02 110.26 122.50
N MET LB 22 -21.89 94.49 80.52
CA MET LB 22 -20.90 94.26 81.56
C MET LB 22 -19.94 93.16 81.16
N LYS LB 23 -20.24 91.93 81.60
CA LYS LB 23 -19.48 90.76 81.19
C LYS LB 23 -20.31 89.81 80.33
N ASN LB 24 -21.46 89.37 80.83
CA ASN LB 24 -22.35 88.45 80.12
C ASN LB 24 -23.71 89.13 79.98
N PRO LB 25 -23.94 89.85 78.88
CA PRO LB 25 -25.24 90.50 78.66
C PRO LB 25 -26.24 89.67 77.87
N GLN LB 26 -25.96 88.39 77.63
CA GLN LB 26 -26.84 87.54 76.84
C GLN LB 26 -28.07 87.07 77.61
N HIS LB 27 -28.14 87.33 78.92
CA HIS LB 27 -29.30 86.92 79.69
C HIS LB 27 -30.58 87.62 79.22
N ASP LB 28 -30.44 88.81 78.63
CA ASP LB 28 -31.57 89.54 78.07
C ASP LB 28 -31.76 89.11 76.61
N ALA LB 29 -32.83 88.37 76.34
CA ALA LB 29 -33.10 87.88 75.00
C ALA LB 29 -34.59 87.73 74.81
N SER LB 30 -35.02 87.75 73.54
CA SER LB 30 -36.42 87.63 73.18
C SER LB 30 -36.77 86.32 72.50
N LEU LB 31 -35.81 85.63 71.90
CA LEU LB 31 -36.08 84.39 71.19
C LEU LB 31 -34.85 83.50 71.25
N LEU LB 32 -35.09 82.20 71.08
CA LEU LB 32 -34.01 81.22 71.15
C LEU LB 32 -33.10 81.34 69.93
N SER LB 33 -31.79 81.22 70.16
CA SER LB 33 -30.82 81.24 69.10
C SER LB 33 -30.79 79.90 68.37
N ASN LB 34 -30.39 79.94 67.10
CA ASN LB 34 -30.33 78.75 66.27
C ASN LB 34 -28.91 78.17 66.34
N SER LB 35 -28.78 76.98 66.91
CA SER LB 35 -27.47 76.36 67.12
C SER LB 35 -27.18 75.35 66.00
N ASN LB 36 -26.92 75.90 64.82
CA ASN LB 36 -26.53 75.09 63.68
C ASN LB 36 -25.16 75.45 63.13
N GLU LB 37 -24.90 76.75 62.92
CA GLU LB 37 -23.61 77.17 62.40
C GLU LB 37 -22.53 77.03 63.46
N PHE LB 38 -21.34 76.64 63.01
CA PHE LB 38 -20.19 76.48 63.90
C PHE LB 38 -19.07 77.46 63.60
N ARG LB 39 -19.26 78.39 62.67
CA ARG LB 39 -18.23 79.31 62.24
C ARG LB 39 -18.60 80.75 62.64
N ASP LB 40 -17.55 81.55 62.87
CA ASP LB 40 -17.71 82.94 63.30
C ASP LB 40 -18.63 83.03 64.51
N LYS LB 41 -18.34 82.22 65.53
CA LYS LB 41 -19.21 82.07 66.69
C LYS LB 41 -18.45 82.26 67.99
N ASN LB 42 -17.16 82.60 67.93
CA ASN LB 42 -16.32 82.74 69.11
C ASN LB 42 -15.89 84.17 69.40
N VAL LB 43 -15.97 85.06 68.43
CA VAL LB 43 -15.53 86.44 68.64
C VAL LB 43 -16.66 87.18 69.36
N GLU LB 44 -16.68 87.10 70.68
CA GLU LB 44 -17.73 87.65 71.50
C GLU LB 44 -17.14 88.19 72.78
N PHE LB 45 -17.87 89.10 73.42
CA PHE LB 45 -17.38 89.71 74.65
C PHE LB 45 -17.50 88.76 75.84
N PHE LB 46 -18.46 87.85 75.82
CA PHE LB 46 -18.64 86.93 76.93
C PHE LB 46 -17.57 85.84 76.95
N ALA LB 47 -16.85 85.64 75.85
CA ALA LB 47 -15.77 84.66 75.80
C ALA LB 47 -14.69 85.00 76.82
N SER LB 48 -14.53 84.18 77.85
CA SER LB 48 -13.63 84.45 78.95
C SER LB 48 -12.45 83.49 78.89
N GLY LB 49 -11.24 84.03 79.07
CA GLY LB 49 -10.04 83.23 79.04
C GLY LB 49 -9.17 83.52 77.83
N GLY LB 50 -8.45 82.51 77.35
CA GLY LB 50 -7.63 82.66 76.17
C GLY LB 50 -7.97 81.65 75.10
N THR LB 51 -7.60 81.95 73.85
CA THR LB 51 -7.85 80.99 72.77
C THR LB 51 -7.07 79.70 72.99
N ARG LB 52 -5.82 79.80 73.41
CA ARG LB 52 -4.99 78.64 73.73
C ARG LB 52 -4.49 78.81 75.15
N THR LB 53 -4.80 77.84 76.00
CA THR LB 53 -4.46 77.89 77.42
C THR LB 53 -3.62 76.69 77.81
N SER LB 54 -2.58 76.94 78.59
CA SER LB 54 -1.72 75.88 79.11
C SER LB 54 -2.12 75.53 80.54
N LYS LB 55 -1.83 74.29 80.92
CA LYS LB 55 -2.10 73.84 82.28
C LYS LB 55 -1.20 74.52 83.29
N PHE LB 56 -0.05 75.05 82.85
CA PHE LB 56 0.95 75.63 83.74
C PHE LB 56 0.99 77.15 83.62
N ASP LB 57 -0.17 77.77 83.49
CA ASP LB 57 -0.30 79.22 83.45
C ASP LB 57 -0.66 79.74 84.84
N LYS LB 58 0.08 80.73 85.30
CA LYS LB 58 -0.13 81.29 86.64
C LYS LB 58 -1.27 82.30 86.60
N LEU LB 59 -2.28 82.08 87.44
CA LEU LB 59 -3.47 82.94 87.50
C LEU LB 59 -3.62 83.47 88.92
N GLU LB 60 -3.82 84.78 89.05
CA GLU LB 60 -3.98 85.40 90.35
C GLU LB 60 -5.30 86.16 90.40
N ASN LB 61 -6.05 86.00 91.50
CA ASN LB 61 -7.31 86.70 91.68
C ASN LB 61 -7.08 87.90 92.58
N HIS LB 62 -7.52 89.07 92.13
CA HIS LB 62 -7.32 90.31 92.87
C HIS LB 62 -8.58 91.15 92.90
N PRO LB 63 -8.79 91.92 93.96
CA PRO LB 63 -9.88 92.89 93.97
C PRO LB 63 -9.67 93.96 92.90
N PHE LB 64 -10.77 94.41 92.31
CA PHE LB 64 -10.72 95.41 91.25
C PHE LB 64 -11.68 96.55 91.56
N LEU LB 65 -11.35 97.73 91.04
CA LEU LB 65 -12.21 98.92 91.15
C LEU LB 65 -12.45 99.45 89.73
N GLY LB 66 -13.64 99.18 89.20
CA GLY LB 66 -13.98 99.62 87.86
C GLY LB 66 -14.43 98.49 86.97
N TYR LB 67 -14.03 98.52 85.69
CA TYR LB 67 -14.34 97.47 84.73
C TYR LB 67 -13.10 97.15 83.94
N PRO LB 68 -12.17 96.38 84.51
CA PRO LB 68 -10.92 96.05 83.80
C PRO LB 68 -10.98 94.80 82.93
N TYR LB 69 -12.17 94.29 82.64
CA TYR LB 69 -12.31 93.05 81.88
C TYR LB 69 -11.66 93.17 80.51
N LYS LB 70 -10.86 92.17 80.14
CA LYS LB 70 -10.15 92.14 78.86
C LYS LB 70 -9.31 93.39 78.67
N ARG LB 71 -8.64 93.82 79.74
CA ARG LB 71 -7.82 95.02 79.70
C ARG LB 71 -6.55 94.79 80.50
N GLY LB 72 -5.53 95.60 80.21
CA GLY LB 72 -4.34 95.60 81.03
C GLY LB 72 -4.61 96.29 82.36
N VAL LB 73 -4.11 95.68 83.43
CA VAL LB 73 -4.40 96.14 84.78
C VAL LB 73 -3.10 96.49 85.49
N LYS LB 74 -3.19 97.50 86.35
CA LYS LB 74 -2.08 98.01 87.14
C LYS LB 74 -2.46 97.97 88.61
N ARG LB 75 -1.43 97.84 89.45
CA ARG LB 75 -1.62 97.77 90.89
C ARG LB 75 -1.80 99.17 91.46
N VAL LB 76 -2.73 99.31 92.41
CA VAL LB 76 -2.96 100.54 93.14
C VAL LB 76 -2.89 100.21 94.63
N ILE LB 77 -1.99 100.90 95.33
CA ILE LB 77 -1.80 100.73 96.77
C ILE LB 77 -2.13 102.06 97.44
N GLN LB 78 -2.97 102.01 98.47
CA GLN LB 78 -3.37 103.20 99.21
C GLN LB 78 -2.18 103.81 99.93
N HIS LB 86 -6.95 101.66 105.89
CA HIS LB 86 -6.12 101.11 104.82
C HIS LB 86 -6.69 99.79 104.34
N TYR LB 87 -6.45 99.48 103.06
CA TYR LB 87 -6.98 98.27 102.44
C TYR LB 87 -5.90 97.63 101.57
N GLU LB 88 -6.11 96.37 101.24
CA GLU LB 88 -5.18 95.64 100.40
C GLU LB 88 -5.15 96.24 99.00
N PRO LB 89 -4.02 96.15 98.31
CA PRO LB 89 -3.92 96.74 96.96
C PRO LB 89 -4.92 96.14 95.99
N HIS LB 90 -5.38 96.96 95.06
CA HIS LB 90 -6.39 96.55 94.09
C HIS LB 90 -5.93 96.89 92.68
N VAL LB 91 -6.38 96.11 91.71
CA VAL LB 91 -5.99 96.29 90.32
C VAL LB 91 -7.03 97.14 89.61
N GLU LB 92 -6.56 98.00 88.71
CA GLU LB 92 -7.47 98.84 87.92
C GLU LB 92 -6.92 98.99 86.52
N ALA LB 93 -7.82 99.29 85.58
CA ALA LB 93 -7.42 99.41 84.17
C ALA LB 93 -6.33 100.47 84.01
N GLY LB 94 -5.27 100.11 83.29
CA GLY LB 94 -4.17 101.01 83.08
C GLY LB 94 -3.11 100.35 82.23
N GLY LB 95 -2.04 101.09 81.99
CA GLY LB 95 -0.95 100.58 81.18
C GLY LB 95 0.29 101.45 81.20
N GLY LB 96 0.96 101.57 80.06
CA GLY LB 96 2.19 102.33 80.01
C GLY LB 96 3.28 101.63 80.80
N GLU LB 97 3.95 102.38 81.68
CA GLU LB 97 5.00 101.86 82.52
C GLU LB 97 4.48 101.30 83.84
N ASP LB 98 3.16 101.30 84.04
CA ASP LB 98 2.56 100.79 85.26
C ASP LB 98 1.91 99.43 85.06
N LEU LB 99 2.08 98.83 83.90
CA LEU LB 99 1.40 97.57 83.59
C LEU LB 99 1.84 96.47 84.54
N TYR LB 100 0.88 95.84 85.20
CA TYR LB 100 1.13 94.71 86.09
C TYR LB 100 0.65 93.40 85.52
N GLY LB 101 -0.50 93.38 84.87
CA GLY LB 101 -1.02 92.14 84.31
C GLY LB 101 -2.11 92.40 83.30
N ILE LB 102 -2.81 91.33 82.94
CA ILE LB 102 -3.91 91.39 81.98
C ILE LB 102 -5.08 90.61 82.57
N CYS LB 103 -6.26 91.24 82.59
CA CYS LB 103 -7.46 90.59 83.12
C CYS LB 103 -8.12 89.75 82.03
N ILE LB 104 -8.40 88.50 82.36
CA ILE LB 104 -9.02 87.57 81.41
C ILE LB 104 -10.37 87.06 81.88
N ASP LB 105 -10.72 87.25 83.15
CA ASP LB 105 -12.02 86.82 83.66
C ASP LB 105 -12.36 87.69 84.87
N ILE LB 106 -13.66 87.78 85.16
CA ILE LB 106 -14.12 88.67 86.20
C ILE LB 106 -15.33 88.03 86.88
N ASP LB 107 -15.34 88.04 88.20
CA ASP LB 107 -16.47 87.57 89.00
C ASP LB 107 -17.13 88.78 89.65
N GLU LB 108 -18.39 89.01 89.30
CA GLU LB 108 -19.09 90.21 89.75
C GLU LB 108 -19.50 90.09 91.21
N PHE LB 109 -20.01 88.93 91.63
CA PHE LB 109 -20.51 88.77 92.99
C PHE LB 109 -19.41 88.99 94.01
N SER LB 110 -18.25 88.40 93.78
CA SER LB 110 -17.11 88.58 94.68
C SER LB 110 -16.27 89.80 94.34
N LYS LB 111 -16.59 90.49 93.24
CA LYS LB 111 -15.83 91.65 92.77
C LYS LB 111 -14.34 91.32 92.65
N THR LB 112 -14.06 90.21 91.97
CA THR LB 112 -12.69 89.74 91.79
C THR LB 112 -12.33 89.66 90.31
N ALA LB 113 -11.04 89.76 90.02
CA ALA LB 113 -10.55 89.69 88.65
C ALA LB 113 -9.43 88.67 88.57
N THR LB 114 -9.51 87.78 87.58
CA THR LB 114 -8.44 86.83 87.30
C THR LB 114 -7.42 87.47 86.37
N ILE LB 115 -6.16 87.42 86.74
CA ILE LB 115 -5.09 88.16 86.09
C ILE LB 115 -3.96 87.21 85.75
N VAL LB 116 -3.42 87.38 84.54
CA VAL LB 116 -2.20 86.71 84.11
C VAL LB 116 -1.05 87.70 84.27
N PRO LB 117 -0.06 87.42 85.11
CA PRO LB 117 1.04 88.38 85.32
C PRO LB 117 1.77 88.67 84.03
N ILE LB 118 2.37 89.86 83.97
CA ILE LB 118 3.14 90.27 82.80
C ILE LB 118 4.30 89.33 82.54
N THR LB 119 4.78 88.63 83.57
CA THR LB 119 5.84 87.65 83.38
C THR LB 119 5.37 86.50 82.49
N ASN LB 120 4.11 86.10 82.61
CA ASN LB 120 3.55 85.03 81.81
C ASN LB 120 2.99 85.59 80.50
N ASN LB 121 3.02 84.75 79.46
CA ASN LB 121 2.55 85.15 78.14
C ASN LB 121 1.09 84.74 77.95
N PHE LB 122 0.42 85.43 77.05
CA PHE LB 122 -1.01 85.24 76.85
C PHE LB 122 -1.36 85.41 75.38
N GLU LB 123 -2.40 84.70 74.96
CA GLU LB 123 -2.96 84.83 73.62
C GLU LB 123 -4.48 84.78 73.71
N GLY LB 124 -5.12 85.84 73.24
CA GLY LB 124 -6.58 85.92 73.32
C GLY LB 124 -7.07 87.25 72.82
N TYR LB 125 -8.38 87.44 72.96
CA TYR LB 125 -9.04 88.65 72.49
C TYR LB 125 -9.04 89.72 73.57
N LEU LB 126 -8.55 90.91 73.21
CA LEU LB 126 -8.46 92.03 74.14
C LEU LB 126 -9.05 93.28 73.50
N VAL LB 127 -9.33 94.26 74.35
CA VAL LB 127 -9.92 95.52 73.90
C VAL LB 127 -8.86 96.39 73.24
N ALA LB 128 -9.23 97.05 72.15
CA ALA LB 128 -8.35 97.95 71.43
C ALA LB 128 -8.93 99.36 71.46
N LYS LB 129 -8.06 100.35 71.22
CA LYS LB 129 -8.47 101.74 71.30
C LYS LB 129 -9.53 102.07 70.25
N ASP LB 130 -9.30 101.67 69.00
CA ASP LB 130 -10.22 101.94 67.91
C ASP LB 130 -10.19 100.76 66.95
N SER LB 131 -10.77 100.95 65.77
CA SER LB 131 -10.82 99.91 64.75
C SER LB 131 -9.60 99.93 63.84
N THR LB 132 -8.67 100.85 64.03
CA THR LB 132 -7.48 100.96 63.18
C THR LB 132 -6.36 100.04 63.66
N VAL LB 133 -6.68 98.76 63.83
CA VAL LB 133 -5.71 97.75 64.24
C VAL LB 133 -5.79 96.59 63.26
N LYS LB 134 -4.66 96.23 62.67
CA LYS LB 134 -4.59 95.20 61.65
C LYS LB 134 -3.57 94.14 62.04
N VAL LB 135 -3.46 93.11 61.20
CA VAL LB 135 -2.47 92.07 61.43
C VAL LB 135 -1.06 92.66 61.30
N LYS LB 136 -0.11 92.06 62.01
CA LYS LB 136 1.31 92.40 61.97
C LYS LB 136 1.62 93.71 62.67
N ASP LB 137 0.64 94.32 63.34
CA ASP LB 137 0.83 95.59 64.01
C ASP LB 137 1.33 95.36 65.43
N LYS LB 138 2.31 96.16 65.84
CA LYS LB 138 2.81 96.12 67.20
C LYS LB 138 1.95 97.00 68.10
N LEU LB 139 1.47 96.44 69.20
CA LEU LB 139 0.49 97.09 70.05
C LEU LB 139 1.08 97.46 71.40
N ILE LB 140 0.50 98.49 72.01
CA ILE LB 140 0.90 98.98 73.33
C ILE LB 140 -0.36 99.20 74.15
N PHE LB 141 -0.33 98.77 75.41
CA PHE LB 141 -1.40 99.08 76.33
C PHE LB 141 -1.30 100.54 76.76
N ASN LB 142 -2.41 101.27 76.65
CA ASN LB 142 -2.42 102.69 76.99
C ASN LB 142 -2.83 102.87 78.44
N LYS LB 143 -2.96 104.13 78.86
CA LYS LB 143 -3.31 104.43 80.24
C LYS LB 143 -4.74 104.05 80.59
N ASP LB 144 -5.57 103.74 79.59
CA ASP LB 144 -6.95 103.31 79.83
C ASP LB 144 -7.10 101.79 79.73
N GLY LB 145 -6.01 101.05 79.53
CA GLY LB 145 -6.09 99.62 79.42
C GLY LB 145 -6.47 99.08 78.06
N ALA LB 146 -6.44 99.92 77.02
CA ALA LB 146 -6.78 99.51 75.66
C ALA LB 146 -5.52 99.43 74.81
N LEU LB 147 -5.57 98.58 73.79
CA LEU LB 147 -4.42 98.37 72.92
C LEU LB 147 -4.46 99.36 71.76
N GLU LB 148 -3.32 99.99 71.50
CA GLU LB 148 -3.20 100.96 70.41
C GLU LB 148 -1.90 100.73 69.66
N LYS LB 149 -1.89 101.12 68.39
CA LYS LB 149 -0.70 100.95 67.58
C LYS LB 149 0.39 101.93 68.04
N VAL LB 150 1.64 101.50 67.88
CA VAL LB 150 2.79 102.30 68.30
C VAL LB 150 2.88 103.59 67.50
N LYS LB 156 9.17 104.57 72.11
CA LYS LB 156 9.31 103.15 71.81
C LYS LB 156 8.18 102.34 72.45
N ALA LB 157 8.36 101.02 72.51
CA ALA LB 157 7.39 100.12 73.11
C ALA LB 157 7.92 99.58 74.43
N THR LB 158 6.99 99.28 75.33
CA THR LB 158 7.33 98.73 76.64
C THR LB 158 7.15 97.22 76.72
N ILE LB 159 6.11 96.69 76.09
CA ILE LB 159 5.82 95.25 76.12
C ILE LB 159 5.74 94.75 74.68
N ASN LB 160 5.84 93.43 74.54
CA ASN LB 160 5.72 92.77 73.25
C ASN LB 160 4.27 92.32 73.07
N ALA LB 161 3.49 93.12 72.35
CA ALA LB 161 2.13 92.79 71.99
C ALA LB 161 2.01 92.80 70.48
N THR LB 162 1.49 91.70 69.91
CA THR LB 162 1.37 91.55 68.48
C THR LB 162 -0.08 91.25 68.13
N ALA LB 163 -0.66 92.06 67.24
CA ALA LB 163 -2.02 91.86 66.80
C ALA LB 163 -2.07 90.74 65.78
N LEU LB 164 -2.78 89.67 66.10
CA LEU LB 164 -2.87 88.52 65.22
C LEU LB 164 -4.03 88.60 64.23
N THR LB 165 -4.96 89.53 64.42
CA THR LB 165 -6.11 89.71 63.54
C THR LB 165 -6.38 91.19 63.39
N ASP LB 166 -7.56 91.52 62.87
CA ASP LB 166 -8.03 92.88 62.77
C ASP LB 166 -9.12 93.11 63.80
N ALA LB 167 -9.27 94.37 64.23
CA ALA LB 167 -10.26 94.70 65.24
C ALA LB 167 -11.66 94.43 64.73
N LYS LB 168 -12.47 93.78 65.56
CA LYS LB 168 -13.86 93.48 65.23
C LYS LB 168 -14.78 94.40 66.03
N GLN LB 169 -15.74 95.01 65.34
CA GLN LB 169 -16.67 95.94 65.96
C GLN LB 169 -17.88 95.16 66.48
N ILE LB 170 -17.69 94.53 67.65
CA ILE LB 170 -18.80 93.83 68.29
C ILE LB 170 -19.85 94.82 68.79
N SER LB 171 -19.41 95.97 69.27
CA SER LB 171 -20.31 97.02 69.72
C SER LB 171 -19.82 98.35 69.16
N ASN LB 172 -20.62 99.39 69.37
CA ASN LB 172 -20.33 100.70 68.79
C ASN LB 172 -18.95 101.21 69.20
N GLU LB 173 -18.58 101.02 70.47
CA GLU LB 173 -17.30 101.48 70.98
C GLU LB 173 -16.30 100.38 71.25
N VAL LB 174 -16.76 99.14 71.43
CA VAL LB 174 -15.86 98.04 71.78
C VAL LB 174 -15.23 97.47 70.52
N TYR LB 175 -13.93 97.19 70.59
CA TYR LB 175 -13.18 96.65 69.44
C TYR LB 175 -12.29 95.53 69.94
N LEU LB 176 -12.75 94.29 69.77
CA LEU LB 176 -11.96 93.13 70.17
C LEU LB 176 -10.93 92.79 69.10
N VAL LB 177 -9.71 92.47 69.55
CA VAL LB 177 -8.62 92.09 68.65
C VAL LB 177 -7.85 90.94 69.27
N LYS LB 178 -7.52 89.94 68.46
CA LYS LB 178 -6.69 88.84 68.92
C LYS LB 178 -5.25 89.29 69.02
N VAL LB 179 -4.64 89.09 70.20
CA VAL LB 179 -3.31 89.61 70.48
C VAL LB 179 -2.51 88.55 71.23
N ALA LB 180 -1.24 88.41 70.87
CA ALA LB 180 -0.31 87.53 71.56
C ALA LB 180 0.68 88.41 72.33
N VAL LB 181 0.59 88.37 73.66
CA VAL LB 181 1.45 89.16 74.53
C VAL LB 181 2.52 88.24 75.09
N PHE LB 182 3.78 88.59 74.89
CA PHE LB 182 4.92 87.79 75.35
C PHE LB 182 5.96 88.70 75.98
N GLY LB 183 5.84 88.91 77.29
CA GLY LB 183 6.83 89.64 78.05
C GLY LB 183 6.82 91.13 77.76
N ASN LB 184 7.92 91.77 78.18
CA ASN LB 184 8.14 93.19 77.96
C ASN LB 184 9.47 93.41 77.24
N LYS LB 185 9.51 94.42 76.39
CA LYS LB 185 10.70 94.70 75.59
C LYS LB 185 11.83 95.26 76.45
N LEU MB 21 20.77 70.27 58.89
CA LEU MB 21 19.47 70.50 58.26
C LEU MB 21 18.43 69.50 58.73
N MET MB 22 18.88 68.50 59.49
CA MET MB 22 17.99 67.46 60.01
C MET MB 22 18.27 67.23 61.49
N LYS MB 23 17.20 66.94 62.23
CA LYS MB 23 17.35 66.64 63.65
C LYS MB 23 18.18 65.38 63.86
N ASN MB 24 17.95 64.35 63.05
CA ASN MB 24 18.72 63.12 63.08
C ASN MB 24 19.59 63.02 61.83
N PRO MB 25 20.71 62.30 61.90
CA PRO MB 25 21.58 62.19 60.72
C PRO MB 25 20.83 61.64 59.53
N GLN MB 26 21.04 62.26 58.36
CA GLN MB 26 20.32 61.87 57.17
C GLN MB 26 20.81 60.54 56.61
N GLN MB 27 22.11 60.32 56.63
CA GLN MB 27 22.71 59.10 56.12
C GLN MB 27 22.92 58.11 57.26
N ASP MB 28 22.53 56.86 57.03
CA ASP MB 28 22.67 55.84 58.05
C ASP MB 28 24.14 55.51 58.28
N SER MB 29 24.43 54.95 59.45
CA SER MB 29 25.78 54.55 59.79
C SER MB 29 26.04 53.11 59.36
N GLY MB 30 27.32 52.75 59.33
CA GLY MB 30 27.72 51.39 59.02
C GLY MB 30 28.40 50.71 60.18
N LEU MB 31 28.47 51.40 61.32
CA LEU MB 31 29.19 50.93 62.48
C LEU MB 31 28.26 50.90 63.69
N LEU MB 32 28.34 49.82 64.46
CA LEU MB 32 27.62 49.75 65.73
C LEU MB 32 28.30 50.66 66.74
N SER MB 33 27.52 51.47 67.43
CA SER MB 33 28.06 52.40 68.43
C SER MB 33 28.36 51.62 69.70
N ASN MB 34 29.59 51.73 70.19
CA ASN MB 34 29.98 51.04 71.41
C ASN MB 34 29.56 51.87 72.63
N SER MB 35 28.86 51.22 73.56
CA SER MB 35 28.40 51.87 74.78
C SER MB 35 29.22 51.30 75.94
N ILE MB 36 30.37 51.93 76.18
CA ILE MB 36 31.26 51.57 77.29
C ILE MB 36 31.52 52.77 78.19
N ASP MB 37 31.95 53.88 77.61
CA ASP MB 37 32.13 55.11 78.37
C ASP MB 37 30.79 55.80 78.60
N PHE MB 38 30.78 56.70 79.58
CA PHE MB 38 29.57 57.44 79.92
C PHE MB 38 29.79 58.95 79.89
N ARG MB 39 30.91 59.42 79.34
CA ARG MB 39 31.28 60.82 79.41
C ARG MB 39 31.28 61.44 78.02
N ASP MB 40 30.77 62.67 77.93
CA ASP MB 40 30.73 63.45 76.69
C ASP MB 40 29.98 62.70 75.59
N GLN MB 41 28.87 62.06 75.97
CA GLN MB 41 28.01 61.38 75.01
C GLN MB 41 26.74 62.16 74.69
N ASN MB 42 26.65 63.41 75.14
CA ASN MB 42 25.49 64.25 74.92
C ASN MB 42 25.72 65.36 73.89
N LEU MB 43 26.96 65.50 73.40
CA LEU MB 43 27.28 66.56 72.44
C LEU MB 43 26.95 66.11 71.02
N ILE MB 44 25.66 65.87 70.78
CA ILE MB 44 25.16 65.46 69.48
C ILE MB 44 24.01 66.38 69.09
N PHE MB 45 23.79 66.47 67.77
CA PHE MB 45 22.72 67.32 67.25
C PHE MB 45 21.34 66.76 67.53
N SER MB 46 21.23 65.47 67.82
CA SER MB 46 19.94 64.85 68.09
C SER MB 46 19.49 65.04 69.54
N ASN MB 47 20.28 65.71 70.37
CA ASN MB 47 19.92 65.97 71.76
C ASN MB 47 18.92 67.12 71.78
N SER MB 48 17.64 66.77 71.80
CA SER MB 48 16.56 67.75 71.76
C SER MB 48 16.03 68.03 73.17
N GLY MB 49 15.53 69.24 73.37
CA GLY MB 49 15.02 69.65 74.67
C GLY MB 49 16.01 70.46 75.46
N GLY MB 50 16.01 70.29 76.79
CA GLY MB 50 16.95 70.98 77.64
C GLY MB 50 17.64 70.02 78.58
N VAL MB 51 18.83 70.43 79.03
CA VAL MB 51 19.58 69.61 79.97
C VAL MB 51 18.88 69.56 81.32
N CYS MB 52 18.39 70.70 81.80
CA CYS MB 52 17.61 70.78 83.03
C CYS MB 52 16.21 71.27 82.68
N THR MB 53 15.22 70.41 82.86
CA THR MB 53 13.85 70.69 82.46
C THR MB 53 12.94 70.62 83.66
N SER MB 54 12.14 71.67 83.86
CA SER MB 54 11.17 71.70 84.94
C SER MB 54 9.84 71.10 84.48
N SER MB 55 9.13 70.50 85.43
CA SER MB 55 7.81 69.95 85.14
C SER MB 55 6.74 71.01 85.00
N LYS MB 56 7.05 72.27 85.32
CA LYS MB 56 6.11 73.37 85.20
C LYS MB 56 6.38 74.23 83.97
N ASP MB 57 7.18 73.73 83.03
CA ASP MB 57 7.51 74.50 81.84
C ASP MB 57 6.28 74.65 80.95
N LYS MB 58 6.24 75.75 80.20
CA LYS MB 58 5.19 76.02 79.24
C LYS MB 58 5.72 75.73 77.84
N ILE MB 59 5.03 74.84 77.12
CA ILE MB 59 5.49 74.34 75.83
C ILE MB 59 4.39 74.54 74.81
N GLU MB 60 4.74 75.12 73.66
CA GLU MB 60 3.80 75.31 72.57
C GLU MB 60 4.31 74.58 71.33
N ASN MB 61 3.45 74.46 70.32
CA ASN MB 61 3.87 73.95 69.03
C ASN MB 61 3.28 74.82 67.93
N TYR MB 62 4.05 74.99 66.87
CA TYR MB 62 3.66 75.85 65.75
C TYR MB 62 3.99 75.15 64.44
N PRO MB 63 3.32 75.53 63.35
CA PRO MB 63 3.81 75.15 62.03
C PRO MB 63 5.18 75.76 61.78
N ALA MB 64 6.06 74.97 61.16
CA ALA MB 64 7.44 75.37 60.95
C ALA MB 64 7.67 75.82 59.51
N LYS MB 65 8.34 76.96 59.36
CA LYS MB 65 8.80 77.44 58.06
C LYS MB 65 10.31 77.38 58.04
N GLY MB 66 10.86 76.58 57.13
CA GLY MB 66 12.30 76.33 57.14
C GLY MB 66 12.65 75.28 58.17
N TYR MB 67 13.85 75.42 58.75
CA TYR MB 67 14.34 74.51 59.79
C TYR MB 67 14.83 75.34 60.96
N PRO MB 68 13.94 75.69 61.90
CA PRO MB 68 14.34 76.52 63.04
C PRO MB 68 14.86 75.72 64.23
N TYR MB 69 15.23 74.46 63.99
CA TYR MB 69 15.70 73.60 65.07
C TYR MB 69 16.92 74.20 65.76
N LYS MB 70 16.89 74.20 67.10
CA LYS MB 70 17.97 74.73 67.92
C LYS MB 70 18.27 76.20 67.58
N ARG MB 71 17.22 76.96 67.29
CA ARG MB 71 17.37 78.36 66.92
C ARG MB 71 16.22 79.17 67.51
N GLY MB 72 16.47 80.47 67.68
CA GLY MB 72 15.40 81.37 68.07
C GLY MB 72 14.39 81.54 66.96
N VAL MB 73 13.14 81.71 67.35
CA VAL MB 73 12.04 81.76 66.40
C VAL MB 73 11.30 83.08 66.53
N LYS MB 74 10.66 83.49 65.44
CA LYS MB 74 9.81 84.67 65.41
C LYS MB 74 8.54 84.33 64.64
N LEU MB 75 7.48 85.07 64.94
CA LEU MB 75 6.19 84.84 64.28
C LEU MB 75 6.24 85.37 62.86
N SER MB 76 5.73 84.56 61.92
CA SER MB 76 5.69 84.90 60.51
C SER MB 76 4.26 84.83 60.01
N PHE MB 77 3.86 85.83 59.23
CA PHE MB 77 2.50 85.95 58.72
C PHE MB 77 2.52 85.93 57.21
N GLY MB 78 1.56 85.21 56.62
CA GLY MB 78 1.38 85.14 55.19
C GLY MB 78 0.31 86.09 54.69
N ASP MB 79 -0.32 85.70 53.58
CA ASP MB 79 -1.41 86.51 53.04
C ASP MB 79 -2.59 86.55 53.99
N GLY MB 80 -2.93 85.43 54.62
CA GLY MB 80 -4.05 85.36 55.52
C GLY MB 80 -4.87 84.11 55.33
N THR MB 81 -4.61 83.39 54.24
CA THR MB 81 -5.32 82.14 53.97
C THR MB 81 -4.98 81.08 55.00
N THR MB 82 -3.72 81.01 55.41
CA THR MB 82 -3.25 80.03 56.38
C THR MB 82 -2.83 80.72 57.68
N GLU MB 83 -2.76 79.92 58.74
CA GLU MB 83 -2.40 80.44 60.05
C GLU MB 83 -0.94 80.90 60.08
N LEU MB 84 -0.58 81.58 61.16
CA LEU MB 84 0.78 82.06 61.33
C LEU MB 84 1.74 80.89 61.58
N GLU MB 85 3.01 81.13 61.28
CA GLU MB 85 4.06 80.15 61.44
C GLU MB 85 5.22 80.76 62.21
N VAL MB 86 6.25 79.95 62.46
CA VAL MB 86 7.47 80.39 63.14
C VAL MB 86 8.65 80.15 62.23
N GLU MB 87 9.56 81.12 62.18
CA GLU MB 87 10.77 81.03 61.38
C GLU MB 87 11.95 81.49 62.20
N ALA MB 88 13.14 81.02 61.83
CA ALA MB 88 14.35 81.38 62.55
C ALA MB 88 14.57 82.90 62.51
N GLY MB 89 14.83 83.48 63.67
CA GLY MB 89 15.03 84.90 63.76
C GLY MB 89 15.26 85.30 65.21
N GLY MB 90 15.70 86.54 65.38
CA GLY MB 90 15.98 87.09 66.70
C GLY MB 90 15.78 88.59 66.72
N GLY MB 91 16.69 89.29 67.38
CA GLY MB 91 16.59 90.73 67.46
C GLY MB 91 15.36 91.16 68.22
N ASP MB 92 14.67 92.18 67.69
CA ASP MB 92 13.48 92.71 68.33
C ASP MB 92 12.25 91.85 68.10
N ASP MB 93 12.30 90.91 67.15
CA ASP MB 93 11.15 90.07 66.82
C ASP MB 93 11.18 88.72 67.52
N LEU MB 94 12.15 88.50 68.41
CA LEU MB 94 12.29 87.20 69.07
C LEU MB 94 11.04 86.87 69.87
N TYR MB 95 10.53 85.66 69.65
CA TYR MB 95 9.33 85.18 70.34
C TYR MB 95 9.60 84.00 71.26
N GLY MB 96 10.58 83.16 70.95
CA GLY MB 96 10.85 82.00 71.77
C GLY MB 96 12.04 81.24 71.25
N VAL MB 97 12.21 80.02 71.74
CA VAL MB 97 13.32 79.16 71.39
C VAL MB 97 12.76 77.81 70.95
N CYS MB 98 13.19 77.35 69.77
CA CYS MB 98 12.77 76.06 69.25
C CYS MB 98 13.71 74.97 69.79
N SER MB 99 13.14 74.02 70.52
CA SER MB 99 13.93 72.96 71.15
C SER MB 99 13.68 71.58 70.56
N ASP MB 100 12.68 71.41 69.71
CA ASP MB 100 12.39 70.11 69.12
C ASP MB 100 11.56 70.32 67.85
N ILE MB 101 11.66 69.36 66.94
CA ILE MB 101 10.89 69.38 65.71
C ILE MB 101 10.37 67.98 65.42
N ASP MB 102 9.09 67.87 65.11
CA ASP MB 102 8.52 66.67 64.51
C ASP MB 102 8.46 66.91 63.01
N GLU MB 103 9.27 66.16 62.26
CA GLU MB 103 9.41 66.40 60.84
C GLU MB 103 8.22 65.88 60.04
N PHE MB 104 7.57 64.81 60.49
CA PHE MB 104 6.44 64.27 59.75
C PHE MB 104 5.29 65.27 59.66
N SER MB 105 4.97 65.92 60.77
CA SER MB 105 3.90 66.91 60.80
C SER MB 105 4.39 68.34 60.66
N GLY MB 106 5.69 68.55 60.52
CA GLY MB 106 6.23 69.89 60.39
C GLY MB 106 5.98 70.75 61.61
N MET MB 107 6.02 70.15 62.80
CA MET MB 107 5.69 70.85 64.03
C MET MB 107 6.96 71.28 64.74
N ALA MB 108 7.01 72.53 65.18
CA ALA MB 108 8.13 73.06 65.92
C ALA MB 108 7.70 73.31 67.36
N THR MB 109 8.39 72.68 68.30
CA THR MB 109 8.18 72.91 69.72
C THR MB 109 8.86 74.21 70.13
N VAL MB 110 8.11 75.10 70.76
CA VAL MB 110 8.58 76.43 71.09
C VAL MB 110 8.42 76.65 72.59
N ILE MB 111 9.47 77.17 73.22
CA ILE MB 111 9.47 77.62 74.60
C ILE MB 111 9.48 79.15 74.58
N PRO MB 112 8.44 79.81 75.09
CA PRO MB 112 8.37 81.27 74.97
C PRO MB 112 9.50 81.96 75.70
N ILE MB 113 9.86 83.15 75.22
CA ILE MB 113 10.93 83.93 75.82
C ILE MB 113 10.62 84.32 77.26
N THR MB 114 9.36 84.19 77.68
CA THR MB 114 8.97 84.46 79.06
C THR MB 114 9.20 83.28 79.98
N ASN MB 115 9.73 82.18 79.46
CA ASN MB 115 10.02 80.99 80.26
C ASN MB 115 11.52 80.73 80.21
N ASN MB 116 12.10 80.45 81.38
CA ASN MB 116 13.54 80.20 81.46
C ASN MB 116 13.91 78.92 80.74
N PHE MB 117 15.02 78.96 80.00
CA PHE MB 117 15.48 77.83 79.22
C PHE MB 117 16.96 77.60 79.48
N THR MB 118 17.36 76.32 79.54
CA THR MB 118 18.76 75.94 79.70
C THR MB 118 19.01 74.73 78.81
N GLY MB 119 19.82 74.90 77.77
CA GLY MB 119 20.09 73.81 76.86
C GLY MB 119 21.08 74.22 75.81
N TYR MB 120 21.31 73.31 74.86
CA TYR MB 120 22.27 73.53 73.78
C TYR MB 120 21.59 74.22 72.61
N LEU MB 121 22.21 75.30 72.13
CA LEU MB 121 21.65 76.10 71.03
C LEU MB 121 22.75 76.39 70.01
N THR MB 122 22.32 76.67 68.79
CA THR MB 122 23.26 76.95 67.70
C THR MB 122 24.01 78.24 67.96
N LEU MB 123 25.30 78.23 67.68
CA LEU MB 123 26.17 79.39 67.87
C LEU MB 123 26.74 79.82 66.53
N LYS MB 124 26.81 81.14 66.33
CA LYS MB 124 27.32 81.68 65.08
C LYS MB 124 28.80 81.35 64.92
N LYS MB 125 29.18 81.00 63.70
CA LYS MB 125 30.57 80.69 63.39
C LYS MB 125 31.37 81.97 63.17
N VAL MB 131 34.71 82.56 72.52
CA VAL MB 131 33.49 82.48 73.31
C VAL MB 131 33.71 81.56 74.51
N ASN MB 132 33.88 82.17 75.67
CA ASN MB 132 34.14 81.47 76.93
C ASN MB 132 32.94 81.52 77.85
N PRO MB 133 32.85 80.62 78.82
CA PRO MB 133 31.72 80.66 79.76
C PRO MB 133 31.64 81.98 80.50
N GLY MB 134 30.40 82.40 80.77
CA GLY MB 134 30.14 83.68 81.41
C GLY MB 134 30.01 84.85 80.44
N ASP MB 135 30.13 84.61 79.15
CA ASP MB 135 30.01 85.67 78.15
C ASP MB 135 28.55 85.90 77.81
N LYS MB 136 28.19 87.17 77.65
CA LYS MB 136 26.82 87.54 77.29
C LYS MB 136 26.55 87.23 75.83
N LEU MB 137 25.35 86.74 75.55
CA LEU MB 137 24.97 86.32 74.21
C LEU MB 137 23.64 86.96 73.81
N ASN MB 138 23.45 87.11 72.51
CA ASN MB 138 22.19 87.61 71.95
C ASN MB 138 21.92 86.93 70.62
N PHE MB 139 20.66 86.98 70.19
CA PHE MB 139 20.23 86.32 68.96
C PHE MB 139 20.37 87.27 67.79
N ASN MB 140 20.93 86.76 66.69
CA ASN MB 140 21.12 87.55 65.48
C ASN MB 140 19.89 87.43 64.58
N GLN MB 141 20.01 87.92 63.34
CA GLN MB 141 18.88 87.87 62.42
C GLN MB 141 18.47 86.44 62.07
N HIS MB 142 19.42 85.51 62.07
CA HIS MB 142 19.18 84.14 61.66
C HIS MB 142 18.97 83.20 62.85
N GLY MB 143 18.75 83.75 64.04
CA GLY MB 143 18.48 82.92 65.19
C GLY MB 143 19.68 82.21 65.77
N GLU MB 144 20.89 82.68 65.49
CA GLU MB 144 22.10 82.10 66.03
C GLU MB 144 22.63 82.95 67.17
N LEU MB 145 23.03 82.30 68.27
CA LEU MB 145 23.62 83.01 69.38
C LEU MB 145 24.98 83.56 68.99
N GLU MB 146 25.28 84.78 69.44
CA GLU MB 146 26.57 85.39 69.16
C GLU MB 146 26.96 86.28 70.34
N LYS MB 147 28.26 86.46 70.52
CA LYS MB 147 28.76 87.27 71.61
C LYS MB 147 28.42 88.74 71.38
N VAL MB 148 28.09 89.43 72.47
CA VAL MB 148 27.73 90.84 72.40
C VAL MB 148 28.97 91.68 72.13
N LYS MB 153 22.34 92.52 74.09
CA LYS MB 153 21.95 93.92 74.11
C LYS MB 153 20.51 94.07 74.60
N SER MB 154 19.66 93.11 74.23
CA SER MB 154 18.27 93.11 74.66
C SER MB 154 17.75 91.75 75.07
N VAL MB 155 18.59 90.72 75.07
CA VAL MB 155 18.18 89.37 75.45
C VAL MB 155 19.13 88.86 76.52
N ASN MB 156 18.57 88.24 77.56
CA ASN MB 156 19.34 87.68 78.66
C ASN MB 156 19.76 86.27 78.29
N ALA MB 157 20.97 86.13 77.74
CA ALA MB 157 21.53 84.82 77.41
C ALA MB 157 22.98 84.78 77.89
N ILE MB 158 23.30 83.76 78.68
CA ILE MB 158 24.64 83.60 79.25
C ILE MB 158 25.17 82.23 78.84
N ALA MB 159 26.38 82.23 78.28
CA ALA MB 159 27.01 80.97 77.90
C ALA MB 159 27.45 80.19 79.13
N LEU MB 160 27.31 78.86 79.06
CA LEU MB 160 27.70 77.99 80.16
C LEU MB 160 28.91 77.13 79.84
N SER MB 161 29.34 77.06 78.58
CA SER MB 161 30.49 76.26 78.20
C SER MB 161 31.14 76.93 76.99
N LYS MB 162 32.03 76.20 76.34
CA LYS MB 162 32.70 76.66 75.12
C LYS MB 162 32.00 76.08 73.90
N ALA MB 163 32.32 76.65 72.74
CA ALA MB 163 31.72 76.19 71.49
C ALA MB 163 32.14 74.75 71.18
N HIS MB 164 31.17 73.94 70.77
CA HIS MB 164 31.43 72.57 70.37
C HIS MB 164 31.11 72.45 68.88
N LYS MB 165 32.08 71.97 68.11
CA LYS MB 165 31.95 71.86 66.66
C LYS MB 165 31.38 70.49 66.30
N LEU MB 166 30.26 70.48 65.59
CA LEU MB 166 29.66 69.24 65.11
C LEU MB 166 29.88 69.03 63.62
N THR MB 167 29.94 70.13 62.85
CA THR MB 167 30.16 70.08 61.42
C THR MB 167 31.01 71.29 61.07
N GLU MB 168 31.41 71.43 59.80
CA GLU MB 168 32.27 72.53 59.40
C GLU MB 168 31.66 73.88 59.74
N ASP MB 169 30.36 74.02 59.56
CA ASP MB 169 29.66 75.28 59.84
C ASP MB 169 28.65 75.16 60.98
N LEU MB 170 28.68 74.05 61.74
CA LEU MB 170 27.72 73.81 62.80
C LEU MB 170 28.43 73.83 64.15
N PHE MB 171 28.09 74.82 64.98
CA PHE MB 171 28.63 74.96 66.33
C PHE MB 171 27.49 75.09 67.32
N ILE MB 172 27.60 74.40 68.45
CA ILE MB 172 26.60 74.45 69.50
C ILE MB 172 27.25 74.97 70.77
N VAL MB 173 26.40 75.41 71.70
CA VAL MB 173 26.86 75.94 72.97
C VAL MB 173 25.75 75.77 74.00
N LEU MB 174 26.14 75.43 75.23
CA LEU MB 174 25.20 75.38 76.33
C LEU MB 174 24.97 76.79 76.85
N ALA MB 175 23.71 77.22 76.89
CA ALA MB 175 23.38 78.59 77.26
C ALA MB 175 22.12 78.59 78.11
N SER MB 176 21.95 79.69 78.86
CA SER MB 176 20.78 79.91 79.70
C SER MB 176 20.10 81.19 79.23
N VAL MB 177 18.86 81.07 78.77
CA VAL MB 177 18.07 82.22 78.33
C VAL MB 177 16.99 82.46 79.36
N PHE MB 178 17.01 83.63 79.98
CA PHE MB 178 16.12 83.95 81.09
C PHE MB 178 15.48 85.33 80.90
N GLY MB 179 14.98 85.58 79.70
CA GLY MB 179 14.16 86.75 79.45
C GLY MB 179 14.87 87.85 78.68
N ASN MB 180 14.25 89.03 78.71
CA ASN MB 180 14.75 90.21 78.03
C ASN MB 180 15.22 91.24 79.06
N ARG MB 181 16.39 91.84 78.80
CA ARG MB 181 16.93 92.85 79.69
C ARG MB 181 16.37 94.22 79.29
N ALA MB 182 16.90 95.28 79.91
CA ALA MB 182 16.45 96.63 79.63
C ALA MB 182 17.26 97.24 78.48
N ILE NB 4 41.30 83.18 129.65
CA ILE NB 4 40.34 82.16 129.27
C ILE NB 4 38.98 82.82 129.06
N THR NB 5 38.61 83.67 130.03
CA THR NB 5 37.32 84.34 129.97
C THR NB 5 37.23 85.26 128.76
N LYS NB 6 38.33 85.95 128.42
CA LYS NB 6 38.32 86.83 127.25
C LYS NB 6 38.08 86.03 125.98
N ILE NB 7 38.76 84.89 125.84
CA ILE NB 7 38.57 84.05 124.67
C ILE NB 7 37.14 83.54 124.60
N LYS NB 8 36.58 83.14 125.75
CA LYS NB 8 35.21 82.66 125.77
C LYS NB 8 34.23 83.76 125.35
N GLN NB 9 34.44 84.99 125.84
CA GLN NB 9 33.55 86.09 125.48
C GLN NB 9 33.65 86.41 123.98
N GLU NB 10 34.87 86.43 123.43
CA GLU NB 10 35.01 86.68 122.00
C GLU NB 10 34.35 85.57 121.18
N PHE NB 11 34.50 84.32 121.62
CA PHE NB 11 33.85 83.21 120.94
C PHE NB 11 32.33 83.37 120.97
N ASP NB 12 31.78 83.77 122.12
CA ASP NB 12 30.34 83.98 122.22
C ASP NB 12 29.89 85.10 121.30
N LYS NB 13 30.67 86.19 121.20
CA LYS NB 13 30.32 87.29 120.32
C LYS NB 13 30.28 86.83 118.86
N LYS NB 14 31.31 86.09 118.44
CA LYS NB 14 31.34 85.61 117.05
C LYS NB 14 30.18 84.65 116.79
N VAL NB 15 29.89 83.76 117.74
CA VAL NB 15 28.78 82.83 117.59
C VAL NB 15 27.46 83.59 117.46
N ALA NB 16 27.28 84.62 118.28
CA ALA NB 16 26.06 85.42 118.20
C ALA NB 16 25.92 86.09 116.84
N GLU NB 17 27.01 86.65 116.31
CA GLU NB 17 26.96 87.28 115.01
C GLU NB 17 26.59 86.27 113.91
N ILE NB 18 27.24 85.11 113.93
CA ILE NB 18 26.96 84.11 112.90
C ILE NB 18 25.51 83.63 112.99
N GLN NB 19 25.03 83.36 114.19
CA GLN NB 19 23.64 82.92 114.35
C GLN NB 19 22.67 84.00 113.90
N ALA NB 20 22.95 85.26 114.21
CA ALA NB 20 22.12 86.35 113.72
C ALA NB 20 22.07 86.35 112.19
N LEU NB 21 23.20 86.09 111.54
CA LEU NB 21 23.24 86.01 110.08
C LEU NB 21 22.99 84.58 109.59
N MET NB 22 21.86 84.02 110.04
CA MET NB 22 21.47 82.66 109.67
C MET NB 22 19.95 82.54 109.73
N LYS NB 23 19.41 81.64 108.90
CA LYS NB 23 17.95 81.52 108.79
C LYS NB 23 17.34 80.92 110.06
N ASN NB 24 17.89 79.81 110.56
CA ASN NB 24 17.33 79.08 111.70
C ASN NB 24 18.45 78.72 112.66
N PRO NB 25 18.85 79.66 113.51
CA PRO NB 25 19.94 79.38 114.46
C PRO NB 25 19.57 78.25 115.42
N GLN NB 26 20.55 77.41 115.71
CA GLN NB 26 20.38 76.32 116.66
C GLN NB 26 20.73 76.84 118.06
N GLN NB 27 19.78 77.57 118.64
CA GLN NB 27 19.95 78.18 119.94
C GLN NB 27 18.78 77.79 120.84
N ASP NB 28 19.10 77.35 122.06
CA ASP NB 28 18.08 77.04 123.05
C ASP NB 28 17.81 78.24 123.93
N SER NB 29 16.73 78.14 124.71
CA SER NB 29 16.33 79.21 125.61
C SER NB 29 15.87 78.61 126.93
N GLY NB 30 15.92 79.43 127.97
CA GLY NB 30 15.48 78.98 129.29
C GLY NB 30 13.98 78.83 129.41
N LEU NB 31 13.22 79.63 128.65
CA LEU NB 31 11.77 79.66 128.77
C LEU NB 31 11.11 79.58 127.40
N LEU NB 32 9.90 79.04 127.37
CA LEU NB 32 9.07 79.05 126.18
C LEU NB 32 8.47 80.44 125.99
N SER NB 33 8.65 80.99 124.79
CA SER NB 33 7.99 82.25 124.46
C SER NB 33 6.50 82.02 124.27
N ASN NB 34 5.70 83.00 124.69
CA ASN NB 34 4.25 82.88 124.68
C ASN NB 34 3.68 83.67 123.50
N SER NB 35 2.84 83.00 122.72
CA SER NB 35 2.15 83.62 121.58
C SER NB 35 0.77 84.05 122.04
N ILE NB 36 0.58 85.36 122.17
CA ILE NB 36 -0.69 85.91 122.65
C ILE NB 36 -1.60 86.37 121.52
N ASP NB 37 -1.06 86.65 120.34
CA ASP NB 37 -1.83 87.17 119.22
C ASP NB 37 -1.53 86.37 117.98
N PHE NB 38 -2.51 86.31 117.07
CA PHE NB 38 -2.35 85.64 115.80
C PHE NB 38 -1.86 86.57 114.70
N ARG NB 39 -1.54 87.82 115.04
CA ARG NB 39 -1.13 88.82 114.06
C ARG NB 39 0.34 89.18 114.27
N ASP NB 40 1.00 89.56 113.17
CA ASP NB 40 2.42 89.91 113.17
C ASP NB 40 3.28 88.78 113.74
N GLN NB 41 2.89 87.55 113.42
CA GLN NB 41 3.66 86.36 113.79
C GLN NB 41 4.52 85.85 112.64
N ASN NB 42 4.57 86.57 111.53
CA ASN NB 42 5.33 86.17 110.36
C ASN NB 42 6.54 87.04 110.10
N LEU NB 43 6.78 88.05 110.93
CA LEU NB 43 7.93 88.94 110.77
C LEU NB 43 9.17 88.34 111.42
N ILE NB 44 9.58 87.18 110.89
CA ILE NB 44 10.75 86.47 111.37
C ILE NB 44 11.67 86.19 110.19
N PHE NB 45 12.95 85.98 110.50
CA PHE NB 45 13.94 85.75 109.46
C PHE NB 45 13.95 84.31 108.97
N SER NB 46 13.29 83.39 109.66
CA SER NB 46 13.16 82.02 109.22
C SER NB 46 11.91 81.81 108.36
N ASN NB 47 11.19 82.88 108.04
CA ASN NB 47 9.97 82.80 107.23
C ASN NB 47 10.37 82.63 105.77
N SER NB 48 10.72 81.39 105.41
CA SER NB 48 11.16 81.09 104.07
C SER NB 48 9.99 81.01 103.11
N GLY NB 49 10.29 81.15 101.83
CA GLY NB 49 9.27 81.06 100.80
C GLY NB 49 8.54 82.37 100.58
N GLY NB 50 7.53 82.30 99.73
CA GLY NB 50 6.72 83.45 99.39
C GLY NB 50 5.44 83.51 100.21
N VAL NB 51 4.93 84.71 100.41
CA VAL NB 51 3.71 84.89 101.18
C VAL NB 51 2.53 84.29 100.45
N CYS NB 52 2.50 84.40 99.12
CA CYS NB 52 1.42 83.86 98.30
C CYS NB 52 2.05 83.15 97.12
N THR NB 53 1.91 81.81 97.08
CA THR NB 53 2.67 80.97 96.18
C THR NB 53 1.74 80.18 95.27
N SER NB 54 2.14 80.01 94.01
CA SER NB 54 1.40 79.23 93.03
C SER NB 54 2.02 77.85 92.87
N SER NB 55 1.18 76.88 92.51
CA SER NB 55 1.64 75.52 92.28
C SER NB 55 2.38 75.36 90.96
N LYS NB 56 2.39 76.39 90.11
CA LYS NB 56 3.05 76.33 88.80
C LYS NB 56 4.32 77.16 88.75
N ASP NB 57 4.93 77.44 89.90
CA ASP NB 57 6.16 78.21 89.94
C ASP NB 57 7.36 77.33 89.65
N LYS NB 58 8.34 77.89 88.94
CA LYS NB 58 9.56 77.17 88.59
C LYS NB 58 10.62 77.41 89.66
N ILE NB 59 11.19 76.33 90.19
CA ILE NB 59 12.11 76.37 91.31
C ILE NB 59 13.37 75.60 90.96
N GLU NB 60 14.53 76.20 91.18
CA GLU NB 60 15.82 75.55 90.90
C GLU NB 60 16.65 75.53 92.17
N ASN NB 61 17.67 74.67 92.19
CA ASN NB 61 18.60 74.61 93.30
C ASN NB 61 20.03 74.70 92.77
N TYR NB 62 20.83 75.55 93.40
CA TYR NB 62 22.20 75.76 92.94
C TYR NB 62 23.16 75.76 94.13
N PRO NB 63 24.42 75.39 93.90
CA PRO NB 63 25.42 75.55 94.97
C PRO NB 63 25.57 77.01 95.36
N ALA NB 64 25.77 77.24 96.66
CA ALA NB 64 25.81 78.58 97.22
C ALA NB 64 27.24 79.00 97.54
N LYS NB 65 27.57 80.24 97.21
CA LYS NB 65 28.84 80.86 97.58
C LYS NB 65 28.52 82.03 98.51
N GLY NB 66 28.74 81.85 99.80
CA GLY NB 66 28.33 82.82 100.79
C GLY NB 66 26.98 82.46 101.40
N TYR NB 67 26.27 83.49 101.85
CA TYR NB 67 24.92 83.34 102.39
C TYR NB 67 23.96 84.23 101.60
N PRO NB 68 23.36 83.72 100.54
CA PRO NB 68 22.44 84.53 99.72
C PRO NB 68 20.98 84.46 100.13
N TYR NB 69 20.67 83.97 101.33
CA TYR NB 69 19.29 83.79 101.76
C TYR NB 69 18.51 85.10 101.69
N LYS NB 70 17.31 85.04 101.11
CA LYS NB 70 16.42 86.19 101.00
C LYS NB 70 17.10 87.36 100.30
N ARG NB 71 17.79 87.07 99.20
CA ARG NB 71 18.52 88.10 98.47
C ARG NB 71 18.48 87.79 96.98
N GLY NB 72 18.83 88.80 96.19
CA GLY NB 72 18.95 88.61 94.74
C GLY NB 72 20.25 87.91 94.41
N VAL NB 73 20.16 86.86 93.59
CA VAL NB 73 21.29 86.00 93.30
C VAL NB 73 21.64 86.09 91.82
N LYS NB 74 22.95 86.01 91.56
CA LYS NB 74 23.51 86.02 90.21
C LYS NB 74 24.35 84.77 90.03
N LEU NB 75 24.62 84.44 88.76
CA LEU NB 75 25.38 83.26 88.41
C LEU NB 75 26.86 83.59 88.40
N SER NB 76 27.62 82.95 89.28
CA SER NB 76 29.07 83.10 89.35
C SER NB 76 29.75 81.81 88.90
N PHE NB 77 30.69 81.94 87.97
CA PHE NB 77 31.41 80.80 87.42
C PHE NB 77 32.81 80.76 88.01
N GLY NB 78 33.26 79.56 88.37
CA GLY NB 78 34.59 79.35 88.90
C GLY NB 78 35.64 79.33 87.82
N ASP NB 79 36.66 78.52 88.03
CA ASP NB 79 37.74 78.34 87.07
C ASP NB 79 37.46 77.20 86.09
N GLY NB 80 36.26 76.62 86.13
CA GLY NB 80 35.91 75.52 85.28
C GLY NB 80 36.09 74.15 85.89
N THR NB 81 36.90 74.04 86.96
CA THR NB 81 37.06 72.76 87.64
C THR NB 81 35.79 72.35 88.37
N THR NB 82 35.04 73.31 88.88
CA THR NB 82 33.80 73.06 89.60
C THR NB 82 32.63 73.73 88.88
N GLU NB 83 31.43 73.25 89.19
CA GLU NB 83 30.23 73.76 88.55
C GLU NB 83 29.95 75.19 89.00
N LEU NB 84 29.10 75.88 88.23
CA LEU NB 84 28.73 77.25 88.54
C LEU NB 84 27.88 77.29 89.82
N GLU NB 85 27.87 78.46 90.45
CA GLU NB 85 27.15 78.64 91.70
C GLU NB 85 26.42 79.97 91.67
N VAL NB 86 25.65 80.24 92.73
CA VAL NB 86 24.89 81.48 92.86
C VAL NB 86 25.47 82.30 93.99
N GLU NB 87 25.64 83.59 93.76
CA GLU NB 87 26.15 84.51 94.79
C GLU NB 87 25.29 85.76 94.83
N ALA NB 88 25.25 86.38 96.00
CA ALA NB 88 24.47 87.61 96.17
C ALA NB 88 24.96 88.69 95.22
N GLY NB 89 24.04 89.31 94.50
CA GLY NB 89 24.40 90.35 93.55
C GLY NB 89 23.16 90.97 92.95
N GLY NB 90 23.40 92.01 92.16
CA GLY NB 90 22.31 92.73 91.52
C GLY NB 90 22.71 93.38 90.21
N GLY NB 91 21.99 94.41 89.81
CA GLY NB 91 22.29 95.08 88.55
C GLY NB 91 21.95 94.21 87.37
N ASP NB 92 22.74 94.35 86.30
CA ASP NB 92 22.52 93.58 85.08
C ASP NB 92 22.81 92.09 85.28
N ASP NB 93 23.61 91.73 86.28
CA ASP NB 93 23.94 90.34 86.54
C ASP NB 93 22.81 89.58 87.22
N LEU NB 94 21.73 90.25 87.58
CA LEU NB 94 20.64 89.62 88.34
C LEU NB 94 20.08 88.42 87.58
N TYR NB 95 20.11 87.25 88.23
CA TYR NB 95 19.55 86.05 87.65
C TYR NB 95 18.26 85.59 88.34
N GLY NB 96 18.14 85.76 89.64
CA GLY NB 96 16.94 85.33 90.32
C GLY NB 96 16.91 85.77 91.76
N VAL NB 97 16.02 85.16 92.53
CA VAL NB 97 15.83 85.48 93.94
C VAL NB 97 15.95 84.20 94.75
N CYS NB 98 16.79 84.23 95.79
CA CYS NB 98 16.94 83.07 96.67
C CYS NB 98 15.83 83.08 97.71
N SER NB 99 15.00 82.03 97.70
CA SER NB 99 13.87 81.97 98.61
C SER NB 99 14.09 81.03 99.79
N ASP NB 100 15.04 80.11 99.70
CA ASP NB 100 15.31 79.16 100.77
C ASP NB 100 16.74 78.68 100.64
N ILE NB 101 17.24 78.06 101.71
CA ILE NB 101 18.59 77.51 101.70
C ILE NB 101 18.64 76.30 102.61
N ASP NB 102 19.40 75.28 102.19
CA ASP NB 102 19.69 74.11 102.98
C ASP NB 102 21.16 74.19 103.38
N GLU NB 103 21.41 74.41 104.68
CA GLU NB 103 22.77 74.62 105.16
C GLU NB 103 23.57 73.32 105.12
N PHE NB 104 22.93 72.18 105.41
CA PHE NB 104 23.65 70.91 105.44
C PHE NB 104 24.28 70.61 104.09
N SER NB 105 23.53 70.81 103.00
CA SER NB 105 24.05 70.59 101.66
C SER NB 105 24.57 71.85 100.99
N GLY NB 106 24.42 73.01 101.62
CA GLY NB 106 24.85 74.25 101.02
C GLY NB 106 24.15 74.58 99.73
N MET NB 107 22.84 74.31 99.67
CA MET NB 107 22.07 74.46 98.43
C MET NB 107 21.10 75.63 98.55
N ALA NB 108 21.15 76.54 97.58
CA ALA NB 108 20.28 77.71 97.55
C ALA NB 108 19.13 77.46 96.57
N THR NB 109 17.90 77.58 97.06
CA THR NB 109 16.73 77.52 96.22
C THR NB 109 16.47 78.86 95.56
N VAL NB 110 16.38 78.87 94.24
CA VAL NB 110 16.32 80.09 93.45
C VAL NB 110 15.06 80.07 92.60
N ILE NB 111 14.31 81.16 92.63
CA ILE NB 111 13.22 81.42 91.69
C ILE NB 111 13.77 82.34 90.60
N PRO NB 112 13.70 81.94 89.34
CA PRO NB 112 14.26 82.79 88.26
C PRO NB 112 13.47 84.08 88.11
N ILE NB 113 14.15 85.08 87.53
CA ILE NB 113 13.56 86.39 87.36
C ILE NB 113 12.37 86.35 86.41
N THR NB 114 12.26 85.31 85.58
CA THR NB 114 11.13 85.18 84.67
C THR NB 114 9.84 84.82 85.38
N ASN NB 115 9.89 84.48 86.67
CA ASN NB 115 8.71 84.12 87.44
C ASN NB 115 8.46 85.18 88.50
N ASN NB 116 7.24 85.69 88.55
CA ASN NB 116 6.90 86.73 89.53
C ASN NB 116 6.91 86.16 90.94
N PHE NB 117 7.41 86.95 91.89
CA PHE NB 117 7.58 86.51 93.27
C PHE NB 117 7.18 87.63 94.21
N THR NB 118 6.31 87.31 95.17
CA THR NB 118 5.91 88.25 96.21
C THR NB 118 6.31 87.67 97.56
N GLY NB 119 7.14 88.39 98.29
CA GLY NB 119 7.60 87.87 99.57
C GLY NB 119 8.51 88.85 100.28
N TYR NB 120 9.04 88.39 101.41
CA TYR NB 120 9.88 89.22 102.26
C TYR NB 120 11.34 89.11 101.82
N LEU NB 121 11.97 90.25 101.56
CA LEU NB 121 13.34 90.30 101.07
C LEU NB 121 14.15 91.29 101.89
N THR NB 122 15.46 91.06 101.94
CA THR NB 122 16.36 91.91 102.70
C THR NB 122 16.47 93.29 102.05
N LEU NB 123 16.48 94.32 102.90
CA LEU NB 123 16.57 95.71 102.46
C LEU NB 123 17.86 96.33 102.99
N LYS NB 124 18.37 97.31 102.24
CA LYS NB 124 19.61 97.98 102.63
C LYS NB 124 19.40 98.78 103.91
N LYS NB 125 20.48 98.92 104.67
CA LYS NB 125 20.46 99.67 105.92
C LYS NB 125 21.24 100.97 105.77
N VAL NB 131 11.44 103.83 103.83
CA VAL NB 131 10.81 103.35 102.61
C VAL NB 131 9.34 103.00 102.88
N ASN NB 132 8.44 103.77 102.29
CA ASN NB 132 7.01 103.58 102.41
C ASN NB 132 6.49 102.70 101.29
N PRO NB 133 5.33 102.06 101.48
CA PRO NB 133 4.77 101.21 100.41
C PRO NB 133 4.53 101.98 99.13
N GLY NB 134 4.77 101.32 98.00
CA GLY NB 134 4.59 101.92 96.69
C GLY NB 134 5.87 102.44 96.06
N ASP NB 135 6.95 102.54 96.81
CA ASP NB 135 8.20 103.05 96.26
C ASP NB 135 8.87 102.00 95.37
N LYS NB 136 9.56 102.48 94.34
CA LYS NB 136 10.31 101.60 93.45
C LYS NB 136 11.57 101.10 94.15
N LEU NB 137 11.97 99.88 93.81
CA LEU NB 137 13.09 99.22 94.45
C LEU NB 137 14.01 98.62 93.40
N ASN NB 138 15.28 98.49 93.75
CA ASN NB 138 16.25 97.83 92.89
C ASN NB 138 17.29 97.12 93.75
N PHE NB 139 17.82 96.02 93.22
CA PHE NB 139 18.83 95.25 93.93
C PHE NB 139 20.20 95.88 93.76
N ASN NB 140 20.93 96.01 94.86
CA ASN NB 140 22.28 96.56 94.82
C ASN NB 140 23.28 95.44 94.58
N GLN NB 141 24.57 95.74 94.71
CA GLN NB 141 25.60 94.74 94.46
C GLN NB 141 25.59 93.61 95.48
N HIS NB 142 24.98 93.82 96.65
CA HIS NB 142 24.92 92.82 97.70
C HIS NB 142 23.61 92.04 97.68
N GLY NB 143 22.79 92.20 96.65
CA GLY NB 143 21.52 91.53 96.61
C GLY NB 143 20.48 92.06 97.56
N GLU NB 144 20.63 93.32 98.00
CA GLU NB 144 19.71 93.95 98.93
C GLU NB 144 18.86 94.98 98.19
N LEU NB 145 17.61 95.09 98.60
CA LEU NB 145 16.71 96.06 97.99
C LEU NB 145 17.02 97.47 98.48
N GLU NB 146 17.01 98.42 97.55
CA GLU NB 146 17.24 99.82 97.89
C GLU NB 146 16.32 100.68 97.03
N LYS NB 147 15.97 101.85 97.57
CA LYS NB 147 15.10 102.77 96.86
C LYS NB 147 15.80 103.36 95.66
N VAL NB 148 15.06 103.55 94.58
CA VAL NB 148 15.62 104.10 93.34
C VAL NB 148 15.81 105.60 93.48
N LYS NB 153 15.09 100.09 88.47
CA LYS NB 153 15.71 100.32 87.17
C LYS NB 153 15.34 99.22 86.17
N SER NB 154 16.19 98.21 86.05
CA SER NB 154 15.97 97.12 85.10
C SER NB 154 15.07 96.02 85.64
N VAL NB 155 14.54 96.17 86.84
CA VAL NB 155 13.70 95.16 87.48
C VAL NB 155 12.47 95.84 88.06
N ASN NB 156 11.32 95.18 87.95
CA ASN NB 156 10.05 95.70 88.45
C ASN NB 156 9.83 95.14 89.85
N ALA NB 157 10.34 95.87 90.85
CA ALA NB 157 10.16 95.52 92.26
C ALA NB 157 9.40 96.64 92.94
N ILE NB 158 8.28 96.30 93.59
CA ILE NB 158 7.43 97.28 94.27
C ILE NB 158 7.30 96.88 95.73
N ALA NB 159 7.54 97.82 96.63
CA ALA NB 159 7.41 97.57 98.06
C ALA NB 159 5.94 97.63 98.46
N LEU NB 160 5.45 96.54 99.04
CA LEU NB 160 4.06 96.44 99.48
C LEU NB 160 3.89 96.69 100.97
N SER NB 161 4.95 97.06 101.68
CA SER NB 161 4.89 97.32 103.11
C SER NB 161 6.12 98.14 103.49
N LYS NB 162 6.24 98.41 104.79
CA LYS NB 162 7.38 99.13 105.34
C LYS NB 162 8.39 98.15 105.92
N ALA NB 163 9.59 98.66 106.20
CA ALA NB 163 10.66 97.84 106.74
C ALA NB 163 10.30 97.35 108.14
N HIS NB 164 10.76 96.14 108.46
CA HIS NB 164 10.55 95.53 109.77
C HIS NB 164 11.93 95.13 110.31
N LYS NB 165 12.55 96.04 111.04
CA LYS NB 165 13.88 95.81 111.57
C LYS NB 165 13.86 94.67 112.59
N LEU NB 166 14.67 93.64 112.34
CA LEU NB 166 14.82 92.52 113.25
C LEU NB 166 16.09 92.59 114.07
N THR NB 167 17.18 93.06 113.47
CA THR NB 167 18.46 93.22 114.12
C THR NB 167 18.96 94.62 113.77
N GLU NB 168 20.05 95.05 114.41
CA GLU NB 168 20.60 96.38 114.15
C GLU NB 168 20.94 96.57 112.68
N ASP NB 169 21.22 95.47 111.95
CA ASP NB 169 21.51 95.54 110.53
C ASP NB 169 20.55 94.74 109.66
N LEU NB 170 19.65 93.97 110.25
CA LEU NB 170 18.73 93.12 109.48
C LEU NB 170 17.40 93.85 109.31
N PHE NB 171 17.08 94.21 108.06
CA PHE NB 171 15.82 94.84 107.71
C PHE NB 171 15.15 94.01 106.61
N ILE NB 172 13.86 93.72 106.80
CA ILE NB 172 13.10 92.94 105.84
C ILE NB 172 11.91 93.77 105.36
N VAL NB 173 11.64 93.69 104.06
CA VAL NB 173 10.53 94.42 103.45
C VAL NB 173 9.78 93.47 102.53
N LEU NB 174 8.45 93.59 102.52
CA LEU NB 174 7.63 92.82 101.60
C LEU NB 174 7.69 93.47 100.22
N ALA NB 175 8.12 92.71 99.22
CA ALA NB 175 8.27 93.21 97.86
C ALA NB 175 7.65 92.25 96.88
N SER NB 176 7.06 92.82 95.82
CA SER NB 176 6.54 92.07 94.68
C SER NB 176 7.43 92.38 93.48
N VAL NB 177 8.08 91.36 92.95
CA VAL NB 177 8.97 91.48 91.80
C VAL NB 177 8.32 90.74 90.64
N PHE NB 178 8.09 91.45 89.54
CA PHE NB 178 7.43 90.87 88.37
C PHE NB 178 8.25 91.15 87.12
N GLY NB 179 9.23 90.30 86.85
CA GLY NB 179 9.98 90.35 85.62
C GLY NB 179 10.92 91.55 85.53
N ASN NB 180 11.46 91.73 84.33
CA ASN NB 180 12.35 92.83 84.05
C ASN NB 180 11.52 94.06 83.64
N ARG NB 181 12.21 95.18 83.41
CA ARG NB 181 11.54 96.44 83.11
C ARG NB 181 12.21 97.10 81.91
N ALA NB 182 11.39 97.81 81.13
CA ALA NB 182 11.84 98.53 79.94
C ALA NB 182 12.53 97.59 78.95
N ALA OB 187 -16.63 44.05 73.06
CA ALA OB 187 -16.64 45.31 73.78
C ALA OB 187 -17.42 46.37 73.01
N SER OB 188 -18.51 46.84 73.61
CA SER OB 188 -19.35 47.85 72.99
C SER OB 188 -20.15 48.56 74.08
N LEU OB 189 -20.21 49.89 73.99
CA LEU OB 189 -20.97 50.66 74.96
C LEU OB 189 -22.48 50.46 74.81
N LEU OB 190 -22.93 50.01 73.65
CA LEU OB 190 -24.35 49.74 73.47
C LEU OB 190 -24.83 48.61 74.39
N ASP OB 191 -23.99 47.61 74.61
CA ASP OB 191 -24.33 46.54 75.54
C ASP OB 191 -24.35 47.06 76.97
N SER OB 192 -25.28 46.54 77.77
CA SER OB 192 -25.38 46.90 79.18
C SER OB 192 -24.64 45.92 80.08
N ASN OB 193 -23.95 44.93 79.50
CA ASN OB 193 -23.17 43.95 80.26
C ASN OB 193 -21.68 44.09 80.00
N PHE OB 194 -21.22 45.32 79.79
CA PHE OB 194 -19.82 45.60 79.50
C PHE OB 194 -19.21 46.38 80.66
N VAL OB 195 -18.12 45.86 81.21
CA VAL OB 195 -17.39 46.50 82.29
C VAL OB 195 -15.97 46.76 81.82
N PRO OB 196 -15.66 47.99 81.40
CA PRO OB 196 -14.29 48.30 80.93
C PRO OB 196 -13.32 48.24 82.11
N ILE OB 197 -12.27 47.42 81.95
CA ILE OB 197 -11.27 47.32 83.00
C ILE OB 197 -10.43 48.58 83.08
N ASN OB 198 -10.08 49.18 81.94
CA ASN OB 198 -9.20 50.33 81.92
C ASN OB 198 -9.57 51.25 80.76
N PHE OB 199 -8.89 52.39 80.70
CA PHE OB 199 -9.19 53.41 79.70
C PHE OB 199 -8.94 52.89 78.28
N THR OB 200 -7.97 51.99 78.12
CA THR OB 200 -7.71 51.42 76.80
C THR OB 200 -8.93 50.64 76.30
N GLU OB 201 -9.45 49.75 77.13
CA GLU OB 201 -10.68 49.03 76.76
C GLU OB 201 -11.84 49.98 76.58
N PHE OB 202 -11.90 51.06 77.37
CA PHE OB 202 -12.96 52.04 77.20
C PHE OB 202 -12.90 52.68 75.81
N VAL OB 203 -11.70 53.05 75.37
CA VAL OB 203 -11.55 53.68 74.06
C VAL OB 203 -11.87 52.69 72.94
N GLN OB 204 -11.42 51.45 73.09
CA GLN OB 204 -11.77 50.44 72.10
C GLN OB 204 -13.28 50.22 72.01
N ALA OB 205 -13.95 50.22 73.18
CA ALA OB 205 -15.40 50.10 73.19
C ALA OB 205 -16.07 51.29 72.52
N ILE OB 206 -15.52 52.49 72.73
CA ILE OB 206 -16.06 53.68 72.07
C ILE OB 206 -15.97 53.55 70.56
N SER OB 207 -14.81 53.10 70.07
CA SER OB 207 -14.64 52.94 68.63
C SER OB 207 -15.59 51.88 68.07
N ASN OB 208 -15.70 50.75 68.76
CA ASN OB 208 -16.62 49.71 68.31
C ASN OB 208 -18.06 50.20 68.31
N THR OB 209 -18.44 50.99 69.33
CA THR OB 209 -19.78 51.54 69.39
C THR OB 209 -20.04 52.49 68.22
N TYR OB 210 -19.06 53.32 67.88
CA TYR OB 210 -19.22 54.20 66.72
C TYR OB 210 -19.41 53.40 65.44
N LYS OB 211 -18.61 52.34 65.28
CA LYS OB 211 -18.74 51.51 64.08
C LYS OB 211 -20.11 50.85 64.02
N GLN OB 212 -20.60 50.32 65.14
CA GLN OB 212 -21.91 49.69 65.16
C GLN OB 212 -23.00 50.71 64.88
N ARG OB 213 -22.86 51.94 65.39
CA ARG OB 213 -23.84 52.97 65.12
C ARG OB 213 -23.90 53.32 63.65
N ARG OB 214 -22.75 53.43 62.98
CA ARG OB 214 -22.79 53.75 61.56
C ARG OB 214 -23.33 52.57 60.75
N ILE OB 215 -23.02 51.33 61.16
CA ILE OB 215 -23.60 50.16 60.49
C ILE OB 215 -25.12 50.17 60.61
N GLN OB 216 -25.63 50.46 61.81
CA GLN OB 216 -27.07 50.51 62.01
C GLN OB 216 -27.70 51.65 61.21
N PHE OB 217 -27.01 52.79 61.12
CA PHE OB 217 -27.51 53.91 60.33
C PHE OB 217 -27.65 53.50 58.87
N TYR OB 218 -26.64 52.83 58.32
CA TYR OB 218 -26.73 52.39 56.93
C TYR OB 218 -27.79 51.32 56.75
N GLU OB 219 -27.98 50.44 57.74
CA GLU OB 219 -29.02 49.43 57.65
C GLU OB 219 -30.41 50.06 57.62
N ASN OB 220 -30.62 51.09 58.44
CA ASN OB 220 -31.93 51.75 58.53
C ASN OB 220 -32.10 52.89 57.55
N LEU OB 221 -31.09 53.20 56.75
CA LEU OB 221 -31.17 54.30 55.80
C LEU OB 221 -31.99 53.91 54.58
N LYS OB 222 -32.80 54.84 54.10
CA LYS OB 222 -33.59 54.65 52.88
C LYS OB 222 -33.53 55.92 52.06
N ARG OB 223 -33.17 55.79 50.79
CA ARG OB 223 -33.09 56.95 49.90
C ARG OB 223 -34.27 56.98 48.94
N ALA PB 187 11.49 39.79 102.28
CA ALA PB 187 10.85 39.73 100.96
C ALA PB 187 11.75 40.36 99.89
N SER PB 188 11.73 39.79 98.69
CA SER PB 188 12.54 40.28 97.60
C SER PB 188 11.82 40.01 96.29
N LEU PB 189 12.23 40.76 95.25
CA LEU PB 189 11.63 40.58 93.93
C LEU PB 189 11.94 39.21 93.33
N LEU PB 190 13.01 38.56 93.79
CA LEU PB 190 13.36 37.24 93.26
C LEU PB 190 12.27 36.22 93.57
N ASP PB 191 11.70 36.27 94.77
CA ASP PB 191 10.66 35.34 95.15
C ASP PB 191 9.39 35.57 94.34
N SER PB 192 8.76 34.48 93.89
CA SER PB 192 7.52 34.59 93.13
C SER PB 192 6.34 34.91 94.03
N ASN PB 193 6.43 34.58 95.32
CA ASN PB 193 5.32 34.78 96.25
C ASN PB 193 5.16 36.22 96.71
N PHE PB 194 6.15 37.08 96.45
CA PHE PB 194 6.09 38.45 96.94
C PHE PB 194 5.04 39.25 96.18
N VAL PB 195 4.05 39.75 96.90
CA VAL PB 195 3.01 40.62 96.35
C VAL PB 195 3.07 41.94 97.08
N PRO PB 196 3.72 42.95 96.51
CA PRO PB 196 3.81 44.25 97.18
C PRO PB 196 2.45 44.91 97.33
N ILE PB 197 2.31 45.69 98.39
CA ILE PB 197 1.05 46.37 98.69
C ILE PB 197 1.18 47.86 98.39
N ASN PB 198 2.41 48.39 98.47
CA ASN PB 198 2.61 49.81 98.27
C ASN PB 198 4.03 50.07 97.78
N PHE PB 199 4.26 51.31 97.38
CA PHE PB 199 5.55 51.70 96.82
C PHE PB 199 6.67 51.57 97.84
N THR PB 200 6.36 51.76 99.12
CA THR PB 200 7.37 51.58 100.17
C THR PB 200 7.85 50.14 100.21
N GLU PB 201 6.92 49.18 100.20
CA GLU PB 201 7.31 47.78 100.16
C GLU PB 201 8.03 47.44 98.87
N PHE PB 202 7.62 48.06 97.76
CA PHE PB 202 8.33 47.84 96.50
C PHE PB 202 9.78 48.28 96.60
N VAL PB 203 10.03 49.45 97.20
CA VAL PB 203 11.39 49.95 97.35
C VAL PB 203 12.19 49.05 98.28
N GLN PB 204 11.57 48.59 99.38
CA GLN PB 204 12.26 47.68 100.28
C GLN PB 204 12.64 46.39 99.57
N ALA PB 205 11.73 45.86 98.74
CA ALA PB 205 12.03 44.65 97.99
C ALA PB 205 13.16 44.89 96.99
N ILE PB 206 13.19 46.06 96.36
CA ILE PB 206 14.28 46.37 95.44
C ILE PB 206 15.62 46.38 96.17
N SER PB 207 15.65 47.00 97.36
CA SER PB 207 16.89 47.02 98.13
C SER PB 207 17.32 45.62 98.54
N ASN PB 208 16.36 44.79 98.97
CA ASN PB 208 16.67 43.42 99.34
C ASN PB 208 17.20 42.63 98.15
N THR PB 209 16.60 42.84 96.97
CA THR PB 209 17.06 42.16 95.77
C THR PB 209 18.49 42.56 95.42
N TYR PB 210 18.80 43.86 95.53
CA TYR PB 210 20.17 44.31 95.27
C TYR PB 210 21.15 43.66 96.25
N LYS PB 211 20.79 43.60 97.53
CA LYS PB 211 21.67 42.97 98.52
C LYS PB 211 21.88 41.49 98.22
N GLN PB 212 20.80 40.79 97.86
CA GLN PB 212 20.93 39.36 97.55
C GLN PB 212 21.77 39.13 96.31
N ARG PB 213 21.63 40.00 95.29
CA ARG PB 213 22.46 39.87 94.09
C ARG PB 213 23.93 40.12 94.41
N ARG PB 214 24.21 41.10 95.29
CA ARG PB 214 25.60 41.31 95.71
C ARG PB 214 26.15 40.09 96.43
N ILE PB 215 25.35 39.49 97.31
CA ILE PB 215 25.79 38.29 98.03
C ILE PB 215 26.06 37.16 97.04
N GLN PB 216 25.17 36.98 96.07
CA GLN PB 216 25.35 35.92 95.08
C GLN PB 216 26.60 36.16 94.23
N PHE PB 217 26.85 37.40 93.85
CA PHE PB 217 28.05 37.71 93.07
C PHE PB 217 29.31 37.40 93.87
N TYR PB 218 29.34 37.78 95.14
CA TYR PB 218 30.52 37.48 95.95
C TYR PB 218 30.67 35.99 96.19
N GLU PB 219 29.56 35.25 96.24
CA GLU PB 219 29.66 33.80 96.41
C GLU PB 219 30.16 33.12 95.14
N ASN PB 220 29.77 33.61 93.97
CA ASN PB 220 30.20 33.03 92.71
C ASN PB 220 31.50 33.63 92.18
N LEU PB 221 32.08 34.60 92.88
CA LEU PB 221 33.32 35.20 92.43
C LEU PB 221 34.50 34.24 92.65
N LYS PB 222 35.36 34.15 91.64
CA LYS PB 222 36.58 33.34 91.71
C LYS PB 222 37.73 34.19 91.18
N ARG PB 223 38.68 34.52 92.06
CA ARG PB 223 39.82 35.33 91.67
C ARG PB 223 40.99 34.45 91.22
N VAL QB 195 -17.90 54.60 108.53
CA VAL QB 195 -16.87 54.54 107.50
C VAL QB 195 -17.33 55.29 106.26
N PRO QB 196 -16.69 56.43 105.98
CA PRO QB 196 -17.04 57.19 104.78
C PRO QB 196 -16.58 56.49 103.51
N ILE QB 197 -17.25 56.83 102.42
CA ILE QB 197 -16.93 56.25 101.12
C ILE QB 197 -16.02 57.18 100.33
N ASN QB 198 -16.47 58.41 100.12
CA ASN QB 198 -15.75 59.36 99.28
C ASN QB 198 -15.56 60.69 100.01
N PHE QB 199 -14.98 61.65 99.30
CA PHE QB 199 -14.65 62.94 99.89
C PHE QB 199 -15.90 63.73 100.29
N THR QB 200 -16.98 63.61 99.51
CA THR QB 200 -18.22 64.28 99.88
C THR QB 200 -18.74 63.78 101.22
N GLU QB 201 -18.75 62.45 101.41
CA GLU QB 201 -19.18 61.89 102.69
C GLU QB 201 -18.23 62.29 103.80
N PHE QB 202 -16.93 62.36 103.51
CA PHE QB 202 -15.97 62.81 104.52
C PHE QB 202 -16.26 64.23 104.96
N VAL QB 203 -16.57 65.12 104.02
CA VAL QB 203 -16.87 66.51 104.35
C VAL QB 203 -18.17 66.60 105.16
N GLN QB 204 -19.19 65.82 104.76
CA GLN QB 204 -20.43 65.83 105.52
C GLN QB 204 -20.21 65.33 106.94
N ALA QB 205 -19.39 64.28 107.10
CA ALA QB 205 -19.08 63.79 108.44
C ALA QB 205 -18.35 64.83 109.26
N ILE QB 206 -17.43 65.58 108.64
CA ILE QB 206 -16.72 66.64 109.36
C ILE QB 206 -17.70 67.71 109.83
N SER QB 207 -18.63 68.11 108.95
CA SER QB 207 -19.62 69.12 109.33
C SER QB 207 -20.50 68.62 110.48
N ASN QB 208 -20.94 67.37 110.41
CA ASN QB 208 -21.75 66.81 111.49
C ASN QB 208 -20.97 66.76 112.79
N THR QB 209 -19.69 66.41 112.72
CA THR QB 209 -18.85 66.39 113.92
C THR QB 209 -18.74 67.79 114.53
N TYR QB 210 -18.54 68.80 113.70
CA TYR QB 210 -18.51 70.18 114.21
C TYR QB 210 -19.83 70.55 114.88
N LYS QB 211 -20.96 70.21 114.25
CA LYS QB 211 -22.24 70.56 114.83
C LYS QB 211 -22.46 69.87 116.17
N GLN QB 212 -22.14 68.57 116.24
CA GLN QB 212 -22.30 67.84 117.49
C GLN QB 212 -21.36 68.37 118.57
N ARG QB 213 -20.15 68.77 118.19
CA ARG QB 213 -19.22 69.36 119.14
C ARG QB 213 -19.77 70.66 119.70
N ARG QB 214 -20.36 71.50 118.84
CA ARG QB 214 -20.96 72.74 119.32
C ARG QB 214 -22.13 72.47 120.25
N ILE QB 215 -22.98 71.49 119.91
CA ILE QB 215 -24.11 71.16 120.78
C ILE QB 215 -23.62 70.67 122.14
N GLN QB 216 -22.60 69.83 122.14
CA GLN QB 216 -22.05 69.34 123.40
C GLN QB 216 -21.44 70.47 124.22
N PHE QB 217 -20.77 71.42 123.56
CA PHE QB 217 -20.18 72.54 124.29
C PHE QB 217 -21.28 73.39 124.93
N TYR QB 218 -22.37 73.64 124.20
CA TYR QB 218 -23.49 74.36 124.81
C TYR QB 218 -24.14 73.59 125.94
N GLU QB 219 -24.21 72.27 125.84
CA GLU QB 219 -24.74 71.47 126.94
C GLU QB 219 -23.85 71.58 128.17
N ASN QB 220 -22.53 71.58 127.98
CA ASN QB 220 -21.60 71.62 129.10
C ASN QB 220 -21.34 73.03 129.61
N LEU QB 221 -21.79 74.07 128.89
CA LEU QB 221 -21.55 75.43 129.34
C LEU QB 221 -22.31 75.72 130.63
N LYS QB 222 -21.64 76.41 131.56
CA LYS QB 222 -22.24 76.83 132.83
C LYS QB 222 -22.02 78.33 132.96
N ARG QB 223 -23.02 79.12 132.57
CA ARG QB 223 -22.90 80.57 132.60
C ARG QB 223 -23.02 81.09 134.03
N LEU RB 3 -73.58 78.29 94.27
CA LEU RB 3 -73.13 79.54 93.66
C LEU RB 3 -74.04 79.98 92.53
N PHE RB 4 -74.49 79.02 91.72
CA PHE RB 4 -75.36 79.34 90.60
C PHE RB 4 -76.72 79.86 91.07
N ASP RB 5 -77.19 79.39 92.22
CA ASP RB 5 -78.44 79.91 92.78
C ASP RB 5 -78.30 81.39 93.15
N GLU RB 6 -77.18 81.76 93.75
CA GLU RB 6 -77.00 83.14 94.21
C GLU RB 6 -76.64 84.07 93.06
N ASN RB 7 -75.83 83.61 92.12
CA ASN RB 7 -75.28 84.45 91.06
C ASN RB 7 -75.93 84.08 89.73
N TYR RB 8 -76.82 84.95 89.25
CA TYR RB 8 -77.46 84.74 87.96
C TYR RB 8 -76.46 84.92 86.82
N TYR RB 9 -75.57 85.90 86.93
CA TYR RB 9 -74.63 86.20 85.85
C TYR RB 9 -73.69 85.01 85.61
N ALA RB 10 -73.20 84.38 86.67
CA ALA RB 10 -72.38 83.19 86.51
C ALA RB 10 -73.17 82.07 85.85
N LYS RB 11 -74.43 81.91 86.22
CA LYS RB 11 -75.27 80.89 85.59
C LYS RB 11 -75.45 81.16 84.11
N ALA RB 12 -75.70 82.41 83.74
CA ALA RB 12 -75.87 82.76 82.32
C ALA RB 12 -74.58 82.52 81.55
N VAL RB 13 -73.44 82.88 82.13
CA VAL RB 13 -72.16 82.65 81.47
C VAL RB 13 -71.93 81.15 81.27
N ALA RB 14 -72.24 80.35 82.29
CA ALA RB 14 -72.07 78.91 82.17
C ALA RB 14 -73.00 78.32 81.12
N ASN RB 15 -74.21 78.84 81.01
CA ASN RB 15 -75.19 78.27 80.08
C ASN RB 15 -75.00 78.77 78.66
N ILE RB 16 -74.26 79.86 78.44
CA ILE RB 16 -74.05 80.38 77.09
C ILE RB 16 -72.60 80.24 76.63
N ILE RB 17 -71.69 79.78 77.48
CA ILE RB 17 -70.28 79.71 77.10
C ILE RB 17 -70.07 78.72 75.96
N GLY RB 18 -70.95 77.74 75.80
CA GLY RB 18 -70.81 76.76 74.74
C GLY RB 18 -71.08 77.31 73.36
N GLU RB 19 -71.82 78.42 73.26
CA GLU RB 19 -72.17 79.00 71.97
C GLU RB 19 -71.09 79.91 71.40
N VAL RB 20 -70.01 80.15 72.14
CA VAL RB 20 -68.92 80.96 71.63
C VAL RB 20 -68.02 80.09 70.75
N LYS RB 21 -67.71 80.57 69.55
CA LYS RB 21 -66.99 79.78 68.58
C LYS RB 21 -65.49 79.75 68.90
N ASP RB 22 -64.84 78.68 68.43
CA ASP RB 22 -63.42 78.50 68.67
C ASP RB 22 -62.61 79.54 67.90
N PRO RB 23 -61.47 79.97 68.46
CA PRO RB 23 -60.62 80.92 67.74
C PRO RB 23 -60.04 80.31 66.48
N ILE RB 24 -59.82 81.16 65.48
CA ILE RB 24 -59.29 80.70 64.20
C ILE RB 24 -57.77 80.55 64.21
N MET RB 25 -57.10 80.97 65.28
CA MET RB 25 -55.65 80.82 65.34
C MET RB 25 -55.23 79.37 65.53
N TYR RB 26 -56.13 78.51 65.98
CA TYR RB 26 -55.80 77.09 66.16
C TYR RB 26 -55.43 76.43 64.84
N LYS RB 27 -55.91 76.94 63.71
CA LYS RB 27 -55.57 76.37 62.42
C LYS RB 27 -54.13 76.66 62.04
N TRP RB 28 -53.49 77.66 62.66
CA TRP RB 28 -52.14 78.05 62.33
C TRP RB 28 -51.08 77.31 63.14
N PHE RB 29 -51.49 76.38 64.00
CA PHE RB 29 -50.56 75.64 64.85
C PHE RB 29 -50.93 74.16 64.84
N SER RB 30 -50.25 73.39 65.66
CA SER RB 30 -50.44 71.95 65.79
C SER RB 30 -50.74 71.60 67.23
N PRO RB 31 -51.36 70.45 67.49
CA PRO RB 31 -51.71 70.09 68.87
C PRO RB 31 -50.54 70.09 69.83
N ASP RB 32 -49.34 69.71 69.37
CA ASP RB 32 -48.17 69.70 70.23
C ASP RB 32 -47.45 71.05 70.28
N GLN RB 33 -47.89 72.03 69.49
CA GLN RB 33 -47.25 73.33 69.46
C GLN RB 33 -47.85 74.33 70.44
N ILE RB 34 -48.85 73.94 71.22
CA ILE RB 34 -49.53 74.81 72.16
C ILE RB 34 -49.47 74.19 73.55
N GLU RB 35 -49.01 74.97 74.53
CA GLU RB 35 -48.88 74.49 75.90
C GLU RB 35 -49.34 75.58 76.87
N ASP RB 36 -50.23 75.23 77.78
CA ASP RB 36 -50.78 76.21 78.71
C ASP RB 36 -49.80 76.50 79.84
N VAL RB 37 -49.76 77.77 80.25
CA VAL RB 37 -48.99 78.18 81.41
C VAL RB 37 -49.92 78.87 82.40
N ASP RB 38 -49.61 78.72 83.69
CA ASP RB 38 -50.46 79.24 84.77
C ASP RB 38 -49.91 80.58 85.22
N LEU RB 39 -50.33 81.63 84.52
CA LEU RB 39 -49.90 82.98 84.83
C LEU RB 39 -50.95 83.97 84.34
N GLN RB 40 -51.00 85.13 84.98
CA GLN RB 40 -51.92 86.20 84.59
C GLN RB 40 -51.15 87.39 84.02
N MET RB 41 -50.21 87.95 84.78
CA MET RB 41 -49.32 88.97 84.28
C MET RB 41 -47.92 88.70 84.83
N GLY RB 42 -46.90 88.98 84.04
CA GLY RB 42 -45.54 88.76 84.50
C GLY RB 42 -44.64 88.23 83.41
N TYR RB 43 -43.71 87.35 83.76
CA TYR RB 43 -42.79 86.80 82.78
C TYR RB 43 -42.37 85.40 83.20
N GLN RB 44 -41.88 84.65 82.21
CA GLN RB 44 -41.28 83.34 82.41
C GLN RB 44 -39.95 83.30 81.68
N LYS RB 45 -39.04 82.45 82.16
CA LYS RB 45 -37.69 82.41 81.65
C LYS RB 45 -37.26 80.99 81.31
N THR RB 46 -36.43 80.87 80.28
CA THR RB 46 -35.81 79.60 79.91
C THR RB 46 -34.35 79.84 79.59
N VAL RB 47 -33.53 78.80 79.77
CA VAL RB 47 -32.09 78.88 79.62
C VAL RB 47 -31.64 77.91 78.53
N LYS RB 48 -30.74 78.37 77.66
CA LYS RB 48 -30.18 77.55 76.59
C LYS RB 48 -28.67 77.71 76.55
N TRP RB 49 -27.97 76.59 76.38
CA TRP RB 49 -26.51 76.56 76.37
C TRP RB 49 -26.00 76.32 74.96
N ASP RB 50 -24.89 76.99 74.62
CA ASP RB 50 -24.28 76.87 73.30
C ASP RB 50 -22.76 76.80 73.42
N ALA RB 51 -22.16 75.89 72.67
CA ALA RB 51 -20.71 75.75 72.64
C ALA RB 51 -20.13 76.38 71.38
N PHE RB 52 -18.84 76.71 71.43
CA PHE RB 52 -18.17 77.31 70.29
C PHE RB 52 -16.68 77.00 70.36
N LEU RB 53 -16.02 77.12 69.21
CA LEU RB 53 -14.60 76.83 69.07
C LEU RB 53 -13.81 78.14 69.03
N ASN RB 54 -12.84 78.26 69.93
CA ASN RB 54 -12.08 79.51 70.02
C ASN RB 54 -11.04 79.65 68.93
N ALA RB 55 -10.47 78.54 68.45
CA ALA RB 55 -9.41 78.61 67.44
C ALA RB 55 -9.30 77.25 66.76
N ASN RB 56 -8.35 77.15 65.85
CA ASN RB 56 -8.09 75.89 65.15
C ASN RB 56 -7.56 74.85 66.14
N PRO RB 57 -7.76 73.57 65.84
CA PRO RB 57 -7.26 72.53 66.74
C PRO RB 57 -5.75 72.57 66.87
N THR RB 58 -5.24 71.74 67.79
CA THR RB 58 -3.82 71.65 68.07
C THR RB 58 -3.32 70.26 67.67
N THR RB 59 -2.23 70.23 66.91
CA THR RB 59 -1.62 68.96 66.51
C THR RB 59 -0.81 68.39 67.67
N ILE RB 60 -1.07 67.13 68.00
CA ILE RB 60 -0.39 66.46 69.10
C ILE RB 60 0.89 65.85 68.53
N ALA RB 61 1.99 66.59 68.65
CA ALA RB 61 3.30 66.12 68.22
C ALA RB 61 4.32 66.37 69.31
N ASN RB 62 5.03 65.32 69.71
CA ASN RB 62 6.07 65.38 70.74
C ASN RB 62 5.42 65.87 72.03
N GLU RB 63 5.93 66.92 72.67
CA GLU RB 63 5.38 67.43 73.92
C GLU RB 63 4.80 68.81 73.68
N VAL RB 64 3.59 69.04 74.19
CA VAL RB 64 2.93 70.33 74.07
C VAL RB 64 1.98 70.49 75.25
N ASN RB 65 1.98 71.70 75.83
CA ASN RB 65 1.10 72.02 76.94
C ASN RB 65 -0.01 72.98 76.58
N THR RB 66 0.22 73.88 75.63
CA THR RB 66 -0.77 74.87 75.24
C THR RB 66 -1.72 74.27 74.19
N ILE RB 67 -2.99 74.14 74.54
CA ILE RB 67 -3.98 73.50 73.69
C ILE RB 67 -5.10 74.50 73.39
N SER RB 68 -5.71 74.34 72.23
CA SER RB 68 -6.85 75.17 71.86
C SER RB 68 -8.05 74.87 72.76
N THR RB 69 -8.88 75.89 72.96
CA THR RB 69 -9.96 75.83 73.93
C THR RB 69 -11.32 75.89 73.25
N ILE RB 70 -12.29 75.21 73.85
CA ILE RB 70 -13.69 75.26 73.44
C ILE RB 70 -14.46 76.02 74.50
N GLY RB 71 -15.12 77.11 74.09
CA GLY RB 71 -15.86 77.95 75.01
C GLY RB 71 -17.34 77.62 75.05
N PHE RB 72 -18.00 78.11 76.10
CA PHE RB 72 -19.41 77.89 76.31
C PHE RB 72 -20.08 79.22 76.62
N SER RB 73 -21.40 79.27 76.38
CA SER RB 73 -22.18 80.46 76.68
C SER RB 73 -23.62 80.06 76.96
N SER RB 74 -24.32 80.95 77.66
CA SER RB 74 -25.72 80.73 78.02
C SER RB 74 -26.55 81.91 77.54
N GLU RB 75 -27.80 81.63 77.23
CA GLU RB 75 -28.76 82.67 76.84
C GLU RB 75 -30.08 82.41 77.55
N VAL RB 76 -30.64 83.47 78.13
CA VAL RB 76 -31.91 83.39 78.85
C VAL RB 76 -32.96 84.10 78.01
N VAL RB 77 -34.01 83.37 77.67
CA VAL RB 77 -35.13 83.92 76.90
C VAL RB 77 -36.30 84.14 77.83
N ARG RB 78 -36.85 85.35 77.81
CA ARG RB 78 -37.94 85.75 78.68
C ARG RB 78 -39.19 86.03 77.85
N LEU RB 79 -40.33 85.51 78.31
CA LEU RB 79 -41.62 85.74 77.68
C LEU RB 79 -42.52 86.49 78.65
N ASN RB 80 -43.11 87.59 78.18
CA ASN RB 80 -43.97 88.43 78.99
C ASN RB 80 -45.43 88.12 78.73
N TYR RB 81 -46.24 88.24 79.78
CA TYR RB 81 -47.68 88.03 79.72
C TYR RB 81 -48.36 89.25 80.31
N LEU RB 82 -49.34 89.80 79.58
CA LEU RB 82 -50.02 91.04 79.95
C LEU RB 82 -51.51 90.79 80.12
N LYS RB 83 -52.11 91.45 81.11
CA LYS RB 83 -53.53 91.28 81.43
C LYS RB 83 -54.29 92.51 81.00
N LEU RB 84 -55.33 92.32 80.19
CA LEU RB 84 -56.15 93.40 79.67
C LEU RB 84 -57.61 93.13 79.99
N GLN RB 85 -58.44 94.17 79.88
CA GLN RB 85 -59.82 94.08 80.32
C GLN RB 85 -60.71 95.04 79.53
N TYR RB 86 -61.97 94.66 79.36
CA TYR RB 86 -62.98 95.45 78.69
C TYR RB 86 -64.24 95.50 79.55
N LYS RB 87 -65.02 96.56 79.39
CA LYS RB 87 -66.27 96.76 80.11
C LYS RB 87 -67.42 96.93 79.14
N PHE RB 88 -68.56 96.29 79.43
CA PHE RB 88 -69.74 96.43 78.59
C PHE RB 88 -70.98 96.65 79.44
N ARG RB 89 -71.93 97.39 78.87
CA ARG RB 89 -73.19 97.74 79.52
C ARG RB 89 -74.31 96.85 79.04
N HIS RB 90 -75.15 96.39 79.97
CA HIS RB 90 -76.25 95.50 79.66
C HIS RB 90 -77.44 95.87 80.54
N LEU RB 91 -78.52 95.10 80.40
CA LEU RB 91 -79.72 95.27 81.21
C LEU RB 91 -79.64 94.47 82.49
N LYS RB 92 -80.29 94.98 83.53
CA LYS RB 92 -80.36 94.26 84.80
C LYS RB 92 -81.20 92.99 84.64
N GLN RB 93 -80.89 91.98 85.46
CA GLN RB 93 -81.56 90.70 85.36
C GLN RB 93 -83.06 90.84 85.57
N THR RB 94 -83.47 91.56 86.62
CA THR RB 94 -84.89 91.72 86.92
C THR RB 94 -85.59 92.64 85.93
N SER RB 95 -84.86 93.51 85.25
CA SER RB 95 -85.46 94.49 84.35
C SER RB 95 -85.78 93.92 82.98
N GLU RB 96 -85.41 92.67 82.69
CA GLU RB 96 -85.62 92.13 81.35
C GLU RB 96 -87.10 92.02 81.01
N LYS RB 97 -87.93 91.65 81.99
CA LYS RB 97 -89.35 91.42 81.74
C LYS RB 97 -90.04 92.65 81.16
N PHE RB 98 -89.54 93.85 81.48
CA PHE RB 98 -90.09 95.09 80.94
C PHE RB 98 -89.52 95.43 79.57
N TYR RB 99 -88.60 94.62 79.05
CA TYR RB 99 -88.06 94.81 77.71
C TYR RB 99 -88.25 93.59 76.81
N THR RB 100 -88.87 92.52 77.30
CA THR RB 100 -89.10 91.33 76.50
C THR RB 100 -90.20 91.62 75.49
N SER RB 101 -89.81 92.21 74.36
CA SER RB 101 -90.75 92.46 73.29
C SER RB 101 -91.17 91.15 72.63
N ASP RB 102 -92.16 91.24 71.74
CA ASP RB 102 -92.73 90.05 71.13
C ASP RB 102 -91.70 89.29 70.30
N SER RB 103 -90.87 90.00 69.55
CA SER RB 103 -89.90 89.36 68.67
C SER RB 103 -88.53 89.21 69.31
N TYR RB 104 -88.13 90.13 70.18
CA TYR RB 104 -86.78 90.14 70.71
C TYR RB 104 -86.80 90.68 72.14
N ILE RB 105 -85.71 90.42 72.86
CA ILE RB 105 -85.52 90.93 74.21
C ILE RB 105 -84.41 91.97 74.17
N GLY RB 106 -84.73 93.18 74.61
CA GLY RB 106 -83.76 94.27 74.63
C GLY RB 106 -84.32 95.57 74.10
N ASP RB 107 -83.76 96.68 74.58
CA ASP RB 107 -84.20 98.01 74.17
C ASP RB 107 -83.53 98.34 72.84
N ILE RB 108 -84.25 98.13 71.74
CA ILE RB 108 -83.69 98.39 70.42
C ILE RB 108 -83.46 99.89 70.21
N ASN RB 109 -84.27 100.74 70.85
CA ASN RB 109 -84.09 102.18 70.67
C ASN RB 109 -82.79 102.66 71.32
N ASN RB 110 -82.41 102.06 72.45
CA ASN RB 110 -81.24 102.49 73.20
C ASN RB 110 -80.06 101.53 73.08
N ASN RB 111 -80.18 100.49 72.26
CA ASN RB 111 -79.10 99.53 72.05
C ASN RB 111 -78.69 98.85 73.37
N LEU RB 112 -79.67 98.30 74.06
CA LEU RB 112 -79.45 97.58 75.31
C LEU RB 112 -79.84 96.12 75.12
N LEU RB 113 -79.02 95.23 75.63
CA LEU RB 113 -79.16 93.80 75.41
C LEU RB 113 -79.12 93.06 76.74
N PRO RB 114 -79.69 91.86 76.81
CA PRO RB 114 -79.53 91.03 78.00
C PRO RB 114 -78.08 90.63 78.21
N PHE RB 115 -77.80 90.22 79.45
CA PHE RB 115 -76.42 89.93 79.83
C PHE RB 115 -75.82 88.80 78.99
N ALA RB 116 -76.60 87.75 78.74
CA ALA RB 116 -76.06 86.61 78.00
C ALA RB 116 -75.64 86.99 76.59
N GLN RB 117 -76.53 87.67 75.86
CA GLN RB 117 -76.22 88.06 74.49
C GLN RB 117 -75.10 89.08 74.44
N ALA RB 118 -75.11 90.05 75.36
CA ALA RB 118 -74.03 91.04 75.39
C ALA RB 118 -72.69 90.37 75.66
N TYR RB 119 -72.66 89.43 76.61
CA TYR RB 119 -71.42 88.71 76.92
C TYR RB 119 -70.95 87.91 75.71
N LYS RB 120 -71.87 87.24 75.02
CA LYS RB 120 -71.48 86.46 73.85
C LYS RB 120 -70.86 87.34 72.78
N LEU RB 121 -71.51 88.46 72.47
CA LEU RB 121 -70.98 89.36 71.44
C LEU RB 121 -69.63 89.94 71.84
N ALA RB 122 -69.50 90.37 73.09
CA ALA RB 122 -68.23 90.93 73.55
C ALA RB 122 -67.12 89.89 73.52
N SER RB 123 -67.42 88.66 73.93
CA SER RB 123 -66.43 87.59 73.88
C SER RB 123 -66.00 87.31 72.45
N SER RB 124 -66.94 87.31 71.52
CA SER RB 124 -66.57 87.09 70.11
C SER RB 124 -65.64 88.19 69.62
N GLU RB 125 -65.96 89.45 69.93
CA GLU RB 125 -65.09 90.55 69.50
C GLU RB 125 -63.70 90.43 70.12
N ILE RB 126 -63.63 90.07 71.40
CA ILE RB 126 -62.34 89.95 72.07
C ILE RB 126 -61.53 88.81 71.48
N ILE RB 127 -62.19 87.69 71.14
CA ILE RB 127 -61.49 86.58 70.52
C ILE RB 127 -60.94 86.99 69.15
N LYS RB 128 -61.71 87.79 68.41
CA LYS RB 128 -61.18 88.32 67.14
C LYS RB 128 -59.95 89.18 67.37
N LEU RB 129 -59.98 90.02 68.40
CA LEU RB 129 -58.81 90.85 68.71
C LEU RB 129 -57.60 89.99 69.08
N ILE RB 130 -57.83 88.93 69.85
CA ILE RB 130 -56.74 88.03 70.24
C ILE RB 130 -56.16 87.34 69.02
N ASN RB 131 -57.01 86.89 68.10
CA ASN RB 131 -56.52 86.27 66.87
C ASN RB 131 -55.68 87.25 66.07
N HIS RB 132 -56.14 88.49 65.95
CA HIS RB 132 -55.37 89.50 65.24
C HIS RB 132 -54.02 89.72 65.90
N PHE RB 133 -53.99 89.79 67.22
CA PHE RB 133 -52.72 89.99 67.92
C PHE RB 133 -51.76 88.83 67.68
N VAL RB 134 -52.27 87.60 67.78
CA VAL RB 134 -51.42 86.44 67.58
C VAL RB 134 -50.86 86.43 66.16
N LEU RB 135 -51.67 86.84 65.19
CA LEU RB 135 -51.21 86.83 63.80
C LEU RB 135 -50.18 87.92 63.54
N THR RB 136 -50.44 89.15 63.99
CA THR RB 136 -49.67 90.29 63.50
C THR RB 136 -48.68 90.86 64.49
N GLY RB 137 -48.80 90.56 65.79
CA GLY RB 137 -47.90 91.09 66.79
C GLY RB 137 -48.29 92.43 67.37
N THR RB 138 -49.35 93.06 66.88
CA THR RB 138 -49.79 94.35 67.37
C THR RB 138 -51.25 94.29 67.80
N VAL RB 139 -51.63 95.21 68.68
CA VAL RB 139 -53.01 95.37 69.13
C VAL RB 139 -53.49 96.75 68.68
N SER RB 140 -54.53 96.77 67.86
CA SER RB 140 -55.08 98.01 67.37
C SER RB 140 -56.51 97.77 66.91
N ILE RB 141 -57.26 98.86 66.77
CA ILE RB 141 -58.61 98.79 66.24
C ILE RB 141 -58.80 99.59 64.96
N GLN RB 142 -57.91 100.54 64.65
CA GLN RB 142 -58.02 101.27 63.40
C GLN RB 142 -57.65 100.37 62.22
N LYS RB 143 -58.31 100.62 61.08
CA LYS RB 143 -58.01 99.85 59.88
C LYS RB 143 -56.63 100.17 59.33
N ASP RB 144 -56.13 101.38 59.58
CA ASP RB 144 -54.79 101.76 59.13
C ASP RB 144 -53.69 101.14 59.97
N GLY RB 145 -54.01 100.57 61.12
CA GLY RB 145 -53.01 99.99 61.98
C GLY RB 145 -52.27 100.95 62.87
N LYS RB 146 -52.76 102.19 62.99
CA LYS RB 146 -52.12 103.19 63.83
C LYS RB 146 -52.77 103.20 65.21
N ASN RB 147 -52.27 104.08 66.09
CA ASN RB 147 -52.73 104.19 67.47
C ASN RB 147 -52.66 102.84 68.18
N GLN RB 148 -51.54 102.15 67.99
CA GLN RB 148 -51.35 100.85 68.60
C GLN RB 148 -51.12 100.97 70.10
N LYS RB 149 -51.63 99.99 70.83
CA LYS RB 149 -51.40 99.93 72.28
C LYS RB 149 -49.95 99.54 72.54
N ARG RB 150 -49.26 100.36 73.34
CA ARG RB 150 -47.87 100.09 73.66
C ARG RB 150 -47.78 98.85 74.54
N LEU RB 151 -47.09 97.82 74.05
CA LEU RB 151 -46.96 96.55 74.75
C LEU RB 151 -45.57 96.42 75.34
N LEU RB 152 -45.42 95.47 76.25
CA LEU RB 152 -44.14 95.21 76.88
C LEU RB 152 -43.20 94.55 75.87
N PRO RB 153 -41.89 94.71 76.06
CA PRO RB 153 -40.93 93.96 75.23
C PRO RB 153 -41.06 92.46 75.48
N ASN RB 154 -40.44 91.68 74.59
CA ASN RB 154 -40.52 90.22 74.62
C ASN RB 154 -41.96 89.73 74.46
N MET RB 155 -42.76 90.47 73.70
CA MET RB 155 -44.12 90.07 73.33
C MET RB 155 -44.27 90.28 71.84
N TYR RB 156 -44.29 89.17 71.09
CA TYR RB 156 -44.20 89.24 69.64
C TYR RB 156 -45.22 88.30 69.01
N GLY RB 157 -45.55 88.58 67.75
CA GLY RB 157 -46.37 87.72 66.94
C GLY RB 157 -45.58 87.09 65.80
N LEU RB 158 -46.30 86.30 65.00
CA LEU RB 158 -45.66 85.59 63.90
C LEU RB 158 -45.16 86.52 62.81
N LEU RB 159 -45.68 87.73 62.72
CA LEU RB 159 -45.29 88.67 61.66
C LEU RB 159 -44.19 89.63 62.09
N ASN RB 160 -44.22 90.11 63.33
CA ASN RB 160 -43.24 91.08 63.81
C ASN RB 160 -42.11 90.45 64.60
N MET RB 161 -41.99 89.13 64.60
CA MET RB 161 -40.92 88.47 65.34
C MET RB 161 -39.57 88.91 64.78
N PRO RB 162 -38.65 89.35 65.62
CA PRO RB 162 -37.36 89.86 65.12
C PRO RB 162 -36.40 88.74 64.76
N GLU RB 163 -35.39 89.11 63.98
CA GLU RB 163 -34.31 88.21 63.56
C GLU RB 163 -34.86 87.00 62.80
N GLN RB 164 -35.68 87.27 61.80
CA GLN RB 164 -36.21 86.28 60.87
C GLN RB 164 -35.83 86.68 59.45
N ILE RB 165 -36.25 85.87 58.48
CA ILE RB 165 -35.97 86.17 57.08
C ILE RB 165 -37.07 87.08 56.55
N LYS RB 166 -36.68 88.24 56.03
CA LYS RB 166 -37.62 89.26 55.58
C LYS RB 166 -37.31 89.63 54.13
N GLU RB 167 -38.33 89.58 53.29
CA GLU RB 167 -38.22 89.95 51.89
C GLU RB 167 -39.25 91.01 51.55
N GLU RB 168 -38.91 91.90 50.61
CA GLU RB 168 -39.75 93.02 50.24
C GLU RB 168 -39.87 93.09 48.72
N VAL RB 169 -41.04 92.77 48.21
CA VAL RB 169 -41.33 92.91 46.78
C VAL RB 169 -41.61 94.37 46.48
N ALA RB 170 -40.93 94.92 45.48
CA ALA RB 170 -41.00 96.34 45.18
C ALA RB 170 -42.40 96.72 44.69
N SER RB 171 -42.65 98.04 44.67
CA SER RB 171 -43.97 98.54 44.29
C SER RB 171 -44.29 98.23 42.83
N GLY RB 172 -43.30 98.38 41.95
CA GLY RB 172 -43.53 98.12 40.53
C GLY RB 172 -43.80 96.67 40.20
N ASP RB 173 -43.40 95.75 41.07
CA ASP RB 173 -43.56 94.32 40.83
C ASP RB 173 -44.65 93.70 41.70
N LYS RB 174 -45.59 94.51 42.18
CA LYS RB 174 -46.65 93.99 43.04
C LYS RB 174 -47.55 93.02 42.26
N ASP RB 175 -47.80 93.30 40.99
CA ASP RB 175 -48.63 92.44 40.16
C ASP RB 175 -47.85 91.30 39.50
N LYS RB 176 -46.52 91.31 39.61
CA LYS RB 176 -45.69 90.32 38.93
C LYS RB 176 -45.49 89.12 39.85
N MET RB 177 -46.27 88.06 39.58
CA MET RB 177 -46.18 86.85 40.40
C MET RB 177 -44.82 86.19 40.27
N ASP RB 178 -44.16 86.35 39.11
CA ASP RB 178 -42.81 85.82 38.97
C ASP RB 178 -41.84 86.52 39.92
N LYS RB 179 -41.94 87.83 40.05
CA LYS RB 179 -41.10 88.56 40.99
C LYS RB 179 -41.43 88.17 42.43
N ILE RB 180 -42.73 88.03 42.74
CA ILE RB 180 -43.12 87.60 44.08
C ILE RB 180 -42.51 86.23 44.40
N PHE RB 181 -42.59 85.30 43.45
CA PHE RB 181 -42.02 83.97 43.65
C PHE RB 181 -40.51 84.02 43.76
N GLU RB 182 -39.85 84.93 43.02
CA GLU RB 182 -38.40 85.08 43.16
C GLU RB 182 -38.04 85.50 44.57
N LYS RB 183 -38.75 86.47 45.13
CA LYS RB 183 -38.49 86.88 46.50
C LYS RB 183 -38.77 85.75 47.49
N ILE RB 184 -39.86 85.01 47.27
CA ILE RB 184 -40.18 83.90 48.14
C ILE RB 184 -39.09 82.83 48.10
N GLU RB 185 -38.57 82.54 46.90
CA GLU RB 185 -37.52 81.54 46.76
C GLU RB 185 -36.23 82.01 47.44
N ALA RB 186 -35.90 83.30 47.31
CA ALA RB 186 -34.73 83.82 48.00
C ALA RB 186 -34.87 83.66 49.51
N GLY RB 187 -36.04 84.00 50.05
CA GLY RB 187 -36.26 83.82 51.47
C GLY RB 187 -36.21 82.36 51.90
N LEU RB 188 -36.78 81.48 51.08
CA LEU RB 188 -36.76 80.04 51.39
C LEU RB 188 -35.34 79.52 51.42
N SER RB 189 -34.49 79.98 50.48
CA SER RB 189 -33.08 79.61 50.51
C SER RB 189 -32.40 80.15 51.78
N LYS RB 190 -32.74 81.38 52.16
CA LYS RB 190 -32.14 81.95 53.37
C LYS RB 190 -32.68 81.35 54.66
N LEU RB 191 -33.75 80.54 54.60
CA LEU RB 191 -34.20 79.84 55.79
C LEU RB 191 -33.12 78.90 56.30
N GLU RB 192 -33.15 78.63 57.61
CA GLU RB 192 -32.13 77.86 58.30
C GLU RB 192 -32.75 76.82 59.22
N LEU RB 193 -33.68 76.03 58.68
CA LEU RB 193 -34.35 75.01 59.48
C LEU RB 193 -33.34 74.05 60.12
N GLY RB 194 -32.20 73.82 59.48
CA GLY RB 194 -31.16 73.00 60.08
C GLY RB 194 -31.60 71.56 60.23
N ASP RB 195 -31.35 71.01 61.42
CA ASP RB 195 -31.67 69.60 61.68
C ASP RB 195 -33.18 69.36 61.62
N GLU RB 196 -33.97 70.31 62.09
CA GLU RB 196 -35.42 70.16 62.12
C GLU RB 196 -35.97 70.60 60.77
N PHE RB 197 -36.04 69.65 59.83
CA PHE RB 197 -36.59 69.89 58.51
C PHE RB 197 -37.68 68.92 58.10
N SER RB 198 -37.77 67.75 58.72
CA SER RB 198 -38.80 66.76 58.37
C SER RB 198 -40.09 67.04 59.15
N THR RB 199 -40.63 68.23 58.93
CA THR RB 199 -41.84 68.69 59.61
C THR RB 199 -42.76 69.36 58.61
N PRO RB 200 -44.07 69.30 58.84
CA PRO RB 200 -45.00 70.01 57.95
C PRO RB 200 -44.78 71.52 58.00
N MET RB 201 -45.13 72.19 56.90
CA MET RB 201 -44.96 73.62 56.79
C MET RB 201 -46.30 74.30 56.57
N MET RB 202 -46.40 75.56 56.98
CA MET RB 202 -47.62 76.33 56.92
C MET RB 202 -47.34 77.65 56.23
N VAL RB 203 -48.21 78.01 55.27
CA VAL RB 203 -48.15 79.28 54.55
C VAL RB 203 -49.46 80.01 54.79
N ILE RB 204 -49.37 81.30 55.06
CA ILE RB 204 -50.53 82.16 55.26
C ILE RB 204 -50.43 83.32 54.29
N VAL RB 205 -51.50 83.54 53.52
CA VAL RB 205 -51.52 84.55 52.48
C VAL RB 205 -52.80 85.37 52.58
N ASP RB 206 -52.74 86.57 52.01
CA ASP RB 206 -53.91 87.44 51.90
C ASP RB 206 -54.81 86.97 50.76
N PRO RB 207 -56.08 87.40 50.76
CA PRO RB 207 -56.98 86.98 49.66
C PRO RB 207 -56.49 87.38 48.27
N ALA RB 208 -55.86 88.54 48.12
CA ALA RB 208 -55.33 88.93 46.82
C ALA RB 208 -54.23 87.97 46.37
N THR RB 209 -53.34 87.60 47.29
CA THR RB 209 -52.30 86.63 46.96
C THR RB 209 -52.90 85.27 46.63
N SER RB 210 -53.94 84.88 47.36
CA SER RB 210 -54.60 83.60 47.06
C SER RB 210 -55.22 83.61 45.67
N LEU RB 211 -55.81 84.74 45.28
CA LEU RB 211 -56.32 84.87 43.91
C LEU RB 211 -55.18 84.79 42.89
N LYS RB 212 -54.05 85.43 43.19
CA LYS RB 212 -52.93 85.40 42.25
C LYS RB 212 -52.34 84.00 42.13
N LEU RB 213 -52.45 83.18 43.18
CA LEU RB 213 -51.82 81.87 43.19
C LEU RB 213 -52.44 80.87 42.21
N VAL RB 214 -53.63 81.15 41.66
CA VAL RB 214 -54.30 80.18 40.80
C VAL RB 214 -54.11 80.46 39.32
N LYS RB 215 -53.38 81.51 38.96
CA LYS RB 215 -53.07 81.76 37.57
C LYS RB 215 -52.14 80.68 37.04
N PRO RB 216 -52.18 80.38 35.73
CA PRO RB 216 -51.25 79.40 35.17
C PRO RB 216 -49.80 79.87 35.31
N TYR RB 217 -48.91 78.91 35.54
CA TYR RB 217 -47.51 79.23 35.71
C TYR RB 217 -46.91 79.75 34.39
N ALA RB 218 -46.14 80.83 34.49
CA ALA RB 218 -45.50 81.42 33.32
C ALA RB 218 -43.99 81.26 33.39
N ALA RB 223 -45.72 82.19 27.38
CA ALA RB 223 -46.88 81.31 27.33
C ALA RB 223 -47.33 80.90 28.72
N ALA RB 224 -48.05 79.80 28.81
CA ALA RB 224 -48.55 79.28 30.08
C ALA RB 224 -48.30 77.78 30.15
N SER RB 225 -48.05 77.28 31.35
CA SER RB 225 -47.79 75.87 31.56
C SER RB 225 -49.10 75.15 31.89
N SER RB 226 -49.48 74.20 31.04
CA SER RB 226 -50.70 73.44 31.27
C SER RB 226 -50.54 72.53 32.48
N CYS RB 227 -51.61 72.43 33.28
CA CYS RB 227 -51.66 71.62 34.49
C CYS RB 227 -50.62 72.02 35.53
N GLU RB 228 -50.02 73.20 35.38
CA GLU RB 228 -49.06 73.73 36.35
C GLU RB 228 -49.49 75.13 36.75
N LYS RB 229 -49.67 75.34 38.04
CA LYS RB 229 -50.10 76.63 38.55
C LYS RB 229 -49.14 77.09 39.65
N TRP RB 230 -49.19 78.39 39.93
CA TRP RB 230 -48.28 78.98 40.90
C TRP RB 230 -48.41 78.31 42.27
N GLU RB 231 -49.63 77.91 42.64
CA GLU RB 231 -49.82 77.20 43.90
C GLU RB 231 -49.05 75.89 43.91
N ASP RB 232 -49.13 75.13 42.81
CA ASP RB 232 -48.41 73.85 42.73
C ASP RB 232 -46.90 74.08 42.75
N VAL RB 233 -46.43 75.11 42.06
CA VAL RB 233 -45.00 75.41 42.05
C VAL RB 233 -44.53 75.77 43.45
N LEU RB 234 -45.32 76.57 44.17
CA LEU RB 234 -44.95 76.94 45.54
C LEU RB 234 -44.94 75.72 46.46
N ILE RB 235 -45.93 74.83 46.31
CA ILE RB 235 -45.96 73.62 47.14
C ILE RB 235 -44.74 72.77 46.87
N GLN RB 236 -44.36 72.62 45.59
CA GLN RB 236 -43.17 71.83 45.27
C GLN RB 236 -41.91 72.49 45.83
N THR RB 237 -41.81 73.81 45.73
CA THR RB 237 -40.64 74.51 46.25
C THR RB 237 -40.50 74.32 47.76
N ILE RB 238 -41.62 74.41 48.49
CA ILE RB 238 -41.57 74.21 49.94
C ILE RB 238 -41.28 72.75 50.27
N LYS RB 239 -41.81 71.82 49.47
CA LYS RB 239 -41.54 70.40 49.68
C LYS RB 239 -40.08 70.09 49.44
N ALA RB 240 -39.40 70.91 48.63
CA ALA RB 240 -37.97 70.72 48.41
C ALA RB 240 -37.19 70.88 49.71
N ILE RB 241 -37.58 71.84 50.56
CA ILE RB 241 -36.85 72.10 51.80
C ILE RB 241 -37.44 71.38 53.02
N ASN RB 242 -38.69 70.95 52.96
CA ASN RB 242 -39.30 70.31 54.13
C ASN RB 242 -39.18 68.79 54.11
N ASN RB 243 -38.33 68.25 53.23
CA ASN RB 243 -38.12 66.80 53.09
C ASN RB 243 -39.40 66.10 52.65
N ARG RB 244 -40.09 66.68 51.66
CA ARG RB 244 -41.28 66.11 51.07
C ARG RB 244 -42.36 65.83 52.13
N GLU RB 245 -42.58 66.81 52.99
CA GLU RB 245 -43.61 66.72 54.02
C GLU RB 245 -44.83 67.54 53.61
N ASP RB 246 -45.86 67.48 54.44
CA ASP RB 246 -47.11 68.18 54.13
C ASP RB 246 -46.91 69.69 54.14
N VAL RB 247 -47.58 70.36 53.21
CA VAL RB 247 -47.59 71.82 53.12
C VAL RB 247 -49.02 72.28 53.15
N TYR RB 248 -49.35 73.13 54.12
CA TYR RB 248 -50.70 73.65 54.29
C TYR RB 248 -50.75 75.11 53.90
N ILE RB 249 -51.84 75.51 53.24
CA ILE RB 249 -52.04 76.88 52.78
C ILE RB 249 -53.29 77.43 53.45
N GLU RB 250 -53.19 78.64 54.00
CA GLU RB 250 -54.30 79.29 54.67
C GLU RB 250 -54.43 80.71 54.17
N THR RB 251 -55.68 81.20 54.13
CA THR RB 251 -55.97 82.56 53.74
C THR RB 251 -56.59 83.29 54.93
N SER RB 252 -56.17 84.53 55.14
CA SER RB 252 -56.66 85.33 56.25
C SER RB 252 -56.98 86.73 55.77
N ASN RB 253 -58.18 87.20 56.08
CA ASN RB 253 -58.54 88.59 55.78
C ASN RB 253 -57.82 89.58 56.68
N LEU RB 254 -57.27 89.12 57.80
CA LEU RB 254 -56.49 89.99 58.67
C LEU RB 254 -55.23 90.48 57.97
N LEU RB 255 -54.55 89.60 57.23
CA LEU RB 255 -53.34 89.98 56.53
C LEU RB 255 -53.65 90.89 55.36
N LYS RB 256 -52.62 91.58 54.88
CA LYS RB 256 -52.75 92.50 53.76
C LYS RB 256 -51.41 92.61 53.06
N HIS RB 257 -51.29 91.98 51.89
CA HIS RB 257 -50.06 92.02 51.09
C HIS RB 257 -48.87 91.45 51.86
N LYS RB 258 -49.15 90.43 52.68
CA LYS RB 258 -48.13 89.75 53.46
C LYS RB 258 -48.20 88.25 53.16
N ILE RB 259 -47.04 87.61 53.11
CA ILE RB 259 -46.93 86.17 52.97
C ILE RB 259 -46.07 85.66 54.11
N LEU RB 260 -46.58 84.66 54.83
CA LEU RB 260 -45.90 84.15 56.02
C LEU RB 260 -45.69 82.65 55.88
N ILE RB 261 -44.44 82.20 55.96
CA ILE RB 261 -44.11 80.79 55.84
C ILE RB 261 -43.34 80.36 57.08
N TYR RB 262 -43.78 79.28 57.72
CA TYR RB 262 -43.12 78.81 58.93
C TYR RB 262 -43.45 77.34 59.15
N PRO RB 263 -42.58 76.59 59.83
CA PRO RB 263 -42.86 75.19 60.09
C PRO RB 263 -43.85 75.01 61.23
N LEU RB 264 -44.36 73.78 61.34
CA LEU RB 264 -45.27 73.38 62.42
C LEU RB 264 -44.56 72.49 63.43
N ASN RB 265 -43.29 72.79 63.72
CA ASN RB 265 -42.49 72.01 64.64
C ASN RB 265 -42.45 72.68 66.00
N SER RB 266 -42.77 71.92 67.04
CA SER RB 266 -42.76 72.47 68.40
C SER RB 266 -41.34 72.80 68.87
N GLU RB 267 -40.32 72.18 68.30
CA GLU RB 267 -38.94 72.46 68.68
C GLU RB 267 -38.42 73.77 68.12
N LEU RB 268 -39.08 74.35 67.12
CA LEU RB 268 -38.67 75.61 66.52
C LEU RB 268 -39.57 76.77 66.93
N ILE RB 269 -40.88 76.58 66.88
CA ILE RB 269 -41.84 77.59 67.28
C ILE RB 269 -42.85 76.96 68.22
N LYS RB 270 -43.04 77.57 69.39
CA LYS RB 270 -43.98 77.07 70.38
C LYS RB 270 -44.80 78.22 70.95
N PHE RB 271 -46.09 77.98 71.12
CA PHE RB 271 -47.02 78.95 71.70
C PHE RB 271 -47.35 78.45 73.10
N LYS RB 272 -46.92 79.21 74.11
CA LYS RB 272 -47.22 78.90 75.50
C LYS RB 272 -48.14 79.97 76.07
N PRO RB 273 -49.42 79.97 75.73
CA PRO RB 273 -50.31 81.00 76.24
C PRO RB 273 -50.74 80.73 77.67
N SER RB 274 -51.21 81.79 78.31
CA SER RB 274 -51.76 81.65 79.65
C SER RB 274 -53.07 80.89 79.60
N LYS RB 275 -53.34 80.12 80.67
CA LYS RB 275 -54.60 79.41 80.76
C LYS RB 275 -55.79 80.35 80.88
N TYR RB 276 -55.56 81.63 81.16
CA TYR RB 276 -56.60 82.64 81.22
C TYR RB 276 -56.50 83.62 80.06
N MET RB 277 -55.92 83.18 78.94
CA MET RB 277 -55.80 84.05 77.78
C MET RB 277 -57.17 84.35 77.16
N LEU RB 278 -58.04 83.34 77.09
CA LEU RB 278 -59.35 83.53 76.52
C LEU RB 278 -60.22 84.36 77.46
N PRO RB 279 -61.24 85.04 76.92
CA PRO RB 279 -62.05 85.96 77.75
C PRO RB 279 -62.67 85.26 78.93
N THR RB 280 -62.68 85.95 80.08
CA THR RB 280 -63.26 85.43 81.30
C THR RB 280 -64.07 86.54 81.97
N PRO RB 281 -65.24 86.23 82.51
CA PRO RB 281 -66.02 87.25 83.22
C PRO RB 281 -65.43 87.56 84.58
N ASN RB 282 -65.55 88.82 84.98
CA ASN RB 282 -65.15 89.27 86.30
C ASN RB 282 -66.34 89.21 87.25
N GLU RB 283 -66.03 89.02 88.54
CA GLU RB 283 -67.08 88.92 89.54
C GLU RB 283 -67.74 90.28 89.83
N GLN RB 284 -67.05 91.37 89.54
CA GLN RB 284 -67.57 92.70 89.85
C GLN RB 284 -68.63 93.10 88.83
N VAL RB 285 -69.83 93.39 89.30
CA VAL RB 285 -70.94 93.83 88.46
C VAL RB 285 -71.41 95.19 88.99
N ASP RB 286 -71.32 96.21 88.16
CA ASP RB 286 -71.77 97.54 88.56
C ASP RB 286 -73.29 97.59 88.58
N LYS RB 287 -73.85 98.09 89.67
CA LYS RB 287 -75.30 98.19 89.84
C LYS RB 287 -75.67 99.58 90.33
N ASP RB 288 -76.83 100.05 89.89
CA ASP RB 288 -77.35 101.35 90.28
C ASP RB 288 -78.85 101.23 90.47
N SER RB 289 -79.52 102.37 90.62
CA SER RB 289 -80.97 102.36 90.78
C SER RB 289 -81.69 102.09 89.47
N THR RB 290 -81.07 102.41 88.33
CA THR RB 290 -81.70 102.26 87.04
C THR RB 290 -81.61 100.81 86.57
N ASP RB 291 -81.98 100.56 85.32
CA ASP RB 291 -81.99 99.23 84.75
C ASP RB 291 -80.67 98.85 84.08
N VAL RB 292 -79.75 99.78 83.93
CA VAL RB 292 -78.49 99.54 83.23
C VAL RB 292 -77.44 99.08 84.23
N ALA RB 293 -76.77 97.96 83.91
CA ALA RB 293 -75.66 97.45 84.70
C ALA RB 293 -74.44 97.33 83.81
N HIS RB 294 -73.28 97.13 84.44
CA HIS RB 294 -72.01 97.03 83.73
C HIS RB 294 -71.26 95.79 84.19
N SER RB 295 -70.64 95.09 83.25
CA SER RB 295 -69.84 93.91 83.54
C SER RB 295 -68.48 94.03 82.87
N TYR RB 296 -67.54 93.18 83.30
CA TYR RB 296 -66.15 93.24 82.86
C TYR RB 296 -65.70 91.88 82.37
N ILE RB 297 -64.92 91.89 81.29
CA ILE RB 297 -64.32 90.68 80.73
C ILE RB 297 -62.82 90.90 80.60
N ASP RB 298 -62.03 89.98 81.15
CA ASP RB 298 -60.58 90.12 81.13
C ASP RB 298 -59.94 88.97 80.34
N PHE RB 299 -58.80 89.28 79.73
CA PHE RB 299 -58.05 88.33 78.92
C PHE RB 299 -56.55 88.58 79.08
N VAL RB 300 -55.74 87.65 78.59
CA VAL RB 300 -54.29 87.70 78.74
C VAL RB 300 -53.64 87.50 77.39
N LEU RB 301 -52.59 88.28 77.12
CA LEU RB 301 -51.88 88.26 75.85
C LEU RB 301 -50.40 87.96 76.05
N GLY RB 302 -49.81 87.26 75.08
CA GLY RB 302 -48.39 86.96 75.08
C GLY RB 302 -48.07 85.49 75.12
N GLY RB 303 -46.86 85.11 74.70
CA GLY RB 303 -46.41 83.73 74.85
C GLY RB 303 -45.89 83.03 73.61
N LEU RB 304 -45.50 83.77 72.59
CA LEU RB 304 -44.98 83.16 71.37
C LEU RB 304 -43.45 83.09 71.43
N LEU RB 305 -42.91 81.88 71.42
CA LEU RB 305 -41.47 81.66 71.44
C LEU RB 305 -41.05 81.04 70.12
N ALA RB 306 -39.96 81.54 69.54
CA ALA RB 306 -39.50 81.06 68.25
C ALA RB 306 -37.97 81.05 68.21
N THR RB 307 -37.43 80.26 67.30
CA THR RB 307 -36.00 80.23 67.05
C THR RB 307 -35.64 81.22 65.94
N ARG RB 308 -34.39 81.68 65.98
CA ARG RB 308 -33.93 82.67 65.01
C ARG RB 308 -33.87 82.08 63.62
N LYS RB 309 -34.24 82.89 62.62
CA LYS RB 309 -34.16 82.53 61.21
C LYS RB 309 -34.91 81.24 60.91
N THR RB 310 -36.20 81.20 61.30
CA THR RB 310 -37.07 80.09 60.98
C THR RB 310 -38.41 80.53 60.42
N ILE RB 311 -38.58 81.83 60.15
CA ILE RB 311 -39.83 82.38 59.64
C ILE RB 311 -39.51 83.25 58.42
N LEU RB 312 -40.22 83.00 57.32
CA LEU RB 312 -40.11 83.82 56.13
C LEU RB 312 -41.29 84.78 56.07
N GLN RB 313 -40.99 86.07 55.91
CA GLN RB 313 -41.98 87.13 55.94
C GLN RB 313 -41.79 87.99 54.69
N VAL RB 314 -42.74 87.94 53.78
CA VAL RB 314 -42.67 88.65 52.51
C VAL RB 314 -43.70 89.77 52.53
N ASN RB 315 -43.25 90.99 52.26
CA ASN RB 315 -44.09 92.17 52.22
C ASN RB 315 -44.14 92.68 50.79
N ILE RB 316 -45.34 92.77 50.22
CA ILE RB 316 -45.52 93.30 48.88
C ILE RB 316 -45.82 94.80 49.01
N LYS RB 317 -44.84 95.63 48.69
CA LYS RB 317 -44.99 97.07 48.85
C LYS RB 317 -45.92 97.63 47.78
N GLN RB 318 -46.91 98.44 48.22
CA GLN RB 318 -47.89 98.99 47.27
C GLN RB 318 -47.43 100.36 46.75
N SER RB 319 -47.27 101.32 47.65
CA SER RB 319 -46.93 102.70 47.32
C SER RB 319 -47.65 103.23 46.08
N LEU SB 3 -113.35 63.55 60.29
CA LEU SB 3 -113.46 64.42 59.14
C LEU SB 3 -113.43 63.62 57.83
N PHE SB 4 -112.55 62.62 57.78
CA PHE SB 4 -112.41 61.81 56.58
C PHE SB 4 -113.67 61.03 56.26
N ASP SB 5 -114.49 60.72 57.26
CA ASP SB 5 -115.79 60.10 57.00
C ASP SB 5 -116.77 61.07 56.37
N GLU SB 6 -116.45 62.36 56.33
CA GLU SB 6 -117.35 63.37 55.80
C GLU SB 6 -116.81 64.09 54.58
N ASN SB 7 -115.50 64.33 54.51
CA ASN SB 7 -114.89 65.09 53.43
C ASN SB 7 -114.12 64.14 52.52
N TYR SB 8 -114.78 63.74 51.42
CA TYR SB 8 -114.14 62.83 50.47
C TYR SB 8 -112.95 63.49 49.79
N TYR SB 9 -113.07 64.79 49.47
CA TYR SB 9 -111.95 65.50 48.86
C TYR SB 9 -110.75 65.54 49.80
N ALA SB 10 -110.99 65.79 51.09
CA ALA SB 10 -109.90 65.75 52.06
C ALA SB 10 -109.30 64.36 52.16
N LYS SB 11 -110.14 63.32 52.17
CA LYS SB 11 -109.62 61.96 52.23
C LYS SB 11 -108.76 61.63 51.01
N ALA SB 12 -109.22 62.03 49.82
CA ALA SB 12 -108.46 61.76 48.60
C ALA SB 12 -107.15 62.53 48.60
N VAL SB 13 -107.16 63.78 49.08
CA VAL SB 13 -105.92 64.54 49.16
C VAL SB 13 -104.94 63.87 50.11
N ALA SB 14 -105.44 63.38 51.25
CA ALA SB 14 -104.58 62.65 52.17
C ALA SB 14 -104.01 61.39 51.53
N ASN SB 15 -104.82 60.68 50.76
CA ASN SB 15 -104.37 59.45 50.13
C ASN SB 15 -103.31 59.73 49.06
N ILE SB 16 -103.47 60.81 48.29
CA ILE SB 16 -102.62 61.05 47.13
C ILE SB 16 -101.52 62.06 47.41
N ILE SB 17 -101.41 62.56 48.65
CA ILE SB 17 -100.39 63.56 48.95
C ILE SB 17 -98.98 62.97 48.87
N GLY SB 18 -98.85 61.65 48.95
CA GLY SB 18 -97.54 61.02 48.89
C GLY SB 18 -96.99 60.79 47.51
N GLU SB 19 -97.69 61.22 46.47
CA GLU SB 19 -97.27 61.00 45.09
C GLU SB 19 -96.88 62.29 44.38
N VAL SB 20 -96.45 63.29 45.13
CA VAL SB 20 -96.02 64.57 44.57
C VAL SB 20 -94.53 64.73 44.88
N LYS SB 21 -93.74 64.95 43.84
CA LYS SB 21 -92.29 65.00 43.97
C LYS SB 21 -91.85 66.24 44.75
N ASP SB 22 -90.72 66.10 45.44
CA ASP SB 22 -90.17 67.23 46.19
C ASP SB 22 -89.69 68.31 45.23
N PRO SB 23 -89.76 69.57 45.63
CA PRO SB 23 -89.30 70.65 44.77
C PRO SB 23 -87.79 70.61 44.58
N ILE SB 24 -87.34 71.13 43.42
CA ILE SB 24 -85.92 71.16 43.11
C ILE SB 24 -85.19 72.31 43.81
N MET SB 25 -85.93 73.22 44.44
CA MET SB 25 -85.29 74.31 45.16
C MET SB 25 -84.46 73.82 46.34
N TYR SB 26 -84.73 72.61 46.83
CA TYR SB 26 -84.02 72.10 48.00
C TYR SB 26 -82.54 71.89 47.71
N LYS SB 27 -82.21 71.46 46.49
CA LYS SB 27 -80.81 71.20 46.13
C LYS SB 27 -79.96 72.46 46.16
N TRP SB 28 -80.57 73.63 46.08
CA TRP SB 28 -79.83 74.89 46.02
C TRP SB 28 -79.49 75.45 47.40
N PHE SB 29 -79.91 74.78 48.48
CA PHE SB 29 -79.69 75.30 49.82
C PHE SB 29 -79.23 74.18 50.74
N SER SB 30 -78.44 74.57 51.74
CA SER SB 30 -78.01 73.63 52.76
C SER SB 30 -79.17 73.30 53.70
N PRO SB 31 -79.09 72.17 54.41
CA PRO SB 31 -80.18 71.83 55.34
C PRO SB 31 -80.41 72.86 56.42
N ASP SB 32 -79.38 73.60 56.81
CA ASP SB 32 -79.49 74.60 57.86
C ASP SB 32 -79.83 75.99 57.32
N GLN SB 33 -80.01 76.13 56.01
CA GLN SB 33 -80.30 77.42 55.39
C GLN SB 33 -81.79 77.67 55.19
N ILE SB 34 -82.65 76.76 55.64
CA ILE SB 34 -84.09 76.89 55.46
C ILE SB 34 -84.76 76.80 56.84
N GLU SB 35 -85.51 77.84 57.19
CA GLU SB 35 -86.21 77.90 58.47
C GLU SB 35 -87.67 78.28 58.23
N ASP SB 36 -88.58 77.50 58.76
CA ASP SB 36 -90.00 77.71 58.51
C ASP SB 36 -90.57 78.80 59.41
N VAL SB 37 -91.44 79.63 58.84
CA VAL SB 37 -92.16 80.64 59.60
C VAL SB 37 -93.66 80.38 59.47
N ASP SB 38 -94.48 81.17 60.16
CA ASP SB 38 -95.93 80.97 60.20
C ASP SB 38 -96.60 82.30 59.89
N LEU SB 39 -96.82 82.57 58.60
CA LEU SB 39 -97.49 83.80 58.18
C LEU SB 39 -97.99 83.62 56.76
N GLN SB 40 -99.31 83.63 56.58
CA GLN SB 40 -99.88 83.52 55.24
C GLN SB 40 -99.52 84.72 54.39
N MET SB 41 -100.00 85.90 54.77
CA MET SB 41 -99.69 87.14 54.07
C MET SB 41 -99.36 88.21 55.10
N GLY SB 42 -98.46 89.11 54.72
CA GLY SB 42 -98.10 90.21 55.59
C GLY SB 42 -96.61 90.52 55.55
N TYR SB 43 -96.02 90.75 56.72
CA TYR SB 43 -94.61 91.07 56.81
C TYR SB 43 -94.07 90.63 58.16
N GLN SB 44 -92.81 90.22 58.17
CA GLN SB 44 -92.11 89.89 59.39
C GLN SB 44 -90.82 90.69 59.45
N LYS SB 45 -90.30 90.86 60.66
CA LYS SB 45 -89.08 91.62 60.89
C LYS SB 45 -88.09 90.78 61.69
N THR SB 46 -86.81 90.91 61.35
CA THR SB 46 -85.74 90.24 62.07
C THR SB 46 -84.73 91.27 62.54
N VAL SB 47 -84.14 91.00 63.70
CA VAL SB 47 -83.19 91.91 64.33
C VAL SB 47 -81.85 91.22 64.44
N LYS SB 48 -80.80 91.90 63.98
CA LYS SB 48 -79.43 91.37 64.01
C LYS SB 48 -78.60 92.25 64.94
N TRP SB 49 -77.99 91.61 65.93
CA TRP SB 49 -77.22 92.32 66.96
C TRP SB 49 -75.73 92.15 66.69
N ASP SB 50 -74.98 93.25 66.75
CA ASP SB 50 -73.53 93.24 66.57
C ASP SB 50 -72.87 94.09 67.64
N ALA SB 51 -71.65 93.70 68.00
CA ALA SB 51 -70.84 94.43 68.96
C ALA SB 51 -69.65 95.08 68.27
N PHE SB 52 -69.06 96.06 68.94
CA PHE SB 52 -67.90 96.75 68.40
C PHE SB 52 -67.04 97.29 69.53
N LEU SB 53 -65.76 97.51 69.24
CA LEU SB 53 -64.81 97.99 70.22
C LEU SB 53 -64.65 99.50 70.09
N ASN SB 54 -64.70 100.20 71.22
CA ASN SB 54 -64.61 101.66 71.22
C ASN SB 54 -63.18 102.18 71.29
N ALA SB 55 -62.28 101.42 71.93
CA ALA SB 55 -60.89 101.86 72.07
C ALA SB 55 -60.04 100.63 72.37
N ASN SB 56 -58.73 100.87 72.49
CA ASN SB 56 -57.81 99.81 72.83
C ASN SB 56 -58.06 99.33 74.26
N PRO SB 57 -57.71 98.08 74.57
CA PRO SB 57 -57.96 97.56 75.92
C PRO SB 57 -57.18 98.33 76.98
N THR SB 58 -57.46 98.01 78.23
CA THR SB 58 -56.88 98.70 79.37
C THR SB 58 -56.03 97.72 80.19
N THR SB 59 -54.84 98.17 80.56
CA THR SB 59 -53.92 97.34 81.35
C THR SB 59 -54.35 97.37 82.81
N ILE SB 60 -54.56 96.19 83.39
CA ILE SB 60 -54.99 96.07 84.79
C ILE SB 60 -53.73 95.97 85.63
N ALA SB 61 -53.17 97.13 85.96
CA ALA SB 61 -51.99 97.22 86.82
C ALA SB 61 -52.30 98.15 87.98
N ASN SB 62 -52.09 97.67 89.21
CA ASN SB 62 -52.34 98.43 90.44
C ASN SB 62 -53.85 98.72 90.49
N GLU SB 63 -54.25 99.96 90.75
CA GLU SB 63 -55.67 100.32 90.87
C GLU SB 63 -56.02 101.32 89.78
N VAL SB 64 -57.14 101.07 89.10
CA VAL SB 64 -57.60 101.93 88.01
C VAL SB 64 -59.11 101.80 87.91
N ASN SB 65 -59.76 102.90 87.54
CA ASN SB 65 -61.22 102.95 87.42
C ASN SB 65 -61.73 103.16 86.01
N THR SB 66 -60.98 103.88 85.17
CA THR SB 66 -61.42 104.17 83.81
C THR SB 66 -61.07 102.98 82.91
N ILE SB 67 -62.08 102.24 82.48
CA ILE SB 67 -61.90 101.03 81.68
C ILE SB 67 -62.46 101.28 80.29
N SER SB 68 -61.91 100.57 79.30
CA SER SB 68 -62.40 100.66 77.94
C SER SB 68 -63.76 100.00 77.81
N THR SB 69 -64.54 100.47 76.84
CA THR SB 69 -65.94 100.08 76.71
C THR SB 69 -66.19 99.39 75.38
N ILE SB 70 -67.15 98.45 75.39
CA ILE SB 70 -67.59 97.73 74.21
C ILE SB 70 -69.04 98.13 73.93
N GLY SB 71 -69.30 98.64 72.73
CA GLY SB 71 -70.63 99.08 72.36
C GLY SB 71 -71.44 97.99 71.68
N PHE SB 72 -72.62 98.38 71.22
CA PHE SB 72 -73.53 97.46 70.54
C PHE SB 72 -74.36 98.24 69.52
N SER SB 73 -74.90 97.51 68.55
CA SER SB 73 -75.75 98.09 67.53
C SER SB 73 -76.66 97.02 66.97
N SER SB 74 -77.71 97.45 66.28
CA SER SB 74 -78.71 96.54 65.75
C SER SB 74 -79.11 96.97 64.35
N GLU SB 75 -79.67 96.01 63.60
CA GLU SB 75 -80.20 96.26 62.27
C GLU SB 75 -81.46 95.44 62.09
N VAL SB 76 -82.46 96.03 61.43
CA VAL SB 76 -83.78 95.42 61.26
C VAL SB 76 -84.04 95.24 59.77
N VAL SB 77 -84.45 94.02 59.39
CA VAL SB 77 -84.80 93.69 58.02
C VAL SB 77 -86.24 93.18 57.99
N ARG SB 78 -87.01 93.67 57.02
CA ARG SB 78 -88.42 93.32 56.88
C ARG SB 78 -88.60 92.47 55.63
N LEU SB 79 -89.30 91.33 55.79
CA LEU SB 79 -89.55 90.39 54.71
C LEU SB 79 -91.04 90.33 54.44
N ASN SB 80 -91.42 90.47 53.17
CA ASN SB 80 -92.81 90.42 52.76
C ASN SB 80 -93.21 89.02 52.33
N TYR SB 81 -94.50 88.71 52.48
CA TYR SB 81 -95.07 87.44 52.08
C TYR SB 81 -96.35 87.70 51.30
N LEU SB 82 -96.70 86.75 50.43
CA LEU SB 82 -97.89 86.89 49.61
C LEU SB 82 -98.61 85.54 49.52
N LYS SB 83 -99.93 85.59 49.38
CA LYS SB 83 -100.75 84.39 49.23
C LYS SB 83 -101.42 84.42 47.86
N LEU SB 84 -101.37 83.29 47.17
CA LEU SB 84 -101.90 83.17 45.82
C LEU SB 84 -102.74 81.90 45.73
N GLN SB 85 -103.66 81.88 44.76
CA GLN SB 85 -104.64 80.81 44.66
C GLN SB 85 -104.90 80.48 43.20
N TYR SB 86 -105.24 79.22 42.95
CA TYR SB 86 -105.63 78.72 41.63
C TYR SB 86 -106.91 77.92 41.76
N LYS SB 87 -107.68 77.87 40.68
CA LYS SB 87 -108.92 77.12 40.61
C LYS SB 87 -108.83 76.06 39.51
N PHE SB 88 -109.32 74.86 39.80
CA PHE SB 88 -109.37 73.81 38.79
C PHE SB 88 -110.71 73.09 38.84
N ARG SB 89 -111.25 72.79 37.65
CA ARG SB 89 -112.48 72.04 37.50
C ARG SB 89 -112.20 70.55 37.51
N HIS SB 90 -113.11 69.79 38.09
CA HIS SB 90 -112.98 68.33 38.14
C HIS SB 90 -114.38 67.72 38.11
N LEU SB 91 -114.44 66.41 38.29
CA LEU SB 91 -115.69 65.68 38.29
C LEU SB 91 -116.23 65.52 39.70
N LYS SB 92 -117.55 65.54 39.83
CA LYS SB 92 -118.18 65.32 41.11
C LYS SB 92 -117.92 63.90 41.59
N GLN SB 93 -117.87 63.73 42.92
CA GLN SB 93 -117.54 62.43 43.50
C GLN SB 93 -118.56 61.37 43.08
N THR SB 94 -119.85 61.70 43.18
CA THR SB 94 -120.89 60.72 42.86
C THR SB 94 -120.96 60.41 41.37
N SER SB 95 -120.44 61.28 40.51
CA SER SB 95 -120.53 61.09 39.07
C SER SB 95 -119.42 60.21 38.52
N GLU SB 96 -118.49 59.75 39.36
CA GLU SB 96 -117.35 58.97 38.86
C GLU SB 96 -117.80 57.65 38.25
N LYS SB 97 -118.77 56.98 38.89
CA LYS SB 97 -119.19 55.65 38.43
C LYS SB 97 -119.75 55.69 37.01
N PHE SB 98 -120.31 56.82 36.60
CA PHE SB 98 -120.86 56.96 35.26
C PHE SB 98 -119.81 57.39 34.23
N TYR SB 99 -118.56 57.59 34.66
CA TYR SB 99 -117.47 57.86 33.74
C TYR SB 99 -116.35 56.84 33.81
N THR SB 100 -116.37 55.93 34.78
CA THR SB 100 -115.35 54.89 34.86
C THR SB 100 -115.40 54.01 33.61
N SER SB 101 -114.22 53.76 33.03
CA SER SB 101 -114.09 52.94 31.83
C SER SB 101 -113.40 51.63 32.21
N ASP SB 102 -113.09 50.83 31.18
CA ASP SB 102 -112.46 49.53 31.42
C ASP SB 102 -111.05 49.68 31.98
N SER SB 103 -110.36 50.77 31.65
CA SER SB 103 -108.97 50.94 32.07
C SER SB 103 -108.66 52.32 32.64
N TYR SB 104 -109.64 53.21 32.75
CA TYR SB 104 -109.39 54.56 33.22
C TYR SB 104 -110.69 55.18 33.70
N ILE SB 105 -110.58 56.39 34.25
CA ILE SB 105 -111.72 57.16 34.71
C ILE SB 105 -111.58 58.59 34.18
N GLY SB 106 -112.67 59.13 33.65
CA GLY SB 106 -112.66 60.51 33.17
C GLY SB 106 -113.26 60.70 31.80
N ASP SB 107 -113.62 61.93 31.49
CA ASP SB 107 -114.22 62.29 30.20
C ASP SB 107 -113.10 62.78 29.29
N ILE SB 108 -112.71 61.95 28.33
CA ILE SB 108 -111.65 62.32 27.40
C ILE SB 108 -112.11 63.44 26.47
N ASN SB 109 -113.36 63.37 26.01
CA ASN SB 109 -113.86 64.36 25.06
C ASN SB 109 -113.97 65.75 25.69
N ASN SB 110 -114.38 65.80 26.96
CA ASN SB 110 -114.59 67.07 27.65
C ASN SB 110 -113.43 67.48 28.53
N ASN SB 111 -112.36 66.68 28.57
CA ASN SB 111 -111.18 66.97 29.39
C ASN SB 111 -111.55 67.14 30.86
N LEU SB 112 -112.15 66.09 31.41
CA LEU SB 112 -112.56 66.05 32.80
C LEU SB 112 -111.89 64.87 33.50
N LEU SB 113 -111.31 65.12 34.66
CA LEU SB 113 -110.57 64.12 35.40
C LEU SB 113 -111.14 63.98 36.81
N PRO SB 114 -110.88 62.85 37.48
CA PRO SB 114 -111.23 62.75 38.89
C PRO SB 114 -110.42 63.72 39.73
N PHE SB 115 -110.94 63.99 40.93
CA PHE SB 115 -110.36 65.02 41.79
C PHE SB 115 -108.93 64.69 42.16
N ALA SB 116 -108.63 63.42 42.43
CA ALA SB 116 -107.28 63.05 42.84
C ALA SB 116 -106.25 63.37 41.76
N GLN SB 117 -106.52 62.93 40.53
CA GLN SB 117 -105.59 63.18 39.44
C GLN SB 117 -105.49 64.66 39.12
N ALA SB 118 -106.63 65.36 39.12
CA ALA SB 118 -106.60 66.80 38.86
C ALA SB 118 -105.76 67.53 39.91
N TYR SB 119 -105.94 67.17 41.19
CA TYR SB 119 -105.17 67.80 42.26
C TYR SB 119 -103.69 67.50 42.11
N LYS SB 120 -103.34 66.25 41.77
CA LYS SB 120 -101.93 65.91 41.60
C LYS SB 120 -101.29 66.73 40.49
N LEU SB 121 -101.94 66.81 39.33
CA LEU SB 121 -101.37 67.55 38.21
C LEU SB 121 -101.26 69.04 38.53
N ALA SB 122 -102.31 69.61 39.15
CA ALA SB 122 -102.28 71.03 39.49
C ALA SB 122 -101.17 71.32 40.51
N SER SB 123 -101.01 70.45 41.50
CA SER SB 123 -99.95 70.64 42.49
C SER SB 123 -98.58 70.57 41.84
N SER SB 124 -98.38 69.65 40.90
CA SER SB 124 -97.09 69.56 40.22
C SER SB 124 -96.78 70.84 39.44
N GLU SB 125 -97.78 71.35 38.71
CA GLU SB 125 -97.55 72.58 37.95
C GLU SB 125 -97.26 73.75 38.89
N ILE SB 126 -97.99 73.84 40.00
CA ILE SB 126 -97.76 74.93 40.94
C ILE SB 126 -96.37 74.82 41.56
N ILE SB 127 -95.92 73.60 41.86
CA ILE SB 127 -94.58 73.43 42.41
C ILE SB 127 -93.52 73.88 41.42
N LYS SB 128 -93.72 73.57 40.13
CA LYS SB 128 -92.80 74.08 39.12
C LYS SB 128 -92.78 75.61 39.14
N LEU SB 129 -93.96 76.23 39.23
CA LEU SB 129 -94.01 77.70 39.26
C LEU SB 129 -93.29 78.26 40.50
N ILE SB 130 -93.47 77.62 41.64
CA ILE SB 130 -92.81 78.08 42.87
C ILE SB 130 -91.30 77.95 42.75
N ASN SB 131 -90.82 76.85 42.17
CA ASN SB 131 -89.38 76.72 41.95
C ASN SB 131 -88.86 77.82 41.04
N HIS SB 132 -89.60 78.12 39.97
CA HIS SB 132 -89.20 79.20 39.07
C HIS SB 132 -89.14 80.53 39.81
N PHE SB 133 -90.11 80.80 40.68
CA PHE SB 133 -90.08 82.04 41.45
C PHE SB 133 -88.89 82.09 42.39
N VAL SB 134 -88.67 81.01 43.14
CA VAL SB 134 -87.57 80.99 44.11
C VAL SB 134 -86.24 81.20 43.42
N LEU SB 135 -86.10 80.71 42.17
CA LEU SB 135 -84.85 80.91 41.46
C LEU SB 135 -84.74 82.33 40.90
N THR SB 136 -85.71 82.73 40.07
CA THR SB 136 -85.56 83.93 39.24
C THR SB 136 -86.02 85.22 39.92
N GLY SB 137 -86.90 85.14 40.91
CA GLY SB 137 -87.43 86.32 41.55
C GLY SB 137 -88.70 86.87 40.93
N THR SB 138 -89.16 86.30 39.82
CA THR SB 138 -90.36 86.77 39.14
C THR SB 138 -91.35 85.63 38.98
N VAL SB 139 -92.61 85.98 38.76
CA VAL SB 139 -93.68 85.03 38.52
C VAL SB 139 -94.24 85.30 37.13
N SER SB 140 -94.13 84.32 36.24
CA SER SB 140 -94.65 84.45 34.89
C SER SB 140 -94.88 83.05 34.32
N ILE SB 141 -95.71 83.00 33.28
CA ILE SB 141 -96.00 81.74 32.60
C ILE SB 141 -95.53 81.74 31.16
N GLN SB 142 -95.27 82.90 30.56
CA GLN SB 142 -94.76 82.94 29.20
C GLN SB 142 -93.30 82.50 29.15
N LYS SB 143 -92.92 81.84 28.05
CA LYS SB 143 -91.54 81.45 27.88
C LYS SB 143 -90.63 82.66 27.68
N ASP SB 144 -91.16 83.73 27.05
CA ASP SB 144 -90.37 84.94 26.87
C ASP SB 144 -90.16 85.70 28.17
N GLY SB 145 -90.94 85.40 29.21
CA GLY SB 145 -90.77 86.04 30.49
C GLY SB 145 -91.45 87.38 30.66
N LYS SB 146 -92.33 87.77 29.72
CA LYS SB 146 -93.05 89.03 29.83
C LYS SB 146 -94.40 88.80 30.50
N ASN SB 147 -95.18 89.88 30.61
CA ASN SB 147 -96.46 89.87 31.30
C ASN SB 147 -96.32 89.33 32.72
N GLN SB 148 -95.28 89.82 33.41
CA GLN SB 148 -95.01 89.36 34.76
C GLN SB 148 -96.05 89.90 35.74
N LYS SB 149 -96.35 89.08 36.74
CA LYS SB 149 -97.25 89.49 37.82
C LYS SB 149 -96.50 90.42 38.76
N ARG SB 150 -97.04 91.62 38.95
CA ARG SB 150 -96.40 92.61 39.81
C ARG SB 150 -96.44 92.14 41.27
N LEU SB 151 -95.30 92.15 41.92
CA LEU SB 151 -95.14 91.65 43.28
C LEU SB 151 -94.85 92.80 44.24
N LEU SB 152 -94.79 92.48 45.52
CA LEU SB 152 -94.53 93.45 46.57
C LEU SB 152 -93.03 93.66 46.74
N PRO SB 153 -92.61 94.80 47.28
CA PRO SB 153 -91.20 94.99 47.62
C PRO SB 153 -90.78 94.06 48.73
N ASN SB 154 -89.46 93.93 48.89
CA ASN SB 154 -88.86 93.00 49.85
C ASN SB 154 -89.26 91.56 49.56
N MET SB 155 -89.54 91.26 48.29
CA MET SB 155 -89.84 89.91 47.81
C MET SB 155 -88.87 89.67 46.65
N TYR SB 156 -87.73 89.05 46.95
CA TYR SB 156 -86.65 88.93 45.99
C TYR SB 156 -86.25 87.47 45.82
N GLY SB 157 -85.77 87.15 44.62
CA GLY SB 157 -85.19 85.85 44.33
C GLY SB 157 -83.67 85.92 44.32
N LEU SB 158 -83.06 84.77 44.04
CA LEU SB 158 -81.61 84.70 44.00
C LEU SB 158 -81.03 85.52 42.86
N LEU SB 159 -81.79 85.72 41.78
CA LEU SB 159 -81.28 86.37 40.59
C LEU SB 159 -81.47 87.88 40.59
N ASN SB 160 -82.45 88.40 41.33
CA ASN SB 160 -82.77 89.82 41.30
C ASN SB 160 -82.58 90.50 42.66
N MET SB 161 -81.81 89.89 43.55
CA MET SB 161 -81.54 90.50 44.84
C MET SB 161 -80.71 91.77 44.64
N PRO SB 162 -81.11 92.91 45.22
CA PRO SB 162 -80.35 94.14 45.03
C PRO SB 162 -79.07 94.14 45.85
N GLU SB 163 -78.17 95.05 45.47
CA GLU SB 163 -76.88 95.23 46.13
C GLU SB 163 -76.05 93.95 46.08
N GLN SB 164 -75.96 93.35 44.89
CA GLN SB 164 -75.14 92.18 44.65
C GLN SB 164 -74.27 92.45 43.43
N ILE SB 165 -73.24 91.62 43.25
CA ILE SB 165 -72.29 91.85 42.16
C ILE SB 165 -72.87 91.29 40.88
N LYS SB 166 -72.95 92.13 39.85
CA LYS SB 166 -73.52 91.76 38.56
C LYS SB 166 -72.50 92.07 37.47
N GLU SB 167 -72.17 91.05 36.68
CA GLU SB 167 -71.25 91.20 35.55
C GLU SB 167 -71.96 90.81 34.27
N GLU SB 168 -71.60 91.47 33.17
CA GLU SB 168 -72.23 91.27 31.88
C GLU SB 168 -71.16 90.95 30.84
N VAL SB 169 -71.28 89.79 30.20
CA VAL SB 169 -70.39 89.42 29.11
C VAL SB 169 -71.01 89.87 27.80
N ALA SB 170 -70.23 90.56 26.97
CA ALA SB 170 -70.74 91.21 25.78
C ALA SB 170 -71.16 90.17 24.74
N SER SB 171 -71.90 90.65 23.73
CA SER SB 171 -72.43 89.78 22.70
C SER SB 171 -71.32 89.14 21.88
N GLY SB 172 -70.30 89.91 21.52
CA GLY SB 172 -69.21 89.38 20.72
C GLY SB 172 -68.40 88.31 21.42
N ASP SB 173 -68.46 88.26 22.75
CA ASP SB 173 -67.71 87.30 23.54
C ASP SB 173 -68.59 86.18 24.10
N LYS SB 174 -69.76 85.96 23.49
CA LYS SB 174 -70.69 84.96 24.01
C LYS SB 174 -70.12 83.54 23.92
N ASP SB 175 -69.13 83.31 23.06
CA ASP SB 175 -68.51 82.00 22.93
C ASP SB 175 -67.11 81.93 23.52
N LYS SB 176 -66.53 83.05 23.91
CA LYS SB 176 -65.16 83.09 24.41
C LYS SB 176 -65.16 82.76 25.90
N MET SB 177 -64.83 81.49 26.21
CA MET SB 177 -64.79 81.06 27.60
C MET SB 177 -63.74 81.82 28.40
N ASP SB 178 -62.66 82.26 27.75
CA ASP SB 178 -61.67 83.07 28.46
C ASP SB 178 -62.26 84.41 28.89
N LYS SB 179 -63.04 85.04 28.02
CA LYS SB 179 -63.71 86.29 28.41
C LYS SB 179 -64.73 86.06 29.51
N ILE SB 180 -65.48 84.97 29.40
CA ILE SB 180 -66.46 84.65 30.44
C ILE SB 180 -65.77 84.46 31.79
N PHE SB 181 -64.66 83.72 31.80
CA PHE SB 181 -63.93 83.51 33.05
C PHE SB 181 -63.27 84.79 33.54
N GLU SB 182 -62.87 85.69 32.64
CA GLU SB 182 -62.36 86.98 33.07
C GLU SB 182 -63.43 87.76 33.83
N LYS SB 183 -64.64 87.79 33.28
CA LYS SB 183 -65.74 88.46 33.98
C LYS SB 183 -66.04 87.78 35.31
N ILE SB 184 -66.01 86.44 35.33
CA ILE SB 184 -66.27 85.71 36.56
C ILE SB 184 -65.22 86.04 37.62
N GLU SB 185 -63.95 86.12 37.20
CA GLU SB 185 -62.88 86.45 38.15
C GLU SB 185 -63.03 87.87 38.67
N ALA SB 186 -63.41 88.81 37.81
CA ALA SB 186 -63.67 90.17 38.28
C ALA SB 186 -64.78 90.19 39.31
N GLY SB 187 -65.87 89.44 39.06
CA GLY SB 187 -66.94 89.37 40.03
C GLY SB 187 -66.50 88.73 41.34
N LEU SB 188 -65.68 87.68 41.25
CA LEU SB 188 -65.19 87.02 42.46
C LEU SB 188 -64.30 87.95 43.27
N SER SB 189 -63.48 88.75 42.59
CA SER SB 189 -62.68 89.75 43.29
C SER SB 189 -63.57 90.79 43.96
N LYS SB 190 -64.66 91.18 43.30
CA LYS SB 190 -65.59 92.14 43.89
C LYS SB 190 -66.46 91.54 44.99
N LEU SB 191 -66.49 90.21 45.11
CA LEU SB 191 -67.26 89.59 46.19
C LEU SB 191 -66.68 89.97 47.54
N GLU SB 192 -67.55 90.14 48.54
CA GLU SB 192 -67.17 90.52 49.89
C GLU SB 192 -67.86 89.58 50.89
N LEU SB 193 -67.19 88.48 51.21
CA LEU SB 193 -67.74 87.52 52.17
C LEU SB 193 -67.41 87.87 53.62
N GLY SB 194 -66.57 88.87 53.85
CA GLY SB 194 -66.26 89.27 55.21
C GLY SB 194 -65.51 88.19 55.97
N ASP SB 195 -65.98 87.91 57.17
CA ASP SB 195 -65.35 86.94 58.06
C ASP SB 195 -65.91 85.54 57.90
N GLU SB 196 -66.87 85.34 57.00
CA GLU SB 196 -67.47 84.03 56.76
C GLU SB 196 -67.05 83.45 55.40
N PHE SB 197 -65.86 83.82 54.93
CA PHE SB 197 -65.41 83.38 53.61
C PHE SB 197 -65.12 81.87 53.57
N SER SB 198 -64.81 81.26 54.71
CA SER SB 198 -64.53 79.82 54.76
C SER SB 198 -65.83 79.04 54.81
N THR SB 199 -66.53 79.03 53.68
CA THR SB 199 -67.81 78.35 53.54
C THR SB 199 -67.89 77.69 52.17
N PRO SB 200 -68.65 76.61 52.05
CA PRO SB 200 -68.89 76.02 50.73
C PRO SB 200 -69.63 76.98 49.82
N MET SB 201 -69.38 76.86 48.51
CA MET SB 201 -69.98 77.74 47.52
C MET SB 201 -70.79 76.92 46.52
N MET SB 202 -71.80 77.55 45.93
CA MET SB 202 -72.70 76.90 45.00
C MET SB 202 -72.83 77.76 43.75
N VAL SB 203 -72.80 77.09 42.59
CA VAL SB 203 -72.91 77.71 41.28
C VAL SB 203 -74.07 77.06 40.55
N ILE SB 204 -74.90 77.89 39.91
CA ILE SB 204 -76.02 77.44 39.11
C ILE SB 204 -75.84 77.99 37.71
N VAL SB 205 -75.95 77.10 36.70
CA VAL SB 205 -75.71 77.46 35.32
C VAL SB 205 -76.82 76.90 34.44
N ASP SB 206 -76.98 77.50 33.27
CA ASP SB 206 -77.90 77.01 32.25
C ASP SB 206 -77.29 75.82 31.50
N PRO SB 207 -78.12 75.02 30.84
CA PRO SB 207 -77.58 73.86 30.10
C PRO SB 207 -76.54 74.22 29.06
N ALA SB 208 -76.72 75.33 28.34
CA ALA SB 208 -75.72 75.75 27.35
C ALA SB 208 -74.40 76.07 28.02
N THR SB 209 -74.46 76.77 29.17
CA THR SB 209 -73.24 77.08 29.90
C THR SB 209 -72.56 75.81 30.42
N SER SB 210 -73.36 74.84 30.87
CA SER SB 210 -72.78 73.57 31.31
C SER SB 210 -72.09 72.84 30.16
N LEU SB 211 -72.71 72.85 28.98
CA LEU SB 211 -72.10 72.22 27.81
C LEU SB 211 -70.80 72.92 27.44
N LYS SB 212 -70.77 74.25 27.53
CA LYS SB 212 -69.52 74.96 27.30
C LYS SB 212 -68.47 74.66 28.37
N LEU SB 213 -68.92 74.41 29.61
CA LEU SB 213 -67.99 74.13 30.70
C LEU SB 213 -67.34 72.77 30.54
N VAL SB 214 -68.08 71.77 30.07
CA VAL SB 214 -67.52 70.43 29.98
C VAL SB 214 -66.46 70.28 28.90
N LYS SB 215 -66.21 71.31 28.11
CA LYS SB 215 -65.16 71.24 27.10
C LYS SB 215 -63.79 71.31 27.77
N PRO SB 216 -62.76 70.73 27.14
CA PRO SB 216 -61.41 70.80 27.71
C PRO SB 216 -60.90 72.24 27.77
N TYR SB 217 -60.11 72.51 28.81
CA TYR SB 217 -59.60 73.86 29.02
C TYR SB 217 -58.56 74.22 27.96
N ALA SB 218 -58.73 75.38 27.34
CA ALA SB 218 -57.80 75.84 26.32
C ALA SB 218 -56.49 76.30 26.93
N ALA SB 223 -53.63 76.90 21.62
CA ALA SB 223 -53.44 75.51 22.02
C ALA SB 223 -54.52 75.08 23.01
N ALA SB 224 -54.48 73.82 23.42
CA ALA SB 224 -55.45 73.27 24.37
C ALA SB 224 -54.74 72.29 25.28
N SER SB 225 -55.30 72.10 26.47
CA SER SB 225 -54.74 71.22 27.49
C SER SB 225 -55.44 69.86 27.44
N SER SB 226 -55.02 68.98 28.35
CA SER SB 226 -55.61 67.65 28.46
C SER SB 226 -55.86 67.33 29.92
N CYS SB 227 -56.89 66.53 30.17
CA CYS SB 227 -57.27 66.12 31.53
C CYS SB 227 -57.54 67.33 32.42
N GLU SB 228 -58.13 68.38 31.84
CA GLU SB 228 -58.44 69.60 32.59
C GLU SB 228 -59.51 70.36 31.84
N LYS SB 229 -60.63 70.65 32.50
CA LYS SB 229 -61.75 71.31 31.89
C LYS SB 229 -61.98 72.69 32.51
N TRP SB 230 -62.75 73.50 31.79
CA TRP SB 230 -63.15 74.81 32.31
C TRP SB 230 -63.90 74.67 33.62
N GLU SB 231 -64.61 73.55 33.81
CA GLU SB 231 -65.27 73.31 35.09
C GLU SB 231 -64.24 73.23 36.22
N ASP SB 232 -63.15 72.49 36.01
CA ASP SB 232 -62.11 72.40 37.03
C ASP SB 232 -61.42 73.73 37.23
N VAL SB 233 -61.21 74.49 36.15
CA VAL SB 233 -60.61 75.82 36.28
C VAL SB 233 -61.48 76.71 37.15
N LEU SB 234 -62.79 76.70 36.89
CA LEU SB 234 -63.72 77.51 37.68
C LEU SB 234 -63.75 77.06 39.14
N ILE SB 235 -63.73 75.74 39.37
CA ILE SB 235 -63.73 75.23 40.74
C ILE SB 235 -62.48 75.69 41.48
N GLN SB 236 -61.32 75.65 40.84
CA GLN SB 236 -60.10 76.13 41.47
C GLN SB 236 -60.17 77.63 41.75
N THR SB 237 -60.70 78.40 40.80
CA THR SB 237 -60.80 79.85 40.99
C THR SB 237 -61.71 80.19 42.16
N ILE SB 238 -62.81 79.45 42.32
CA ILE SB 238 -63.70 79.71 43.45
C ILE SB 238 -63.09 79.21 44.77
N LYS SB 239 -62.36 78.09 44.72
CA LYS SB 239 -61.66 77.61 45.91
C LYS SB 239 -60.60 78.60 46.35
N ALA SB 240 -60.10 79.42 45.43
CA ALA SB 240 -59.17 80.48 45.82
C ALA SB 240 -59.80 81.43 46.82
N ILE SB 241 -61.07 81.78 46.63
CA ILE SB 241 -61.71 82.75 47.51
C ILE SB 241 -62.45 82.12 48.69
N ASN SB 242 -62.86 80.85 48.59
CA ASN SB 242 -63.62 80.24 49.66
C ASN SB 242 -62.73 79.52 50.67
N ASN SB 243 -61.44 79.83 50.70
CA ASN SB 243 -60.47 79.17 51.57
C ASN SB 243 -60.44 77.66 51.32
N ARG SB 244 -60.40 77.30 50.03
CA ARG SB 244 -60.30 75.91 49.60
C ARG SB 244 -61.41 75.04 50.17
N GLU SB 245 -62.63 75.58 50.20
CA GLU SB 245 -63.79 74.83 50.63
C GLU SB 245 -64.48 74.18 49.44
N ASP SB 246 -65.51 73.40 49.73
CA ASP SB 246 -66.23 72.68 48.69
C ASP SB 246 -66.95 73.64 47.75
N VAL SB 247 -66.97 73.29 46.47
CA VAL SB 247 -67.70 74.04 45.45
C VAL SB 247 -68.61 73.06 44.73
N TYR SB 248 -69.90 73.40 44.66
CA TYR SB 248 -70.89 72.56 44.01
C TYR SB 248 -71.44 73.28 42.77
N ILE SB 249 -71.77 72.50 41.75
CA ILE SB 249 -72.27 73.03 40.49
C ILE SB 249 -73.57 72.33 40.14
N GLU SB 250 -74.59 73.10 39.77
CA GLU SB 250 -75.90 72.58 39.39
C GLU SB 250 -76.36 73.23 38.10
N THR SB 251 -77.19 72.51 37.36
CA THR SB 251 -77.77 72.98 36.11
C THR SB 251 -79.28 73.06 36.27
N SER SB 252 -79.86 74.18 35.85
CA SER SB 252 -81.30 74.38 35.89
C SER SB 252 -81.77 74.96 34.57
N ASN SB 253 -82.83 74.36 34.01
CA ASN SB 253 -83.39 74.86 32.77
C ASN SB 253 -84.17 76.15 32.95
N LEU SB 254 -84.45 76.56 34.19
CA LEU SB 254 -85.16 77.81 34.42
C LEU SB 254 -84.30 79.03 34.13
N LEU SB 255 -82.97 78.88 34.13
CA LEU SB 255 -82.08 79.98 33.83
C LEU SB 255 -81.91 80.14 32.32
N LYS SB 256 -81.37 81.29 31.93
CA LYS SB 256 -81.15 81.61 30.52
C LYS SB 256 -79.88 82.44 30.40
N HIS SB 257 -78.76 81.78 30.09
CA HIS SB 257 -77.48 82.45 29.86
C HIS SB 257 -77.02 83.21 31.11
N LYS SB 258 -77.18 82.57 32.26
CA LYS SB 258 -76.85 83.15 33.55
C LYS SB 258 -75.95 82.21 34.33
N ILE SB 259 -75.05 82.78 35.10
CA ILE SB 259 -74.23 82.05 36.06
C ILE SB 259 -74.43 82.68 37.43
N LEU SB 260 -74.81 81.87 38.41
CA LEU SB 260 -75.16 82.36 39.74
C LEU SB 260 -74.26 81.70 40.77
N ILE SB 261 -73.46 82.50 41.47
CA ILE SB 261 -72.52 81.99 42.47
C ILE SB 261 -72.86 82.61 43.82
N TYR SB 262 -73.05 81.76 44.84
CA TYR SB 262 -73.40 82.25 46.16
C TYR SB 262 -72.96 81.24 47.21
N PRO SB 263 -72.64 81.68 48.42
CA PRO SB 263 -72.23 80.73 49.46
C PRO SB 263 -73.40 79.97 50.03
N LEU SB 264 -73.09 78.86 50.70
CA LEU SB 264 -74.06 78.00 51.35
C LEU SB 264 -74.01 78.17 52.88
N ASN SB 265 -73.77 79.40 53.34
CA ASN SB 265 -73.67 79.70 54.76
C ASN SB 265 -74.94 80.41 55.21
N SER SB 266 -75.57 79.87 56.27
CA SER SB 266 -76.77 80.50 56.81
C SER SB 266 -76.49 81.88 57.41
N GLU SB 267 -75.24 82.15 57.79
CA GLU SB 267 -74.90 83.47 58.33
C GLU SB 267 -74.99 84.56 57.27
N LEU SB 268 -74.95 84.21 55.99
CA LEU SB 268 -74.99 85.18 54.90
C LEU SB 268 -76.31 85.16 54.15
N ILE SB 269 -76.79 83.99 53.76
CA ILE SB 269 -78.03 83.84 53.01
C ILE SB 269 -78.91 82.82 53.71
N LYS SB 270 -80.16 83.19 53.95
CA LYS SB 270 -81.13 82.34 54.61
C LYS SB 270 -82.45 82.38 53.85
N PHE SB 271 -83.23 81.32 54.01
CA PHE SB 271 -84.54 81.20 53.37
C PHE SB 271 -85.55 80.88 54.45
N LYS SB 272 -86.43 81.83 54.75
CA LYS SB 272 -87.50 81.64 55.72
C LYS SB 272 -88.83 81.57 54.99
N PRO SB 273 -89.22 80.42 54.45
CA PRO SB 273 -90.53 80.31 53.80
C PRO SB 273 -91.62 80.06 54.81
N SER SB 274 -92.84 80.41 54.42
CA SER SB 274 -94.01 80.11 55.23
C SER SB 274 -94.22 78.61 55.31
N LYS SB 275 -94.80 78.15 56.41
CA LYS SB 275 -95.11 76.73 56.53
C LYS SB 275 -96.28 76.32 55.66
N TYR SB 276 -96.77 77.24 54.83
CA TYR SB 276 -97.84 76.97 53.88
C TYR SB 276 -97.42 77.32 52.45
N MET SB 277 -96.12 77.39 52.18
CA MET SB 277 -95.64 77.78 50.86
C MET SB 277 -96.06 76.77 49.80
N LEU SB 278 -95.93 75.47 50.10
CA LEU SB 278 -96.27 74.45 49.15
C LEU SB 278 -97.79 74.36 48.99
N PRO SB 279 -98.27 73.83 47.87
CA PRO SB 279 -99.71 73.86 47.58
C PRO SB 279 -100.53 73.17 48.67
N THR SB 280 -101.68 73.78 48.98
CA THR SB 280 -102.57 73.29 50.02
C THR SB 280 -104.01 73.39 49.51
N PRO SB 281 -104.82 72.35 49.70
CA PRO SB 281 -106.21 72.44 49.24
C PRO SB 281 -107.00 73.46 50.05
N ASN SB 282 -108.02 74.03 49.41
CA ASN SB 282 -108.95 74.93 50.07
C ASN SB 282 -110.22 74.18 50.43
N GLU SB 283 -110.84 74.58 51.55
CA GLU SB 283 -112.03 73.90 52.02
C GLU SB 283 -113.25 74.18 51.15
N GLN SB 284 -113.25 75.30 50.41
CA GLN SB 284 -114.39 75.66 49.59
C GLN SB 284 -114.38 74.85 48.30
N VAL SB 285 -115.47 74.12 48.05
CA VAL SB 285 -115.62 73.31 46.84
C VAL SB 285 -116.92 73.74 46.16
N ASP SB 286 -116.80 74.32 44.97
CA ASP SB 286 -117.99 74.75 44.23
C ASP SB 286 -118.74 73.53 43.71
N LYS SB 287 -120.05 73.49 43.96
CA LYS SB 287 -120.90 72.40 43.53
C LYS SB 287 -122.08 72.95 42.72
N ASP SB 288 -122.77 72.05 42.06
CA ASP SB 288 -123.89 72.41 41.19
C ASP SB 288 -124.73 71.16 40.96
N SER SB 289 -125.77 71.29 40.13
CA SER SB 289 -126.59 70.13 39.77
C SER SB 289 -125.91 69.26 38.72
N THR SB 290 -124.92 69.79 38.00
CA THR SB 290 -124.22 69.03 36.96
C THR SB 290 -123.10 68.22 37.60
N ASP SB 291 -122.23 67.66 36.76
CA ASP SB 291 -121.11 66.84 37.23
C ASP SB 291 -119.80 67.61 37.30
N VAL SB 292 -119.82 68.91 37.05
CA VAL SB 292 -118.61 69.72 37.01
C VAL SB 292 -118.48 70.47 38.33
N ALA SB 293 -117.48 70.11 39.12
CA ALA SB 293 -117.16 70.79 40.36
C ALA SB 293 -115.88 71.59 40.19
N HIS SB 294 -115.66 72.53 41.11
CA HIS SB 294 -114.47 73.38 41.11
C HIS SB 294 -113.82 73.36 42.49
N SER SB 295 -112.50 73.29 42.52
CA SER SB 295 -111.74 73.31 43.76
C SER SB 295 -110.61 74.33 43.65
N TYR SB 296 -110.04 74.68 44.80
CA TYR SB 296 -109.04 75.74 44.89
C TYR SB 296 -107.79 75.24 45.61
N ILE SB 297 -106.64 75.76 45.18
CA ILE SB 297 -105.34 75.43 45.75
C ILE SB 297 -104.62 76.73 46.10
N ASP SB 298 -104.07 76.79 47.31
CA ASP SB 298 -103.41 77.99 47.81
C ASP SB 298 -101.92 77.72 48.00
N PHE SB 299 -101.12 78.78 47.84
CA PHE SB 299 -99.68 78.71 48.07
C PHE SB 299 -99.15 80.08 48.44
N VAL SB 300 -98.08 80.10 49.23
CA VAL SB 300 -97.52 81.33 49.78
C VAL SB 300 -96.11 81.53 49.23
N LEU SB 301 -95.82 82.77 48.81
CA LEU SB 301 -94.54 83.12 48.21
C LEU SB 301 -93.83 84.17 49.05
N GLY SB 302 -92.49 84.11 49.03
CA GLY SB 302 -91.65 85.09 49.68
C GLY SB 302 -90.78 84.53 50.80
N GLY SB 303 -89.72 85.24 51.16
CA GLY SB 303 -88.94 84.87 52.32
C GLY SB 303 -87.44 84.71 52.16
N LEU SB 304 -86.84 85.27 51.10
CA LEU SB 304 -85.40 85.15 50.89
C LEU SB 304 -84.68 86.33 51.55
N LEU SB 305 -83.74 86.02 52.44
CA LEU SB 305 -82.93 87.03 53.12
C LEU SB 305 -81.47 86.82 52.76
N ALA SB 306 -80.77 87.89 52.41
CA ALA SB 306 -79.38 87.77 52.00
C ALA SB 306 -78.61 89.04 52.38
N THR SB 307 -77.36 88.86 52.76
CA THR SB 307 -76.48 89.99 53.00
C THR SB 307 -76.03 90.61 51.68
N ARG SB 308 -75.61 91.86 51.76
CA ARG SB 308 -75.26 92.60 50.55
C ARG SB 308 -73.91 92.14 50.00
N LYS SB 309 -73.81 92.17 48.66
CA LYS SB 309 -72.58 91.86 47.94
C LYS SB 309 -72.03 90.49 48.31
N THR SB 310 -72.93 89.49 48.31
CA THR SB 310 -72.53 88.11 48.51
C THR SB 310 -73.03 87.19 47.40
N ILE SB 311 -73.68 87.73 46.37
CA ILE SB 311 -74.18 86.97 45.24
C ILE SB 311 -73.58 87.53 43.97
N LEU SB 312 -72.97 86.67 43.17
CA LEU SB 312 -72.41 87.04 41.88
C LEU SB 312 -73.30 86.51 40.77
N GLN SB 313 -73.73 87.41 39.89
CA GLN SB 313 -74.62 87.07 38.78
C GLN SB 313 -73.97 87.51 37.48
N VAL SB 314 -73.65 86.55 36.61
CA VAL SB 314 -73.02 86.83 35.33
C VAL SB 314 -74.06 86.57 34.24
N ASN SB 315 -74.31 87.59 33.43
CA ASN SB 315 -75.29 87.51 32.35
C ASN SB 315 -74.55 87.55 31.02
N ILE SB 316 -74.74 86.53 30.20
CA ILE SB 316 -74.10 86.45 28.89
C ILE SB 316 -75.07 87.05 27.88
N LYS SB 317 -74.80 88.28 27.45
CA LYS SB 317 -75.69 88.99 26.54
C LYS SB 317 -75.67 88.32 25.17
N GLN SB 318 -76.76 87.63 24.82
CA GLN SB 318 -76.84 86.98 23.52
C GLN SB 318 -77.04 87.99 22.40
N SER SB 319 -77.91 88.97 22.62
CA SER SB 319 -78.22 89.96 21.61
C SER SB 319 -77.05 90.92 21.40
N LEU TB 3 -127.91 59.47 56.85
CA LEU TB 3 -128.29 60.47 55.86
C LEU TB 3 -129.63 61.12 56.22
N PHE TB 4 -130.54 60.33 56.79
CA PHE TB 4 -131.83 60.86 57.18
C PHE TB 4 -131.72 61.84 58.34
N ASP TB 5 -130.73 61.65 59.20
CA ASP TB 5 -130.54 62.58 60.33
C ASP TB 5 -129.95 63.90 59.86
N GLU TB 6 -129.13 63.87 58.81
CA GLU TB 6 -128.48 65.09 58.30
C GLU TB 6 -129.37 65.85 57.33
N ASN TB 7 -129.90 65.18 56.32
CA ASN TB 7 -130.71 65.79 55.28
C ASN TB 7 -132.17 65.43 55.49
N TYR TB 8 -133.03 66.45 55.52
CA TYR TB 8 -134.46 66.21 55.64
C TYR TB 8 -135.11 65.89 54.29
N TYR TB 9 -134.57 66.44 53.21
CA TYR TB 9 -135.18 66.25 51.89
C TYR TB 9 -135.13 64.79 51.47
N ALA TB 10 -134.05 64.09 51.81
CA ALA TB 10 -133.97 62.66 51.50
C ALA TB 10 -135.06 61.88 52.24
N LYS TB 11 -135.28 62.20 53.51
CA LYS TB 11 -136.32 61.52 54.27
C LYS TB 11 -137.71 61.82 53.71
N ALA TB 12 -137.95 63.08 53.32
CA ALA TB 12 -139.24 63.44 52.73
C ALA TB 12 -139.47 62.69 51.42
N VAL TB 13 -138.44 62.60 50.58
CA VAL TB 13 -138.57 61.87 49.32
C VAL TB 13 -138.83 60.40 49.58
N ALA TB 14 -138.10 59.81 50.54
CA ALA TB 14 -138.33 58.41 50.86
C ALA TB 14 -139.73 58.16 51.39
N ASN TB 15 -140.28 59.11 52.14
CA ASN TB 15 -141.61 58.93 52.71
C ASN TB 15 -142.72 59.15 51.68
N ILE TB 16 -142.52 60.07 50.73
CA ILE TB 16 -143.58 60.39 49.78
C ILE TB 16 -143.41 59.68 48.43
N ILE TB 17 -142.35 58.90 48.26
CA ILE TB 17 -142.15 58.22 46.99
C ILE TB 17 -143.25 57.19 46.73
N GLY TB 18 -143.86 56.66 47.80
CA GLY TB 18 -144.92 55.68 47.61
C GLY TB 18 -146.16 56.27 46.96
N GLU TB 19 -146.50 57.52 47.29
CA GLU TB 19 -147.73 58.12 46.80
C GLU TB 19 -147.71 58.35 45.29
N VAL TB 20 -146.53 58.37 44.66
CA VAL TB 20 -146.47 58.57 43.22
C VAL TB 20 -146.92 57.29 42.52
N LYS TB 21 -147.86 57.43 41.60
CA LYS TB 21 -148.43 56.28 40.92
C LYS TB 21 -147.48 55.76 39.84
N ASP TB 22 -147.81 54.58 39.31
CA ASP TB 22 -147.02 53.95 38.27
C ASP TB 22 -147.34 54.57 36.91
N PRO TB 23 -146.37 54.60 36.00
CA PRO TB 23 -146.64 55.12 34.65
C PRO TB 23 -147.64 54.25 33.91
N ILE TB 24 -148.42 54.90 33.04
CA ILE TB 24 -149.41 54.16 32.25
C ILE TB 24 -148.76 53.41 31.09
N MET TB 25 -147.52 53.73 30.74
CA MET TB 25 -146.85 53.08 29.61
C MET TB 25 -146.57 51.61 29.88
N TYR TB 26 -146.59 51.18 31.14
CA TYR TB 26 -146.28 49.79 31.46
C TYR TB 26 -147.31 48.84 30.86
N LYS TB 27 -148.54 49.29 30.68
CA LYS TB 27 -149.59 48.46 30.10
C LYS TB 27 -149.36 48.18 28.62
N TRP TB 28 -148.47 48.92 27.96
CA TRP TB 28 -148.22 48.75 26.53
C TRP TB 28 -147.16 47.70 26.23
N PHE TB 29 -146.57 47.08 27.25
CA PHE TB 29 -145.49 46.12 27.04
C PHE TB 29 -145.69 44.92 27.94
N SER TB 30 -145.15 43.79 27.50
CA SER TB 30 -145.15 42.58 28.30
C SER TB 30 -144.08 42.65 29.38
N PRO TB 31 -144.20 41.86 30.45
CA PRO TB 31 -143.17 41.88 31.50
C PRO TB 31 -141.78 41.56 30.98
N ASP TB 32 -141.66 40.65 30.00
CA ASP TB 32 -140.37 40.26 29.46
C ASP TB 32 -139.85 41.24 28.41
N GLN TB 33 -140.66 42.21 28.00
CA GLN TB 33 -140.27 43.17 26.98
C GLN TB 33 -139.53 44.37 27.53
N ILE TB 34 -139.30 44.44 28.84
CA ILE TB 34 -138.65 45.58 29.47
C ILE TB 34 -137.44 45.08 30.24
N GLU TB 35 -136.29 45.70 29.99
CA GLU TB 35 -135.05 45.34 30.67
C GLU TB 35 -134.24 46.59 30.95
N ASP TB 36 -133.73 46.70 32.18
CA ASP TB 36 -133.01 47.92 32.57
C ASP TB 36 -131.56 47.87 32.12
N VAL TB 37 -131.02 49.05 31.79
CA VAL TB 37 -129.62 49.21 31.42
C VAL TB 37 -129.01 50.28 32.31
N ASP TB 38 -127.74 50.08 32.68
CA ASP TB 38 -127.04 50.98 33.60
C ASP TB 38 -126.28 52.02 32.80
N LEU TB 39 -126.97 53.11 32.47
CA LEU TB 39 -126.37 54.19 31.70
C LEU TB 39 -127.22 55.44 31.85
N GLN TB 40 -126.58 56.60 31.97
CA GLN TB 40 -127.29 57.87 32.10
C GLN TB 40 -127.37 58.60 30.76
N MET TB 41 -126.24 58.88 30.14
CA MET TB 41 -126.20 59.53 28.83
C MET TB 41 -125.12 58.87 27.98
N GLY TB 42 -125.46 58.60 26.74
CA GLY TB 42 -124.50 57.99 25.84
C GLY TB 42 -125.23 57.12 24.81
N TYR TB 43 -124.65 55.97 24.50
CA TYR TB 43 -125.24 55.06 23.54
C TYR TB 43 -124.85 53.63 23.86
N GLN TB 44 -125.66 52.70 23.35
CA GLN TB 44 -125.38 51.27 23.45
C GLN TB 44 -125.57 50.63 22.08
N LYS TB 45 -124.72 49.67 21.75
CA LYS TB 45 -124.67 49.14 20.39
C LYS TB 45 -124.86 47.62 20.39
N THR TB 46 -125.35 47.12 19.26
CA THR TB 46 -125.52 45.70 19.02
C THR TB 46 -125.28 45.41 17.56
N VAL TB 47 -124.96 44.15 17.26
CA VAL TB 47 -124.59 43.71 15.92
C VAL TB 47 -125.51 42.59 15.48
N LYS TB 48 -125.98 42.66 14.23
CA LYS TB 48 -126.82 41.62 13.64
C LYS TB 48 -126.28 41.23 12.27
N TRP TB 49 -126.34 39.93 11.97
CA TRP TB 49 -125.82 39.38 10.73
C TRP TB 49 -126.96 38.89 9.85
N ASP TB 50 -126.85 39.12 8.54
CA ASP TB 50 -127.84 38.65 7.59
C ASP TB 50 -127.15 38.05 6.38
N ALA TB 51 -127.87 37.18 5.67
CA ALA TB 51 -127.36 36.52 4.48
C ALA TB 51 -128.41 36.60 3.37
N PHE TB 52 -127.92 36.52 2.13
CA PHE TB 52 -128.80 36.65 0.98
C PHE TB 52 -128.23 35.86 -0.19
N LEU TB 53 -129.11 35.55 -1.14
CA LEU TB 53 -128.73 34.89 -2.37
C LEU TB 53 -128.51 35.93 -3.47
N ASN TB 54 -127.45 35.77 -4.24
CA ASN TB 54 -127.07 36.74 -5.25
C ASN TB 54 -127.61 36.43 -6.63
N ALA TB 55 -127.84 35.16 -6.96
CA ALA TB 55 -128.31 34.80 -8.30
C ALA TB 55 -128.97 33.44 -8.26
N ASN TB 56 -129.41 32.98 -9.43
CA ASN TB 56 -130.02 31.68 -9.58
C ASN TB 56 -128.97 30.58 -9.36
N PRO TB 57 -129.41 29.39 -8.95
CA PRO TB 57 -128.44 28.32 -8.70
C PRO TB 57 -127.71 27.89 -9.97
N THR TB 58 -126.59 27.22 -9.76
CA THR TB 58 -125.76 26.70 -10.84
C THR TB 58 -125.97 25.20 -10.97
N THR TB 59 -126.24 24.74 -12.20
CA THR TB 59 -126.44 23.32 -12.45
C THR TB 59 -125.09 22.62 -12.53
N ILE TB 60 -124.88 21.62 -11.70
CA ILE TB 60 -123.60 20.90 -11.63
C ILE TB 60 -123.67 19.79 -12.68
N ALA TB 61 -123.27 20.11 -13.90
CA ALA TB 61 -123.20 19.15 -14.98
C ALA TB 61 -121.89 19.33 -15.73
N ASN TB 62 -121.18 18.22 -15.95
CA ASN TB 62 -119.90 18.21 -16.66
C ASN TB 62 -118.92 19.05 -15.84
N GLU TB 63 -118.19 19.98 -16.45
CA GLU TB 63 -117.21 20.80 -15.75
C GLU TB 63 -117.68 22.24 -15.74
N VAL TB 64 -117.56 22.88 -14.57
CA VAL TB 64 -117.94 24.29 -14.42
C VAL TB 64 -117.10 24.89 -13.31
N ASN TB 65 -116.61 26.11 -13.56
CA ASN TB 65 -115.81 26.84 -12.59
C ASN TB 65 -116.53 28.01 -11.94
N THR TB 66 -117.45 28.65 -12.67
CA THR TB 66 -118.15 29.82 -12.17
C THR TB 66 -119.43 29.39 -11.46
N ILE TB 67 -119.53 29.69 -10.17
CA ILE TB 67 -120.64 29.27 -9.34
C ILE TB 67 -121.31 30.50 -8.74
N SER TB 68 -122.62 30.38 -8.47
CA SER TB 68 -123.35 31.46 -7.82
C SER TB 68 -122.91 31.61 -6.37
N THR TB 69 -123.06 32.83 -5.85
CA THR TB 69 -122.50 33.21 -4.57
C THR TB 69 -123.61 33.59 -3.59
N ILE TB 70 -123.37 33.29 -2.31
CA ILE TB 70 -124.23 33.73 -1.23
C ILE TB 70 -123.52 34.86 -0.50
N GLY TB 71 -124.16 36.01 -0.39
CA GLY TB 71 -123.58 37.16 0.25
C GLY TB 71 -124.02 37.30 1.69
N PHE TB 72 -123.24 38.07 2.45
CA PHE TB 72 -123.52 38.34 3.85
C PHE TB 72 -123.39 39.83 4.10
N SER TB 73 -124.04 40.29 5.18
CA SER TB 73 -124.01 41.69 5.55
C SER TB 73 -124.16 41.81 7.06
N SER TB 74 -123.61 42.90 7.59
CA SER TB 74 -123.67 43.22 9.01
C SER TB 74 -124.39 44.53 9.23
N GLU TB 75 -125.07 44.63 10.36
CA GLU TB 75 -125.81 45.83 10.73
C GLU TB 75 -125.50 46.16 12.19
N VAL TB 76 -125.10 47.40 12.44
CA VAL TB 76 -124.82 47.88 13.79
C VAL TB 76 -125.96 48.80 14.20
N VAL TB 77 -126.68 48.42 15.24
CA VAL TB 77 -127.84 49.18 15.72
C VAL TB 77 -127.45 49.81 17.06
N ARG TB 78 -127.58 51.12 17.15
CA ARG TB 78 -127.20 51.86 18.35
C ARG TB 78 -128.41 52.63 18.88
N LEU TB 79 -128.51 52.69 20.20
CA LEU TB 79 -129.57 53.40 20.90
C LEU TB 79 -128.95 54.48 21.77
N ASN TB 80 -129.48 55.70 21.65
CA ASN TB 80 -128.98 56.85 22.38
C ASN TB 80 -129.82 57.08 23.64
N TYR TB 81 -129.14 57.48 24.71
CA TYR TB 81 -129.77 57.78 25.99
C TYR TB 81 -129.40 59.19 26.41
N LEU TB 82 -130.42 59.98 26.78
CA LEU TB 82 -130.24 61.39 27.10
C LEU TB 82 -130.69 61.66 28.53
N LYS TB 83 -130.05 62.65 29.16
CA LYS TB 83 -130.35 63.03 30.54
C LYS TB 83 -130.92 64.44 30.56
N LEU TB 84 -132.01 64.64 31.31
CA LEU TB 84 -132.72 65.91 31.36
C LEU TB 84 -133.04 66.25 32.80
N GLN TB 85 -133.20 67.54 33.07
CA GLN TB 85 -133.37 68.04 34.43
C GLN TB 85 -134.43 69.13 34.46
N TYR TB 86 -135.13 69.19 35.61
CA TYR TB 86 -136.07 70.25 35.92
C TYR TB 86 -135.73 70.85 37.27
N LYS TB 87 -136.05 72.15 37.44
CA LYS TB 87 -135.85 72.85 38.69
C LYS TB 87 -137.19 73.43 39.14
N PHE TB 88 -137.50 73.28 40.43
CA PHE TB 88 -138.74 73.79 40.99
C PHE TB 88 -138.47 74.49 42.31
N ARG TB 89 -139.26 75.54 42.57
CA ARG TB 89 -139.16 76.32 43.80
C ARG TB 89 -140.17 75.82 44.83
N HIS TB 90 -139.81 75.97 46.09
CA HIS TB 90 -140.65 75.56 47.20
C HIS TB 90 -140.26 76.36 48.43
N LEU TB 91 -140.88 76.04 49.57
CA LEU TB 91 -140.62 76.72 50.82
C LEU TB 91 -139.50 76.04 51.58
N LYS TB 92 -138.72 76.82 52.31
CA LYS TB 92 -137.71 76.28 53.20
C LYS TB 92 -138.37 75.41 54.26
N GLN TB 93 -137.68 74.32 54.64
CA GLN TB 93 -138.26 73.38 55.59
C GLN TB 93 -138.52 74.03 56.94
N THR TB 94 -137.57 74.85 57.41
CA THR TB 94 -137.72 75.49 58.71
C THR TB 94 -138.74 76.63 58.69
N SER TB 95 -139.19 77.07 57.51
CA SER TB 95 -140.12 78.18 57.39
C SER TB 95 -141.57 77.72 57.28
N GLU TB 96 -141.83 76.42 57.43
CA GLU TB 96 -143.20 75.92 57.25
C GLU TB 96 -144.12 76.42 58.36
N LYS TB 97 -143.61 76.52 59.59
CA LYS TB 97 -144.44 76.86 60.73
C LYS TB 97 -145.11 78.21 60.56
N PHE TB 98 -144.48 79.13 59.84
CA PHE TB 98 -145.07 80.45 59.60
C PHE TB 98 -146.09 80.45 58.48
N TYR TB 99 -146.30 79.30 57.82
CA TYR TB 99 -147.31 79.19 56.78
C TYR TB 99 -148.33 78.09 57.07
N THR TB 100 -148.14 77.32 58.15
CA THR TB 100 -149.10 76.27 58.47
C THR TB 100 -150.47 76.85 58.81
N SER TB 101 -151.50 76.18 58.31
CA SER TB 101 -152.88 76.50 58.65
C SER TB 101 -153.63 75.19 58.88
N ASP TB 102 -154.75 75.28 59.60
CA ASP TB 102 -155.49 74.08 59.98
C ASP TB 102 -156.04 73.34 58.76
N SER TB 103 -156.29 74.06 57.66
CA SER TB 103 -156.81 73.47 56.44
C SER TB 103 -155.75 73.20 55.39
N TYR TB 104 -154.87 74.17 55.14
CA TYR TB 104 -153.85 74.07 54.11
C TYR TB 104 -152.50 74.46 54.69
N ILE TB 105 -151.45 74.12 53.96
CA ILE TB 105 -150.08 74.52 54.29
C ILE TB 105 -149.45 75.14 53.05
N GLY TB 106 -148.97 76.37 53.17
CA GLY TB 106 -148.34 77.03 52.04
C GLY TB 106 -148.97 78.37 51.72
N ASP TB 107 -148.20 79.24 51.06
CA ASP TB 107 -148.66 80.58 50.70
C ASP TB 107 -149.54 80.49 49.47
N ILE TB 108 -150.86 80.62 49.65
CA ILE TB 108 -151.77 80.60 48.52
C ILE TB 108 -151.56 81.81 47.62
N ASN TB 109 -151.33 82.98 48.22
CA ASN TB 109 -151.18 84.20 47.43
C ASN TB 109 -149.92 84.17 46.58
N ASN TB 110 -148.87 83.51 47.04
CA ASN TB 110 -147.60 83.45 46.32
C ASN TB 110 -147.33 82.08 45.69
N ASN TB 111 -148.25 81.14 45.82
CA ASN TB 111 -148.14 79.81 45.21
C ASN TB 111 -146.86 79.10 45.64
N LEU TB 112 -146.64 79.05 46.94
CA LEU TB 112 -145.51 78.34 47.53
C LEU TB 112 -146.03 77.17 48.34
N LEU TB 113 -145.51 75.98 48.04
CA LEU TB 113 -145.98 74.74 48.63
C LEU TB 113 -144.86 74.05 49.40
N PRO TB 114 -145.19 73.15 50.31
CA PRO TB 114 -144.16 72.37 50.99
C PRO TB 114 -143.39 71.49 50.02
N PHE TB 115 -142.18 71.12 50.43
CA PHE TB 115 -141.27 70.39 49.55
C PHE TB 115 -141.88 69.06 49.10
N ALA TB 116 -142.49 68.32 50.03
CA ALA TB 116 -143.01 67.00 49.69
C ALA TB 116 -144.10 67.08 48.63
N GLN TB 117 -145.07 67.96 48.82
CA GLN TB 117 -146.17 68.07 47.86
C GLN TB 117 -145.68 68.64 46.53
N ALA TB 118 -144.79 69.63 46.57
CA ALA TB 118 -144.25 70.17 45.33
C ALA TB 118 -143.50 69.10 44.55
N TYR TB 119 -142.71 68.28 45.25
CA TYR TB 119 -141.98 67.20 44.60
C TYR TB 119 -142.94 66.18 44.01
N LYS TB 120 -144.01 65.85 44.73
CA LYS TB 120 -144.97 64.89 44.19
C LYS TB 120 -145.61 65.40 42.91
N LEU TB 121 -146.03 66.67 42.90
CA LEU TB 121 -146.64 67.23 41.71
C LEU TB 121 -145.66 67.29 40.54
N ALA TB 122 -144.41 67.71 40.82
CA ALA TB 122 -143.41 67.78 39.77
C ALA TB 122 -143.11 66.39 39.20
N SER TB 123 -143.01 65.39 40.07
CA SER TB 123 -142.78 64.02 39.61
C SER TB 123 -143.94 63.52 38.76
N SER TB 124 -145.17 63.84 39.15
CA SER TB 124 -146.31 63.43 38.33
C SER TB 124 -146.26 64.06 36.95
N GLU TB 125 -145.94 65.36 36.86
CA GLU TB 125 -145.83 66.00 35.57
C GLU TB 125 -144.70 65.38 34.72
N ILE TB 126 -143.56 65.10 35.35
CA ILE TB 126 -142.44 64.50 34.63
C ILE TB 126 -142.81 63.12 34.12
N ILE TB 127 -143.53 62.34 34.93
CA ILE TB 127 -143.94 61.00 34.51
C ILE TB 127 -144.91 61.08 33.34
N LYS TB 128 -145.82 62.05 33.38
CA LYS TB 128 -146.72 62.23 32.23
C LYS TB 128 -145.93 62.57 30.97
N LEU TB 129 -144.95 63.46 31.09
CA LEU TB 129 -144.13 63.81 29.93
C LEU TB 129 -143.36 62.60 29.41
N ILE TB 130 -142.84 61.77 30.32
CA ILE TB 130 -142.10 60.58 29.93
C ILE TB 130 -143.01 59.61 29.17
N ASN TB 131 -144.23 59.40 29.67
CA ASN TB 131 -145.17 58.53 28.98
C ASN TB 131 -145.50 59.07 27.60
N HIS TB 132 -145.71 60.39 27.49
CA HIS TB 132 -145.98 60.99 26.20
C HIS TB 132 -144.84 60.78 25.22
N PHE TB 133 -143.60 60.95 25.70
CA PHE TB 133 -142.46 60.72 24.82
C PHE TB 133 -142.37 59.26 24.39
N VAL TB 134 -142.56 58.33 25.33
CA VAL TB 134 -142.45 56.92 25.00
C VAL TB 134 -143.48 56.54 23.95
N LEU TB 135 -144.67 57.14 24.03
CA LEU TB 135 -145.71 56.82 23.05
C LEU TB 135 -145.43 57.49 21.71
N THR TB 136 -145.36 58.83 21.68
CA THR TB 136 -145.38 59.57 20.43
C THR TB 136 -144.01 59.84 19.83
N GLY TB 137 -142.91 59.54 20.54
CA GLY TB 137 -141.59 59.79 20.02
C GLY TB 137 -141.14 61.22 20.02
N THR TB 138 -141.91 62.13 20.62
CA THR TB 138 -141.55 63.54 20.68
C THR TB 138 -141.68 64.04 22.12
N VAL TB 139 -141.03 65.16 22.39
CA VAL TB 139 -141.08 65.82 23.69
C VAL TB 139 -141.51 67.27 23.44
N SER TB 140 -142.70 67.62 23.90
CA SER TB 140 -143.22 68.97 23.76
C SER TB 140 -144.24 69.22 24.87
N ILE TB 141 -144.49 70.50 25.14
CA ILE TB 141 -145.47 70.92 26.12
C ILE TB 141 -146.61 71.73 25.50
N GLN TB 142 -146.61 71.91 24.19
CA GLN TB 142 -147.67 72.63 23.51
C GLN TB 142 -148.71 71.67 22.96
N LYS TB 143 -149.96 72.13 22.91
CA LYS TB 143 -151.02 71.33 22.32
C LYS TB 143 -150.82 71.15 20.83
N ASP TB 144 -150.28 72.16 20.14
CA ASP TB 144 -150.02 72.08 18.72
C ASP TB 144 -148.92 71.09 18.35
N GLY TB 145 -148.16 70.61 19.34
CA GLY TB 145 -147.03 69.75 19.06
C GLY TB 145 -145.90 70.46 18.33
N LYS TB 146 -145.65 71.72 18.66
CA LYS TB 146 -144.58 72.51 18.06
C LYS TB 146 -143.58 72.91 19.13
N ASN TB 147 -142.50 73.54 18.67
CA ASN TB 147 -141.37 73.90 19.54
C ASN TB 147 -140.86 72.67 20.30
N GLN TB 148 -140.75 71.56 19.57
CA GLN TB 148 -140.29 70.32 20.17
C GLN TB 148 -138.81 70.44 20.57
N LYS TB 149 -138.46 69.74 21.64
CA LYS TB 149 -137.06 69.71 22.09
C LYS TB 149 -136.25 68.87 21.11
N ARG TB 150 -135.17 69.44 20.59
CA ARG TB 150 -134.33 68.73 19.63
C ARG TB 150 -133.60 67.60 20.33
N LEU TB 151 -133.91 66.37 19.93
CA LEU TB 151 -133.33 65.18 20.54
C LEU TB 151 -132.27 64.57 19.63
N LEU TB 152 -131.53 63.62 20.19
CA LEU TB 152 -130.50 62.92 19.45
C LEU TB 152 -131.11 61.91 18.49
N PRO TB 153 -130.39 61.57 17.42
CA PRO TB 153 -130.85 60.48 16.54
C PRO TB 153 -130.87 59.15 17.28
N ASN TB 154 -131.50 58.16 16.65
CA ASN TB 154 -131.68 56.83 17.22
C ASN TB 154 -132.48 56.87 18.53
N MET TB 155 -133.33 57.89 18.67
CA MET TB 155 -134.26 58.01 19.78
C MET TB 155 -135.66 58.10 19.19
N TYR TB 156 -136.45 57.03 19.35
CA TYR TB 156 -137.73 56.94 18.68
C TYR TB 156 -138.79 56.40 19.64
N GLY TB 157 -140.05 56.71 19.32
CA GLY TB 157 -141.19 56.15 20.00
C GLY TB 157 -141.94 55.17 19.11
N LEU TB 158 -143.04 54.66 19.65
CA LEU TB 158 -143.83 53.68 18.92
C LEU TB 158 -144.53 54.30 17.71
N LEU TB 159 -144.83 55.59 17.76
CA LEU TB 159 -145.60 56.21 16.69
C LEU TB 159 -144.74 56.81 15.58
N ASN TB 160 -143.49 57.17 15.87
CA ASN TB 160 -142.62 57.77 14.88
C ASN TB 160 -141.51 56.82 14.43
N MET TB 161 -141.62 55.54 14.75
CA MET TB 161 -140.61 54.57 14.33
C MET TB 161 -140.57 54.50 12.81
N PRO TB 162 -139.41 54.69 12.19
CA PRO TB 162 -139.34 54.66 10.72
C PRO TB 162 -139.41 53.24 10.19
N GLU TB 163 -139.61 53.15 8.87
CA GLU TB 163 -139.60 51.88 8.15
C GLU TB 163 -140.59 50.88 8.76
N GLN TB 164 -141.81 51.37 9.02
CA GLN TB 164 -142.91 50.55 9.51
C GLN TB 164 -144.08 50.68 8.53
N ILE TB 165 -145.14 49.91 8.78
CA ILE TB 165 -146.30 49.95 7.92
C ILE TB 165 -147.17 51.14 8.32
N LYS TB 166 -147.46 52.00 7.35
CA LYS TB 166 -148.20 53.24 7.60
C LYS TB 166 -149.34 53.33 6.60
N GLU TB 167 -150.57 53.29 7.09
CA GLU TB 167 -151.77 53.41 6.27
C GLU TB 167 -152.50 54.70 6.61
N GLU TB 168 -153.14 55.29 5.61
CA GLU TB 168 -153.85 56.56 5.76
C GLU TB 168 -155.29 56.38 5.31
N VAL TB 169 -156.23 56.62 6.22
CA VAL TB 169 -157.65 56.64 5.88
C VAL TB 169 -158.02 58.04 5.40
N ALA TB 170 -158.71 58.10 4.26
CA ALA TB 170 -158.97 59.38 3.60
C ALA TB 170 -159.85 60.27 4.46
N SER TB 171 -159.72 61.58 4.23
CA SER TB 171 -160.45 62.56 5.03
C SER TB 171 -161.95 62.42 4.86
N GLY TB 172 -162.41 62.21 3.62
CA GLY TB 172 -163.84 62.11 3.38
C GLY TB 172 -164.48 60.87 3.95
N ASP TB 173 -163.68 59.83 4.23
CA ASP TB 173 -164.18 58.56 4.77
C ASP TB 173 -163.83 58.40 6.24
N LYS TB 174 -163.65 59.51 6.97
CA LYS TB 174 -163.34 59.44 8.38
C LYS TB 174 -164.48 58.85 9.20
N ASP TB 175 -165.70 58.87 8.68
CA ASP TB 175 -166.88 58.38 9.38
C ASP TB 175 -167.26 56.96 8.98
N LYS TB 176 -166.44 56.28 8.21
CA LYS TB 176 -166.78 54.97 7.65
C LYS TB 176 -165.88 53.89 8.26
N MET TB 177 -166.46 53.18 9.24
CA MET TB 177 -165.73 52.10 9.90
C MET TB 177 -165.34 51.01 8.92
N ASP TB 178 -166.13 50.81 7.86
CA ASP TB 178 -165.77 49.83 6.85
C ASP TB 178 -164.47 50.22 6.13
N LYS TB 179 -164.32 51.49 5.76
CA LYS TB 179 -163.09 51.95 5.13
C LYS TB 179 -161.92 51.87 6.11
N ILE TB 180 -162.15 52.23 7.37
CA ILE TB 180 -161.09 52.12 8.36
C ILE TB 180 -160.63 50.68 8.51
N PHE TB 181 -161.59 49.74 8.56
CA PHE TB 181 -161.26 48.33 8.66
C PHE TB 181 -160.54 47.82 7.41
N GLU TB 182 -160.91 48.34 6.24
CA GLU TB 182 -160.21 47.96 5.00
C GLU TB 182 -158.74 48.37 5.06
N LYS TB 183 -158.47 49.60 5.51
CA LYS TB 183 -157.08 50.03 5.66
C LYS TB 183 -156.35 49.20 6.71
N ILE TB 184 -157.03 48.87 7.81
CA ILE TB 184 -156.44 48.03 8.83
C ILE TB 184 -156.11 46.65 8.27
N GLU TB 185 -156.99 46.10 7.44
CA GLU TB 185 -156.74 44.79 6.84
C GLU TB 185 -155.54 44.84 5.90
N ALA TB 186 -155.42 45.92 5.13
CA ALA TB 186 -154.24 46.07 4.28
C ALA TB 186 -152.96 46.12 5.11
N GLY TB 187 -152.99 46.87 6.21
CA GLY TB 187 -151.82 46.92 7.08
C GLY TB 187 -151.49 45.58 7.71
N LEU TB 188 -152.53 44.85 8.15
CA LEU TB 188 -152.33 43.54 8.76
C LEU TB 188 -151.79 42.55 7.73
N SER TB 189 -152.15 42.71 6.46
CA SER TB 189 -151.61 41.86 5.41
C SER TB 189 -150.19 42.23 5.02
N LYS TB 190 -149.77 43.48 5.23
CA LYS TB 190 -148.38 43.85 5.01
C LYS TB 190 -147.52 43.75 6.26
N LEU TB 191 -148.09 43.34 7.40
CA LEU TB 191 -147.31 43.04 8.59
C LEU TB 191 -146.44 41.80 8.39
N GLU TB 192 -145.12 41.99 8.36
CA GLU TB 192 -144.16 40.90 8.23
C GLU TB 192 -143.73 40.46 9.63
N LEU TB 193 -144.42 39.45 10.17
CA LEU TB 193 -144.07 38.94 11.50
C LEU TB 193 -143.06 37.80 11.45
N GLY TB 194 -143.12 36.96 10.43
CA GLY TB 194 -142.16 35.87 10.32
C GLY TB 194 -142.49 34.73 11.27
N ASP TB 195 -141.44 34.11 11.82
CA ASP TB 195 -141.62 32.98 12.73
C ASP TB 195 -142.04 33.41 14.13
N GLU TB 196 -141.96 34.70 14.45
CA GLU TB 196 -142.40 35.20 15.74
C GLU TB 196 -143.87 35.62 15.67
N PHE TB 197 -144.71 34.65 15.32
CA PHE TB 197 -146.13 34.87 15.11
C PHE TB 197 -147.01 34.36 16.24
N SER TB 198 -146.57 33.36 16.99
CA SER TB 198 -147.34 32.82 18.12
C SER TB 198 -147.12 33.66 19.37
N THR TB 199 -147.46 34.94 19.26
CA THR TB 199 -147.27 35.91 20.32
C THR TB 199 -148.51 36.78 20.44
N PRO TB 200 -148.82 37.29 21.63
CA PRO TB 200 -149.95 38.20 21.78
C PRO TB 200 -149.73 39.50 21.03
N MET TB 201 -150.83 40.13 20.63
CA MET TB 201 -150.80 41.40 19.92
C MET TB 201 -151.48 42.48 20.75
N MET TB 202 -151.08 43.73 20.50
CA MET TB 202 -151.59 44.88 21.24
C MET TB 202 -152.03 45.95 20.25
N VAL TB 203 -153.22 46.50 20.49
CA VAL TB 203 -153.78 47.59 19.71
C VAL TB 203 -154.02 48.76 20.64
N ILE TB 204 -153.66 49.95 20.19
CA ILE TB 204 -153.87 51.18 20.94
C ILE TB 204 -154.65 52.14 20.04
N VAL TB 205 -155.77 52.64 20.56
CA VAL TB 205 -156.66 53.50 19.79
C VAL TB 205 -157.03 54.74 20.60
N ASP TB 206 -157.43 55.77 19.88
CA ASP TB 206 -157.96 56.98 20.50
C ASP TB 206 -159.40 56.76 20.95
N PRO TB 207 -159.90 57.59 21.87
CA PRO TB 207 -161.27 57.38 22.38
C PRO TB 207 -162.34 57.41 21.30
N ALA TB 208 -162.19 58.26 20.28
CA ALA TB 208 -163.18 58.30 19.21
C ALA TB 208 -163.24 56.98 18.45
N THR TB 209 -162.07 56.43 18.11
CA THR TB 209 -162.04 55.13 17.43
C THR TB 209 -162.55 54.03 18.35
N SER TB 210 -162.24 54.10 19.64
CA SER TB 210 -162.72 53.10 20.59
C SER TB 210 -164.24 53.11 20.66
N LEU TB 211 -164.85 54.31 20.65
CA LEU TB 211 -166.30 54.39 20.64
C LEU TB 211 -166.89 53.94 19.30
N LYS TB 212 -166.17 54.17 18.20
CA LYS TB 212 -166.64 53.69 16.91
C LYS TB 212 -166.58 52.17 16.84
N LEU TB 213 -165.67 51.54 17.60
CA LEU TB 213 -165.47 50.10 17.50
C LEU TB 213 -166.54 49.27 18.19
N VAL TB 214 -167.46 49.89 18.94
CA VAL TB 214 -168.48 49.13 19.66
C VAL TB 214 -169.80 49.04 18.91
N LYS TB 215 -169.93 49.71 17.77
CA LYS TB 215 -171.15 49.61 16.99
C LYS TB 215 -171.30 48.21 16.40
N PRO TB 216 -172.52 47.77 16.15
CA PRO TB 216 -172.71 46.44 15.54
C PRO TB 216 -172.09 46.38 14.15
N TYR TB 217 -171.60 45.19 13.81
CA TYR TB 217 -170.93 44.99 12.52
C TYR TB 217 -171.93 45.10 11.38
N ALA TB 218 -171.52 45.75 10.30
CA ALA TB 218 -172.36 45.90 9.12
C ALA TB 218 -171.68 45.31 7.88
N ALA TB 223 -178.50 46.49 6.53
CA ALA TB 223 -177.99 45.12 6.60
C ALA TB 223 -177.07 44.95 7.81
N ALA TB 224 -177.56 45.33 8.98
CA ALA TB 224 -176.78 45.23 10.20
C ALA TB 224 -176.81 43.80 10.74
N SER TB 225 -175.69 43.38 11.31
CA SER TB 225 -175.58 42.06 11.91
C SER TB 225 -176.04 42.11 13.36
N SER TB 226 -175.81 41.03 14.10
CA SER TB 226 -176.23 40.96 15.49
C SER TB 226 -175.26 40.08 16.26
N CYS TB 227 -175.14 40.36 17.56
CA CYS TB 227 -174.34 39.58 18.50
C CYS TB 227 -172.86 39.54 18.12
N GLU TB 228 -172.40 40.53 17.34
CA GLU TB 228 -171.00 40.58 16.94
C GLU TB 228 -170.66 42.02 16.56
N LYS TB 229 -169.60 42.54 17.16
CA LYS TB 229 -169.21 43.93 16.98
C LYS TB 229 -167.93 44.04 16.16
N TRP TB 230 -167.65 45.28 15.73
CA TRP TB 230 -166.42 45.55 15.00
C TRP TB 230 -165.19 45.18 15.82
N GLU TB 231 -165.28 45.31 17.16
CA GLU TB 231 -164.18 44.88 18.01
C GLU TB 231 -163.93 43.38 17.87
N ASP TB 232 -165.00 42.59 17.88
CA ASP TB 232 -164.86 41.14 17.72
C ASP TB 232 -164.32 40.79 16.34
N VAL TB 233 -164.77 41.51 15.30
CA VAL TB 233 -164.27 41.26 13.96
C VAL TB 233 -162.77 41.55 13.89
N LEU TB 234 -162.34 42.67 14.48
CA LEU TB 234 -160.93 43.02 14.49
C LEU TB 234 -160.11 42.00 15.27
N ILE TB 235 -160.64 41.53 16.41
CA ILE TB 235 -159.91 40.54 17.19
C ILE TB 235 -159.76 39.24 16.41
N GLN TB 236 -160.81 38.81 15.71
CA GLN TB 236 -160.70 37.61 14.88
C GLN TB 236 -159.69 37.81 13.76
N THR TB 237 -159.70 38.98 13.13
CA THR TB 237 -158.75 39.23 12.04
C THR TB 237 -157.32 39.18 12.53
N ILE TB 238 -157.05 39.77 13.70
CA ILE TB 238 -155.69 39.74 14.24
C ILE TB 238 -155.33 38.33 14.70
N LYS TB 239 -156.30 37.59 15.23
CA LYS TB 239 -156.05 36.21 15.62
C LYS TB 239 -155.73 35.33 14.41
N ALA TB 240 -156.22 35.72 13.24
CA ALA TB 240 -155.89 34.98 12.02
C ALA TB 240 -154.40 34.99 11.74
N ILE TB 241 -153.68 36.04 12.16
CA ILE TB 241 -152.26 36.15 11.88
C ILE TB 241 -151.39 35.90 13.10
N ASN TB 242 -151.91 36.04 14.32
CA ASN TB 242 -151.08 35.83 15.50
C ASN TB 242 -151.16 34.40 16.03
N ASN TB 243 -151.57 33.44 15.20
CA ASN TB 243 -151.74 32.04 15.61
C ASN TB 243 -152.74 31.92 16.76
N ARG TB 244 -153.83 32.68 16.66
CA ARG TB 244 -154.92 32.63 17.64
C ARG TB 244 -154.42 32.93 19.05
N GLU TB 245 -153.70 34.04 19.18
CA GLU TB 245 -153.18 34.48 20.47
C GLU TB 245 -154.04 35.63 21.01
N ASP TB 246 -153.70 36.09 22.21
CA ASP TB 246 -154.47 37.14 22.86
C ASP TB 246 -154.25 38.48 22.16
N VAL TB 247 -155.35 39.15 21.84
CA VAL TB 247 -155.32 40.45 21.18
C VAL TB 247 -155.87 41.46 22.18
N TYR TB 248 -154.97 42.20 22.83
CA TYR TB 248 -155.37 43.20 23.81
C TYR TB 248 -155.62 44.54 23.13
N ILE TB 249 -156.59 45.27 23.67
CA ILE TB 249 -156.99 46.56 23.12
C ILE TB 249 -156.96 47.59 24.23
N GLU TB 250 -156.38 48.76 23.94
CA GLU TB 250 -156.21 49.81 24.93
C GLU TB 250 -156.57 51.15 24.30
N THR TB 251 -156.99 52.08 25.15
CA THR TB 251 -157.35 53.42 24.74
C THR TB 251 -156.40 54.42 25.39
N SER TB 252 -155.88 55.36 24.61
CA SER TB 252 -154.96 56.38 25.09
C SER TB 252 -155.42 57.73 24.57
N ASN TB 253 -155.68 58.66 25.50
CA ASN TB 253 -156.08 60.00 25.11
C ASN TB 253 -154.95 60.76 24.42
N LEU TB 254 -153.70 60.32 24.58
CA LEU TB 254 -152.58 60.97 23.90
C LEU TB 254 -152.71 60.86 22.39
N LEU TB 255 -153.16 59.71 21.90
CA LEU TB 255 -153.35 59.52 20.47
C LEU TB 255 -154.51 60.37 19.97
N LYS TB 256 -154.54 60.59 18.65
CA LYS TB 256 -155.58 61.40 18.03
C LYS TB 256 -155.78 60.88 16.61
N HIS TB 257 -156.87 60.14 16.39
CA HIS TB 257 -157.17 59.54 15.08
C HIS TB 257 -156.04 58.63 14.62
N LYS TB 258 -155.45 57.89 15.56
CA LYS TB 258 -154.35 56.98 15.29
C LYS TB 258 -154.66 55.61 15.86
N ILE TB 259 -154.32 54.58 15.11
CA ILE TB 259 -154.42 53.19 15.55
C ILE TB 259 -153.04 52.56 15.44
N LEU TB 260 -152.57 51.96 16.54
CA LEU TB 260 -151.24 51.38 16.60
C LEU TB 260 -151.36 49.90 16.94
N ILE TB 261 -150.88 49.05 16.05
CA ILE TB 261 -150.93 47.60 16.24
C ILE TB 261 -149.51 47.05 16.22
N TYR TB 262 -149.16 46.28 17.24
CA TYR TB 262 -147.80 45.73 17.31
C TYR TB 262 -147.80 44.52 18.23
N PRO TB 263 -146.86 43.59 18.07
CA PRO TB 263 -146.82 42.41 18.94
C PRO TB 263 -146.17 42.71 20.28
N LEU TB 264 -146.39 41.79 21.22
CA LEU TB 264 -145.80 41.86 22.56
C LEU TB 264 -144.67 40.86 22.72
N ASN TB 265 -143.87 40.67 21.67
CA ASN TB 265 -142.77 39.72 21.69
C ASN TB 265 -141.46 40.48 21.86
N SER TB 266 -140.64 40.03 22.82
CA SER TB 266 -139.38 40.70 23.10
C SER TB 266 -138.41 40.61 21.93
N GLU TB 267 -138.45 39.49 21.20
CA GLU TB 267 -137.52 39.31 20.08
C GLU TB 267 -137.77 40.34 18.98
N LEU TB 268 -139.01 40.78 18.80
CA LEU TB 268 -139.32 41.77 17.78
C LEU TB 268 -139.18 43.20 18.28
N ILE TB 269 -139.81 43.51 19.42
CA ILE TB 269 -139.76 44.85 20.00
C ILE TB 269 -139.37 44.72 21.45
N LYS TB 270 -138.40 45.53 21.89
CA LYS TB 270 -137.93 45.52 23.26
C LYS TB 270 -137.73 46.96 23.73
N PHE TB 271 -137.75 47.12 25.05
CA PHE TB 271 -137.56 48.42 25.70
C PHE TB 271 -136.46 48.24 26.73
N LYS TB 272 -135.32 48.89 26.51
CA LYS TB 272 -134.19 48.85 27.42
C LYS TB 272 -133.96 50.23 28.03
N PRO TB 273 -134.80 50.67 28.95
CA PRO TB 273 -134.63 52.00 29.53
C PRO TB 273 -133.51 52.01 30.57
N SER TB 274 -133.04 53.20 30.87
CA SER TB 274 -132.06 53.38 31.92
C SER TB 274 -132.69 53.05 33.27
N LYS TB 275 -131.84 52.62 34.21
CA LYS TB 275 -132.31 52.42 35.57
C LYS TB 275 -132.61 53.73 36.30
N TYR TB 276 -132.25 54.86 35.69
CA TYR TB 276 -132.53 56.18 36.24
C TYR TB 276 -133.49 56.95 35.34
N MET TB 277 -134.33 56.23 34.59
CA MET TB 277 -135.28 56.89 33.70
C MET TB 277 -136.35 57.65 34.47
N LEU TB 278 -136.87 57.04 35.52
CA LEU TB 278 -137.91 57.68 36.31
C LEU TB 278 -137.32 58.81 37.16
N PRO TB 279 -138.14 59.78 37.57
CA PRO TB 279 -137.60 60.97 38.24
C PRO TB 279 -136.81 60.63 39.48
N THR TB 280 -135.68 61.33 39.66
CA THR TB 280 -134.79 61.12 40.79
C THR TB 280 -134.38 62.48 41.34
N PRO TB 281 -134.41 62.68 42.66
CA PRO TB 281 -134.00 63.96 43.21
C PRO TB 281 -132.51 64.20 43.05
N ASN TB 282 -132.13 65.47 43.03
CA ASN TB 282 -130.73 65.87 42.98
C ASN TB 282 -130.30 66.40 44.34
N GLU TB 283 -129.07 66.07 44.73
CA GLU TB 283 -128.59 66.47 46.06
C GLU TB 283 -128.46 67.98 46.18
N GLN TB 284 -128.18 68.68 45.08
CA GLN TB 284 -128.00 70.12 45.12
C GLN TB 284 -129.32 70.80 45.44
N VAL TB 285 -129.39 71.44 46.61
CA VAL TB 285 -130.57 72.19 47.04
C VAL TB 285 -130.15 73.64 47.24
N ASP TB 286 -130.74 74.54 46.46
CA ASP TB 286 -130.44 75.96 46.60
C ASP TB 286 -131.03 76.50 47.90
N LYS TB 287 -130.23 77.27 48.63
CA LYS TB 287 -130.66 77.88 49.88
C LYS TB 287 -130.26 79.35 49.89
N ASP TB 288 -131.01 80.14 50.66
CA ASP TB 288 -130.79 81.58 50.72
C ASP TB 288 -131.22 82.08 52.09
N SER TB 289 -131.16 83.39 52.28
CA SER TB 289 -131.63 84.01 53.50
C SER TB 289 -133.16 84.06 53.57
N THR TB 290 -133.85 84.03 52.44
CA THR TB 290 -135.30 84.09 52.40
C THR TB 290 -135.87 82.69 52.68
N ASP TB 291 -137.18 82.54 52.50
CA ASP TB 291 -137.85 81.26 52.73
C ASP TB 291 -137.98 80.42 51.48
N VAL TB 292 -137.55 80.91 50.32
CA VAL TB 292 -137.73 80.23 49.06
C VAL TB 292 -136.47 79.43 48.75
N ALA TB 293 -136.64 78.13 48.50
CA ALA TB 293 -135.55 77.24 48.11
C ALA TB 293 -135.88 76.62 46.76
N HIS TB 294 -134.86 76.04 46.14
CA HIS TB 294 -135.00 75.40 44.83
C HIS TB 294 -134.44 74.00 44.88
N SER TB 295 -135.05 73.11 44.08
CA SER TB 295 -134.62 71.72 44.02
C SER TB 295 -134.66 71.25 42.57
N TYR TB 296 -133.97 70.14 42.31
CA TYR TB 296 -133.76 69.64 40.96
C TYR TB 296 -134.15 68.17 40.86
N ILE TB 297 -134.73 67.80 39.72
CA ILE TB 297 -135.14 66.43 39.43
C ILE TB 297 -134.53 66.02 38.10
N ASP TB 298 -133.99 64.80 38.04
CA ASP TB 298 -133.34 64.27 36.86
C ASP TB 298 -134.11 63.08 36.31
N PHE TB 299 -134.06 62.91 34.99
CA PHE TB 299 -134.69 61.76 34.36
C PHE TB 299 -134.02 61.49 33.02
N VAL TB 300 -134.04 60.21 32.61
CA VAL TB 300 -133.32 59.74 31.44
C VAL TB 300 -134.32 59.23 30.41
N LEU TB 301 -134.11 59.61 29.15
CA LEU TB 301 -134.97 59.24 28.04
C LEU TB 301 -134.21 58.42 27.00
N GLY TB 302 -134.94 57.54 26.33
CA GLY TB 302 -134.43 56.72 25.26
C GLY TB 302 -134.41 55.24 25.62
N GLY TB 303 -134.40 54.40 24.58
CA GLY TB 303 -134.24 52.97 24.80
C GLY TB 303 -135.20 52.03 24.09
N LEU TB 304 -135.95 52.52 23.10
CA LEU TB 304 -136.90 51.68 22.39
C LEU TB 304 -136.25 51.07 21.15
N LEU TB 305 -136.29 49.74 21.05
CA LEU TB 305 -135.72 49.01 19.92
C LEU TB 305 -136.79 48.15 19.28
N ALA TB 306 -136.83 48.14 17.95
CA ALA TB 306 -137.86 47.38 17.24
C ALA TB 306 -137.35 46.94 15.88
N THR TB 307 -137.79 45.76 15.47
CA THR TB 307 -137.51 45.29 14.11
C THR TB 307 -138.38 46.05 13.11
N ARG TB 308 -137.89 46.14 11.88
CA ARG TB 308 -138.59 46.91 10.87
C ARG TB 308 -139.79 46.14 10.33
N LYS TB 309 -140.81 46.90 9.89
CA LYS TB 309 -142.03 46.35 9.34
C LYS TB 309 -142.69 45.36 10.29
N THR TB 310 -142.77 45.73 11.57
CA THR TB 310 -143.49 44.97 12.57
C THR TB 310 -144.51 45.80 13.31
N ILE TB 311 -144.73 47.06 12.90
CA ILE TB 311 -145.67 47.95 13.54
C ILE TB 311 -146.58 48.54 12.47
N LEU TB 312 -147.89 48.50 12.74
CA LEU TB 312 -148.89 49.07 11.85
C LEU TB 312 -149.44 50.35 12.47
N GLN TB 313 -149.38 51.44 11.72
CA GLN TB 313 -149.87 52.75 12.14
C GLN TB 313 -150.91 53.23 11.14
N VAL TB 314 -152.16 53.32 11.58
CA VAL TB 314 -153.26 53.77 10.74
C VAL TB 314 -153.65 55.17 11.20
N ASN TB 315 -153.52 56.14 10.30
CA ASN TB 315 -153.84 57.53 10.59
C ASN TB 315 -155.09 57.93 9.81
N ILE TB 316 -156.12 58.37 10.53
CA ILE TB 316 -157.37 58.77 9.90
C ILE TB 316 -157.33 60.28 9.68
N LYS TB 317 -157.24 60.70 8.43
CA LYS TB 317 -157.16 62.13 8.13
C LYS TB 317 -158.49 62.82 8.40
N GLN TB 318 -158.42 64.04 8.94
CA GLN TB 318 -159.58 64.87 9.18
C GLN TB 318 -159.69 65.91 8.06
N SER TB 319 -160.65 66.82 8.21
CA SER TB 319 -160.87 67.90 7.25
C SER TB 319 -161.13 67.37 5.84
N PHE UB 194 -71.84 69.02 88.02
CA PHE UB 194 -70.84 69.89 88.63
C PHE UB 194 -71.47 71.14 89.22
N VAL UB 195 -71.22 71.37 90.51
CA VAL UB 195 -71.75 72.54 91.21
C VAL UB 195 -70.57 73.39 91.68
N PRO UB 196 -70.31 74.54 91.06
CA PRO UB 196 -69.21 75.39 91.52
C PRO UB 196 -69.46 75.90 92.93
N ILE UB 197 -68.47 75.71 93.81
CA ILE UB 197 -68.58 76.22 95.16
C ILE UB 197 -68.46 77.74 95.19
N ASN UB 198 -67.62 78.32 94.32
CA ASN UB 198 -67.41 79.76 94.32
C ASN UB 198 -66.91 80.20 92.96
N PHE UB 199 -66.66 81.50 92.85
CA PHE UB 199 -66.26 82.09 91.57
C PHE UB 199 -64.89 81.59 91.13
N THR UB 200 -63.99 81.31 92.07
CA THR UB 200 -62.69 80.75 91.70
C THR UB 200 -62.85 79.39 91.04
N GLU UB 201 -63.70 78.53 91.62
CA GLU UB 201 -63.96 77.24 91.00
C GLU UB 201 -64.66 77.40 89.65
N PHE UB 202 -65.52 78.42 89.54
CA PHE UB 202 -66.16 78.69 88.25
C PHE UB 202 -65.13 79.07 87.19
N VAL UB 203 -64.16 79.90 87.55
CA VAL UB 203 -63.12 80.30 86.62
C VAL UB 203 -62.26 79.10 86.23
N GLN UB 204 -61.91 78.25 87.20
CA GLN UB 204 -61.14 77.05 86.88
C GLN UB 204 -61.92 76.14 85.94
N ALA UB 205 -63.22 76.00 86.16
CA ALA UB 205 -64.05 75.19 85.27
C ALA UB 205 -64.08 75.78 83.88
N ILE UB 206 -64.16 77.10 83.76
CA ILE UB 206 -64.15 77.74 82.45
C ILE UB 206 -62.84 77.48 81.72
N SER UB 207 -61.72 77.59 82.43
CA SER UB 207 -60.43 77.32 81.80
C SER UB 207 -60.32 75.87 81.35
N ASN UB 208 -60.78 74.94 82.19
CA ASN UB 208 -60.76 73.53 81.81
C ASN UB 208 -61.65 73.28 80.60
N THR UB 209 -62.80 73.95 80.53
CA THR UB 209 -63.69 73.82 79.38
C THR UB 209 -63.02 74.33 78.11
N TYR UB 210 -62.33 75.45 78.19
CA TYR UB 210 -61.60 75.96 77.02
C TYR UB 210 -60.54 74.97 76.56
N LYS UB 211 -59.77 74.41 77.50
CA LYS UB 211 -58.74 73.46 77.13
C LYS UB 211 -59.34 72.21 76.49
N GLN UB 212 -60.43 71.70 77.06
CA GLN UB 212 -61.08 70.51 76.51
C GLN UB 212 -61.65 70.80 75.13
N ARG UB 213 -62.21 71.99 74.92
CA ARG UB 213 -62.73 72.34 73.61
C ARG UB 213 -61.61 72.43 72.58
N ARG UB 214 -60.47 73.00 72.95
CA ARG UB 214 -59.34 73.04 72.02
C ARG UB 214 -58.86 71.63 71.67
N ILE UB 215 -58.78 70.76 72.68
CA ILE UB 215 -58.35 69.38 72.43
C ILE UB 215 -59.33 68.68 71.51
N GLN UB 216 -60.63 68.86 71.74
CA GLN UB 216 -61.64 68.24 70.89
C GLN UB 216 -61.59 68.79 69.47
N PHE UB 217 -61.35 70.10 69.32
CA PHE UB 217 -61.22 70.67 67.99
C PHE UB 217 -60.05 70.08 67.24
N TYR UB 218 -58.90 69.93 67.91
CA TYR UB 218 -57.76 69.33 67.23
C TYR UB 218 -57.99 67.85 66.93
N GLU UB 219 -58.73 67.14 67.79
CA GLU UB 219 -59.05 65.75 67.51
C GLU UB 219 -59.97 65.62 66.30
N ASN UB 220 -60.94 66.53 66.17
CA ASN UB 220 -61.89 66.47 65.07
C ASN UB 220 -61.38 67.11 63.79
N LEU UB 221 -60.27 67.84 63.84
CA LEU UB 221 -59.70 68.42 62.64
C LEU UB 221 -59.02 67.34 61.81
N LYS UB 222 -59.12 67.47 60.48
CA LYS UB 222 -58.52 66.52 59.56
C LYS UB 222 -57.47 67.11 58.64
N ARG UB 223 -57.46 68.43 58.45
CA ARG UB 223 -56.50 69.11 57.57
C ARG UB 223 -56.54 68.54 56.16
N PHE VB 194 -103.29 58.15 62.15
CA PHE VB 194 -103.65 59.55 62.28
C PHE VB 194 -105.07 59.80 61.80
N VAL VB 195 -105.93 60.30 62.68
CA VAL VB 195 -107.32 60.60 62.37
C VAL VB 195 -107.56 62.08 62.63
N PRO VB 196 -107.54 62.91 61.59
CA PRO VB 196 -107.80 64.33 61.79
C PRO VB 196 -109.23 64.60 62.23
N ILE VB 197 -109.39 65.66 63.01
CA ILE VB 197 -110.71 66.01 63.56
C ILE VB 197 -111.38 67.05 62.67
N ASN VB 198 -110.59 67.97 62.11
CA ASN VB 198 -111.16 69.06 61.33
C ASN VB 198 -110.15 69.53 60.29
N PHE VB 199 -110.59 70.47 59.46
CA PHE VB 199 -109.80 70.92 58.32
C PHE VB 199 -108.53 71.64 58.74
N THR VB 200 -108.58 72.38 59.85
CA THR VB 200 -107.37 73.04 60.35
C THR VB 200 -106.32 72.01 60.75
N GLU VB 201 -106.76 70.95 61.44
CA GLU VB 201 -105.83 69.87 61.78
C GLU VB 201 -105.30 69.19 60.53
N PHE VB 202 -106.16 69.05 59.51
CA PHE VB 202 -105.71 68.46 58.24
C PHE VB 202 -104.61 69.31 57.60
N VAL VB 203 -104.78 70.63 57.62
CA VAL VB 203 -103.79 71.52 57.03
C VAL VB 203 -102.48 71.48 57.83
N GLN VB 204 -102.58 71.46 59.16
CA GLN VB 204 -101.38 71.35 59.97
C GLN VB 204 -100.65 70.03 59.70
N ALA VB 205 -101.41 68.94 59.53
CA ALA VB 205 -100.80 67.66 59.19
C ALA VB 205 -100.10 67.73 57.84
N ILE VB 206 -100.70 68.42 56.87
CA ILE VB 206 -100.06 68.57 55.56
C ILE VB 206 -98.75 69.32 55.69
N SER VB 207 -98.74 70.40 56.47
CA SER VB 207 -97.51 71.18 56.65
C SER VB 207 -96.43 70.35 57.35
N ASN VB 208 -96.82 69.61 58.39
CA ASN VB 208 -95.85 68.76 59.08
C ASN VB 208 -95.31 67.67 58.16
N THR VB 209 -96.17 67.10 57.32
CA THR VB 209 -95.70 66.10 56.36
C THR VB 209 -94.71 66.70 55.38
N TYR VB 210 -94.96 67.91 54.90
CA TYR VB 210 -94.01 68.57 54.00
C TYR VB 210 -92.67 68.81 54.70
N LYS VB 211 -92.71 69.24 55.95
CA LYS VB 211 -91.47 69.47 56.69
C LYS VB 211 -90.69 68.17 56.88
N GLN VB 212 -91.39 67.10 57.24
CA GLN VB 212 -90.73 65.81 57.41
C GLN VB 212 -90.15 65.32 56.09
N ARG VB 213 -90.86 65.55 54.99
CA ARG VB 213 -90.34 65.14 53.69
C ARG VB 213 -89.07 65.91 53.32
N ARG VB 214 -89.02 67.21 53.59
CA ARG VB 214 -87.81 67.95 53.25
C ARG VB 214 -86.65 67.53 54.16
N ILE VB 215 -86.94 67.24 55.44
CA ILE VB 215 -85.90 66.74 56.33
C ILE VB 215 -85.37 65.39 55.83
N GLN VB 216 -86.26 64.50 55.42
CA GLN VB 216 -85.84 63.21 54.89
C GLN VB 216 -85.02 63.37 53.61
N PHE VB 217 -85.41 64.31 52.75
CA PHE VB 217 -84.65 64.56 51.54
C PHE VB 217 -83.24 65.02 51.87
N TYR VB 218 -83.09 65.93 52.85
CA TYR VB 218 -81.75 66.38 53.21
C TYR VB 218 -80.95 65.27 53.89
N GLU VB 219 -81.63 64.38 54.61
CA GLU VB 219 -80.93 63.20 55.16
C GLU VB 219 -80.40 62.31 54.05
N ASN VB 220 -81.22 62.06 53.02
CA ASN VB 220 -80.84 61.16 51.95
C ASN VB 220 -79.89 61.80 50.94
N LEU VB 221 -79.78 63.13 50.93
CA LEU VB 221 -78.89 63.80 49.99
C LEU VB 221 -77.44 63.48 50.30
N LYS VB 222 -76.65 63.26 49.25
CA LYS VB 222 -75.22 62.98 49.40
C LYS VB 222 -74.33 63.83 48.51
N ARG VB 223 -74.84 64.40 47.42
CA ARG VB 223 -74.06 65.24 46.51
C ARG VB 223 -72.82 64.52 45.99
N PHE WB 194 -134.42 50.14 56.08
CA PHE WB 194 -133.30 50.59 55.25
C PHE WB 194 -132.77 51.93 55.75
N VAL WB 195 -131.47 51.99 56.00
CA VAL WB 195 -130.80 53.19 56.48
C VAL WB 195 -129.76 53.60 55.45
N PRO WB 196 -130.10 54.53 54.55
CA PRO WB 196 -129.10 55.03 53.60
C PRO WB 196 -127.99 55.78 54.32
N ILE WB 197 -126.77 55.66 53.79
CA ILE WB 197 -125.62 56.33 54.38
C ILE WB 197 -125.27 57.56 53.57
N ASN WB 198 -125.62 57.56 52.28
CA ASN WB 198 -125.30 58.69 51.42
C ASN WB 198 -126.27 58.75 50.26
N PHE WB 199 -126.18 59.85 49.50
CA PHE WB 199 -127.13 60.10 48.43
C PHE WB 199 -127.02 59.07 47.31
N THR WB 200 -125.82 58.54 47.07
CA THR WB 200 -125.67 57.51 46.05
C THR WB 200 -126.44 56.25 46.42
N GLU WB 201 -126.30 55.80 47.67
CA GLU WB 201 -127.07 54.65 48.13
C GLU WB 201 -128.56 54.96 48.11
N PHE WB 202 -128.93 56.20 48.44
CA PHE WB 202 -130.34 56.58 48.38
C PHE WB 202 -130.89 56.45 46.96
N VAL WB 203 -130.12 56.91 45.98
CA VAL WB 203 -130.54 56.83 44.58
C VAL WB 203 -130.64 55.37 44.14
N GLN WB 204 -129.67 54.53 44.54
CA GLN WB 204 -129.74 53.12 44.20
C GLN WB 204 -130.98 52.48 44.81
N ALA WB 205 -131.30 52.82 46.05
CA ALA WB 205 -132.50 52.30 46.68
C ALA WB 205 -133.76 52.76 45.95
N ILE WB 206 -133.76 54.01 45.49
CA ILE WB 206 -134.91 54.50 44.72
C ILE WB 206 -135.08 53.70 43.44
N SER WB 207 -133.98 53.42 42.74
CA SER WB 207 -134.05 52.62 41.52
C SER WB 207 -134.55 51.21 41.80
N ASN WB 208 -134.05 50.60 42.87
CA ASN WB 208 -134.50 49.26 43.23
C ASN WB 208 -135.98 49.26 43.59
N THR WB 209 -136.44 50.29 44.30
CA THR WB 209 -137.86 50.39 44.63
C THR WB 209 -138.72 50.53 43.38
N TYR WB 210 -138.26 51.34 42.42
CA TYR WB 210 -139.00 51.48 41.17
C TYR WB 210 -139.08 50.14 40.43
N LYS WB 211 -137.97 49.41 40.38
CA LYS WB 211 -137.98 48.11 39.73
C LYS WB 211 -138.94 47.15 40.42
N GLN WB 212 -138.92 47.13 41.77
CA GLN WB 212 -139.83 46.25 42.51
C GLN WB 212 -141.28 46.63 42.27
N ARG WB 213 -141.57 47.94 42.21
CA ARG WB 213 -142.94 48.37 41.92
C ARG WB 213 -143.37 47.93 40.53
N ARG WB 214 -142.47 48.03 39.54
CA ARG WB 214 -142.81 47.56 38.20
C ARG WB 214 -143.09 46.05 38.19
N ILE WB 215 -142.26 45.29 38.91
CA ILE WB 215 -142.48 43.84 38.97
C ILE WB 215 -143.82 43.53 39.63
N GLN WB 216 -144.14 44.24 40.72
CA GLN WB 216 -145.42 44.03 41.40
C GLN WB 216 -146.59 44.39 40.50
N PHE WB 217 -146.47 45.48 39.75
CA PHE WB 217 -147.54 45.87 38.84
C PHE WB 217 -147.76 44.82 37.77
N TYR WB 218 -146.67 44.29 37.20
CA TYR WB 218 -146.84 43.26 36.18
C TYR WB 218 -147.35 41.95 36.77
N GLU WB 219 -147.04 41.68 38.04
CA GLU WB 219 -147.61 40.51 38.70
C GLU WB 219 -149.12 40.66 38.90
N ASN WB 220 -149.56 41.84 39.32
CA ASN WB 220 -150.95 42.06 39.68
C ASN WB 220 -151.82 42.51 38.52
N LEU WB 221 -151.25 42.79 37.35
CA LEU WB 221 -152.03 43.24 36.21
C LEU WB 221 -152.78 42.07 35.58
N LYS WB 222 -154.07 42.27 35.32
CA LYS WB 222 -154.88 41.30 34.60
C LYS WB 222 -155.67 42.01 33.51
N ARG WB 223 -155.73 41.40 32.34
CA ARG WB 223 -156.45 41.96 31.20
C ARG WB 223 -157.71 41.18 30.90
#